data_9K87
#
_entry.id   9K87
#
_cell.length_a   1.00
_cell.length_b   1.00
_cell.length_c   1.00
_cell.angle_alpha   90.00
_cell.angle_beta   90.00
_cell.angle_gamma   90.00
#
_symmetry.space_group_name_H-M   'P 1'
#
loop_
_entity.id
_entity.type
_entity.pdbx_description
1 polymer Cage-i53-Zn1-HEHE-5
2 non-polymer 'ZINC ION'
#
_entity_poly.entity_id   1
_entity_poly.type   'polypeptide(L)'
_entity_poly.pdbx_seq_one_letter_code
;MGHHHHHHHHSSGLEVLFQGPGGTVEEEVIRFAEELAEEIRRVTGEAYREYAEAVRHLGEAAKAVLEGNSVEADLIVTDV
LRLLERIGEEGLVKLAREVHERSFELLRKGNRVEALALILALALAVALTAVSKAFFLLGQPARLIAEYVGEKLLELRRLL
EKLGVPLPEVIALLLRVLEVVEESLKAMGMEPREINRVLAAAYLTLAAELLERLGLTALAARIRRARELLLAGRVEEALH
LLQDAVELLHERIRELGFEAPEELLLADLLLQRALELISSI
;
_entity_poly.pdbx_strand_id   A,B,C,D,E,F,Q,b,m,x,G,R,c,n,y,H,S,d,o,z,I,T,e,p,0,J,U,f,q,1,K,V,g,r,2,L,W,h,s,3,M,X,i,t,4,N,Y,j,u,5,O,Z,k,v,6,P,a,l,w,7
#
# COMPACT_ATOMS: atom_id res chain seq x y z
N THR A 24 -83.78 -70.52 -29.75
CA THR A 24 -82.90 -70.71 -30.89
C THR A 24 -81.44 -70.52 -30.47
N VAL A 25 -81.26 -69.82 -29.35
CA VAL A 25 -79.95 -69.59 -28.72
C VAL A 25 -79.07 -68.70 -29.58
N GLU A 26 -78.90 -69.06 -30.87
CA GLU A 26 -78.08 -68.23 -31.75
C GLU A 26 -78.68 -66.84 -31.92
N GLU A 27 -79.96 -66.79 -32.27
CA GLU A 27 -80.64 -65.50 -32.42
C GLU A 27 -80.48 -64.66 -31.17
N GLU A 28 -80.45 -65.29 -29.99
CA GLU A 28 -80.12 -64.58 -28.77
C GLU A 28 -78.73 -63.94 -28.86
N VAL A 29 -77.78 -64.63 -29.50
CA VAL A 29 -76.42 -64.10 -29.58
C VAL A 29 -76.38 -62.86 -30.48
N ILE A 30 -76.97 -62.95 -31.69
CA ILE A 30 -76.92 -61.78 -32.56
C ILE A 30 -77.73 -60.64 -31.97
N ARG A 31 -78.90 -60.93 -31.39
CA ARG A 31 -79.67 -59.89 -30.73
C ARG A 31 -78.90 -59.28 -29.57
N PHE A 32 -78.13 -60.09 -28.83
CA PHE A 32 -77.32 -59.56 -27.75
C PHE A 32 -76.29 -58.56 -28.28
N ALA A 33 -75.61 -58.92 -29.37
CA ALA A 33 -74.62 -58.00 -29.94
C ALA A 33 -75.27 -56.70 -30.40
N GLU A 34 -76.38 -56.80 -31.15
CA GLU A 34 -77.04 -55.61 -31.66
C GLU A 34 -77.59 -54.75 -30.54
N GLU A 35 -78.21 -55.36 -29.54
CA GLU A 35 -78.75 -54.61 -28.41
C GLU A 35 -77.64 -53.96 -27.60
N LEU A 36 -76.50 -54.63 -27.46
CA LEU A 36 -75.36 -54.02 -26.77
C LEU A 36 -74.89 -52.77 -27.50
N ALA A 37 -74.75 -52.86 -28.83
CA ALA A 37 -74.33 -51.70 -29.60
C ALA A 37 -75.36 -50.58 -29.49
N GLU A 38 -76.64 -50.92 -29.56
CA GLU A 38 -77.70 -49.92 -29.43
C GLU A 38 -77.68 -49.28 -28.04
N GLU A 39 -77.34 -50.05 -27.01
CA GLU A 39 -77.26 -49.49 -25.67
C GLU A 39 -76.09 -48.52 -25.54
N ILE A 40 -74.95 -48.84 -26.15
CA ILE A 40 -73.86 -47.86 -26.17
C ILE A 40 -74.31 -46.59 -26.88
N ARG A 41 -75.02 -46.73 -28.00
CA ARG A 41 -75.51 -45.55 -28.71
C ARG A 41 -76.48 -44.75 -27.85
N ARG A 42 -77.34 -45.43 -27.09
CA ARG A 42 -78.30 -44.74 -26.25
C ARG A 42 -77.61 -43.98 -25.12
N VAL A 43 -76.70 -44.64 -24.41
CA VAL A 43 -76.07 -44.02 -23.25
C VAL A 43 -75.13 -42.89 -23.67
N THR A 44 -74.38 -43.09 -24.76
CA THR A 44 -73.38 -42.10 -25.16
C THR A 44 -73.72 -41.34 -26.43
N GLY A 45 -74.15 -42.03 -27.48
CA GLY A 45 -74.44 -41.36 -28.74
C GLY A 45 -73.37 -41.60 -29.78
N GLU A 46 -72.73 -40.53 -30.25
CA GLU A 46 -71.66 -40.63 -31.23
C GLU A 46 -70.33 -40.11 -30.70
N ALA A 47 -70.24 -39.86 -29.38
CA ALA A 47 -68.97 -39.51 -28.78
C ALA A 47 -68.03 -40.71 -28.66
N TYR A 48 -68.58 -41.91 -28.48
CA TYR A 48 -67.81 -43.15 -28.43
C TYR A 48 -68.36 -44.05 -29.52
N ARG A 49 -67.83 -43.90 -30.73
CA ARG A 49 -68.29 -44.68 -31.87
C ARG A 49 -67.36 -45.83 -32.23
N GLU A 50 -66.07 -45.73 -31.89
CA GLU A 50 -65.15 -46.84 -32.11
C GLU A 50 -65.56 -48.05 -31.30
N TYR A 51 -66.07 -47.84 -30.08
CA TYR A 51 -66.53 -48.94 -29.26
C TYR A 51 -67.73 -49.64 -29.90
N ALA A 52 -68.66 -48.87 -30.46
CA ALA A 52 -69.79 -49.47 -31.16
C ALA A 52 -69.34 -50.23 -32.39
N GLU A 53 -68.36 -49.69 -33.11
CA GLU A 53 -67.79 -50.39 -34.27
C GLU A 53 -67.18 -51.72 -33.84
N ALA A 54 -66.42 -51.72 -32.75
CA ALA A 54 -65.80 -52.94 -32.26
C ALA A 54 -66.85 -53.96 -31.82
N VAL A 55 -67.91 -53.49 -31.16
CA VAL A 55 -68.95 -54.41 -30.71
C VAL A 55 -69.68 -55.03 -31.90
N ARG A 56 -69.96 -54.23 -32.94
CA ARG A 56 -70.59 -54.78 -34.13
C ARG A 56 -69.68 -55.77 -34.85
N HIS A 57 -68.38 -55.46 -34.89
CA HIS A 57 -67.42 -56.40 -35.47
C HIS A 57 -67.40 -57.72 -34.71
N LEU A 58 -67.41 -57.64 -33.38
CA LEU A 58 -67.40 -58.87 -32.58
C LEU A 58 -68.71 -59.65 -32.74
N GLY A 59 -69.83 -58.94 -32.91
CA GLY A 59 -71.08 -59.62 -33.22
C GLY A 59 -71.02 -60.33 -34.55
N GLU A 60 -70.41 -59.69 -35.56
CA GLU A 60 -70.23 -60.34 -36.84
C GLU A 60 -69.34 -61.57 -36.72
N ALA A 61 -68.28 -61.48 -35.91
CA ALA A 61 -67.42 -62.64 -35.68
C ALA A 61 -68.20 -63.78 -35.02
N ALA A 62 -69.02 -63.44 -34.01
CA ALA A 62 -69.82 -64.46 -33.35
C ALA A 62 -70.80 -65.11 -34.31
N LYS A 63 -71.38 -64.32 -35.21
CA LYS A 63 -72.22 -64.88 -36.26
C LYS A 63 -71.43 -65.82 -37.16
N ALA A 64 -70.22 -65.41 -37.53
CA ALA A 64 -69.41 -66.23 -38.44
C ALA A 64 -69.03 -67.56 -37.79
N VAL A 65 -68.77 -67.55 -36.48
CA VAL A 65 -68.44 -68.79 -35.78
C VAL A 65 -69.56 -69.81 -35.90
N LEU A 66 -70.81 -69.34 -35.83
CA LEU A 66 -71.95 -70.23 -35.68
C LEU A 66 -72.31 -70.98 -36.97
N GLU A 67 -71.81 -70.56 -38.13
CA GLU A 67 -72.04 -71.30 -39.36
C GLU A 67 -70.93 -72.30 -39.68
N GLY A 68 -69.75 -72.15 -39.09
CA GLY A 68 -68.69 -73.11 -39.30
C GLY A 68 -67.37 -72.50 -39.75
N ASN A 69 -67.45 -71.36 -40.43
CA ASN A 69 -66.24 -70.69 -40.92
C ASN A 69 -65.46 -70.19 -39.72
N SER A 70 -64.26 -70.76 -39.51
CA SER A 70 -63.44 -70.45 -38.35
C SER A 70 -62.25 -69.55 -38.66
N VAL A 71 -62.03 -69.18 -39.91
CA VAL A 71 -60.93 -68.30 -40.25
C VAL A 71 -61.38 -66.84 -40.32
N GLU A 72 -62.58 -66.60 -40.86
CA GLU A 72 -63.13 -65.25 -40.85
C GLU A 72 -63.28 -64.72 -39.43
N ALA A 73 -63.61 -65.60 -38.49
CA ALA A 73 -63.67 -65.19 -37.09
C ALA A 73 -62.32 -64.69 -36.60
N ASP A 74 -61.25 -65.41 -36.93
CA ASP A 74 -59.91 -64.98 -36.53
C ASP A 74 -59.55 -63.65 -37.17
N LEU A 75 -59.87 -63.48 -38.45
CA LEU A 75 -59.57 -62.22 -39.13
C LEU A 75 -60.33 -61.06 -38.49
N ILE A 76 -61.60 -61.28 -38.15
CA ILE A 76 -62.40 -60.22 -37.54
C ILE A 76 -61.88 -59.91 -36.14
N VAL A 77 -61.45 -60.92 -35.40
CA VAL A 77 -60.89 -60.68 -34.07
C VAL A 77 -59.61 -59.87 -34.17
N THR A 78 -58.78 -60.15 -35.19
CA THR A 78 -57.59 -59.33 -35.39
C THR A 78 -57.94 -57.90 -35.75
N ASP A 79 -58.98 -57.72 -36.57
CA ASP A 79 -59.44 -56.37 -36.89
C ASP A 79 -59.87 -55.62 -35.63
N VAL A 80 -60.64 -56.30 -34.76
CA VAL A 80 -61.06 -55.70 -33.50
C VAL A 80 -59.85 -55.37 -32.64
N LEU A 81 -58.85 -56.25 -32.64
CA LEU A 81 -57.63 -56.00 -31.88
C LEU A 81 -56.93 -54.75 -32.38
N ARG A 82 -56.85 -54.57 -33.68
CA ARG A 82 -56.26 -53.36 -34.23
C ARG A 82 -57.05 -52.12 -33.85
N LEU A 83 -58.39 -52.22 -33.90
CA LEU A 83 -59.23 -51.08 -33.51
C LEU A 83 -58.99 -50.70 -32.05
N LEU A 84 -58.93 -51.70 -31.17
CA LEU A 84 -58.71 -51.43 -29.75
C LEU A 84 -57.30 -50.93 -29.49
N GLU A 85 -56.32 -51.36 -30.28
CA GLU A 85 -54.98 -50.82 -30.18
C GLU A 85 -54.95 -49.35 -30.58
N ARG A 86 -55.73 -48.99 -31.60
CA ARG A 86 -55.85 -47.58 -31.96
C ARG A 86 -56.56 -46.78 -30.88
N ILE A 87 -57.55 -47.39 -30.21
CA ILE A 87 -58.29 -46.69 -29.17
C ILE A 87 -57.36 -46.32 -28.01
N GLY A 88 -56.60 -47.29 -27.51
CA GLY A 88 -55.63 -47.02 -26.47
C GLY A 88 -56.05 -47.40 -25.06
N GLU A 89 -56.66 -48.57 -24.90
CA GLU A 89 -57.05 -49.09 -23.59
C GLU A 89 -56.25 -50.35 -23.34
N GLU A 90 -55.22 -50.25 -22.49
CA GLU A 90 -54.22 -51.31 -22.38
C GLU A 90 -54.83 -52.63 -21.92
N GLY A 91 -55.64 -52.60 -20.85
CA GLY A 91 -56.22 -53.83 -20.35
C GLY A 91 -57.16 -54.47 -21.36
N LEU A 92 -57.92 -53.66 -22.08
CA LEU A 92 -58.84 -54.19 -23.07
C LEU A 92 -58.08 -54.82 -24.23
N VAL A 93 -56.97 -54.20 -24.64
CA VAL A 93 -56.12 -54.79 -25.67
C VAL A 93 -55.53 -56.11 -25.20
N LYS A 94 -55.12 -56.18 -23.93
CA LYS A 94 -54.62 -57.44 -23.37
C LYS A 94 -55.68 -58.52 -23.45
N LEU A 95 -56.89 -58.20 -23.01
CA LEU A 95 -57.99 -59.16 -23.09
C LEU A 95 -58.26 -59.57 -24.54
N ALA A 96 -58.13 -58.62 -25.47
CA ALA A 96 -58.33 -58.93 -26.87
C ALA A 96 -57.29 -59.93 -27.38
N ARG A 97 -56.02 -59.74 -26.97
CA ARG A 97 -54.98 -60.68 -27.38
C ARG A 97 -55.24 -62.07 -26.82
N GLU A 98 -55.61 -62.17 -25.54
CA GLU A 98 -55.91 -63.47 -24.97
C GLU A 98 -57.10 -64.12 -25.67
N VAL A 99 -58.13 -63.33 -25.97
CA VAL A 99 -59.28 -63.86 -26.70
C VAL A 99 -58.86 -64.37 -28.06
N HIS A 100 -58.01 -63.61 -28.77
CA HIS A 100 -57.53 -64.03 -30.08
C HIS A 100 -56.86 -65.40 -29.99
N GLU A 101 -55.88 -65.53 -29.09
CA GLU A 101 -55.13 -66.77 -28.99
C GLU A 101 -56.03 -67.95 -28.60
N ARG A 102 -56.80 -67.79 -27.52
CA ARG A 102 -57.64 -68.88 -27.04
C ARG A 102 -58.71 -69.26 -28.06
N SER A 103 -59.34 -68.26 -28.69
CA SER A 103 -60.36 -68.54 -29.69
C SER A 103 -59.77 -69.28 -30.89
N PHE A 104 -58.58 -68.87 -31.34
CA PHE A 104 -57.93 -69.58 -32.44
C PHE A 104 -57.70 -71.04 -32.07
N GLU A 105 -57.10 -71.28 -30.90
CA GLU A 105 -56.78 -72.65 -30.51
C GLU A 105 -58.05 -73.50 -30.36
N LEU A 106 -59.07 -72.95 -29.70
CA LEU A 106 -60.29 -73.72 -29.47
C LEU A 106 -61.04 -73.97 -30.76
N LEU A 107 -61.08 -72.99 -31.67
CA LEU A 107 -61.75 -73.19 -32.94
C LEU A 107 -61.01 -74.19 -33.80
N ARG A 108 -59.68 -74.22 -33.75
CA ARG A 108 -58.94 -75.28 -34.42
C ARG A 108 -59.28 -76.64 -33.82
N LYS A 109 -59.34 -76.72 -32.48
CA LYS A 109 -59.69 -77.99 -31.84
C LYS A 109 -61.15 -78.35 -32.08
N GLY A 110 -62.05 -77.38 -31.93
CA GLY A 110 -63.46 -77.63 -32.17
C GLY A 110 -64.40 -77.16 -31.08
N ASN A 111 -63.87 -76.39 -30.12
CA ASN A 111 -64.68 -75.87 -29.01
C ASN A 111 -65.36 -74.59 -29.45
N ARG A 112 -66.50 -74.76 -30.12
CA ARG A 112 -67.27 -73.60 -30.61
C ARG A 112 -67.81 -72.76 -29.46
N VAL A 113 -68.35 -73.43 -28.43
CA VAL A 113 -69.07 -72.72 -27.38
C VAL A 113 -68.14 -71.81 -26.58
N GLU A 114 -66.94 -72.30 -26.26
CA GLU A 114 -66.01 -71.47 -25.48
C GLU A 114 -65.50 -70.28 -26.29
N ALA A 115 -65.27 -70.46 -27.59
CA ALA A 115 -64.90 -69.33 -28.43
C ALA A 115 -66.02 -68.29 -28.49
N LEU A 116 -67.27 -68.75 -28.61
CA LEU A 116 -68.40 -67.84 -28.57
C LEU A 116 -68.45 -67.08 -27.24
N ALA A 117 -68.22 -67.80 -26.14
CA ALA A 117 -68.23 -67.16 -24.83
C ALA A 117 -67.14 -66.11 -24.72
N LEU A 118 -65.94 -66.39 -25.23
CA LEU A 118 -64.86 -65.42 -25.17
C LEU A 118 -65.18 -64.19 -26.03
N ILE A 119 -65.77 -64.40 -27.20
CA ILE A 119 -66.14 -63.27 -28.06
C ILE A 119 -67.17 -62.38 -27.37
N LEU A 120 -68.19 -63.01 -26.77
CA LEU A 120 -69.21 -62.25 -26.07
C LEU A 120 -68.64 -61.52 -24.86
N ALA A 121 -67.72 -62.15 -24.13
CA ALA A 121 -67.08 -61.49 -23.00
C ALA A 121 -66.28 -60.28 -23.46
N LEU A 122 -65.57 -60.40 -24.58
CA LEU A 122 -64.83 -59.26 -25.09
C LEU A 122 -65.76 -58.13 -25.49
N ALA A 123 -66.88 -58.45 -26.15
CA ALA A 123 -67.84 -57.43 -26.53
C ALA A 123 -68.41 -56.71 -25.31
N LEU A 124 -68.76 -57.49 -24.29
CA LEU A 124 -69.28 -56.88 -23.06
C LEU A 124 -68.22 -56.02 -22.39
N ALA A 125 -66.96 -56.45 -22.41
CA ALA A 125 -65.90 -55.64 -21.83
C ALA A 125 -65.76 -54.31 -22.54
N VAL A 126 -65.81 -54.32 -23.88
CA VAL A 126 -65.73 -53.07 -24.64
C VAL A 126 -66.90 -52.15 -24.29
N ALA A 127 -68.11 -52.71 -24.29
CA ALA A 127 -69.29 -51.88 -24.01
C ALA A 127 -69.25 -51.29 -22.61
N LEU A 128 -68.89 -52.11 -21.62
CA LEU A 128 -68.84 -51.63 -20.24
C LEU A 128 -67.74 -50.60 -20.05
N THR A 129 -66.60 -50.78 -20.71
CA THR A 129 -65.54 -49.79 -20.62
C THR A 129 -66.01 -48.45 -21.17
N ALA A 130 -66.66 -48.47 -22.34
CA ALA A 130 -67.16 -47.23 -22.93
C ALA A 130 -68.19 -46.57 -22.01
N VAL A 131 -69.14 -47.35 -21.50
CA VAL A 131 -70.20 -46.80 -20.66
C VAL A 131 -69.63 -46.22 -19.37
N SER A 132 -68.69 -46.94 -18.74
CA SER A 132 -68.11 -46.46 -17.50
C SER A 132 -67.30 -45.18 -17.73
N LYS A 133 -66.55 -45.13 -18.84
CA LYS A 133 -65.79 -43.91 -19.13
C LYS A 133 -66.72 -42.73 -19.35
N ALA A 134 -67.83 -42.95 -20.08
CA ALA A 134 -68.79 -41.87 -20.29
C ALA A 134 -69.41 -41.41 -18.97
N PHE A 135 -69.77 -42.37 -18.11
CA PHE A 135 -70.39 -42.03 -16.84
C PHE A 135 -69.45 -41.24 -15.95
N PHE A 136 -68.17 -41.65 -15.89
CA PHE A 136 -67.21 -40.91 -15.09
C PHE A 136 -66.95 -39.52 -15.66
N LEU A 137 -66.89 -39.41 -17.00
CA LEU A 137 -66.67 -38.11 -17.62
C LEU A 137 -67.81 -37.15 -17.31
N LEU A 138 -69.05 -37.64 -17.37
CA LEU A 138 -70.19 -36.80 -17.03
C LEU A 138 -70.13 -36.34 -15.58
N GLY A 139 -69.84 -37.27 -14.67
CA GLY A 139 -69.77 -36.95 -13.26
C GLY A 139 -70.80 -37.68 -12.43
N GLN A 140 -71.29 -38.81 -12.97
CA GLN A 140 -72.35 -39.54 -12.30
C GLN A 140 -71.84 -40.20 -11.02
N PRO A 141 -72.71 -40.42 -10.04
CA PRO A 141 -72.31 -41.19 -8.85
C PRO A 141 -72.20 -42.67 -9.16
N ALA A 142 -71.59 -43.40 -8.21
CA ALA A 142 -71.26 -44.80 -8.42
C ALA A 142 -72.48 -45.71 -8.47
N ARG A 143 -73.63 -45.25 -8.00
CA ARG A 143 -74.81 -46.13 -7.88
C ARG A 143 -75.26 -46.63 -9.24
N LEU A 144 -75.48 -45.71 -10.19
CA LEU A 144 -76.00 -46.11 -11.50
C LEU A 144 -74.95 -46.91 -12.27
N ILE A 145 -73.67 -46.56 -12.13
CA ILE A 145 -72.62 -47.34 -12.77
C ILE A 145 -72.65 -48.78 -12.27
N ALA A 146 -72.75 -48.96 -10.95
CA ALA A 146 -72.79 -50.30 -10.39
C ALA A 146 -74.02 -51.06 -10.85
N GLU A 147 -75.19 -50.41 -10.86
CA GLU A 147 -76.41 -51.09 -11.29
C GLU A 147 -76.32 -51.51 -12.75
N TYR A 148 -75.82 -50.64 -13.62
CA TYR A 148 -75.71 -50.97 -15.03
C TYR A 148 -74.72 -52.12 -15.25
N VAL A 149 -73.57 -52.06 -14.56
CA VAL A 149 -72.58 -53.13 -14.71
C VAL A 149 -73.17 -54.45 -14.25
N GLY A 150 -73.86 -54.45 -13.11
CA GLY A 150 -74.49 -55.67 -12.62
C GLY A 150 -75.53 -56.22 -13.58
N GLU A 151 -76.37 -55.33 -14.14
CA GLU A 151 -77.39 -55.78 -15.07
C GLU A 151 -76.78 -56.39 -16.33
N LYS A 152 -75.74 -55.75 -16.87
CA LYS A 152 -75.10 -56.28 -18.07
C LYS A 152 -74.43 -57.61 -17.79
N LEU A 153 -73.77 -57.73 -16.63
CA LEU A 153 -73.16 -59.01 -16.27
C LEU A 153 -74.21 -60.10 -16.10
N LEU A 154 -75.36 -59.75 -15.53
CA LEU A 154 -76.46 -60.71 -15.42
C LEU A 154 -76.95 -61.17 -16.78
N GLU A 155 -77.11 -60.24 -17.71
CA GLU A 155 -77.54 -60.61 -19.06
C GLU A 155 -76.53 -61.54 -19.73
N LEU A 156 -75.24 -61.22 -19.60
CA LEU A 156 -74.22 -62.09 -20.18
C LEU A 156 -74.23 -63.46 -19.53
N ARG A 157 -74.40 -63.51 -18.21
CA ARG A 157 -74.44 -64.79 -17.51
C ARG A 157 -75.63 -65.64 -17.97
N ARG A 158 -76.80 -65.03 -18.13
CA ARG A 158 -77.95 -65.77 -18.62
C ARG A 158 -77.71 -66.28 -20.03
N LEU A 159 -77.13 -65.45 -20.91
CA LEU A 159 -76.85 -65.89 -22.27
C LEU A 159 -75.88 -67.07 -22.29
N LEU A 160 -74.79 -66.96 -21.51
CA LEU A 160 -73.80 -68.04 -21.48
C LEU A 160 -74.38 -69.33 -20.90
N GLU A 161 -75.20 -69.22 -19.85
CA GLU A 161 -75.85 -70.39 -19.30
C GLU A 161 -76.81 -71.02 -20.30
N LYS A 162 -77.48 -70.20 -21.11
CA LYS A 162 -78.32 -70.74 -22.17
C LYS A 162 -77.49 -71.45 -23.23
N LEU A 163 -76.29 -70.92 -23.52
CA LEU A 163 -75.44 -71.55 -24.52
C LEU A 163 -74.95 -72.92 -24.06
N GLY A 164 -74.42 -73.01 -22.85
CA GLY A 164 -73.96 -74.28 -22.33
C GLY A 164 -72.60 -74.25 -21.67
N VAL A 165 -72.03 -73.06 -21.55
CA VAL A 165 -70.69 -72.94 -20.94
C VAL A 165 -70.78 -73.36 -19.48
N PRO A 166 -69.81 -74.15 -18.97
CA PRO A 166 -69.85 -74.52 -17.55
C PRO A 166 -69.74 -73.30 -16.66
N LEU A 167 -70.39 -73.39 -15.49
CA LEU A 167 -70.53 -72.23 -14.62
C LEU A 167 -69.20 -71.65 -14.15
N PRO A 168 -68.22 -72.44 -13.69
CA PRO A 168 -66.94 -71.82 -13.26
C PRO A 168 -66.27 -71.01 -14.35
N GLU A 169 -66.32 -71.48 -15.60
CA GLU A 169 -65.74 -70.71 -16.69
C GLU A 169 -66.49 -69.41 -16.93
N VAL A 170 -67.83 -69.46 -16.82
CA VAL A 170 -68.63 -68.23 -16.93
C VAL A 170 -68.21 -67.23 -15.87
N ILE A 171 -68.07 -67.69 -14.63
CA ILE A 171 -67.68 -66.79 -13.55
C ILE A 171 -66.29 -66.22 -13.79
N ALA A 172 -65.36 -67.07 -14.22
CA ALA A 172 -64.01 -66.58 -14.52
C ALA A 172 -64.02 -65.50 -15.60
N LEU A 173 -64.83 -65.70 -16.63
CA LEU A 173 -64.98 -64.68 -17.66
C LEU A 173 -65.56 -63.39 -17.09
N LEU A 174 -66.53 -63.52 -16.17
CA LEU A 174 -67.15 -62.32 -15.58
C LEU A 174 -66.14 -61.52 -14.77
N LEU A 175 -65.31 -62.22 -14.00
CA LEU A 175 -64.27 -61.53 -13.25
C LEU A 175 -63.24 -60.93 -14.21
N ARG A 176 -62.95 -61.62 -15.31
CA ARG A 176 -62.03 -61.05 -16.29
C ARG A 176 -62.55 -59.72 -16.82
N VAL A 177 -63.83 -59.68 -17.18
CA VAL A 177 -64.46 -58.44 -17.63
C VAL A 177 -64.39 -57.38 -16.53
N LEU A 178 -64.67 -57.79 -15.29
CA LEU A 178 -64.63 -56.84 -14.18
C LEU A 178 -63.22 -56.33 -13.93
N GLU A 179 -62.20 -57.18 -14.11
CA GLU A 179 -60.81 -56.74 -13.99
C GLU A 179 -60.49 -55.71 -15.05
N VAL A 180 -60.95 -55.94 -16.29
CA VAL A 180 -60.72 -54.97 -17.36
C VAL A 180 -61.36 -53.64 -17.01
N VAL A 181 -62.61 -53.68 -16.53
CA VAL A 181 -63.33 -52.45 -16.18
C VAL A 181 -62.63 -51.72 -15.04
N GLU A 182 -62.18 -52.47 -14.02
CA GLU A 182 -61.49 -51.87 -12.89
C GLU A 182 -60.19 -51.22 -13.33
N GLU A 183 -59.44 -51.87 -14.22
CA GLU A 183 -58.20 -51.30 -14.71
C GLU A 183 -58.47 -50.01 -15.48
N SER A 184 -59.51 -50.02 -16.32
CA SER A 184 -59.88 -48.81 -17.05
C SER A 184 -60.24 -47.68 -16.10
N LEU A 185 -61.04 -47.99 -15.07
CA LEU A 185 -61.42 -46.96 -14.11
C LEU A 185 -60.22 -46.41 -13.36
N LYS A 186 -59.30 -47.30 -12.94
CA LYS A 186 -58.11 -46.87 -12.22
C LYS A 186 -57.24 -45.97 -13.09
N ALA A 187 -57.05 -46.35 -14.35
CA ALA A 187 -56.17 -45.58 -15.23
C ALA A 187 -56.80 -44.26 -15.66
N MET A 188 -58.13 -44.20 -15.76
CA MET A 188 -58.78 -43.00 -16.26
C MET A 188 -58.73 -41.86 -15.24
N GLY A 189 -58.82 -42.18 -13.95
CA GLY A 189 -58.70 -41.15 -12.93
C GLY A 189 -59.60 -41.27 -11.72
N MET A 190 -60.44 -42.31 -11.67
CA MET A 190 -61.35 -42.49 -10.56
C MET A 190 -60.58 -42.72 -9.26
N GLU A 191 -61.14 -42.20 -8.16
CA GLU A 191 -60.56 -42.44 -6.84
C GLU A 191 -60.79 -43.89 -6.44
N PRO A 192 -59.82 -44.50 -5.74
CA PRO A 192 -59.92 -45.95 -5.46
C PRO A 192 -61.19 -46.37 -4.72
N ARG A 193 -61.72 -45.53 -3.83
CA ARG A 193 -62.86 -45.95 -3.02
C ARG A 193 -64.09 -46.22 -3.88
N GLU A 194 -64.35 -45.36 -4.87
CA GLU A 194 -65.50 -45.58 -5.75
C GLU A 194 -65.33 -46.83 -6.60
N ILE A 195 -64.12 -47.10 -7.08
CA ILE A 195 -63.88 -48.32 -7.84
C ILE A 195 -64.12 -49.55 -6.97
N ASN A 196 -63.62 -49.51 -5.74
CA ASN A 196 -63.87 -50.61 -4.81
C ASN A 196 -65.36 -50.80 -4.57
N ARG A 197 -66.09 -49.68 -4.42
CA ARG A 197 -67.52 -49.76 -4.16
C ARG A 197 -68.27 -50.40 -5.33
N VAL A 198 -67.95 -49.98 -6.57
CA VAL A 198 -68.68 -50.51 -7.71
C VAL A 198 -68.32 -51.98 -7.95
N LEU A 199 -67.04 -52.34 -7.76
CA LEU A 199 -66.65 -53.75 -7.91
C LEU A 199 -67.34 -54.61 -6.85
N ALA A 200 -67.40 -54.12 -5.61
CA ALA A 200 -68.08 -54.86 -4.56
C ALA A 200 -69.56 -55.01 -4.87
N ALA A 201 -70.20 -53.97 -5.39
CA ALA A 201 -71.61 -54.06 -5.75
C ALA A 201 -71.83 -55.09 -6.86
N ALA A 202 -70.95 -55.11 -7.85
CA ALA A 202 -71.07 -56.09 -8.94
C ALA A 202 -70.91 -57.51 -8.41
N TYR A 203 -69.91 -57.72 -7.56
CA TYR A 203 -69.73 -59.04 -6.96
C TYR A 203 -70.95 -59.43 -6.12
N LEU A 204 -71.51 -58.47 -5.39
CA LEU A 204 -72.66 -58.77 -4.54
C LEU A 204 -73.88 -59.15 -5.36
N THR A 205 -74.15 -58.44 -6.45
CA THR A 205 -75.32 -58.80 -7.26
C THR A 205 -75.10 -60.14 -7.96
N LEU A 206 -73.87 -60.42 -8.41
CA LEU A 206 -73.59 -61.72 -9.01
C LEU A 206 -73.80 -62.84 -8.00
N ALA A 207 -73.29 -62.67 -6.78
CA ALA A 207 -73.45 -63.68 -5.75
C ALA A 207 -74.91 -63.84 -5.35
N ALA A 208 -75.65 -62.73 -5.30
CA ALA A 208 -77.07 -62.80 -4.97
C ALA A 208 -77.84 -63.60 -6.02
N GLU A 209 -77.56 -63.36 -7.29
CA GLU A 209 -78.20 -64.16 -8.33
C GLU A 209 -77.82 -65.63 -8.22
N LEU A 210 -76.54 -65.90 -7.96
CA LEU A 210 -76.09 -67.28 -7.86
C LEU A 210 -76.80 -68.00 -6.71
N LEU A 211 -76.93 -67.33 -5.55
CA LEU A 211 -77.61 -67.94 -4.42
C LEU A 211 -79.10 -68.10 -4.68
N GLU A 212 -79.73 -67.11 -5.31
CA GLU A 212 -81.16 -67.19 -5.59
C GLU A 212 -81.48 -68.32 -6.56
N ARG A 213 -80.57 -68.61 -7.50
CA ARG A 213 -80.80 -69.70 -8.43
C ARG A 213 -80.98 -71.03 -7.72
N LEU A 214 -80.33 -71.21 -6.57
CA LEU A 214 -80.41 -72.45 -5.81
C LEU A 214 -81.60 -72.51 -4.86
N GLY A 215 -82.37 -71.43 -4.75
CA GLY A 215 -83.54 -71.41 -3.90
C GLY A 215 -83.37 -70.69 -2.58
N LEU A 216 -82.14 -70.36 -2.19
CA LEU A 216 -81.90 -69.64 -0.94
C LEU A 216 -82.23 -68.16 -1.14
N THR A 217 -83.54 -67.89 -1.22
CA THR A 217 -84.01 -66.54 -1.53
C THR A 217 -83.78 -65.56 -0.39
N ALA A 218 -83.88 -66.01 0.87
CA ALA A 218 -83.67 -65.10 1.99
C ALA A 218 -82.22 -64.65 2.08
N LEU A 219 -81.27 -65.56 1.84
CA LEU A 219 -79.87 -65.18 1.82
C LEU A 219 -79.59 -64.20 0.69
N ALA A 220 -80.17 -64.43 -0.48
CA ALA A 220 -80.01 -63.49 -1.59
C ALA A 220 -80.59 -62.12 -1.24
N ALA A 221 -81.74 -62.10 -0.55
CA ALA A 221 -82.33 -60.83 -0.13
C ALA A 221 -81.42 -60.10 0.85
N ARG A 222 -80.80 -60.85 1.77
CA ARG A 222 -79.86 -60.22 2.70
C ARG A 222 -78.65 -59.65 1.96
N ILE A 223 -78.16 -60.38 0.95
CA ILE A 223 -77.03 -59.88 0.16
C ILE A 223 -77.42 -58.61 -0.58
N ARG A 224 -78.63 -58.57 -1.15
CA ARG A 224 -79.10 -57.36 -1.81
C ARG A 224 -79.23 -56.20 -0.84
N ARG A 225 -79.71 -56.47 0.37
CA ARG A 225 -79.78 -55.42 1.39
C ARG A 225 -78.39 -54.89 1.72
N ALA A 226 -77.42 -55.79 1.85
CA ALA A 226 -76.04 -55.36 2.10
C ALA A 226 -75.52 -54.50 0.96
N ARG A 227 -75.79 -54.89 -0.28
CA ARG A 227 -75.35 -54.09 -1.42
C ARG A 227 -75.99 -52.71 -1.42
N GLU A 228 -77.29 -52.64 -1.13
CA GLU A 228 -77.98 -51.36 -1.12
C GLU A 228 -77.45 -50.46 -0.01
N LEU A 229 -77.17 -51.02 1.17
CA LEU A 229 -76.57 -50.23 2.23
C LEU A 229 -75.15 -49.78 1.86
N LEU A 230 -74.42 -50.62 1.12
CA LEU A 230 -73.08 -50.22 0.67
C LEU A 230 -73.15 -49.05 -0.30
N LEU A 231 -74.08 -49.09 -1.24
CA LEU A 231 -74.20 -48.04 -2.24
C LEU A 231 -74.70 -46.71 -1.67
N ALA A 232 -75.28 -46.73 -0.48
CA ALA A 232 -75.83 -45.53 0.15
C ALA A 232 -74.84 -44.84 1.08
N GLY A 233 -73.59 -45.32 1.14
CA GLY A 233 -72.59 -44.75 2.01
C GLY A 233 -72.49 -45.42 3.37
N ARG A 234 -73.40 -46.32 3.71
CA ARG A 234 -73.36 -47.04 4.98
C ARG A 234 -72.44 -48.24 4.81
N VAL A 235 -71.16 -48.06 5.15
CA VAL A 235 -70.15 -49.06 4.85
C VAL A 235 -70.12 -50.15 5.93
N GLU A 236 -70.03 -49.75 7.20
CA GLU A 236 -69.85 -50.72 8.27
C GLU A 236 -71.07 -51.62 8.45
N GLU A 237 -72.27 -51.07 8.30
CA GLU A 237 -73.48 -51.88 8.42
C GLU A 237 -73.53 -52.94 7.32
N ALA A 238 -73.21 -52.55 6.09
CA ALA A 238 -73.14 -53.52 5.00
C ALA A 238 -72.05 -54.55 5.25
N LEU A 239 -70.92 -54.11 5.80
CA LEU A 239 -69.84 -55.04 6.13
C LEU A 239 -70.32 -56.11 7.10
N HIS A 240 -70.99 -55.70 8.17
CA HIS A 240 -71.45 -56.67 9.17
C HIS A 240 -72.55 -57.57 8.61
N LEU A 241 -73.46 -57.01 7.81
CA LEU A 241 -74.49 -57.83 7.18
C LEU A 241 -73.86 -58.89 6.29
N LEU A 242 -72.85 -58.50 5.52
CA LEU A 242 -72.15 -59.44 4.65
C LEU A 242 -71.43 -60.50 5.45
N GLN A 243 -70.79 -60.11 6.57
CA GLN A 243 -70.10 -61.09 7.40
C GLN A 243 -71.07 -62.10 7.98
N ASP A 244 -72.23 -61.65 8.47
CA ASP A 244 -73.23 -62.57 8.99
C ASP A 244 -73.73 -63.51 7.90
N ALA A 245 -73.97 -62.97 6.70
CA ALA A 245 -74.41 -63.81 5.59
C ALA A 245 -73.34 -64.84 5.23
N VAL A 246 -72.06 -64.44 5.29
CA VAL A 246 -70.98 -65.36 4.99
C VAL A 246 -70.91 -66.48 6.02
N GLU A 247 -71.08 -66.15 7.30
CA GLU A 247 -71.07 -67.19 8.33
C GLU A 247 -72.23 -68.16 8.14
N LEU A 248 -73.42 -67.64 7.81
CA LEU A 248 -74.56 -68.54 7.61
C LEU A 248 -74.35 -69.42 6.37
N LEU A 249 -73.78 -68.85 5.31
CA LEU A 249 -73.47 -69.62 4.12
C LEU A 249 -72.45 -70.71 4.42
N HIS A 250 -71.43 -70.38 5.23
CA HIS A 250 -70.46 -71.39 5.65
C HIS A 250 -71.12 -72.50 6.44
N GLU A 251 -72.05 -72.14 7.33
CA GLU A 251 -72.79 -73.15 8.08
C GLU A 251 -73.52 -74.09 7.15
N ARG A 252 -74.24 -73.54 6.17
CA ARG A 252 -74.96 -74.38 5.21
C ARG A 252 -74.02 -75.25 4.41
N ILE A 253 -72.89 -74.68 3.96
CA ILE A 253 -71.95 -75.41 3.12
C ILE A 253 -71.35 -76.58 3.89
N ARG A 254 -70.91 -76.34 5.12
CA ARG A 254 -70.36 -77.42 5.92
C ARG A 254 -71.42 -78.38 6.45
N GLU A 255 -72.69 -77.99 6.42
CA GLU A 255 -73.75 -78.95 6.69
C GLU A 255 -73.96 -79.89 5.51
N LEU A 256 -73.90 -79.35 4.29
CA LEU A 256 -74.10 -80.20 3.12
C LEU A 256 -72.95 -81.19 2.93
N GLY A 257 -71.72 -80.73 3.07
CA GLY A 257 -70.56 -81.59 2.94
C GLY A 257 -69.94 -81.49 1.55
N PHE A 258 -69.68 -82.64 0.94
CA PHE A 258 -69.07 -82.71 -0.38
C PHE A 258 -70.08 -82.77 -1.51
N GLU A 259 -71.38 -82.73 -1.18
CA GLU A 259 -72.44 -82.68 -2.18
C GLU A 259 -72.97 -81.27 -2.38
N ALA A 260 -72.21 -80.26 -1.98
CA ALA A 260 -72.62 -78.88 -2.16
C ALA A 260 -72.53 -78.50 -3.63
N PRO A 261 -73.61 -77.99 -4.23
CA PRO A 261 -73.54 -77.56 -5.63
C PRO A 261 -72.53 -76.43 -5.81
N GLU A 262 -72.00 -76.33 -7.03
CA GLU A 262 -70.98 -75.34 -7.34
C GLU A 262 -71.47 -73.91 -7.09
N GLU A 263 -72.79 -73.69 -7.09
CA GLU A 263 -73.32 -72.36 -6.85
C GLU A 263 -72.90 -71.84 -5.49
N LEU A 264 -72.98 -72.68 -4.46
CA LEU A 264 -72.61 -72.24 -3.11
C LEU A 264 -71.14 -71.87 -3.02
N LEU A 265 -70.26 -72.68 -3.62
CA LEU A 265 -68.83 -72.40 -3.54
C LEU A 265 -68.47 -71.14 -4.32
N LEU A 266 -69.03 -70.97 -5.51
CA LEU A 266 -68.74 -69.78 -6.29
C LEU A 266 -69.28 -68.53 -5.60
N ALA A 267 -70.49 -68.63 -5.01
CA ALA A 267 -71.04 -67.51 -4.26
C ALA A 267 -70.18 -67.18 -3.06
N ASP A 268 -69.65 -68.20 -2.38
CA ASP A 268 -68.78 -67.96 -1.23
C ASP A 268 -67.51 -67.24 -1.66
N LEU A 269 -66.90 -67.66 -2.77
CA LEU A 269 -65.70 -66.98 -3.25
C LEU A 269 -66.00 -65.53 -3.62
N LEU A 270 -67.11 -65.30 -4.32
CA LEU A 270 -67.47 -63.94 -4.69
C LEU A 270 -67.74 -63.09 -3.46
N LEU A 271 -68.39 -63.66 -2.45
CA LEU A 271 -68.66 -62.93 -1.21
C LEU A 271 -67.37 -62.61 -0.46
N GLN A 272 -66.39 -63.51 -0.50
CA GLN A 272 -65.11 -63.20 0.12
C GLN A 272 -64.40 -62.07 -0.60
N ARG A 273 -64.42 -62.08 -1.93
CA ARG A 273 -63.83 -60.96 -2.66
C ARG A 273 -64.54 -59.64 -2.35
N ALA A 274 -65.88 -59.68 -2.29
CA ALA A 274 -66.65 -58.49 -1.93
C ALA A 274 -66.32 -58.03 -0.51
N LEU A 275 -66.16 -58.97 0.42
CA LEU A 275 -65.80 -58.62 1.79
C LEU A 275 -64.44 -57.92 1.83
N GLU A 276 -63.46 -58.47 1.11
CA GLU A 276 -62.15 -57.84 1.07
C GLU A 276 -62.23 -56.43 0.50
N LEU A 277 -62.96 -56.27 -0.62
CA LEU A 277 -63.07 -54.97 -1.25
C LEU A 277 -63.77 -53.97 -0.34
N ILE A 278 -64.84 -54.39 0.33
CA ILE A 278 -65.56 -53.49 1.23
C ILE A 278 -64.69 -53.10 2.42
N SER A 279 -63.93 -54.06 2.97
CA SER A 279 -63.05 -53.74 4.07
C SER A 279 -61.96 -52.76 3.65
N SER A 280 -61.46 -52.89 2.42
CA SER A 280 -60.42 -51.99 1.93
C SER A 280 -60.93 -50.59 1.64
N ILE A 281 -62.24 -50.38 1.63
CA ILE A 281 -62.82 -49.06 1.35
C ILE A 281 -62.42 -48.08 2.46
N THR B 24 -40.08 -105.79 -9.62
CA THR B 24 -38.69 -106.12 -9.40
C THR B 24 -38.00 -105.07 -8.55
N VAL B 25 -38.55 -103.86 -8.55
CA VAL B 25 -38.14 -102.75 -7.69
C VAL B 25 -36.79 -102.18 -8.12
N GLU B 26 -35.76 -103.03 -8.22
CA GLU B 26 -34.43 -102.52 -8.59
C GLU B 26 -34.43 -101.96 -10.00
N GLU B 27 -34.92 -102.75 -10.97
CA GLU B 27 -34.99 -102.28 -12.35
C GLU B 27 -35.76 -100.97 -12.44
N GLU B 28 -36.76 -100.78 -11.56
CA GLU B 28 -37.39 -99.47 -11.46
C GLU B 28 -36.38 -98.40 -11.09
N VAL B 29 -35.42 -98.71 -10.23
CA VAL B 29 -34.44 -97.71 -9.81
C VAL B 29 -33.51 -97.33 -10.97
N ILE B 30 -32.94 -98.33 -11.66
CA ILE B 30 -32.03 -97.98 -12.76
C ILE B 30 -32.81 -97.30 -13.90
N ARG B 31 -34.02 -97.78 -14.18
CA ARG B 31 -34.83 -97.12 -15.20
C ARG B 31 -35.18 -95.69 -14.80
N PHE B 32 -35.41 -95.45 -13.51
CA PHE B 32 -35.67 -94.09 -13.05
C PHE B 32 -34.47 -93.20 -13.31
N ALA B 33 -33.27 -93.69 -13.00
CA ALA B 33 -32.07 -92.88 -13.24
C ALA B 33 -31.90 -92.58 -14.73
N GLU B 34 -32.01 -93.60 -15.57
CA GLU B 34 -31.82 -93.41 -17.01
C GLU B 34 -32.90 -92.50 -17.59
N GLU B 35 -34.16 -92.68 -17.18
CA GLU B 35 -35.23 -91.83 -17.67
C GLU B 35 -35.06 -90.40 -17.20
N LEU B 36 -34.57 -90.19 -15.98
CA LEU B 36 -34.31 -88.83 -15.52
C LEU B 36 -33.25 -88.16 -16.36
N ALA B 37 -32.16 -88.89 -16.66
CA ALA B 37 -31.12 -88.32 -17.52
C ALA B 37 -31.66 -88.01 -18.91
N GLU B 38 -32.46 -88.93 -19.47
CA GLU B 38 -33.03 -88.70 -20.80
C GLU B 38 -34.00 -87.52 -20.79
N GLU B 39 -34.75 -87.34 -19.71
CA GLU B 39 -35.64 -86.20 -19.60
C GLU B 39 -34.87 -84.89 -19.54
N ILE B 40 -33.75 -84.87 -18.82
CA ILE B 40 -32.88 -83.68 -18.84
C ILE B 40 -32.42 -83.41 -20.26
N ARG B 41 -32.00 -84.46 -20.98
CA ARG B 41 -31.55 -84.26 -22.35
C ARG B 41 -32.66 -83.72 -23.25
N ARG B 42 -33.87 -84.25 -23.09
CA ARG B 42 -35.00 -83.78 -23.91
C ARG B 42 -35.35 -82.33 -23.60
N VAL B 43 -35.39 -81.97 -22.32
CA VAL B 43 -35.81 -80.62 -21.95
C VAL B 43 -34.75 -79.59 -22.35
N THR B 44 -33.48 -79.90 -22.15
CA THR B 44 -32.42 -78.94 -22.39
C THR B 44 -31.57 -79.26 -23.61
N GLY B 45 -31.09 -80.49 -23.75
CA GLY B 45 -30.21 -80.84 -24.85
C GLY B 45 -28.79 -81.08 -24.40
N GLU B 46 -27.86 -80.26 -24.88
CA GLU B 46 -26.46 -80.37 -24.50
C GLU B 46 -25.94 -79.09 -23.87
N ALA B 47 -26.83 -78.15 -23.53
CA ALA B 47 -26.42 -76.97 -22.79
C ALA B 47 -26.17 -77.25 -21.32
N TYR B 48 -26.87 -78.23 -20.75
CA TYR B 48 -26.66 -78.66 -19.37
C TYR B 48 -26.30 -80.14 -19.42
N ARG B 49 -25.00 -80.42 -19.59
CA ARG B 49 -24.52 -81.80 -19.69
C ARG B 49 -23.87 -82.29 -18.41
N GLU B 50 -23.31 -81.39 -17.60
CA GLU B 50 -22.76 -81.79 -16.31
C GLU B 50 -23.85 -82.36 -15.41
N TYR B 51 -25.05 -81.80 -15.48
CA TYR B 51 -26.16 -82.32 -14.69
C TYR B 51 -26.53 -83.74 -15.11
N ALA B 52 -26.55 -84.00 -16.42
CA ALA B 52 -26.81 -85.35 -16.89
C ALA B 52 -25.71 -86.31 -16.47
N GLU B 53 -24.46 -85.85 -16.52
CA GLU B 53 -23.34 -86.66 -16.04
C GLU B 53 -23.50 -87.02 -14.58
N ALA B 54 -23.86 -86.03 -13.76
CA ALA B 54 -24.07 -86.28 -12.32
C ALA B 54 -25.22 -87.24 -12.09
N VAL B 55 -26.31 -87.10 -12.84
CA VAL B 55 -27.45 -88.00 -12.68
C VAL B 55 -27.06 -89.43 -13.06
N ARG B 56 -26.31 -89.59 -14.14
CA ARG B 56 -25.88 -90.93 -14.52
C ARG B 56 -24.91 -91.53 -13.50
N HIS B 57 -24.03 -90.70 -12.94
CA HIS B 57 -23.15 -91.17 -11.87
C HIS B 57 -23.93 -91.62 -10.66
N LEU B 58 -24.95 -90.84 -10.26
CA LEU B 58 -25.77 -91.23 -9.12
C LEU B 58 -26.56 -92.49 -9.40
N GLY B 59 -27.03 -92.67 -10.64
CA GLY B 59 -27.66 -93.92 -11.00
C GLY B 59 -26.71 -95.10 -10.90
N GLU B 60 -25.46 -94.90 -11.34
CA GLU B 60 -24.45 -95.95 -11.19
C GLU B 60 -24.21 -96.28 -9.72
N ALA B 61 -24.15 -95.26 -8.87
CA ALA B 61 -23.99 -95.49 -7.44
C ALA B 61 -25.16 -96.27 -6.86
N ALA B 62 -26.38 -95.90 -7.25
CA ALA B 62 -27.56 -96.61 -6.77
C ALA B 62 -27.55 -98.06 -7.23
N LYS B 63 -27.10 -98.30 -8.46
CA LYS B 63 -26.94 -99.67 -8.94
C LYS B 63 -25.91 -100.42 -8.11
N ALA B 64 -24.79 -99.76 -7.79
CA ALA B 64 -23.71 -100.42 -7.05
C ALA B 64 -24.14 -100.76 -5.63
N VAL B 65 -25.00 -99.94 -5.03
CA VAL B 65 -25.48 -100.21 -3.68
C VAL B 65 -26.23 -101.54 -3.63
N LEU B 66 -26.99 -101.84 -4.69
CA LEU B 66 -28.00 -102.90 -4.63
C LEU B 66 -27.42 -104.30 -4.63
N GLU B 67 -26.13 -104.49 -4.89
CA GLU B 67 -25.53 -105.81 -4.80
C GLU B 67 -24.83 -106.07 -3.48
N GLY B 68 -24.29 -105.02 -2.84
CA GLY B 68 -23.62 -105.18 -1.57
C GLY B 68 -22.35 -104.37 -1.46
N ASN B 69 -21.74 -104.06 -2.61
CA ASN B 69 -20.53 -103.27 -2.63
C ASN B 69 -20.83 -101.85 -2.15
N SER B 70 -20.32 -101.49 -0.97
CA SER B 70 -20.69 -100.24 -0.33
C SER B 70 -19.60 -99.17 -0.38
N VAL B 71 -18.42 -99.48 -0.89
CA VAL B 71 -17.34 -98.48 -0.96
C VAL B 71 -17.34 -97.77 -2.30
N GLU B 72 -17.62 -98.50 -3.38
CA GLU B 72 -17.73 -97.87 -4.69
C GLU B 72 -18.84 -96.84 -4.70
N ALA B 73 -19.92 -97.07 -3.94
CA ALA B 73 -20.97 -96.07 -3.83
C ALA B 73 -20.44 -94.79 -3.19
N ASP B 74 -19.63 -94.91 -2.13
CA ASP B 74 -19.05 -93.73 -1.51
C ASP B 74 -18.12 -93.01 -2.47
N LEU B 75 -17.31 -93.75 -3.22
CA LEU B 75 -16.41 -93.11 -4.19
C LEU B 75 -17.19 -92.38 -5.26
N ILE B 76 -18.28 -92.98 -5.76
CA ILE B 76 -19.08 -92.33 -6.79
C ILE B 76 -19.78 -91.09 -6.23
N VAL B 77 -20.24 -91.16 -4.98
CA VAL B 77 -20.86 -89.99 -4.37
C VAL B 77 -19.86 -88.86 -4.22
N THR B 78 -18.61 -89.18 -3.86
CA THR B 78 -17.59 -88.14 -3.80
C THR B 78 -17.30 -87.57 -5.18
N ASP B 79 -17.31 -88.41 -6.22
CA ASP B 79 -17.15 -87.90 -7.58
C ASP B 79 -18.26 -86.93 -7.94
N VAL B 80 -19.50 -87.29 -7.61
CA VAL B 80 -20.64 -86.40 -7.87
C VAL B 80 -20.49 -85.11 -7.08
N LEU B 81 -19.97 -85.20 -5.85
CA LEU B 81 -19.74 -84.00 -5.04
C LEU B 81 -18.71 -83.09 -5.72
N ARG B 82 -17.64 -83.67 -6.26
CA ARG B 82 -16.66 -82.87 -6.99
C ARG B 82 -17.29 -82.21 -8.21
N LEU B 83 -18.11 -82.96 -8.95
CA LEU B 83 -18.77 -82.40 -10.13
C LEU B 83 -19.67 -81.24 -9.76
N LEU B 84 -20.47 -81.39 -8.70
CA LEU B 84 -21.37 -80.33 -8.27
C LEU B 84 -20.60 -79.14 -7.70
N GLU B 85 -19.46 -79.39 -7.06
CA GLU B 85 -18.62 -78.29 -6.61
C GLU B 85 -18.06 -77.50 -7.79
N ARG B 86 -17.71 -78.21 -8.87
CA ARG B 86 -17.28 -77.52 -10.08
C ARG B 86 -18.42 -76.75 -10.72
N ILE B 87 -19.65 -77.27 -10.65
CA ILE B 87 -20.79 -76.59 -11.25
C ILE B 87 -21.04 -75.25 -10.56
N GLY B 88 -21.11 -75.26 -9.23
CA GLY B 88 -21.27 -74.02 -8.48
C GLY B 88 -22.68 -73.73 -8.01
N GLU B 89 -23.37 -74.74 -7.49
CA GLU B 89 -24.72 -74.59 -6.93
C GLU B 89 -24.63 -74.88 -5.44
N GLU B 90 -24.63 -73.82 -4.62
CA GLU B 90 -24.29 -73.94 -3.21
C GLU B 90 -25.22 -74.90 -2.47
N GLY B 91 -26.53 -74.71 -2.63
CA GLY B 91 -27.48 -75.57 -1.95
C GLY B 91 -27.38 -77.02 -2.40
N LEU B 92 -27.15 -77.23 -3.69
CA LEU B 92 -27.02 -78.58 -4.20
C LEU B 92 -25.76 -79.25 -3.64
N VAL B 93 -24.67 -78.50 -3.53
CA VAL B 93 -23.45 -79.03 -2.92
C VAL B 93 -23.68 -79.37 -1.45
N LYS B 94 -24.42 -78.51 -0.74
CA LYS B 94 -24.75 -78.80 0.65
C LYS B 94 -25.52 -80.10 0.77
N LEU B 95 -26.55 -80.27 -0.06
CA LEU B 95 -27.32 -81.51 -0.05
C LEU B 95 -26.44 -82.70 -0.40
N ALA B 96 -25.49 -82.51 -1.32
CA ALA B 96 -24.57 -83.58 -1.67
C ALA B 96 -23.70 -83.99 -0.48
N ARG B 97 -23.22 -83.01 0.29
CA ARG B 97 -22.43 -83.34 1.47
C ARG B 97 -23.25 -84.11 2.50
N GLU B 98 -24.47 -83.65 2.76
CA GLU B 98 -25.33 -84.37 3.71
C GLU B 98 -25.61 -85.78 3.22
N VAL B 99 -25.87 -85.94 1.93
CA VAL B 99 -26.12 -87.27 1.37
C VAL B 99 -24.88 -88.14 1.54
N HIS B 100 -23.69 -87.59 1.28
CA HIS B 100 -22.46 -88.34 1.45
C HIS B 100 -22.33 -88.87 2.87
N GLU B 101 -22.47 -87.97 3.85
CA GLU B 101 -22.28 -88.37 5.25
C GLU B 101 -23.32 -89.40 5.67
N ARG B 102 -24.60 -89.11 5.42
CA ARG B 102 -25.65 -90.02 5.88
C ARG B 102 -25.58 -91.36 5.17
N SER B 103 -25.31 -91.35 3.86
CA SER B 103 -25.20 -92.60 3.11
C SER B 103 -24.03 -93.43 3.61
N PHE B 104 -22.89 -92.80 3.89
CA PHE B 104 -21.76 -93.54 4.43
C PHE B 104 -22.13 -94.20 5.76
N GLU B 105 -22.72 -93.43 6.67
CA GLU B 105 -23.05 -93.99 7.99
C GLU B 105 -24.08 -95.12 7.87
N LEU B 106 -25.12 -94.92 7.06
CA LEU B 106 -26.16 -95.94 6.94
C LEU B 106 -25.63 -97.19 6.25
N LEU B 107 -24.80 -97.03 5.22
CA LEU B 107 -24.25 -98.20 4.54
C LEU B 107 -23.27 -98.95 5.44
N ARG B 108 -22.53 -98.24 6.29
CA ARG B 108 -21.73 -98.93 7.28
C ARG B 108 -22.60 -99.71 8.26
N LYS B 109 -23.70 -99.09 8.72
CA LYS B 109 -24.60 -99.80 9.62
C LYS B 109 -25.36 -100.91 8.88
N GLY B 110 -25.87 -100.62 7.69
CA GLY B 110 -26.56 -101.63 6.92
C GLY B 110 -27.91 -101.20 6.38
N ASN B 111 -28.23 -99.92 6.49
CA ASN B 111 -29.51 -99.39 6.01
C ASN B 111 -29.40 -99.11 4.51
N ARG B 112 -29.63 -100.15 3.72
CA ARG B 112 -29.55 -100.02 2.27
C ARG B 112 -30.63 -99.08 1.72
N VAL B 113 -31.85 -99.23 2.22
CA VAL B 113 -33.00 -98.56 1.63
C VAL B 113 -32.90 -97.05 1.80
N GLU B 114 -32.48 -96.59 2.99
CA GLU B 114 -32.39 -95.15 3.21
C GLU B 114 -31.27 -94.52 2.40
N ALA B 115 -30.14 -95.22 2.24
CA ALA B 115 -29.09 -94.73 1.37
C ALA B 115 -29.55 -94.64 -0.08
N LEU B 116 -30.30 -95.65 -0.54
CA LEU B 116 -30.87 -95.59 -1.88
C LEU B 116 -31.81 -94.39 -2.02
N ALA B 117 -32.64 -94.16 -1.02
CA ALA B 117 -33.57 -93.03 -1.06
C ALA B 117 -32.81 -91.71 -1.12
N LEU B 118 -31.74 -91.58 -0.34
CA LEU B 118 -30.94 -90.35 -0.36
C LEU B 118 -30.29 -90.14 -1.72
N ILE B 119 -29.78 -91.20 -2.33
CA ILE B 119 -29.15 -91.08 -3.65
C ILE B 119 -30.18 -90.64 -4.69
N LEU B 120 -31.36 -91.27 -4.65
CA LEU B 120 -32.42 -90.90 -5.60
C LEU B 120 -32.88 -89.46 -5.38
N ALA B 121 -32.97 -89.03 -4.13
CA ALA B 121 -33.35 -87.64 -3.84
C ALA B 121 -32.31 -86.67 -4.38
N LEU B 122 -31.03 -87.00 -4.23
CA LEU B 122 -29.99 -86.14 -4.79
C LEU B 122 -30.09 -86.06 -6.30
N ALA B 123 -30.32 -87.20 -6.96
CA ALA B 123 -30.45 -87.20 -8.41
C ALA B 123 -31.63 -86.35 -8.86
N LEU B 124 -32.77 -86.49 -8.18
CA LEU B 124 -33.94 -85.69 -8.52
C LEU B 124 -33.67 -84.21 -8.28
N ALA B 125 -32.94 -83.88 -7.21
CA ALA B 125 -32.62 -82.48 -6.96
C ALA B 125 -31.77 -81.89 -8.07
N VAL B 126 -30.77 -82.65 -8.54
CA VAL B 126 -29.94 -82.17 -9.65
C VAL B 126 -30.79 -81.96 -10.90
N ALA B 127 -31.64 -82.94 -11.22
CA ALA B 127 -32.46 -82.84 -12.42
C ALA B 127 -33.40 -81.66 -12.36
N LEU B 128 -34.07 -81.47 -11.21
CA LEU B 128 -35.03 -80.37 -11.08
C LEU B 128 -34.31 -79.03 -11.11
N THR B 129 -33.12 -78.94 -10.51
CA THR B 129 -32.37 -77.70 -10.57
C THR B 129 -32.02 -77.34 -12.01
N ALA B 130 -31.54 -78.33 -12.78
CA ALA B 130 -31.20 -78.07 -14.17
C ALA B 130 -32.43 -77.63 -14.97
N VAL B 131 -33.55 -78.36 -14.80
CA VAL B 131 -34.75 -78.06 -15.56
C VAL B 131 -35.28 -76.67 -15.20
N SER B 132 -35.31 -76.34 -13.91
CA SER B 132 -35.80 -75.03 -13.49
C SER B 132 -34.90 -73.91 -14.01
N LYS B 133 -33.59 -74.12 -13.99
CA LYS B 133 -32.68 -73.11 -14.51
C LYS B 133 -32.92 -72.89 -16.00
N ALA B 134 -33.09 -73.98 -16.76
CA ALA B 134 -33.36 -73.85 -18.19
C ALA B 134 -34.67 -73.12 -18.44
N PHE B 135 -35.72 -73.48 -17.69
CA PHE B 135 -37.03 -72.86 -17.88
C PHE B 135 -36.99 -71.37 -17.56
N PHE B 136 -36.32 -70.99 -16.47
CA PHE B 136 -36.21 -69.58 -16.15
C PHE B 136 -35.39 -68.82 -17.18
N LEU B 137 -34.29 -69.43 -17.67
CA LEU B 137 -33.49 -68.76 -18.68
C LEU B 137 -34.27 -68.53 -19.96
N LEU B 138 -35.08 -69.52 -20.38
CA LEU B 138 -35.90 -69.34 -21.56
C LEU B 138 -36.92 -68.22 -21.36
N GLY B 139 -37.56 -68.18 -20.19
CA GLY B 139 -38.57 -67.18 -19.91
C GLY B 139 -39.95 -67.78 -19.75
N GLN B 140 -40.00 -69.08 -19.44
CA GLN B 140 -41.25 -69.80 -19.35
C GLN B 140 -42.06 -69.32 -18.14
N PRO B 141 -43.38 -69.43 -18.19
CA PRO B 141 -44.20 -69.10 -17.03
C PRO B 141 -44.14 -70.18 -15.96
N ALA B 142 -44.66 -69.84 -14.78
CA ALA B 142 -44.53 -70.70 -13.62
C ALA B 142 -45.39 -71.96 -13.70
N ARG B 143 -46.41 -71.98 -14.57
CA ARG B 143 -47.34 -73.10 -14.60
C ARG B 143 -46.62 -74.40 -14.99
N LEU B 144 -45.85 -74.36 -16.08
CA LEU B 144 -45.16 -75.56 -16.54
C LEU B 144 -44.08 -76.00 -15.56
N ILE B 145 -43.35 -75.04 -14.98
CA ILE B 145 -42.35 -75.37 -13.98
C ILE B 145 -42.98 -76.11 -12.81
N ALA B 146 -44.08 -75.56 -12.29
CA ALA B 146 -44.75 -76.18 -11.16
C ALA B 146 -45.29 -77.56 -11.52
N GLU B 147 -45.88 -77.70 -12.72
CA GLU B 147 -46.43 -78.99 -13.12
C GLU B 147 -45.32 -80.04 -13.25
N TYR B 148 -44.20 -79.67 -13.86
CA TYR B 148 -43.10 -80.62 -14.02
C TYR B 148 -42.50 -81.00 -12.68
N VAL B 149 -42.32 -80.03 -11.78
CA VAL B 149 -41.78 -80.33 -10.45
C VAL B 149 -42.71 -81.28 -9.70
N GLY B 150 -44.02 -81.00 -9.76
CA GLY B 150 -44.97 -81.87 -9.10
C GLY B 150 -44.96 -83.28 -9.67
N GLU B 151 -44.90 -83.39 -11.00
CA GLU B 151 -44.89 -84.72 -11.62
C GLU B 151 -43.64 -85.50 -11.22
N LYS B 152 -42.48 -84.85 -11.23
CA LYS B 152 -41.25 -85.54 -10.85
C LYS B 152 -41.27 -85.95 -9.39
N LEU B 153 -41.78 -85.07 -8.52
CA LEU B 153 -41.88 -85.42 -7.11
C LEU B 153 -42.84 -86.58 -6.90
N LEU B 154 -43.93 -86.62 -7.66
CA LEU B 154 -44.86 -87.75 -7.58
C LEU B 154 -44.19 -89.05 -8.00
N GLU B 155 -43.41 -89.02 -9.09
CA GLU B 155 -42.71 -90.22 -9.53
C GLU B 155 -41.72 -90.70 -8.46
N LEU B 156 -40.96 -89.77 -7.87
CA LEU B 156 -40.03 -90.15 -6.82
C LEU B 156 -40.75 -90.71 -5.62
N ARG B 157 -41.88 -90.12 -5.25
CA ARG B 157 -42.66 -90.62 -4.10
C ARG B 157 -43.16 -92.03 -4.35
N ARG B 158 -43.67 -92.29 -5.56
CA ARG B 158 -44.12 -93.64 -5.87
C ARG B 158 -42.97 -94.64 -5.82
N LEU B 159 -41.81 -94.26 -6.37
CA LEU B 159 -40.66 -95.15 -6.33
C LEU B 159 -40.23 -95.45 -4.90
N LEU B 160 -40.15 -94.41 -4.07
CA LEU B 160 -39.72 -94.61 -2.68
C LEU B 160 -40.72 -95.45 -1.90
N GLU B 161 -42.02 -95.22 -2.12
CA GLU B 161 -43.02 -96.04 -1.45
C GLU B 161 -42.94 -97.48 -1.92
N LYS B 162 -42.61 -97.72 -3.19
CA LYS B 162 -42.39 -99.07 -3.65
C LYS B 162 -41.17 -99.70 -2.99
N LEU B 163 -40.14 -98.89 -2.74
CA LEU B 163 -38.94 -99.42 -2.10
C LEU B 163 -39.22 -99.87 -0.67
N GLY B 164 -39.86 -99.02 0.13
CA GLY B 164 -40.18 -99.37 1.50
C GLY B 164 -39.86 -98.30 2.52
N VAL B 165 -39.43 -97.13 2.04
CA VAL B 165 -39.09 -96.03 2.96
C VAL B 165 -40.35 -95.57 3.68
N PRO B 166 -40.30 -95.33 4.99
CA PRO B 166 -41.49 -94.81 5.69
C PRO B 166 -41.88 -93.43 5.18
N LEU B 167 -43.18 -93.15 5.26
CA LEU B 167 -43.73 -91.94 4.66
C LEU B 167 -43.12 -90.65 5.20
N PRO B 168 -42.98 -90.45 6.52
CA PRO B 168 -42.40 -89.17 6.99
C PRO B 168 -41.02 -88.89 6.43
N GLU B 169 -40.17 -89.91 6.31
CA GLU B 169 -38.85 -89.70 5.74
C GLU B 169 -38.95 -89.33 4.25
N VAL B 170 -39.89 -89.93 3.53
CA VAL B 170 -40.12 -89.57 2.14
C VAL B 170 -40.50 -88.10 2.02
N ILE B 171 -41.42 -87.66 2.88
CA ILE B 171 -41.86 -86.27 2.83
C ILE B 171 -40.71 -85.33 3.21
N ALA B 172 -39.89 -85.73 4.17
CA ALA B 172 -38.73 -84.91 4.53
C ALA B 172 -37.76 -84.79 3.35
N LEU B 173 -37.52 -85.90 2.65
CA LEU B 173 -36.63 -85.85 1.49
C LEU B 173 -37.20 -84.96 0.39
N LEU B 174 -38.50 -85.07 0.12
CA LEU B 174 -39.12 -84.23 -0.92
C LEU B 174 -39.06 -82.76 -0.52
N LEU B 175 -39.25 -82.46 0.76
CA LEU B 175 -39.14 -81.08 1.22
C LEU B 175 -37.71 -80.57 1.12
N ARG B 176 -36.72 -81.42 1.36
CA ARG B 176 -35.32 -81.03 1.16
C ARG B 176 -35.06 -80.72 -0.31
N VAL B 177 -35.57 -81.55 -1.21
CA VAL B 177 -35.40 -81.29 -2.64
C VAL B 177 -36.05 -79.98 -3.02
N LEU B 178 -37.26 -79.72 -2.51
CA LEU B 178 -37.95 -78.48 -2.81
C LEU B 178 -37.21 -77.27 -2.25
N GLU B 179 -36.61 -77.42 -1.06
CA GLU B 179 -35.80 -76.35 -0.50
C GLU B 179 -34.59 -76.06 -1.37
N VAL B 180 -33.95 -77.11 -1.89
CA VAL B 180 -32.81 -76.92 -2.79
C VAL B 180 -33.25 -76.16 -4.04
N VAL B 181 -34.40 -76.56 -4.61
CA VAL B 181 -34.91 -75.89 -5.81
C VAL B 181 -35.22 -74.43 -5.52
N GLU B 182 -35.86 -74.17 -4.38
CA GLU B 182 -36.19 -72.79 -4.01
C GLU B 182 -34.93 -71.95 -3.83
N GLU B 183 -33.90 -72.52 -3.20
CA GLU B 183 -32.65 -71.79 -3.01
C GLU B 183 -32.02 -71.46 -4.36
N SER B 184 -32.00 -72.44 -5.27
CA SER B 184 -31.45 -72.21 -6.61
C SER B 184 -32.22 -71.10 -7.32
N LEU B 185 -33.55 -71.15 -7.27
CA LEU B 185 -34.36 -70.13 -7.95
C LEU B 185 -34.14 -68.75 -7.35
N LYS B 186 -34.06 -68.67 -6.01
CA LYS B 186 -33.82 -67.39 -5.35
C LYS B 186 -32.47 -66.81 -5.74
N ALA B 187 -31.44 -67.66 -5.76
CA ALA B 187 -30.10 -67.18 -6.08
C ALA B 187 -29.96 -66.81 -7.55
N MET B 188 -30.69 -67.49 -8.43
CA MET B 188 -30.53 -67.25 -9.86
C MET B 188 -31.07 -65.88 -10.27
N GLY B 189 -32.20 -65.46 -9.70
CA GLY B 189 -32.74 -64.14 -10.01
C GLY B 189 -34.24 -64.05 -10.14
N MET B 190 -34.93 -65.18 -9.98
CA MET B 190 -36.38 -65.18 -10.07
C MET B 190 -37.00 -64.31 -8.98
N GLU B 191 -38.07 -63.60 -9.34
CA GLU B 191 -38.78 -62.77 -8.38
C GLU B 191 -39.47 -63.64 -7.33
N PRO B 192 -39.50 -63.20 -6.07
CA PRO B 192 -40.01 -64.08 -4.99
C PRO B 192 -41.42 -64.60 -5.22
N ARG B 193 -42.30 -63.82 -5.85
CA ARG B 193 -43.70 -64.23 -5.98
C ARG B 193 -43.83 -65.51 -6.80
N GLU B 194 -43.09 -65.62 -7.91
CA GLU B 194 -43.15 -66.83 -8.72
C GLU B 194 -42.59 -68.04 -7.97
N ILE B 195 -41.52 -67.85 -7.19
CA ILE B 195 -40.98 -68.94 -6.39
C ILE B 195 -42.01 -69.42 -5.38
N ASN B 196 -42.67 -68.47 -4.72
CA ASN B 196 -43.73 -68.84 -3.77
C ASN B 196 -44.85 -69.58 -4.47
N ARG B 197 -45.22 -69.13 -5.67
CA ARG B 197 -46.30 -69.78 -6.42
C ARG B 197 -45.94 -71.22 -6.77
N VAL B 198 -44.73 -71.45 -7.27
CA VAL B 198 -44.37 -72.80 -7.69
C VAL B 198 -44.21 -73.72 -6.49
N LEU B 199 -43.62 -73.21 -5.39
CA LEU B 199 -43.50 -74.02 -4.18
C LEU B 199 -44.86 -74.38 -3.63
N ALA B 200 -45.79 -73.41 -3.60
CA ALA B 200 -47.14 -73.68 -3.12
C ALA B 200 -47.83 -74.71 -4.01
N ALA B 201 -47.65 -74.62 -5.32
CA ALA B 201 -48.25 -75.60 -6.22
C ALA B 201 -47.69 -76.99 -5.97
N ALA B 202 -46.38 -77.11 -5.75
CA ALA B 202 -45.78 -78.40 -5.48
C ALA B 202 -46.30 -79.00 -4.17
N TYR B 203 -46.37 -78.17 -3.12
CA TYR B 203 -46.94 -78.65 -1.86
C TYR B 203 -48.40 -79.07 -2.04
N LEU B 204 -49.14 -78.30 -2.84
CA LEU B 204 -50.55 -78.62 -3.04
C LEU B 204 -50.74 -79.94 -3.77
N THR B 205 -49.95 -80.20 -4.81
CA THR B 205 -50.11 -81.47 -5.51
C THR B 205 -49.65 -82.64 -4.65
N LEU B 206 -48.58 -82.45 -3.86
CA LEU B 206 -48.17 -83.50 -2.94
C LEU B 206 -49.26 -83.81 -1.92
N ALA B 207 -49.85 -82.77 -1.33
CA ALA B 207 -50.92 -82.97 -0.36
C ALA B 207 -52.15 -83.60 -1.01
N ALA B 208 -52.48 -83.20 -2.24
CA ALA B 208 -53.61 -83.78 -2.93
C ALA B 208 -53.41 -85.27 -3.17
N GLU B 209 -52.21 -85.66 -3.60
CA GLU B 209 -51.93 -87.09 -3.76
C GLU B 209 -52.02 -87.82 -2.44
N LEU B 210 -51.48 -87.23 -1.38
CA LEU B 210 -51.51 -87.89 -0.07
C LEU B 210 -52.96 -88.09 0.40
N LEU B 211 -53.80 -87.09 0.21
CA LEU B 211 -55.21 -87.21 0.60
C LEU B 211 -55.93 -88.22 -0.27
N GLU B 212 -55.68 -88.22 -1.59
CA GLU B 212 -56.35 -89.15 -2.48
C GLU B 212 -55.99 -90.59 -2.18
N ARG B 213 -54.74 -90.83 -1.74
CA ARG B 213 -54.34 -92.19 -1.40
C ARG B 213 -55.21 -92.79 -0.31
N LEU B 214 -55.72 -91.96 0.60
CA LEU B 214 -56.54 -92.44 1.71
C LEU B 214 -58.02 -92.58 1.35
N GLY B 215 -58.42 -92.19 0.14
CA GLY B 215 -59.80 -92.32 -0.30
C GLY B 215 -60.61 -91.05 -0.26
N LEU B 216 -60.09 -89.96 0.29
CA LEU B 216 -60.79 -88.69 0.33
C LEU B 216 -60.64 -87.98 -1.01
N THR B 217 -61.35 -88.51 -2.01
CA THR B 217 -61.24 -88.01 -3.38
C THR B 217 -61.75 -86.59 -3.53
N ALA B 218 -62.87 -86.23 -2.88
CA ALA B 218 -63.42 -84.90 -3.02
C ALA B 218 -62.49 -83.84 -2.44
N LEU B 219 -61.89 -84.13 -1.28
CA LEU B 219 -60.95 -83.18 -0.69
C LEU B 219 -59.74 -82.97 -1.61
N ALA B 220 -59.22 -84.06 -2.18
CA ALA B 220 -58.11 -83.95 -3.13
C ALA B 220 -58.52 -83.12 -4.35
N ALA B 221 -59.75 -83.33 -4.84
CA ALA B 221 -60.23 -82.54 -5.97
C ALA B 221 -60.30 -81.06 -5.62
N ARG B 222 -60.75 -80.75 -4.41
CA ARG B 222 -60.79 -79.35 -3.97
C ARG B 222 -59.39 -78.77 -3.90
N ILE B 223 -58.42 -79.55 -3.42
CA ILE B 223 -57.03 -79.08 -3.35
C ILE B 223 -56.50 -78.81 -4.75
N ARG B 224 -56.80 -79.71 -5.71
CA ARG B 224 -56.36 -79.49 -7.08
C ARG B 224 -57.02 -78.25 -7.69
N ARG B 225 -58.30 -78.04 -7.39
CA ARG B 225 -58.97 -76.82 -7.85
C ARG B 225 -58.29 -75.58 -7.29
N ALA B 226 -57.94 -75.62 -6.01
CA ALA B 226 -57.24 -74.48 -5.40
C ALA B 226 -55.90 -74.25 -6.07
N ARG B 227 -55.16 -75.33 -6.36
CA ARG B 227 -53.87 -75.18 -7.04
C ARG B 227 -54.05 -74.57 -8.43
N GLU B 228 -55.05 -75.04 -9.17
CA GLU B 228 -55.28 -74.51 -10.52
C GLU B 228 -55.68 -73.04 -10.48
N LEU B 229 -56.51 -72.65 -9.50
CA LEU B 229 -56.84 -71.24 -9.36
C LEU B 229 -55.63 -70.41 -8.95
N LEU B 230 -54.74 -70.99 -8.14
CA LEU B 230 -53.51 -70.29 -7.77
C LEU B 230 -52.61 -70.06 -8.99
N LEU B 231 -52.47 -71.07 -9.84
CA LEU B 231 -51.59 -70.96 -11.00
C LEU B 231 -52.14 -70.01 -12.06
N ALA B 232 -53.42 -69.66 -12.00
CA ALA B 232 -54.04 -68.79 -13.00
C ALA B 232 -54.06 -67.33 -12.57
N GLY B 233 -53.42 -67.00 -11.44
CA GLY B 233 -53.40 -65.64 -10.94
C GLY B 233 -54.49 -65.29 -9.95
N ARG B 234 -55.48 -66.17 -9.77
CA ARG B 234 -56.57 -65.95 -8.82
C ARG B 234 -56.07 -66.39 -7.45
N VAL B 235 -55.48 -65.46 -6.71
CA VAL B 235 -54.78 -65.81 -5.47
C VAL B 235 -55.76 -65.93 -4.31
N GLU B 236 -56.62 -64.93 -4.11
CA GLU B 236 -57.47 -64.89 -2.93
C GLU B 236 -58.51 -66.02 -2.95
N GLU B 237 -59.05 -66.33 -4.12
CA GLU B 237 -60.02 -67.42 -4.21
C GLU B 237 -59.37 -68.75 -3.86
N ALA B 238 -58.17 -68.99 -4.36
CA ALA B 238 -57.44 -70.20 -3.99
C ALA B 238 -57.12 -70.22 -2.50
N LEU B 239 -56.77 -69.06 -1.94
CA LEU B 239 -56.51 -68.96 -0.51
C LEU B 239 -57.73 -69.38 0.30
N HIS B 240 -58.90 -68.85 -0.05
CA HIS B 240 -60.11 -69.21 0.71
C HIS B 240 -60.50 -70.66 0.51
N LEU B 241 -60.35 -71.19 -0.72
CA LEU B 241 -60.64 -72.60 -0.95
C LEU B 241 -59.72 -73.47 -0.10
N LEU B 242 -58.43 -73.12 -0.04
CA LEU B 242 -57.49 -73.87 0.78
C LEU B 242 -57.84 -73.76 2.25
N GLN B 243 -58.25 -72.59 2.71
CA GLN B 243 -58.62 -72.45 4.12
C GLN B 243 -59.83 -73.32 4.46
N ASP B 244 -60.84 -73.34 3.59
CA ASP B 244 -62.00 -74.19 3.84
C ASP B 244 -61.61 -75.67 3.83
N ALA B 245 -60.75 -76.07 2.90
CA ALA B 245 -60.29 -77.45 2.88
C ALA B 245 -59.54 -77.79 4.16
N VAL B 246 -58.73 -76.86 4.66
CA VAL B 246 -57.96 -77.09 5.88
C VAL B 246 -58.89 -77.23 7.08
N GLU B 247 -59.91 -76.38 7.16
CA GLU B 247 -60.87 -76.50 8.27
C GLU B 247 -61.58 -77.84 8.24
N LEU B 248 -62.01 -78.29 7.05
CA LEU B 248 -62.71 -79.57 6.96
C LEU B 248 -61.77 -80.72 7.27
N LEU B 249 -60.50 -80.61 6.86
CA LEU B 249 -59.51 -81.62 7.21
C LEU B 249 -59.28 -81.68 8.71
N HIS B 250 -59.27 -80.52 9.36
CA HIS B 250 -59.15 -80.49 10.83
C HIS B 250 -60.36 -81.15 11.49
N GLU B 251 -61.56 -80.91 10.95
CA GLU B 251 -62.74 -81.59 11.46
C GLU B 251 -62.59 -83.10 11.38
N ARG B 252 -62.15 -83.59 10.21
CA ARG B 252 -61.97 -85.03 10.04
C ARG B 252 -60.90 -85.57 10.98
N ILE B 253 -59.78 -84.85 11.12
CA ILE B 253 -58.69 -85.31 11.97
C ILE B 253 -59.12 -85.41 13.42
N ARG B 254 -59.78 -84.37 13.93
CA ARG B 254 -60.22 -84.37 15.31
C ARG B 254 -61.43 -85.28 15.55
N GLU B 255 -62.16 -85.65 14.51
CA GLU B 255 -63.19 -86.68 14.66
C GLU B 255 -62.58 -88.07 14.73
N LEU B 256 -61.50 -88.30 13.97
CA LEU B 256 -60.85 -89.61 14.00
C LEU B 256 -60.20 -89.89 15.35
N GLY B 257 -59.59 -88.89 15.95
CA GLY B 257 -58.94 -89.04 17.24
C GLY B 257 -57.45 -89.28 17.08
N PHE B 258 -56.91 -90.23 17.85
CA PHE B 258 -55.50 -90.57 17.81
C PHE B 258 -55.18 -91.70 16.84
N GLU B 259 -56.19 -92.25 16.16
CA GLU B 259 -56.00 -93.29 15.17
C GLU B 259 -55.94 -92.75 13.76
N ALA B 260 -55.66 -91.45 13.61
CA ALA B 260 -55.59 -90.86 12.28
C ALA B 260 -54.34 -91.34 11.55
N PRO B 261 -54.48 -91.88 10.34
CA PRO B 261 -53.29 -92.31 9.59
C PRO B 261 -52.35 -91.14 9.31
N GLU B 262 -51.07 -91.46 9.15
CA GLU B 262 -50.06 -90.44 8.94
C GLU B 262 -50.32 -89.59 7.70
N GLU B 263 -51.09 -90.11 6.75
CA GLU B 263 -51.40 -89.34 5.55
C GLU B 263 -52.11 -88.04 5.89
N LEU B 264 -53.09 -88.10 6.80
CA LEU B 264 -53.84 -86.90 7.18
C LEU B 264 -52.93 -85.85 7.82
N LEU B 265 -52.07 -86.28 8.74
CA LEU B 265 -51.19 -85.33 9.43
C LEU B 265 -50.18 -84.72 8.46
N LEU B 266 -49.59 -85.53 7.59
CA LEU B 266 -48.62 -85.01 6.63
C LEU B 266 -49.28 -84.06 5.65
N ALA B 267 -50.48 -84.41 5.18
CA ALA B 267 -51.22 -83.52 4.29
C ALA B 267 -51.57 -82.22 4.99
N ASP B 268 -51.94 -82.28 6.27
CA ASP B 268 -52.24 -81.06 7.02
C ASP B 268 -51.02 -80.16 7.13
N LEU B 269 -49.85 -80.75 7.43
CA LEU B 269 -48.64 -79.95 7.50
C LEU B 269 -48.29 -79.32 6.16
N LEU B 270 -48.42 -80.09 5.08
CA LEU B 270 -48.14 -79.55 3.75
C LEU B 270 -49.11 -78.44 3.40
N LEU B 271 -50.38 -78.60 3.76
CA LEU B 271 -51.37 -77.57 3.49
C LEU B 271 -51.10 -76.30 4.29
N GLN B 272 -50.62 -76.45 5.53
CA GLN B 272 -50.25 -75.26 6.30
C GLN B 272 -49.07 -74.53 5.65
N ARG B 273 -48.05 -75.28 5.21
CA ARG B 273 -46.94 -74.63 4.52
C ARG B 273 -47.42 -73.92 3.25
N ALA B 274 -48.30 -74.58 2.49
CA ALA B 274 -48.85 -73.96 1.29
C ALA B 274 -49.65 -72.71 1.62
N LEU B 275 -50.39 -72.74 2.73
CA LEU B 275 -51.17 -71.57 3.15
C LEU B 275 -50.24 -70.40 3.47
N GLU B 276 -49.17 -70.66 4.21
CA GLU B 276 -48.22 -69.59 4.52
C GLU B 276 -47.59 -69.04 3.25
N LEU B 277 -47.19 -69.92 2.32
CA LEU B 277 -46.57 -69.46 1.09
C LEU B 277 -47.54 -68.63 0.25
N ILE B 278 -48.80 -69.07 0.15
CA ILE B 278 -49.79 -68.33 -0.63
C ILE B 278 -50.09 -66.99 0.02
N SER B 279 -50.18 -66.95 1.34
CA SER B 279 -50.40 -65.68 2.04
C SER B 279 -49.24 -64.72 1.81
N SER B 280 -48.01 -65.24 1.77
CA SER B 280 -46.84 -64.38 1.56
C SER B 280 -46.77 -63.83 0.14
N ILE B 281 -47.55 -64.35 -0.80
CA ILE B 281 -47.54 -63.86 -2.17
C ILE B 281 -48.08 -62.43 -2.21
N THR C 24 -33.96 -96.53 49.12
CA THR C 24 -33.43 -95.87 50.30
C THR C 24 -33.64 -94.36 50.20
N VAL C 25 -33.73 -93.87 48.96
CA VAL C 25 -34.01 -92.47 48.63
C VAL C 25 -32.80 -91.59 48.88
N GLU C 26 -32.22 -91.65 50.09
CA GLU C 26 -31.04 -90.85 50.38
C GLU C 26 -29.86 -91.27 49.51
N GLU C 27 -29.59 -92.57 49.47
CA GLU C 27 -28.51 -93.09 48.63
C GLU C 27 -28.67 -92.61 47.20
N GLU C 28 -29.91 -92.49 46.72
CA GLU C 28 -30.15 -91.88 45.42
C GLU C 28 -29.63 -90.44 45.38
N VAL C 29 -29.75 -89.71 46.49
CA VAL C 29 -29.29 -88.32 46.50
C VAL C 29 -27.77 -88.24 46.40
N ILE C 30 -27.05 -89.02 47.24
CA ILE C 30 -25.59 -88.94 47.16
C ILE C 30 -25.10 -89.48 45.82
N ARG C 31 -25.71 -90.57 45.34
CA ARG C 31 -25.33 -91.08 44.03
C ARG C 31 -25.61 -90.06 42.93
N PHE C 32 -26.71 -89.31 43.03
CA PHE C 32 -26.99 -88.28 42.06
C PHE C 32 -25.90 -87.22 42.05
N ALA C 33 -25.49 -86.77 43.24
CA ALA C 33 -24.44 -85.76 43.29
C ALA C 33 -23.13 -86.27 42.70
N GLU C 34 -22.71 -87.48 43.11
CA GLU C 34 -21.45 -88.03 42.61
C GLU C 34 -21.50 -88.29 41.12
N GLU C 35 -22.61 -88.84 40.62
CA GLU C 35 -22.73 -89.11 39.19
C GLU C 35 -22.78 -87.82 38.39
N LEU C 36 -23.40 -86.76 38.93
CA LEU C 36 -23.40 -85.48 38.26
C LEU C 36 -21.99 -84.93 38.13
N ALA C 37 -21.21 -85.01 39.22
CA ALA C 37 -19.82 -84.56 39.16
C ALA C 37 -19.01 -85.38 38.15
N GLU C 38 -19.22 -86.70 38.15
CA GLU C 38 -18.51 -87.56 37.20
C GLU C 38 -18.92 -87.27 35.77
N GLU C 39 -20.18 -86.90 35.55
CA GLU C 39 -20.64 -86.55 34.22
C GLU C 39 -20.00 -85.25 33.75
N ILE C 40 -19.87 -84.26 34.63
CA ILE C 40 -19.14 -83.05 34.27
C ILE C 40 -17.70 -83.40 33.90
N ARG C 41 -17.07 -84.28 34.69
CA ARG C 41 -15.69 -84.67 34.38
C ARG C 41 -15.59 -85.37 33.03
N ARG C 42 -16.55 -86.25 32.73
CA ARG C 42 -16.53 -86.97 31.45
C ARG C 42 -16.73 -86.02 30.28
N VAL C 43 -17.69 -85.09 30.40
CA VAL C 43 -18.00 -84.21 29.28
C VAL C 43 -16.88 -83.21 29.04
N THR C 44 -16.32 -82.64 30.10
CA THR C 44 -15.32 -81.58 29.96
C THR C 44 -13.92 -82.02 30.33
N GLY C 45 -13.73 -82.66 31.47
CA GLY C 45 -12.41 -83.04 31.92
C GLY C 45 -11.94 -82.21 33.09
N GLU C 46 -10.85 -81.47 32.90
CA GLU C 46 -10.30 -80.61 33.94
C GLU C 46 -10.27 -79.14 33.53
N ALA C 47 -10.93 -78.80 32.41
CA ALA C 47 -11.06 -77.40 32.03
C ALA C 47 -12.08 -76.66 32.89
N TYR C 48 -13.10 -77.38 33.38
CA TYR C 48 -14.12 -76.81 34.28
C TYR C 48 -14.10 -77.67 35.54
N ARG C 49 -13.23 -77.29 36.49
CA ARG C 49 -13.08 -78.03 37.73
C ARG C 49 -13.74 -77.35 38.92
N GLU C 50 -13.87 -76.02 38.88
CA GLU C 50 -14.58 -75.32 39.94
C GLU C 50 -16.04 -75.75 39.99
N TYR C 51 -16.64 -76.02 38.84
CA TYR C 51 -18.02 -76.48 38.81
C TYR C 51 -18.15 -77.85 39.48
N ALA C 52 -17.20 -78.76 39.22
CA ALA C 52 -17.23 -80.05 39.88
C ALA C 52 -17.00 -79.91 41.38
N GLU C 53 -16.11 -79.00 41.77
CA GLU C 53 -15.91 -78.72 43.19
C GLU C 53 -17.20 -78.25 43.85
N ALA C 54 -17.91 -77.33 43.19
CA ALA C 54 -19.17 -76.84 43.73
C ALA C 54 -20.21 -77.94 43.82
N VAL C 55 -20.28 -78.81 42.80
CA VAL C 55 -21.25 -79.90 42.82
C VAL C 55 -20.95 -80.87 43.96
N ARG C 56 -19.67 -81.18 44.17
CA ARG C 56 -19.32 -82.07 45.28
C ARG C 56 -19.60 -81.43 46.63
N HIS C 57 -19.36 -80.11 46.75
CA HIS C 57 -19.70 -79.41 47.97
C HIS C 57 -21.21 -79.46 48.23
N LEU C 58 -22.02 -79.25 47.19
CA LEU C 58 -23.46 -79.33 47.35
C LEU C 58 -23.92 -80.74 47.70
N GLY C 59 -23.26 -81.76 47.15
CA GLY C 59 -23.56 -83.12 47.57
C GLY C 59 -23.25 -83.36 49.03
N GLU C 60 -22.12 -82.81 49.51
CA GLU C 60 -21.80 -82.91 50.93
C GLU C 60 -22.85 -82.19 51.78
N ALA C 61 -23.31 -81.03 51.32
CA ALA C 61 -24.37 -80.32 52.03
C ALA C 61 -25.65 -81.15 52.08
N ALA C 62 -26.01 -81.78 50.97
CA ALA C 62 -27.20 -82.63 50.94
C ALA C 62 -27.05 -83.81 51.88
N LYS C 63 -25.86 -84.39 51.96
CA LYS C 63 -25.61 -85.46 52.91
C LYS C 63 -25.74 -84.95 54.35
N ALA C 64 -25.28 -83.73 54.60
CA ALA C 64 -25.37 -83.16 55.95
C ALA C 64 -26.81 -82.90 56.35
N VAL C 65 -27.63 -82.41 55.42
CA VAL C 65 -29.04 -82.13 55.72
C VAL C 65 -29.76 -83.40 56.16
N LEU C 66 -29.52 -84.51 55.45
CA LEU C 66 -30.22 -85.76 55.71
C LEU C 66 -29.82 -86.41 57.03
N GLU C 67 -28.76 -85.94 57.68
CA GLU C 67 -28.31 -86.52 58.94
C GLU C 67 -28.79 -85.76 60.16
N GLY C 68 -29.18 -84.49 60.01
CA GLY C 68 -29.69 -83.72 61.12
C GLY C 68 -28.99 -82.40 61.34
N ASN C 69 -27.72 -82.32 60.96
CA ASN C 69 -26.96 -81.10 61.14
C ASN C 69 -27.44 -80.05 60.14
N SER C 70 -28.01 -78.96 60.66
CA SER C 70 -28.60 -77.93 59.82
C SER C 70 -27.76 -76.67 59.67
N VAL C 71 -26.69 -76.53 60.45
CA VAL C 71 -25.84 -75.35 60.32
C VAL C 71 -24.64 -75.64 59.42
N GLU C 72 -24.16 -76.89 59.40
CA GLU C 72 -23.13 -77.27 58.45
C GLU C 72 -23.62 -77.11 57.01
N ALA C 73 -24.90 -77.39 56.78
CA ALA C 73 -25.47 -77.16 55.46
C ALA C 73 -25.40 -75.68 55.08
N ASP C 74 -25.72 -74.79 56.02
CA ASP C 74 -25.64 -73.36 55.74
C ASP C 74 -24.20 -72.94 55.44
N LEU C 75 -23.24 -73.45 56.22
CA LEU C 75 -21.84 -73.12 55.98
C LEU C 75 -21.38 -73.61 54.61
N ILE C 76 -21.78 -74.81 54.23
CA ILE C 76 -21.37 -75.36 52.93
C ILE C 76 -22.02 -74.59 51.79
N VAL C 77 -23.29 -74.19 51.96
CA VAL C 77 -23.96 -73.40 50.92
C VAL C 77 -23.28 -72.05 50.77
N THR C 78 -22.85 -71.45 51.88
CA THR C 78 -22.11 -70.19 51.78
C THR C 78 -20.77 -70.38 51.08
N ASP C 79 -20.09 -71.51 51.35
CA ASP C 79 -18.86 -71.81 50.64
C ASP C 79 -19.11 -71.92 49.14
N VAL C 80 -20.19 -72.61 48.75
CA VAL C 80 -20.54 -72.74 47.35
C VAL C 80 -20.85 -71.37 46.75
N LEU C 81 -21.52 -70.51 47.53
CA LEU C 81 -21.81 -69.16 47.06
C LEU C 81 -20.53 -68.39 46.80
N ARG C 82 -19.54 -68.50 47.68
CA ARG C 82 -18.26 -67.85 47.45
C ARG C 82 -17.58 -68.41 46.20
N LEU C 83 -17.63 -69.73 46.01
CA LEU C 83 -17.02 -70.32 44.82
C LEU C 83 -17.67 -69.81 43.55
N LEU C 84 -18.99 -69.75 43.52
CA LEU C 84 -19.69 -69.26 42.33
C LEU C 84 -19.48 -67.77 42.13
N GLU C 85 -19.33 -67.01 43.21
CA GLU C 85 -19.00 -65.59 43.09
C GLU C 85 -17.61 -65.41 42.48
N ARG C 86 -16.67 -66.27 42.85
CA ARG C 86 -15.35 -66.23 42.22
C ARG C 86 -15.42 -66.64 40.76
N ILE C 87 -16.29 -67.59 40.43
CA ILE C 87 -16.42 -68.03 39.03
C ILE C 87 -16.90 -66.89 38.15
N GLY C 88 -17.98 -66.22 38.55
CA GLY C 88 -18.46 -65.08 37.82
C GLY C 88 -19.66 -65.32 36.92
N GLU C 89 -20.65 -66.07 37.42
CA GLU C 89 -21.88 -66.34 36.70
C GLU C 89 -23.02 -65.68 37.48
N GLU C 90 -23.56 -64.58 36.93
CA GLU C 90 -24.51 -63.77 37.67
C GLU C 90 -25.78 -64.54 38.01
N GLY C 91 -26.33 -65.26 37.03
CA GLY C 91 -27.52 -66.06 37.31
C GLY C 91 -27.26 -67.15 38.34
N LEU C 92 -26.09 -67.78 38.25
CA LEU C 92 -25.76 -68.84 39.20
C LEU C 92 -25.63 -68.30 40.61
N VAL C 93 -24.98 -67.14 40.78
CA VAL C 93 -24.84 -66.58 42.12
C VAL C 93 -26.17 -66.08 42.65
N LYS C 94 -27.03 -65.55 41.76
CA LYS C 94 -28.37 -65.15 42.19
C LYS C 94 -29.16 -66.35 42.71
N LEU C 95 -29.14 -67.44 41.96
CA LEU C 95 -29.81 -68.66 42.41
C LEU C 95 -29.19 -69.17 43.70
N ALA C 96 -27.87 -69.03 43.84
CA ALA C 96 -27.20 -69.47 45.06
C ALA C 96 -27.66 -68.67 46.27
N ARG C 97 -27.77 -67.35 46.12
CA ARG C 97 -28.26 -66.52 47.23
C ARG C 97 -29.70 -66.89 47.60
N GLU C 98 -30.55 -67.06 46.58
CA GLU C 98 -31.94 -67.42 46.87
C GLU C 98 -32.04 -68.77 47.57
N VAL C 99 -31.24 -69.76 47.11
CA VAL C 99 -31.22 -71.06 47.75
C VAL C 99 -30.72 -70.95 49.18
N HIS C 100 -29.69 -70.13 49.40
CA HIS C 100 -29.16 -69.92 50.75
C HIS C 100 -30.25 -69.43 51.68
N GLU C 101 -30.95 -68.37 51.29
CA GLU C 101 -31.97 -67.79 52.16
C GLU C 101 -33.11 -68.77 52.40
N ARG C 102 -33.67 -69.33 51.32
CA ARG C 102 -34.82 -70.21 51.47
C ARG C 102 -34.46 -71.46 52.25
N SER C 103 -33.30 -72.06 51.97
CA SER C 103 -32.88 -73.26 52.68
C SER C 103 -32.65 -72.98 54.16
N PHE C 104 -32.04 -71.84 54.49
CA PHE C 104 -31.88 -71.49 55.89
C PHE C 104 -33.22 -71.38 56.59
N GLU C 105 -34.17 -70.65 55.99
CA GLU C 105 -35.47 -70.47 56.64
C GLU C 105 -36.20 -71.79 56.79
N LEU C 106 -36.21 -72.62 55.73
CA LEU C 106 -36.92 -73.89 55.78
C LEU C 106 -36.29 -74.86 56.77
N LEU C 107 -34.96 -74.92 56.81
CA LEU C 107 -34.28 -75.79 57.76
C LEU C 107 -34.51 -75.34 59.20
N ARG C 108 -34.57 -74.03 59.43
CA ARG C 108 -34.95 -73.55 60.75
C ARG C 108 -36.38 -73.97 61.09
N LYS C 109 -37.29 -73.83 60.15
CA LYS C 109 -38.67 -74.27 60.38
C LYS C 109 -38.77 -75.79 60.48
N GLY C 110 -38.12 -76.50 59.58
CA GLY C 110 -38.12 -77.95 59.63
C GLY C 110 -38.45 -78.64 58.32
N ASN C 111 -38.49 -77.87 57.22
CA ASN C 111 -38.81 -78.42 55.91
C ASN C 111 -37.53 -78.98 55.28
N ARG C 112 -37.21 -80.22 55.65
CA ARG C 112 -36.02 -80.87 55.14
C ARG C 112 -36.10 -81.10 53.63
N VAL C 113 -37.26 -81.56 53.16
CA VAL C 113 -37.39 -82.01 51.78
C VAL C 113 -37.22 -80.85 50.81
N GLU C 114 -37.81 -79.70 51.12
CA GLU C 114 -37.71 -78.55 50.21
C GLU C 114 -36.28 -78.00 50.17
N ALA C 115 -35.59 -77.99 51.30
CA ALA C 115 -34.18 -77.59 51.30
C ALA C 115 -33.34 -78.55 50.47
N LEU C 116 -33.59 -79.85 50.60
CA LEU C 116 -32.90 -80.82 49.75
C LEU C 116 -33.18 -80.56 48.27
N ALA C 117 -34.44 -80.26 47.95
CA ALA C 117 -34.80 -79.99 46.56
C ALA C 117 -34.07 -78.76 46.03
N LEU C 118 -33.99 -77.71 46.84
CA LEU C 118 -33.27 -76.50 46.42
C LEU C 118 -31.79 -76.78 46.22
N ILE C 119 -31.18 -77.56 47.11
CA ILE C 119 -29.77 -77.90 46.97
C ILE C 119 -29.53 -78.68 45.68
N LEU C 120 -30.38 -79.67 45.41
CA LEU C 120 -30.25 -80.46 44.19
C LEU C 120 -30.46 -79.61 42.95
N ALA C 121 -31.43 -78.68 43.01
CA ALA C 121 -31.65 -77.78 41.88
C ALA C 121 -30.43 -76.90 41.61
N LEU C 122 -29.81 -76.40 42.68
CA LEU C 122 -28.60 -75.60 42.49
C LEU C 122 -27.47 -76.43 41.89
N ALA C 123 -27.29 -77.67 42.36
CA ALA C 123 -26.26 -78.53 41.80
C ALA C 123 -26.49 -78.80 40.32
N LEU C 124 -27.74 -79.10 39.96
CA LEU C 124 -28.06 -79.35 38.56
C LEU C 124 -27.84 -78.09 37.72
N ALA C 125 -28.20 -76.92 38.27
CA ALA C 125 -27.98 -75.68 37.54
C ALA C 125 -26.51 -75.45 37.25
N VAL C 126 -25.65 -75.67 38.25
CA VAL C 126 -24.20 -75.50 38.03
C VAL C 126 -23.70 -76.49 36.98
N ALA C 127 -24.12 -77.75 37.10
CA ALA C 127 -23.65 -78.77 36.14
C ALA C 127 -24.09 -78.44 34.72
N LEU C 128 -25.35 -78.05 34.55
CA LEU C 128 -25.86 -77.75 33.22
C LEU C 128 -25.21 -76.50 32.66
N THR C 129 -24.93 -75.50 33.51
CA THR C 129 -24.23 -74.31 33.05
C THR C 129 -22.84 -74.67 32.53
N ALA C 130 -22.11 -75.49 33.28
CA ALA C 130 -20.78 -75.90 32.84
C ALA C 130 -20.85 -76.67 31.52
N VAL C 131 -21.78 -77.64 31.43
CA VAL C 131 -21.88 -78.46 30.23
C VAL C 131 -22.26 -77.62 29.02
N SER C 132 -23.23 -76.71 29.18
CA SER C 132 -23.66 -75.87 28.07
C SER C 132 -22.55 -74.93 27.64
N LYS C 133 -21.80 -74.37 28.59
CA LYS C 133 -20.67 -73.51 28.23
C LYS C 133 -19.63 -74.28 27.43
N ALA C 134 -19.29 -75.49 27.87
CA ALA C 134 -18.33 -76.31 27.14
C ALA C 134 -18.84 -76.64 25.74
N PHE C 135 -20.12 -77.02 25.63
CA PHE C 135 -20.68 -77.38 24.33
C PHE C 135 -20.68 -76.20 23.38
N PHE C 136 -21.03 -75.01 23.86
CA PHE C 136 -21.01 -73.84 22.99
C PHE C 136 -19.59 -73.47 22.60
N LEU C 137 -18.64 -73.57 23.54
CA LEU C 137 -17.26 -73.23 23.22
C LEU C 137 -16.68 -74.17 22.17
N LEU C 138 -16.99 -75.47 22.27
CA LEU C 138 -16.55 -76.41 21.25
C LEU C 138 -17.14 -76.07 19.89
N GLY C 139 -18.44 -75.78 19.85
CA GLY C 139 -19.11 -75.47 18.60
C GLY C 139 -20.19 -76.48 18.26
N GLN C 140 -20.64 -77.22 19.26
CA GLN C 140 -21.62 -78.27 19.04
C GLN C 140 -22.97 -77.68 18.64
N PRO C 141 -23.77 -78.43 17.88
CA PRO C 141 -25.11 -77.96 17.52
C PRO C 141 -26.06 -78.07 18.70
N ALA C 142 -27.24 -77.45 18.53
CA ALA C 142 -28.21 -77.32 19.62
C ALA C 142 -28.88 -78.64 19.96
N ARG C 143 -28.85 -79.63 19.07
CA ARG C 143 -29.60 -80.87 19.29
C ARG C 143 -29.09 -81.62 20.51
N LEU C 144 -27.77 -81.82 20.60
CA LEU C 144 -27.20 -82.56 21.71
C LEU C 144 -27.35 -81.79 23.02
N ILE C 145 -27.20 -80.47 22.98
CA ILE C 145 -27.40 -79.65 24.17
C ILE C 145 -28.83 -79.83 24.69
N ALA C 146 -29.81 -79.77 23.77
CA ALA C 146 -31.19 -79.92 24.17
C ALA C 146 -31.45 -81.32 24.75
N GLU C 147 -30.90 -82.35 24.11
CA GLU C 147 -31.12 -83.71 24.61
C GLU C 147 -30.52 -83.88 26.00
N TYR C 148 -29.30 -83.38 26.21
CA TYR C 148 -28.65 -83.53 27.51
C TYR C 148 -29.39 -82.77 28.58
N VAL C 149 -29.82 -81.54 28.28
CA VAL C 149 -30.57 -80.75 29.26
C VAL C 149 -31.87 -81.45 29.62
N GLY C 150 -32.58 -81.96 28.62
CA GLY C 150 -33.81 -82.68 28.89
C GLY C 150 -33.59 -83.92 29.73
N GLU C 151 -32.55 -84.69 29.43
CA GLU C 151 -32.27 -85.90 30.19
C GLU C 151 -31.95 -85.57 31.65
N LYS C 152 -31.11 -84.55 31.87
CA LYS C 152 -30.75 -84.17 33.24
C LYS C 152 -31.96 -83.66 34.00
N LEU C 153 -32.81 -82.86 33.35
CA LEU C 153 -34.02 -82.37 34.01
C LEU C 153 -34.95 -83.53 34.34
N LEU C 154 -35.04 -84.53 33.45
CA LEU C 154 -35.84 -85.72 33.74
C LEU C 154 -35.31 -86.47 34.95
N GLU C 155 -33.99 -86.64 35.04
CA GLU C 155 -33.41 -87.32 36.20
C GLU C 155 -33.71 -86.56 37.49
N LEU C 156 -33.54 -85.23 37.46
CA LEU C 156 -33.85 -84.43 38.65
C LEU C 156 -35.32 -84.54 39.02
N ARG C 157 -36.21 -84.52 38.03
CA ARG C 157 -37.64 -84.62 38.32
C ARG C 157 -37.98 -85.97 38.94
N ARG C 158 -37.41 -87.06 38.42
CA ARG C 158 -37.65 -88.36 39.03
C ARG C 158 -37.13 -88.41 40.45
N LEU C 159 -35.94 -87.86 40.69
CA LEU C 159 -35.39 -87.86 42.05
C LEU C 159 -36.29 -87.08 43.01
N LEU C 160 -36.72 -85.89 42.59
CA LEU C 160 -37.57 -85.06 43.46
C LEU C 160 -38.92 -85.73 43.71
N GLU C 161 -39.50 -86.36 42.68
CA GLU C 161 -40.75 -87.08 42.88
C GLU C 161 -40.57 -88.25 43.84
N LYS C 162 -39.43 -88.93 43.77
CA LYS C 162 -39.15 -89.99 44.74
C LYS C 162 -39.00 -89.44 46.14
N LEU C 163 -38.42 -88.24 46.27
CA LEU C 163 -38.24 -87.63 47.58
C LEU C 163 -39.58 -87.29 48.22
N GLY C 164 -40.45 -86.59 47.48
CA GLY C 164 -41.76 -86.24 48.00
C GLY C 164 -42.17 -84.81 47.75
N VAL C 165 -41.35 -84.06 47.01
CA VAL C 165 -41.67 -82.66 46.73
C VAL C 165 -42.93 -82.60 45.87
N PRO C 166 -43.88 -81.70 46.17
CA PRO C 166 -45.07 -81.60 45.32
C PRO C 166 -44.72 -81.15 43.90
N LEU C 167 -45.55 -81.60 42.96
CA LEU C 167 -45.24 -81.39 41.54
C LEU C 167 -45.10 -79.92 41.15
N PRO C 168 -45.99 -79.00 41.55
CA PRO C 168 -45.81 -77.60 41.12
C PRO C 168 -44.49 -77.00 41.56
N GLU C 169 -44.03 -77.32 42.76
CA GLU C 169 -42.73 -76.81 43.21
C GLU C 169 -41.58 -77.42 42.41
N VAL C 170 -41.70 -78.70 42.06
CA VAL C 170 -40.69 -79.33 41.21
C VAL C 170 -40.61 -78.61 39.88
N ILE C 171 -41.76 -78.33 39.26
CA ILE C 171 -41.76 -77.67 37.97
C ILE C 171 -41.21 -76.26 38.09
N ALA C 172 -41.55 -75.54 39.17
CA ALA C 172 -41.02 -74.20 39.36
C ALA C 172 -39.49 -74.24 39.49
N LEU C 173 -38.96 -75.22 40.22
CA LEU C 173 -37.51 -75.36 40.32
C LEU C 173 -36.89 -75.68 38.96
N LEU C 174 -37.55 -76.51 38.16
CA LEU C 174 -37.01 -76.85 36.84
C LEU C 174 -36.96 -75.62 35.94
N LEU C 175 -38.02 -74.80 35.93
CA LEU C 175 -37.94 -73.56 35.15
C LEU C 175 -36.95 -72.57 35.75
N ARG C 176 -36.72 -72.60 37.06
CA ARG C 176 -35.65 -71.76 37.61
C ARG C 176 -34.29 -72.17 37.06
N VAL C 177 -34.02 -73.49 37.03
CA VAL C 177 -32.78 -73.99 36.46
C VAL C 177 -32.67 -73.61 35.00
N LEU C 178 -33.78 -73.76 34.26
CA LEU C 178 -33.78 -73.44 32.84
C LEU C 178 -33.54 -71.94 32.61
N GLU C 179 -34.09 -71.10 33.49
CA GLU C 179 -33.85 -69.66 33.39
C GLU C 179 -32.38 -69.35 33.63
N VAL C 180 -31.76 -70.02 34.61
CA VAL C 180 -30.33 -69.81 34.86
C VAL C 180 -29.52 -70.20 33.62
N VAL C 181 -29.84 -71.36 33.04
CA VAL C 181 -29.11 -71.83 31.86
C VAL C 181 -29.31 -70.87 30.69
N GLU C 182 -30.53 -70.40 30.49
CA GLU C 182 -30.82 -69.48 29.40
C GLU C 182 -30.08 -68.15 29.58
N GLU C 183 -30.05 -67.64 30.81
CA GLU C 183 -29.31 -66.41 31.07
C GLU C 183 -27.82 -66.60 30.79
N SER C 184 -27.26 -67.73 31.20
CA SER C 184 -25.86 -68.02 30.92
C SER C 184 -25.61 -68.08 29.42
N LEU C 185 -26.51 -68.74 28.68
CA LEU C 185 -26.34 -68.86 27.24
C LEU C 185 -26.41 -67.50 26.56
N LYS C 186 -27.36 -66.65 26.97
CA LYS C 186 -27.46 -65.31 26.38
C LYS C 186 -26.22 -64.49 26.69
N ALA C 187 -25.74 -64.54 27.93
CA ALA C 187 -24.59 -63.73 28.32
C ALA C 187 -23.31 -64.20 27.65
N MET C 188 -23.17 -65.50 27.40
CA MET C 188 -21.92 -66.01 26.86
C MET C 188 -21.72 -65.63 25.40
N GLY C 189 -22.80 -65.58 24.62
CA GLY C 189 -22.68 -65.15 23.24
C GLY C 189 -23.54 -65.89 22.21
N MET C 190 -24.33 -66.85 22.66
CA MET C 190 -25.16 -67.61 21.74
C MET C 190 -26.20 -66.71 21.07
N GLU C 191 -26.50 -67.00 19.81
CA GLU C 191 -27.54 -66.28 19.10
C GLU C 191 -28.90 -66.65 19.67
N PRO C 192 -29.84 -65.69 19.74
CA PRO C 192 -31.13 -65.95 20.40
C PRO C 192 -31.89 -67.15 19.85
N ARG C 193 -31.82 -67.41 18.54
CA ARG C 193 -32.63 -68.47 17.96
C ARG C 193 -32.28 -69.84 18.52
N GLU C 194 -30.98 -70.14 18.67
CA GLU C 194 -30.58 -71.42 19.22
C GLU C 194 -30.98 -71.56 20.69
N ILE C 195 -30.88 -70.49 21.47
CA ILE C 195 -31.32 -70.52 22.86
C ILE C 195 -32.81 -70.81 22.93
N ASN C 196 -33.59 -70.13 22.09
CA ASN C 196 -35.03 -70.39 22.05
C ASN C 196 -35.31 -71.83 21.66
N ARG C 197 -34.55 -72.36 20.69
CA ARG C 197 -34.75 -73.74 20.25
C ARG C 197 -34.50 -74.73 21.39
N VAL C 198 -33.39 -74.55 22.11
CA VAL C 198 -33.05 -75.52 23.17
C VAL C 198 -34.03 -75.39 24.33
N LEU C 199 -34.43 -74.17 24.69
CA LEU C 199 -35.42 -74.00 25.75
C LEU C 199 -36.75 -74.63 25.37
N ALA C 200 -37.18 -74.43 24.12
CA ALA C 200 -38.42 -75.04 23.66
C ALA C 200 -38.34 -76.55 23.68
N ALA C 201 -37.18 -77.11 23.29
CA ALA C 201 -37.02 -78.56 23.32
C ALA C 201 -37.09 -79.08 24.75
N ALA C 202 -36.46 -78.39 25.69
CA ALA C 202 -36.51 -78.81 27.09
C ALA C 202 -37.94 -78.76 27.63
N TYR C 203 -38.66 -77.67 27.33
CA TYR C 203 -40.05 -77.59 27.75
C TYR C 203 -40.89 -78.69 27.13
N LEU C 204 -40.62 -79.00 25.86
CA LEU C 204 -41.39 -80.04 25.17
C LEU C 204 -41.15 -81.41 25.76
N THR C 205 -39.90 -81.75 26.08
CA THR C 205 -39.66 -83.07 26.68
C THR C 205 -40.23 -83.14 28.09
N LEU C 206 -40.15 -82.05 28.85
CA LEU C 206 -40.76 -82.05 30.18
C LEU C 206 -42.27 -82.25 30.08
N ALA C 207 -42.93 -81.54 29.17
CA ALA C 207 -44.37 -81.68 29.01
C ALA C 207 -44.75 -83.06 28.50
N ALA C 208 -43.94 -83.62 27.60
CA ALA C 208 -44.21 -84.96 27.09
C ALA C 208 -44.12 -86.00 28.20
N GLU C 209 -43.10 -85.90 29.06
CA GLU C 209 -43.02 -86.80 30.21
C GLU C 209 -44.22 -86.62 31.13
N LEU C 210 -44.61 -85.38 31.39
CA LEU C 210 -45.73 -85.13 32.28
C LEU C 210 -47.02 -85.75 31.72
N LEU C 211 -47.25 -85.58 30.42
CA LEU C 211 -48.44 -86.18 29.79
C LEU C 211 -48.37 -87.70 29.80
N GLU C 212 -47.20 -88.27 29.50
CA GLU C 212 -47.07 -89.72 29.46
C GLU C 212 -47.30 -90.34 30.82
N ARG C 213 -46.91 -89.65 31.90
CA ARG C 213 -47.14 -90.17 33.24
C ARG C 213 -48.62 -90.40 33.51
N LEU C 214 -49.50 -89.60 32.90
CA LEU C 214 -50.93 -89.71 33.10
C LEU C 214 -51.60 -90.73 32.19
N GLY C 215 -50.85 -91.33 31.26
CA GLY C 215 -51.39 -92.34 30.38
C GLY C 215 -51.68 -91.87 28.97
N LEU C 216 -51.66 -90.56 28.71
CA LEU C 216 -51.90 -90.03 27.37
C LEU C 216 -50.63 -90.21 26.53
N THR C 217 -50.38 -91.48 26.17
CA THR C 217 -49.16 -91.82 25.45
C THR C 217 -49.14 -91.26 24.02
N ALA C 218 -50.29 -91.22 23.33
CA ALA C 218 -50.31 -90.71 21.97
C ALA C 218 -50.04 -89.20 21.94
N LEU C 219 -50.61 -88.45 22.89
CA LEU C 219 -50.32 -87.03 22.97
C LEU C 219 -48.84 -86.78 23.25
N ALA C 220 -48.26 -87.57 24.15
CA ALA C 220 -46.83 -87.45 24.43
C ALA C 220 -46.00 -87.77 23.19
N ALA C 221 -46.41 -88.79 22.43
CA ALA C 221 -45.71 -89.11 21.19
C ALA C 221 -45.79 -87.97 20.19
N ARG C 222 -46.95 -87.33 20.09
CA ARG C 222 -47.08 -86.17 19.20
C ARG C 222 -46.18 -85.02 19.67
N ILE C 223 -46.09 -84.81 20.98
CA ILE C 223 -45.21 -83.76 21.50
C ILE C 223 -43.76 -84.06 21.16
N ARG C 224 -43.34 -85.33 21.31
CA ARG C 224 -41.98 -85.71 20.96
C ARG C 224 -41.71 -85.53 19.47
N ARG C 225 -42.70 -85.88 18.64
CA ARG C 225 -42.56 -85.64 17.21
C ARG C 225 -42.38 -84.16 16.90
N ALA C 226 -43.16 -83.31 17.57
CA ALA C 226 -43.01 -81.87 17.38
C ALA C 226 -41.63 -81.39 17.80
N ARG C 227 -41.12 -81.92 18.92
CA ARG C 227 -39.78 -81.54 19.36
C ARG C 227 -38.72 -81.96 18.35
N GLU C 228 -38.85 -83.19 17.83
CA GLU C 228 -37.87 -83.68 16.86
C GLU C 228 -37.91 -82.87 15.57
N LEU C 229 -39.11 -82.49 15.11
CA LEU C 229 -39.20 -81.62 13.94
C LEU C 229 -38.62 -80.24 14.22
N LEU C 230 -38.80 -79.74 15.44
CA LEU C 230 -38.21 -78.45 15.80
C LEU C 230 -36.69 -78.49 15.78
N LEU C 231 -36.11 -79.57 16.31
CA LEU C 231 -34.65 -79.67 16.38
C LEU C 231 -34.01 -79.88 15.01
N ALA C 232 -34.78 -80.25 14.00
CA ALA C 232 -34.25 -80.51 12.66
C ALA C 232 -34.36 -79.32 11.74
N GLY C 233 -34.78 -78.15 12.26
CA GLY C 233 -34.93 -76.97 11.46
C GLY C 233 -36.32 -76.74 10.89
N ARG C 234 -37.20 -77.74 10.97
CA ARG C 234 -38.58 -77.62 10.50
C ARG C 234 -39.39 -76.93 11.58
N VAL C 235 -39.46 -75.60 11.50
CA VAL C 235 -40.05 -74.81 12.58
C VAL C 235 -41.57 -74.75 12.46
N GLU C 236 -42.07 -74.42 11.27
CA GLU C 236 -43.51 -74.21 11.11
C GLU C 236 -44.30 -75.49 11.30
N GLU C 237 -43.78 -76.61 10.79
CA GLU C 237 -44.47 -77.88 10.96
C GLU C 237 -44.56 -78.27 12.43
N ALA C 238 -43.47 -78.09 13.17
CA ALA C 238 -43.49 -78.34 14.61
C ALA C 238 -44.46 -77.40 15.32
N LEU C 239 -44.49 -76.13 14.89
CA LEU C 239 -45.43 -75.17 15.46
C LEU C 239 -46.87 -75.63 15.29
N HIS C 240 -47.24 -76.05 14.08
CA HIS C 240 -48.61 -76.48 13.84
C HIS C 240 -48.95 -77.77 14.58
N LEU C 241 -48.00 -78.72 14.61
CA LEU C 241 -48.24 -79.94 15.38
C LEU C 241 -48.46 -79.61 16.86
N LEU C 242 -47.66 -78.70 17.40
CA LEU C 242 -47.80 -78.30 18.79
C LEU C 242 -49.13 -77.61 19.04
N GLN C 243 -49.56 -76.76 18.10
CA GLN C 243 -50.85 -76.09 18.26
C GLN C 243 -52.00 -77.09 18.25
N ASP C 244 -51.95 -78.08 17.35
CA ASP C 244 -52.99 -79.10 17.34
C ASP C 244 -53.01 -79.90 18.63
N ALA C 245 -51.82 -80.25 19.14
CA ALA C 245 -51.73 -80.94 20.41
C ALA C 245 -52.31 -80.10 21.54
N VAL C 246 -52.04 -78.80 21.52
CA VAL C 246 -52.57 -77.89 22.54
C VAL C 246 -54.08 -77.84 22.49
N GLU C 247 -54.65 -77.76 21.27
CA GLU C 247 -56.11 -77.74 21.15
C GLU C 247 -56.73 -79.04 21.67
N LEU C 248 -56.12 -80.18 21.35
CA LEU C 248 -56.67 -81.44 21.84
C LEU C 248 -56.54 -81.55 23.36
N LEU C 249 -55.43 -81.07 23.92
CA LEU C 249 -55.26 -81.05 25.36
C LEU C 249 -56.30 -80.15 26.03
N HIS C 250 -56.57 -79.00 25.42
CA HIS C 250 -57.61 -78.11 25.94
C HIS C 250 -58.98 -78.79 25.90
N GLU C 251 -59.27 -79.51 24.82
CA GLU C 251 -60.51 -80.27 24.73
C GLU C 251 -60.62 -81.26 25.87
N ARG C 252 -59.55 -82.02 26.12
CA ARG C 252 -59.58 -82.99 27.22
C ARG C 252 -59.75 -82.31 28.57
N ILE C 253 -59.03 -81.20 28.79
CA ILE C 253 -59.06 -80.52 30.07
C ILE C 253 -60.46 -79.97 30.35
N ARG C 254 -61.07 -79.34 29.35
CA ARG C 254 -62.41 -78.80 29.53
C ARG C 254 -63.49 -79.88 29.53
N GLU C 255 -63.18 -81.07 29.01
CA GLU C 255 -64.11 -82.18 29.17
C GLU C 255 -64.07 -82.76 30.58
N LEU C 256 -62.88 -82.83 31.18
CA LEU C 256 -62.77 -83.36 32.54
C LEU C 256 -63.42 -82.44 33.56
N GLY C 257 -63.24 -81.13 33.42
CA GLY C 257 -63.82 -80.17 34.33
C GLY C 257 -62.82 -79.70 35.37
N PHE C 258 -63.26 -79.64 36.63
CA PHE C 258 -62.41 -79.20 37.73
C PHE C 258 -61.68 -80.36 38.42
N GLU C 259 -61.88 -81.59 37.96
CA GLU C 259 -61.19 -82.74 38.49
C GLU C 259 -59.97 -83.12 37.66
N ALA C 260 -59.46 -82.19 36.87
CA ALA C 260 -58.30 -82.46 36.05
C ALA C 260 -57.05 -82.56 36.90
N PRO C 261 -56.28 -83.64 36.82
CA PRO C 261 -55.04 -83.73 37.59
C PRO C 261 -54.07 -82.61 37.22
N GLU C 262 -53.22 -82.26 38.19
CA GLU C 262 -52.27 -81.16 38.00
C GLU C 262 -51.33 -81.40 36.83
N GLU C 263 -51.15 -82.66 36.43
CA GLU C 263 -50.27 -82.96 35.31
C GLU C 263 -50.74 -82.26 34.03
N LEU C 264 -52.04 -82.30 33.77
CA LEU C 264 -52.58 -81.67 32.56
C LEU C 264 -52.37 -80.17 32.57
N LEU C 265 -52.63 -79.52 33.71
CA LEU C 265 -52.48 -78.07 33.79
C LEU C 265 -51.01 -77.66 33.63
N LEU C 266 -50.11 -78.38 34.30
CA LEU C 266 -48.69 -78.05 34.18
C LEU C 266 -48.19 -78.29 32.77
N ALA C 267 -48.63 -79.38 32.14
CA ALA C 267 -48.25 -79.64 30.76
C ALA C 267 -48.79 -78.57 29.83
N ASP C 268 -50.02 -78.09 30.09
CA ASP C 268 -50.57 -77.02 29.26
C ASP C 268 -49.75 -75.74 29.40
N LEU C 269 -49.36 -75.39 30.61
CA LEU C 269 -48.54 -74.19 30.80
C LEU C 269 -47.19 -74.34 30.09
N LEU C 270 -46.56 -75.51 30.22
CA LEU C 270 -45.28 -75.75 29.56
C LEU C 270 -45.43 -75.68 28.04
N LEU C 271 -46.53 -76.23 27.52
CA LEU C 271 -46.76 -76.18 26.07
C LEU C 271 -47.00 -74.76 25.60
N GLN C 272 -47.67 -73.93 26.40
CA GLN C 272 -47.84 -72.53 26.01
C GLN C 272 -46.51 -71.79 25.99
N ARG C 273 -45.65 -72.03 26.98
CA ARG C 273 -44.33 -71.43 26.95
C ARG C 273 -43.53 -71.89 25.73
N ALA C 274 -43.63 -73.19 25.41
CA ALA C 274 -42.97 -73.71 24.22
C ALA C 274 -43.52 -73.06 22.95
N LEU C 275 -44.84 -72.86 22.90
CA LEU C 275 -45.46 -72.18 21.76
C LEU C 275 -44.89 -70.78 21.59
N GLU C 276 -44.82 -70.03 22.70
CA GLU C 276 -44.29 -68.67 22.63
C GLU C 276 -42.83 -68.67 22.16
N LEU C 277 -42.02 -69.57 22.72
CA LEU C 277 -40.61 -69.62 22.35
C LEU C 277 -40.43 -70.00 20.89
N ILE C 278 -41.20 -70.97 20.40
CA ILE C 278 -41.10 -71.38 18.99
C ILE C 278 -41.56 -70.27 18.07
N SER C 279 -42.64 -69.57 18.45
CA SER C 279 -43.11 -68.46 17.63
C SER C 279 -42.08 -67.34 17.57
N SER C 280 -41.38 -67.08 18.68
CA SER C 280 -40.38 -66.02 18.70
C SER C 280 -39.12 -66.38 17.91
N ILE C 281 -38.97 -67.63 17.48
CA ILE C 281 -37.81 -68.04 16.71
C ILE C 281 -37.79 -67.32 15.36
N THR D 24 -74.20 -55.43 65.40
CA THR D 24 -74.70 -54.09 65.69
C THR D 24 -74.49 -53.18 64.49
N VAL D 25 -73.55 -53.57 63.62
CA VAL D 25 -73.27 -52.91 62.35
C VAL D 25 -72.60 -51.54 62.55
N GLU D 26 -73.22 -50.68 63.36
CA GLU D 26 -72.63 -49.37 63.63
C GLU D 26 -71.29 -49.52 64.36
N GLU D 27 -71.29 -50.32 65.43
CA GLU D 27 -70.05 -50.61 66.15
C GLU D 27 -68.98 -51.14 65.21
N GLU D 28 -69.39 -51.91 64.19
CA GLU D 28 -68.44 -52.37 63.19
C GLU D 28 -67.81 -51.20 62.45
N VAL D 29 -68.61 -50.17 62.14
CA VAL D 29 -68.08 -49.01 61.42
C VAL D 29 -67.09 -48.23 62.29
N ILE D 30 -67.47 -47.97 63.55
CA ILE D 30 -66.56 -47.23 64.43
C ILE D 30 -65.27 -48.01 64.66
N ARG D 31 -65.39 -49.33 64.92
CA ARG D 31 -64.20 -50.15 65.08
C ARG D 31 -63.37 -50.20 63.82
N PHE D 32 -64.01 -50.20 62.65
CA PHE D 32 -63.28 -50.17 61.39
C PHE D 32 -62.44 -48.91 61.28
N ALA D 33 -63.02 -47.75 61.60
CA ALA D 33 -62.27 -46.50 61.54
C ALA D 33 -61.11 -46.51 62.52
N GLU D 34 -61.36 -46.91 63.77
CA GLU D 34 -60.30 -46.90 64.78
C GLU D 34 -59.19 -47.90 64.43
N GLU D 35 -59.57 -49.10 63.98
CA GLU D 35 -58.58 -50.10 63.60
C GLU D 35 -57.79 -49.67 62.39
N LEU D 36 -58.42 -48.97 61.44
CA LEU D 36 -57.69 -48.46 60.28
C LEU D 36 -56.64 -47.44 60.72
N ALA D 37 -57.02 -46.52 61.62
CA ALA D 37 -56.05 -45.55 62.11
C ALA D 37 -54.91 -46.25 62.86
N GLU D 38 -55.26 -47.24 63.70
CA GLU D 38 -54.23 -47.98 64.43
C GLU D 38 -53.31 -48.74 63.49
N GLU D 39 -53.85 -49.25 62.38
CA GLU D 39 -53.02 -49.94 61.40
C GLU D 39 -52.08 -48.98 60.71
N ILE D 40 -52.54 -47.77 60.38
CA ILE D 40 -51.62 -46.76 59.86
C ILE D 40 -50.49 -46.50 60.85
N ARG D 41 -50.84 -46.35 62.13
CA ARG D 41 -49.83 -46.09 63.14
C ARG D 41 -48.84 -47.26 63.26
N ARG D 42 -49.34 -48.48 63.23
CA ARG D 42 -48.49 -49.65 63.35
C ARG D 42 -47.54 -49.78 62.16
N VAL D 43 -48.07 -49.59 60.94
CA VAL D 43 -47.26 -49.78 59.75
C VAL D 43 -46.22 -48.67 59.62
N THR D 44 -46.59 -47.42 59.90
CA THR D 44 -45.69 -46.31 59.68
C THR D 44 -45.21 -45.64 60.96
N GLY D 45 -46.11 -45.34 61.90
CA GLY D 45 -45.72 -44.67 63.11
C GLY D 45 -46.18 -43.23 63.16
N GLU D 46 -45.24 -42.30 63.32
CA GLU D 46 -45.55 -40.88 63.37
C GLU D 46 -44.98 -40.13 62.17
N ALA D 47 -44.46 -40.86 61.17
CA ALA D 47 -44.00 -40.22 59.94
C ALA D 47 -45.17 -39.79 59.06
N TYR D 48 -46.29 -40.50 59.13
CA TYR D 48 -47.52 -40.13 58.41
C TYR D 48 -48.62 -39.99 59.47
N ARG D 49 -48.74 -38.79 60.03
CA ARG D 49 -49.73 -38.53 61.06
C ARG D 49 -50.94 -37.76 60.55
N GLU D 50 -50.77 -36.98 59.48
CA GLU D 50 -51.91 -36.29 58.89
C GLU D 50 -52.92 -37.29 58.34
N TYR D 51 -52.44 -38.40 57.79
CA TYR D 51 -53.34 -39.43 57.29
C TYR D 51 -54.14 -40.05 58.44
N ALA D 52 -53.50 -40.31 59.57
CA ALA D 52 -54.23 -40.84 60.73
C ALA D 52 -55.23 -39.83 61.24
N GLU D 53 -54.86 -38.55 61.27
CA GLU D 53 -55.80 -37.50 61.67
C GLU D 53 -57.01 -37.48 60.76
N ALA D 54 -56.79 -37.55 59.44
CA ALA D 54 -57.88 -37.56 58.48
C ALA D 54 -58.77 -38.79 58.66
N VAL D 55 -58.17 -39.95 58.90
CA VAL D 55 -58.95 -41.17 59.08
C VAL D 55 -59.80 -41.07 60.34
N ARG D 56 -59.25 -40.53 61.42
CA ARG D 56 -60.04 -40.36 62.65
C ARG D 56 -61.15 -39.34 62.45
N HIS D 57 -60.88 -38.28 61.68
CA HIS D 57 -61.93 -37.31 61.38
C HIS D 57 -63.06 -37.96 60.57
N LEU D 58 -62.71 -38.78 59.58
CA LEU D 58 -63.73 -39.46 58.79
C LEU D 58 -64.51 -40.46 59.63
N GLY D 59 -63.84 -41.13 60.57
CA GLY D 59 -64.57 -42.00 61.50
C GLY D 59 -65.54 -41.23 62.36
N GLU D 60 -65.13 -40.04 62.83
CA GLU D 60 -66.05 -39.19 63.58
C GLU D 60 -67.24 -38.76 62.74
N ALA D 61 -66.98 -38.43 61.47
CA ALA D 61 -68.08 -38.08 60.57
C ALA D 61 -69.03 -39.25 60.38
N ALA D 62 -68.49 -40.45 60.18
CA ALA D 62 -69.33 -41.63 60.00
C ALA D 62 -70.16 -41.91 61.26
N LYS D 63 -69.57 -41.69 62.44
CA LYS D 63 -70.33 -41.81 63.68
C LYS D 63 -71.45 -40.78 63.73
N ALA D 64 -71.16 -39.54 63.33
CA ALA D 64 -72.15 -38.47 63.38
C ALA D 64 -73.32 -38.75 62.44
N VAL D 65 -73.04 -39.32 61.26
CA VAL D 65 -74.09 -39.64 60.31
C VAL D 65 -75.11 -40.58 60.93
N LEU D 66 -74.63 -41.56 61.70
CA LEU D 66 -75.49 -42.65 62.18
C LEU D 66 -76.48 -42.21 63.25
N GLU D 67 -76.33 -41.01 63.82
CA GLU D 67 -77.29 -40.54 64.82
C GLU D 67 -78.39 -39.67 64.21
N GLY D 68 -78.13 -39.00 63.10
CA GLY D 68 -79.12 -38.15 62.48
C GLY D 68 -78.58 -36.80 62.07
N ASN D 69 -77.53 -36.34 62.73
CA ASN D 69 -76.91 -35.06 62.41
C ASN D 69 -76.23 -35.15 61.05
N SER D 70 -76.73 -34.37 60.09
CA SER D 70 -76.22 -34.42 58.72
C SER D 70 -75.42 -33.19 58.32
N VAL D 71 -75.38 -32.15 59.15
CA VAL D 71 -74.58 -30.96 58.84
C VAL D 71 -73.19 -31.06 59.45
N GLU D 72 -73.08 -31.62 60.65
CA GLU D 72 -71.77 -31.87 61.23
C GLU D 72 -70.94 -32.80 60.36
N ALA D 73 -71.59 -33.77 59.72
CA ALA D 73 -70.88 -34.64 58.78
C ALA D 73 -70.31 -33.84 57.62
N ASP D 74 -71.09 -32.91 57.06
CA ASP D 74 -70.59 -32.07 55.98
C ASP D 74 -69.42 -31.21 56.45
N LEU D 75 -69.51 -30.65 57.65
CA LEU D 75 -68.41 -29.84 58.16
C LEU D 75 -67.15 -30.66 58.35
N ILE D 76 -67.30 -31.88 58.87
CA ILE D 76 -66.13 -32.73 59.09
C ILE D 76 -65.52 -33.16 57.75
N VAL D 77 -66.37 -33.44 56.75
CA VAL D 77 -65.86 -33.81 55.44
C VAL D 77 -65.10 -32.65 54.81
N THR D 78 -65.59 -31.43 55.00
CA THR D 78 -64.86 -30.26 54.50
C THR D 78 -63.53 -30.11 55.24
N ASP D 79 -63.50 -30.38 56.54
CA ASP D 79 -62.24 -30.35 57.28
C ASP D 79 -61.25 -31.36 56.72
N VAL D 80 -61.73 -32.59 56.45
CA VAL D 80 -60.87 -33.61 55.86
C VAL D 80 -60.39 -33.18 54.49
N LEU D 81 -61.26 -32.52 53.72
CA LEU D 81 -60.86 -32.00 52.41
C LEU D 81 -59.73 -30.99 52.54
N ARG D 82 -59.83 -30.09 53.53
CA ARG D 82 -58.76 -29.13 53.76
C ARG D 82 -57.47 -29.83 54.15
N LEU D 83 -57.57 -30.85 55.01
CA LEU D 83 -56.38 -31.59 55.43
C LEU D 83 -55.70 -32.26 54.24
N LEU D 84 -56.49 -32.89 53.37
CA LEU D 84 -55.92 -33.56 52.21
C LEU D 84 -55.39 -32.56 51.18
N GLU D 85 -56.00 -31.38 51.09
CA GLU D 85 -55.47 -30.34 50.22
C GLU D 85 -54.12 -29.85 50.73
N ARG D 86 -53.97 -29.74 52.05
CA ARG D 86 -52.67 -29.40 52.62
C ARG D 86 -51.67 -30.53 52.41
N ILE D 87 -52.12 -31.78 52.44
CA ILE D 87 -51.21 -32.91 52.24
C ILE D 87 -50.61 -32.88 50.84
N GLY D 88 -51.45 -32.73 49.82
CA GLY D 88 -50.97 -32.63 48.46
C GLY D 88 -51.05 -33.89 47.63
N GLU D 89 -52.17 -34.60 47.72
CA GLU D 89 -52.41 -35.81 46.92
C GLU D 89 -53.60 -35.53 46.01
N GLU D 90 -53.33 -35.32 44.73
CA GLU D 90 -54.34 -34.81 43.81
C GLU D 90 -55.52 -35.76 43.69
N GLY D 91 -55.26 -37.05 43.50
CA GLY D 91 -56.34 -38.02 43.39
C GLY D 91 -57.16 -38.11 44.66
N LEU D 92 -56.48 -38.05 45.81
CA LEU D 92 -57.19 -38.09 47.08
C LEU D 92 -58.08 -36.87 47.26
N VAL D 93 -57.59 -35.69 46.84
CA VAL D 93 -58.40 -34.48 46.93
C VAL D 93 -59.61 -34.57 46.00
N LYS D 94 -59.41 -35.11 44.79
CA LYS D 94 -60.53 -35.28 43.86
C LYS D 94 -61.59 -36.21 44.45
N LEU D 95 -61.15 -37.33 45.01
CA LEU D 95 -62.10 -38.24 45.64
C LEU D 95 -62.79 -37.58 46.83
N ALA D 96 -62.07 -36.75 47.57
CA ALA D 96 -62.68 -36.04 48.70
C ALA D 96 -63.76 -35.08 48.23
N ARG D 97 -63.50 -34.34 47.15
CA ARG D 97 -64.52 -33.43 46.61
C ARG D 97 -65.75 -34.19 46.15
N GLU D 98 -65.54 -35.31 45.43
CA GLU D 98 -66.68 -36.09 44.96
C GLU D 98 -67.47 -36.65 46.12
N VAL D 99 -66.78 -37.15 47.15
CA VAL D 99 -67.46 -37.65 48.35
C VAL D 99 -68.24 -36.54 49.03
N HIS D 100 -67.64 -35.35 49.13
CA HIS D 100 -68.34 -34.21 49.72
C HIS D 100 -69.66 -33.94 49.00
N GLU D 101 -69.60 -33.79 47.68
CA GLU D 101 -70.80 -33.46 46.92
C GLU D 101 -71.86 -34.56 47.03
N ARG D 102 -71.46 -35.81 46.76
CA ARG D 102 -72.43 -36.90 46.76
C ARG D 102 -73.01 -37.13 48.15
N SER D 103 -72.16 -37.07 49.19
CA SER D 103 -72.65 -37.26 50.55
C SER D 103 -73.61 -36.17 50.96
N PHE D 104 -73.32 -34.90 50.59
CA PHE D 104 -74.24 -33.82 50.89
C PHE D 104 -75.59 -34.07 50.23
N GLU D 105 -75.58 -34.40 48.94
CA GLU D 105 -76.84 -34.61 48.23
C GLU D 105 -77.63 -35.78 48.81
N LEU D 106 -76.95 -36.90 49.08
CA LEU D 106 -77.63 -38.08 49.59
C LEU D 106 -78.16 -37.86 51.00
N LEU D 107 -77.39 -37.18 51.85
CA LEU D 107 -77.85 -36.90 53.21
C LEU D 107 -79.02 -35.92 53.20
N ARG D 108 -79.02 -34.96 52.28
CA ARG D 108 -80.21 -34.12 52.14
C ARG D 108 -81.41 -34.95 51.71
N LYS D 109 -81.21 -35.86 50.74
CA LYS D 109 -82.32 -36.71 50.29
C LYS D 109 -82.70 -37.73 51.35
N GLY D 110 -81.70 -38.37 51.98
CA GLY D 110 -81.99 -39.32 53.02
C GLY D 110 -81.31 -40.66 52.88
N ASN D 111 -80.37 -40.78 51.94
CA ASN D 111 -79.66 -42.03 51.71
C ASN D 111 -78.47 -42.11 52.66
N ARG D 112 -78.76 -42.57 53.88
CA ARG D 112 -77.73 -42.68 54.91
C ARG D 112 -76.67 -43.70 54.52
N VAL D 113 -77.10 -44.85 53.98
CA VAL D 113 -76.19 -45.97 53.75
C VAL D 113 -75.13 -45.61 52.72
N GLU D 114 -75.54 -44.96 51.62
CA GLU D 114 -74.57 -44.62 50.58
C GLU D 114 -73.59 -43.55 51.04
N ALA D 115 -74.05 -42.60 51.87
CA ALA D 115 -73.13 -41.62 52.44
C ALA D 115 -72.11 -42.29 53.36
N LEU D 116 -72.57 -43.25 54.18
CA LEU D 116 -71.65 -44.00 55.02
C LEU D 116 -70.64 -44.76 54.17
N ALA D 117 -71.11 -45.38 53.08
CA ALA D 117 -70.22 -46.11 52.19
C ALA D 117 -69.17 -45.19 51.58
N LEU D 118 -69.59 -44.00 51.15
CA LEU D 118 -68.64 -43.05 50.57
C LEU D 118 -67.60 -42.61 51.60
N ILE D 119 -68.04 -42.34 52.83
CA ILE D 119 -67.10 -41.92 53.87
C ILE D 119 -66.08 -43.02 54.15
N LEU D 120 -66.56 -44.27 54.25
CA LEU D 120 -65.66 -45.39 54.51
C LEU D 120 -64.70 -45.60 53.35
N ALA D 121 -65.19 -45.45 52.11
CA ALA D 121 -64.31 -45.58 50.95
C ALA D 121 -63.23 -44.52 50.96
N LEU D 122 -63.58 -43.28 51.31
CA LEU D 122 -62.57 -42.23 51.40
C LEU D 122 -61.54 -42.55 52.47
N ALA D 123 -62.00 -43.02 53.63
CA ALA D 123 -61.06 -43.37 54.71
C ALA D 123 -60.10 -44.47 54.27
N LEU D 124 -60.64 -45.50 53.62
CA LEU D 124 -59.79 -46.59 53.14
C LEU D 124 -58.82 -46.09 52.08
N ALA D 125 -59.27 -45.20 51.21
CA ALA D 125 -58.37 -44.65 50.19
C ALA D 125 -57.20 -43.91 50.82
N VAL D 126 -57.49 -43.08 51.83
CA VAL D 126 -56.41 -42.36 52.52
C VAL D 126 -55.45 -43.35 53.18
N ALA D 127 -55.99 -44.36 53.87
CA ALA D 127 -55.15 -45.32 54.55
C ALA D 127 -54.26 -46.09 53.57
N LEU D 128 -54.84 -46.55 52.46
CA LEU D 128 -54.06 -47.31 51.49
C LEU D 128 -53.03 -46.43 50.79
N THR D 129 -53.36 -45.15 50.55
CA THR D 129 -52.38 -44.25 49.98
C THR D 129 -51.18 -44.09 50.91
N ALA D 130 -51.45 -43.86 52.20
CA ALA D 130 -50.36 -43.72 53.16
C ALA D 130 -49.50 -44.99 53.23
N VAL D 131 -50.16 -46.15 53.31
CA VAL D 131 -49.44 -47.40 53.44
C VAL D 131 -48.60 -47.69 52.21
N SER D 132 -49.17 -47.47 51.01
CA SER D 132 -48.43 -47.70 49.78
C SER D 132 -47.25 -46.76 49.66
N LYS D 133 -47.43 -45.49 50.05
CA LYS D 133 -46.32 -44.55 50.01
C LYS D 133 -45.20 -44.99 50.95
N ALA D 134 -45.55 -45.42 52.16
CA ALA D 134 -44.53 -45.89 53.10
C ALA D 134 -43.81 -47.12 52.56
N PHE D 135 -44.56 -48.08 52.01
CA PHE D 135 -43.94 -49.30 51.49
C PHE D 135 -43.02 -49.00 50.32
N PHE D 136 -43.43 -48.11 49.41
CA PHE D 136 -42.57 -47.77 48.29
C PHE D 136 -41.32 -47.02 48.75
N LEU D 137 -41.47 -46.12 49.73
CA LEU D 137 -40.30 -45.39 50.23
C LEU D 137 -39.31 -46.34 50.89
N LEU D 138 -39.81 -47.31 51.67
CA LEU D 138 -38.92 -48.27 52.30
C LEU D 138 -38.17 -49.09 51.25
N GLY D 139 -38.87 -49.52 50.21
CA GLY D 139 -38.26 -50.32 49.17
C GLY D 139 -38.79 -51.74 49.13
N GLN D 140 -39.99 -51.94 49.67
CA GLN D 140 -40.57 -53.27 49.73
C GLN D 140 -40.95 -53.76 48.33
N PRO D 141 -40.98 -55.07 48.12
CA PRO D 141 -41.46 -55.60 46.84
C PRO D 141 -42.98 -55.49 46.74
N ALA D 142 -43.48 -55.70 45.53
CA ALA D 142 -44.89 -55.51 45.24
C ALA D 142 -45.78 -56.56 45.90
N ARG D 143 -45.21 -57.68 46.35
CA ARG D 143 -46.02 -58.76 46.88
C ARG D 143 -46.78 -58.34 48.15
N LEU D 144 -46.06 -57.78 49.12
CA LEU D 144 -46.70 -57.39 50.38
C LEU D 144 -47.71 -56.27 50.17
N ILE D 145 -47.39 -55.32 49.29
CA ILE D 145 -48.34 -54.27 48.96
C ILE D 145 -49.62 -54.86 48.39
N ALA D 146 -49.47 -55.83 47.48
CA ALA D 146 -50.64 -56.45 46.87
C ALA D 146 -51.48 -57.18 47.91
N GLU D 147 -50.86 -57.97 48.78
CA GLU D 147 -51.64 -58.69 49.79
C GLU D 147 -52.33 -57.73 50.76
N TYR D 148 -51.63 -56.68 51.19
CA TYR D 148 -52.25 -55.73 52.12
C TYR D 148 -53.42 -55.00 51.48
N VAL D 149 -53.25 -54.55 50.23
CA VAL D 149 -54.35 -53.87 49.54
C VAL D 149 -55.54 -54.81 49.38
N GLY D 150 -55.28 -56.06 48.97
CA GLY D 150 -56.36 -57.01 48.84
C GLY D 150 -57.08 -57.27 50.15
N GLU D 151 -56.33 -57.42 51.24
CA GLU D 151 -56.95 -57.67 52.54
C GLU D 151 -57.81 -56.50 52.98
N LYS D 152 -57.30 -55.27 52.81
CA LYS D 152 -58.08 -54.10 53.20
C LYS D 152 -59.33 -53.96 52.36
N LEU D 153 -59.22 -54.20 51.05
CA LEU D 153 -60.39 -54.15 50.18
C LEU D 153 -61.41 -55.21 50.57
N LEU D 154 -60.94 -56.39 50.95
CA LEU D 154 -61.86 -57.44 51.42
C LEU D 154 -62.58 -57.01 52.69
N GLU D 155 -61.86 -56.42 53.64
CA GLU D 155 -62.50 -55.94 54.86
C GLU D 155 -63.55 -54.88 54.56
N LEU D 156 -63.23 -53.92 53.69
CA LEU D 156 -64.20 -52.91 53.33
C LEU D 156 -65.42 -53.52 52.63
N ARG D 157 -65.19 -54.50 51.75
CA ARG D 157 -66.30 -55.15 51.06
C ARG D 157 -67.21 -55.86 52.03
N ARG D 158 -66.63 -56.58 53.00
CA ARG D 158 -67.46 -57.25 54.00
C ARG D 158 -68.26 -56.24 54.83
N LEU D 159 -67.62 -55.14 55.23
CA LEU D 159 -68.32 -54.12 56.00
C LEU D 159 -69.48 -53.53 55.21
N LEU D 160 -69.23 -53.18 53.95
CA LEU D 160 -70.29 -52.58 53.12
C LEU D 160 -71.42 -53.57 52.87
N GLU D 161 -71.09 -54.84 52.63
CA GLU D 161 -72.14 -55.84 52.45
C GLU D 161 -72.96 -56.03 53.71
N LYS D 162 -72.32 -55.94 54.88
CA LYS D 162 -73.08 -56.00 56.13
C LYS D 162 -73.95 -54.77 56.29
N LEU D 163 -73.50 -53.61 55.82
CA LEU D 163 -74.30 -52.39 55.92
C LEU D 163 -75.56 -52.48 55.08
N GLY D 164 -75.43 -52.86 53.80
CA GLY D 164 -76.58 -53.00 52.94
C GLY D 164 -76.41 -52.38 51.57
N VAL D 165 -75.22 -51.89 51.27
CA VAL D 165 -74.98 -51.26 49.96
C VAL D 165 -75.11 -52.30 48.86
N PRO D 166 -75.78 -52.02 47.75
CA PRO D 166 -75.85 -52.99 46.66
C PRO D 166 -74.47 -53.29 46.08
N LEU D 167 -74.31 -54.53 45.62
CA LEU D 167 -72.99 -55.01 45.20
C LEU D 167 -72.36 -54.20 44.08
N PRO D 168 -73.07 -53.82 43.01
CA PRO D 168 -72.41 -53.00 41.96
C PRO D 168 -71.83 -51.71 42.49
N GLU D 169 -72.53 -51.03 43.41
CA GLU D 169 -72.00 -49.81 43.98
C GLU D 169 -70.76 -50.08 44.83
N VAL D 170 -70.76 -51.20 45.57
CA VAL D 170 -69.59 -51.58 46.34
C VAL D 170 -68.39 -51.77 45.42
N ILE D 171 -68.60 -52.48 44.30
CA ILE D 171 -67.50 -52.73 43.38
C ILE D 171 -67.03 -51.43 42.74
N ALA D 172 -67.95 -50.53 42.42
CA ALA D 172 -67.57 -49.23 41.88
C ALA D 172 -66.73 -48.44 42.86
N LEU D 173 -67.12 -48.46 44.15
CA LEU D 173 -66.34 -47.76 45.17
C LEU D 173 -64.95 -48.37 45.31
N LEU D 174 -64.85 -49.70 45.29
CA LEU D 174 -63.54 -50.34 45.40
C LEU D 174 -62.67 -50.01 44.20
N LEU D 175 -63.25 -49.96 43.00
CA LEU D 175 -62.49 -49.56 41.83
C LEU D 175 -62.05 -48.11 41.91
N ARG D 176 -62.89 -47.24 42.49
CA ARG D 176 -62.48 -45.86 42.69
C ARG D 176 -61.30 -45.76 43.65
N VAL D 177 -61.33 -46.52 44.74
CA VAL D 177 -60.22 -46.55 45.68
C VAL D 177 -58.95 -47.05 44.99
N LEU D 178 -59.08 -48.11 44.20
CA LEU D 178 -57.93 -48.65 43.48
C LEU D 178 -57.39 -47.65 42.46
N GLU D 179 -58.28 -46.89 41.81
CA GLU D 179 -57.85 -45.84 40.88
C GLU D 179 -57.06 -44.78 41.63
N VAL D 180 -57.52 -44.38 42.81
CA VAL D 180 -56.81 -43.38 43.61
C VAL D 180 -55.41 -43.90 43.97
N VAL D 181 -55.35 -45.16 44.41
CA VAL D 181 -54.06 -45.75 44.81
C VAL D 181 -53.12 -45.82 43.60
N GLU D 182 -53.64 -46.23 42.45
CA GLU D 182 -52.82 -46.32 41.24
C GLU D 182 -52.29 -44.94 40.84
N GLU D 183 -53.15 -43.92 40.92
CA GLU D 183 -52.71 -42.57 40.58
C GLU D 183 -51.62 -42.10 41.53
N SER D 184 -51.78 -42.36 42.82
CA SER D 184 -50.74 -41.98 43.78
C SER D 184 -49.42 -42.68 43.49
N LEU D 185 -49.49 -44.00 43.23
CA LEU D 185 -48.27 -44.75 42.96
C LEU D 185 -47.59 -44.26 41.68
N LYS D 186 -48.37 -43.98 40.64
CA LYS D 186 -47.82 -43.50 39.38
C LYS D 186 -47.17 -42.14 39.56
N ALA D 187 -47.81 -41.25 40.32
CA ALA D 187 -47.27 -39.92 40.53
C ALA D 187 -46.02 -39.93 41.40
N MET D 188 -45.93 -40.87 42.35
CA MET D 188 -44.78 -40.92 43.24
C MET D 188 -43.50 -41.26 42.49
N GLY D 189 -43.55 -42.20 41.53
CA GLY D 189 -42.37 -42.55 40.78
C GLY D 189 -42.20 -44.03 40.52
N MET D 190 -43.16 -44.84 40.97
CA MET D 190 -43.10 -46.28 40.76
C MET D 190 -43.09 -46.61 39.27
N GLU D 191 -42.35 -47.65 38.91
CA GLU D 191 -42.32 -48.10 37.53
C GLU D 191 -43.67 -48.74 37.17
N PRO D 192 -44.16 -48.51 35.95
CA PRO D 192 -45.51 -48.96 35.59
C PRO D 192 -45.76 -50.45 35.78
N ARG D 193 -44.73 -51.30 35.58
CA ARG D 193 -44.95 -52.74 35.65
C ARG D 193 -45.40 -53.17 37.04
N GLU D 194 -44.77 -52.62 38.09
CA GLU D 194 -45.16 -52.99 39.46
C GLU D 194 -46.57 -52.49 39.78
N ILE D 195 -46.92 -51.29 39.31
CA ILE D 195 -48.28 -50.78 39.52
C ILE D 195 -49.29 -51.70 38.86
N ASN D 196 -49.02 -52.11 37.62
CA ASN D 196 -49.91 -53.03 36.94
C ASN D 196 -50.00 -54.36 37.68
N ARG D 197 -48.88 -54.83 38.21
CA ARG D 197 -48.88 -56.10 38.95
C ARG D 197 -49.75 -56.02 40.20
N VAL D 198 -49.61 -54.95 40.97
CA VAL D 198 -50.37 -54.86 42.21
C VAL D 198 -51.86 -54.64 41.92
N LEU D 199 -52.18 -53.82 40.91
CA LEU D 199 -53.59 -53.65 40.55
C LEU D 199 -54.19 -54.95 40.06
N ALA D 200 -53.46 -55.72 39.25
CA ALA D 200 -53.96 -57.00 38.79
C ALA D 200 -54.16 -57.97 39.95
N ALA D 201 -53.24 -57.97 40.92
CA ALA D 201 -53.40 -58.84 42.08
C ALA D 201 -54.64 -58.45 42.89
N ALA D 202 -54.87 -57.15 43.06
CA ALA D 202 -56.06 -56.71 43.80
C ALA D 202 -57.34 -57.11 43.08
N TYR D 203 -57.37 -56.91 41.76
CA TYR D 203 -58.53 -57.34 40.98
C TYR D 203 -58.73 -58.85 41.08
N LEU D 204 -57.64 -59.61 41.05
CA LEU D 204 -57.74 -61.06 41.11
C LEU D 204 -58.28 -61.53 42.45
N THR D 205 -57.82 -60.95 43.56
CA THR D 205 -58.35 -61.37 44.85
C THR D 205 -59.80 -60.96 45.03
N LEU D 206 -60.18 -59.78 44.52
CA LEU D 206 -61.57 -59.37 44.57
C LEU D 206 -62.45 -60.34 43.77
N ALA D 207 -62.02 -60.69 42.56
CA ALA D 207 -62.78 -61.61 41.74
C ALA D 207 -62.85 -62.99 42.36
N ALA D 208 -61.75 -63.45 42.98
CA ALA D 208 -61.74 -64.74 43.63
C ALA D 208 -62.72 -64.78 44.79
N GLU D 209 -62.76 -63.72 45.60
CA GLU D 209 -63.76 -63.67 46.67
C GLU D 209 -65.17 -63.67 46.11
N LEU D 210 -65.41 -62.90 45.05
CA LEU D 210 -66.74 -62.84 44.46
C LEU D 210 -67.18 -64.21 43.95
N LEU D 211 -66.28 -64.93 43.29
CA LEU D 211 -66.61 -66.26 42.80
C LEU D 211 -66.83 -67.25 43.94
N GLU D 212 -65.96 -67.19 44.96
CA GLU D 212 -66.09 -68.12 46.08
C GLU D 212 -67.39 -67.92 46.84
N ARG D 213 -67.87 -66.67 46.94
CA ARG D 213 -69.13 -66.42 47.61
C ARG D 213 -70.28 -67.17 46.96
N LEU D 214 -70.22 -67.39 45.65
CA LEU D 214 -71.28 -68.08 44.92
C LEU D 214 -71.15 -69.59 44.97
N GLY D 215 -70.06 -70.13 45.53
CA GLY D 215 -69.88 -71.56 45.65
C GLY D 215 -68.90 -72.17 44.66
N LEU D 216 -68.41 -71.40 43.69
CA LEU D 216 -67.43 -71.90 42.72
C LEU D 216 -66.04 -71.87 43.35
N THR D 217 -65.83 -72.79 44.29
CA THR D 217 -64.57 -72.84 45.03
C THR D 217 -63.38 -73.18 44.14
N ALA D 218 -63.52 -74.11 43.21
CA ALA D 218 -62.40 -74.49 42.35
C ALA D 218 -61.98 -73.36 41.43
N LEU D 219 -62.95 -72.63 40.87
CA LEU D 219 -62.62 -71.48 40.04
C LEU D 219 -61.89 -70.41 40.84
N ALA D 220 -62.36 -70.16 42.07
CA ALA D 220 -61.67 -69.20 42.94
C ALA D 220 -60.25 -69.66 43.25
N ALA D 221 -60.07 -70.96 43.49
CA ALA D 221 -58.74 -71.48 43.74
C ALA D 221 -57.83 -71.29 42.53
N ARG D 222 -58.36 -71.51 41.33
CA ARG D 222 -57.58 -71.27 40.12
C ARG D 222 -57.21 -69.81 39.99
N ILE D 223 -58.13 -68.91 40.32
CA ILE D 223 -57.83 -67.48 40.27
C ILE D 223 -56.72 -67.12 41.26
N ARG D 224 -56.79 -67.68 42.47
CA ARG D 224 -55.74 -67.43 43.46
C ARG D 224 -54.39 -67.98 43.00
N ARG D 225 -54.40 -69.17 42.37
CA ARG D 225 -53.16 -69.71 41.82
C ARG D 225 -52.59 -68.78 40.75
N ALA D 226 -53.46 -68.24 39.89
CA ALA D 226 -53.01 -67.30 38.87
C ALA D 226 -52.40 -66.06 39.52
N ARG D 227 -53.04 -65.54 40.56
CA ARG D 227 -52.50 -64.37 41.26
C ARG D 227 -51.13 -64.67 41.86
N GLU D 228 -50.99 -65.83 42.51
CA GLU D 228 -49.73 -66.19 43.14
C GLU D 228 -48.63 -66.35 42.10
N LEU D 229 -48.94 -66.97 40.96
CA LEU D 229 -47.94 -67.08 39.90
C LEU D 229 -47.60 -65.72 39.31
N LEU D 230 -48.57 -64.80 39.28
CA LEU D 230 -48.29 -63.45 38.80
C LEU D 230 -47.35 -62.71 39.74
N LEU D 231 -47.56 -62.84 41.05
CA LEU D 231 -46.74 -62.13 42.02
C LEU D 231 -45.32 -62.67 42.10
N ALA D 232 -45.06 -63.87 41.59
CA ALA D 232 -43.75 -64.50 41.65
C ALA D 232 -42.92 -64.24 40.41
N GLY D 233 -43.41 -63.42 39.47
CA GLY D 233 -42.70 -63.14 38.24
C GLY D 233 -43.08 -63.99 37.06
N ARG D 234 -43.83 -65.07 37.28
CA ARG D 234 -44.27 -65.96 36.20
C ARG D 234 -45.50 -65.32 35.57
N VAL D 235 -45.27 -64.48 34.56
CA VAL D 235 -46.34 -63.67 33.99
C VAL D 235 -47.18 -64.48 33.00
N GLU D 236 -46.52 -65.14 32.04
CA GLU D 236 -47.24 -65.80 30.97
C GLU D 236 -48.07 -66.99 31.47
N GLU D 237 -47.54 -67.74 32.43
CA GLU D 237 -48.30 -68.87 32.99
C GLU D 237 -49.56 -68.38 33.68
N ALA D 238 -49.43 -67.32 34.48
CA ALA D 238 -50.62 -66.73 35.11
C ALA D 238 -51.59 -66.19 34.07
N LEU D 239 -51.06 -65.59 33.01
CA LEU D 239 -51.92 -65.10 31.92
C LEU D 239 -52.75 -66.22 31.32
N HIS D 240 -52.11 -67.35 30.99
CA HIS D 240 -52.85 -68.45 30.40
C HIS D 240 -53.84 -69.07 31.38
N LEU D 241 -53.44 -69.22 32.64
CA LEU D 241 -54.38 -69.73 33.64
C LEU D 241 -55.59 -68.83 33.75
N LEU D 242 -55.38 -67.52 33.74
CA LEU D 242 -56.49 -66.57 33.83
C LEU D 242 -57.37 -66.64 32.59
N GLN D 243 -56.76 -66.81 31.40
CA GLN D 243 -57.55 -66.94 30.19
C GLN D 243 -58.42 -68.19 30.22
N ASP D 244 -57.86 -69.31 30.68
CA ASP D 244 -58.66 -70.54 30.79
C ASP D 244 -59.79 -70.36 31.79
N ALA D 245 -59.52 -69.72 32.93
CA ALA D 245 -60.56 -69.45 33.90
C ALA D 245 -61.65 -68.56 33.31
N VAL D 246 -61.25 -67.56 32.52
CA VAL D 246 -62.22 -66.65 31.90
C VAL D 246 -63.09 -67.41 30.92
N GLU D 247 -62.50 -68.29 30.10
CA GLU D 247 -63.31 -69.07 29.17
C GLU D 247 -64.30 -69.97 29.90
N LEU D 248 -63.86 -70.62 30.97
CA LEU D 248 -64.78 -71.50 31.69
C LEU D 248 -65.87 -70.69 32.39
N LEU D 249 -65.54 -69.51 32.90
CA LEU D 249 -66.54 -68.62 33.47
C LEU D 249 -67.56 -68.19 32.42
N HIS D 250 -67.09 -67.91 31.20
CA HIS D 250 -68.00 -67.57 30.11
C HIS D 250 -68.92 -68.74 29.78
N GLU D 251 -68.37 -69.96 29.78
CA GLU D 251 -69.21 -71.15 29.57
C GLU D 251 -70.31 -71.23 30.61
N ARG D 252 -69.94 -71.06 31.88
CA ARG D 252 -70.94 -71.12 32.96
C ARG D 252 -71.97 -70.00 32.81
N ILE D 253 -71.53 -68.79 32.50
CA ILE D 253 -72.44 -67.65 32.41
C ILE D 253 -73.44 -67.85 31.29
N ARG D 254 -72.95 -68.27 30.10
CA ARG D 254 -73.84 -68.48 28.98
C ARG D 254 -74.67 -69.75 29.11
N GLU D 255 -74.27 -70.69 29.98
CA GLU D 255 -75.14 -71.81 30.28
C GLU D 255 -76.27 -71.40 31.22
N LEU D 256 -75.98 -70.50 32.17
CA LEU D 256 -77.01 -70.04 33.08
C LEU D 256 -78.09 -69.25 32.36
N GLY D 257 -77.70 -68.40 31.42
CA GLY D 257 -78.65 -67.59 30.67
C GLY D 257 -78.72 -66.17 31.22
N PHE D 258 -79.95 -65.66 31.33
CA PHE D 258 -80.18 -64.32 31.87
C PHE D 258 -80.49 -64.32 33.36
N GLU D 259 -80.47 -65.49 34.00
CA GLU D 259 -80.65 -65.59 35.45
C GLU D 259 -79.32 -65.67 36.18
N ALA D 260 -78.24 -65.22 35.55
CA ALA D 260 -76.92 -65.27 36.17
C ALA D 260 -76.84 -64.26 37.30
N PRO D 261 -76.45 -64.68 38.51
CA PRO D 261 -76.29 -63.72 39.61
C PRO D 261 -75.25 -62.67 39.28
N GLU D 262 -75.41 -61.49 39.87
CA GLU D 262 -74.52 -60.37 39.60
C GLU D 262 -73.07 -60.68 39.95
N GLU D 263 -72.84 -61.65 40.83
CA GLU D 263 -71.47 -62.03 41.19
C GLU D 263 -70.70 -62.49 39.96
N LEU D 264 -71.32 -63.31 39.11
CA LEU D 264 -70.64 -63.80 37.92
C LEU D 264 -70.26 -62.67 36.99
N LEU D 265 -71.18 -61.73 36.74
CA LEU D 265 -70.89 -60.63 35.82
C LEU D 265 -69.80 -59.72 36.37
N LEU D 266 -69.88 -59.37 37.66
CA LEU D 266 -68.87 -58.51 38.25
C LEU D 266 -67.51 -59.19 38.26
N ALA D 267 -67.47 -60.48 38.57
CA ALA D 267 -66.21 -61.22 38.53
C ALA D 267 -65.66 -61.27 37.11
N ASP D 268 -66.53 -61.44 36.11
CA ASP D 268 -66.08 -61.45 34.73
C ASP D 268 -65.46 -60.12 34.34
N LEU D 269 -66.11 -59.01 34.71
CA LEU D 269 -65.55 -57.70 34.40
C LEU D 269 -64.21 -57.49 35.09
N LEU D 270 -64.11 -57.88 36.36
CA LEU D 270 -62.85 -57.74 37.08
C LEU D 270 -61.76 -58.59 36.45
N LEU D 271 -62.11 -59.80 36.02
CA LEU D 271 -61.13 -60.68 35.37
C LEU D 271 -60.68 -60.10 34.04
N GLN D 272 -61.58 -59.46 33.30
CA GLN D 272 -61.16 -58.83 32.05
C GLN D 272 -60.21 -57.67 32.31
N ARG D 273 -60.48 -56.86 33.33
CA ARG D 273 -59.53 -55.80 33.68
C ARG D 273 -58.19 -56.39 34.09
N ALA D 274 -58.21 -57.49 34.85
CA ALA D 274 -56.97 -58.15 35.24
C ALA D 274 -56.22 -58.68 34.02
N LEU D 275 -56.94 -59.26 33.05
CA LEU D 275 -56.31 -59.72 31.83
C LEU D 275 -55.63 -58.58 31.09
N GLU D 276 -56.33 -57.46 30.97
CA GLU D 276 -55.75 -56.30 30.29
C GLU D 276 -54.48 -55.84 31.00
N LEU D 277 -54.54 -55.71 32.33
CA LEU D 277 -53.38 -55.23 33.08
C LEU D 277 -52.21 -56.20 32.99
N ILE D 278 -52.47 -57.51 33.07
CA ILE D 278 -51.41 -58.49 32.99
C ILE D 278 -50.79 -58.50 31.61
N SER D 279 -51.61 -58.39 30.56
CA SER D 279 -51.08 -58.34 29.20
C SER D 279 -50.22 -57.10 28.99
N SER D 280 -50.62 -55.96 29.56
CA SER D 280 -49.85 -54.74 29.40
C SER D 280 -48.53 -54.76 30.17
N ILE D 281 -48.32 -55.74 31.05
CA ILE D 281 -47.08 -55.83 31.82
C ILE D 281 -45.92 -56.11 30.89
N THR E 24 -104.89 -39.04 17.13
CA THR E 24 -105.35 -38.66 15.80
C THR E 24 -104.23 -38.81 14.77
N VAL E 25 -102.99 -38.79 15.26
CA VAL E 25 -101.72 -38.87 14.52
C VAL E 25 -101.28 -37.50 14.00
N GLU E 26 -102.14 -36.76 13.31
CA GLU E 26 -101.73 -35.44 12.82
C GLU E 26 -101.48 -34.49 13.99
N GLU E 27 -102.45 -34.38 14.90
CA GLU E 27 -102.28 -33.52 16.06
C GLU E 27 -101.00 -33.86 16.81
N GLU E 28 -100.62 -35.13 16.83
CA GLU E 28 -99.31 -35.51 17.36
C GLU E 28 -98.19 -34.80 16.60
N VAL E 29 -98.33 -34.65 15.28
CA VAL E 29 -97.27 -34.01 14.50
C VAL E 29 -97.16 -32.53 14.83
N ILE E 30 -98.29 -31.81 14.82
CA ILE E 30 -98.18 -30.38 15.13
C ILE E 30 -97.76 -30.15 16.57
N ARG E 31 -98.27 -30.97 17.51
CA ARG E 31 -97.82 -30.86 18.89
C ARG E 31 -96.34 -31.17 19.02
N PHE E 32 -95.82 -32.13 18.24
CA PHE E 32 -94.40 -32.42 18.25
C PHE E 32 -93.59 -31.20 17.83
N ALA E 33 -94.02 -30.55 16.74
CA ALA E 33 -93.29 -29.37 16.28
C ALA E 33 -93.31 -28.26 17.32
N GLU E 34 -94.49 -27.95 17.86
CA GLU E 34 -94.61 -26.88 18.83
C GLU E 34 -93.83 -27.20 20.11
N GLU E 35 -93.92 -28.44 20.60
CA GLU E 35 -93.20 -28.82 21.80
C GLU E 35 -91.70 -28.81 21.57
N LEU E 36 -91.24 -29.16 20.36
CA LEU E 36 -89.82 -29.07 20.06
C LEU E 36 -89.34 -27.62 20.12
N ALA E 37 -90.12 -26.71 19.53
CA ALA E 37 -89.75 -25.30 19.60
C ALA E 37 -89.74 -24.80 21.04
N GLU E 38 -90.75 -25.19 21.83
CA GLU E 38 -90.81 -24.77 23.22
C GLU E 38 -89.66 -25.35 24.02
N GLU E 39 -89.23 -26.58 23.70
CA GLU E 39 -88.09 -27.17 24.39
C GLU E 39 -86.80 -26.44 24.05
N ILE E 40 -86.63 -26.03 22.79
CA ILE E 40 -85.49 -25.19 22.45
C ILE E 40 -85.50 -23.91 23.26
N ARG E 41 -86.68 -23.28 23.37
CA ARG E 41 -86.79 -22.04 24.14
C ARG E 41 -86.46 -22.27 25.61
N ARG E 42 -86.94 -23.38 26.18
CA ARG E 42 -86.66 -23.68 27.58
C ARG E 42 -85.16 -23.91 27.81
N VAL E 43 -84.53 -24.70 26.93
CA VAL E 43 -83.13 -25.06 27.14
C VAL E 43 -82.21 -23.85 26.94
N THR E 44 -82.48 -23.04 25.93
CA THR E 44 -81.60 -21.92 25.60
C THR E 44 -82.21 -20.55 25.87
N GLY E 45 -83.44 -20.31 25.43
CA GLY E 45 -84.05 -19.01 25.60
C GLY E 45 -84.15 -18.24 24.30
N GLU E 46 -83.51 -17.07 24.24
CA GLU E 46 -83.53 -16.25 23.03
C GLU E 46 -82.14 -16.08 22.44
N ALA E 47 -81.16 -16.83 22.94
CA ALA E 47 -79.83 -16.83 22.34
C ALA E 47 -79.78 -17.59 21.03
N TYR E 48 -80.62 -18.61 20.87
CA TYR E 48 -80.74 -19.38 19.63
C TYR E 48 -82.20 -19.28 19.20
N ARG E 49 -82.52 -18.23 18.44
CA ARG E 49 -83.89 -17.99 18.01
C ARG E 49 -84.13 -18.36 16.55
N GLU E 50 -83.08 -18.32 15.71
CA GLU E 50 -83.23 -18.75 14.33
C GLU E 50 -83.59 -20.22 14.25
N TYR E 51 -83.04 -21.03 15.16
CA TYR E 51 -83.39 -22.45 15.19
C TYR E 51 -84.86 -22.65 15.52
N ALA E 52 -85.39 -21.89 16.49
CA ALA E 52 -86.81 -21.98 16.80
C ALA E 52 -87.66 -21.52 15.63
N GLU E 53 -87.22 -20.47 14.94
CA GLU E 53 -87.93 -20.01 13.74
C GLU E 53 -87.97 -21.11 12.69
N ALA E 54 -86.84 -21.79 12.47
CA ALA E 54 -86.80 -22.86 11.49
C ALA E 54 -87.68 -24.03 11.90
N VAL E 55 -87.69 -24.37 13.19
CA VAL E 55 -88.53 -25.47 13.65
C VAL E 55 -90.01 -25.14 13.47
N ARG E 56 -90.41 -23.90 13.77
CA ARG E 56 -91.80 -23.51 13.56
C ARG E 56 -92.16 -23.50 12.08
N HIS E 57 -91.22 -23.06 11.23
CA HIS E 57 -91.47 -23.11 9.79
C HIS E 57 -91.66 -24.54 9.30
N LEU E 58 -90.82 -25.46 9.78
CA LEU E 58 -90.97 -26.86 9.39
C LEU E 58 -92.27 -27.46 9.92
N GLY E 59 -92.69 -27.05 11.12
CA GLY E 59 -94.00 -27.48 11.60
C GLY E 59 -95.12 -26.98 10.74
N GLU E 60 -95.03 -25.72 10.28
CA GLU E 60 -96.03 -25.19 9.35
C GLU E 60 -96.03 -25.97 8.04
N ALA E 61 -94.84 -26.32 7.54
CA ALA E 61 -94.75 -27.13 6.33
C ALA E 61 -95.39 -28.50 6.53
N ALA E 62 -95.14 -29.14 7.67
CA ALA E 62 -95.74 -30.43 7.95
C ALA E 62 -97.26 -30.33 8.05
N LYS E 63 -97.77 -29.24 8.62
CA LYS E 63 -99.20 -29.01 8.65
C LYS E 63 -99.76 -28.83 7.24
N ALA E 64 -99.01 -28.14 6.38
CA ALA E 64 -99.44 -27.93 5.00
C ALA E 64 -99.50 -29.25 4.24
N VAL E 65 -98.52 -30.13 4.46
CA VAL E 65 -98.46 -31.42 3.77
C VAL E 65 -99.71 -32.24 4.07
N LEU E 66 -100.13 -32.26 5.34
CA LEU E 66 -101.21 -33.12 5.77
C LEU E 66 -102.58 -32.67 5.27
N GLU E 67 -102.68 -31.47 4.70
CA GLU E 67 -103.95 -30.96 4.18
C GLU E 67 -104.13 -31.19 2.70
N GLY E 68 -103.04 -31.37 1.95
CA GLY E 68 -103.15 -31.63 0.53
C GLY E 68 -102.27 -30.72 -0.31
N ASN E 69 -101.97 -29.53 0.20
CA ASN E 69 -101.15 -28.57 -0.53
C ASN E 69 -99.71 -29.05 -0.55
N SER E 70 -99.16 -29.24 -1.76
CA SER E 70 -97.81 -29.78 -1.92
C SER E 70 -96.80 -28.76 -2.42
N VAL E 71 -97.23 -27.58 -2.86
CA VAL E 71 -96.30 -26.56 -3.32
C VAL E 71 -95.93 -25.60 -2.20
N GLU E 72 -96.90 -25.27 -1.33
CA GLU E 72 -96.59 -24.45 -0.17
C GLU E 72 -95.55 -25.12 0.71
N ALA E 73 -95.61 -26.45 0.84
CA ALA E 73 -94.59 -27.16 1.60
C ALA E 73 -93.21 -26.98 0.98
N ASP E 74 -93.13 -27.07 -0.35
CA ASP E 74 -91.84 -26.87 -1.02
C ASP E 74 -91.32 -25.45 -0.80
N LEU E 75 -92.21 -24.46 -0.89
CA LEU E 75 -91.77 -23.08 -0.65
C LEU E 75 -91.29 -22.89 0.78
N ILE E 76 -91.99 -23.48 1.74
CA ILE E 76 -91.58 -23.34 3.14
C ILE E 76 -90.24 -24.04 3.37
N VAL E 77 -90.03 -25.21 2.75
CA VAL E 77 -88.76 -25.91 2.90
C VAL E 77 -87.63 -25.08 2.29
N THR E 78 -87.90 -24.41 1.17
CA THR E 78 -86.89 -23.53 0.59
C THR E 78 -86.57 -22.35 1.52
N ASP E 79 -87.60 -21.80 2.17
CA ASP E 79 -87.37 -20.73 3.15
C ASP E 79 -86.51 -21.22 4.30
N VAL E 80 -86.80 -22.43 4.79
CA VAL E 80 -85.99 -23.01 5.87
C VAL E 80 -84.57 -23.23 5.41
N LEU E 81 -84.39 -23.66 4.15
CA LEU E 81 -83.05 -23.84 3.60
C LEU E 81 -82.30 -22.52 3.57
N ARG E 82 -82.96 -21.43 3.18
CA ARG E 82 -82.33 -20.13 3.19
C ARG E 82 -81.93 -19.72 4.62
N LEU E 83 -82.83 -19.95 5.59
CA LEU E 83 -82.52 -19.61 6.97
C LEU E 83 -81.31 -20.39 7.47
N LEU E 84 -81.25 -21.69 7.17
CA LEU E 84 -80.13 -22.51 7.60
C LEU E 84 -78.83 -22.13 6.89
N GLU E 85 -78.92 -21.72 5.62
CA GLU E 85 -77.75 -21.23 4.92
C GLU E 85 -77.24 -19.93 5.55
N ARG E 86 -78.15 -19.08 5.99
CA ARG E 86 -77.73 -17.88 6.71
C ARG E 86 -77.12 -18.23 8.06
N ILE E 87 -77.61 -19.27 8.71
CA ILE E 87 -77.07 -19.67 10.01
C ILE E 87 -75.62 -20.11 9.88
N GLY E 88 -75.34 -21.01 8.94
CA GLY E 88 -73.98 -21.43 8.68
C GLY E 88 -73.60 -22.78 9.28
N GLU E 89 -74.47 -23.77 9.16
CA GLU E 89 -74.21 -25.13 9.63
C GLU E 89 -74.18 -26.05 8.41
N GLU E 90 -72.98 -26.39 7.95
CA GLU E 90 -72.82 -27.00 6.64
C GLU E 90 -73.55 -28.34 6.53
N GLY E 91 -73.37 -29.21 7.53
CA GLY E 91 -74.03 -30.51 7.49
C GLY E 91 -75.54 -30.39 7.54
N LEU E 92 -76.04 -29.45 8.35
CA LEU E 92 -77.48 -29.27 8.44
C LEU E 92 -78.03 -28.70 7.14
N VAL E 93 -77.27 -27.84 6.46
CA VAL E 93 -77.68 -27.35 5.15
C VAL E 93 -77.71 -28.48 4.14
N LYS E 94 -76.72 -29.38 4.19
CA LYS E 94 -76.73 -30.55 3.31
C LYS E 94 -77.98 -31.39 3.54
N LEU E 95 -78.31 -31.65 4.81
CA LEU E 95 -79.52 -32.40 5.12
C LEU E 95 -80.75 -31.66 4.61
N ALA E 96 -80.76 -30.33 4.71
CA ALA E 96 -81.89 -29.55 4.23
C ALA E 96 -82.06 -29.68 2.72
N ARG E 97 -80.95 -29.63 1.98
CA ARG E 97 -81.03 -29.79 0.53
C ARG E 97 -81.54 -31.18 0.15
N GLU E 98 -81.03 -32.22 0.82
CA GLU E 98 -81.51 -33.56 0.53
C GLU E 98 -83.00 -33.70 0.86
N VAL E 99 -83.43 -33.12 1.98
CA VAL E 99 -84.84 -33.14 2.34
C VAL E 99 -85.67 -32.42 1.28
N HIS E 100 -85.18 -31.28 0.80
CA HIS E 100 -85.88 -30.53 -0.23
C HIS E 100 -86.11 -31.40 -1.47
N GLU E 101 -85.03 -32.01 -1.99
CA GLU E 101 -85.15 -32.80 -3.20
C GLU E 101 -86.07 -34.01 -3.00
N ARG E 102 -85.81 -34.79 -1.95
CA ARG E 102 -86.58 -36.00 -1.73
C ARG E 102 -88.05 -35.69 -1.45
N SER E 103 -88.32 -34.65 -0.65
CA SER E 103 -89.69 -34.27 -0.35
C SER E 103 -90.41 -33.82 -1.61
N PHE E 104 -89.75 -33.03 -2.46
CA PHE E 104 -90.38 -32.63 -3.72
C PHE E 104 -90.74 -33.83 -4.56
N GLU E 105 -89.80 -34.76 -4.74
CA GLU E 105 -90.06 -35.92 -5.59
C GLU E 105 -91.18 -36.79 -5.02
N LEU E 106 -91.14 -37.05 -3.71
CA LEU E 106 -92.14 -37.91 -3.09
C LEU E 106 -93.52 -37.26 -3.09
N LEU E 107 -93.59 -35.95 -2.84
CA LEU E 107 -94.87 -35.27 -2.87
C LEU E 107 -95.44 -35.22 -4.27
N ARG E 108 -94.59 -35.08 -5.29
CA ARG E 108 -95.07 -35.19 -6.66
C ARG E 108 -95.61 -36.60 -6.94
N LYS E 109 -94.89 -37.63 -6.48
CA LYS E 109 -95.35 -38.99 -6.67
C LYS E 109 -96.57 -39.30 -5.81
N GLY E 110 -96.53 -38.91 -4.53
CA GLY E 110 -97.67 -39.12 -3.65
C GLY E 110 -97.34 -39.75 -2.32
N ASN E 111 -96.06 -39.87 -1.99
CA ASN E 111 -95.64 -40.47 -0.73
C ASN E 111 -95.65 -39.40 0.36
N ARG E 112 -96.85 -39.18 0.91
CA ARG E 112 -97.02 -38.17 1.94
C ARG E 112 -96.25 -38.52 3.21
N VAL E 113 -96.29 -39.80 3.61
CA VAL E 113 -95.76 -40.21 4.91
C VAL E 113 -94.24 -40.02 4.94
N GLU E 114 -93.54 -40.39 3.87
CA GLU E 114 -92.10 -40.24 3.87
C GLU E 114 -91.67 -38.78 3.83
N ALA E 115 -92.42 -37.93 3.12
CA ALA E 115 -92.13 -36.50 3.15
C ALA E 115 -92.31 -35.93 4.56
N LEU E 116 -93.39 -36.34 5.24
CA LEU E 116 -93.59 -35.92 6.63
C LEU E 116 -92.43 -36.39 7.50
N ALA E 117 -91.99 -37.64 7.31
CA ALA E 117 -90.88 -38.16 8.09
C ALA E 117 -89.60 -37.36 7.86
N LEU E 118 -89.33 -36.99 6.60
CA LEU E 118 -88.14 -36.19 6.31
C LEU E 118 -88.23 -34.81 6.94
N ILE E 119 -89.42 -34.19 6.88
CA ILE E 119 -89.59 -32.87 7.49
C ILE E 119 -89.35 -32.93 9.00
N LEU E 120 -89.93 -33.95 9.65
CA LEU E 120 -89.75 -34.10 11.09
C LEU E 120 -88.29 -34.40 11.44
N ALA E 121 -87.61 -35.19 10.61
CA ALA E 121 -86.20 -35.47 10.84
C ALA E 121 -85.37 -34.19 10.74
N LEU E 122 -85.67 -33.35 9.75
CA LEU E 122 -84.96 -32.08 9.63
C LEU E 122 -85.20 -31.20 10.85
N ALA E 123 -86.45 -31.12 11.31
CA ALA E 123 -86.76 -30.32 12.48
C ALA E 123 -86.01 -30.82 13.71
N LEU E 124 -86.00 -32.13 13.92
CA LEU E 124 -85.26 -32.71 15.04
C LEU E 124 -83.77 -32.44 14.92
N ALA E 125 -83.23 -32.50 13.71
CA ALA E 125 -81.82 -32.22 13.51
C ALA E 125 -81.48 -30.79 13.91
N VAL E 126 -82.32 -29.84 13.50
CA VAL E 126 -82.09 -28.43 13.88
C VAL E 126 -82.15 -28.28 15.39
N ALA E 127 -83.18 -28.87 16.02
CA ALA E 127 -83.33 -28.74 17.46
C ALA E 127 -82.14 -29.34 18.22
N LEU E 128 -81.71 -30.54 17.80
CA LEU E 128 -80.59 -31.19 18.48
C LEU E 128 -79.29 -30.44 18.25
N THR E 129 -79.10 -29.88 17.06
CA THR E 129 -77.90 -29.09 16.80
C THR E 129 -77.87 -27.87 17.72
N ALA E 130 -78.99 -27.16 17.85
CA ALA E 130 -79.03 -25.99 18.72
C ALA E 130 -78.78 -26.38 20.17
N VAL E 131 -79.43 -27.45 20.63
CA VAL E 131 -79.28 -27.86 22.03
C VAL E 131 -77.85 -28.29 22.32
N SER E 132 -77.25 -29.07 21.43
CA SER E 132 -75.88 -29.52 21.63
C SER E 132 -74.90 -28.35 21.61
N LYS E 133 -75.13 -27.38 20.71
CA LYS E 133 -74.27 -26.20 20.68
C LYS E 133 -74.36 -25.43 22.00
N ALA E 134 -75.57 -25.24 22.51
CA ALA E 134 -75.74 -24.54 23.78
C ALA E 134 -75.06 -25.29 24.92
N PHE E 135 -75.26 -26.61 24.99
CA PHE E 135 -74.68 -27.40 26.06
C PHE E 135 -73.17 -27.38 26.02
N PHE E 136 -72.57 -27.49 24.83
CA PHE E 136 -71.12 -27.43 24.73
C PHE E 136 -70.59 -26.04 25.07
N LEU E 137 -71.29 -24.98 24.64
CA LEU E 137 -70.85 -23.64 24.97
C LEU E 137 -70.87 -23.40 26.48
N LEU E 138 -71.91 -23.89 27.16
CA LEU E 138 -71.97 -23.75 28.62
C LEU E 138 -70.81 -24.47 29.29
N GLY E 139 -70.53 -25.70 28.85
CA GLY E 139 -69.49 -26.50 29.46
C GLY E 139 -70.06 -27.74 30.12
N GLN E 140 -71.22 -28.19 29.61
CA GLN E 140 -71.94 -29.29 30.23
C GLN E 140 -71.18 -30.60 30.04
N PRO E 141 -71.38 -31.57 30.94
CA PRO E 141 -70.83 -32.90 30.72
C PRO E 141 -71.58 -33.65 29.63
N ALA E 142 -70.93 -34.68 29.10
CA ALA E 142 -71.50 -35.44 27.99
C ALA E 142 -72.72 -36.26 28.40
N ARG E 143 -72.90 -36.51 29.70
CA ARG E 143 -74.01 -37.35 30.14
C ARG E 143 -75.35 -36.73 29.79
N LEU E 144 -75.55 -35.46 30.13
CA LEU E 144 -76.84 -34.81 29.89
C LEU E 144 -77.13 -34.71 28.40
N ILE E 145 -76.11 -34.38 27.60
CA ILE E 145 -76.28 -34.35 26.15
C ILE E 145 -76.72 -35.71 25.63
N ALA E 146 -76.07 -36.77 26.12
CA ALA E 146 -76.42 -38.11 25.67
C ALA E 146 -77.87 -38.46 26.02
N GLU E 147 -78.29 -38.20 27.26
CA GLU E 147 -79.66 -38.53 27.64
C GLU E 147 -80.67 -37.71 26.84
N TYR E 148 -80.40 -36.41 26.65
CA TYR E 148 -81.36 -35.59 25.90
C TYR E 148 -81.47 -36.03 24.46
N VAL E 149 -80.33 -36.32 23.81
CA VAL E 149 -80.35 -36.78 22.43
C VAL E 149 -81.10 -38.10 22.32
N GLY E 150 -80.84 -39.03 23.25
CA GLY E 150 -81.54 -40.30 23.23
C GLY E 150 -83.03 -40.13 23.41
N GLU E 151 -83.45 -39.26 24.34
CA GLU E 151 -84.87 -39.06 24.57
C GLU E 151 -85.55 -38.45 23.34
N LYS E 152 -84.91 -37.45 22.72
CA LYS E 152 -85.51 -36.84 21.53
C LYS E 152 -85.60 -37.83 20.38
N LEU E 153 -84.56 -38.64 20.20
CA LEU E 153 -84.60 -39.66 19.15
C LEU E 153 -85.70 -40.69 19.43
N LEU E 154 -85.88 -41.04 20.70
CA LEU E 154 -86.96 -41.96 21.06
C LEU E 154 -88.32 -41.36 20.74
N GLU E 155 -88.53 -40.08 21.05
CA GLU E 155 -89.80 -39.44 20.72
C GLU E 155 -90.04 -39.42 19.22
N LEU E 156 -89.01 -39.09 18.43
CA LEU E 156 -89.16 -39.09 16.99
C LEU E 156 -89.46 -40.48 16.47
N ARG E 157 -88.80 -41.50 17.02
CA ARG E 157 -89.05 -42.87 16.59
C ARG E 157 -90.47 -43.30 16.88
N ARG E 158 -90.98 -42.97 18.07
CA ARG E 158 -92.38 -43.29 18.39
C ARG E 158 -93.34 -42.58 17.44
N LEU E 159 -93.09 -41.30 17.17
CA LEU E 159 -93.96 -40.57 16.26
C LEU E 159 -93.96 -41.18 14.86
N LEU E 160 -92.77 -41.50 14.34
CA LEU E 160 -92.68 -42.07 13.01
C LEU E 160 -93.33 -43.44 12.94
N GLU E 161 -93.14 -44.27 13.98
CA GLU E 161 -93.81 -45.57 14.01
C GLU E 161 -95.31 -45.42 14.06
N LYS E 162 -95.81 -44.41 14.78
CA LYS E 162 -97.25 -44.15 14.78
C LYS E 162 -97.73 -43.72 13.41
N LEU E 163 -96.92 -42.93 12.69
CA LEU E 163 -97.30 -42.48 11.36
C LEU E 163 -97.45 -43.66 10.39
N GLY E 164 -96.44 -44.53 10.33
CA GLY E 164 -96.52 -45.67 9.45
C GLY E 164 -95.25 -45.91 8.64
N VAL E 165 -94.22 -45.12 8.88
CA VAL E 165 -92.97 -45.28 8.14
C VAL E 165 -92.36 -46.64 8.47
N PRO E 166 -91.85 -47.40 7.49
CA PRO E 166 -91.20 -48.67 7.81
C PRO E 166 -89.96 -48.47 8.67
N LEU E 167 -89.69 -49.48 9.50
CA LEU E 167 -88.62 -49.35 10.50
C LEU E 167 -87.25 -49.05 9.91
N PRO E 168 -86.78 -49.75 8.87
CA PRO E 168 -85.43 -49.43 8.34
C PRO E 168 -85.27 -47.98 7.92
N GLU E 169 -86.30 -47.39 7.30
CA GLU E 169 -86.21 -45.98 6.91
C GLU E 169 -86.16 -45.07 8.12
N VAL E 170 -86.93 -45.40 9.16
CA VAL E 170 -86.89 -44.62 10.40
C VAL E 170 -85.48 -44.65 10.97
N ILE E 171 -84.87 -45.84 11.03
CA ILE E 171 -83.53 -45.95 11.60
C ILE E 171 -82.53 -45.18 10.74
N ALA E 172 -82.65 -45.27 9.41
CA ALA E 172 -81.75 -44.53 8.53
C ALA E 172 -81.86 -43.03 8.77
N LEU E 173 -83.09 -42.53 8.94
CA LEU E 173 -83.27 -41.12 9.27
C LEU E 173 -82.63 -40.77 10.60
N LEU E 174 -82.74 -41.67 11.59
CA LEU E 174 -82.17 -41.39 12.90
C LEU E 174 -80.64 -41.30 12.84
N LEU E 175 -79.99 -42.22 12.12
CA LEU E 175 -78.55 -42.07 11.96
C LEU E 175 -78.19 -40.88 11.07
N ARG E 176 -79.06 -40.46 10.16
CA ARG E 176 -78.79 -39.22 9.43
C ARG E 176 -78.76 -38.02 10.38
N VAL E 177 -79.74 -37.96 11.28
CA VAL E 177 -79.77 -36.90 12.28
C VAL E 177 -78.54 -36.97 13.17
N LEU E 178 -78.16 -38.17 13.58
CA LEU E 178 -76.99 -38.35 14.44
C LEU E 178 -75.72 -37.95 13.71
N GLU E 179 -75.63 -38.23 12.41
CA GLU E 179 -74.48 -37.80 11.62
C GLU E 179 -74.41 -36.28 11.56
N VAL E 180 -75.56 -35.63 11.38
CA VAL E 180 -75.58 -34.17 11.38
C VAL E 180 -75.08 -33.62 12.72
N VAL E 181 -75.57 -34.20 13.82
CA VAL E 181 -75.16 -33.74 15.15
C VAL E 181 -73.66 -33.96 15.36
N GLU E 182 -73.16 -35.12 14.96
CA GLU E 182 -71.73 -35.41 15.11
C GLU E 182 -70.88 -34.45 14.29
N GLU E 183 -71.31 -34.16 13.07
CA GLU E 183 -70.58 -33.22 12.23
C GLU E 183 -70.54 -31.84 12.87
N SER E 184 -71.68 -31.40 13.40
CA SER E 184 -71.74 -30.10 14.08
C SER E 184 -70.79 -30.07 15.29
N LEU E 185 -70.81 -31.13 16.09
CA LEU E 185 -69.95 -31.18 17.27
C LEU E 185 -68.48 -31.19 16.88
N LYS E 186 -68.12 -31.96 15.85
CA LYS E 186 -66.74 -32.00 15.39
C LYS E 186 -66.28 -30.64 14.88
N ALA E 187 -67.13 -29.97 14.11
CA ALA E 187 -66.77 -28.66 13.57
C ALA E 187 -66.67 -27.60 14.65
N MET E 188 -67.49 -27.70 15.70
CA MET E 188 -67.47 -26.70 16.76
C MET E 188 -66.15 -26.69 17.52
N GLY E 189 -65.59 -27.86 17.82
CA GLY E 189 -64.31 -27.92 18.51
C GLY E 189 -64.23 -28.96 19.61
N MET E 190 -65.30 -29.72 19.80
CA MET E 190 -65.30 -30.74 20.86
C MET E 190 -64.26 -31.81 20.60
N GLU E 191 -63.66 -32.31 21.68
CA GLU E 191 -62.68 -33.37 21.56
C GLU E 191 -63.36 -34.66 21.09
N PRO E 192 -62.69 -35.44 20.23
CA PRO E 192 -63.34 -36.61 19.63
C PRO E 192 -63.89 -37.62 20.63
N ARG E 193 -63.25 -37.77 21.80
CA ARG E 193 -63.67 -38.81 22.73
C ARG E 193 -65.09 -38.56 23.24
N GLU E 194 -65.41 -37.32 23.57
CA GLU E 194 -66.76 -37.01 24.06
C GLU E 194 -67.81 -37.21 22.96
N ILE E 195 -67.48 -36.83 21.73
CA ILE E 195 -68.40 -37.06 20.61
C ILE E 195 -68.65 -38.54 20.43
N ASN E 196 -67.59 -39.35 20.47
CA ASN E 196 -67.75 -40.80 20.36
C ASN E 196 -68.60 -41.33 21.51
N ARG E 197 -68.40 -40.82 22.72
CA ARG E 197 -69.16 -41.27 23.87
C ARG E 197 -70.65 -40.98 23.70
N VAL E 198 -70.99 -39.76 23.28
CA VAL E 198 -72.41 -39.41 23.16
C VAL E 198 -73.06 -40.16 22.00
N LEU E 199 -72.35 -40.32 20.88
CA LEU E 199 -72.90 -41.09 19.78
C LEU E 199 -73.12 -42.54 20.19
N ALA E 200 -72.16 -43.13 20.91
CA ALA E 200 -72.31 -44.51 21.37
C ALA E 200 -73.49 -44.64 22.33
N ALA E 201 -73.67 -43.67 23.21
CA ALA E 201 -74.82 -43.70 24.12
C ALA E 201 -76.13 -43.63 23.35
N ALA E 202 -76.20 -42.77 22.33
CA ALA E 202 -77.41 -42.67 21.52
C ALA E 202 -77.71 -43.98 20.79
N TYR E 203 -76.69 -44.58 20.19
CA TYR E 203 -76.90 -45.88 19.54
C TYR E 203 -77.32 -46.94 20.54
N LEU E 204 -76.73 -46.90 21.74
CA LEU E 204 -77.07 -47.90 22.76
C LEU E 204 -78.52 -47.77 23.22
N THR E 205 -79.00 -46.54 23.45
CA THR E 205 -80.39 -46.41 23.87
C THR E 205 -81.35 -46.75 22.74
N LEU E 206 -81.00 -46.42 21.50
CA LEU E 206 -81.85 -46.82 20.37
C LEU E 206 -81.93 -48.34 20.26
N ALA E 207 -80.79 -49.02 20.38
CA ALA E 207 -80.78 -50.48 20.30
C ALA E 207 -81.52 -51.10 21.48
N ALA E 208 -81.39 -50.51 22.67
CA ALA E 208 -82.09 -51.02 23.84
C ALA E 208 -83.60 -50.92 23.66
N GLU E 209 -84.09 -49.79 23.14
CA GLU E 209 -85.52 -49.67 22.86
C GLU E 209 -85.95 -50.68 21.81
N LEU E 210 -85.16 -50.85 20.76
CA LEU E 210 -85.53 -51.80 19.70
C LEU E 210 -85.62 -53.21 20.25
N LEU E 211 -84.67 -53.61 21.09
CA LEU E 211 -84.71 -54.95 21.68
C LEU E 211 -85.88 -55.10 22.65
N GLU E 212 -86.14 -54.08 23.48
CA GLU E 212 -87.22 -54.16 24.44
C GLU E 212 -88.57 -54.25 23.75
N ARG E 213 -88.72 -53.64 22.57
CA ARG E 213 -89.98 -53.74 21.84
C ARG E 213 -90.32 -55.18 21.50
N LEU E 214 -89.31 -56.02 21.29
CA LEU E 214 -89.52 -57.41 20.93
C LEU E 214 -89.70 -58.32 22.13
N GLY E 215 -89.56 -57.81 23.35
CA GLY E 215 -89.74 -58.60 24.54
C GLY E 215 -88.48 -59.04 25.24
N LEU E 216 -87.31 -58.90 24.59
CA LEU E 216 -86.03 -59.27 25.19
C LEU E 216 -85.62 -58.20 26.20
N THR E 217 -86.34 -58.19 27.33
CA THR E 217 -86.12 -57.16 28.34
C THR E 217 -84.79 -57.30 29.06
N ALA E 218 -84.31 -58.52 29.30
CA ALA E 218 -83.03 -58.70 29.97
C ALA E 218 -81.88 -58.20 29.12
N LEU E 219 -81.91 -58.48 27.81
CA LEU E 219 -80.87 -57.97 26.92
C LEU E 219 -80.89 -56.44 26.88
N ALA E 220 -82.09 -55.85 26.83
CA ALA E 220 -82.20 -54.40 26.86
C ALA E 220 -81.64 -53.83 28.15
N ALA E 221 -81.93 -54.48 29.28
CA ALA E 221 -81.39 -54.02 30.56
C ALA E 221 -79.87 -54.09 30.57
N ARG E 222 -79.31 -55.16 30.00
CA ARG E 222 -77.85 -55.26 29.91
C ARG E 222 -77.27 -54.15 29.04
N ILE E 223 -77.95 -53.82 27.94
CA ILE E 223 -77.48 -52.74 27.07
C ILE E 223 -77.52 -51.40 27.82
N ARG E 224 -78.59 -51.17 28.59
CA ARG E 224 -78.67 -49.93 29.37
C ARG E 224 -77.59 -49.88 30.44
N ARG E 225 -77.29 -51.02 31.07
CA ARG E 225 -76.20 -51.06 32.02
C ARG E 225 -74.87 -50.73 31.35
N ALA E 226 -74.65 -51.25 30.15
CA ALA E 226 -73.43 -50.94 29.41
C ALA E 226 -73.35 -49.45 29.10
N ARG E 227 -74.46 -48.86 28.69
CA ARG E 227 -74.48 -47.42 28.41
C ARG E 227 -74.17 -46.61 29.66
N GLU E 228 -74.77 -46.98 30.79
CA GLU E 228 -74.52 -46.26 32.04
C GLU E 228 -73.07 -46.37 32.47
N LEU E 229 -72.48 -47.56 32.33
CA LEU E 229 -71.06 -47.71 32.66
C LEU E 229 -70.18 -46.92 31.69
N LEU E 230 -70.60 -46.82 30.43
CA LEU E 230 -69.84 -46.02 29.47
C LEU E 230 -69.88 -44.54 29.82
N LEU E 231 -71.04 -44.04 30.23
CA LEU E 231 -71.18 -42.62 30.54
C LEU E 231 -70.45 -42.20 31.81
N ALA E 232 -70.06 -43.15 32.66
CA ALA E 232 -69.40 -42.85 33.92
C ALA E 232 -67.88 -42.93 33.82
N GLY E 233 -67.34 -43.13 32.62
CA GLY E 233 -65.91 -43.26 32.44
C GLY E 233 -65.38 -44.68 32.46
N ARG E 234 -66.20 -45.64 32.87
CA ARG E 234 -65.81 -47.04 32.91
C ARG E 234 -65.97 -47.61 31.50
N VAL E 235 -64.91 -47.44 30.69
CA VAL E 235 -65.00 -47.73 29.27
C VAL E 235 -64.86 -49.22 29.00
N GLU E 236 -63.82 -49.85 29.57
CA GLU E 236 -63.52 -51.24 29.22
C GLU E 236 -64.60 -52.20 29.71
N GLU E 237 -65.15 -51.95 30.91
CA GLU E 237 -66.21 -52.81 31.42
C GLU E 237 -67.46 -52.72 30.55
N ALA E 238 -67.81 -51.50 30.12
CA ALA E 238 -68.92 -51.34 29.20
C ALA E 238 -68.64 -52.03 27.87
N LEU E 239 -67.39 -51.94 27.40
CA LEU E 239 -67.00 -52.62 26.17
C LEU E 239 -67.23 -54.12 26.27
N HIS E 240 -66.78 -54.73 27.37
CA HIS E 240 -66.95 -56.17 27.52
C HIS E 240 -68.42 -56.56 27.69
N LEU E 241 -69.19 -55.75 28.43
CA LEU E 241 -70.62 -56.02 28.56
C LEU E 241 -71.30 -55.98 27.21
N LEU E 242 -70.96 -54.98 26.39
CA LEU E 242 -71.52 -54.87 25.05
C LEU E 242 -71.12 -56.06 24.18
N GLN E 243 -69.87 -56.51 24.29
CA GLN E 243 -69.43 -57.66 23.50
C GLN E 243 -70.20 -58.92 23.89
N ASP E 244 -70.38 -59.15 25.20
CA ASP E 244 -71.14 -60.31 25.64
C ASP E 244 -72.59 -60.24 25.17
N ALA E 245 -73.20 -59.04 25.26
CA ALA E 245 -74.55 -58.88 24.75
C ALA E 245 -74.61 -59.14 23.25
N VAL E 246 -73.58 -58.73 22.52
CA VAL E 246 -73.55 -58.96 21.08
C VAL E 246 -73.47 -60.44 20.77
N GLU E 247 -72.64 -61.19 21.51
CA GLU E 247 -72.57 -62.63 21.28
C GLU E 247 -73.91 -63.31 21.60
N LEU E 248 -74.58 -62.88 22.67
CA LEU E 248 -75.88 -63.47 23.00
C LEU E 248 -76.91 -63.16 21.92
N LEU E 249 -76.90 -61.92 21.42
CA LEU E 249 -77.81 -61.53 20.34
C LEU E 249 -77.54 -62.33 19.08
N HIS E 250 -76.26 -62.55 18.76
CA HIS E 250 -75.91 -63.36 17.60
C HIS E 250 -76.40 -64.79 17.77
N GLU E 251 -76.25 -65.34 18.98
CA GLU E 251 -76.77 -66.68 19.26
C GLU E 251 -78.26 -66.75 19.01
N ARG E 252 -79.01 -65.78 19.54
CA ARG E 252 -80.45 -65.76 19.34
C ARG E 252 -80.81 -65.61 17.85
N ILE E 253 -80.11 -64.73 17.14
CA ILE E 253 -80.41 -64.48 15.74
C ILE E 253 -80.18 -65.73 14.91
N ARG E 254 -79.04 -66.40 15.12
CA ARG E 254 -78.74 -67.61 14.37
C ARG E 254 -79.56 -68.81 14.82
N GLU E 255 -80.14 -68.77 16.02
CA GLU E 255 -81.09 -69.81 16.41
C GLU E 255 -82.44 -69.59 15.74
N LEU E 256 -82.86 -68.33 15.58
CA LEU E 256 -84.14 -68.05 14.95
C LEU E 256 -84.14 -68.43 13.48
N GLY E 257 -83.07 -68.12 12.77
CA GLY E 257 -82.97 -68.45 11.35
C GLY E 257 -83.28 -67.24 10.48
N PHE E 258 -83.99 -67.47 9.37
CA PHE E 258 -84.36 -66.42 8.44
C PHE E 258 -85.66 -65.74 8.80
N GLU E 259 -86.34 -66.19 9.85
CA GLU E 259 -87.57 -65.57 10.31
C GLU E 259 -87.33 -64.55 11.42
N ALA E 260 -86.10 -64.06 11.54
CA ALA E 260 -85.77 -63.09 12.58
C ALA E 260 -86.42 -61.74 12.27
N PRO E 261 -87.19 -61.17 13.19
CA PRO E 261 -87.77 -59.84 12.94
C PRO E 261 -86.69 -58.80 12.72
N GLU E 262 -87.05 -57.75 11.96
CA GLU E 262 -86.10 -56.71 11.61
C GLU E 262 -85.53 -56.01 12.84
N GLU E 263 -86.24 -56.08 13.98
CA GLU E 263 -85.73 -55.46 15.20
C GLU E 263 -84.37 -56.04 15.59
N LEU E 264 -84.23 -57.36 15.51
CA LEU E 264 -82.97 -57.99 15.89
C LEU E 264 -81.82 -57.55 14.99
N LEU E 265 -82.06 -57.51 13.68
CA LEU E 265 -80.99 -57.12 12.76
C LEU E 265 -80.61 -55.66 12.93
N LEU E 266 -81.61 -54.78 13.07
CA LEU E 266 -81.31 -53.37 13.25
C LEU E 266 -80.58 -53.12 14.57
N ALA E 267 -81.00 -53.81 15.63
CA ALA E 267 -80.30 -53.71 16.92
C ALA E 267 -78.88 -54.22 16.81
N ASP E 268 -78.67 -55.31 16.06
CA ASP E 268 -77.32 -55.83 15.88
C ASP E 268 -76.44 -54.83 15.17
N LEU E 269 -76.94 -54.20 14.10
CA LEU E 269 -76.15 -53.20 13.40
C LEU E 269 -75.83 -52.02 14.30
N LEU E 270 -76.82 -51.54 15.06
CA LEU E 270 -76.59 -50.42 15.96
C LEU E 270 -75.56 -50.78 17.03
N LEU E 271 -75.64 -52.01 17.56
CA LEU E 271 -74.68 -52.45 18.57
C LEU E 271 -73.28 -52.56 18.00
N GLN E 272 -73.16 -53.00 16.74
CA GLN E 272 -71.83 -53.05 16.13
C GLN E 272 -71.25 -51.65 15.94
N ARG E 273 -72.08 -50.69 15.51
CA ARG E 273 -71.59 -49.32 15.39
C ARG E 273 -71.18 -48.76 16.75
N ALA E 274 -71.98 -49.03 17.78
CA ALA E 274 -71.63 -48.59 19.13
C ALA E 274 -70.34 -49.25 19.60
N LEU E 275 -70.15 -50.53 19.28
CA LEU E 275 -68.92 -51.23 19.64
C LEU E 275 -67.71 -50.59 19.00
N GLU E 276 -67.81 -50.27 17.71
CA GLU E 276 -66.69 -49.62 17.02
C GLU E 276 -66.42 -48.25 17.62
N LEU E 277 -67.47 -47.49 17.93
CA LEU E 277 -67.27 -46.16 18.51
C LEU E 277 -66.62 -46.24 19.88
N ILE E 278 -67.05 -47.21 20.70
CA ILE E 278 -66.47 -47.38 22.04
C ILE E 278 -65.02 -47.81 21.93
N SER E 279 -64.72 -48.72 20.99
CA SER E 279 -63.34 -49.15 20.79
C SER E 279 -62.45 -48.00 20.35
N SER E 280 -62.96 -47.12 19.49
CA SER E 280 -62.18 -45.97 19.04
C SER E 280 -61.99 -44.91 20.11
N ILE E 281 -62.72 -45.00 21.23
CA ILE E 281 -62.58 -44.04 22.31
C ILE E 281 -61.18 -44.10 22.91
N THR F 24 25.55 -49.60 -98.88
CA THR F 24 26.87 -49.10 -98.51
C THR F 24 27.03 -49.08 -96.99
N VAL F 25 25.90 -49.03 -96.29
CA VAL F 25 25.81 -49.10 -94.84
C VAL F 25 26.36 -47.84 -94.19
N GLU F 26 27.56 -47.42 -94.58
CA GLU F 26 28.13 -46.19 -94.03
C GLU F 26 27.29 -44.98 -94.40
N GLU F 27 27.00 -44.84 -95.70
CA GLU F 27 26.16 -43.74 -96.15
C GLU F 27 24.85 -43.70 -95.39
N GLU F 28 24.32 -44.87 -95.02
CA GLU F 28 23.16 -44.90 -94.14
C GLU F 28 23.46 -44.22 -92.81
N VAL F 29 24.67 -44.37 -92.29
CA VAL F 29 25.00 -43.77 -91.01
C VAL F 29 25.05 -42.25 -91.11
N ILE F 30 25.77 -41.72 -92.12
CA ILE F 30 25.83 -40.25 -92.21
C ILE F 30 24.46 -39.68 -92.55
N ARG F 31 23.72 -40.34 -93.43
CA ARG F 31 22.36 -39.89 -93.73
C ARG F 31 21.48 -39.94 -92.50
N PHE F 32 21.64 -40.95 -91.64
CA PHE F 32 20.88 -41.01 -90.40
C PHE F 32 21.18 -39.82 -89.52
N ALA F 33 22.46 -39.48 -89.37
CA ALA F 33 22.81 -38.33 -88.53
C ALA F 33 22.23 -37.04 -89.09
N GLU F 34 22.41 -36.81 -90.40
CA GLU F 34 21.91 -35.57 -91.00
C GLU F 34 20.39 -35.50 -90.96
N GLU F 35 19.70 -36.61 -91.25
CA GLU F 35 18.25 -36.62 -91.20
C GLU F 35 17.73 -36.43 -89.78
N LEU F 36 18.45 -36.97 -88.79
CA LEU F 36 18.05 -36.74 -87.40
C LEU F 36 18.15 -35.27 -87.04
N ALA F 37 19.25 -34.62 -87.45
CA ALA F 37 19.38 -33.18 -87.20
C ALA F 37 18.29 -32.40 -87.91
N GLU F 38 18.00 -32.75 -89.16
CA GLU F 38 16.96 -32.05 -89.91
C GLU F 38 15.58 -32.27 -89.30
N GLU F 39 15.35 -33.47 -88.74
CA GLU F 39 14.08 -33.74 -88.07
C GLU F 39 13.95 -32.91 -86.80
N ILE F 40 15.04 -32.76 -86.04
CA ILE F 40 14.99 -31.86 -84.88
C ILE F 40 14.65 -30.45 -85.33
N ARG F 41 15.28 -29.98 -86.41
CA ARG F 41 15.00 -28.64 -86.90
C ARG F 41 13.55 -28.49 -87.34
N ARG F 42 13.01 -29.51 -88.03
CA ARG F 42 11.62 -29.46 -88.48
C ARG F 42 10.66 -29.43 -87.30
N VAL F 43 10.89 -30.28 -86.30
CA VAL F 43 9.96 -30.37 -85.18
C VAL F 43 10.01 -29.12 -84.32
N THR F 44 11.19 -28.60 -84.05
CA THR F 44 11.33 -27.46 -83.14
C THR F 44 11.74 -26.16 -83.83
N GLY F 45 12.76 -26.20 -84.68
CA GLY F 45 13.24 -24.99 -85.32
C GLY F 45 14.59 -24.55 -84.78
N GLU F 46 14.65 -23.34 -84.23
CA GLU F 46 15.88 -22.81 -83.66
C GLU F 46 15.77 -22.57 -82.16
N ALA F 47 14.68 -23.04 -81.54
CA ALA F 47 14.57 -22.97 -80.08
C ALA F 47 15.45 -24.00 -79.38
N TYR F 48 15.72 -25.14 -80.01
CA TYR F 48 16.62 -26.17 -79.49
C TYR F 48 17.69 -26.37 -80.55
N ARG F 49 18.76 -25.58 -80.47
CA ARG F 49 19.84 -25.62 -81.45
C ARG F 49 21.08 -26.33 -80.93
N GLU F 50 21.31 -26.31 -79.62
CA GLU F 50 22.43 -27.04 -79.04
C GLU F 50 22.29 -28.54 -79.30
N TYR F 51 21.06 -29.04 -79.25
CA TYR F 51 20.83 -30.46 -79.54
C TYR F 51 21.19 -30.80 -80.97
N ALA F 52 20.82 -29.93 -81.92
CA ALA F 52 21.20 -30.16 -83.31
C ALA F 52 22.72 -30.08 -83.49
N GLU F 53 23.37 -29.15 -82.79
CA GLU F 53 24.82 -29.07 -82.81
C GLU F 53 25.44 -30.37 -82.32
N ALA F 54 24.93 -30.90 -81.21
CA ALA F 54 25.46 -32.15 -80.66
C ALA F 54 25.23 -33.31 -81.61
N VAL F 55 24.06 -33.37 -82.25
CA VAL F 55 23.78 -34.44 -83.19
C VAL F 55 24.72 -34.39 -84.39
N ARG F 56 24.97 -33.17 -84.91
CA ARG F 56 25.90 -33.04 -86.02
C ARG F 56 27.32 -33.40 -85.61
N HIS F 57 27.71 -33.03 -84.39
CA HIS F 57 29.03 -33.41 -83.88
C HIS F 57 29.16 -34.92 -83.77
N LEU F 58 28.13 -35.59 -83.27
CA LEU F 58 28.17 -37.05 -83.18
C LEU F 58 28.18 -37.70 -84.54
N GLY F 59 27.48 -37.12 -85.52
CA GLY F 59 27.57 -37.62 -86.88
C GLY F 59 28.97 -37.48 -87.45
N GLU F 60 29.63 -36.36 -87.17
CA GLU F 60 31.02 -36.19 -87.59
C GLU F 60 31.92 -37.22 -86.92
N ALA F 61 31.68 -37.49 -85.63
CA ALA F 61 32.47 -38.51 -84.94
C ALA F 61 32.26 -39.88 -85.58
N ALA F 62 31.00 -40.22 -85.91
CA ALA F 62 30.72 -41.50 -86.54
C ALA F 62 31.39 -41.59 -87.91
N LYS F 63 31.41 -40.49 -88.65
CA LYS F 63 32.13 -40.48 -89.92
C LYS F 63 33.63 -40.67 -89.71
N ALA F 64 34.17 -40.08 -88.65
CA ALA F 64 35.60 -40.24 -88.35
C ALA F 64 35.93 -41.68 -87.99
N VAL F 65 35.05 -42.35 -87.22
CA VAL F 65 35.30 -43.73 -86.82
C VAL F 65 35.42 -44.64 -88.04
N LEU F 66 34.54 -44.46 -89.02
CA LEU F 66 34.47 -45.35 -90.17
C LEU F 66 35.65 -45.20 -91.11
N GLU F 67 36.48 -44.18 -90.95
CA GLU F 67 37.64 -43.98 -91.80
C GLU F 67 38.93 -44.53 -91.22
N GLY F 68 38.97 -44.76 -89.91
CA GLY F 68 40.16 -45.32 -89.29
C GLY F 68 40.68 -44.49 -88.13
N ASN F 69 40.44 -43.18 -88.17
CA ASN F 69 40.91 -42.29 -87.11
C ASN F 69 40.13 -42.56 -85.83
N SER F 70 40.82 -42.91 -84.75
CA SER F 70 40.19 -43.28 -83.50
C SER F 70 40.39 -42.25 -82.39
N VAL F 71 41.27 -41.28 -82.57
CA VAL F 71 41.48 -40.25 -81.55
C VAL F 71 40.61 -39.02 -81.80
N GLU F 72 40.42 -38.66 -83.07
CA GLU F 72 39.50 -37.58 -83.40
C GLU F 72 38.10 -37.88 -82.91
N ALA F 73 37.68 -39.15 -83.00
CA ALA F 73 36.37 -39.53 -82.48
C ALA F 73 36.29 -39.30 -80.98
N ASP F 74 37.34 -39.65 -80.24
CA ASP F 74 37.36 -39.41 -78.80
C ASP F 74 37.29 -37.92 -78.48
N LEU F 75 38.03 -37.11 -79.23
CA LEU F 75 37.99 -35.67 -79.00
C LEU F 75 36.61 -35.10 -79.28
N ILE F 76 35.97 -35.56 -80.36
CA ILE F 76 34.63 -35.08 -80.69
C ILE F 76 33.63 -35.51 -79.63
N VAL F 77 33.75 -36.74 -79.13
CA VAL F 77 32.85 -37.20 -78.07
C VAL F 77 33.04 -36.37 -76.81
N THR F 78 34.28 -36.00 -76.50
CA THR F 78 34.52 -35.12 -75.35
C THR F 78 33.89 -33.75 -75.56
N ASP F 79 33.97 -33.22 -76.79
CA ASP F 79 33.32 -31.95 -77.10
C ASP F 79 31.81 -32.06 -76.91
N VAL F 80 31.21 -33.15 -77.38
CA VAL F 80 29.78 -33.37 -77.19
C VAL F 80 29.44 -33.47 -75.72
N LEU F 81 30.30 -34.13 -74.94
CA LEU F 81 30.08 -34.23 -73.50
C LEU F 81 30.10 -32.86 -72.85
N ARG F 82 31.02 -31.99 -73.27
CA ARG F 82 31.04 -30.63 -72.74
C ARG F 82 29.76 -29.88 -73.11
N LEU F 83 29.30 -30.03 -74.35
CA LEU F 83 28.08 -29.35 -74.78
C LEU F 83 26.89 -29.82 -73.96
N LEU F 84 26.77 -31.13 -73.74
CA LEU F 84 25.66 -31.67 -72.96
C LEU F 84 25.76 -31.27 -71.49
N GLU F 85 26.98 -31.17 -70.95
CA GLU F 85 27.14 -30.66 -69.59
C GLU F 85 26.69 -29.21 -69.49
N ARG F 86 26.98 -28.42 -70.51
CA ARG F 86 26.49 -27.04 -70.53
C ARG F 86 24.97 -27.00 -70.65
N ILE F 87 24.38 -27.94 -71.39
CA ILE F 87 22.92 -27.97 -71.55
C ILE F 87 22.25 -28.21 -70.21
N GLY F 88 22.68 -29.25 -69.49
CA GLY F 88 22.14 -29.52 -68.16
C GLY F 88 21.11 -30.63 -68.10
N GLU F 89 21.37 -31.75 -68.78
CA GLU F 89 20.49 -32.92 -68.76
C GLU F 89 21.27 -34.06 -68.12
N GLU F 90 21.00 -34.32 -66.83
CA GLU F 90 21.88 -35.17 -66.03
C GLU F 90 21.97 -36.58 -66.59
N GLY F 91 20.82 -37.19 -66.91
CA GLY F 91 20.83 -38.55 -67.43
C GLY F 91 21.53 -38.63 -68.78
N LEU F 92 21.33 -37.63 -69.63
CA LEU F 92 21.97 -37.64 -70.93
C LEU F 92 23.48 -37.45 -70.79
N VAL F 93 23.91 -36.65 -69.81
CA VAL F 93 25.34 -36.52 -69.52
C VAL F 93 25.92 -37.83 -69.02
N LYS F 94 25.17 -38.55 -68.18
CA LYS F 94 25.62 -39.87 -67.72
C LYS F 94 25.80 -40.81 -68.90
N LEU F 95 24.82 -40.84 -69.81
CA LEU F 95 24.94 -41.67 -71.00
C LEU F 95 26.14 -41.24 -71.84
N ALA F 96 26.39 -39.94 -71.92
CA ALA F 96 27.53 -39.45 -72.69
C ALA F 96 28.85 -39.92 -72.08
N ARG F 97 28.97 -39.88 -70.76
CA ARG F 97 30.19 -40.35 -70.10
C ARG F 97 30.39 -41.85 -70.34
N GLU F 98 29.32 -42.64 -70.21
CA GLU F 98 29.43 -44.07 -70.45
C GLU F 98 29.83 -44.34 -71.90
N VAL F 99 29.25 -43.60 -72.84
CA VAL F 99 29.60 -43.75 -74.24
C VAL F 99 31.07 -43.40 -74.46
N HIS F 100 31.54 -42.32 -73.83
CA HIS F 100 32.93 -41.93 -73.93
C HIS F 100 33.86 -43.06 -73.50
N GLU F 101 33.63 -43.60 -72.30
CA GLU F 101 34.51 -44.66 -71.79
C GLU F 101 34.46 -45.90 -72.66
N ARG F 102 33.25 -46.40 -72.93
CA ARG F 102 33.12 -47.63 -73.70
C ARG F 102 33.67 -47.48 -75.11
N SER F 103 33.38 -46.35 -75.76
CA SER F 103 33.87 -46.11 -77.11
C SER F 103 35.40 -46.05 -77.14
N PHE F 104 36.00 -45.37 -76.14
CA PHE F 104 37.46 -45.34 -76.08
C PHE F 104 38.03 -46.75 -75.96
N GLU F 105 37.50 -47.54 -75.03
CA GLU F 105 38.04 -48.89 -74.81
C GLU F 105 37.86 -49.76 -76.05
N LEU F 106 36.67 -49.72 -76.66
CA LEU F 106 36.41 -50.57 -77.81
C LEU F 106 37.21 -50.14 -79.02
N LEU F 107 37.38 -48.83 -79.23
CA LEU F 107 38.18 -48.36 -80.35
C LEU F 107 39.65 -48.69 -80.16
N ARG F 108 40.14 -48.65 -78.91
CA ARG F 108 41.50 -49.14 -78.66
C ARG F 108 41.61 -50.62 -78.96
N LYS F 109 40.63 -51.41 -78.53
CA LYS F 109 40.66 -52.85 -78.82
C LYS F 109 40.43 -53.13 -80.30
N GLY F 110 39.43 -52.48 -80.90
CA GLY F 110 39.18 -52.65 -82.32
C GLY F 110 37.74 -52.94 -82.68
N ASN F 111 36.83 -52.79 -81.72
CA ASN F 111 35.40 -53.05 -81.96
C ASN F 111 34.77 -51.78 -82.54
N ARG F 112 34.93 -51.62 -83.85
CA ARG F 112 34.40 -50.44 -84.53
C ARG F 112 32.87 -50.41 -84.48
N VAL F 113 32.23 -51.56 -84.69
CA VAL F 113 30.78 -51.60 -84.85
C VAL F 113 30.08 -51.19 -83.55
N GLU F 114 30.56 -51.67 -82.41
CA GLU F 114 29.92 -51.33 -81.14
C GLU F 114 30.12 -49.86 -80.80
N ALA F 115 31.29 -49.29 -81.11
CA ALA F 115 31.49 -47.86 -80.90
C ALA F 115 30.55 -47.05 -81.77
N LEU F 116 30.37 -47.45 -83.03
CA LEU F 116 29.41 -46.79 -83.90
C LEU F 116 28.00 -46.88 -83.32
N ALA F 117 27.64 -48.06 -82.81
CA ALA F 117 26.32 -48.24 -82.21
C ALA F 117 26.12 -47.32 -81.02
N LEU F 118 27.14 -47.19 -80.16
CA LEU F 118 27.03 -46.32 -79.00
C LEU F 118 26.90 -44.86 -79.42
N ILE F 119 27.66 -44.45 -80.44
CA ILE F 119 27.57 -43.07 -80.91
C ILE F 119 26.18 -42.78 -81.45
N LEU F 120 25.64 -43.70 -82.25
CA LEU F 120 24.30 -43.51 -82.80
C LEU F 120 23.24 -43.51 -81.71
N ALA F 121 23.41 -44.36 -80.69
CA ALA F 121 22.47 -44.37 -79.57
C ALA F 121 22.50 -43.04 -78.83
N LEU F 122 23.70 -42.48 -78.61
CA LEU F 122 23.78 -41.18 -77.96
C LEU F 122 23.09 -40.10 -78.79
N ALA F 123 23.32 -40.11 -80.11
CA ALA F 123 22.69 -39.13 -80.98
C ALA F 123 21.16 -39.24 -80.92
N LEU F 124 20.65 -40.47 -80.97
CA LEU F 124 19.21 -40.67 -80.89
C LEU F 124 18.68 -40.23 -79.53
N ALA F 125 19.43 -40.46 -78.46
CA ALA F 125 19.00 -40.04 -77.14
C ALA F 125 18.87 -38.52 -77.08
N VAL F 126 19.85 -37.80 -77.62
CA VAL F 126 19.79 -36.34 -77.64
C VAL F 126 18.58 -35.88 -78.44
N ALA F 127 18.37 -36.46 -79.62
CA ALA F 127 17.26 -36.05 -80.48
C ALA F 127 15.92 -36.30 -79.80
N LEU F 128 15.75 -37.48 -79.21
CA LEU F 128 14.48 -37.80 -78.55
C LEU F 128 14.26 -36.94 -77.32
N THR F 129 15.32 -36.62 -76.57
CA THR F 129 15.17 -35.73 -75.43
C THR F 129 14.69 -34.35 -75.87
N ALA F 130 15.30 -33.81 -76.93
CA ALA F 130 14.89 -32.50 -77.42
C ALA F 130 13.44 -32.53 -77.90
N VAL F 131 13.09 -33.56 -78.68
CA VAL F 131 11.73 -33.64 -79.23
C VAL F 131 10.70 -33.78 -78.13
N SER F 132 10.97 -34.64 -77.14
CA SER F 132 10.03 -34.83 -76.04
C SER F 132 9.90 -33.56 -75.21
N LYS F 133 11.01 -32.86 -74.98
CA LYS F 133 10.92 -31.60 -74.24
C LYS F 133 10.06 -30.58 -74.99
N ALA F 134 10.26 -30.46 -76.30
CA ALA F 134 9.44 -29.54 -77.08
C ALA F 134 7.96 -29.93 -77.03
N PHE F 135 7.68 -31.22 -77.22
CA PHE F 135 6.28 -31.67 -77.23
C PHE F 135 5.60 -31.43 -75.89
N PHE F 136 6.30 -31.70 -74.79
CA PHE F 136 5.71 -31.46 -73.48
C PHE F 136 5.54 -29.98 -73.21
N LEU F 137 6.50 -29.15 -73.63
CA LEU F 137 6.36 -27.71 -73.44
C LEU F 137 5.16 -27.15 -74.20
N LEU F 138 4.95 -27.63 -75.44
CA LEU F 138 3.79 -27.19 -76.21
C LEU F 138 2.49 -27.58 -75.52
N GLY F 139 2.41 -28.81 -75.03
CA GLY F 139 1.19 -29.31 -74.42
C GLY F 139 0.60 -30.46 -75.21
N GLN F 140 1.45 -31.16 -75.95
CA GLN F 140 0.99 -32.19 -76.86
C GLN F 140 0.46 -33.40 -76.09
N PRO F 141 -0.45 -34.17 -76.68
CA PRO F 141 -0.88 -35.42 -76.06
C PRO F 141 0.20 -36.49 -76.17
N ALA F 142 0.07 -37.50 -75.32
CA ALA F 142 1.08 -38.56 -75.25
C ALA F 142 1.10 -39.44 -76.50
N ARG F 143 0.04 -39.43 -77.29
CA ARG F 143 -0.03 -40.31 -78.46
C ARG F 143 1.06 -39.98 -79.47
N LEU F 144 1.19 -38.70 -79.83
CA LEU F 144 2.17 -38.31 -80.84
C LEU F 144 3.59 -38.58 -80.36
N ILE F 145 3.86 -38.29 -79.08
CA ILE F 145 5.18 -38.58 -78.52
C ILE F 145 5.47 -40.07 -78.62
N ALA F 146 4.48 -40.91 -78.28
CA ALA F 146 4.67 -42.34 -78.33
C ALA F 146 4.98 -42.82 -79.75
N GLU F 147 4.20 -42.37 -80.74
CA GLU F 147 4.45 -42.81 -82.11
C GLU F 147 5.80 -42.32 -82.61
N TYR F 148 6.18 -41.07 -82.31
CA TYR F 148 7.45 -40.57 -82.79
C TYR F 148 8.62 -41.32 -82.17
N VAL F 149 8.55 -41.57 -80.85
CA VAL F 149 9.61 -42.32 -80.18
C VAL F 149 9.71 -43.73 -80.75
N GLY F 150 8.57 -44.38 -80.95
CA GLY F 150 8.59 -45.71 -81.54
C GLY F 150 9.19 -45.74 -82.93
N GLU F 151 8.83 -44.76 -83.76
CA GLU F 151 9.35 -44.71 -85.12
C GLU F 151 10.86 -44.48 -85.11
N LYS F 152 11.34 -43.57 -84.28
CA LYS F 152 12.78 -43.32 -84.22
C LYS F 152 13.55 -44.53 -83.71
N LEU F 153 13.00 -45.20 -82.70
CA LEU F 153 13.64 -46.42 -82.20
C LEU F 153 13.66 -47.50 -83.26
N LEU F 154 12.58 -47.61 -84.05
CA LEU F 154 12.56 -48.57 -85.15
C LEU F 154 13.63 -48.26 -86.18
N GLU F 155 13.78 -46.98 -86.54
CA GLU F 155 14.83 -46.61 -87.50
C GLU F 155 16.21 -46.96 -86.97
N LEU F 156 16.47 -46.65 -85.69
CA LEU F 156 17.76 -46.98 -85.11
C LEU F 156 17.99 -48.48 -85.09
N ARG F 157 16.95 -49.26 -84.75
CA ARG F 157 17.08 -50.71 -84.72
C ARG F 157 17.40 -51.27 -86.10
N ARG F 158 16.72 -50.77 -87.14
CA ARG F 158 17.01 -51.22 -88.50
C ARG F 158 18.45 -50.87 -88.89
N LEU F 159 18.90 -49.66 -88.56
CA LEU F 159 20.27 -49.26 -88.89
C LEU F 159 21.28 -50.16 -88.19
N LEU F 160 21.07 -50.40 -86.89
CA LEU F 160 22.02 -51.23 -86.13
C LEU F 160 22.03 -52.67 -86.63
N GLU F 161 20.86 -53.21 -86.97
CA GLU F 161 20.81 -54.55 -87.53
C GLU F 161 21.52 -54.61 -88.88
N LYS F 162 21.39 -53.57 -89.70
CA LYS F 162 22.13 -53.52 -90.95
C LYS F 162 23.63 -53.46 -90.70
N LEU F 163 24.06 -52.74 -89.65
CA LEU F 163 25.48 -52.65 -89.35
C LEU F 163 26.06 -54.00 -88.97
N GLY F 164 25.42 -54.71 -88.05
CA GLY F 164 25.89 -56.01 -87.64
C GLY F 164 25.92 -56.24 -86.15
N VAL F 165 25.44 -55.27 -85.38
CA VAL F 165 25.44 -55.40 -83.92
C VAL F 165 24.51 -56.55 -83.53
N PRO F 166 24.91 -57.42 -82.60
CA PRO F 166 24.00 -58.50 -82.16
C PRO F 166 22.75 -57.94 -81.51
N LEU F 167 21.66 -58.70 -81.66
CA LEU F 167 20.34 -58.21 -81.23
C LEU F 167 20.27 -57.85 -79.75
N PRO F 168 20.75 -58.68 -78.81
CA PRO F 168 20.64 -58.28 -77.38
C PRO F 168 21.29 -56.95 -77.07
N GLU F 169 22.45 -56.66 -77.67
CA GLU F 169 23.10 -55.38 -77.42
C GLU F 169 22.29 -54.22 -78.00
N VAL F 170 21.69 -54.43 -79.18
CA VAL F 170 20.83 -53.41 -79.76
C VAL F 170 19.67 -53.10 -78.83
N ILE F 171 19.03 -54.16 -78.31
CA ILE F 171 17.90 -53.96 -77.42
C ILE F 171 18.34 -53.25 -76.14
N ALA F 172 19.49 -53.64 -75.58
CA ALA F 172 19.98 -52.99 -74.38
C ALA F 172 20.23 -51.50 -74.62
N LEU F 173 20.80 -51.16 -75.78
CA LEU F 173 20.97 -49.76 -76.13
C LEU F 173 19.63 -49.04 -76.24
N LEU F 174 18.62 -49.71 -76.81
CA LEU F 174 17.32 -49.08 -76.96
C LEU F 174 16.67 -48.78 -75.61
N LEU F 175 16.74 -49.74 -74.66
CA LEU F 175 16.23 -49.41 -73.32
C LEU F 175 17.11 -48.41 -72.60
N ARG F 176 18.40 -48.32 -72.92
CA ARG F 176 19.20 -47.23 -72.36
C ARG F 176 18.70 -45.87 -72.83
N VAL F 177 18.42 -45.76 -74.13
CA VAL F 177 17.87 -44.51 -74.66
C VAL F 177 16.52 -44.21 -74.02
N LEU F 178 15.68 -45.25 -73.88
CA LEU F 178 14.36 -45.05 -73.27
C LEU F 178 14.47 -44.64 -71.81
N GLU F 179 15.46 -45.18 -71.09
CA GLU F 179 15.71 -44.77 -69.71
C GLU F 179 16.12 -43.31 -69.65
N VAL F 180 16.97 -42.87 -70.59
CA VAL F 180 17.36 -41.46 -70.64
C VAL F 180 16.13 -40.58 -70.87
N VAL F 181 15.28 -40.99 -71.81
CA VAL F 181 14.09 -40.19 -72.13
C VAL F 181 13.14 -40.14 -70.93
N GLU F 182 12.94 -41.28 -70.26
CA GLU F 182 12.06 -41.32 -69.10
C GLU F 182 12.60 -40.46 -67.97
N GLU F 183 13.92 -40.49 -67.75
CA GLU F 183 14.52 -39.66 -66.71
C GLU F 183 14.31 -38.18 -67.03
N SER F 184 14.52 -37.80 -68.29
CA SER F 184 14.30 -36.41 -68.69
C SER F 184 12.85 -36.00 -68.46
N LEU F 185 11.91 -36.84 -68.86
CA LEU F 185 10.49 -36.51 -68.70
C LEU F 185 10.12 -36.39 -67.23
N LYS F 186 10.62 -37.30 -66.40
CA LYS F 186 10.34 -37.26 -64.96
C LYS F 186 10.90 -35.98 -64.34
N ALA F 187 12.13 -35.62 -64.71
CA ALA F 187 12.76 -34.42 -64.15
C ALA F 187 12.06 -33.15 -64.63
N MET F 188 11.54 -33.14 -65.86
CA MET F 188 10.91 -31.94 -66.38
C MET F 188 9.65 -31.58 -65.61
N GLY F 189 8.82 -32.56 -65.25
CA GLY F 189 7.62 -32.28 -64.48
C GLY F 189 6.38 -33.03 -64.92
N MET F 190 6.52 -33.90 -65.92
CA MET F 190 5.39 -34.65 -66.43
C MET F 190 4.83 -35.58 -65.36
N GLU F 191 3.51 -35.77 -65.39
CA GLU F 191 2.87 -36.68 -64.45
C GLU F 191 3.26 -38.12 -64.77
N PRO F 192 3.46 -38.95 -63.75
CA PRO F 192 3.96 -40.32 -63.99
C PRO F 192 3.13 -41.15 -64.95
N ARG F 193 1.81 -40.96 -64.97
CA ARG F 193 0.95 -41.82 -65.78
C ARG F 193 1.26 -41.68 -67.27
N GLU F 194 1.44 -40.44 -67.75
CA GLU F 194 1.76 -40.24 -69.16
C GLU F 194 3.13 -40.82 -69.52
N ILE F 195 4.11 -40.68 -68.63
CA ILE F 195 5.42 -41.26 -68.89
C ILE F 195 5.32 -42.77 -68.98
N ASN F 196 4.57 -43.39 -68.06
CA ASN F 196 4.37 -44.83 -68.13
C ASN F 196 3.67 -45.22 -69.41
N ARG F 197 2.69 -44.43 -69.84
CA ARG F 197 1.95 -44.75 -71.06
C ARG F 197 2.88 -44.71 -72.29
N VAL F 198 3.71 -43.68 -72.40
CA VAL F 198 4.56 -43.56 -73.58
C VAL F 198 5.66 -44.63 -73.56
N LEU F 199 6.22 -44.92 -72.39
CA LEU F 199 7.21 -45.99 -72.30
C LEU F 199 6.60 -47.33 -72.67
N ALA F 200 5.39 -47.60 -72.18
CA ALA F 200 4.72 -48.85 -72.50
C ALA F 200 4.44 -48.94 -74.00
N ALA F 201 4.03 -47.83 -74.61
CA ALA F 201 3.79 -47.84 -76.06
C ALA F 201 5.08 -48.13 -76.82
N ALA F 202 6.20 -47.53 -76.39
CA ALA F 202 7.47 -47.78 -77.06
C ALA F 202 7.89 -49.25 -76.93
N TYR F 203 7.76 -49.81 -75.73
CA TYR F 203 8.07 -51.23 -75.56
C TYR F 203 7.16 -52.10 -76.40
N LEU F 204 5.88 -51.73 -76.49
CA LEU F 204 4.92 -52.52 -77.27
C LEU F 204 5.26 -52.50 -78.75
N THR F 205 5.61 -51.34 -79.31
CA THR F 205 5.94 -51.31 -80.72
C THR F 205 7.26 -52.03 -81.00
N LEU F 206 8.23 -51.92 -80.09
CA LEU F 206 9.48 -52.68 -80.26
C LEU F 206 9.21 -54.18 -80.25
N ALA F 207 8.40 -54.65 -79.30
CA ALA F 207 8.08 -56.07 -79.22
C ALA F 207 7.28 -56.53 -80.44
N ALA F 208 6.37 -55.68 -80.92
CA ALA F 208 5.58 -56.03 -82.10
C ALA F 208 6.48 -56.19 -83.32
N GLU F 209 7.43 -55.27 -83.51
CA GLU F 209 8.38 -55.42 -84.61
C GLU F 209 9.21 -56.69 -84.46
N LEU F 210 9.67 -56.96 -83.24
CA LEU F 210 10.49 -58.15 -83.02
C LEU F 210 9.71 -59.42 -83.35
N LEU F 211 8.45 -59.49 -82.93
CA LEU F 211 7.63 -60.66 -83.23
C LEU F 211 7.33 -60.76 -84.72
N GLU F 212 7.01 -59.64 -85.37
CA GLU F 212 6.69 -59.66 -86.79
C GLU F 212 7.89 -60.10 -87.63
N ARG F 213 9.10 -59.77 -87.17
CA ARG F 213 10.29 -60.20 -87.91
C ARG F 213 10.36 -61.73 -88.02
N LEU F 214 9.85 -62.44 -87.02
CA LEU F 214 9.91 -63.89 -86.99
C LEU F 214 8.74 -64.55 -87.73
N GLY F 215 7.78 -63.78 -88.21
CA GLY F 215 6.65 -64.30 -88.95
C GLY F 215 5.36 -64.39 -88.17
N LEU F 216 5.40 -64.23 -86.85
CA LEU F 216 4.19 -64.28 -86.02
C LEU F 216 3.42 -62.96 -86.19
N THR F 217 2.80 -62.82 -87.36
CA THR F 217 2.11 -61.59 -87.70
C THR F 217 0.84 -61.37 -86.89
N ALA F 218 0.10 -62.43 -86.57
CA ALA F 218 -1.12 -62.26 -85.78
C ALA F 218 -0.82 -61.80 -84.37
N LEU F 219 0.23 -62.36 -83.75
CA LEU F 219 0.62 -61.91 -82.41
C LEU F 219 1.06 -60.45 -82.45
N ALA F 220 1.82 -60.06 -83.47
CA ALA F 220 2.22 -58.66 -83.61
C ALA F 220 1.01 -57.75 -83.77
N ALA F 221 0.04 -58.18 -84.57
CA ALA F 221 -1.18 -57.39 -84.74
C ALA F 221 -1.93 -57.23 -83.42
N ARG F 222 -1.99 -58.31 -82.62
CA ARG F 222 -2.63 -58.21 -81.31
C ARG F 222 -1.88 -57.25 -80.41
N ILE F 223 -0.54 -57.26 -80.46
CA ILE F 223 0.23 -56.32 -79.65
C ILE F 223 -0.03 -54.89 -80.08
N ARG F 224 -0.11 -54.65 -81.39
CA ARG F 224 -0.41 -53.30 -81.88
C ARG F 224 -1.81 -52.87 -81.45
N ARG F 225 -2.78 -53.78 -81.49
CA ARG F 225 -4.12 -53.46 -81.01
C ARG F 225 -4.09 -53.09 -79.53
N ALA F 226 -3.31 -53.84 -78.73
CA ALA F 226 -3.19 -53.51 -77.32
C ALA F 226 -2.58 -52.14 -77.12
N ARG F 227 -1.55 -51.80 -77.90
CA ARG F 227 -0.94 -50.48 -77.81
C ARG F 227 -1.93 -49.38 -78.17
N GLU F 228 -2.70 -49.58 -79.23
CA GLU F 228 -3.68 -48.58 -79.65
C GLU F 228 -4.77 -48.39 -78.60
N LEU F 229 -5.23 -49.48 -77.99
CA LEU F 229 -6.21 -49.35 -76.91
C LEU F 229 -5.61 -48.67 -75.69
N LEU F 230 -4.32 -48.90 -75.43
CA LEU F 230 -3.66 -48.23 -74.31
C LEU F 230 -3.56 -46.73 -74.55
N LEU F 231 -3.22 -46.32 -75.79
CA LEU F 231 -3.06 -44.90 -76.09
C LEU F 231 -4.38 -44.14 -76.08
N ALA F 232 -5.51 -44.83 -76.19
CA ALA F 232 -6.82 -44.19 -76.25
C ALA F 232 -7.48 -44.06 -74.87
N GLY F 233 -6.76 -44.42 -73.81
CA GLY F 233 -7.31 -44.37 -72.47
C GLY F 233 -7.94 -45.65 -71.97
N ARG F 234 -8.13 -46.64 -72.84
CA ARG F 234 -8.70 -47.93 -72.45
C ARG F 234 -7.58 -48.78 -71.87
N VAL F 235 -7.37 -48.62 -70.56
CA VAL F 235 -6.20 -49.23 -69.92
C VAL F 235 -6.43 -50.72 -69.65
N GLU F 236 -7.56 -51.05 -69.03
CA GLU F 236 -7.79 -52.44 -68.59
C GLU F 236 -7.93 -53.39 -69.77
N GLU F 237 -8.60 -52.95 -70.84
CA GLU F 237 -8.75 -53.79 -72.02
C GLU F 237 -7.40 -54.09 -72.66
N ALA F 238 -6.54 -53.06 -72.77
CA ALA F 238 -5.19 -53.28 -73.28
C ALA F 238 -4.40 -54.19 -72.35
N LEU F 239 -4.58 -54.04 -71.04
CA LEU F 239 -3.92 -54.91 -70.08
C LEU F 239 -4.28 -56.36 -70.31
N HIS F 240 -5.58 -56.66 -70.44
CA HIS F 240 -5.99 -58.04 -70.64
C HIS F 240 -5.55 -58.58 -71.99
N LEU F 241 -5.60 -57.75 -73.04
CA LEU F 241 -5.11 -58.19 -74.35
C LEU F 241 -3.63 -58.54 -74.27
N LEU F 242 -2.85 -57.70 -73.59
CA LEU F 242 -1.42 -57.97 -73.42
C LEU F 242 -1.19 -59.24 -72.63
N GLN F 243 -1.98 -59.47 -71.58
CA GLN F 243 -1.82 -60.69 -70.79
C GLN F 243 -2.12 -61.93 -71.62
N ASP F 244 -3.19 -61.90 -72.42
CA ASP F 244 -3.51 -63.04 -73.28
C ASP F 244 -2.41 -63.28 -74.30
N ALA F 245 -1.89 -62.19 -74.90
CA ALA F 245 -0.77 -62.34 -75.83
C ALA F 245 0.46 -62.92 -75.14
N VAL F 246 0.69 -62.53 -73.89
CA VAL F 246 1.83 -63.06 -73.13
C VAL F 246 1.68 -64.55 -72.89
N GLU F 247 0.47 -64.99 -72.52
CA GLU F 247 0.26 -66.42 -72.32
C GLU F 247 0.45 -67.19 -73.62
N LEU F 248 -0.05 -66.65 -74.74
CA LEU F 248 0.15 -67.34 -76.01
C LEU F 248 1.63 -67.41 -76.39
N LEU F 249 2.36 -66.32 -76.16
CA LEU F 249 3.80 -66.31 -76.43
C LEU F 249 4.53 -67.31 -75.55
N HIS F 250 4.14 -67.41 -74.28
CA HIS F 250 4.74 -68.41 -73.39
C HIS F 250 4.45 -69.82 -73.87
N GLU F 251 3.23 -70.07 -74.33
CA GLU F 251 2.90 -71.38 -74.89
C GLU F 251 3.79 -71.71 -76.07
N ARG F 252 3.96 -70.76 -76.99
CA ARG F 252 4.82 -71.00 -78.15
C ARG F 252 6.26 -71.22 -77.74
N ILE F 253 6.75 -70.42 -76.78
CA ILE F 253 8.15 -70.52 -76.36
C ILE F 253 8.42 -71.87 -75.72
N ARG F 254 7.53 -72.32 -74.83
CA ARG F 254 7.71 -73.59 -74.17
C ARG F 254 7.41 -74.78 -75.08
N GLU F 255 6.68 -74.57 -76.18
CA GLU F 255 6.55 -75.62 -77.17
C GLU F 255 7.81 -75.75 -78.02
N LEU F 256 8.45 -74.61 -78.33
CA LEU F 256 9.67 -74.65 -79.14
C LEU F 256 10.80 -75.35 -78.42
N GLY F 257 10.98 -75.07 -77.14
CA GLY F 257 12.04 -75.69 -76.35
C GLY F 257 13.24 -74.76 -76.19
N PHE F 258 14.44 -75.31 -76.29
CA PHE F 258 15.67 -74.54 -76.17
C PHE F 258 16.16 -73.99 -77.49
N GLU F 259 15.49 -74.28 -78.60
CA GLU F 259 15.84 -73.75 -79.91
C GLU F 259 15.05 -72.50 -80.25
N ALA F 260 14.49 -71.83 -79.26
CA ALA F 260 13.71 -70.62 -79.51
C ALA F 260 14.63 -69.48 -79.94
N PRO F 261 14.37 -68.84 -81.07
CA PRO F 261 15.18 -67.70 -81.48
C PRO F 261 15.13 -66.58 -80.45
N GLU F 262 16.21 -65.78 -80.42
CA GLU F 262 16.33 -64.71 -79.44
C GLU F 262 15.20 -63.69 -79.57
N GLU F 263 14.55 -63.61 -80.72
CA GLU F 263 13.44 -62.69 -80.91
C GLU F 263 12.33 -62.96 -79.91
N LEU F 264 11.99 -64.24 -79.71
CA LEU F 264 10.91 -64.59 -78.80
C LEU F 264 11.24 -64.19 -77.37
N LEU F 265 12.47 -64.47 -76.92
CA LEU F 265 12.83 -64.13 -75.55
C LEU F 265 12.89 -62.62 -75.34
N LEU F 266 13.47 -61.88 -76.28
CA LEU F 266 13.53 -60.44 -76.15
C LEU F 266 12.14 -59.82 -76.16
N ALA F 267 11.26 -60.31 -77.04
CA ALA F 267 9.89 -59.84 -77.07
C ALA F 267 9.18 -60.16 -75.77
N ASP F 268 9.43 -61.34 -75.20
CA ASP F 268 8.82 -61.70 -73.93
C ASP F 268 9.25 -60.74 -72.82
N LEU F 269 10.55 -60.43 -72.75
CA LEU F 269 11.02 -59.50 -71.74
C LEU F 269 10.42 -58.12 -71.92
N LEU F 270 10.36 -57.65 -73.17
CA LEU F 270 9.77 -56.33 -73.44
C LEU F 270 8.30 -56.31 -73.07
N LEU F 271 7.58 -57.39 -73.38
CA LEU F 271 6.16 -57.45 -73.03
C LEU F 271 5.95 -57.49 -71.52
N GLN F 272 6.83 -58.17 -70.79
CA GLN F 272 6.71 -58.15 -69.34
C GLN F 272 6.96 -56.76 -68.76
N ARG F 273 7.96 -56.04 -69.29
CA ARG F 273 8.18 -54.67 -68.83
C ARG F 273 6.99 -53.79 -69.15
N ALA F 274 6.42 -53.94 -70.35
CA ALA F 274 5.23 -53.18 -70.72
C ALA F 274 4.06 -53.53 -69.82
N LEU F 275 3.91 -54.81 -69.46
CA LEU F 275 2.85 -55.23 -68.58
C LEU F 275 2.98 -54.58 -67.21
N GLU F 276 4.20 -54.56 -66.66
CA GLU F 276 4.42 -53.92 -65.38
C GLU F 276 4.13 -52.42 -65.45
N LEU F 277 4.57 -51.78 -66.53
CA LEU F 277 4.32 -50.35 -66.68
C LEU F 277 2.84 -50.04 -66.78
N ILE F 278 2.10 -50.84 -67.55
CA ILE F 278 0.65 -50.64 -67.68
C ILE F 278 -0.05 -50.88 -66.37
N SER F 279 0.38 -51.91 -65.62
CA SER F 279 -0.22 -52.18 -64.31
C SER F 279 0.02 -51.02 -63.35
N SER F 280 1.23 -50.44 -63.39
CA SER F 280 1.53 -49.32 -62.51
C SER F 280 0.80 -48.03 -62.90
N ILE F 281 0.17 -47.99 -64.07
CA ILE F 281 -0.55 -46.80 -64.52
C ILE F 281 -1.73 -46.53 -63.58
N THR G 24 46.53 -86.58 -56.74
CA THR G 24 47.01 -86.89 -55.40
C THR G 24 46.02 -86.40 -54.35
N VAL G 25 45.20 -85.42 -54.74
CA VAL G 25 44.11 -84.88 -53.93
C VAL G 25 44.64 -84.08 -52.74
N GLU G 26 45.55 -84.67 -51.96
CA GLU G 26 46.12 -83.97 -50.83
C GLU G 26 46.90 -82.73 -51.29
N GLU G 27 47.82 -82.94 -52.23
CA GLU G 27 48.60 -81.82 -52.77
C GLU G 27 47.68 -80.71 -53.26
N GLU G 28 46.51 -81.08 -53.80
CA GLU G 28 45.51 -80.08 -54.13
C GLU G 28 45.10 -79.29 -52.89
N VAL G 29 45.00 -79.95 -51.74
CA VAL G 29 44.58 -79.26 -50.53
C VAL G 29 45.63 -78.25 -50.07
N ILE G 30 46.90 -78.69 -49.98
CA ILE G 30 47.92 -77.73 -49.53
C ILE G 30 48.09 -76.61 -50.56
N ARG G 31 48.08 -76.95 -51.85
CA ARG G 31 48.15 -75.90 -52.87
C ARG G 31 46.97 -74.95 -52.79
N PHE G 32 45.78 -75.47 -52.46
CA PHE G 32 44.62 -74.61 -52.29
C PHE G 32 44.83 -73.61 -51.16
N ALA G 33 45.35 -74.10 -50.03
CA ALA G 33 45.59 -73.19 -48.91
C ALA G 33 46.63 -72.12 -49.27
N GLU G 34 47.75 -72.54 -49.86
CA GLU G 34 48.80 -71.60 -50.21
C GLU G 34 48.34 -70.60 -51.26
N GLU G 35 47.63 -71.07 -52.28
CA GLU G 35 47.12 -70.18 -53.32
C GLU G 35 46.08 -69.22 -52.77
N LEU G 36 45.25 -69.67 -51.83
CA LEU G 36 44.29 -68.77 -51.20
C LEU G 36 45.00 -67.65 -50.45
N ALA G 37 46.03 -68.01 -49.67
CA ALA G 37 46.79 -66.98 -48.95
C ALA G 37 47.47 -66.02 -49.93
N GLU G 38 48.04 -66.56 -51.00
CA GLU G 38 48.69 -65.71 -52.00
C GLU G 38 47.68 -64.79 -52.69
N GLU G 39 46.46 -65.27 -52.88
CA GLU G 39 45.42 -64.43 -53.49
C GLU G 39 45.01 -63.30 -52.55
N ILE G 40 44.91 -63.58 -51.25
CA ILE G 40 44.66 -62.48 -50.31
C ILE G 40 45.79 -61.47 -50.38
N ARG G 41 47.04 -61.94 -50.45
CA ARG G 41 48.18 -61.02 -50.54
C ARG G 41 48.11 -60.20 -51.83
N ARG G 42 47.71 -60.83 -52.94
CA ARG G 42 47.63 -60.11 -54.21
C ARG G 42 46.55 -59.04 -54.17
N VAL G 43 45.34 -59.40 -53.72
CA VAL G 43 44.23 -58.46 -53.76
C VAL G 43 44.43 -57.32 -52.75
N THR G 44 44.94 -57.63 -51.55
CA THR G 44 45.05 -56.63 -50.50
C THR G 44 46.49 -56.21 -50.22
N GLY G 45 47.40 -57.16 -50.04
CA GLY G 45 48.76 -56.83 -49.68
C GLY G 45 49.08 -57.12 -48.23
N GLU G 46 49.44 -56.09 -47.46
CA GLU G 46 49.75 -56.26 -46.05
C GLU G 46 48.80 -55.44 -45.17
N ALA G 47 47.71 -54.91 -45.74
CA ALA G 47 46.69 -54.26 -44.94
C ALA G 47 45.85 -55.26 -44.17
N TYR G 48 45.64 -56.45 -44.70
CA TYR G 48 44.91 -57.54 -44.04
C TYR G 48 45.86 -58.72 -43.97
N ARG G 49 46.67 -58.77 -42.90
CA ARG G 49 47.65 -59.83 -42.73
C ARG G 49 47.21 -60.89 -41.72
N GLU G 50 46.35 -60.53 -40.77
CA GLU G 50 45.81 -61.52 -39.84
C GLU G 50 45.01 -62.58 -40.58
N TYR G 51 44.28 -62.17 -41.62
CA TYR G 51 43.53 -63.13 -42.42
C TYR G 51 44.46 -64.11 -43.12
N ALA G 52 45.58 -63.61 -43.67
CA ALA G 52 46.55 -64.51 -44.30
C ALA G 52 47.17 -65.45 -43.27
N GLU G 53 47.45 -64.94 -42.07
CA GLU G 53 47.97 -65.78 -41.00
C GLU G 53 46.99 -66.90 -40.66
N ALA G 54 45.71 -66.55 -40.53
CA ALA G 54 44.69 -67.54 -40.21
C ALA G 54 44.56 -68.57 -41.32
N VAL G 55 44.62 -68.13 -42.58
CA VAL G 55 44.51 -69.07 -43.70
C VAL G 55 45.70 -70.02 -43.71
N ARG G 56 46.90 -69.52 -43.46
CA ARG G 56 48.06 -70.40 -43.41
C ARG G 56 47.99 -71.37 -42.24
N HIS G 57 47.48 -70.91 -41.09
CA HIS G 57 47.29 -71.81 -39.96
C HIS G 57 46.29 -72.90 -40.30
N LEU G 58 45.18 -72.56 -40.95
CA LEU G 58 44.20 -73.57 -41.33
C LEU G 58 44.77 -74.52 -42.38
N GLY G 59 45.63 -74.04 -43.27
CA GLY G 59 46.31 -74.93 -44.19
C GLY G 59 47.21 -75.90 -43.47
N GLU G 60 47.93 -75.42 -42.45
CA GLU G 60 48.76 -76.31 -41.64
C GLU G 60 47.90 -77.35 -40.92
N ALA G 61 46.74 -76.94 -40.41
CA ALA G 61 45.83 -77.88 -39.76
C ALA G 61 45.34 -78.93 -40.74
N ALA G 62 44.97 -78.51 -41.95
CA ALA G 62 44.52 -79.46 -42.97
C ALA G 62 45.64 -80.42 -43.35
N LYS G 63 46.88 -79.94 -43.38
CA LYS G 63 48.01 -80.84 -43.60
C LYS G 63 48.15 -81.83 -42.46
N ALA G 64 47.97 -81.36 -41.22
CA ALA G 64 48.14 -82.23 -40.05
C ALA G 64 47.08 -83.32 -40.01
N VAL G 65 45.85 -82.99 -40.42
CA VAL G 65 44.79 -83.98 -40.42
C VAL G 65 45.15 -85.15 -41.32
N LEU G 66 45.75 -84.86 -42.49
CA LEU G 66 45.98 -85.87 -43.51
C LEU G 66 47.10 -86.85 -43.16
N GLU G 67 47.89 -86.57 -42.14
CA GLU G 67 48.94 -87.51 -41.73
C GLU G 67 48.53 -88.42 -40.58
N GLY G 68 47.46 -88.09 -39.86
CA GLY G 68 47.00 -88.94 -38.78
C GLY G 68 46.89 -88.22 -37.44
N ASN G 69 47.73 -87.21 -37.23
CA ASN G 69 47.70 -86.44 -35.99
C ASN G 69 46.40 -85.66 -35.92
N SER G 70 45.55 -86.02 -34.94
CA SER G 70 44.24 -85.42 -34.81
C SER G 70 44.12 -84.44 -33.65
N VAL G 71 45.15 -84.31 -32.80
CA VAL G 71 45.10 -83.36 -31.70
C VAL G 71 45.78 -82.05 -32.08
N GLU G 72 46.87 -82.12 -32.85
CA GLU G 72 47.49 -80.90 -33.37
C GLU G 72 46.51 -80.10 -34.21
N ALA G 73 45.63 -80.79 -34.95
CA ALA G 73 44.60 -80.09 -35.70
C ALA G 73 43.67 -79.31 -34.78
N ASP G 74 43.26 -79.92 -33.67
CA ASP G 74 42.40 -79.23 -32.72
C ASP G 74 43.11 -78.02 -32.12
N LEU G 75 44.39 -78.18 -31.76
CA LEU G 75 45.14 -77.07 -31.20
C LEU G 75 45.28 -75.92 -32.20
N ILE G 76 45.53 -76.25 -33.47
CA ILE G 76 45.66 -75.21 -34.49
C ILE G 76 44.33 -74.52 -34.74
N VAL G 77 43.23 -75.29 -34.70
CA VAL G 77 41.91 -74.68 -34.88
C VAL G 77 41.60 -73.74 -33.73
N THR G 78 41.98 -74.10 -32.51
CA THR G 78 41.79 -73.19 -31.39
C THR G 78 42.65 -71.93 -31.54
N ASP G 79 43.87 -72.07 -32.05
CA ASP G 79 44.71 -70.91 -32.32
C ASP G 79 44.04 -69.98 -33.33
N VAL G 80 43.50 -70.57 -34.42
CA VAL G 80 42.78 -69.78 -35.42
C VAL G 80 41.57 -69.11 -34.79
N LEU G 81 40.87 -69.81 -33.91
CA LEU G 81 39.72 -69.23 -33.23
C LEU G 81 40.12 -68.02 -32.41
N ARG G 82 41.25 -68.12 -31.70
CA ARG G 82 41.74 -66.97 -30.92
C ARG G 82 42.11 -65.81 -31.84
N LEU G 83 42.75 -66.11 -32.97
CA LEU G 83 43.10 -65.05 -33.91
C LEU G 83 41.85 -64.34 -34.44
N LEU G 84 40.83 -65.11 -34.80
CA LEU G 84 39.60 -64.52 -35.31
C LEU G 84 38.84 -63.77 -34.22
N GLU G 85 38.95 -64.23 -32.96
CA GLU G 85 38.36 -63.48 -31.86
C GLU G 85 39.05 -62.15 -31.67
N ARG G 86 40.38 -62.12 -31.85
CA ARG G 86 41.09 -60.85 -31.80
C ARG G 86 40.72 -59.95 -32.98
N ILE G 87 40.47 -60.54 -34.15
CA ILE G 87 40.11 -59.74 -35.32
C ILE G 87 38.81 -59.00 -35.09
N GLY G 88 37.77 -59.72 -34.65
CA GLY G 88 36.51 -59.09 -34.33
C GLY G 88 35.43 -59.22 -35.40
N GLU G 89 35.28 -60.41 -35.97
CA GLU G 89 34.23 -60.69 -36.96
C GLU G 89 33.32 -61.75 -36.36
N GLU G 90 32.15 -61.32 -35.88
CA GLU G 90 31.30 -62.17 -35.04
C GLU G 90 30.86 -63.43 -35.76
N GLY G 91 30.36 -63.29 -36.99
CA GLY G 91 29.89 -64.45 -37.73
C GLY G 91 31.02 -65.43 -38.04
N LEU G 92 32.19 -64.90 -38.37
CA LEU G 92 33.33 -65.77 -38.67
C LEU G 92 33.78 -66.51 -37.42
N VAL G 93 33.75 -65.84 -36.25
CA VAL G 93 34.08 -66.51 -35.00
C VAL G 93 33.06 -67.60 -34.70
N LYS G 94 31.78 -67.33 -34.96
CA LYS G 94 30.75 -68.36 -34.77
C LYS G 94 31.03 -69.58 -35.64
N LEU G 95 31.33 -69.35 -36.92
CA LEU G 95 31.66 -70.45 -37.81
C LEU G 95 32.90 -71.19 -37.32
N ALA G 96 33.87 -70.46 -36.78
CA ALA G 96 35.08 -71.09 -36.24
C ALA G 96 34.74 -72.00 -35.06
N ARG G 97 33.85 -71.56 -34.17
CA ARG G 97 33.46 -72.40 -33.05
C ARG G 97 32.76 -73.67 -33.52
N GLU G 98 31.82 -73.54 -34.46
CA GLU G 98 31.15 -74.72 -34.98
C GLU G 98 32.14 -75.67 -35.65
N VAL G 99 33.08 -75.11 -36.42
CA VAL G 99 34.09 -75.94 -37.06
C VAL G 99 34.93 -76.67 -36.01
N HIS G 100 35.32 -75.96 -34.95
CA HIS G 100 36.08 -76.59 -33.86
C HIS G 100 35.34 -77.78 -33.29
N GLU G 101 34.09 -77.58 -32.90
CA GLU G 101 33.33 -78.66 -32.26
C GLU G 101 33.12 -79.84 -33.21
N ARG G 102 32.62 -79.56 -34.41
CA ARG G 102 32.33 -80.63 -35.35
C ARG G 102 33.59 -81.37 -35.77
N SER G 103 34.68 -80.63 -36.03
CA SER G 103 35.93 -81.26 -36.41
C SER G 103 36.47 -82.15 -35.30
N PHE G 104 36.40 -81.67 -34.05
CA PHE G 104 36.84 -82.51 -32.94
C PHE G 104 36.04 -83.80 -32.87
N GLU G 105 34.71 -83.70 -32.93
CA GLU G 105 33.87 -84.90 -32.82
C GLU G 105 34.12 -85.86 -33.98
N LEU G 106 34.20 -85.34 -35.20
CA LEU G 106 34.38 -86.21 -36.36
C LEU G 106 35.77 -86.84 -36.37
N LEU G 107 36.80 -86.09 -35.98
CA LEU G 107 38.14 -86.65 -35.93
C LEU G 107 38.25 -87.72 -34.84
N ARG G 108 37.57 -87.53 -33.71
CA ARG G 108 37.51 -88.59 -32.72
C ARG G 108 36.81 -89.82 -33.27
N LYS G 109 35.69 -89.62 -33.98
CA LYS G 109 34.99 -90.76 -34.58
C LYS G 109 35.79 -91.37 -35.72
N GLY G 110 36.34 -90.53 -36.60
CA GLY G 110 37.14 -91.03 -37.70
C GLY G 110 36.78 -90.47 -39.06
N ASN G 111 35.93 -89.45 -39.10
CA ASN G 111 35.50 -88.83 -40.36
C ASN G 111 36.53 -87.77 -40.75
N ARG G 112 37.60 -88.24 -41.42
CA ARG G 112 38.66 -87.34 -41.85
C ARG G 112 38.17 -86.37 -42.91
N VAL G 113 37.38 -86.85 -43.87
CA VAL G 113 37.02 -86.06 -45.04
C VAL G 113 36.14 -84.88 -44.65
N GLU G 114 35.18 -85.10 -43.74
CA GLU G 114 34.29 -84.01 -43.34
C GLU G 114 35.03 -82.96 -42.54
N ALA G 115 35.98 -83.37 -41.69
CA ALA G 115 36.81 -82.41 -40.97
C ALA G 115 37.65 -81.59 -41.94
N LEU G 116 38.22 -82.23 -42.95
CA LEU G 116 38.96 -81.50 -43.98
C LEU G 116 38.06 -80.50 -44.69
N ALA G 117 36.83 -80.92 -45.02
CA ALA G 117 35.90 -80.03 -45.69
C ALA G 117 35.57 -78.82 -44.82
N LEU G 118 35.35 -79.04 -43.53
CA LEU G 118 35.05 -77.93 -42.62
C LEU G 118 36.23 -76.97 -42.52
N ILE G 119 37.45 -77.51 -42.44
CA ILE G 119 38.63 -76.66 -42.36
C ILE G 119 38.77 -75.81 -43.62
N LEU G 120 38.58 -76.42 -44.79
CA LEU G 120 38.68 -75.68 -46.04
C LEU G 120 37.58 -74.64 -46.15
N ALA G 121 36.36 -74.96 -45.69
CA ALA G 121 35.28 -73.99 -45.71
C ALA G 121 35.60 -72.80 -44.81
N LEU G 122 36.17 -73.06 -43.64
CA LEU G 122 36.56 -71.95 -42.76
C LEU G 122 37.62 -71.08 -43.40
N ALA G 123 38.62 -71.70 -44.04
CA ALA G 123 39.67 -70.93 -44.70
C ALA G 123 39.09 -70.06 -45.82
N LEU G 124 38.19 -70.63 -46.62
CA LEU G 124 37.55 -69.87 -47.68
C LEU G 124 36.71 -68.73 -47.12
N ALA G 125 36.02 -68.97 -46.00
CA ALA G 125 35.24 -67.91 -45.38
C ALA G 125 36.12 -66.75 -44.94
N VAL G 126 37.27 -67.07 -44.32
CA VAL G 126 38.19 -66.01 -43.89
C VAL G 126 38.68 -65.21 -45.11
N ALA G 127 39.11 -65.92 -46.15
CA ALA G 127 39.65 -65.24 -47.33
C ALA G 127 38.60 -64.37 -47.99
N LEU G 128 37.38 -64.89 -48.15
CA LEU G 128 36.32 -64.12 -48.81
C LEU G 128 35.90 -62.94 -47.97
N THR G 129 35.87 -63.08 -46.64
CA THR G 129 35.56 -61.96 -45.78
C THR G 129 36.58 -60.84 -45.94
N ALA G 130 37.87 -61.21 -45.94
CA ALA G 130 38.92 -60.21 -46.10
C ALA G 130 38.80 -59.52 -47.46
N VAL G 131 38.62 -60.30 -48.53
CA VAL G 131 38.56 -59.75 -49.87
C VAL G 131 37.34 -58.82 -50.02
N SER G 132 36.19 -59.25 -49.51
CA SER G 132 34.99 -58.43 -49.62
C SER G 132 35.13 -57.14 -48.83
N LYS G 133 35.72 -57.21 -47.64
CA LYS G 133 35.92 -55.99 -46.86
C LYS G 133 36.86 -55.03 -47.58
N ALA G 134 37.93 -55.55 -48.17
CA ALA G 134 38.85 -54.70 -48.93
C ALA G 134 38.14 -54.06 -50.13
N PHE G 135 37.35 -54.86 -50.85
CA PHE G 135 36.65 -54.34 -52.03
C PHE G 135 35.66 -53.26 -51.66
N PHE G 136 34.90 -53.46 -50.57
CA PHE G 136 33.96 -52.42 -50.15
C PHE G 136 34.68 -51.18 -49.67
N LEU G 137 35.80 -51.35 -48.96
CA LEU G 137 36.55 -50.18 -48.48
C LEU G 137 37.09 -49.36 -49.64
N LEU G 138 37.60 -50.03 -50.68
CA LEU G 138 38.06 -49.30 -51.86
C LEU G 138 36.92 -48.54 -52.52
N GLY G 139 35.79 -49.21 -52.71
CA GLY G 139 34.64 -48.58 -53.34
C GLY G 139 34.25 -49.26 -54.65
N GLN G 140 34.64 -50.53 -54.78
CA GLN G 140 34.39 -51.25 -56.02
C GLN G 140 32.90 -51.54 -56.19
N PRO G 141 32.44 -51.68 -57.43
CA PRO G 141 31.05 -52.11 -57.66
C PRO G 141 30.87 -53.59 -57.38
N ALA G 142 29.60 -54.00 -57.30
CA ALA G 142 29.26 -55.35 -56.89
C ALA G 142 29.65 -56.42 -57.90
N ARG G 143 29.91 -56.04 -59.15
CA ARG G 143 30.14 -57.03 -60.20
C ARG G 143 31.38 -57.87 -59.92
N LEU G 144 32.51 -57.22 -59.66
CA LEU G 144 33.75 -57.96 -59.45
C LEU G 144 33.71 -58.75 -58.15
N ILE G 145 33.08 -58.19 -57.11
CA ILE G 145 32.91 -58.93 -55.86
C ILE G 145 32.15 -60.22 -56.11
N ALA G 146 31.02 -60.12 -56.84
CA ALA G 146 30.22 -61.31 -57.12
C ALA G 146 31.00 -62.32 -57.95
N GLU G 147 31.73 -61.85 -58.97
CA GLU G 147 32.50 -62.78 -59.81
C GLU G 147 33.57 -63.49 -59.01
N TYR G 148 34.30 -62.75 -58.16
CA TYR G 148 35.35 -63.37 -57.36
C TYR G 148 34.78 -64.37 -56.36
N VAL G 149 33.66 -64.02 -55.71
CA VAL G 149 33.04 -64.94 -54.75
C VAL G 149 32.59 -66.20 -55.47
N GLY G 150 31.96 -66.05 -56.64
CA GLY G 150 31.53 -67.22 -57.39
C GLY G 150 32.70 -68.10 -57.81
N GLU G 151 33.78 -67.48 -58.28
CA GLU G 151 34.94 -68.26 -58.71
C GLU G 151 35.55 -69.03 -57.54
N LYS G 152 35.69 -68.38 -56.39
CA LYS G 152 36.26 -69.06 -55.23
C LYS G 152 35.36 -70.19 -54.75
N LEU G 153 34.04 -69.97 -54.74
CA LEU G 153 33.12 -71.03 -54.37
C LEU G 153 33.20 -72.19 -55.35
N LEU G 154 33.35 -71.90 -56.64
CA LEU G 154 33.52 -72.96 -57.62
C LEU G 154 34.78 -73.77 -57.38
N GLU G 155 35.90 -73.09 -57.07
CA GLU G 155 37.13 -73.81 -56.77
C GLU G 155 36.98 -74.70 -55.55
N LEU G 156 36.35 -74.18 -54.49
CA LEU G 156 36.13 -75.00 -53.30
C LEU G 156 35.23 -76.18 -53.61
N ARG G 157 34.18 -75.98 -54.40
CA ARG G 157 33.29 -77.07 -54.76
C ARG G 157 34.02 -78.16 -55.54
N ARG G 158 34.86 -77.77 -56.49
CA ARG G 158 35.63 -78.76 -57.23
C ARG G 158 36.57 -79.52 -56.32
N LEU G 159 37.25 -78.81 -55.40
CA LEU G 159 38.16 -79.50 -54.48
C LEU G 159 37.40 -80.49 -53.60
N LEU G 160 36.27 -80.08 -53.04
CA LEU G 160 35.50 -80.96 -52.17
C LEU G 160 34.96 -82.16 -52.93
N GLU G 161 34.49 -81.95 -54.16
CA GLU G 161 34.02 -83.07 -54.98
C GLU G 161 35.15 -84.02 -55.31
N LYS G 162 36.36 -83.50 -55.51
CA LYS G 162 37.51 -84.38 -55.70
C LYS G 162 37.83 -85.16 -54.44
N LEU G 163 37.66 -84.54 -53.27
CA LEU G 163 37.92 -85.23 -52.01
C LEU G 163 36.96 -86.40 -51.81
N GLY G 164 35.66 -86.15 -51.93
CA GLY G 164 34.68 -87.21 -51.77
C GLY G 164 33.50 -86.84 -50.90
N VAL G 165 33.43 -85.58 -50.48
CA VAL G 165 32.31 -85.13 -49.64
C VAL G 165 31.00 -85.25 -50.41
N PRO G 166 29.93 -85.76 -49.82
CA PRO G 166 28.65 -85.82 -50.54
C PRO G 166 28.16 -84.42 -50.92
N LEU G 167 27.46 -84.36 -52.04
CA LEU G 167 27.08 -83.08 -52.63
C LEU G 167 26.21 -82.22 -51.71
N PRO G 168 25.15 -82.75 -51.07
CA PRO G 168 24.35 -81.87 -50.18
C PRO G 168 25.17 -81.22 -49.07
N GLU G 169 26.12 -81.95 -48.49
CA GLU G 169 26.96 -81.36 -47.47
C GLU G 169 27.85 -80.26 -48.05
N VAL G 170 28.38 -80.47 -49.25
CA VAL G 170 29.16 -79.44 -49.92
C VAL G 170 28.32 -78.18 -50.09
N ILE G 171 27.09 -78.34 -50.58
CA ILE G 171 26.24 -77.17 -50.79
C ILE G 171 25.93 -76.48 -49.47
N ALA G 172 25.64 -77.26 -48.42
CA ALA G 172 25.37 -76.65 -47.12
C ALA G 172 26.56 -75.84 -46.62
N LEU G 173 27.77 -76.38 -46.81
CA LEU G 173 28.97 -75.63 -46.45
C LEU G 173 29.09 -74.34 -47.27
N LEU G 174 28.74 -74.41 -48.56
CA LEU G 174 28.84 -73.22 -49.41
C LEU G 174 27.88 -72.12 -48.96
N LEU G 175 26.63 -72.47 -48.65
CA LEU G 175 25.75 -71.43 -48.10
C LEU G 175 26.13 -71.03 -46.68
N ARG G 176 26.82 -71.88 -45.92
CA ARG G 176 27.35 -71.41 -44.64
C ARG G 176 28.39 -70.31 -44.85
N VAL G 177 29.30 -70.53 -45.79
CA VAL G 177 30.30 -69.51 -46.14
C VAL G 177 29.61 -68.25 -46.64
N LEU G 178 28.60 -68.42 -47.49
CA LEU G 178 27.88 -67.26 -48.02
C LEU G 178 27.14 -66.51 -46.93
N GLU G 179 26.59 -67.22 -45.94
CA GLU G 179 25.95 -66.58 -44.81
C GLU G 179 26.95 -65.75 -44.02
N VAL G 180 28.15 -66.31 -43.80
CA VAL G 180 29.20 -65.56 -43.10
C VAL G 180 29.55 -64.29 -43.87
N VAL G 181 29.72 -64.41 -45.18
CA VAL G 181 30.08 -63.25 -46.00
C VAL G 181 28.97 -62.21 -45.97
N GLU G 182 27.72 -62.65 -46.07
CA GLU G 182 26.59 -61.73 -46.03
C GLU G 182 26.51 -61.00 -44.70
N GLU G 183 26.73 -61.72 -43.60
CA GLU G 183 26.71 -61.09 -42.28
C GLU G 183 27.83 -60.05 -42.17
N SER G 184 29.02 -60.38 -42.66
CA SER G 184 30.12 -59.43 -42.64
C SER G 184 29.78 -58.19 -43.45
N LEU G 185 29.21 -58.37 -44.64
CA LEU G 185 28.83 -57.24 -45.48
C LEU G 185 27.78 -56.37 -44.81
N LYS G 186 26.77 -57.01 -44.20
CA LYS G 186 25.71 -56.27 -43.53
C LYS G 186 26.25 -55.46 -42.36
N ALA G 187 27.13 -56.07 -41.55
CA ALA G 187 27.65 -55.39 -40.37
C ALA G 187 28.65 -54.30 -40.74
N MET G 188 29.38 -54.46 -41.85
CA MET G 188 30.43 -53.49 -42.18
C MET G 188 29.85 -52.17 -42.68
N GLY G 189 28.71 -52.22 -43.38
CA GLY G 189 28.07 -50.98 -43.81
C GLY G 189 27.45 -50.97 -45.19
N MET G 190 27.54 -52.09 -45.91
CA MET G 190 26.97 -52.14 -47.25
C MET G 190 25.46 -51.97 -47.22
N GLU G 191 24.92 -51.33 -48.27
CA GLU G 191 23.48 -51.20 -48.40
C GLU G 191 22.88 -52.55 -48.77
N PRO G 192 21.67 -52.85 -48.27
CA PRO G 192 21.11 -54.19 -48.46
C PRO G 192 20.98 -54.62 -49.92
N ARG G 193 20.69 -53.71 -50.84
CA ARG G 193 20.44 -54.09 -52.23
C ARG G 193 21.68 -54.72 -52.86
N GLU G 194 22.86 -54.14 -52.62
CA GLU G 194 24.08 -54.70 -53.18
C GLU G 194 24.40 -56.08 -52.59
N ILE G 195 24.17 -56.25 -51.29
CA ILE G 195 24.38 -57.57 -50.68
C ILE G 195 23.44 -58.60 -51.29
N ASN G 196 22.18 -58.23 -51.47
CA ASN G 196 21.24 -59.14 -52.12
C ASN G 196 21.68 -59.47 -53.53
N ARG G 197 22.18 -58.47 -54.26
CA ARG G 197 22.63 -58.69 -55.64
C ARG G 197 23.80 -59.67 -55.68
N VAL G 198 24.80 -59.48 -54.81
CA VAL G 198 25.97 -60.35 -54.86
C VAL G 198 25.62 -61.76 -54.41
N LEU G 199 24.77 -61.89 -53.38
CA LEU G 199 24.35 -63.22 -52.94
C LEU G 199 23.56 -63.93 -54.05
N ALA G 200 22.68 -63.20 -54.72
CA ALA G 200 21.92 -63.79 -55.82
C ALA G 200 22.84 -64.22 -56.95
N ALA G 201 23.84 -63.41 -57.27
CA ALA G 201 24.79 -63.78 -58.31
C ALA G 201 25.56 -65.04 -57.93
N ALA G 202 25.99 -65.15 -56.68
CA ALA G 202 26.71 -66.34 -56.24
C ALA G 202 25.82 -67.58 -56.32
N TYR G 203 24.57 -67.47 -55.86
CA TYR G 203 23.64 -68.59 -55.98
C TYR G 203 23.41 -68.95 -57.43
N LEU G 204 23.31 -67.94 -58.31
CA LEU G 204 23.06 -68.21 -59.72
C LEU G 204 24.23 -68.94 -60.38
N THR G 205 25.47 -68.52 -60.09
CA THR G 205 26.60 -69.22 -60.70
C THR G 205 26.74 -70.63 -60.13
N LEU G 206 26.47 -70.82 -58.84
CA LEU G 206 26.50 -72.15 -58.27
C LEU G 206 25.47 -73.06 -58.93
N ALA G 207 24.24 -72.56 -59.09
CA ALA G 207 23.19 -73.34 -59.72
C ALA G 207 23.50 -73.61 -61.19
N ALA G 208 24.09 -72.64 -61.88
CA ALA G 208 24.47 -72.84 -63.27
C ALA G 208 25.51 -73.94 -63.41
N GLU G 209 26.52 -73.95 -62.54
CA GLU G 209 27.50 -75.03 -62.56
C GLU G 209 26.83 -76.37 -62.27
N LEU G 210 25.95 -76.39 -61.27
CA LEU G 210 25.28 -77.64 -60.91
C LEU G 210 24.47 -78.19 -62.07
N LEU G 211 23.73 -77.32 -62.77
CA LEU G 211 22.94 -77.76 -63.91
C LEU G 211 23.83 -78.20 -65.07
N GLU G 212 24.91 -77.46 -65.33
CA GLU G 212 25.79 -77.80 -66.43
C GLU G 212 26.48 -79.14 -66.20
N ARG G 213 26.76 -79.49 -64.95
CA ARG G 213 27.38 -80.78 -64.66
C ARG G 213 26.52 -81.94 -65.15
N LEU G 214 25.19 -81.77 -65.15
CA LEU G 214 24.28 -82.82 -65.55
C LEU G 214 24.03 -82.85 -67.06
N GLY G 215 24.57 -81.89 -67.81
CA GLY G 215 24.41 -81.87 -69.25
C GLY G 215 23.41 -80.87 -69.77
N LEU G 216 22.58 -80.28 -68.90
CA LEU G 216 21.59 -79.28 -69.31
C LEU G 216 22.31 -77.94 -69.54
N THR G 217 23.05 -77.89 -70.64
CA THR G 217 23.88 -76.73 -70.92
C THR G 217 23.07 -75.49 -71.31
N ALA G 218 21.94 -75.67 -72.01
CA ALA G 218 21.12 -74.52 -72.39
C ALA G 218 20.48 -73.86 -71.18
N LEU G 219 20.00 -74.66 -70.23
CA LEU G 219 19.45 -74.10 -68.99
C LEU G 219 20.52 -73.34 -68.22
N ALA G 220 21.73 -73.90 -68.14
CA ALA G 220 22.82 -73.20 -67.49
C ALA G 220 23.15 -71.89 -68.19
N ALA G 221 23.13 -71.90 -69.52
CA ALA G 221 23.38 -70.67 -70.27
C ALA G 221 22.31 -69.62 -69.97
N ARG G 222 21.05 -70.05 -69.87
CA ARG G 222 19.98 -69.11 -69.53
C ARG G 222 20.18 -68.54 -68.12
N ILE G 223 20.61 -69.39 -67.18
CA ILE G 223 20.88 -68.91 -65.82
C ILE G 223 22.01 -67.90 -65.82
N ARG G 224 23.06 -68.16 -66.60
CA ARG G 224 24.16 -67.20 -66.70
C ARG G 224 23.70 -65.89 -67.32
N ARG G 225 22.84 -65.96 -68.34
CA ARG G 225 22.28 -64.75 -68.92
C ARG G 225 21.49 -63.96 -67.88
N ALA G 226 20.69 -64.66 -67.08
CA ALA G 226 19.94 -63.99 -66.02
C ALA G 226 20.87 -63.32 -65.02
N ARG G 227 21.95 -64.02 -64.63
CA ARG G 227 22.90 -63.43 -63.70
C ARG G 227 23.55 -62.18 -64.29
N GLU G 228 23.94 -62.24 -65.56
CA GLU G 228 24.59 -61.09 -66.19
C GLU G 228 23.64 -59.91 -66.29
N LEU G 229 22.36 -60.16 -66.63
CA LEU G 229 21.39 -59.08 -66.64
C LEU G 229 21.15 -58.52 -65.24
N LEU G 230 21.21 -59.38 -64.22
CA LEU G 230 21.06 -58.90 -62.84
C LEU G 230 22.20 -57.99 -62.44
N LEU G 231 23.44 -58.37 -62.80
CA LEU G 231 24.60 -57.58 -62.41
C LEU G 231 24.70 -56.26 -63.17
N ALA G 232 23.95 -56.10 -64.26
CA ALA G 232 24.00 -54.89 -65.07
C ALA G 232 22.92 -53.87 -64.68
N GLY G 233 22.17 -54.15 -63.62
CA GLY G 233 21.10 -53.27 -63.20
C GLY G 233 19.73 -53.60 -63.75
N ARG G 234 19.65 -54.55 -64.69
CA ARG G 234 18.37 -54.96 -65.27
C ARG G 234 17.78 -56.03 -64.36
N VAL G 235 16.93 -55.60 -63.43
CA VAL G 235 16.44 -56.50 -62.38
C VAL G 235 15.24 -57.31 -62.86
N GLU G 236 14.24 -56.64 -63.42
CA GLU G 236 12.99 -57.31 -63.76
C GLU G 236 13.18 -58.32 -64.88
N GLU G 237 14.01 -57.98 -65.89
CA GLU G 237 14.27 -58.92 -66.97
C GLU G 237 14.95 -60.19 -66.46
N ALA G 238 15.94 -60.01 -65.57
CA ALA G 238 16.60 -61.18 -64.97
C ALA G 238 15.61 -61.97 -64.13
N LEU G 239 14.73 -61.29 -63.41
CA LEU G 239 13.73 -61.98 -62.61
C LEU G 239 12.83 -62.86 -63.48
N HIS G 240 12.34 -62.31 -64.59
CA HIS G 240 11.47 -63.10 -65.46
C HIS G 240 12.22 -64.23 -66.13
N LEU G 241 13.47 -64.00 -66.56
CA LEU G 241 14.25 -65.08 -67.13
C LEU G 241 14.44 -66.21 -66.11
N LEU G 242 14.72 -65.84 -64.86
CA LEU G 242 14.89 -66.84 -63.82
C LEU G 242 13.60 -67.59 -63.55
N GLN G 243 12.46 -66.90 -63.55
CA GLN G 243 11.19 -67.56 -63.33
C GLN G 243 10.89 -68.55 -64.45
N ASP G 244 11.13 -68.17 -65.70
CA ASP G 244 10.91 -69.09 -66.81
C ASP G 244 11.83 -70.30 -66.71
N ALA G 245 13.10 -70.07 -66.36
CA ALA G 245 14.02 -71.18 -66.17
C ALA G 245 13.54 -72.11 -65.05
N VAL G 246 13.00 -71.53 -63.97
CA VAL G 246 12.51 -72.33 -62.86
C VAL G 246 11.32 -73.18 -63.28
N GLU G 247 10.40 -72.61 -64.05
CA GLU G 247 9.26 -73.41 -64.52
C GLU G 247 9.72 -74.54 -65.43
N LEU G 248 10.68 -74.27 -66.32
CA LEU G 248 11.17 -75.34 -67.19
C LEU G 248 11.89 -76.42 -66.38
N LEU G 249 12.67 -76.02 -65.38
CA LEU G 249 13.33 -76.99 -64.50
C LEU G 249 12.32 -77.82 -63.74
N HIS G 250 11.24 -77.20 -63.26
CA HIS G 250 10.18 -77.93 -62.58
C HIS G 250 9.53 -78.93 -63.52
N GLU G 251 9.30 -78.53 -64.77
CA GLU G 251 8.74 -79.46 -65.75
C GLU G 251 9.64 -80.67 -65.93
N ARG G 252 10.95 -80.43 -66.09
CA ARG G 252 11.88 -81.54 -66.24
C ARG G 252 11.91 -82.43 -65.00
N ILE G 253 11.89 -81.81 -63.81
CA ILE G 253 11.99 -82.58 -62.57
C ILE G 253 10.76 -83.47 -62.40
N ARG G 254 9.58 -82.91 -62.62
CA ARG G 254 8.35 -83.69 -62.52
C ARG G 254 8.17 -84.67 -63.67
N GLU G 255 8.87 -84.47 -64.79
CA GLU G 255 8.90 -85.49 -65.82
C GLU G 255 9.77 -86.67 -65.41
N LEU G 256 10.92 -86.41 -64.78
CA LEU G 256 11.79 -87.50 -64.35
C LEU G 256 11.15 -88.33 -63.24
N GLY G 257 10.57 -87.67 -62.24
CA GLY G 257 9.90 -88.36 -61.16
C GLY G 257 10.79 -88.48 -59.93
N PHE G 258 10.87 -89.69 -59.38
CA PHE G 258 11.67 -89.96 -58.18
C PHE G 258 13.09 -90.40 -58.51
N GLU G 259 13.46 -90.47 -59.79
CA GLU G 259 14.82 -90.79 -60.19
C GLU G 259 15.62 -89.55 -60.58
N ALA G 260 15.17 -88.37 -60.15
CA ALA G 260 15.87 -87.14 -60.46
C ALA G 260 17.17 -87.07 -59.66
N PRO G 261 18.31 -86.87 -60.32
CA PRO G 261 19.57 -86.72 -59.58
C PRO G 261 19.53 -85.53 -58.63
N GLU G 262 20.34 -85.61 -57.57
CA GLU G 262 20.37 -84.57 -56.55
C GLU G 262 20.75 -83.22 -57.12
N GLU G 263 21.43 -83.20 -58.27
CA GLU G 263 21.83 -81.93 -58.89
C GLU G 263 20.61 -81.07 -59.20
N LEU G 264 19.56 -81.67 -59.76
CA LEU G 264 18.37 -80.90 -60.11
C LEU G 264 17.69 -80.32 -58.88
N LEU G 265 17.57 -81.11 -57.82
CA LEU G 265 16.90 -80.63 -56.61
C LEU G 265 17.71 -79.51 -55.95
N LEU G 266 19.03 -79.69 -55.84
CA LEU G 266 19.84 -78.65 -55.23
C LEU G 266 19.85 -77.39 -56.07
N ALA G 267 19.90 -77.52 -57.39
CA ALA G 267 19.81 -76.36 -58.26
C ALA G 267 18.47 -75.66 -58.12
N ASP G 268 17.39 -76.43 -57.99
CA ASP G 268 16.07 -75.82 -57.79
C ASP G 268 16.00 -75.03 -56.50
N LEU G 269 16.55 -75.60 -55.41
CA LEU G 269 16.56 -74.87 -54.14
C LEU G 269 17.39 -73.59 -54.24
N LEU G 270 18.56 -73.67 -54.87
CA LEU G 270 19.39 -72.49 -55.03
C LEU G 270 18.70 -71.44 -55.88
N LEU G 271 18.01 -71.87 -56.94
CA LEU G 271 17.28 -70.94 -57.79
C LEU G 271 16.13 -70.28 -57.03
N GLN G 272 15.44 -71.04 -56.17
CA GLN G 272 14.39 -70.41 -55.36
C GLN G 272 14.95 -69.36 -54.42
N ARG G 273 16.08 -69.65 -53.78
CA ARG G 273 16.71 -68.64 -52.93
C ARG G 273 17.12 -67.42 -53.76
N ALA G 274 17.64 -67.64 -54.97
CA ALA G 274 18.00 -66.53 -55.84
C ALA G 274 16.78 -65.71 -56.23
N LEU G 275 15.65 -66.37 -56.53
CA LEU G 275 14.43 -65.66 -56.85
C LEU G 275 13.96 -64.80 -55.69
N GLU G 276 13.99 -65.36 -54.47
CA GLU G 276 13.58 -64.57 -53.31
C GLU G 276 14.49 -63.37 -53.11
N LEU G 277 15.80 -63.57 -53.25
CA LEU G 277 16.74 -62.46 -53.06
C LEU G 277 16.55 -61.39 -54.12
N ILE G 278 16.34 -61.79 -55.38
CA ILE G 278 16.16 -60.83 -56.46
C ILE G 278 14.85 -60.06 -56.27
N SER G 279 13.79 -60.76 -55.87
CA SER G 279 12.52 -60.09 -55.62
C SER G 279 12.64 -59.09 -54.46
N SER G 280 13.40 -59.44 -53.44
CA SER G 280 13.58 -58.53 -52.31
C SER G 280 14.43 -57.31 -52.65
N ILE G 281 15.09 -57.30 -53.80
CA ILE G 281 15.92 -56.16 -54.20
C ILE G 281 15.04 -54.93 -54.42
N THR H 24 -0.18 -110.08 -27.97
CA THR H 24 -1.06 -110.13 -26.81
C THR H 24 -1.85 -108.83 -26.66
N VAL H 25 -1.27 -107.74 -27.17
CA VAL H 25 -1.90 -106.43 -27.25
C VAL H 25 -2.03 -105.77 -25.87
N GLU H 26 -2.65 -106.47 -24.91
CA GLU H 26 -2.83 -105.87 -23.59
C GLU H 26 -1.50 -105.62 -22.91
N GLU H 27 -0.65 -106.66 -22.83
CA GLU H 27 0.66 -106.49 -22.21
C GLU H 27 1.44 -105.36 -22.88
N GLU H 28 1.21 -105.14 -24.17
CA GLU H 28 1.77 -103.95 -24.81
C GLU H 28 1.26 -102.68 -24.14
N VAL H 29 0.00 -102.66 -23.72
CA VAL H 29 -0.55 -101.46 -23.08
C VAL H 29 0.08 -101.22 -21.71
N ILE H 30 0.13 -102.26 -20.87
CA ILE H 30 0.73 -102.04 -19.55
C ILE H 30 2.22 -101.72 -19.68
N ARG H 31 2.93 -102.42 -20.57
CA ARG H 31 4.33 -102.10 -20.79
C ARG H 31 4.51 -100.69 -21.32
N PHE H 32 3.59 -100.21 -22.17
CA PHE H 32 3.68 -98.84 -22.65
C PHE H 32 3.55 -97.85 -21.50
N ALA H 33 2.60 -98.09 -20.60
CA ALA H 33 2.45 -97.19 -19.45
C ALA H 33 3.69 -97.18 -18.57
N GLU H 34 4.20 -98.38 -18.24
CA GLU H 34 5.37 -98.47 -17.37
C GLU H 34 6.60 -97.87 -18.02
N GLU H 35 6.80 -98.14 -19.32
CA GLU H 35 7.95 -97.59 -20.03
C GLU H 35 7.84 -96.07 -20.15
N LEU H 36 6.63 -95.54 -20.32
CA LEU H 36 6.46 -94.09 -20.36
C LEU H 36 6.85 -93.47 -19.03
N ALA H 37 6.40 -94.07 -17.91
CA ALA H 37 6.77 -93.55 -16.61
C ALA H 37 8.29 -93.64 -16.39
N GLU H 38 8.89 -94.75 -16.79
CA GLU H 38 10.34 -94.91 -16.64
C GLU H 38 11.10 -93.90 -17.51
N GLU H 39 10.59 -93.61 -18.70
CA GLU H 39 11.22 -92.62 -19.56
C GLU H 39 11.14 -91.22 -18.94
N ILE H 40 10.01 -90.89 -18.33
CA ILE H 40 9.93 -89.63 -17.59
C ILE H 40 10.97 -89.60 -16.49
N ARG H 41 11.12 -90.71 -15.77
CA ARG H 41 12.11 -90.77 -14.69
C ARG H 41 13.53 -90.57 -15.22
N ARG H 42 13.86 -91.22 -16.33
CA ARG H 42 15.20 -91.08 -16.90
C ARG H 42 15.45 -89.66 -17.39
N VAL H 43 14.48 -89.06 -18.07
CA VAL H 43 14.69 -87.74 -18.65
C VAL H 43 14.79 -86.67 -17.57
N THR H 44 13.96 -86.76 -16.54
CA THR H 44 13.91 -85.72 -15.51
C THR H 44 14.45 -86.17 -14.16
N GLY H 45 14.03 -87.32 -13.67
CA GLY H 45 14.45 -87.77 -12.35
C GLY H 45 13.34 -87.71 -11.33
N GLU H 46 13.52 -86.88 -10.29
CA GLU H 46 12.50 -86.70 -9.26
C GLU H 46 12.06 -85.25 -9.15
N ALA H 47 12.43 -84.41 -10.12
CA ALA H 47 11.92 -83.04 -10.16
C ALA H 47 10.48 -82.97 -10.65
N TYR H 48 10.08 -83.89 -11.51
CA TYR H 48 8.70 -83.99 -12.02
C TYR H 48 8.20 -85.37 -11.64
N ARG H 49 7.65 -85.50 -10.43
CA ARG H 49 7.16 -86.78 -9.93
C ARG H 49 5.65 -86.90 -9.99
N GLU H 50 4.93 -85.77 -9.92
CA GLU H 50 3.48 -85.81 -10.07
C GLU H 50 3.08 -86.32 -11.44
N TYR H 51 3.87 -85.97 -12.47
CA TYR H 51 3.58 -86.46 -13.82
C TYR H 51 3.75 -87.97 -13.90
N ALA H 52 4.79 -88.51 -13.27
CA ALA H 52 4.97 -89.95 -13.23
C ALA H 52 3.84 -90.62 -12.46
N GLU H 53 3.41 -90.01 -11.36
CA GLU H 53 2.29 -90.54 -10.60
C GLU H 53 1.03 -90.59 -11.46
N ALA H 54 0.76 -89.51 -12.20
CA ALA H 54 -0.40 -89.47 -13.08
C ALA H 54 -0.31 -90.52 -14.18
N VAL H 55 0.87 -90.71 -14.75
CA VAL H 55 1.05 -91.70 -15.80
C VAL H 55 0.81 -93.11 -15.26
N ARG H 56 1.33 -93.40 -14.07
CA ARG H 56 1.11 -94.71 -13.48
C ARG H 56 -0.36 -94.92 -13.14
N HIS H 57 -1.04 -93.88 -12.66
CA HIS H 57 -2.48 -93.98 -12.39
C HIS H 57 -3.26 -94.27 -13.67
N LEU H 58 -2.91 -93.58 -14.77
CA LEU H 58 -3.59 -93.83 -16.04
C LEU H 58 -3.30 -95.22 -16.56
N GLY H 59 -2.08 -95.72 -16.35
CA GLY H 59 -1.80 -97.11 -16.70
C GLY H 59 -2.63 -98.09 -15.89
N GLU H 60 -2.81 -97.80 -14.60
CA GLU H 60 -3.68 -98.63 -13.77
C GLU H 60 -5.11 -98.60 -14.27
N ALA H 61 -5.59 -97.42 -14.67
CA ALA H 61 -6.94 -97.32 -15.22
C ALA H 61 -7.07 -98.12 -16.52
N ALA H 62 -6.06 -98.02 -17.39
CA ALA H 62 -6.09 -98.78 -18.64
C ALA H 62 -6.08 -100.28 -18.37
N LYS H 63 -5.33 -100.72 -17.37
CA LYS H 63 -5.37 -102.12 -16.96
C LYS H 63 -6.75 -102.50 -16.45
N ALA H 64 -7.37 -101.62 -15.66
CA ALA H 64 -8.69 -101.93 -15.10
C ALA H 64 -9.76 -102.04 -16.18
N VAL H 65 -9.65 -101.22 -17.22
CA VAL H 65 -10.63 -101.26 -18.31
C VAL H 65 -10.62 -102.64 -18.97
N LEU H 66 -9.43 -103.23 -19.12
CA LEU H 66 -9.27 -104.40 -19.98
C LEU H 66 -9.87 -105.68 -19.40
N GLU H 67 -10.27 -105.71 -18.13
CA GLU H 67 -10.93 -106.88 -17.59
C GLU H 67 -12.45 -106.78 -17.62
N GLY H 68 -13.00 -105.57 -17.51
CA GLY H 68 -14.44 -105.39 -17.58
C GLY H 68 -14.95 -104.39 -16.56
N ASN H 69 -14.23 -104.23 -15.45
CA ASN H 69 -14.63 -103.28 -14.42
C ASN H 69 -14.52 -101.87 -14.98
N SER H 70 -15.66 -101.19 -15.10
CA SER H 70 -15.72 -99.90 -15.77
C SER H 70 -15.91 -98.73 -14.83
N VAL H 71 -16.12 -98.96 -13.53
CA VAL H 71 -16.31 -97.85 -12.60
C VAL H 71 -15.00 -97.45 -11.94
N GLU H 72 -14.14 -98.43 -11.63
CA GLU H 72 -12.82 -98.12 -11.10
C GLU H 72 -12.01 -97.28 -12.08
N ALA H 73 -12.21 -97.50 -13.37
CA ALA H 73 -11.55 -96.66 -14.37
C ALA H 73 -12.01 -95.21 -14.26
N ASP H 74 -13.31 -94.98 -14.08
CA ASP H 74 -13.82 -93.63 -13.90
C ASP H 74 -13.25 -93.00 -12.63
N LEU H 75 -13.19 -93.76 -11.54
CA LEU H 75 -12.64 -93.22 -10.29
C LEU H 75 -11.17 -92.85 -10.45
N ILE H 76 -10.40 -93.70 -11.15
CA ILE H 76 -8.98 -93.40 -11.34
C ILE H 76 -8.81 -92.19 -12.27
N VAL H 77 -9.66 -92.06 -13.28
CA VAL H 77 -9.58 -90.89 -14.16
C VAL H 77 -9.89 -89.62 -13.38
N THR H 78 -10.85 -89.67 -12.46
CA THR H 78 -11.13 -88.51 -11.63
C THR H 78 -9.95 -88.20 -10.70
N ASP H 79 -9.29 -89.23 -10.18
CA ASP H 79 -8.09 -89.01 -9.37
C ASP H 79 -7.01 -88.31 -10.18
N VAL H 80 -6.79 -88.78 -11.42
CA VAL H 80 -5.81 -88.13 -12.29
C VAL H 80 -6.21 -86.70 -12.58
N LEU H 81 -7.51 -86.46 -12.76
CA LEU H 81 -7.99 -85.10 -12.99
C LEU H 81 -7.68 -84.20 -11.80
N ARG H 82 -7.89 -84.70 -10.58
CA ARG H 82 -7.55 -83.92 -9.40
C ARG H 82 -6.05 -83.64 -9.32
N LEU H 83 -5.23 -84.65 -9.63
CA LEU H 83 -3.78 -84.46 -9.62
C LEU H 83 -3.36 -83.39 -10.63
N LEU H 84 -3.91 -83.44 -11.84
CA LEU H 84 -3.56 -82.45 -12.85
C LEU H 84 -4.11 -81.07 -12.51
N GLU H 85 -5.25 -81.01 -11.82
CA GLU H 85 -5.76 -79.72 -11.34
C GLU H 85 -4.82 -79.14 -10.29
N ARG H 86 -4.26 -79.99 -9.43
CA ARG H 86 -3.26 -79.51 -8.47
C ARG H 86 -1.98 -79.07 -9.17
N ILE H 87 -1.60 -79.75 -10.25
CA ILE H 87 -0.38 -79.39 -10.97
C ILE H 87 -0.49 -77.99 -11.55
N GLY H 88 -1.57 -77.71 -12.27
CA GLY H 88 -1.81 -76.39 -12.80
C GLY H 88 -1.47 -76.21 -14.27
N GLU H 89 -1.85 -77.18 -15.10
CA GLU H 89 -1.65 -77.11 -16.56
C GLU H 89 -3.03 -77.05 -17.21
N GLU H 90 -3.43 -75.87 -17.63
CA GLU H 90 -4.82 -75.63 -18.02
C GLU H 90 -5.25 -76.52 -19.18
N GLY H 91 -4.45 -76.57 -20.24
CA GLY H 91 -4.80 -77.39 -21.39
C GLY H 91 -4.83 -78.87 -21.05
N LEU H 92 -3.91 -79.32 -20.21
CA LEU H 92 -3.88 -80.72 -19.81
C LEU H 92 -5.12 -81.06 -18.99
N VAL H 93 -5.54 -80.15 -18.11
CA VAL H 93 -6.77 -80.36 -17.33
C VAL H 93 -7.98 -80.41 -18.25
N LYS H 94 -8.02 -79.53 -19.26
CA LYS H 94 -9.11 -79.56 -20.23
C LYS H 94 -9.18 -80.91 -20.93
N LEU H 95 -8.03 -81.39 -21.42
CA LEU H 95 -8.00 -82.70 -22.06
C LEU H 95 -8.41 -83.80 -21.09
N ALA H 96 -8.05 -83.67 -19.83
CA ALA H 96 -8.46 -84.65 -18.82
C ALA H 96 -9.98 -84.67 -18.65
N ARG H 97 -10.60 -83.49 -18.63
CA ARG H 97 -12.05 -83.44 -18.51
C ARG H 97 -12.74 -84.08 -19.73
N GLU H 98 -12.25 -83.76 -20.93
CA GLU H 98 -12.84 -84.37 -22.13
C GLU H 98 -12.66 -85.88 -22.11
N VAL H 99 -11.48 -86.35 -21.69
CA VAL H 99 -11.23 -87.79 -21.60
C VAL H 99 -12.19 -88.42 -20.59
N HIS H 100 -12.38 -87.77 -19.44
CA HIS H 100 -13.31 -88.27 -18.43
C HIS H 100 -14.71 -88.46 -19.01
N GLU H 101 -15.25 -87.40 -19.63
CA GLU H 101 -16.61 -87.48 -20.15
C GLU H 101 -16.74 -88.54 -21.24
N ARG H 102 -15.85 -88.48 -22.24
CA ARG H 102 -15.97 -89.41 -23.36
C ARG H 102 -15.74 -90.84 -22.92
N SER H 103 -14.77 -91.08 -22.04
CA SER H 103 -14.52 -92.43 -21.55
C SER H 103 -15.69 -92.96 -20.76
N PHE H 104 -16.31 -92.13 -19.92
CA PHE H 104 -17.49 -92.57 -19.19
C PHE H 104 -18.60 -92.97 -20.15
N GLU H 105 -18.90 -92.13 -21.13
CA GLU H 105 -19.99 -92.42 -22.05
C GLU H 105 -19.70 -93.69 -22.86
N LEU H 106 -18.48 -93.82 -23.38
CA LEU H 106 -18.15 -94.97 -24.20
C LEU H 106 -18.14 -96.26 -23.38
N LEU H 107 -17.62 -96.22 -22.15
CA LEU H 107 -17.60 -97.40 -21.31
C LEU H 107 -19.01 -97.80 -20.89
N ARG H 108 -19.90 -96.82 -20.68
CA ARG H 108 -21.29 -97.16 -20.45
C ARG H 108 -21.90 -97.83 -21.68
N LYS H 109 -21.62 -97.29 -22.87
CA LYS H 109 -22.13 -97.90 -24.09
C LYS H 109 -21.45 -99.24 -24.36
N GLY H 110 -20.12 -99.30 -24.23
CA GLY H 110 -19.41 -100.55 -24.43
C GLY H 110 -18.21 -100.45 -25.35
N ASN H 111 -17.81 -99.23 -25.69
CA ASN H 111 -16.66 -99.00 -26.59
C ASN H 111 -15.38 -99.03 -25.76
N ARG H 112 -14.87 -100.24 -25.55
CA ARG H 112 -13.65 -100.41 -24.76
C ARG H 112 -12.44 -99.78 -25.45
N VAL H 113 -12.32 -99.99 -26.77
CA VAL H 113 -11.10 -99.64 -27.48
C VAL H 113 -10.91 -98.12 -27.51
N GLU H 114 -11.99 -97.37 -27.73
CA GLU H 114 -11.84 -95.92 -27.81
C GLU H 114 -11.53 -95.32 -26.44
N ALA H 115 -12.12 -95.87 -25.37
CA ALA H 115 -11.75 -95.42 -24.03
C ALA H 115 -10.29 -95.71 -23.72
N LEU H 116 -9.81 -96.90 -24.12
CA LEU H 116 -8.40 -97.21 -23.96
C LEU H 116 -7.53 -96.22 -24.73
N ALA H 117 -7.92 -95.90 -25.96
CA ALA H 117 -7.16 -94.94 -26.76
C ALA H 117 -7.13 -93.57 -26.10
N LEU H 118 -8.25 -93.13 -25.55
CA LEU H 118 -8.29 -91.83 -24.88
C LEU H 118 -7.39 -91.83 -23.65
N ILE H 119 -7.40 -92.91 -22.87
CA ILE H 119 -6.56 -92.98 -21.68
C ILE H 119 -5.08 -92.93 -22.07
N LEU H 120 -4.71 -93.69 -23.10
CA LEU H 120 -3.32 -93.69 -23.57
C LEU H 120 -2.92 -92.32 -24.10
N ALA H 121 -3.82 -91.65 -24.81
CA ALA H 121 -3.53 -90.31 -25.31
C ALA H 121 -3.31 -89.33 -24.16
N LEU H 122 -4.13 -89.43 -23.11
CA LEU H 122 -3.93 -88.57 -21.95
C LEU H 122 -2.59 -88.83 -21.29
N ALA H 123 -2.21 -90.11 -21.15
CA ALA H 123 -0.93 -90.44 -20.54
C ALA H 123 0.22 -89.88 -21.36
N LEU H 124 0.15 -90.04 -22.68
CA LEU H 124 1.20 -89.51 -23.55
C LEU H 124 1.25 -87.98 -23.47
N ALA H 125 0.09 -87.33 -23.37
CA ALA H 125 0.08 -85.88 -23.24
C ALA H 125 0.77 -85.43 -21.96
N VAL H 126 0.50 -86.11 -20.85
CA VAL H 126 1.16 -85.77 -19.59
C VAL H 126 2.68 -85.95 -19.71
N ALA H 127 3.09 -87.10 -20.26
CA ALA H 127 4.52 -87.38 -20.39
C ALA H 127 5.22 -86.35 -21.27
N LEU H 128 4.61 -86.02 -22.42
CA LEU H 128 5.24 -85.07 -23.34
C LEU H 128 5.27 -83.68 -22.73
N THR H 129 4.22 -83.29 -21.99
CA THR H 129 4.23 -82.00 -21.34
C THR H 129 5.38 -81.91 -20.33
N ALA H 130 5.55 -82.96 -19.52
CA ALA H 130 6.63 -82.96 -18.53
C ALA H 130 7.99 -82.88 -19.22
N VAL H 131 8.19 -83.71 -20.26
CA VAL H 131 9.47 -83.75 -20.94
C VAL H 131 9.78 -82.41 -21.61
N SER H 132 8.79 -81.82 -22.27
CA SER H 132 9.01 -80.53 -22.93
C SER H 132 9.30 -79.43 -21.93
N LYS H 133 8.61 -79.44 -20.78
CA LYS H 133 8.89 -78.45 -19.75
C LYS H 133 10.31 -78.59 -19.23
N ALA H 134 10.75 -79.83 -18.99
CA ALA H 134 12.12 -80.05 -18.52
C ALA H 134 13.14 -79.59 -19.55
N PHE H 135 12.90 -79.93 -20.82
CA PHE H 135 13.85 -79.56 -21.88
C PHE H 135 13.93 -78.04 -22.03
N PHE H 136 12.80 -77.34 -21.99
CA PHE H 136 12.84 -75.89 -22.09
C PHE H 136 13.52 -75.27 -20.88
N LEU H 137 13.26 -75.80 -19.67
CA LEU H 137 13.90 -75.25 -18.49
C LEU H 137 15.41 -75.42 -18.54
N LEU H 138 15.89 -76.57 -19.01
CA LEU H 138 17.32 -76.78 -19.15
C LEU H 138 17.91 -75.79 -20.16
N GLY H 139 17.24 -75.60 -21.29
CA GLY H 139 17.74 -74.72 -22.33
C GLY H 139 18.10 -75.46 -23.60
N GLN H 140 17.53 -76.65 -23.76
CA GLN H 140 17.86 -77.51 -24.88
C GLN H 140 17.35 -76.91 -26.20
N PRO H 141 17.99 -77.22 -27.32
CA PRO H 141 17.48 -76.77 -28.62
C PRO H 141 16.27 -77.57 -29.06
N ALA H 142 15.61 -77.07 -30.11
CA ALA H 142 14.35 -77.63 -30.55
C ALA H 142 14.50 -78.99 -31.23
N ARG H 143 15.70 -79.34 -31.69
CA ARG H 143 15.89 -80.57 -32.45
C ARG H 143 15.55 -81.81 -31.61
N LEU H 144 16.11 -81.89 -30.40
CA LEU H 144 15.86 -83.06 -29.56
C LEU H 144 14.41 -83.11 -29.09
N ILE H 145 13.83 -81.95 -28.76
CA ILE H 145 12.42 -81.91 -28.37
C ILE H 145 11.54 -82.46 -29.49
N ALA H 146 11.77 -81.98 -30.71
CA ALA H 146 10.98 -82.44 -31.85
C ALA H 146 11.18 -83.93 -32.10
N GLU H 147 12.43 -84.39 -32.03
CA GLU H 147 12.69 -85.81 -32.27
C GLU H 147 12.02 -86.69 -31.23
N TYR H 148 12.09 -86.31 -29.95
CA TYR H 148 11.47 -87.11 -28.90
C TYR H 148 9.95 -87.10 -29.04
N VAL H 149 9.36 -85.94 -29.34
CA VAL H 149 7.91 -85.87 -29.52
C VAL H 149 7.48 -86.76 -30.69
N GLY H 150 8.21 -86.69 -31.79
CA GLY H 150 7.89 -87.52 -32.94
C GLY H 150 8.00 -89.00 -32.62
N GLU H 151 9.06 -89.39 -31.91
CA GLU H 151 9.23 -90.81 -31.56
C GLU H 151 8.11 -91.30 -30.67
N LYS H 152 7.73 -90.51 -29.65
CA LYS H 152 6.66 -90.91 -28.75
C LYS H 152 5.32 -91.00 -29.49
N LEU H 153 5.06 -90.03 -30.38
CA LEU H 153 3.83 -90.08 -31.17
C LEU H 153 3.81 -91.30 -32.07
N LEU H 154 4.96 -91.66 -32.65
CA LEU H 154 5.04 -92.87 -33.47
C LEU H 154 4.74 -94.11 -32.64
N GLU H 155 5.30 -94.21 -31.44
CA GLU H 155 5.03 -95.36 -30.59
C GLU H 155 3.54 -95.45 -30.25
N LEU H 156 2.92 -94.32 -29.90
CA LEU H 156 1.50 -94.33 -29.59
C LEU H 156 0.68 -94.72 -30.80
N ARG H 157 1.06 -94.23 -31.98
CA ARG H 157 0.33 -94.58 -33.21
C ARG H 157 0.41 -96.07 -33.50
N ARG H 158 1.61 -96.65 -33.34
CA ARG H 158 1.74 -98.09 -33.54
C ARG H 158 0.88 -98.87 -32.54
N LEU H 159 0.90 -98.46 -31.28
CA LEU H 159 0.09 -99.14 -30.27
C LEU H 159 -1.39 -99.06 -30.60
N LEU H 160 -1.86 -97.88 -30.96
CA LEU H 160 -3.29 -97.70 -31.28
C LEU H 160 -3.69 -98.50 -32.51
N GLU H 161 -2.83 -98.50 -33.54
CA GLU H 161 -3.13 -99.30 -34.73
C GLU H 161 -3.15 -100.79 -34.40
N LYS H 162 -2.29 -101.23 -33.48
CA LYS H 162 -2.35 -102.61 -33.03
C LYS H 162 -3.65 -102.91 -32.29
N LEU H 163 -4.14 -101.93 -31.52
CA LEU H 163 -5.38 -102.11 -30.78
C LEU H 163 -6.57 -102.29 -31.72
N GLY H 164 -6.73 -101.38 -32.69
CA GLY H 164 -7.81 -101.48 -33.64
C GLY H 164 -8.55 -100.18 -33.89
N VAL H 165 -8.05 -99.10 -33.31
CA VAL H 165 -8.70 -97.79 -33.48
C VAL H 165 -8.60 -97.37 -34.95
N PRO H 166 -9.66 -96.85 -35.55
CA PRO H 166 -9.55 -96.37 -36.94
C PRO H 166 -8.59 -95.20 -37.06
N LEU H 167 -7.97 -95.10 -38.23
CA LEU H 167 -6.89 -94.14 -38.44
C LEU H 167 -7.30 -92.69 -38.21
N PRO H 168 -8.43 -92.19 -38.74
CA PRO H 168 -8.77 -90.77 -38.50
C PRO H 168 -8.88 -90.42 -37.03
N GLU H 169 -9.44 -91.31 -36.20
CA GLU H 169 -9.53 -91.04 -34.78
C GLU H 169 -8.14 -91.00 -34.14
N VAL H 170 -7.24 -91.89 -34.59
CA VAL H 170 -5.87 -91.86 -34.10
C VAL H 170 -5.21 -90.52 -34.41
N ILE H 171 -5.39 -90.05 -35.65
CA ILE H 171 -4.78 -88.78 -36.03
C ILE H 171 -5.39 -87.62 -35.24
N ALA H 172 -6.70 -87.69 -34.99
CA ALA H 172 -7.34 -86.65 -34.17
C ALA H 172 -6.77 -86.65 -32.75
N LEU H 173 -6.58 -87.83 -32.17
CA LEU H 173 -6.01 -87.91 -30.83
C LEU H 173 -4.59 -87.37 -30.80
N LEU H 174 -3.77 -87.72 -31.79
CA LEU H 174 -2.40 -87.21 -31.83
C LEU H 174 -2.38 -85.70 -32.01
N LEU H 175 -3.28 -85.16 -32.82
CA LEU H 175 -3.37 -83.72 -32.98
C LEU H 175 -3.83 -83.04 -31.69
N ARG H 176 -4.73 -83.67 -30.93
CA ARG H 176 -5.11 -83.13 -29.63
C ARG H 176 -3.93 -83.10 -28.67
N VAL H 177 -3.13 -84.18 -28.66
CA VAL H 177 -1.94 -84.21 -27.81
C VAL H 177 -0.96 -83.11 -28.22
N LEU H 178 -0.77 -82.93 -29.52
CA LEU H 178 0.14 -81.89 -30.01
C LEU H 178 -0.38 -80.50 -29.66
N GLU H 179 -1.70 -80.31 -29.72
CA GLU H 179 -2.28 -79.03 -29.32
C GLU H 179 -2.05 -78.77 -27.84
N VAL H 180 -2.18 -79.80 -27.00
CA VAL H 180 -1.91 -79.64 -25.58
C VAL H 180 -0.46 -79.24 -25.36
N VAL H 181 0.46 -79.91 -26.06
CA VAL H 181 1.89 -79.60 -25.93
C VAL H 181 2.17 -78.17 -26.38
N GLU H 182 1.57 -77.76 -27.50
CA GLU H 182 1.77 -76.40 -28.00
C GLU H 182 1.25 -75.37 -27.01
N GLU H 183 0.08 -75.63 -26.41
CA GLU H 183 -0.48 -74.71 -25.43
C GLU H 183 0.45 -74.60 -24.23
N SER H 184 0.95 -75.72 -23.74
CA SER H 184 1.88 -75.71 -22.61
C SER H 184 3.14 -74.90 -22.94
N LEU H 185 3.70 -75.13 -24.14
CA LEU H 185 4.91 -74.41 -24.51
C LEU H 185 4.66 -72.91 -24.65
N LYS H 186 3.51 -72.54 -25.24
CA LYS H 186 3.18 -71.13 -25.40
C LYS H 186 3.01 -70.46 -24.04
N ALA H 187 2.32 -71.12 -23.11
CA ALA H 187 2.08 -70.54 -21.79
C ALA H 187 3.35 -70.48 -20.96
N MET H 188 4.27 -71.44 -21.14
CA MET H 188 5.45 -71.48 -20.30
C MET H 188 6.40 -70.32 -20.60
N GLY H 189 6.57 -69.96 -21.87
CA GLY H 189 7.42 -68.83 -22.21
C GLY H 189 8.27 -69.00 -23.46
N MET H 190 8.17 -70.15 -24.12
CA MET H 190 8.92 -70.37 -25.34
C MET H 190 8.52 -69.38 -26.43
N GLU H 191 9.51 -68.93 -27.20
CA GLU H 191 9.25 -68.02 -28.30
C GLU H 191 8.47 -68.75 -29.40
N PRO H 192 7.53 -68.06 -30.06
CA PRO H 192 6.64 -68.75 -31.02
C PRO H 192 7.36 -69.50 -32.13
N ARG H 193 8.52 -69.01 -32.59
CA ARG H 193 9.19 -69.63 -33.73
C ARG H 193 9.61 -71.06 -33.41
N GLU H 194 10.16 -71.30 -32.23
CA GLU H 194 10.56 -72.65 -31.85
C GLU H 194 9.36 -73.58 -31.70
N ILE H 195 8.25 -73.07 -31.16
CA ILE H 195 7.03 -73.88 -31.07
C ILE H 195 6.55 -74.27 -32.45
N ASN H 196 6.54 -73.32 -33.38
CA ASN H 196 6.15 -73.62 -34.75
C ASN H 196 7.08 -74.65 -35.36
N ARG H 197 8.39 -74.52 -35.11
CA ARG H 197 9.36 -75.46 -35.65
C ARG H 197 9.11 -76.88 -35.15
N VAL H 198 8.90 -77.03 -33.84
CA VAL H 198 8.74 -78.38 -33.29
C VAL H 198 7.41 -78.99 -33.72
N LEU H 199 6.34 -78.17 -33.76
CA LEU H 199 5.06 -78.68 -34.24
C LEU H 199 5.15 -79.11 -35.70
N ALA H 200 5.81 -78.30 -36.52
CA ALA H 200 5.97 -78.65 -37.93
C ALA H 200 6.78 -79.93 -38.08
N ALA H 201 7.82 -80.10 -37.28
CA ALA H 201 8.62 -81.33 -37.34
C ALA H 201 7.78 -82.54 -36.94
N ALA H 202 6.94 -82.41 -35.91
CA ALA H 202 6.10 -83.52 -35.49
C ALA H 202 5.09 -83.89 -36.58
N TYR H 203 4.45 -82.88 -37.18
CA TYR H 203 3.54 -83.15 -38.28
C TYR H 203 4.27 -83.80 -39.45
N LEU H 204 5.50 -83.36 -39.72
CA LEU H 204 6.26 -83.90 -40.85
C LEU H 204 6.62 -85.36 -40.61
N THR H 205 7.05 -85.72 -39.41
CA THR H 205 7.39 -87.12 -39.17
C THR H 205 6.15 -88.00 -39.17
N LEU H 206 5.02 -87.49 -38.65
CA LEU H 206 3.77 -88.24 -38.72
C LEU H 206 3.36 -88.49 -40.17
N ALA H 207 3.41 -87.44 -40.99
CA ALA H 207 3.05 -87.58 -42.39
C ALA H 207 4.01 -88.50 -43.14
N ALA H 208 5.30 -88.43 -42.82
CA ALA H 208 6.27 -89.30 -43.46
C ALA H 208 6.00 -90.77 -43.12
N GLU H 209 5.69 -91.06 -41.86
CA GLU H 209 5.33 -92.43 -41.51
C GLU H 209 4.07 -92.87 -42.23
N LEU H 210 3.07 -91.99 -42.29
CA LEU H 210 1.82 -92.36 -42.95
C LEU H 210 2.04 -92.65 -44.43
N LEU H 211 2.87 -91.85 -45.10
CA LEU H 211 3.17 -92.09 -46.50
C LEU H 211 3.99 -93.37 -46.69
N GLU H 212 4.98 -93.60 -45.82
CA GLU H 212 5.81 -94.79 -45.95
C GLU H 212 5.01 -96.07 -45.74
N ARG H 213 3.99 -96.02 -44.88
CA ARG H 213 3.17 -97.21 -44.67
C ARG H 213 2.50 -97.68 -45.96
N LEU H 214 2.19 -96.75 -46.86
CA LEU H 214 1.52 -97.09 -48.11
C LEU H 214 2.47 -97.52 -49.21
N GLY H 215 3.79 -97.46 -48.99
CA GLY H 215 4.77 -97.88 -49.95
C GLY H 215 5.46 -96.77 -50.71
N LEU H 216 5.02 -95.51 -50.54
CA LEU H 216 5.66 -94.38 -51.21
C LEU H 216 6.90 -93.96 -50.42
N THR H 217 7.94 -94.79 -50.55
CA THR H 217 9.17 -94.58 -49.79
C THR H 217 9.90 -93.30 -50.19
N ALA H 218 9.96 -92.99 -51.49
CA ALA H 218 10.67 -91.80 -51.93
C ALA H 218 10.02 -90.51 -51.43
N LEU H 219 8.69 -90.45 -51.47
CA LEU H 219 7.99 -89.28 -50.94
C LEU H 219 8.25 -89.12 -49.46
N ALA H 220 8.22 -90.22 -48.70
CA ALA H 220 8.52 -90.16 -47.28
C ALA H 220 9.95 -89.69 -47.04
N ALA H 221 10.89 -90.16 -47.85
CA ALA H 221 12.28 -89.71 -47.74
C ALA H 221 12.41 -88.22 -48.00
N ARG H 222 11.68 -87.72 -49.00
CA ARG H 222 11.69 -86.28 -49.27
C ARG H 222 11.11 -85.50 -48.09
N ILE H 223 10.04 -86.02 -47.48
CA ILE H 223 9.46 -85.36 -46.31
C ILE H 223 10.46 -85.32 -45.16
N ARG H 224 11.17 -86.42 -44.93
CA ARG H 224 12.18 -86.44 -43.88
C ARG H 224 13.31 -85.47 -44.18
N ARG H 225 13.73 -85.38 -45.44
CA ARG H 225 14.74 -84.40 -45.82
C ARG H 225 14.27 -82.99 -45.53
N ALA H 226 13.01 -82.69 -45.86
CA ALA H 226 12.46 -81.37 -45.58
C ALA H 226 12.45 -81.09 -44.09
N ARG H 227 12.07 -82.08 -43.27
CA ARG H 227 12.07 -81.91 -41.83
C ARG H 227 13.48 -81.64 -41.30
N GLU H 228 14.46 -82.39 -41.79
CA GLU H 228 15.84 -82.20 -41.35
C GLU H 228 16.36 -80.83 -41.74
N LEU H 229 16.05 -80.37 -42.96
CA LEU H 229 16.44 -79.02 -43.34
C LEU H 229 15.74 -77.96 -42.51
N LEU H 230 14.48 -78.22 -42.12
CA LEU H 230 13.77 -77.29 -41.25
C LEU H 230 14.43 -77.19 -39.88
N LEU H 231 14.83 -78.33 -39.31
CA LEU H 231 15.42 -78.35 -37.98
C LEU H 231 16.82 -77.74 -37.95
N ALA H 232 17.47 -77.56 -39.10
CA ALA H 232 18.81 -77.02 -39.17
C ALA H 232 18.83 -75.52 -39.42
N GLY H 233 17.67 -74.87 -39.43
CA GLY H 233 17.59 -73.45 -39.69
C GLY H 233 17.36 -73.07 -41.13
N ARG H 234 17.45 -74.01 -42.06
CA ARG H 234 17.20 -73.76 -43.48
C ARG H 234 15.70 -73.83 -43.72
N VAL H 235 15.04 -72.68 -43.59
CA VAL H 235 13.59 -72.65 -43.59
C VAL H 235 13.03 -72.66 -45.01
N GLU H 236 13.54 -71.77 -45.87
CA GLU H 236 12.95 -71.60 -47.20
C GLU H 236 13.17 -72.84 -48.07
N GLU H 237 14.34 -73.47 -47.96
CA GLU H 237 14.60 -74.69 -48.73
C GLU H 237 13.65 -75.81 -48.32
N ALA H 238 13.44 -75.97 -47.01
CA ALA H 238 12.47 -76.95 -46.53
C ALA H 238 11.07 -76.61 -47.00
N LEU H 239 10.73 -75.32 -47.00
CA LEU H 239 9.41 -74.90 -47.47
C LEU H 239 9.19 -75.30 -48.92
N HIS H 240 10.17 -75.03 -49.78
CA HIS H 240 10.02 -75.37 -51.20
C HIS H 240 10.00 -76.88 -51.41
N LEU H 241 10.83 -77.63 -50.68
CA LEU H 241 10.80 -79.08 -50.79
C LEU H 241 9.44 -79.62 -50.39
N LEU H 242 8.87 -79.08 -49.31
CA LEU H 242 7.55 -79.50 -48.87
C LEU H 242 6.48 -79.14 -49.89
N GLN H 243 6.58 -77.96 -50.51
CA GLN H 243 5.61 -77.57 -51.53
C GLN H 243 5.66 -78.50 -52.73
N ASP H 244 6.88 -78.86 -53.18
CA ASP H 244 7.00 -79.81 -54.29
C ASP H 244 6.43 -81.17 -53.91
N ALA H 245 6.71 -81.63 -52.69
CA ALA H 245 6.17 -82.91 -52.24
C ALA H 245 4.64 -82.87 -52.21
N VAL H 246 4.08 -81.75 -51.75
CA VAL H 246 2.63 -81.60 -51.69
C VAL H 246 2.02 -81.62 -53.08
N GLU H 247 2.66 -80.93 -54.04
CA GLU H 247 2.15 -80.94 -55.40
C GLU H 247 2.17 -82.34 -56.00
N LEU H 248 3.25 -83.09 -55.77
CA LEU H 248 3.32 -84.44 -56.32
C LEU H 248 2.31 -85.36 -55.63
N LEU H 249 2.10 -85.17 -54.32
CA LEU H 249 1.07 -85.92 -53.62
C LEU H 249 -0.31 -85.61 -54.17
N HIS H 250 -0.57 -84.35 -54.50
CA HIS H 250 -1.84 -83.97 -55.12
C HIS H 250 -2.00 -84.64 -56.48
N GLU H 251 -0.92 -84.70 -57.27
CA GLU H 251 -0.97 -85.41 -58.54
C GLU H 251 -1.36 -86.86 -58.34
N ARG H 252 -0.71 -87.53 -57.38
CA ARG H 252 -1.03 -88.93 -57.12
C ARG H 252 -2.47 -89.09 -56.64
N ILE H 253 -2.93 -88.21 -55.76
CA ILE H 253 -4.27 -88.32 -55.19
C ILE H 253 -5.32 -88.15 -56.28
N ARG H 254 -5.16 -87.14 -57.12
CA ARG H 254 -6.12 -86.90 -58.19
C ARG H 254 -6.00 -87.90 -59.33
N GLU H 255 -4.86 -88.59 -59.46
CA GLU H 255 -4.79 -89.70 -60.40
C GLU H 255 -5.50 -90.94 -59.87
N LEU H 256 -5.42 -91.17 -58.56
CA LEU H 256 -6.09 -92.32 -57.97
C LEU H 256 -7.61 -92.20 -58.07
N GLY H 257 -8.15 -91.02 -57.83
CA GLY H 257 -9.58 -90.81 -57.88
C GLY H 257 -10.20 -90.87 -56.50
N PHE H 258 -11.36 -91.53 -56.40
CA PHE H 258 -12.07 -91.69 -55.13
C PHE H 258 -11.67 -92.94 -54.37
N GLU H 259 -10.78 -93.77 -54.94
CA GLU H 259 -10.30 -94.97 -54.27
C GLU H 259 -8.99 -94.73 -53.53
N ALA H 260 -8.67 -93.47 -53.24
CA ALA H 260 -7.43 -93.16 -52.53
C ALA H 260 -7.53 -93.61 -51.08
N PRO H 261 -6.59 -94.41 -50.59
CA PRO H 261 -6.61 -94.81 -49.18
C PRO H 261 -6.53 -93.61 -48.25
N GLU H 262 -7.08 -93.77 -47.05
CA GLU H 262 -7.13 -92.67 -46.08
C GLU H 262 -5.74 -92.16 -45.72
N GLU H 263 -4.69 -92.98 -45.91
CA GLU H 263 -3.34 -92.54 -45.60
C GLU H 263 -2.96 -91.31 -46.42
N LEU H 264 -3.29 -91.32 -47.71
CA LEU H 264 -2.93 -90.18 -48.57
C LEU H 264 -3.64 -88.91 -48.13
N LEU H 265 -4.93 -88.99 -47.82
CA LEU H 265 -5.68 -87.80 -47.41
C LEU H 265 -5.18 -87.27 -46.07
N LEU H 266 -4.95 -88.17 -45.11
CA LEU H 266 -4.47 -87.71 -43.81
C LEU H 266 -3.07 -87.11 -43.92
N ALA H 267 -2.20 -87.72 -44.72
CA ALA H 267 -0.88 -87.15 -44.95
C ALA H 267 -0.97 -85.79 -45.62
N ASP H 268 -1.89 -85.64 -46.56
CA ASP H 268 -2.06 -84.34 -47.23
C ASP H 268 -2.50 -83.28 -46.24
N LEU H 269 -3.45 -83.61 -45.36
CA LEU H 269 -3.89 -82.65 -44.36
C LEU H 269 -2.75 -82.27 -43.41
N LEU H 270 -1.99 -83.27 -42.96
CA LEU H 270 -0.86 -83.00 -42.08
C LEU H 270 0.19 -82.13 -42.78
N LEU H 271 0.44 -82.39 -44.06
CA LEU H 271 1.40 -81.60 -44.81
C LEU H 271 0.92 -80.16 -44.99
N GLN H 272 -0.39 -79.96 -45.18
CA GLN H 272 -0.91 -78.61 -45.26
C GLN H 272 -0.74 -77.86 -43.93
N ARG H 273 -1.03 -78.53 -42.81
CA ARG H 273 -0.80 -77.89 -41.52
C ARG H 273 0.67 -77.56 -41.32
N ALA H 274 1.56 -78.48 -41.72
CA ALA H 274 2.99 -78.21 -41.63
C ALA H 274 3.39 -77.03 -42.51
N LEU H 275 2.81 -76.93 -43.71
CA LEU H 275 3.10 -75.81 -44.59
C LEU H 275 2.70 -74.48 -43.96
N GLU H 276 1.50 -74.43 -43.38
CA GLU H 276 1.06 -73.22 -42.72
C GLU H 276 1.99 -72.85 -41.55
N LEU H 277 2.36 -73.85 -40.74
CA LEU H 277 3.24 -73.58 -39.60
C LEU H 277 4.60 -73.09 -40.05
N ILE H 278 5.17 -73.71 -41.10
CA ILE H 278 6.48 -73.32 -41.59
C ILE H 278 6.42 -71.92 -42.19
N SER H 279 5.35 -71.60 -42.92
CA SER H 279 5.20 -70.26 -43.47
C SER H 279 5.08 -69.22 -42.37
N SER H 280 4.41 -69.57 -41.27
CA SER H 280 4.26 -68.62 -40.17
C SER H 280 5.56 -68.39 -39.40
N ILE H 281 6.59 -69.20 -39.63
CA ILE H 281 7.86 -69.02 -38.95
C ILE H 281 8.53 -67.73 -39.40
N THR I 24 -50.16 -87.66 -51.80
CA THR I 24 -51.25 -86.70 -51.94
C THR I 24 -50.68 -85.29 -52.10
N VAL I 25 -49.47 -85.09 -51.58
CA VAL I 25 -48.69 -83.86 -51.70
C VAL I 25 -49.25 -82.78 -50.78
N GLU I 26 -50.56 -82.50 -50.88
CA GLU I 26 -51.15 -81.48 -50.01
C GLU I 26 -51.08 -81.91 -48.55
N GLU I 27 -51.51 -83.14 -48.26
CA GLU I 27 -51.44 -83.66 -46.90
C GLU I 27 -50.04 -83.52 -46.34
N GLU I 28 -49.02 -83.69 -47.19
CA GLU I 28 -47.66 -83.41 -46.76
C GLU I 28 -47.50 -81.96 -46.32
N VAL I 29 -48.19 -81.02 -46.98
CA VAL I 29 -48.06 -79.61 -46.62
C VAL I 29 -48.68 -79.35 -45.25
N ILE I 30 -49.91 -79.81 -45.03
CA ILE I 30 -50.52 -79.54 -43.73
C ILE I 30 -49.77 -80.28 -42.62
N ARG I 31 -49.35 -81.52 -42.89
CA ARG I 31 -48.56 -82.24 -41.90
C ARG I 31 -47.24 -81.54 -41.62
N PHE I 32 -46.62 -80.95 -42.64
CA PHE I 32 -45.38 -80.19 -42.44
C PHE I 32 -45.63 -79.02 -41.50
N ALA I 33 -46.71 -78.26 -41.74
CA ALA I 33 -47.00 -77.12 -40.87
C ALA I 33 -47.25 -77.56 -39.44
N GLU I 34 -48.09 -78.58 -39.25
CA GLU I 34 -48.41 -79.03 -37.90
C GLU I 34 -47.20 -79.60 -37.19
N GLU I 35 -46.40 -80.41 -37.89
CA GLU I 35 -45.21 -80.99 -37.29
C GLU I 35 -44.18 -79.92 -36.97
N LEU I 36 -44.08 -78.88 -37.79
CA LEU I 36 -43.18 -77.78 -37.49
C LEU I 36 -43.60 -77.07 -36.21
N ALA I 37 -44.90 -76.80 -36.07
CA ALA I 37 -45.38 -76.16 -34.84
C ALA I 37 -45.14 -77.06 -33.63
N GLU I 38 -45.39 -78.36 -33.78
CA GLU I 38 -45.15 -79.29 -32.68
C GLU I 38 -43.67 -79.37 -32.33
N GLU I 39 -42.79 -79.25 -33.33
CA GLU I 39 -41.36 -79.26 -33.06
C GLU I 39 -40.93 -78.01 -32.30
N ILE I 40 -41.48 -76.85 -32.65
CA ILE I 40 -41.21 -75.65 -31.86
C ILE I 40 -41.66 -75.86 -30.42
N ARG I 41 -42.87 -76.43 -30.24
CA ARG I 41 -43.36 -76.67 -28.89
C ARG I 41 -42.45 -77.62 -28.13
N ARG I 42 -41.98 -78.68 -28.79
CA ARG I 42 -41.12 -79.66 -28.12
C ARG I 42 -39.78 -79.05 -27.73
N VAL I 43 -39.18 -78.27 -28.64
CA VAL I 43 -37.85 -77.73 -28.38
C VAL I 43 -37.92 -76.64 -27.31
N THR I 44 -38.93 -75.78 -27.36
CA THR I 44 -39.00 -74.65 -26.44
C THR I 44 -40.07 -74.77 -25.39
N GLY I 45 -41.30 -75.13 -25.77
CA GLY I 45 -42.38 -75.20 -24.81
C GLY I 45 -43.39 -74.08 -25.01
N GLU I 46 -43.55 -73.24 -23.99
CA GLU I 46 -44.46 -72.10 -24.05
C GLU I 46 -43.75 -70.77 -23.86
N ALA I 47 -42.42 -70.77 -23.87
CA ALA I 47 -41.67 -69.52 -23.84
C ALA I 47 -41.71 -68.78 -25.17
N TYR I 48 -41.84 -69.51 -26.28
CA TYR I 48 -41.97 -68.93 -27.62
C TYR I 48 -43.26 -69.48 -28.21
N ARG I 49 -44.37 -68.79 -27.93
CA ARG I 49 -45.68 -69.22 -28.41
C ARG I 49 -46.20 -68.39 -29.57
N GLU I 50 -45.76 -67.14 -29.70
CA GLU I 50 -46.14 -66.33 -30.85
C GLU I 50 -45.61 -66.95 -32.14
N TYR I 51 -44.41 -67.54 -32.08
CA TYR I 51 -43.86 -68.20 -33.26
C TYR I 51 -44.71 -69.39 -33.68
N ALA I 52 -45.18 -70.19 -32.71
CA ALA I 52 -46.06 -71.31 -33.03
C ALA I 52 -47.40 -70.82 -33.57
N GLU I 53 -47.90 -69.72 -33.01
CA GLU I 53 -49.13 -69.12 -33.55
C GLU I 53 -48.95 -68.72 -35.00
N ALA I 54 -47.83 -68.07 -35.32
CA ALA I 54 -47.55 -67.65 -36.68
C ALA I 54 -47.42 -68.85 -37.61
N VAL I 55 -46.76 -69.92 -37.15
CA VAL I 55 -46.59 -71.10 -37.99
C VAL I 55 -47.94 -71.75 -38.26
N ARG I 56 -48.82 -71.83 -37.25
CA ARG I 56 -50.14 -72.41 -37.48
C ARG I 56 -50.97 -71.53 -38.40
N HIS I 57 -50.85 -70.21 -38.27
CA HIS I 57 -51.54 -69.32 -39.20
C HIS I 57 -51.06 -69.52 -40.63
N LEU I 58 -49.75 -69.66 -40.82
CA LEU I 58 -49.22 -69.90 -42.16
C LEU I 58 -49.66 -71.26 -42.69
N GLY I 59 -49.78 -72.27 -41.83
CA GLY I 59 -50.34 -73.54 -42.26
C GLY I 59 -51.78 -73.42 -42.71
N GLU I 60 -52.57 -72.62 -41.98
CA GLU I 60 -53.95 -72.36 -42.40
C GLU I 60 -53.99 -71.64 -43.74
N ALA I 61 -53.08 -70.68 -43.94
CA ALA I 61 -52.99 -69.99 -45.23
C ALA I 61 -52.65 -70.97 -46.36
N ALA I 62 -51.69 -71.87 -46.10
CA ALA I 62 -51.33 -72.87 -47.11
C ALA I 62 -52.50 -73.79 -47.42
N LYS I 63 -53.27 -74.16 -46.41
CA LYS I 63 -54.47 -74.95 -46.65
C LYS I 63 -55.49 -74.17 -47.48
N ALA I 64 -55.61 -72.87 -47.23
CA ALA I 64 -56.55 -72.04 -47.97
C ALA I 64 -56.14 -71.91 -49.43
N VAL I 65 -54.84 -71.76 -49.70
CA VAL I 65 -54.35 -71.63 -51.06
C VAL I 65 -54.72 -72.87 -51.89
N LEU I 66 -54.52 -74.05 -51.31
CA LEU I 66 -54.72 -75.30 -52.03
C LEU I 66 -56.19 -75.59 -52.32
N GLU I 67 -57.12 -74.84 -51.72
CA GLU I 67 -58.55 -75.08 -51.93
C GLU I 67 -59.15 -74.15 -52.97
N GLY I 68 -58.52 -73.01 -53.27
CA GLY I 68 -59.02 -72.11 -54.28
C GLY I 68 -59.19 -70.68 -53.80
N ASN I 69 -59.46 -70.50 -52.51
CA ASN I 69 -59.66 -69.17 -51.96
C ASN I 69 -58.32 -68.44 -51.91
N SER I 70 -58.21 -67.35 -52.68
CA SER I 70 -56.95 -66.63 -52.81
C SER I 70 -56.89 -65.33 -52.03
N VAL I 71 -58.01 -64.86 -51.48
CA VAL I 71 -58.00 -63.63 -50.70
C VAL I 71 -57.88 -63.93 -49.20
N GLU I 72 -58.42 -65.07 -48.76
CA GLU I 72 -58.20 -65.50 -47.37
C GLU I 72 -56.73 -65.72 -47.10
N ALA I 73 -55.99 -66.22 -48.10
CA ALA I 73 -54.55 -66.36 -47.95
C ALA I 73 -53.89 -65.01 -47.72
N ASP I 74 -54.29 -64.00 -48.48
CA ASP I 74 -53.73 -62.66 -48.30
C ASP I 74 -54.05 -62.11 -46.92
N LEU I 75 -55.29 -62.31 -46.45
CA LEU I 75 -55.67 -61.83 -45.13
C LEU I 75 -54.85 -62.53 -44.04
N ILE I 76 -54.66 -63.84 -44.17
CA ILE I 76 -53.90 -64.58 -43.17
C ILE I 76 -52.42 -64.17 -43.19
N VAL I 77 -51.86 -63.93 -44.38
CA VAL I 77 -50.48 -63.49 -44.47
C VAL I 77 -50.32 -62.11 -43.83
N THR I 78 -51.30 -61.23 -44.01
CA THR I 78 -51.24 -59.93 -43.35
C THR I 78 -51.34 -60.07 -41.84
N ASP I 79 -52.17 -61.01 -41.36
CA ASP I 79 -52.23 -61.27 -39.93
C ASP I 79 -50.88 -61.75 -39.40
N VAL I 80 -50.22 -62.64 -40.13
CA VAL I 80 -48.90 -63.11 -39.74
C VAL I 80 -47.90 -61.97 -39.75
N LEU I 81 -48.02 -61.07 -40.73
CA LEU I 81 -47.14 -59.91 -40.78
C LEU I 81 -47.32 -59.02 -39.56
N ARG I 82 -48.57 -58.81 -39.14
CA ARG I 82 -48.81 -58.04 -37.91
C ARG I 82 -48.22 -58.75 -36.69
N LEU I 83 -48.38 -60.07 -36.62
CA LEU I 83 -47.82 -60.82 -35.49
C LEU I 83 -46.30 -60.68 -35.43
N LEU I 84 -45.64 -60.83 -36.58
CA LEU I 84 -44.18 -60.70 -36.61
C LEU I 84 -43.72 -59.28 -36.35
N GLU I 85 -44.51 -58.28 -36.77
CA GLU I 85 -44.20 -56.90 -36.46
C GLU I 85 -44.29 -56.66 -34.95
N ARG I 86 -45.28 -57.27 -34.29
CA ARG I 86 -45.37 -57.18 -32.84
C ARG I 86 -44.20 -57.89 -32.17
N ILE I 87 -43.76 -59.02 -32.74
CA ILE I 87 -42.64 -59.77 -32.14
C ILE I 87 -41.37 -58.92 -32.13
N GLY I 88 -41.02 -58.35 -33.28
CA GLY I 88 -39.87 -57.46 -33.35
C GLY I 88 -38.62 -58.10 -33.93
N GLU I 89 -38.76 -58.87 -35.01
CA GLU I 89 -37.62 -59.46 -35.70
C GLU I 89 -37.57 -58.85 -37.10
N GLU I 90 -36.61 -57.94 -37.31
CA GLU I 90 -36.62 -57.11 -38.51
C GLU I 90 -36.50 -57.93 -39.78
N GLY I 91 -35.57 -58.89 -39.81
CA GLY I 91 -35.41 -59.72 -40.99
C GLY I 91 -36.66 -60.55 -41.27
N LEU I 92 -37.28 -61.09 -40.22
CA LEU I 92 -38.50 -61.85 -40.41
C LEU I 92 -39.63 -60.99 -40.95
N VAL I 93 -39.73 -59.74 -40.47
CA VAL I 93 -40.74 -58.82 -40.99
C VAL I 93 -40.48 -58.50 -42.46
N LYS I 94 -39.21 -58.27 -42.82
CA LYS I 94 -38.89 -58.01 -44.21
C LYS I 94 -39.27 -59.17 -45.11
N LEU I 95 -38.92 -60.39 -44.67
CA LEU I 95 -39.30 -61.58 -45.44
C LEU I 95 -40.81 -61.72 -45.53
N ALA I 96 -41.52 -61.37 -44.45
CA ALA I 96 -42.97 -61.44 -44.46
C ALA I 96 -43.57 -60.47 -45.48
N ARG I 97 -43.04 -59.24 -45.53
CA ARG I 97 -43.54 -58.27 -46.51
C ARG I 97 -43.28 -58.74 -47.93
N GLU I 98 -42.07 -59.26 -48.19
CA GLU I 98 -41.75 -59.73 -49.53
C GLU I 98 -42.64 -60.91 -49.92
N VAL I 99 -42.87 -61.83 -48.99
CA VAL I 99 -43.76 -62.96 -49.25
C VAL I 99 -45.17 -62.47 -49.51
N HIS I 100 -45.65 -61.49 -48.74
CA HIS I 100 -46.97 -60.93 -48.96
C HIS I 100 -47.12 -60.41 -50.38
N GLU I 101 -46.18 -59.56 -50.82
CA GLU I 101 -46.29 -58.95 -52.15
C GLU I 101 -46.20 -60.01 -53.24
N ARG I 102 -45.17 -60.87 -53.19
CA ARG I 102 -44.98 -61.85 -54.23
C ARG I 102 -46.14 -62.85 -54.28
N SER I 103 -46.60 -63.32 -53.12
CA SER I 103 -47.71 -64.26 -53.08
C SER I 103 -48.98 -63.65 -53.62
N PHE I 104 -49.25 -62.38 -53.28
CA PHE I 104 -50.43 -61.72 -53.83
C PHE I 104 -50.35 -61.66 -55.36
N GLU I 105 -49.22 -61.22 -55.89
CA GLU I 105 -49.09 -61.09 -57.35
C GLU I 105 -49.21 -62.45 -58.04
N LEU I 106 -48.54 -63.47 -57.49
CA LEU I 106 -48.57 -64.79 -58.13
C LEU I 106 -49.95 -65.42 -58.04
N LEU I 107 -50.63 -65.27 -56.89
CA LEU I 107 -51.97 -65.82 -56.77
C LEU I 107 -52.96 -65.12 -57.68
N ARG I 108 -52.79 -63.80 -57.88
CA ARG I 108 -53.60 -63.11 -58.87
C ARG I 108 -53.32 -63.65 -60.26
N LYS I 109 -52.05 -63.86 -60.60
CA LYS I 109 -51.72 -64.42 -61.91
C LYS I 109 -52.15 -65.87 -62.01
N GLY I 110 -51.87 -66.68 -60.98
CA GLY I 110 -52.29 -68.07 -60.98
C GLY I 110 -51.20 -69.05 -60.61
N ASN I 111 -50.06 -68.56 -60.12
CA ASN I 111 -48.94 -69.42 -59.73
C ASN I 111 -49.17 -69.90 -58.30
N ARG I 112 -49.95 -70.97 -58.19
CA ARG I 112 -50.25 -71.55 -56.87
C ARG I 112 -49.00 -72.09 -56.20
N VAL I 113 -48.18 -72.81 -56.97
CA VAL I 113 -47.06 -73.57 -56.40
C VAL I 113 -46.02 -72.62 -55.79
N GLU I 114 -45.71 -71.52 -56.48
CA GLU I 114 -44.71 -70.61 -55.96
C GLU I 114 -45.20 -69.87 -54.71
N ALA I 115 -46.49 -69.52 -54.66
CA ALA I 115 -47.04 -68.92 -53.45
C ALA I 115 -46.98 -69.91 -52.29
N LEU I 116 -47.31 -71.18 -52.55
CA LEU I 116 -47.17 -72.20 -51.51
C LEU I 116 -45.73 -72.30 -51.03
N ALA I 117 -44.77 -72.27 -51.96
CA ALA I 117 -43.36 -72.35 -51.60
C ALA I 117 -42.95 -71.17 -50.74
N LEU I 118 -43.40 -69.97 -51.08
CA LEU I 118 -43.07 -68.79 -50.28
C LEU I 118 -43.67 -68.89 -48.88
N ILE I 119 -44.92 -69.37 -48.77
CA ILE I 119 -45.55 -69.52 -47.47
C ILE I 119 -44.77 -70.51 -46.61
N LEU I 120 -44.40 -71.65 -47.21
CA LEU I 120 -43.63 -72.65 -46.47
C LEU I 120 -42.27 -72.12 -46.06
N ALA I 121 -41.62 -71.36 -46.94
CA ALA I 121 -40.33 -70.77 -46.60
C ALA I 121 -40.46 -69.80 -45.43
N LEU I 122 -41.53 -68.99 -45.42
CA LEU I 122 -41.74 -68.08 -44.29
C LEU I 122 -41.96 -68.86 -43.00
N ALA I 123 -42.76 -69.93 -43.06
CA ALA I 123 -43.02 -70.73 -41.86
C ALA I 123 -41.73 -71.33 -41.33
N LEU I 124 -40.91 -71.89 -42.22
CA LEU I 124 -39.64 -72.46 -41.80
C LEU I 124 -38.72 -71.40 -41.23
N ALA I 125 -38.71 -70.20 -41.82
CA ALA I 125 -37.88 -69.13 -41.29
C ALA I 125 -38.29 -68.76 -39.87
N VAL I 126 -39.59 -68.65 -39.61
CA VAL I 126 -40.05 -68.33 -38.27
C VAL I 126 -39.65 -69.43 -37.29
N ALA I 127 -39.86 -70.69 -37.68
CA ALA I 127 -39.54 -71.80 -36.79
C ALA I 127 -38.05 -71.85 -36.48
N LEU I 128 -37.21 -71.69 -37.50
CA LEU I 128 -35.77 -71.74 -37.29
C LEU I 128 -35.29 -70.55 -36.46
N THR I 129 -35.89 -69.38 -36.66
CA THR I 129 -35.53 -68.23 -35.84
C THR I 129 -35.84 -68.48 -34.37
N ALA I 130 -37.03 -69.02 -34.09
CA ALA I 130 -37.39 -69.33 -32.71
C ALA I 130 -36.44 -70.36 -32.10
N VAL I 131 -36.18 -71.44 -32.84
CA VAL I 131 -35.33 -72.51 -32.32
C VAL I 131 -33.92 -72.01 -32.07
N SER I 132 -33.36 -71.23 -33.01
CA SER I 132 -32.01 -70.72 -32.86
C SER I 132 -31.93 -69.75 -31.69
N LYS I 133 -32.94 -68.89 -31.52
CA LYS I 133 -32.94 -67.99 -30.38
C LYS I 133 -32.97 -68.76 -29.07
N ALA I 134 -33.80 -69.80 -28.98
CA ALA I 134 -33.85 -70.61 -27.76
C ALA I 134 -32.51 -71.29 -27.50
N PHE I 135 -31.90 -71.85 -28.56
CA PHE I 135 -30.63 -72.56 -28.41
C PHE I 135 -29.53 -71.62 -27.96
N PHE I 136 -29.47 -70.41 -28.52
CA PHE I 136 -28.45 -69.46 -28.10
C PHE I 136 -28.70 -68.98 -26.68
N LEU I 137 -29.96 -68.74 -26.31
CA LEU I 137 -30.25 -68.29 -24.95
C LEU I 137 -29.87 -69.34 -23.93
N LEU I 138 -30.14 -70.61 -24.22
CA LEU I 138 -29.74 -71.68 -23.31
C LEU I 138 -28.22 -71.73 -23.16
N GLY I 139 -27.49 -71.61 -24.27
CA GLY I 139 -26.04 -71.68 -24.24
C GLY I 139 -25.51 -72.88 -24.99
N GLN I 140 -26.33 -73.45 -25.86
CA GLN I 140 -25.96 -74.66 -26.59
C GLN I 140 -24.82 -74.37 -27.56
N PRO I 141 -24.00 -75.36 -27.87
CA PRO I 141 -22.95 -75.17 -28.87
C PRO I 141 -23.51 -75.15 -30.28
N ALA I 142 -22.66 -74.76 -31.23
CA ALA I 142 -23.09 -74.54 -32.61
C ALA I 142 -23.40 -75.84 -33.34
N ARG I 143 -22.92 -76.99 -32.85
CA ARG I 143 -23.08 -78.23 -33.58
C ARG I 143 -24.55 -78.62 -33.73
N LEU I 144 -25.28 -78.63 -32.62
CA LEU I 144 -26.69 -79.03 -32.67
C LEU I 144 -27.52 -78.03 -33.47
N ILE I 145 -27.22 -76.74 -33.34
CA ILE I 145 -27.91 -75.73 -34.15
C ILE I 145 -27.70 -76.01 -35.62
N ALA I 146 -26.46 -76.31 -36.01
CA ALA I 146 -26.16 -76.57 -37.41
C ALA I 146 -26.89 -77.82 -37.91
N GLU I 147 -26.87 -78.89 -37.12
CA GLU I 147 -27.55 -80.11 -37.55
C GLU I 147 -29.06 -79.90 -37.67
N TYR I 148 -29.67 -79.20 -36.71
CA TYR I 148 -31.11 -78.97 -36.78
C TYR I 148 -31.47 -78.11 -37.97
N VAL I 149 -30.71 -77.04 -38.23
CA VAL I 149 -30.98 -76.18 -39.37
C VAL I 149 -30.85 -76.96 -40.67
N GLY I 150 -29.79 -77.78 -40.78
CA GLY I 150 -29.62 -78.59 -41.97
C GLY I 150 -30.77 -79.57 -42.17
N GLU I 151 -31.20 -80.23 -41.10
CA GLU I 151 -32.29 -81.20 -41.22
C GLU I 151 -33.59 -80.51 -41.65
N LYS I 152 -33.90 -79.36 -41.05
CA LYS I 152 -35.12 -78.65 -41.43
C LYS I 152 -35.07 -78.17 -42.87
N LEU I 153 -33.91 -77.64 -43.29
CA LEU I 153 -33.77 -77.23 -44.69
C LEU I 153 -33.91 -78.41 -45.63
N LEU I 154 -33.38 -79.57 -45.25
CA LEU I 154 -33.55 -80.77 -46.06
C LEU I 154 -35.01 -81.16 -46.19
N GLU I 155 -35.75 -81.12 -45.08
CA GLU I 155 -37.18 -81.44 -45.14
C GLU I 155 -37.92 -80.48 -46.04
N LEU I 156 -37.64 -79.18 -45.91
CA LEU I 156 -38.30 -78.20 -46.78
C LEU I 156 -37.94 -78.44 -48.25
N ARG I 157 -36.68 -78.75 -48.53
CA ARG I 157 -36.26 -78.99 -49.91
C ARG I 157 -36.98 -80.21 -50.49
N ARG I 158 -37.09 -81.29 -49.71
CA ARG I 158 -37.82 -82.45 -50.19
C ARG I 158 -39.29 -82.13 -50.44
N LEU I 159 -39.91 -81.36 -49.54
CA LEU I 159 -41.31 -81.00 -49.73
C LEU I 159 -41.49 -80.17 -51.00
N LEU I 160 -40.63 -79.16 -51.20
CA LEU I 160 -40.74 -78.31 -52.38
C LEU I 160 -40.50 -79.10 -53.66
N GLU I 161 -39.51 -80.01 -53.65
CA GLU I 161 -39.28 -80.84 -54.82
C GLU I 161 -40.47 -81.75 -55.12
N LYS I 162 -41.12 -82.25 -54.08
CA LYS I 162 -42.33 -83.03 -54.29
C LYS I 162 -43.45 -82.17 -54.85
N LEU I 163 -43.53 -80.90 -54.44
CA LEU I 163 -44.57 -80.01 -54.95
C LEU I 163 -44.37 -79.73 -56.44
N GLY I 164 -43.16 -79.34 -56.84
CA GLY I 164 -42.90 -79.08 -58.24
C GLY I 164 -42.13 -77.81 -58.50
N VAL I 165 -41.68 -77.14 -57.44
CA VAL I 165 -40.94 -75.88 -57.61
C VAL I 165 -39.61 -76.18 -58.29
N PRO I 166 -39.18 -75.40 -59.28
CA PRO I 166 -37.88 -75.64 -59.90
C PRO I 166 -36.74 -75.46 -58.89
N LEU I 167 -35.66 -76.22 -59.14
CA LEU I 167 -34.56 -76.28 -58.18
C LEU I 167 -33.92 -74.92 -57.89
N PRO I 168 -33.58 -74.07 -58.88
CA PRO I 168 -32.96 -72.79 -58.55
C PRO I 168 -33.79 -71.93 -57.62
N GLU I 169 -35.12 -71.91 -57.81
CA GLU I 169 -35.97 -71.13 -56.91
C GLU I 169 -35.99 -71.72 -55.51
N VAL I 170 -35.98 -73.05 -55.41
CA VAL I 170 -35.90 -73.70 -54.10
C VAL I 170 -34.63 -73.28 -53.38
N ILE I 171 -33.50 -73.31 -54.08
CA ILE I 171 -32.23 -72.95 -53.47
C ILE I 171 -32.24 -71.48 -53.07
N ALA I 172 -32.80 -70.61 -53.91
CA ALA I 172 -32.87 -69.19 -53.58
C ALA I 172 -33.70 -68.98 -52.31
N LEU I 173 -34.82 -69.69 -52.19
CA LEU I 173 -35.63 -69.60 -50.98
C LEU I 173 -34.86 -70.10 -49.76
N LEU I 174 -34.09 -71.18 -49.92
CA LEU I 174 -33.32 -71.71 -48.79
C LEU I 174 -32.27 -70.72 -48.32
N LEU I 175 -31.56 -70.08 -49.25
CA LEU I 175 -30.62 -69.03 -48.83
C LEU I 175 -31.32 -67.80 -48.29
N ARG I 176 -32.55 -67.52 -48.73
CA ARG I 176 -33.31 -66.44 -48.09
C ARG I 176 -33.59 -66.76 -46.63
N VAL I 177 -34.03 -67.98 -46.35
CA VAL I 177 -34.26 -68.41 -44.98
C VAL I 177 -32.98 -68.36 -44.17
N LEU I 178 -31.88 -68.82 -44.76
CA LEU I 178 -30.59 -68.80 -44.08
C LEU I 178 -30.14 -67.38 -43.79
N GLU I 179 -30.39 -66.45 -44.71
CA GLU I 179 -30.06 -65.05 -44.50
C GLU I 179 -30.87 -64.49 -43.34
N VAL I 180 -32.16 -64.83 -43.27
CA VAL I 180 -32.99 -64.38 -42.16
C VAL I 180 -32.43 -64.89 -40.84
N VAL I 181 -32.10 -66.18 -40.79
CA VAL I 181 -31.58 -66.77 -39.56
C VAL I 181 -30.25 -66.13 -39.16
N GLU I 182 -29.37 -65.90 -40.15
CA GLU I 182 -28.08 -65.28 -39.87
C GLU I 182 -28.25 -63.87 -39.34
N GLU I 183 -29.16 -63.10 -39.93
CA GLU I 183 -29.41 -61.74 -39.45
C GLU I 183 -29.93 -61.77 -38.02
N SER I 184 -30.87 -62.69 -37.73
CA SER I 184 -31.38 -62.82 -36.38
C SER I 184 -30.25 -63.15 -35.40
N LEU I 185 -29.38 -64.08 -35.77
CA LEU I 185 -28.28 -64.47 -34.90
C LEU I 185 -27.32 -63.31 -34.65
N LYS I 186 -26.98 -62.56 -35.71
CA LYS I 186 -26.09 -61.42 -35.56
C LYS I 186 -26.71 -60.37 -34.65
N ALA I 187 -28.00 -60.07 -34.84
CA ALA I 187 -28.66 -59.05 -34.02
C ALA I 187 -28.85 -59.50 -32.58
N MET I 188 -28.98 -60.80 -32.34
CA MET I 188 -29.26 -61.29 -30.99
C MET I 188 -28.03 -61.19 -30.10
N GLY I 189 -26.84 -61.43 -30.63
CA GLY I 189 -25.63 -61.27 -29.83
C GLY I 189 -24.54 -62.31 -30.06
N MET I 190 -24.79 -63.27 -30.96
CA MET I 190 -23.79 -64.31 -31.21
C MET I 190 -22.51 -63.73 -31.79
N GLU I 191 -21.38 -64.31 -31.42
CA GLU I 191 -20.11 -63.93 -31.99
C GLU I 191 -20.04 -64.36 -33.45
N PRO I 192 -19.42 -63.56 -34.32
CA PRO I 192 -19.45 -63.85 -35.77
C PRO I 192 -18.92 -65.23 -36.14
N ARG I 193 -17.93 -65.74 -35.42
CA ARG I 193 -17.32 -67.01 -35.83
C ARG I 193 -18.31 -68.16 -35.77
N GLU I 194 -19.12 -68.23 -34.71
CA GLU I 194 -20.11 -69.30 -34.61
C GLU I 194 -21.19 -69.18 -35.68
N ILE I 195 -21.62 -67.95 -36.00
CA ILE I 195 -22.59 -67.77 -37.07
C ILE I 195 -22.02 -68.24 -38.39
N ASN I 196 -20.76 -67.87 -38.67
CA ASN I 196 -20.12 -68.34 -39.90
C ASN I 196 -20.03 -69.85 -39.92
N ARG I 197 -19.72 -70.47 -38.77
CA ARG I 197 -19.61 -71.92 -38.70
C ARG I 197 -20.93 -72.59 -39.01
N VAL I 198 -22.03 -72.11 -38.42
CA VAL I 198 -23.31 -72.77 -38.63
C VAL I 198 -23.81 -72.54 -40.06
N LEU I 199 -23.60 -71.34 -40.60
CA LEU I 199 -23.98 -71.09 -41.99
C LEU I 199 -23.19 -71.97 -42.94
N ALA I 200 -21.88 -72.11 -42.71
CA ALA I 200 -21.07 -72.97 -43.55
C ALA I 200 -21.51 -74.42 -43.45
N ALA I 201 -21.86 -74.88 -42.24
CA ALA I 201 -22.35 -76.24 -42.09
C ALA I 201 -23.65 -76.47 -42.85
N ALA I 202 -24.57 -75.49 -42.78
CA ALA I 202 -25.83 -75.61 -43.51
C ALA I 202 -25.60 -75.65 -45.01
N TYR I 203 -24.73 -74.76 -45.52
CA TYR I 203 -24.40 -74.79 -46.94
C TYR I 203 -23.76 -76.12 -47.33
N LEU I 204 -22.89 -76.65 -46.48
CA LEU I 204 -22.21 -77.90 -46.78
C LEU I 204 -23.18 -79.06 -46.84
N THR I 205 -24.12 -79.16 -45.90
CA THR I 205 -25.06 -80.27 -45.96
C THR I 205 -26.01 -80.12 -47.14
N LEU I 206 -26.42 -78.89 -47.48
CA LEU I 206 -27.24 -78.69 -48.66
C LEU I 206 -26.51 -79.14 -49.92
N ALA I 207 -25.25 -78.73 -50.06
CA ALA I 207 -24.47 -79.10 -51.24
C ALA I 207 -24.22 -80.61 -51.28
N ALA I 208 -23.98 -81.22 -50.12
CA ALA I 208 -23.77 -82.66 -50.08
C ALA I 208 -25.02 -83.41 -50.53
N GLU I 209 -26.20 -82.98 -50.07
CA GLU I 209 -27.43 -83.61 -50.54
C GLU I 209 -27.61 -83.41 -52.04
N LEU I 210 -27.33 -82.21 -52.54
CA LEU I 210 -27.47 -81.94 -53.96
C LEU I 210 -26.56 -82.84 -54.78
N LEU I 211 -25.31 -83.00 -54.35
CA LEU I 211 -24.37 -83.87 -55.06
C LEU I 211 -24.80 -85.33 -54.97
N GLU I 212 -25.25 -85.78 -53.80
CA GLU I 212 -25.65 -87.17 -53.64
C GLU I 212 -26.85 -87.51 -54.49
N ARG I 213 -27.76 -86.54 -54.70
CA ARG I 213 -28.92 -86.80 -55.55
C ARG I 213 -28.50 -87.19 -56.97
N LEU I 214 -27.37 -86.67 -57.45
CA LEU I 214 -26.90 -86.94 -58.80
C LEU I 214 -26.08 -88.22 -58.89
N GLY I 215 -25.81 -88.89 -57.78
CA GLY I 215 -25.06 -90.13 -57.79
C GLY I 215 -23.62 -90.03 -57.35
N LEU I 216 -23.08 -88.81 -57.24
CA LEU I 216 -21.69 -88.62 -56.79
C LEU I 216 -21.64 -88.78 -55.28
N THR I 217 -21.78 -90.05 -54.85
CA THR I 217 -21.83 -90.35 -53.42
C THR I 217 -20.50 -90.12 -52.72
N ALA I 218 -19.38 -90.40 -53.37
CA ALA I 218 -18.08 -90.19 -52.72
C ALA I 218 -17.78 -88.71 -52.51
N LEU I 219 -18.13 -87.87 -53.48
CA LEU I 219 -17.96 -86.44 -53.31
C LEU I 219 -18.83 -85.91 -52.17
N ALA I 220 -20.07 -86.40 -52.08
CA ALA I 220 -20.94 -86.02 -50.98
C ALA I 220 -20.37 -86.47 -49.64
N ALA I 221 -19.79 -87.68 -49.60
CA ALA I 221 -19.17 -88.15 -48.38
C ALA I 221 -18.00 -87.27 -47.98
N ARG I 222 -17.20 -86.84 -48.95
CA ARG I 222 -16.10 -85.94 -48.65
C ARG I 222 -16.61 -84.60 -48.12
N ILE I 223 -17.70 -84.09 -48.69
CA ILE I 223 -18.27 -82.84 -48.21
C ILE I 223 -18.76 -83.00 -46.77
N ARG I 224 -19.41 -84.13 -46.46
CA ARG I 224 -19.87 -84.36 -45.10
C ARG I 224 -18.68 -84.49 -44.13
N ARG I 225 -17.61 -85.14 -44.56
CA ARG I 225 -16.40 -85.20 -43.74
C ARG I 225 -15.85 -83.81 -43.47
N ALA I 226 -15.83 -82.95 -44.49
CA ALA I 226 -15.36 -81.59 -44.30
C ALA I 226 -16.25 -80.84 -43.31
N ARG I 227 -17.57 -81.03 -43.42
CA ARG I 227 -18.48 -80.37 -42.48
C ARG I 227 -18.24 -80.85 -41.05
N GLU I 228 -18.06 -82.17 -40.87
CA GLU I 228 -17.82 -82.71 -39.54
C GLU I 228 -16.51 -82.21 -38.95
N LEU I 229 -15.46 -82.10 -39.78
CA LEU I 229 -14.21 -81.53 -39.29
C LEU I 229 -14.36 -80.05 -38.96
N LEU I 230 -15.19 -79.33 -39.72
CA LEU I 230 -15.43 -77.93 -39.42
C LEU I 230 -16.15 -77.76 -38.08
N LEU I 231 -17.14 -78.60 -37.81
CA LEU I 231 -17.92 -78.48 -36.58
C LEU I 231 -17.13 -78.89 -35.34
N ALA I 232 -16.00 -79.59 -35.50
CA ALA I 232 -15.19 -80.04 -34.38
C ALA I 232 -14.05 -79.09 -34.04
N GLY I 233 -14.00 -77.93 -34.69
CA GLY I 233 -12.94 -76.96 -34.45
C GLY I 233 -11.76 -77.07 -35.38
N ARG I 234 -11.66 -78.13 -36.16
CA ARG I 234 -10.57 -78.32 -37.12
C ARG I 234 -10.92 -77.53 -38.38
N VAL I 235 -10.47 -76.28 -38.42
CA VAL I 235 -10.90 -75.36 -39.47
C VAL I 235 -10.07 -75.56 -40.74
N GLU I 236 -8.74 -75.56 -40.61
CA GLU I 236 -7.87 -75.59 -41.79
C GLU I 236 -7.99 -76.91 -42.54
N GLU I 237 -8.11 -78.02 -41.82
CA GLU I 237 -8.27 -79.31 -42.48
C GLU I 237 -9.55 -79.37 -43.28
N ALA I 238 -10.65 -78.88 -42.71
CA ALA I 238 -11.91 -78.80 -43.45
C ALA I 238 -11.79 -77.87 -44.64
N LEU I 239 -11.07 -76.75 -44.47
CA LEU I 239 -10.85 -75.82 -45.57
C LEU I 239 -10.16 -76.52 -46.74
N HIS I 240 -9.08 -77.26 -46.46
CA HIS I 240 -8.35 -77.92 -47.54
C HIS I 240 -9.16 -79.04 -48.16
N LEU I 241 -9.90 -79.81 -47.34
CA LEU I 241 -10.77 -80.84 -47.90
C LEU I 241 -11.80 -80.24 -48.82
N LEU I 242 -12.39 -79.12 -48.42
CA LEU I 242 -13.37 -78.44 -49.25
C LEU I 242 -12.74 -77.93 -50.55
N GLN I 243 -11.53 -77.38 -50.47
CA GLN I 243 -10.87 -76.90 -51.68
C GLN I 243 -10.59 -78.04 -52.65
N ASP I 244 -10.12 -79.18 -52.14
CA ASP I 244 -9.89 -80.34 -53.01
C ASP I 244 -11.19 -80.82 -53.64
N ALA I 245 -12.26 -80.87 -52.85
CA ALA I 245 -13.55 -81.27 -53.40
C ALA I 245 -14.02 -80.29 -54.48
N VAL I 246 -13.79 -78.99 -54.27
CA VAL I 246 -14.17 -77.98 -55.25
C VAL I 246 -13.39 -78.17 -56.54
N GLU I 247 -12.08 -78.43 -56.43
CA GLU I 247 -11.29 -78.66 -57.64
C GLU I 247 -11.77 -79.89 -58.40
N LEU I 248 -12.08 -80.97 -57.69
CA LEU I 248 -12.56 -82.17 -58.37
C LEU I 248 -13.92 -81.93 -59.01
N LEU I 249 -14.80 -81.19 -58.33
CA LEU I 249 -16.09 -80.83 -58.90
C LEU I 249 -15.93 -79.98 -60.15
N HIS I 250 -14.99 -79.03 -60.12
CA HIS I 250 -14.71 -78.22 -61.30
C HIS I 250 -14.21 -79.08 -62.45
N GLU I 251 -13.34 -80.05 -62.15
CA GLU I 251 -12.88 -80.98 -63.17
C GLU I 251 -14.05 -81.72 -63.81
N ARG I 252 -14.96 -82.24 -62.99
CA ARG I 252 -16.11 -82.95 -63.52
C ARG I 252 -17.00 -82.03 -64.35
N ILE I 253 -17.24 -80.81 -63.85
CA ILE I 253 -18.13 -79.87 -64.54
C ILE I 253 -17.57 -79.49 -65.90
N ARG I 254 -16.28 -79.17 -65.96
CA ARG I 254 -15.65 -78.81 -67.23
C ARG I 254 -15.42 -80.01 -68.13
N GLU I 255 -15.45 -81.24 -67.59
CA GLU I 255 -15.43 -82.41 -68.45
C GLU I 255 -16.79 -82.65 -69.09
N LEU I 256 -17.87 -82.40 -68.35
CA LEU I 256 -19.20 -82.62 -68.91
C LEU I 256 -19.52 -81.61 -70.00
N GLY I 257 -19.13 -80.35 -69.81
CA GLY I 257 -19.38 -79.31 -70.80
C GLY I 257 -20.62 -78.50 -70.45
N PHE I 258 -21.45 -78.23 -71.44
CA PHE I 258 -22.67 -77.45 -71.26
C PHE I 258 -23.88 -78.32 -70.96
N GLU I 259 -23.73 -79.64 -70.88
CA GLU I 259 -24.80 -80.55 -70.52
C GLU I 259 -24.78 -80.90 -69.03
N ALA I 260 -24.10 -80.10 -68.22
CA ALA I 260 -24.03 -80.37 -66.79
C ALA I 260 -25.37 -80.10 -66.13
N PRO I 261 -25.93 -81.06 -65.39
CA PRO I 261 -27.20 -80.81 -64.70
C PRO I 261 -27.05 -79.66 -63.70
N GLU I 262 -28.19 -78.99 -63.44
CA GLU I 262 -28.20 -77.84 -62.55
C GLU I 262 -27.72 -78.18 -61.15
N GLU I 263 -27.79 -79.46 -60.76
CA GLU I 263 -27.32 -79.86 -59.44
C GLU I 263 -25.85 -79.53 -59.24
N LEU I 264 -25.02 -79.80 -60.24
CA LEU I 264 -23.60 -79.53 -60.12
C LEU I 264 -23.31 -78.05 -59.98
N LEU I 265 -23.98 -77.21 -60.78
CA LEU I 265 -23.74 -75.77 -60.70
C LEU I 265 -24.21 -75.21 -59.37
N LEU I 266 -25.39 -75.62 -58.90
CA LEU I 266 -25.88 -75.13 -57.62
C LEU I 266 -24.98 -75.59 -56.47
N ALA I 267 -24.52 -76.84 -56.53
CA ALA I 267 -23.60 -77.33 -55.51
C ALA I 267 -22.29 -76.57 -55.55
N ASP I 268 -21.80 -76.24 -56.74
CA ASP I 268 -20.57 -75.45 -56.84
C ASP I 268 -20.74 -74.08 -56.21
N LEU I 269 -21.86 -73.41 -56.49
CA LEU I 269 -22.10 -72.10 -55.89
C LEU I 269 -22.19 -72.20 -54.37
N LEU I 270 -22.90 -73.21 -53.86
CA LEU I 270 -23.01 -73.39 -52.42
C LEU I 270 -21.66 -73.67 -51.79
N LEU I 271 -20.83 -74.49 -52.46
CA LEU I 271 -19.50 -74.78 -51.96
C LEU I 271 -18.62 -73.55 -51.95
N GLN I 272 -18.75 -72.67 -52.95
CA GLN I 272 -17.99 -71.44 -52.94
C GLN I 272 -18.41 -70.53 -51.79
N ARG I 273 -19.72 -70.42 -51.53
CA ARG I 273 -20.15 -69.63 -50.39
C ARG I 273 -19.64 -70.22 -49.07
N ALA I 274 -19.69 -71.55 -48.94
CA ALA I 274 -19.17 -72.20 -47.75
C ALA I 274 -17.67 -71.97 -47.61
N LEU I 275 -16.93 -72.01 -48.71
CA LEU I 275 -15.50 -71.75 -48.68
C LEU I 275 -15.22 -70.33 -48.20
N GLU I 276 -15.96 -69.36 -48.72
CA GLU I 276 -15.77 -67.98 -48.28
C GLU I 276 -16.07 -67.83 -46.79
N LEU I 277 -17.17 -68.44 -46.33
CA LEU I 277 -17.53 -68.34 -44.92
C LEU I 277 -16.48 -68.99 -44.03
N ILE I 278 -15.98 -70.15 -44.42
CA ILE I 278 -14.96 -70.84 -43.64
C ILE I 278 -13.67 -70.02 -43.62
N SER I 279 -13.30 -69.43 -44.75
CA SER I 279 -12.10 -68.60 -44.79
C SER I 279 -12.23 -67.38 -43.90
N SER I 280 -13.43 -66.80 -43.85
CA SER I 280 -13.64 -65.62 -43.01
C SER I 280 -13.66 -65.94 -41.53
N ILE I 281 -13.69 -67.22 -41.15
CA ILE I 281 -13.71 -67.62 -39.74
C ILE I 281 -12.40 -67.20 -39.07
N THR J 24 -34.31 -50.26 -95.66
CA THR J 24 -33.98 -48.97 -96.27
C THR J 24 -32.83 -48.33 -95.51
N VAL J 25 -32.65 -48.74 -94.26
CA VAL J 25 -31.54 -48.34 -93.40
C VAL J 25 -31.67 -46.89 -92.95
N GLU J 26 -31.84 -45.96 -93.90
CA GLU J 26 -32.01 -44.56 -93.54
C GLU J 26 -33.29 -44.36 -92.74
N GLU J 27 -34.40 -44.90 -93.24
CA GLU J 27 -35.67 -44.84 -92.52
C GLU J 27 -35.52 -45.40 -91.11
N GLU J 28 -34.68 -46.43 -90.95
CA GLU J 28 -34.40 -46.95 -89.62
C GLU J 28 -33.76 -45.88 -88.74
N VAL J 29 -32.86 -45.07 -89.29
CA VAL J 29 -32.20 -44.02 -88.51
C VAL J 29 -33.20 -42.95 -88.10
N ILE J 30 -34.02 -42.48 -89.04
CA ILE J 30 -35.01 -41.45 -88.70
C ILE J 30 -36.00 -41.97 -87.69
N ARG J 31 -36.50 -43.20 -87.88
CA ARG J 31 -37.42 -43.80 -86.92
C ARG J 31 -36.75 -44.00 -85.57
N PHE J 32 -35.46 -44.33 -85.55
CA PHE J 32 -34.74 -44.47 -84.29
C PHE J 32 -34.73 -43.14 -83.53
N ALA J 33 -34.43 -42.05 -84.23
CA ALA J 33 -34.41 -40.75 -83.56
C ALA J 33 -35.79 -40.38 -83.03
N GLU J 34 -36.82 -40.52 -83.87
CA GLU J 34 -38.17 -40.16 -83.45
C GLU J 34 -38.65 -41.03 -82.29
N GLU J 35 -38.41 -42.34 -82.38
CA GLU J 35 -38.82 -43.24 -81.30
C GLU J 35 -38.05 -42.97 -80.02
N LEU J 36 -36.78 -42.59 -80.12
CA LEU J 36 -36.03 -42.24 -78.93
C LEU J 36 -36.62 -41.02 -78.25
N ALA J 37 -36.96 -39.99 -79.04
CA ALA J 37 -37.59 -38.81 -78.46
C ALA J 37 -38.95 -39.15 -77.83
N GLU J 38 -39.73 -39.98 -78.52
CA GLU J 38 -41.03 -40.39 -77.98
C GLU J 38 -40.86 -41.20 -76.70
N GLU J 39 -39.80 -42.01 -76.61
CA GLU J 39 -39.54 -42.78 -75.40
C GLU J 39 -39.16 -41.86 -74.24
N ILE J 40 -38.36 -40.82 -74.51
CA ILE J 40 -38.09 -39.83 -73.47
C ILE J 40 -39.39 -39.21 -72.98
N ARG J 41 -40.26 -38.83 -73.92
CA ARG J 41 -41.53 -38.22 -73.55
C ARG J 41 -42.40 -39.18 -72.73
N ARG J 42 -42.44 -40.45 -73.12
CA ARG J 42 -43.25 -41.42 -72.41
C ARG J 42 -42.72 -41.67 -71.00
N VAL J 43 -41.40 -41.82 -70.87
CA VAL J 43 -40.82 -42.15 -69.56
C VAL J 43 -40.93 -40.96 -68.61
N THR J 44 -40.66 -39.75 -69.10
CA THR J 44 -40.61 -38.58 -68.22
C THR J 44 -41.76 -37.60 -68.46
N GLY J 45 -42.06 -37.26 -69.70
CA GLY J 45 -43.10 -36.29 -69.98
C GLY J 45 -42.55 -34.96 -70.45
N GLU J 46 -42.89 -33.88 -69.74
CA GLU J 46 -42.41 -32.54 -70.08
C GLU J 46 -41.48 -31.98 -69.02
N ALA J 47 -41.09 -32.81 -68.04
CA ALA J 47 -40.10 -32.38 -67.06
C ALA J 47 -38.70 -32.32 -67.64
N TYR J 48 -38.40 -33.15 -68.64
CA TYR J 48 -37.12 -33.12 -69.35
C TYR J 48 -37.45 -32.92 -70.83
N ARG J 49 -37.57 -31.66 -71.24
CA ARG J 49 -37.90 -31.32 -72.61
C ARG J 49 -36.70 -30.86 -73.42
N GLU J 50 -35.67 -30.32 -72.76
CA GLU J 50 -34.44 -29.95 -73.47
C GLU J 50 -33.76 -31.18 -74.06
N TYR J 51 -33.80 -32.31 -73.33
CA TYR J 51 -33.23 -33.54 -73.86
C TYR J 51 -33.97 -34.01 -75.10
N ALA J 52 -35.30 -33.92 -75.09
CA ALA J 52 -36.06 -34.29 -76.29
C ALA J 52 -35.76 -33.35 -77.44
N GLU J 53 -35.63 -32.05 -77.16
CA GLU J 53 -35.25 -31.10 -78.20
C GLU J 53 -33.91 -31.43 -78.80
N ALA J 54 -32.92 -31.76 -77.95
CA ALA J 54 -31.60 -32.13 -78.43
C ALA J 54 -31.64 -33.40 -79.26
N VAL J 55 -32.43 -34.39 -78.83
CA VAL J 55 -32.52 -35.64 -79.58
C VAL J 55 -33.16 -35.40 -80.95
N ARG J 56 -34.20 -34.57 -81.00
CA ARG J 56 -34.80 -34.25 -82.30
C ARG J 56 -33.84 -33.47 -83.19
N HIS J 57 -33.06 -32.57 -82.61
CA HIS J 57 -32.04 -31.86 -83.38
C HIS J 57 -31.01 -32.81 -83.95
N LEU J 58 -30.55 -33.76 -83.14
CA LEU J 58 -29.58 -34.75 -83.62
C LEU J 58 -30.18 -35.64 -84.70
N GLY J 59 -31.46 -35.98 -84.57
CA GLY J 59 -32.12 -36.73 -85.64
C GLY J 59 -32.20 -35.94 -86.93
N GLU J 60 -32.47 -34.64 -86.82
CA GLU J 60 -32.47 -33.78 -88.00
C GLU J 60 -31.08 -33.72 -88.63
N ALA J 61 -30.04 -33.63 -87.80
CA ALA J 61 -28.67 -33.64 -88.32
C ALA J 61 -28.36 -34.95 -89.03
N ALA J 62 -28.76 -36.08 -88.44
CA ALA J 62 -28.53 -37.37 -89.06
C ALA J 62 -29.27 -37.48 -90.40
N LYS J 63 -30.48 -36.94 -90.46
CA LYS J 63 -31.19 -36.88 -91.74
C LYS J 63 -30.45 -36.03 -92.75
N ALA J 64 -29.91 -34.89 -92.31
CA ALA J 64 -29.20 -33.98 -93.20
C ALA J 64 -27.94 -34.63 -93.77
N VAL J 65 -27.23 -35.42 -92.94
CA VAL J 65 -26.01 -36.07 -93.39
C VAL J 65 -26.30 -37.00 -94.56
N LEU J 66 -27.44 -37.69 -94.54
CA LEU J 66 -27.70 -38.78 -95.47
C LEU J 66 -28.00 -38.32 -96.89
N GLU J 67 -28.24 -37.02 -97.12
CA GLU J 67 -28.46 -36.54 -98.47
C GLU J 67 -27.21 -35.94 -99.11
N GLY J 68 -26.26 -35.45 -98.31
CA GLY J 68 -25.04 -34.89 -98.87
C GLY J 68 -24.62 -33.59 -98.21
N ASN J 69 -25.57 -32.88 -97.62
CA ASN J 69 -25.27 -31.62 -96.96
C ASN J 69 -24.47 -31.90 -95.68
N SER J 70 -23.23 -31.42 -95.66
CA SER J 70 -22.32 -31.68 -94.54
C SER J 70 -22.06 -30.46 -93.67
N VAL J 71 -22.50 -29.28 -94.07
CA VAL J 71 -22.31 -28.09 -93.25
C VAL J 71 -23.51 -27.85 -92.33
N GLU J 72 -24.72 -28.12 -92.83
CA GLU J 72 -25.90 -28.05 -91.98
C GLU J 72 -25.79 -29.01 -90.81
N ALA J 73 -25.19 -30.18 -91.03
CA ALA J 73 -24.96 -31.12 -89.93
C ALA J 73 -24.04 -30.51 -88.87
N ASP J 74 -22.97 -29.84 -89.31
CA ASP J 74 -22.08 -29.19 -88.36
C ASP J 74 -22.80 -28.10 -87.57
N LEU J 75 -23.62 -27.30 -88.26
CA LEU J 75 -24.36 -26.25 -87.59
C LEU J 75 -25.33 -26.82 -86.56
N ILE J 76 -26.03 -27.90 -86.91
CA ILE J 76 -26.98 -28.52 -85.98
C ILE J 76 -26.24 -29.13 -84.80
N VAL J 77 -25.08 -29.73 -85.03
CA VAL J 77 -24.31 -30.30 -83.93
C VAL J 77 -23.82 -29.20 -82.98
N THR J 78 -23.44 -28.05 -83.54
CA THR J 78 -23.07 -26.92 -82.68
C THR J 78 -24.27 -26.42 -81.89
N ASP J 79 -25.45 -26.40 -82.51
CA ASP J 79 -26.67 -26.03 -81.78
C ASP J 79 -26.91 -26.99 -80.62
N VAL J 80 -26.78 -28.29 -80.86
CA VAL J 80 -26.95 -29.28 -79.81
C VAL J 80 -25.91 -29.08 -78.71
N LEU J 81 -24.68 -28.72 -79.11
CA LEU J 81 -23.63 -28.45 -78.12
C LEU J 81 -24.02 -27.28 -77.23
N ARG J 82 -24.56 -26.21 -77.82
CA ARG J 82 -25.03 -25.09 -77.01
C ARG J 82 -26.17 -25.50 -76.09
N LEU J 83 -27.09 -26.32 -76.58
CA LEU J 83 -28.20 -26.77 -75.76
C LEU J 83 -27.70 -27.58 -74.56
N LEU J 84 -26.75 -28.49 -74.80
CA LEU J 84 -26.22 -29.30 -73.70
C LEU J 84 -25.36 -28.48 -72.76
N GLU J 85 -24.68 -27.45 -73.27
CA GLU J 85 -23.93 -26.55 -72.39
C GLU J 85 -24.87 -25.77 -71.48
N ARG J 86 -26.02 -25.37 -72.01
CA ARG J 86 -27.03 -24.74 -71.16
C ARG J 86 -27.62 -25.73 -70.16
N ILE J 87 -27.76 -27.00 -70.56
CA ILE J 87 -28.31 -28.01 -69.66
C ILE J 87 -27.41 -28.20 -68.44
N GLY J 88 -26.11 -28.40 -68.68
CA GLY J 88 -25.16 -28.51 -67.58
C GLY J 88 -24.75 -29.91 -67.21
N GLU J 89 -24.48 -30.75 -68.21
CA GLU J 89 -24.00 -32.12 -68.00
C GLU J 89 -22.60 -32.21 -68.59
N GLU J 90 -21.59 -32.25 -67.71
CA GLU J 90 -20.20 -32.10 -68.16
C GLU J 90 -19.79 -33.22 -69.11
N GLY J 91 -20.09 -34.47 -68.76
CA GLY J 91 -19.73 -35.57 -69.63
C GLY J 91 -20.44 -35.51 -70.96
N LEU J 92 -21.72 -35.12 -70.95
CA LEU J 92 -22.46 -34.98 -72.19
C LEU J 92 -21.87 -33.89 -73.07
N VAL J 93 -21.44 -32.77 -72.46
CA VAL J 93 -20.82 -31.70 -73.24
C VAL J 93 -19.49 -32.16 -73.83
N LYS J 94 -18.70 -32.91 -73.04
CA LYS J 94 -17.44 -33.43 -73.56
C LYS J 94 -17.67 -34.36 -74.75
N LEU J 95 -18.64 -35.26 -74.63
CA LEU J 95 -18.96 -36.14 -75.74
C LEU J 95 -19.46 -35.34 -76.94
N ALA J 96 -20.21 -34.27 -76.69
CA ALA J 96 -20.70 -33.44 -77.79
C ALA J 96 -19.55 -32.76 -78.52
N ARG J 97 -18.57 -32.25 -77.77
CA ARG J 97 -17.40 -31.63 -78.41
C ARG J 97 -16.62 -32.64 -79.25
N GLU J 98 -16.40 -33.84 -78.68
CA GLU J 98 -15.67 -34.86 -79.42
C GLU J 98 -16.42 -35.27 -80.68
N VAL J 99 -17.74 -35.43 -80.58
CA VAL J 99 -18.55 -35.76 -81.74
C VAL J 99 -18.47 -34.66 -82.78
N HIS J 100 -18.53 -33.40 -82.34
CA HIS J 100 -18.41 -32.27 -83.26
C HIS J 100 -17.11 -32.35 -84.06
N GLU J 101 -15.99 -32.49 -83.36
CA GLU J 101 -14.69 -32.50 -84.04
C GLU J 101 -14.57 -33.69 -84.99
N ARG J 102 -14.85 -34.90 -84.48
CA ARG J 102 -14.67 -36.09 -85.30
C ARG J 102 -15.63 -36.10 -86.49
N SER J 103 -16.89 -35.70 -86.27
CA SER J 103 -17.87 -35.66 -87.35
C SER J 103 -17.47 -34.65 -88.41
N PHE J 104 -16.98 -33.47 -88.00
CA PHE J 104 -16.52 -32.49 -88.97
C PHE J 104 -15.38 -33.06 -89.82
N GLU J 105 -14.38 -33.66 -89.16
CA GLU J 105 -13.24 -34.20 -89.90
C GLU J 105 -13.67 -35.32 -90.86
N LEU J 106 -14.48 -36.26 -90.37
CA LEU J 106 -14.89 -37.39 -91.19
C LEU J 106 -15.77 -36.95 -92.35
N LEU J 107 -16.68 -35.99 -92.11
CA LEU J 107 -17.54 -35.50 -93.19
C LEU J 107 -16.74 -34.73 -94.23
N ARG J 108 -15.70 -34.00 -93.80
CA ARG J 108 -14.80 -33.38 -94.77
C ARG J 108 -14.08 -34.45 -95.60
N LYS J 109 -13.58 -35.50 -94.94
CA LYS J 109 -12.93 -36.57 -95.68
C LYS J 109 -13.92 -37.38 -96.51
N GLY J 110 -15.06 -37.73 -95.92
CA GLY J 110 -16.08 -38.45 -96.66
C GLY J 110 -16.62 -39.69 -95.97
N ASN J 111 -16.29 -39.86 -94.69
CA ASN J 111 -16.74 -41.04 -93.93
C ASN J 111 -18.13 -40.74 -93.37
N ARG J 112 -19.14 -40.95 -94.21
CA ARG J 112 -20.53 -40.70 -93.82
C ARG J 112 -20.96 -41.62 -92.68
N VAL J 113 -20.59 -42.89 -92.77
CA VAL J 113 -21.13 -43.90 -91.84
C VAL J 113 -20.66 -43.63 -90.42
N GLU J 114 -19.38 -43.29 -90.24
CA GLU J 114 -18.88 -43.05 -88.89
C GLU J 114 -19.44 -41.78 -88.29
N ALA J 115 -19.68 -40.74 -89.11
CA ALA J 115 -20.35 -39.54 -88.62
C ALA J 115 -21.77 -39.85 -88.18
N LEU J 116 -22.49 -40.66 -88.96
CA LEU J 116 -23.83 -41.08 -88.56
C LEU J 116 -23.78 -41.85 -87.25
N ALA J 117 -22.81 -42.74 -87.10
CA ALA J 117 -22.67 -43.51 -85.87
C ALA J 117 -22.41 -42.61 -84.68
N LEU J 118 -21.54 -41.60 -84.85
CA LEU J 118 -21.25 -40.68 -83.76
C LEU J 118 -22.50 -39.88 -83.37
N ILE J 119 -23.27 -39.41 -84.37
CA ILE J 119 -24.47 -38.66 -84.07
C ILE J 119 -25.47 -39.52 -83.31
N LEU J 120 -25.66 -40.77 -83.75
CA LEU J 120 -26.58 -41.66 -83.07
C LEU J 120 -26.12 -41.98 -81.66
N ALA J 121 -24.81 -42.16 -81.47
CA ALA J 121 -24.28 -42.42 -80.14
C ALA J 121 -24.52 -41.23 -79.22
N LEU J 122 -24.33 -40.01 -79.73
CA LEU J 122 -24.61 -38.83 -78.91
C LEU J 122 -26.09 -38.76 -78.54
N ALA J 123 -26.98 -39.03 -79.50
CA ALA J 123 -28.41 -39.00 -79.22
C ALA J 123 -28.77 -40.03 -78.14
N LEU J 124 -28.25 -41.24 -78.26
CA LEU J 124 -28.52 -42.27 -77.27
C LEU J 124 -27.96 -41.89 -75.91
N ALA J 125 -26.78 -41.26 -75.89
CA ALA J 125 -26.20 -40.84 -74.62
C ALA J 125 -27.10 -39.81 -73.93
N VAL J 126 -27.60 -38.84 -74.69
CA VAL J 126 -28.51 -37.84 -74.11
C VAL J 126 -29.77 -38.51 -73.57
N ALA J 127 -30.35 -39.41 -74.36
CA ALA J 127 -31.58 -40.07 -73.95
C ALA J 127 -31.38 -40.90 -72.69
N LEU J 128 -30.29 -41.67 -72.63
CA LEU J 128 -30.03 -42.50 -71.46
C LEU J 128 -29.72 -41.65 -70.24
N THR J 129 -29.02 -40.53 -70.43
CA THR J 129 -28.76 -39.63 -69.30
C THR J 129 -30.07 -39.11 -68.73
N ALA J 130 -30.98 -38.65 -69.60
CA ALA J 130 -32.26 -38.14 -69.12
C ALA J 130 -33.05 -39.23 -68.41
N VAL J 131 -33.11 -40.44 -69.00
CA VAL J 131 -33.90 -41.52 -68.42
C VAL J 131 -33.33 -41.93 -67.06
N SER J 132 -32.01 -42.08 -66.98
CA SER J 132 -31.39 -42.47 -65.71
C SER J 132 -31.59 -41.40 -64.65
N LYS J 133 -31.50 -40.12 -65.04
CA LYS J 133 -31.75 -39.05 -64.08
C LYS J 133 -33.17 -39.12 -63.54
N ALA J 134 -34.15 -39.32 -64.43
CA ALA J 134 -35.54 -39.43 -63.99
C ALA J 134 -35.74 -40.63 -63.07
N PHE J 135 -35.17 -41.77 -63.43
CA PHE J 135 -35.34 -42.98 -62.63
C PHE J 135 -34.71 -42.82 -61.24
N PHE J 136 -33.53 -42.22 -61.17
CA PHE J 136 -32.90 -42.03 -59.87
C PHE J 136 -33.66 -41.01 -59.03
N LEU J 137 -34.17 -39.93 -59.66
CA LEU J 137 -34.93 -38.95 -58.91
C LEU J 137 -36.22 -39.55 -58.35
N LEU J 138 -36.89 -40.39 -59.13
CA LEU J 138 -38.10 -41.04 -58.64
C LEU J 138 -37.80 -41.93 -57.44
N GLY J 139 -36.69 -42.67 -57.49
CA GLY J 139 -36.34 -43.59 -56.42
C GLY J 139 -36.37 -45.03 -56.88
N GLN J 140 -36.37 -45.23 -58.19
CA GLN J 140 -36.48 -46.56 -58.75
C GLN J 140 -35.22 -47.38 -58.44
N PRO J 141 -35.37 -48.69 -58.21
CA PRO J 141 -34.20 -49.55 -58.01
C PRO J 141 -33.42 -49.74 -59.31
N ALA J 142 -32.21 -50.27 -59.14
CA ALA J 142 -31.26 -50.35 -60.24
C ALA J 142 -31.63 -51.39 -61.29
N ARG J 143 -32.53 -52.32 -60.98
CA ARG J 143 -32.83 -53.41 -61.90
C ARG J 143 -33.40 -52.89 -63.22
N LEU J 144 -34.47 -52.08 -63.14
CA LEU J 144 -35.13 -51.61 -64.34
C LEU J 144 -34.25 -50.63 -65.11
N ILE J 145 -33.46 -49.83 -64.39
CA ILE J 145 -32.48 -48.97 -65.06
C ILE J 145 -31.52 -49.81 -65.89
N ALA J 146 -31.03 -50.90 -65.31
CA ALA J 146 -30.10 -51.78 -66.03
C ALA J 146 -30.76 -52.40 -67.25
N GLU J 147 -31.99 -52.90 -67.11
CA GLU J 147 -32.66 -53.50 -68.26
C GLU J 147 -32.91 -52.48 -69.37
N TYR J 148 -33.34 -51.27 -69.00
CA TYR J 148 -33.59 -50.25 -70.03
C TYR J 148 -32.30 -49.85 -70.73
N VAL J 149 -31.21 -49.65 -69.98
CA VAL J 149 -29.94 -49.30 -70.58
C VAL J 149 -29.48 -50.39 -71.53
N GLY J 150 -29.58 -51.65 -71.08
CA GLY J 150 -29.19 -52.76 -71.95
C GLY J 150 -30.02 -52.83 -73.21
N GLU J 151 -31.34 -52.64 -73.09
CA GLU J 151 -32.20 -52.70 -74.27
C GLU J 151 -31.87 -51.59 -75.26
N LYS J 152 -31.65 -50.38 -74.76
CA LYS J 152 -31.32 -49.26 -75.65
C LYS J 152 -29.97 -49.49 -76.33
N LEU J 153 -28.99 -49.99 -75.58
CA LEU J 153 -27.69 -50.29 -76.17
C LEU J 153 -27.80 -51.38 -77.23
N LEU J 154 -28.65 -52.38 -76.98
CA LEU J 154 -28.88 -53.41 -77.99
C LEU J 154 -29.50 -52.83 -79.25
N GLU J 155 -30.49 -51.95 -79.10
CA GLU J 155 -31.09 -51.33 -80.28
C GLU J 155 -30.07 -50.52 -81.06
N LEU J 156 -29.24 -49.74 -80.36
CA LEU J 156 -28.20 -48.97 -81.06
C LEU J 156 -27.20 -49.89 -81.75
N ARG J 157 -26.82 -50.99 -81.11
CA ARG J 157 -25.89 -51.92 -81.72
C ARG J 157 -26.47 -52.53 -82.98
N ARG J 158 -27.73 -52.94 -82.94
CA ARG J 158 -28.35 -53.49 -84.14
C ARG J 158 -28.42 -52.46 -85.26
N LEU J 159 -28.77 -51.22 -84.92
CA LEU J 159 -28.83 -50.17 -85.93
C LEU J 159 -27.46 -49.93 -86.56
N LEU J 160 -26.43 -49.83 -85.74
CA LEU J 160 -25.08 -49.57 -86.25
C LEU J 160 -24.59 -50.74 -87.11
N GLU J 161 -24.86 -51.98 -86.67
CA GLU J 161 -24.47 -53.14 -87.47
C GLU J 161 -25.21 -53.15 -88.80
N LYS J 162 -26.47 -52.73 -88.82
CA LYS J 162 -27.19 -52.63 -90.09
C LYS J 162 -26.59 -51.53 -90.97
N LEU J 163 -26.11 -50.46 -90.36
CA LEU J 163 -25.51 -49.37 -91.13
C LEU J 163 -24.22 -49.82 -91.82
N GLY J 164 -23.31 -50.44 -91.06
CA GLY J 164 -22.08 -50.92 -91.64
C GLY J 164 -20.83 -50.59 -90.84
N VAL J 165 -21.01 -49.99 -89.67
CA VAL J 165 -19.86 -49.63 -88.84
C VAL J 165 -19.14 -50.89 -88.39
N PRO J 166 -17.81 -50.95 -88.44
CA PRO J 166 -17.11 -52.14 -87.95
C PRO J 166 -17.36 -52.34 -86.46
N LEU J 167 -17.36 -53.62 -86.06
CA LEU J 167 -17.76 -53.99 -84.70
C LEU J 167 -16.92 -53.34 -83.62
N PRO J 168 -15.58 -53.32 -83.70
CA PRO J 168 -14.81 -52.66 -82.61
C PRO J 168 -15.18 -51.21 -82.39
N GLU J 169 -15.45 -50.46 -83.46
CA GLU J 169 -15.86 -49.07 -83.30
C GLU J 169 -17.23 -48.97 -82.65
N VAL J 170 -18.14 -49.87 -83.02
CA VAL J 170 -19.46 -49.91 -82.38
C VAL J 170 -19.31 -50.12 -80.88
N ILE J 171 -18.48 -51.10 -80.50
CA ILE J 171 -18.29 -51.39 -79.08
C ILE J 171 -17.65 -50.20 -78.37
N ALA J 172 -16.67 -49.56 -79.00
CA ALA J 172 -16.04 -48.40 -78.39
C ALA J 172 -17.04 -47.28 -78.16
N LEU J 173 -17.92 -47.06 -79.13
CA LEU J 173 -18.99 -46.07 -78.95
C LEU J 173 -19.92 -46.45 -77.81
N LEU J 174 -20.24 -47.75 -77.69
CA LEU J 174 -21.12 -48.19 -76.62
C LEU J 174 -20.51 -47.94 -75.24
N LEU J 175 -19.23 -48.27 -75.06
CA LEU J 175 -18.61 -47.94 -73.77
C LEU J 175 -18.40 -46.44 -73.59
N ARG J 176 -18.30 -45.67 -74.68
CA ARG J 176 -18.29 -44.21 -74.52
C ARG J 176 -19.61 -43.71 -73.94
N VAL J 177 -20.72 -44.22 -74.48
CA VAL J 177 -22.04 -43.87 -73.95
C VAL J 177 -22.16 -44.31 -72.50
N LEU J 178 -21.69 -45.52 -72.20
CA LEU J 178 -21.76 -46.03 -70.83
C LEU J 178 -20.91 -45.19 -69.88
N GLU J 179 -19.75 -44.73 -70.34
CA GLU J 179 -18.92 -43.85 -69.53
C GLU J 179 -19.63 -42.54 -69.25
N VAL J 180 -20.31 -41.98 -70.26
CA VAL J 180 -21.07 -40.75 -70.06
C VAL J 180 -22.16 -40.97 -69.02
N VAL J 181 -22.90 -42.08 -69.13
CA VAL J 181 -23.98 -42.37 -68.19
C VAL J 181 -23.43 -42.56 -66.78
N GLU J 182 -22.31 -43.29 -66.66
CA GLU J 182 -21.70 -43.51 -65.35
C GLU J 182 -21.25 -42.21 -64.72
N GLU J 183 -20.64 -41.32 -65.51
CA GLU J 183 -20.22 -40.03 -64.98
C GLU J 183 -21.42 -39.21 -64.52
N SER J 184 -22.49 -39.21 -65.30
CA SER J 184 -23.69 -38.48 -64.90
C SER J 184 -24.25 -39.02 -63.59
N LEU J 185 -24.34 -40.35 -63.47
CA LEU J 185 -24.87 -40.95 -62.25
C LEU J 185 -23.98 -40.66 -61.05
N LYS J 186 -22.66 -40.74 -61.24
CA LYS J 186 -21.73 -40.49 -60.14
C LYS J 186 -21.80 -39.04 -59.67
N ALA J 187 -21.83 -38.09 -60.61
CA ALA J 187 -21.90 -36.69 -60.23
C ALA J 187 -23.26 -36.34 -59.63
N MET J 188 -24.32 -37.06 -60.02
CA MET J 188 -25.65 -36.77 -59.49
C MET J 188 -25.75 -37.07 -58.00
N GLY J 189 -25.18 -38.19 -57.54
CA GLY J 189 -25.24 -38.51 -56.13
C GLY J 189 -25.51 -39.97 -55.82
N MET J 190 -25.62 -40.79 -56.86
CA MET J 190 -25.87 -42.22 -56.65
C MET J 190 -24.71 -42.86 -55.91
N GLU J 191 -25.03 -43.83 -55.06
CA GLU J 191 -24.02 -44.57 -54.34
C GLU J 191 -23.23 -45.45 -55.31
N PRO J 192 -21.91 -45.56 -55.14
CA PRO J 192 -21.09 -46.26 -56.13
C PRO J 192 -21.51 -47.71 -56.40
N ARG J 193 -22.04 -48.41 -55.40
CA ARG J 193 -22.37 -49.82 -55.60
C ARG J 193 -23.44 -50.00 -56.67
N GLU J 194 -24.49 -49.16 -56.65
CA GLU J 194 -25.54 -49.27 -57.66
C GLU J 194 -25.02 -48.91 -59.05
N ILE J 195 -24.14 -47.91 -59.15
CA ILE J 195 -23.55 -47.56 -60.44
C ILE J 195 -22.75 -48.75 -60.98
N ASN J 196 -21.94 -49.36 -60.11
CA ASN J 196 -21.18 -50.53 -60.54
C ASN J 196 -22.11 -51.66 -60.97
N ARG J 197 -23.21 -51.86 -60.24
CA ARG J 197 -24.15 -52.91 -60.58
C ARG J 197 -24.77 -52.70 -61.95
N VAL J 198 -25.22 -51.47 -62.24
CA VAL J 198 -25.87 -51.22 -63.51
C VAL J 198 -24.87 -51.30 -64.66
N LEU J 199 -23.66 -50.77 -64.46
CA LEU J 199 -22.64 -50.88 -65.50
C LEU J 199 -22.29 -52.33 -65.78
N ALA J 200 -22.14 -53.14 -64.72
CA ALA J 200 -21.84 -54.55 -64.89
C ALA J 200 -22.97 -55.26 -65.63
N ALA J 201 -24.22 -54.92 -65.31
CA ALA J 201 -25.36 -55.53 -66.01
C ALA J 201 -25.36 -55.17 -67.49
N ALA J 202 -25.05 -53.90 -67.81
CA ALA J 202 -25.00 -53.49 -69.21
C ALA J 202 -23.89 -54.22 -69.95
N TYR J 203 -22.71 -54.31 -69.34
CA TYR J 203 -21.62 -55.05 -69.96
C TYR J 203 -21.98 -56.52 -70.15
N LEU J 204 -22.67 -57.10 -69.17
CA LEU J 204 -23.05 -58.51 -69.26
C LEU J 204 -24.05 -58.77 -70.37
N THR J 205 -25.04 -57.89 -70.53
CA THR J 205 -26.01 -58.12 -71.61
C THR J 205 -25.36 -57.88 -72.97
N LEU J 206 -24.45 -56.91 -73.07
CA LEU J 206 -23.73 -56.70 -74.32
C LEU J 206 -22.90 -57.93 -74.68
N ALA J 207 -22.16 -58.47 -73.69
CA ALA J 207 -21.34 -59.64 -73.93
C ALA J 207 -22.20 -60.86 -74.27
N ALA J 208 -23.35 -61.01 -73.61
CA ALA J 208 -24.24 -62.12 -73.89
C ALA J 208 -24.76 -62.05 -75.32
N GLU J 209 -25.16 -60.86 -75.77
CA GLU J 209 -25.57 -60.72 -77.17
C GLU J 209 -24.44 -61.05 -78.12
N LEU J 210 -23.23 -60.57 -77.82
CA LEU J 210 -22.09 -60.82 -78.70
C LEU J 210 -21.81 -62.31 -78.80
N LEU J 211 -21.85 -63.03 -77.67
CA LEU J 211 -21.62 -64.47 -77.69
C LEU J 211 -22.75 -65.21 -78.41
N GLU J 212 -23.99 -64.81 -78.17
CA GLU J 212 -25.12 -65.48 -78.81
C GLU J 212 -25.09 -65.32 -80.33
N ARG J 213 -24.63 -64.16 -80.81
CA ARG J 213 -24.55 -63.96 -82.25
C ARG J 213 -23.64 -64.99 -82.92
N LEU J 214 -22.62 -65.47 -82.21
CA LEU J 214 -21.68 -66.44 -82.76
C LEU J 214 -22.16 -67.87 -82.63
N GLY J 215 -23.29 -68.11 -81.96
CA GLY J 215 -23.84 -69.44 -81.83
C GLY J 215 -23.64 -70.10 -80.48
N LEU J 216 -22.85 -69.50 -79.59
CA LEU J 216 -22.63 -70.06 -78.25
C LEU J 216 -23.81 -69.68 -77.35
N THR J 217 -24.94 -70.35 -77.60
CA THR J 217 -26.17 -70.05 -76.88
C THR J 217 -26.07 -70.40 -75.40
N ALA J 218 -25.45 -71.53 -75.05
CA ALA J 218 -25.36 -71.91 -73.64
C ALA J 218 -24.48 -70.95 -72.84
N LEU J 219 -23.37 -70.51 -73.43
CA LEU J 219 -22.52 -69.53 -72.76
C LEU J 219 -23.28 -68.22 -72.54
N ALA J 220 -24.03 -67.78 -73.55
CA ALA J 220 -24.83 -66.58 -73.40
C ALA J 220 -25.88 -66.74 -72.31
N ALA J 221 -26.51 -67.92 -72.24
CA ALA J 221 -27.50 -68.18 -71.20
C ALA J 221 -26.85 -68.13 -69.82
N ARG J 222 -25.64 -68.67 -69.69
CA ARG J 222 -24.93 -68.59 -68.41
C ARG J 222 -24.62 -67.14 -68.05
N ILE J 223 -24.23 -66.33 -69.04
CA ILE J 223 -23.97 -64.92 -68.78
C ILE J 223 -25.23 -64.21 -68.32
N ARG J 224 -26.36 -64.50 -68.95
CA ARG J 224 -27.62 -63.89 -68.54
C ARG J 224 -28.02 -64.34 -67.13
N ARG J 225 -27.79 -65.61 -66.80
CA ARG J 225 -28.05 -66.07 -65.44
C ARG J 225 -27.18 -65.33 -64.45
N ALA J 226 -25.91 -65.12 -64.78
CA ALA J 226 -25.02 -64.36 -63.90
C ALA J 226 -25.53 -62.93 -63.71
N ARG J 227 -25.97 -62.29 -64.80
CA ARG J 227 -26.52 -60.94 -64.70
C ARG J 227 -27.75 -60.90 -63.81
N GLU J 228 -28.65 -61.87 -63.98
CA GLU J 228 -29.87 -61.90 -63.18
C GLU J 228 -29.57 -62.12 -61.70
N LEU J 229 -28.62 -63.01 -61.40
CA LEU J 229 -28.22 -63.19 -60.01
C LEU J 229 -27.53 -61.95 -59.45
N LEU J 230 -26.82 -61.21 -60.30
CA LEU J 230 -26.19 -59.97 -59.85
C LEU J 230 -27.24 -58.92 -59.51
N LEU J 231 -28.28 -58.79 -60.33
CA LEU J 231 -29.31 -57.78 -60.11
C LEU J 231 -30.19 -58.09 -58.90
N ALA J 232 -30.18 -59.32 -58.40
CA ALA J 232 -31.01 -59.72 -57.28
C ALA J 232 -30.29 -59.62 -55.94
N GLY J 233 -29.07 -59.10 -55.93
CA GLY J 233 -28.30 -58.98 -54.71
C GLY J 233 -27.34 -60.12 -54.44
N ARG J 234 -27.45 -61.23 -55.17
CA ARG J 234 -26.55 -62.37 -55.01
C ARG J 234 -25.27 -62.07 -55.78
N VAL J 235 -24.32 -61.44 -55.10
CA VAL J 235 -23.12 -60.93 -55.77
C VAL J 235 -22.10 -62.05 -55.99
N GLU J 236 -21.78 -62.80 -54.94
CA GLU J 236 -20.69 -63.78 -55.02
C GLU J 236 -21.03 -64.92 -55.96
N GLU J 237 -22.28 -65.38 -55.96
CA GLU J 237 -22.68 -66.45 -56.87
C GLU J 237 -22.55 -66.01 -58.33
N ALA J 238 -23.00 -64.79 -58.64
CA ALA J 238 -22.84 -64.25 -59.98
C ALA J 238 -21.36 -64.10 -60.33
N LEU J 239 -20.55 -63.68 -59.35
CA LEU J 239 -19.12 -63.55 -59.58
C LEU J 239 -18.50 -64.88 -59.98
N HIS J 240 -18.82 -65.95 -59.24
CA HIS J 240 -18.25 -67.26 -59.56
C HIS J 240 -18.77 -67.79 -60.88
N LEU J 241 -20.06 -67.60 -61.17
CA LEU J 241 -20.59 -68.02 -62.46
C LEU J 241 -19.87 -67.30 -63.60
N LEU J 242 -19.63 -66.00 -63.43
CA LEU J 242 -18.93 -65.23 -64.45
C LEU J 242 -17.50 -65.69 -64.61
N GLN J 243 -16.83 -66.01 -63.50
CA GLN J 243 -15.46 -66.51 -63.58
C GLN J 243 -15.40 -67.84 -64.33
N ASP J 244 -16.33 -68.75 -64.04
CA ASP J 244 -16.36 -70.02 -64.76
C ASP J 244 -16.62 -69.81 -66.25
N ALA J 245 -17.56 -68.90 -66.58
CA ALA J 245 -17.81 -68.58 -67.97
C ALA J 245 -16.57 -68.01 -68.64
N VAL J 246 -15.84 -67.16 -67.93
CA VAL J 246 -14.62 -66.55 -68.47
C VAL J 246 -13.57 -67.62 -68.75
N GLU J 247 -13.39 -68.56 -67.81
CA GLU J 247 -12.42 -69.63 -68.04
C GLU J 247 -12.80 -70.48 -69.24
N LEU J 248 -14.09 -70.82 -69.37
CA LEU J 248 -14.49 -71.64 -70.51
C LEU J 248 -14.34 -70.88 -71.82
N LEU J 249 -14.64 -69.57 -71.80
CA LEU J 249 -14.41 -68.73 -72.98
C LEU J 249 -12.93 -68.69 -73.35
N HIS J 250 -12.05 -68.61 -72.35
CA HIS J 250 -10.63 -68.65 -72.61
C HIS J 250 -10.21 -69.98 -73.23
N GLU J 251 -10.78 -71.08 -72.73
CA GLU J 251 -10.52 -72.39 -73.32
C GLU J 251 -10.90 -72.41 -74.79
N ARG J 252 -12.10 -71.92 -75.11
CA ARG J 252 -12.55 -71.89 -76.50
C ARG J 252 -11.64 -71.00 -77.35
N ILE J 253 -11.28 -69.82 -76.83
CA ILE J 253 -10.48 -68.87 -77.60
C ILE J 253 -9.11 -69.46 -77.92
N ARG J 254 -8.45 -70.04 -76.91
CA ARG J 254 -7.14 -70.62 -77.12
C ARG J 254 -7.18 -71.94 -77.88
N GLU J 255 -8.35 -72.60 -77.94
CA GLU J 255 -8.48 -73.75 -78.83
C GLU J 255 -8.64 -73.31 -80.28
N LEU J 256 -9.34 -72.20 -80.51
CA LEU J 256 -9.51 -71.70 -81.88
C LEU J 256 -8.18 -71.25 -82.47
N GLY J 257 -7.36 -70.57 -81.68
CA GLY J 257 -6.08 -70.08 -82.15
C GLY J 257 -6.15 -68.61 -82.52
N PHE J 258 -5.51 -68.25 -83.63
CA PHE J 258 -5.51 -66.88 -84.13
C PHE J 258 -6.62 -66.61 -85.13
N GLU J 259 -7.47 -67.59 -85.42
CA GLU J 259 -8.63 -67.42 -86.28
C GLU J 259 -9.90 -67.15 -85.48
N ALA J 260 -9.76 -66.69 -84.24
CA ALA J 260 -10.92 -66.42 -83.40
C ALA J 260 -11.66 -65.19 -83.91
N PRO J 261 -12.96 -65.27 -84.16
CA PRO J 261 -13.72 -64.09 -84.59
C PRO J 261 -13.66 -62.99 -83.53
N GLU J 262 -13.78 -61.75 -83.99
CA GLU J 262 -13.69 -60.59 -83.11
C GLU J 262 -14.75 -60.61 -82.01
N GLU J 263 -15.85 -61.33 -82.23
CA GLU J 263 -16.89 -61.42 -81.21
C GLU J 263 -16.34 -62.02 -79.91
N LEU J 264 -15.54 -63.08 -80.03
CA LEU J 264 -14.98 -63.71 -78.83
C LEU J 264 -14.08 -62.76 -78.06
N LEU J 265 -13.20 -62.04 -78.76
CA LEU J 265 -12.28 -61.14 -78.08
C LEU J 265 -13.02 -59.98 -77.43
N LEU J 266 -13.98 -59.39 -78.14
CA LEU J 266 -14.74 -58.28 -77.56
C LEU J 266 -15.56 -58.74 -76.37
N ALA J 267 -16.19 -59.92 -76.47
CA ALA J 267 -16.92 -60.46 -75.33
C ALA J 267 -16.00 -60.74 -74.15
N ASP J 268 -14.79 -61.23 -74.42
CA ASP J 268 -13.84 -61.48 -73.33
C ASP J 268 -13.46 -60.18 -72.63
N LEU J 269 -13.19 -59.13 -73.40
CA LEU J 269 -12.84 -57.84 -72.78
C LEU J 269 -14.01 -57.30 -71.96
N LEU J 270 -15.23 -57.38 -72.50
CA LEU J 270 -16.40 -56.92 -71.76
C LEU J 270 -16.60 -57.73 -70.49
N LEU J 271 -16.38 -59.04 -70.56
CA LEU J 271 -16.52 -59.88 -69.38
C LEU J 271 -15.47 -59.55 -68.33
N GLN J 272 -14.24 -59.22 -68.76
CA GLN J 272 -13.23 -58.82 -67.79
C GLN J 272 -13.59 -57.51 -67.11
N ARG J 273 -14.12 -56.55 -67.87
CA ARG J 273 -14.60 -55.31 -67.24
C ARG J 273 -15.74 -55.59 -66.27
N ALA J 274 -16.65 -56.50 -66.64
CA ALA J 274 -17.74 -56.87 -65.75
C ALA J 274 -17.20 -57.53 -64.47
N LEU J 275 -16.20 -58.40 -64.61
CA LEU J 275 -15.58 -59.03 -63.45
C LEU J 275 -14.98 -57.97 -62.52
N GLU J 276 -14.25 -57.01 -63.09
CA GLU J 276 -13.67 -55.96 -62.27
C GLU J 276 -14.76 -55.19 -61.53
N LEU J 277 -15.81 -54.78 -62.25
CA LEU J 277 -16.87 -53.99 -61.63
C LEU J 277 -17.60 -54.78 -60.54
N ILE J 278 -17.87 -56.06 -60.78
CA ILE J 278 -18.56 -56.87 -59.79
C ILE J 278 -17.69 -57.08 -58.56
N SER J 279 -16.40 -57.32 -58.77
CA SER J 279 -15.49 -57.48 -57.63
C SER J 279 -15.39 -56.21 -56.80
N SER J 280 -15.40 -55.05 -57.46
CA SER J 280 -15.33 -53.78 -56.74
C SER J 280 -16.60 -53.45 -55.97
N ILE J 281 -17.68 -54.19 -56.20
CA ILE J 281 -18.95 -53.93 -55.50
C ILE J 281 -18.78 -54.23 -54.01
N THR K 24 83.95 -73.97 18.42
CA THR K 24 84.62 -72.81 18.97
C THR K 24 83.61 -71.84 19.58
N VAL K 25 82.36 -71.96 19.14
CA VAL K 25 81.21 -71.23 19.67
C VAL K 25 81.28 -69.75 19.29
N GLU K 26 82.41 -69.09 19.59
CA GLU K 26 82.54 -67.69 19.24
C GLU K 26 82.52 -67.50 17.73
N GLU K 27 83.34 -68.29 17.01
CA GLU K 27 83.32 -68.26 15.56
C GLU K 27 81.92 -68.48 15.01
N GLU K 28 81.13 -69.31 15.69
CA GLU K 28 79.74 -69.49 15.28
C GLU K 28 78.97 -68.18 15.38
N VAL K 29 79.23 -67.38 16.43
CA VAL K 29 78.51 -66.11 16.59
C VAL K 29 78.92 -65.12 15.49
N ILE K 30 80.22 -65.00 15.24
CA ILE K 30 80.67 -64.07 14.20
C ILE K 30 80.15 -64.50 12.83
N ARG K 31 80.23 -65.79 12.53
CA ARG K 31 79.70 -66.29 11.26
C ARG K 31 78.20 -66.10 11.19
N PHE K 32 77.48 -66.23 12.31
CA PHE K 32 76.05 -65.99 12.31
C PHE K 32 75.73 -64.56 11.93
N ALA K 33 76.47 -63.60 12.50
CA ALA K 33 76.23 -62.20 12.17
C ALA K 33 76.53 -61.92 10.70
N GLU K 34 77.68 -62.40 10.22
CA GLU K 34 78.06 -62.14 8.83
C GLU K 34 77.08 -62.81 7.86
N GLU K 35 76.70 -64.06 8.13
CA GLU K 35 75.76 -64.76 7.27
C GLU K 35 74.38 -64.11 7.30
N LEU K 36 73.97 -63.59 8.45
CA LEU K 36 72.69 -62.88 8.51
C LEU K 36 72.72 -61.64 7.64
N ALA K 37 73.81 -60.87 7.71
CA ALA K 37 73.92 -59.69 6.85
C ALA K 37 73.94 -60.08 5.38
N GLU K 38 74.67 -61.14 5.04
CA GLU K 38 74.73 -61.61 3.66
C GLU K 38 73.36 -62.09 3.19
N GLU K 39 72.58 -62.71 4.08
CA GLU K 39 71.23 -63.14 3.72
C GLU K 39 70.31 -61.96 3.47
N ILE K 40 70.43 -60.90 4.28
CA ILE K 40 69.67 -59.68 3.98
C ILE K 40 70.04 -59.17 2.60
N ARG K 41 71.34 -59.12 2.29
CA ARG K 41 71.77 -58.63 0.99
C ARG K 41 71.26 -59.50 -0.15
N ARG K 42 71.29 -60.82 0.04
CA ARG K 42 70.83 -61.73 -1.01
C ARG K 42 69.32 -61.59 -1.23
N VAL K 43 68.54 -61.52 -0.15
CA VAL K 43 67.09 -61.47 -0.29
C VAL K 43 66.63 -60.14 -0.87
N THR K 44 67.23 -59.03 -0.42
CA THR K 44 66.78 -57.71 -0.84
C THR K 44 67.76 -56.99 -1.75
N GLY K 45 69.04 -56.96 -1.40
CA GLY K 45 70.00 -56.22 -2.19
C GLY K 45 70.50 -54.96 -1.51
N GLU K 46 70.35 -53.82 -2.17
CA GLU K 46 70.76 -52.53 -1.62
C GLU K 46 69.56 -51.63 -1.35
N ALA K 47 68.34 -52.16 -1.46
CA ALA K 47 67.16 -51.39 -1.10
C ALA K 47 67.00 -51.25 0.41
N TYR K 48 67.47 -52.23 1.18
CA TYR K 48 67.49 -52.19 2.64
C TYR K 48 68.93 -52.35 3.08
N ARG K 49 69.66 -51.23 3.16
CA ARG K 49 71.06 -51.25 3.53
C ARG K 49 71.30 -50.81 4.97
N GLU K 50 70.39 -49.99 5.52
CA GLU K 50 70.50 -49.61 6.93
C GLU K 50 70.36 -50.83 7.83
N TYR K 51 69.49 -51.76 7.47
CA TYR K 51 69.35 -52.99 8.25
C TYR K 51 70.62 -53.81 8.23
N ALA K 52 71.26 -53.92 7.07
CA ALA K 52 72.54 -54.64 7.00
C ALA K 52 73.61 -53.94 7.81
N GLU K 53 73.64 -52.60 7.76
CA GLU K 53 74.59 -51.84 8.57
C GLU K 53 74.37 -52.11 10.06
N ALA K 54 73.11 -52.10 10.50
CA ALA K 54 72.79 -52.36 11.90
C ALA K 54 73.19 -53.78 12.30
N VAL K 55 72.94 -54.76 11.42
CA VAL K 55 73.29 -56.13 11.73
C VAL K 55 74.81 -56.29 11.86
N ARG K 56 75.57 -55.64 10.96
CA ARG K 56 77.02 -55.71 11.06
C ARG K 56 77.52 -55.01 12.32
N HIS K 57 76.89 -53.89 12.69
CA HIS K 57 77.25 -53.22 13.94
C HIS K 57 76.99 -54.12 15.14
N LEU K 58 75.85 -54.80 15.16
CA LEU K 58 75.55 -55.71 16.26
C LEU K 58 76.50 -56.90 16.30
N GLY K 59 76.92 -57.39 15.12
CA GLY K 59 77.93 -58.43 15.10
C GLY K 59 79.26 -57.95 15.65
N GLU K 60 79.64 -56.71 15.33
CA GLU K 60 80.85 -56.14 15.91
C GLU K 60 80.73 -56.01 17.43
N ALA K 61 79.56 -55.60 17.91
CA ALA K 61 79.35 -55.53 19.35
C ALA K 61 79.47 -56.90 20.01
N ALA K 62 78.87 -57.93 19.38
CA ALA K 62 78.95 -59.27 19.92
C ALA K 62 80.40 -59.77 19.94
N LYS K 63 81.16 -59.43 18.91
CA LYS K 63 82.59 -59.76 18.92
C LYS K 63 83.31 -59.04 20.06
N ALA K 64 82.98 -57.77 20.27
CA ALA K 64 83.64 -56.99 21.32
C ALA K 64 83.34 -57.55 22.71
N VAL K 65 82.11 -58.01 22.93
CA VAL K 65 81.73 -58.57 24.22
C VAL K 65 82.61 -59.76 24.57
N LEU K 66 82.92 -60.58 23.57
CA LEU K 66 83.57 -61.87 23.82
C LEU K 66 85.03 -61.76 24.22
N GLU K 67 85.65 -60.59 24.10
CA GLU K 67 87.04 -60.42 24.53
C GLU K 67 87.17 -59.84 25.93
N GLY K 68 86.19 -59.06 26.38
CA GLY K 68 86.25 -58.47 27.70
C GLY K 68 85.82 -57.02 27.74
N ASN K 69 85.96 -56.33 26.61
CA ASN K 69 85.58 -54.93 26.53
C ASN K 69 84.06 -54.81 26.61
N SER K 70 83.56 -54.16 27.65
CA SER K 70 82.13 -54.05 27.89
C SER K 70 81.57 -52.64 27.68
N VAL K 71 82.42 -51.65 27.47
CA VAL K 71 81.95 -50.29 27.20
C VAL K 71 81.80 -50.04 25.71
N GLU K 72 82.72 -50.57 24.90
CA GLU K 72 82.57 -50.49 23.45
C GLU K 72 81.28 -51.15 22.99
N ALA K 73 80.89 -52.25 23.65
CA ALA K 73 79.61 -52.89 23.33
C ALA K 73 78.45 -51.94 23.59
N ASP K 74 78.47 -51.24 24.72
CA ASP K 74 77.41 -50.27 25.01
C ASP K 74 77.38 -49.15 23.98
N LEU K 75 78.55 -48.65 23.59
CA LEU K 75 78.60 -47.60 22.59
C LEU K 75 78.06 -48.07 21.25
N ILE K 76 78.40 -49.29 20.85
CA ILE K 76 77.90 -49.82 19.57
C ILE K 76 76.40 -50.06 19.64
N VAL K 77 75.89 -50.53 20.78
CA VAL K 77 74.45 -50.72 20.91
C VAL K 77 73.72 -49.38 20.85
N THR K 78 74.29 -48.34 21.43
CA THR K 78 73.68 -47.01 21.31
C THR K 78 73.71 -46.53 19.86
N ASP K 79 74.80 -46.82 19.14
CA ASP K 79 74.86 -46.47 17.72
C ASP K 79 73.75 -47.18 16.95
N VAL K 80 73.56 -48.48 17.22
CA VAL K 80 72.48 -49.23 16.57
C VAL K 80 71.12 -48.66 16.93
N LEU K 81 70.97 -48.22 18.18
CA LEU K 81 69.71 -47.59 18.60
C LEU K 81 69.45 -46.33 17.80
N ARG K 82 70.47 -45.50 17.60
CA ARG K 82 70.31 -44.31 16.77
C ARG K 82 69.96 -44.68 15.32
N LEU K 83 70.61 -45.71 14.79
CA LEU K 83 70.31 -46.14 13.43
C LEU K 83 68.86 -46.58 13.29
N LEU K 84 68.38 -47.37 14.24
CA LEU K 84 66.99 -47.85 14.19
C LEU K 84 66.00 -46.72 14.45
N GLU K 85 66.37 -45.74 15.28
CA GLU K 85 65.51 -44.58 15.48
C GLU K 85 65.39 -43.77 14.20
N ARG K 86 66.48 -43.66 13.44
CA ARG K 86 66.41 -43.01 12.14
C ARG K 86 65.59 -43.83 11.15
N ILE K 87 65.65 -45.17 11.25
CA ILE K 87 64.90 -46.03 10.35
C ILE K 87 63.41 -45.82 10.53
N GLY K 88 62.93 -45.88 11.78
CA GLY K 88 61.54 -45.61 12.07
C GLY K 88 60.67 -46.84 12.28
N GLU K 89 61.17 -47.83 13.02
CA GLU K 89 60.41 -49.03 13.36
C GLU K 89 60.23 -49.05 14.87
N GLU K 90 59.00 -48.75 15.32
CA GLU K 90 58.76 -48.49 16.74
C GLU K 90 59.07 -49.72 17.59
N GLY K 91 58.59 -50.90 17.18
CA GLY K 91 58.88 -52.10 17.95
C GLY K 91 60.36 -52.43 17.99
N LEU K 92 61.05 -52.23 16.86
CA LEU K 92 62.48 -52.47 16.82
C LEU K 92 63.22 -51.51 17.75
N VAL K 93 62.80 -50.24 17.80
CA VAL K 93 63.44 -49.29 18.71
C VAL K 93 63.18 -49.66 20.16
N LYS K 94 61.96 -50.11 20.47
CA LYS K 94 61.66 -50.54 21.83
C LYS K 94 62.53 -51.72 22.24
N LEU K 95 62.66 -52.71 21.36
CA LEU K 95 63.52 -53.86 21.64
C LEU K 95 64.97 -53.41 21.79
N ALA K 96 65.40 -52.43 20.98
CA ALA K 96 66.77 -51.93 21.09
C ALA K 96 67.01 -51.27 22.44
N ARG K 97 66.05 -50.47 22.92
CA ARG K 97 66.20 -49.84 24.23
C ARG K 97 66.27 -50.88 25.33
N GLU K 98 65.38 -51.88 25.27
CA GLU K 98 65.40 -52.93 26.30
C GLU K 98 66.71 -53.70 26.27
N VAL K 99 67.21 -54.01 25.08
CA VAL K 99 68.49 -54.71 24.96
C VAL K 99 69.61 -53.85 25.51
N HIS K 100 69.59 -52.55 25.21
CA HIS K 100 70.60 -51.64 25.75
C HIS K 100 70.64 -51.70 27.27
N GLU K 101 69.48 -51.52 27.91
CA GLU K 101 69.45 -51.49 29.37
C GLU K 101 69.88 -52.83 29.97
N ARG K 102 69.27 -53.92 29.50
CA ARG K 102 69.58 -55.22 30.09
C ARG K 102 71.02 -55.63 29.84
N SER K 103 71.54 -55.37 28.63
CA SER K 103 72.92 -55.71 28.32
C SER K 103 73.88 -54.90 29.17
N PHE K 104 73.61 -53.61 29.36
CA PHE K 104 74.46 -52.81 30.23
C PHE K 104 74.50 -53.37 31.64
N GLU K 105 73.32 -53.67 32.20
CA GLU K 105 73.27 -54.18 33.56
C GLU K 105 73.98 -55.53 33.69
N LEU K 106 73.71 -56.44 32.76
CA LEU K 106 74.32 -57.77 32.82
C LEU K 106 75.82 -57.71 32.62
N LEU K 107 76.30 -56.87 31.70
CA LEU K 107 77.73 -56.76 31.47
C LEU K 107 78.43 -56.12 32.66
N ARG K 108 77.78 -55.16 33.33
CA ARG K 108 78.33 -54.64 34.58
C ARG K 108 78.40 -55.74 35.62
N LYS K 109 77.34 -56.55 35.75
CA LYS K 109 77.36 -57.64 36.71
C LYS K 109 78.31 -58.75 36.29
N GLY K 110 78.28 -59.14 35.01
CA GLY K 110 79.20 -60.15 34.52
C GLY K 110 78.56 -61.27 33.73
N ASN K 111 77.28 -61.12 33.38
CA ASN K 111 76.55 -62.14 32.63
C ASN K 111 76.81 -61.94 31.14
N ARG K 112 77.94 -62.49 30.68
CA ARG K 112 78.33 -62.35 29.28
C ARG K 112 77.34 -63.06 28.36
N VAL K 113 76.91 -64.26 28.75
CA VAL K 113 76.12 -65.10 27.86
C VAL K 113 74.77 -64.47 27.55
N GLU K 114 74.11 -63.91 28.56
CA GLU K 114 72.80 -63.31 28.33
C GLU K 114 72.90 -62.04 27.51
N ALA K 115 73.97 -61.26 27.70
CA ALA K 115 74.19 -60.10 26.84
C ALA K 115 74.39 -60.51 25.39
N LEU K 116 75.19 -61.56 25.16
CA LEU K 116 75.35 -62.08 23.81
C LEU K 116 74.02 -62.53 23.23
N ALA K 117 73.21 -63.22 24.03
CA ALA K 117 71.91 -63.67 23.57
C ALA K 117 71.02 -62.50 23.18
N LEU K 118 71.02 -61.44 24.01
CA LEU K 118 70.20 -60.27 23.69
C LEU K 118 70.67 -59.60 22.41
N ILE K 119 71.99 -59.48 22.22
CA ILE K 119 72.51 -58.85 21.00
C ILE K 119 72.12 -59.66 19.77
N LEU K 120 72.25 -60.99 19.85
CA LEU K 120 71.89 -61.84 18.73
C LEU K 120 70.38 -61.78 18.45
N ALA K 121 69.57 -61.73 19.51
CA ALA K 121 68.12 -61.61 19.32
C ALA K 121 67.77 -60.31 18.63
N LEU K 122 68.42 -59.21 19.02
CA LEU K 122 68.17 -57.94 18.35
C LEU K 122 68.57 -57.99 16.87
N ALA K 123 69.73 -58.59 16.58
CA ALA K 123 70.17 -58.71 15.19
C ALA K 123 69.18 -59.52 14.37
N LEU K 124 68.72 -60.66 14.91
CA LEU K 124 67.74 -61.47 14.21
C LEU K 124 66.43 -60.72 14.02
N ALA K 125 66.01 -59.94 15.01
CA ALA K 125 64.78 -59.17 14.88
C ALA K 125 64.89 -58.16 13.75
N VAL K 126 66.03 -57.46 13.65
CA VAL K 126 66.22 -56.50 12.56
C VAL K 126 66.19 -57.22 11.23
N ALA K 127 66.90 -58.35 11.12
CA ALA K 127 66.96 -59.08 9.86
C ALA K 127 65.58 -59.57 9.43
N LEU K 128 64.82 -60.14 10.37
CA LEU K 128 63.49 -60.66 10.04
C LEU K 128 62.53 -59.53 9.70
N THR K 129 62.67 -58.38 10.37
CA THR K 129 61.83 -57.24 10.01
C THR K 129 62.09 -56.79 8.59
N ALA K 130 63.37 -56.67 8.21
CA ALA K 130 63.71 -56.27 6.85
C ALA K 130 63.19 -57.28 5.84
N VAL K 131 63.41 -58.57 6.10
CA VAL K 131 63.00 -59.61 5.15
C VAL K 131 61.48 -59.63 4.99
N SER K 132 60.75 -59.55 6.11
CA SER K 132 59.29 -59.57 6.05
C SER K 132 58.77 -58.34 5.32
N LYS K 133 59.37 -57.17 5.55
CA LYS K 133 58.95 -55.97 4.83
C LYS K 133 59.16 -56.13 3.34
N ALA K 134 60.31 -56.66 2.93
CA ALA K 134 60.58 -56.87 1.51
C ALA K 134 59.59 -57.86 0.90
N PHE K 135 59.33 -58.97 1.61
CA PHE K 135 58.42 -59.98 1.09
C PHE K 135 57.00 -59.44 0.96
N PHE K 136 56.54 -58.66 1.94
CA PHE K 136 55.20 -58.09 1.84
C PHE K 136 55.11 -57.05 0.73
N LEU K 137 56.16 -56.24 0.56
CA LEU K 137 56.14 -55.23 -0.50
C LEU K 137 56.12 -55.89 -1.87
N LEU K 138 56.87 -56.98 -2.05
CA LEU K 138 56.87 -57.68 -3.33
C LEU K 138 55.48 -58.24 -3.64
N GLY K 139 54.81 -58.80 -2.63
CA GLY K 139 53.51 -59.40 -2.82
C GLY K 139 53.54 -60.91 -2.61
N GLN K 140 54.61 -61.38 -1.97
CA GLN K 140 54.80 -62.80 -1.76
C GLN K 140 53.72 -63.36 -0.81
N PRO K 141 53.28 -64.58 -1.03
CA PRO K 141 52.33 -65.20 -0.09
C PRO K 141 53.00 -65.55 1.23
N ALA K 142 52.15 -65.86 2.22
CA ALA K 142 52.62 -66.02 3.59
C ALA K 142 53.41 -67.30 3.81
N ARG K 143 53.33 -68.27 2.88
CA ARG K 143 53.98 -69.56 3.11
C ARG K 143 55.49 -69.42 3.25
N LEU K 144 56.13 -68.78 2.27
CA LEU K 144 57.59 -68.68 2.28
C LEU K 144 58.05 -67.77 3.40
N ILE K 145 57.28 -66.73 3.72
CA ILE K 145 57.60 -65.90 4.89
C ILE K 145 57.63 -66.75 6.14
N ALA K 146 56.63 -67.61 6.31
CA ALA K 146 56.58 -68.48 7.48
C ALA K 146 57.76 -69.44 7.52
N GLU K 147 58.09 -70.06 6.40
CA GLU K 147 59.22 -70.98 6.40
C GLU K 147 60.53 -70.27 6.71
N TYR K 148 60.75 -69.09 6.13
CA TYR K 148 61.98 -68.37 6.39
C TYR K 148 62.08 -67.93 7.85
N VAL K 149 60.98 -67.43 8.42
CA VAL K 149 60.98 -67.02 9.83
C VAL K 149 61.27 -68.23 10.71
N GLY K 150 60.63 -69.36 10.43
CA GLY K 150 60.88 -70.55 11.21
C GLY K 150 62.32 -71.02 11.11
N GLU K 151 62.90 -71.00 9.91
CA GLU K 151 64.27 -71.44 9.74
C GLU K 151 65.24 -70.52 10.50
N LYS K 152 65.03 -69.21 10.41
CA LYS K 152 65.91 -68.29 11.12
C LYS K 152 65.79 -68.44 12.63
N LEU K 153 64.56 -68.64 13.13
CA LEU K 153 64.37 -68.86 14.55
C LEU K 153 65.03 -70.15 14.99
N LEU K 154 64.98 -71.20 14.16
CA LEU K 154 65.65 -72.44 14.48
C LEU K 154 67.17 -72.24 14.55
N GLU K 155 67.74 -71.50 13.60
CA GLU K 155 69.17 -71.23 13.65
C GLU K 155 69.56 -70.48 14.91
N LEU K 156 68.78 -69.45 15.27
CA LEU K 156 69.08 -68.71 16.49
C LEU K 156 68.96 -69.59 17.71
N ARG K 157 67.95 -70.46 17.75
CA ARG K 157 67.77 -71.37 18.89
C ARG K 157 68.95 -72.31 19.03
N ARG K 158 69.42 -72.88 17.91
CA ARG K 158 70.58 -73.76 17.98
C ARG K 158 71.81 -73.01 18.45
N LEU K 159 72.02 -71.78 17.95
CA LEU K 159 73.17 -71.00 18.38
C LEU K 159 73.12 -70.71 19.87
N LEU K 160 71.96 -70.28 20.36
CA LEU K 160 71.82 -69.96 21.79
C LEU K 160 72.00 -71.20 22.66
N GLU K 161 71.45 -72.33 22.23
CA GLU K 161 71.64 -73.57 22.98
C GLU K 161 73.10 -73.98 23.01
N LYS K 162 73.83 -73.76 21.91
CA LYS K 162 75.26 -74.03 21.91
C LYS K 162 76.00 -73.08 22.84
N LEU K 163 75.54 -71.82 22.94
CA LEU K 163 76.18 -70.86 23.82
C LEU K 163 76.03 -71.25 25.29
N GLY K 164 74.80 -71.56 25.72
CA GLY K 164 74.58 -71.97 27.09
C GLY K 164 73.40 -71.31 27.76
N VAL K 165 72.64 -70.52 27.01
CA VAL K 165 71.49 -69.81 27.58
C VAL K 165 70.44 -70.84 28.01
N PRO K 166 69.83 -70.71 29.19
CA PRO K 166 68.77 -71.65 29.58
C PRO K 166 67.58 -71.57 28.64
N LEU K 167 66.93 -72.72 28.47
CA LEU K 167 65.88 -72.84 27.46
C LEU K 167 64.71 -71.86 27.65
N PRO K 168 64.17 -71.66 28.86
CA PRO K 168 63.07 -70.69 28.99
C PRO K 168 63.43 -69.29 28.53
N GLU K 169 64.67 -68.84 28.80
CA GLU K 169 65.09 -67.53 28.33
C GLU K 169 65.21 -67.50 26.81
N VAL K 170 65.68 -68.59 26.21
CA VAL K 170 65.74 -68.67 24.76
C VAL K 170 64.34 -68.53 24.16
N ILE K 171 63.38 -69.25 24.73
CA ILE K 171 62.02 -69.19 24.21
C ILE K 171 61.43 -67.80 24.41
N ALA K 172 61.72 -67.15 25.54
CA ALA K 172 61.25 -65.79 25.76
C ALA K 172 61.83 -64.84 24.73
N LEU K 173 63.12 -64.97 24.43
CA LEU K 173 63.74 -64.12 23.41
C LEU K 173 63.12 -64.36 22.04
N LEU K 174 62.88 -65.62 21.68
CA LEU K 174 62.25 -65.90 20.39
C LEU K 174 60.85 -65.33 20.31
N LEU K 175 60.09 -65.42 21.41
CA LEU K 175 58.76 -64.80 21.42
C LEU K 175 58.84 -63.29 21.33
N ARG K 176 59.86 -62.68 21.94
CA ARG K 176 60.05 -61.24 21.79
C ARG K 176 60.32 -60.86 20.34
N VAL K 177 61.19 -61.63 19.67
CA VAL K 177 61.47 -61.39 18.25
C VAL K 177 60.20 -61.53 17.43
N LEU K 178 59.42 -62.57 17.70
CA LEU K 178 58.17 -62.78 16.97
C LEU K 178 57.18 -61.65 17.24
N GLU K 179 57.15 -61.14 18.46
CA GLU K 179 56.29 -59.99 18.78
C GLU K 179 56.70 -58.77 17.97
N VAL K 180 58.02 -58.53 17.87
CA VAL K 180 58.51 -57.41 17.08
C VAL K 180 58.10 -57.56 15.62
N VAL K 181 58.27 -58.77 15.07
CA VAL K 181 57.91 -59.01 13.67
C VAL K 181 56.42 -58.82 13.45
N GLU K 182 55.59 -59.32 14.38
CA GLU K 182 54.14 -59.17 14.27
C GLU K 182 53.75 -57.69 14.32
N GLU K 183 54.37 -56.93 15.21
CA GLU K 183 54.06 -55.51 15.31
C GLU K 183 54.43 -54.79 14.01
N SER K 184 55.60 -55.11 13.46
CA SER K 184 56.01 -54.50 12.20
C SER K 184 55.03 -54.83 11.07
N LEU K 185 54.63 -56.11 10.97
CA LEU K 185 53.71 -56.52 9.92
C LEU K 185 52.36 -55.85 10.07
N LYS K 186 51.86 -55.77 11.31
CA LYS K 186 50.57 -55.13 11.56
C LYS K 186 50.62 -53.65 11.22
N ALA K 187 51.70 -52.97 11.59
CA ALA K 187 51.84 -51.55 11.30
C ALA K 187 52.00 -51.27 9.81
N MET K 188 52.64 -52.17 9.07
CA MET K 188 52.86 -51.93 7.66
C MET K 188 51.54 -51.91 6.87
N GLY K 189 50.61 -52.81 7.19
CA GLY K 189 49.35 -52.84 6.49
C GLY K 189 48.83 -54.22 6.16
N MET K 190 49.56 -55.26 6.57
CA MET K 190 49.14 -56.62 6.32
C MET K 190 47.80 -56.93 6.98
N GLU K 191 46.98 -57.72 6.30
CA GLU K 191 45.71 -58.13 6.86
C GLU K 191 45.93 -59.08 8.04
N PRO K 192 45.13 -58.95 9.11
CA PRO K 192 45.39 -59.73 10.33
C PRO K 192 45.46 -61.24 10.13
N ARG K 193 44.69 -61.79 9.18
CA ARG K 193 44.65 -63.24 9.02
C ARG K 193 46.00 -63.80 8.61
N GLU K 194 46.70 -63.14 7.68
CA GLU K 194 48.01 -63.61 7.27
C GLU K 194 49.03 -63.50 8.40
N ILE K 195 48.96 -62.42 9.19
CA ILE K 195 49.86 -62.28 10.33
C ILE K 195 49.63 -63.42 11.32
N ASN K 196 48.36 -63.72 11.61
CA ASN K 196 48.05 -64.83 12.51
C ASN K 196 48.56 -66.14 11.93
N ARG K 197 48.42 -66.33 10.62
CA ARG K 197 48.87 -67.56 9.98
C ARG K 197 50.38 -67.74 10.12
N VAL K 198 51.15 -66.68 9.85
CA VAL K 198 52.61 -66.81 9.90
C VAL K 198 53.08 -66.98 11.34
N LEU K 199 52.47 -66.26 12.29
CA LEU K 199 52.84 -66.43 13.69
C LEU K 199 52.52 -67.85 14.17
N ALA K 200 51.37 -68.38 13.77
CA ALA K 200 51.01 -69.74 14.15
C ALA K 200 51.98 -70.74 13.55
N ALA K 201 52.38 -70.53 12.29
CA ALA K 201 53.35 -71.43 11.67
C ALA K 201 54.69 -71.40 12.39
N ALA K 202 55.15 -70.21 12.79
CA ALA K 202 56.41 -70.10 13.52
C ALA K 202 56.32 -70.80 14.87
N TYR K 203 55.22 -70.59 15.59
CA TYR K 203 55.02 -71.29 16.86
C TYR K 203 54.99 -72.79 16.65
N LEU K 204 54.34 -73.25 15.58
CA LEU K 204 54.23 -74.68 15.33
C LEU K 204 55.59 -75.31 15.02
N THR K 205 56.42 -74.64 14.21
CA THR K 205 57.73 -75.22 13.92
C THR K 205 58.63 -75.19 15.15
N LEU K 206 58.53 -74.13 15.97
CA LEU K 206 59.29 -74.10 17.22
C LEU K 206 58.88 -75.24 18.14
N ALA K 207 57.57 -75.45 18.30
CA ALA K 207 57.08 -76.53 19.16
C ALA K 207 57.46 -77.88 18.60
N ALA K 208 57.41 -78.05 17.28
CA ALA K 208 57.79 -79.32 16.66
C ALA K 208 59.25 -79.63 16.92
N GLU K 209 60.12 -78.63 16.77
CA GLU K 209 61.54 -78.86 17.09
C GLU K 209 61.71 -79.22 18.57
N LEU K 210 61.01 -78.51 19.45
CA LEU K 210 61.14 -78.78 20.88
C LEU K 210 60.71 -80.20 21.21
N LEU K 211 59.60 -80.65 20.63
CA LEU K 211 59.14 -82.02 20.87
C LEU K 211 60.09 -83.05 20.27
N GLU K 212 60.58 -82.80 19.05
CA GLU K 212 61.48 -83.74 18.40
C GLU K 212 62.78 -83.90 19.17
N ARG K 213 63.27 -82.82 19.79
CA ARG K 213 64.50 -82.92 20.57
C ARG K 213 64.37 -83.93 21.71
N LEU K 214 63.17 -84.09 22.26
CA LEU K 214 62.93 -85.01 23.36
C LEU K 214 62.69 -86.45 22.90
N GLY K 215 62.59 -86.69 21.60
CA GLY K 215 62.40 -88.03 21.08
C GLY K 215 60.99 -88.35 20.61
N LEU K 216 60.02 -87.46 20.84
CA LEU K 216 58.65 -87.68 20.38
C LEU K 216 58.54 -87.30 18.90
N THR K 217 59.12 -88.16 18.07
CA THR K 217 59.17 -87.89 16.63
C THR K 217 57.78 -87.89 15.99
N ALA K 218 56.91 -88.82 16.37
CA ALA K 218 55.58 -88.88 15.77
C ALA K 218 54.74 -87.65 16.12
N LEU K 219 54.82 -87.19 17.37
CA LEU K 219 54.11 -85.98 17.75
C LEU K 219 54.61 -84.78 16.96
N ALA K 220 55.94 -84.68 16.80
CA ALA K 220 56.50 -83.59 16.00
C ALA K 220 56.03 -83.67 14.55
N ALA K 221 55.97 -84.89 14.00
CA ALA K 221 55.49 -85.06 12.63
C ALA K 221 54.04 -84.62 12.51
N ARG K 222 53.21 -84.94 13.52
CA ARG K 222 51.83 -84.49 13.50
C ARG K 222 51.74 -82.97 13.56
N ILE K 223 52.60 -82.34 14.37
CA ILE K 223 52.62 -80.88 14.44
C ILE K 223 53.01 -80.28 13.09
N ARG K 224 54.01 -80.86 12.43
CA ARG K 224 54.41 -80.36 11.12
C ARG K 224 53.29 -80.54 10.09
N ARG K 225 52.58 -81.68 10.16
CA ARG K 225 51.44 -81.87 9.27
C ARG K 225 50.38 -80.81 9.51
N ALA K 226 50.11 -80.49 10.79
CA ALA K 226 49.15 -79.44 11.11
C ALA K 226 49.60 -78.10 10.54
N ARG K 227 50.89 -77.78 10.68
CA ARG K 227 51.40 -76.54 10.13
C ARG K 227 51.24 -76.48 8.61
N GLU K 228 51.58 -77.58 7.94
CA GLU K 228 51.47 -77.61 6.47
C GLU K 228 50.02 -77.47 6.02
N LEU K 229 49.08 -78.13 6.71
CA LEU K 229 47.68 -77.95 6.37
C LEU K 229 47.20 -76.54 6.67
N LEU K 230 47.77 -75.89 7.70
CA LEU K 230 47.41 -74.51 7.99
C LEU K 230 47.89 -73.57 6.90
N LEU K 231 49.11 -73.78 6.39
CA LEU K 231 49.66 -72.90 5.38
C LEU K 231 48.98 -73.06 4.02
N ALA K 232 48.24 -74.15 3.81
CA ALA K 232 47.58 -74.41 2.54
C ALA K 232 46.13 -73.92 2.51
N GLY K 233 45.68 -73.25 3.56
CA GLY K 233 44.31 -72.76 3.63
C GLY K 233 43.34 -73.67 4.36
N ARG K 234 43.73 -74.90 4.64
CA ARG K 234 42.88 -75.86 5.35
C ARG K 234 43.00 -75.56 6.85
N VAL K 235 42.16 -74.63 7.32
CA VAL K 235 42.29 -74.12 8.67
C VAL K 235 41.70 -75.10 9.69
N GLU K 236 40.47 -75.56 9.46
CA GLU K 236 39.78 -76.35 10.47
C GLU K 236 40.44 -77.72 10.67
N GLU K 237 40.91 -78.34 9.58
CA GLU K 237 41.58 -79.63 9.71
C GLU K 237 42.86 -79.50 10.53
N ALA K 238 43.65 -78.45 10.27
CA ALA K 238 44.84 -78.20 11.07
C ALA K 238 44.47 -77.91 12.51
N LEU K 239 43.38 -77.18 12.73
CA LEU K 239 42.92 -76.90 14.09
C LEU K 239 42.62 -78.18 14.85
N HIS K 240 41.88 -79.10 14.23
CA HIS K 240 41.54 -80.34 14.91
C HIS K 240 42.77 -81.22 15.12
N LEU K 241 43.67 -81.28 14.13
CA LEU K 241 44.90 -82.03 14.33
C LEU K 241 45.70 -81.48 15.50
N LEU K 242 45.78 -80.15 15.60
CA LEU K 242 46.51 -79.53 16.69
C LEU K 242 45.84 -79.80 18.03
N GLN K 243 44.50 -79.78 18.06
CA GLN K 243 43.81 -80.08 19.30
C GLN K 243 44.06 -81.52 19.75
N ASP K 244 44.03 -82.47 18.82
CA ASP K 244 44.32 -83.86 19.17
C ASP K 244 45.76 -84.00 19.68
N ALA K 245 46.71 -83.33 19.01
CA ALA K 245 48.09 -83.36 19.47
C ALA K 245 48.22 -82.77 20.87
N VAL K 246 47.49 -81.68 21.13
CA VAL K 246 47.53 -81.04 22.45
C VAL K 246 46.98 -81.99 23.52
N GLU K 247 45.87 -82.66 23.22
CA GLU K 247 45.32 -83.61 24.20
C GLU K 247 46.30 -84.74 24.48
N LEU K 248 46.94 -85.28 23.44
CA LEU K 248 47.88 -86.38 23.67
C LEU K 248 49.11 -85.90 24.43
N LEU K 249 49.56 -84.67 24.15
CA LEU K 249 50.67 -84.09 24.90
C LEU K 249 50.29 -83.91 26.37
N HIS K 250 49.05 -83.49 26.64
CA HIS K 250 48.58 -83.38 28.01
C HIS K 250 48.57 -84.74 28.70
N GLU K 251 48.12 -85.78 27.98
CA GLU K 251 48.17 -87.13 28.54
C GLU K 251 49.59 -87.52 28.93
N ARG K 252 50.55 -87.29 28.03
CA ARG K 252 51.94 -87.62 28.33
C ARG K 252 52.47 -86.81 29.51
N ILE K 253 52.15 -85.52 29.54
CA ILE K 253 52.67 -84.65 30.60
C ILE K 253 52.13 -85.08 31.96
N ARG K 254 50.83 -85.33 32.04
CA ARG K 254 50.23 -85.75 33.30
C ARG K 254 50.56 -87.19 33.67
N GLU K 255 50.99 -88.01 32.70
CA GLU K 255 51.50 -89.33 33.04
C GLU K 255 52.91 -89.24 33.61
N LEU K 256 53.72 -88.32 33.09
CA LEU K 256 55.08 -88.15 33.62
C LEU K 256 55.06 -87.65 35.06
N GLY K 257 54.18 -86.70 35.37
CA GLY K 257 54.10 -86.15 36.70
C GLY K 257 54.82 -84.81 36.80
N PHE K 258 55.57 -84.62 37.88
CA PHE K 258 56.34 -83.40 38.09
C PHE K 258 57.78 -83.52 37.62
N GLU K 259 58.17 -84.66 37.05
CA GLU K 259 59.49 -84.83 36.46
C GLU K 259 59.48 -84.59 34.95
N ALA K 260 58.49 -83.85 34.46
CA ALA K 260 58.41 -83.58 33.03
C ALA K 260 59.50 -82.61 32.61
N PRO K 261 60.30 -82.93 31.60
CA PRO K 261 61.32 -81.98 31.14
C PRO K 261 60.68 -80.69 30.64
N GLU K 262 61.44 -79.60 30.74
CA GLU K 262 60.96 -78.28 30.36
C GLU K 262 60.52 -78.22 28.90
N GLU K 263 61.04 -79.12 28.07
CA GLU K 263 60.65 -79.14 26.66
C GLU K 263 59.15 -79.36 26.51
N LEU K 264 58.59 -80.29 27.29
CA LEU K 264 57.16 -80.58 27.18
C LEU K 264 56.33 -79.36 27.57
N LEU K 265 56.69 -78.69 28.67
CA LEU K 265 55.91 -77.54 29.11
C LEU K 265 56.01 -76.38 28.12
N LEU K 266 57.21 -76.10 27.63
CA LEU K 266 57.37 -75.01 26.67
C LEU K 266 56.64 -75.32 25.37
N ALA K 267 56.71 -76.57 24.90
CA ALA K 267 55.96 -76.96 23.71
C ALA K 267 54.47 -76.83 23.93
N ASP K 268 53.99 -77.21 25.12
CA ASP K 268 52.57 -77.07 25.42
C ASP K 268 52.13 -75.61 25.38
N LEU K 269 52.92 -74.72 25.97
CA LEU K 269 52.57 -73.30 25.95
C LEU K 269 52.56 -72.77 24.51
N LEU K 270 53.57 -73.14 23.72
CA LEU K 270 53.62 -72.70 22.33
C LEU K 270 52.43 -73.23 21.55
N LEU K 271 52.05 -74.48 21.79
CA LEU K 271 50.90 -75.06 21.10
C LEU K 271 49.61 -74.36 21.50
N GLN K 272 49.49 -73.96 22.76
CA GLN K 272 48.29 -73.22 23.16
C GLN K 272 48.23 -71.85 22.49
N ARG K 273 49.37 -71.17 22.38
CA ARG K 273 49.38 -69.91 21.64
C ARG K 273 49.02 -70.13 20.17
N ALA K 274 49.52 -71.22 19.58
CA ALA K 274 49.18 -71.54 18.20
C ALA K 274 47.70 -71.84 18.05
N LEU K 275 47.12 -72.56 19.02
CA LEU K 275 45.68 -72.83 18.99
C LEU K 275 44.88 -71.54 19.03
N GLU K 276 45.26 -70.62 19.92
CA GLU K 276 44.57 -69.34 20.00
C GLU K 276 44.65 -68.59 18.68
N LEU K 277 45.86 -68.50 18.11
CA LEU K 277 46.03 -67.76 16.86
C LEU K 277 45.25 -68.40 15.71
N ILE K 278 45.28 -69.72 15.62
CA ILE K 278 44.55 -70.40 14.54
C ILE K 278 43.05 -70.22 14.71
N SER K 279 42.55 -70.30 15.94
CA SER K 279 41.12 -70.09 16.17
C SER K 279 40.71 -68.67 15.82
N SER K 280 41.56 -67.69 16.12
CA SER K 280 41.23 -66.31 15.81
C SER K 280 41.28 -66.00 14.32
N ILE K 281 41.80 -66.91 13.50
CA ILE K 281 41.87 -66.69 12.05
C ILE K 281 40.47 -66.64 11.47
N THR L 24 58.53 -65.38 72.02
CA THR L 24 57.73 -64.63 72.99
C THR L 24 56.38 -64.26 72.38
N VAL L 25 56.34 -64.22 71.05
CA VAL L 25 55.12 -64.00 70.25
C VAL L 25 54.64 -62.56 70.38
N GLU L 26 54.52 -62.06 71.62
CA GLU L 26 54.10 -60.68 71.82
C GLU L 26 55.12 -59.71 71.24
N GLU L 27 56.39 -59.89 71.63
CA GLU L 27 57.45 -59.05 71.10
C GLU L 27 57.44 -59.04 69.58
N GLU L 28 57.08 -60.16 68.96
CA GLU L 28 56.88 -60.18 67.52
C GLU L 28 55.79 -59.19 67.10
N VAL L 29 54.74 -59.05 67.91
CA VAL L 29 53.65 -58.14 67.56
C VAL L 29 54.11 -56.69 67.62
N ILE L 30 54.75 -56.29 68.73
CA ILE L 30 55.17 -54.89 68.80
C ILE L 30 56.26 -54.60 67.76
N ARG L 31 57.18 -55.54 67.56
CA ARG L 31 58.19 -55.35 66.52
C ARG L 31 57.56 -55.27 65.15
N PHE L 32 56.50 -56.04 64.89
CA PHE L 32 55.80 -55.95 63.62
C PHE L 32 55.21 -54.56 63.41
N ALA L 33 54.58 -54.02 64.45
CA ALA L 33 54.00 -52.68 64.32
C ALA L 33 55.08 -51.63 64.06
N GLU L 34 56.15 -51.67 64.86
CA GLU L 34 57.21 -50.67 64.70
C GLU L 34 57.91 -50.80 63.35
N GLU L 35 58.19 -52.04 62.91
CA GLU L 35 58.84 -52.25 61.63
C GLU L 35 57.93 -51.84 60.48
N LEU L 36 56.62 -52.04 60.62
CA LEU L 36 55.70 -51.59 59.59
C LEU L 36 55.73 -50.07 59.47
N ALA L 37 55.72 -49.37 60.61
CA ALA L 37 55.82 -47.91 60.57
C ALA L 37 57.13 -47.45 59.95
N GLU L 38 58.23 -48.11 60.32
CA GLU L 38 59.54 -47.74 59.79
C GLU L 38 59.60 -48.03 58.29
N GLU L 39 58.95 -49.10 57.83
CA GLU L 39 58.91 -49.38 56.40
C GLU L 39 58.12 -48.34 55.64
N ILE L 40 57.01 -47.87 56.21
CA ILE L 40 56.28 -46.77 55.59
C ILE L 40 57.19 -45.54 55.48
N ARG L 41 57.91 -45.24 56.55
CA ARG L 41 58.81 -44.09 56.53
C ARG L 41 59.90 -44.25 55.48
N ARG L 42 60.47 -45.45 55.37
CA ARG L 42 61.52 -45.70 54.38
C ARG L 42 61.00 -45.56 52.96
N VAL L 43 59.81 -46.13 52.69
CA VAL L 43 59.30 -46.12 51.33
C VAL L 43 58.87 -44.72 50.92
N THR L 44 58.21 -43.98 51.81
CA THR L 44 57.67 -42.67 51.46
C THR L 44 58.39 -41.51 52.14
N GLY L 45 58.61 -41.57 53.44
CA GLY L 45 59.23 -40.47 54.15
C GLY L 45 58.26 -39.73 55.05
N GLU L 46 58.06 -38.44 54.79
CA GLU L 46 57.13 -37.63 55.57
C GLU L 46 55.97 -37.11 54.72
N ALA L 47 55.84 -37.59 53.48
CA ALA L 47 54.69 -37.23 52.66
C ALA L 47 53.43 -37.94 53.11
N TYR L 48 53.54 -39.14 53.67
CA TYR L 48 52.41 -39.90 54.23
C TYR L 48 52.75 -40.17 55.69
N ARG L 49 52.39 -39.22 56.56
CA ARG L 49 52.69 -39.32 57.98
C ARG L 49 51.48 -39.70 58.83
N GLU L 50 50.27 -39.37 58.37
CA GLU L 50 49.08 -39.80 59.08
C GLU L 50 48.96 -41.31 59.11
N TYR L 51 49.38 -41.98 58.03
CA TYR L 51 49.37 -43.43 58.00
C TYR L 51 50.33 -44.02 59.02
N ALA L 52 51.52 -43.43 59.16
CA ALA L 52 52.45 -43.89 60.18
C ALA L 52 51.91 -43.64 61.58
N GLU L 53 51.26 -42.50 61.78
CA GLU L 53 50.61 -42.22 63.06
C GLU L 53 49.56 -43.28 63.38
N ALA L 54 48.74 -43.62 62.40
CA ALA L 54 47.70 -44.63 62.61
C ALA L 54 48.31 -46.00 62.90
N VAL L 55 49.39 -46.35 62.21
CA VAL L 55 50.04 -47.64 62.45
C VAL L 55 50.62 -47.70 63.85
N ARG L 56 51.25 -46.61 64.30
CA ARG L 56 51.79 -46.59 65.66
C ARG L 56 50.67 -46.64 66.70
N HIS L 57 49.55 -45.96 66.43
CA HIS L 57 48.41 -46.03 67.32
C HIS L 57 47.86 -47.45 67.42
N LEU L 58 47.75 -48.14 66.29
CA LEU L 58 47.28 -49.52 66.31
C LEU L 58 48.26 -50.44 67.00
N GLY L 59 49.57 -50.19 66.86
CA GLY L 59 50.55 -50.94 67.63
C GLY L 59 50.40 -50.74 69.12
N GLU L 60 50.13 -49.49 69.53
CA GLU L 60 49.87 -49.22 70.95
C GLU L 60 48.62 -49.94 71.42
N ALA L 61 47.58 -49.96 70.59
CA ALA L 61 46.37 -50.70 70.94
C ALA L 61 46.64 -52.18 71.10
N ALA L 62 47.43 -52.76 70.18
CA ALA L 62 47.77 -54.17 70.28
C ALA L 62 48.57 -54.46 71.53
N LYS L 63 49.48 -53.55 71.90
CA LYS L 63 50.21 -53.71 73.15
C LYS L 63 49.27 -53.64 74.35
N ALA L 64 48.27 -52.76 74.29
CA ALA L 64 47.31 -52.65 75.38
C ALA L 64 46.47 -53.92 75.52
N VAL L 65 46.07 -54.52 74.40
CA VAL L 65 45.26 -55.73 74.43
C VAL L 65 46.00 -56.85 75.15
N LEU L 66 47.29 -57.01 74.86
CA LEU L 66 48.06 -58.13 75.39
C LEU L 66 48.35 -58.01 76.88
N GLU L 67 48.07 -56.87 77.50
CA GLU L 67 48.30 -56.69 78.93
C GLU L 67 47.06 -56.92 79.77
N GLY L 68 45.87 -56.85 79.17
CA GLY L 68 44.64 -57.09 79.91
C GLY L 68 43.63 -55.97 79.78
N ASN L 69 44.11 -54.74 79.57
CA ASN L 69 43.23 -53.60 79.43
C ASN L 69 42.45 -53.69 78.12
N SER L 70 41.12 -53.69 78.21
CA SER L 70 40.28 -53.87 77.05
C SER L 70 39.51 -52.62 76.65
N VAL L 71 39.49 -51.58 77.48
CA VAL L 71 38.79 -50.35 77.14
C VAL L 71 39.74 -49.34 76.49
N GLU L 72 40.99 -49.29 76.94
CA GLU L 72 41.98 -48.44 76.28
C GLU L 72 42.16 -48.85 74.82
N ALA L 73 42.10 -50.14 74.52
CA ALA L 73 42.18 -50.59 73.15
C ALA L 73 41.01 -50.05 72.32
N ASP L 74 39.80 -50.09 72.89
CA ASP L 74 38.64 -49.55 72.18
C ASP L 74 38.79 -48.05 71.94
N LEU L 75 39.28 -47.31 72.94
CA LEU L 75 39.48 -45.87 72.75
C LEU L 75 40.51 -45.59 71.68
N ILE L 76 41.60 -46.36 71.66
CA ILE L 76 42.64 -46.15 70.66
C ILE L 76 42.11 -46.49 69.27
N VAL L 77 41.31 -47.55 69.15
CA VAL L 77 40.72 -47.90 67.86
C VAL L 77 39.79 -46.80 67.38
N THR L 78 39.03 -46.20 68.30
CA THR L 78 38.18 -45.07 67.91
C THR L 78 39.01 -43.88 67.45
N ASP L 79 40.14 -43.62 68.12
CA ASP L 79 41.04 -42.55 67.67
C ASP L 79 41.56 -42.83 66.27
N VAL L 80 41.95 -44.08 66.01
CA VAL L 80 42.42 -44.45 64.68
C VAL L 80 41.32 -44.29 63.65
N LEU L 81 40.08 -44.63 64.04
CA LEU L 81 38.94 -44.45 63.14
C LEU L 81 38.75 -42.98 62.79
N ARG L 82 38.88 -42.10 63.79
CA ARG L 82 38.78 -40.67 63.52
C ARG L 82 39.89 -40.21 62.57
N LEU L 83 41.12 -40.68 62.80
CA LEU L 83 42.23 -40.30 61.93
C LEU L 83 41.97 -40.74 60.48
N LEU L 84 41.51 -41.98 60.31
CA LEU L 84 41.23 -42.49 58.98
C LEU L 84 40.06 -41.78 58.32
N GLU L 85 39.06 -41.38 59.11
CA GLU L 85 37.95 -40.59 58.56
C GLU L 85 38.44 -39.23 58.11
N ARG L 86 39.39 -38.64 58.85
CA ARG L 86 40.00 -37.39 58.39
C ARG L 86 40.82 -37.60 57.13
N ILE L 87 41.48 -38.75 57.00
CA ILE L 87 42.29 -39.02 55.82
C ILE L 87 41.42 -39.06 54.56
N GLY L 88 40.34 -39.85 54.61
CA GLY L 88 39.42 -39.90 53.50
C GLY L 88 39.56 -41.11 52.59
N GLU L 89 39.72 -42.30 53.17
CA GLU L 89 39.82 -43.54 52.42
C GLU L 89 38.62 -44.40 52.80
N GLU L 90 37.59 -44.42 51.95
CA GLU L 90 36.28 -44.94 52.33
C GLU L 90 36.35 -46.42 52.72
N GLY L 91 37.00 -47.23 51.88
CA GLY L 91 37.10 -48.65 52.18
C GLY L 91 37.87 -48.93 53.46
N LEU L 92 38.95 -48.17 53.69
CA LEU L 92 39.74 -48.36 54.89
C LEU L 92 38.94 -47.94 56.12
N VAL L 93 38.12 -46.89 56.00
CA VAL L 93 37.25 -46.49 57.09
C VAL L 93 36.21 -47.58 57.38
N LYS L 94 35.67 -48.19 56.32
CA LYS L 94 34.74 -49.30 56.51
C LYS L 94 35.40 -50.44 57.28
N LEU L 95 36.62 -50.81 56.87
CA LEU L 95 37.36 -51.84 57.58
C LEU L 95 37.61 -51.44 59.03
N ALA L 96 37.89 -50.16 59.27
CA ALA L 96 38.12 -49.68 60.63
C ALA L 96 36.87 -49.82 61.48
N ARG L 97 35.69 -49.47 60.93
CA ARG L 97 34.46 -49.62 61.68
C ARG L 97 34.17 -51.09 62.00
N GLU L 98 34.37 -51.97 61.02
CA GLU L 98 34.15 -53.39 61.27
C GLU L 98 35.12 -53.91 62.33
N VAL L 99 36.37 -53.49 62.27
CA VAL L 99 37.36 -53.88 63.28
C VAL L 99 36.93 -53.37 64.65
N HIS L 100 36.45 -52.13 64.72
CA HIS L 100 35.97 -51.57 65.98
C HIS L 100 34.88 -52.45 66.60
N GLU L 101 33.84 -52.74 65.82
CA GLU L 101 32.72 -53.52 66.34
C GLU L 101 33.16 -54.93 66.76
N ARG L 102 33.84 -55.62 65.86
CA ARG L 102 34.23 -57.01 66.14
C ARG L 102 35.20 -57.08 67.31
N SER L 103 36.17 -56.17 67.36
CA SER L 103 37.13 -56.16 68.45
C SER L 103 36.45 -55.88 69.78
N PHE L 104 35.52 -54.94 69.81
CA PHE L 104 34.78 -54.68 71.04
C PHE L 104 34.04 -55.92 71.51
N GLU L 105 33.31 -56.57 70.61
CA GLU L 105 32.53 -57.74 71.00
C GLU L 105 33.43 -58.88 71.46
N LEU L 106 34.51 -59.15 70.73
CA LEU L 106 35.40 -60.25 71.08
C LEU L 106 36.14 -59.98 72.39
N LEU L 107 36.57 -58.74 72.61
CA LEU L 107 37.26 -58.41 73.85
C LEU L 107 36.31 -58.47 75.04
N ARG L 108 35.05 -58.09 74.85
CA ARG L 108 34.07 -58.30 75.91
C ARG L 108 33.88 -59.80 76.19
N LYS L 109 33.78 -60.61 75.14
CA LYS L 109 33.65 -62.05 75.34
C LYS L 109 34.92 -62.67 75.88
N GLY L 110 36.07 -62.31 75.30
CA GLY L 110 37.34 -62.82 75.78
C GLY L 110 38.26 -63.39 74.71
N ASN L 111 37.92 -63.17 73.44
CA ASN L 111 38.73 -63.67 72.33
C ASN L 111 39.84 -62.66 72.03
N ARG L 112 40.91 -62.77 72.82
CA ARG L 112 42.04 -61.86 72.67
C ARG L 112 42.71 -62.03 71.32
N VAL L 113 42.91 -63.28 70.88
CA VAL L 113 43.71 -63.56 69.69
C VAL L 113 43.07 -62.98 68.44
N GLU L 114 41.74 -63.14 68.31
CA GLU L 114 41.07 -62.63 67.11
C GLU L 114 41.06 -61.11 67.08
N ALA L 115 40.92 -60.46 68.25
CA ALA L 115 41.02 -59.00 68.29
C ALA L 115 42.41 -58.54 67.88
N LEU L 116 43.45 -59.22 68.36
CA LEU L 116 44.80 -58.90 67.94
C LEU L 116 44.96 -59.07 66.43
N ALA L 117 44.39 -60.15 65.88
CA ALA L 117 44.47 -60.39 64.45
C ALA L 117 43.79 -59.28 63.67
N LEU L 118 42.62 -58.84 64.12
CA LEU L 118 41.92 -57.74 63.44
C LEU L 118 42.71 -56.45 63.51
N ILE L 119 43.31 -56.15 64.66
CA ILE L 119 44.11 -54.94 64.79
C ILE L 119 45.29 -54.97 63.84
N LEU L 120 45.99 -56.11 63.78
CA LEU L 120 47.13 -56.24 62.88
C LEU L 120 46.70 -56.16 61.42
N ALA L 121 45.55 -56.74 61.09
CA ALA L 121 45.05 -56.64 59.72
C ALA L 121 44.75 -55.20 59.36
N LEU L 122 44.15 -54.44 60.28
CA LEU L 122 43.90 -53.02 60.00
C LEU L 122 45.20 -52.26 59.79
N ALA L 123 46.20 -52.52 60.64
CA ALA L 123 47.49 -51.84 60.49
C ALA L 123 48.13 -52.16 59.15
N LEU L 124 48.10 -53.44 58.75
CA LEU L 124 48.65 -53.82 57.46
C LEU L 124 47.88 -53.18 56.32
N ALA L 125 46.56 -53.07 56.45
CA ALA L 125 45.76 -52.43 55.40
C ALA L 125 46.15 -50.97 55.25
N VAL L 126 46.33 -50.25 56.36
CA VAL L 126 46.76 -48.86 56.27
C VAL L 126 48.12 -48.76 55.61
N ALA L 127 49.06 -49.60 56.03
CA ALA L 127 50.42 -49.56 55.47
C ALA L 127 50.42 -49.84 53.97
N LEU L 128 49.69 -50.86 53.55
CA LEU L 128 49.65 -51.22 52.14
C LEU L 128 48.95 -50.16 51.32
N THR L 129 47.90 -49.55 51.86
CA THR L 129 47.23 -48.46 51.16
C THR L 129 48.19 -47.29 50.93
N ALA L 130 48.93 -46.91 51.97
CA ALA L 130 49.87 -45.80 51.83
C ALA L 130 50.96 -46.15 50.81
N VAL L 131 51.52 -47.35 50.90
CA VAL L 131 52.60 -47.75 50.00
C VAL L 131 52.12 -47.79 48.56
N SER L 132 50.94 -48.38 48.33
CA SER L 132 50.41 -48.46 46.97
C SER L 132 50.10 -47.08 46.42
N LYS L 133 49.56 -46.18 47.24
CA LYS L 133 49.30 -44.83 46.79
C LYS L 133 50.60 -44.13 46.39
N ALA L 134 51.65 -44.27 47.20
CA ALA L 134 52.93 -43.65 46.86
C ALA L 134 53.49 -44.23 45.57
N PHE L 135 53.44 -45.57 45.43
CA PHE L 135 54.00 -46.21 44.23
C PHE L 135 53.26 -45.78 42.98
N PHE L 136 51.92 -45.71 43.04
CA PHE L 136 51.16 -45.29 41.88
C PHE L 136 51.40 -43.81 41.56
N LEU L 137 51.51 -42.97 42.59
CA LEU L 137 51.78 -41.56 42.35
C LEU L 137 53.14 -41.36 41.67
N LEU L 138 54.15 -42.11 42.11
CA LEU L 138 55.46 -42.02 41.48
C LEU L 138 55.39 -42.44 40.01
N GLY L 139 54.70 -43.54 39.72
CA GLY L 139 54.63 -44.05 38.37
C GLY L 139 55.29 -45.42 38.26
N GLN L 140 55.34 -46.14 39.38
CA GLN L 140 56.05 -47.40 39.44
C GLN L 140 55.34 -48.46 38.62
N PRO L 141 56.07 -49.47 38.13
CA PRO L 141 55.41 -50.61 37.48
C PRO L 141 54.72 -51.50 38.50
N ALA L 142 53.80 -52.33 38.00
CA ALA L 142 53.01 -53.18 38.87
C ALA L 142 53.83 -54.30 39.53
N ARG L 143 55.00 -54.61 38.99
CA ARG L 143 55.80 -55.71 39.51
C ARG L 143 56.21 -55.46 40.96
N LEU L 144 56.79 -54.29 41.23
CA LEU L 144 57.29 -54.00 42.57
C LEU L 144 56.14 -53.94 43.57
N ILE L 145 55.02 -53.34 43.18
CA ILE L 145 53.84 -53.31 44.05
C ILE L 145 53.40 -54.73 44.38
N ALA L 146 53.36 -55.60 43.37
CA ALA L 146 52.94 -56.98 43.59
C ALA L 146 53.87 -57.69 44.57
N GLU L 147 55.18 -57.58 44.37
CA GLU L 147 56.11 -58.27 45.26
C GLU L 147 56.03 -57.72 46.69
N TYR L 148 55.91 -56.39 46.84
CA TYR L 148 55.84 -55.83 48.18
C TYR L 148 54.56 -56.25 48.89
N VAL L 149 53.43 -56.22 48.20
CA VAL L 149 52.17 -56.64 48.80
C VAL L 149 52.24 -58.11 49.20
N GLY L 150 52.79 -58.95 48.32
CA GLY L 150 52.92 -60.36 48.65
C GLY L 150 53.81 -60.59 49.86
N GLU L 151 54.94 -59.88 49.94
CA GLU L 151 55.84 -60.05 51.06
C GLU L 151 55.18 -59.61 52.37
N LYS L 152 54.48 -58.48 52.36
CA LYS L 152 53.82 -58.00 53.57
C LYS L 152 52.72 -58.97 54.01
N LEU L 153 51.95 -59.48 53.05
CA LEU L 153 50.91 -60.44 53.38
C LEU L 153 51.52 -61.72 53.95
N LEU L 154 52.67 -62.15 53.40
CA LEU L 154 53.35 -63.31 53.94
C LEU L 154 53.80 -63.08 55.38
N GLU L 155 54.36 -61.90 55.67
CA GLU L 155 54.77 -61.61 57.04
C GLU L 155 53.58 -61.63 57.99
N LEU L 156 52.47 -61.01 57.58
CA LEU L 156 51.28 -61.02 58.42
C LEU L 156 50.76 -62.44 58.64
N ARG L 157 50.77 -63.25 57.58
CA ARG L 157 50.31 -64.63 57.70
C ARG L 157 51.18 -65.43 58.67
N ARG L 158 52.50 -65.27 58.58
CA ARG L 158 53.38 -65.96 59.52
C ARG L 158 53.12 -65.50 60.95
N LEU L 159 52.95 -64.19 61.16
CA LEU L 159 52.69 -63.69 62.50
C LEU L 159 51.39 -64.25 63.06
N LEU L 160 50.32 -64.24 62.24
CA LEU L 160 49.03 -64.74 62.70
C LEU L 160 49.08 -66.24 62.99
N GLU L 161 49.79 -67.01 62.15
CA GLU L 161 49.94 -68.43 62.43
C GLU L 161 50.71 -68.66 63.72
N LYS L 162 51.73 -67.85 63.98
CA LYS L 162 52.46 -67.96 65.24
C LYS L 162 51.56 -67.63 66.42
N LEU L 163 50.66 -66.65 66.25
CA LEU L 163 49.75 -66.29 67.35
C LEU L 163 48.81 -67.43 67.69
N GLY L 164 48.15 -68.01 66.68
CA GLY L 164 47.25 -69.13 66.92
C GLY L 164 45.92 -69.02 66.21
N VAL L 165 45.75 -67.98 65.39
CA VAL L 165 44.48 -67.81 64.67
C VAL L 165 44.29 -68.97 63.70
N PRO L 166 43.10 -69.55 63.60
CA PRO L 166 42.89 -70.62 62.62
C PRO L 166 43.07 -70.13 61.20
N LEU L 167 43.51 -71.04 60.33
CA LEU L 167 43.90 -70.67 58.97
C LEU L 167 42.78 -70.02 58.17
N PRO L 168 41.55 -70.55 58.13
CA PRO L 168 40.51 -69.87 57.33
C PRO L 168 40.27 -68.43 57.71
N GLU L 169 40.31 -68.11 59.01
CA GLU L 169 40.12 -66.72 59.43
C GLU L 169 41.28 -65.85 58.99
N VAL L 170 42.50 -66.39 59.06
CA VAL L 170 43.67 -65.65 58.57
C VAL L 170 43.50 -65.33 57.09
N ILE L 171 43.10 -66.32 56.30
CA ILE L 171 42.94 -66.10 54.87
C ILE L 171 41.83 -65.07 54.61
N ALA L 172 40.72 -65.17 55.34
CA ALA L 172 39.64 -64.20 55.16
C ALA L 172 40.11 -62.79 55.47
N LEU L 173 40.90 -62.63 56.53
CA LEU L 173 41.48 -61.32 56.82
C LEU L 173 42.39 -60.84 55.70
N LEU L 174 43.17 -61.76 55.11
CA LEU L 174 44.08 -61.36 54.04
C LEU L 174 43.31 -60.88 52.81
N LEU L 175 42.25 -61.59 52.41
CA LEU L 175 41.45 -61.07 51.31
C LEU L 175 40.68 -59.80 51.69
N ARG L 176 40.37 -59.61 52.98
CA ARG L 176 39.79 -58.33 53.38
C ARG L 176 40.77 -57.18 53.15
N VAL L 177 42.04 -57.39 53.54
CA VAL L 177 43.07 -56.39 53.31
C VAL L 177 43.24 -56.14 51.81
N LEU L 178 43.26 -57.23 51.03
CA LEU L 178 43.41 -57.10 49.58
C LEU L 178 42.23 -56.36 48.96
N GLU L 179 41.02 -56.59 49.46
CA GLU L 179 39.85 -55.87 48.99
C GLU L 179 39.97 -54.37 49.29
N VAL L 180 40.46 -54.04 50.49
CA VAL L 180 40.67 -52.64 50.83
C VAL L 180 41.66 -52.00 49.86
N VAL L 181 42.77 -52.70 49.59
CA VAL L 181 43.80 -52.17 48.68
C VAL L 181 43.23 -52.01 47.27
N GLU L 182 42.45 -53.00 46.82
CA GLU L 182 41.84 -52.93 45.49
C GLU L 182 40.88 -51.76 45.38
N GLU L 183 40.08 -51.54 46.42
CA GLU L 183 39.15 -50.42 46.41
C GLU L 183 39.90 -49.09 46.34
N SER L 184 40.98 -48.98 47.14
CA SER L 184 41.79 -47.77 47.09
C SER L 184 42.37 -47.54 45.72
N LEU L 185 42.91 -48.59 45.10
CA LEU L 185 43.53 -48.46 43.78
C LEU L 185 42.50 -48.07 42.73
N LYS L 186 41.31 -48.67 42.77
CA LYS L 186 40.26 -48.30 41.82
C LYS L 186 39.84 -46.86 42.01
N ALA L 187 39.68 -46.42 43.26
CA ALA L 187 39.25 -45.05 43.53
C ALA L 187 40.31 -44.03 43.12
N MET L 188 41.58 -44.37 43.26
CA MET L 188 42.65 -43.43 42.91
C MET L 188 42.66 -43.12 41.42
N GLY L 189 42.49 -44.13 40.56
CA GLY L 189 42.47 -43.87 39.13
C GLY L 189 43.22 -44.88 38.29
N MET L 190 43.78 -45.91 38.93
CA MET L 190 44.55 -46.91 38.20
C MET L 190 43.67 -47.66 37.22
N GLU L 191 44.25 -48.04 36.08
CA GLU L 191 43.51 -48.80 35.09
C GLU L 191 43.25 -50.22 35.61
N PRO L 192 42.09 -50.79 35.27
CA PRO L 192 41.70 -52.09 35.86
C PRO L 192 42.71 -53.21 35.63
N ARG L 193 43.40 -53.23 34.48
CA ARG L 193 44.27 -54.35 34.16
C ARG L 193 45.41 -54.48 35.16
N GLU L 194 46.03 -53.36 35.54
CA GLU L 194 47.13 -53.41 36.51
C GLU L 194 46.65 -53.86 37.88
N ILE L 195 45.47 -53.39 38.30
CA ILE L 195 44.91 -53.82 39.58
C ILE L 195 44.66 -55.32 39.56
N ASN L 196 44.09 -55.83 38.47
CA ASN L 196 43.86 -57.26 38.34
C ASN L 196 45.19 -58.02 38.37
N ARG L 197 46.22 -57.49 37.72
CA ARG L 197 47.51 -58.15 37.69
C ARG L 197 48.11 -58.26 39.09
N VAL L 198 48.07 -57.15 39.86
CA VAL L 198 48.68 -57.19 41.19
C VAL L 198 47.86 -58.07 42.14
N LEU L 199 46.51 -58.02 42.02
CA LEU L 199 45.70 -58.92 42.83
C LEU L 199 46.00 -60.37 42.52
N ALA L 200 46.13 -60.71 41.22
CA ALA L 200 46.44 -62.08 40.84
C ALA L 200 47.80 -62.50 41.36
N ALA L 201 48.79 -61.61 41.29
CA ALA L 201 50.10 -61.95 41.82
C ALA L 201 50.05 -62.20 43.32
N ALA L 202 49.30 -61.38 44.06
CA ALA L 202 49.18 -61.58 45.51
C ALA L 202 48.51 -62.90 45.83
N TYR L 203 47.41 -63.21 45.13
CA TYR L 203 46.74 -64.49 45.35
C TYR L 203 47.67 -65.65 44.99
N LEU L 204 48.44 -65.51 43.91
CA LEU L 204 49.34 -66.58 43.49
C LEU L 204 50.43 -66.83 44.52
N THR L 205 51.03 -65.77 45.07
CA THR L 205 52.08 -66.01 46.06
C THR L 205 51.49 -66.57 47.37
N LEU L 206 50.29 -66.12 47.75
CA LEU L 206 49.65 -66.69 48.93
C LEU L 206 49.38 -68.18 48.73
N ALA L 207 48.83 -68.55 47.57
CA ALA L 207 48.55 -69.96 47.29
C ALA L 207 49.84 -70.77 47.20
N ALA L 208 50.90 -70.20 46.62
CA ALA L 208 52.17 -70.90 46.54
C ALA L 208 52.74 -71.19 47.92
N GLU L 209 52.68 -70.20 48.82
CA GLU L 209 53.13 -70.44 50.18
C GLU L 209 52.29 -71.51 50.86
N LEU L 210 50.96 -71.45 50.67
CA LEU L 210 50.08 -72.43 51.30
C LEU L 210 50.41 -73.84 50.81
N LEU L 211 50.63 -74.00 49.50
CA LEU L 211 50.97 -75.32 48.96
C LEU L 211 52.34 -75.78 49.43
N GLU L 212 53.33 -74.87 49.46
CA GLU L 212 54.67 -75.25 49.88
C GLU L 212 54.70 -75.67 51.35
N ARG L 213 53.82 -75.09 52.18
CA ARG L 213 53.77 -75.49 53.58
C ARG L 213 53.43 -76.97 53.72
N LEU L 214 52.64 -77.52 52.79
CA LEU L 214 52.23 -78.91 52.85
C LEU L 214 53.23 -79.87 52.22
N GLY L 215 54.30 -79.35 51.60
CA GLY L 215 55.32 -80.18 51.00
C GLY L 215 55.24 -80.30 49.50
N LEU L 216 54.15 -79.84 48.87
CA LEU L 216 54.02 -79.88 47.41
C LEU L 216 54.86 -78.76 46.80
N THR L 217 56.18 -78.97 46.84
CA THR L 217 57.10 -77.94 46.38
C THR L 217 57.08 -77.75 44.87
N ALA L 218 56.89 -78.81 44.09
CA ALA L 218 56.84 -78.67 42.64
C ALA L 218 55.62 -77.86 42.20
N LEU L 219 54.46 -78.12 42.81
CA LEU L 219 53.27 -77.34 42.48
C LEU L 219 53.47 -75.87 42.85
N ALA L 220 54.07 -75.60 44.01
CA ALA L 220 54.35 -74.23 44.40
C ALA L 220 55.30 -73.57 43.41
N ALA L 221 56.33 -74.29 42.95
CA ALA L 221 57.23 -73.73 41.97
C ALA L 221 56.52 -73.41 40.67
N ARG L 222 55.60 -74.29 40.24
CA ARG L 222 54.83 -74.01 39.04
C ARG L 222 53.96 -72.77 39.22
N ILE L 223 53.36 -72.60 40.41
CA ILE L 223 52.55 -71.41 40.68
C ILE L 223 53.41 -70.16 40.62
N ARG L 224 54.62 -70.21 41.19
CA ARG L 224 55.52 -69.05 41.14
C ARG L 224 55.93 -68.75 39.71
N ARG L 225 56.18 -69.79 38.91
CA ARG L 225 56.48 -69.56 37.49
C ARG L 225 55.32 -68.89 36.78
N ALA L 226 54.10 -69.32 37.08
CA ALA L 226 52.93 -68.69 36.48
C ALA L 226 52.84 -67.22 36.89
N ARG L 227 53.09 -66.93 38.17
CA ARG L 227 53.07 -65.53 38.62
C ARG L 227 54.12 -64.70 37.91
N GLU L 228 55.33 -65.24 37.77
CA GLU L 228 56.40 -64.50 37.11
C GLU L 228 56.07 -64.25 35.64
N LEU L 229 55.51 -65.24 34.95
CA LEU L 229 55.10 -65.02 33.57
C LEU L 229 53.96 -64.01 33.47
N LEU L 230 53.07 -64.00 34.47
CA LEU L 230 51.98 -63.01 34.48
C LEU L 230 52.54 -61.60 34.65
N LEU L 231 53.51 -61.42 35.54
CA LEU L 231 54.05 -60.09 35.80
C LEU L 231 54.86 -59.54 34.64
N ALA L 232 55.31 -60.38 33.71
CA ALA L 232 56.13 -59.96 32.59
C ALA L 232 55.32 -59.63 31.34
N GLY L 233 53.98 -59.66 31.44
CA GLY L 233 53.13 -59.40 30.31
C GLY L 233 52.69 -60.63 29.53
N ARG L 234 53.28 -61.79 29.82
CA ARG L 234 52.89 -63.05 29.18
C ARG L 234 51.65 -63.57 29.88
N VAL L 235 50.48 -63.14 29.42
CA VAL L 235 49.25 -63.42 30.13
C VAL L 235 48.74 -64.82 29.82
N GLU L 236 48.67 -65.18 28.54
CA GLU L 236 48.06 -66.45 28.16
C GLU L 236 48.88 -67.65 28.64
N GLU L 237 50.20 -67.54 28.57
CA GLU L 237 51.04 -68.64 29.06
C GLU L 237 50.86 -68.86 30.55
N ALA L 238 50.81 -67.77 31.32
CA ALA L 238 50.55 -67.89 32.75
C ALA L 238 49.15 -68.46 33.00
N LEU L 239 48.18 -68.06 32.18
CA LEU L 239 46.82 -68.59 32.31
C LEU L 239 46.82 -70.10 32.13
N HIS L 240 47.47 -70.60 31.08
CA HIS L 240 47.47 -72.03 30.84
C HIS L 240 48.27 -72.79 31.91
N LEU L 241 49.39 -72.22 32.37
CA LEU L 241 50.14 -72.85 33.45
C LEU L 241 49.29 -72.96 34.70
N LEU L 242 48.55 -71.89 35.03
CA LEU L 242 47.67 -71.92 36.19
C LEU L 242 46.56 -72.93 36.02
N GLN L 243 45.99 -73.04 34.82
CA GLN L 243 44.94 -74.03 34.60
C GLN L 243 45.46 -75.45 34.78
N ASP L 244 46.65 -75.75 34.24
CA ASP L 244 47.22 -77.08 34.40
C ASP L 244 47.51 -77.37 35.88
N ALA L 245 48.05 -76.38 36.60
CA ALA L 245 48.27 -76.55 38.03
C ALA L 245 46.95 -76.79 38.76
N VAL L 246 45.88 -76.12 38.35
CA VAL L 246 44.58 -76.30 38.98
C VAL L 246 44.07 -77.71 38.75
N GLU L 247 44.21 -78.23 37.52
CA GLU L 247 43.78 -79.61 37.28
C GLU L 247 44.58 -80.60 38.10
N LEU L 248 45.90 -80.39 38.22
CA LEU L 248 46.71 -81.29 39.03
C LEU L 248 46.30 -81.23 40.50
N LEU L 249 46.04 -80.02 41.01
CA LEU L 249 45.59 -79.86 42.38
C LEU L 249 44.25 -80.54 42.61
N HIS L 250 43.34 -80.42 41.64
CA HIS L 250 42.05 -81.10 41.75
C HIS L 250 42.22 -82.61 41.77
N GLU L 251 43.13 -83.13 40.93
CA GLU L 251 43.42 -84.55 40.94
C GLU L 251 43.90 -85.00 42.31
N ARG L 252 44.85 -84.26 42.88
CA ARG L 252 45.36 -84.62 44.21
C ARG L 252 44.27 -84.54 45.27
N ILE L 253 43.44 -83.49 45.21
CA ILE L 253 42.40 -83.29 46.22
C ILE L 253 41.38 -84.43 46.16
N ARG L 254 40.94 -84.79 44.95
CA ARG L 254 39.97 -85.86 44.81
C ARG L 254 40.57 -87.24 45.02
N GLU L 255 41.90 -87.38 44.93
CA GLU L 255 42.53 -88.63 45.33
C GLU L 255 42.62 -88.75 46.84
N LEU L 256 42.84 -87.63 47.53
CA LEU L 256 42.97 -87.67 48.98
C LEU L 256 41.63 -88.03 49.64
N GLY L 257 40.54 -87.46 49.16
CA GLY L 257 39.23 -87.74 49.72
C GLY L 257 38.76 -86.61 50.63
N PHE L 258 38.12 -86.98 51.73
CA PHE L 258 37.63 -86.01 52.71
C PHE L 258 38.65 -85.71 53.80
N GLU L 259 39.82 -86.33 53.76
CA GLU L 259 40.90 -86.05 54.71
C GLU L 259 41.89 -85.04 54.15
N ALA L 260 41.47 -84.24 53.19
CA ALA L 260 42.37 -83.24 52.61
C ALA L 260 42.59 -82.11 53.59
N PRO L 261 43.84 -81.78 53.91
CA PRO L 261 44.11 -80.65 54.80
C PRO L 261 43.56 -79.35 54.23
N GLU L 262 43.22 -78.42 55.13
CA GLU L 262 42.62 -77.15 54.73
C GLU L 262 43.52 -76.36 53.79
N GLU L 263 44.83 -76.63 53.79
CA GLU L 263 45.73 -75.92 52.90
C GLU L 263 45.36 -76.15 51.44
N LEU L 264 45.03 -77.39 51.08
CA LEU L 264 44.67 -77.69 49.70
C LEU L 264 43.41 -76.94 49.27
N LEU L 265 42.38 -76.94 50.13
CA LEU L 265 41.14 -76.27 49.76
C LEU L 265 41.32 -74.76 49.67
N LEU L 266 42.03 -74.16 50.63
CA LEU L 266 42.26 -72.73 50.58
C LEU L 266 43.09 -72.34 49.37
N ALA L 267 44.12 -73.13 49.05
CA ALA L 267 44.92 -72.88 47.86
C ALA L 267 44.07 -73.01 46.60
N ASP L 268 43.17 -73.99 46.57
CA ASP L 268 42.29 -74.15 45.41
C ASP L 268 41.41 -72.92 45.23
N LEU L 269 40.82 -72.43 46.31
CA LEU L 269 39.97 -71.24 46.21
C LEU L 269 40.77 -70.03 45.75
N LEU L 270 41.97 -69.84 46.30
CA LEU L 270 42.81 -68.72 45.90
C LEU L 270 43.20 -68.83 44.43
N LEU L 271 43.52 -70.05 43.97
CA LEU L 271 43.88 -70.25 42.57
C LEU L 271 42.71 -69.98 41.65
N GLN L 272 41.49 -70.34 42.07
CA GLN L 272 40.32 -70.04 41.24
C GLN L 272 40.09 -68.54 41.15
N ARG L 273 40.23 -67.81 42.26
CA ARG L 273 40.10 -66.37 42.21
C ARG L 273 41.17 -65.75 41.30
N ALA L 274 42.40 -66.23 41.41
CA ALA L 274 43.47 -65.75 40.54
C ALA L 274 43.18 -66.06 39.08
N LEU L 275 42.62 -67.24 38.81
CA LEU L 275 42.26 -67.62 37.44
C LEU L 275 41.21 -66.68 36.88
N GLU L 276 40.18 -66.38 37.66
CA GLU L 276 39.15 -65.45 37.20
C GLU L 276 39.74 -64.06 36.96
N LEU L 277 40.62 -63.61 37.86
CA LEU L 277 41.23 -62.28 37.71
C LEU L 277 42.10 -62.22 36.46
N ILE L 278 42.88 -63.27 36.20
CA ILE L 278 43.73 -63.31 35.01
C ILE L 278 42.89 -63.36 33.74
N SER L 279 41.80 -64.13 33.77
CA SER L 279 40.91 -64.19 32.61
C SER L 279 40.28 -62.84 32.33
N SER L 280 39.90 -62.10 33.37
CA SER L 280 39.30 -60.79 33.18
C SER L 280 40.31 -59.74 32.73
N ILE L 281 41.60 -60.04 32.75
CA ILE L 281 42.63 -59.10 32.32
C ILE L 281 42.47 -58.80 30.83
N THR M 24 3.58 -89.05 70.21
CA THR M 24 2.14 -89.00 70.00
C THR M 24 1.85 -88.44 68.61
N VAL M 25 2.83 -87.73 68.05
CA VAL M 25 2.79 -87.19 66.69
C VAL M 25 1.75 -86.09 66.56
N GLU M 26 0.51 -86.36 66.98
CA GLU M 26 -0.54 -85.35 66.91
C GLU M 26 -0.20 -84.15 67.79
N GLU M 27 0.11 -84.41 69.07
CA GLU M 27 0.49 -83.34 69.98
C GLU M 27 1.62 -82.51 69.40
N GLU M 28 2.53 -83.14 68.65
CA GLU M 28 3.55 -82.39 67.93
C GLU M 28 2.90 -81.42 66.94
N VAL M 29 1.79 -81.83 66.30
CA VAL M 29 1.16 -80.96 65.32
C VAL M 29 0.53 -79.74 65.98
N ILE M 30 -0.26 -79.95 67.06
CA ILE M 30 -0.87 -78.79 67.70
C ILE M 30 0.20 -77.90 68.34
N ARG M 31 1.21 -78.50 68.96
CA ARG M 31 2.30 -77.70 69.51
C ARG M 31 3.05 -76.94 68.43
N PHE M 32 3.20 -77.53 67.23
CA PHE M 32 3.82 -76.84 66.12
C PHE M 32 3.03 -75.61 65.74
N ALA M 33 1.70 -75.75 65.64
CA ALA M 33 0.87 -74.60 65.28
C ALA M 33 0.97 -73.50 66.32
N GLU M 34 0.82 -73.87 67.61
CA GLU M 34 0.86 -72.88 68.68
C GLU M 34 2.22 -72.21 68.77
N GLU M 35 3.30 -72.98 68.67
CA GLU M 35 4.64 -72.42 68.73
C GLU M 35 4.92 -71.52 67.53
N LEU M 36 4.40 -71.86 66.35
CA LEU M 36 4.56 -71.01 65.19
C LEU M 36 3.88 -69.66 65.41
N ALA M 37 2.64 -69.69 65.93
CA ALA M 37 1.94 -68.44 66.21
C ALA M 37 2.68 -67.62 67.26
N GLU M 38 3.18 -68.29 68.30
CA GLU M 38 3.93 -67.58 69.34
C GLU M 38 5.22 -66.99 68.78
N GLU M 39 5.86 -67.68 67.83
CA GLU M 39 7.07 -67.14 67.21
C GLU M 39 6.77 -65.91 66.37
N ILE M 40 5.65 -65.91 65.64
CA ILE M 40 5.25 -64.68 64.95
C ILE M 40 5.04 -63.55 65.95
N ARG M 41 4.39 -63.86 67.08
CA ARG M 41 4.17 -62.83 68.09
C ARG M 41 5.49 -62.30 68.65
N ARG M 42 6.45 -63.20 68.88
CA ARG M 42 7.75 -62.77 69.41
C ARG M 42 8.50 -61.89 68.41
N VAL M 43 8.59 -62.32 67.15
CA VAL M 43 9.39 -61.59 66.18
C VAL M 43 8.74 -60.26 65.82
N THR M 44 7.42 -60.23 65.69
CA THR M 44 6.73 -59.01 65.25
C THR M 44 5.92 -58.34 66.33
N GLY M 45 5.09 -59.09 67.07
CA GLY M 45 4.24 -58.48 68.07
C GLY M 45 2.79 -58.42 67.64
N GLU M 46 2.24 -57.21 67.55
CA GLU M 46 0.86 -57.02 67.13
C GLU M 46 0.76 -56.19 65.85
N ALA M 47 1.90 -55.95 65.18
CA ALA M 47 1.87 -55.30 63.88
C ALA M 47 1.36 -56.22 62.78
N TYR M 48 1.61 -57.53 62.90
CA TYR M 48 1.12 -58.54 61.96
C TYR M 48 0.30 -59.53 62.78
N ARG M 49 -0.99 -59.23 62.95
CA ARG M 49 -1.88 -60.07 63.74
C ARG M 49 -2.79 -60.94 62.88
N GLU M 50 -3.09 -60.52 61.66
CA GLU M 50 -3.88 -61.35 60.76
C GLU M 50 -3.15 -62.65 60.44
N TYR M 51 -1.82 -62.58 60.32
CA TYR M 51 -1.04 -63.79 60.07
C TYR M 51 -1.14 -64.76 61.25
N ALA M 52 -1.07 -64.23 62.48
CA ALA M 52 -1.23 -65.09 63.66
C ALA M 52 -2.64 -65.69 63.70
N GLU M 53 -3.65 -64.90 63.35
CA GLU M 53 -5.02 -65.41 63.29
C GLU M 53 -5.13 -66.56 62.29
N ALA M 54 -4.54 -66.37 61.10
CA ALA M 54 -4.58 -67.41 60.08
C ALA M 54 -3.85 -68.67 60.55
N VAL M 55 -2.70 -68.50 61.21
CA VAL M 55 -1.95 -69.67 61.68
C VAL M 55 -2.74 -70.42 62.74
N ARG M 56 -3.40 -69.70 63.66
CA ARG M 56 -4.21 -70.37 64.66
C ARG M 56 -5.41 -71.07 64.04
N HIS M 57 -6.02 -70.45 63.02
CA HIS M 57 -7.12 -71.10 62.31
C HIS M 57 -6.64 -72.38 61.63
N LEU M 58 -5.48 -72.35 60.98
CA LEU M 58 -4.96 -73.55 60.34
C LEU M 58 -4.58 -74.61 61.37
N GLY M 59 -4.11 -74.21 62.54
CA GLY M 59 -3.89 -75.17 63.60
C GLY M 59 -5.17 -75.83 64.06
N GLU M 60 -6.25 -75.04 64.17
CA GLU M 60 -7.55 -75.61 64.50
C GLU M 60 -8.02 -76.58 63.43
N ALA M 61 -7.80 -76.24 62.16
CA ALA M 61 -8.16 -77.14 61.06
C ALA M 61 -7.37 -78.44 61.14
N ALA M 62 -6.07 -78.34 61.41
CA ALA M 62 -5.24 -79.54 61.54
C ALA M 62 -5.70 -80.39 62.72
N LYS M 63 -6.13 -79.76 63.81
CA LYS M 63 -6.70 -80.51 64.92
C LYS M 63 -8.00 -81.21 64.50
N ALA M 64 -8.83 -80.51 63.72
CA ALA M 64 -10.12 -81.07 63.31
C ALA M 64 -9.94 -82.26 62.39
N VAL M 65 -8.93 -82.21 61.51
CA VAL M 65 -8.67 -83.33 60.61
C VAL M 65 -8.38 -84.60 61.40
N LEU M 66 -7.61 -84.48 62.48
CA LEU M 66 -7.12 -85.64 63.21
C LEU M 66 -8.19 -86.35 64.03
N GLU M 67 -9.36 -85.75 64.22
CA GLU M 67 -10.44 -86.41 64.94
C GLU M 67 -11.45 -87.10 64.04
N GLY M 68 -11.47 -86.79 62.75
CA GLY M 68 -12.39 -87.44 61.83
C GLY M 68 -13.27 -86.49 61.07
N ASN M 69 -13.57 -85.34 61.66
CA ASN M 69 -14.42 -84.34 61.01
C ASN M 69 -13.67 -83.75 59.82
N SER M 70 -14.18 -84.01 58.62
CA SER M 70 -13.52 -83.58 57.39
C SER M 70 -14.20 -82.42 56.70
N VAL M 71 -15.36 -81.96 57.17
CA VAL M 71 -16.03 -80.82 56.57
C VAL M 71 -15.69 -79.53 57.32
N GLU M 72 -15.56 -79.61 58.64
CA GLU M 72 -15.10 -78.46 59.41
C GLU M 72 -13.73 -78.01 58.96
N ALA M 73 -12.86 -78.95 58.57
CA ALA M 73 -11.56 -78.59 58.04
C ALA M 73 -11.70 -77.77 56.76
N ASP M 74 -12.60 -78.19 55.86
CA ASP M 74 -12.82 -77.43 54.63
C ASP M 74 -13.35 -76.04 54.93
N LEU M 75 -14.30 -75.93 55.87
CA LEU M 75 -14.84 -74.63 56.22
C LEU M 75 -13.76 -73.71 56.81
N ILE M 76 -12.90 -74.26 57.66
CA ILE M 76 -11.84 -73.46 58.26
C ILE M 76 -10.82 -73.04 57.21
N VAL M 77 -10.52 -73.93 56.25
CA VAL M 77 -9.59 -73.58 55.18
C VAL M 77 -10.17 -72.46 54.33
N THR M 78 -11.48 -72.50 54.07
CA THR M 78 -12.10 -71.41 53.33
C THR M 78 -12.05 -70.10 54.12
N ASP M 79 -12.24 -70.17 55.44
CA ASP M 79 -12.11 -68.98 56.27
C ASP M 79 -10.70 -68.40 56.17
N VAL M 80 -9.69 -69.27 56.24
CA VAL M 80 -8.30 -68.83 56.10
C VAL M 80 -8.07 -68.22 54.73
N LEU M 81 -8.67 -68.82 53.69
CA LEU M 81 -8.55 -68.27 52.35
C LEU M 81 -9.13 -66.87 52.27
N ARG M 82 -10.28 -66.65 52.90
CA ARG M 82 -10.87 -65.31 52.92
C ARG M 82 -9.97 -64.32 53.67
N LEU M 83 -9.40 -64.76 54.79
CA LEU M 83 -8.50 -63.89 55.55
C LEU M 83 -7.28 -63.50 54.71
N LEU M 84 -6.69 -64.47 54.01
CA LEU M 84 -5.52 -64.18 53.17
C LEU M 84 -5.90 -63.33 51.96
N GLU M 85 -7.12 -63.49 51.45
CA GLU M 85 -7.58 -62.61 50.37
C GLU M 85 -7.73 -61.19 50.86
N ARG M 86 -8.20 -61.01 52.10
CA ARG M 86 -8.25 -59.67 52.67
C ARG M 86 -6.86 -59.10 52.91
N ILE M 87 -5.90 -59.96 53.28
CA ILE M 87 -4.54 -59.49 53.55
C ILE M 87 -3.92 -58.92 52.27
N GLY M 88 -3.99 -59.67 51.17
CA GLY M 88 -3.50 -59.18 49.90
C GLY M 88 -2.12 -59.68 49.48
N GLU M 89 -1.87 -60.97 49.67
CA GLU M 89 -0.62 -61.60 49.24
C GLU M 89 -0.97 -62.63 48.17
N GLU M 90 -0.70 -62.28 46.91
CA GLU M 90 -1.23 -63.05 45.78
C GLU M 90 -0.73 -64.49 45.78
N GLY M 91 0.58 -64.69 45.94
CA GLY M 91 1.12 -66.04 45.94
C GLY M 91 0.59 -66.88 47.08
N LEU M 92 0.45 -66.27 48.26
CA LEU M 92 -0.06 -67.01 49.41
C LEU M 92 -1.52 -67.40 49.20
N VAL M 93 -2.31 -66.50 48.59
CA VAL M 93 -3.70 -66.84 48.27
C VAL M 93 -3.75 -67.97 47.25
N LYS M 94 -2.85 -67.95 46.26
CA LYS M 94 -2.79 -69.05 45.29
C LYS M 94 -2.51 -70.37 46.00
N LEU M 95 -1.51 -70.39 46.88
CA LEU M 95 -1.20 -71.59 47.63
C LEU M 95 -2.38 -72.02 48.48
N ALA M 96 -3.11 -71.05 49.04
CA ALA M 96 -4.29 -71.38 49.84
C ALA M 96 -5.37 -72.06 48.99
N ARG M 97 -5.58 -71.57 47.77
CA ARG M 97 -6.56 -72.19 46.88
C ARG M 97 -6.16 -73.62 46.53
N GLU M 98 -4.89 -73.83 46.18
CA GLU M 98 -4.44 -75.18 45.88
C GLU M 98 -4.58 -76.10 47.09
N VAL M 99 -4.24 -75.59 48.28
CA VAL M 99 -4.39 -76.38 49.49
C VAL M 99 -5.85 -76.74 49.71
N HIS M 100 -6.75 -75.77 49.51
CA HIS M 100 -8.19 -76.03 49.65
C HIS M 100 -8.63 -77.18 48.76
N GLU M 101 -8.32 -77.08 47.46
CA GLU M 101 -8.78 -78.09 46.51
C GLU M 101 -8.19 -79.46 46.83
N ARG M 102 -6.86 -79.52 46.98
CA ARG M 102 -6.20 -80.80 47.21
C ARG M 102 -6.63 -81.41 48.53
N SER M 103 -6.74 -80.61 49.58
CA SER M 103 -7.17 -81.12 50.88
C SER M 103 -8.59 -81.66 50.82
N PHE M 104 -9.49 -80.95 50.12
CA PHE M 104 -10.85 -81.45 49.97
C PHE M 104 -10.86 -82.81 49.28
N GLU M 105 -10.15 -82.91 48.14
CA GLU M 105 -10.16 -84.16 47.39
C GLU M 105 -9.56 -85.30 48.20
N LEU M 106 -8.42 -85.06 48.85
CA LEU M 106 -7.75 -86.11 49.61
C LEU M 106 -8.56 -86.53 50.83
N LEU M 107 -9.19 -85.57 51.51
CA LEU M 107 -10.01 -85.90 52.67
C LEU M 107 -11.26 -86.68 52.26
N ARG M 108 -11.83 -86.36 51.09
CA ARG M 108 -12.92 -87.18 50.58
C ARG M 108 -12.42 -88.59 50.27
N LYS M 109 -11.26 -88.71 49.64
CA LYS M 109 -10.71 -90.04 49.35
C LYS M 109 -10.28 -90.75 50.62
N GLY M 110 -9.58 -90.06 51.51
CA GLY M 110 -9.17 -90.65 52.77
C GLY M 110 -7.70 -90.46 53.11
N ASN M 111 -7.01 -89.60 52.37
CA ASN M 111 -5.59 -89.34 52.61
C ASN M 111 -5.47 -88.26 53.68
N ARG M 112 -5.53 -88.70 54.94
CA ARG M 112 -5.43 -87.77 56.07
C ARG M 112 -4.05 -87.12 56.13
N VAL M 113 -3.00 -87.92 55.93
CA VAL M 113 -1.64 -87.46 56.18
C VAL M 113 -1.26 -86.34 55.20
N GLU M 114 -1.62 -86.51 53.92
CA GLU M 114 -1.26 -85.49 52.94
C GLU M 114 -2.03 -84.20 53.16
N ALA M 115 -3.30 -84.28 53.57
CA ALA M 115 -4.04 -83.08 53.91
C ALA M 115 -3.41 -82.36 55.11
N LEU M 116 -2.99 -83.13 56.12
CA LEU M 116 -2.29 -82.53 57.25
C LEU M 116 -1.00 -81.85 56.79
N ALA M 117 -0.26 -82.50 55.90
CA ALA M 117 0.98 -81.92 55.40
C ALA M 117 0.71 -80.62 54.66
N LEU M 118 -0.34 -80.58 53.83
CA LEU M 118 -0.66 -79.36 53.11
C LEU M 118 -1.07 -78.23 54.07
N ILE M 119 -1.85 -78.56 55.10
CA ILE M 119 -2.26 -77.55 56.07
C ILE M 119 -1.04 -76.98 56.79
N LEU M 120 -0.12 -77.86 57.21
CA LEU M 120 1.08 -77.39 57.90
C LEU M 120 1.97 -76.57 56.98
N ALA M 121 2.07 -76.96 55.70
CA ALA M 121 2.84 -76.17 54.75
C ALA M 121 2.24 -74.79 54.56
N LEU M 122 0.91 -74.70 54.48
CA LEU M 122 0.27 -73.39 54.36
C LEU M 122 0.54 -72.54 55.59
N ALA M 123 0.45 -73.12 56.78
CA ALA M 123 0.71 -72.37 58.01
C ALA M 123 2.15 -71.85 58.03
N LEU M 124 3.10 -72.71 57.66
CA LEU M 124 4.49 -72.29 57.61
C LEU M 124 4.71 -71.19 56.58
N ALA M 125 4.03 -71.28 55.44
CA ALA M 125 4.15 -70.24 54.43
C ALA M 125 3.65 -68.90 54.95
N VAL M 126 2.51 -68.91 55.65
CA VAL M 126 1.99 -67.65 56.22
C VAL M 126 2.99 -67.08 57.23
N ALA M 127 3.48 -67.92 58.13
CA ALA M 127 4.40 -67.44 59.17
C ALA M 127 5.67 -66.89 58.57
N LEU M 128 6.25 -67.60 57.60
CA LEU M 128 7.49 -67.16 56.98
C LEU M 128 7.29 -65.89 56.18
N THR M 129 6.15 -65.75 55.50
CA THR M 129 5.87 -64.52 54.77
C THR M 129 5.80 -63.34 55.73
N ALA M 130 5.10 -63.51 56.86
CA ALA M 130 5.00 -62.42 57.83
C ALA M 130 6.38 -62.06 58.38
N VAL M 131 7.16 -63.08 58.76
CA VAL M 131 8.47 -62.83 59.36
C VAL M 131 9.40 -62.15 58.37
N SER M 132 9.41 -62.61 57.12
CA SER M 132 10.28 -62.02 56.11
C SER M 132 9.88 -60.58 55.81
N LYS M 133 8.56 -60.31 55.74
CA LYS M 133 8.13 -58.94 55.51
C LYS M 133 8.55 -58.03 56.65
N ALA M 134 8.41 -58.51 57.89
CA ALA M 134 8.83 -57.71 59.05
C ALA M 134 10.34 -57.45 59.01
N PHE M 135 11.12 -58.49 58.69
CA PHE M 135 12.57 -58.35 58.66
C PHE M 135 13.01 -57.36 57.59
N PHE M 136 12.40 -57.44 56.40
CA PHE M 136 12.76 -56.49 55.35
C PHE M 136 12.33 -55.07 55.72
N LEU M 137 11.16 -54.92 56.34
CA LEU M 137 10.70 -53.59 56.73
C LEU M 137 11.64 -52.96 57.76
N LEU M 138 12.10 -53.76 58.73
CA LEU M 138 13.06 -53.24 59.70
C LEU M 138 14.35 -52.81 59.02
N GLY M 139 14.88 -53.66 58.13
CA GLY M 139 16.11 -53.35 57.44
C GLY M 139 17.22 -54.35 57.76
N GLN M 140 16.83 -55.54 58.19
CA GLN M 140 17.80 -56.54 58.60
C GLN M 140 18.58 -57.07 57.39
N PRO M 141 19.81 -57.54 57.60
CA PRO M 141 20.54 -58.19 56.51
C PRO M 141 20.01 -59.60 56.26
N ALA M 142 20.44 -60.16 55.13
CA ALA M 142 19.90 -61.43 54.65
C ALA M 142 20.30 -62.62 55.51
N ARG M 143 21.32 -62.48 56.35
CA ARG M 143 21.85 -63.63 57.08
C ARG M 143 20.81 -64.21 58.04
N LEU M 144 20.22 -63.36 58.89
CA LEU M 144 19.27 -63.84 59.88
C LEU M 144 17.99 -64.34 59.21
N ILE M 145 17.56 -63.67 58.14
CA ILE M 145 16.39 -64.14 57.39
C ILE M 145 16.63 -65.55 56.88
N ALA M 146 17.80 -65.77 56.26
CA ALA M 146 18.11 -67.09 55.73
C ALA M 146 18.19 -68.14 56.84
N GLU M 147 18.82 -67.79 57.96
CA GLU M 147 18.93 -68.76 59.06
C GLU M 147 17.57 -69.12 59.62
N TYR M 148 16.69 -68.12 59.81
CA TYR M 148 15.36 -68.40 60.34
C TYR M 148 14.53 -69.23 59.37
N VAL M 149 14.60 -68.91 58.08
CA VAL M 149 13.85 -69.68 57.08
C VAL M 149 14.34 -71.12 57.07
N GLY M 150 15.67 -71.32 57.10
CA GLY M 150 16.21 -72.67 57.12
C GLY M 150 15.78 -73.44 58.36
N GLU M 151 15.82 -72.79 59.52
CA GLU M 151 15.44 -73.47 60.75
C GLU M 151 13.96 -73.88 60.72
N LYS M 152 13.09 -72.98 60.27
CA LYS M 152 11.67 -73.31 60.20
C LYS M 152 11.40 -74.42 59.21
N LEU M 153 12.08 -74.40 58.05
CA LEU M 153 11.93 -75.48 57.08
C LEU M 153 12.42 -76.80 57.66
N LEU M 154 13.51 -76.78 58.43
CA LEU M 154 13.99 -77.98 59.08
C LEU M 154 12.97 -78.53 60.07
N GLU M 155 12.36 -77.64 60.87
CA GLU M 155 11.34 -78.10 61.82
C GLU M 155 10.16 -78.72 61.10
N LEU M 156 9.69 -78.09 60.02
CA LEU M 156 8.58 -78.65 59.26
C LEU M 156 8.95 -80.00 58.64
N ARG M 157 10.18 -80.11 58.13
CA ARG M 157 10.63 -81.37 57.55
C ARG M 157 10.65 -82.49 58.58
N ARG M 158 11.16 -82.19 59.78
CA ARG M 158 11.17 -83.20 60.84
C ARG M 158 9.75 -83.61 61.22
N LEU M 159 8.84 -82.62 61.34
CA LEU M 159 7.46 -82.96 61.69
C LEU M 159 6.82 -83.84 60.62
N LEU M 160 7.00 -83.48 59.35
CA LEU M 160 6.39 -84.26 58.27
C LEU M 160 6.99 -85.67 58.19
N GLU M 161 8.30 -85.80 58.39
CA GLU M 161 8.92 -87.11 58.41
C GLU M 161 8.42 -87.95 59.57
N LYS M 162 8.15 -87.31 60.72
CA LYS M 162 7.55 -88.03 61.83
C LYS M 162 6.13 -88.48 61.50
N LEU M 163 5.39 -87.65 60.76
CA LEU M 163 4.02 -88.01 60.39
C LEU M 163 4.00 -89.23 59.47
N GLY M 164 4.79 -89.19 58.40
CA GLY M 164 4.84 -90.32 57.50
C GLY M 164 4.77 -89.95 56.03
N VAL M 165 4.78 -88.65 55.73
CA VAL M 165 4.70 -88.21 54.34
C VAL M 165 5.95 -88.67 53.59
N PRO M 166 5.83 -89.20 52.37
CA PRO M 166 7.03 -89.60 51.62
C PRO M 166 7.93 -88.40 51.34
N LEU M 167 9.23 -88.68 51.27
CA LEU M 167 10.23 -87.61 51.19
C LEU M 167 10.07 -86.72 49.97
N PRO M 168 9.89 -87.23 48.74
CA PRO M 168 9.73 -86.32 47.60
C PRO M 168 8.59 -85.34 47.75
N GLU M 169 7.46 -85.78 48.32
CA GLU M 169 6.34 -84.85 48.54
C GLU M 169 6.70 -83.80 49.57
N VAL M 170 7.42 -84.19 50.63
CA VAL M 170 7.88 -83.21 51.62
C VAL M 170 8.74 -82.15 50.95
N ILE M 171 9.69 -82.58 50.12
CA ILE M 171 10.58 -81.63 49.45
C ILE M 171 9.79 -80.73 48.53
N ALA M 172 8.84 -81.29 47.77
CA ALA M 172 8.03 -80.47 46.87
C ALA M 172 7.25 -79.42 47.65
N LEU M 173 6.71 -79.79 48.81
CA LEU M 173 6.03 -78.82 49.66
C LEU M 173 7.00 -77.74 50.14
N LEU M 174 8.23 -78.13 50.48
CA LEU M 174 9.20 -77.15 50.96
C LEU M 174 9.55 -76.13 49.89
N LEU M 175 9.79 -76.57 48.65
CA LEU M 175 10.02 -75.59 47.60
C LEU M 175 8.75 -74.84 47.20
N ARG M 176 7.56 -75.40 47.44
CA ARG M 176 6.35 -74.59 47.27
C ARG M 176 6.33 -73.43 48.26
N VAL M 177 6.64 -73.71 49.53
CA VAL M 177 6.71 -72.66 50.53
C VAL M 177 7.78 -71.64 50.16
N LEU M 178 8.93 -72.13 49.70
CA LEU M 178 10.02 -71.24 49.32
C LEU M 178 9.64 -70.38 48.12
N GLU M 179 8.88 -70.94 47.17
CA GLU M 179 8.40 -70.16 46.03
C GLU M 179 7.47 -69.05 46.50
N VAL M 180 6.58 -69.37 47.45
CA VAL M 180 5.68 -68.35 48.00
C VAL M 180 6.49 -67.24 48.66
N VAL M 181 7.49 -67.61 49.46
CA VAL M 181 8.31 -66.61 50.15
C VAL M 181 9.07 -65.76 49.15
N GLU M 182 9.63 -66.39 48.12
CA GLU M 182 10.38 -65.64 47.10
C GLU M 182 9.47 -64.68 46.36
N GLU M 183 8.25 -65.10 46.03
CA GLU M 183 7.32 -64.21 45.34
C GLU M 183 6.96 -63.03 46.23
N SER M 184 6.73 -63.28 47.52
CA SER M 184 6.44 -62.20 48.45
C SER M 184 7.60 -61.21 48.53
N LEU M 185 8.83 -61.73 48.62
CA LEU M 185 10.00 -60.87 48.69
C LEU M 185 10.16 -60.05 47.42
N LYS M 186 9.95 -60.67 46.26
CA LYS M 186 10.08 -59.96 44.99
C LYS M 186 9.05 -58.86 44.87
N ALA M 187 7.79 -59.15 45.25
CA ALA M 187 6.73 -58.17 45.11
C ALA M 187 6.85 -57.04 46.13
N MET M 188 7.40 -57.33 47.32
CA MET M 188 7.43 -56.31 48.37
C MET M 188 8.47 -55.23 48.07
N GLY M 189 9.58 -55.58 47.44
CA GLY M 189 10.56 -54.57 47.06
C GLY M 189 12.02 -54.95 47.20
N MET M 190 12.30 -56.17 47.66
CA MET M 190 13.69 -56.60 47.84
C MET M 190 14.42 -56.65 46.50
N GLU M 191 15.71 -56.32 46.53
CA GLU M 191 16.54 -56.43 45.35
C GLU M 191 16.80 -57.90 45.04
N PRO M 192 16.86 -58.26 43.75
CA PRO M 192 16.96 -59.69 43.37
C PRO M 192 18.13 -60.43 43.99
N ARG M 193 19.27 -59.77 44.18
CA ARG M 193 20.46 -60.49 44.66
C ARG M 193 20.25 -61.05 46.06
N GLU M 194 19.64 -60.27 46.95
CA GLU M 194 19.39 -60.75 48.31
C GLU M 194 18.39 -61.91 48.32
N ILE M 195 17.36 -61.84 47.48
CA ILE M 195 16.40 -62.94 47.38
C ILE M 195 17.10 -64.21 46.90
N ASN M 196 17.94 -64.07 45.88
CA ASN M 196 18.70 -65.21 45.39
C ASN M 196 19.59 -65.78 46.49
N ARG M 197 20.23 -64.89 47.27
CA ARG M 197 21.12 -65.34 48.34
C ARG M 197 20.36 -66.13 49.40
N VAL M 198 19.20 -65.62 49.83
CA VAL M 198 18.47 -66.29 50.89
C VAL M 198 17.88 -67.61 50.39
N LEU M 199 17.39 -67.64 49.15
CA LEU M 199 16.88 -68.89 48.59
C LEU M 199 17.99 -69.92 48.46
N ALA M 200 19.17 -69.49 48.02
CA ALA M 200 20.30 -70.41 47.91
C ALA M 200 20.71 -70.93 49.27
N ALA M 201 20.71 -70.07 50.30
CA ALA M 201 21.05 -70.52 51.64
C ALA M 201 20.04 -71.54 52.15
N ALA M 202 18.76 -71.32 51.91
CA ALA M 202 17.73 -72.27 52.33
C ALA M 202 17.91 -73.61 51.63
N TYR M 203 18.15 -73.58 50.31
CA TYR M 203 18.40 -74.82 49.59
C TYR M 203 19.64 -75.52 50.12
N LEU M 204 20.68 -74.76 50.44
CA LEU M 204 21.92 -75.36 50.92
C LEU M 204 21.73 -76.03 52.27
N THR M 205 21.01 -75.39 53.20
CA THR M 205 20.81 -76.02 54.50
C THR M 205 19.90 -77.25 54.38
N LEU M 206 18.89 -77.19 53.50
CA LEU M 206 18.05 -78.35 53.28
C LEU M 206 18.86 -79.52 52.73
N ALA M 207 19.71 -79.24 51.72
CA ALA M 207 20.53 -80.29 51.14
C ALA M 207 21.55 -80.82 52.14
N ALA M 208 22.11 -79.94 52.98
CA ALA M 208 23.06 -80.38 53.99
C ALA M 208 22.40 -81.32 54.99
N GLU M 209 21.19 -81.00 55.44
CA GLU M 209 20.46 -81.91 56.33
C GLU M 209 20.18 -83.23 55.63
N LEU M 210 19.75 -83.17 54.36
CA LEU M 210 19.44 -84.40 53.64
C LEU M 210 20.66 -85.30 53.51
N LEU M 211 21.82 -84.71 53.20
CA LEU M 211 23.05 -85.49 53.08
C LEU M 211 23.50 -86.03 54.44
N GLU M 212 23.39 -85.22 55.49
CA GLU M 212 23.82 -85.66 56.81
C GLU M 212 22.95 -86.81 57.32
N ARG M 213 21.68 -86.83 56.95
CA ARG M 213 20.81 -87.93 57.37
C ARG M 213 21.33 -89.28 56.89
N LEU M 214 21.99 -89.31 55.73
CA LEU M 214 22.50 -90.54 55.16
C LEU M 214 23.88 -90.92 55.69
N GLY M 215 24.51 -90.08 56.50
CA GLY M 215 25.80 -90.39 57.08
C GLY M 215 26.97 -89.67 56.44
N LEU M 216 26.78 -89.05 55.28
CA LEU M 216 27.85 -88.31 54.61
C LEU M 216 28.04 -86.96 55.31
N THR M 217 28.65 -87.03 56.50
CA THR M 217 28.80 -85.85 57.34
C THR M 217 29.82 -84.86 56.79
N ALA M 218 30.90 -85.33 56.17
CA ALA M 218 31.90 -84.43 55.62
C ALA M 218 31.34 -83.62 54.45
N LEU M 219 30.56 -84.26 53.58
CA LEU M 219 29.92 -83.54 52.48
C LEU M 219 28.96 -82.49 53.01
N ALA M 220 28.19 -82.84 54.04
CA ALA M 220 27.29 -81.86 54.66
C ALA M 220 28.06 -80.70 55.26
N ALA M 221 29.20 -81.00 55.90
CA ALA M 221 30.03 -79.93 56.46
C ALA M 221 30.55 -79.01 55.36
N ARG M 222 30.96 -79.58 54.22
CA ARG M 222 31.40 -78.76 53.11
C ARG M 222 30.28 -77.88 52.57
N ILE M 223 29.06 -78.44 52.50
CA ILE M 223 27.91 -77.65 52.05
C ILE M 223 27.63 -76.51 53.02
N ARG M 224 27.72 -76.76 54.33
CA ARG M 224 27.54 -75.70 55.30
C ARG M 224 28.61 -74.64 55.18
N ARG M 225 29.86 -75.05 54.95
CA ARG M 225 30.93 -74.08 54.72
C ARG M 225 30.63 -73.22 53.50
N ALA M 226 30.15 -73.83 52.43
CA ALA M 226 29.79 -73.06 51.24
C ALA M 226 28.67 -72.08 51.53
N ARG M 227 27.67 -72.50 52.29
CA ARG M 227 26.58 -71.60 52.65
C ARG M 227 27.08 -70.43 53.48
N GLU M 228 27.95 -70.69 54.46
CA GLU M 228 28.49 -69.63 55.30
C GLU M 228 29.32 -68.65 54.50
N LEU M 229 30.14 -69.15 53.56
CA LEU M 229 30.88 -68.25 52.70
C LEU M 229 29.96 -67.45 51.79
N LEU M 230 28.85 -68.05 51.35
CA LEU M 230 27.89 -67.31 50.53
C LEU M 230 27.24 -66.18 51.32
N LEU M 231 26.85 -66.44 52.57
CA LEU M 231 26.19 -65.43 53.37
C LEU M 231 27.12 -64.30 53.80
N ALA M 232 28.44 -64.48 53.69
CA ALA M 232 29.40 -63.48 54.10
C ALA M 232 29.85 -62.58 52.96
N GLY M 233 29.24 -62.72 51.78
CA GLY M 233 29.61 -61.94 50.62
C GLY M 233 30.64 -62.58 49.72
N ARG M 234 31.23 -63.70 50.12
CA ARG M 234 32.22 -64.41 49.31
C ARG M 234 31.46 -65.33 48.37
N VAL M 235 31.19 -64.84 47.17
CA VAL M 235 30.30 -65.54 46.25
C VAL M 235 31.06 -66.60 45.46
N GLU M 236 32.19 -66.22 44.84
CA GLU M 236 32.89 -67.13 43.94
C GLU M 236 33.49 -68.32 44.69
N GLU M 237 34.01 -68.10 45.90
CA GLU M 237 34.56 -69.19 46.68
C GLU M 237 33.49 -70.21 47.05
N ALA M 238 32.31 -69.72 47.46
CA ALA M 238 31.19 -70.61 47.75
C ALA M 238 30.75 -71.33 46.48
N LEU M 239 30.75 -70.63 45.35
CA LEU M 239 30.40 -71.25 44.07
C LEU M 239 31.32 -72.43 43.77
N HIS M 240 32.63 -72.23 43.90
CA HIS M 240 33.57 -73.30 43.59
C HIS M 240 33.47 -74.44 44.60
N LEU M 241 33.29 -74.12 45.88
CA LEU M 241 33.11 -75.17 46.88
C LEU M 241 31.88 -76.01 46.56
N LEU M 242 30.79 -75.35 46.19
CA LEU M 242 29.57 -76.06 45.82
C LEU M 242 29.78 -76.93 44.59
N GLN M 243 30.51 -76.40 43.58
CA GLN M 243 30.76 -77.19 42.38
C GLN M 243 31.58 -78.44 42.70
N ASP M 244 32.61 -78.31 43.53
CA ASP M 244 33.40 -79.47 43.91
C ASP M 244 32.56 -80.48 44.69
N ALA M 245 31.71 -79.99 45.60
CA ALA M 245 30.82 -80.89 46.33
C ALA M 245 29.88 -81.61 45.38
N VAL M 246 29.37 -80.90 44.37
CA VAL M 246 28.46 -81.51 43.40
C VAL M 246 29.17 -82.59 42.59
N GLU M 247 30.41 -82.33 42.17
CA GLU M 247 31.15 -83.35 41.42
C GLU M 247 31.40 -84.59 42.27
N LEU M 248 31.76 -84.40 43.54
CA LEU M 248 31.99 -85.57 44.40
C LEU M 248 30.69 -86.32 44.67
N LEU M 249 29.58 -85.59 44.84
CA LEU M 249 28.29 -86.23 45.01
C LEU M 249 27.89 -87.03 43.77
N HIS M 250 28.16 -86.47 42.59
CA HIS M 250 27.91 -87.21 41.35
C HIS M 250 28.77 -88.46 41.27
N GLU M 251 30.03 -88.37 41.69
CA GLU M 251 30.89 -89.56 41.72
C GLU M 251 30.28 -90.65 42.61
N ARG M 252 29.84 -90.26 43.81
CA ARG M 252 29.24 -91.25 44.71
C ARG M 252 27.96 -91.82 44.13
N ILE M 253 27.13 -90.98 43.53
CA ILE M 253 25.84 -91.42 42.99
C ILE M 253 26.05 -92.42 41.86
N ARG M 254 26.95 -92.10 40.93
CA ARG M 254 27.24 -93.01 39.83
C ARG M 254 28.05 -94.22 40.26
N GLU M 255 28.70 -94.18 41.43
CA GLU M 255 29.30 -95.38 41.99
C GLU M 255 28.24 -96.32 42.55
N LEU M 256 27.22 -95.77 43.22
CA LEU M 256 26.17 -96.61 43.77
C LEU M 256 25.33 -97.27 42.68
N GLY M 257 24.92 -96.49 41.68
CA GLY M 257 24.13 -97.02 40.58
C GLY M 257 22.65 -96.74 40.75
N PHE M 258 21.83 -97.78 40.59
CA PHE M 258 20.39 -97.67 40.72
C PHE M 258 19.88 -97.96 42.12
N GLU M 259 20.78 -98.24 43.07
CA GLU M 259 20.43 -98.45 44.46
C GLU M 259 20.70 -97.22 45.31
N ALA M 260 20.84 -96.05 44.69
CA ALA M 260 21.09 -94.82 45.43
C ALA M 260 19.82 -94.41 46.16
N PRO M 261 19.88 -94.19 47.47
CA PRO M 261 18.68 -93.72 48.21
C PRO M 261 18.21 -92.38 47.67
N GLU M 262 16.91 -92.11 47.86
CA GLU M 262 16.31 -90.88 47.36
C GLU M 262 16.96 -89.64 47.96
N GLU M 263 17.61 -89.77 49.11
CA GLU M 263 18.27 -88.62 49.72
C GLU M 263 19.33 -88.03 48.81
N LEU M 264 20.14 -88.89 48.18
CA LEU M 264 21.20 -88.39 47.31
C LEU M 264 20.63 -87.66 46.10
N LEU M 265 19.59 -88.21 45.47
CA LEU M 265 19.01 -87.57 44.29
C LEU M 265 18.35 -86.25 44.64
N LEU M 266 17.60 -86.21 45.74
CA LEU M 266 16.97 -84.96 46.14
C LEU M 266 18.00 -83.91 46.53
N ALA M 267 19.06 -84.32 47.23
CA ALA M 267 20.13 -83.39 47.56
C ALA M 267 20.82 -82.88 46.31
N ASP M 268 21.02 -83.75 45.32
CA ASP M 268 21.64 -83.32 44.06
C ASP M 268 20.77 -82.29 43.35
N LEU M 269 19.46 -82.51 43.30
CA LEU M 269 18.57 -81.54 42.67
C LEU M 269 18.60 -80.21 43.41
N LEU M 270 18.55 -80.25 44.74
CA LEU M 270 18.59 -79.02 45.52
C LEU M 270 19.92 -78.29 45.32
N LEU M 271 21.03 -79.03 45.25
CA LEU M 271 22.33 -78.42 45.02
C LEU M 271 22.41 -77.80 43.64
N GLN M 272 21.79 -78.42 42.63
CA GLN M 272 21.77 -77.81 41.31
C GLN M 272 20.97 -76.51 41.31
N ARG M 273 19.82 -76.50 41.99
CA ARG M 273 19.07 -75.25 42.09
C ARG M 273 19.86 -74.17 42.82
N ALA M 274 20.55 -74.54 43.90
CA ALA M 274 21.37 -73.59 44.63
C ALA M 274 22.53 -73.09 43.76
N LEU M 275 23.12 -73.99 42.96
CA LEU M 275 24.20 -73.58 42.06
C LEU M 275 23.70 -72.57 41.04
N GLU M 276 22.54 -72.82 40.46
CA GLU M 276 21.97 -71.88 39.49
C GLU M 276 21.71 -70.53 40.15
N LEU M 277 21.11 -70.54 41.34
CA LEU M 277 20.79 -69.30 42.03
C LEU M 277 22.06 -68.53 42.39
N ILE M 278 23.09 -69.22 42.86
CA ILE M 278 24.34 -68.55 43.22
C ILE M 278 25.01 -67.98 41.98
N SER M 279 25.00 -68.72 40.87
CA SER M 279 25.59 -68.20 39.64
C SER M 279 24.85 -66.98 39.15
N SER M 280 23.52 -66.95 39.31
CA SER M 280 22.74 -65.80 38.86
C SER M 280 22.93 -64.57 39.74
N ILE M 281 23.58 -64.71 40.89
CA ILE M 281 23.79 -63.57 41.79
C ILE M 281 24.71 -62.55 41.11
N THR N 24 -4.66 -112.32 15.93
CA THR N 24 -5.18 -112.29 14.57
C THR N 24 -4.63 -111.11 13.79
N VAL N 25 -4.18 -110.08 14.51
CA VAL N 25 -3.47 -108.92 13.98
C VAL N 25 -4.40 -108.02 13.18
N GLU N 26 -5.10 -108.57 12.18
CA GLU N 26 -5.97 -107.73 11.35
C GLU N 26 -7.13 -107.16 12.17
N GLU N 27 -7.85 -108.03 12.88
CA GLU N 27 -8.94 -107.56 13.73
C GLU N 27 -8.47 -106.49 14.70
N GLU N 28 -7.21 -106.58 15.15
CA GLU N 28 -6.63 -105.48 15.91
C GLU N 28 -6.63 -104.19 15.11
N VAL N 29 -6.38 -104.27 13.80
CA VAL N 29 -6.34 -103.05 12.98
C VAL N 29 -7.73 -102.43 12.86
N ILE N 30 -8.74 -103.23 12.50
CA ILE N 30 -10.07 -102.64 12.35
C ILE N 30 -10.60 -102.17 13.71
N ARG N 31 -10.35 -102.93 14.77
CA ARG N 31 -10.75 -102.48 16.10
C ARG N 31 -10.03 -101.20 16.49
N PHE N 32 -8.76 -101.05 16.12
CA PHE N 32 -8.04 -99.82 16.40
C PHE N 32 -8.71 -98.64 15.70
N ALA N 33 -9.08 -98.80 14.43
CA ALA N 33 -9.73 -97.71 13.71
C ALA N 33 -11.07 -97.35 14.37
N GLU N 34 -11.89 -98.35 14.65
CA GLU N 34 -13.21 -98.08 15.25
C GLU N 34 -13.07 -97.47 16.64
N GLU N 35 -12.14 -97.98 17.46
CA GLU N 35 -11.95 -97.42 18.79
C GLU N 35 -11.41 -96.01 18.73
N LEU N 36 -10.56 -95.70 17.75
CA LEU N 36 -10.07 -94.34 17.59
C LEU N 36 -11.22 -93.39 17.26
N ALA N 37 -12.09 -93.81 16.33
CA ALA N 37 -13.24 -92.97 16.01
C ALA N 37 -14.16 -92.78 17.21
N GLU N 38 -14.40 -93.86 17.96
CA GLU N 38 -15.25 -93.77 19.14
C GLU N 38 -14.63 -92.88 20.21
N GLU N 39 -13.30 -92.93 20.35
CA GLU N 39 -12.62 -92.05 21.30
C GLU N 39 -12.75 -90.59 20.89
N ILE N 40 -12.64 -90.30 19.60
CA ILE N 40 -12.90 -88.93 19.14
C ILE N 40 -14.31 -88.52 19.52
N ARG N 41 -15.29 -89.41 19.30
CA ARG N 41 -16.67 -89.09 19.63
C ARG N 41 -16.84 -88.82 21.13
N ARG N 42 -16.22 -89.63 21.98
CA ARG N 42 -16.34 -89.43 23.42
C ARG N 42 -15.68 -88.13 23.86
N VAL N 43 -14.49 -87.83 23.33
CA VAL N 43 -13.77 -86.65 23.78
C VAL N 43 -14.45 -85.37 23.31
N THR N 44 -14.95 -85.35 22.07
CA THR N 44 -15.53 -84.14 21.51
C THR N 44 -17.04 -84.21 21.33
N GLY N 45 -17.56 -85.28 20.73
CA GLY N 45 -18.97 -85.37 20.46
C GLY N 45 -19.29 -85.24 18.98
N GLU N 46 -20.04 -84.20 18.62
CA GLU N 46 -20.39 -83.96 17.22
C GLU N 46 -19.90 -82.59 16.75
N ALA N 47 -19.03 -81.93 17.53
CA ALA N 47 -18.42 -80.69 17.08
C ALA N 47 -17.31 -80.94 16.07
N TYR N 48 -16.62 -82.07 16.17
CA TYR N 48 -15.57 -82.46 15.21
C TYR N 48 -16.01 -83.80 14.62
N ARG N 49 -16.80 -83.74 13.55
CA ARG N 49 -17.32 -84.93 12.90
C ARG N 49 -16.59 -85.27 11.61
N GLU N 50 -16.01 -84.27 10.94
CA GLU N 50 -15.21 -84.55 9.75
C GLU N 50 -13.99 -85.39 10.10
N TYR N 51 -13.41 -85.16 11.27
CA TYR N 51 -12.27 -85.97 11.70
C TYR N 51 -12.66 -87.42 11.91
N ALA N 52 -13.83 -87.65 12.53
CA ALA N 52 -14.32 -89.02 12.70
C ALA N 52 -14.61 -89.66 11.35
N GLU N 53 -15.17 -88.89 10.41
CA GLU N 53 -15.41 -89.40 9.06
C GLU N 53 -14.11 -89.82 8.40
N ALA N 54 -13.08 -88.98 8.52
CA ALA N 54 -11.78 -89.30 7.93
C ALA N 54 -11.17 -90.53 8.58
N VAL N 55 -11.29 -90.65 9.90
CA VAL N 55 -10.73 -91.82 10.58
C VAL N 55 -11.45 -93.10 10.14
N ARG N 56 -12.77 -93.04 10.01
CA ARG N 56 -13.51 -94.23 9.55
C ARG N 56 -13.15 -94.56 8.10
N HIS N 57 -12.96 -93.55 7.26
CA HIS N 57 -12.53 -93.80 5.88
C HIS N 57 -11.16 -94.45 5.85
N LEU N 58 -10.23 -93.98 6.67
CA LEU N 58 -8.90 -94.58 6.72
C LEU N 58 -8.95 -96.01 7.26
N GLY N 59 -9.84 -96.27 8.22
CA GLY N 59 -10.03 -97.64 8.66
C GLY N 59 -10.57 -98.54 7.57
N GLU N 60 -11.50 -98.01 6.77
CA GLU N 60 -12.00 -98.76 5.62
C GLU N 60 -10.89 -99.05 4.62
N ALA N 61 -10.02 -98.06 4.37
CA ALA N 61 -8.90 -98.28 3.47
C ALA N 61 -7.95 -99.34 4.01
N ALA N 62 -7.66 -99.29 5.31
CA ALA N 62 -6.78 -100.29 5.92
C ALA N 62 -7.40 -101.69 5.83
N LYS N 63 -8.72 -101.77 6.01
CA LYS N 63 -9.40 -103.04 5.81
C LYS N 63 -9.29 -103.52 4.37
N ALA N 64 -9.43 -102.60 3.41
CA ALA N 64 -9.40 -102.97 2.00
C ALA N 64 -8.01 -103.45 1.58
N VAL N 65 -6.96 -102.89 2.20
CA VAL N 65 -5.60 -103.30 1.88
C VAL N 65 -5.39 -104.78 2.20
N LEU N 66 -5.99 -105.25 3.29
CA LEU N 66 -5.62 -106.52 3.89
C LEU N 66 -6.10 -107.74 3.11
N GLU N 67 -6.96 -107.58 2.10
CA GLU N 67 -7.35 -108.71 1.27
C GLU N 67 -6.57 -108.79 -0.03
N GLY N 68 -6.12 -107.67 -0.57
CA GLY N 68 -5.36 -107.68 -1.80
C GLY N 68 -5.76 -106.57 -2.75
N ASN N 69 -6.99 -106.09 -2.63
CA ASN N 69 -7.47 -105.01 -3.47
C ASN N 69 -6.70 -103.73 -3.14
N SER N 70 -5.87 -103.27 -4.08
CA SER N 70 -4.96 -102.17 -3.83
C SER N 70 -5.36 -100.85 -4.50
N VAL N 71 -6.41 -100.84 -5.32
CA VAL N 71 -6.84 -99.61 -5.96
C VAL N 71 -7.91 -98.89 -5.16
N GLU N 72 -8.82 -99.64 -4.55
CA GLU N 72 -9.80 -99.04 -3.67
C GLU N 72 -9.14 -98.33 -2.50
N ALA N 73 -8.02 -98.85 -2.02
CA ALA N 73 -7.26 -98.16 -0.98
C ALA N 73 -6.77 -96.80 -1.46
N ASP N 74 -6.25 -96.73 -2.68
CA ASP N 74 -5.81 -95.46 -3.24
C ASP N 74 -6.98 -94.49 -3.38
N LEU N 75 -8.12 -94.98 -3.85
CA LEU N 75 -9.30 -94.11 -4.00
C LEU N 75 -9.76 -93.58 -2.65
N ILE N 76 -9.77 -94.43 -1.62
CA ILE N 76 -10.19 -93.99 -0.29
C ILE N 76 -9.19 -92.99 0.29
N VAL N 77 -7.90 -93.21 0.05
CA VAL N 77 -6.90 -92.26 0.54
C VAL N 77 -7.07 -90.91 -0.14
N THR N 78 -7.39 -90.90 -1.43
CA THR N 78 -7.67 -89.64 -2.12
C THR N 78 -8.92 -88.97 -1.56
N ASP N 79 -9.94 -89.76 -1.21
CA ASP N 79 -11.13 -89.19 -0.58
C ASP N 79 -10.78 -88.54 0.75
N VAL N 80 -9.96 -89.21 1.55
CA VAL N 80 -9.51 -88.64 2.83
C VAL N 80 -8.71 -87.37 2.59
N LEU N 81 -7.89 -87.36 1.53
CA LEU N 81 -7.13 -86.16 1.19
C LEU N 81 -8.06 -85.01 0.86
N ARG N 82 -9.12 -85.27 0.10
CA ARG N 82 -10.10 -84.23 -0.19
C ARG N 82 -10.77 -83.72 1.09
N LEU N 83 -11.13 -84.64 1.98
CA LEU N 83 -11.78 -84.24 3.23
C LEU N 83 -10.86 -83.35 4.06
N LEU N 84 -9.59 -83.74 4.17
CA LEU N 84 -8.63 -82.96 4.95
C LEU N 84 -8.32 -81.62 4.27
N GLU N 85 -8.36 -81.58 2.94
CA GLU N 85 -8.20 -80.31 2.24
C GLU N 85 -9.38 -79.38 2.53
N ARG N 86 -10.59 -79.95 2.61
CA ARG N 86 -11.74 -79.14 2.99
C ARG N 86 -11.64 -78.68 4.43
N ILE N 87 -11.09 -79.50 5.32
CA ILE N 87 -10.98 -79.12 6.72
C ILE N 87 -10.07 -77.91 6.88
N GLY N 88 -8.88 -77.95 6.29
CA GLY N 88 -7.98 -76.82 6.31
C GLY N 88 -6.86 -76.91 7.32
N GLU N 89 -6.23 -78.07 7.43
CA GLU N 89 -5.09 -78.28 8.32
C GLU N 89 -3.87 -78.57 7.44
N GLU N 90 -3.01 -77.57 7.27
CA GLU N 90 -1.97 -77.62 6.25
C GLU N 90 -1.02 -78.79 6.47
N GLY N 91 -0.50 -78.94 7.69
CA GLY N 91 0.42 -80.04 7.96
C GLY N 91 -0.23 -81.40 7.80
N LEU N 92 -1.49 -81.51 8.20
CA LEU N 92 -2.20 -82.78 8.06
C LEU N 92 -2.40 -83.12 6.58
N VAL N 93 -2.71 -82.11 5.76
CA VAL N 93 -2.84 -82.33 4.32
C VAL N 93 -1.51 -82.75 3.72
N LYS N 94 -0.41 -82.12 4.17
CA LYS N 94 0.91 -82.51 3.69
C LYS N 94 1.19 -83.98 4.02
N LEU N 95 0.93 -84.38 5.26
CA LEU N 95 1.13 -85.78 5.64
C LEU N 95 0.23 -86.69 4.80
N ALA N 96 -0.99 -86.24 4.50
CA ALA N 96 -1.88 -87.04 3.66
C ALA N 96 -1.32 -87.24 2.26
N ARG N 97 -0.74 -86.18 1.69
CA ARG N 97 -0.14 -86.32 0.36
C ARG N 97 1.04 -87.29 0.38
N GLU N 98 1.91 -87.17 1.38
CA GLU N 98 3.04 -88.10 1.49
C GLU N 98 2.54 -89.53 1.66
N VAL N 99 1.52 -89.72 2.49
CA VAL N 99 0.95 -91.07 2.68
C VAL N 99 0.39 -91.59 1.37
N HIS N 100 -0.32 -90.75 0.62
CA HIS N 100 -0.86 -91.15 -0.67
C HIS N 100 0.24 -91.66 -1.59
N GLU N 101 1.29 -90.85 -1.77
CA GLU N 101 2.35 -91.22 -2.71
C GLU N 101 3.06 -92.50 -2.26
N ARG N 102 3.50 -92.54 -1.00
CA ARG N 102 4.26 -93.69 -0.53
C ARG N 102 3.42 -94.95 -0.52
N SER N 103 2.15 -94.84 -0.09
CA SER N 103 1.27 -96.01 -0.09
C SER N 103 1.03 -96.53 -1.50
N PHE N 104 0.83 -95.62 -2.46
CA PHE N 104 0.66 -96.06 -3.84
C PHE N 104 1.89 -96.82 -4.33
N GLU N 105 3.07 -96.25 -4.11
CA GLU N 105 4.29 -96.90 -4.60
C GLU N 105 4.51 -98.25 -3.92
N LEU N 106 4.33 -98.31 -2.60
CA LEU N 106 4.57 -99.56 -1.88
C LEU N 106 3.55 -100.63 -2.25
N LEU N 107 2.28 -100.23 -2.41
CA LEU N 107 1.26 -101.21 -2.79
C LEU N 107 1.47 -101.71 -4.21
N ARG N 108 1.96 -100.84 -5.10
CA ARG N 108 2.34 -101.32 -6.43
C ARG N 108 3.50 -102.32 -6.34
N LYS N 109 4.50 -102.01 -5.51
CA LYS N 109 5.61 -102.94 -5.34
C LYS N 109 5.18 -104.19 -4.59
N GLY N 110 4.42 -104.03 -3.51
CA GLY N 110 3.93 -105.17 -2.76
C GLY N 110 4.17 -105.10 -1.26
N ASN N 111 4.58 -103.93 -0.77
CA ASN N 111 4.84 -103.74 0.66
C ASN N 111 3.54 -103.40 1.37
N ARG N 112 2.80 -104.46 1.73
CA ARG N 112 1.52 -104.27 2.41
C ARG N 112 1.69 -103.64 3.78
N VAL N 113 2.69 -104.11 4.53
CA VAL N 113 2.81 -103.74 5.94
C VAL N 113 3.13 -102.26 6.09
N GLU N 114 4.03 -101.73 5.26
CA GLU N 114 4.38 -100.32 5.38
C GLU N 114 3.24 -99.41 4.97
N ALA N 115 2.47 -99.80 3.95
CA ALA N 115 1.29 -99.03 3.59
C ALA N 115 0.26 -99.03 4.72
N LEU N 116 0.06 -100.19 5.36
CA LEU N 116 -0.82 -100.25 6.51
C LEU N 116 -0.33 -99.34 7.63
N ALA N 117 0.98 -99.34 7.89
CA ALA N 117 1.54 -98.49 8.93
C ALA N 117 1.32 -97.01 8.60
N LEU N 118 1.51 -96.63 7.34
CA LEU N 118 1.29 -95.24 6.95
C LEU N 118 -0.17 -94.84 7.12
N ILE N 119 -1.10 -95.72 6.75
CA ILE N 119 -2.52 -95.42 6.90
C ILE N 119 -2.88 -95.24 8.38
N LEU N 120 -2.38 -96.15 9.22
CA LEU N 120 -2.64 -96.04 10.66
C LEU N 120 -2.03 -94.77 11.25
N ALA N 121 -0.83 -94.41 10.81
CA ALA N 121 -0.21 -93.18 11.28
C ALA N 121 -1.02 -91.96 10.87
N LEU N 122 -1.55 -91.94 9.65
CA LEU N 122 -2.40 -90.84 9.23
C LEU N 122 -3.66 -90.75 10.08
N ALA N 123 -4.29 -91.90 10.36
CA ALA N 123 -5.49 -91.91 11.17
C ALA N 123 -5.20 -91.38 12.58
N LEU N 124 -4.09 -91.82 13.17
CA LEU N 124 -3.71 -91.34 14.50
C LEU N 124 -3.43 -89.85 14.46
N ALA N 125 -2.79 -89.36 13.40
CA ALA N 125 -2.52 -87.93 13.29
C ALA N 125 -3.81 -87.13 13.26
N VAL N 126 -4.80 -87.59 12.49
CA VAL N 126 -6.08 -86.89 12.43
C VAL N 126 -6.74 -86.88 13.82
N ALA N 127 -6.76 -88.05 14.47
CA ALA N 127 -7.40 -88.13 15.78
C ALA N 127 -6.73 -87.23 16.80
N LEU N 128 -5.39 -87.24 16.84
CA LEU N 128 -4.66 -86.43 17.81
C LEU N 128 -4.83 -84.95 17.51
N THR N 129 -4.86 -84.57 16.23
CA THR N 129 -5.09 -83.18 15.89
C THR N 129 -6.46 -82.71 16.38
N ALA N 130 -7.49 -83.52 16.15
CA ALA N 130 -8.83 -83.17 16.61
C ALA N 130 -8.88 -83.04 18.13
N VAL N 131 -8.30 -84.03 18.83
CA VAL N 131 -8.35 -84.04 20.29
C VAL N 131 -7.59 -82.84 20.86
N SER N 132 -6.41 -82.55 20.31
CA SER N 132 -5.63 -81.42 20.80
C SER N 132 -6.34 -80.10 20.53
N LYS N 133 -6.97 -79.96 19.37
CA LYS N 133 -7.71 -78.74 19.08
C LYS N 133 -8.86 -78.57 20.07
N ALA N 134 -9.59 -79.64 20.35
CA ALA N 134 -10.69 -79.56 21.31
C ALA N 134 -10.18 -79.18 22.70
N PHE N 135 -9.09 -79.82 23.13
CA PHE N 135 -8.56 -79.55 24.46
C PHE N 135 -8.08 -78.11 24.59
N PHE N 136 -7.39 -77.60 23.56
CA PHE N 136 -6.95 -76.21 23.62
C PHE N 136 -8.13 -75.25 23.59
N LEU N 137 -9.16 -75.54 22.78
CA LEU N 137 -10.32 -74.67 22.74
C LEU N 137 -11.04 -74.62 24.09
N LEU N 138 -11.16 -75.77 24.75
CA LEU N 138 -11.77 -75.78 26.08
C LEU N 138 -10.95 -74.96 27.07
N GLY N 139 -9.64 -75.12 27.05
CA GLY N 139 -8.77 -74.42 27.97
C GLY N 139 -8.07 -75.36 28.94
N GLN N 140 -7.96 -76.63 28.54
CA GLN N 140 -7.39 -77.64 29.41
C GLN N 140 -5.89 -77.42 29.59
N PRO N 141 -5.32 -77.87 30.72
CA PRO N 141 -3.88 -77.77 30.90
C PRO N 141 -3.14 -78.82 30.08
N ALA N 142 -1.81 -78.65 30.01
CA ALA N 142 -0.98 -79.48 29.15
C ALA N 142 -0.83 -80.91 29.64
N ARG N 143 -1.11 -81.18 30.92
CA ARG N 143 -0.86 -82.50 31.48
C ARG N 143 -1.72 -83.56 30.79
N LEU N 144 -3.03 -83.30 30.69
CA LEU N 144 -3.93 -84.28 30.08
C LEU N 144 -3.65 -84.44 28.59
N ILE N 145 -3.35 -83.34 27.90
CA ILE N 145 -3.01 -83.42 26.48
C ILE N 145 -1.80 -84.32 26.28
N ALA N 146 -0.74 -84.09 27.07
CA ALA N 146 0.47 -84.88 26.95
C ALA N 146 0.21 -86.35 27.28
N GLU N 147 -0.57 -86.61 28.34
CA GLU N 147 -0.85 -87.98 28.73
C GLU N 147 -1.64 -88.71 27.63
N TYR N 148 -2.65 -88.05 27.06
CA TYR N 148 -3.44 -88.69 26.02
C TYR N 148 -2.61 -88.94 24.76
N VAL N 149 -1.78 -87.96 24.38
CA VAL N 149 -0.92 -88.14 23.20
C VAL N 149 0.04 -89.31 23.42
N GLY N 150 0.65 -89.38 24.61
CA GLY N 150 1.54 -90.47 24.90
C GLY N 150 0.84 -91.82 24.87
N GLU N 151 -0.36 -91.89 25.45
CA GLU N 151 -1.10 -93.15 25.46
C GLU N 151 -1.45 -93.61 24.04
N LYS N 152 -1.92 -92.67 23.21
CA LYS N 152 -2.27 -93.03 21.84
C LYS N 152 -1.04 -93.47 21.05
N LEU N 153 0.08 -92.76 21.24
CA LEU N 153 1.31 -93.15 20.55
C LEU N 153 1.77 -94.53 21.01
N LEU N 154 1.62 -94.83 22.30
CA LEU N 154 1.96 -96.16 22.80
C LEU N 154 1.09 -97.24 22.17
N GLU N 155 -0.21 -96.98 22.05
CA GLU N 155 -1.10 -97.96 21.42
C GLU N 155 -0.71 -98.18 19.96
N LEU N 156 -0.42 -97.10 19.22
CA LEU N 156 0.00 -97.25 17.84
C LEU N 156 1.31 -98.01 17.72
N ARG N 157 2.25 -97.73 18.63
CA ARG N 157 3.53 -98.43 18.61
C ARG N 157 3.34 -99.92 18.85
N ARG N 158 2.51 -100.29 19.82
CA ARG N 158 2.24 -101.70 20.07
C ARG N 158 1.60 -102.37 18.86
N LEU N 159 0.64 -101.69 18.24
CA LEU N 159 0.00 -102.26 17.06
C LEU N 159 1.00 -102.46 15.93
N LEU N 160 1.83 -101.46 15.67
CA LEU N 160 2.81 -101.56 14.58
C LEU N 160 3.83 -102.65 14.85
N GLU N 161 4.29 -102.76 16.11
CA GLU N 161 5.23 -103.82 16.45
C GLU N 161 4.59 -105.19 16.30
N LYS N 162 3.28 -105.30 16.60
CA LYS N 162 2.57 -106.55 16.36
C LYS N 162 2.49 -106.85 14.87
N LEU N 163 2.34 -105.82 14.04
CA LEU N 163 2.25 -106.02 12.60
C LEU N 163 3.56 -106.56 12.04
N GLY N 164 4.68 -105.92 12.36
CA GLY N 164 5.97 -106.37 11.88
C GLY N 164 6.86 -105.26 11.33
N VAL N 165 6.41 -104.02 11.46
CA VAL N 165 7.20 -102.90 10.95
C VAL N 165 8.49 -102.78 11.74
N PRO N 166 9.65 -102.56 11.11
CA PRO N 166 10.88 -102.38 11.87
C PRO N 166 10.83 -101.14 12.74
N LEU N 167 11.55 -101.21 13.86
CA LEU N 167 11.45 -100.17 14.88
C LEU N 167 11.83 -98.78 14.39
N PRO N 168 12.94 -98.58 13.66
CA PRO N 168 13.27 -97.20 13.22
C PRO N 168 12.18 -96.56 12.39
N GLU N 169 11.51 -97.32 11.51
CA GLU N 169 10.42 -96.76 10.73
C GLU N 169 9.24 -96.40 11.62
N VAL N 170 8.96 -97.21 12.65
CA VAL N 170 7.91 -96.89 13.61
C VAL N 170 8.21 -95.58 14.30
N ILE N 171 9.45 -95.40 14.75
CA ILE N 171 9.81 -94.16 15.44
C ILE N 171 9.73 -92.97 14.50
N ALA N 172 10.12 -93.16 13.23
CA ALA N 172 10.01 -92.08 12.25
C ALA N 172 8.54 -91.69 12.04
N LEU N 173 7.65 -92.68 11.95
CA LEU N 173 6.23 -92.40 11.79
C LEU N 173 5.67 -91.65 12.99
N LEU N 174 6.04 -92.09 14.21
CA LEU N 174 5.56 -91.41 15.40
C LEU N 174 6.08 -89.99 15.49
N LEU N 175 7.33 -89.77 15.09
CA LEU N 175 7.87 -88.42 15.05
C LEU N 175 7.18 -87.56 14.02
N ARG N 176 6.80 -88.14 12.87
CA ARG N 176 6.03 -87.39 11.88
C ARG N 176 4.67 -86.99 12.44
N VAL N 177 4.00 -87.91 13.15
CA VAL N 177 2.72 -87.59 13.77
C VAL N 177 2.88 -86.47 14.79
N LEU N 178 3.93 -86.55 15.60
CA LEU N 178 4.18 -85.52 16.60
C LEU N 178 4.50 -84.18 15.96
N GLU N 179 5.22 -84.20 14.84
CA GLU N 179 5.48 -82.96 14.11
C GLU N 179 4.19 -82.35 13.58
N VAL N 180 3.28 -83.19 13.06
CA VAL N 180 1.99 -82.70 12.59
C VAL N 180 1.22 -82.05 13.75
N VAL N 181 1.21 -82.71 14.91
CA VAL N 181 0.51 -82.18 16.07
C VAL N 181 1.12 -80.85 16.51
N GLU N 182 2.45 -80.78 16.54
CA GLU N 182 3.12 -79.55 16.92
C GLU N 182 2.81 -78.42 15.96
N GLU N 183 2.79 -78.71 14.65
CA GLU N 183 2.46 -77.70 13.66
C GLU N 183 1.04 -77.19 13.87
N SER N 184 0.10 -78.10 14.10
CA SER N 184 -1.28 -77.71 14.34
C SER N 184 -1.40 -76.83 15.58
N LEU N 185 -0.72 -77.22 16.66
CA LEU N 185 -0.78 -76.43 17.89
C LEU N 185 -0.17 -75.05 17.71
N LYS N 186 0.97 -74.97 17.00
CA LYS N 186 1.62 -73.70 16.75
C LYS N 186 0.73 -72.78 15.93
N ALA N 187 0.11 -73.33 14.89
CA ALA N 187 -0.74 -72.52 14.02
C ALA N 187 -2.03 -72.10 14.70
N MET N 188 -2.57 -72.93 15.60
CA MET N 188 -3.84 -72.62 16.24
C MET N 188 -3.74 -71.43 17.17
N GLY N 189 -2.65 -71.32 17.94
CA GLY N 189 -2.48 -70.18 18.82
C GLY N 189 -1.87 -70.48 20.17
N MET N 190 -1.56 -71.75 20.44
CA MET N 190 -0.95 -72.12 21.71
C MET N 190 0.41 -71.46 21.87
N GLU N 191 0.71 -71.04 23.10
CA GLU N 191 2.00 -70.44 23.41
C GLU N 191 3.10 -71.48 23.28
N PRO N 192 4.28 -71.10 22.78
CA PRO N 192 5.33 -72.09 22.50
C PRO N 192 5.73 -72.95 23.69
N ARG N 193 5.71 -72.41 24.91
CA ARG N 193 6.20 -73.16 26.06
C ARG N 193 5.36 -74.42 26.30
N GLU N 194 4.03 -74.32 26.19
CA GLU N 194 3.19 -75.48 26.39
C GLU N 194 3.39 -76.52 25.29
N ILE N 195 3.59 -76.08 24.05
CA ILE N 195 3.88 -77.01 22.96
C ILE N 195 5.17 -77.76 23.23
N ASN N 196 6.20 -77.03 23.66
CA ASN N 196 7.46 -77.67 24.01
C ASN N 196 7.28 -78.66 25.14
N ARG N 197 6.48 -78.30 26.14
CA ARG N 197 6.24 -79.19 27.28
C ARG N 197 5.56 -80.48 26.84
N VAL N 198 4.52 -80.38 26.02
CA VAL N 198 3.79 -81.59 25.64
C VAL N 198 4.63 -82.46 24.71
N LEU N 199 5.38 -81.83 23.78
CA LEU N 199 6.25 -82.61 22.91
C LEU N 199 7.33 -83.32 23.71
N ALA N 200 7.93 -82.62 24.68
CA ALA N 200 8.94 -83.24 25.52
C ALA N 200 8.36 -84.40 26.33
N ALA N 201 7.14 -84.23 26.84
CA ALA N 201 6.50 -85.32 27.59
C ALA N 201 6.25 -86.53 26.69
N ALA N 202 5.81 -86.30 25.45
CA ALA N 202 5.57 -87.41 24.53
C ALA N 202 6.87 -88.14 24.20
N TYR N 203 7.94 -87.38 23.91
CA TYR N 203 9.23 -88.02 23.67
C TYR N 203 9.71 -88.79 24.90
N LEU N 204 9.47 -88.23 26.09
CA LEU N 204 9.92 -88.89 27.31
C LEU N 204 9.18 -90.20 27.55
N THR N 205 7.86 -90.23 27.33
CA THR N 205 7.14 -91.49 27.54
C THR N 205 7.51 -92.51 26.48
N LEU N 206 7.72 -92.07 25.23
CA LEU N 206 8.18 -93.00 24.20
C LEU N 206 9.53 -93.60 24.56
N ALA N 207 10.47 -92.76 25.00
CA ALA N 207 11.79 -93.25 25.38
C ALA N 207 11.72 -94.15 26.59
N ALA N 208 10.86 -93.83 27.55
CA ALA N 208 10.71 -94.67 28.74
C ALA N 208 10.19 -96.05 28.37
N GLU N 209 9.19 -96.11 27.47
CA GLU N 209 8.71 -97.41 27.03
C GLU N 209 9.81 -98.17 26.28
N LEU N 210 10.56 -97.48 25.42
CA LEU N 210 11.62 -98.15 24.68
C LEU N 210 12.68 -98.73 25.61
N LEU N 211 13.06 -97.97 26.63
CA LEU N 211 14.04 -98.46 27.60
C LEU N 211 13.48 -99.61 28.42
N GLU N 212 12.23 -99.51 28.86
CA GLU N 212 11.63 -100.56 29.67
C GLU N 212 11.51 -101.87 28.90
N ARG N 213 11.28 -101.79 27.59
CA ARG N 213 11.17 -103.01 26.79
C ARG N 213 12.46 -103.83 26.87
N LEU N 214 13.60 -103.19 27.01
CA LEU N 214 14.90 -103.87 27.06
C LEU N 214 15.25 -104.39 28.45
N GLY N 215 14.45 -104.08 29.47
CA GLY N 215 14.70 -104.57 30.81
C GLY N 215 15.30 -103.55 31.76
N LEU N 216 15.69 -102.37 31.26
CA LEU N 216 16.24 -101.32 32.12
C LEU N 216 15.10 -100.57 32.81
N THR N 217 14.49 -101.25 33.79
CA THR N 217 13.33 -100.71 34.47
C THR N 217 13.63 -99.45 35.28
N ALA N 218 14.78 -99.42 35.98
CA ALA N 218 15.12 -98.26 36.80
C ALA N 218 15.34 -97.02 35.96
N LEU N 219 16.01 -97.15 34.81
CA LEU N 219 16.21 -96.01 33.93
C LEU N 219 14.88 -95.49 33.41
N ALA N 220 13.98 -96.39 33.03
CA ALA N 220 12.65 -95.98 32.59
C ALA N 220 11.89 -95.26 33.70
N ALA N 221 12.02 -95.77 34.94
CA ALA N 221 11.38 -95.11 36.07
C ALA N 221 11.93 -93.70 36.28
N ARG N 222 13.24 -93.54 36.13
CA ARG N 222 13.84 -92.20 36.24
C ARG N 222 13.33 -91.29 35.15
N ILE N 223 13.17 -91.80 33.92
CA ILE N 223 12.64 -91.00 32.83
C ILE N 223 11.21 -90.57 33.12
N ARG N 224 10.39 -91.49 33.66
CA ARG N 224 9.02 -91.14 34.01
C ARG N 224 8.99 -90.11 35.13
N ARG N 225 9.88 -90.24 36.11
CA ARG N 225 9.97 -89.22 37.16
C ARG N 225 10.31 -87.86 36.58
N ALA N 226 11.26 -87.83 35.64
CA ALA N 226 11.62 -86.56 35.00
C ALA N 226 10.44 -85.97 34.23
N ARG N 227 9.68 -86.83 33.54
CA ARG N 227 8.50 -86.34 32.82
C ARG N 227 7.47 -85.77 33.77
N GLU N 228 7.23 -86.46 34.89
CA GLU N 228 6.24 -85.99 35.86
C GLU N 228 6.68 -84.67 36.49
N LEU N 229 7.96 -84.53 36.79
CA LEU N 229 8.46 -83.25 37.31
C LEU N 229 8.36 -82.15 36.26
N LEU N 230 8.56 -82.49 34.98
CA LEU N 230 8.40 -81.51 33.92
C LEU N 230 6.95 -81.03 33.81
N LEU N 231 6.00 -81.95 33.90
CA LEU N 231 4.59 -81.60 33.75
C LEU N 231 4.06 -80.80 34.94
N ALA N 232 4.77 -80.79 36.06
CA ALA N 232 4.34 -80.09 37.26
C ALA N 232 4.92 -78.69 37.38
N GLY N 233 5.64 -78.23 36.36
CA GLY N 233 6.27 -76.92 36.39
C GLY N 233 7.69 -76.89 36.89
N ARG N 234 8.19 -77.99 37.44
CA ARG N 234 9.56 -78.08 37.93
C ARG N 234 10.46 -78.42 36.75
N VAL N 235 10.96 -77.38 36.08
CA VAL N 235 11.65 -77.56 34.81
C VAL N 235 13.11 -77.95 35.03
N GLU N 236 13.83 -77.21 35.87
CA GLU N 236 15.27 -77.41 36.02
C GLU N 236 15.58 -78.77 36.66
N GLU N 237 14.78 -79.18 37.64
CA GLU N 237 15.00 -80.48 38.27
C GLU N 237 14.81 -81.61 37.27
N ALA N 238 13.76 -81.53 36.44
CA ALA N 238 13.56 -82.52 35.39
C ALA N 238 14.70 -82.48 34.38
N LEU N 239 15.20 -81.29 34.07
CA LEU N 239 16.32 -81.16 33.14
C LEU N 239 17.55 -81.89 33.68
N HIS N 240 17.88 -81.68 34.96
CA HIS N 240 19.06 -82.33 35.53
C HIS N 240 18.86 -83.84 35.65
N LEU N 241 17.65 -84.28 36.02
CA LEU N 241 17.38 -85.71 36.08
C LEU N 241 17.56 -86.34 34.71
N LEU N 242 17.06 -85.67 33.66
CA LEU N 242 17.21 -86.17 32.31
C LEU N 242 18.67 -86.20 31.88
N GLN N 243 19.43 -85.17 32.25
CA GLN N 243 20.86 -85.16 31.90
C GLN N 243 21.59 -86.32 32.56
N ASP N 244 21.31 -86.59 33.84
CA ASP N 244 21.94 -87.71 34.51
C ASP N 244 21.54 -89.04 33.87
N ALA N 245 20.26 -89.18 33.51
CA ALA N 245 19.82 -90.39 32.85
C ALA N 245 20.52 -90.56 31.51
N VAL N 246 20.69 -89.48 30.77
CA VAL N 246 21.37 -89.53 29.47
C VAL N 246 22.83 -89.92 29.64
N GLU N 247 23.50 -89.35 30.65
CA GLU N 247 24.89 -89.71 30.89
C GLU N 247 25.03 -91.20 31.21
N LEU N 248 24.16 -91.73 32.07
CA LEU N 248 24.24 -93.14 32.42
C LEU N 248 23.89 -94.01 31.21
N LEU N 249 22.94 -93.58 30.38
CA LEU N 249 22.63 -94.31 29.16
C LEU N 249 23.82 -94.33 28.21
N HIS N 250 24.54 -93.22 28.12
CA HIS N 250 25.76 -93.18 27.31
C HIS N 250 26.81 -94.14 27.85
N GLU N 251 26.95 -94.21 29.18
CA GLU N 251 27.86 -95.17 29.78
C GLU N 251 27.50 -96.59 29.37
N ARG N 252 26.22 -96.94 29.47
CA ARG N 252 25.78 -98.28 29.10
C ARG N 252 26.01 -98.54 27.61
N ILE N 253 25.71 -97.57 26.76
CA ILE N 253 25.84 -97.75 25.31
C ILE N 253 27.31 -97.97 24.94
N ARG N 254 28.20 -97.15 25.47
CA ARG N 254 29.62 -97.29 25.16
C ARG N 254 30.27 -98.47 25.85
N GLU N 255 29.64 -99.01 26.91
CA GLU N 255 30.13 -100.27 27.48
C GLU N 255 29.69 -101.45 26.62
N LEU N 256 28.49 -101.40 26.05
CA LEU N 256 28.02 -102.49 25.20
C LEU N 256 28.86 -102.62 23.93
N GLY N 257 29.21 -101.49 23.32
CA GLY N 257 29.99 -101.50 22.09
C GLY N 257 29.10 -101.35 20.87
N PHE N 258 29.39 -102.14 19.83
CA PHE N 258 28.61 -102.11 18.60
C PHE N 258 27.46 -103.11 18.60
N GLU N 259 27.31 -103.89 19.65
CA GLU N 259 26.21 -104.84 19.78
C GLU N 259 25.04 -104.26 20.55
N ALA N 260 24.95 -102.94 20.65
CA ALA N 260 23.85 -102.31 21.37
C ALA N 260 22.56 -102.45 20.58
N PRO N 261 21.50 -102.98 21.17
CA PRO N 261 20.21 -103.07 20.46
C PRO N 261 19.70 -101.70 20.06
N GLU N 262 18.91 -101.68 18.99
CA GLU N 262 18.39 -100.42 18.44
C GLU N 262 17.56 -99.65 19.46
N GLU N 263 17.02 -100.33 20.48
CA GLU N 263 16.24 -99.64 21.49
C GLU N 263 17.06 -98.58 22.21
N LEU N 264 18.31 -98.90 22.56
CA LEU N 264 19.16 -97.94 23.27
C LEU N 264 19.44 -96.71 22.41
N LEU N 265 19.77 -96.92 21.14
CA LEU N 265 20.08 -95.79 20.26
C LEU N 265 18.87 -94.91 20.02
N LEU N 266 17.71 -95.54 19.76
CA LEU N 266 16.50 -94.75 19.53
C LEU N 266 16.08 -93.99 20.78
N ALA N 267 16.19 -94.63 21.95
CA ALA N 267 15.90 -93.94 23.20
C ALA N 267 16.87 -92.78 23.43
N ASP N 268 18.14 -92.97 23.09
CA ASP N 268 19.11 -91.89 23.24
C ASP N 268 18.76 -90.71 22.35
N LEU N 269 18.38 -90.98 21.10
CA LEU N 269 17.99 -89.89 20.20
C LEU N 269 16.75 -89.17 20.72
N LEU N 270 15.75 -89.93 21.18
CA LEU N 270 14.55 -89.31 21.72
C LEU N 270 14.87 -88.47 22.96
N LEU N 271 15.76 -88.96 23.82
CA LEU N 271 16.15 -88.21 25.00
C LEU N 271 16.89 -86.94 24.64
N GLN N 272 17.72 -86.97 23.60
CA GLN N 272 18.39 -85.75 23.15
C GLN N 272 17.37 -84.73 22.64
N ARG N 273 16.39 -85.18 21.85
CA ARG N 273 15.36 -84.25 21.39
C ARG N 273 14.59 -83.67 22.57
N ALA N 274 14.26 -84.52 23.55
CA ALA N 274 13.58 -84.04 24.76
C ALA N 274 14.44 -83.04 25.52
N LEU N 275 15.74 -83.27 25.59
CA LEU N 275 16.64 -82.34 26.26
C LEU N 275 16.63 -80.98 25.57
N GLU N 276 16.72 -80.98 24.23
CA GLU N 276 16.69 -79.71 23.51
C GLU N 276 15.36 -79.00 23.73
N LEU N 277 14.25 -79.74 23.68
CA LEU N 277 12.94 -79.10 23.87
C LEU N 277 12.79 -78.53 25.27
N ILE N 278 13.25 -79.27 26.28
CA ILE N 278 13.15 -78.80 27.66
C ILE N 278 14.03 -77.58 27.88
N SER N 279 15.24 -77.59 27.31
CA SER N 279 16.13 -76.44 27.44
C SER N 279 15.53 -75.21 26.76
N SER N 280 14.82 -75.41 25.64
CA SER N 280 14.21 -74.28 24.94
C SER N 280 13.02 -73.69 25.70
N ILE N 281 12.50 -74.38 26.71
CA ILE N 281 11.39 -73.86 27.49
C ILE N 281 11.80 -72.62 28.27
N THR O 24 44.85 -103.00 -16.27
CA THR O 24 45.72 -102.25 -17.16
C THR O 24 45.95 -100.84 -16.60
N VAL O 25 44.99 -100.37 -15.81
CA VAL O 25 45.03 -99.10 -15.10
C VAL O 25 44.82 -97.92 -16.06
N GLU O 26 45.58 -97.87 -17.15
CA GLU O 26 45.40 -96.79 -18.12
C GLU O 26 44.02 -96.88 -18.77
N GLU O 27 43.66 -98.07 -19.26
CA GLU O 27 42.35 -98.27 -19.87
C GLU O 27 41.25 -97.82 -18.93
N GLU O 28 41.44 -98.01 -17.62
CA GLU O 28 40.51 -97.46 -16.65
C GLU O 28 40.44 -95.95 -16.77
N VAL O 29 41.56 -95.28 -17.05
CA VAL O 29 41.55 -93.82 -17.15
C VAL O 29 40.76 -93.35 -18.36
N ILE O 30 41.04 -93.93 -19.55
CA ILE O 30 40.30 -93.48 -20.72
C ILE O 30 38.83 -93.85 -20.60
N ARG O 31 38.52 -95.04 -20.07
CA ARG O 31 37.13 -95.42 -19.85
C ARG O 31 36.45 -94.48 -18.86
N PHE O 32 37.17 -94.05 -17.82
CA PHE O 32 36.61 -93.10 -16.88
C PHE O 32 36.24 -91.80 -17.57
N ALA O 33 37.15 -91.28 -18.40
CA ALA O 33 36.84 -90.03 -19.11
C ALA O 33 35.64 -90.17 -20.03
N GLU O 34 35.62 -91.24 -20.84
CA GLU O 34 34.52 -91.43 -21.77
C GLU O 34 33.20 -91.67 -21.05
N GLU O 35 33.21 -92.48 -20.00
CA GLU O 35 31.98 -92.73 -19.25
C GLU O 35 31.50 -91.48 -18.53
N LEU O 36 32.42 -90.64 -18.05
CA LEU O 36 32.01 -89.38 -17.44
C LEU O 36 31.33 -88.48 -18.46
N ALA O 37 31.89 -88.38 -19.66
CA ALA O 37 31.25 -87.57 -20.70
C ALA O 37 29.88 -88.14 -21.06
N GLU O 38 29.79 -89.47 -21.19
CA GLU O 38 28.51 -90.09 -21.52
C GLU O 38 27.50 -89.88 -20.40
N GLU O 39 27.95 -89.86 -19.15
CA GLU O 39 27.05 -89.61 -18.03
C GLU O 39 26.52 -88.18 -18.06
N ILE O 40 27.38 -87.21 -18.39
CA ILE O 40 26.89 -85.85 -18.56
C ILE O 40 25.84 -85.79 -19.66
N ARG O 41 26.12 -86.47 -20.79
CA ARG O 41 25.16 -86.49 -21.88
C ARG O 41 23.83 -87.12 -21.46
N ARG O 42 23.89 -88.21 -20.71
CA ARG O 42 22.67 -88.89 -20.27
C ARG O 42 21.87 -88.03 -19.30
N VAL O 43 22.54 -87.40 -18.34
CA VAL O 43 21.84 -86.61 -17.33
C VAL O 43 21.24 -85.36 -17.94
N THR O 44 21.98 -84.66 -18.79
CA THR O 44 21.54 -83.38 -19.32
C THR O 44 21.12 -83.43 -20.78
N GLY O 45 21.91 -84.05 -21.65
CA GLY O 45 21.60 -84.07 -23.06
C GLY O 45 22.53 -83.18 -23.87
N GLU O 46 21.97 -82.16 -24.52
CA GLU O 46 22.76 -81.21 -25.31
C GLU O 46 22.60 -79.79 -24.81
N ALA O 47 21.99 -79.59 -23.64
CA ALA O 47 21.93 -78.27 -23.04
C ALA O 47 23.25 -77.85 -22.44
N TYR O 48 24.07 -78.80 -21.98
CA TYR O 48 25.40 -78.54 -21.44
C TYR O 48 26.37 -79.39 -22.27
N ARG O 49 26.83 -78.83 -23.38
CA ARG O 49 27.74 -79.53 -24.28
C ARG O 49 29.18 -79.06 -24.17
N GLU O 50 29.41 -77.81 -23.76
CA GLU O 50 30.76 -77.33 -23.53
C GLU O 50 31.44 -78.13 -22.42
N TYR O 51 30.68 -78.52 -21.40
CA TYR O 51 31.24 -79.33 -20.32
C TYR O 51 31.69 -80.69 -20.83
N ALA O 52 30.88 -81.32 -21.70
CA ALA O 52 31.28 -82.60 -22.28
C ALA O 52 32.50 -82.43 -23.19
N GLU O 53 32.55 -81.32 -23.93
CA GLU O 53 33.73 -81.03 -24.74
C GLU O 53 34.98 -80.92 -23.87
N ALA O 54 34.88 -80.21 -22.76
CA ALA O 54 36.01 -80.06 -21.85
C ALA O 54 36.42 -81.40 -21.25
N VAL O 55 35.44 -82.24 -20.89
CA VAL O 55 35.77 -83.53 -20.30
C VAL O 55 36.47 -84.42 -21.33
N ARG O 56 36.01 -84.40 -22.59
CA ARG O 56 36.67 -85.19 -23.61
C ARG O 56 38.07 -84.67 -23.90
N HIS O 57 38.25 -83.34 -23.89
CA HIS O 57 39.58 -82.77 -24.05
C HIS O 57 40.51 -83.22 -22.92
N LEU O 58 40.02 -83.20 -21.68
CA LEU O 58 40.84 -83.64 -20.56
C LEU O 58 41.14 -85.13 -20.65
N GLY O 59 40.21 -85.94 -21.16
CA GLY O 59 40.51 -87.35 -21.41
C GLY O 59 41.60 -87.52 -22.44
N GLU O 60 41.56 -86.72 -23.50
CA GLU O 60 42.64 -86.76 -24.50
C GLU O 60 43.97 -86.35 -23.88
N ALA O 61 43.96 -85.33 -23.01
CA ALA O 61 45.18 -84.93 -22.32
C ALA O 61 45.71 -86.06 -21.44
N ALA O 62 44.82 -86.74 -20.72
CA ALA O 62 45.24 -87.87 -19.88
C ALA O 62 45.82 -88.99 -20.72
N LYS O 63 45.23 -89.24 -21.90
CA LYS O 63 45.80 -90.24 -22.80
C LYS O 63 47.18 -89.81 -23.30
N ALA O 64 47.36 -88.52 -23.55
CA ALA O 64 48.65 -88.02 -24.01
C ALA O 64 49.72 -88.15 -22.93
N VAL O 65 49.36 -87.87 -21.68
CA VAL O 65 50.32 -87.97 -20.58
C VAL O 65 50.86 -89.38 -20.46
N LEU O 66 49.97 -90.38 -20.55
CA LEU O 66 50.35 -91.76 -20.34
C LEU O 66 51.22 -92.32 -21.47
N GLU O 67 51.35 -91.60 -22.58
CA GLU O 67 52.16 -92.06 -23.69
C GLU O 67 53.57 -91.48 -23.69
N GLY O 68 53.80 -90.38 -22.97
CA GLY O 68 55.12 -89.81 -22.86
C GLY O 68 55.23 -88.36 -23.31
N ASN O 69 54.42 -87.98 -24.30
CA ASN O 69 54.45 -86.61 -24.80
C ASN O 69 53.86 -85.71 -23.74
N SER O 70 54.66 -84.79 -23.22
CA SER O 70 54.27 -83.94 -22.10
C SER O 70 53.89 -82.52 -22.49
N VAL O 71 54.12 -82.12 -23.74
CA VAL O 71 53.79 -80.75 -24.15
C VAL O 71 52.38 -80.66 -24.73
N GLU O 72 51.93 -81.71 -25.42
CA GLU O 72 50.55 -81.75 -25.89
C GLU O 72 49.58 -81.73 -24.72
N ALA O 73 49.96 -82.33 -23.59
CA ALA O 73 49.15 -82.22 -22.38
C ALA O 73 49.00 -80.77 -21.95
N ASP O 74 50.09 -80.01 -21.95
CA ASP O 74 50.00 -78.59 -21.59
C ASP O 74 49.12 -77.83 -22.55
N LEU O 75 49.27 -78.10 -23.86
CA LEU O 75 48.45 -77.40 -24.85
C LEU O 75 46.97 -77.72 -24.66
N ILE O 76 46.64 -78.98 -24.39
CA ILE O 76 45.24 -79.37 -24.22
C ILE O 76 44.68 -78.78 -22.92
N VAL O 77 45.50 -78.72 -21.86
CA VAL O 77 45.02 -78.12 -20.62
C VAL O 77 44.76 -76.63 -20.82
N THR O 78 45.61 -75.96 -21.61
CA THR O 78 45.35 -74.54 -21.91
C THR O 78 44.08 -74.38 -22.74
N ASP O 79 43.83 -75.30 -23.68
CA ASP O 79 42.59 -75.26 -24.44
C ASP O 79 41.38 -75.41 -23.52
N VAL O 80 41.46 -76.34 -22.57
CA VAL O 80 40.37 -76.52 -21.60
C VAL O 80 40.21 -75.26 -20.75
N LEU O 81 41.32 -74.62 -20.39
CA LEU O 81 41.25 -73.39 -19.63
C LEU O 81 40.53 -72.30 -20.41
N ARG O 82 40.82 -72.17 -21.70
CA ARG O 82 40.09 -71.22 -22.53
C ARG O 82 38.61 -71.55 -22.61
N LEU O 83 38.28 -72.84 -22.75
CA LEU O 83 36.87 -73.24 -22.82
C LEU O 83 36.14 -72.87 -21.53
N LEU O 84 36.75 -73.16 -20.38
CA LEU O 84 36.11 -72.84 -19.10
C LEU O 84 36.06 -71.34 -18.86
N GLU O 85 37.04 -70.59 -19.37
CA GLU O 85 36.98 -69.13 -19.27
C GLU O 85 35.83 -68.59 -20.11
N ARG O 86 35.57 -69.18 -21.27
CA ARG O 86 34.41 -68.80 -22.06
C ARG O 86 33.11 -69.18 -21.36
N ILE O 87 33.10 -70.32 -20.67
CA ILE O 87 31.89 -70.76 -19.97
C ILE O 87 31.51 -69.75 -18.88
N GLY O 88 32.47 -69.39 -18.03
CA GLY O 88 32.23 -68.39 -17.02
C GLY O 88 31.99 -68.93 -15.62
N GLU O 89 32.76 -69.91 -15.19
CA GLU O 89 32.69 -70.48 -13.84
C GLU O 89 34.00 -70.15 -13.13
N GLU O 90 33.94 -69.21 -12.18
CA GLU O 90 35.15 -68.68 -11.57
C GLU O 90 35.93 -69.76 -10.83
N GLY O 91 35.24 -70.57 -10.04
CA GLY O 91 35.93 -71.65 -9.33
C GLY O 91 36.54 -72.66 -10.29
N LEU O 92 35.82 -72.98 -11.36
CA LEU O 92 36.33 -73.94 -12.33
C LEU O 92 37.58 -73.41 -13.04
N VAL O 93 37.59 -72.13 -13.42
CA VAL O 93 38.77 -71.58 -14.09
C VAL O 93 39.93 -71.45 -13.11
N LYS O 94 39.64 -71.14 -11.84
CA LYS O 94 40.70 -71.10 -10.84
C LYS O 94 41.35 -72.47 -10.69
N LEU O 95 40.53 -73.51 -10.56
CA LEU O 95 41.07 -74.87 -10.48
C LEU O 95 41.82 -75.23 -11.76
N ALA O 96 41.34 -74.76 -12.91
CA ALA O 96 42.02 -75.04 -14.17
C ALA O 96 43.41 -74.41 -14.21
N ARG O 97 43.52 -73.15 -13.75
CA ARG O 97 44.83 -72.50 -13.71
C ARG O 97 45.78 -73.23 -12.76
N GLU O 98 45.28 -73.60 -11.58
CA GLU O 98 46.13 -74.31 -10.62
C GLU O 98 46.58 -75.66 -11.18
N VAL O 99 45.67 -76.39 -11.83
CA VAL O 99 46.03 -77.66 -12.44
C VAL O 99 47.05 -77.45 -13.55
N HIS O 100 46.87 -76.40 -14.35
CA HIS O 100 47.83 -76.09 -15.41
C HIS O 100 49.23 -75.92 -14.85
N GLU O 101 49.37 -75.06 -13.85
CA GLU O 101 50.69 -74.78 -13.29
C GLU O 101 51.30 -76.03 -12.66
N ARG O 102 50.54 -76.69 -11.77
CA ARG O 102 51.09 -77.84 -11.06
C ARG O 102 51.42 -78.98 -12.02
N SER O 103 50.53 -79.24 -12.99
CA SER O 103 50.78 -80.31 -13.95
C SER O 103 52.00 -80.02 -14.80
N PHE O 104 52.16 -78.76 -15.24
CA PHE O 104 53.36 -78.41 -16.00
C PHE O 104 54.61 -78.67 -15.19
N GLU O 105 54.65 -78.19 -13.94
CA GLU O 105 55.85 -78.36 -13.13
C GLU O 105 56.14 -79.83 -12.86
N LEU O 106 55.11 -80.61 -12.52
CA LEU O 106 55.30 -82.02 -12.21
C LEU O 106 55.72 -82.82 -13.44
N LEU O 107 55.12 -82.53 -14.59
CA LEU O 107 55.49 -83.22 -15.82
C LEU O 107 56.92 -82.88 -16.24
N ARG O 108 57.34 -81.62 -16.02
CA ARG O 108 58.74 -81.29 -16.25
C ARG O 108 59.64 -82.07 -15.32
N LYS O 109 59.28 -82.15 -14.04
CA LYS O 109 60.08 -82.93 -13.09
C LYS O 109 59.98 -84.42 -13.38
N GLY O 110 58.79 -84.93 -13.63
CA GLY O 110 58.63 -86.33 -13.97
C GLY O 110 57.54 -87.05 -13.19
N ASN O 111 56.72 -86.30 -12.45
CA ASN O 111 55.64 -86.89 -11.66
C ASN O 111 54.42 -87.09 -12.54
N ARG O 112 54.41 -88.21 -13.26
CA ARG O 112 53.31 -88.52 -14.16
C ARG O 112 52.01 -88.73 -13.39
N VAL O 113 52.08 -89.47 -12.27
CA VAL O 113 50.87 -89.91 -11.58
C VAL O 113 50.12 -88.72 -10.99
N GLU O 114 50.83 -87.77 -10.40
CA GLU O 114 50.15 -86.62 -9.80
C GLU O 114 49.52 -85.72 -10.86
N ALA O 115 50.19 -85.55 -12.01
CA ALA O 115 49.58 -84.80 -13.10
C ALA O 115 48.31 -85.49 -13.60
N LEU O 116 48.36 -86.82 -13.73
CA LEU O 116 47.16 -87.57 -14.11
C LEU O 116 46.05 -87.35 -13.09
N ALA O 117 46.40 -87.38 -11.80
CA ALA O 117 45.39 -87.19 -10.75
C ALA O 117 44.77 -85.80 -10.84
N LEU O 118 45.59 -84.78 -11.09
CA LEU O 118 45.06 -83.42 -11.22
C LEU O 118 44.14 -83.30 -12.44
N ILE O 119 44.52 -83.92 -13.56
CA ILE O 119 43.67 -83.88 -14.75
C ILE O 119 42.33 -84.55 -14.48
N LEU O 120 42.36 -85.72 -13.83
CA LEU O 120 41.12 -86.42 -13.52
C LEU O 120 40.27 -85.62 -12.54
N ALA O 121 40.90 -84.98 -11.56
CA ALA O 121 40.15 -84.15 -10.62
C ALA O 121 39.48 -82.99 -11.33
N LEU O 122 40.18 -82.35 -12.27
CA LEU O 122 39.56 -81.26 -13.03
C LEU O 122 38.38 -81.76 -13.86
N ALA O 123 38.53 -82.92 -14.50
CA ALA O 123 37.44 -83.49 -15.29
C ALA O 123 36.22 -83.77 -14.42
N LEU O 124 36.45 -84.37 -13.25
CA LEU O 124 35.35 -84.66 -12.35
C LEU O 124 34.70 -83.37 -11.85
N ALA O 125 35.51 -82.35 -11.58
CA ALA O 125 34.95 -81.08 -11.12
C ALA O 125 34.04 -80.47 -12.18
N VAL O 126 34.46 -80.50 -13.45
CA VAL O 126 33.62 -79.96 -14.52
C VAL O 126 32.33 -80.76 -14.64
N ALA O 127 32.45 -82.09 -14.61
CA ALA O 127 31.26 -82.93 -14.74
C ALA O 127 30.27 -82.70 -13.61
N LEU O 128 30.77 -82.64 -12.37
CA LEU O 128 29.90 -82.45 -11.22
C LEU O 128 29.28 -81.05 -11.23
N THR O 129 30.04 -80.05 -11.68
CA THR O 129 29.47 -78.70 -11.80
C THR O 129 28.31 -78.69 -12.79
N ALA O 130 28.50 -79.32 -13.95
CA ALA O 130 27.42 -79.37 -14.93
C ALA O 130 26.20 -80.10 -14.39
N VAL O 131 26.42 -81.27 -13.78
CA VAL O 131 25.31 -82.06 -13.28
C VAL O 131 24.56 -81.32 -12.18
N SER O 132 25.29 -80.69 -11.25
CA SER O 132 24.65 -79.97 -10.16
C SER O 132 23.87 -78.77 -10.69
N LYS O 133 24.43 -78.06 -11.68
CA LYS O 133 23.71 -76.94 -12.26
C LYS O 133 22.40 -77.40 -12.91
N ALA O 134 22.46 -78.51 -13.65
CA ALA O 134 21.25 -79.04 -14.28
C ALA O 134 20.23 -79.46 -13.22
N PHE O 135 20.68 -80.14 -12.17
CA PHE O 135 19.77 -80.61 -11.13
C PHE O 135 19.11 -79.44 -10.40
N PHE O 136 19.87 -78.39 -10.10
CA PHE O 136 19.26 -77.23 -9.45
C PHE O 136 18.31 -76.50 -10.38
N LEU O 137 18.66 -76.37 -11.66
CA LEU O 137 17.77 -75.69 -12.61
C LEU O 137 16.46 -76.44 -12.76
N LEU O 138 16.50 -77.77 -12.82
CA LEU O 138 15.27 -78.55 -12.89
C LEU O 138 14.41 -78.34 -11.65
N GLY O 139 15.04 -78.35 -10.47
CA GLY O 139 14.32 -78.21 -9.23
C GLY O 139 14.38 -79.45 -8.36
N GLN O 140 15.37 -80.29 -8.63
CA GLN O 140 15.48 -81.56 -7.92
C GLN O 140 15.86 -81.33 -6.46
N PRO O 141 15.47 -82.24 -5.58
CA PRO O 141 15.86 -82.11 -4.16
C PRO O 141 17.33 -82.48 -3.97
N ALA O 142 17.82 -82.18 -2.76
CA ALA O 142 19.23 -82.33 -2.45
C ALA O 142 19.67 -83.78 -2.34
N ARG O 143 18.73 -84.71 -2.14
CA ARG O 143 19.10 -86.11 -1.89
C ARG O 143 19.83 -86.70 -3.09
N LEU O 144 19.24 -86.59 -4.28
CA LEU O 144 19.84 -87.19 -5.47
C LEU O 144 21.16 -86.53 -5.82
N ILE O 145 21.25 -85.20 -5.64
CA ILE O 145 22.51 -84.50 -5.86
C ILE O 145 23.59 -85.06 -4.94
N ALA O 146 23.25 -85.24 -3.66
CA ALA O 146 24.22 -85.76 -2.70
C ALA O 146 24.66 -87.17 -3.08
N GLU O 147 23.71 -88.04 -3.44
CA GLU O 147 24.09 -89.41 -3.79
C GLU O 147 24.95 -89.44 -5.04
N TYR O 148 24.61 -88.65 -6.06
CA TYR O 148 25.41 -88.65 -7.28
C TYR O 148 26.81 -88.13 -7.03
N VAL O 149 26.93 -87.03 -6.26
CA VAL O 149 28.25 -86.49 -5.95
C VAL O 149 29.07 -87.51 -5.17
N GLY O 150 28.46 -88.16 -4.18
CA GLY O 150 29.19 -89.18 -3.44
C GLY O 150 29.64 -90.34 -4.30
N GLU O 151 28.77 -90.81 -5.19
CA GLU O 151 29.14 -91.92 -6.07
C GLU O 151 30.29 -91.54 -6.99
N LYS O 152 30.23 -90.34 -7.59
CA LYS O 152 31.30 -89.91 -8.48
C LYS O 152 32.62 -89.74 -7.73
N LEU O 153 32.57 -89.17 -6.52
CA LEU O 153 33.78 -89.04 -5.72
C LEU O 153 34.34 -90.40 -5.36
N LEU O 154 33.47 -91.37 -5.07
CA LEU O 154 33.93 -92.72 -4.78
C LEU O 154 34.62 -93.34 -5.98
N GLU O 155 34.05 -93.17 -7.18
CA GLU O 155 34.69 -93.70 -8.38
C GLU O 155 36.06 -93.07 -8.60
N LEU O 156 36.14 -91.74 -8.44
CA LEU O 156 37.44 -91.07 -8.60
C LEU O 156 38.44 -91.57 -7.57
N ARG O 157 38.00 -91.75 -6.32
CA ARG O 157 38.91 -92.23 -5.28
C ARG O 157 39.42 -93.62 -5.59
N ARG O 158 38.54 -94.52 -6.05
CA ARG O 158 38.99 -95.85 -6.43
C ARG O 158 39.98 -95.80 -7.58
N LEU O 159 39.71 -94.96 -8.58
CA LEU O 159 40.63 -94.85 -9.72
C LEU O 159 41.99 -94.34 -9.26
N LEU O 160 42.02 -93.29 -8.43
CA LEU O 160 43.28 -92.73 -7.97
C LEU O 160 44.04 -93.74 -7.11
N GLU O 161 43.34 -94.47 -6.24
CA GLU O 161 44.00 -95.49 -5.43
C GLU O 161 44.58 -96.59 -6.31
N LYS O 162 43.88 -96.96 -7.38
CA LYS O 162 44.43 -97.93 -8.33
C LYS O 162 45.67 -97.38 -9.02
N LEU O 163 45.66 -96.08 -9.32
CA LEU O 163 46.83 -95.47 -9.99
C LEU O 163 48.06 -95.49 -9.09
N GLY O 164 47.92 -95.03 -7.85
CA GLY O 164 49.04 -95.04 -6.93
C GLY O 164 49.23 -93.76 -6.16
N VAL O 165 48.30 -92.82 -6.32
CA VAL O 165 48.41 -91.53 -5.61
C VAL O 165 48.27 -91.77 -4.11
N PRO O 166 49.11 -91.16 -3.27
CA PRO O 166 48.95 -91.35 -1.82
C PRO O 166 47.62 -90.80 -1.33
N LEU O 167 47.11 -91.42 -0.26
CA LEU O 167 45.77 -91.11 0.23
C LEU O 167 45.58 -89.65 0.61
N PRO O 168 46.47 -89.00 1.38
CA PRO O 168 46.22 -87.59 1.73
C PRO O 168 46.05 -86.69 0.53
N GLU O 169 46.84 -86.90 -0.53
CA GLU O 169 46.70 -86.08 -1.73
C GLU O 169 45.37 -86.35 -2.43
N VAL O 170 44.93 -87.61 -2.44
CA VAL O 170 43.63 -87.95 -3.00
C VAL O 170 42.53 -87.21 -2.26
N ILE O 171 42.58 -87.23 -0.92
CA ILE O 171 41.56 -86.56 -0.14
C ILE O 171 41.60 -85.05 -0.37
N ALA O 172 42.80 -84.47 -0.46
CA ALA O 172 42.91 -83.04 -0.72
C ALA O 172 42.30 -82.69 -2.07
N LEU O 173 42.54 -83.51 -3.09
CA LEU O 173 41.92 -83.28 -4.39
C LEU O 173 40.40 -83.40 -4.31
N LEU O 174 39.89 -84.36 -3.54
CA LEU O 174 38.45 -84.52 -3.42
C LEU O 174 37.80 -83.31 -2.76
N LEU O 175 38.42 -82.79 -1.69
CA LEU O 175 37.89 -81.55 -1.10
C LEU O 175 38.08 -80.34 -2.01
N ARG O 176 39.10 -80.34 -2.86
CA ARG O 176 39.21 -79.27 -3.86
C ARG O 176 38.03 -79.31 -4.82
N VAL O 177 37.69 -80.50 -5.32
CA VAL O 177 36.54 -80.66 -6.19
C VAL O 177 35.25 -80.24 -5.47
N LEU O 178 35.12 -80.66 -4.22
CA LEU O 178 33.93 -80.31 -3.44
C LEU O 178 33.84 -78.81 -3.21
N GLU O 179 34.98 -78.14 -3.00
CA GLU O 179 35.00 -76.70 -2.84
C GLU O 179 34.55 -76.02 -4.13
N VAL O 180 35.02 -76.52 -5.27
CA VAL O 180 34.59 -75.96 -6.55
C VAL O 180 33.08 -76.10 -6.72
N VAL O 181 32.55 -77.29 -6.42
CA VAL O 181 31.11 -77.53 -6.56
C VAL O 181 30.33 -76.63 -5.62
N GLU O 182 30.79 -76.49 -4.38
CA GLU O 182 30.11 -75.65 -3.40
C GLU O 182 30.11 -74.19 -3.83
N GLU O 183 31.24 -73.71 -4.36
CA GLU O 183 31.31 -72.33 -4.83
C GLU O 183 30.34 -72.11 -5.99
N SER O 184 30.29 -73.06 -6.92
CA SER O 184 29.35 -72.97 -8.03
C SER O 184 27.91 -72.93 -7.54
N LEU O 185 27.58 -73.80 -6.58
CA LEU O 185 26.22 -73.85 -6.04
C LEU O 185 25.86 -72.54 -5.34
N LYS O 186 26.77 -71.99 -4.55
CA LYS O 186 26.50 -70.73 -3.87
C LYS O 186 26.30 -69.60 -4.87
N ALA O 187 27.15 -69.53 -5.90
CA ALA O 187 27.05 -68.46 -6.88
C ALA O 187 25.80 -68.60 -7.75
N MET O 188 25.33 -69.83 -7.97
CA MET O 188 24.19 -70.03 -8.85
C MET O 188 22.88 -69.56 -8.23
N GLY O 189 22.71 -69.75 -6.92
CA GLY O 189 21.52 -69.25 -6.26
C GLY O 189 20.92 -70.15 -5.19
N MET O 190 21.53 -71.31 -4.95
CA MET O 190 21.01 -72.22 -3.94
C MET O 190 21.06 -71.60 -2.56
N GLU O 191 20.06 -71.93 -1.74
CA GLU O 191 20.05 -71.49 -0.35
C GLU O 191 21.14 -72.22 0.43
N PRO O 192 21.79 -71.54 1.38
CA PRO O 192 22.94 -72.14 2.07
C PRO O 192 22.66 -73.48 2.74
N ARG O 193 21.44 -73.69 3.26
CA ARG O 193 21.17 -74.91 4.01
C ARG O 193 21.30 -76.16 3.14
N GLU O 194 20.77 -76.11 1.91
CA GLU O 194 20.87 -77.26 1.02
C GLU O 194 22.31 -77.53 0.61
N ILE O 195 23.10 -76.48 0.36
CA ILE O 195 24.51 -76.65 0.04
C ILE O 195 25.24 -77.32 1.21
N ASN O 196 24.97 -76.85 2.42
CA ASN O 196 25.58 -77.46 3.60
C ASN O 196 25.17 -78.93 3.72
N ARG O 197 23.89 -79.22 3.44
CA ARG O 197 23.41 -80.59 3.53
C ARG O 197 24.13 -81.51 2.54
N VAL O 198 24.26 -81.07 1.29
CA VAL O 198 24.89 -81.93 0.28
C VAL O 198 26.37 -82.09 0.56
N LEU O 199 27.04 -81.01 0.98
CA LEU O 199 28.46 -81.13 1.33
C LEU O 199 28.66 -82.07 2.50
N ALA O 200 27.81 -81.97 3.52
CA ALA O 200 27.92 -82.86 4.67
C ALA O 200 27.66 -84.31 4.26
N ALA O 201 26.71 -84.54 3.37
CA ALA O 201 26.45 -85.90 2.90
C ALA O 201 27.65 -86.46 2.14
N ALA O 202 28.28 -85.64 1.29
CA ALA O 202 29.45 -86.08 0.55
C ALA O 202 30.61 -86.41 1.50
N TYR O 203 30.84 -85.55 2.48
CA TYR O 203 31.88 -85.83 3.48
C TYR O 203 31.57 -87.10 4.25
N LEU O 204 30.29 -87.31 4.58
CA LEU O 204 29.91 -88.48 5.36
C LEU O 204 30.12 -89.77 4.57
N THR O 205 29.76 -89.79 3.28
CA THR O 205 29.96 -90.99 2.51
C THR O 205 31.45 -91.25 2.27
N LEU O 206 32.24 -90.19 2.06
CA LEU O 206 33.68 -90.37 1.93
C LEU O 206 34.28 -90.95 3.20
N ALA O 207 33.90 -90.41 4.36
CA ALA O 207 34.43 -90.92 5.62
C ALA O 207 33.96 -92.34 5.89
N ALA O 208 32.71 -92.65 5.54
CA ALA O 208 32.21 -94.01 5.72
C ALA O 208 32.98 -95.00 4.89
N GLU O 209 33.27 -94.66 3.63
CA GLU O 209 34.09 -95.54 2.80
C GLU O 209 35.48 -95.70 3.38
N LEU O 210 36.07 -94.60 3.85
CA LEU O 210 37.41 -94.67 4.42
C LEU O 210 37.44 -95.58 5.65
N LEU O 211 36.44 -95.46 6.52
CA LEU O 211 36.38 -96.32 7.70
C LEU O 211 36.14 -97.78 7.31
N GLU O 212 35.23 -98.02 6.36
CA GLU O 212 34.94 -99.39 5.95
C GLU O 212 36.14 -100.08 5.33
N ARG O 213 36.99 -99.32 4.64
CA ARG O 213 38.19 -99.91 4.05
C ARG O 213 39.08 -100.53 5.12
N LEU O 214 39.09 -99.96 6.33
CA LEU O 214 39.93 -100.44 7.42
C LEU O 214 39.31 -101.58 8.20
N GLY O 215 38.06 -101.95 7.90
CA GLY O 215 37.40 -103.05 8.58
C GLY O 215 36.37 -102.65 9.62
N LEU O 216 36.33 -101.37 10.01
CA LEU O 216 35.35 -100.89 10.98
C LEU O 216 34.01 -100.72 10.30
N THR O 217 33.38 -101.87 9.98
CA THR O 217 32.14 -101.87 9.23
C THR O 217 30.97 -101.30 10.04
N ALA O 218 30.91 -101.55 11.35
CA ALA O 218 29.81 -101.03 12.15
C ALA O 218 29.87 -99.51 12.27
N LEU O 219 31.08 -98.96 12.44
CA LEU O 219 31.22 -97.51 12.47
C LEU O 219 30.80 -96.89 11.14
N ALA O 220 31.19 -97.52 10.03
CA ALA O 220 30.77 -97.03 8.71
C ALA O 220 29.25 -97.10 8.57
N ALA O 221 28.63 -98.18 9.06
CA ALA O 221 27.18 -98.30 9.02
C ALA O 221 26.52 -97.19 9.82
N ARG O 222 27.07 -96.86 10.99
CA ARG O 222 26.53 -95.76 11.78
C ARG O 222 26.68 -94.43 11.04
N ILE O 223 27.80 -94.22 10.37
CA ILE O 223 27.99 -92.99 9.60
C ILE O 223 26.97 -92.90 8.46
N ARG O 224 26.72 -94.02 7.77
CA ARG O 224 25.73 -94.03 6.71
C ARG O 224 24.32 -93.77 7.26
N ARG O 225 24.01 -94.34 8.43
CA ARG O 225 22.73 -94.05 9.07
C ARG O 225 22.60 -92.56 9.39
N ALA O 226 23.67 -91.95 9.89
CA ALA O 226 23.64 -90.52 10.17
C ALA O 226 23.42 -89.72 8.91
N ARG O 227 24.08 -90.10 7.81
CA ARG O 227 23.88 -89.40 6.54
C ARG O 227 22.45 -89.53 6.07
N GLU O 228 21.87 -90.73 6.16
CA GLU O 228 20.50 -90.95 5.71
C GLU O 228 19.51 -90.14 6.55
N LEU O 229 19.74 -90.07 7.87
CA LEU O 229 18.88 -89.23 8.70
C LEU O 229 19.06 -87.75 8.38
N LEU O 230 20.28 -87.34 8.03
CA LEU O 230 20.50 -85.94 7.64
C LEU O 230 19.75 -85.61 6.36
N LEU O 231 19.78 -86.51 5.37
CA LEU O 231 19.13 -86.23 4.09
C LEU O 231 17.61 -86.25 4.17
N ALA O 232 17.04 -86.80 5.25
CA ALA O 232 15.59 -86.89 5.40
C ALA O 232 15.01 -85.74 6.20
N GLY O 233 15.82 -84.74 6.55
CA GLY O 233 15.37 -83.61 7.32
C GLY O 233 15.57 -83.73 8.82
N ARG O 234 15.91 -84.92 9.31
CA ARG O 234 16.16 -85.15 10.74
C ARG O 234 17.59 -84.70 11.04
N VAL O 235 17.74 -83.44 11.42
CA VAL O 235 19.07 -82.84 11.55
C VAL O 235 19.69 -83.18 12.90
N GLU O 236 18.95 -82.96 13.99
CA GLU O 236 19.53 -83.12 15.32
C GLU O 236 19.87 -84.56 15.63
N GLU O 237 19.02 -85.51 15.20
CA GLU O 237 19.32 -86.92 15.42
C GLU O 237 20.59 -87.34 14.69
N ALA O 238 20.75 -86.89 13.44
CA ALA O 238 21.97 -87.17 12.71
C ALA O 238 23.16 -86.53 13.38
N LEU O 239 22.99 -85.30 13.88
CA LEU O 239 24.07 -84.63 14.58
C LEU O 239 24.54 -85.44 15.79
N HIS O 240 23.60 -85.92 16.61
CA HIS O 240 23.99 -86.67 17.80
C HIS O 240 24.60 -88.02 17.43
N LEU O 241 24.05 -88.69 16.42
CA LEU O 241 24.65 -89.95 15.98
C LEU O 241 26.08 -89.72 15.51
N LEU O 242 26.31 -88.65 14.76
CA LEU O 242 27.64 -88.33 14.28
C LEU O 242 28.58 -88.01 15.43
N GLN O 243 28.10 -87.27 16.44
CA GLN O 243 28.94 -86.96 17.58
C GLN O 243 29.33 -88.22 18.35
N ASP O 244 28.38 -89.14 18.54
CA ASP O 244 28.72 -90.40 19.20
C ASP O 244 29.73 -91.19 18.40
N ALA O 245 29.56 -91.24 17.08
CA ALA O 245 30.53 -91.92 16.23
C ALA O 245 31.91 -91.27 16.34
N VAL O 246 31.95 -89.94 16.40
CA VAL O 246 33.21 -89.22 16.53
C VAL O 246 33.89 -89.57 17.85
N GLU O 247 33.13 -89.60 18.94
CA GLU O 247 33.71 -89.96 20.24
C GLU O 247 34.27 -91.38 20.22
N LEU O 248 33.53 -92.33 19.63
CA LEU O 248 34.02 -93.70 19.57
C LEU O 248 35.28 -93.80 18.69
N LEU O 249 35.30 -93.06 17.58
CA LEU O 249 36.48 -93.03 16.74
C LEU O 249 37.68 -92.44 17.47
N HIS O 250 37.45 -91.39 18.26
CA HIS O 250 38.52 -90.81 19.06
C HIS O 250 39.04 -91.81 20.08
N GLU O 251 38.12 -92.57 20.71
CA GLU O 251 38.53 -93.62 21.64
C GLU O 251 39.44 -94.63 20.95
N ARG O 252 39.03 -95.10 19.77
CA ARG O 252 39.85 -96.06 19.04
C ARG O 252 41.20 -95.47 18.66
N ILE O 253 41.21 -94.22 18.19
CA ILE O 253 42.45 -93.59 17.72
C ILE O 253 43.42 -93.44 18.88
N ARG O 254 42.95 -92.95 20.02
CA ARG O 254 43.82 -92.78 21.18
C ARG O 254 44.16 -94.10 21.85
N GLU O 255 43.40 -95.17 21.59
CA GLU O 255 43.81 -96.49 22.06
C GLU O 255 44.94 -97.05 21.19
N LEU O 256 44.89 -96.82 19.89
CA LEU O 256 45.93 -97.33 19.01
C LEU O 256 47.26 -96.63 19.25
N GLY O 257 47.23 -95.32 19.47
CA GLY O 257 48.46 -94.56 19.72
C GLY O 257 48.95 -93.87 18.45
N PHE O 258 50.26 -93.95 18.21
CA PHE O 258 50.87 -93.34 17.04
C PHE O 258 50.96 -94.29 15.85
N GLU O 259 50.50 -95.52 15.99
CA GLU O 259 50.47 -96.47 14.89
C GLU O 259 49.11 -96.50 14.18
N ALA O 260 48.31 -95.45 14.36
CA ALA O 260 47.01 -95.39 13.72
C ALA O 260 47.15 -95.19 12.22
N PRO O 261 46.55 -96.03 11.39
CA PRO O 261 46.62 -95.82 9.95
C PRO O 261 46.01 -94.48 9.55
N GLU O 262 46.50 -93.94 8.42
CA GLU O 262 46.05 -92.64 7.96
C GLU O 262 44.56 -92.60 7.69
N GLU O 263 43.93 -93.76 7.47
CA GLU O 263 42.49 -93.79 7.22
C GLU O 263 41.71 -93.22 8.39
N LEU O 264 42.10 -93.59 9.62
CA LEU O 264 41.38 -93.09 10.79
C LEU O 264 41.51 -91.58 10.94
N LEU O 265 42.73 -91.05 10.73
CA LEU O 265 42.92 -89.61 10.87
C LEU O 265 42.16 -88.83 9.80
N LEU O 266 42.21 -89.31 8.55
CA LEU O 266 41.49 -88.63 7.48
C LEU O 266 39.98 -88.70 7.70
N ALA O 267 39.48 -89.86 8.16
CA ALA O 267 38.07 -89.98 8.47
C ALA O 267 37.67 -89.06 9.61
N ASP O 268 38.54 -88.92 10.62
CA ASP O 268 38.24 -88.01 11.72
C ASP O 268 38.15 -86.57 11.25
N LEU O 269 39.08 -86.15 10.38
CA LEU O 269 39.02 -84.79 9.85
C LEU O 269 37.75 -84.57 9.03
N LEU O 270 37.40 -85.54 8.18
CA LEU O 270 36.18 -85.43 7.39
C LEU O 270 34.95 -85.37 8.28
N LEU O 271 34.93 -86.17 9.34
CA LEU O 271 33.79 -86.16 10.26
C LEU O 271 33.69 -84.84 11.00
N GLN O 272 34.83 -84.23 11.35
CA GLN O 272 34.78 -82.91 11.98
C GLN O 272 34.23 -81.86 11.03
N ARG O 273 34.65 -81.89 9.77
CA ARG O 273 34.09 -80.95 8.79
C ARG O 273 32.58 -81.17 8.62
N ALA O 274 32.16 -82.45 8.58
CA ALA O 274 30.74 -82.75 8.51
C ALA O 274 29.99 -82.24 9.74
N LEU O 275 30.60 -82.39 10.92
CA LEU O 275 30.00 -81.87 12.15
C LEU O 275 29.79 -80.36 12.04
N GLU O 276 30.82 -79.64 11.61
CA GLU O 276 30.70 -78.19 11.48
C GLU O 276 29.62 -77.81 10.49
N LEU O 277 29.57 -78.49 9.33
CA LEU O 277 28.58 -78.17 8.32
C LEU O 277 27.17 -78.45 8.80
N ILE O 278 26.98 -79.58 9.50
CA ILE O 278 25.65 -79.93 10.00
C ILE O 278 25.23 -78.95 11.09
N SER O 279 26.16 -78.55 11.96
CA SER O 279 25.83 -77.59 13.00
C SER O 279 25.45 -76.24 12.40
N SER O 280 26.13 -75.83 11.33
CA SER O 280 25.82 -74.56 10.69
C SER O 280 24.49 -74.57 9.94
N ILE O 281 23.87 -75.73 9.77
CA ILE O 281 22.59 -75.81 9.06
C ILE O 281 21.51 -75.09 9.86
N THR P 24 25.21 2.62 110.72
CA THR P 24 25.51 4.00 110.38
C THR P 24 24.63 4.49 109.23
N VAL P 25 24.17 3.56 108.41
CA VAL P 25 23.21 3.79 107.32
C VAL P 25 23.83 4.58 106.17
N GLU P 26 24.42 5.75 106.46
CA GLU P 26 24.98 6.55 105.39
C GLU P 26 26.15 5.85 104.71
N GLU P 27 27.12 5.40 105.51
CA GLU P 27 28.26 4.67 104.95
C GLU P 27 27.79 3.48 104.13
N GLU P 28 26.68 2.86 104.50
CA GLU P 28 26.07 1.86 103.64
C GLU P 28 25.72 2.44 102.28
N VAL P 29 25.26 3.69 102.24
CA VAL P 29 24.87 4.28 100.95
C VAL P 29 26.11 4.53 100.07
N ILE P 30 27.14 5.17 100.63
CA ILE P 30 28.32 5.42 99.79
C ILE P 30 29.00 4.11 99.40
N ARG P 31 29.08 3.16 100.32
CA ARG P 31 29.63 1.85 99.97
C ARG P 31 28.80 1.16 98.91
N PHE P 32 27.48 1.31 98.95
CA PHE P 32 26.64 0.73 97.91
C PHE P 32 26.97 1.33 96.55
N ALA P 33 27.12 2.65 96.49
CA ALA P 33 27.45 3.29 95.21
C ALA P 33 28.80 2.80 94.69
N GLU P 34 29.82 2.81 95.56
CA GLU P 34 31.15 2.40 95.13
C GLU P 34 31.19 0.93 94.73
N GLU P 35 30.52 0.06 95.50
CA GLU P 35 30.48 -1.35 95.16
C GLU P 35 29.72 -1.59 93.87
N LEU P 36 28.67 -0.83 93.61
CA LEU P 36 27.95 -0.96 92.34
C LEU P 36 28.86 -0.60 91.17
N ALA P 37 29.60 0.50 91.30
CA ALA P 37 30.53 0.88 90.24
C ALA P 37 31.61 -0.19 90.03
N GLU P 38 32.14 -0.71 91.14
CA GLU P 38 33.17 -1.75 91.04
C GLU P 38 32.62 -3.01 90.42
N GLU P 39 31.36 -3.36 90.71
CA GLU P 39 30.74 -4.53 90.10
C GLU P 39 30.55 -4.33 88.61
N ILE P 40 30.17 -3.13 88.18
CA ILE P 40 30.12 -2.86 86.75
C ILE P 40 31.49 -3.05 86.12
N ARG P 41 32.53 -2.55 86.78
CA ARG P 41 33.88 -2.70 86.26
C ARG P 41 34.29 -4.18 86.17
N ARG P 42 33.95 -4.96 87.18
CA ARG P 42 34.29 -6.39 87.17
C ARG P 42 33.56 -7.13 86.07
N VAL P 43 32.26 -6.85 85.91
CA VAL P 43 31.46 -7.60 84.94
C VAL P 43 31.85 -7.23 83.52
N THR P 44 32.08 -5.95 83.26
CA THR P 44 32.34 -5.49 81.89
C THR P 44 33.79 -5.07 81.66
N GLY P 45 34.35 -4.23 82.53
CA GLY P 45 35.69 -3.74 82.33
C GLY P 45 35.71 -2.26 81.97
N GLU P 46 36.20 -1.94 80.76
CA GLU P 46 36.25 -0.57 80.29
C GLU P 46 35.46 -0.39 78.99
N ALA P 47 34.66 -1.39 78.61
CA ALA P 47 33.79 -1.24 77.45
C ALA P 47 32.57 -0.40 77.76
N TYR P 48 32.09 -0.43 79.01
CA TYR P 48 30.97 0.39 79.47
C TYR P 48 31.48 1.25 80.62
N ARG P 49 32.06 2.41 80.28
CA ARG P 49 32.63 3.31 81.28
C ARG P 49 31.74 4.50 81.58
N GLU P 50 30.90 4.92 80.62
CA GLU P 50 29.95 5.99 80.90
C GLU P 50 28.97 5.59 81.99
N TYR P 51 28.58 4.31 82.01
CA TYR P 51 27.68 3.83 83.06
C TYR P 51 28.34 3.92 84.43
N ALA P 52 29.61 3.54 84.52
CA ALA P 52 30.33 3.66 85.79
C ALA P 52 30.47 5.12 86.19
N GLU P 53 30.72 6.00 85.22
CA GLU P 53 30.79 7.44 85.51
C GLU P 53 29.47 7.94 86.07
N ALA P 54 28.36 7.53 85.45
CA ALA P 54 27.04 7.96 85.93
C ALA P 54 26.76 7.41 87.33
N VAL P 55 27.14 6.16 87.59
CA VAL P 55 26.92 5.59 88.91
C VAL P 55 27.73 6.33 89.96
N ARG P 56 28.98 6.66 89.66
CA ARG P 56 29.79 7.41 90.62
C ARG P 56 29.25 8.81 90.83
N HIS P 57 28.74 9.46 89.78
CA HIS P 57 28.12 10.76 89.93
C HIS P 57 26.88 10.69 90.81
N LEU P 58 26.05 9.66 90.62
CA LEU P 58 24.86 9.50 91.46
C LEU P 58 25.25 9.20 92.91
N GLY P 59 26.32 8.44 93.12
CA GLY P 59 26.81 8.26 94.48
C GLY P 59 27.27 9.55 95.11
N GLU P 60 27.95 10.40 94.33
CA GLU P 60 28.34 11.70 94.83
C GLU P 60 27.13 12.56 95.18
N ALA P 61 26.09 12.50 94.35
CA ALA P 61 24.85 13.23 94.65
C ALA P 61 24.21 12.72 95.93
N ALA P 62 24.17 11.40 96.10
CA ALA P 62 23.59 10.83 97.31
C ALA P 62 24.39 11.24 98.55
N LYS P 63 25.71 11.29 98.42
CA LYS P 63 26.53 11.80 99.51
C LYS P 63 26.22 13.26 99.81
N ALA P 64 26.04 14.06 98.76
CA ALA P 64 25.76 15.48 98.94
C ALA P 64 24.43 15.71 99.62
N VAL P 65 23.43 14.89 99.32
CA VAL P 65 22.12 15.02 99.95
C VAL P 65 22.22 14.87 101.46
N LEU P 66 23.07 13.95 101.91
CA LEU P 66 23.05 13.51 103.30
C LEU P 66 23.61 14.54 104.28
N GLU P 67 24.28 15.59 103.81
CA GLU P 67 24.73 16.65 104.71
C GLU P 67 23.74 17.80 104.82
N GLY P 68 22.97 18.07 103.79
CA GLY P 68 21.99 19.14 103.84
C GLY P 68 21.97 20.00 102.59
N ASN P 69 23.12 20.13 101.94
CA ASN P 69 23.22 20.93 100.73
C ASN P 69 22.41 20.26 99.61
N SER P 70 21.33 20.91 99.19
CA SER P 70 20.36 20.31 98.29
C SER P 70 20.43 20.80 96.86
N VAL P 71 21.29 21.77 96.54
CA VAL P 71 21.37 22.29 95.18
C VAL P 71 22.43 21.55 94.37
N GLU P 72 23.55 21.22 94.99
CA GLU P 72 24.57 20.43 94.29
C GLU P 72 24.03 19.07 93.88
N ALA P 73 23.09 18.52 94.66
CA ALA P 73 22.44 17.28 94.26
C ALA P 73 21.66 17.46 92.97
N ASP P 74 20.92 18.56 92.85
CA ASP P 74 20.18 18.83 91.62
C ASP P 74 21.15 19.01 90.44
N LEU P 75 22.25 19.73 90.66
CA LEU P 75 23.21 19.93 89.58
C LEU P 75 23.83 18.61 89.14
N ILE P 76 24.15 17.72 90.09
CA ILE P 76 24.75 16.44 89.73
C ILE P 76 23.71 15.56 89.02
N VAL P 77 22.45 15.62 89.45
CA VAL P 77 21.42 14.83 88.76
C VAL P 77 21.25 15.31 87.33
N THR P 78 21.33 16.64 87.11
CA THR P 78 21.26 17.15 85.74
C THR P 78 22.47 16.71 84.92
N ASP P 79 23.65 16.66 85.54
CA ASP P 79 24.83 16.15 84.85
C ASP P 79 24.63 14.70 84.44
N VAL P 80 24.10 13.87 85.35
CA VAL P 80 23.82 12.48 85.03
C VAL P 80 22.79 12.40 83.91
N LEU P 81 21.81 13.28 83.92
CA LEU P 81 20.81 13.31 82.85
C LEU P 81 21.45 13.61 81.51
N ARG P 82 22.39 14.56 81.47
CA ARG P 82 23.11 14.84 80.24
C ARG P 82 23.94 13.64 79.78
N LEU P 83 24.60 12.97 80.72
CA LEU P 83 25.39 11.79 80.37
C LEU P 83 24.52 10.69 79.77
N LEU P 84 23.36 10.44 80.41
CA LEU P 84 22.46 9.41 79.90
C LEU P 84 21.82 9.81 78.58
N GLU P 85 21.59 11.10 78.36
CA GLU P 85 21.11 11.56 77.07
C GLU P 85 22.15 11.33 75.99
N ARG P 86 23.43 11.53 76.33
CA ARG P 86 24.50 11.22 75.39
C ARG P 86 24.60 9.72 75.12
N ILE P 87 24.34 8.90 76.14
CA ILE P 87 24.43 7.44 75.97
C ILE P 87 23.39 6.96 74.97
N GLY P 88 22.13 7.36 75.17
CA GLY P 88 21.07 7.01 74.23
C GLY P 88 20.19 5.86 74.65
N GLU P 89 19.79 5.84 75.92
CA GLU P 89 18.87 4.82 76.44
C GLU P 89 17.58 5.53 76.84
N GLU P 90 16.56 5.39 75.99
CA GLU P 90 15.36 6.22 76.11
C GLU P 90 14.67 6.04 77.46
N GLY P 91 14.42 4.80 77.85
CA GLY P 91 13.75 4.55 79.13
C GLY P 91 14.56 5.03 80.31
N LEU P 92 15.88 4.86 80.24
CA LEU P 92 16.74 5.31 81.33
C LEU P 92 16.72 6.83 81.44
N VAL P 93 16.72 7.53 80.30
CA VAL P 93 16.60 8.98 80.31
C VAL P 93 15.26 9.42 80.88
N LYS P 94 14.19 8.71 80.52
CA LYS P 94 12.88 9.01 81.09
C LYS P 94 12.89 8.89 82.61
N LEU P 95 13.45 7.79 83.11
CA LEU P 95 13.55 7.60 84.56
C LEU P 95 14.41 8.69 85.18
N ALA P 96 15.46 9.12 84.48
CA ALA P 96 16.30 10.19 84.99
C ALA P 96 15.53 11.50 85.11
N ARG P 97 14.69 11.81 84.11
CA ARG P 97 13.89 13.03 84.20
C ARG P 97 12.90 12.97 85.36
N GLU P 98 12.22 11.83 85.53
CA GLU P 98 11.30 11.70 86.65
C GLU P 98 12.03 11.82 87.99
N VAL P 99 13.22 11.22 88.09
CA VAL P 99 14.01 11.33 89.31
C VAL P 99 14.40 12.77 89.56
N HIS P 100 14.81 13.49 88.51
CA HIS P 100 15.16 14.90 88.65
C HIS P 100 14.01 15.70 89.22
N GLU P 101 12.83 15.58 88.61
CA GLU P 101 11.68 16.39 89.05
C GLU P 101 11.29 16.03 90.49
N ARG P 102 11.09 14.74 90.76
CA ARG P 102 10.63 14.33 92.08
C ARG P 102 11.66 14.66 93.16
N SER P 103 12.95 14.43 92.87
CA SER P 103 13.98 14.74 93.85
C SER P 103 14.03 16.23 94.13
N PHE P 104 13.91 17.06 93.09
CA PHE P 104 13.90 18.51 93.32
C PHE P 104 12.73 18.90 94.22
N GLU P 105 11.53 18.42 93.90
CA GLU P 105 10.37 18.80 94.71
C GLU P 105 10.49 18.32 96.15
N LEU P 106 10.91 17.06 96.34
CA LEU P 106 11.01 16.52 97.69
C LEU P 106 12.11 17.21 98.49
N LEU P 107 13.25 17.49 97.86
CA LEU P 107 14.32 18.18 98.58
C LEU P 107 13.94 19.61 98.92
N ARG P 108 13.17 20.27 98.06
CA ARG P 108 12.62 21.58 98.43
C ARG P 108 11.69 21.46 99.62
N LYS P 109 10.81 20.45 99.61
CA LYS P 109 9.91 20.25 100.74
C LYS P 109 10.67 19.78 101.98
N GLY P 110 11.57 18.82 101.82
CA GLY P 110 12.36 18.34 102.93
C GLY P 110 12.40 16.83 103.10
N ASN P 111 11.90 16.10 102.09
CA ASN P 111 11.87 14.64 102.14
C ASN P 111 13.22 14.11 101.65
N ARG P 112 14.17 14.03 102.59
CA ARG P 112 15.51 13.55 102.27
C ARG P 112 15.49 12.08 101.85
N VAL P 113 14.74 11.26 102.58
CA VAL P 113 14.82 9.81 102.42
C VAL P 113 14.30 9.39 101.05
N GLU P 114 13.20 9.98 100.60
CA GLU P 114 12.63 9.58 99.31
C GLU P 114 13.52 10.02 98.15
N ALA P 115 14.15 11.19 98.27
CA ALA P 115 15.12 11.61 97.26
C ALA P 115 16.31 10.67 97.21
N LEU P 116 16.80 10.26 98.39
CA LEU P 116 17.89 9.28 98.43
C LEU P 116 17.47 7.98 97.77
N ALA P 117 16.25 7.52 98.04
CA ALA P 117 15.76 6.29 97.44
C ALA P 117 15.67 6.41 95.92
N LEU P 118 15.20 7.55 95.42
CA LEU P 118 15.12 7.76 93.97
C LEU P 118 16.51 7.76 93.35
N ILE P 119 17.49 8.40 93.99
CA ILE P 119 18.84 8.44 93.45
C ILE P 119 19.42 7.03 93.40
N LEU P 120 19.24 6.26 94.48
CA LEU P 120 19.75 4.88 94.50
C LEU P 120 19.06 4.02 93.45
N ALA P 121 17.76 4.20 93.26
CA ALA P 121 17.04 3.45 92.24
C ALA P 121 17.57 3.78 90.85
N LEU P 122 17.85 5.06 90.58
CA LEU P 122 18.43 5.44 89.29
C LEU P 122 19.79 4.80 89.09
N ALA P 123 20.62 4.81 90.13
CA ALA P 123 21.95 4.19 90.02
C ALA P 123 21.83 2.70 89.74
N LEU P 124 20.94 2.01 90.45
CA LEU P 124 20.74 0.59 90.20
C LEU P 124 20.22 0.34 88.80
N ALA P 125 19.33 1.20 88.31
CA ALA P 125 18.82 1.04 86.95
C ALA P 125 19.94 1.16 85.92
N VAL P 126 20.83 2.14 86.09
CA VAL P 126 21.95 2.28 85.17
C VAL P 126 22.84 1.04 85.21
N ALA P 127 23.17 0.58 86.43
CA ALA P 127 24.04 -0.58 86.56
C ALA P 127 23.43 -1.82 85.93
N LEU P 128 22.14 -2.07 86.20
CA LEU P 128 21.49 -3.26 85.66
C LEU P 128 21.36 -3.17 84.15
N THR P 129 21.10 -1.97 83.61
CA THR P 129 21.03 -1.82 82.16
C THR P 129 22.38 -2.15 81.52
N ALA P 130 23.47 -1.64 82.10
CA ALA P 130 24.79 -1.93 81.56
C ALA P 130 25.09 -3.42 81.62
N VAL P 131 24.83 -4.05 82.77
CA VAL P 131 25.14 -5.46 82.96
C VAL P 131 24.32 -6.32 82.00
N SER P 132 23.02 -6.02 81.87
CA SER P 132 22.18 -6.80 80.97
C SER P 132 22.61 -6.62 79.52
N LYS P 133 22.98 -5.41 79.12
CA LYS P 133 23.46 -5.20 77.76
C LYS P 133 24.73 -6.01 77.50
N ALA P 134 25.66 -6.00 78.45
CA ALA P 134 26.89 -6.78 78.29
C ALA P 134 26.59 -8.27 78.19
N PHE P 135 25.71 -8.76 79.06
CA PHE P 135 25.38 -10.19 79.07
C PHE P 135 24.71 -10.62 77.77
N PHE P 136 23.78 -9.80 77.26
CA PHE P 136 23.15 -10.14 75.99
C PHE P 136 24.13 -10.08 74.84
N LEU P 137 25.03 -9.08 74.84
CA LEU P 137 26.01 -8.99 73.77
C LEU P 137 26.94 -10.19 73.76
N LEU P 138 27.37 -10.65 74.93
CA LEU P 138 28.21 -11.84 75.00
C LEU P 138 27.47 -13.06 74.48
N GLY P 139 26.20 -13.23 74.86
CA GLY P 139 25.42 -14.38 74.46
C GLY P 139 25.06 -15.28 75.62
N GLN P 140 25.09 -14.71 76.82
CA GLN P 140 24.86 -15.49 78.04
C GLN P 140 23.40 -15.94 78.11
N PRO P 141 23.13 -17.05 78.79
CA PRO P 141 21.74 -17.48 78.99
C PRO P 141 21.04 -16.64 80.05
N ALA P 142 19.72 -16.81 80.12
CA ALA P 142 18.89 -15.97 80.97
C ALA P 142 19.06 -16.25 82.45
N ARG P 143 19.61 -17.42 82.82
CA ARG P 143 19.69 -17.79 84.23
C ARG P 143 20.56 -16.83 85.02
N LEU P 144 21.76 -16.56 84.51
CA LEU P 144 22.67 -15.66 85.23
C LEU P 144 22.16 -14.24 85.24
N ILE P 145 21.57 -13.78 84.14
CA ILE P 145 20.99 -12.44 84.11
C ILE P 145 19.92 -12.30 85.18
N ALA P 146 19.01 -13.27 85.25
CA ALA P 146 17.93 -13.22 86.23
C ALA P 146 18.48 -13.28 87.65
N GLU P 147 19.47 -14.15 87.89
CA GLU P 147 20.04 -14.26 89.23
C GLU P 147 20.71 -12.96 89.66
N TYR P 148 21.48 -12.35 88.76
CA TYR P 148 22.16 -11.10 89.11
C TYR P 148 21.16 -9.97 89.34
N VAL P 149 20.14 -9.88 88.50
CA VAL P 149 19.12 -8.84 88.68
C VAL P 149 18.41 -9.03 90.02
N GLY P 150 18.05 -10.27 90.35
CA GLY P 150 17.41 -10.54 91.62
C GLY P 150 18.30 -10.18 92.80
N GLU P 151 19.58 -10.54 92.74
CA GLU P 151 20.49 -10.25 93.83
C GLU P 151 20.65 -8.73 94.02
N LYS P 152 20.80 -7.99 92.92
CA LYS P 152 20.95 -6.54 93.03
C LYS P 152 19.68 -5.90 93.58
N LEU P 153 18.52 -6.36 93.13
CA LEU P 153 17.27 -5.84 93.65
C LEU P 153 17.12 -6.14 95.13
N LEU P 154 17.55 -7.33 95.56
CA LEU P 154 17.52 -7.66 96.98
C LEU P 154 18.42 -6.74 97.79
N GLU P 155 19.62 -6.46 97.29
CA GLU P 155 20.52 -5.55 98.00
C GLU P 155 19.91 -4.16 98.11
N LEU P 156 19.32 -3.66 97.01
CA LEU P 156 18.70 -2.34 97.06
C LEU P 156 17.52 -2.33 98.03
N ARG P 157 16.73 -3.40 98.05
CA ARG P 157 15.59 -3.48 98.96
C ARG P 157 16.05 -3.46 100.41
N ARG P 158 17.10 -4.21 100.73
CA ARG P 158 17.63 -4.20 102.10
C ARG P 158 18.13 -2.81 102.47
N LEU P 159 18.85 -2.15 101.55
CA LEU P 159 19.35 -0.81 101.85
C LEU P 159 18.20 0.16 102.09
N LEU P 160 17.18 0.14 101.23
CA LEU P 160 16.05 1.05 101.37
C LEU P 160 15.28 0.79 102.65
N GLU P 161 15.08 -0.49 103.00
CA GLU P 161 14.40 -0.81 104.25
C GLU P 161 15.21 -0.35 105.45
N LYS P 162 16.55 -0.42 105.36
CA LYS P 162 17.38 0.12 106.42
C LYS P 162 17.24 1.64 106.51
N LEU P 163 17.09 2.31 105.37
CA LEU P 163 16.94 3.76 105.37
C LEU P 163 15.65 4.19 106.07
N GLY P 164 14.52 3.59 105.69
CA GLY P 164 13.26 3.92 106.31
C GLY P 164 12.12 4.14 105.33
N VAL P 165 12.38 3.91 104.04
CA VAL P 165 11.34 4.11 103.02
C VAL P 165 10.21 3.10 103.26
N PRO P 166 8.95 3.51 103.17
CA PRO P 166 7.85 2.54 103.32
C PRO P 166 7.87 1.51 102.20
N LEU P 167 7.38 0.31 102.54
CA LEU P 167 7.50 -0.83 101.64
C LEU P 167 6.82 -0.62 100.28
N PRO P 168 5.57 -0.12 100.20
CA PRO P 168 4.96 0.05 98.88
C PRO P 168 5.77 0.93 97.94
N GLU P 169 6.37 2.00 98.45
CA GLU P 169 7.20 2.85 97.61
C GLU P 169 8.45 2.11 97.15
N VAL P 170 9.03 1.29 98.02
CA VAL P 170 10.18 0.47 97.64
C VAL P 170 9.81 -0.46 96.49
N ILE P 171 8.66 -1.12 96.60
CA ILE P 171 8.24 -2.04 95.54
C ILE P 171 7.95 -1.29 94.26
N ALA P 172 7.37 -0.09 94.35
CA ALA P 172 7.14 0.72 93.16
C ALA P 172 8.45 1.10 92.48
N LEU P 173 9.46 1.47 93.27
CA LEU P 173 10.76 1.81 92.71
C LEU P 173 11.41 0.61 92.04
N LEU P 174 11.34 -0.56 92.68
CA LEU P 174 11.92 -1.76 92.08
C LEU P 174 11.21 -2.14 90.80
N LEU P 175 9.88 -1.98 90.78
CA LEU P 175 9.13 -2.25 89.55
C LEU P 175 9.48 -1.25 88.45
N ARG P 176 9.73 0.01 88.80
CA ARG P 176 10.19 0.98 87.81
C ARG P 176 11.54 0.59 87.23
N VAL P 177 12.46 0.15 88.10
CA VAL P 177 13.77 -0.30 87.64
C VAL P 177 13.62 -1.49 86.70
N LEU P 178 12.76 -2.45 87.07
CA LEU P 178 12.54 -3.62 86.23
C LEU P 178 11.91 -3.25 84.90
N GLU P 179 11.00 -2.27 84.91
CA GLU P 179 10.42 -1.79 83.66
C GLU P 179 11.48 -1.16 82.77
N VAL P 180 12.40 -0.39 83.36
CA VAL P 180 13.48 0.20 82.58
C VAL P 180 14.33 -0.90 81.96
N VAL P 181 14.67 -1.92 82.75
CA VAL P 181 15.49 -3.03 82.23
C VAL P 181 14.76 -3.77 81.12
N GLU P 182 13.46 -4.01 81.29
CA GLU P 182 12.67 -4.68 80.27
C GLU P 182 12.63 -3.88 78.98
N GLU P 183 12.44 -2.56 79.09
CA GLU P 183 12.42 -1.72 77.90
C GLU P 183 13.76 -1.75 77.19
N SER P 184 14.86 -1.69 77.96
CA SER P 184 16.19 -1.76 77.35
C SER P 184 16.39 -3.08 76.62
N LEU P 185 15.98 -4.19 77.25
CA LEU P 185 16.15 -5.50 76.62
C LEU P 185 15.30 -5.61 75.35
N LYS P 186 14.06 -5.12 75.41
CA LYS P 186 13.18 -5.18 74.25
C LYS P 186 13.74 -4.36 73.09
N ALA P 187 14.24 -3.16 73.39
CA ALA P 187 14.78 -2.30 72.34
C ALA P 187 16.09 -2.83 71.77
N MET P 188 16.89 -3.51 72.60
CA MET P 188 18.20 -3.97 72.15
C MET P 188 18.08 -5.09 71.11
N GLY P 189 17.16 -6.03 71.31
CA GLY P 189 16.97 -7.09 70.34
C GLY P 189 16.67 -8.46 70.91
N MET P 190 16.62 -8.57 72.24
CA MET P 190 16.32 -9.85 72.87
C MET P 190 14.92 -10.34 72.48
N GLU P 191 14.79 -11.64 72.29
CA GLU P 191 13.50 -12.23 71.98
C GLU P 191 12.58 -12.13 73.19
N PRO P 192 11.28 -11.89 72.97
CA PRO P 192 10.37 -11.62 74.09
C PRO P 192 10.33 -12.72 75.15
N ARG P 193 10.50 -13.98 74.78
CA ARG P 193 10.36 -15.07 75.75
C ARG P 193 11.41 -14.97 76.85
N GLU P 194 12.66 -14.68 76.47
CA GLU P 194 13.72 -14.55 77.48
C GLU P 194 13.47 -13.36 78.40
N ILE P 195 12.98 -12.25 77.86
CA ILE P 195 12.66 -11.09 78.67
C ILE P 195 11.57 -11.44 79.68
N ASN P 196 10.53 -12.13 79.21
CA ASN P 196 9.46 -12.57 80.11
C ASN P 196 10.01 -13.50 81.19
N ARG P 197 10.92 -14.40 80.81
CA ARG P 197 11.49 -15.34 81.77
C ARG P 197 12.28 -14.61 82.85
N VAL P 198 13.13 -13.66 82.47
CA VAL P 198 13.96 -12.97 83.46
C VAL P 198 13.11 -12.07 84.34
N LEU P 199 12.11 -11.38 83.76
CA LEU P 199 11.23 -10.55 84.57
C LEU P 199 10.44 -11.40 85.56
N ALA P 200 9.93 -12.54 85.11
CA ALA P 200 9.19 -13.43 86.00
C ALA P 200 10.09 -13.94 87.12
N ALA P 201 11.34 -14.28 86.81
CA ALA P 201 12.27 -14.73 87.84
C ALA P 201 12.55 -13.62 88.86
N ALA P 202 12.70 -12.38 88.40
CA ALA P 202 12.94 -11.28 89.32
C ALA P 202 11.74 -11.05 90.23
N TYR P 203 10.53 -11.06 89.66
CA TYR P 203 9.34 -10.93 90.48
C TYR P 203 9.22 -12.08 91.47
N LEU P 204 9.59 -13.29 91.04
CA LEU P 204 9.48 -14.45 91.92
C LEU P 204 10.44 -14.36 93.08
N THR P 205 11.68 -13.94 92.85
CA THR P 205 12.62 -13.84 93.97
C THR P 205 12.23 -12.70 94.90
N LEU P 206 11.72 -11.59 94.35
CA LEU P 206 11.24 -10.51 95.21
C LEU P 206 10.09 -10.97 96.09
N ALA P 207 9.13 -11.69 95.49
CA ALA P 207 7.99 -12.19 96.26
C ALA P 207 8.42 -13.23 97.29
N ALA P 208 9.38 -14.07 96.93
CA ALA P 208 9.87 -15.07 97.88
C ALA P 208 10.54 -14.42 99.07
N GLU P 209 11.35 -13.38 98.85
CA GLU P 209 11.93 -12.66 99.97
C GLU P 209 10.86 -12.00 100.82
N LEU P 210 9.86 -11.38 100.17
CA LEU P 210 8.80 -10.71 100.92
C LEU P 210 8.04 -11.71 101.80
N LEU P 211 7.73 -12.88 101.25
CA LEU P 211 7.04 -13.90 102.03
C LEU P 211 7.91 -14.44 103.16
N GLU P 212 9.20 -14.69 102.88
CA GLU P 212 10.10 -15.22 103.91
C GLU P 212 10.28 -14.25 105.06
N ARG P 213 10.26 -12.94 104.78
CA ARG P 213 10.39 -11.96 105.85
C ARG P 213 9.30 -12.10 106.90
N LEU P 214 8.11 -12.53 106.49
CA LEU P 214 6.98 -12.67 107.40
C LEU P 214 6.96 -14.00 108.14
N GLY P 215 7.87 -14.92 107.83
CA GLY P 215 7.96 -16.20 108.51
C GLY P 215 7.39 -17.37 107.74
N LEU P 216 6.73 -17.14 106.60
CA LEU P 216 6.19 -18.22 105.79
C LEU P 216 7.31 -18.82 104.94
N THR P 217 8.18 -19.57 105.61
CA THR P 217 9.36 -20.14 104.95
C THR P 217 8.99 -21.17 103.89
N ALA P 218 8.02 -22.04 104.15
CA ALA P 218 7.66 -23.08 103.19
C ALA P 218 7.09 -22.48 101.91
N LEU P 219 6.25 -21.46 102.03
CA LEU P 219 5.71 -20.81 100.84
C LEU P 219 6.82 -20.16 100.02
N ALA P 220 7.77 -19.50 100.68
CA ALA P 220 8.91 -18.93 99.98
C ALA P 220 9.73 -20.01 99.30
N ALA P 221 9.92 -21.16 99.96
CA ALA P 221 10.64 -22.26 99.34
C ALA P 221 9.93 -22.76 98.09
N ARG P 222 8.59 -22.86 98.16
CA ARG P 222 7.83 -23.27 96.98
C ARG P 222 7.98 -22.26 95.85
N ILE P 223 7.99 -20.97 96.18
CA ILE P 223 8.18 -19.94 95.16
C ILE P 223 9.55 -20.07 94.52
N ARG P 224 10.58 -20.31 95.33
CA ARG P 224 11.92 -20.49 94.78
C ARG P 224 12.00 -21.73 93.91
N ARG P 225 11.33 -22.82 94.31
CA ARG P 225 11.27 -24.02 93.47
C ARG P 225 10.62 -23.71 92.14
N ALA P 226 9.52 -22.95 92.16
CA ALA P 226 8.85 -22.58 90.91
C ALA P 226 9.77 -21.74 90.03
N ARG P 227 10.51 -20.80 90.63
CA ARG P 227 11.44 -19.99 89.86
C ARG P 227 12.53 -20.85 89.23
N GLU P 228 13.08 -21.79 90.00
CA GLU P 228 14.15 -22.66 89.48
C GLU P 228 13.63 -23.54 88.35
N LEU P 229 12.41 -24.06 88.48
CA LEU P 229 11.83 -24.84 87.40
C LEU P 229 11.55 -23.97 86.17
N LEU P 230 11.19 -22.70 86.38
CA LEU P 230 10.98 -21.79 85.26
C LEU P 230 12.29 -21.53 84.51
N LEU P 231 13.38 -21.33 85.25
CA LEU P 231 14.66 -21.02 84.63
C LEU P 231 15.26 -22.21 83.90
N ALA P 232 14.78 -23.42 84.16
CA ALA P 232 15.32 -24.63 83.55
C ALA P 232 14.55 -25.05 82.30
N GLY P 233 13.58 -24.25 81.87
CA GLY P 233 12.78 -24.58 80.70
C GLY P 233 11.48 -25.29 81.00
N ARG P 234 11.27 -25.74 82.24
CA ARG P 234 10.04 -26.43 82.63
C ARG P 234 9.01 -25.36 82.98
N VAL P 235 8.23 -24.94 81.97
CA VAL P 235 7.36 -23.79 82.12
C VAL P 235 6.05 -24.17 82.80
N GLU P 236 5.39 -25.22 82.30
CA GLU P 236 4.06 -25.57 82.79
C GLU P 236 4.08 -26.03 84.24
N GLU P 237 5.11 -26.79 84.62
CA GLU P 237 5.22 -27.24 86.01
C GLU P 237 5.39 -26.06 86.95
N ALA P 238 6.24 -25.10 86.58
CA ALA P 238 6.40 -23.89 87.38
C ALA P 238 5.11 -23.10 87.43
N LEU P 239 4.38 -23.05 86.31
CA LEU P 239 3.10 -22.35 86.28
C LEU P 239 2.12 -22.96 87.28
N HIS P 240 2.00 -24.29 87.29
CA HIS P 240 1.07 -24.93 88.22
C HIS P 240 1.53 -24.77 89.67
N LEU P 241 2.83 -24.89 89.92
CA LEU P 241 3.33 -24.68 91.27
C LEU P 241 3.00 -23.26 91.75
N LEU P 242 3.20 -22.27 90.87
CA LEU P 242 2.89 -20.90 91.22
C LEU P 242 1.40 -20.71 91.46
N GLN P 243 0.55 -21.35 90.64
CA GLN P 243 -0.89 -21.23 90.85
C GLN P 243 -1.30 -21.82 92.19
N ASP P 244 -0.75 -22.98 92.56
CA ASP P 244 -1.06 -23.56 93.86
C ASP P 244 -0.58 -22.66 95.00
N ALA P 245 0.62 -22.10 94.86
CA ALA P 245 1.11 -21.18 95.88
C ALA P 245 0.21 -19.97 96.01
N VAL P 246 -0.28 -19.45 94.88
CA VAL P 246 -1.16 -18.27 94.89
C VAL P 246 -2.48 -18.61 95.57
N GLU P 247 -3.04 -19.78 95.27
CA GLU P 247 -4.29 -20.18 95.91
C GLU P 247 -4.12 -20.28 97.42
N LEU P 248 -3.02 -20.90 97.88
CA LEU P 248 -2.81 -21.04 99.31
C LEU P 248 -2.55 -19.68 99.96
N LEU P 249 -1.86 -18.78 99.25
CA LEU P 249 -1.66 -17.43 99.75
C LEU P 249 -2.98 -16.68 99.88
N HIS P 250 -3.89 -16.89 98.92
CA HIS P 250 -5.22 -16.30 99.00
C HIS P 250 -5.99 -16.85 100.21
N GLU P 251 -5.87 -18.16 100.45
CA GLU P 251 -6.48 -18.74 101.64
C GLU P 251 -5.98 -18.06 102.91
N ARG P 252 -4.67 -17.90 103.02
CA ARG P 252 -4.10 -17.24 104.20
C ARG P 252 -4.56 -15.80 104.32
N ILE P 253 -4.57 -15.07 103.20
CA ILE P 253 -4.94 -13.66 103.21
C ILE P 253 -6.38 -13.49 103.66
N ARG P 254 -7.30 -14.28 103.09
CA ARG P 254 -8.70 -14.18 103.45
C ARG P 254 -9.02 -14.77 104.81
N GLU P 255 -8.13 -15.62 105.36
CA GLU P 255 -8.30 -16.06 106.74
C GLU P 255 -7.85 -14.96 107.71
N LEU P 256 -6.79 -14.23 107.36
CA LEU P 256 -6.32 -13.16 108.23
C LEU P 256 -7.34 -12.03 108.34
N GLY P 257 -7.98 -11.67 107.23
CA GLY P 257 -8.96 -10.59 107.23
C GLY P 257 -8.34 -9.28 106.77
N PHE P 258 -8.68 -8.19 107.46
CA PHE P 258 -8.16 -6.87 107.13
C PHE P 258 -6.88 -6.54 107.90
N GLU P 259 -6.42 -7.42 108.78
CA GLU P 259 -5.19 -7.22 109.51
C GLU P 259 -3.99 -7.87 108.82
N ALA P 260 -4.11 -8.16 107.53
CA ALA P 260 -3.01 -8.79 106.81
C ALA P 260 -1.88 -7.79 106.61
N PRO P 261 -0.65 -8.12 107.00
CA PRO P 261 0.47 -7.21 106.77
C PRO P 261 0.67 -6.95 105.28
N GLU P 262 1.25 -5.78 104.99
CA GLU P 262 1.45 -5.36 103.60
C GLU P 262 2.32 -6.34 102.82
N GLU P 263 3.13 -7.14 103.51
CA GLU P 263 3.98 -8.11 102.82
C GLU P 263 3.14 -9.10 102.03
N LEU P 264 2.05 -9.60 102.61
CA LEU P 264 1.20 -10.57 101.92
C LEU P 264 0.57 -9.97 100.67
N LEU P 265 0.05 -8.74 100.78
CA LEU P 265 -0.59 -8.12 99.62
C LEU P 265 0.41 -7.82 98.51
N LEU P 266 1.59 -7.30 98.87
CA LEU P 266 2.59 -7.00 97.86
C LEU P 266 3.10 -8.28 97.20
N ALA P 267 3.31 -9.33 97.99
CA ALA P 267 3.72 -10.61 97.43
C ALA P 267 2.64 -11.17 96.49
N ASP P 268 1.37 -11.01 96.87
CA ASP P 268 0.28 -11.49 96.01
C ASP P 268 0.28 -10.73 94.68
N LEU P 269 0.45 -9.41 94.71
CA LEU P 269 0.50 -8.64 93.48
C LEU P 269 1.68 -9.06 92.61
N LEU P 270 2.85 -9.25 93.23
CA LEU P 270 4.02 -9.67 92.47
C LEU P 270 3.80 -11.06 91.86
N LEU P 271 3.17 -11.96 92.61
CA LEU P 271 2.90 -13.29 92.10
C LEU P 271 1.91 -13.26 90.94
N GLN P 272 0.92 -12.37 91.01
CA GLN P 272 0.00 -12.22 89.89
C GLN P 272 0.72 -11.72 88.64
N ARG P 273 1.60 -10.72 88.79
CA ARG P 273 2.37 -10.26 87.64
C ARG P 273 3.25 -11.37 87.08
N ALA P 274 3.88 -12.15 87.97
CA ALA P 274 4.68 -13.29 87.53
C ALA P 274 3.83 -14.32 86.80
N LEU P 275 2.62 -14.57 87.28
CA LEU P 275 1.72 -15.51 86.62
C LEU P 275 1.38 -15.04 85.21
N GLU P 276 1.04 -13.76 85.05
CA GLU P 276 0.75 -13.24 83.72
C GLU P 276 1.96 -13.36 82.81
N LEU P 277 3.15 -13.01 83.32
CA LEU P 277 4.35 -13.08 82.49
C LEU P 277 4.66 -14.52 82.07
N ILE P 278 4.52 -15.46 83.01
CA ILE P 278 4.80 -16.86 82.70
C ILE P 278 3.79 -17.41 81.71
N SER P 279 2.51 -17.04 81.87
CA SER P 279 1.50 -17.46 80.91
C SER P 279 1.76 -16.91 79.53
N SER P 280 2.27 -15.67 79.44
CA SER P 280 2.56 -15.08 78.15
C SER P 280 3.75 -15.72 77.45
N ILE P 281 4.55 -16.52 78.15
CA ILE P 281 5.69 -17.18 77.54
C ILE P 281 5.24 -18.20 76.51
N THR Q 24 -30.15 24.68 106.61
CA THR Q 24 -31.28 25.30 105.93
C THR Q 24 -31.63 24.50 104.68
N VAL Q 25 -30.62 23.81 104.14
CA VAL Q 25 -30.74 22.92 102.98
C VAL Q 25 -30.89 23.70 101.69
N GLU Q 26 -31.84 24.64 101.64
CA GLU Q 26 -32.01 25.44 100.43
C GLU Q 26 -30.78 26.31 100.18
N GLU Q 27 -30.34 27.03 101.21
CA GLU Q 27 -29.15 27.86 101.09
C GLU Q 27 -27.97 27.05 100.57
N GLU Q 28 -27.89 25.77 100.96
CA GLU Q 28 -26.90 24.88 100.37
C GLU Q 28 -27.09 24.78 98.86
N VAL Q 29 -28.34 24.77 98.39
CA VAL Q 29 -28.57 24.64 96.95
C VAL Q 29 -28.11 25.88 96.20
N ILE Q 30 -28.50 27.07 96.66
CA ILE Q 30 -28.07 28.27 95.94
C ILE Q 30 -26.55 28.45 96.04
N ARG Q 31 -25.98 28.17 97.23
CA ARG Q 31 -24.54 28.24 97.36
C ARG Q 31 -23.84 27.23 96.46
N PHE Q 32 -24.41 26.04 96.29
CA PHE Q 32 -23.84 25.05 95.38
C PHE Q 32 -23.82 25.58 93.96
N ALA Q 33 -24.93 26.18 93.51
CA ALA Q 33 -24.97 26.71 92.15
C ALA Q 33 -23.95 27.82 91.96
N GLU Q 34 -23.91 28.78 92.89
CA GLU Q 34 -22.99 29.90 92.75
C GLU Q 34 -21.54 29.45 92.83
N GLU Q 35 -21.21 28.55 93.76
CA GLU Q 35 -19.85 28.05 93.88
C GLU Q 35 -19.44 27.24 92.66
N LEU Q 36 -20.38 26.48 92.08
CA LEU Q 36 -20.07 25.75 90.86
C LEU Q 36 -19.73 26.71 89.72
N ALA Q 37 -20.54 27.77 89.56
CA ALA Q 37 -20.25 28.75 88.52
C ALA Q 37 -18.90 29.43 88.76
N GLU Q 38 -18.62 29.79 90.01
CA GLU Q 38 -17.35 30.40 90.35
C GLU Q 38 -16.19 29.45 90.09
N GLU Q 39 -16.39 28.15 90.31
CA GLU Q 39 -15.35 27.17 90.03
C GLU Q 39 -15.06 27.06 88.55
N ILE Q 40 -16.11 27.07 87.71
CA ILE Q 40 -15.86 27.11 86.27
C ILE Q 40 -15.08 28.37 85.89
N ARG Q 41 -15.47 29.51 86.45
CA ARG Q 41 -14.76 30.75 86.15
C ARG Q 41 -13.29 30.67 86.58
N ARG Q 42 -13.02 30.11 87.75
CA ARG Q 42 -11.65 30.02 88.25
C ARG Q 42 -10.82 29.08 87.41
N VAL Q 43 -11.37 27.91 87.06
CA VAL Q 43 -10.60 26.91 86.33
C VAL Q 43 -10.34 27.37 84.90
N THR Q 44 -11.34 27.95 84.23
CA THR Q 44 -11.20 28.32 82.83
C THR Q 44 -11.04 29.81 82.59
N GLY Q 45 -11.85 30.64 83.23
CA GLY Q 45 -11.80 32.06 82.99
C GLY Q 45 -13.00 32.57 82.21
N GLU Q 46 -12.76 33.15 81.03
CA GLU Q 46 -13.82 33.63 80.18
C GLU Q 46 -13.81 32.95 78.81
N ALA Q 47 -13.04 31.88 78.65
CA ALA Q 47 -13.09 31.10 77.42
C ALA Q 47 -14.34 30.24 77.34
N TYR Q 48 -14.87 29.80 78.48
CA TYR Q 48 -16.11 29.03 78.55
C TYR Q 48 -17.07 29.82 79.45
N ARG Q 49 -17.82 30.73 78.85
CA ARG Q 49 -18.75 31.58 79.59
C ARG Q 49 -20.19 31.17 79.41
N GLU Q 50 -20.54 30.54 78.28
CA GLU Q 50 -21.89 30.03 78.10
C GLU Q 50 -22.22 28.96 79.13
N TYR Q 51 -21.23 28.15 79.51
CA TYR Q 51 -21.45 27.14 80.53
C TYR Q 51 -21.76 27.77 81.88
N ALA Q 52 -21.04 28.84 82.24
CA ALA Q 52 -21.33 29.55 83.48
C ALA Q 52 -22.70 30.21 83.43
N GLU Q 53 -23.07 30.75 82.26
CA GLU Q 53 -24.40 31.31 82.10
C GLU Q 53 -25.48 30.25 82.33
N ALA Q 54 -25.28 29.07 81.75
CA ALA Q 54 -26.25 27.98 81.92
C ALA Q 54 -26.31 27.55 83.38
N VAL Q 55 -25.17 27.46 84.06
CA VAL Q 55 -25.17 27.05 85.46
C VAL Q 55 -25.90 28.08 86.32
N ARG Q 56 -25.69 29.37 86.06
CA ARG Q 56 -26.39 30.39 86.83
C ARG Q 56 -27.89 30.37 86.54
N HIS Q 57 -28.27 30.12 85.28
CA HIS Q 57 -29.68 29.98 84.94
C HIS Q 57 -30.31 28.80 85.69
N LEU Q 58 -29.60 27.66 85.74
CA LEU Q 58 -30.11 26.51 86.46
C LEU Q 58 -30.20 26.78 87.97
N GLY Q 59 -29.25 27.54 88.51
CA GLY Q 59 -29.37 27.95 89.90
C GLY Q 59 -30.59 28.82 90.15
N GLU Q 60 -30.88 29.73 89.22
CA GLU Q 60 -32.08 30.55 89.34
C GLU Q 60 -33.33 29.68 89.27
N ALA Q 61 -33.33 28.67 88.38
CA ALA Q 61 -34.45 27.74 88.30
C ALA Q 61 -34.63 26.98 89.60
N ALA Q 62 -33.52 26.52 90.20
CA ALA Q 62 -33.60 25.81 91.48
C ALA Q 62 -34.13 26.71 92.57
N LYS Q 63 -33.74 27.98 92.57
CA LYS Q 63 -34.30 28.94 93.53
C LYS Q 63 -35.79 29.13 93.30
N ALA Q 64 -36.22 29.15 92.04
CA ALA Q 64 -37.63 29.31 91.73
C ALA Q 64 -38.46 28.12 92.19
N VAL Q 65 -37.92 26.91 92.01
CA VAL Q 65 -38.64 25.70 92.41
C VAL Q 65 -38.91 25.71 93.91
N LEU Q 66 -37.92 26.09 94.70
CA LEU Q 66 -38.03 26.05 96.15
C LEU Q 66 -38.98 27.09 96.71
N GLU Q 67 -39.44 28.03 95.90
CA GLU Q 67 -40.37 29.06 96.37
C GLU Q 67 -41.83 28.73 96.05
N GLY Q 68 -42.08 27.83 95.10
CA GLY Q 68 -43.44 27.43 94.80
C GLY Q 68 -43.84 27.63 93.36
N ASN Q 69 -43.30 28.66 92.71
CA ASN Q 69 -43.64 28.94 91.33
C ASN Q 69 -43.00 27.87 90.45
N SER Q 70 -43.84 27.10 89.77
CA SER Q 70 -43.38 25.93 89.02
C SER Q 70 -43.32 26.15 87.51
N VAL Q 71 -43.83 27.27 86.99
CA VAL Q 71 -43.79 27.51 85.55
C VAL Q 71 -42.56 28.29 85.15
N GLU Q 72 -42.08 29.19 86.01
CA GLU Q 72 -40.82 29.88 85.74
C GLU Q 72 -39.66 28.89 85.68
N ALA Q 73 -39.73 27.82 86.47
CA ALA Q 73 -38.75 26.75 86.37
C ALA Q 73 -38.75 26.13 84.98
N ASP Q 74 -39.93 25.85 84.43
CA ASP Q 74 -40.01 25.28 83.09
C ASP Q 74 -39.45 26.25 82.05
N LEU Q 75 -39.79 27.54 82.18
CA LEU Q 75 -39.28 28.53 81.24
C LEU Q 75 -37.76 28.64 81.30
N ILE Q 76 -37.20 28.62 82.50
CA ILE Q 76 -35.75 28.72 82.64
C ILE Q 76 -35.06 27.46 82.12
N VAL Q 77 -35.66 26.29 82.35
CA VAL Q 77 -35.08 25.06 81.82
C VAL Q 77 -35.10 25.06 80.30
N THR Q 78 -36.17 25.60 79.70
CA THR Q 78 -36.20 25.72 78.25
C THR Q 78 -35.15 26.71 77.75
N ASP Q 79 -34.93 27.80 78.48
CA ASP Q 79 -33.86 28.73 78.13
C ASP Q 79 -32.50 28.04 78.15
N VAL Q 80 -32.25 27.25 79.20
CA VAL Q 80 -31.00 26.51 79.30
C VAL Q 80 -30.88 25.51 78.15
N LEU Q 81 -31.99 24.88 77.77
CA LEU Q 81 -31.98 23.96 76.65
C LEU Q 81 -31.61 24.68 75.36
N ARG Q 82 -32.14 25.87 75.15
CA ARG Q 82 -31.75 26.65 73.97
C ARG Q 82 -30.27 27.01 74.00
N LEU Q 83 -29.76 27.40 75.17
CA LEU Q 83 -28.34 27.74 75.29
C LEU Q 83 -27.47 26.55 74.96
N LEU Q 84 -27.80 25.37 75.50
CA LEU Q 84 -26.99 24.17 75.24
C LEU Q 84 -27.14 23.71 73.80
N GLU Q 85 -28.30 23.94 73.18
CA GLU Q 85 -28.45 23.63 71.76
C GLU Q 85 -27.57 24.54 70.92
N ARG Q 86 -27.47 25.81 71.30
CA ARG Q 86 -26.53 26.71 70.61
C ARG Q 86 -25.09 26.28 70.82
N ILE Q 87 -24.76 25.80 72.03
CA ILE Q 87 -23.38 25.38 72.31
C ILE Q 87 -22.97 24.23 71.40
N GLY Q 88 -23.79 23.18 71.34
CA GLY Q 88 -23.51 22.07 70.45
C GLY Q 88 -22.90 20.85 71.11
N GLU Q 89 -23.42 20.47 72.27
CA GLU Q 89 -22.98 19.27 72.99
C GLU Q 89 -24.17 18.31 73.02
N GLU Q 90 -24.11 17.27 72.17
CA GLU Q 90 -25.29 16.43 71.93
C GLU Q 90 -25.77 15.74 73.21
N GLY Q 91 -24.84 15.15 73.96
CA GLY Q 91 -25.23 14.48 75.19
C GLY Q 91 -25.83 15.44 76.21
N LEU Q 92 -25.25 16.64 76.32
CA LEU Q 92 -25.80 17.64 77.23
C LEU Q 92 -27.19 18.07 76.80
N VAL Q 93 -27.42 18.21 75.50
CA VAL Q 93 -28.76 18.56 75.02
C VAL Q 93 -29.76 17.45 75.32
N LYS Q 94 -29.34 16.19 75.12
CA LYS Q 94 -30.23 15.07 75.44
C LYS Q 94 -30.60 15.06 76.91
N LEU Q 95 -29.60 15.24 77.78
CA LEU Q 95 -29.87 15.29 79.22
C LEU Q 95 -30.77 16.47 79.56
N ALA Q 96 -30.59 17.60 78.87
CA ALA Q 96 -31.44 18.76 79.11
C ALA Q 96 -32.89 18.48 78.74
N ARG Q 97 -33.12 17.82 77.59
CA ARG Q 97 -34.48 17.48 77.20
C ARG Q 97 -35.12 16.52 78.20
N GLU Q 98 -34.37 15.50 78.63
CA GLU Q 98 -34.92 14.55 79.58
C GLU Q 98 -35.25 15.23 80.91
N VAL Q 99 -34.36 16.12 81.37
CA VAL Q 99 -34.60 16.86 82.60
C VAL Q 99 -35.83 17.74 82.45
N HIS Q 100 -35.97 18.39 81.29
CA HIS Q 100 -37.14 19.23 81.03
C HIS Q 100 -38.43 18.43 81.18
N GLU Q 101 -38.52 17.29 80.50
CA GLU Q 101 -39.75 16.50 80.53
C GLU Q 101 -40.02 15.97 81.94
N ARG Q 102 -39.03 15.34 82.56
CA ARG Q 102 -39.24 14.74 83.87
C ARG Q 102 -39.56 15.80 84.92
N SER Q 103 -38.83 16.92 84.89
CA SER Q 103 -39.08 17.99 85.86
C SER Q 103 -40.47 18.58 85.69
N PHE Q 104 -40.90 18.78 84.44
CA PHE Q 104 -42.26 19.28 84.21
C PHE Q 104 -43.29 18.33 84.81
N GLU Q 105 -43.16 17.03 84.51
CA GLU Q 105 -44.15 16.07 84.99
C GLU Q 105 -44.15 15.99 86.51
N LEU Q 106 -42.96 15.94 87.12
CA LEU Q 106 -42.88 15.83 88.57
C LEU Q 106 -43.38 17.08 89.26
N LEU Q 107 -43.06 18.27 88.73
CA LEU Q 107 -43.54 19.50 89.33
C LEU Q 107 -45.05 19.63 89.19
N ARG Q 108 -45.62 19.16 88.08
CA ARG Q 108 -47.07 19.11 87.98
C ARG Q 108 -47.65 18.17 89.03
N LYS Q 109 -47.04 16.99 89.20
CA LYS Q 109 -47.52 16.06 90.22
C LYS Q 109 -47.26 16.59 91.63
N GLY Q 110 -46.06 17.11 91.87
CA GLY Q 110 -45.75 17.68 93.17
C GLY Q 110 -44.44 17.20 93.77
N ASN Q 111 -43.62 16.50 92.98
CA ASN Q 111 -42.35 15.98 93.45
C ASN Q 111 -41.28 17.07 93.31
N ARG Q 112 -41.23 17.94 94.31
CA ARG Q 112 -40.27 19.03 94.30
C ARG Q 112 -38.83 18.53 94.36
N VAL Q 113 -38.58 17.55 95.24
CA VAL Q 113 -37.21 17.13 95.54
C VAL Q 113 -36.57 16.50 94.31
N GLU Q 114 -37.30 15.66 93.59
CA GLU Q 114 -36.71 15.00 92.42
C GLU Q 114 -36.44 16.01 91.29
N ALA Q 115 -37.33 16.99 91.11
CA ALA Q 115 -37.05 18.03 90.12
C ALA Q 115 -35.81 18.83 90.51
N LEU Q 116 -35.66 19.15 91.79
CA LEU Q 116 -34.44 19.82 92.25
C LEU Q 116 -33.21 18.97 91.97
N ALA Q 117 -33.32 17.67 92.22
CA ALA Q 117 -32.18 16.78 91.98
C ALA Q 117 -31.81 16.74 90.50
N LEU Q 118 -32.82 16.70 89.63
CA LEU Q 118 -32.54 16.70 88.19
C LEU Q 118 -31.89 18.01 87.76
N ILE Q 119 -32.36 19.15 88.29
CA ILE Q 119 -31.77 20.43 87.95
C ILE Q 119 -30.31 20.49 88.38
N LEU Q 120 -30.04 20.03 89.61
CA LEU Q 120 -28.66 20.03 90.10
C LEU Q 120 -27.78 19.09 89.30
N ALA Q 121 -28.32 17.94 88.90
CA ALA Q 121 -27.55 17.00 88.07
C ALA Q 121 -27.21 17.63 86.73
N LEU Q 122 -28.16 18.34 86.12
CA LEU Q 122 -27.88 19.01 84.85
C LEU Q 122 -26.80 20.08 85.03
N ALA Q 123 -26.89 20.86 86.11
CA ALA Q 123 -25.88 21.89 86.35
C ALA Q 123 -24.50 21.29 86.52
N LEU Q 124 -24.41 20.21 87.30
CA LEU Q 124 -23.13 19.53 87.48
C LEU Q 124 -22.62 18.95 86.18
N ALA Q 125 -23.51 18.41 85.34
CA ALA Q 125 -23.08 17.87 84.06
C ALA Q 125 -22.49 18.95 83.18
N VAL Q 126 -23.14 20.13 83.13
CA VAL Q 126 -22.60 21.23 82.32
C VAL Q 126 -21.23 21.66 82.84
N ALA Q 127 -21.12 21.83 84.17
CA ALA Q 127 -19.87 22.27 84.75
C ALA Q 127 -18.74 21.28 84.48
N LEU Q 128 -19.01 19.98 84.68
CA LEU Q 128 -17.98 18.97 84.46
C LEU Q 128 -17.61 18.87 82.99
N THR Q 129 -18.59 19.02 82.09
CA THR Q 129 -18.27 19.02 80.67
C THR Q 129 -17.33 20.16 80.31
N ALA Q 130 -17.62 21.36 80.81
CA ALA Q 130 -16.76 22.51 80.54
C ALA Q 130 -15.35 22.28 81.09
N VAL Q 131 -15.27 21.83 82.35
CA VAL Q 131 -13.97 21.64 82.99
C VAL Q 131 -13.16 20.57 82.26
N SER Q 132 -13.80 19.45 81.90
CA SER Q 132 -13.10 18.38 81.21
C SER Q 132 -12.63 18.82 79.83
N LYS Q 133 -13.46 19.59 79.11
CA LYS Q 133 -13.04 20.10 77.82
C LYS Q 133 -11.83 21.01 77.95
N ALA Q 134 -11.84 21.90 78.95
CA ALA Q 134 -10.70 22.78 79.17
C ALA Q 134 -9.45 21.98 79.51
N PHE Q 135 -9.59 20.99 80.39
CA PHE Q 135 -8.44 20.19 80.81
C PHE Q 135 -7.85 19.40 79.64
N PHE Q 136 -8.71 18.82 78.80
CA PHE Q 136 -8.20 18.09 77.65
C PHE Q 136 -7.56 19.01 76.63
N LEU Q 137 -8.14 20.20 76.41
CA LEU Q 137 -7.56 21.14 75.46
C LEU Q 137 -6.19 21.62 75.92
N LEU Q 138 -6.04 21.88 77.23
CA LEU Q 138 -4.73 22.28 77.75
C LEU Q 138 -3.71 21.17 77.55
N GLY Q 139 -4.08 19.93 77.83
CA GLY Q 139 -3.18 18.81 77.72
C GLY Q 139 -2.89 18.16 79.05
N GLN Q 140 -3.75 18.40 80.03
CA GLN Q 140 -3.53 17.89 81.37
C GLN Q 140 -3.66 16.37 81.40
N PRO Q 141 -2.99 15.70 82.32
CA PRO Q 141 -3.13 14.24 82.44
C PRO Q 141 -4.45 13.88 83.10
N ALA Q 142 -4.76 12.57 83.04
CA ALA Q 142 -6.06 12.08 83.48
C ALA Q 142 -6.23 12.12 85.00
N ARG Q 143 -5.13 12.22 85.76
CA ARG Q 143 -5.23 12.13 87.21
C ARG Q 143 -6.05 13.28 87.79
N LEU Q 144 -5.71 14.52 87.42
CA LEU Q 144 -6.42 15.67 87.96
C LEU Q 144 -7.88 15.69 87.51
N ILE Q 145 -8.14 15.31 86.26
CA ILE Q 145 -9.51 15.22 85.78
C ILE Q 145 -10.30 14.24 86.64
N ALA Q 146 -9.72 13.07 86.91
CA ALA Q 146 -10.40 12.07 87.72
C ALA Q 146 -10.66 12.57 89.12
N GLU Q 147 -9.68 13.21 89.75
CA GLU Q 147 -9.88 13.70 91.11
C GLU Q 147 -10.95 14.80 91.16
N TYR Q 148 -10.93 15.72 90.19
CA TYR Q 148 -11.93 16.78 90.18
C TYR Q 148 -13.33 16.23 89.95
N VAL Q 149 -13.47 15.29 89.01
CA VAL Q 149 -14.78 14.70 88.76
C VAL Q 149 -15.29 13.97 90.00
N GLY Q 150 -14.41 13.20 90.66
CA GLY Q 150 -14.80 12.52 91.87
C GLY Q 150 -15.22 13.48 92.97
N GLU Q 151 -14.47 14.56 93.16
CA GLU Q 151 -14.80 15.51 94.20
C GLU Q 151 -16.15 16.17 93.93
N LYS Q 152 -16.39 16.58 92.67
CA LYS Q 152 -17.67 17.22 92.34
C LYS Q 152 -18.83 16.26 92.51
N LEU Q 153 -18.65 15.00 92.09
CA LEU Q 153 -19.71 14.00 92.29
C LEU Q 153 -19.97 13.76 93.77
N LEU Q 154 -18.91 13.76 94.58
CA LEU Q 154 -19.08 13.62 96.02
C LEU Q 154 -19.89 14.79 96.60
N GLU Q 155 -19.57 16.01 96.19
CA GLU Q 155 -20.33 17.17 96.67
C GLU Q 155 -21.79 17.07 96.27
N LEU Q 156 -22.06 16.69 95.02
CA LEU Q 156 -23.45 16.55 94.58
C LEU Q 156 -24.16 15.45 95.38
N ARG Q 157 -23.48 14.34 95.63
CA ARG Q 157 -24.09 13.24 96.39
C ARG Q 157 -24.42 13.69 97.81
N ARG Q 158 -23.51 14.41 98.46
CA ARG Q 158 -23.80 14.91 99.79
C ARG Q 158 -24.98 15.87 99.78
N LEU Q 159 -25.04 16.76 98.79
CA LEU Q 159 -26.15 17.70 98.70
C LEU Q 159 -27.48 16.97 98.52
N LEU Q 160 -27.51 15.99 97.60
CA LEU Q 160 -28.74 15.25 97.35
C LEU Q 160 -29.16 14.44 98.57
N GLU Q 161 -28.20 13.83 99.27
CA GLU Q 161 -28.54 13.09 100.48
C GLU Q 161 -29.08 14.02 101.56
N LYS Q 162 -28.55 15.24 101.65
CA LYS Q 162 -29.10 16.21 102.59
C LYS Q 162 -30.50 16.62 102.18
N LEU Q 163 -30.77 16.71 100.88
CA LEU Q 163 -32.11 17.08 100.42
C LEU Q 163 -33.14 16.02 100.78
N GLY Q 164 -32.86 14.76 100.46
CA GLY Q 164 -33.78 13.68 100.78
C GLY Q 164 -34.02 12.70 99.66
N VAL Q 165 -33.30 12.85 98.56
CA VAL Q 165 -33.48 11.95 97.42
C VAL Q 165 -33.03 10.55 97.81
N PRO Q 166 -33.78 9.50 97.48
CA PRO Q 166 -33.34 8.15 97.81
C PRO Q 166 -32.04 7.79 97.08
N LEU Q 167 -31.26 6.92 97.74
CA LEU Q 167 -29.92 6.61 97.25
C LEU Q 167 -29.89 6.04 95.83
N PRO Q 168 -30.72 5.06 95.46
CA PRO Q 168 -30.64 4.53 94.09
C PRO Q 168 -30.84 5.59 93.03
N GLU Q 169 -31.77 6.53 93.24
CA GLU Q 169 -31.97 7.60 92.27
C GLU Q 169 -30.77 8.54 92.20
N VAL Q 170 -30.15 8.81 93.35
CA VAL Q 170 -28.93 9.61 93.37
C VAL Q 170 -27.85 8.95 92.54
N ILE Q 171 -27.65 7.65 92.73
CA ILE Q 171 -26.62 6.94 91.99
C ILE Q 171 -26.95 6.92 90.50
N ALA Q 172 -28.22 6.72 90.15
CA ALA Q 172 -28.60 6.74 88.74
C ALA Q 172 -28.30 8.11 88.11
N LEU Q 173 -28.59 9.19 88.83
CA LEU Q 173 -28.27 10.52 88.33
C LEU Q 173 -26.77 10.70 88.18
N LEU Q 174 -25.98 10.18 89.12
CA LEU Q 174 -24.53 10.31 89.02
C LEU Q 174 -23.98 9.58 87.80
N LEU Q 175 -24.46 8.35 87.54
CA LEU Q 175 -24.02 7.69 86.32
C LEU Q 175 -24.58 8.35 85.06
N ARG Q 176 -25.72 9.02 85.14
CA ARG Q 176 -26.17 9.81 83.99
C ARG Q 176 -25.19 10.94 83.69
N VAL Q 177 -24.77 11.67 84.73
CA VAL Q 177 -23.78 12.72 84.56
C VAL Q 177 -22.49 12.16 84.01
N LEU Q 178 -22.05 11.02 84.55
CA LEU Q 178 -20.82 10.40 84.08
C LEU Q 178 -20.92 9.96 82.62
N GLU Q 179 -22.09 9.46 82.22
CA GLU Q 179 -22.30 9.09 80.83
C GLU Q 179 -22.21 10.31 79.92
N VAL Q 180 -22.80 11.43 80.36
CA VAL Q 180 -22.71 12.66 79.59
C VAL Q 180 -21.25 13.08 79.42
N VAL Q 181 -20.49 13.06 80.52
CA VAL Q 181 -19.09 13.46 80.46
C VAL Q 181 -18.29 12.52 79.56
N GLU Q 182 -18.55 11.21 79.67
CA GLU Q 182 -17.84 10.24 78.84
C GLU Q 182 -18.15 10.43 77.36
N GLU Q 183 -19.41 10.69 77.03
CA GLU Q 183 -19.78 10.93 75.64
C GLU Q 183 -19.09 12.18 75.12
N SER Q 184 -19.06 13.24 75.94
CA SER Q 184 -18.37 14.47 75.53
C SER Q 184 -16.89 14.21 75.29
N LEU Q 185 -16.25 13.45 76.18
CA LEU Q 185 -14.83 13.14 76.03
C LEU Q 185 -14.57 12.32 74.77
N LYS Q 186 -15.40 11.32 74.50
CA LYS Q 186 -15.23 10.51 73.30
C LYS Q 186 -15.40 11.35 72.05
N ALA Q 187 -16.41 12.22 72.02
CA ALA Q 187 -16.65 13.03 70.84
C ALA Q 187 -15.58 14.10 70.65
N MET Q 188 -14.97 14.58 71.74
CA MET Q 188 -14.00 15.66 71.62
C MET Q 188 -12.69 15.19 71.01
N GLY Q 189 -12.25 13.97 71.31
CA GLY Q 189 -11.05 13.44 70.68
C GLY Q 189 -10.14 12.62 71.58
N MET Q 190 -10.51 12.48 72.84
CA MET Q 190 -9.67 11.72 73.78
C MET Q 190 -9.56 10.26 73.37
N GLU Q 191 -8.39 9.67 73.60
CA GLU Q 191 -8.19 8.27 73.34
C GLU Q 191 -9.00 7.44 74.35
N PRO Q 192 -9.56 6.30 73.92
CA PRO Q 192 -10.45 5.53 74.80
C PRO Q 192 -9.84 5.13 76.14
N ARG Q 193 -8.53 4.85 76.18
CA ARG Q 193 -7.93 4.34 77.41
C ARG Q 193 -8.01 5.35 78.54
N GLU Q 194 -7.73 6.63 78.25
CA GLU Q 194 -7.81 7.66 79.28
C GLU Q 194 -9.25 7.86 79.76
N ILE Q 195 -10.22 7.82 78.84
CA ILE Q 195 -11.62 7.93 79.23
C ILE Q 195 -12.01 6.79 80.16
N ASN Q 196 -11.60 5.57 79.81
CA ASN Q 196 -11.88 4.42 80.66
C ASN Q 196 -11.22 4.59 82.02
N ARG Q 197 -9.99 5.12 82.05
CA ARG Q 197 -9.28 5.31 83.31
C ARG Q 197 -10.02 6.30 84.21
N VAL Q 198 -10.45 7.44 83.65
CA VAL Q 198 -11.10 8.45 84.48
C VAL Q 198 -12.47 7.97 84.94
N LEU Q 199 -13.21 7.29 84.07
CA LEU Q 199 -14.51 6.75 84.48
C LEU Q 199 -14.35 5.72 85.58
N ALA Q 200 -13.34 4.83 85.45
CA ALA Q 200 -13.09 3.84 86.49
C ALA Q 200 -12.70 4.50 87.80
N ALA Q 201 -11.89 5.56 87.74
CA ALA Q 201 -11.51 6.27 88.96
C ALA Q 201 -12.72 6.90 89.63
N ALA Q 202 -13.61 7.50 88.84
CA ALA Q 202 -14.83 8.11 89.40
C ALA Q 202 -15.72 7.06 90.05
N TYR Q 203 -15.90 5.92 89.37
CA TYR Q 203 -16.68 4.84 89.96
C TYR Q 203 -16.04 4.32 91.24
N LEU Q 204 -14.71 4.23 91.25
CA LEU Q 204 -14.01 3.72 92.43
C LEU Q 204 -14.15 4.66 93.61
N THR Q 205 -14.03 5.97 93.39
CA THR Q 205 -14.18 6.88 94.53
C THR Q 205 -15.63 6.92 95.02
N LEU Q 206 -16.60 6.83 94.10
CA LEU Q 206 -17.99 6.76 94.52
C LEU Q 206 -18.25 5.52 95.36
N ALA Q 207 -17.76 4.36 94.91
CA ALA Q 207 -17.96 3.13 95.66
C ALA Q 207 -17.22 3.15 96.99
N ALA Q 208 -16.03 3.74 97.03
CA ALA Q 208 -15.29 3.85 98.28
C ALA Q 208 -16.03 4.71 99.29
N GLU Q 209 -16.59 5.84 98.85
CA GLU Q 209 -17.40 6.65 99.75
C GLU Q 209 -18.63 5.88 100.23
N LEU Q 210 -19.29 5.16 99.33
CA LEU Q 210 -20.48 4.41 99.71
C LEU Q 210 -20.14 3.35 100.76
N LEU Q 211 -19.03 2.63 100.57
CA LEU Q 211 -18.61 1.63 101.54
C LEU Q 211 -18.21 2.26 102.87
N GLU Q 212 -17.48 3.38 102.82
CA GLU Q 212 -17.04 4.03 104.05
C GLU Q 212 -18.22 4.55 104.87
N ARG Q 213 -19.29 4.99 104.19
CA ARG Q 213 -20.47 5.45 104.92
C ARG Q 213 -21.04 4.36 105.82
N LEU Q 214 -20.92 3.10 105.42
CA LEU Q 214 -21.45 1.98 106.18
C LEU Q 214 -20.52 1.49 107.28
N GLY Q 215 -19.31 2.04 107.37
CA GLY Q 215 -18.37 1.65 108.40
C GLY Q 215 -17.25 0.74 107.95
N LEU Q 216 -17.35 0.16 106.75
CA LEU Q 216 -16.29 -0.71 106.22
C LEU Q 216 -15.13 0.16 105.72
N THR Q 217 -14.41 0.74 106.69
CA THR Q 217 -13.33 1.66 106.37
C THR Q 217 -12.14 0.98 105.70
N ALA Q 218 -11.81 -0.25 106.09
CA ALA Q 218 -10.68 -0.95 105.49
C ALA Q 218 -10.95 -1.31 104.03
N LEU Q 219 -12.18 -1.75 103.73
CA LEU Q 219 -12.54 -2.02 102.34
C LEU Q 219 -12.48 -0.76 101.51
N ALA Q 220 -12.96 0.36 102.05
CA ALA Q 220 -12.87 1.63 101.33
C ALA Q 220 -11.41 2.03 101.11
N ALA Q 221 -10.55 1.81 102.10
CA ALA Q 221 -9.13 2.11 101.94
C ALA Q 221 -8.52 1.26 100.84
N ARG Q 222 -8.89 -0.03 100.77
CA ARG Q 222 -8.40 -0.88 99.70
C ARG Q 222 -8.88 -0.39 98.33
N ILE Q 223 -10.14 0.06 98.25
CA ILE Q 223 -10.65 0.59 96.99
C ILE Q 223 -9.88 1.84 96.58
N ARG Q 224 -9.59 2.73 97.54
CA ARG Q 224 -8.82 3.92 97.22
C ARG Q 224 -7.39 3.56 96.79
N ARG Q 225 -6.80 2.56 97.43
CA ARG Q 225 -5.48 2.10 96.99
C ARG Q 225 -5.53 1.58 95.56
N ALA Q 226 -6.57 0.82 95.22
CA ALA Q 226 -6.72 0.33 93.86
C ALA Q 226 -6.87 1.49 92.87
N ARG Q 227 -7.65 2.51 93.24
CA ARG Q 227 -7.80 3.67 92.37
C ARG Q 227 -6.47 4.39 92.16
N GLU Q 228 -5.71 4.57 93.25
CA GLU Q 228 -4.42 5.25 93.14
C GLU Q 228 -3.44 4.46 92.28
N LEU Q 229 -3.43 3.13 92.42
CA LEU Q 229 -2.58 2.32 91.55
C LEU Q 229 -3.05 2.39 90.10
N LEU Q 230 -4.35 2.47 89.88
CA LEU Q 230 -4.86 2.60 88.51
C LEU Q 230 -4.43 3.92 87.88
N LEU Q 231 -4.48 5.01 88.63
CA LEU Q 231 -4.14 6.31 88.09
C LEU Q 231 -2.65 6.49 87.84
N ALA Q 232 -1.80 5.61 88.40
CA ALA Q 232 -0.36 5.71 88.24
C ALA Q 232 0.16 4.83 87.11
N GLY Q 233 -0.72 4.22 86.33
CA GLY Q 233 -0.32 3.35 85.24
C GLY Q 233 -0.22 1.89 85.59
N ARG Q 234 -0.27 1.53 86.87
CA ARG Q 234 -0.22 0.14 87.31
C ARG Q 234 -1.63 -0.45 87.19
N VAL Q 235 -1.89 -1.04 86.02
CA VAL Q 235 -3.25 -1.47 85.71
C VAL Q 235 -3.56 -2.83 86.32
N GLU Q 236 -2.68 -3.81 86.11
CA GLU Q 236 -2.96 -5.18 86.54
C GLU Q 236 -3.01 -5.31 88.05
N GLU Q 237 -2.12 -4.61 88.75
CA GLU Q 237 -2.14 -4.66 90.22
C GLU Q 237 -3.43 -4.08 90.77
N ALA Q 238 -3.88 -2.96 90.20
CA ALA Q 238 -5.17 -2.38 90.60
C ALA Q 238 -6.32 -3.33 90.28
N LEU Q 239 -6.25 -3.99 89.12
CA LEU Q 239 -7.27 -4.96 88.74
C LEU Q 239 -7.37 -6.07 89.78
N HIS Q 240 -6.23 -6.65 90.17
CA HIS Q 240 -6.27 -7.75 91.13
C HIS Q 240 -6.72 -7.29 92.51
N LEU Q 241 -6.26 -6.11 92.94
CA LEU Q 241 -6.73 -5.58 94.22
C LEU Q 241 -8.24 -5.38 94.20
N LEU Q 242 -8.77 -4.85 93.09
CA LEU Q 242 -10.21 -4.64 92.97
C LEU Q 242 -10.96 -5.96 92.97
N GLN Q 243 -10.41 -6.97 92.29
CA GLN Q 243 -11.07 -8.29 92.29
C GLN Q 243 -11.11 -8.89 93.69
N ASP Q 244 -10.02 -8.79 94.43
CA ASP Q 244 -10.01 -9.29 95.80
C ASP Q 244 -11.02 -8.55 96.67
N ALA Q 245 -11.09 -7.22 96.51
CA ALA Q 245 -12.07 -6.44 97.25
C ALA Q 245 -13.49 -6.87 96.88
N VAL Q 246 -13.73 -7.15 95.60
CA VAL Q 246 -15.05 -7.58 95.15
C VAL Q 246 -15.41 -8.92 95.77
N GLU Q 247 -14.46 -9.86 95.80
CA GLU Q 247 -14.74 -11.16 96.42
C GLU Q 247 -15.06 -11.01 97.90
N LEU Q 248 -14.31 -10.17 98.61
CA LEU Q 248 -14.58 -9.99 100.04
C LEU Q 248 -15.93 -9.31 100.25
N LEU Q 249 -16.28 -8.34 99.40
CA LEU Q 249 -17.59 -7.72 99.48
C LEU Q 249 -18.71 -8.71 99.22
N HIS Q 250 -18.51 -9.60 98.25
CA HIS Q 250 -19.49 -10.66 97.97
C HIS Q 250 -19.64 -11.57 99.18
N GLU Q 251 -18.52 -11.93 99.82
CA GLU Q 251 -18.58 -12.73 101.04
C GLU Q 251 -19.42 -12.05 102.10
N ARG Q 252 -19.17 -10.76 102.34
CA ARG Q 252 -19.96 -10.03 103.34
C ARG Q 252 -21.43 -9.97 102.97
N ILE Q 253 -21.72 -9.70 101.69
CA ILE Q 253 -23.10 -9.54 101.25
C ILE Q 253 -23.86 -10.84 101.41
N ARG Q 254 -23.26 -11.96 101.00
CA ARG Q 254 -23.92 -13.25 101.13
C ARG Q 254 -23.92 -13.76 102.57
N GLU Q 255 -23.07 -13.22 103.44
CA GLU Q 255 -23.16 -13.54 104.85
C GLU Q 255 -24.33 -12.80 105.51
N LEU Q 256 -24.55 -11.55 105.12
CA LEU Q 256 -25.65 -10.78 105.71
C LEU Q 256 -27.02 -11.34 105.30
N GLY Q 257 -27.15 -11.73 104.04
CA GLY Q 257 -28.41 -12.28 103.55
C GLY Q 257 -29.23 -11.23 102.81
N PHE Q 258 -30.53 -11.19 103.09
CA PHE Q 258 -31.44 -10.25 102.46
C PHE Q 258 -31.60 -8.96 103.24
N GLU Q 259 -30.91 -8.82 104.39
CA GLU Q 259 -30.93 -7.58 105.16
C GLU Q 259 -29.75 -6.69 104.85
N ALA Q 260 -29.11 -6.89 103.71
CA ALA Q 260 -27.96 -6.07 103.34
C ALA Q 260 -28.42 -4.67 102.98
N PRO Q 261 -27.85 -3.63 103.58
CA PRO Q 261 -28.22 -2.26 103.20
C PRO Q 261 -27.91 -1.98 101.74
N GLU Q 262 -28.67 -1.05 101.17
CA GLU Q 262 -28.53 -0.72 99.75
C GLU Q 262 -27.14 -0.23 99.41
N GLU Q 263 -26.38 0.26 100.40
CA GLU Q 263 -25.03 0.74 100.14
C GLU Q 263 -24.15 -0.37 99.58
N LEU Q 264 -24.24 -1.57 100.16
CA LEU Q 264 -23.41 -2.68 99.70
C LEU Q 264 -23.76 -3.07 98.27
N LEU Q 265 -25.05 -3.15 97.95
CA LEU Q 265 -25.44 -3.54 96.59
C LEU Q 265 -25.02 -2.49 95.56
N LEU Q 266 -25.23 -1.21 95.88
CA LEU Q 266 -24.83 -0.16 94.95
C LEU Q 266 -23.31 -0.13 94.77
N ALA Q 267 -22.57 -0.31 95.86
CA ALA Q 267 -21.12 -0.37 95.77
C ALA Q 267 -20.67 -1.56 94.94
N ASP Q 268 -21.35 -2.71 95.09
CA ASP Q 268 -21.00 -3.88 94.28
C ASP Q 268 -21.23 -3.62 92.80
N LEU Q 269 -22.36 -2.99 92.46
CA LEU Q 269 -22.61 -2.68 91.05
C LEU Q 269 -21.56 -1.71 90.50
N LEU Q 270 -21.22 -0.67 91.28
CA LEU Q 270 -20.21 0.28 90.85
C LEU Q 270 -18.85 -0.40 90.68
N LEU Q 271 -18.51 -1.32 91.59
CA LEU Q 271 -17.25 -2.04 91.48
C LEU Q 271 -17.23 -2.94 90.27
N GLN Q 272 -18.36 -3.56 89.92
CA GLN Q 272 -18.40 -4.37 88.71
C GLN Q 272 -18.21 -3.52 87.46
N ARG Q 273 -18.85 -2.34 87.41
CA ARG Q 273 -18.63 -1.45 86.28
C ARG Q 273 -17.17 -1.01 86.20
N ALA Q 274 -16.56 -0.71 87.36
CA ALA Q 274 -15.14 -0.37 87.39
C ALA Q 274 -14.28 -1.53 86.90
N LEU Q 275 -14.63 -2.75 87.30
CA LEU Q 275 -13.90 -3.93 86.84
C LEU Q 275 -13.95 -4.04 85.32
N GLU Q 276 -15.15 -3.88 84.75
CA GLU Q 276 -15.29 -3.97 83.30
C GLU Q 276 -14.48 -2.88 82.60
N LEU Q 277 -14.55 -1.65 83.11
CA LEU Q 277 -13.82 -0.55 82.49
C LEU Q 277 -12.32 -0.76 82.57
N ILE Q 278 -11.82 -1.22 83.72
CA ILE Q 278 -10.39 -1.45 83.88
C ILE Q 278 -9.93 -2.60 82.99
N SER Q 279 -10.73 -3.66 82.88
CA SER Q 279 -10.38 -4.77 82.01
C SER Q 279 -10.34 -4.34 80.55
N SER Q 280 -11.25 -3.45 80.14
CA SER Q 280 -11.28 -2.99 78.76
C SER Q 280 -10.11 -2.05 78.43
N ILE Q 281 -9.36 -1.59 79.42
CA ILE Q 281 -8.23 -0.70 79.19
C ILE Q 281 -7.16 -1.42 78.39
N THR R 24 -66.35 -19.83 89.78
CA THR R 24 -67.08 -20.66 88.84
C THR R 24 -66.14 -21.24 87.80
N VAL R 25 -64.99 -20.58 87.62
CA VAL R 25 -63.90 -21.04 86.77
C VAL R 25 -64.26 -20.92 85.29
N GLU R 26 -65.39 -21.49 84.88
CA GLU R 26 -65.82 -21.39 83.48
C GLU R 26 -66.11 -19.94 83.11
N GLU R 27 -66.90 -19.26 83.95
CA GLU R 27 -67.17 -17.84 83.74
C GLU R 27 -65.88 -17.05 83.63
N GLU R 28 -64.85 -17.45 84.38
CA GLU R 28 -63.55 -16.81 84.24
C GLU R 28 -62.99 -16.98 82.84
N VAL R 29 -63.17 -18.16 82.24
CA VAL R 29 -62.65 -18.40 80.89
C VAL R 29 -63.40 -17.54 79.87
N ILE R 30 -64.74 -17.53 79.95
CA ILE R 30 -65.51 -16.73 78.99
C ILE R 30 -65.18 -15.24 79.15
N ARG R 31 -65.12 -14.76 80.40
CA ARG R 31 -64.75 -13.37 80.62
C ARG R 31 -63.33 -13.08 80.15
N PHE R 32 -62.42 -14.04 80.29
CA PHE R 32 -61.06 -13.85 79.79
C PHE R 32 -61.06 -13.65 78.29
N ALA R 33 -61.81 -14.48 77.57
CA ALA R 33 -61.87 -14.33 76.11
C ALA R 33 -62.47 -12.99 75.71
N GLU R 34 -63.60 -12.63 76.33
CA GLU R 34 -64.26 -11.36 75.97
C GLU R 34 -63.39 -10.17 76.32
N GLU R 35 -62.77 -10.18 77.51
CA GLU R 35 -61.90 -9.09 77.91
C GLU R 35 -60.67 -8.99 77.03
N LEU R 36 -60.14 -10.13 76.59
CA LEU R 36 -58.99 -10.11 75.67
C LEU R 36 -59.38 -9.44 74.35
N ALA R 37 -60.54 -9.81 73.81
CA ALA R 37 -61.00 -9.16 72.58
C ALA R 37 -61.23 -7.67 72.78
N GLU R 38 -61.83 -7.29 73.91
CA GLU R 38 -62.06 -5.88 74.20
C GLU R 38 -60.75 -5.13 74.36
N GLU R 39 -59.73 -5.79 74.92
CA GLU R 39 -58.42 -5.15 75.06
C GLU R 39 -57.75 -4.95 73.70
N ILE R 40 -57.89 -5.92 72.79
CA ILE R 40 -57.41 -5.69 71.43
C ILE R 40 -58.10 -4.48 70.82
N ARG R 41 -59.43 -4.39 70.99
CA ARG R 41 -60.17 -3.27 70.43
C ARG R 41 -59.73 -1.95 71.04
N ARG R 42 -59.52 -1.92 72.35
CA ARG R 42 -59.11 -0.69 73.03
C ARG R 42 -57.71 -0.26 72.59
N VAL R 43 -56.77 -1.20 72.50
CA VAL R 43 -55.40 -0.84 72.17
C VAL R 43 -55.28 -0.41 70.71
N THR R 44 -55.96 -1.12 69.80
CA THR R 44 -55.81 -0.85 68.38
C THR R 44 -57.05 -0.24 67.74
N GLY R 45 -58.23 -0.79 67.98
CA GLY R 45 -59.43 -0.28 67.34
C GLY R 45 -59.96 -1.22 66.27
N GLU R 46 -60.10 -0.70 65.05
CA GLU R 46 -60.60 -1.49 63.93
C GLU R 46 -59.51 -1.72 62.88
N ALA R 47 -58.27 -1.35 63.18
CA ALA R 47 -57.17 -1.63 62.27
C ALA R 47 -56.77 -3.09 62.30
N TYR R 48 -56.95 -3.77 63.43
CA TYR R 48 -56.70 -5.20 63.57
C TYR R 48 -58.00 -5.83 64.04
N ARG R 49 -58.87 -6.19 63.10
CA ARG R 49 -60.16 -6.78 63.41
C ARG R 49 -60.19 -8.29 63.20
N GLU R 50 -59.34 -8.82 62.32
CA GLU R 50 -59.27 -10.26 62.14
C GLU R 50 -58.77 -10.94 63.41
N TYR R 51 -57.85 -10.30 64.12
CA TYR R 51 -57.37 -10.85 65.38
C TYR R 51 -58.48 -10.90 66.42
N ALA R 52 -59.30 -9.86 66.50
CA ALA R 52 -60.43 -9.87 67.42
C ALA R 52 -61.44 -10.95 67.03
N GLU R 53 -61.68 -11.11 65.74
CA GLU R 53 -62.58 -12.17 65.27
C GLU R 53 -62.05 -13.54 65.68
N ALA R 54 -60.74 -13.77 65.49
CA ALA R 54 -60.15 -15.04 65.86
C ALA R 54 -60.22 -15.27 67.37
N VAL R 55 -60.00 -14.23 68.16
CA VAL R 55 -60.06 -14.38 69.61
C VAL R 55 -61.49 -14.71 70.05
N ARG R 56 -62.48 -14.06 69.45
CA ARG R 56 -63.86 -14.38 69.79
C ARG R 56 -64.23 -15.79 69.35
N HIS R 57 -63.73 -16.23 68.20
CA HIS R 57 -63.95 -17.61 67.76
C HIS R 57 -63.34 -18.60 68.75
N LEU R 58 -62.11 -18.33 69.21
CA LEU R 58 -61.48 -19.22 70.18
C LEU R 58 -62.22 -19.22 71.51
N GLY R 59 -62.76 -18.07 71.92
CA GLY R 59 -63.58 -18.04 73.11
C GLY R 59 -64.85 -18.87 72.97
N GLU R 60 -65.47 -18.80 71.77
CA GLU R 60 -66.63 -19.64 71.52
C GLU R 60 -66.26 -21.12 71.56
N ALA R 61 -65.11 -21.48 71.01
CA ALA R 61 -64.64 -22.86 71.07
C ALA R 61 -64.43 -23.30 72.52
N ALA R 62 -63.79 -22.45 73.33
CA ALA R 62 -63.56 -22.78 74.73
C ALA R 62 -64.87 -22.95 75.47
N LYS R 63 -65.87 -22.11 75.16
CA LYS R 63 -67.20 -22.29 75.74
C LYS R 63 -67.81 -23.63 75.31
N ALA R 64 -67.64 -23.98 74.03
CA ALA R 64 -68.22 -25.22 73.52
C ALA R 64 -67.60 -26.44 74.19
N VAL R 65 -66.29 -26.39 74.45
CA VAL R 65 -65.61 -27.52 75.10
C VAL R 65 -66.22 -27.82 76.45
N LEU R 66 -66.58 -26.78 77.20
CA LEU R 66 -66.94 -26.92 78.61
C LEU R 66 -68.28 -27.60 78.83
N GLU R 67 -69.11 -27.75 77.80
CA GLU R 67 -70.39 -28.45 77.96
C GLU R 67 -70.32 -29.92 77.54
N GLY R 68 -69.40 -30.29 76.66
CA GLY R 68 -69.29 -31.67 76.24
C GLY R 68 -69.10 -31.85 74.75
N ASN R 69 -69.58 -30.88 73.97
CA ASN R 69 -69.45 -30.95 72.52
C ASN R 69 -67.98 -30.79 72.14
N SER R 70 -67.41 -31.85 71.55
CA SER R 70 -66.00 -31.87 71.21
C SER R 70 -65.72 -31.79 69.72
N VAL R 71 -66.75 -31.87 68.87
CA VAL R 71 -66.54 -31.74 67.43
C VAL R 71 -66.71 -30.30 66.97
N GLU R 72 -67.67 -29.58 67.56
CA GLU R 72 -67.81 -28.15 67.28
C GLU R 72 -66.54 -27.40 67.63
N ALA R 73 -65.86 -27.80 68.70
CA ALA R 73 -64.58 -27.19 69.06
C ALA R 73 -63.55 -27.40 67.96
N ASP R 74 -63.49 -28.62 67.41
CA ASP R 74 -62.56 -28.89 66.32
C ASP R 74 -62.89 -28.05 65.09
N LEU R 75 -64.18 -27.93 64.76
CA LEU R 75 -64.59 -27.13 63.62
C LEU R 75 -64.21 -25.66 63.81
N ILE R 76 -64.43 -25.13 65.01
CA ILE R 76 -64.10 -23.74 65.28
C ILE R 76 -62.59 -23.52 65.25
N VAL R 77 -61.82 -24.48 65.74
CA VAL R 77 -60.36 -24.35 65.70
C VAL R 77 -59.87 -24.38 64.25
N THR R 78 -60.49 -25.20 63.40
CA THR R 78 -60.13 -25.19 61.99
C THR R 78 -60.50 -23.86 61.33
N ASP R 79 -61.65 -23.28 61.73
CA ASP R 79 -62.01 -21.95 61.23
C ASP R 79 -60.96 -20.92 61.62
N VAL R 80 -60.52 -20.95 62.88
CA VAL R 80 -59.48 -20.03 63.34
C VAL R 80 -58.19 -20.25 62.57
N LEU R 81 -57.88 -21.53 62.27
CA LEU R 81 -56.69 -21.83 61.49
C LEU R 81 -56.78 -21.20 60.11
N ARG R 82 -57.94 -21.29 59.46
CA ARG R 82 -58.11 -20.65 58.17
C ARG R 82 -57.98 -19.13 58.27
N LEU R 83 -58.54 -18.55 59.34
CA LEU R 83 -58.45 -17.10 59.52
C LEU R 83 -56.99 -16.67 59.68
N LEU R 84 -56.22 -17.40 60.49
CA LEU R 84 -54.82 -17.06 60.69
C LEU R 84 -53.98 -17.33 59.44
N GLU R 85 -54.34 -18.35 58.66
CA GLU R 85 -53.66 -18.58 57.39
C GLU R 85 -53.91 -17.43 56.42
N ARG R 86 -55.12 -16.89 56.42
CA ARG R 86 -55.38 -15.71 55.61
C ARG R 86 -54.64 -14.49 56.14
N ILE R 87 -54.48 -14.39 57.46
CA ILE R 87 -53.78 -13.26 58.05
C ILE R 87 -52.33 -13.24 57.60
N GLY R 88 -51.63 -14.37 57.73
CA GLY R 88 -50.27 -14.47 57.25
C GLY R 88 -49.19 -14.34 58.31
N GLU R 89 -49.38 -14.99 59.45
CA GLU R 89 -48.38 -15.02 60.53
C GLU R 89 -47.92 -16.46 60.70
N GLU R 90 -46.71 -16.76 60.24
CA GLU R 90 -46.26 -18.14 60.13
C GLU R 90 -46.21 -18.83 61.49
N GLY R 91 -45.64 -18.17 62.50
CA GLY R 91 -45.58 -18.77 63.82
C GLY R 91 -46.96 -18.99 64.41
N LEU R 92 -47.86 -18.04 64.20
CA LEU R 92 -49.22 -18.19 64.70
C LEU R 92 -49.93 -19.36 64.02
N VAL R 93 -49.71 -19.54 62.71
CA VAL R 93 -50.32 -20.67 62.00
C VAL R 93 -49.74 -21.99 62.51
N LYS R 94 -48.42 -22.03 62.75
CA LYS R 94 -47.81 -23.25 63.29
C LYS R 94 -48.40 -23.60 64.65
N LEU R 95 -48.53 -22.60 65.53
CA LEU R 95 -49.13 -22.84 66.83
C LEU R 95 -50.58 -23.28 66.68
N ALA R 96 -51.29 -22.73 65.71
CA ALA R 96 -52.69 -23.11 65.48
C ALA R 96 -52.78 -24.57 65.05
N ARG R 97 -51.89 -25.01 64.16
CA ARG R 97 -51.89 -26.42 63.74
C ARG R 97 -51.59 -27.34 64.90
N GLU R 98 -50.58 -26.99 65.71
CA GLU R 98 -50.24 -27.83 66.86
C GLU R 98 -51.40 -27.89 67.85
N VAL R 99 -52.06 -26.75 68.10
CA VAL R 99 -53.21 -26.73 68.99
C VAL R 99 -54.33 -27.59 68.43
N HIS R 100 -54.57 -27.49 67.13
CA HIS R 100 -55.59 -28.32 66.48
C HIS R 100 -55.34 -29.80 66.74
N GLU R 101 -54.13 -30.27 66.43
CA GLU R 101 -53.83 -31.69 66.58
C GLU R 101 -53.94 -32.13 68.04
N ARG R 102 -53.25 -31.41 68.94
CA ARG R 102 -53.24 -31.82 70.34
C ARG R 102 -54.62 -31.75 70.96
N SER R 103 -55.38 -30.69 70.66
CA SER R 103 -56.73 -30.55 71.20
C SER R 103 -57.64 -31.66 70.70
N PHE R 104 -57.54 -32.01 69.41
CA PHE R 104 -58.34 -33.11 68.89
C PHE R 104 -58.02 -34.41 69.62
N GLU R 105 -56.73 -34.72 69.77
CA GLU R 105 -56.35 -35.97 70.43
C GLU R 105 -56.79 -36.00 71.89
N LEU R 106 -56.58 -34.90 72.61
CA LEU R 106 -56.93 -34.85 74.02
C LEU R 106 -58.45 -34.90 74.22
N LEU R 107 -59.21 -34.21 73.38
CA LEU R 107 -60.66 -34.23 73.49
C LEU R 107 -61.22 -35.60 73.14
N ARG R 108 -60.61 -36.30 72.18
CA ARG R 108 -61.00 -37.69 71.93
C ARG R 108 -60.70 -38.55 73.16
N LYS R 109 -59.52 -38.38 73.76
CA LYS R 109 -59.18 -39.15 74.94
C LYS R 109 -60.01 -38.72 76.16
N GLY R 110 -60.16 -37.41 76.36
CA GLY R 110 -60.98 -36.93 77.46
C GLY R 110 -60.32 -35.88 78.33
N ASN R 111 -59.17 -35.36 77.90
CA ASN R 111 -58.44 -34.35 78.68
C ASN R 111 -59.00 -32.97 78.33
N ARG R 112 -60.09 -32.62 79.01
CA ARG R 112 -60.74 -31.34 78.78
C ARG R 112 -59.84 -30.18 79.18
N VAL R 113 -59.16 -30.30 80.32
CA VAL R 113 -58.43 -29.17 80.89
C VAL R 113 -57.28 -28.76 79.98
N GLU R 114 -56.53 -29.73 79.45
CA GLU R 114 -55.39 -29.39 78.60
C GLU R 114 -55.84 -28.80 77.26
N ALA R 115 -56.97 -29.27 76.72
CA ALA R 115 -57.51 -28.66 75.51
C ALA R 115 -57.92 -27.21 75.77
N LEU R 116 -58.57 -26.96 76.92
CA LEU R 116 -58.91 -25.59 77.28
C LEU R 116 -57.66 -24.73 77.41
N ALA R 117 -56.62 -25.27 78.03
CA ALA R 117 -55.37 -24.54 78.19
C ALA R 117 -54.75 -24.20 76.84
N LEU R 118 -54.77 -25.16 75.91
CA LEU R 118 -54.22 -24.92 74.58
C LEU R 118 -55.01 -23.84 73.84
N ILE R 119 -56.35 -23.88 73.94
CA ILE R 119 -57.17 -22.88 73.28
C ILE R 119 -56.88 -21.50 73.84
N LEU R 120 -56.79 -21.39 75.17
CA LEU R 120 -56.51 -20.11 75.80
C LEU R 120 -55.12 -19.60 75.43
N ALA R 121 -54.14 -20.51 75.36
CA ALA R 121 -52.79 -20.11 74.95
C ALA R 121 -52.78 -19.58 73.53
N LEU R 122 -53.52 -20.24 72.63
CA LEU R 122 -53.60 -19.74 71.26
C LEU R 122 -54.25 -18.36 71.21
N ALA R 123 -55.33 -18.17 71.97
CA ALA R 123 -55.99 -16.86 72.00
C ALA R 123 -55.05 -15.77 72.49
N LEU R 124 -54.33 -16.06 73.58
CA LEU R 124 -53.38 -15.09 74.11
C LEU R 124 -52.26 -14.81 73.11
N ALA R 125 -51.80 -15.84 72.41
CA ALA R 125 -50.75 -15.63 71.41
C ALA R 125 -51.23 -14.70 70.31
N VAL R 126 -52.45 -14.90 69.83
CA VAL R 126 -52.99 -14.02 68.79
C VAL R 126 -53.10 -12.59 69.31
N ALA R 127 -53.62 -12.43 70.53
CA ALA R 127 -53.79 -11.11 71.10
C ALA R 127 -52.45 -10.39 71.27
N LEU R 128 -51.45 -11.09 71.81
CA LEU R 128 -50.16 -10.48 72.02
C LEU R 128 -49.46 -10.17 70.70
N THR R 129 -49.64 -11.02 69.68
CA THR R 129 -49.08 -10.72 68.38
C THR R 129 -49.67 -9.44 67.82
N ALA R 130 -51.00 -9.30 67.88
CA ALA R 130 -51.64 -8.08 67.38
C ALA R 130 -51.17 -6.85 68.14
N VAL R 131 -51.12 -6.94 69.48
CA VAL R 131 -50.73 -5.79 70.29
C VAL R 131 -49.29 -5.40 70.03
N SER R 132 -48.39 -6.39 69.95
CA SER R 132 -46.98 -6.09 69.69
C SER R 132 -46.79 -5.48 68.30
N LYS R 133 -47.53 -5.99 67.30
CA LYS R 133 -47.43 -5.40 65.97
C LYS R 133 -47.90 -3.96 65.97
N ALA R 134 -49.01 -3.67 66.66
CA ALA R 134 -49.50 -2.29 66.73
C ALA R 134 -48.49 -1.39 67.44
N PHE R 135 -47.93 -1.85 68.56
CA PHE R 135 -46.98 -1.05 69.32
C PHE R 135 -45.72 -0.77 68.51
N PHE R 136 -45.21 -1.78 67.79
CA PHE R 136 -44.02 -1.56 66.98
C PHE R 136 -44.31 -0.63 65.81
N LEU R 137 -45.48 -0.75 65.19
CA LEU R 137 -45.82 0.14 64.08
C LEU R 137 -45.95 1.59 64.55
N LEU R 138 -46.56 1.80 65.73
CA LEU R 138 -46.67 3.15 66.26
C LEU R 138 -45.29 3.74 66.54
N GLY R 139 -44.39 2.94 67.12
CA GLY R 139 -43.06 3.40 67.43
C GLY R 139 -42.80 3.48 68.92
N GLN R 140 -43.57 2.72 69.70
CA GLN R 140 -43.44 2.75 71.14
C GLN R 140 -42.12 2.12 71.58
N PRO R 141 -41.59 2.52 72.74
CA PRO R 141 -40.40 1.86 73.27
C PRO R 141 -40.73 0.49 73.84
N ALA R 142 -39.68 -0.28 74.10
CA ALA R 142 -39.84 -1.66 74.52
C ALA R 142 -40.42 -1.80 75.92
N ARG R 143 -40.40 -0.72 76.72
CA ARG R 143 -40.84 -0.82 78.10
C ARG R 143 -42.31 -1.20 78.21
N LEU R 144 -43.18 -0.45 77.51
CA LEU R 144 -44.62 -0.71 77.60
C LEU R 144 -44.96 -2.08 77.03
N ILE R 145 -44.31 -2.47 75.93
CA ILE R 145 -44.52 -3.80 75.38
C ILE R 145 -44.18 -4.86 76.41
N ALA R 146 -43.03 -4.69 77.09
CA ALA R 146 -42.62 -5.65 78.10
C ALA R 146 -43.63 -5.75 79.23
N GLU R 147 -44.08 -4.61 79.76
CA GLU R 147 -45.05 -4.65 80.87
C GLU R 147 -46.37 -5.27 80.44
N TYR R 148 -46.85 -4.93 79.24
CA TYR R 148 -48.12 -5.50 78.79
C TYR R 148 -48.02 -7.00 78.58
N VAL R 149 -46.93 -7.46 77.97
CA VAL R 149 -46.74 -8.89 77.75
C VAL R 149 -46.67 -9.62 79.09
N GLY R 150 -45.91 -9.06 80.04
CA GLY R 150 -45.83 -9.67 81.35
C GLY R 150 -47.17 -9.74 82.06
N GLU R 151 -47.95 -8.66 81.99
CA GLU R 151 -49.26 -8.64 82.64
C GLU R 151 -50.19 -9.68 82.03
N LYS R 152 -50.22 -9.76 80.70
CA LYS R 152 -51.09 -10.73 80.04
C LYS R 152 -50.66 -12.16 80.36
N LEU R 153 -49.35 -12.42 80.38
CA LEU R 153 -48.87 -13.75 80.75
C LEU R 153 -49.24 -14.09 82.18
N LEU R 154 -49.16 -13.10 83.08
CA LEU R 154 -49.57 -13.33 84.47
C LEU R 154 -51.05 -13.67 84.56
N GLU R 155 -51.89 -12.95 83.82
CA GLU R 155 -53.32 -13.25 83.82
C GLU R 155 -53.59 -14.66 83.31
N LEU R 156 -52.93 -15.06 82.22
CA LEU R 156 -53.11 -16.40 81.70
C LEU R 156 -52.63 -17.45 82.70
N ARG R 157 -51.50 -17.19 83.37
CA ARG R 157 -50.98 -18.13 84.35
C ARG R 157 -51.95 -18.30 85.50
N ARG R 158 -52.52 -17.20 86.01
CA ARG R 158 -53.50 -17.31 87.08
C ARG R 158 -54.73 -18.09 86.64
N LEU R 159 -55.22 -17.82 85.42
CA LEU R 159 -56.38 -18.54 84.91
C LEU R 159 -56.10 -20.04 84.81
N LEU R 160 -54.94 -20.39 84.25
CA LEU R 160 -54.60 -21.81 84.08
C LEU R 160 -54.43 -22.50 85.43
N GLU R 161 -53.79 -21.81 86.39
CA GLU R 161 -53.64 -22.39 87.72
C GLU R 161 -54.99 -22.59 88.39
N LYS R 162 -55.93 -21.66 88.17
CA LYS R 162 -57.28 -21.85 88.69
C LYS R 162 -57.97 -23.02 88.02
N LEU R 163 -57.70 -23.23 86.72
CA LEU R 163 -58.32 -24.35 86.02
C LEU R 163 -57.84 -25.69 86.55
N GLY R 164 -56.53 -25.87 86.68
CA GLY R 164 -55.99 -27.11 87.21
C GLY R 164 -54.83 -27.68 86.43
N VAL R 165 -54.36 -26.95 85.43
CA VAL R 165 -53.24 -27.43 84.60
C VAL R 165 -51.99 -27.52 85.46
N PRO R 166 -51.20 -28.60 85.38
CA PRO R 166 -49.95 -28.66 86.14
C PRO R 166 -48.98 -27.57 85.73
N LEU R 167 -48.19 -27.12 86.71
CA LEU R 167 -47.34 -25.96 86.51
C LEU R 167 -46.33 -26.11 85.37
N PRO R 168 -45.61 -27.24 85.22
CA PRO R 168 -44.68 -27.34 84.09
C PRO R 168 -45.34 -27.16 82.74
N GLU R 169 -46.56 -27.69 82.56
CA GLU R 169 -47.25 -27.51 81.30
C GLU R 169 -47.66 -26.05 81.09
N VAL R 170 -48.05 -25.36 82.18
CA VAL R 170 -48.36 -23.94 82.09
C VAL R 170 -47.14 -23.16 81.62
N ILE R 171 -45.99 -23.45 82.22
CA ILE R 171 -44.77 -22.74 81.83
C ILE R 171 -44.38 -23.05 80.40
N ALA R 172 -44.56 -24.30 79.97
CA ALA R 172 -44.28 -24.66 78.58
C ALA R 172 -45.18 -23.90 77.62
N LEU R 173 -46.47 -23.78 77.96
CA LEU R 173 -47.39 -23.02 77.12
C LEU R 173 -47.01 -21.54 77.05
N LEU R 174 -46.63 -20.97 78.19
CA LEU R 174 -46.21 -19.56 78.20
C LEU R 174 -44.96 -19.36 77.37
N LEU R 175 -44.01 -20.28 77.46
CA LEU R 175 -42.81 -20.18 76.62
C LEU R 175 -43.14 -20.34 75.14
N ARG R 176 -44.12 -21.19 74.81
CA ARG R 176 -44.55 -21.30 73.42
C ARG R 176 -45.16 -19.99 72.93
N VAL R 177 -45.99 -19.35 73.75
CA VAL R 177 -46.56 -18.06 73.39
C VAL R 177 -45.46 -17.02 73.19
N LEU R 178 -44.49 -17.00 74.10
CA LEU R 178 -43.38 -16.06 73.99
C LEU R 178 -42.55 -16.34 72.73
N GLU R 179 -42.36 -17.61 72.37
CA GLU R 179 -41.65 -17.95 71.14
C GLU R 179 -42.41 -17.42 69.93
N VAL R 180 -43.74 -17.57 69.92
CA VAL R 180 -44.54 -17.06 68.82
C VAL R 180 -44.38 -15.54 68.71
N VAL R 181 -44.45 -14.84 69.84
CA VAL R 181 -44.33 -13.39 69.85
C VAL R 181 -42.95 -12.96 69.36
N GLU R 182 -41.90 -13.66 69.82
CA GLU R 182 -40.54 -13.34 69.39
C GLU R 182 -40.38 -13.56 67.88
N GLU R 183 -40.94 -14.65 67.36
CA GLU R 183 -40.84 -14.91 65.93
C GLU R 183 -41.56 -13.82 65.14
N SER R 184 -42.74 -13.41 65.59
CA SER R 184 -43.47 -12.34 64.91
C SER R 184 -42.66 -11.04 64.92
N LEU R 185 -42.10 -10.68 66.08
CA LEU R 185 -41.33 -9.44 66.18
C LEU R 185 -40.09 -9.49 65.29
N LYS R 186 -39.40 -10.62 65.28
CA LYS R 186 -38.21 -10.77 64.45
C LYS R 186 -38.55 -10.67 62.97
N ALA R 187 -39.65 -11.30 62.56
CA ALA R 187 -40.05 -11.27 61.15
C ALA R 187 -40.52 -9.89 60.72
N MET R 188 -41.14 -9.12 61.64
CA MET R 188 -41.64 -7.80 61.26
C MET R 188 -40.52 -6.84 60.91
N GLY R 189 -39.42 -6.87 61.66
CA GLY R 189 -38.31 -5.98 61.37
C GLY R 189 -37.65 -5.36 62.57
N MET R 190 -38.11 -5.72 63.77
CA MET R 190 -37.53 -5.18 65.00
C MET R 190 -36.07 -5.57 65.11
N GLU R 191 -35.27 -4.66 65.67
CA GLU R 191 -33.86 -4.94 65.91
C GLU R 191 -33.72 -5.98 67.02
N PRO R 192 -32.77 -6.92 66.88
CA PRO R 192 -32.68 -8.03 67.84
C PRO R 192 -32.54 -7.61 69.30
N ARG R 193 -31.88 -6.48 69.57
CA ARG R 193 -31.63 -6.09 70.96
C ARG R 193 -32.94 -5.83 71.70
N GLU R 194 -33.88 -5.13 71.07
CA GLU R 194 -35.17 -4.86 71.72
C GLU R 194 -35.97 -6.14 71.94
N ILE R 195 -35.92 -7.07 70.97
CA ILE R 195 -36.61 -8.34 71.15
C ILE R 195 -36.02 -9.10 72.33
N ASN R 196 -34.69 -9.13 72.43
CA ASN R 196 -34.05 -9.78 73.57
C ASN R 196 -34.44 -9.10 74.87
N ARG R 197 -34.52 -7.78 74.86
CA ARG R 197 -34.88 -7.03 76.07
C ARG R 197 -36.29 -7.38 76.54
N VAL R 198 -37.25 -7.39 75.61
CA VAL R 198 -38.63 -7.65 76.01
C VAL R 198 -38.81 -9.11 76.44
N LEU R 199 -38.16 -10.05 75.74
CA LEU R 199 -38.23 -11.45 76.16
C LEU R 199 -37.61 -11.64 77.53
N ALA R 200 -36.47 -11.00 77.79
CA ALA R 200 -35.85 -11.10 79.10
C ALA R 200 -36.73 -10.51 80.19
N ALA R 201 -37.39 -9.38 79.90
CA ALA R 201 -38.30 -8.78 80.87
C ALA R 201 -39.47 -9.71 81.17
N ALA R 202 -40.02 -10.34 80.14
CA ALA R 202 -41.14 -11.27 80.36
C ALA R 202 -40.70 -12.47 81.20
N TYR R 203 -39.52 -13.03 80.88
CA TYR R 203 -39.00 -14.13 81.68
C TYR R 203 -38.76 -13.70 83.12
N LEU R 204 -38.26 -12.48 83.31
CA LEU R 204 -37.97 -11.99 84.66
C LEU R 204 -39.24 -11.81 85.48
N THR R 205 -40.30 -11.26 84.88
CA THR R 205 -41.53 -11.10 85.64
C THR R 205 -42.19 -12.43 85.94
N LEU R 206 -42.11 -13.39 84.99
CA LEU R 206 -42.63 -14.72 85.25
C LEU R 206 -41.87 -15.38 86.41
N ALA R 207 -40.55 -15.30 86.39
CA ALA R 207 -39.74 -15.89 87.45
C ALA R 207 -39.99 -15.20 88.78
N ALA R 208 -40.16 -13.88 88.77
CA ALA R 208 -40.43 -13.15 90.00
C ALA R 208 -41.77 -13.57 90.60
N GLU R 209 -42.79 -13.72 89.77
CA GLU R 209 -44.07 -14.23 90.29
C GLU R 209 -43.92 -15.63 90.85
N LEU R 210 -43.19 -16.50 90.15
CA LEU R 210 -43.01 -17.87 90.61
C LEU R 210 -42.30 -17.90 91.96
N LEU R 211 -41.26 -17.08 92.13
CA LEU R 211 -40.55 -17.04 93.41
C LEU R 211 -41.42 -16.44 94.51
N GLU R 212 -42.17 -15.37 94.20
CA GLU R 212 -43.00 -14.74 95.21
C GLU R 212 -44.10 -15.67 95.70
N ARG R 213 -44.64 -16.51 94.81
CA ARG R 213 -45.67 -17.45 95.23
C ARG R 213 -45.17 -18.39 96.33
N LEU R 214 -43.88 -18.71 96.33
CA LEU R 214 -43.31 -19.61 97.33
C LEU R 214 -42.92 -18.90 98.62
N GLY R 215 -43.02 -17.57 98.68
CA GLY R 215 -42.72 -16.84 99.89
C GLY R 215 -41.40 -16.10 99.89
N LEU R 216 -40.56 -16.31 98.87
CA LEU R 216 -39.27 -15.61 98.77
C LEU R 216 -39.50 -14.21 98.20
N THR R 217 -40.08 -13.35 99.04
CA THR R 217 -40.42 -12.00 98.61
C THR R 217 -39.20 -11.16 98.28
N ALA R 218 -38.13 -11.25 99.07
CA ALA R 218 -36.94 -10.44 98.81
C ALA R 218 -36.26 -10.84 97.51
N LEU R 219 -36.18 -12.14 97.22
CA LEU R 219 -35.61 -12.58 95.95
C LEU R 219 -36.44 -12.09 94.78
N ALA R 220 -37.77 -12.15 94.90
CA ALA R 220 -38.64 -11.62 93.85
C ALA R 220 -38.44 -10.13 93.66
N ALA R 221 -38.28 -9.39 94.77
CA ALA R 221 -38.04 -7.97 94.67
C ALA R 221 -36.72 -7.68 93.96
N ARG R 222 -35.69 -8.48 94.26
CA ARG R 222 -34.41 -8.31 93.55
C ARG R 222 -34.57 -8.59 92.07
N ILE R 223 -35.35 -9.61 91.71
CA ILE R 223 -35.58 -9.91 90.30
C ILE R 223 -36.31 -8.75 89.61
N ARG R 224 -37.30 -8.18 90.28
CA ARG R 224 -38.01 -7.04 89.71
C ARG R 224 -37.09 -5.83 89.55
N ARG R 225 -36.21 -5.61 90.54
CA ARG R 225 -35.23 -4.53 90.40
C ARG R 225 -34.32 -4.77 89.20
N ALA R 226 -33.88 -6.01 89.01
CA ALA R 226 -33.06 -6.33 87.85
C ALA R 226 -33.81 -6.06 86.55
N ARG R 227 -35.09 -6.45 86.49
CA ARG R 227 -35.89 -6.19 85.30
C ARG R 227 -36.01 -4.69 85.03
N GLU R 228 -36.29 -3.91 86.08
CA GLU R 228 -36.45 -2.47 85.91
C GLU R 228 -35.15 -1.82 85.45
N LEU R 229 -34.01 -2.24 86.00
CA LEU R 229 -32.73 -1.71 85.53
C LEU R 229 -32.44 -2.15 84.10
N LEU R 230 -32.90 -3.34 83.71
CA LEU R 230 -32.72 -3.78 82.33
C LEU R 230 -33.54 -2.93 81.37
N LEU R 231 -34.78 -2.61 81.73
CA LEU R 231 -35.65 -1.83 80.85
C LEU R 231 -35.20 -0.38 80.71
N ALA R 232 -34.36 0.11 81.61
CA ALA R 232 -33.91 1.50 81.59
C ALA R 232 -32.60 1.68 80.84
N GLY R 233 -32.07 0.63 80.23
CA GLY R 233 -30.81 0.70 79.51
C GLY R 233 -29.59 0.29 80.31
N ARG R 234 -29.72 0.14 81.62
CA ARG R 234 -28.61 -0.28 82.48
C ARG R 234 -28.50 -1.80 82.38
N VAL R 235 -27.72 -2.27 81.41
CA VAL R 235 -27.68 -3.70 81.10
C VAL R 235 -26.77 -4.45 82.07
N GLU R 236 -25.54 -3.95 82.26
CA GLU R 236 -24.56 -4.70 83.04
C GLU R 236 -24.95 -4.79 84.52
N GLU R 237 -25.51 -3.71 85.08
CA GLU R 237 -25.93 -3.75 86.46
C GLU R 237 -27.05 -4.77 86.68
N ALA R 238 -28.03 -4.79 85.76
CA ALA R 238 -29.07 -5.80 85.83
C ALA R 238 -28.50 -7.21 85.67
N LEU R 239 -27.51 -7.36 84.78
CA LEU R 239 -26.86 -8.65 84.59
C LEU R 239 -26.24 -9.14 85.89
N HIS R 240 -25.48 -8.27 86.57
CA HIS R 240 -24.83 -8.70 87.81
C HIS R 240 -25.85 -8.96 88.92
N LEU R 241 -26.88 -8.14 89.01
CA LEU R 241 -27.94 -8.40 90.00
C LEU R 241 -28.59 -9.74 89.75
N LEU R 242 -28.85 -10.07 88.49
CA LEU R 242 -29.46 -11.34 88.15
C LEU R 242 -28.53 -12.50 88.46
N GLN R 243 -27.22 -12.33 88.19
CA GLN R 243 -26.26 -13.37 88.52
C GLN R 243 -26.20 -13.63 90.02
N ASP R 244 -26.19 -12.57 90.83
CA ASP R 244 -26.20 -12.75 92.28
C ASP R 244 -27.48 -13.44 92.74
N ALA R 245 -28.62 -13.05 92.18
CA ALA R 245 -29.87 -13.71 92.52
C ALA R 245 -29.84 -15.19 92.14
N VAL R 246 -29.25 -15.50 90.98
CA VAL R 246 -29.16 -16.89 90.53
C VAL R 246 -28.28 -17.69 91.48
N GLU R 247 -27.15 -17.13 91.90
CA GLU R 247 -26.29 -17.85 92.84
C GLU R 247 -27.01 -18.11 94.16
N LEU R 248 -27.73 -17.11 94.68
CA LEU R 248 -28.42 -17.31 95.95
C LEU R 248 -29.56 -18.32 95.81
N LEU R 249 -30.24 -18.30 94.65
CA LEU R 249 -31.27 -19.31 94.38
C LEU R 249 -30.66 -20.70 94.32
N HIS R 250 -29.47 -20.83 93.73
CA HIS R 250 -28.79 -22.12 93.70
C HIS R 250 -28.44 -22.58 95.11
N GLU R 251 -27.97 -21.64 95.95
CA GLU R 251 -27.70 -21.98 97.34
C GLU R 251 -28.94 -22.54 98.03
N ARG R 252 -30.07 -21.84 97.86
CA ARG R 252 -31.31 -22.30 98.48
C ARG R 252 -31.74 -23.67 97.94
N ILE R 253 -31.64 -23.85 96.62
CA ILE R 253 -32.08 -25.09 96.00
C ILE R 253 -31.24 -26.26 96.49
N ARG R 254 -29.92 -26.10 96.51
CA ARG R 254 -29.05 -27.17 96.96
C ARG R 254 -29.06 -27.36 98.47
N GLU R 255 -29.53 -26.36 99.22
CA GLU R 255 -29.76 -26.57 100.65
C GLU R 255 -31.03 -27.36 100.89
N LEU R 256 -32.06 -27.13 100.08
CA LEU R 256 -33.31 -27.88 100.24
C LEU R 256 -33.11 -29.36 99.92
N GLY R 257 -32.35 -29.66 98.88
CA GLY R 257 -32.10 -31.04 98.49
C GLY R 257 -33.01 -31.46 97.33
N PHE R 258 -33.56 -32.67 97.41
CA PHE R 258 -34.46 -33.18 96.39
C PHE R 258 -35.93 -32.93 96.71
N GLU R 259 -36.23 -32.25 97.82
CA GLU R 259 -37.59 -31.87 98.16
C GLU R 259 -37.90 -30.44 97.73
N ALA R 260 -37.14 -29.90 96.77
CA ALA R 260 -37.36 -28.53 96.32
C ALA R 260 -38.66 -28.46 95.51
N PRO R 261 -39.56 -27.55 95.85
CA PRO R 261 -40.79 -27.40 95.06
C PRO R 261 -40.47 -27.02 93.61
N GLU R 262 -41.37 -27.40 92.71
CA GLU R 262 -41.17 -27.16 91.29
C GLU R 262 -41.03 -25.68 90.96
N GLU R 263 -41.54 -24.81 91.83
CA GLU R 263 -41.42 -23.37 91.60
C GLU R 263 -39.95 -22.95 91.52
N LEU R 264 -39.13 -23.48 92.43
CA LEU R 264 -37.71 -23.10 92.43
C LEU R 264 -37.02 -23.54 91.14
N LEU R 265 -37.28 -24.78 90.69
CA LEU R 265 -36.63 -25.26 89.48
C LEU R 265 -37.09 -24.49 88.24
N LEU R 266 -38.39 -24.24 88.13
CA LEU R 266 -38.89 -23.49 86.97
C LEU R 266 -38.37 -22.06 86.98
N ALA R 267 -38.32 -21.43 88.15
CA ALA R 267 -37.76 -20.09 88.25
C ALA R 267 -36.29 -20.08 87.88
N ASP R 268 -35.54 -21.11 88.31
CA ASP R 268 -34.13 -21.20 87.95
C ASP R 268 -33.94 -21.32 86.44
N LEU R 269 -34.74 -22.16 85.79
CA LEU R 269 -34.63 -22.30 84.33
C LEU R 269 -34.97 -20.98 83.64
N LEU R 270 -36.04 -20.31 84.09
CA LEU R 270 -36.41 -19.03 83.49
C LEU R 270 -35.32 -17.99 83.70
N LEU R 271 -34.70 -17.98 84.88
CA LEU R 271 -33.62 -17.03 85.14
C LEU R 271 -32.41 -17.33 84.28
N GLN R 272 -32.12 -18.60 84.02
CA GLN R 272 -31.00 -18.92 83.13
C GLN R 272 -31.28 -18.45 81.71
N ARG R 273 -32.52 -18.64 81.23
CA ARG R 273 -32.87 -18.10 79.91
C ARG R 273 -32.75 -16.59 79.88
N ALA R 274 -33.18 -15.92 80.95
CA ALA R 274 -33.04 -14.47 81.04
C ALA R 274 -31.57 -14.05 81.04
N LEU R 275 -30.72 -14.78 81.76
CA LEU R 275 -29.29 -14.49 81.75
C LEU R 275 -28.72 -14.60 80.35
N GLU R 276 -29.07 -15.68 79.63
CA GLU R 276 -28.58 -15.84 78.27
C GLU R 276 -29.02 -14.68 77.40
N LEU R 277 -30.32 -14.33 77.45
CA LEU R 277 -30.83 -13.26 76.60
C LEU R 277 -30.19 -11.92 76.94
N ILE R 278 -30.02 -11.62 78.22
CA ILE R 278 -29.41 -10.35 78.62
C ILE R 278 -27.95 -10.30 78.19
N SER R 279 -27.22 -11.41 78.34
CA SER R 279 -25.83 -11.44 77.90
C SER R 279 -25.71 -11.24 76.40
N SER R 280 -26.64 -11.82 75.63
CA SER R 280 -26.60 -11.68 74.19
C SER R 280 -26.96 -10.28 73.70
N ILE R 281 -27.47 -9.42 74.59
CA ILE R 281 -27.84 -8.06 74.21
C ILE R 281 -26.59 -7.27 73.82
N THR S 24 -33.24 -69.41 83.47
CA THR S 24 -32.41 -70.34 82.70
C THR S 24 -31.27 -69.58 82.03
N VAL S 25 -31.48 -68.28 81.81
CA VAL S 25 -30.48 -67.35 81.28
C VAL S 25 -30.22 -67.62 79.80
N GLU S 26 -29.95 -68.88 79.45
CA GLU S 26 -29.72 -69.22 78.05
C GLU S 26 -30.97 -68.97 77.21
N GLU S 27 -32.11 -69.52 77.67
CA GLU S 27 -33.37 -69.31 76.98
C GLU S 27 -33.64 -67.83 76.77
N GLU S 28 -33.22 -67.00 77.73
CA GLU S 28 -33.29 -65.55 77.52
C GLU S 28 -32.46 -65.14 76.31
N VAL S 29 -31.32 -65.77 76.08
CA VAL S 29 -30.47 -65.39 74.96
C VAL S 29 -31.14 -65.75 73.63
N ILE S 30 -31.61 -67.00 73.50
CA ILE S 30 -32.24 -67.35 72.22
C ILE S 30 -33.52 -66.57 72.01
N ARG S 31 -34.31 -66.36 73.07
CA ARG S 31 -35.51 -65.54 72.94
C ARG S 31 -35.16 -64.11 72.57
N PHE S 32 -34.06 -63.57 73.09
CA PHE S 32 -33.63 -62.23 72.71
C PHE S 32 -33.32 -62.16 71.23
N ALA S 33 -32.60 -63.14 70.71
CA ALA S 33 -32.26 -63.14 69.28
C ALA S 33 -33.53 -63.22 68.43
N GLU S 34 -34.42 -64.16 68.76
CA GLU S 34 -35.63 -64.33 67.96
C GLU S 34 -36.54 -63.11 68.05
N GLU S 35 -36.69 -62.53 69.26
CA GLU S 35 -37.53 -61.36 69.41
C GLU S 35 -36.92 -60.15 68.71
N LEU S 36 -35.59 -60.05 68.68
CA LEU S 36 -34.96 -58.96 67.93
C LEU S 36 -35.25 -59.09 66.45
N ALA S 37 -35.14 -60.31 65.91
CA ALA S 37 -35.47 -60.50 64.50
C ALA S 37 -36.93 -60.18 64.22
N GLU S 38 -37.83 -60.63 65.10
CA GLU S 38 -39.25 -60.36 64.92
C GLU S 38 -39.55 -58.87 65.02
N GLU S 39 -38.83 -58.15 65.88
CA GLU S 39 -39.01 -56.71 65.99
C GLU S 39 -38.54 -56.00 64.73
N ILE S 40 -37.43 -56.45 64.14
CA ILE S 40 -37.02 -55.91 62.84
C ILE S 40 -38.12 -56.13 61.81
N ARG S 41 -38.68 -57.34 61.79
CA ARG S 41 -39.74 -57.63 60.82
C ARG S 41 -40.97 -56.75 61.05
N ARG S 42 -41.34 -56.54 62.31
CA ARG S 42 -42.49 -55.70 62.63
C ARG S 42 -42.25 -54.26 62.20
N VAL S 43 -41.07 -53.72 62.50
CA VAL S 43 -40.81 -52.31 62.23
C VAL S 43 -40.69 -52.06 60.73
N THR S 44 -40.01 -52.95 60.01
CA THR S 44 -39.77 -52.73 58.59
C THR S 44 -40.53 -53.68 57.67
N GLY S 45 -40.50 -54.98 57.95
CA GLY S 45 -41.14 -55.94 57.08
C GLY S 45 -40.14 -56.77 56.29
N GLU S 46 -40.21 -56.69 54.96
CA GLU S 46 -39.31 -57.43 54.09
C GLU S 46 -38.42 -56.50 53.26
N ALA S 47 -38.43 -55.20 53.56
CA ALA S 47 -37.53 -54.27 52.90
C ALA S 47 -36.10 -54.40 53.41
N TYR S 48 -35.93 -54.79 54.67
CA TYR S 48 -34.61 -55.03 55.26
C TYR S 48 -34.62 -56.46 55.78
N ARG S 49 -34.27 -57.40 54.90
CA ARG S 49 -34.28 -58.82 55.23
C ARG S 49 -32.90 -59.39 55.49
N GLU S 50 -31.85 -58.80 54.89
CA GLU S 50 -30.49 -59.24 55.17
C GLU S 50 -30.14 -59.02 56.64
N TYR S 51 -30.65 -57.92 57.22
CA TYR S 51 -30.41 -57.67 58.63
C TYR S 51 -31.06 -58.74 59.51
N ALA S 52 -32.28 -59.14 59.17
CA ALA S 52 -32.93 -60.22 59.92
C ALA S 52 -32.18 -61.53 59.75
N GLU S 53 -31.69 -61.79 58.54
CA GLU S 53 -30.87 -62.98 58.31
C GLU S 53 -29.62 -62.98 59.19
N ALA S 54 -28.95 -61.82 59.25
CA ALA S 54 -27.75 -61.71 60.08
C ALA S 54 -28.08 -61.88 61.55
N VAL S 55 -29.20 -61.32 62.01
CA VAL S 55 -29.57 -61.46 63.42
C VAL S 55 -29.88 -62.91 63.75
N ARG S 56 -30.57 -63.62 62.86
CA ARG S 56 -30.85 -65.04 63.11
C ARG S 56 -29.57 -65.86 63.08
N HIS S 57 -28.64 -65.52 62.18
CA HIS S 57 -27.35 -66.21 62.16
C HIS S 57 -26.58 -66.00 63.46
N LEU S 58 -26.57 -64.77 63.97
CA LEU S 58 -25.89 -64.49 65.23
C LEU S 58 -26.57 -65.19 66.40
N GLY S 59 -27.90 -65.30 66.36
CA GLY S 59 -28.59 -66.09 67.38
C GLY S 59 -28.20 -67.55 67.33
N GLU S 60 -28.07 -68.10 66.12
CA GLU S 60 -27.60 -69.48 65.99
C GLU S 60 -26.18 -69.64 66.52
N ALA S 61 -25.32 -68.66 66.25
CA ALA S 61 -23.97 -68.69 66.78
C ALA S 61 -23.97 -68.66 68.30
N ALA S 62 -24.81 -67.80 68.90
CA ALA S 62 -24.90 -67.72 70.35
C ALA S 62 -25.41 -69.03 70.93
N LYS S 63 -26.36 -69.68 70.26
CA LYS S 63 -26.82 -71.00 70.70
C LYS S 63 -25.70 -72.02 70.61
N ALA S 64 -24.88 -71.94 69.57
CA ALA S 64 -23.76 -72.86 69.41
C ALA S 64 -22.72 -72.67 70.51
N VAL S 65 -22.45 -71.42 70.89
CA VAL S 65 -21.46 -71.14 71.93
C VAL S 65 -21.86 -71.79 73.25
N LEU S 66 -23.15 -71.69 73.60
CA LEU S 66 -23.63 -72.15 74.89
C LEU S 66 -23.64 -73.67 75.03
N GLU S 67 -23.43 -74.41 73.94
CA GLU S 67 -23.42 -75.86 73.99
C GLU S 67 -22.02 -76.45 74.09
N GLY S 68 -20.99 -75.68 73.73
CA GLY S 68 -19.63 -76.17 73.83
C GLY S 68 -18.85 -76.05 72.53
N ASN S 69 -19.56 -76.10 71.40
CA ASN S 69 -18.91 -76.02 70.10
C ASN S 69 -18.39 -74.60 69.88
N SER S 70 -17.08 -74.48 69.66
CA SER S 70 -16.43 -73.17 69.53
C SER S 70 -15.97 -72.87 68.11
N VAL S 71 -15.96 -73.84 67.21
CA VAL S 71 -15.54 -73.59 65.83
C VAL S 71 -16.73 -73.26 64.94
N GLU S 72 -17.88 -73.90 65.18
CA GLU S 72 -19.09 -73.54 64.45
C GLU S 72 -19.47 -72.09 64.69
N ALA S 73 -19.26 -71.60 65.91
CA ALA S 73 -19.52 -70.19 66.19
C ALA S 73 -18.63 -69.29 65.35
N ASP S 74 -17.34 -69.64 65.23
CA ASP S 74 -16.43 -68.85 64.40
C ASP S 74 -16.86 -68.87 62.94
N LEU S 75 -17.26 -70.03 62.44
CA LEU S 75 -17.72 -70.11 61.05
C LEU S 75 -18.97 -69.27 60.82
N ILE S 76 -19.90 -69.31 61.77
CA ILE S 76 -21.13 -68.52 61.64
C ILE S 76 -20.82 -67.03 61.69
N VAL S 77 -19.89 -66.62 62.57
CA VAL S 77 -19.50 -65.22 62.64
C VAL S 77 -18.85 -64.77 61.33
N THR S 78 -18.05 -65.65 60.72
CA THR S 78 -17.47 -65.32 59.43
C THR S 78 -18.55 -65.17 58.35
N ASP S 79 -19.57 -66.04 58.39
CA ASP S 79 -20.69 -65.91 57.46
C ASP S 79 -21.41 -64.58 57.65
N VAL S 80 -21.64 -64.20 58.91
CA VAL S 80 -22.28 -62.92 59.19
C VAL S 80 -21.42 -61.77 58.70
N LEU S 81 -20.10 -61.89 58.86
CA LEU S 81 -19.18 -60.86 58.36
C LEU S 81 -19.29 -60.73 56.85
N ARG S 82 -19.39 -61.86 56.13
CA ARG S 82 -19.56 -61.80 54.69
C ARG S 82 -20.88 -61.12 54.32
N LEU S 83 -21.95 -61.46 55.04
CA LEU S 83 -23.25 -60.85 54.77
C LEU S 83 -23.20 -59.34 54.98
N LEU S 84 -22.58 -58.90 56.07
CA LEU S 84 -22.48 -57.48 56.35
C LEU S 84 -21.57 -56.76 55.36
N GLU S 85 -20.52 -57.43 54.89
CA GLU S 85 -19.68 -56.86 53.85
C GLU S 85 -20.46 -56.69 52.55
N ARG S 86 -21.32 -57.65 52.24
CA ARG S 86 -22.19 -57.50 51.08
C ARG S 86 -23.19 -56.37 51.27
N ILE S 87 -23.67 -56.17 52.50
CA ILE S 87 -24.63 -55.10 52.76
C ILE S 87 -24.01 -53.74 52.50
N GLY S 88 -22.84 -53.49 53.06
CA GLY S 88 -22.13 -52.25 52.81
C GLY S 88 -22.25 -51.19 53.90
N GLU S 89 -22.11 -51.60 55.16
CA GLU S 89 -22.14 -50.69 56.30
C GLU S 89 -20.76 -50.75 56.97
N GLU S 90 -19.93 -49.74 56.68
CA GLU S 90 -18.50 -49.84 57.01
C GLU S 90 -18.26 -49.99 58.50
N GLY S 91 -18.93 -49.16 59.32
CA GLY S 91 -18.73 -49.25 60.76
C GLY S 91 -19.21 -50.56 61.32
N LEU S 92 -20.33 -51.08 60.81
CA LEU S 92 -20.84 -52.34 61.29
C LEU S 92 -19.93 -53.48 60.88
N VAL S 93 -19.31 -53.40 59.70
CA VAL S 93 -18.32 -54.39 59.29
C VAL S 93 -17.09 -54.33 60.19
N LYS S 94 -16.66 -53.12 60.56
CA LYS S 94 -15.55 -52.98 61.50
C LYS S 94 -15.87 -53.66 62.83
N LEU S 95 -17.07 -53.41 63.35
CA LEU S 95 -17.49 -54.06 64.59
C LEU S 95 -17.53 -55.57 64.42
N ALA S 96 -17.97 -56.05 63.25
CA ALA S 96 -18.01 -57.48 63.00
C ALA S 96 -16.62 -58.09 63.01
N ARG S 97 -15.65 -57.42 62.39
CA ARG S 97 -14.28 -57.93 62.40
C ARG S 97 -13.71 -57.97 63.82
N GLU S 98 -13.94 -56.91 64.59
CA GLU S 98 -13.46 -56.90 65.98
C GLU S 98 -14.12 -58.01 66.79
N VAL S 99 -15.42 -58.22 66.59
CA VAL S 99 -16.12 -59.29 67.28
C VAL S 99 -15.54 -60.65 66.88
N HIS S 100 -15.25 -60.83 65.59
CA HIS S 100 -14.66 -62.07 65.12
C HIS S 100 -13.35 -62.37 65.85
N GLU S 101 -12.43 -61.39 65.85
CA GLU S 101 -11.13 -61.61 66.46
C GLU S 101 -11.25 -61.86 67.97
N ARG S 102 -11.96 -60.98 68.67
CA ARG S 102 -12.07 -61.11 70.12
C ARG S 102 -12.79 -62.39 70.52
N SER S 103 -13.87 -62.74 69.81
CA SER S 103 -14.61 -63.95 70.11
C SER S 103 -13.74 -65.18 69.88
N PHE S 104 -12.98 -65.21 68.79
CA PHE S 104 -12.07 -66.33 68.56
C PHE S 104 -11.08 -66.48 69.70
N GLU S 105 -10.43 -65.38 70.08
CA GLU S 105 -9.41 -65.45 71.13
C GLU S 105 -10.02 -65.89 72.47
N LEU S 106 -11.16 -65.30 72.83
CA LEU S 106 -11.78 -65.61 74.11
C LEU S 106 -12.31 -67.04 74.15
N LEU S 107 -12.89 -67.52 73.04
CA LEU S 107 -13.38 -68.88 73.00
C LEU S 107 -12.23 -69.88 73.04
N ARG S 108 -11.10 -69.56 72.42
CA ARG S 108 -9.92 -70.40 72.57
C ARG S 108 -9.45 -70.42 74.03
N LYS S 109 -9.42 -69.26 74.68
CA LYS S 109 -9.01 -69.19 76.08
C LYS S 109 -10.07 -69.83 76.99
N GLY S 110 -11.34 -69.49 76.78
CA GLY S 110 -12.40 -70.09 77.57
C GLY S 110 -13.40 -69.11 78.16
N ASN S 111 -13.34 -67.85 77.72
CA ASN S 111 -14.25 -66.81 78.22
C ASN S 111 -15.54 -66.86 77.40
N ARG S 112 -16.42 -67.79 77.79
CA ARG S 112 -17.69 -67.96 77.09
C ARG S 112 -18.57 -66.72 77.22
N VAL S 113 -18.63 -66.13 78.41
CA VAL S 113 -19.58 -65.06 78.69
C VAL S 113 -19.27 -63.83 77.85
N GLU S 114 -18.00 -63.46 77.75
CA GLU S 114 -17.64 -62.27 76.98
C GLU S 114 -17.87 -62.48 75.48
N ALA S 115 -17.63 -63.69 74.97
CA ALA S 115 -17.95 -63.97 73.58
C ALA S 115 -19.44 -63.87 73.32
N LEU S 116 -20.26 -64.39 74.24
CA LEU S 116 -21.70 -64.24 74.13
C LEU S 116 -22.10 -62.77 74.13
N ALA S 117 -21.48 -61.98 75.01
CA ALA S 117 -21.78 -60.56 75.08
C ALA S 117 -21.44 -59.86 73.78
N LEU S 118 -20.28 -60.19 73.18
CA LEU S 118 -19.91 -59.58 71.91
C LEU S 118 -20.87 -59.97 70.80
N ILE S 119 -21.29 -61.24 70.77
CA ILE S 119 -22.23 -61.68 69.74
C ILE S 119 -23.55 -60.93 69.87
N LEU S 120 -24.05 -60.80 71.10
CA LEU S 120 -25.31 -60.09 71.32
C LEU S 120 -25.17 -58.62 70.99
N ALA S 121 -24.02 -58.02 71.30
CA ALA S 121 -23.80 -56.62 70.94
C ALA S 121 -23.81 -56.44 69.43
N LEU S 122 -23.18 -57.36 68.69
CA LEU S 122 -23.21 -57.27 67.24
C LEU S 122 -24.63 -57.39 66.70
N ALA S 123 -25.40 -58.33 67.25
CA ALA S 123 -26.79 -58.50 66.80
C ALA S 123 -27.60 -57.24 67.06
N LEU S 124 -27.45 -56.65 68.25
CA LEU S 124 -28.16 -55.42 68.57
C LEU S 124 -27.72 -54.28 67.66
N ALA S 125 -26.43 -54.22 67.33
CA ALA S 125 -25.96 -53.18 66.42
C ALA S 125 -26.60 -53.31 65.05
N VAL S 126 -26.67 -54.53 64.53
CA VAL S 126 -27.32 -54.73 63.23
C VAL S 126 -28.80 -54.32 63.30
N ALA S 127 -29.50 -54.74 64.34
CA ALA S 127 -30.91 -54.43 64.47
C ALA S 127 -31.14 -52.92 64.56
N LEU S 128 -30.35 -52.24 65.39
CA LEU S 128 -30.52 -50.80 65.56
C LEU S 128 -30.15 -50.04 64.29
N THR S 129 -29.13 -50.51 63.56
CA THR S 129 -28.78 -49.88 62.29
C THR S 129 -29.94 -49.99 61.30
N ALA S 130 -30.53 -51.18 61.19
CA ALA S 130 -31.64 -51.36 60.27
C ALA S 130 -32.84 -50.49 60.67
N VAL S 131 -33.17 -50.49 61.96
CA VAL S 131 -34.32 -49.72 62.43
C VAL S 131 -34.10 -48.23 62.21
N SER S 132 -32.91 -47.72 62.53
CA SER S 132 -32.63 -46.30 62.35
C SER S 132 -32.65 -45.92 60.88
N LYS S 133 -32.11 -46.79 60.01
CA LYS S 133 -32.17 -46.51 58.58
C LYS S 133 -33.61 -46.43 58.09
N ALA S 134 -34.45 -47.37 58.52
CA ALA S 134 -35.86 -47.33 58.11
C ALA S 134 -36.54 -46.07 58.62
N PHE S 135 -36.31 -45.72 59.89
CA PHE S 135 -36.97 -44.55 60.46
C PHE S 135 -36.54 -43.27 59.77
N PHE S 136 -35.25 -43.14 59.46
CA PHE S 136 -34.80 -41.94 58.76
C PHE S 136 -35.31 -41.90 57.33
N LEU S 137 -35.37 -43.05 56.65
CA LEU S 137 -35.91 -43.07 55.29
C LEU S 137 -37.38 -42.66 55.27
N LEU S 138 -38.16 -43.13 56.24
CA LEU S 138 -39.56 -42.73 56.31
C LEU S 138 -39.70 -41.22 56.52
N GLY S 139 -38.91 -40.67 57.44
CA GLY S 139 -39.00 -39.26 57.76
C GLY S 139 -39.44 -39.05 59.19
N GLN S 140 -39.17 -40.04 60.04
CA GLN S 140 -39.66 -40.03 61.41
C GLN S 140 -38.94 -38.95 62.22
N PRO S 141 -39.58 -38.44 63.28
CA PRO S 141 -38.89 -37.53 64.19
C PRO S 141 -37.89 -38.27 65.07
N ALA S 142 -36.95 -37.50 65.62
CA ALA S 142 -35.89 -38.09 66.42
C ALA S 142 -36.38 -38.69 67.73
N ARG S 143 -37.57 -38.30 68.20
CA ARG S 143 -38.07 -38.76 69.48
C ARG S 143 -38.24 -40.28 69.50
N LEU S 144 -38.95 -40.81 68.48
CA LEU S 144 -39.23 -42.24 68.45
C LEU S 144 -37.94 -43.04 68.31
N ILE S 145 -37.01 -42.57 67.48
CA ILE S 145 -35.72 -43.24 67.35
C ILE S 145 -35.01 -43.28 68.69
N ALA S 146 -35.02 -42.15 69.41
CA ALA S 146 -34.35 -42.09 70.70
C ALA S 146 -34.95 -43.08 71.69
N GLU S 147 -36.29 -43.10 71.80
CA GLU S 147 -36.92 -44.03 72.75
C GLU S 147 -36.66 -45.48 72.37
N TYR S 148 -36.74 -45.82 71.07
CA TYR S 148 -36.52 -47.20 70.68
C TYR S 148 -35.07 -47.63 70.95
N VAL S 149 -34.11 -46.77 70.62
CA VAL S 149 -32.71 -47.10 70.88
C VAL S 149 -32.47 -47.27 72.37
N GLY S 150 -33.03 -46.37 73.18
CA GLY S 150 -32.87 -46.49 74.62
C GLY S 150 -33.48 -47.78 75.16
N GLU S 151 -34.67 -48.14 74.68
CA GLU S 151 -35.32 -49.36 75.16
C GLU S 151 -34.51 -50.59 74.77
N LYS S 152 -34.01 -50.65 73.53
CA LYS S 152 -33.22 -51.81 73.11
C LYS S 152 -31.92 -51.90 73.90
N LEU S 153 -31.26 -50.76 74.14
CA LEU S 153 -30.05 -50.78 74.94
C LEU S 153 -30.34 -51.22 76.36
N LEU S 154 -31.48 -50.81 76.92
CA LEU S 154 -31.86 -51.26 78.25
C LEU S 154 -32.07 -52.77 78.29
N GLU S 155 -32.74 -53.32 77.27
CA GLU S 155 -32.94 -54.77 77.23
C GLU S 155 -31.61 -55.50 77.15
N LEU S 156 -30.69 -55.03 76.30
CA LEU S 156 -29.38 -55.65 76.19
C LEU S 156 -28.63 -55.56 77.51
N ARG S 157 -28.69 -54.41 78.18
CA ARG S 157 -28.00 -54.25 79.45
C ARG S 157 -28.54 -55.21 80.51
N ARG S 158 -29.88 -55.36 80.58
CA ARG S 158 -30.46 -56.31 81.52
C ARG S 158 -30.01 -57.74 81.21
N LEU S 159 -30.02 -58.11 79.93
CA LEU S 159 -29.59 -59.45 79.55
C LEU S 159 -28.14 -59.71 79.93
N LEU S 160 -27.26 -58.74 79.62
CA LEU S 160 -25.84 -58.91 79.94
C LEU S 160 -25.60 -58.96 81.44
N GLU S 161 -26.30 -58.13 82.21
CA GLU S 161 -26.18 -58.19 83.66
C GLU S 161 -26.66 -59.54 84.20
N LYS S 162 -27.74 -60.09 83.63
CA LYS S 162 -28.18 -61.41 84.03
C LYS S 162 -27.14 -62.47 83.69
N LEU S 163 -26.46 -62.32 82.55
CA LEU S 163 -25.44 -63.30 82.17
C LEU S 163 -24.28 -63.30 83.16
N GLY S 164 -23.73 -62.13 83.47
CA GLY S 164 -22.64 -62.05 84.42
C GLY S 164 -21.49 -61.18 83.98
N VAL S 165 -21.64 -60.50 82.84
CA VAL S 165 -20.58 -59.63 82.34
C VAL S 165 -20.39 -58.47 83.32
N PRO S 166 -19.15 -58.09 83.66
CA PRO S 166 -18.95 -56.93 84.54
C PRO S 166 -19.47 -55.65 83.91
N LEU S 167 -19.91 -54.74 84.78
CA LEU S 167 -20.60 -53.54 84.32
C LEU S 167 -19.76 -52.68 83.38
N PRO S 168 -18.49 -52.36 83.66
CA PRO S 168 -17.73 -51.52 82.72
C PRO S 168 -17.66 -52.08 81.32
N GLU S 169 -17.51 -53.40 81.17
CA GLU S 169 -17.47 -54.00 79.84
C GLU S 169 -18.82 -53.88 79.14
N VAL S 170 -19.91 -54.06 79.90
CA VAL S 170 -21.24 -53.88 79.34
C VAL S 170 -21.40 -52.47 78.80
N ILE S 171 -20.99 -51.47 79.60
CA ILE S 171 -21.13 -50.09 79.16
C ILE S 171 -20.28 -49.82 77.94
N ALA S 172 -19.05 -50.35 77.92
CA ALA S 172 -18.18 -50.15 76.75
C ALA S 172 -18.80 -50.74 75.51
N LEU S 173 -19.41 -51.92 75.62
CA LEU S 173 -20.13 -52.51 74.49
C LEU S 173 -21.29 -51.62 74.05
N LEU S 174 -22.01 -51.04 75.02
CA LEU S 174 -23.15 -50.20 74.66
C LEU S 174 -22.71 -48.95 73.90
N LEU S 175 -21.64 -48.29 74.35
CA LEU S 175 -21.13 -47.16 73.56
C LEU S 175 -20.51 -47.61 72.23
N ARG S 176 -20.01 -48.84 72.15
CA ARG S 176 -19.58 -49.33 70.84
C ARG S 176 -20.76 -49.44 69.87
N VAL S 177 -21.87 -49.99 70.35
CA VAL S 177 -23.08 -50.08 69.53
C VAL S 177 -23.56 -48.68 69.15
N LEU S 178 -23.55 -47.76 70.11
CA LEU S 178 -23.99 -46.39 69.85
C LEU S 178 -23.08 -45.69 68.84
N GLU S 179 -21.78 -45.97 68.91
CA GLU S 179 -20.85 -45.42 67.93
C GLU S 179 -21.15 -45.96 66.54
N VAL S 180 -21.45 -47.25 66.44
CA VAL S 180 -21.83 -47.84 65.15
C VAL S 180 -23.07 -47.15 64.60
N VAL S 181 -24.09 -46.96 65.46
CA VAL S 181 -25.33 -46.33 65.02
C VAL S 181 -25.08 -44.89 64.58
N GLU S 182 -24.27 -44.14 65.35
CA GLU S 182 -23.97 -42.76 65.00
C GLU S 182 -23.22 -42.68 63.67
N GLU S 183 -22.28 -43.60 63.45
CA GLU S 183 -21.54 -43.61 62.19
C GLU S 183 -22.48 -43.88 61.03
N SER S 184 -23.39 -44.85 61.19
CA SER S 184 -24.36 -45.14 60.15
C SER S 184 -25.23 -43.94 59.85
N LEU S 185 -25.73 -43.27 60.90
CA LEU S 185 -26.59 -42.10 60.70
C LEU S 185 -25.84 -40.97 60.01
N LYS S 186 -24.58 -40.73 60.41
CA LYS S 186 -23.79 -39.68 59.78
C LYS S 186 -23.54 -39.99 58.32
N ALA S 187 -23.22 -41.24 58.00
CA ALA S 187 -22.95 -41.62 56.62
C ALA S 187 -24.20 -41.56 55.75
N MET S 188 -25.36 -41.86 56.33
CA MET S 188 -26.59 -41.86 55.55
C MET S 188 -26.96 -40.46 55.04
N GLY S 189 -26.80 -39.44 55.88
CA GLY S 189 -27.09 -38.09 55.44
C GLY S 189 -27.82 -37.24 56.46
N MET S 190 -28.09 -37.79 57.64
CA MET S 190 -28.81 -37.05 58.66
C MET S 190 -28.02 -35.83 59.12
N GLU S 191 -28.74 -34.75 59.43
CA GLU S 191 -28.10 -33.55 59.93
C GLU S 191 -27.51 -33.81 61.32
N PRO S 192 -26.34 -33.22 61.61
CA PRO S 192 -25.66 -33.54 62.88
C PRO S 192 -26.48 -33.27 64.13
N ARG S 193 -27.35 -32.27 64.12
CA ARG S 193 -28.08 -31.92 65.34
C ARG S 193 -28.98 -33.05 65.81
N GLU S 194 -29.70 -33.69 64.88
CA GLU S 194 -30.58 -34.79 65.27
C GLU S 194 -29.79 -36.00 65.78
N ILE S 195 -28.64 -36.28 65.16
CA ILE S 195 -27.79 -37.38 65.63
C ILE S 195 -27.31 -37.09 67.04
N ASN S 196 -26.87 -35.86 67.29
CA ASN S 196 -26.45 -35.48 68.63
C ASN S 196 -27.59 -35.61 69.62
N ARG S 197 -28.80 -35.22 69.21
CA ARG S 197 -29.96 -35.29 70.09
C ARG S 197 -30.27 -36.74 70.48
N VAL S 198 -30.27 -37.64 69.50
CA VAL S 198 -30.63 -39.03 69.79
C VAL S 198 -29.53 -39.71 70.61
N LEU S 199 -28.26 -39.42 70.31
CA LEU S 199 -27.18 -39.98 71.11
C LEU S 199 -27.25 -39.48 72.55
N ALA S 200 -27.51 -38.18 72.73
CA ALA S 200 -27.64 -37.62 74.07
C ALA S 200 -28.80 -38.26 74.82
N ALA S 201 -29.93 -38.48 74.13
CA ALA S 201 -31.06 -39.12 74.78
C ALA S 201 -30.72 -40.55 75.21
N ALA S 202 -29.99 -41.29 74.35
CA ALA S 202 -29.60 -42.65 74.71
C ALA S 202 -28.66 -42.66 75.93
N TYR S 203 -27.68 -41.76 75.93
CA TYR S 203 -26.80 -41.66 77.10
C TYR S 203 -27.58 -41.28 78.34
N LEU S 204 -28.54 -40.38 78.20
CA LEU S 204 -29.34 -39.94 79.35
C LEU S 204 -30.17 -41.07 79.93
N THR S 205 -30.81 -41.87 79.08
CA THR S 205 -31.61 -42.97 79.62
C THR S 205 -30.73 -44.05 80.23
N LEU S 206 -29.57 -44.31 79.63
CA LEU S 206 -28.63 -45.26 80.22
C LEU S 206 -28.17 -44.80 81.60
N ALA S 207 -27.81 -43.52 81.72
CA ALA S 207 -27.37 -42.98 83.00
C ALA S 207 -28.50 -42.97 84.02
N ALA S 208 -29.72 -42.67 83.57
CA ALA S 208 -30.87 -42.68 84.48
C ALA S 208 -31.12 -44.07 85.04
N GLU S 209 -31.05 -45.09 84.18
CA GLU S 209 -31.20 -46.46 84.67
C GLU S 209 -30.08 -46.82 85.64
N LEU S 210 -28.85 -46.44 85.32
CA LEU S 210 -27.72 -46.75 86.20
C LEU S 210 -27.90 -46.11 87.57
N LEU S 211 -28.33 -44.85 87.60
CA LEU S 211 -28.54 -44.17 88.88
C LEU S 211 -29.72 -44.78 89.63
N GLU S 212 -30.82 -45.10 88.94
CA GLU S 212 -31.98 -45.66 89.60
C GLU S 212 -31.67 -47.03 90.21
N ARG S 213 -30.77 -47.79 89.58
CA ARG S 213 -30.39 -49.09 90.14
C ARG S 213 -29.80 -48.95 91.54
N LEU S 214 -29.13 -47.84 91.82
CA LEU S 214 -28.49 -47.62 93.11
C LEU S 214 -29.43 -47.01 94.15
N GLY S 215 -30.66 -46.65 93.76
CA GLY S 215 -31.62 -46.10 94.69
C GLY S 215 -31.81 -44.60 94.59
N LEU S 216 -30.94 -43.89 93.88
CA LEU S 216 -31.07 -42.44 93.71
C LEU S 216 -32.17 -42.15 92.70
N THR S 217 -33.41 -42.37 93.14
CA THR S 217 -34.56 -42.23 92.26
C THR S 217 -34.84 -40.78 91.87
N ALA S 218 -34.63 -39.82 92.77
CA ALA S 218 -34.87 -38.42 92.43
C ALA S 218 -33.90 -37.92 91.38
N LEU S 219 -32.62 -38.29 91.49
CA LEU S 219 -31.65 -37.91 90.47
C LEU S 219 -32.00 -38.53 89.13
N ALA S 220 -32.42 -39.80 89.12
CA ALA S 220 -32.84 -40.43 87.88
C ALA S 220 -34.04 -39.72 87.28
N ALA S 221 -35.01 -39.32 88.12
CA ALA S 221 -36.17 -38.60 87.62
C ALA S 221 -35.76 -37.26 87.01
N ARG S 222 -34.81 -36.56 87.65
CA ARG S 222 -34.32 -35.31 87.08
C ARG S 222 -33.64 -35.54 85.73
N ILE S 223 -32.87 -36.64 85.61
CA ILE S 223 -32.22 -36.95 84.33
C ILE S 223 -33.27 -37.23 83.26
N ARG S 224 -34.32 -37.97 83.62
CA ARG S 224 -35.39 -38.25 82.64
C ARG S 224 -36.11 -36.96 82.24
N ARG S 225 -36.33 -36.05 83.19
CA ARG S 225 -36.92 -34.76 82.86
C ARG S 225 -36.03 -33.99 81.89
N ALA S 226 -34.71 -34.01 82.13
CA ALA S 226 -33.79 -33.34 81.22
C ALA S 226 -33.86 -33.95 79.83
N ARG S 227 -33.91 -35.28 79.74
CA ARG S 227 -34.02 -35.94 78.45
C ARG S 227 -35.31 -35.54 77.73
N GLU S 228 -36.43 -35.52 78.46
CA GLU S 228 -37.70 -35.15 77.85
C GLU S 228 -37.69 -33.71 77.36
N LEU S 229 -37.12 -32.80 78.14
CA LEU S 229 -37.00 -31.41 77.68
C LEU S 229 -36.07 -31.30 76.48
N LEU S 230 -35.03 -32.13 76.42
CA LEU S 230 -34.13 -32.13 75.26
C LEU S 230 -34.85 -32.59 74.01
N LEU S 231 -35.68 -33.64 74.12
CA LEU S 231 -36.37 -34.19 72.96
C LEU S 231 -37.45 -33.27 72.43
N ALA S 232 -37.92 -32.31 73.22
CA ALA S 232 -38.98 -31.41 72.81
C ALA S 232 -38.48 -30.11 72.19
N GLY S 233 -37.16 -29.99 71.98
CA GLY S 233 -36.58 -28.79 71.43
C GLY S 233 -36.11 -27.78 72.46
N ARG S 234 -36.44 -27.97 73.73
CA ARG S 234 -35.99 -27.09 74.80
C ARG S 234 -34.57 -27.49 75.19
N VAL S 235 -33.59 -26.93 74.48
CA VAL S 235 -32.21 -27.38 74.62
C VAL S 235 -31.55 -26.79 75.86
N GLU S 236 -31.66 -25.47 76.03
CA GLU S 236 -30.93 -24.80 77.12
C GLU S 236 -31.45 -25.21 78.49
N GLU S 237 -32.77 -25.37 78.63
CA GLU S 237 -33.32 -25.81 79.90
C GLU S 237 -32.84 -27.20 80.27
N ALA S 238 -32.82 -28.12 79.30
CA ALA S 238 -32.28 -29.45 79.55
C ALA S 238 -30.80 -29.38 79.87
N LEU S 239 -30.06 -28.49 79.21
CA LEU S 239 -28.64 -28.31 79.49
C LEU S 239 -28.43 -27.91 80.95
N HIS S 240 -29.17 -26.91 81.41
CA HIS S 240 -29.00 -26.46 82.80
C HIS S 240 -29.45 -27.51 83.79
N LEU S 241 -30.55 -28.22 83.51
CA LEU S 241 -30.98 -29.29 84.39
C LEU S 241 -29.90 -30.37 84.50
N LEU S 242 -29.30 -30.74 83.37
CA LEU S 242 -28.23 -31.73 83.37
C LEU S 242 -27.02 -31.23 84.15
N GLN S 243 -26.67 -29.94 84.01
CA GLN S 243 -25.53 -29.41 84.74
C GLN S 243 -25.78 -29.44 86.24
N ASP S 244 -26.98 -29.06 86.68
CA ASP S 244 -27.30 -29.12 88.11
C ASP S 244 -27.26 -30.55 88.62
N ALA S 245 -27.81 -31.50 87.85
CA ALA S 245 -27.73 -32.90 88.23
C ALA S 245 -26.28 -33.37 88.32
N VAL S 246 -25.44 -32.90 87.41
CA VAL S 246 -24.03 -33.28 87.42
C VAL S 246 -23.34 -32.76 88.68
N GLU S 247 -23.62 -31.50 89.06
CA GLU S 247 -23.03 -30.98 90.29
C GLU S 247 -23.51 -31.75 91.51
N LEU S 248 -24.79 -32.11 91.56
CA LEU S 248 -25.28 -32.89 92.70
C LEU S 248 -24.63 -34.27 92.74
N LEU S 249 -24.47 -34.90 91.58
CA LEU S 249 -23.81 -36.21 91.51
C LEU S 249 -22.37 -36.10 91.96
N HIS S 250 -21.68 -35.04 91.55
CA HIS S 250 -20.29 -34.83 91.99
C HIS S 250 -20.22 -34.65 93.50
N GLU S 251 -21.17 -33.90 94.06
CA GLU S 251 -21.21 -33.73 95.51
C GLU S 251 -21.37 -35.08 96.20
N ARG S 252 -22.30 -35.90 95.72
CA ARG S 252 -22.50 -37.22 96.33
C ARG S 252 -21.25 -38.09 96.18
N ILE S 253 -20.63 -38.06 95.01
CA ILE S 253 -19.47 -38.91 94.75
C ILE S 253 -18.30 -38.52 95.65
N ARG S 254 -18.04 -37.21 95.77
CA ARG S 254 -16.95 -36.75 96.62
C ARG S 254 -17.28 -36.84 98.10
N GLU S 255 -18.56 -36.94 98.48
CA GLU S 255 -18.90 -37.24 99.86
C GLU S 255 -18.69 -38.71 100.18
N LEU S 256 -18.96 -39.60 99.20
CA LEU S 256 -18.80 -41.03 99.44
C LEU S 256 -17.32 -41.39 99.61
N GLY S 257 -16.45 -40.85 98.77
CA GLY S 257 -15.03 -41.12 98.85
C GLY S 257 -14.60 -42.17 97.82
N PHE S 258 -13.72 -43.07 98.24
CA PHE S 258 -13.21 -44.14 97.38
C PHE S 258 -14.08 -45.39 97.40
N GLU S 259 -15.13 -45.41 98.22
CA GLU S 259 -16.06 -46.54 98.26
C GLU S 259 -17.28 -46.30 97.38
N ALA S 260 -17.17 -45.42 96.39
CA ALA S 260 -18.29 -45.15 95.51
C ALA S 260 -18.52 -46.33 94.56
N PRO S 261 -19.73 -46.87 94.50
CA PRO S 261 -19.99 -47.96 93.56
C PRO S 261 -19.76 -47.51 92.12
N GLU S 262 -19.42 -48.49 91.26
CA GLU S 262 -19.10 -48.19 89.87
C GLU S 262 -20.27 -47.54 89.14
N GLU S 263 -21.50 -47.71 89.65
CA GLU S 263 -22.66 -47.09 89.01
C GLU S 263 -22.52 -45.57 88.99
N LEU S 264 -22.07 -44.97 90.09
CA LEU S 264 -21.94 -43.53 90.14
C LEU S 264 -20.91 -43.03 89.13
N LEU S 265 -19.75 -43.70 89.04
CA LEU S 265 -18.71 -43.25 88.12
C LEU S 265 -19.14 -43.42 86.67
N LEU S 266 -19.77 -44.56 86.34
CA LEU S 266 -20.22 -44.78 84.97
C LEU S 266 -21.31 -43.79 84.59
N ALA S 267 -22.24 -43.52 85.51
CA ALA S 267 -23.26 -42.52 85.26
C ALA S 267 -22.66 -41.13 85.08
N ASP S 268 -21.64 -40.81 85.87
CA ASP S 268 -20.96 -39.52 85.72
C ASP S 268 -20.34 -39.39 84.34
N LEU S 269 -19.64 -40.43 83.88
CA LEU S 269 -19.03 -40.37 82.55
C LEU S 269 -20.08 -40.24 81.46
N LEU S 270 -21.18 -41.00 81.57
CA LEU S 270 -22.24 -40.91 80.58
C LEU S 270 -22.87 -39.53 80.58
N LEU S 271 -23.07 -38.94 81.76
CA LEU S 271 -23.65 -37.60 81.85
C LEU S 271 -22.72 -36.56 81.26
N GLN S 272 -21.41 -36.72 81.44
CA GLN S 272 -20.47 -35.78 80.83
C GLN S 272 -20.50 -35.88 79.31
N ARG S 273 -20.55 -37.11 78.78
CA ARG S 273 -20.66 -37.25 77.33
C ARG S 273 -21.96 -36.63 76.81
N ALA S 274 -23.06 -36.86 77.52
CA ALA S 274 -24.34 -36.26 77.13
C ALA S 274 -24.27 -34.74 77.21
N LEU S 275 -23.59 -34.20 78.22
CA LEU S 275 -23.44 -32.75 78.34
C LEU S 275 -22.67 -32.18 77.16
N GLU S 276 -21.57 -32.84 76.78
CA GLU S 276 -20.82 -32.37 75.62
C GLU S 276 -21.64 -32.44 74.35
N LEU S 277 -22.39 -33.53 74.16
CA LEU S 277 -23.23 -33.66 72.98
C LEU S 277 -24.31 -32.60 72.92
N ILE S 278 -24.95 -32.32 74.06
CA ILE S 278 -25.99 -31.28 74.11
C ILE S 278 -25.39 -29.92 73.85
N SER S 279 -24.20 -29.64 74.40
CA SER S 279 -23.55 -28.37 74.16
C SER S 279 -23.20 -28.19 72.69
N SER S 280 -22.76 -29.28 72.03
CA SER S 280 -22.42 -29.19 70.61
C SER S 280 -23.65 -29.07 69.72
N ILE S 281 -24.85 -29.25 70.25
CA ILE S 281 -26.07 -29.14 69.46
C ILE S 281 -26.24 -27.70 68.96
N THR T 24 23.51 -55.27 96.27
CA THR T 24 24.86 -54.84 95.92
C THR T 24 24.80 -53.52 95.15
N VAL T 25 23.63 -53.23 94.58
CA VAL T 25 23.33 -51.99 93.88
C VAL T 25 24.14 -51.87 92.59
N GLU T 26 25.47 -52.03 92.68
CA GLU T 26 26.31 -51.95 91.49
C GLU T 26 25.95 -53.05 90.49
N GLU T 27 25.92 -54.30 90.97
CA GLU T 27 25.55 -55.42 90.11
C GLU T 27 24.21 -55.17 89.43
N GLU T 28 23.29 -54.49 90.13
CA GLU T 28 22.07 -54.07 89.48
C GLU T 28 22.35 -53.14 88.30
N VAL T 29 23.37 -52.28 88.42
CA VAL T 29 23.67 -51.35 87.32
C VAL T 29 24.21 -52.09 86.11
N ILE T 30 25.20 -52.98 86.30
CA ILE T 30 25.72 -53.69 85.13
C ILE T 30 24.67 -54.61 84.54
N ARG T 31 23.89 -55.30 85.39
CA ARG T 31 22.81 -56.14 84.89
C ARG T 31 21.77 -55.31 84.15
N PHE T 32 21.51 -54.08 84.60
CA PHE T 32 20.58 -53.21 83.89
C PHE T 32 21.09 -52.89 82.50
N ALA T 33 22.37 -52.55 82.38
CA ALA T 33 22.93 -52.26 81.07
C ALA T 33 22.86 -53.46 80.14
N GLU T 34 23.29 -54.64 80.64
CA GLU T 34 23.29 -55.83 79.82
C GLU T 34 21.88 -56.25 79.42
N GLU T 35 20.93 -56.20 80.36
CA GLU T 35 19.55 -56.56 80.06
C GLU T 35 18.92 -55.57 79.09
N LEU T 36 19.27 -54.28 79.19
CA LEU T 36 18.77 -53.31 78.23
C LEU T 36 19.25 -53.63 76.82
N ALA T 37 20.56 -53.93 76.69
CA ALA T 37 21.09 -54.29 75.38
C ALA T 37 20.43 -55.56 74.85
N GLU T 38 20.24 -56.55 75.72
CA GLU T 38 19.59 -57.80 75.30
C GLU T 38 18.14 -57.54 74.89
N GLU T 39 17.47 -56.61 75.55
CA GLU T 39 16.10 -56.28 75.18
C GLU T 39 16.04 -55.60 73.81
N ILE T 40 16.99 -54.71 73.52
CA ILE T 40 17.05 -54.16 72.16
C ILE T 40 17.26 -55.27 71.15
N ARG T 41 18.16 -56.21 71.45
CA ARG T 41 18.39 -57.33 70.54
C ARG T 41 17.13 -58.17 70.36
N ARG T 42 16.37 -58.39 71.43
CA ARG T 42 15.15 -59.19 71.35
C ARG T 42 14.10 -58.50 70.50
N VAL T 43 13.86 -57.21 70.76
CA VAL T 43 12.77 -56.51 70.06
C VAL T 43 13.13 -56.28 68.60
N THR T 44 14.37 -55.91 68.30
CA THR T 44 14.77 -55.58 66.95
C THR T 44 15.65 -56.62 66.27
N GLY T 45 16.70 -57.08 66.94
CA GLY T 45 17.63 -58.01 66.33
C GLY T 45 18.94 -57.37 65.96
N GLU T 46 19.26 -57.39 64.66
CA GLU T 46 20.50 -56.78 64.17
C GLU T 46 20.22 -55.66 63.17
N ALA T 47 18.96 -55.22 63.06
CA ALA T 47 18.65 -54.05 62.26
C ALA T 47 19.08 -52.75 62.93
N TYR T 48 19.07 -52.70 64.26
CA TYR T 48 19.54 -51.55 65.03
C TYR T 48 20.64 -52.06 65.96
N ARG T 49 21.88 -52.08 65.45
CA ARG T 49 23.02 -52.57 66.20
C ARG T 49 23.88 -51.46 66.78
N GLU T 50 23.88 -50.27 66.16
CA GLU T 50 24.61 -49.14 66.71
C GLU T 50 24.05 -48.75 68.07
N TYR T 51 22.72 -48.85 68.24
CA TYR T 51 22.12 -48.55 69.53
C TYR T 51 22.58 -49.53 70.59
N ALA T 52 22.66 -50.82 70.25
CA ALA T 52 23.16 -51.81 71.21
C ALA T 52 24.63 -51.55 71.54
N GLU T 53 25.42 -51.16 70.53
CA GLU T 53 26.82 -50.80 70.78
C GLU T 53 26.92 -49.63 71.75
N ALA T 54 26.11 -48.59 71.53
CA ALA T 54 26.13 -47.43 72.41
C ALA T 54 25.71 -47.80 73.83
N VAL T 55 24.68 -48.66 73.96
CA VAL T 55 24.22 -49.06 75.29
C VAL T 55 25.31 -49.85 76.01
N ARG T 56 26.00 -50.75 75.30
CA ARG T 56 27.08 -51.50 75.93
C ARG T 56 28.24 -50.59 76.32
N HIS T 57 28.55 -49.60 75.48
CA HIS T 57 29.58 -48.63 75.81
C HIS T 57 29.21 -47.84 77.07
N LEU T 58 27.95 -47.41 77.16
CA LEU T 58 27.51 -46.67 78.35
C LEU T 58 27.50 -47.57 79.59
N GLY T 59 27.20 -48.85 79.43
CA GLY T 59 27.33 -49.78 80.54
C GLY T 59 28.78 -49.92 81.00
N GLU T 60 29.70 -49.97 80.05
CA GLU T 60 31.12 -50.00 80.41
C GLU T 60 31.54 -48.74 81.13
N ALA T 61 31.03 -47.58 80.69
CA ALA T 61 31.32 -46.32 81.36
C ALA T 61 30.78 -46.32 82.78
N ALA T 62 29.54 -46.80 82.96
CA ALA T 62 28.96 -46.88 84.29
C ALA T 62 29.75 -47.82 85.19
N LYS T 63 30.27 -48.91 84.63
CA LYS T 63 31.16 -49.79 85.39
C LYS T 63 32.44 -49.06 85.79
N ALA T 64 33.00 -48.28 84.86
CA ALA T 64 34.26 -47.58 85.12
C ALA T 64 34.10 -46.53 86.20
N VAL T 65 32.95 -45.84 86.22
CA VAL T 65 32.70 -44.83 87.25
C VAL T 65 32.78 -45.45 88.63
N LEU T 66 32.23 -46.66 88.80
CA LEU T 66 32.07 -47.26 90.11
C LEU T 66 33.36 -47.78 90.70
N GLU T 67 34.44 -47.86 89.93
CA GLU T 67 35.73 -48.30 90.47
C GLU T 67 36.64 -47.14 90.86
N GLY T 68 36.38 -45.94 90.38
CA GLY T 68 37.20 -44.79 90.74
C GLY T 68 37.77 -44.06 89.55
N ASN T 69 37.99 -44.77 88.44
CA ASN T 69 38.52 -44.16 87.23
C ASN T 69 37.50 -43.21 86.65
N SER T 70 37.81 -41.91 86.66
CA SER T 70 36.87 -40.88 86.21
C SER T 70 37.22 -40.28 84.86
N VAL T 71 38.36 -40.62 84.27
CA VAL T 71 38.72 -40.12 82.95
C VAL T 71 38.32 -41.10 81.85
N GLU T 72 38.45 -42.40 82.12
CA GLU T 72 37.97 -43.40 81.17
C GLU T 72 36.48 -43.25 80.93
N ALA T 73 35.72 -42.86 81.96
CA ALA T 73 34.30 -42.60 81.78
C ALA T 73 34.07 -41.46 80.79
N ASP T 74 34.84 -40.38 80.92
CA ASP T 74 34.71 -39.26 79.99
C ASP T 74 35.07 -39.68 78.57
N LEU T 75 36.13 -40.46 78.41
CA LEU T 75 36.52 -40.92 77.08
C LEU T 75 35.43 -41.80 76.47
N ILE T 76 34.84 -42.69 77.26
CA ILE T 76 33.79 -43.57 76.75
C ILE T 76 32.55 -42.76 76.40
N VAL T 77 32.22 -41.75 77.20
CA VAL T 77 31.07 -40.91 76.89
C VAL T 77 31.30 -40.14 75.60
N THR T 78 32.53 -39.68 75.36
CA THR T 78 32.83 -39.03 74.08
C THR T 78 32.72 -40.01 72.92
N ASP T 79 33.15 -41.25 73.12
CA ASP T 79 32.99 -42.28 72.08
C ASP T 79 31.51 -42.49 71.76
N VAL T 80 30.67 -42.59 72.81
CA VAL T 80 29.24 -42.74 72.61
C VAL T 80 28.67 -41.53 71.89
N LEU T 81 29.16 -40.34 72.23
CA LEU T 81 28.70 -39.13 71.55
C LEU T 81 29.03 -39.17 70.07
N ARG T 82 30.23 -39.62 69.72
CA ARG T 82 30.59 -39.77 68.32
C ARG T 82 29.70 -40.79 67.61
N LEU T 83 29.42 -41.92 68.28
CA LEU T 83 28.55 -42.93 67.70
C LEU T 83 27.15 -42.37 67.42
N LEU T 84 26.60 -41.63 68.39
CA LEU T 84 25.27 -41.05 68.22
C LEU T 84 25.28 -39.95 67.17
N GLU T 85 26.39 -39.21 67.04
CA GLU T 85 26.50 -38.23 65.97
C GLU T 85 26.51 -38.91 64.61
N ARG T 86 27.16 -40.07 64.50
CA ARG T 86 27.11 -40.83 63.26
C ARG T 86 25.71 -41.37 63.00
N ILE T 87 24.98 -41.76 64.05
CA ILE T 87 23.64 -42.30 63.88
C ILE T 87 22.72 -41.25 63.27
N GLY T 88 22.69 -40.04 63.86
CA GLY T 88 21.91 -38.95 63.30
C GLY T 88 20.59 -38.69 63.99
N GLU T 89 20.58 -38.70 65.32
CA GLU T 89 19.38 -38.40 66.11
C GLU T 89 19.68 -37.13 66.92
N GLU T 90 19.14 -36.00 66.47
CA GLU T 90 19.56 -34.69 66.98
C GLU T 90 19.31 -34.56 68.47
N GLY T 91 18.11 -34.89 68.92
CA GLY T 91 17.79 -34.75 70.34
C GLY T 91 18.64 -35.66 71.21
N LEU T 92 18.90 -36.88 70.73
CA LEU T 92 19.72 -37.80 71.51
C LEU T 92 21.16 -37.31 71.59
N VAL T 93 21.68 -36.72 70.50
CA VAL T 93 23.02 -36.14 70.53
C VAL T 93 23.06 -34.97 71.50
N LYS T 94 22.01 -34.14 71.52
CA LYS T 94 21.94 -33.04 72.48
C LYS T 94 22.01 -33.57 73.91
N LEU T 95 21.20 -34.58 74.22
CA LEU T 95 21.23 -35.18 75.55
C LEU T 95 22.60 -35.76 75.85
N ALA T 96 23.26 -36.33 74.84
CA ALA T 96 24.60 -36.88 75.05
C ALA T 96 25.60 -35.77 75.41
N ARG T 97 25.50 -34.62 74.74
CA ARG T 97 26.39 -33.51 75.05
C ARG T 97 26.17 -33.01 76.48
N GLU T 98 24.90 -32.84 76.87
CA GLU T 98 24.62 -32.40 78.23
C GLU T 98 25.12 -33.42 79.26
N VAL T 99 24.93 -34.71 78.97
CA VAL T 99 25.43 -35.74 79.87
C VAL T 99 26.94 -35.67 79.98
N HIS T 100 27.63 -35.48 78.84
CA HIS T 100 29.09 -35.36 78.85
C HIS T 100 29.53 -34.23 79.77
N GLU T 101 28.97 -33.04 79.57
CA GLU T 101 29.41 -31.88 80.36
C GLU T 101 29.11 -32.07 81.84
N ARG T 102 27.86 -32.42 82.16
CA ARG T 102 27.47 -32.55 83.56
C ARG T 102 28.23 -33.67 84.25
N SER T 103 28.40 -34.81 83.57
CA SER T 103 29.13 -35.92 84.15
C SER T 103 30.59 -35.55 84.41
N PHE T 104 31.21 -34.85 83.46
CA PHE T 104 32.59 -34.41 83.69
C PHE T 104 32.68 -33.52 84.92
N GLU T 105 31.81 -32.51 85.01
CA GLU T 105 31.88 -31.58 86.13
C GLU T 105 31.61 -32.28 87.46
N LEU T 106 30.59 -33.14 87.51
CA LEU T 106 30.26 -33.82 88.76
C LEU T 106 31.33 -34.82 89.16
N LEU T 107 31.91 -35.54 88.20
CA LEU T 107 32.97 -36.47 88.52
C LEU T 107 34.23 -35.76 89.00
N ARG T 108 34.52 -34.58 88.44
CA ARG T 108 35.61 -33.77 88.97
C ARG T 108 35.31 -33.34 90.40
N LYS T 109 34.07 -32.89 90.66
CA LYS T 109 33.70 -32.48 92.00
C LYS T 109 33.63 -33.68 92.95
N GLY T 110 33.00 -34.78 92.50
CA GLY T 110 32.92 -35.97 93.32
C GLY T 110 31.53 -36.57 93.44
N ASN T 111 30.60 -36.09 92.63
CA ASN T 111 29.21 -36.59 92.67
C ASN T 111 29.12 -37.83 91.77
N ARG T 112 29.48 -38.97 92.35
CA ARG T 112 29.44 -40.23 91.60
C ARG T 112 28.03 -40.61 91.23
N VAL T 113 27.09 -40.46 92.17
CA VAL T 113 25.74 -40.99 91.99
C VAL T 113 25.00 -40.26 90.87
N GLU T 114 25.16 -38.94 90.80
CA GLU T 114 24.46 -38.19 89.76
C GLU T 114 25.05 -38.49 88.38
N ALA T 115 26.36 -38.67 88.29
CA ALA T 115 26.96 -39.08 87.01
C ALA T 115 26.45 -40.45 86.58
N LEU T 116 26.35 -41.38 87.52
CA LEU T 116 25.78 -42.70 87.21
C LEU T 116 24.34 -42.56 86.73
N ALA T 117 23.56 -41.70 87.39
CA ALA T 117 22.17 -41.50 86.98
C ALA T 117 22.09 -40.94 85.57
N LEU T 118 22.95 -39.97 85.25
CA LEU T 118 22.94 -39.40 83.90
C LEU T 118 23.33 -40.45 82.86
N ILE T 119 24.33 -41.28 83.16
CA ILE T 119 24.75 -42.32 82.21
C ILE T 119 23.60 -43.30 81.98
N LEU T 120 22.94 -43.72 83.05
CA LEU T 120 21.82 -44.66 82.90
C LEU T 120 20.66 -44.03 82.14
N ALA T 121 20.39 -42.74 82.39
CA ALA T 121 19.34 -42.06 81.65
C ALA T 121 19.67 -41.99 80.16
N LEU T 122 20.93 -41.72 79.82
CA LEU T 122 21.32 -41.70 78.41
C LEU T 122 21.15 -43.07 77.79
N ALA T 123 21.55 -44.14 78.49
CA ALA T 123 21.40 -45.48 77.95
C ALA T 123 19.93 -45.81 77.71
N LEU T 124 19.07 -45.47 78.68
CA LEU T 124 17.64 -45.71 78.52
C LEU T 124 17.08 -44.92 77.36
N ALA T 125 17.54 -43.68 77.18
CA ALA T 125 17.07 -42.87 76.05
C ALA T 125 17.44 -43.51 74.73
N VAL T 126 18.67 -44.00 74.61
CA VAL T 126 19.09 -44.68 73.37
C VAL T 126 18.21 -45.90 73.11
N ALA T 127 18.03 -46.74 74.14
CA ALA T 127 17.26 -47.96 73.97
C ALA T 127 15.82 -47.67 73.59
N LEU T 128 15.19 -46.70 74.27
CA LEU T 128 13.81 -46.37 73.99
C LEU T 128 13.65 -45.75 72.61
N THR T 129 14.62 -44.93 72.19
CA THR T 129 14.56 -44.36 70.84
C THR T 129 14.61 -45.47 69.80
N ALA T 130 15.53 -46.42 69.97
CA ALA T 130 15.63 -47.53 69.02
C ALA T 130 14.34 -48.35 68.99
N VAL T 131 13.81 -48.68 70.17
CA VAL T 131 12.61 -49.51 70.25
C VAL T 131 11.41 -48.79 69.62
N SER T 132 11.25 -47.51 69.92
CA SER T 132 10.13 -46.75 69.38
C SER T 132 10.24 -46.62 67.86
N LYS T 133 11.44 -46.38 67.35
CA LYS T 133 11.61 -46.30 65.91
C LYS T 133 11.27 -47.63 65.24
N ALA T 134 11.71 -48.74 65.83
CA ALA T 134 11.39 -50.05 65.27
C ALA T 134 9.88 -50.30 65.30
N PHE T 135 9.23 -49.96 66.41
CA PHE T 135 7.79 -50.18 66.53
C PHE T 135 7.01 -49.35 65.52
N PHE T 136 7.39 -48.08 65.33
CA PHE T 136 6.71 -47.27 64.34
C PHE T 136 6.97 -47.77 62.92
N LEU T 137 8.19 -48.22 62.64
CA LEU T 137 8.50 -48.74 61.30
C LEU T 137 7.67 -49.98 61.00
N LEU T 138 7.52 -50.88 61.98
CA LEU T 138 6.70 -52.06 61.78
C LEU T 138 5.24 -51.68 61.51
N GLY T 139 4.70 -50.76 62.31
CA GLY T 139 3.32 -50.33 62.17
C GLY T 139 2.47 -50.65 63.38
N GLN T 140 3.12 -50.83 64.52
CA GLN T 140 2.42 -51.23 65.73
C GLN T 140 1.53 -50.09 66.24
N PRO T 141 0.45 -50.42 66.93
CA PRO T 141 -0.36 -49.37 67.58
C PRO T 141 0.33 -48.82 68.82
N ALA T 142 -0.21 -47.70 69.30
CA ALA T 142 0.43 -46.95 70.38
C ALA T 142 0.39 -47.67 71.72
N ARG T 143 -0.48 -48.68 71.89
CA ARG T 143 -0.66 -49.30 73.19
C ARG T 143 0.61 -49.98 73.67
N LEU T 144 1.20 -50.84 72.84
CA LEU T 144 2.39 -51.57 73.27
C LEU T 144 3.58 -50.65 73.44
N ILE T 145 3.70 -49.64 72.57
CA ILE T 145 4.77 -48.65 72.72
C ILE T 145 4.67 -47.97 74.08
N ALA T 146 3.45 -47.51 74.43
CA ALA T 146 3.26 -46.84 75.71
C ALA T 146 3.56 -47.77 76.88
N GLU T 147 3.09 -49.02 76.80
CA GLU T 147 3.35 -49.96 77.90
C GLU T 147 4.83 -50.24 78.07
N TYR T 148 5.55 -50.44 76.96
CA TYR T 148 6.98 -50.70 77.06
C TYR T 148 7.74 -49.49 77.60
N VAL T 149 7.39 -48.29 77.13
CA VAL T 149 8.05 -47.08 77.63
C VAL T 149 7.80 -46.93 79.12
N GLY T 150 6.56 -47.13 79.55
CA GLY T 150 6.25 -47.03 80.98
C GLY T 150 7.01 -48.05 81.80
N GLU T 151 7.08 -49.29 81.32
CA GLU T 151 7.79 -50.33 82.07
C GLU T 151 9.28 -50.00 82.19
N LYS T 152 9.90 -49.55 81.09
CA LYS T 152 11.32 -49.21 81.14
C LYS T 152 11.57 -48.04 82.07
N LEU T 153 10.70 -47.02 82.02
CA LEU T 153 10.84 -45.88 82.92
C LEU T 153 10.69 -46.31 84.37
N LEU T 154 9.77 -47.23 84.64
CA LEU T 154 9.61 -47.77 85.99
C LEU T 154 10.86 -48.48 86.46
N GLU T 155 11.46 -49.30 85.59
CA GLU T 155 12.70 -49.99 85.96
C GLU T 155 13.81 -49.01 86.26
N LEU T 156 13.96 -47.98 85.42
CA LEU T 156 14.99 -46.98 85.67
C LEU T 156 14.73 -46.23 86.98
N ARG T 157 13.46 -45.90 87.25
CA ARG T 157 13.13 -45.21 88.49
C ARG T 157 13.46 -46.06 89.71
N ARG T 158 13.15 -47.36 89.66
CA ARG T 158 13.49 -48.24 90.78
C ARG T 158 15.00 -48.31 90.97
N LEU T 159 15.76 -48.44 89.87
CA LEU T 159 17.21 -48.50 89.97
C LEU T 159 17.78 -47.23 90.59
N LEU T 160 17.31 -46.07 90.11
CA LEU T 160 17.82 -44.80 90.63
C LEU T 160 17.45 -44.61 92.10
N GLU T 161 16.23 -44.98 92.48
CA GLU T 161 15.85 -44.90 93.88
C GLU T 161 16.69 -45.83 94.75
N LYS T 162 17.05 -46.99 94.22
CA LYS T 162 17.95 -47.88 94.95
C LYS T 162 19.34 -47.26 95.08
N LEU T 163 19.79 -46.55 94.05
CA LEU T 163 21.11 -45.92 94.11
C LEU T 163 21.16 -44.82 95.18
N GLY T 164 20.19 -43.91 95.16
CA GLY T 164 20.15 -42.86 96.15
C GLY T 164 19.90 -41.46 95.60
N VAL T 165 19.63 -41.38 94.30
CA VAL T 165 19.38 -40.08 93.67
C VAL T 165 18.11 -39.48 94.25
N PRO T 166 18.09 -38.18 94.59
CA PRO T 166 16.85 -37.58 95.10
C PRO T 166 15.74 -37.64 94.07
N LEU T 167 14.51 -37.76 94.57
CA LEU T 167 13.36 -38.02 93.70
C LEU T 167 13.13 -36.93 92.66
N PRO T 168 13.15 -35.63 92.98
CA PRO T 168 12.94 -34.63 91.92
C PRO T 168 13.93 -34.74 90.77
N GLU T 169 15.19 -35.03 91.06
CA GLU T 169 16.17 -35.21 89.99
C GLU T 169 15.85 -36.44 89.15
N VAL T 170 15.41 -37.52 89.79
CA VAL T 170 15.00 -38.72 89.04
C VAL T 170 13.86 -38.36 88.09
N ILE T 171 12.86 -37.64 88.58
CA ILE T 171 11.73 -37.28 87.74
C ILE T 171 12.18 -36.39 86.59
N ALA T 172 13.04 -35.41 86.87
CA ALA T 172 13.55 -34.54 85.81
C ALA T 172 14.27 -35.34 84.73
N LEU T 173 15.08 -36.32 85.15
CA LEU T 173 15.73 -37.19 84.18
C LEU T 173 14.72 -37.98 83.36
N LEU T 174 13.64 -38.44 84.01
CA LEU T 174 12.63 -39.23 83.29
C LEU T 174 11.93 -38.39 82.22
N LEU T 175 11.54 -37.14 82.55
CA LEU T 175 10.97 -36.31 81.49
C LEU T 175 12.01 -35.84 80.48
N ARG T 176 13.30 -35.81 80.84
CA ARG T 176 14.32 -35.57 79.82
C ARG T 176 14.34 -36.71 78.80
N VAL T 177 14.32 -37.94 79.29
CA VAL T 177 14.25 -39.10 78.40
C VAL T 177 12.99 -39.07 77.56
N LEU T 178 11.86 -38.72 78.19
CA LEU T 178 10.60 -38.66 77.47
C LEU T 178 10.61 -37.56 76.41
N GLU T 179 11.26 -36.44 76.70
CA GLU T 179 11.40 -35.37 75.71
C GLU T 179 12.21 -35.85 74.52
N VAL T 180 13.30 -36.58 74.78
CA VAL T 180 14.11 -37.14 73.70
C VAL T 180 13.27 -38.08 72.84
N VAL T 181 12.51 -38.97 73.48
CA VAL T 181 11.68 -39.92 72.75
C VAL T 181 10.62 -39.20 71.93
N GLU T 182 9.99 -38.18 72.52
CA GLU T 182 8.96 -37.42 71.80
C GLU T 182 9.55 -36.70 70.60
N GLU T 183 10.74 -36.13 70.75
CA GLU T 183 11.38 -35.44 69.63
C GLU T 183 11.70 -36.44 68.51
N SER T 184 12.20 -37.62 68.89
CA SER T 184 12.48 -38.65 67.89
C SER T 184 11.21 -39.07 67.15
N LEU T 185 10.12 -39.26 67.89
CA LEU T 185 8.86 -39.65 67.28
C LEU T 185 8.34 -38.57 66.35
N LYS T 186 8.43 -37.31 66.77
CA LYS T 186 7.95 -36.20 65.94
C LYS T 186 8.77 -36.09 64.66
N ALA T 187 10.09 -36.22 64.77
CA ALA T 187 10.94 -36.06 63.59
C ALA T 187 10.85 -37.25 62.65
N MET T 188 10.58 -38.45 63.17
CA MET T 188 10.57 -39.64 62.33
C MET T 188 9.34 -39.69 61.43
N GLY T 189 8.19 -39.20 61.89
CA GLY T 189 7.02 -39.14 61.04
C GLY T 189 5.69 -39.45 61.69
N MET T 190 5.69 -39.75 62.99
CA MET T 190 4.45 -40.07 63.69
C MET T 190 3.51 -38.88 63.70
N GLU T 191 2.20 -39.17 63.61
CA GLU T 191 1.19 -38.14 63.72
C GLU T 191 1.12 -37.63 65.16
N PRO T 192 0.89 -36.33 65.36
CA PRO T 192 0.96 -35.76 66.73
C PRO T 192 0.05 -36.44 67.74
N ARG T 193 -1.14 -36.89 67.34
CA ARG T 193 -2.08 -37.44 68.31
C ARG T 193 -1.54 -38.69 68.99
N GLU T 194 -0.90 -39.58 68.23
CA GLU T 194 -0.34 -40.80 68.83
C GLU T 194 0.81 -40.47 69.78
N ILE T 195 1.65 -39.48 69.41
CA ILE T 195 2.74 -39.08 70.30
C ILE T 195 2.17 -38.52 71.59
N ASN T 196 1.14 -37.68 71.49
CA ASN T 196 0.50 -37.15 72.69
C ASN T 196 -0.08 -38.28 73.54
N ARG T 197 -0.70 -39.28 72.90
CA ARG T 197 -1.29 -40.38 73.63
C ARG T 197 -0.23 -41.18 74.38
N VAL T 198 0.89 -41.49 73.73
CA VAL T 198 1.91 -42.31 74.39
C VAL T 198 2.59 -41.52 75.51
N LEU T 199 2.85 -40.22 75.29
CA LEU T 199 3.44 -39.41 76.35
C LEU T 199 2.50 -39.30 77.54
N ALA T 200 1.20 -39.11 77.28
CA ALA T 200 0.23 -39.05 78.36
C ALA T 200 0.17 -40.37 79.12
N ALA T 201 0.22 -41.49 78.41
CA ALA T 201 0.21 -42.79 79.08
C ALA T 201 1.44 -42.97 79.96
N ALA T 202 2.61 -42.56 79.46
CA ALA T 202 3.83 -42.66 80.26
C ALA T 202 3.74 -41.80 81.52
N TYR T 203 3.28 -40.56 81.36
CA TYR T 203 3.09 -39.70 82.53
C TYR T 203 2.09 -40.31 83.51
N LEU T 204 1.02 -40.90 83.00
CA LEU T 204 0.00 -41.47 83.86
C LEU T 204 0.53 -42.65 84.65
N THR T 205 1.30 -43.54 84.01
CA THR T 205 1.84 -44.69 84.76
C THR T 205 2.89 -44.23 85.77
N LEU T 206 3.70 -43.23 85.41
CA LEU T 206 4.67 -42.70 86.38
C LEU T 206 3.96 -42.10 87.58
N ALA T 207 2.91 -41.31 87.35
CA ALA T 207 2.17 -40.70 88.45
C ALA T 207 1.45 -41.75 89.28
N ALA T 208 0.93 -42.80 88.62
CA ALA T 208 0.26 -43.87 89.35
C ALA T 208 1.23 -44.59 90.27
N GLU T 209 2.44 -44.88 89.79
CA GLU T 209 3.44 -45.49 90.66
C GLU T 209 3.80 -44.57 91.82
N LEU T 210 3.97 -43.27 91.53
CA LEU T 210 4.34 -42.33 92.57
C LEU T 210 3.27 -42.26 93.65
N LEU T 211 1.99 -42.22 93.25
CA LEU T 211 0.91 -42.18 94.22
C LEU T 211 0.81 -43.50 94.99
N GLU T 212 0.97 -44.63 94.32
CA GLU T 212 0.88 -45.92 94.99
C GLU T 212 1.98 -46.10 96.03
N ARG T 213 3.17 -45.53 95.76
CA ARG T 213 4.25 -45.65 96.73
C ARG T 213 3.87 -45.04 98.08
N LEU T 214 3.02 -44.01 98.08
CA LEU T 214 2.62 -43.34 99.30
C LEU T 214 1.43 -44.02 100.00
N GLY T 215 0.85 -45.05 99.39
CA GLY T 215 -0.26 -45.77 99.99
C GLY T 215 -1.62 -45.44 99.43
N LEU T 216 -1.75 -44.37 98.64
CA LEU T 216 -3.03 -44.00 98.04
C LEU T 216 -3.31 -44.92 96.86
N THR T 217 -3.65 -46.18 97.18
CA THR T 217 -3.85 -47.19 96.16
C THR T 217 -5.10 -46.97 95.32
N ALA T 218 -6.18 -46.44 95.91
CA ALA T 218 -7.39 -46.21 95.13
C ALA T 218 -7.20 -45.11 94.10
N LEU T 219 -6.49 -44.04 94.47
CA LEU T 219 -6.19 -42.99 93.50
C LEU T 219 -5.32 -43.52 92.37
N ALA T 220 -4.32 -44.34 92.69
CA ALA T 220 -3.49 -44.96 91.67
C ALA T 220 -4.32 -45.84 90.75
N ALA T 221 -5.26 -46.61 91.32
CA ALA T 221 -6.13 -47.46 90.50
C ALA T 221 -6.98 -46.61 89.56
N ARG T 222 -7.49 -45.48 90.05
CA ARG T 222 -8.26 -44.59 89.19
C ARG T 222 -7.41 -44.02 88.06
N ILE T 223 -6.15 -43.67 88.37
CA ILE T 223 -5.24 -43.17 87.34
C ILE T 223 -4.98 -44.25 86.29
N ARG T 224 -4.78 -45.50 86.73
CA ARG T 224 -4.59 -46.59 85.78
C ARG T 224 -5.83 -46.81 84.92
N ARG T 225 -7.02 -46.71 85.52
CA ARG T 225 -8.25 -46.81 84.74
C ARG T 225 -8.32 -45.71 83.69
N ALA T 226 -7.95 -44.49 84.07
CA ALA T 226 -7.94 -43.38 83.10
C ALA T 226 -6.96 -43.65 81.98
N ARG T 227 -5.78 -44.17 82.31
CA ARG T 227 -4.80 -44.49 81.27
C ARG T 227 -5.32 -45.56 80.32
N GLU T 228 -5.95 -46.61 80.86
CA GLU T 228 -6.47 -47.68 80.03
C GLU T 228 -7.59 -47.18 79.13
N LEU T 229 -8.47 -46.32 79.64
CA LEU T 229 -9.50 -45.73 78.80
C LEU T 229 -8.89 -44.82 77.73
N LEU T 230 -7.80 -44.13 78.06
CA LEU T 230 -7.14 -43.29 77.06
C LEU T 230 -6.54 -44.13 75.94
N LEU T 231 -5.90 -45.25 76.29
CA LEU T 231 -5.26 -46.08 75.28
C LEU T 231 -6.26 -46.82 74.40
N ALA T 232 -7.53 -46.89 74.79
CA ALA T 232 -8.56 -47.61 74.04
C ALA T 232 -9.34 -46.70 73.12
N GLY T 233 -8.96 -45.43 72.98
CA GLY T 233 -9.67 -44.51 72.14
C GLY T 233 -10.73 -43.68 72.85
N ARG T 234 -11.05 -44.00 74.10
CA ARG T 234 -12.04 -43.25 74.87
C ARG T 234 -11.33 -42.07 75.51
N VAL T 235 -11.35 -40.92 74.83
CA VAL T 235 -10.55 -39.78 75.24
C VAL T 235 -11.26 -38.97 76.31
N GLU T 236 -12.53 -38.60 76.07
CA GLU T 236 -13.22 -37.69 76.97
C GLU T 236 -13.48 -38.34 78.34
N GLU T 237 -13.80 -39.62 78.35
CA GLU T 237 -14.02 -40.31 79.62
C GLU T 237 -12.75 -40.33 80.46
N ALA T 238 -11.62 -40.63 79.83
CA ALA T 238 -10.34 -40.59 80.53
C ALA T 238 -10.03 -39.18 80.99
N LEU T 239 -10.34 -38.18 80.16
CA LEU T 239 -10.13 -36.79 80.55
C LEU T 239 -10.89 -36.45 81.83
N HIS T 240 -12.17 -36.81 81.89
CA HIS T 240 -12.97 -36.49 83.07
C HIS T 240 -12.51 -37.28 84.28
N LEU T 241 -12.16 -38.56 84.10
CA LEU T 241 -11.64 -39.33 85.22
C LEU T 241 -10.37 -38.70 85.77
N LEU T 242 -9.48 -38.26 84.89
CA LEU T 242 -8.26 -37.60 85.31
C LEU T 242 -8.54 -36.29 86.02
N GLN T 243 -9.51 -35.52 85.53
CA GLN T 243 -9.85 -34.26 86.19
C GLN T 243 -10.39 -34.50 87.59
N ASP T 244 -11.26 -35.49 87.75
CA ASP T 244 -11.77 -35.80 89.08
C ASP T 244 -10.66 -36.27 90.02
N ALA T 245 -9.75 -37.09 89.50
CA ALA T 245 -8.62 -37.54 90.30
C ALA T 245 -7.75 -36.36 90.71
N VAL T 246 -7.55 -35.40 89.80
CA VAL T 246 -6.75 -34.22 90.10
C VAL T 246 -7.41 -33.38 91.19
N GLU T 247 -8.73 -33.19 91.10
CA GLU T 247 -9.42 -32.43 92.14
C GLU T 247 -9.30 -33.11 93.51
N LEU T 248 -9.45 -34.44 93.54
CA LEU T 248 -9.34 -35.14 94.82
C LEU T 248 -7.90 -35.07 95.35
N LEU T 249 -6.91 -35.18 94.47
CA LEU T 249 -5.53 -35.03 94.89
C LEU T 249 -5.25 -33.63 95.43
N HIS T 250 -5.82 -32.61 94.79
CA HIS T 250 -5.69 -31.25 95.31
C HIS T 250 -6.33 -31.12 96.67
N GLU T 251 -7.50 -31.74 96.87
CA GLU T 251 -8.13 -31.73 98.18
C GLU T 251 -7.21 -32.33 99.24
N ARG T 252 -6.64 -33.49 98.94
CA ARG T 252 -5.73 -34.13 99.90
C ARG T 252 -4.50 -33.25 100.16
N ILE T 253 -3.93 -32.67 99.11
CA ILE T 253 -2.72 -31.88 99.25
C ILE T 253 -2.97 -30.65 100.12
N ARG T 254 -4.06 -29.94 99.85
CA ARG T 254 -4.40 -28.77 100.65
C ARG T 254 -4.91 -29.12 102.04
N GLU T 255 -5.33 -30.38 102.25
CA GLU T 255 -5.62 -30.83 103.60
C GLU T 255 -4.34 -31.06 104.39
N LEU T 256 -3.32 -31.64 103.75
CA LEU T 256 -2.06 -31.90 104.46
C LEU T 256 -1.34 -30.59 104.81
N GLY T 257 -1.28 -29.66 103.87
CA GLY T 257 -0.62 -28.39 104.11
C GLY T 257 0.80 -28.38 103.58
N PHE T 258 1.73 -27.92 104.41
CA PHE T 258 3.15 -27.83 104.03
C PHE T 258 3.94 -29.07 104.40
N GLU T 259 3.30 -30.08 104.99
CA GLU T 259 3.93 -31.35 105.31
C GLU T 259 3.63 -32.42 104.26
N ALA T 260 3.19 -32.01 103.07
CA ALA T 260 2.90 -32.96 102.00
C ALA T 260 4.20 -33.54 101.45
N PRO T 261 4.34 -34.86 101.42
CA PRO T 261 5.55 -35.46 100.83
C PRO T 261 5.70 -35.08 99.36
N GLU T 262 6.95 -35.09 98.90
CA GLU T 262 7.26 -34.71 97.52
C GLU T 262 6.53 -35.58 96.50
N GLU T 263 6.13 -36.79 96.90
CA GLU T 263 5.43 -37.67 95.97
C GLU T 263 4.14 -37.04 95.48
N LEU T 264 3.37 -36.43 96.38
CA LEU T 264 2.10 -35.82 95.99
C LEU T 264 2.32 -34.66 95.02
N LEU T 265 3.31 -33.80 95.28
CA LEU T 265 3.54 -32.66 94.41
C LEU T 265 4.04 -33.10 93.04
N LEU T 266 4.96 -34.05 93.00
CA LEU T 266 5.46 -34.53 91.71
C LEU T 266 4.35 -35.23 90.92
N ALA T 267 3.52 -36.02 91.62
CA ALA T 267 2.40 -36.66 90.96
C ALA T 267 1.42 -35.63 90.42
N ASP T 268 1.18 -34.56 91.18
CA ASP T 268 0.28 -33.51 90.71
C ASP T 268 0.83 -32.83 89.46
N LEU T 269 2.13 -32.54 89.43
CA LEU T 269 2.72 -31.94 88.25
C LEU T 269 2.62 -32.87 87.04
N LEU T 270 2.91 -34.15 87.24
CA LEU T 270 2.82 -35.11 86.15
C LEU T 270 1.38 -35.24 85.66
N LEU T 271 0.42 -35.23 86.58
CA LEU T 271 -0.99 -35.31 86.18
C LEU T 271 -1.42 -34.06 85.42
N GLN T 272 -0.90 -32.89 85.78
CA GLN T 272 -1.23 -31.69 85.02
C GLN T 272 -0.66 -31.77 83.61
N ARG T 273 0.58 -32.25 83.47
CA ARG T 273 1.13 -32.42 82.13
C ARG T 273 0.33 -33.42 81.31
N ALA T 274 -0.08 -34.54 81.94
CA ALA T 274 -0.90 -35.53 81.26
C ALA T 274 -2.26 -34.94 80.87
N LEU T 275 -2.85 -34.12 81.74
CA LEU T 275 -4.12 -33.46 81.44
C LEU T 275 -3.98 -32.55 80.23
N GLU T 276 -2.92 -31.76 80.19
CA GLU T 276 -2.69 -30.87 79.05
C GLU T 276 -2.54 -31.69 77.77
N LEU T 277 -1.72 -32.75 77.81
CA LEU T 277 -1.50 -33.57 76.63
C LEU T 277 -2.78 -34.24 76.15
N ILE T 278 -3.59 -34.75 77.09
CA ILE T 278 -4.84 -35.41 76.71
C ILE T 278 -5.81 -34.40 76.12
N SER T 279 -5.89 -33.20 76.69
CA SER T 279 -6.76 -32.17 76.15
C SER T 279 -6.33 -31.76 74.75
N SER T 280 -5.01 -31.71 74.50
CA SER T 280 -4.52 -31.33 73.18
C SER T 280 -4.74 -32.40 72.13
N ILE T 281 -5.13 -33.62 72.52
CA ILE T 281 -5.36 -34.70 71.57
C ILE T 281 -6.54 -34.35 70.66
N THR U 24 -69.37 74.56 50.03
CA THR U 24 -68.81 75.43 49.01
C THR U 24 -68.44 74.61 47.78
N VAL U 25 -68.27 73.30 47.98
CA VAL U 25 -68.01 72.33 46.91
C VAL U 25 -66.63 72.53 46.30
N GLU U 26 -66.33 73.77 45.88
CA GLU U 26 -65.02 74.04 45.29
C GLU U 26 -63.91 73.81 46.31
N GLU U 27 -64.04 74.43 47.49
CA GLU U 27 -63.05 74.24 48.55
C GLU U 27 -62.84 72.77 48.83
N GLU U 28 -63.90 71.96 48.71
CA GLU U 28 -63.73 70.51 48.80
C GLU U 28 -62.79 70.01 47.72
N VAL U 29 -62.85 70.59 46.52
CA VAL U 29 -61.99 70.11 45.43
C VAL U 29 -60.53 70.44 45.71
N ILE U 30 -60.22 71.69 46.08
CA ILE U 30 -58.82 72.01 46.34
C ILE U 30 -58.31 71.24 47.57
N ARG U 31 -59.13 71.14 48.61
CA ARG U 31 -58.73 70.35 49.77
C ARG U 31 -58.53 68.89 49.41
N PHE U 32 -59.34 68.35 48.50
CA PHE U 32 -59.15 66.98 48.04
C PHE U 32 -57.79 66.81 47.38
N ALA U 33 -57.43 67.75 46.49
CA ALA U 33 -56.13 67.65 45.82
C ALA U 33 -54.99 67.73 46.82
N GLU U 34 -55.03 68.72 47.73
CA GLU U 34 -53.96 68.89 48.70
C GLU U 34 -53.86 67.70 49.64
N GLU U 35 -55.00 67.20 50.13
CA GLU U 35 -54.99 66.05 51.02
C GLU U 35 -54.50 64.79 50.31
N LEU U 36 -54.83 64.64 49.03
CA LEU U 36 -54.32 63.50 48.27
C LEU U 36 -52.80 63.56 48.17
N ALA U 37 -52.26 64.74 47.85
CA ALA U 37 -50.81 64.88 47.78
C ALA U 37 -50.16 64.60 49.14
N GLU U 38 -50.77 65.13 50.21
CA GLU U 38 -50.24 64.90 51.55
C GLU U 38 -50.30 63.42 51.93
N GLU U 39 -51.32 62.71 51.45
CA GLU U 39 -51.42 61.28 51.73
C GLU U 39 -50.34 60.50 50.99
N ILE U 40 -50.05 60.88 49.75
CA ILE U 40 -48.91 60.25 49.07
C ILE U 40 -47.63 60.50 49.84
N ARG U 41 -47.44 61.74 50.33
CA ARG U 41 -46.24 62.05 51.12
C ARG U 41 -46.19 61.21 52.39
N ARG U 42 -47.34 61.03 53.05
CA ARG U 42 -47.37 60.26 54.28
C ARG U 42 -47.03 58.79 54.04
N VAL U 43 -47.67 58.18 53.04
CA VAL U 43 -47.49 56.74 52.80
C VAL U 43 -46.09 56.45 52.27
N THR U 44 -45.58 57.29 51.37
CA THR U 44 -44.29 57.02 50.73
C THR U 44 -43.17 57.94 51.18
N GLY U 45 -43.41 59.26 51.21
CA GLY U 45 -42.35 60.19 51.57
C GLY U 45 -41.82 60.93 50.36
N GLU U 46 -40.52 60.77 50.08
CA GLU U 46 -39.89 61.43 48.95
C GLU U 46 -39.32 60.42 47.95
N ALA U 47 -39.67 59.13 48.10
CA ALA U 47 -39.30 58.14 47.11
C ALA U 47 -40.14 58.25 45.84
N TYR U 48 -41.39 58.69 45.95
CA TYR U 48 -42.28 58.92 44.81
C TYR U 48 -42.71 60.38 44.89
N ARG U 49 -41.92 61.26 44.29
CA ARG U 49 -42.20 62.70 44.31
C ARG U 49 -42.79 63.21 43.02
N GLU U 50 -42.51 62.55 41.90
CA GLU U 50 -43.13 62.94 40.63
C GLU U 50 -44.64 62.78 40.68
N TYR U 51 -45.12 61.75 41.37
CA TYR U 51 -46.55 61.57 41.52
C TYR U 51 -47.18 62.70 42.31
N ALA U 52 -46.53 63.14 43.39
CA ALA U 52 -47.03 64.27 44.15
C ALA U 52 -47.01 65.55 43.31
N GLU U 53 -45.96 65.73 42.52
CA GLU U 53 -45.91 66.87 41.61
C GLU U 53 -47.08 66.86 40.64
N ALA U 54 -47.36 65.69 40.06
CA ALA U 54 -48.46 65.57 39.11
C ALA U 54 -49.81 65.83 39.79
N VAL U 55 -49.98 65.33 41.01
CA VAL U 55 -51.24 65.56 41.72
C VAL U 55 -51.43 67.04 42.05
N ARG U 56 -50.36 67.72 42.45
CA ARG U 56 -50.47 69.16 42.72
C ARG U 56 -50.75 69.94 41.43
N HIS U 57 -50.14 69.52 40.32
CA HIS U 57 -50.43 70.15 39.03
C HIS U 57 -51.89 69.97 38.65
N LEU U 58 -52.43 68.77 38.84
CA LEU U 58 -53.84 68.52 38.52
C LEU U 58 -54.76 69.29 39.45
N GLY U 59 -54.38 69.47 40.71
CA GLY U 59 -55.15 70.33 41.60
C GLY U 59 -55.14 71.78 41.14
N GLU U 60 -54.00 72.26 40.67
CA GLU U 60 -53.93 73.60 40.11
C GLU U 60 -54.81 73.73 38.88
N ALA U 61 -54.82 72.69 38.03
CA ALA U 61 -55.69 72.69 36.86
C ALA U 61 -57.16 72.75 37.26
N ALA U 62 -57.54 71.96 38.27
CA ALA U 62 -58.91 71.98 38.74
C ALA U 62 -59.28 73.34 39.32
N LYS U 63 -58.34 73.99 40.01
CA LYS U 63 -58.59 75.35 40.48
C LYS U 63 -58.77 76.31 39.31
N ALA U 64 -57.97 76.15 38.26
CA ALA U 64 -58.08 77.03 37.10
C ALA U 64 -59.41 76.85 36.38
N VAL U 65 -59.90 75.61 36.29
CA VAL U 65 -61.18 75.34 35.63
C VAL U 65 -62.31 76.09 36.33
N LEU U 66 -62.31 76.09 37.66
CA LEU U 66 -63.43 76.64 38.43
C LEU U 66 -63.50 78.16 38.40
N GLU U 67 -62.46 78.84 37.91
CA GLU U 67 -62.47 80.29 37.82
C GLU U 67 -62.88 80.82 36.46
N GLY U 68 -62.81 79.99 35.42
CA GLY U 68 -63.23 80.41 34.09
C GLY U 68 -62.18 80.20 33.03
N ASN U 69 -60.91 80.28 33.41
CA ASN U 69 -59.81 80.08 32.46
C ASN U 69 -59.79 78.63 32.00
N SER U 70 -60.02 78.42 30.71
CA SER U 70 -60.12 77.07 30.16
C SER U 70 -58.93 76.67 29.30
N VAL U 71 -57.99 77.57 29.03
CA VAL U 71 -56.79 77.22 28.27
C VAL U 71 -55.63 76.88 29.19
N GLU U 72 -55.51 77.58 30.32
CA GLU U 72 -54.51 77.22 31.31
C GLU U 72 -54.72 75.79 31.81
N ALA U 73 -55.97 75.36 31.92
CA ALA U 73 -56.24 73.98 32.29
C ALA U 73 -55.68 73.00 31.26
N ASP U 74 -55.87 73.30 29.97
CA ASP U 74 -55.32 72.44 28.93
C ASP U 74 -53.80 72.41 28.98
N LEU U 75 -53.18 73.56 29.19
CA LEU U 75 -51.72 73.61 29.27
C LEU U 75 -51.21 72.80 30.46
N ILE U 76 -51.89 72.91 31.61
CA ILE U 76 -51.47 72.16 32.79
C ILE U 76 -51.67 70.67 32.58
N VAL U 77 -52.75 70.28 31.91
CA VAL U 77 -52.99 68.86 31.64
C VAL U 77 -51.91 68.33 30.71
N THR U 78 -51.48 69.12 29.73
CA THR U 78 -50.38 68.69 28.87
C THR U 78 -49.08 68.55 29.66
N ASP U 79 -48.84 69.47 30.60
CA ASP U 79 -47.66 69.35 31.45
C ASP U 79 -47.71 68.06 32.27
N VAL U 80 -48.87 67.75 32.84
CA VAL U 80 -49.03 66.50 33.59
C VAL U 80 -48.81 65.30 32.67
N LEU U 81 -49.30 65.38 31.44
CA LEU U 81 -49.10 64.30 30.48
C LEU U 81 -47.62 64.08 30.21
N ARG U 82 -46.86 65.17 30.05
CA ARG U 82 -45.42 65.04 29.84
C ARG U 82 -44.74 64.43 31.06
N LEU U 83 -45.16 64.85 32.26
CA LEU U 83 -44.58 64.28 33.48
C LEU U 83 -44.84 62.78 33.56
N LEU U 84 -46.06 62.36 33.27
CA LEU U 84 -46.40 60.94 33.32
C LEU U 84 -45.71 60.16 32.21
N GLU U 85 -45.48 60.79 31.05
CA GLU U 85 -44.70 60.15 30.01
C GLU U 85 -43.26 59.94 30.44
N ARG U 86 -42.70 60.90 31.17
CA ARG U 86 -41.36 60.72 31.73
C ARG U 86 -41.35 59.63 32.80
N ILE U 87 -42.42 59.52 33.58
CA ILE U 87 -42.48 58.51 34.64
C ILE U 87 -42.43 57.10 34.04
N GLY U 88 -43.28 56.84 33.05
CA GLY U 88 -43.25 55.56 32.37
C GLY U 88 -44.30 54.57 32.80
N GLU U 89 -45.55 55.02 32.96
CA GLU U 89 -46.67 54.15 33.32
C GLU U 89 -47.66 54.21 32.16
N GLU U 90 -47.67 53.16 31.34
CA GLU U 90 -48.37 53.20 30.04
C GLU U 90 -49.87 53.45 30.21
N GLY U 91 -50.52 52.69 31.09
CA GLY U 91 -51.95 52.87 31.28
C GLY U 91 -52.30 54.24 31.81
N LEU U 92 -51.48 54.77 32.72
CA LEU U 92 -51.75 56.09 33.27
C LEU U 92 -51.57 57.17 32.21
N VAL U 93 -50.57 57.01 31.34
CA VAL U 93 -50.40 57.94 30.22
C VAL U 93 -51.59 57.87 29.27
N LYS U 94 -52.09 56.66 29.01
CA LYS U 94 -53.28 56.52 28.17
C LYS U 94 -54.46 57.27 28.78
N LEU U 95 -54.70 57.07 30.07
CA LEU U 95 -55.78 57.79 30.75
C LEU U 95 -55.56 59.29 30.69
N ALA U 96 -54.30 59.73 30.79
CA ALA U 96 -54.00 61.15 30.70
C ALA U 96 -54.35 61.71 29.33
N ARG U 97 -54.04 60.95 28.26
CA ARG U 97 -54.39 61.40 26.92
C ARG U 97 -55.90 61.51 26.74
N GLU U 98 -56.64 60.50 27.20
CA GLU U 98 -58.10 60.57 27.10
C GLU U 98 -58.65 61.74 27.89
N VAL U 99 -58.11 61.97 29.10
CA VAL U 99 -58.55 63.10 29.90
C VAL U 99 -58.27 64.40 29.18
N HIS U 100 -57.08 64.53 28.57
CA HIS U 100 -56.75 65.73 27.81
C HIS U 100 -57.77 66.00 26.73
N GLU U 101 -58.03 65.00 25.89
CA GLU U 101 -58.94 65.21 24.76
C GLU U 101 -60.36 65.53 25.23
N ARG U 102 -60.89 64.70 26.13
CA ARG U 102 -62.27 64.90 26.59
C ARG U 102 -62.42 66.23 27.33
N SER U 103 -61.46 66.57 28.19
CA SER U 103 -61.52 67.82 28.93
C SER U 103 -61.46 69.02 27.98
N PHE U 104 -60.60 68.96 26.96
CA PHE U 104 -60.56 70.05 25.99
C PHE U 104 -61.91 70.22 25.31
N GLU U 105 -62.48 69.12 24.81
CA GLU U 105 -63.74 69.21 24.08
C GLU U 105 -64.86 69.72 24.98
N LEU U 106 -64.96 69.18 26.20
CA LEU U 106 -66.04 69.59 27.10
C LEU U 106 -65.88 71.02 27.56
N LEU U 107 -64.65 71.46 27.83
CA LEU U 107 -64.43 72.84 28.23
C LEU U 107 -64.72 73.81 27.09
N ARG U 108 -64.42 73.42 25.85
CA ARG U 108 -64.84 74.24 24.72
C ARG U 108 -66.37 74.31 24.63
N LYS U 109 -67.04 73.15 24.81
CA LYS U 109 -68.50 73.16 24.77
C LYS U 109 -69.08 73.88 25.98
N GLY U 110 -68.56 73.60 27.18
CA GLY U 110 -69.03 74.28 28.37
C GLY U 110 -69.37 73.35 29.53
N ASN U 111 -68.98 72.08 29.42
CA ASN U 111 -69.25 71.11 30.49
C ASN U 111 -68.13 71.18 31.51
N ARG U 112 -68.28 72.13 32.44
CA ARG U 112 -67.27 72.32 33.49
C ARG U 112 -67.20 71.11 34.41
N VAL U 113 -68.36 70.59 34.81
CA VAL U 113 -68.42 69.56 35.85
C VAL U 113 -67.75 68.27 35.40
N GLU U 114 -67.98 67.87 34.14
CA GLU U 114 -67.39 66.63 33.66
C GLU U 114 -65.88 66.75 33.51
N ALA U 115 -65.39 67.92 33.08
CA ALA U 115 -63.95 68.15 33.02
C ALA U 115 -63.34 68.09 34.42
N LEU U 116 -64.01 68.69 35.41
CA LEU U 116 -63.53 68.59 36.78
C LEU U 116 -63.49 67.14 37.24
N ALA U 117 -64.53 66.37 36.91
CA ALA U 117 -64.57 64.96 37.29
C ALA U 117 -63.42 64.19 36.67
N LEU U 118 -63.13 64.45 35.38
CA LEU U 118 -62.03 63.76 34.73
C LEU U 118 -60.69 64.12 35.36
N ILE U 119 -60.50 65.40 35.69
CA ILE U 119 -59.25 65.82 36.32
C ILE U 119 -59.08 65.14 37.67
N LEU U 120 -60.14 65.10 38.47
CA LEU U 120 -60.07 64.45 39.78
C LEU U 120 -59.82 62.95 39.64
N ALA U 121 -60.44 62.31 38.64
CA ALA U 121 -60.21 60.90 38.42
C ALA U 121 -58.76 60.64 38.04
N LEU U 122 -58.18 61.50 37.19
CA LEU U 122 -56.77 61.34 36.84
C LEU U 122 -55.88 61.50 38.06
N ALA U 123 -56.16 62.49 38.91
CA ALA U 123 -55.35 62.69 40.11
C ALA U 123 -55.44 61.47 41.03
N LEU U 124 -56.65 60.94 41.22
CA LEU U 124 -56.82 59.75 42.05
C LEU U 124 -56.08 58.55 41.45
N ALA U 125 -56.12 58.42 40.13
CA ALA U 125 -55.40 57.33 39.47
C ALA U 125 -53.90 57.42 39.74
N VAL U 126 -53.34 58.63 39.61
CA VAL U 126 -51.91 58.81 39.88
C VAL U 126 -51.58 58.43 41.33
N ALA U 127 -52.38 58.96 42.27
CA ALA U 127 -52.11 58.70 43.69
C ALA U 127 -52.21 57.22 44.01
N LEU U 128 -53.25 56.55 43.51
CA LEU U 128 -53.45 55.14 43.80
C LEU U 128 -52.36 54.29 43.15
N THR U 129 -51.93 54.66 41.94
CA THR U 129 -50.83 53.94 41.31
C THR U 129 -49.56 54.03 42.15
N ALA U 130 -49.23 55.24 42.61
CA ALA U 130 -48.04 55.42 43.44
C ALA U 130 -48.15 54.62 44.73
N VAL U 131 -49.30 54.69 45.40
CA VAL U 131 -49.47 54.01 46.68
C VAL U 131 -49.40 52.50 46.50
N SER U 132 -50.05 51.97 45.46
CA SER U 132 -50.02 50.54 45.22
C SER U 132 -48.62 50.05 44.88
N LYS U 133 -47.89 50.82 44.08
CA LYS U 133 -46.51 50.43 43.76
C LYS U 133 -45.65 50.41 45.00
N ALA U 134 -45.80 51.42 45.87
CA ALA U 134 -45.03 51.45 47.12
C ALA U 134 -45.39 50.25 48.01
N PHE U 135 -46.69 49.95 48.12
CA PHE U 135 -47.12 48.84 48.96
C PHE U 135 -46.59 47.51 48.46
N PHE U 136 -46.64 47.29 47.14
CA PHE U 136 -46.10 46.05 46.60
C PHE U 136 -44.59 45.98 46.77
N LEU U 137 -43.89 47.10 46.59
CA LEU U 137 -42.44 47.09 46.76
C LEU U 137 -42.05 46.75 48.19
N LEU U 138 -42.77 47.31 49.17
CA LEU U 138 -42.50 46.97 50.56
C LEU U 138 -42.75 45.49 50.83
N GLY U 139 -43.87 44.97 50.35
CA GLY U 139 -44.20 43.57 50.55
C GLY U 139 -45.47 43.38 51.35
N GLN U 140 -46.32 44.40 51.37
CA GLN U 140 -47.52 44.37 52.18
C GLN U 140 -48.52 43.35 51.62
N PRO U 141 -49.38 42.79 52.47
CA PRO U 141 -50.45 41.92 51.98
C PRO U 141 -51.56 42.73 51.33
N ALA U 142 -52.45 42.01 50.62
CA ALA U 142 -53.46 42.65 49.81
C ALA U 142 -54.54 43.35 50.62
N ARG U 143 -54.66 43.04 51.92
CA ARG U 143 -55.76 43.57 52.70
C ARG U 143 -55.72 45.09 52.80
N LEU U 144 -54.57 45.63 53.20
CA LEU U 144 -54.46 47.08 53.38
C LEU U 144 -54.53 47.81 52.06
N ILE U 145 -53.95 47.23 51.00
CA ILE U 145 -54.06 47.82 49.67
C ILE U 145 -55.52 47.93 49.26
N ALA U 146 -56.28 46.86 49.44
CA ALA U 146 -57.70 46.88 49.07
C ALA U 146 -58.47 47.89 49.90
N GLU U 147 -58.20 47.93 51.21
CA GLU U 147 -58.92 48.88 52.07
C GLU U 147 -58.62 50.32 51.67
N TYR U 148 -57.35 50.64 51.41
CA TYR U 148 -57.00 52.00 51.02
C TYR U 148 -57.60 52.38 49.68
N VAL U 149 -57.57 51.46 48.71
CA VAL U 149 -58.16 51.74 47.40
C VAL U 149 -59.66 51.99 47.54
N GLY U 150 -60.34 51.14 48.32
CA GLY U 150 -61.76 51.33 48.54
C GLY U 150 -62.08 52.66 49.21
N GLU U 151 -61.29 53.03 50.23
CA GLU U 151 -61.54 54.28 50.93
C GLU U 151 -61.34 55.47 49.99
N LYS U 152 -60.27 55.47 49.19
CA LYS U 152 -60.04 56.57 48.27
C LYS U 152 -61.12 56.65 47.21
N LEU U 153 -61.57 55.51 46.69
CA LEU U 153 -62.67 55.51 45.72
C LEU U 153 -63.94 56.04 46.35
N LEU U 154 -64.20 55.69 47.61
CA LEU U 154 -65.37 56.23 48.31
C LEU U 154 -65.29 57.74 48.44
N GLU U 155 -64.11 58.27 48.81
CA GLU U 155 -63.96 59.71 48.92
C GLU U 155 -64.19 60.40 47.58
N LEU U 156 -63.63 59.85 46.50
CA LEU U 156 -63.85 60.44 45.18
C LEU U 156 -65.32 60.37 44.79
N ARG U 157 -65.99 59.27 45.09
CA ARG U 157 -67.41 59.14 44.77
C ARG U 157 -68.25 60.18 45.52
N ARG U 158 -67.96 60.38 46.81
CA ARG U 158 -68.68 61.40 47.56
C ARG U 158 -68.43 62.78 46.99
N LEU U 159 -67.18 63.10 46.64
CA LEU U 159 -66.88 64.41 46.07
C LEU U 159 -67.62 64.62 44.76
N LEU U 160 -67.60 63.62 43.87
CA LEU U 160 -68.27 63.75 42.58
C LEU U 160 -69.78 63.86 42.74
N GLU U 161 -70.37 63.09 43.67
CA GLU U 161 -71.79 63.22 43.92
C GLU U 161 -72.14 64.59 44.48
N LYS U 162 -71.25 65.17 45.29
CA LYS U 162 -71.48 66.54 45.76
C LYS U 162 -71.40 67.53 44.61
N LEU U 163 -70.49 67.29 43.66
CA LEU U 163 -70.36 68.21 42.52
C LEU U 163 -71.62 68.20 41.67
N GLY U 164 -72.09 67.01 41.28
CA GLY U 164 -73.29 66.93 40.47
C GLY U 164 -73.18 65.99 39.28
N VAL U 165 -72.07 65.27 39.18
CA VAL U 165 -71.89 64.34 38.05
C VAL U 165 -72.92 63.23 38.15
N PRO U 166 -73.56 62.83 37.04
CA PRO U 166 -74.52 61.72 37.11
C PRO U 166 -73.84 60.43 37.54
N LEU U 167 -74.60 59.60 38.25
CA LEU U 167 -74.04 58.42 38.89
C LEU U 167 -73.40 57.44 37.90
N PRO U 168 -74.02 57.08 36.76
CA PRO U 168 -73.34 56.14 35.85
C PRO U 168 -71.98 56.64 35.37
N GLU U 169 -71.84 57.93 35.11
CA GLU U 169 -70.55 58.46 34.71
C GLU U 169 -69.53 58.36 35.84
N VAL U 170 -69.97 58.62 37.07
CA VAL U 170 -69.08 58.46 38.23
C VAL U 170 -68.58 57.04 38.31
N ILE U 171 -69.48 56.07 38.16
CA ILE U 171 -69.09 54.67 38.25
C ILE U 171 -68.13 54.31 37.12
N ALA U 172 -68.42 54.78 35.91
CA ALA U 172 -67.51 54.51 34.78
C ALA U 172 -66.12 55.06 35.04
N LEU U 173 -66.04 56.27 35.61
CA LEU U 173 -64.75 56.83 35.98
C LEU U 173 -64.06 55.97 37.04
N LEU U 174 -64.82 55.46 38.00
CA LEU U 174 -64.22 54.63 39.05
C LEU U 174 -63.63 53.35 38.50
N LEU U 175 -64.35 52.66 37.60
CA LEU U 175 -63.73 51.48 36.98
C LEU U 175 -62.63 51.85 35.99
N ARG U 176 -62.64 53.06 35.43
CA ARG U 176 -61.48 53.48 34.65
C ARG U 176 -60.23 53.58 35.54
N VAL U 177 -60.38 54.21 36.70
CA VAL U 177 -59.28 54.29 37.66
C VAL U 177 -58.84 52.90 38.09
N LEU U 178 -59.81 52.02 38.35
CA LEU U 178 -59.49 50.66 38.78
C LEU U 178 -58.78 49.89 37.67
N GLU U 179 -59.16 50.11 36.41
CA GLU U 179 -58.48 49.49 35.29
C GLU U 179 -57.03 49.95 35.22
N VAL U 180 -56.80 51.25 35.41
CA VAL U 180 -55.44 51.78 35.42
C VAL U 180 -54.62 51.12 36.53
N VAL U 181 -55.20 51.04 37.72
CA VAL U 181 -54.49 50.44 38.86
C VAL U 181 -54.18 48.96 38.59
N GLU U 182 -55.16 48.23 38.03
CA GLU U 182 -54.96 46.82 37.73
C GLU U 182 -53.86 46.63 36.69
N GLU U 183 -53.84 47.48 35.66
CA GLU U 183 -52.80 47.39 34.65
C GLU U 183 -51.43 47.66 35.25
N SER U 184 -51.34 48.67 36.13
CA SER U 184 -50.07 48.95 36.80
C SER U 184 -49.62 47.76 37.64
N LEU U 185 -50.55 47.16 38.40
CA LEU U 185 -50.21 46.01 39.22
C LEU U 185 -49.75 44.83 38.38
N LYS U 186 -50.44 44.57 37.27
CA LYS U 186 -50.08 43.47 36.39
C LYS U 186 -48.71 43.67 35.78
N ALA U 187 -48.42 44.89 35.32
CA ALA U 187 -47.14 45.16 34.68
C ALA U 187 -45.98 45.20 35.66
N MET U 188 -46.24 45.60 36.91
CA MET U 188 -45.16 45.75 37.87
C MET U 188 -44.63 44.41 38.35
N GLY U 189 -45.49 43.39 38.48
CA GLY U 189 -45.02 42.07 38.84
C GLY U 189 -45.90 41.27 39.79
N MET U 190 -47.02 41.84 40.21
CA MET U 190 -47.92 41.15 41.13
C MET U 190 -48.49 39.88 40.48
N GLU U 191 -48.68 38.85 41.31
CA GLU U 191 -49.31 37.63 40.84
C GLU U 191 -50.79 37.88 40.60
N PRO U 192 -51.37 37.25 39.56
CA PRO U 192 -52.76 37.56 39.19
C PRO U 192 -53.78 37.40 40.31
N ARG U 193 -53.60 36.42 41.20
CA ARG U 193 -54.62 36.15 42.21
C ARG U 193 -54.79 37.32 43.17
N GLU U 194 -53.69 37.94 43.59
CA GLU U 194 -53.79 39.10 44.48
C GLU U 194 -54.45 40.29 43.79
N ILE U 195 -54.14 40.52 42.51
CA ILE U 195 -54.78 41.59 41.78
C ILE U 195 -56.28 41.35 41.68
N ASN U 196 -56.66 40.11 41.37
CA ASN U 196 -58.09 39.77 41.34
C ASN U 196 -58.74 40.00 42.68
N ARG U 197 -58.04 39.63 43.77
CA ARG U 197 -58.60 39.79 45.10
C ARG U 197 -58.83 41.27 45.43
N VAL U 198 -57.84 42.12 45.13
CA VAL U 198 -57.98 43.53 45.49
C VAL U 198 -59.04 44.20 44.62
N LEU U 199 -59.10 43.86 43.33
CA LEU U 199 -60.13 44.42 42.47
C LEU U 199 -61.53 43.99 42.93
N ALA U 200 -61.67 42.71 43.31
CA ALA U 200 -62.95 42.23 43.80
C ALA U 200 -63.34 42.94 45.10
N ALA U 201 -62.37 43.17 45.99
CA ALA U 201 -62.67 43.88 47.23
C ALA U 201 -63.12 45.32 46.95
N ALA U 202 -62.46 45.99 46.00
CA ALA U 202 -62.85 47.35 45.65
C ALA U 202 -64.26 47.38 45.07
N TYR U 203 -64.56 46.45 44.16
CA TYR U 203 -65.91 46.38 43.61
C TYR U 203 -66.93 46.09 44.70
N LEU U 204 -66.58 45.21 45.64
CA LEU U 204 -67.52 44.87 46.71
C LEU U 204 -67.80 46.04 47.62
N THR U 205 -66.78 46.82 47.99
CA THR U 205 -67.05 47.97 48.86
C THR U 205 -67.82 49.05 48.11
N LEU U 206 -67.53 49.24 46.81
CA LEU U 206 -68.31 50.19 46.03
C LEU U 206 -69.77 49.79 45.96
N ALA U 207 -70.04 48.50 45.69
CA ALA U 207 -71.40 48.02 45.61
C ALA U 207 -72.10 48.09 46.96
N ALA U 208 -71.36 47.81 48.04
CA ALA U 208 -71.94 47.90 49.37
C ALA U 208 -72.36 49.33 49.69
N GLU U 209 -71.52 50.30 49.37
CA GLU U 209 -71.92 51.70 49.56
C GLU U 209 -73.12 52.05 48.71
N LEU U 210 -73.14 51.60 47.45
CA LEU U 210 -74.25 51.92 46.58
C LEU U 210 -75.56 51.36 47.11
N LEU U 211 -75.54 50.11 47.60
CA LEU U 211 -76.74 49.51 48.15
C LEU U 211 -77.15 50.18 49.46
N GLU U 212 -76.19 50.52 50.32
CA GLU U 212 -76.51 51.17 51.58
C GLU U 212 -77.13 52.53 51.37
N ARG U 213 -76.72 53.25 50.32
CA ARG U 213 -77.30 54.55 50.04
C ARG U 213 -78.81 54.47 49.84
N LEU U 214 -79.30 53.35 49.30
CA LEU U 214 -80.71 53.17 49.03
C LEU U 214 -81.51 52.66 50.23
N GLY U 215 -80.84 52.34 51.34
CA GLY U 215 -81.50 51.87 52.54
C GLY U 215 -81.42 50.39 52.78
N LEU U 216 -81.00 49.59 51.80
CA LEU U 216 -80.86 48.14 51.96
C LEU U 216 -79.60 47.85 52.77
N THR U 217 -79.67 48.15 54.07
CA THR U 217 -78.50 48.03 54.93
C THR U 217 -78.11 46.57 55.19
N ALA U 218 -79.07 45.67 55.28
CA ALA U 218 -78.73 44.26 55.53
C ALA U 218 -78.00 43.64 54.34
N LEU U 219 -78.43 43.97 53.12
CA LEU U 219 -77.73 43.48 51.95
C LEU U 219 -76.31 44.03 51.89
N ALA U 220 -76.14 45.32 52.21
CA ALA U 220 -74.81 45.89 52.27
C ALA U 220 -73.94 45.22 53.31
N ALA U 221 -74.53 44.89 54.47
CA ALA U 221 -73.78 44.19 55.51
C ALA U 221 -73.35 42.81 55.04
N ARG U 222 -74.23 42.11 54.32
CA ARG U 222 -73.85 40.81 53.76
C ARG U 222 -72.73 40.94 52.74
N ILE U 223 -72.77 42.00 51.92
CA ILE U 223 -71.70 42.22 50.95
C ILE U 223 -70.38 42.49 51.66
N ARG U 224 -70.41 43.28 52.74
CA ARG U 224 -69.21 43.54 53.52
C ARG U 224 -68.68 42.26 54.15
N ARG U 225 -69.57 41.41 54.66
CA ARG U 225 -69.14 40.13 55.20
C ARG U 225 -68.47 39.28 54.13
N ALA U 226 -69.03 39.26 52.93
CA ALA U 226 -68.41 38.52 51.83
C ALA U 226 -67.04 39.07 51.50
N ARG U 227 -66.90 40.39 51.48
CA ARG U 227 -65.60 41.00 51.20
C ARG U 227 -64.58 40.62 52.28
N GLU U 228 -64.99 40.68 53.55
CA GLU U 228 -64.08 40.34 54.64
C GLU U 228 -63.65 38.89 54.58
N LEU U 229 -64.60 37.98 54.27
CA LEU U 229 -64.22 36.58 54.10
C LEU U 229 -63.30 36.38 52.89
N LEU U 230 -63.49 37.17 51.84
CA LEU U 230 -62.61 37.08 50.69
C LEU U 230 -61.20 37.52 51.03
N LEU U 231 -61.06 38.61 51.78
CA LEU U 231 -59.73 39.12 52.13
C LEU U 231 -58.99 38.24 53.12
N ALA U 232 -59.68 37.33 53.80
CA ALA U 232 -59.07 36.46 54.80
C ALA U 232 -58.63 35.12 54.23
N GLY U 233 -58.74 34.93 52.91
CA GLY U 233 -58.38 33.68 52.28
C GLY U 233 -59.52 32.70 52.10
N ARG U 234 -60.69 32.98 52.68
CA ARG U 234 -61.86 32.11 52.55
C ARG U 234 -62.58 32.49 51.25
N VAL U 235 -62.23 31.79 50.17
CA VAL U 235 -62.69 32.18 48.85
C VAL U 235 -64.09 31.63 48.56
N GLU U 236 -64.29 30.33 48.78
CA GLU U 236 -65.54 29.69 48.39
C GLU U 236 -66.72 30.19 49.23
N GLU U 237 -66.50 30.41 50.52
CA GLU U 237 -67.57 30.92 51.38
C GLU U 237 -67.99 32.31 50.93
N ALA U 238 -67.03 33.18 50.62
CA ALA U 238 -67.36 34.50 50.10
C ALA U 238 -68.07 34.40 48.75
N LEU U 239 -67.64 33.45 47.92
CA LEU U 239 -68.29 33.24 46.63
C LEU U 239 -69.77 32.90 46.81
N HIS U 240 -70.07 31.96 47.71
CA HIS U 240 -71.45 31.57 47.92
C HIS U 240 -72.27 32.69 48.57
N LEU U 241 -71.68 33.41 49.51
CA LEU U 241 -72.39 34.54 50.11
C LEU U 241 -72.73 35.58 49.05
N LEU U 242 -71.78 35.86 48.16
CA LEU U 242 -72.02 36.82 47.08
C LEU U 242 -73.10 36.32 46.13
N GLN U 243 -73.09 35.02 45.82
CA GLN U 243 -74.10 34.48 44.93
C GLN U 243 -75.50 34.59 45.54
N ASP U 244 -75.62 34.28 46.83
CA ASP U 244 -76.91 34.41 47.50
C ASP U 244 -77.37 35.88 47.52
N ALA U 245 -76.44 36.79 47.80
CA ALA U 245 -76.77 38.21 47.78
C ALA U 245 -77.22 38.65 46.39
N VAL U 246 -76.58 38.13 45.35
CA VAL U 246 -76.94 38.47 43.98
C VAL U 246 -78.34 37.97 43.65
N GLU U 247 -78.67 36.74 44.07
CA GLU U 247 -80.01 36.23 43.82
C GLU U 247 -81.06 37.05 44.54
N LEU U 248 -80.79 37.45 45.78
CA LEU U 248 -81.76 38.26 46.51
C LEU U 248 -81.91 39.64 45.87
N LEU U 249 -80.80 40.22 45.42
CA LEU U 249 -80.86 41.50 44.71
C LEU U 249 -81.66 41.39 43.42
N HIS U 250 -81.47 40.28 42.69
CA HIS U 250 -82.26 40.06 41.49
C HIS U 250 -83.73 39.93 41.81
N GLU U 251 -84.06 39.24 42.90
CA GLU U 251 -85.46 39.14 43.33
C GLU U 251 -86.05 40.52 43.59
N ARG U 252 -85.33 41.36 44.32
CA ARG U 252 -85.81 42.71 44.59
C ARG U 252 -85.96 43.53 43.31
N ILE U 253 -84.98 43.43 42.41
CA ILE U 253 -84.99 44.22 41.19
C ILE U 253 -86.17 43.83 40.31
N ARG U 254 -86.39 42.53 40.13
CA ARG U 254 -87.52 42.07 39.33
C ARG U 254 -88.86 42.25 40.04
N GLU U 255 -88.85 42.44 41.37
CA GLU U 255 -90.07 42.83 42.06
C GLU U 255 -90.41 44.29 41.79
N LEU U 256 -89.39 45.17 41.77
CA LEU U 256 -89.65 46.58 41.52
C LEU U 256 -90.12 46.82 40.08
N GLY U 257 -89.45 46.23 39.11
CA GLY U 257 -89.82 46.37 37.72
C GLY U 257 -88.97 47.41 37.01
N PHE U 258 -89.62 48.33 36.29
CA PHE U 258 -88.94 49.37 35.55
C PHE U 258 -88.76 50.66 36.35
N GLU U 259 -89.19 50.68 37.61
CA GLU U 259 -88.99 51.81 38.50
C GLU U 259 -87.83 51.59 39.46
N ALA U 260 -86.94 50.65 39.15
CA ALA U 260 -85.80 50.40 40.00
C ALA U 260 -84.79 51.54 39.87
N PRO U 261 -84.38 52.15 40.98
CA PRO U 261 -83.36 53.22 40.90
C PRO U 261 -82.06 52.70 40.33
N GLU U 262 -81.29 53.61 39.72
CA GLU U 262 -80.03 53.24 39.09
C GLU U 262 -79.05 52.60 40.06
N GLU U 263 -79.22 52.86 41.37
CA GLU U 263 -78.32 52.27 42.35
C GLU U 263 -78.36 50.75 42.30
N LEU U 264 -79.56 50.17 42.20
CA LEU U 264 -79.68 48.72 42.17
C LEU U 264 -79.02 48.12 40.94
N LEU U 265 -79.22 48.74 39.77
CA LEU U 265 -78.64 48.20 38.54
C LEU U 265 -77.12 48.32 38.56
N LEU U 266 -76.59 49.46 38.99
CA LEU U 266 -75.14 49.62 39.05
C LEU U 266 -74.52 48.67 40.07
N ALA U 267 -75.19 48.49 41.22
CA ALA U 267 -74.71 47.54 42.21
C ALA U 267 -74.73 46.12 41.66
N ASP U 268 -75.77 45.77 40.90
CA ASP U 268 -75.84 44.44 40.31
C ASP U 268 -74.70 44.22 39.32
N LEU U 269 -74.41 45.22 38.48
CA LEU U 269 -73.30 45.08 37.55
C LEU U 269 -71.97 44.93 38.28
N LEU U 270 -71.75 45.75 39.31
CA LEU U 270 -70.52 45.66 40.08
C LEU U 270 -70.40 44.30 40.77
N LEU U 271 -71.52 43.79 41.30
CA LEU U 271 -71.50 42.47 41.94
C LEU U 271 -71.22 41.36 40.94
N GLN U 272 -71.72 41.49 39.71
CA GLN U 272 -71.39 40.49 38.70
C GLN U 272 -69.91 40.52 38.35
N ARG U 273 -69.34 41.72 38.21
CA ARG U 273 -67.90 41.79 37.96
C ARG U 273 -67.10 41.19 39.11
N ALA U 274 -67.51 41.49 40.36
CA ALA U 274 -66.84 40.92 41.51
C ALA U 274 -66.98 39.40 41.55
N LEU U 275 -68.16 38.90 41.17
CA LEU U 275 -68.38 37.45 41.12
C LEU U 275 -67.45 36.80 40.12
N GLU U 276 -67.33 37.40 38.92
CA GLU U 276 -66.44 36.86 37.91
C GLU U 276 -65.00 36.86 38.41
N LEU U 277 -64.56 37.96 39.01
CA LEU U 277 -63.19 38.07 39.49
C LEU U 277 -62.91 37.05 40.60
N ILE U 278 -63.86 36.88 41.53
CA ILE U 278 -63.68 35.93 42.62
C ILE U 278 -63.63 34.50 42.07
N SER U 279 -64.50 34.18 41.11
CA SER U 279 -64.48 32.85 40.52
C SER U 279 -63.17 32.57 39.80
N SER U 280 -62.61 33.60 39.15
CA SER U 280 -61.35 33.42 38.43
C SER U 280 -60.15 33.28 39.36
N ILE U 281 -60.31 33.54 40.65
CA ILE U 281 -59.21 33.43 41.60
C ILE U 281 -58.75 31.97 41.71
N THR V 24 -97.06 58.99 -0.49
CA THR V 24 -97.01 58.60 -1.89
C THR V 24 -96.31 57.27 -2.07
N VAL V 25 -95.41 56.95 -1.14
CA VAL V 25 -94.73 55.66 -1.03
C VAL V 25 -93.69 55.48 -2.14
N GLU V 26 -94.10 55.64 -3.42
CA GLU V 26 -93.16 55.44 -4.52
C GLU V 26 -92.05 56.47 -4.48
N GLU V 27 -92.41 57.76 -4.41
CA GLU V 27 -91.41 58.81 -4.35
C GLU V 27 -90.46 58.59 -3.19
N GLU V 28 -90.95 57.99 -2.10
CA GLU V 28 -90.05 57.57 -1.03
C GLU V 28 -89.02 56.58 -1.55
N VAL V 29 -89.41 55.68 -2.46
CA VAL V 29 -88.47 54.68 -2.98
C VAL V 29 -87.40 55.35 -3.85
N ILE V 30 -87.81 56.19 -4.80
CA ILE V 30 -86.80 56.82 -5.65
C ILE V 30 -85.91 57.75 -4.82
N ARG V 31 -86.50 58.51 -3.89
CA ARG V 31 -85.70 59.36 -3.02
C ARG V 31 -84.74 58.53 -2.16
N PHE V 32 -85.17 57.35 -1.71
CA PHE V 32 -84.28 56.49 -0.95
C PHE V 32 -83.08 56.07 -1.78
N ALA V 33 -83.33 55.68 -3.04
CA ALA V 33 -82.21 55.28 -3.90
C ALA V 33 -81.25 56.44 -4.13
N GLU V 34 -81.78 57.62 -4.48
CA GLU V 34 -80.93 58.77 -4.75
C GLU V 34 -80.18 59.22 -3.51
N GLU V 35 -80.84 59.24 -2.36
CA GLU V 35 -80.19 59.63 -1.11
C GLU V 35 -79.11 58.63 -0.72
N LEU V 36 -79.35 57.34 -0.97
CA LEU V 36 -78.33 56.34 -0.68
C LEU V 36 -77.09 56.57 -1.54
N ALA V 37 -77.29 56.83 -2.83
CA ALA V 37 -76.16 57.12 -3.71
C ALA V 37 -75.41 58.37 -3.26
N GLU V 38 -76.16 59.41 -2.90
CA GLU V 38 -75.54 60.66 -2.44
C GLU V 38 -74.78 60.44 -1.14
N GLU V 39 -75.30 59.60 -0.25
CA GLU V 39 -74.60 59.31 0.99
C GLU V 39 -73.31 58.55 0.73
N ILE V 40 -73.32 57.61 -0.23
CA ILE V 40 -72.06 56.97 -0.62
C ILE V 40 -71.07 58.01 -1.12
N ARG V 41 -71.54 58.94 -1.95
CA ARG V 41 -70.66 59.97 -2.47
C ARG V 41 -70.09 60.84 -1.36
N ARG V 42 -70.92 61.22 -0.39
CA ARG V 42 -70.47 62.05 0.72
C ARG V 42 -69.44 61.31 1.58
N VAL V 43 -69.71 60.04 1.90
CA VAL V 43 -68.83 59.31 2.80
C VAL V 43 -67.49 59.00 2.13
N THR V 44 -67.52 58.62 0.86
CA THR V 44 -66.29 58.20 0.18
C THR V 44 -65.80 59.19 -0.87
N GLY V 45 -66.68 59.67 -1.76
CA GLY V 45 -66.26 60.55 -2.82
C GLY V 45 -66.30 59.89 -4.18
N GLU V 46 -65.13 59.77 -4.82
CA GLU V 46 -65.02 59.11 -6.11
C GLU V 46 -64.06 57.93 -6.07
N ALA V 47 -63.65 57.49 -4.88
CA ALA V 47 -62.85 56.28 -4.76
C ALA V 47 -63.68 55.02 -4.93
N TYR V 48 -64.96 55.06 -4.55
CA TYR V 48 -65.89 53.94 -4.73
C TYR V 48 -67.04 54.46 -5.58
N ARG V 49 -66.87 54.39 -6.90
CA ARG V 49 -67.87 54.88 -7.84
C ARG V 49 -68.70 53.77 -8.47
N GLU V 50 -68.14 52.56 -8.58
CA GLU V 50 -68.91 51.44 -9.09
C GLU V 50 -70.08 51.11 -8.17
N TYR V 51 -69.88 51.28 -6.85
CA TYR V 51 -70.97 51.05 -5.91
C TYR V 51 -72.10 52.06 -6.11
N ALA V 52 -71.75 53.33 -6.33
CA ALA V 52 -72.77 54.33 -6.62
C ALA V 52 -73.48 54.04 -7.92
N GLU V 53 -72.74 53.59 -8.93
CA GLU V 53 -73.34 53.21 -10.21
C GLU V 53 -74.35 52.07 -10.00
N ALA V 54 -73.96 51.05 -9.23
CA ALA V 54 -74.85 49.94 -8.95
C ALA V 54 -76.09 50.38 -8.19
N VAL V 55 -75.93 51.28 -7.22
CA VAL V 55 -77.07 51.76 -6.45
C VAL V 55 -78.02 52.54 -7.34
N ARG V 56 -77.50 53.39 -8.23
CA ARG V 56 -78.36 54.13 -9.14
C ARG V 56 -79.06 53.19 -10.11
N HIS V 57 -78.37 52.16 -10.59
CA HIS V 57 -79.01 51.18 -11.46
C HIS V 57 -80.14 50.45 -10.74
N LEU V 58 -79.92 50.06 -9.49
CA LEU V 58 -80.98 49.40 -8.72
C LEU V 58 -82.15 50.34 -8.45
N GLY V 59 -81.87 51.63 -8.23
CA GLY V 59 -82.95 52.58 -8.12
C GLY V 59 -83.75 52.71 -9.40
N GLU V 60 -83.06 52.69 -10.54
CA GLU V 60 -83.76 52.71 -11.82
C GLU V 60 -84.62 51.46 -12.00
N ALA V 61 -84.10 50.30 -11.59
CA ALA V 61 -84.89 49.07 -11.65
C ALA V 61 -86.12 49.16 -10.76
N ALA V 62 -85.96 49.68 -9.55
CA ALA V 62 -87.09 49.82 -8.64
C ALA V 62 -88.13 50.78 -9.21
N LYS V 63 -87.68 51.85 -9.86
CA LYS V 63 -88.61 52.74 -10.54
C LYS V 63 -89.33 52.02 -11.67
N ALA V 64 -88.61 51.20 -12.44
CA ALA V 64 -89.21 50.49 -13.56
C ALA V 64 -90.27 49.49 -13.10
N VAL V 65 -90.03 48.84 -11.96
CA VAL V 65 -91.00 47.88 -11.43
C VAL V 65 -92.33 48.55 -11.17
N LEU V 66 -92.31 49.78 -10.66
CA LEU V 66 -93.49 50.41 -10.11
C LEU V 66 -94.52 50.83 -11.15
N GLU V 67 -94.17 50.83 -12.44
CA GLU V 67 -95.17 51.14 -13.48
C GLU V 67 -95.81 49.89 -14.06
N GLY V 68 -95.09 48.78 -14.12
CA GLY V 68 -95.66 47.55 -14.65
C GLY V 68 -94.68 46.79 -15.53
N ASN V 69 -93.75 47.51 -16.15
CA ASN V 69 -92.75 46.87 -17.01
C ASN V 69 -91.85 45.99 -16.17
N SER V 70 -91.93 44.68 -16.38
CA SER V 70 -91.24 43.71 -15.53
C SER V 70 -90.02 43.08 -16.18
N VAL V 71 -89.74 43.35 -17.46
CA VAL V 71 -88.58 42.77 -18.11
C VAL V 71 -87.37 43.68 -18.02
N GLU V 72 -87.59 44.99 -18.16
CA GLU V 72 -86.51 45.95 -17.98
C GLU V 72 -85.90 45.86 -16.59
N ALA V 73 -86.72 45.55 -15.59
CA ALA V 73 -86.20 45.32 -14.24
C ALA V 73 -85.24 44.14 -14.21
N ASP V 74 -85.61 43.04 -14.88
CA ASP V 74 -84.72 41.88 -14.93
C ASP V 74 -83.42 42.23 -15.66
N LEU V 75 -83.51 42.98 -16.75
CA LEU V 75 -82.31 43.36 -17.48
C LEU V 75 -81.40 44.24 -16.63
N ILE V 76 -81.98 45.18 -15.88
CA ILE V 76 -81.18 46.06 -15.04
C ILE V 76 -80.55 45.27 -13.89
N VAL V 77 -81.30 44.31 -13.32
CA VAL V 77 -80.73 43.49 -12.25
C VAL V 77 -79.57 42.65 -12.77
N THR V 78 -79.68 42.14 -13.99
CA THR V 78 -78.55 41.41 -14.58
C THR V 78 -77.36 42.34 -14.81
N ASP V 79 -77.61 43.58 -15.23
CA ASP V 79 -76.52 44.55 -15.38
C ASP V 79 -75.83 44.80 -14.05
N VAL V 80 -76.61 44.96 -12.98
CA VAL V 80 -76.03 45.15 -11.65
C VAL V 80 -75.24 43.92 -11.24
N LEU V 81 -75.74 42.73 -11.59
CA LEU V 81 -75.02 41.50 -11.29
C LEU V 81 -73.67 41.47 -11.98
N ARG V 82 -73.63 41.89 -13.25
CA ARG V 82 -72.35 41.95 -13.97
C ARG V 82 -71.41 42.96 -13.33
N LEU V 83 -71.94 44.13 -12.93
CA LEU V 83 -71.11 45.13 -12.28
C LEU V 83 -70.51 44.60 -10.99
N LEU V 84 -71.33 43.92 -10.17
CA LEU V 84 -70.84 43.38 -8.91
C LEU V 84 -69.87 42.22 -9.14
N GLU V 85 -70.06 41.46 -10.22
CA GLU V 85 -69.11 40.41 -10.56
C GLU V 85 -67.76 41.02 -10.95
N ARG V 86 -67.79 42.15 -11.65
CA ARG V 86 -66.55 42.86 -11.96
C ARG V 86 -65.90 43.42 -10.70
N ILE V 87 -66.71 43.88 -9.74
CA ILE V 87 -66.16 44.45 -8.51
C ILE V 87 -65.37 43.39 -7.73
N GLY V 88 -65.98 42.23 -7.52
CA GLY V 88 -65.30 41.14 -6.85
C GLY V 88 -65.64 40.96 -5.39
N GLU V 89 -66.91 41.06 -5.03
CA GLU V 89 -67.39 40.84 -3.67
C GLU V 89 -68.27 39.60 -3.68
N GLU V 90 -67.72 38.48 -3.21
CA GLU V 90 -68.36 37.18 -3.40
C GLU V 90 -69.75 37.12 -2.78
N GLY V 91 -69.87 37.52 -1.50
CA GLY V 91 -71.16 37.47 -0.85
C GLY V 91 -72.18 38.41 -1.49
N LEU V 92 -71.72 39.58 -1.93
CA LEU V 92 -72.62 40.52 -2.58
C LEU V 92 -73.12 39.96 -3.91
N VAL V 93 -72.23 39.29 -4.66
CA VAL V 93 -72.64 38.65 -5.91
C VAL V 93 -73.64 37.53 -5.64
N LYS V 94 -73.41 36.76 -4.57
CA LYS V 94 -74.36 35.71 -4.21
C LYS V 94 -75.74 36.31 -3.92
N LEU V 95 -75.78 37.36 -3.12
CA LEU V 95 -77.05 38.03 -2.83
C LEU V 95 -77.68 38.57 -4.11
N ALA V 96 -76.86 39.06 -5.03
CA ALA V 96 -77.39 39.56 -6.30
C ALA V 96 -78.03 38.44 -7.11
N ARG V 97 -77.41 37.26 -7.13
CA ARG V 97 -78.00 36.13 -7.85
C ARG V 97 -79.33 35.71 -7.23
N GLU V 98 -79.38 35.62 -5.90
CA GLU V 98 -80.64 35.27 -5.24
C GLU V 98 -81.71 36.31 -5.52
N VAL V 99 -81.34 37.59 -5.49
CA VAL V 99 -82.30 38.65 -5.79
C VAL V 99 -82.79 38.52 -7.22
N HIS V 100 -81.89 38.24 -8.16
CA HIS V 100 -82.28 38.05 -9.55
C HIS V 100 -83.33 36.96 -9.69
N GLU V 101 -83.03 35.78 -9.14
CA GLU V 101 -83.95 34.65 -9.29
C GLU V 101 -85.29 34.93 -8.63
N ARG V 102 -85.28 35.36 -7.36
CA ARG V 102 -86.52 35.57 -6.65
C ARG V 102 -87.34 36.69 -7.26
N SER V 103 -86.68 37.79 -7.66
CA SER V 103 -87.39 38.90 -8.29
C SER V 103 -88.02 38.47 -9.60
N PHE V 104 -87.30 37.70 -10.41
CA PHE V 104 -87.88 37.21 -11.65
C PHE V 104 -89.13 36.38 -11.39
N GLU V 105 -89.03 35.42 -10.46
CA GLU V 105 -90.17 34.54 -10.19
C GLU V 105 -91.36 35.34 -9.64
N LEU V 106 -91.11 36.25 -8.70
CA LEU V 106 -92.20 37.01 -8.10
C LEU V 106 -92.83 37.96 -9.11
N LEU V 107 -92.02 38.61 -9.94
CA LEU V 107 -92.58 39.52 -10.94
C LEU V 107 -93.36 38.76 -12.01
N ARG V 108 -92.94 37.54 -12.35
CA ARG V 108 -93.75 36.72 -13.22
C ARG V 108 -95.08 36.37 -12.56
N LYS V 109 -95.04 36.00 -11.27
CA LYS V 109 -96.28 35.70 -10.57
C LYS V 109 -97.11 36.97 -10.34
N GLY V 110 -96.48 38.05 -9.90
CA GLY V 110 -97.18 39.30 -9.70
C GLY V 110 -96.93 39.96 -8.36
N ASN V 111 -95.96 39.45 -7.60
CA ASN V 111 -95.63 40.00 -6.28
C ASN V 111 -94.70 41.19 -6.47
N ARG V 112 -95.30 42.36 -6.70
CA ARG V 112 -94.53 43.58 -6.91
C ARG V 112 -93.77 43.98 -5.64
N VAL V 113 -94.45 43.90 -4.49
CA VAL V 113 -93.90 44.47 -3.27
C VAL V 113 -92.66 43.71 -2.82
N GLU V 114 -92.68 42.38 -2.90
CA GLU V 114 -91.52 41.61 -2.46
C GLU V 114 -90.32 41.81 -3.38
N ALA V 115 -90.56 41.92 -4.69
CA ALA V 115 -89.47 42.24 -5.61
C ALA V 115 -88.88 43.62 -5.31
N LEU V 116 -89.73 44.60 -5.03
CA LEU V 116 -89.24 45.91 -4.63
C LEU V 116 -88.40 45.82 -3.36
N ALA V 117 -88.87 45.05 -2.38
CA ALA V 117 -88.12 44.89 -1.13
C ALA V 117 -86.76 44.25 -1.39
N LEU V 118 -86.71 43.23 -2.25
CA LEU V 118 -85.44 42.58 -2.57
C LEU V 118 -84.48 43.55 -3.26
N ILE V 119 -84.99 44.36 -4.18
CA ILE V 119 -84.14 45.33 -4.88
C ILE V 119 -83.58 46.35 -3.88
N LEU V 120 -84.44 46.86 -3.00
CA LEU V 120 -83.98 47.83 -1.99
C LEU V 120 -82.97 47.20 -1.05
N ALA V 121 -83.18 45.95 -0.66
CA ALA V 121 -82.22 45.26 0.20
C ALA V 121 -80.87 45.10 -0.48
N LEU V 122 -80.88 44.77 -1.77
CA LEU V 122 -79.62 44.68 -2.51
C LEU V 122 -78.91 46.02 -2.57
N ALA V 123 -79.66 47.10 -2.82
CA ALA V 123 -79.05 48.42 -2.88
C ALA V 123 -78.43 48.79 -1.54
N LEU V 124 -79.16 48.53 -0.45
CA LEU V 124 -78.63 48.82 0.88
C LEU V 124 -77.39 47.98 1.17
N ALA V 125 -77.39 46.72 0.74
CA ALA V 125 -76.22 45.88 0.95
C ALA V 125 -75.00 46.43 0.23
N VAL V 126 -75.18 46.88 -1.02
CA VAL V 126 -74.06 47.47 -1.75
C VAL V 126 -73.55 48.72 -1.03
N ALA V 127 -74.47 49.59 -0.62
CA ALA V 127 -74.07 50.84 0.03
C ALA V 127 -73.33 50.57 1.33
N LEU V 128 -73.86 49.65 2.15
CA LEU V 128 -73.23 49.35 3.43
C LEU V 128 -71.87 48.68 3.24
N THR V 129 -71.75 47.82 2.22
CA THR V 129 -70.46 47.20 1.95
C THR V 129 -69.42 48.26 1.58
N ALA V 130 -69.80 49.20 0.70
CA ALA V 130 -68.87 50.26 0.31
C ALA V 130 -68.47 51.11 1.52
N VAL V 131 -69.46 51.52 2.32
CA VAL V 131 -69.19 52.39 3.46
C VAL V 131 -68.30 51.68 4.47
N SER V 132 -68.59 50.41 4.77
CA SER V 132 -67.78 49.65 5.73
C SER V 132 -66.36 49.47 5.21
N LYS V 133 -66.20 49.19 3.92
CA LYS V 133 -64.86 49.04 3.37
C LYS V 133 -64.08 50.35 3.49
N ALA V 134 -64.72 51.48 3.19
CA ALA V 134 -64.05 52.77 3.31
C ALA V 134 -63.66 53.04 4.76
N PHE V 135 -64.58 52.78 5.69
CA PHE V 135 -64.30 53.05 7.11
C PHE V 135 -63.16 52.18 7.62
N PHE V 136 -63.14 50.89 7.25
CA PHE V 136 -62.04 50.04 7.68
C PHE V 136 -60.73 50.47 7.06
N LEU V 137 -60.74 50.86 5.77
CA LEU V 137 -59.51 51.28 5.13
C LEU V 137 -58.95 52.54 5.79
N LEU V 138 -59.81 53.49 6.14
CA LEU V 138 -59.35 54.68 6.84
C LEU V 138 -58.75 54.33 8.19
N GLY V 139 -59.40 53.45 8.95
CA GLY V 139 -58.94 53.08 10.27
C GLY V 139 -59.89 53.51 11.36
N GLN V 140 -61.15 53.74 10.99
CA GLN V 140 -62.13 54.27 11.93
C GLN V 140 -62.48 53.20 12.98
N PRO V 141 -62.90 53.63 14.17
CA PRO V 141 -63.34 52.67 15.20
C PRO V 141 -64.72 52.11 14.87
N ALA V 142 -65.09 51.08 15.62
CA ALA V 142 -66.31 50.33 15.33
C ALA V 142 -67.58 51.11 15.69
N ARG V 143 -67.48 52.14 16.53
CA ARG V 143 -68.67 52.84 16.99
C ARG V 143 -69.42 53.50 15.84
N LEU V 144 -68.71 54.26 15.00
CA LEU V 144 -69.36 54.95 13.90
C LEU V 144 -69.88 53.97 12.85
N ILE V 145 -69.12 52.90 12.58
CA ILE V 145 -69.58 51.88 11.63
C ILE V 145 -70.89 51.28 12.11
N ALA V 146 -70.95 50.89 13.38
CA ALA V 146 -72.16 50.30 13.93
C ALA V 146 -73.33 51.28 13.91
N GLU V 147 -73.06 52.54 14.27
CA GLU V 147 -74.14 53.53 14.28
C GLU V 147 -74.69 53.77 12.89
N TYR V 148 -73.81 53.89 11.89
CA TYR V 148 -74.26 54.12 10.52
C TYR V 148 -75.03 52.91 9.99
N VAL V 149 -74.54 51.69 10.26
CA VAL V 149 -75.25 50.49 9.81
C VAL V 149 -76.63 50.43 10.44
N GLY V 150 -76.71 50.70 11.74
CA GLY V 150 -78.00 50.69 12.41
C GLY V 150 -78.95 51.73 11.85
N GLU V 151 -78.45 52.94 11.59
CA GLU V 151 -79.31 53.99 11.04
C GLU V 151 -79.83 53.61 9.67
N LYS V 152 -78.96 53.08 8.80
CA LYS V 152 -79.39 52.70 7.46
C LYS V 152 -80.40 51.56 7.51
N LEU V 153 -80.16 50.58 8.40
CA LEU V 153 -81.11 49.48 8.54
C LEU V 153 -82.46 49.98 9.04
N LEU V 154 -82.44 50.95 9.96
CA LEU V 154 -83.69 51.55 10.44
C LEU V 154 -84.44 52.25 9.31
N GLU V 155 -83.73 53.00 8.48
CA GLU V 155 -84.38 53.67 7.36
C GLU V 155 -85.00 52.66 6.40
N LEU V 156 -84.26 51.58 6.08
CA LEU V 156 -84.79 50.56 5.20
C LEU V 156 -86.01 49.89 5.82
N ARG V 157 -85.96 49.62 7.12
CA ARG V 157 -87.10 48.99 7.80
C ARG V 157 -88.34 49.87 7.76
N ARG V 158 -88.16 51.18 8.00
CA ARG V 158 -89.30 52.09 7.91
C ARG V 158 -89.87 52.12 6.50
N LEU V 159 -89.00 52.18 5.49
CA LEU V 159 -89.48 52.19 4.11
C LEU V 159 -90.25 50.92 3.77
N LEU V 160 -89.71 49.77 4.16
CA LEU V 160 -90.38 48.50 3.85
C LEU V 160 -91.71 48.38 4.58
N GLU V 161 -91.76 48.81 5.84
CA GLU V 161 -93.02 48.79 6.58
C GLU V 161 -94.04 49.73 5.95
N LYS V 162 -93.58 50.86 5.41
CA LYS V 162 -94.48 51.74 4.68
C LYS V 162 -94.99 51.08 3.41
N LEU V 163 -94.14 50.30 2.75
CA LEU V 163 -94.55 49.61 1.53
C LEU V 163 -95.65 48.59 1.80
N GLY V 164 -95.44 47.71 2.78
CA GLY V 164 -96.43 46.72 3.13
C GLY V 164 -95.88 45.32 3.31
N VAL V 165 -94.56 45.19 3.27
CA VAL V 165 -93.93 43.87 3.43
C VAL V 165 -94.18 43.37 4.85
N PRO V 166 -94.54 42.10 5.04
CA PRO V 166 -94.72 41.59 6.41
C PRO V 166 -93.42 41.61 7.19
N LEU V 167 -93.56 41.76 8.51
CA LEU V 167 -92.40 41.98 9.37
C LEU V 167 -91.37 40.85 9.32
N PRO V 168 -91.75 39.56 9.41
CA PRO V 168 -90.70 38.51 9.37
C PRO V 168 -89.85 38.55 8.12
N GLU V 169 -90.45 38.83 6.96
CA GLU V 169 -89.67 38.93 5.74
C GLU V 169 -88.72 40.12 5.79
N VAL V 170 -89.17 41.24 6.37
CA VAL V 170 -88.29 42.39 6.53
C VAL V 170 -87.09 42.04 7.39
N ILE V 171 -87.33 41.34 8.50
CA ILE V 171 -86.23 40.96 9.39
C ILE V 171 -85.29 39.98 8.69
N ALA V 172 -85.85 39.07 7.89
CA ALA V 172 -84.99 38.15 7.14
C ALA V 172 -84.12 38.90 6.14
N LEU V 173 -84.69 39.89 5.45
CA LEU V 173 -83.90 40.68 4.50
C LEU V 173 -82.80 41.46 5.21
N LEU V 174 -83.11 42.07 6.36
CA LEU V 174 -82.10 42.82 7.09
C LEU V 174 -81.01 41.90 7.60
N LEU V 175 -81.36 40.69 8.04
CA LEU V 175 -80.36 39.73 8.47
C LEU V 175 -79.50 39.26 7.30
N ARG V 176 -80.08 39.12 6.10
CA ARG V 176 -79.28 38.80 4.92
C ARG V 176 -78.29 39.91 4.60
N VAL V 177 -78.74 41.17 4.69
CA VAL V 177 -77.85 42.30 4.46
C VAL V 177 -76.71 42.30 5.48
N LEU V 178 -77.05 42.05 6.74
CA LEU V 178 -76.03 42.02 7.79
C LEU V 178 -75.05 40.87 7.58
N GLU V 179 -75.55 39.73 7.11
CA GLU V 179 -74.66 38.61 6.80
C GLU V 179 -73.71 38.97 5.66
N VAL V 180 -74.21 39.67 4.64
CA VAL V 180 -73.35 40.11 3.55
C VAL V 180 -72.26 41.04 4.07
N VAL V 181 -72.65 41.99 4.93
CA VAL V 181 -71.68 42.93 5.49
C VAL V 181 -70.64 42.20 6.33
N GLU V 182 -71.08 41.25 7.15
CA GLU V 182 -70.16 40.47 7.98
C GLU V 182 -69.18 39.67 7.12
N GLU V 183 -69.68 39.07 6.04
CA GLU V 183 -68.81 38.31 5.14
C GLU V 183 -67.76 39.21 4.52
N SER V 184 -68.20 40.40 4.05
CA SER V 184 -67.26 41.35 3.48
C SER V 184 -66.20 41.77 4.48
N LEU V 185 -66.61 42.07 5.71
CA LEU V 185 -65.65 42.50 6.73
C LEU V 185 -64.68 41.38 7.08
N LYS V 186 -65.17 40.14 7.19
CA LYS V 186 -64.31 39.01 7.50
C LYS V 186 -63.29 38.79 6.39
N ALA V 187 -63.73 38.86 5.13
CA ALA V 187 -62.82 38.62 4.02
C ALA V 187 -61.83 39.76 3.84
N MET V 188 -62.21 41.00 4.17
CA MET V 188 -61.32 42.13 3.95
C MET V 188 -60.12 42.11 4.87
N GLY V 189 -60.30 41.73 6.14
CA GLY V 189 -59.17 41.65 7.05
C GLY V 189 -59.45 42.11 8.47
N MET V 190 -60.67 42.57 8.75
CA MET V 190 -61.01 43.00 10.09
C MET V 190 -60.90 41.86 11.10
N GLU V 191 -60.43 42.18 12.29
CA GLU V 191 -60.32 41.19 13.35
C GLU V 191 -61.72 40.78 13.81
N PRO V 192 -61.91 39.49 14.14
CA PRO V 192 -63.27 39.00 14.44
C PRO V 192 -63.99 39.75 15.55
N ARG V 193 -63.26 40.24 16.57
CA ARG V 193 -63.93 40.88 17.71
C ARG V 193 -64.69 42.12 17.29
N GLU V 194 -64.11 42.95 16.43
CA GLU V 194 -64.80 44.15 15.97
C GLU V 194 -66.02 43.81 15.11
N ILE V 195 -65.92 42.77 14.28
CA ILE V 195 -67.07 42.34 13.49
C ILE V 195 -68.19 41.89 14.40
N ASN V 196 -67.86 41.10 15.42
CA ASN V 196 -68.86 40.67 16.39
C ASN V 196 -69.48 41.86 17.09
N ARG V 197 -68.66 42.85 17.46
CA ARG V 197 -69.17 44.04 18.14
C ARG V 197 -70.16 44.80 17.27
N VAL V 198 -69.82 45.03 16.00
CA VAL V 198 -70.70 45.83 15.16
C VAL V 198 -71.97 45.07 14.82
N LEU V 199 -71.86 43.75 14.58
CA LEU V 199 -73.06 42.95 14.33
C LEU V 199 -73.97 42.94 15.54
N ALA V 200 -73.40 42.79 16.73
CA ALA V 200 -74.20 42.81 17.96
C ALA V 200 -74.87 44.16 18.15
N ALA V 201 -74.17 45.24 17.85
CA ALA V 201 -74.77 46.57 17.96
C ALA V 201 -75.93 46.74 16.99
N ALA V 202 -75.77 46.25 15.76
CA ALA V 202 -76.85 46.35 14.78
C ALA V 202 -78.07 45.55 15.22
N TYR V 203 -77.85 44.31 15.69
CA TYR V 203 -78.97 43.53 16.20
C TYR V 203 -79.63 44.21 17.39
N LEU V 204 -78.82 44.83 18.26
CA LEU V 204 -79.37 45.48 19.44
C LEU V 204 -80.23 46.68 19.07
N THR V 205 -79.79 47.51 18.12
CA THR V 205 -80.60 48.65 17.74
C THR V 205 -81.87 48.22 17.01
N LEU V 206 -81.77 47.17 16.18
CA LEU V 206 -82.98 46.64 15.54
C LEU V 206 -83.98 46.13 16.57
N ALA V 207 -83.51 45.37 17.55
CA ALA V 207 -84.37 44.85 18.59
C ALA V 207 -84.96 45.97 19.44
N ALA V 208 -84.16 47.00 19.73
CA ALA V 208 -84.65 48.13 20.51
C ALA V 208 -85.77 48.87 19.77
N GLU V 209 -85.60 49.09 18.47
CA GLU V 209 -86.67 49.70 17.69
C GLU V 209 -87.91 48.82 17.68
N LEU V 210 -87.73 47.51 17.51
CA LEU V 210 -88.88 46.62 17.46
C LEU V 210 -89.64 46.63 18.79
N LEU V 211 -88.92 46.64 19.90
CA LEU V 211 -89.57 46.70 21.22
C LEU V 211 -90.25 48.04 21.44
N GLU V 212 -89.59 49.15 21.05
CA GLU V 212 -90.17 50.47 21.25
C GLU V 212 -91.44 50.65 20.44
N ARG V 213 -91.52 50.04 19.25
CA ARG V 213 -92.73 50.15 18.44
C ARG V 213 -93.96 49.63 19.18
N LEU V 214 -93.78 48.63 20.05
CA LEU V 214 -94.89 48.04 20.78
C LEU V 214 -95.24 48.79 22.06
N GLY V 215 -94.48 49.81 22.43
CA GLY V 215 -94.77 50.60 23.61
C GLY V 215 -93.90 50.30 24.82
N LEU V 216 -93.08 49.25 24.76
CA LEU V 216 -92.19 48.92 25.87
C LEU V 216 -90.95 49.81 25.81
N THR V 217 -91.15 51.08 26.18
CA THR V 217 -90.09 52.07 26.09
C THR V 217 -88.93 51.79 27.03
N ALA V 218 -89.22 51.36 28.27
CA ALA V 218 -88.15 51.11 29.24
C ALA V 218 -87.26 49.96 28.81
N LEU V 219 -87.85 48.88 28.28
CA LEU V 219 -87.05 47.76 27.80
C LEU V 219 -86.16 48.19 26.64
N ALA V 220 -86.70 48.99 25.72
CA ALA V 220 -85.89 49.50 24.62
C ALA V 220 -84.75 50.38 25.13
N ALA V 221 -85.03 51.21 26.15
CA ALA V 221 -83.99 52.03 26.74
C ALA V 221 -82.89 51.18 27.36
N ARG V 222 -83.28 50.09 28.03
CA ARG V 222 -82.28 49.18 28.60
C ARG V 222 -81.44 48.53 27.50
N ILE V 223 -82.07 48.16 26.39
CA ILE V 223 -81.34 47.58 25.27
C ILE V 223 -80.34 48.59 24.70
N ARG V 224 -80.76 49.84 24.55
CA ARG V 224 -79.86 50.88 24.06
C ARG V 224 -78.70 51.11 25.04
N ARG V 225 -78.99 51.10 26.34
CA ARG V 225 -77.92 51.21 27.33
C ARG V 225 -76.93 50.07 27.19
N ALA V 226 -77.43 48.84 26.99
CA ALA V 226 -76.54 47.70 26.82
C ALA V 226 -75.69 47.86 25.56
N ARG V 227 -76.29 48.34 24.47
CA ARG V 227 -75.53 48.57 23.25
C ARG V 227 -74.44 49.61 23.46
N GLU V 228 -74.77 50.71 24.14
CA GLU V 228 -73.78 51.76 24.38
C GLU V 228 -72.65 51.26 25.26
N LEU V 229 -72.96 50.47 26.29
CA LEU V 229 -71.90 49.88 27.11
C LEU V 229 -71.06 48.90 26.31
N LEU V 230 -71.68 48.17 25.37
CA LEU V 230 -70.92 47.27 24.52
C LEU V 230 -69.94 48.03 23.62
N LEU V 231 -70.39 49.14 23.04
CA LEU V 231 -69.56 49.90 22.13
C LEU V 231 -68.42 50.63 22.84
N ALA V 232 -68.48 50.77 24.15
CA ALA V 232 -67.45 51.47 24.93
C ALA V 232 -66.39 50.53 25.49
N GLY V 233 -66.44 49.24 25.16
CA GLY V 233 -65.50 48.28 25.66
C GLY V 233 -65.93 47.55 26.91
N ARG V 234 -67.02 47.97 27.54
CA ARG V 234 -67.54 47.31 28.74
C ARG V 234 -68.41 46.14 28.30
N VAL V 235 -67.78 44.98 28.15
CA VAL V 235 -68.44 43.83 27.53
C VAL V 235 -69.31 43.09 28.53
N GLU V 236 -68.77 42.75 29.70
CA GLU V 236 -69.48 41.90 30.65
C GLU V 236 -70.71 42.61 31.22
N GLU V 237 -70.60 43.92 31.49
CA GLU V 237 -71.75 44.66 32.00
C GLU V 237 -72.88 44.69 30.99
N ALA V 238 -72.55 44.92 29.71
CA ALA V 238 -73.55 44.87 28.66
C ALA V 238 -74.15 43.47 28.53
N LEU V 239 -73.31 42.45 28.67
CA LEU V 239 -73.80 41.07 28.62
C LEU V 239 -74.83 40.82 29.71
N HIS V 240 -74.54 41.23 30.95
CA HIS V 240 -75.48 40.98 32.04
C HIS V 240 -76.74 41.82 31.88
N LEU V 241 -76.61 43.07 31.43
CA LEU V 241 -77.80 43.89 31.17
C LEU V 241 -78.68 43.24 30.12
N LEU V 242 -78.07 42.71 29.05
CA LEU V 242 -78.82 42.04 28.00
C LEU V 242 -79.48 40.78 28.53
N GLN V 243 -78.79 40.02 29.37
CA GLN V 243 -79.38 38.81 29.94
C GLN V 243 -80.60 39.15 30.79
N ASP V 244 -80.50 40.19 31.62
CA ASP V 244 -81.64 40.60 32.43
C ASP V 244 -82.81 41.06 31.55
N ALA V 245 -82.50 41.82 30.50
CA ALA V 245 -83.55 42.26 29.59
C ALA V 245 -84.22 41.07 28.92
N VAL V 246 -83.43 40.07 28.52
CA VAL V 246 -83.97 38.87 27.89
C VAL V 246 -84.86 38.10 28.85
N GLU V 247 -84.42 37.97 30.11
CA GLU V 247 -85.24 37.27 31.09
C GLU V 247 -86.59 37.97 31.29
N LEU V 248 -86.57 39.30 31.41
CA LEU V 248 -87.82 40.03 31.60
C LEU V 248 -88.70 39.96 30.35
N LEU V 249 -88.08 39.97 29.17
CA LEU V 249 -88.83 39.79 27.93
C LEU V 249 -89.49 38.42 27.88
N HIS V 250 -88.78 37.39 28.34
CA HIS V 250 -89.36 36.05 28.42
C HIS V 250 -90.54 36.02 29.39
N GLU V 251 -90.41 36.70 30.52
CA GLU V 251 -91.53 36.81 31.46
C GLU V 251 -92.75 37.43 30.78
N ARG V 252 -92.55 38.53 30.06
CA ARG V 252 -93.66 39.18 29.38
C ARG V 252 -94.26 38.27 28.30
N ILE V 253 -93.41 37.60 27.54
CA ILE V 253 -93.89 36.75 26.44
C ILE V 253 -94.73 35.60 26.98
N ARG V 254 -94.24 34.93 28.03
CA ARG V 254 -94.97 33.81 28.59
C ARG V 254 -96.16 34.24 29.42
N GLU V 255 -96.21 35.51 29.86
CA GLU V 255 -97.44 36.01 30.48
C GLU V 255 -98.50 36.33 29.43
N LEU V 256 -98.08 36.82 28.27
CA LEU V 256 -99.04 37.13 27.21
C LEU V 256 -99.70 35.86 26.67
N GLY V 257 -98.94 34.79 26.52
CA GLY V 257 -99.47 33.54 26.01
C GLY V 257 -99.22 33.38 24.51
N PHE V 258 -100.24 32.93 23.78
CA PHE V 258 -100.15 32.75 22.34
C PHE V 258 -100.61 33.97 21.55
N GLU V 259 -101.03 35.04 22.21
CA GLU V 259 -101.45 36.26 21.56
C GLU V 259 -100.32 37.30 21.52
N ALA V 260 -99.08 36.87 21.70
CA ALA V 260 -97.96 37.80 21.68
C ALA V 260 -97.74 38.32 20.27
N PRO V 261 -97.69 39.63 20.07
CA PRO V 261 -97.41 40.16 18.72
C PRO V 261 -96.04 39.72 18.22
N GLU V 262 -95.91 39.67 16.90
CA GLU V 262 -94.66 39.20 16.28
C GLU V 262 -93.46 40.05 16.67
N GLU V 263 -93.69 41.29 17.11
CA GLU V 263 -92.58 42.14 17.52
C GLU V 263 -91.80 41.53 18.67
N LEU V 264 -92.52 40.98 19.66
CA LEU V 264 -91.85 40.38 20.82
C LEU V 264 -91.00 39.18 20.42
N LEU V 265 -91.55 38.31 19.57
CA LEU V 265 -90.80 37.12 19.17
C LEU V 265 -89.59 37.48 18.33
N LEU V 266 -89.75 38.42 17.39
CA LEU V 266 -88.61 38.81 16.56
C LEU V 266 -87.54 39.51 17.39
N ALA V 267 -87.95 40.36 18.33
CA ALA V 267 -86.99 40.99 19.23
C ALA V 267 -86.27 39.96 20.08
N ASP V 268 -86.99 38.94 20.54
CA ASP V 268 -86.36 37.89 21.34
C ASP V 268 -85.32 37.14 20.52
N LEU V 269 -85.64 36.80 19.28
CA LEU V 269 -84.66 36.12 18.42
C LEU V 269 -83.44 36.99 18.18
N LEU V 270 -83.66 38.28 17.89
CA LEU V 270 -82.54 39.18 17.67
C LEU V 270 -81.68 39.32 18.92
N LEU V 271 -82.31 39.38 20.09
CA LEU V 271 -81.57 39.47 21.34
C LEU V 271 -80.77 38.21 21.61
N GLN V 272 -81.32 37.03 21.26
CA GLN V 272 -80.54 35.80 21.41
C GLN V 272 -79.32 35.81 20.50
N ARG V 273 -79.49 36.23 19.24
CA ARG V 273 -78.33 36.32 18.35
C ARG V 273 -77.30 37.30 18.89
N ALA V 274 -77.76 38.44 19.41
CA ALA V 274 -76.85 39.42 20.01
C ALA V 274 -76.13 38.82 21.22
N LEU V 275 -76.84 38.05 22.03
CA LEU V 275 -76.22 37.40 23.19
C LEU V 275 -75.11 36.44 22.76
N GLU V 276 -75.38 35.62 21.75
CA GLU V 276 -74.36 34.70 21.26
C GLU V 276 -73.15 35.47 20.73
N LEU V 277 -73.40 36.53 19.95
CA LEU V 277 -72.29 37.31 19.39
C LEU V 277 -71.47 37.97 20.49
N ILE V 278 -72.13 38.54 21.49
CA ILE V 278 -71.42 39.20 22.58
C ILE V 278 -70.63 38.19 23.39
N SER V 279 -71.20 37.01 23.65
CA SER V 279 -70.47 35.98 24.36
C SER V 279 -69.25 35.51 23.59
N SER V 280 -69.36 35.44 22.26
CA SER V 280 -68.22 35.01 21.44
C SER V 280 -67.10 36.05 21.39
N ILE V 281 -67.35 37.28 21.84
CA ILE V 281 -66.33 38.31 21.84
C ILE V 281 -65.20 37.95 22.81
N THR W 24 -113.43 1.71 3.90
CA THR W 24 -113.25 0.27 3.77
C THR W 24 -111.96 -0.16 4.47
N VAL W 25 -111.02 0.78 4.59
CA VAL W 25 -109.76 0.61 5.30
C VAL W 25 -108.79 -0.26 4.51
N GLU W 26 -109.23 -1.45 4.08
CA GLU W 26 -108.34 -2.32 3.31
C GLU W 26 -108.01 -1.68 1.96
N GLU W 27 -109.04 -1.21 1.24
CA GLU W 27 -108.82 -0.55 -0.03
C GLU W 27 -107.83 0.59 0.11
N GLU W 28 -107.84 1.27 1.25
CA GLU W 28 -106.80 2.26 1.54
C GLU W 28 -105.42 1.61 1.54
N VAL W 29 -105.31 0.38 2.04
CA VAL W 29 -104.00 -0.27 2.10
C VAL W 29 -103.50 -0.60 0.69
N ILE W 30 -104.34 -1.23 -0.14
CA ILE W 30 -103.85 -1.56 -1.48
C ILE W 30 -103.60 -0.29 -2.29
N ARG W 31 -104.47 0.71 -2.16
CA ARG W 31 -104.23 1.98 -2.84
C ARG W 31 -102.95 2.63 -2.35
N PHE W 32 -102.64 2.54 -1.06
CA PHE W 32 -101.40 3.08 -0.54
C PHE W 32 -100.20 2.41 -1.19
N ALA W 33 -100.23 1.08 -1.29
CA ALA W 33 -99.11 0.37 -1.91
C ALA W 33 -98.94 0.76 -3.37
N GLU W 34 -100.04 0.75 -4.13
CA GLU W 34 -99.97 1.09 -5.55
C GLU W 34 -99.54 2.53 -5.77
N GLU W 35 -100.09 3.46 -4.99
CA GLU W 35 -99.72 4.87 -5.14
C GLU W 35 -98.26 5.10 -4.73
N LEU W 36 -97.78 4.36 -3.73
CA LEU W 36 -96.37 4.48 -3.36
C LEU W 36 -95.47 4.02 -4.51
N ALA W 37 -95.81 2.89 -5.13
CA ALA W 37 -95.03 2.42 -6.27
C ALA W 37 -95.08 3.43 -7.42
N GLU W 38 -96.26 3.98 -7.70
CA GLU W 38 -96.40 4.97 -8.76
C GLU W 38 -95.62 6.24 -8.44
N GLU W 39 -95.55 6.62 -7.17
CA GLU W 39 -94.77 7.78 -6.78
C GLU W 39 -93.28 7.54 -6.99
N ILE W 40 -92.79 6.34 -6.66
CA ILE W 40 -91.40 6.02 -6.96
C ILE W 40 -91.16 6.11 -8.46
N ARG W 41 -92.09 5.60 -9.27
CA ARG W 41 -91.94 5.66 -10.72
C ARG W 41 -91.90 7.10 -11.21
N ARG W 42 -92.78 7.95 -10.66
CA ARG W 42 -92.83 9.35 -11.08
C ARG W 42 -91.55 10.09 -10.70
N VAL W 43 -91.06 9.87 -9.48
CA VAL W 43 -89.89 10.60 -9.01
C VAL W 43 -88.63 10.15 -9.73
N THR W 44 -88.46 8.85 -9.93
CA THR W 44 -87.23 8.33 -10.52
C THR W 44 -87.40 7.80 -11.93
N GLY W 45 -88.41 6.98 -12.18
CA GLY W 45 -88.58 6.40 -13.50
C GLY W 45 -88.27 4.92 -13.52
N GLU W 46 -87.25 4.53 -14.28
CA GLU W 46 -86.83 3.13 -14.38
C GLU W 46 -85.38 2.95 -13.95
N ALA W 47 -84.77 3.97 -13.35
CA ALA W 47 -83.44 3.81 -12.78
C ALA W 47 -83.45 3.03 -11.48
N TYR W 48 -84.55 3.11 -10.71
CA TYR W 48 -84.73 2.37 -9.47
C TYR W 48 -86.02 1.56 -9.64
N ARG W 49 -85.89 0.36 -10.20
CA ARG W 49 -87.03 -0.51 -10.45
C ARG W 49 -87.14 -1.66 -9.47
N GLU W 50 -86.02 -2.10 -8.89
CA GLU W 50 -86.07 -3.12 -7.86
C GLU W 50 -86.86 -2.64 -6.65
N TYR W 51 -86.73 -1.36 -6.31
CA TYR W 51 -87.49 -0.81 -5.19
C TYR W 51 -88.99 -0.85 -5.46
N ALA W 52 -89.40 -0.51 -6.69
CA ALA W 52 -90.81 -0.60 -7.04
C ALA W 52 -91.29 -2.04 -7.03
N GLU W 53 -90.44 -2.97 -7.49
CA GLU W 53 -90.78 -4.38 -7.41
C GLU W 53 -91.01 -4.82 -5.97
N ALA W 54 -90.12 -4.40 -5.07
CA ALA W 54 -90.27 -4.74 -3.66
C ALA W 54 -91.53 -4.14 -3.06
N VAL W 55 -91.83 -2.89 -3.43
CA VAL W 55 -93.04 -2.25 -2.90
C VAL W 55 -94.29 -2.97 -3.38
N ARG W 56 -94.33 -3.37 -4.66
CA ARG W 56 -95.49 -4.10 -5.16
C ARG W 56 -95.60 -5.47 -4.52
N HIS W 57 -94.47 -6.13 -4.27
CA HIS W 57 -94.49 -7.40 -3.56
C HIS W 57 -95.05 -7.24 -2.15
N LEU W 58 -94.62 -6.19 -1.44
CA LEU W 58 -95.14 -5.93 -0.11
C LEU W 58 -96.63 -5.58 -0.13
N GLY W 59 -97.08 -4.89 -1.17
CA GLY W 59 -98.50 -4.65 -1.32
C GLY W 59 -99.28 -5.95 -1.52
N GLU W 60 -98.73 -6.86 -2.32
CA GLU W 60 -99.35 -8.17 -2.48
C GLU W 60 -99.39 -8.93 -1.17
N ALA W 61 -98.31 -8.85 -0.38
CA ALA W 61 -98.30 -9.48 0.94
C ALA W 61 -99.37 -8.88 1.85
N ALA W 62 -99.51 -7.57 1.84
CA ALA W 62 -100.54 -6.92 2.65
C ALA W 62 -101.93 -7.34 2.21
N LYS W 63 -102.15 -7.49 0.91
CA LYS W 63 -103.43 -8.00 0.42
C LYS W 63 -103.66 -9.44 0.88
N ALA W 64 -102.59 -10.24 0.91
CA ALA W 64 -102.72 -11.63 1.34
C ALA W 64 -103.06 -11.72 2.82
N VAL W 65 -102.45 -10.86 3.64
CA VAL W 65 -102.71 -10.88 5.08
C VAL W 65 -104.19 -10.62 5.37
N LEU W 66 -104.76 -9.62 4.68
CA LEU W 66 -106.13 -9.20 4.93
C LEU W 66 -107.16 -10.22 4.49
N GLU W 67 -106.76 -11.25 3.73
CA GLU W 67 -107.70 -12.26 3.26
C GLU W 67 -107.71 -13.51 4.11
N GLY W 68 -106.67 -13.77 4.89
CA GLY W 68 -106.64 -14.92 5.77
C GLY W 68 -105.42 -15.80 5.61
N ASN W 69 -104.85 -15.82 4.41
CA ASN W 69 -103.68 -16.64 4.13
C ASN W 69 -102.47 -16.03 4.84
N SER W 70 -101.91 -16.76 5.80
CA SER W 70 -100.82 -16.25 6.62
C SER W 70 -99.45 -16.81 6.26
N VAL W 71 -99.38 -17.82 5.40
CA VAL W 71 -98.08 -18.36 4.99
C VAL W 71 -97.62 -17.76 3.68
N GLU W 72 -98.56 -17.40 2.80
CA GLU W 72 -98.19 -16.67 1.59
C GLU W 72 -97.56 -15.33 1.93
N ALA W 73 -98.03 -14.69 3.01
CA ALA W 73 -97.39 -13.46 3.46
C ALA W 73 -95.94 -13.70 3.86
N ASP W 74 -95.68 -14.79 4.58
CA ASP W 74 -94.30 -15.11 4.97
C ASP W 74 -93.43 -15.37 3.74
N LEU W 75 -93.97 -16.11 2.76
CA LEU W 75 -93.20 -16.38 1.55
C LEU W 75 -92.89 -15.09 0.79
N ILE W 76 -93.87 -14.19 0.69
CA ILE W 76 -93.65 -12.94 -0.03
C ILE W 76 -92.66 -12.05 0.72
N VAL W 77 -92.72 -12.03 2.05
CA VAL W 77 -91.77 -11.24 2.82
C VAL W 77 -90.36 -11.79 2.65
N THR W 78 -90.22 -13.12 2.58
CA THR W 78 -88.90 -13.70 2.33
C THR W 78 -88.41 -13.35 0.93
N ASP W 79 -89.31 -13.32 -0.06
CA ASP W 79 -88.93 -12.88 -1.40
C ASP W 79 -88.43 -11.45 -1.38
N VAL W 80 -89.14 -10.57 -0.66
CA VAL W 80 -88.71 -9.18 -0.54
C VAL W 80 -87.36 -9.09 0.15
N LEU W 81 -87.14 -9.94 1.16
CA LEU W 81 -85.86 -9.97 1.84
C LEU W 81 -84.73 -10.36 0.90
N ARG W 82 -84.98 -11.35 0.04
CA ARG W 82 -83.97 -11.71 -0.96
C ARG W 82 -83.71 -10.57 -1.93
N LEU W 83 -84.78 -9.88 -2.36
CA LEU W 83 -84.60 -8.75 -3.28
C LEU W 83 -83.75 -7.65 -2.65
N LEU W 84 -84.06 -7.31 -1.39
CA LEU W 84 -83.29 -6.26 -0.71
C LEU W 84 -81.86 -6.70 -0.41
N GLU W 85 -81.65 -8.00 -0.16
CA GLU W 85 -80.30 -8.50 0.01
C GLU W 85 -79.50 -8.38 -1.30
N ARG W 86 -80.16 -8.63 -2.43
CA ARG W 86 -79.51 -8.42 -3.72
C ARG W 86 -79.22 -6.95 -3.97
N ILE W 87 -80.13 -6.06 -3.53
CA ILE W 87 -79.92 -4.62 -3.74
C ILE W 87 -78.67 -4.15 -3.02
N GLY W 88 -78.56 -4.48 -1.73
CA GLY W 88 -77.37 -4.13 -0.97
C GLY W 88 -77.52 -2.92 -0.07
N GLU W 89 -78.64 -2.80 0.64
CA GLU W 89 -78.87 -1.74 1.60
C GLU W 89 -78.97 -2.38 2.98
N GLU W 90 -77.91 -2.23 3.78
CA GLU W 90 -77.77 -3.00 5.02
C GLU W 90 -78.91 -2.71 6.00
N GLY W 91 -79.22 -1.43 6.19
CA GLY W 91 -80.31 -1.08 7.11
C GLY W 91 -81.65 -1.60 6.64
N LEU W 92 -81.90 -1.53 5.34
CA LEU W 92 -83.15 -2.06 4.79
C LEU W 92 -83.23 -3.56 4.98
N VAL W 93 -82.12 -4.27 4.80
CA VAL W 93 -82.11 -5.72 5.02
C VAL W 93 -82.37 -6.04 6.49
N LYS W 94 -81.76 -5.28 7.40
CA LYS W 94 -81.99 -5.50 8.82
C LYS W 94 -83.46 -5.31 9.17
N LEU W 95 -84.05 -4.21 8.67
CA LEU W 95 -85.48 -3.97 8.92
C LEU W 95 -86.33 -5.07 8.31
N ALA W 96 -85.93 -5.59 7.14
CA ALA W 96 -86.67 -6.67 6.51
C ALA W 96 -86.64 -7.93 7.36
N ARG W 97 -85.46 -8.27 7.90
CA ARG W 97 -85.37 -9.45 8.77
C ARG W 97 -86.22 -9.29 10.02
N GLU W 98 -86.16 -8.12 10.64
CA GLU W 98 -86.96 -7.89 11.85
C GLU W 98 -88.45 -7.97 11.54
N VAL W 99 -88.87 -7.38 10.42
CA VAL W 99 -90.27 -7.45 10.01
C VAL W 99 -90.67 -8.89 9.74
N HIS W 100 -89.80 -9.67 9.09
CA HIS W 100 -90.08 -11.07 8.84
C HIS W 100 -90.37 -11.82 10.13
N GLU W 101 -89.45 -11.71 11.10
CA GLU W 101 -89.61 -12.44 12.36
C GLU W 101 -90.86 -11.99 13.11
N ARG W 102 -91.01 -10.68 13.32
CA ARG W 102 -92.13 -10.18 14.09
C ARG W 102 -93.46 -10.49 13.41
N SER W 103 -93.54 -10.31 12.09
CA SER W 103 -94.77 -10.59 11.37
C SER W 103 -95.13 -12.06 11.43
N PHE W 104 -94.13 -12.94 11.30
CA PHE W 104 -94.41 -14.37 11.43
C PHE W 104 -94.99 -14.69 12.81
N GLU W 105 -94.34 -14.20 13.86
CA GLU W 105 -94.81 -14.52 15.21
C GLU W 105 -96.21 -13.95 15.46
N LEU W 106 -96.45 -12.70 15.05
CA LEU W 106 -97.75 -12.08 15.29
C LEU W 106 -98.85 -12.75 14.47
N LEU W 107 -98.56 -13.11 13.21
CA LEU W 107 -99.56 -13.78 12.40
C LEU W 107 -99.87 -15.17 12.93
N ARG W 108 -98.86 -15.86 13.47
CA ARG W 108 -99.13 -17.14 14.15
C ARG W 108 -100.03 -16.91 15.37
N LYS W 109 -99.73 -15.88 16.16
CA LYS W 109 -100.56 -15.59 17.32
C LYS W 109 -101.93 -15.07 16.90
N GLY W 110 -101.98 -14.16 15.93
CA GLY W 110 -103.25 -13.65 15.44
C GLY W 110 -103.34 -12.14 15.36
N ASN W 111 -102.22 -11.45 15.52
CA ASN W 111 -102.19 -9.99 15.48
C ASN W 111 -102.05 -9.54 14.03
N ARG W 112 -103.19 -9.49 13.34
CA ARG W 112 -103.21 -9.08 11.94
C ARG W 112 -102.77 -7.64 11.77
N VAL W 113 -103.25 -6.75 12.64
CA VAL W 113 -103.07 -5.31 12.43
C VAL W 113 -101.60 -4.94 12.58
N GLU W 114 -100.90 -5.50 13.56
CA GLU W 114 -99.50 -5.15 13.74
C GLU W 114 -98.63 -5.68 12.61
N ALA W 115 -98.94 -6.87 12.09
CA ALA W 115 -98.22 -7.39 10.93
C ALA W 115 -98.45 -6.49 9.72
N LEU W 116 -99.68 -6.05 9.52
CA LEU W 116 -99.97 -5.10 8.44
C LEU W 116 -99.17 -3.82 8.61
N ALA W 117 -99.09 -3.31 9.84
CA ALA W 117 -98.35 -2.09 10.12
C ALA W 117 -96.86 -2.28 9.80
N LEU W 118 -96.30 -3.42 10.19
CA LEU W 118 -94.88 -3.69 9.89
C LEU W 118 -94.65 -3.77 8.39
N ILE W 119 -95.55 -4.43 7.65
CA ILE W 119 -95.41 -4.53 6.20
C ILE W 119 -95.44 -3.15 5.56
N LEU W 120 -96.40 -2.32 5.99
CA LEU W 120 -96.49 -0.96 5.44
C LEU W 120 -95.27 -0.13 5.79
N ALA W 121 -94.75 -0.29 7.01
CA ALA W 121 -93.54 0.44 7.40
C ALA W 121 -92.36 0.02 6.55
N LEU W 122 -92.23 -1.28 6.26
CA LEU W 122 -91.14 -1.73 5.39
C LEU W 122 -91.29 -1.15 3.98
N ALA W 123 -92.51 -1.14 3.45
CA ALA W 123 -92.74 -0.59 2.11
C ALA W 123 -92.37 0.88 2.07
N LEU W 124 -92.80 1.65 3.08
CA LEU W 124 -92.47 3.06 3.13
C LEU W 124 -90.96 3.27 3.27
N ALA W 125 -90.29 2.43 4.05
CA ALA W 125 -88.85 2.55 4.19
C ALA W 125 -88.15 2.34 2.86
N VAL W 126 -88.56 1.32 2.10
CA VAL W 126 -87.96 1.08 0.79
C VAL W 126 -88.19 2.27 -0.13
N ALA W 127 -89.43 2.76 -0.17
CA ALA W 127 -89.76 3.87 -1.06
C ALA W 127 -88.96 5.12 -0.71
N LEU W 128 -88.88 5.44 0.59
CA LEU W 128 -88.15 6.64 1.01
C LEU W 128 -86.66 6.48 0.76
N THR W 129 -86.12 5.28 0.94
CA THR W 129 -84.71 5.06 0.64
C THR W 129 -84.42 5.30 -0.84
N ALA W 130 -85.27 4.76 -1.71
CA ALA W 130 -85.08 4.99 -3.15
C ALA W 130 -85.18 6.46 -3.49
N VAL W 131 -86.20 7.14 -2.98
CA VAL W 131 -86.40 8.56 -3.31
C VAL W 131 -85.24 9.40 -2.81
N SER W 132 -84.79 9.15 -1.57
CA SER W 132 -83.68 9.93 -1.01
C SER W 132 -82.39 9.67 -1.78
N LYS W 133 -82.15 8.43 -2.18
CA LYS W 133 -80.95 8.14 -2.98
C LYS W 133 -80.99 8.88 -4.30
N ALA W 134 -82.15 8.88 -4.97
CA ALA W 134 -82.28 9.60 -6.23
C ALA W 134 -82.07 11.09 -6.04
N PHE W 135 -82.67 11.65 -4.99
CA PHE W 135 -82.55 13.09 -4.74
C PHE W 135 -81.11 13.49 -4.44
N PHE W 136 -80.40 12.69 -3.64
CA PHE W 136 -79.00 13.00 -3.36
C PHE W 136 -78.13 12.84 -4.60
N LEU W 137 -78.39 11.81 -5.42
CA LEU W 137 -77.60 11.62 -6.62
C LEU W 137 -77.79 12.77 -7.60
N LEU W 138 -79.02 13.26 -7.74
CA LEU W 138 -79.27 14.41 -8.60
C LEU W 138 -78.53 15.65 -8.09
N GLY W 139 -78.58 15.89 -6.79
CA GLY W 139 -77.94 17.05 -6.20
C GLY W 139 -78.94 18.01 -5.59
N GLN W 140 -80.14 17.51 -5.31
CA GLN W 140 -81.20 18.37 -4.79
C GLN W 140 -80.87 18.84 -3.38
N PRO W 141 -81.39 20.00 -2.98
CA PRO W 141 -81.17 20.47 -1.61
C PRO W 141 -82.03 19.71 -0.62
N ALA W 142 -81.73 19.92 0.67
CA ALA W 142 -82.35 19.15 1.73
C ALA W 142 -83.82 19.51 1.95
N ARG W 143 -84.27 20.67 1.46
CA ARG W 143 -85.62 21.13 1.76
C ARG W 143 -86.67 20.19 1.17
N LEU W 144 -86.55 19.88 -0.12
CA LEU W 144 -87.53 19.02 -0.77
C LEU W 144 -87.50 17.61 -0.20
N ILE W 145 -86.31 17.10 0.11
CA ILE W 145 -86.20 15.78 0.74
C ILE W 145 -86.96 15.78 2.06
N ALA W 146 -86.76 16.82 2.87
CA ALA W 146 -87.44 16.90 4.16
C ALA W 146 -88.95 16.95 4.00
N GLU W 147 -89.43 17.79 3.07
CA GLU W 147 -90.88 17.89 2.88
C GLU W 147 -91.48 16.58 2.38
N TYR W 148 -90.80 15.90 1.45
CA TYR W 148 -91.33 14.64 0.93
C TYR W 148 -91.35 13.58 2.02
N VAL W 149 -90.28 13.48 2.81
CA VAL W 149 -90.23 12.50 3.88
C VAL W 149 -91.33 12.77 4.90
N GLY W 150 -91.52 14.05 5.26
CA GLY W 150 -92.58 14.39 6.20
C GLY W 150 -93.96 14.06 5.66
N GLU W 151 -94.21 14.35 4.38
CA GLU W 151 -95.51 14.05 3.81
C GLU W 151 -95.78 12.55 3.78
N LYS W 152 -94.77 11.77 3.38
CA LYS W 152 -94.96 10.31 3.34
C LYS W 152 -95.19 9.74 4.73
N LEU W 153 -94.43 10.23 5.73
CA LEU W 153 -94.63 9.77 7.10
C LEU W 153 -96.02 10.15 7.60
N LEU W 154 -96.50 11.33 7.22
CA LEU W 154 -97.85 11.73 7.59
C LEU W 154 -98.90 10.81 6.99
N GLU W 155 -98.74 10.47 5.70
CA GLU W 155 -99.68 9.55 5.07
C GLU W 155 -99.67 8.19 5.76
N LEU W 156 -98.48 7.66 6.07
CA LEU W 156 -98.40 6.38 6.76
C LEU W 156 -99.05 6.47 8.14
N ARG W 157 -98.83 7.57 8.86
CA ARG W 157 -99.41 7.72 10.19
C ARG W 157 -100.94 7.76 10.11
N ARG W 158 -101.48 8.49 9.14
CA ARG W 158 -102.93 8.52 8.99
C ARG W 158 -103.48 7.13 8.65
N LEU W 159 -102.80 6.41 7.76
CA LEU W 159 -103.25 5.06 7.42
C LEU W 159 -103.24 4.14 8.63
N LEU W 160 -102.14 4.17 9.40
CA LEU W 160 -102.04 3.30 10.57
C LEU W 160 -103.09 3.66 11.62
N GLU W 161 -103.32 4.96 11.84
CA GLU W 161 -104.36 5.37 12.78
C GLU W 161 -105.74 4.93 12.31
N LYS W 162 -105.99 4.96 11.00
CA LYS W 162 -107.25 4.44 10.49
C LYS W 162 -107.36 2.93 10.71
N LEU W 163 -106.23 2.22 10.59
CA LEU W 163 -106.26 0.78 10.79
C LEU W 163 -106.59 0.42 12.24
N GLY W 164 -105.90 1.03 13.20
CA GLY W 164 -106.17 0.77 14.60
C GLY W 164 -104.94 0.54 15.44
N VAL W 165 -103.77 0.71 14.85
CA VAL W 165 -102.51 0.50 15.59
C VAL W 165 -102.42 1.55 16.69
N PRO W 166 -102.03 1.18 17.92
CA PRO W 166 -101.88 2.19 18.97
C PRO W 166 -100.79 3.19 18.64
N LEU W 167 -100.96 4.41 19.14
CA LEU W 167 -100.08 5.52 18.75
C LEU W 167 -98.62 5.29 19.09
N PRO W 168 -98.23 4.82 20.29
CA PRO W 168 -96.79 4.63 20.55
C PRO W 168 -96.13 3.67 19.59
N GLU W 169 -96.81 2.60 19.18
CA GLU W 169 -96.23 1.67 18.22
C GLU W 169 -96.08 2.33 16.85
N VAL W 170 -97.06 3.14 16.45
CA VAL W 170 -96.96 3.88 15.20
C VAL W 170 -95.73 4.79 15.22
N ILE W 171 -95.54 5.50 16.32
CA ILE W 171 -94.40 6.40 16.42
C ILE W 171 -93.09 5.62 16.40
N ALA W 172 -93.04 4.49 17.10
CA ALA W 172 -91.83 3.66 17.08
C ALA W 172 -91.51 3.20 15.67
N LEU W 173 -92.53 2.80 14.90
CA LEU W 173 -92.32 2.41 13.52
C LEU W 173 -91.82 3.58 12.68
N LEU W 174 -92.35 4.78 12.92
CA LEU W 174 -91.91 5.94 12.15
C LEU W 174 -90.45 6.27 12.41
N LEU W 175 -90.01 6.25 13.67
CA LEU W 175 -88.57 6.44 13.91
C LEU W 175 -87.74 5.26 13.43
N ARG W 176 -88.30 4.06 13.36
CA ARG W 176 -87.55 2.97 12.73
C ARG W 176 -87.30 3.26 11.26
N VAL W 177 -88.34 3.70 10.55
CA VAL W 177 -88.19 4.08 9.15
C VAL W 177 -87.19 5.23 9.00
N LEU W 178 -87.29 6.22 9.89
CA LEU W 178 -86.37 7.35 9.83
C LEU W 178 -84.93 6.93 10.10
N GLU W 179 -84.73 5.98 11.01
CA GLU W 179 -83.40 5.45 11.27
C GLU W 179 -82.85 4.73 10.04
N VAL W 180 -83.71 3.96 9.36
CA VAL W 180 -83.27 3.29 8.13
C VAL W 180 -82.84 4.32 7.10
N VAL W 181 -83.65 5.36 6.91
CA VAL W 181 -83.34 6.40 5.93
C VAL W 181 -82.04 7.12 6.30
N GLU W 182 -81.88 7.44 7.59
CA GLU W 182 -80.68 8.14 8.04
C GLU W 182 -79.44 7.28 7.83
N GLU W 183 -79.52 5.98 8.12
CA GLU W 183 -78.39 5.09 7.91
C GLU W 183 -78.03 5.04 6.43
N SER W 184 -79.05 4.92 5.56
CA SER W 184 -78.80 4.91 4.13
C SER W 184 -78.13 6.21 3.67
N LEU W 185 -78.61 7.35 4.18
CA LEU W 185 -78.04 8.64 3.79
C LEU W 185 -76.60 8.76 4.25
N LYS W 186 -76.30 8.33 5.48
CA LYS W 186 -74.92 8.39 5.98
C LYS W 186 -74.01 7.50 5.15
N ALA W 187 -74.47 6.29 4.84
CA ALA W 187 -73.63 5.36 4.08
C ALA W 187 -73.43 5.79 2.64
N MET W 188 -74.41 6.49 2.06
CA MET W 188 -74.33 6.87 0.65
C MET W 188 -73.30 7.97 0.42
N GLY W 189 -73.16 8.91 1.36
CA GLY W 189 -72.13 9.92 1.22
C GLY W 189 -72.50 11.33 1.65
N MET W 190 -73.74 11.53 2.11
CA MET W 190 -74.18 12.85 2.51
C MET W 190 -73.38 13.35 3.72
N GLU W 191 -73.13 14.66 3.75
CA GLU W 191 -72.48 15.27 4.90
C GLU W 191 -73.43 15.25 6.10
N PRO W 192 -72.89 15.04 7.31
CA PRO W 192 -73.77 14.87 8.49
C PRO W 192 -74.75 16.01 8.73
N ARG W 193 -74.38 17.25 8.41
CA ARG W 193 -75.23 18.39 8.73
C ARG W 193 -76.57 18.32 8.00
N GLU W 194 -76.54 17.96 6.71
CA GLU W 194 -77.78 17.87 5.95
C GLU W 194 -78.66 16.73 6.45
N ILE W 195 -78.06 15.59 6.82
CA ILE W 195 -78.82 14.48 7.38
C ILE W 195 -79.49 14.91 8.68
N ASN W 196 -78.74 15.60 9.54
CA ASN W 196 -79.32 16.10 10.78
C ASN W 196 -80.46 17.06 10.50
N ARG W 197 -80.29 17.93 9.49
CA ARG W 197 -81.33 18.90 9.16
C ARG W 197 -82.61 18.21 8.71
N VAL W 198 -82.49 17.21 7.82
CA VAL W 198 -83.69 16.55 7.30
C VAL W 198 -84.36 15.72 8.39
N LEU W 199 -83.57 15.04 9.23
CA LEU W 199 -84.16 14.28 10.33
C LEU W 199 -84.88 15.19 11.30
N ALA W 200 -84.27 16.34 11.63
CA ALA W 200 -84.91 17.30 12.52
C ALA W 200 -86.20 17.83 11.91
N ALA W 201 -86.20 18.11 10.61
CA ALA W 201 -87.42 18.58 9.95
C ALA W 201 -88.52 17.53 10.01
N ALA W 202 -88.17 16.26 9.78
CA ALA W 202 -89.16 15.20 9.83
C ALA W 202 -89.73 15.05 11.24
N TYR W 203 -88.86 15.10 12.26
CA TYR W 203 -89.34 15.03 13.64
C TYR W 203 -90.23 16.23 13.95
N LEU W 204 -89.87 17.41 13.45
CA LEU W 204 -90.65 18.61 13.73
C LEU W 204 -92.03 18.55 13.09
N THR W 205 -92.13 18.08 11.85
CA THR W 205 -93.46 17.99 11.24
C THR W 205 -94.30 16.91 11.91
N LEU W 206 -93.68 15.79 12.31
CA LEU W 206 -94.42 14.77 13.03
C LEU W 206 -94.96 15.32 14.35
N ALA W 207 -94.11 16.02 15.11
CA ALA W 207 -94.54 16.58 16.39
C ALA W 207 -95.60 17.66 16.19
N ALA W 208 -95.47 18.47 15.14
CA ALA W 208 -96.47 19.50 14.87
C ALA W 208 -97.82 18.88 14.56
N GLU W 209 -97.85 17.82 13.75
CA GLU W 209 -99.10 17.13 13.49
C GLU W 209 -99.68 16.55 14.77
N LEU W 210 -98.83 15.93 15.60
CA LEU W 210 -99.30 15.33 16.84
C LEU W 210 -99.93 16.39 17.75
N LEU W 211 -99.27 17.55 17.87
CA LEU W 211 -99.82 18.63 18.70
C LEU W 211 -101.11 19.19 18.11
N GLU W 212 -101.15 19.38 16.79
CA GLU W 212 -102.35 19.93 16.16
C GLU W 212 -103.54 19.01 16.32
N ARG W 213 -103.32 17.69 16.32
CA ARG W 213 -104.42 16.75 16.51
C ARG W 213 -105.13 16.98 17.84
N LEU W 214 -104.41 17.44 18.86
CA LEU W 214 -104.97 17.66 20.18
C LEU W 214 -105.61 19.03 20.34
N GLY W 215 -105.52 19.90 19.33
CA GLY W 215 -106.14 21.21 19.38
C GLY W 215 -105.19 22.36 19.64
N LEU W 216 -103.95 22.08 20.05
CA LEU W 216 -102.96 23.13 20.30
C LEU W 216 -102.41 23.63 18.96
N THR W 217 -103.27 24.36 18.24
CA THR W 217 -102.92 24.82 16.91
C THR W 217 -101.81 25.87 16.91
N ALA W 218 -101.77 26.77 17.91
CA ALA W 218 -100.73 27.78 17.96
C ALA W 218 -99.36 27.18 18.22
N LEU W 219 -99.29 26.18 19.12
CA LEU W 219 -98.03 25.49 19.36
C LEU W 219 -97.55 24.78 18.10
N ALA W 220 -98.47 24.13 17.38
CA ALA W 220 -98.11 23.48 16.13
C ALA W 220 -97.62 24.49 15.10
N ALA W 221 -98.26 25.66 15.05
CA ALA W 221 -97.81 26.70 14.13
C ALA W 221 -96.41 27.18 14.49
N ARG W 222 -96.12 27.32 15.78
CA ARG W 222 -94.77 27.69 16.20
C ARG W 222 -93.75 26.62 15.81
N ILE W 223 -94.13 25.34 15.95
CA ILE W 223 -93.22 24.26 15.57
C ILE W 223 -92.95 24.31 14.06
N ARG W 224 -93.99 24.55 13.26
CA ARG W 224 -93.80 24.65 11.82
C ARG W 224 -92.93 25.85 11.46
N ARG W 225 -93.11 26.97 12.16
CA ARG W 225 -92.24 28.12 11.94
C ARG W 225 -90.79 27.79 12.25
N ALA W 226 -90.56 27.06 13.35
CA ALA W 226 -89.20 26.65 13.69
C ALA W 226 -88.62 25.74 12.61
N ARG W 227 -89.43 24.81 12.09
CA ARG W 227 -88.95 23.94 11.03
C ARG W 227 -88.59 24.73 9.77
N GLU W 228 -89.44 25.69 9.40
CA GLU W 228 -89.17 26.50 8.21
C GLU W 228 -87.92 27.34 8.38
N LEU W 229 -87.71 27.90 9.57
CA LEU W 229 -86.47 28.64 9.82
C LEU W 229 -85.26 27.72 9.80
N LEU W 230 -85.41 26.48 10.27
CA LEU W 230 -84.32 25.52 10.22
C LEU W 230 -83.94 25.18 8.78
N LEU W 231 -84.94 24.97 7.93
CA LEU W 231 -84.68 24.58 6.54
C LEU W 231 -84.09 25.71 5.71
N ALA W 232 -84.17 26.96 6.18
CA ALA W 232 -83.67 28.10 5.44
C ALA W 232 -82.25 28.50 5.85
N GLY W 233 -81.61 27.70 6.70
CA GLY W 233 -80.26 28.00 7.16
C GLY W 233 -80.19 28.76 8.46
N ARG W 234 -81.31 29.29 8.94
CA ARG W 234 -81.35 30.03 10.22
C ARG W 234 -81.45 29.00 11.34
N VAL W 235 -80.30 28.60 11.86
CA VAL W 235 -80.24 27.48 12.80
C VAL W 235 -80.55 27.95 14.22
N GLU W 236 -79.87 29.00 14.67
CA GLU W 236 -79.99 29.43 16.08
C GLU W 236 -81.39 29.96 16.38
N GLU W 237 -81.98 30.70 15.45
CA GLU W 237 -83.33 31.21 15.67
C GLU W 237 -84.34 30.08 15.80
N ALA W 238 -84.22 29.06 14.93
CA ALA W 238 -85.07 27.88 15.03
C ALA W 238 -84.84 27.15 16.34
N LEU W 239 -83.57 27.06 16.76
CA LEU W 239 -83.24 26.41 18.03
C LEU W 239 -83.95 27.11 19.19
N HIS W 240 -83.87 28.45 19.24
CA HIS W 240 -84.49 29.17 20.35
C HIS W 240 -86.02 29.08 20.30
N LEU W 241 -86.59 29.17 19.10
CA LEU W 241 -88.04 29.01 18.98
C LEU W 241 -88.48 27.64 19.47
N LEU W 242 -87.72 26.60 19.11
CA LEU W 242 -88.03 25.25 19.54
C LEU W 242 -87.90 25.11 21.05
N GLN W 243 -86.87 25.73 21.64
CA GLN W 243 -86.70 25.66 23.08
C GLN W 243 -87.86 26.34 23.81
N ASP W 244 -88.29 27.50 23.32
CA ASP W 244 -89.44 28.16 23.93
C ASP W 244 -90.70 27.32 23.81
N ALA W 245 -90.91 26.71 22.64
CA ALA W 245 -92.05 25.81 22.48
C ALA W 245 -91.98 24.63 23.44
N VAL W 246 -90.77 24.09 23.64
CA VAL W 246 -90.59 22.97 24.56
C VAL W 246 -90.92 23.38 25.99
N GLU W 247 -90.47 24.57 26.40
CA GLU W 247 -90.78 25.04 27.75
C GLU W 247 -92.29 25.23 27.93
N LEU W 248 -92.96 25.80 26.94
CA LEU W 248 -94.40 25.99 27.05
C LEU W 248 -95.13 24.65 27.09
N LEU W 249 -94.68 23.69 26.27
CA LEU W 249 -95.26 22.35 26.30
C LEU W 249 -95.06 21.68 27.66
N HIS W 250 -93.87 21.85 28.25
CA HIS W 250 -93.62 21.31 29.58
C HIS W 250 -94.54 21.95 30.61
N GLU W 251 -94.75 23.27 30.50
CA GLU W 251 -95.70 23.95 31.39
C GLU W 251 -97.09 23.33 31.28
N ARG W 252 -97.56 23.14 30.05
CA ARG W 252 -98.88 22.54 29.86
C ARG W 252 -98.94 21.12 30.41
N ILE W 253 -97.90 20.33 30.15
CA ILE W 253 -97.89 18.92 30.57
C ILE W 253 -97.92 18.83 32.10
N ARG W 254 -97.09 19.62 32.77
CA ARG W 254 -97.07 19.60 34.23
C ARG W 254 -98.27 20.28 34.84
N GLU W 255 -98.99 21.12 34.09
CA GLU W 255 -100.26 21.64 34.58
C GLU W 255 -101.36 20.58 34.50
N LEU W 256 -101.36 19.77 33.45
CA LEU W 256 -102.38 18.75 33.31
C LEU W 256 -102.22 17.65 34.36
N GLY W 257 -100.99 17.24 34.65
CA GLY W 257 -100.73 16.21 35.63
C GLY W 257 -100.53 14.85 34.98
N PHE W 258 -101.14 13.83 35.55
CA PHE W 258 -101.04 12.47 35.04
C PHE W 258 -102.14 12.11 34.05
N GLU W 259 -103.05 13.04 33.77
CA GLU W 259 -104.09 12.82 32.77
C GLU W 259 -103.73 13.39 31.41
N ALA W 260 -102.44 13.62 31.17
CA ALA W 260 -102.00 14.16 29.89
C ALA W 260 -102.14 13.11 28.80
N PRO W 261 -102.82 13.42 27.70
CA PRO W 261 -102.91 12.45 26.60
C PRO W 261 -101.53 12.10 26.05
N GLU W 262 -101.44 10.89 25.48
CA GLU W 262 -100.17 10.40 24.97
C GLU W 262 -99.60 11.29 23.88
N GLU W 263 -100.46 12.09 23.21
CA GLU W 263 -99.98 12.97 22.16
C GLU W 263 -98.94 13.96 22.70
N LEU W 264 -99.21 14.54 23.87
CA LEU W 264 -98.27 15.51 24.44
C LEU W 264 -96.93 14.87 24.77
N LEU W 265 -96.95 13.68 25.37
CA LEU W 265 -95.70 13.02 25.74
C LEU W 265 -94.89 12.63 24.50
N LEU W 266 -95.57 12.07 23.49
CA LEU W 266 -94.86 11.69 22.27
C LEU W 266 -94.31 12.92 21.55
N ALA W 267 -95.08 14.01 21.51
CA ALA W 267 -94.60 15.24 20.91
C ALA W 267 -93.41 15.79 21.67
N ASP W 268 -93.43 15.70 23.00
CA ASP W 268 -92.30 16.15 23.80
C ASP W 268 -91.04 15.34 23.49
N LEU W 269 -91.18 14.02 23.40
CA LEU W 269 -90.02 13.19 23.06
C LEU W 269 -89.48 13.54 21.67
N LEU W 270 -90.38 13.70 20.69
CA LEU W 270 -89.94 14.05 19.35
C LEU W 270 -89.25 15.42 19.33
N LEU W 271 -89.78 16.37 20.10
CA LEU W 271 -89.16 17.70 20.17
C LEU W 271 -87.79 17.64 20.82
N GLN W 272 -87.62 16.77 21.83
CA GLN W 272 -86.29 16.62 22.43
C GLN W 272 -85.29 16.02 21.44
N ARG W 273 -85.72 15.02 20.67
CA ARG W 273 -84.83 14.48 19.64
C ARG W 273 -84.49 15.54 18.60
N ALA W 274 -85.47 16.35 18.20
CA ALA W 274 -85.22 17.44 17.27
C ALA W 274 -84.25 18.45 17.87
N LEU W 275 -84.39 18.76 19.16
CA LEU W 275 -83.48 19.67 19.83
C LEU W 275 -82.06 19.14 19.78
N GLU W 276 -81.87 17.86 20.10
CA GLU W 276 -80.54 17.27 20.07
C GLU W 276 -79.95 17.32 18.65
N LEU W 277 -80.77 16.96 17.65
CA LEU W 277 -80.27 16.95 16.28
C LEU W 277 -79.89 18.35 15.80
N ILE W 278 -80.72 19.35 16.14
CA ILE W 278 -80.43 20.72 15.73
C ILE W 278 -79.18 21.23 16.44
N SER W 279 -79.03 20.92 17.73
CA SER W 279 -77.84 21.34 18.46
C SER W 279 -76.58 20.71 17.88
N SER W 280 -76.67 19.45 17.46
CA SER W 280 -75.51 18.77 16.88
C SER W 280 -75.13 19.29 15.50
N ILE W 281 -75.98 20.11 14.88
CA ILE W 281 -75.69 20.65 13.56
C ILE W 281 -74.47 21.57 13.63
N THR X 24 -96.03 -18.19 57.51
CA THR X 24 -95.13 -18.84 58.47
C THR X 24 -93.76 -18.18 58.44
N VAL X 25 -93.47 -17.50 57.33
CA VAL X 25 -92.25 -16.69 57.15
C VAL X 25 -91.01 -17.56 57.03
N GLU X 26 -90.81 -18.46 58.00
CA GLU X 26 -89.64 -19.35 57.94
C GLU X 26 -89.74 -20.28 56.74
N GLU X 27 -90.89 -20.92 56.57
CA GLU X 27 -91.12 -21.76 55.39
C GLU X 27 -90.89 -20.99 54.11
N GLU X 28 -91.21 -19.69 54.10
CA GLU X 28 -90.90 -18.86 52.94
C GLU X 28 -89.40 -18.81 52.69
N VAL X 29 -88.58 -18.73 53.75
CA VAL X 29 -87.14 -18.67 53.58
C VAL X 29 -86.61 -19.98 53.03
N ILE X 30 -87.04 -21.11 53.60
CA ILE X 30 -86.56 -22.40 53.13
C ILE X 30 -86.98 -22.64 51.68
N ARG X 31 -88.25 -22.33 51.37
CA ARG X 31 -88.71 -22.46 50.00
C ARG X 31 -87.97 -21.53 49.06
N PHE X 32 -87.62 -20.33 49.52
CA PHE X 32 -86.84 -19.41 48.70
C PHE X 32 -85.49 -20.01 48.35
N ALA X 33 -84.80 -20.59 49.33
CA ALA X 33 -83.51 -21.20 49.05
C ALA X 33 -83.64 -22.36 48.08
N GLU X 34 -84.61 -23.26 48.33
CA GLU X 34 -84.77 -24.42 47.45
C GLU X 34 -85.17 -24.02 46.05
N GLU X 35 -86.09 -23.07 45.93
CA GLU X 35 -86.53 -22.60 44.61
C GLU X 35 -85.40 -21.88 43.88
N LEU X 36 -84.57 -21.15 44.61
CA LEU X 36 -83.42 -20.51 43.97
C LEU X 36 -82.46 -21.55 43.40
N ALA X 37 -82.17 -22.59 44.17
CA ALA X 37 -81.31 -23.66 43.66
C ALA X 37 -81.94 -24.35 42.45
N GLU X 38 -83.24 -24.62 42.52
CA GLU X 38 -83.93 -25.25 41.40
C GLU X 38 -83.93 -24.35 40.17
N GLU X 39 -84.02 -23.03 40.37
CA GLU X 39 -83.96 -22.11 39.24
C GLU X 39 -82.58 -22.09 38.60
N ILE X 40 -81.53 -22.15 39.42
CA ILE X 40 -80.19 -22.30 38.85
C ILE X 40 -80.11 -23.56 38.00
N ARG X 41 -80.63 -24.67 38.54
CA ARG X 41 -80.58 -25.94 37.80
C ARG X 41 -81.38 -25.85 36.50
N ARG X 42 -82.55 -25.21 36.53
CA ARG X 42 -83.38 -25.10 35.34
C ARG X 42 -82.72 -24.23 34.28
N VAL X 43 -82.15 -23.09 34.69
CA VAL X 43 -81.57 -22.15 33.73
C VAL X 43 -80.29 -22.73 33.13
N THR X 44 -79.44 -23.35 33.94
CA THR X 44 -78.14 -23.82 33.46
C THR X 44 -78.02 -25.34 33.39
N GLY X 45 -78.43 -26.04 34.43
CA GLY X 45 -78.29 -27.49 34.45
C GLY X 45 -77.22 -27.96 35.40
N GLU X 46 -76.24 -28.71 34.87
CA GLU X 46 -75.14 -29.22 35.68
C GLU X 46 -73.81 -28.59 35.28
N ALA X 47 -73.84 -27.57 34.40
CA ALA X 47 -72.62 -26.84 34.06
C ALA X 47 -72.17 -25.93 35.18
N TYR X 48 -73.09 -25.43 36.00
CA TYR X 48 -72.78 -24.62 37.18
C TYR X 48 -73.42 -25.32 38.38
N ARG X 49 -72.67 -26.25 38.97
CA ARG X 49 -73.15 -27.02 40.11
C ARG X 49 -72.59 -26.54 41.44
N GLU X 50 -71.40 -25.93 41.42
CA GLU X 50 -70.85 -25.36 42.64
C GLU X 50 -71.73 -24.24 43.16
N TYR X 51 -72.31 -23.44 42.27
CA TYR X 51 -73.22 -22.38 42.69
C TYR X 51 -74.45 -22.95 43.36
N ALA X 52 -75.02 -24.03 42.80
CA ALA X 52 -76.16 -24.67 43.43
C ALA X 52 -75.80 -25.26 44.78
N GLU X 53 -74.61 -25.86 44.88
CA GLU X 53 -74.15 -26.38 46.17
C GLU X 53 -74.04 -25.26 47.20
N ALA X 54 -73.46 -24.13 46.80
CA ALA X 54 -73.33 -22.99 47.72
C ALA X 54 -74.69 -22.45 48.12
N VAL X 55 -75.64 -22.37 47.19
CA VAL X 55 -76.97 -21.89 47.52
C VAL X 55 -77.67 -22.82 48.50
N ARG X 56 -77.53 -24.13 48.29
CA ARG X 56 -78.13 -25.07 49.24
C ARG X 56 -77.46 -25.00 50.61
N HIS X 57 -76.15 -24.80 50.63
CA HIS X 57 -75.45 -24.62 51.90
C HIS X 57 -75.95 -23.38 52.63
N LEU X 58 -76.12 -22.28 51.91
CA LEU X 58 -76.63 -21.06 52.53
C LEU X 58 -78.07 -21.23 53.00
N GLY X 59 -78.88 -21.98 52.27
CA GLY X 59 -80.22 -22.29 52.75
C GLY X 59 -80.20 -23.11 54.02
N GLU X 60 -79.28 -24.07 54.11
CA GLU X 60 -79.13 -24.84 55.33
C GLU X 60 -78.70 -23.95 56.49
N ALA X 61 -77.78 -23.01 56.23
CA ALA X 61 -77.37 -22.06 57.27
C ALA X 61 -78.54 -21.21 57.73
N ALA X 62 -79.35 -20.72 56.79
CA ALA X 62 -80.51 -19.91 57.14
C ALA X 62 -81.51 -20.71 57.97
N LYS X 63 -81.69 -21.99 57.62
CA LYS X 63 -82.53 -22.86 58.44
C LYS X 63 -81.94 -23.02 59.84
N ALA X 64 -80.62 -23.19 59.95
CA ALA X 64 -79.98 -23.38 61.24
C ALA X 64 -80.14 -22.15 62.12
N VAL X 65 -80.05 -20.95 61.54
CA VAL X 65 -80.17 -19.72 62.31
C VAL X 65 -81.53 -19.66 63.00
N LEU X 66 -82.58 -20.12 62.32
CA LEU X 66 -83.95 -19.87 62.77
C LEU X 66 -84.34 -20.70 64.00
N GLU X 67 -83.56 -21.71 64.38
CA GLU X 67 -83.87 -22.48 65.58
C GLU X 67 -83.11 -22.01 66.81
N GLY X 68 -81.94 -21.39 66.64
CA GLY X 68 -81.18 -20.91 67.77
C GLY X 68 -79.69 -21.20 67.66
N ASN X 69 -79.34 -22.25 66.92
CA ASN X 69 -77.94 -22.61 66.75
C ASN X 69 -77.24 -21.54 65.92
N SER X 70 -76.26 -20.87 66.53
CA SER X 70 -75.56 -19.76 65.88
C SER X 70 -74.12 -20.07 65.51
N VAL X 71 -73.58 -21.21 65.94
CA VAL X 71 -72.22 -21.59 65.57
C VAL X 71 -72.20 -22.44 64.31
N GLU X 72 -73.19 -23.34 64.16
CA GLU X 72 -73.32 -24.09 62.92
C GLU X 72 -73.50 -23.16 61.73
N ALA X 73 -74.22 -22.05 61.91
CA ALA X 73 -74.36 -21.07 60.85
C ALA X 73 -73.01 -20.48 60.45
N ASP X 74 -72.17 -20.16 61.44
CA ASP X 74 -70.84 -19.64 61.14
C ASP X 74 -70.01 -20.67 60.40
N LEU X 75 -70.08 -21.94 60.82
CA LEU X 75 -69.32 -22.99 60.15
C LEU X 75 -69.77 -23.16 58.70
N ILE X 76 -71.09 -23.13 58.48
CA ILE X 76 -71.60 -23.28 57.12
C ILE X 76 -71.22 -22.08 56.26
N VAL X 77 -71.23 -20.87 56.84
CA VAL X 77 -70.82 -19.69 56.07
C VAL X 77 -69.36 -19.77 55.70
N THR X 78 -68.52 -20.29 56.60
CA THR X 78 -67.11 -20.49 56.26
C THR X 78 -66.96 -21.54 55.15
N ASP X 79 -67.77 -22.59 55.20
CA ASP X 79 -67.75 -23.59 54.12
C ASP X 79 -68.11 -22.94 52.78
N VAL X 80 -69.15 -22.11 52.77
CA VAL X 80 -69.55 -21.41 51.55
C VAL X 80 -68.44 -20.48 51.09
N LEU X 81 -67.76 -19.83 52.03
CA LEU X 81 -66.64 -18.97 51.69
C LEU X 81 -65.53 -19.76 51.01
N ARG X 82 -65.22 -20.95 51.53
CA ARG X 82 -64.22 -21.80 50.89
C ARG X 82 -64.66 -22.21 49.49
N LEU X 83 -65.94 -22.55 49.34
CA LEU X 83 -66.45 -22.95 48.02
C LEU X 83 -66.33 -21.81 47.02
N LEU X 84 -66.68 -20.58 47.43
CA LEU X 84 -66.59 -19.45 46.53
C LEU X 84 -65.14 -19.06 46.26
N GLU X 85 -64.25 -19.25 47.23
CA GLU X 85 -62.83 -19.02 46.99
C GLU X 85 -62.28 -20.01 45.96
N ARG X 86 -62.74 -21.26 46.02
CA ARG X 86 -62.36 -22.21 44.98
C ARG X 86 -62.97 -21.85 43.63
N ILE X 87 -64.18 -21.29 43.63
CA ILE X 87 -64.83 -20.91 42.38
C ILE X 87 -64.02 -19.83 41.66
N GLY X 88 -63.67 -18.77 42.38
CA GLY X 88 -62.84 -17.72 41.81
C GLY X 88 -63.58 -16.49 41.34
N GLU X 89 -64.53 -16.01 42.15
CA GLU X 89 -65.28 -14.78 41.86
C GLU X 89 -64.95 -13.77 42.96
N GLU X 90 -64.13 -12.77 42.62
CA GLU X 90 -63.55 -11.90 43.64
C GLU X 90 -64.63 -11.12 44.40
N GLY X 91 -65.58 -10.54 43.68
CA GLY X 91 -66.64 -9.79 44.35
C GLY X 91 -67.50 -10.68 45.22
N LEU X 92 -67.79 -11.90 44.75
CA LEU X 92 -68.56 -12.84 45.54
C LEU X 92 -67.82 -13.23 46.81
N VAL X 93 -66.50 -13.42 46.72
CA VAL X 93 -65.72 -13.76 47.91
C VAL X 93 -65.69 -12.59 48.89
N LYS X 94 -65.57 -11.36 48.38
CA LYS X 94 -65.60 -10.19 49.25
C LYS X 94 -66.93 -10.09 49.98
N LEU X 95 -68.04 -10.27 49.26
CA LEU X 95 -69.35 -10.25 49.89
C LEU X 95 -69.48 -11.38 50.90
N ALA X 96 -68.91 -12.55 50.61
CA ALA X 96 -68.95 -13.66 51.54
C ALA X 96 -68.21 -13.34 52.84
N ARG X 97 -67.03 -12.71 52.72
CA ARG X 97 -66.29 -12.33 53.92
C ARG X 97 -67.05 -11.31 54.75
N GLU X 98 -67.63 -10.30 54.08
CA GLU X 98 -68.40 -9.29 54.81
C GLU X 98 -69.61 -9.92 55.50
N VAL X 99 -70.30 -10.83 54.81
CA VAL X 99 -71.45 -11.51 55.40
C VAL X 99 -71.00 -12.35 56.59
N HIS X 100 -69.87 -13.04 56.46
CA HIS X 100 -69.34 -13.83 57.57
C HIS X 100 -69.14 -12.96 58.81
N GLU X 101 -68.41 -11.85 58.65
CA GLU X 101 -68.10 -11.00 59.81
C GLU X 101 -69.38 -10.42 60.41
N ARG X 102 -70.22 -9.80 59.58
CA ARG X 102 -71.41 -9.14 60.10
C ARG X 102 -72.37 -10.13 60.72
N SER X 103 -72.56 -11.30 60.09
CA SER X 103 -73.45 -12.31 60.62
C SER X 103 -72.94 -12.84 61.95
N PHE X 104 -71.63 -13.08 62.06
CA PHE X 104 -71.08 -13.52 63.33
C PHE X 104 -71.35 -12.50 64.43
N GLU X 105 -71.07 -11.23 64.16
CA GLU X 105 -71.26 -10.20 65.17
C GLU X 105 -72.73 -10.07 65.56
N LEU X 106 -73.63 -10.03 64.57
CA LEU X 106 -75.05 -9.87 64.87
C LEU X 106 -75.62 -11.07 65.60
N LEU X 107 -75.21 -12.28 65.22
CA LEU X 107 -75.70 -13.47 65.90
C LEU X 107 -75.16 -13.55 67.32
N ARG X 108 -73.93 -13.09 67.56
CA ARG X 108 -73.45 -12.98 68.93
C ARG X 108 -74.29 -11.98 69.72
N LYS X 109 -74.60 -10.83 69.13
CA LYS X 109 -75.43 -9.85 69.81
C LYS X 109 -76.87 -10.32 69.93
N GLY X 110 -77.43 -10.85 68.85
CA GLY X 110 -78.78 -11.38 68.90
C GLY X 110 -79.70 -10.90 67.78
N ASN X 111 -79.13 -10.25 66.76
CA ASN X 111 -79.90 -9.74 65.63
C ASN X 111 -80.09 -10.86 64.61
N ARG X 112 -81.08 -11.70 64.87
CA ARG X 112 -81.37 -12.83 63.98
C ARG X 112 -81.79 -12.36 62.60
N VAL X 113 -82.65 -11.34 62.53
CA VAL X 113 -83.27 -10.95 61.28
C VAL X 113 -82.23 -10.42 60.30
N GLU X 114 -81.29 -9.60 60.77
CA GLU X 114 -80.29 -9.04 59.86
C GLU X 114 -79.31 -10.11 59.38
N ALA X 115 -78.98 -11.08 60.22
CA ALA X 115 -78.15 -12.20 59.77
C ALA X 115 -78.87 -13.02 58.71
N LEU X 116 -80.16 -13.27 58.91
CA LEU X 116 -80.94 -13.96 57.88
C LEU X 116 -80.95 -13.17 56.57
N ALA X 117 -81.13 -11.85 56.67
CA ALA X 117 -81.13 -11.01 55.48
C ALA X 117 -79.79 -11.08 54.76
N LEU X 118 -78.69 -11.05 55.51
CA LEU X 118 -77.37 -11.13 54.89
C LEU X 118 -77.17 -12.48 54.20
N ILE X 119 -77.60 -13.57 54.83
CA ILE X 119 -77.45 -14.89 54.23
C ILE X 119 -78.25 -14.98 52.94
N LEU X 120 -79.49 -14.48 52.97
CA LEU X 120 -80.33 -14.51 51.77
C LEU X 120 -79.75 -13.64 50.67
N ALA X 121 -79.19 -12.47 51.03
CA ALA X 121 -78.57 -11.62 50.03
C ALA X 121 -77.37 -12.30 49.39
N LEU X 122 -76.56 -12.99 50.19
CA LEU X 122 -75.43 -13.73 49.62
C LEU X 122 -75.91 -14.82 48.68
N ALA X 123 -76.95 -15.57 49.07
CA ALA X 123 -77.48 -16.62 48.22
C ALA X 123 -77.97 -16.05 46.89
N LEU X 124 -78.72 -14.95 46.95
CA LEU X 124 -79.21 -14.33 45.73
C LEU X 124 -78.07 -13.81 44.87
N ALA X 125 -77.02 -13.27 45.50
CA ALA X 125 -75.87 -12.80 44.72
C ALA X 125 -75.20 -13.94 43.97
N VAL X 126 -75.02 -15.09 44.64
CA VAL X 126 -74.43 -16.24 43.97
C VAL X 126 -75.31 -16.69 42.80
N ALA X 127 -76.61 -16.78 43.05
CA ALA X 127 -77.54 -17.25 42.01
C ALA X 127 -77.52 -16.31 40.80
N LEU X 128 -77.58 -15.00 41.05
CA LEU X 128 -77.60 -14.05 39.95
C LEU X 128 -76.28 -14.02 39.21
N THR X 129 -75.16 -14.20 39.93
CA THR X 129 -73.86 -14.29 39.26
C THR X 129 -73.82 -15.48 38.31
N ALA X 130 -74.27 -16.64 38.78
CA ALA X 130 -74.29 -17.83 37.93
C ALA X 130 -75.19 -17.63 36.72
N VAL X 131 -76.39 -17.09 36.94
CA VAL X 131 -77.35 -16.92 35.84
C VAL X 131 -76.82 -15.93 34.82
N SER X 132 -76.27 -14.80 35.28
CA SER X 132 -75.74 -13.80 34.35
C SER X 132 -74.55 -14.36 33.58
N LYS X 133 -73.69 -15.14 34.24
CA LYS X 133 -72.57 -15.75 33.53
C LYS X 133 -73.05 -16.69 32.44
N ALA X 134 -74.05 -17.52 32.75
CA ALA X 134 -74.60 -18.43 31.74
C ALA X 134 -75.22 -17.67 30.58
N PHE X 135 -76.00 -16.62 30.90
CA PHE X 135 -76.66 -15.85 29.85
C PHE X 135 -75.65 -15.16 28.94
N PHE X 136 -74.59 -14.58 29.52
CA PHE X 136 -73.59 -13.92 28.69
C PHE X 136 -72.79 -14.92 27.86
N LEU X 137 -72.49 -16.10 28.44
CA LEU X 137 -71.76 -17.10 27.67
C LEU X 137 -72.58 -17.61 26.50
N LEU X 138 -73.88 -17.80 26.69
CA LEU X 138 -74.75 -18.23 25.60
C LEU X 138 -74.77 -17.18 24.48
N GLY X 139 -74.87 -15.91 24.85
CA GLY X 139 -74.95 -14.84 23.87
C GLY X 139 -76.27 -14.12 23.91
N GLN X 140 -76.99 -14.28 25.02
CA GLN X 140 -78.32 -13.71 25.17
C GLN X 140 -78.24 -12.18 25.23
N PRO X 141 -79.23 -11.49 24.68
CA PRO X 141 -79.27 -10.03 24.81
C PRO X 141 -79.61 -9.60 26.24
N ALA X 142 -79.39 -8.30 26.50
CA ALA X 142 -79.47 -7.78 27.85
C ALA X 142 -80.90 -7.69 28.38
N ARG X 143 -81.91 -7.77 27.51
CA ARG X 143 -83.29 -7.58 27.96
C ARG X 143 -83.70 -8.65 28.95
N LEU X 144 -83.49 -9.92 28.60
CA LEU X 144 -83.92 -11.00 29.48
C LEU X 144 -83.07 -11.06 30.75
N ILE X 145 -81.78 -10.74 30.65
CA ILE X 145 -80.94 -10.65 31.83
C ILE X 145 -81.48 -9.62 32.80
N ALA X 146 -81.83 -8.43 32.28
CA ALA X 146 -82.36 -7.38 33.13
C ALA X 146 -83.69 -7.78 33.75
N GLU X 147 -84.57 -8.41 32.96
CA GLU X 147 -85.87 -8.83 33.49
C GLU X 147 -85.70 -9.86 34.60
N TYR X 148 -84.82 -10.84 34.40
CA TYR X 148 -84.62 -11.87 35.42
C TYR X 148 -84.01 -11.27 36.68
N VAL X 149 -83.02 -10.38 36.53
CA VAL X 149 -82.41 -9.75 37.70
C VAL X 149 -83.45 -8.94 38.47
N GLY X 150 -84.27 -8.18 37.75
CA GLY X 150 -85.32 -7.41 38.42
C GLY X 150 -86.31 -8.29 39.14
N GLU X 151 -86.73 -9.39 38.51
CA GLU X 151 -87.69 -10.29 39.14
C GLU X 151 -87.10 -10.91 40.41
N LYS X 152 -85.85 -11.36 40.35
CA LYS X 152 -85.23 -11.97 41.53
C LYS X 152 -85.06 -10.94 42.65
N LEU X 153 -84.66 -9.71 42.30
CA LEU X 153 -84.53 -8.67 43.31
C LEU X 153 -85.89 -8.35 43.94
N LEU X 154 -86.95 -8.35 43.13
CA LEU X 154 -88.29 -8.14 43.68
C LEU X 154 -88.68 -9.25 44.64
N GLU X 155 -88.39 -10.50 44.29
CA GLU X 155 -88.70 -11.61 45.19
C GLU X 155 -87.94 -11.47 46.51
N LEU X 156 -86.65 -11.14 46.43
CA LEU X 156 -85.87 -10.95 47.66
C LEU X 156 -86.41 -9.80 48.49
N ARG X 157 -86.80 -8.70 47.84
CA ARG X 157 -87.33 -7.56 48.57
C ARG X 157 -88.62 -7.92 49.28
N ARG X 158 -89.52 -8.66 48.61
CA ARG X 158 -90.75 -9.08 49.26
C ARG X 158 -90.45 -10.00 50.45
N LEU X 159 -89.52 -10.93 50.28
CA LEU X 159 -89.18 -11.83 51.38
C LEU X 159 -88.63 -11.06 52.58
N LEU X 160 -87.70 -10.13 52.32
CA LEU X 160 -87.11 -9.36 53.41
C LEU X 160 -88.14 -8.47 54.10
N GLU X 161 -89.04 -7.86 53.32
CA GLU X 161 -90.09 -7.05 53.93
C GLU X 161 -91.03 -7.90 54.77
N LYS X 162 -91.30 -9.14 54.34
CA LYS X 162 -92.10 -10.03 55.16
C LYS X 162 -91.35 -10.43 56.43
N LEU X 163 -90.02 -10.56 56.36
CA LEU X 163 -89.24 -10.91 57.53
C LEU X 163 -89.28 -9.81 58.59
N GLY X 164 -89.00 -8.57 58.18
CA GLY X 164 -89.05 -7.47 59.12
C GLY X 164 -87.86 -6.52 59.02
N VAL X 165 -86.98 -6.74 58.05
CA VAL X 165 -85.81 -5.88 57.91
C VAL X 165 -86.25 -4.48 57.53
N PRO X 166 -85.70 -3.43 58.14
CA PRO X 166 -86.07 -2.06 57.73
C PRO X 166 -85.70 -1.79 56.28
N LEU X 167 -86.52 -0.95 55.65
CA LEU X 167 -86.41 -0.74 54.20
C LEU X 167 -85.04 -0.22 53.76
N PRO X 168 -84.43 0.78 54.42
CA PRO X 168 -83.10 1.22 53.95
C PRO X 168 -82.06 0.12 53.92
N GLU X 169 -82.07 -0.77 54.91
CA GLU X 169 -81.12 -1.87 54.91
C GLU X 169 -81.40 -2.85 53.77
N VAL X 170 -82.68 -3.10 53.50
CA VAL X 170 -83.05 -3.95 52.36
C VAL X 170 -82.51 -3.36 51.08
N ILE X 171 -82.70 -2.06 50.88
CA ILE X 171 -82.23 -1.42 49.65
C ILE X 171 -80.71 -1.47 49.57
N ALA X 172 -80.02 -1.23 50.69
CA ALA X 172 -78.56 -1.30 50.69
C ALA X 172 -78.08 -2.69 50.31
N LEU X 173 -78.74 -3.73 50.82
CA LEU X 173 -78.40 -5.09 50.44
C LEU X 173 -78.64 -5.33 48.96
N LEU X 174 -79.73 -4.77 48.42
CA LEU X 174 -80.03 -4.95 47.00
C LEU X 174 -78.96 -4.32 46.11
N LEU X 175 -78.54 -3.09 46.44
CA LEU X 175 -77.43 -2.52 45.65
C LEU X 175 -76.10 -3.21 45.93
N ARG X 176 -75.93 -3.84 47.09
CA ARG X 176 -74.73 -4.66 47.29
C ARG X 176 -74.72 -5.84 46.32
N VAL X 177 -75.86 -6.52 46.20
CA VAL X 177 -75.98 -7.63 45.25
C VAL X 177 -75.76 -7.13 43.84
N LEU X 178 -76.34 -5.98 43.50
CA LEU X 178 -76.17 -5.42 42.16
C LEU X 178 -74.72 -5.05 41.88
N GLU X 179 -74.02 -4.53 42.89
CA GLU X 179 -72.60 -4.23 42.74
C GLU X 179 -71.80 -5.51 42.48
N VAL X 180 -72.12 -6.58 43.20
CA VAL X 180 -71.45 -7.85 42.97
C VAL X 180 -71.68 -8.33 41.54
N VAL X 181 -72.93 -8.26 41.07
CA VAL X 181 -73.25 -8.71 39.72
C VAL X 181 -72.54 -7.85 38.68
N GLU X 182 -72.52 -6.53 38.89
CA GLU X 182 -71.84 -5.63 37.96
C GLU X 182 -70.35 -5.93 37.90
N GLU X 183 -69.73 -6.16 39.05
CA GLU X 183 -68.30 -6.48 39.07
C GLU X 183 -68.03 -7.79 38.33
N SER X 184 -68.87 -8.79 38.55
CA SER X 184 -68.70 -10.06 37.85
C SER X 184 -68.82 -9.87 36.34
N LEU X 185 -69.83 -9.13 35.90
CA LEU X 185 -70.02 -8.91 34.46
C LEU X 185 -68.86 -8.12 33.87
N LYS X 186 -68.39 -7.10 34.58
CA LYS X 186 -67.29 -6.28 34.08
C LYS X 186 -66.01 -7.08 33.95
N ALA X 187 -65.69 -7.88 34.98
CA ALA X 187 -64.48 -8.70 34.94
C ALA X 187 -64.59 -9.81 33.91
N MET X 188 -65.80 -10.28 33.63
CA MET X 188 -65.97 -11.37 32.66
C MET X 188 -65.62 -10.94 31.25
N GLY X 189 -66.01 -9.73 30.85
CA GLY X 189 -65.68 -9.26 29.51
C GLY X 189 -66.80 -8.53 28.79
N MET X 190 -67.93 -8.36 29.46
CA MET X 190 -69.06 -7.66 28.86
C MET X 190 -68.70 -6.21 28.56
N GLU X 191 -69.23 -5.70 27.45
CA GLU X 191 -69.00 -4.30 27.11
C GLU X 191 -69.74 -3.39 28.09
N PRO X 192 -69.12 -2.27 28.49
CA PRO X 192 -69.71 -1.44 29.55
C PRO X 192 -71.14 -0.97 29.29
N ARG X 193 -71.50 -0.74 28.02
CA ARG X 193 -72.84 -0.20 27.73
C ARG X 193 -73.94 -1.16 28.16
N GLU X 194 -73.77 -2.46 27.88
CA GLU X 194 -74.78 -3.43 28.29
C GLU X 194 -74.86 -3.56 29.81
N ILE X 195 -73.72 -3.50 30.50
CA ILE X 195 -73.73 -3.54 31.96
C ILE X 195 -74.50 -2.34 32.51
N ASN X 196 -74.22 -1.16 31.96
CA ASN X 196 -74.95 0.03 32.40
C ASN X 196 -76.44 -0.11 32.12
N ARG X 197 -76.79 -0.68 30.97
CA ARG X 197 -78.19 -0.85 30.61
C ARG X 197 -78.91 -1.77 31.60
N VAL X 198 -78.30 -2.91 31.93
CA VAL X 198 -78.96 -3.85 32.82
C VAL X 198 -79.04 -3.29 34.24
N LEU X 199 -77.98 -2.62 34.70
CA LEU X 199 -78.03 -2.01 36.02
C LEU X 199 -79.11 -0.94 36.09
N ALA X 200 -79.20 -0.11 35.04
CA ALA X 200 -80.24 0.92 35.01
C ALA X 200 -81.63 0.31 35.01
N ALA X 201 -81.82 -0.79 34.26
CA ALA X 201 -83.12 -1.45 34.24
C ALA X 201 -83.48 -2.00 35.63
N ALA X 202 -82.50 -2.59 36.32
CA ALA X 202 -82.75 -3.12 37.66
C ALA X 202 -83.11 -1.99 38.63
N TYR X 203 -82.37 -0.89 38.58
CA TYR X 203 -82.69 0.25 39.42
C TYR X 203 -84.08 0.80 39.10
N LEU X 204 -84.43 0.83 37.81
CA LEU X 204 -85.72 1.36 37.42
C LEU X 204 -86.87 0.48 37.89
N THR X 205 -86.74 -0.83 37.80
CA THR X 205 -87.82 -1.68 38.29
C THR X 205 -87.93 -1.63 39.80
N LEU X 206 -86.79 -1.54 40.50
CA LEU X 206 -86.83 -1.38 41.95
C LEU X 206 -87.55 -0.09 42.35
N ALA X 207 -87.19 1.02 41.68
CA ALA X 207 -87.82 2.30 41.98
C ALA X 207 -89.30 2.29 41.62
N ALA X 208 -89.66 1.63 40.51
CA ALA X 208 -91.07 1.54 40.13
C ALA X 208 -91.87 0.78 41.17
N GLU X 209 -91.34 -0.34 41.67
CA GLU X 209 -92.01 -1.06 42.73
C GLU X 209 -92.15 -0.20 43.98
N LEU X 210 -91.08 0.51 44.34
CA LEU X 210 -91.13 1.34 45.55
C LEU X 210 -92.19 2.43 45.42
N LEU X 211 -92.27 3.07 44.25
CA LEU X 211 -93.28 4.10 44.05
C LEU X 211 -94.69 3.51 44.03
N GLU X 212 -94.86 2.36 43.37
CA GLU X 212 -96.19 1.75 43.29
C GLU X 212 -96.70 1.33 44.66
N ARG X 213 -95.80 0.90 45.56
CA ARG X 213 -96.22 0.52 46.90
C ARG X 213 -96.88 1.67 47.63
N LEU X 214 -96.47 2.91 47.34
CA LEU X 214 -97.01 4.09 48.00
C LEU X 214 -98.29 4.59 47.37
N GLY X 215 -98.71 4.02 46.23
CA GLY X 215 -99.94 4.42 45.59
C GLY X 215 -99.78 5.27 44.34
N LEU X 216 -98.56 5.72 44.04
CA LEU X 216 -98.31 6.52 42.84
C LEU X 216 -98.19 5.59 41.63
N THR X 217 -99.34 5.06 41.22
CA THR X 217 -99.38 4.10 40.12
C THR X 217 -98.96 4.71 38.79
N ALA X 218 -99.39 5.94 38.49
CA ALA X 218 -99.04 6.56 37.22
C ALA X 218 -97.55 6.84 37.11
N LEU X 219 -96.93 7.31 38.20
CA LEU X 219 -95.49 7.52 38.20
C LEU X 219 -94.74 6.22 37.98
N ALA X 220 -95.19 5.15 38.65
CA ALA X 220 -94.57 3.84 38.44
C ALA X 220 -94.72 3.38 37.00
N ALA X 221 -95.90 3.61 36.40
CA ALA X 221 -96.10 3.25 35.01
C ALA X 221 -95.17 4.02 34.09
N ARG X 222 -94.97 5.30 34.38
CA ARG X 222 -94.02 6.10 33.59
C ARG X 222 -92.61 5.56 33.73
N ILE X 223 -92.23 5.15 34.94
CA ILE X 223 -90.90 4.57 35.15
C ILE X 223 -90.73 3.28 34.36
N ARG X 224 -91.78 2.43 34.37
CA ARG X 224 -91.72 1.19 33.60
C ARG X 224 -91.63 1.47 32.10
N ARG X 225 -92.37 2.48 31.63
CA ARG X 225 -92.27 2.86 30.22
C ARG X 225 -90.85 3.32 29.88
N ALA X 226 -90.23 4.10 30.78
CA ALA X 226 -88.85 4.52 30.55
C ALA X 226 -87.92 3.33 30.50
N ARG X 227 -88.10 2.36 31.40
CA ARG X 227 -87.27 1.16 31.39
C ARG X 227 -87.43 0.39 30.09
N GLU X 228 -88.68 0.23 29.63
CA GLU X 228 -88.93 -0.52 28.40
C GLU X 228 -88.32 0.19 27.19
N LEU X 229 -88.43 1.51 27.13
CA LEU X 229 -87.79 2.24 26.04
C LEU X 229 -86.27 2.17 26.13
N LEU X 230 -85.73 2.08 27.35
CA LEU X 230 -84.28 1.93 27.49
C LEU X 230 -83.82 0.57 26.99
N LEU X 231 -84.56 -0.49 27.30
CA LEU X 231 -84.17 -1.83 26.89
C LEU X 231 -84.30 -2.06 25.39
N ALA X 232 -85.04 -1.21 24.67
CA ALA X 232 -85.25 -1.36 23.24
C ALA X 232 -84.26 -0.57 22.41
N GLY X 233 -83.28 0.08 23.04
CA GLY X 233 -82.30 0.87 22.34
C GLY X 233 -82.61 2.35 22.26
N ARG X 234 -83.83 2.76 22.60
CA ARG X 234 -84.23 4.16 22.59
C ARG X 234 -83.73 4.80 23.87
N VAL X 235 -82.49 5.32 23.83
CA VAL X 235 -81.83 5.79 25.05
C VAL X 235 -82.31 7.19 25.42
N GLU X 236 -82.29 8.12 24.46
CA GLU X 236 -82.57 9.53 24.79
C GLU X 236 -84.01 9.73 25.22
N GLU X 237 -84.95 9.03 24.56
CA GLU X 237 -86.36 9.16 24.95
C GLU X 237 -86.59 8.67 26.37
N ALA X 238 -85.98 7.53 26.72
CA ALA X 238 -86.07 7.04 28.10
C ALA X 238 -85.40 8.01 29.07
N LEU X 239 -84.29 8.60 28.66
CA LEU X 239 -83.61 9.58 29.50
C LEU X 239 -84.52 10.76 29.82
N HIS X 240 -85.18 11.31 28.79
CA HIS X 240 -86.05 12.46 29.02
C HIS X 240 -87.28 12.08 29.84
N LEU X 241 -87.86 10.90 29.58
CA LEU X 241 -88.99 10.45 30.38
C LEU X 241 -88.58 10.32 31.84
N LEU X 242 -87.39 9.77 32.10
CA LEU X 242 -86.92 9.62 33.46
C LEU X 242 -86.66 10.97 34.11
N GLN X 243 -86.13 11.92 33.35
CA GLN X 243 -85.90 13.26 33.90
C GLN X 243 -87.22 13.93 34.28
N ASP X 244 -88.23 13.81 33.42
CA ASP X 244 -89.54 14.38 33.76
C ASP X 244 -90.14 13.72 34.99
N ALA X 245 -90.02 12.39 35.08
CA ALA X 245 -90.49 11.69 36.26
C ALA X 245 -89.76 12.15 37.51
N VAL X 246 -88.44 12.37 37.40
CA VAL X 246 -87.65 12.82 38.53
C VAL X 246 -88.10 14.21 38.98
N GLU X 247 -88.33 15.12 38.03
CA GLU X 247 -88.80 16.45 38.40
C GLU X 247 -90.15 16.39 39.09
N LEU X 248 -91.07 15.57 38.59
CA LEU X 248 -92.39 15.49 39.22
C LEU X 248 -92.30 14.85 40.60
N LEU X 249 -91.41 13.86 40.76
CA LEU X 249 -91.17 13.28 42.07
C LEU X 249 -90.60 14.30 43.03
N HIS X 250 -89.70 15.16 42.55
CA HIS X 250 -89.17 16.23 43.39
C HIS X 250 -90.27 17.19 43.81
N GLU X 251 -91.17 17.53 42.87
CA GLU X 251 -92.31 18.37 43.22
C GLU X 251 -93.14 17.75 44.33
N ARG X 252 -93.46 16.46 44.20
CA ARG X 252 -94.24 15.79 45.23
C ARG X 252 -93.50 15.76 46.57
N ILE X 253 -92.20 15.45 46.54
CA ILE X 253 -91.42 15.34 47.76
C ILE X 253 -91.36 16.68 48.50
N ARG X 254 -91.07 17.75 47.77
CA ARG X 254 -90.99 19.07 48.39
C ARG X 254 -92.36 19.64 48.74
N GLU X 255 -93.44 19.13 48.14
CA GLU X 255 -94.77 19.51 48.60
C GLU X 255 -95.13 18.80 49.90
N LEU X 256 -94.70 17.54 50.05
CA LEU X 256 -94.98 16.80 51.28
C LEU X 256 -94.25 17.43 52.47
N GLY X 257 -93.02 17.84 52.29
CA GLY X 257 -92.23 18.44 53.36
C GLY X 257 -91.29 17.42 53.99
N PHE X 258 -91.21 17.43 55.32
CA PHE X 258 -90.36 16.51 56.05
C PHE X 258 -91.12 15.27 56.52
N GLU X 259 -92.39 15.13 56.18
CA GLU X 259 -93.17 13.94 56.47
C GLU X 259 -93.21 12.98 55.29
N ALA X 260 -92.26 13.09 54.37
CA ALA X 260 -92.24 12.23 53.20
C ALA X 260 -91.84 10.81 53.61
N PRO X 261 -92.63 9.80 53.24
CA PRO X 261 -92.25 8.42 53.56
C PRO X 261 -90.93 8.04 52.91
N GLU X 262 -90.22 7.11 53.54
CA GLU X 262 -88.91 6.69 53.07
C GLU X 262 -88.95 6.14 51.65
N GLU X 263 -90.11 5.67 51.21
CA GLU X 263 -90.23 5.15 49.84
C GLU X 263 -89.87 6.22 48.82
N LEU X 264 -90.37 7.45 49.02
CA LEU X 264 -90.08 8.52 48.08
C LEU X 264 -88.60 8.82 48.00
N LEU X 265 -87.92 8.91 49.16
CA LEU X 265 -86.51 9.24 49.16
C LEU X 265 -85.68 8.12 48.53
N LEU X 266 -85.97 6.87 48.87
CA LEU X 266 -85.23 5.76 48.29
C LEU X 266 -85.45 5.67 46.80
N ALA X 267 -86.70 5.87 46.34
CA ALA X 267 -86.98 5.88 44.92
C ALA X 267 -86.25 7.02 44.22
N ASP X 268 -86.18 8.19 44.86
CA ASP X 268 -85.46 9.31 44.26
C ASP X 268 -83.98 8.99 44.11
N LEU X 269 -83.36 8.40 45.13
CA LEU X 269 -81.95 8.04 45.03
C LEU X 269 -81.73 7.00 43.93
N LEU X 270 -82.60 5.99 43.86
CA LEU X 270 -82.46 4.98 42.82
C LEU X 270 -82.63 5.59 41.43
N LEU X 271 -83.57 6.53 41.29
CA LEU X 271 -83.78 7.19 40.01
C LEU X 271 -82.59 8.04 39.63
N GLN X 272 -81.94 8.69 40.60
CA GLN X 272 -80.73 9.46 40.29
C GLN X 272 -79.60 8.54 39.82
N ARG X 273 -79.44 7.40 40.48
CA ARG X 273 -78.43 6.44 40.00
C ARG X 273 -78.76 5.94 38.60
N ALA X 274 -80.05 5.70 38.33
CA ALA X 274 -80.46 5.28 36.99
C ALA X 274 -80.18 6.37 35.96
N LEU X 275 -80.43 7.64 36.33
CA LEU X 275 -80.12 8.75 35.44
C LEU X 275 -78.63 8.79 35.11
N GLU X 276 -77.79 8.64 36.13
CA GLU X 276 -76.36 8.66 35.91
C GLU X 276 -75.95 7.52 34.97
N LEU X 277 -76.45 6.31 35.24
CA LEU X 277 -76.08 5.15 34.43
C LEU X 277 -76.55 5.31 32.99
N ILE X 278 -77.76 5.81 32.78
CA ILE X 278 -78.29 5.99 31.43
C ILE X 278 -77.51 7.07 30.69
N SER X 279 -77.17 8.16 31.37
CA SER X 279 -76.39 9.22 30.74
C SER X 279 -75.01 8.71 30.35
N SER X 280 -74.40 7.87 31.19
CA SER X 280 -73.07 7.34 30.87
C SER X 280 -73.09 6.34 29.73
N ILE X 281 -74.26 5.88 29.29
CA ILE X 281 -74.35 4.92 28.20
C ILE X 281 -73.86 5.56 26.90
N THR Y 24 -68.81 26.88 86.21
CA THR Y 24 -67.65 27.67 86.58
C THR Y 24 -66.90 28.13 85.32
N VAL Y 25 -67.09 27.38 84.23
CA VAL Y 25 -66.57 27.70 82.90
C VAL Y 25 -65.05 27.52 82.86
N GLU Y 26 -64.33 28.10 83.82
CA GLU Y 26 -62.88 27.94 83.86
C GLU Y 26 -62.50 26.48 84.09
N GLU Y 27 -63.09 25.87 85.13
CA GLU Y 27 -62.83 24.47 85.42
C GLU Y 27 -63.09 23.62 84.20
N GLU Y 28 -64.08 23.98 83.38
CA GLU Y 28 -64.27 23.30 82.11
C GLU Y 28 -63.03 23.43 81.23
N VAL Y 29 -62.36 24.58 81.26
CA VAL Y 29 -61.18 24.77 80.42
C VAL Y 29 -60.03 23.88 80.87
N ILE Y 30 -59.71 23.89 82.18
CA ILE Y 30 -58.60 23.05 82.63
C ILE Y 30 -58.94 21.57 82.47
N ARG Y 31 -60.19 21.18 82.76
CA ARG Y 31 -60.59 19.80 82.54
C ARG Y 31 -60.53 19.43 81.07
N PHE Y 32 -60.85 20.36 80.17
CA PHE Y 32 -60.74 20.09 78.74
C PHE Y 32 -59.29 19.80 78.37
N ALA Y 33 -58.36 20.62 78.87
CA ALA Y 33 -56.95 20.40 78.56
C ALA Y 33 -56.47 19.05 79.09
N GLU Y 34 -56.76 18.75 80.35
CA GLU Y 34 -56.30 17.51 80.94
C GLU Y 34 -56.93 16.30 80.27
N GLU Y 35 -58.24 16.37 79.98
CA GLU Y 35 -58.92 15.27 79.31
C GLU Y 35 -58.40 15.08 77.89
N LEU Y 36 -58.04 16.17 77.22
CA LEU Y 36 -57.46 16.04 75.88
C LEU Y 36 -56.13 15.31 75.95
N ALA Y 37 -55.29 15.68 76.93
CA ALA Y 37 -54.02 14.97 77.08
C ALA Y 37 -54.23 13.50 77.40
N GLU Y 38 -55.19 13.20 78.29
CA GLU Y 38 -55.47 11.82 78.64
C GLU Y 38 -56.04 11.04 77.45
N GLU Y 39 -56.82 11.71 76.60
CA GLU Y 39 -57.33 11.06 75.39
C GLU Y 39 -56.20 10.73 74.43
N ILE Y 40 -55.24 11.64 74.27
CA ILE Y 40 -54.07 11.32 73.46
C ILE Y 40 -53.35 10.11 74.03
N ARG Y 41 -53.17 10.08 75.35
CA ARG Y 41 -52.46 8.97 75.97
C ARG Y 41 -53.20 7.65 75.76
N ARG Y 42 -54.53 7.66 75.90
CA ARG Y 42 -55.31 6.44 75.70
C ARG Y 42 -55.24 5.97 74.25
N VAL Y 43 -55.35 6.90 73.30
CA VAL Y 43 -55.39 6.49 71.89
C VAL Y 43 -54.04 5.99 71.43
N THR Y 44 -52.95 6.65 71.83
CA THR Y 44 -51.62 6.30 71.36
C THR Y 44 -50.73 5.69 72.42
N GLY Y 45 -50.64 6.30 73.60
CA GLY Y 45 -49.75 5.81 74.64
C GLY Y 45 -48.55 6.71 74.85
N GLU Y 46 -47.35 6.17 74.64
CA GLU Y 46 -46.11 6.94 74.79
C GLU Y 46 -45.35 7.04 73.48
N ALA Y 47 -45.96 6.64 72.36
CA ALA Y 47 -45.34 6.84 71.06
C ALA Y 47 -45.41 8.28 70.60
N TYR Y 48 -46.44 9.02 71.02
CA TYR Y 48 -46.59 10.44 70.72
C TYR Y 48 -46.70 11.17 72.06
N ARG Y 49 -45.54 11.51 72.64
CA ARG Y 49 -45.50 12.16 73.94
C ARG Y 49 -45.23 13.65 73.87
N GLU Y 50 -44.54 14.11 72.81
CA GLU Y 50 -44.33 15.55 72.63
C GLU Y 50 -45.66 16.27 72.45
N TYR Y 51 -46.62 15.62 71.77
CA TYR Y 51 -47.93 16.22 71.60
C TYR Y 51 -48.65 16.37 72.93
N ALA Y 52 -48.56 15.37 73.80
CA ALA Y 52 -49.14 15.47 75.13
C ALA Y 52 -48.46 16.55 75.95
N GLU Y 53 -47.14 16.66 75.83
CA GLU Y 53 -46.40 17.74 76.49
C GLU Y 53 -46.89 19.10 76.04
N ALA Y 54 -47.07 19.26 74.73
CA ALA Y 54 -47.55 20.54 74.19
C ALA Y 54 -48.97 20.84 74.66
N VAL Y 55 -49.84 19.82 74.70
CA VAL Y 55 -51.20 20.03 75.16
C VAL Y 55 -51.23 20.46 76.62
N ARG Y 56 -50.40 19.81 77.45
CA ARG Y 56 -50.34 20.20 78.86
C ARG Y 56 -49.77 21.60 79.03
N HIS Y 57 -48.78 21.96 78.22
CA HIS Y 57 -48.24 23.31 78.25
C HIS Y 57 -49.30 24.34 77.88
N LEU Y 58 -50.08 24.06 76.84
CA LEU Y 58 -51.15 24.98 76.44
C LEU Y 58 -52.24 25.06 77.50
N GLY Y 59 -52.53 23.95 78.19
CA GLY Y 59 -53.45 24.02 79.30
C GLY Y 59 -52.95 24.89 80.43
N GLU Y 60 -51.65 24.79 80.72
CA GLU Y 60 -51.05 25.67 81.72
C GLU Y 60 -51.13 27.12 81.29
N ALA Y 61 -50.89 27.40 80.01
CA ALA Y 61 -51.03 28.76 79.51
C ALA Y 61 -52.45 29.27 79.67
N ALA Y 62 -53.44 28.43 79.34
CA ALA Y 62 -54.83 28.83 79.48
C ALA Y 62 -55.18 29.10 80.93
N LYS Y 63 -54.64 28.29 81.85
CA LYS Y 63 -54.84 28.55 83.28
C LYS Y 63 -54.20 29.86 83.69
N ALA Y 64 -53.03 30.18 83.13
CA ALA Y 64 -52.36 31.44 83.44
C ALA Y 64 -53.16 32.64 82.95
N VAL Y 65 -53.75 32.53 81.75
CA VAL Y 65 -54.53 33.63 81.19
C VAL Y 65 -55.69 33.98 82.10
N LEU Y 66 -56.39 32.97 82.62
CA LEU Y 66 -57.61 33.18 83.38
C LEU Y 66 -57.35 33.79 84.76
N GLU Y 67 -56.10 33.87 85.20
CA GLU Y 67 -55.78 34.45 86.49
C GLU Y 67 -55.35 35.91 86.41
N GLY Y 68 -54.92 36.37 85.25
CA GLY Y 68 -54.52 37.76 85.09
C GLY Y 68 -53.15 37.94 84.48
N ASN Y 69 -52.27 36.96 84.70
CA ASN Y 69 -50.91 37.04 84.17
C ASN Y 69 -50.94 36.88 82.66
N SER Y 70 -50.41 37.87 81.95
CA SER Y 70 -50.45 37.88 80.49
C SER Y 70 -49.09 37.67 79.84
N VAL Y 71 -48.01 37.74 80.59
CA VAL Y 71 -46.67 37.52 80.02
C VAL Y 71 -46.25 36.06 80.14
N GLU Y 72 -46.60 35.41 81.25
CA GLU Y 72 -46.34 33.99 81.39
C GLU Y 72 -47.02 33.19 80.29
N ALA Y 73 -48.23 33.60 79.90
CA ALA Y 73 -48.91 32.94 78.80
C ALA Y 73 -48.12 33.07 77.49
N ASP Y 74 -47.58 34.27 77.23
CA ASP Y 74 -46.77 34.46 76.04
C ASP Y 74 -45.53 33.59 76.06
N LEU Y 75 -44.86 33.51 77.22
CA LEU Y 75 -43.67 32.68 77.33
C LEU Y 75 -44.01 31.20 77.11
N ILE Y 76 -45.13 30.74 77.67
CA ILE Y 76 -45.53 29.35 77.50
C ILE Y 76 -45.88 29.07 76.03
N VAL Y 77 -46.54 30.01 75.37
CA VAL Y 77 -46.85 29.83 73.95
C VAL Y 77 -45.59 29.77 73.11
N THR Y 78 -44.58 30.58 73.48
CA THR Y 78 -43.30 30.49 72.77
C THR Y 78 -42.62 29.15 73.00
N ASP Y 79 -42.71 28.62 74.22
CA ASP Y 79 -42.17 27.29 74.50
C ASP Y 79 -42.88 26.22 73.65
N VAL Y 80 -44.21 26.32 73.56
CA VAL Y 80 -44.97 25.38 72.74
C VAL Y 80 -44.57 25.52 71.28
N LEU Y 81 -44.32 26.75 70.83
CA LEU Y 81 -43.88 26.97 69.45
C LEU Y 81 -42.54 26.30 69.19
N ARG Y 82 -41.62 26.41 70.15
CA ARG Y 82 -40.33 25.72 70.00
C ARG Y 82 -40.52 24.21 69.95
N LEU Y 83 -41.38 23.67 70.81
CA LEU Y 83 -41.63 22.23 70.81
C LEU Y 83 -42.19 21.77 69.47
N LEU Y 84 -43.15 22.52 68.93
CA LEU Y 84 -43.76 22.16 67.65
C LEU Y 84 -42.79 22.33 66.50
N GLU Y 85 -41.89 23.31 66.58
CA GLU Y 85 -40.85 23.45 65.57
C GLU Y 85 -39.88 22.27 65.62
N ARG Y 86 -39.59 21.78 66.82
CA ARG Y 86 -38.78 20.56 66.93
C ARG Y 86 -39.51 19.35 66.40
N ILE Y 87 -40.83 19.30 66.57
CA ILE Y 87 -41.60 18.15 66.09
C ILE Y 87 -41.54 18.08 64.56
N GLY Y 88 -41.82 19.18 63.88
CA GLY Y 88 -41.72 19.23 62.44
C GLY Y 88 -43.02 19.10 61.69
N GLU Y 89 -44.05 19.82 62.13
CA GLU Y 89 -45.35 19.84 61.47
C GLU Y 89 -45.60 21.28 60.99
N GLU Y 90 -45.37 21.51 59.70
CA GLU Y 90 -45.27 22.87 59.19
C GLU Y 90 -46.56 23.66 59.39
N GLY Y 91 -47.70 23.05 59.03
CA GLY Y 91 -48.97 23.75 59.19
C GLY Y 91 -49.29 24.05 60.65
N LEU Y 92 -48.98 23.10 61.54
CA LEU Y 92 -49.24 23.31 62.95
C LEU Y 92 -48.33 24.39 63.51
N VAL Y 93 -47.09 24.48 63.02
CA VAL Y 93 -46.19 25.55 63.41
C VAL Y 93 -46.72 26.90 62.93
N LYS Y 94 -47.26 26.94 61.70
CA LYS Y 94 -47.87 28.17 61.20
C LYS Y 94 -49.02 28.61 62.10
N LEU Y 95 -49.89 27.66 62.47
CA LEU Y 95 -50.99 27.98 63.38
C LEU Y 95 -50.46 28.46 64.72
N ALA Y 96 -49.36 27.87 65.20
CA ALA Y 96 -48.78 28.29 66.47
C ALA Y 96 -48.27 29.71 66.39
N ARG Y 97 -47.60 30.08 65.29
CA ARG Y 97 -47.12 31.45 65.14
C ARG Y 97 -48.29 32.45 65.10
N GLU Y 98 -49.34 32.11 64.34
CA GLU Y 98 -50.49 33.00 64.29
C GLU Y 98 -51.14 33.14 65.66
N VAL Y 99 -51.25 32.04 66.40
CA VAL Y 99 -51.81 32.08 67.74
C VAL Y 99 -50.94 32.96 68.64
N HIS Y 100 -49.62 32.83 68.53
CA HIS Y 100 -48.70 33.64 69.31
C HIS Y 100 -48.96 35.13 69.08
N GLU Y 101 -48.97 35.55 67.80
CA GLU Y 101 -49.14 36.96 67.50
C GLU Y 101 -50.51 37.48 67.95
N ARG Y 102 -51.57 36.77 67.56
CA ARG Y 102 -52.91 37.23 67.89
C ARG Y 102 -53.15 37.24 69.40
N SER Y 103 -52.69 36.20 70.11
CA SER Y 103 -52.86 36.14 71.55
C SER Y 103 -52.10 37.27 72.23
N PHE Y 104 -50.88 37.55 71.79
CA PHE Y 104 -50.14 38.68 72.36
C PHE Y 104 -50.90 39.98 72.19
N GLU Y 105 -51.36 40.25 70.96
CA GLU Y 105 -52.05 41.52 70.71
C GLU Y 105 -53.35 41.61 71.51
N LEU Y 106 -54.14 40.55 71.54
CA LEU Y 106 -55.41 40.58 72.24
C LEU Y 106 -55.23 40.68 73.75
N LEU Y 107 -54.23 39.98 74.30
CA LEU Y 107 -53.97 40.07 75.73
C LEU Y 107 -53.45 41.45 76.11
N ARG Y 108 -52.66 42.08 75.25
CA ARG Y 108 -52.28 43.47 75.50
C ARG Y 108 -53.50 44.38 75.48
N LYS Y 109 -54.39 44.18 74.50
CA LYS Y 109 -55.60 44.99 74.44
C LYS Y 109 -56.57 44.64 75.56
N GLY Y 110 -56.79 43.36 75.82
CA GLY Y 110 -57.65 42.94 76.90
C GLY Y 110 -58.70 41.92 76.54
N ASN Y 111 -58.61 41.35 75.34
CA ASN Y 111 -59.57 40.35 74.89
C ASN Y 111 -59.14 38.97 75.40
N ARG Y 112 -59.51 38.71 76.66
CA ARG Y 112 -59.15 37.44 77.29
C ARG Y 112 -59.81 36.26 76.60
N VAL Y 113 -61.09 36.39 76.24
CA VAL Y 113 -61.87 35.27 75.74
C VAL Y 113 -61.32 34.77 74.41
N GLU Y 114 -60.98 35.69 73.51
CA GLU Y 114 -60.47 35.27 72.20
C GLU Y 114 -59.09 34.64 72.31
N ALA Y 115 -58.25 35.13 73.22
CA ALA Y 115 -56.96 34.48 73.45
C ALA Y 115 -57.15 33.07 73.99
N LEU Y 116 -58.08 32.89 74.92
CA LEU Y 116 -58.39 31.56 75.41
C LEU Y 116 -58.87 30.66 74.28
N ALA Y 117 -59.73 31.19 73.41
CA ALA Y 117 -60.23 30.42 72.28
C ALA Y 117 -59.11 29.99 71.36
N LEU Y 118 -58.16 30.90 71.08
CA LEU Y 118 -57.04 30.56 70.22
C LEU Y 118 -56.16 29.49 70.86
N ILE Y 119 -55.91 29.61 72.17
CA ILE Y 119 -55.10 28.61 72.85
C ILE Y 119 -55.76 27.24 72.78
N LEU Y 120 -57.07 27.18 73.04
CA LEU Y 120 -57.78 25.91 72.99
C LEU Y 120 -57.81 25.36 71.58
N ALA Y 121 -57.95 26.22 70.58
CA ALA Y 121 -57.92 25.75 69.19
C ALA Y 121 -56.56 25.15 68.86
N LEU Y 122 -55.47 25.79 69.31
CA LEU Y 122 -54.15 25.22 69.07
C LEU Y 122 -53.99 23.86 69.75
N ALA Y 123 -54.46 23.75 70.99
CA ALA Y 123 -54.38 22.48 71.70
C ALA Y 123 -55.15 21.38 70.97
N LEU Y 124 -56.37 21.70 70.52
CA LEU Y 124 -57.16 20.74 69.78
C LEU Y 124 -56.48 20.36 68.46
N ALA Y 125 -55.85 21.33 67.80
CA ALA Y 125 -55.16 21.03 66.56
C ALA Y 125 -54.02 20.05 66.79
N VAL Y 126 -53.24 20.26 67.85
CA VAL Y 126 -52.15 19.33 68.17
C VAL Y 126 -52.70 17.94 68.46
N ALA Y 127 -53.77 17.87 69.27
CA ALA Y 127 -54.33 16.58 69.63
C ALA Y 127 -54.86 15.83 68.41
N LEU Y 128 -55.59 16.54 67.54
CA LEU Y 128 -56.15 15.91 66.36
C LEU Y 128 -55.06 15.50 65.37
N THR Y 129 -54.01 16.30 65.26
CA THR Y 129 -52.89 15.92 64.40
C THR Y 129 -52.25 14.63 64.89
N ALA Y 130 -52.00 14.53 66.19
CA ALA Y 130 -51.39 13.32 66.74
C ALA Y 130 -52.29 12.11 66.53
N VAL Y 131 -53.60 12.27 66.82
CA VAL Y 131 -54.53 11.15 66.71
C VAL Y 131 -54.64 10.69 65.26
N SER Y 132 -54.76 11.63 64.32
CA SER Y 132 -54.87 11.28 62.92
C SER Y 132 -53.60 10.60 62.41
N LYS Y 133 -52.44 11.09 62.85
CA LYS Y 133 -51.18 10.45 62.46
C LYS Y 133 -51.13 9.01 62.96
N ALA Y 134 -51.52 8.79 64.22
CA ALA Y 134 -51.52 7.43 64.76
C ALA Y 134 -52.50 6.54 64.00
N PHE Y 135 -53.70 7.04 63.74
CA PHE Y 135 -54.71 6.23 63.06
C PHE Y 135 -54.27 5.87 61.65
N PHE Y 136 -53.67 6.82 60.92
CA PHE Y 136 -53.21 6.52 59.57
C PHE Y 136 -52.03 5.56 59.60
N LEU Y 137 -51.13 5.70 60.57
CA LEU Y 137 -49.99 4.78 60.66
C LEU Y 137 -50.46 3.37 60.94
N LEU Y 138 -51.47 3.21 61.82
CA LEU Y 138 -52.00 1.88 62.09
C LEU Y 138 -52.62 1.27 60.83
N GLY Y 139 -53.41 2.06 60.11
CA GLY Y 139 -54.10 1.56 58.93
C GLY Y 139 -55.60 1.60 59.11
N GLN Y 140 -56.06 2.51 59.97
CA GLN Y 140 -57.47 2.54 60.35
C GLN Y 140 -58.33 3.03 59.18
N PRO Y 141 -59.60 2.64 59.14
CA PRO Y 141 -60.52 3.19 58.14
C PRO Y 141 -60.88 4.63 58.46
N ALA Y 142 -61.39 5.33 57.44
CA ALA Y 142 -61.71 6.74 57.58
C ALA Y 142 -62.89 7.00 58.50
N ARG Y 143 -63.74 6.00 58.74
CA ARG Y 143 -64.94 6.22 59.54
C ARG Y 143 -64.59 6.63 60.97
N LEU Y 144 -63.65 5.91 61.60
CA LEU Y 144 -63.28 6.22 62.98
C LEU Y 144 -62.59 7.56 63.08
N ILE Y 145 -61.71 7.88 62.13
CA ILE Y 145 -61.03 9.17 62.13
C ILE Y 145 -62.05 10.30 62.03
N ALA Y 146 -62.98 10.17 61.09
CA ALA Y 146 -64.00 11.20 60.91
C ALA Y 146 -64.87 11.36 62.14
N GLU Y 147 -65.29 10.24 62.74
CA GLU Y 147 -66.13 10.31 63.93
C GLU Y 147 -65.40 10.97 65.09
N TYR Y 148 -64.13 10.60 65.31
CA TYR Y 148 -63.38 11.20 66.40
C TYR Y 148 -63.15 12.68 66.18
N VAL Y 149 -62.80 13.07 64.95
CA VAL Y 149 -62.60 14.48 64.65
C VAL Y 149 -63.88 15.27 64.88
N GLY Y 150 -65.01 14.74 64.40
CA GLY Y 150 -66.28 15.41 64.62
C GLY Y 150 -66.62 15.55 66.09
N GLU Y 151 -66.39 14.49 66.88
CA GLU Y 151 -66.70 14.55 68.30
C GLU Y 151 -65.83 15.60 69.00
N LYS Y 152 -64.53 15.63 68.69
CA LYS Y 152 -63.65 16.59 69.33
C LYS Y 152 -64.02 18.02 68.94
N LEU Y 153 -64.35 18.23 67.66
CA LEU Y 153 -64.77 19.56 67.22
C LEU Y 153 -66.05 19.98 67.91
N LEU Y 154 -66.98 19.04 68.11
CA LEU Y 154 -68.20 19.33 68.85
C LEU Y 154 -67.91 19.74 70.28
N GLU Y 155 -67.01 19.02 70.95
CA GLU Y 155 -66.64 19.38 72.32
C GLU Y 155 -66.04 20.78 72.37
N LEU Y 156 -65.13 21.09 71.45
CA LEU Y 156 -64.52 22.42 71.42
C LEU Y 156 -65.57 23.49 71.16
N ARG Y 157 -66.51 23.22 70.25
CA ARG Y 157 -67.56 24.20 69.95
C ARG Y 157 -68.43 24.45 71.17
N ARG Y 158 -68.81 23.40 71.89
CA ARG Y 158 -69.60 23.59 73.10
C ARG Y 158 -68.83 24.41 74.14
N LEU Y 159 -67.54 24.11 74.32
CA LEU Y 159 -66.74 24.84 75.28
C LEU Y 159 -66.65 26.32 74.91
N LEU Y 160 -66.37 26.60 73.63
CA LEU Y 160 -66.24 28.00 73.19
C LEU Y 160 -67.57 28.74 73.30
N GLU Y 161 -68.68 28.08 72.97
CA GLU Y 161 -69.98 28.72 73.14
C GLU Y 161 -70.27 29.00 74.61
N LYS Y 162 -69.88 28.10 75.50
CA LYS Y 162 -70.03 28.36 76.93
C LYS Y 162 -69.17 29.54 77.37
N LEU Y 163 -67.98 29.67 76.80
CA LEU Y 163 -67.10 30.78 77.17
C LEU Y 163 -67.71 32.12 76.78
N GLY Y 164 -68.15 32.24 75.53
CA GLY Y 164 -68.77 33.49 75.09
C GLY Y 164 -68.28 33.99 73.75
N VAL Y 165 -67.43 33.21 73.08
CA VAL Y 165 -66.91 33.61 71.78
C VAL Y 165 -68.06 33.67 70.78
N PRO Y 166 -68.15 34.70 69.94
CA PRO Y 166 -69.21 34.74 68.92
C PRO Y 166 -69.09 33.59 67.94
N LEU Y 167 -70.24 33.16 67.42
CA LEU Y 167 -70.30 31.96 66.60
C LEU Y 167 -69.42 32.02 65.35
N PRO Y 168 -69.43 33.09 64.55
CA PRO Y 168 -68.57 33.09 63.35
C PRO Y 168 -67.10 32.88 63.65
N GLU Y 169 -66.59 33.46 64.74
CA GLU Y 169 -65.19 33.27 65.09
C GLU Y 169 -64.93 31.82 65.52
N VAL Y 170 -65.88 31.22 66.24
CA VAL Y 170 -65.74 29.81 66.61
C VAL Y 170 -65.65 28.95 65.35
N ILE Y 171 -66.53 29.19 64.39
CA ILE Y 171 -66.52 28.40 63.17
C ILE Y 171 -65.22 28.60 62.40
N ALA Y 172 -64.75 29.85 62.33
CA ALA Y 172 -63.49 30.12 61.63
C ALA Y 172 -62.33 29.37 62.29
N LEU Y 173 -62.31 29.34 63.62
CA LEU Y 173 -61.29 28.56 64.32
C LEU Y 173 -61.41 27.08 64.01
N LEU Y 174 -62.65 26.57 63.91
CA LEU Y 174 -62.83 25.15 63.63
C LEU Y 174 -62.33 24.79 62.23
N LEU Y 175 -62.62 25.61 61.22
CA LEU Y 175 -62.04 25.33 59.91
C LEU Y 175 -60.53 25.56 59.88
N ARG Y 176 -60.01 26.44 60.74
CA ARG Y 176 -58.55 26.55 60.84
C ARG Y 176 -57.94 25.24 61.34
N VAL Y 177 -58.54 24.66 62.39
CA VAL Y 177 -58.07 23.38 62.91
C VAL Y 177 -58.19 22.30 61.83
N LEU Y 178 -59.31 22.29 61.12
CA LEU Y 178 -59.52 21.30 60.06
C LEU Y 178 -58.51 21.47 58.93
N GLU Y 179 -58.16 22.71 58.60
CA GLU Y 179 -57.13 22.97 57.59
C GLU Y 179 -55.78 22.43 58.05
N VAL Y 180 -55.45 22.64 59.32
CA VAL Y 180 -54.21 22.08 59.86
C VAL Y 180 -54.19 20.57 59.73
N VAL Y 181 -55.30 19.92 60.10
CA VAL Y 181 -55.37 18.46 60.03
C VAL Y 181 -55.27 18.00 58.59
N GLU Y 182 -55.94 18.70 57.67
CA GLU Y 182 -55.88 18.34 56.25
C GLU Y 182 -54.47 18.46 55.70
N GLU Y 183 -53.76 19.53 56.08
CA GLU Y 183 -52.39 19.72 55.63
C GLU Y 183 -51.50 18.60 56.15
N SER Y 184 -51.67 18.24 57.43
CA SER Y 184 -50.90 17.14 58.00
C SER Y 184 -51.17 15.83 57.26
N LEU Y 185 -52.45 15.55 56.98
CA LEU Y 185 -52.80 14.31 56.30
C LEU Y 185 -52.23 14.27 54.89
N LYS Y 186 -52.30 15.39 54.17
CA LYS Y 186 -51.73 15.45 52.82
C LYS Y 186 -50.22 15.25 52.85
N ALA Y 187 -49.54 15.90 53.81
CA ALA Y 187 -48.10 15.79 53.89
C ALA Y 187 -47.64 14.38 54.29
N MET Y 188 -48.44 13.69 55.12
CA MET Y 188 -48.07 12.34 55.54
C MET Y 188 -48.05 11.37 54.38
N GLY Y 189 -49.04 11.43 53.49
CA GLY Y 189 -49.06 10.55 52.34
C GLY Y 189 -50.41 9.92 52.03
N MET Y 190 -51.44 10.32 52.76
CA MET Y 190 -52.78 9.76 52.55
C MET Y 190 -53.30 10.12 51.17
N GLU Y 191 -54.07 9.21 50.59
CA GLU Y 191 -54.68 9.46 49.29
C GLU Y 191 -55.75 10.55 49.42
N PRO Y 192 -55.87 11.43 48.43
CA PRO Y 192 -56.78 12.58 48.57
C PRO Y 192 -58.23 12.21 48.84
N ARG Y 193 -58.71 11.07 48.33
CA ARG Y 193 -60.13 10.74 48.47
C ARG Y 193 -60.51 10.55 49.93
N GLU Y 194 -59.67 9.86 50.72
CA GLU Y 194 -59.98 9.67 52.13
C GLU Y 194 -59.94 10.98 52.90
N ILE Y 195 -58.99 11.85 52.59
CA ILE Y 195 -58.93 13.16 53.24
C ILE Y 195 -60.19 13.95 52.94
N ASN Y 196 -60.63 13.94 51.68
CA ASN Y 196 -61.87 14.63 51.31
C ASN Y 196 -63.05 14.03 52.05
N ARG Y 197 -63.08 12.70 52.19
CA ARG Y 197 -64.20 12.04 52.86
C ARG Y 197 -64.26 12.46 54.33
N VAL Y 198 -63.12 12.47 55.03
CA VAL Y 198 -63.13 12.82 56.45
C VAL Y 198 -63.45 14.31 56.64
N LEU Y 199 -62.92 15.17 55.77
CA LEU Y 199 -63.26 16.58 55.83
C LEU Y 199 -64.76 16.79 55.63
N ALA Y 200 -65.34 16.11 54.64
CA ALA Y 200 -66.76 16.23 54.38
C ALA Y 200 -67.58 15.74 55.56
N ALA Y 201 -67.16 14.64 56.19
CA ALA Y 201 -67.88 14.15 57.35
C ALA Y 201 -67.82 15.15 58.51
N ALA Y 202 -66.65 15.76 58.72
CA ALA Y 202 -66.53 16.74 59.80
C ALA Y 202 -67.41 17.96 59.53
N TYR Y 203 -67.39 18.47 58.30
CA TYR Y 203 -68.25 19.59 57.96
C TYR Y 203 -69.72 19.21 58.11
N LEU Y 204 -70.09 17.99 57.73
CA LEU Y 204 -71.47 17.56 57.81
C LEU Y 204 -71.94 17.47 59.26
N THR Y 205 -71.12 16.94 60.16
CA THR Y 205 -71.55 16.87 61.55
C THR Y 205 -71.60 18.25 62.18
N LEU Y 206 -70.67 19.14 61.83
CA LEU Y 206 -70.72 20.50 62.33
C LEU Y 206 -72.01 21.19 61.88
N ALA Y 207 -72.33 21.07 60.59
CA ALA Y 207 -73.56 21.69 60.07
C ALA Y 207 -74.80 21.07 60.68
N ALA Y 208 -74.79 19.76 60.90
CA ALA Y 208 -75.93 19.10 61.51
C ALA Y 208 -76.16 19.59 62.94
N GLU Y 209 -75.09 19.75 63.71
CA GLU Y 209 -75.23 20.31 65.06
C GLU Y 209 -75.76 21.74 64.99
N LEU Y 210 -75.22 22.54 64.06
CA LEU Y 210 -75.66 23.93 63.96
C LEU Y 210 -77.15 24.01 63.63
N LEU Y 211 -77.61 23.17 62.69
CA LEU Y 211 -79.03 23.16 62.33
C LEU Y 211 -79.90 22.66 63.48
N GLU Y 212 -79.45 21.60 64.17
CA GLU Y 212 -80.24 21.05 65.27
C GLU Y 212 -80.36 22.04 66.42
N ARG Y 213 -79.35 22.89 66.62
CA ARG Y 213 -79.44 23.89 67.67
C ARG Y 213 -80.62 24.83 67.45
N LEU Y 214 -80.98 25.08 66.19
CA LEU Y 214 -82.06 25.99 65.86
C LEU Y 214 -83.43 25.31 65.86
N GLY Y 215 -83.50 24.00 66.05
CA GLY Y 215 -84.74 23.28 66.08
C GLY Y 215 -85.09 22.51 64.83
N LEU Y 216 -84.37 22.74 63.72
CA LEU Y 216 -84.62 22.02 62.48
C LEU Y 216 -84.04 20.61 62.58
N THR Y 217 -84.73 19.78 63.38
CA THR Y 217 -84.24 18.44 63.66
C THR Y 217 -84.33 17.51 62.45
N ALA Y 218 -85.35 17.64 61.61
CA ALA Y 218 -85.46 16.79 60.44
C ALA Y 218 -84.34 17.06 59.43
N LEU Y 219 -84.02 18.34 59.21
CA LEU Y 219 -82.92 18.67 58.33
C LEU Y 219 -81.60 18.14 58.87
N ALA Y 220 -81.38 18.26 60.18
CA ALA Y 220 -80.17 17.71 60.79
C ALA Y 220 -80.11 16.20 60.62
N ALA Y 221 -81.25 15.51 60.79
CA ALA Y 221 -81.27 14.07 60.60
C ALA Y 221 -80.94 13.71 59.16
N ARG Y 222 -81.45 14.46 58.20
CA ARG Y 222 -81.11 14.22 56.80
C ARG Y 222 -79.63 14.42 56.54
N ILE Y 223 -79.04 15.45 57.16
CA ILE Y 223 -77.60 15.69 57.00
C ILE Y 223 -76.80 14.52 57.58
N ARG Y 224 -77.22 14.02 58.75
CA ARG Y 224 -76.53 12.88 59.35
C ARG Y 224 -76.67 11.64 58.49
N ARG Y 225 -77.85 11.43 57.89
CA ARG Y 225 -78.02 10.32 56.97
C ARG Y 225 -77.08 10.45 55.77
N ALA Y 226 -76.95 11.67 55.24
CA ALA Y 226 -76.03 11.89 54.13
C ALA Y 226 -74.60 11.58 54.53
N ARG Y 227 -74.20 12.00 55.74
CA ARG Y 227 -72.85 11.71 56.21
C ARG Y 227 -72.62 10.21 56.34
N GLU Y 228 -73.60 9.50 56.91
CA GLU Y 228 -73.46 8.06 57.08
C GLU Y 228 -73.38 7.34 55.74
N LEU Y 229 -74.18 7.76 54.75
CA LEU Y 229 -74.08 7.16 53.43
C LEU Y 229 -72.74 7.50 52.77
N LEU Y 230 -72.20 8.69 53.03
CA LEU Y 230 -70.89 9.05 52.51
C LEU Y 230 -69.80 8.18 53.09
N LEU Y 231 -69.85 7.92 54.40
CA LEU Y 231 -68.81 7.14 55.06
C LEU Y 231 -68.84 5.67 54.67
N ALA Y 232 -69.95 5.18 54.12
CA ALA Y 232 -70.08 3.78 53.74
C ALA Y 232 -69.70 3.52 52.29
N GLY Y 233 -69.20 4.52 51.59
CA GLY Y 233 -68.83 4.37 50.19
C GLY Y 233 -69.90 4.76 49.20
N ARG Y 234 -71.13 5.00 49.66
CA ARG Y 234 -72.22 5.41 48.78
C ARG Y 234 -72.11 6.91 48.56
N VAL Y 235 -71.33 7.28 47.54
CA VAL Y 235 -70.97 8.69 47.34
C VAL Y 235 -72.11 9.46 46.67
N GLU Y 236 -72.63 8.93 45.56
CA GLU Y 236 -73.61 9.67 44.77
C GLU Y 236 -74.92 9.87 45.52
N GLU Y 237 -75.36 8.84 46.26
CA GLU Y 237 -76.58 8.97 47.04
C GLU Y 237 -76.45 10.04 48.11
N ALA Y 238 -75.31 10.07 48.81
CA ALA Y 238 -75.06 11.11 49.79
C ALA Y 238 -74.99 12.49 49.11
N LEU Y 239 -74.39 12.55 47.92
CA LEU Y 239 -74.34 13.79 47.18
C LEU Y 239 -75.73 14.33 46.89
N HIS Y 240 -76.62 13.47 46.39
CA HIS Y 240 -77.97 13.92 46.07
C HIS Y 240 -78.76 14.29 47.31
N LEU Y 241 -78.59 13.52 48.40
CA LEU Y 241 -79.26 13.86 49.65
C LEU Y 241 -78.81 15.22 50.14
N LEU Y 242 -77.50 15.49 50.07
CA LEU Y 242 -76.97 16.79 50.47
C LEU Y 242 -77.51 17.90 49.59
N GLN Y 243 -77.61 17.66 48.28
CA GLN Y 243 -78.13 18.69 47.38
C GLN Y 243 -79.58 19.01 47.70
N ASP Y 244 -80.40 17.99 47.94
CA ASP Y 244 -81.80 18.23 48.30
C ASP Y 244 -81.90 18.99 49.62
N ALA Y 245 -81.08 18.61 50.61
CA ALA Y 245 -81.07 19.34 51.87
C ALA Y 245 -80.65 20.79 51.66
N VAL Y 246 -79.70 21.02 50.76
CA VAL Y 246 -79.24 22.38 50.47
C VAL Y 246 -80.36 23.21 49.85
N GLU Y 247 -81.11 22.63 48.91
CA GLU Y 247 -82.23 23.36 48.32
C GLU Y 247 -83.30 23.67 49.37
N LEU Y 248 -83.59 22.71 50.26
CA LEU Y 248 -84.58 22.99 51.30
C LEU Y 248 -84.10 24.08 52.25
N LEU Y 249 -82.81 24.05 52.61
CA LEU Y 249 -82.25 25.10 53.46
C LEU Y 249 -82.30 26.45 52.78
N HIS Y 250 -82.02 26.50 51.48
CA HIS Y 250 -82.11 27.76 50.74
C HIS Y 250 -83.54 28.27 50.72
N GLU Y 251 -84.51 27.37 50.53
CA GLU Y 251 -85.92 27.76 50.59
C GLU Y 251 -86.26 28.39 51.93
N ARG Y 252 -85.85 27.74 53.02
CA ARG Y 252 -86.13 28.28 54.35
C ARG Y 252 -85.45 29.63 54.55
N ILE Y 253 -84.19 29.75 54.12
CA ILE Y 253 -83.43 30.98 54.33
C ILE Y 253 -84.07 32.14 53.58
N ARG Y 254 -84.44 31.91 52.31
CA ARG Y 254 -85.06 32.96 51.52
C ARG Y 254 -86.51 33.23 51.93
N GLU Y 255 -87.15 32.29 52.62
CA GLU Y 255 -88.47 32.58 53.19
C GLU Y 255 -88.34 33.44 54.45
N LEU Y 256 -87.30 33.21 55.25
CA LEU Y 256 -87.13 33.99 56.47
C LEU Y 256 -86.81 35.45 56.16
N GLY Y 257 -85.95 35.69 55.18
CA GLY Y 257 -85.58 37.05 54.82
C GLY Y 257 -84.23 37.44 55.39
N PHE Y 258 -84.14 38.69 55.87
CA PHE Y 258 -82.91 39.21 56.47
C PHE Y 258 -82.82 38.96 57.97
N GLU Y 259 -83.85 38.37 58.57
CA GLU Y 259 -83.85 38.03 59.99
C GLU Y 259 -83.40 36.59 60.24
N ALA Y 260 -82.71 35.99 59.29
CA ALA Y 260 -82.25 34.62 59.43
C ALA Y 260 -81.13 34.55 60.47
N PRO Y 261 -81.24 33.70 61.49
CA PRO Y 261 -80.16 33.56 62.46
C PRO Y 261 -78.87 33.09 61.79
N GLU Y 262 -77.74 33.46 62.40
CA GLU Y 262 -76.43 33.13 61.84
C GLU Y 262 -76.22 31.63 61.70
N GLU Y 263 -76.97 30.82 62.45
CA GLU Y 263 -76.84 29.37 62.34
C GLU Y 263 -77.16 28.90 60.93
N LEU Y 264 -78.23 29.44 60.32
CA LEU Y 264 -78.61 29.02 58.98
C LEU Y 264 -77.53 29.36 57.96
N LEU Y 265 -76.98 30.58 58.03
CA LEU Y 265 -75.95 30.98 57.07
C LEU Y 265 -74.67 30.16 57.25
N LEU Y 266 -74.24 29.95 58.49
CA LEU Y 266 -73.03 29.18 58.73
C LEU Y 266 -73.21 27.74 58.28
N ALA Y 267 -74.39 27.15 58.56
CA ALA Y 267 -74.68 25.80 58.11
C ALA Y 267 -74.70 25.73 56.59
N ASP Y 268 -75.24 26.76 55.93
CA ASP Y 268 -75.26 26.79 54.47
C ASP Y 268 -73.85 26.80 53.91
N LEU Y 269 -72.97 27.64 54.48
CA LEU Y 269 -71.59 27.68 54.00
C LEU Y 269 -70.89 26.35 54.22
N LEU Y 270 -71.08 25.74 55.39
CA LEU Y 270 -70.46 24.45 55.67
C LEU Y 270 -70.98 23.38 54.72
N LEU Y 271 -72.27 23.39 54.43
CA LEU Y 271 -72.85 22.43 53.50
C LEU Y 271 -72.33 22.62 52.09
N GLN Y 272 -72.11 23.87 51.67
CA GLN Y 272 -71.54 24.10 50.35
C GLN Y 272 -70.10 23.59 50.27
N ARG Y 273 -69.30 23.82 51.32
CA ARG Y 273 -67.95 23.28 51.33
C ARG Y 273 -67.96 21.75 51.29
N ALA Y 274 -68.87 21.14 52.07
CA ALA Y 274 -68.99 19.68 52.05
C ALA Y 274 -69.43 19.18 50.68
N LEU Y 275 -70.33 19.92 50.02
CA LEU Y 275 -70.78 19.54 48.69
C LEU Y 275 -69.62 19.56 47.69
N GLU Y 276 -68.81 20.63 47.74
CA GLU Y 276 -67.65 20.70 46.85
C GLU Y 276 -66.67 19.57 47.13
N LEU Y 277 -66.43 19.29 48.41
CA LEU Y 277 -65.50 18.21 48.77
C LEU Y 277 -66.01 16.86 48.29
N ILE Y 278 -67.31 16.59 48.46
CA ILE Y 278 -67.88 15.33 48.02
C ILE Y 278 -67.83 15.22 46.50
N SER Y 279 -68.10 16.32 45.80
CA SER Y 279 -68.03 16.32 44.34
C SER Y 279 -66.61 16.03 43.86
N SER Y 280 -65.61 16.60 44.54
CA SER Y 280 -64.22 16.36 44.16
C SER Y 280 -63.74 14.95 44.47
N ILE Y 281 -64.51 14.18 45.25
CA ILE Y 281 -64.12 12.82 45.59
C ILE Y 281 -64.07 11.95 44.34
N THR Z 24 -69.28 42.30 -79.35
CA THR Z 24 -68.02 42.58 -80.00
C THR Z 24 -66.99 41.50 -79.67
N VAL Z 25 -67.19 40.86 -78.51
CA VAL Z 25 -66.40 39.73 -78.03
C VAL Z 25 -65.03 40.20 -77.53
N GLU Z 26 -64.30 40.95 -78.35
CA GLU Z 26 -62.99 41.45 -77.92
C GLU Z 26 -63.14 42.40 -76.75
N GLU Z 27 -64.03 43.39 -76.88
CA GLU Z 27 -64.29 44.33 -75.80
C GLU Z 27 -64.61 43.60 -74.51
N GLU Z 28 -65.30 42.47 -74.61
CA GLU Z 28 -65.50 41.63 -73.43
C GLU Z 28 -64.17 41.17 -72.85
N VAL Z 29 -63.18 40.89 -73.70
CA VAL Z 29 -61.88 40.42 -73.20
C VAL Z 29 -61.16 41.52 -72.45
N ILE Z 30 -61.05 42.72 -73.04
CA ILE Z 30 -60.35 43.78 -72.33
C ILE Z 30 -61.10 44.19 -71.08
N ARG Z 31 -62.44 44.26 -71.15
CA ARG Z 31 -63.22 44.56 -69.96
C ARG Z 31 -63.04 43.49 -68.89
N PHE Z 32 -62.93 42.23 -69.28
CA PHE Z 32 -62.69 41.16 -68.32
C PHE Z 32 -61.36 41.38 -67.61
N ALA Z 33 -60.31 41.69 -68.36
CA ALA Z 33 -59.01 41.92 -67.74
C ALA Z 33 -59.05 43.10 -66.78
N GLU Z 34 -59.61 44.23 -67.22
CA GLU Z 34 -59.64 45.41 -66.38
C GLU Z 34 -60.51 45.20 -65.14
N GLU Z 35 -61.68 44.56 -65.30
CA GLU Z 35 -62.55 44.30 -64.17
C GLU Z 35 -61.92 43.31 -63.20
N LEU Z 36 -61.16 42.33 -63.71
CA LEU Z 36 -60.46 41.42 -62.83
C LEU Z 36 -59.42 42.15 -61.99
N ALA Z 37 -58.66 43.04 -62.62
CA ALA Z 37 -57.68 43.82 -61.86
C ALA Z 37 -58.37 44.71 -60.83
N GLU Z 38 -59.47 45.35 -61.22
CA GLU Z 38 -60.21 46.19 -60.29
C GLU Z 38 -60.79 45.38 -59.13
N GLU Z 39 -61.20 44.14 -59.40
CA GLU Z 39 -61.70 43.28 -58.35
C GLU Z 39 -60.61 42.89 -57.36
N ILE Z 40 -59.40 42.60 -57.86
CA ILE Z 40 -58.28 42.37 -56.96
C ILE Z 40 -58.04 43.60 -56.09
N ARG Z 41 -58.06 44.79 -56.71
CA ARG Z 41 -57.84 46.01 -55.95
C ARG Z 41 -58.93 46.20 -54.88
N ARG Z 42 -60.18 45.93 -55.23
CA ARG Z 42 -61.28 46.10 -54.29
C ARG Z 42 -61.18 45.12 -53.13
N VAL Z 43 -60.87 43.86 -53.42
CA VAL Z 43 -60.84 42.84 -52.38
C VAL Z 43 -59.64 43.04 -51.46
N THR Z 44 -58.48 43.37 -52.01
CA THR Z 44 -57.26 43.47 -51.21
C THR Z 44 -56.77 44.89 -51.02
N GLY Z 45 -56.69 45.69 -52.08
CA GLY Z 45 -56.16 47.03 -51.97
C GLY Z 45 -54.79 47.17 -52.62
N GLU Z 46 -53.79 47.51 -51.80
CA GLU Z 46 -52.42 47.65 -52.30
C GLU Z 46 -51.45 46.71 -51.60
N ALA Z 47 -51.97 45.76 -50.82
CA ALA Z 47 -51.12 44.72 -50.24
C ALA Z 47 -50.68 43.69 -51.26
N TYR Z 48 -51.48 43.44 -52.29
CA TYR Z 48 -51.15 42.53 -53.38
C TYR Z 48 -51.25 43.34 -54.68
N ARG Z 49 -50.15 44.00 -55.04
CA ARG Z 49 -50.11 44.83 -56.23
C ARG Z 49 -49.39 44.19 -57.40
N GLU Z 50 -48.44 43.28 -57.13
CA GLU Z 50 -47.77 42.55 -58.20
C GLU Z 50 -48.76 41.70 -58.98
N TYR Z 51 -49.76 41.14 -58.28
CA TYR Z 51 -50.78 40.35 -58.96
C TYR Z 51 -51.60 41.21 -59.90
N ALA Z 52 -51.97 42.42 -59.47
CA ALA Z 52 -52.70 43.32 -60.36
C ALA Z 52 -51.84 43.76 -61.54
N GLU Z 53 -50.55 43.97 -61.29
CA GLU Z 53 -49.63 44.29 -62.38
C GLU Z 53 -49.59 43.16 -63.40
N ALA Z 54 -49.49 41.92 -62.93
CA ALA Z 54 -49.48 40.77 -63.83
C ALA Z 54 -50.78 40.64 -64.60
N VAL Z 55 -51.91 40.89 -63.94
CA VAL Z 55 -53.20 40.79 -64.62
C VAL Z 55 -53.32 41.86 -65.70
N ARG Z 56 -52.87 43.09 -65.42
CA ARG Z 56 -52.92 44.13 -66.44
C ARG Z 56 -51.97 43.83 -67.58
N HIS Z 57 -50.80 43.26 -67.29
CA HIS Z 57 -49.89 42.85 -68.35
C HIS Z 57 -50.52 41.78 -69.23
N LEU Z 58 -51.18 40.80 -68.63
CA LEU Z 58 -51.85 39.77 -69.40
C LEU Z 58 -53.00 40.33 -70.22
N GLY Z 59 -53.71 41.33 -69.70
CA GLY Z 59 -54.73 42.01 -70.49
C GLY Z 59 -54.14 42.71 -71.69
N GLU Z 60 -52.98 43.36 -71.51
CA GLU Z 60 -52.30 43.99 -72.62
C GLU Z 60 -51.87 42.95 -73.65
N ALA Z 61 -51.38 41.79 -73.19
CA ALA Z 61 -51.03 40.71 -74.10
C ALA Z 61 -52.25 40.23 -74.88
N ALA Z 62 -53.38 40.07 -74.21
CA ALA Z 62 -54.60 39.66 -74.89
C ALA Z 62 -55.04 40.68 -75.92
N LYS Z 63 -54.90 41.97 -75.60
CA LYS Z 63 -55.19 43.01 -76.59
C LYS Z 63 -54.24 42.93 -77.78
N ALA Z 64 -52.97 42.62 -77.52
CA ALA Z 64 -52.00 42.52 -78.60
C ALA Z 64 -52.30 41.34 -79.52
N VAL Z 65 -52.71 40.20 -78.94
CA VAL Z 65 -53.02 39.02 -79.75
C VAL Z 65 -54.15 39.33 -80.73
N LEU Z 66 -55.20 40.01 -80.26
CA LEU Z 66 -56.38 40.27 -81.08
C LEU Z 66 -56.13 41.26 -82.20
N GLU Z 67 -54.99 41.95 -82.19
CA GLU Z 67 -54.68 42.93 -83.23
C GLU Z 67 -53.79 42.39 -84.33
N GLY Z 68 -53.08 41.29 -84.09
CA GLY Z 68 -52.24 40.69 -85.11
C GLY Z 68 -50.80 40.48 -84.70
N ASN Z 69 -50.30 41.34 -83.81
CA ASN Z 69 -48.92 41.24 -83.36
C ASN Z 69 -48.77 40.02 -82.46
N SER Z 70 -47.97 39.04 -82.90
CA SER Z 70 -47.83 37.79 -82.20
C SER Z 70 -46.52 37.65 -81.42
N VAL Z 71 -45.57 38.56 -81.60
CA VAL Z 71 -44.32 38.50 -80.85
C VAL Z 71 -44.36 39.39 -79.62
N GLU Z 72 -45.11 40.49 -79.68
CA GLU Z 72 -45.33 41.31 -78.49
C GLU Z 72 -46.05 40.52 -77.42
N ALA Z 73 -46.97 39.63 -77.82
CA ALA Z 73 -47.63 38.75 -76.86
C ALA Z 73 -46.62 37.85 -76.17
N ASP Z 74 -45.68 37.28 -76.92
CA ASP Z 74 -44.65 36.43 -76.32
C ASP Z 74 -43.79 37.22 -75.35
N LEU Z 75 -43.40 38.45 -75.73
CA LEU Z 75 -42.59 39.28 -74.84
C LEU Z 75 -43.34 39.61 -73.55
N ILE Z 76 -44.62 39.94 -73.67
CA ILE Z 76 -45.40 40.28 -72.49
C ILE Z 76 -45.61 39.06 -71.59
N VAL Z 77 -45.82 37.88 -72.19
CA VAL Z 77 -45.97 36.67 -71.40
C VAL Z 77 -44.67 36.35 -70.67
N THR Z 78 -43.53 36.57 -71.31
CA THR Z 78 -42.26 36.37 -70.63
C THR Z 78 -42.08 37.36 -69.49
N ASP Z 79 -42.51 38.62 -69.68
CA ASP Z 79 -42.48 39.58 -68.59
C ASP Z 79 -43.33 39.12 -67.42
N VAL Z 80 -44.53 38.61 -67.70
CA VAL Z 80 -45.39 38.10 -66.65
C VAL Z 80 -44.74 36.91 -65.96
N LEU Z 81 -44.06 36.06 -66.72
CA LEU Z 81 -43.35 34.93 -66.14
C LEU Z 81 -42.26 35.39 -65.19
N ARG Z 82 -41.52 36.43 -65.57
CA ARG Z 82 -40.51 36.98 -64.65
C ARG Z 82 -41.15 37.55 -63.40
N LEU Z 83 -42.28 38.25 -63.56
CA LEU Z 83 -42.97 38.81 -62.39
C LEU Z 83 -43.42 37.71 -61.43
N LEU Z 84 -44.01 36.64 -61.97
CA LEU Z 84 -44.47 35.54 -61.12
C LEU Z 84 -43.30 34.77 -60.52
N GLU Z 85 -42.18 34.68 -61.22
CA GLU Z 85 -40.99 34.06 -60.65
C GLU Z 85 -40.47 34.89 -59.48
N ARG Z 86 -40.53 36.22 -59.60
CA ARG Z 86 -40.14 37.07 -58.48
C ARG Z 86 -41.12 36.93 -57.31
N ILE Z 87 -42.41 36.75 -57.60
CA ILE Z 87 -43.41 36.62 -56.54
C ILE Z 87 -43.13 35.38 -55.71
N GLY Z 88 -42.96 34.24 -56.37
CA GLY Z 88 -42.62 33.01 -55.67
C GLY Z 88 -43.77 32.06 -55.44
N GLU Z 89 -44.61 31.86 -56.45
CA GLU Z 89 -45.72 30.90 -56.41
C GLU Z 89 -45.43 29.82 -57.43
N GLU Z 90 -45.02 28.64 -56.95
CA GLU Z 90 -44.47 27.61 -57.84
C GLU Z 90 -45.49 27.14 -58.86
N GLY Z 91 -46.72 26.87 -58.42
CA GLY Z 91 -47.75 26.43 -59.35
C GLY Z 91 -48.07 27.49 -60.39
N LEU Z 92 -48.12 28.75 -59.97
CA LEU Z 92 -48.38 29.84 -60.91
C LEU Z 92 -47.26 29.96 -61.93
N VAL Z 93 -46.01 29.79 -61.49
CA VAL Z 93 -44.88 29.83 -62.42
C VAL Z 93 -44.95 28.67 -63.41
N LYS Z 94 -45.30 27.48 -62.93
CA LYS Z 94 -45.43 26.33 -63.83
C LYS Z 94 -46.51 26.58 -64.88
N LEU Z 95 -47.66 27.08 -64.44
CA LEU Z 95 -48.73 27.40 -65.39
C LEU Z 95 -48.29 28.48 -66.36
N ALA Z 96 -47.50 29.45 -65.89
CA ALA Z 96 -47.02 30.50 -66.77
C ALA Z 96 -46.08 29.95 -67.84
N ARG Z 97 -45.18 29.03 -67.46
CA ARG Z 97 -44.29 28.42 -68.44
C ARG Z 97 -45.07 27.62 -69.47
N GLU Z 98 -46.05 26.83 -69.02
CA GLU Z 98 -46.85 26.04 -69.94
C GLU Z 98 -47.63 26.93 -70.89
N VAL Z 99 -48.22 28.02 -70.37
CA VAL Z 99 -48.95 28.96 -71.20
C VAL Z 99 -48.01 29.61 -72.21
N HIS Z 100 -46.80 29.97 -71.78
CA HIS Z 100 -45.81 30.55 -72.68
C HIS Z 100 -45.54 29.64 -73.87
N GLU Z 101 -45.21 28.37 -73.58
CA GLU Z 101 -44.86 27.44 -74.65
C GLU Z 101 -46.06 27.19 -75.58
N ARG Z 102 -47.21 26.84 -75.00
CA ARG Z 102 -48.37 26.52 -75.82
C ARG Z 102 -48.83 27.72 -76.63
N SER Z 103 -48.86 28.91 -76.02
CA SER Z 103 -49.29 30.10 -76.73
C SER Z 103 -48.34 30.44 -77.86
N PHE Z 104 -47.03 30.31 -77.63
CA PHE Z 104 -46.06 30.55 -78.71
C PHE Z 104 -46.32 29.61 -79.88
N GLU Z 105 -46.46 28.30 -79.59
CA GLU Z 105 -46.65 27.34 -80.68
C GLU Z 105 -47.95 27.59 -81.42
N LEU Z 106 -49.04 27.85 -80.69
CA LEU Z 106 -50.33 28.05 -81.33
C LEU Z 106 -50.36 29.34 -82.14
N LEU Z 107 -49.76 30.42 -81.61
CA LEU Z 107 -49.72 31.67 -82.36
C LEU Z 107 -48.86 31.55 -83.60
N ARG Z 108 -47.77 30.78 -83.54
CA ARG Z 108 -47.01 30.50 -84.75
C ARG Z 108 -47.86 29.73 -85.75
N LYS Z 109 -48.59 28.71 -85.29
CA LYS Z 109 -49.46 27.97 -86.19
C LYS Z 109 -50.64 28.82 -86.66
N GLY Z 110 -51.28 29.54 -85.75
CA GLY Z 110 -52.38 30.41 -86.12
C GLY Z 110 -53.62 30.27 -85.28
N ASN Z 111 -53.53 29.54 -84.17
CA ASN Z 111 -54.67 29.33 -83.28
C ASN Z 111 -54.76 30.50 -82.30
N ARG Z 112 -55.41 31.57 -82.77
CA ARG Z 112 -55.58 32.76 -81.95
C ARG Z 112 -56.44 32.49 -80.73
N VAL Z 113 -57.54 31.76 -80.92
CA VAL Z 113 -58.55 31.62 -79.87
C VAL Z 113 -57.99 30.84 -78.68
N GLU Z 114 -57.24 29.77 -78.96
CA GLU Z 114 -56.70 28.97 -77.85
C GLU Z 114 -55.62 29.73 -77.08
N ALA Z 115 -54.80 30.52 -77.77
CA ALA Z 115 -53.83 31.35 -77.07
C ALA Z 115 -54.53 32.39 -76.19
N LEU Z 116 -55.60 33.00 -76.72
CA LEU Z 116 -56.39 33.92 -75.90
C LEU Z 116 -56.96 33.21 -74.67
N ALA Z 117 -57.46 31.99 -74.85
CA ALA Z 117 -58.02 31.24 -73.73
C ALA Z 117 -56.95 30.95 -72.69
N LEU Z 118 -55.75 30.57 -73.12
CA LEU Z 118 -54.67 30.31 -72.17
C LEU Z 118 -54.28 31.57 -71.41
N ILE Z 119 -54.21 32.71 -72.11
CA ILE Z 119 -53.87 33.97 -71.45
C ILE Z 119 -54.91 34.32 -70.40
N LEU Z 120 -56.20 34.19 -70.76
CA LEU Z 120 -57.26 34.49 -69.81
C LEU Z 120 -57.24 33.53 -68.62
N ALA Z 121 -56.95 32.26 -68.87
CA ALA Z 121 -56.85 31.29 -67.78
C ALA Z 121 -55.72 31.65 -66.84
N LEU Z 122 -54.58 32.07 -67.38
CA LEU Z 122 -53.47 32.49 -66.52
C LEU Z 122 -53.85 33.71 -65.69
N ALA Z 123 -54.52 34.69 -66.31
CA ALA Z 123 -54.93 35.89 -65.58
C ALA Z 123 -55.88 35.53 -64.44
N LEU Z 124 -56.86 34.66 -64.72
CA LEU Z 124 -57.79 34.24 -63.69
C LEU Z 124 -57.08 33.47 -62.58
N ALA Z 125 -56.11 32.64 -62.95
CA ALA Z 125 -55.36 31.90 -61.93
C ALA Z 125 -54.61 32.84 -61.00
N VAL Z 126 -53.96 33.87 -61.56
CA VAL Z 126 -53.26 34.85 -60.72
C VAL Z 126 -54.24 35.57 -59.80
N ALA Z 127 -55.36 36.02 -60.36
CA ALA Z 127 -56.34 36.76 -59.56
C ALA Z 127 -56.90 35.89 -58.43
N LEU Z 128 -57.27 34.65 -58.73
CA LEU Z 128 -57.83 33.77 -57.71
C LEU Z 128 -56.79 33.41 -56.66
N THR Z 129 -55.53 33.23 -57.07
CA THR Z 129 -54.47 32.97 -56.09
C THR Z 129 -54.33 34.13 -55.13
N ALA Z 130 -54.31 35.36 -55.65
CA ALA Z 130 -54.19 36.53 -54.79
C ALA Z 130 -55.38 36.64 -53.84
N VAL Z 131 -56.59 36.46 -54.37
CA VAL Z 131 -57.80 36.60 -53.56
C VAL Z 131 -57.84 35.53 -52.46
N SER Z 132 -57.51 34.28 -52.83
CA SER Z 132 -57.53 33.20 -51.84
C SER Z 132 -56.47 33.42 -50.77
N LYS Z 133 -55.28 33.89 -51.15
CA LYS Z 133 -54.25 34.17 -50.16
C LYS Z 133 -54.72 35.26 -49.19
N ALA Z 134 -55.32 36.32 -49.72
CA ALA Z 134 -55.82 37.39 -48.85
C ALA Z 134 -56.91 36.87 -47.91
N PHE Z 135 -57.84 36.08 -48.44
CA PHE Z 135 -58.94 35.56 -47.63
C PHE Z 135 -58.44 34.64 -46.53
N PHE Z 136 -57.47 33.77 -46.85
CA PHE Z 136 -56.93 32.90 -45.81
C PHE Z 136 -56.14 33.67 -44.78
N LEU Z 137 -55.38 34.69 -45.20
CA LEU Z 137 -54.60 35.49 -44.25
C LEU Z 137 -55.53 36.24 -43.30
N LEU Z 138 -56.63 36.79 -43.81
CA LEU Z 138 -57.58 37.47 -42.94
C LEU Z 138 -58.19 36.51 -41.93
N GLY Z 139 -58.56 35.31 -42.38
CA GLY Z 139 -59.17 34.32 -41.51
C GLY Z 139 -60.60 34.03 -41.90
N GLN Z 140 -60.96 34.34 -43.15
CA GLN Z 140 -62.32 34.17 -43.60
C GLN Z 140 -62.68 32.69 -43.71
N PRO Z 141 -63.95 32.34 -43.56
CA PRO Z 141 -64.36 30.94 -43.72
C PRO Z 141 -64.38 30.54 -45.18
N ALA Z 142 -64.52 29.23 -45.39
CA ALA Z 142 -64.41 28.65 -46.73
C ALA Z 142 -65.59 28.98 -47.62
N ARG Z 143 -66.72 29.40 -47.05
CA ARG Z 143 -67.93 29.61 -47.85
C ARG Z 143 -67.73 30.72 -48.87
N LEU Z 144 -67.26 31.89 -48.42
CA LEU Z 144 -67.10 33.02 -49.32
C LEU Z 144 -66.01 32.74 -50.37
N ILE Z 145 -64.94 32.06 -49.97
CA ILE Z 145 -63.90 31.67 -50.93
C ILE Z 145 -64.50 30.80 -52.01
N ALA Z 146 -65.31 29.81 -51.62
CA ALA Z 146 -65.93 28.92 -52.59
C ALA Z 146 -66.86 29.66 -53.54
N GLU Z 147 -67.69 30.55 -52.99
CA GLU Z 147 -68.61 31.30 -53.85
C GLU Z 147 -67.87 32.21 -54.82
N TYR Z 148 -66.82 32.89 -54.34
CA TYR Z 148 -66.07 33.78 -55.23
C TYR Z 148 -65.36 32.99 -56.32
N VAL Z 149 -64.74 31.86 -55.97
CA VAL Z 149 -64.06 31.05 -56.96
C VAL Z 149 -65.05 30.54 -58.00
N GLY Z 150 -66.22 30.06 -57.55
CA GLY Z 150 -67.23 29.60 -58.47
C GLY Z 150 -67.72 30.70 -59.40
N GLU Z 151 -67.95 31.90 -58.86
CA GLU Z 151 -68.42 33.00 -59.69
C GLU Z 151 -67.38 33.39 -60.74
N LYS Z 152 -66.12 33.47 -60.34
CA LYS Z 152 -65.07 33.83 -61.29
C LYS Z 152 -64.91 32.77 -62.37
N LEU Z 153 -64.96 31.49 -61.98
CA LEU Z 153 -64.89 30.42 -62.98
C LEU Z 153 -66.07 30.47 -63.93
N LEU Z 154 -67.26 30.79 -63.41
CA LEU Z 154 -68.42 30.95 -64.27
C LEU Z 154 -68.23 32.07 -65.28
N GLU Z 155 -67.72 33.22 -64.82
CA GLU Z 155 -67.47 34.32 -65.74
C GLU Z 155 -66.47 33.93 -66.82
N LEU Z 156 -65.38 33.27 -66.43
CA LEU Z 156 -64.40 32.83 -67.42
C LEU Z 156 -65.01 31.84 -68.40
N ARG Z 157 -65.84 30.92 -67.91
CA ARG Z 157 -66.46 29.93 -68.79
C ARG Z 157 -67.39 30.62 -69.80
N ARG Z 158 -68.19 31.59 -69.34
CA ARG Z 158 -69.05 32.32 -70.27
C ARG Z 158 -68.23 33.07 -71.30
N LEU Z 159 -67.14 33.71 -70.87
CA LEU Z 159 -66.30 34.44 -71.82
C LEU Z 159 -65.71 33.50 -72.87
N LEU Z 160 -65.17 32.36 -72.43
CA LEU Z 160 -64.56 31.41 -73.36
C LEU Z 160 -65.60 30.83 -74.31
N GLU Z 161 -66.80 30.52 -73.81
CA GLU Z 161 -67.86 30.03 -74.69
C GLU Z 161 -68.27 31.07 -75.71
N LYS Z 162 -68.29 32.35 -75.31
CA LYS Z 162 -68.56 33.41 -76.28
C LYS Z 162 -67.45 33.51 -77.32
N LEU Z 163 -66.20 33.28 -76.89
CA LEU Z 163 -65.09 33.35 -77.84
C LEU Z 163 -65.18 32.24 -78.89
N GLY Z 164 -65.36 31.00 -78.46
CA GLY Z 164 -65.48 29.91 -79.40
C GLY Z 164 -64.67 28.68 -79.04
N VAL Z 165 -64.04 28.70 -77.87
CA VAL Z 165 -63.23 27.55 -77.44
C VAL Z 165 -64.13 26.35 -77.22
N PRO Z 166 -63.76 25.15 -77.68
CA PRO Z 166 -64.60 23.97 -77.44
C PRO Z 166 -64.71 23.67 -75.95
N LEU Z 167 -65.84 23.08 -75.57
CA LEU Z 167 -66.14 22.87 -74.15
C LEU Z 167 -65.11 22.02 -73.42
N PRO Z 168 -64.66 20.87 -73.94
CA PRO Z 168 -63.67 20.08 -73.17
C PRO Z 168 -62.40 20.84 -72.85
N GLU Z 169 -61.91 21.67 -73.78
CA GLU Z 169 -60.72 22.46 -73.50
C GLU Z 169 -60.99 23.53 -72.44
N VAL Z 170 -62.18 24.13 -72.48
CA VAL Z 170 -62.57 25.08 -71.44
C VAL Z 170 -62.55 24.42 -70.08
N ILE Z 171 -63.14 23.24 -69.98
CA ILE Z 171 -63.19 22.53 -68.70
C ILE Z 171 -61.78 22.15 -68.24
N ALA Z 172 -60.93 21.70 -69.17
CA ALA Z 172 -59.56 21.37 -68.81
C ALA Z 172 -58.82 22.59 -68.27
N LEU Z 173 -59.01 23.75 -68.90
CA LEU Z 173 -58.40 24.98 -68.40
C LEU Z 173 -58.93 25.33 -67.02
N LEU Z 174 -60.23 25.15 -66.79
CA LEU Z 174 -60.80 25.46 -65.48
C LEU Z 174 -60.22 24.57 -64.39
N LEU Z 175 -60.09 23.27 -64.66
CA LEU Z 175 -59.43 22.42 -63.66
C LEU Z 175 -57.95 22.71 -63.53
N ARG Z 176 -57.30 23.21 -64.57
CA ARG Z 176 -55.91 23.66 -64.41
C ARG Z 176 -55.83 24.84 -63.45
N VAL Z 177 -56.73 25.81 -63.60
CA VAL Z 177 -56.78 26.95 -62.69
C VAL Z 177 -57.07 26.47 -61.27
N LEU Z 178 -58.03 25.55 -61.14
CA LEU Z 178 -58.38 25.02 -59.82
C LEU Z 178 -57.22 24.28 -59.18
N GLU Z 179 -56.45 23.54 -59.99
CA GLU Z 179 -55.27 22.85 -59.48
C GLU Z 179 -54.23 23.86 -58.98
N VAL Z 180 -54.03 24.94 -59.73
CA VAL Z 180 -53.11 25.98 -59.29
C VAL Z 180 -53.55 26.56 -57.95
N VAL Z 181 -54.85 26.88 -57.84
CA VAL Z 181 -55.37 27.45 -56.60
C VAL Z 181 -55.23 26.47 -55.44
N GLU Z 182 -55.53 25.19 -55.70
CA GLU Z 182 -55.42 24.17 -54.65
C GLU Z 182 -53.97 24.01 -54.19
N GLU Z 183 -53.02 24.01 -55.13
CA GLU Z 183 -51.63 23.91 -54.76
C GLU Z 183 -51.20 25.10 -53.92
N SER Z 184 -51.63 26.30 -54.30
CA SER Z 184 -51.32 27.49 -53.52
C SER Z 184 -51.89 27.38 -52.11
N LEU Z 185 -53.13 26.92 -52.00
CA LEU Z 185 -53.77 26.79 -50.69
C LEU Z 185 -53.04 25.78 -49.82
N LYS Z 186 -52.66 24.63 -50.40
CA LYS Z 186 -51.93 23.63 -49.64
C LYS Z 186 -50.58 24.15 -49.18
N ALA Z 187 -49.87 24.84 -50.06
CA ALA Z 187 -48.53 25.33 -49.71
C ALA Z 187 -48.57 26.46 -48.69
N MET Z 188 -49.62 27.29 -48.72
CA MET Z 188 -49.66 28.43 -47.83
C MET Z 188 -49.91 28.03 -46.37
N GLY Z 189 -50.71 26.99 -46.15
CA GLY Z 189 -50.91 26.51 -44.78
C GLY Z 189 -52.30 26.05 -44.42
N MET Z 190 -53.24 26.12 -45.37
CA MET Z 190 -54.61 25.70 -45.09
C MET Z 190 -54.68 24.22 -44.75
N GLU Z 191 -55.58 23.88 -43.84
CA GLU Z 191 -55.82 22.49 -43.51
C GLU Z 191 -56.51 21.78 -44.68
N PRO Z 192 -56.18 20.51 -44.93
CA PRO Z 192 -56.70 19.83 -46.12
C PRO Z 192 -58.22 19.81 -46.24
N ARG Z 193 -58.94 19.74 -45.13
CA ARG Z 193 -60.39 19.60 -45.20
C ARG Z 193 -61.04 20.82 -45.85
N GLU Z 194 -60.60 22.02 -45.50
CA GLU Z 194 -61.17 23.23 -46.09
C GLU Z 194 -60.85 23.32 -47.57
N ILE Z 195 -59.63 22.93 -47.97
CA ILE Z 195 -59.27 22.94 -49.37
C ILE Z 195 -60.15 21.97 -50.15
N ASN Z 196 -60.36 20.77 -49.59
CA ASN Z 196 -61.25 19.80 -50.23
C ASN Z 196 -62.67 20.36 -50.35
N ARG Z 197 -63.13 21.05 -49.30
CA ARG Z 197 -64.48 21.61 -49.31
C ARG Z 197 -64.64 22.65 -50.41
N VAL Z 198 -63.67 23.56 -50.53
CA VAL Z 198 -63.81 24.63 -51.53
C VAL Z 198 -63.66 24.06 -52.94
N LEU Z 199 -62.75 23.11 -53.14
CA LEU Z 199 -62.63 22.49 -54.46
C LEU Z 199 -63.90 21.75 -54.84
N ALA Z 200 -64.49 21.02 -53.88
CA ALA Z 200 -65.74 20.31 -54.16
C ALA Z 200 -66.86 21.29 -54.48
N ALA Z 201 -66.92 22.42 -53.76
CA ALA Z 201 -67.94 23.42 -54.05
C ALA Z 201 -67.77 24.00 -55.45
N ALA Z 202 -66.53 24.29 -55.85
CA ALA Z 202 -66.28 24.81 -57.18
C ALA Z 202 -66.68 23.80 -58.26
N TYR Z 203 -66.30 22.54 -58.07
CA TYR Z 203 -66.71 21.50 -59.01
C TYR Z 203 -68.22 21.37 -59.07
N LEU Z 204 -68.88 21.48 -57.93
CA LEU Z 204 -70.34 21.34 -57.88
C LEU Z 204 -71.04 22.48 -58.61
N THR Z 205 -70.57 23.72 -58.43
CA THR Z 205 -71.21 24.82 -59.13
C THR Z 205 -70.94 24.74 -60.63
N LEU Z 206 -69.73 24.33 -61.03
CA LEU Z 206 -69.44 24.15 -62.44
C LEU Z 206 -70.35 23.09 -63.05
N ALA Z 207 -70.50 21.95 -62.38
CA ALA Z 207 -71.35 20.89 -62.89
C ALA Z 207 -72.81 21.30 -62.92
N ALA Z 208 -73.25 22.05 -61.91
CA ALA Z 208 -74.63 22.53 -61.88
C ALA Z 208 -74.91 23.47 -63.05
N GLU Z 209 -73.99 24.38 -63.34
CA GLU Z 209 -74.16 25.24 -64.52
C GLU Z 209 -74.18 24.42 -65.79
N LEU Z 210 -73.29 23.44 -65.91
CA LEU Z 210 -73.24 22.63 -67.12
C LEU Z 210 -74.57 21.87 -67.31
N LEU Z 211 -75.11 21.30 -66.24
CA LEU Z 211 -76.38 20.59 -66.34
C LEU Z 211 -77.53 21.55 -66.66
N GLU Z 212 -77.55 22.73 -66.02
CA GLU Z 212 -78.62 23.69 -66.27
C GLU Z 212 -78.62 24.19 -67.70
N ARG Z 213 -77.44 24.31 -68.31
CA ARG Z 213 -77.37 24.75 -69.70
C ARG Z 213 -78.14 23.81 -70.62
N LEU Z 214 -78.19 22.52 -70.29
CA LEU Z 214 -78.86 21.52 -71.11
C LEU Z 214 -80.36 21.41 -70.82
N GLY Z 215 -80.86 22.14 -69.84
CA GLY Z 215 -82.28 22.12 -69.53
C GLY Z 215 -82.66 21.31 -68.30
N LEU Z 216 -81.75 20.48 -67.78
CA LEU Z 216 -82.03 19.68 -66.59
C LEU Z 216 -81.92 20.57 -65.35
N THR Z 217 -82.94 21.44 -65.21
CA THR Z 217 -82.94 22.42 -64.13
C THR Z 217 -83.11 21.79 -62.76
N ALA Z 218 -83.91 20.74 -62.63
CA ALA Z 218 -84.12 20.10 -61.34
C ALA Z 218 -82.86 19.40 -60.86
N LEU Z 219 -82.14 18.74 -61.76
CA LEU Z 219 -80.87 18.12 -61.38
C LEU Z 219 -79.86 19.18 -60.94
N ALA Z 220 -79.81 20.30 -61.65
CA ALA Z 220 -78.92 21.39 -61.24
C ALA Z 220 -79.32 21.93 -59.88
N ALA Z 221 -80.62 22.06 -59.61
CA ALA Z 221 -81.07 22.51 -58.31
C ALA Z 221 -80.65 21.54 -57.21
N ARG Z 222 -80.75 20.24 -57.48
CA ARG Z 222 -80.30 19.26 -56.50
C ARG Z 222 -78.79 19.36 -56.26
N ILE Z 223 -78.02 19.61 -57.32
CA ILE Z 223 -76.58 19.77 -57.15
C ILE Z 223 -76.27 21.00 -56.30
N ARG Z 224 -76.99 22.11 -56.54
CA ARG Z 224 -76.79 23.30 -55.74
C ARG Z 224 -77.18 23.08 -54.29
N ARG Z 225 -78.27 22.33 -54.05
CA ARG Z 225 -78.63 21.97 -52.69
C ARG Z 225 -77.54 21.16 -52.01
N ALA Z 226 -76.96 20.21 -52.74
CA ALA Z 226 -75.86 19.42 -52.18
C ALA Z 226 -74.67 20.30 -51.85
N ARG Z 227 -74.35 21.26 -52.73
CA ARG Z 227 -73.24 22.17 -52.45
C ARG Z 227 -73.50 23.01 -51.21
N GLU Z 228 -74.74 23.52 -51.08
CA GLU Z 228 -75.07 24.35 -49.93
C GLU Z 228 -75.02 23.54 -48.64
N LEU Z 229 -75.48 22.29 -48.67
CA LEU Z 229 -75.36 21.45 -47.49
C LEU Z 229 -73.91 21.13 -47.18
N LEU Z 230 -73.07 20.98 -48.20
CA LEU Z 230 -71.65 20.74 -47.97
C LEU Z 230 -70.98 21.94 -47.31
N LEU Z 231 -71.31 23.15 -47.75
CA LEU Z 231 -70.68 24.35 -47.21
C LEU Z 231 -71.13 24.67 -45.80
N ALA Z 232 -72.23 24.07 -45.33
CA ALA Z 232 -72.75 24.32 -44.00
C ALA Z 232 -72.27 23.32 -42.96
N GLY Z 233 -71.35 22.43 -43.33
CA GLY Z 233 -70.84 21.42 -42.42
C GLY Z 233 -71.56 20.09 -42.48
N ARG Z 234 -72.71 20.02 -43.16
CA ARG Z 234 -73.47 18.77 -43.29
C ARG Z 234 -72.84 17.97 -44.44
N VAL Z 235 -71.89 17.11 -44.09
CA VAL Z 235 -71.09 16.43 -45.11
C VAL Z 235 -71.81 15.20 -45.65
N GLU Z 236 -72.31 14.34 -44.76
CA GLU Z 236 -72.88 13.07 -45.18
C GLU Z 236 -74.17 13.26 -45.98
N GLU Z 237 -75.00 14.21 -45.57
CA GLU Z 237 -76.24 14.48 -46.30
C GLU Z 237 -75.94 14.97 -47.71
N ALA Z 238 -74.96 15.87 -47.85
CA ALA Z 238 -74.56 16.32 -49.17
C ALA Z 238 -73.98 15.17 -49.99
N LEU Z 239 -73.20 14.30 -49.34
CA LEU Z 239 -72.64 13.14 -50.03
C LEU Z 239 -73.76 12.26 -50.60
N HIS Z 240 -74.78 11.96 -49.79
CA HIS Z 240 -75.85 11.09 -50.28
C HIS Z 240 -76.68 11.77 -51.36
N LEU Z 241 -76.96 13.07 -51.20
CA LEU Z 241 -77.68 13.78 -52.25
C LEU Z 241 -76.90 13.76 -53.56
N LEU Z 242 -75.59 13.95 -53.48
CA LEU Z 242 -74.74 13.92 -54.67
C LEU Z 242 -74.73 12.54 -55.30
N GLN Z 243 -74.68 11.49 -54.47
CA GLN Z 243 -74.70 10.14 -55.01
C GLN Z 243 -76.01 9.84 -55.73
N ASP Z 244 -77.13 10.25 -55.14
CA ASP Z 244 -78.41 10.06 -55.81
C ASP Z 244 -78.48 10.82 -57.13
N ALA Z 245 -77.98 12.06 -57.14
CA ALA Z 245 -77.92 12.82 -58.38
C ALA Z 245 -77.06 12.13 -59.42
N VAL Z 246 -75.94 11.56 -58.98
CA VAL Z 246 -75.05 10.85 -59.90
C VAL Z 246 -75.74 9.63 -60.49
N GLU Z 247 -76.46 8.87 -59.67
CA GLU Z 247 -77.18 7.70 -60.18
C GLU Z 247 -78.25 8.12 -61.20
N LEU Z 248 -78.98 9.19 -60.91
CA LEU Z 248 -80.01 9.64 -61.85
C LEU Z 248 -79.38 10.15 -63.15
N LEU Z 249 -78.25 10.84 -63.05
CA LEU Z 249 -77.53 11.28 -64.24
C LEU Z 249 -77.04 10.10 -65.07
N HIS Z 250 -76.54 9.06 -64.40
CA HIS Z 250 -76.12 7.85 -65.09
C HIS Z 250 -77.30 7.20 -65.80
N GLU Z 251 -78.46 7.15 -65.14
CA GLU Z 251 -79.67 6.63 -65.77
C GLU Z 251 -79.99 7.39 -67.04
N ARG Z 252 -79.97 8.72 -66.97
CA ARG Z 252 -80.26 9.53 -68.16
C ARG Z 252 -79.23 9.30 -69.26
N ILE Z 253 -77.95 9.24 -68.89
CA ILE Z 253 -76.89 9.10 -69.87
C ILE Z 253 -77.00 7.76 -70.59
N ARG Z 254 -77.22 6.68 -69.84
CA ARG Z 254 -77.36 5.37 -70.45
C ARG Z 254 -78.70 5.18 -71.15
N GLU Z 255 -79.69 6.01 -70.84
CA GLU Z 255 -80.93 6.00 -71.63
C GLU Z 255 -80.74 6.68 -72.97
N LEU Z 256 -79.98 7.78 -73.00
CA LEU Z 256 -79.76 8.48 -74.26
C LEU Z 256 -78.91 7.66 -75.23
N GLY Z 257 -77.88 7.00 -74.72
CA GLY Z 257 -77.01 6.18 -75.56
C GLY Z 257 -75.74 6.92 -75.93
N PHE Z 258 -75.35 6.83 -77.20
CA PHE Z 258 -74.15 7.48 -77.70
C PHE Z 258 -74.40 8.87 -78.26
N GLU Z 259 -75.65 9.34 -78.23
CA GLU Z 259 -75.98 10.69 -78.66
C GLU Z 259 -76.05 11.67 -77.49
N ALA Z 260 -75.44 11.32 -76.36
CA ALA Z 260 -75.45 12.19 -75.20
C ALA Z 260 -74.58 13.41 -75.45
N PRO Z 261 -75.09 14.62 -75.28
CA PRO Z 261 -74.24 15.82 -75.44
C PRO Z 261 -73.08 15.81 -74.45
N GLU Z 262 -72.00 16.48 -74.85
CA GLU Z 262 -70.79 16.52 -74.04
C GLU Z 262 -71.03 17.12 -72.66
N GLU Z 263 -72.10 17.91 -72.51
CA GLU Z 263 -72.39 18.52 -71.22
C GLU Z 263 -72.62 17.45 -70.16
N LEU Z 264 -73.38 16.41 -70.49
CA LEU Z 264 -73.67 15.35 -69.52
C LEU Z 264 -72.40 14.62 -69.10
N LEU Z 265 -71.54 14.29 -70.06
CA LEU Z 265 -70.31 13.56 -69.73
C LEU Z 265 -69.37 14.42 -68.88
N LEU Z 266 -69.21 15.69 -69.24
CA LEU Z 266 -68.35 16.57 -68.46
C LEU Z 266 -68.91 16.78 -67.05
N ALA Z 267 -70.23 16.95 -66.94
CA ALA Z 267 -70.84 17.07 -65.63
C ALA Z 267 -70.67 15.81 -64.81
N ASP Z 268 -70.76 14.64 -65.45
CA ASP Z 268 -70.55 13.39 -64.72
C ASP Z 268 -69.13 13.28 -64.19
N LEU Z 269 -68.14 13.65 -65.02
CA LEU Z 269 -66.76 13.62 -64.55
C LEU Z 269 -66.54 14.59 -63.39
N LEU Z 270 -67.09 15.81 -63.50
CA LEU Z 270 -66.96 16.78 -62.42
C LEU Z 270 -67.63 16.28 -61.14
N LEU Z 271 -68.80 15.64 -61.28
CA LEU Z 271 -69.49 15.10 -60.12
C LEU Z 271 -68.71 13.97 -59.47
N GLN Z 272 -68.04 13.14 -60.28
CA GLN Z 272 -67.21 12.09 -59.70
C GLN Z 272 -66.02 12.68 -58.94
N ARG Z 273 -65.39 13.71 -59.48
CA ARG Z 273 -64.30 14.36 -58.75
C ARG Z 273 -64.82 14.97 -57.45
N ALA Z 274 -65.99 15.60 -57.51
CA ALA Z 274 -66.60 16.15 -56.30
C ALA Z 274 -66.90 15.04 -55.28
N LEU Z 275 -67.39 13.90 -55.75
CA LEU Z 275 -67.64 12.76 -54.87
C LEU Z 275 -66.37 12.33 -54.17
N GLU Z 276 -65.28 12.18 -54.93
CA GLU Z 276 -64.02 11.77 -54.33
C GLU Z 276 -63.53 12.79 -53.30
N LEU Z 277 -63.61 14.08 -53.64
CA LEU Z 277 -63.15 15.11 -52.73
C LEU Z 277 -63.98 15.15 -51.45
N ILE Z 278 -65.31 15.01 -51.58
CA ILE Z 278 -66.18 15.03 -50.41
C ILE Z 278 -65.93 13.80 -49.54
N SER Z 279 -65.73 12.63 -50.17
CA SER Z 279 -65.45 11.43 -49.41
C SER Z 279 -64.13 11.54 -48.67
N SER Z 280 -63.13 12.18 -49.27
CA SER Z 280 -61.83 12.32 -48.62
C SER Z 280 -61.86 13.33 -47.47
N ILE Z 281 -62.93 14.09 -47.31
CA ILE Z 281 -63.04 15.06 -46.24
C ILE Z 281 -63.06 14.35 -44.89
N THR AA 24 -49.44 -9.52 -101.60
CA THR AA 24 -48.50 -10.63 -101.77
C THR AA 24 -48.22 -11.27 -100.41
N VAL AA 25 -48.45 -10.51 -99.34
CA VAL AA 25 -48.36 -10.98 -97.96
C VAL AA 25 -46.91 -11.23 -97.56
N GLU AA 26 -46.18 -12.03 -98.35
CA GLU AA 26 -44.78 -12.29 -98.02
C GLU AA 26 -43.95 -11.01 -98.12
N GLU AA 27 -44.10 -10.28 -99.23
CA GLU AA 27 -43.43 -9.00 -99.38
C GLU AA 27 -43.75 -8.07 -98.22
N GLU AA 28 -44.98 -8.16 -97.68
CA GLU AA 28 -45.31 -7.38 -96.49
C GLU AA 28 -44.43 -7.77 -95.31
N VAL AA 29 -44.15 -9.07 -95.16
CA VAL AA 29 -43.32 -9.51 -94.04
C VAL AA 29 -41.88 -9.01 -94.20
N ILE AA 30 -41.32 -9.17 -95.40
CA ILE AA 30 -39.94 -8.71 -95.62
C ILE AA 30 -39.85 -7.20 -95.43
N ARG AA 31 -40.79 -6.46 -96.00
CA ARG AA 31 -40.80 -5.01 -95.83
C ARG AA 31 -41.00 -4.64 -94.37
N PHE AA 32 -41.80 -5.40 -93.62
CA PHE AA 32 -41.97 -5.13 -92.20
C PHE AA 32 -40.66 -5.25 -91.46
N ALA AA 33 -39.90 -6.32 -91.73
CA ALA AA 33 -38.61 -6.50 -91.07
C ALA AA 33 -37.64 -5.37 -91.42
N GLU AA 34 -37.53 -5.05 -92.72
CA GLU AA 34 -36.60 -4.01 -93.15
C GLU AA 34 -37.00 -2.64 -92.58
N GLU AA 35 -38.30 -2.32 -92.62
CA GLU AA 35 -38.76 -1.04 -92.09
C GLU AA 35 -38.58 -0.96 -90.59
N LEU AA 36 -38.75 -2.09 -89.88
CA LEU AA 36 -38.51 -2.09 -88.44
C LEU AA 36 -37.04 -1.78 -88.13
N ALA AA 37 -36.13 -2.42 -88.87
CA ALA AA 37 -34.71 -2.13 -88.69
C ALA AA 37 -34.40 -0.67 -89.00
N GLU AA 38 -34.96 -0.16 -90.09
CA GLU AA 38 -34.73 1.23 -90.46
C GLU AA 38 -35.30 2.19 -89.42
N GLU AA 39 -36.42 1.82 -88.79
CA GLU AA 39 -37.00 2.65 -87.74
C GLU AA 39 -36.10 2.65 -86.50
N ILE AA 40 -35.53 1.51 -86.14
CA ILE AA 40 -34.54 1.50 -85.07
C ILE AA 40 -33.40 2.43 -85.39
N ARG AA 41 -32.89 2.37 -86.63
CA ARG AA 41 -31.78 3.23 -87.02
C ARG AA 41 -32.16 4.70 -86.96
N ARG AA 42 -33.36 5.04 -87.43
CA ARG AA 42 -33.80 6.42 -87.43
C ARG AA 42 -33.98 6.95 -86.01
N VAL AA 43 -34.59 6.16 -85.13
CA VAL AA 43 -34.87 6.63 -83.77
C VAL AA 43 -33.59 6.75 -82.97
N THR AA 44 -32.68 5.79 -83.10
CA THR AA 44 -31.48 5.77 -82.27
C THR AA 44 -30.20 6.03 -83.04
N GLY AA 45 -29.99 5.37 -84.18
CA GLY AA 45 -28.76 5.54 -84.92
C GLY AA 45 -27.84 4.34 -84.83
N GLU AA 46 -26.61 4.56 -84.35
CA GLU AA 46 -25.63 3.49 -84.21
C GLU AA 46 -25.32 3.20 -82.75
N ALA AA 47 -26.07 3.81 -81.82
CA ALA AA 47 -25.90 3.51 -80.40
C ALA AA 47 -26.49 2.16 -80.04
N TYR AA 48 -27.53 1.71 -80.75
CA TYR AA 48 -28.12 0.39 -80.57
C TYR AA 48 -28.08 -0.30 -81.92
N ARG AA 49 -26.96 -0.98 -82.21
CA ARG AA 49 -26.77 -1.66 -83.47
C ARG AA 49 -26.96 -3.17 -83.37
N GLU AA 50 -26.75 -3.75 -82.18
CA GLU AA 50 -27.01 -5.17 -82.00
C GLU AA 50 -28.49 -5.48 -82.17
N TYR AA 51 -29.36 -4.57 -81.74
CA TYR AA 51 -30.79 -4.77 -81.93
C TYR AA 51 -31.16 -4.76 -83.41
N ALA AA 52 -30.57 -3.85 -84.18
CA ALA AA 52 -30.81 -3.83 -85.62
C ALA AA 52 -30.29 -5.10 -86.28
N GLU AA 53 -29.12 -5.57 -85.85
CA GLU AA 53 -28.58 -6.82 -86.37
C GLU AA 53 -29.52 -7.98 -86.09
N ALA AA 54 -30.04 -8.05 -84.86
CA ALA AA 54 -30.96 -9.12 -84.50
C ALA AA 54 -32.25 -9.04 -85.31
N VAL AA 55 -32.77 -7.82 -85.52
CA VAL AA 55 -33.99 -7.66 -86.29
C VAL AA 55 -33.77 -8.10 -87.74
N ARG AA 56 -32.63 -7.74 -88.32
CA ARG AA 56 -32.34 -8.18 -89.68
C ARG AA 56 -32.17 -9.69 -89.76
N HIS AA 57 -31.55 -10.28 -88.74
CA HIS AA 57 -31.43 -11.74 -88.69
C HIS AA 57 -32.80 -12.40 -88.63
N LEU AA 58 -33.70 -11.87 -87.79
CA LEU AA 58 -35.05 -12.43 -87.70
C LEU AA 58 -35.82 -12.25 -89.00
N GLY AA 59 -35.61 -11.13 -89.69
CA GLY AA 59 -36.23 -10.96 -91.00
C GLY AA 59 -35.71 -11.98 -92.01
N GLU AA 60 -34.41 -12.26 -91.97
CA GLU AA 60 -33.85 -13.29 -92.83
C GLU AA 60 -34.44 -14.66 -92.50
N ALA AA 61 -34.62 -14.95 -91.21
CA ALA AA 61 -35.24 -16.21 -90.81
C ALA AA 61 -36.68 -16.30 -91.32
N ALA AA 62 -37.44 -15.21 -91.20
CA ALA AA 62 -38.81 -15.19 -91.69
C ALA AA 62 -38.86 -15.38 -93.19
N LYS AA 63 -37.91 -14.80 -93.91
CA LYS AA 63 -37.82 -15.03 -95.35
C LYS AA 63 -37.51 -16.51 -95.63
N ALA AA 64 -36.61 -17.10 -94.86
CA ALA AA 64 -36.22 -18.49 -95.08
C ALA AA 64 -37.39 -19.44 -94.85
N VAL AA 65 -38.22 -19.14 -93.83
CA VAL AA 65 -39.36 -19.99 -93.53
C VAL AA 65 -40.30 -20.09 -94.73
N LEU AA 66 -40.49 -18.97 -95.44
CA LEU AA 66 -41.55 -18.86 -96.43
C LEU AA 66 -41.27 -19.65 -97.71
N GLU AA 67 -40.05 -20.15 -97.92
CA GLU AA 67 -39.77 -20.97 -99.09
C GLU AA 67 -39.83 -22.47 -98.81
N GLY AA 68 -39.62 -22.88 -97.57
CA GLY AA 68 -39.67 -24.29 -97.23
C GLY AA 68 -38.54 -24.75 -96.32
N ASN AA 69 -37.41 -24.05 -96.38
CA ASN AA 69 -36.27 -24.40 -95.55
C ASN AA 69 -36.61 -24.13 -94.08
N SER AA 70 -36.63 -25.18 -93.27
CA SER AA 70 -37.02 -25.07 -91.87
C SER AA 70 -35.87 -25.28 -90.89
N VAL AA 71 -34.69 -25.68 -91.36
CA VAL AA 71 -33.54 -25.84 -90.48
C VAL AA 71 -32.70 -24.57 -90.43
N GLU AA 72 -32.56 -23.89 -91.57
CA GLU AA 72 -31.90 -22.59 -91.57
C GLU AA 72 -32.60 -21.60 -90.66
N ALA AA 73 -33.93 -21.67 -90.59
CA ALA AA 73 -34.67 -20.82 -89.66
C ALA AA 73 -34.28 -21.12 -88.22
N ASP AA 74 -34.16 -22.39 -87.87
CA ASP AA 74 -33.75 -22.76 -86.52
C ASP AA 74 -32.33 -22.26 -86.22
N LEU AA 75 -31.42 -22.39 -87.18
CA LEU AA 75 -30.06 -21.92 -86.98
C LEU AA 75 -30.03 -20.40 -86.79
N ILE AA 76 -30.81 -19.67 -87.59
CA ILE AA 76 -30.83 -18.22 -87.46
C ILE AA 76 -31.46 -17.80 -86.13
N VAL AA 77 -32.48 -18.52 -85.68
CA VAL AA 77 -33.09 -18.21 -84.39
C VAL AA 77 -32.11 -18.45 -83.25
N THR AA 78 -31.31 -19.52 -83.36
CA THR AA 78 -30.27 -19.74 -82.35
C THR AA 78 -29.22 -18.64 -82.39
N ASP AA 79 -28.87 -18.16 -83.58
CA ASP AA 79 -27.94 -17.03 -83.69
C ASP AA 79 -28.50 -15.80 -82.99
N VAL AA 80 -29.79 -15.51 -83.22
CA VAL AA 80 -30.43 -14.37 -82.59
C VAL AA 80 -30.46 -14.56 -81.07
N LEU AA 81 -30.69 -15.80 -80.63
CA LEU AA 81 -30.67 -16.09 -79.20
C LEU AA 81 -29.30 -15.80 -78.60
N ARG AA 82 -28.22 -16.19 -79.30
CA ARG AA 82 -26.88 -15.87 -78.83
C ARG AA 82 -26.65 -14.37 -78.77
N LEU AA 83 -27.11 -13.65 -79.80
CA LEU AA 83 -26.96 -12.20 -79.82
C LEU AA 83 -27.67 -11.54 -78.64
N LEU AA 84 -28.90 -11.98 -78.36
CA LEU AA 84 -29.65 -11.40 -77.25
C LEU AA 84 -29.06 -11.80 -75.91
N GLU AA 85 -28.49 -13.01 -75.82
CA GLU AA 85 -27.80 -13.41 -74.60
C GLU AA 85 -26.58 -12.55 -74.34
N ARG AA 86 -25.85 -12.20 -75.42
CA ARG AA 86 -24.74 -11.27 -75.26
C ARG AA 86 -25.23 -9.87 -74.91
N ILE AA 87 -26.40 -9.47 -75.42
CA ILE AA 87 -26.93 -8.14 -75.12
C ILE AA 87 -27.23 -8.01 -73.62
N GLY AA 88 -27.96 -8.97 -73.07
CA GLY AA 88 -28.23 -8.98 -71.65
C GLY AA 88 -29.60 -8.48 -71.24
N GLU AA 89 -30.63 -8.89 -71.97
CA GLU AA 89 -32.02 -8.54 -71.65
C GLU AA 89 -32.76 -9.83 -71.30
N GLU AA 90 -33.01 -10.04 -70.00
CA GLU AA 90 -33.49 -11.34 -69.53
C GLU AA 90 -34.83 -11.71 -70.14
N GLY AA 91 -35.79 -10.77 -70.16
CA GLY AA 91 -37.08 -11.06 -70.75
C GLY AA 91 -36.99 -11.35 -72.23
N LEU AA 92 -36.14 -10.60 -72.94
CA LEU AA 92 -35.96 -10.85 -74.35
C LEU AA 92 -35.35 -12.22 -74.61
N VAL AA 93 -34.39 -12.63 -73.77
CA VAL AA 93 -33.80 -13.96 -73.92
C VAL AA 93 -34.84 -15.05 -73.65
N LYS AA 94 -35.68 -14.85 -72.63
CA LYS AA 94 -36.73 -15.82 -72.34
C LYS AA 94 -37.70 -15.95 -73.51
N LEU AA 95 -38.12 -14.82 -74.07
CA LEU AA 95 -38.99 -14.86 -75.24
C LEU AA 95 -38.29 -15.53 -76.42
N ALA AA 96 -36.99 -15.30 -76.56
CA ALA AA 96 -36.24 -15.93 -77.65
C ALA AA 96 -36.21 -17.44 -77.49
N ARG AA 97 -35.99 -17.93 -76.27
CA ARG AA 97 -35.99 -19.37 -76.03
C ARG AA 97 -37.36 -19.97 -76.33
N GLU AA 98 -38.43 -19.31 -75.87
CA GLU AA 98 -39.76 -19.83 -76.12
C GLU AA 98 -40.08 -19.85 -77.61
N VAL AA 99 -39.69 -18.79 -78.32
CA VAL AA 99 -39.88 -18.74 -79.77
C VAL AA 99 -39.10 -19.85 -80.45
N HIS AA 100 -37.86 -20.07 -80.02
CA HIS AA 100 -37.05 -21.16 -80.57
C HIS AA 100 -37.77 -22.50 -80.46
N GLU AA 101 -38.20 -22.84 -79.24
CA GLU AA 101 -38.83 -24.14 -79.02
C GLU AA 101 -40.13 -24.27 -79.82
N ARG AA 102 -41.02 -23.28 -79.69
CA ARG AA 102 -42.32 -23.39 -80.35
C ARG AA 102 -42.17 -23.38 -81.87
N SER AA 103 -41.28 -22.53 -82.40
CA SER AA 103 -41.06 -22.48 -83.84
C SER AA 103 -40.49 -23.79 -84.35
N PHE AA 104 -39.54 -24.39 -83.63
CA PHE AA 104 -39.01 -25.68 -84.05
C PHE AA 104 -40.12 -26.72 -84.10
N GLU AA 105 -40.93 -26.81 -83.05
CA GLU AA 105 -41.98 -27.82 -83.02
C GLU AA 105 -43.01 -27.60 -84.13
N LEU AA 106 -43.44 -26.35 -84.32
CA LEU AA 106 -44.45 -26.05 -85.33
C LEU AA 106 -43.92 -26.28 -86.74
N LEU AA 107 -42.66 -25.90 -86.99
CA LEU AA 107 -42.08 -26.10 -88.30
C LEU AA 107 -41.88 -27.59 -88.60
N ARG AA 108 -41.53 -28.38 -87.58
CA ARG AA 108 -41.51 -29.83 -87.77
C ARG AA 108 -42.90 -30.36 -88.10
N LYS AA 109 -43.92 -29.89 -87.36
CA LYS AA 109 -45.28 -30.32 -87.64
C LYS AA 109 -45.78 -29.77 -88.97
N GLY AA 110 -45.56 -28.48 -89.23
CA GLY AA 110 -45.96 -27.90 -90.50
C GLY AA 110 -46.75 -26.61 -90.37
N ASN AA 111 -46.80 -26.04 -89.17
CA ASN AA 111 -47.54 -24.80 -88.95
C ASN AA 111 -46.63 -23.61 -89.29
N ARG AA 112 -46.59 -23.29 -90.58
CA ARG AA 112 -45.76 -22.19 -91.06
C ARG AA 112 -46.21 -20.85 -90.49
N VAL AA 113 -47.53 -20.62 -90.47
CA VAL AA 113 -48.07 -19.31 -90.13
C VAL AA 113 -47.74 -18.93 -88.69
N GLU AA 114 -47.90 -19.89 -87.76
CA GLU AA 114 -47.64 -19.58 -86.36
C GLU AA 114 -46.15 -19.35 -86.10
N ALA AA 115 -45.28 -20.08 -86.79
CA ALA AA 115 -43.85 -19.83 -86.68
C ALA AA 115 -43.50 -18.43 -87.20
N LEU AA 116 -44.09 -18.05 -88.33
CA LEU AA 116 -43.89 -16.69 -88.84
C LEU AA 116 -44.36 -15.66 -87.83
N ALA AA 117 -45.53 -15.89 -87.22
CA ALA AA 117 -46.05 -14.96 -86.23
C ALA AA 117 -45.11 -14.85 -85.03
N LEU AA 118 -44.57 -15.97 -84.57
CA LEU AA 118 -43.64 -15.94 -83.44
C LEU AA 118 -42.38 -15.18 -83.79
N ILE AA 119 -41.85 -15.38 -85.00
CA ILE AA 119 -40.63 -14.68 -85.41
C ILE AA 119 -40.89 -13.17 -85.46
N LEU AA 120 -42.02 -12.78 -86.04
CA LEU AA 120 -42.35 -11.36 -86.13
C LEU AA 120 -42.58 -10.75 -84.75
N ALA AA 121 -43.22 -11.50 -83.85
CA ALA AA 121 -43.41 -11.01 -82.49
C ALA AA 121 -42.07 -10.80 -81.79
N LEU AA 122 -41.14 -11.74 -81.97
CA LEU AA 122 -39.82 -11.56 -81.37
C LEU AA 122 -39.11 -10.33 -81.94
N ALA AA 123 -39.18 -10.14 -83.26
CA ALA AA 123 -38.56 -8.97 -83.87
C ALA AA 123 -39.15 -7.67 -83.33
N LEU AA 124 -40.48 -7.62 -83.22
CA LEU AA 124 -41.13 -6.42 -82.68
C LEU AA 124 -40.74 -6.21 -81.22
N ALA AA 125 -40.63 -7.28 -80.45
CA ALA AA 125 -40.23 -7.15 -79.05
C ALA AA 125 -38.84 -6.55 -78.94
N VAL AA 126 -37.90 -7.02 -79.75
CA VAL AA 126 -36.54 -6.47 -79.73
C VAL AA 126 -36.58 -4.99 -80.11
N ALA AA 127 -37.31 -4.66 -81.17
CA ALA AA 127 -37.36 -3.27 -81.63
C ALA AA 127 -37.95 -2.36 -80.57
N LEU AA 128 -39.06 -2.78 -79.95
CA LEU AA 128 -39.71 -1.95 -78.94
C LEU AA 128 -38.84 -1.83 -77.69
N THR AA 129 -38.12 -2.90 -77.33
CA THR AA 129 -37.20 -2.81 -76.20
C THR AA 129 -36.11 -1.77 -76.47
N ALA AA 130 -35.51 -1.81 -77.65
CA ALA AA 130 -34.48 -0.84 -77.99
C ALA AA 130 -35.03 0.58 -77.97
N VAL AA 131 -36.19 0.78 -78.58
CA VAL AA 131 -36.77 2.12 -78.68
C VAL AA 131 -37.12 2.66 -77.30
N SER AA 132 -37.74 1.82 -76.46
CA SER AA 132 -38.10 2.25 -75.11
C SER AA 132 -36.87 2.56 -74.28
N LYS AA 133 -35.82 1.76 -74.41
CA LYS AA 133 -34.58 2.04 -73.69
C LYS AA 133 -33.99 3.38 -74.12
N ALA AA 134 -33.97 3.66 -75.43
CA ALA AA 134 -33.45 4.93 -75.91
C ALA AA 134 -34.29 6.09 -75.39
N PHE AA 135 -35.62 5.96 -75.47
CA PHE AA 135 -36.50 7.04 -75.03
C PHE AA 135 -36.34 7.31 -73.54
N PHE AA 136 -36.24 6.26 -72.72
CA PHE AA 136 -36.07 6.47 -71.29
C PHE AA 136 -34.70 7.07 -70.97
N LEU AA 137 -33.65 6.65 -71.68
CA LEU AA 137 -32.33 7.22 -71.45
C LEU AA 137 -32.29 8.70 -71.81
N LEU AA 138 -32.94 9.09 -72.92
CA LEU AA 138 -32.98 10.48 -73.30
C LEU AA 138 -33.68 11.33 -72.24
N GLY AA 139 -34.80 10.81 -71.70
CA GLY AA 139 -35.57 11.55 -70.72
C GLY AA 139 -36.94 11.92 -71.25
N GLN AA 140 -37.35 11.25 -72.32
CA GLN AA 140 -38.61 11.56 -72.96
C GLN AA 140 -39.78 11.21 -72.04
N PRO AA 141 -40.86 11.98 -72.08
CA PRO AA 141 -42.06 11.62 -71.31
C PRO AA 141 -42.76 10.41 -71.90
N ALA AA 142 -43.69 9.86 -71.10
CA ALA AA 142 -44.31 8.59 -71.43
C ALA AA 142 -45.30 8.68 -72.59
N ARG AA 143 -45.74 9.89 -72.95
CA ARG AA 143 -46.78 10.02 -73.98
C ARG AA 143 -46.32 9.46 -75.32
N LEU AA 144 -45.17 9.94 -75.80
CA LEU AA 144 -44.69 9.51 -77.12
C LEU AA 144 -44.29 8.05 -77.12
N ILE AA 145 -43.75 7.56 -76.00
CA ILE AA 145 -43.46 6.13 -75.87
C ILE AA 145 -44.75 5.33 -76.05
N ALA AA 146 -45.82 5.76 -75.39
CA ALA AA 146 -47.10 5.06 -75.51
C ALA AA 146 -47.63 5.08 -76.93
N GLU AA 147 -47.57 6.25 -77.59
CA GLU AA 147 -48.07 6.31 -78.97
C GLU AA 147 -47.25 5.43 -79.90
N TYR AA 148 -45.93 5.43 -79.76
CA TYR AA 148 -45.10 4.61 -80.63
C TYR AA 148 -45.35 3.13 -80.39
N VAL AA 149 -45.46 2.71 -79.13
CA VAL AA 149 -45.73 1.30 -78.83
C VAL AA 149 -47.07 0.90 -79.41
N GLY AA 150 -48.10 1.75 -79.24
CA GLY AA 150 -49.39 1.44 -79.80
C GLY AA 150 -49.37 1.33 -81.31
N GLU AA 151 -48.67 2.25 -81.97
CA GLU AA 151 -48.60 2.23 -83.43
C GLU AA 151 -47.91 0.96 -83.93
N LYS AA 152 -46.79 0.59 -83.29
CA LYS AA 152 -46.08 -0.62 -83.71
C LYS AA 152 -46.92 -1.87 -83.47
N LEU AA 153 -47.62 -1.92 -82.33
CA LEU AA 153 -48.50 -3.06 -82.06
C LEU AA 153 -49.63 -3.13 -83.08
N LEU AA 154 -50.17 -1.98 -83.48
CA LEU AA 154 -51.20 -1.95 -84.51
C LEU AA 154 -50.67 -2.48 -85.84
N GLU AA 155 -49.45 -2.07 -86.22
CA GLU AA 155 -48.87 -2.57 -87.47
C GLU AA 155 -48.68 -4.07 -87.42
N LEU AA 156 -48.17 -4.59 -86.29
CA LEU AA 156 -47.99 -6.03 -86.17
C LEU AA 156 -49.32 -6.76 -86.22
N ARG AA 157 -50.35 -6.20 -85.57
CA ARG AA 157 -51.66 -6.82 -85.59
C ARG AA 157 -52.23 -6.89 -87.00
N ARG AA 158 -52.10 -5.80 -87.76
CA ARG AA 158 -52.58 -5.82 -89.15
C ARG AA 158 -51.82 -6.83 -89.98
N LEU AA 159 -50.49 -6.90 -89.80
CA LEU AA 159 -49.71 -7.88 -90.55
C LEU AA 159 -50.14 -9.31 -90.22
N LEU AA 160 -50.29 -9.62 -88.93
CA LEU AA 160 -50.68 -10.97 -88.53
C LEU AA 160 -52.08 -11.32 -89.02
N GLU AA 161 -53.01 -10.36 -88.96
CA GLU AA 161 -54.35 -10.61 -89.48
C GLU AA 161 -54.33 -10.84 -90.98
N LYS AA 162 -53.46 -10.14 -91.71
CA LYS AA 162 -53.32 -10.40 -93.13
C LYS AA 162 -52.72 -11.78 -93.38
N LEU AA 163 -51.82 -12.22 -92.50
CA LEU AA 163 -51.21 -13.53 -92.66
C LEU AA 163 -52.23 -14.65 -92.48
N GLY AA 164 -53.00 -14.61 -91.40
CA GLY AA 164 -54.02 -15.62 -91.18
C GLY AA 164 -54.06 -16.16 -89.77
N VAL AA 165 -53.25 -15.60 -88.88
CA VAL AA 165 -53.21 -16.09 -87.49
C VAL AA 165 -54.55 -15.81 -86.82
N PRO AA 166 -55.13 -16.75 -86.08
CA PRO AA 166 -56.38 -16.48 -85.37
C PRO AA 166 -56.21 -15.37 -84.34
N LEU AA 167 -57.30 -14.61 -84.15
CA LEU AA 167 -57.23 -13.40 -83.32
C LEU AA 167 -56.78 -13.65 -81.89
N PRO AA 168 -57.29 -14.67 -81.17
CA PRO AA 168 -56.80 -14.88 -79.79
C PRO AA 168 -55.30 -15.08 -79.71
N GLU AA 169 -54.71 -15.81 -80.67
CA GLU AA 169 -53.27 -16.00 -80.66
C GLU AA 169 -52.53 -14.70 -80.93
N VAL AA 170 -53.08 -13.86 -81.82
CA VAL AA 170 -52.50 -12.55 -82.08
C VAL AA 170 -52.48 -11.72 -80.80
N ILE AA 171 -53.60 -11.71 -80.09
CA ILE AA 171 -53.67 -10.93 -78.85
C ILE AA 171 -52.72 -11.48 -77.80
N ALA AA 172 -52.60 -12.80 -77.72
CA ALA AA 172 -51.66 -13.40 -76.77
C ALA AA 172 -50.22 -13.00 -77.11
N LEU AA 173 -49.87 -13.00 -78.40
CA LEU AA 173 -48.53 -12.58 -78.80
C LEU AA 173 -48.28 -11.12 -78.47
N LEU AA 174 -49.28 -10.26 -78.70
CA LEU AA 174 -49.11 -8.84 -78.38
C LEU AA 174 -48.96 -8.63 -76.88
N LEU AA 175 -49.71 -9.38 -76.08
CA LEU AA 175 -49.55 -9.30 -74.63
C LEU AA 175 -48.18 -9.81 -74.19
N ARG AA 176 -47.66 -10.84 -74.86
CA ARG AA 176 -46.31 -11.30 -74.55
C ARG AA 176 -45.27 -10.23 -74.85
N VAL AA 177 -45.41 -9.56 -75.99
CA VAL AA 177 -44.50 -8.47 -76.34
C VAL AA 177 -44.59 -7.35 -75.31
N LEU AA 178 -45.81 -7.00 -74.91
CA LEU AA 178 -46.00 -5.95 -73.91
C LEU AA 178 -45.41 -6.36 -72.56
N GLU AA 179 -45.52 -7.64 -72.20
CA GLU AA 179 -44.90 -8.14 -70.97
C GLU AA 179 -43.39 -7.99 -71.03
N VAL AA 180 -42.80 -8.33 -72.18
CA VAL AA 180 -41.35 -8.18 -72.34
C VAL AA 180 -40.94 -6.72 -72.18
N VAL AA 181 -41.70 -5.82 -72.82
CA VAL AA 181 -41.37 -4.39 -72.74
C VAL AA 181 -41.51 -3.89 -71.31
N GLU AA 182 -42.56 -4.31 -70.61
CA GLU AA 182 -42.76 -3.90 -69.23
C GLU AA 182 -41.63 -4.40 -68.34
N GLU AA 183 -41.20 -5.65 -68.55
CA GLU AA 183 -40.11 -6.19 -67.75
C GLU AA 183 -38.83 -5.41 -68.00
N SER AA 184 -38.54 -5.09 -69.27
CA SER AA 184 -37.35 -4.31 -69.58
C SER AA 184 -37.40 -2.93 -68.91
N LEU AA 185 -38.55 -2.26 -69.01
CA LEU AA 185 -38.68 -0.93 -68.41
C LEU AA 185 -38.53 -0.99 -66.90
N LYS AA 186 -39.14 -1.99 -66.26
CA LYS AA 186 -39.04 -2.14 -64.81
C LYS AA 186 -37.61 -2.40 -64.38
N ALA AA 187 -36.90 -3.26 -65.12
CA ALA AA 187 -35.52 -3.59 -64.77
C ALA AA 187 -34.58 -2.41 -65.00
N MET AA 188 -34.86 -1.57 -66.00
CA MET AA 188 -33.97 -0.46 -66.29
C MET AA 188 -33.96 0.57 -65.15
N GLY AA 189 -35.11 0.87 -64.56
CA GLY AA 189 -35.16 1.82 -63.48
C GLY AA 189 -36.34 2.77 -63.52
N MET AA 190 -37.22 2.61 -64.50
CA MET AA 190 -38.38 3.47 -64.62
C MET AA 190 -39.28 3.34 -63.39
N GLU AA 191 -39.89 4.45 -62.99
CA GLU AA 191 -40.82 4.44 -61.88
C GLU AA 191 -42.10 3.69 -62.28
N PRO AA 192 -42.67 2.89 -61.37
CA PRO AA 192 -43.81 2.04 -61.74
C PRO AA 192 -44.99 2.77 -62.35
N ARG AA 193 -45.25 4.02 -61.93
CA ARG AA 193 -46.43 4.73 -62.41
C ARG AA 193 -46.38 4.96 -63.92
N GLU AA 194 -45.21 5.36 -64.44
CA GLU AA 194 -45.09 5.57 -65.88
C GLU AA 194 -45.22 4.26 -66.66
N ILE AA 195 -44.67 3.17 -66.12
CA ILE AA 195 -44.82 1.87 -66.78
C ILE AA 195 -46.29 1.48 -66.84
N ASN AA 196 -47.01 1.66 -65.73
CA ASN AA 196 -48.44 1.37 -65.72
C ASN AA 196 -49.18 2.25 -66.72
N ARG AA 197 -48.79 3.52 -66.81
CA ARG AA 197 -49.45 4.44 -67.73
C ARG AA 197 -49.26 4.01 -69.18
N VAL AA 198 -48.03 3.65 -69.56
CA VAL AA 198 -47.78 3.28 -70.96
C VAL AA 198 -48.44 1.94 -71.28
N LEU AA 199 -48.40 0.98 -70.36
CA LEU AA 199 -49.08 -0.28 -70.60
C LEU AA 199 -50.58 -0.09 -70.73
N ALA AA 200 -51.17 0.75 -69.89
CA ALA AA 200 -52.60 1.03 -69.98
C ALA AA 200 -52.94 1.70 -71.30
N ALA AA 201 -52.09 2.63 -71.76
CA ALA AA 201 -52.33 3.28 -73.04
C ALA AA 201 -52.27 2.28 -74.19
N ALA AA 202 -51.30 1.37 -74.15
CA ALA AA 202 -51.21 0.35 -75.21
C ALA AA 202 -52.42 -0.55 -75.21
N TYR AA 203 -52.85 -1.00 -74.02
CA TYR AA 203 -54.06 -1.81 -73.94
C TYR AA 203 -55.27 -1.05 -74.45
N LEU AA 204 -55.36 0.24 -74.13
CA LEU AA 204 -56.51 1.04 -74.56
C LEU AA 204 -56.55 1.21 -76.07
N THR AA 205 -55.40 1.46 -76.71
CA THR AA 205 -55.42 1.61 -78.17
C THR AA 205 -55.70 0.28 -78.85
N LEU AA 206 -55.19 -0.83 -78.29
CA LEU AA 206 -55.50 -2.14 -78.84
C LEU AA 206 -57.01 -2.42 -78.75
N ALA AA 207 -57.59 -2.15 -77.58
CA ALA AA 207 -59.02 -2.38 -77.40
C ALA AA 207 -59.85 -1.47 -78.29
N ALA AA 208 -59.42 -0.22 -78.45
CA ALA AA 208 -60.13 0.71 -79.31
C ALA AA 208 -60.13 0.24 -80.76
N GLU AA 209 -58.98 -0.23 -81.24
CA GLU AA 209 -58.94 -0.79 -82.60
C GLU AA 209 -59.85 -2.00 -82.71
N LEU AA 210 -59.83 -2.89 -81.71
CA LEU AA 210 -60.65 -4.09 -81.76
C LEU AA 210 -62.13 -3.74 -81.82
N LEU AA 211 -62.55 -2.76 -81.00
CA LEU AA 211 -63.95 -2.34 -81.01
C LEU AA 211 -64.31 -1.65 -82.33
N GLU AA 212 -63.43 -0.79 -82.85
CA GLU AA 212 -63.72 -0.08 -84.08
C GLU AA 212 -63.86 -1.04 -85.26
N ARG AA 213 -63.07 -2.12 -85.27
CA ARG AA 213 -63.18 -3.08 -86.36
C ARG AA 213 -64.58 -3.67 -86.46
N LEU AA 214 -65.28 -3.79 -85.32
CA LEU AA 214 -66.63 -4.37 -85.29
C LEU AA 214 -67.71 -3.36 -85.62
N GLY AA 215 -67.38 -2.08 -85.76
CA GLY AA 215 -68.35 -1.06 -86.11
C GLY AA 215 -68.78 -0.16 -84.97
N LEU AA 216 -68.37 -0.46 -83.73
CA LEU AA 216 -68.72 0.37 -82.58
C LEU AA 216 -67.77 1.57 -82.52
N THR AA 217 -67.98 2.50 -83.46
CA THR AA 217 -67.11 3.66 -83.58
C THR AA 217 -67.19 4.58 -82.37
N ALA AA 218 -68.38 4.82 -81.83
CA ALA AA 218 -68.52 5.71 -80.68
C ALA AA 218 -67.84 5.15 -79.44
N LEU AA 219 -67.98 3.84 -79.20
CA LEU AA 219 -67.29 3.23 -78.07
C LEU AA 219 -65.79 3.34 -78.22
N ALA AA 220 -65.28 3.11 -79.44
CA ALA AA 220 -63.84 3.26 -79.68
C ALA AA 220 -63.39 4.70 -79.44
N ALA AA 221 -64.21 5.67 -79.87
CA ALA AA 221 -63.88 7.07 -79.65
C ALA AA 221 -63.83 7.37 -78.15
N ARG AA 222 -64.77 6.82 -77.38
CA ARG AA 222 -64.74 7.01 -75.93
C ARG AA 222 -63.49 6.40 -75.33
N ILE AA 223 -63.08 5.23 -75.81
CA ILE AA 223 -61.86 4.60 -75.31
C ILE AA 223 -60.63 5.47 -75.62
N ARG AA 224 -60.58 6.02 -76.83
CA ARG AA 224 -59.47 6.90 -77.19
C ARG AA 224 -59.46 8.17 -76.33
N ARG AA 225 -60.65 8.72 -76.06
CA ARG AA 225 -60.72 9.88 -75.17
C ARG AA 225 -60.20 9.53 -73.78
N ALA AA 226 -60.57 8.34 -73.27
CA ALA AA 226 -60.06 7.90 -71.97
C ALA AA 226 -58.54 7.77 -72.00
N ARG AA 227 -57.99 7.21 -73.07
CA ARG AA 227 -56.54 7.09 -73.18
C ARG AA 227 -55.87 8.46 -73.19
N GLU AA 228 -56.42 9.39 -73.96
CA GLU AA 228 -55.83 10.73 -74.05
C GLU AA 228 -55.89 11.45 -72.70
N LEU AA 229 -57.00 11.32 -71.98
CA LEU AA 229 -57.08 11.92 -70.64
C LEU AA 229 -56.12 11.23 -69.68
N LEU AA 230 -55.87 9.92 -69.86
CA LEU AA 230 -54.92 9.23 -69.02
C LEU AA 230 -53.49 9.73 -69.27
N LEU AA 231 -53.13 9.94 -70.53
CA LEU AA 231 -51.78 10.38 -70.87
C LEU AA 231 -51.50 11.81 -70.44
N ALA AA 232 -52.53 12.60 -70.15
CA ALA AA 232 -52.37 14.00 -69.78
C ALA AA 232 -52.30 14.21 -68.27
N GLY AA 233 -52.31 13.14 -67.49
CA GLY AA 233 -52.29 13.23 -66.04
C GLY AA 233 -53.64 13.18 -65.37
N ARG AA 234 -54.73 13.31 -66.13
CA ARG AA 234 -56.08 13.24 -65.58
C ARG AA 234 -56.44 11.76 -65.41
N VAL AA 235 -56.11 11.22 -64.24
CA VAL AA 235 -56.24 9.78 -64.02
C VAL AA 235 -57.68 9.39 -63.69
N GLU AA 236 -58.30 10.08 -62.73
CA GLU AA 236 -59.61 9.67 -62.25
C GLU AA 236 -60.69 9.85 -63.31
N GLU AA 237 -60.61 10.92 -64.09
CA GLU AA 237 -61.60 11.13 -65.16
C GLU AA 237 -61.52 10.03 -66.20
N ALA AA 238 -60.29 9.67 -66.60
CA ALA AA 238 -60.12 8.55 -67.53
C ALA AA 238 -60.60 7.25 -66.92
N LEU AA 239 -60.36 7.06 -65.63
CA LEU AA 239 -60.84 5.86 -64.94
C LEU AA 239 -62.36 5.75 -65.02
N HIS AA 240 -63.06 6.84 -64.71
CA HIS AA 240 -64.52 6.79 -64.76
C HIS AA 240 -65.04 6.62 -66.18
N LEU AA 241 -64.42 7.29 -67.15
CA LEU AA 241 -64.82 7.10 -68.54
C LEU AA 241 -64.65 5.65 -68.96
N LEU AA 242 -63.54 5.03 -68.56
CA LEU AA 242 -63.30 3.64 -68.90
C LEU AA 242 -64.30 2.72 -68.21
N GLN AA 243 -64.65 3.02 -66.95
CA GLN AA 243 -65.65 2.22 -66.26
C GLN AA 243 -67.00 2.30 -66.94
N ASP AA 244 -67.42 3.50 -67.35
CA ASP AA 244 -68.68 3.63 -68.07
C ASP AA 244 -68.65 2.88 -69.39
N ALA AA 245 -67.53 2.97 -70.12
CA ALA AA 245 -67.40 2.23 -71.36
C ALA AA 245 -67.48 0.73 -71.12
N VAL AA 246 -66.85 0.26 -70.02
CA VAL AA 246 -66.88 -1.17 -69.70
C VAL AA 246 -68.31 -1.62 -69.39
N GLU AA 247 -69.04 -0.82 -68.61
CA GLU AA 247 -70.43 -1.18 -68.32
C GLU AA 247 -71.27 -1.25 -69.59
N LEU AA 248 -71.11 -0.28 -70.50
CA LEU AA 248 -71.91 -0.30 -71.72
C LEU AA 248 -71.50 -1.47 -72.61
N LEU AA 249 -70.20 -1.81 -72.64
CA LEU AA 249 -69.75 -2.98 -73.37
C LEU AA 249 -70.34 -4.25 -72.79
N HIS AA 250 -70.43 -4.33 -71.46
CA HIS AA 250 -71.07 -5.49 -70.83
C HIS AA 250 -72.55 -5.57 -71.20
N GLU AA 251 -73.23 -4.43 -71.24
CA GLU AA 251 -74.62 -4.41 -71.68
C GLU AA 251 -74.75 -4.98 -73.09
N ARG AA 252 -73.91 -4.51 -74.00
CA ARG AA 252 -73.96 -5.00 -75.38
C ARG AA 252 -73.65 -6.50 -75.46
N ILE AA 253 -72.63 -6.94 -74.71
CA ILE AA 253 -72.22 -8.34 -74.77
C ILE AA 253 -73.33 -9.25 -74.26
N ARG AA 254 -73.93 -8.89 -73.11
CA ARG AA 254 -75.00 -9.72 -72.56
C ARG AA 254 -76.32 -9.56 -73.32
N GLU AA 255 -76.48 -8.51 -74.11
CA GLU AA 255 -77.63 -8.44 -75.01
C GLU AA 255 -77.43 -9.34 -76.22
N LEU AA 256 -76.18 -9.43 -76.72
CA LEU AA 256 -75.92 -10.30 -77.86
C LEU AA 256 -76.13 -11.77 -77.51
N GLY AA 257 -75.69 -12.18 -76.33
CA GLY AA 257 -75.84 -13.56 -75.90
C GLY AA 257 -74.55 -14.34 -76.09
N PHE AA 258 -74.66 -15.56 -76.60
CA PHE AA 258 -73.51 -16.42 -76.86
C PHE AA 258 -73.01 -16.31 -78.31
N GLU AA 259 -73.62 -15.47 -79.13
CA GLU AA 259 -73.17 -15.22 -80.48
C GLU AA 259 -72.30 -13.97 -80.57
N ALA AA 260 -71.71 -13.55 -79.45
CA ALA AA 260 -70.87 -12.36 -79.44
C ALA AA 260 -69.56 -12.64 -80.17
N PRO AA 261 -69.18 -11.83 -81.15
CA PRO AA 261 -67.90 -12.03 -81.82
C PRO AA 261 -66.73 -11.92 -80.84
N GLU AA 262 -65.64 -12.62 -81.17
CA GLU AA 262 -64.48 -12.66 -80.30
C GLU AA 262 -63.89 -11.27 -80.05
N GLU AA 263 -64.15 -10.32 -80.94
CA GLU AA 263 -63.65 -8.96 -80.75
C GLU AA 263 -64.17 -8.37 -79.44
N LEU AA 264 -65.46 -8.55 -79.16
CA LEU AA 264 -66.03 -8.00 -77.93
C LEU AA 264 -65.38 -8.59 -76.70
N LEU AA 265 -65.20 -9.92 -76.66
CA LEU AA 265 -64.61 -10.55 -75.49
C LEU AA 265 -63.16 -10.13 -75.30
N LEU AA 266 -62.38 -10.11 -76.38
CA LEU AA 266 -60.98 -9.71 -76.26
C LEU AA 266 -60.85 -8.25 -75.84
N ALA AA 267 -61.71 -7.38 -76.39
CA ALA AA 267 -61.71 -5.98 -75.98
C ALA AA 267 -62.09 -5.85 -74.52
N ASP AA 268 -63.06 -6.64 -74.05
CA ASP AA 268 -63.46 -6.60 -72.66
C ASP AA 268 -62.31 -7.01 -71.74
N LEU AA 269 -61.59 -8.08 -72.11
CA LEU AA 269 -60.45 -8.50 -71.29
C LEU AA 269 -59.37 -7.43 -71.26
N LEU AA 270 -59.07 -6.84 -72.43
CA LEU AA 270 -58.06 -5.78 -72.48
C LEU AA 270 -58.49 -4.58 -71.65
N LEU AA 271 -59.77 -4.22 -71.70
CA LEU AA 271 -60.26 -3.10 -70.91
C LEU AA 271 -60.19 -3.39 -69.42
N GLN AA 272 -60.43 -4.63 -69.01
CA GLN AA 272 -60.28 -4.97 -67.60
C GLN AA 272 -58.84 -4.86 -67.15
N ARG AA 273 -57.90 -5.32 -67.98
CA ARG AA 273 -56.48 -5.14 -67.64
C ARG AA 273 -56.13 -3.66 -67.56
N ALA AA 274 -56.66 -2.85 -68.48
CA ALA AA 274 -56.43 -1.41 -68.43
C ALA AA 274 -57.01 -0.79 -67.17
N LEU AA 275 -58.20 -1.23 -66.76
CA LEU AA 275 -58.80 -0.73 -65.53
C LEU AA 275 -57.92 -1.06 -64.33
N GLU AA 276 -57.42 -2.30 -64.27
CA GLU AA 276 -56.56 -2.70 -63.17
C GLU AA 276 -55.31 -1.82 -63.14
N LEU AA 277 -54.65 -1.65 -64.29
CA LEU AA 277 -53.42 -0.87 -64.34
C LEU AA 277 -53.66 0.59 -63.97
N ILE AA 278 -54.75 1.18 -64.47
CA ILE AA 278 -55.04 2.57 -64.16
C ILE AA 278 -55.35 2.74 -62.69
N SER AA 279 -56.11 1.81 -62.10
CA SER AA 279 -56.41 1.89 -60.67
C SER AA 279 -55.14 1.77 -59.83
N SER AA 280 -54.21 0.92 -60.26
CA SER AA 280 -52.96 0.74 -59.50
C SER AA 280 -52.03 1.94 -59.61
N ILE AA 281 -52.31 2.89 -60.51
CA ILE AA 281 -51.47 4.07 -60.68
C ILE AA 281 -51.53 4.93 -59.41
N THR BA 24 -72.49 -54.01 -68.68
CA THR BA 24 -72.48 -54.95 -67.56
C THR BA 24 -72.25 -54.20 -66.25
N VAL BA 25 -71.64 -53.02 -66.36
CA VAL BA 25 -71.43 -52.09 -65.25
C VAL BA 25 -70.36 -52.63 -64.27
N GLU BA 26 -70.52 -53.89 -63.85
CA GLU BA 26 -69.53 -54.49 -62.95
C GLU BA 26 -68.18 -54.60 -63.64
N GLU BA 27 -68.17 -55.19 -64.84
CA GLU BA 27 -66.93 -55.32 -65.60
C GLU BA 27 -66.25 -53.97 -65.75
N GLU BA 28 -67.04 -52.90 -65.88
CA GLU BA 28 -66.47 -51.56 -65.87
C GLU BA 28 -65.73 -51.30 -64.56
N VAL BA 29 -66.24 -51.79 -63.44
CA VAL BA 29 -65.59 -51.55 -62.16
C VAL BA 29 -64.25 -52.27 -62.07
N ILE BA 30 -64.24 -53.57 -62.39
CA ILE BA 30 -62.96 -54.28 -62.30
C ILE BA 30 -61.96 -53.75 -63.33
N ARG BA 31 -62.43 -53.44 -64.54
CA ARG BA 31 -61.54 -52.85 -65.53
C ARG BA 31 -61.03 -51.49 -65.08
N PHE BA 32 -61.86 -50.71 -64.39
CA PHE BA 32 -61.40 -49.43 -63.86
C PHE BA 32 -60.27 -49.63 -62.86
N ALA BA 33 -60.43 -50.59 -61.95
CA ALA BA 33 -59.38 -50.84 -60.96
C ALA BA 33 -58.08 -51.29 -61.64
N GLU BA 34 -58.19 -52.25 -62.55
CA GLU BA 34 -56.98 -52.76 -63.21
C GLU BA 34 -56.31 -51.69 -64.06
N GLU BA 35 -57.10 -50.90 -64.80
CA GLU BA 35 -56.54 -49.84 -65.63
C GLU BA 35 -55.92 -48.74 -64.78
N LEU BA 36 -56.51 -48.46 -63.62
CA LEU BA 36 -55.90 -47.48 -62.72
C LEU BA 36 -54.53 -47.96 -62.24
N ALA BA 37 -54.45 -49.23 -61.85
CA ALA BA 37 -53.15 -49.78 -61.43
C ALA BA 37 -52.15 -49.74 -62.57
N GLU BA 38 -52.58 -50.11 -63.77
CA GLU BA 38 -51.69 -50.09 -64.94
C GLU BA 38 -51.25 -48.68 -65.27
N GLU BA 39 -52.13 -47.69 -65.09
CA GLU BA 39 -51.76 -46.30 -65.33
C GLU BA 39 -50.73 -45.82 -64.31
N ILE BA 40 -50.88 -46.22 -63.05
CA ILE BA 40 -49.84 -45.91 -62.06
C ILE BA 40 -48.51 -46.51 -62.50
N ARG BA 41 -48.53 -47.77 -62.96
CA ARG BA 41 -47.29 -48.41 -63.39
C ARG BA 41 -46.68 -47.69 -64.60
N ARG BA 42 -47.52 -47.26 -65.55
CA ARG BA 42 -47.02 -46.54 -66.71
C ARG BA 42 -46.40 -45.20 -66.32
N VAL BA 43 -47.09 -44.44 -65.45
CA VAL BA 43 -46.62 -43.10 -65.11
C VAL BA 43 -45.35 -43.16 -64.28
N THR BA 44 -45.28 -44.08 -63.31
CA THR BA 44 -44.15 -44.14 -62.40
C THR BA 44 -43.26 -45.34 -62.60
N GLY BA 45 -43.83 -46.55 -62.69
CA GLY BA 45 -43.02 -47.75 -62.80
C GLY BA 45 -43.06 -48.59 -61.55
N GLU BA 46 -41.89 -48.81 -60.95
CA GLU BA 46 -41.78 -49.58 -59.71
C GLU BA 46 -41.27 -48.75 -58.56
N ALA BA 47 -41.16 -47.43 -58.74
CA ALA BA 47 -40.78 -46.55 -57.64
C ALA BA 47 -41.92 -46.35 -56.65
N TYR BA 48 -43.17 -46.42 -57.11
CA TYR BA 48 -44.35 -46.33 -56.26
C TYR BA 48 -45.15 -47.61 -56.48
N ARG BA 49 -44.83 -48.66 -55.73
CA ARG BA 49 -45.47 -49.95 -55.87
C ARG BA 49 -46.48 -50.25 -54.78
N GLU BA 50 -46.32 -49.66 -53.59
CA GLU BA 50 -47.31 -49.83 -52.54
C GLU BA 50 -48.66 -49.25 -52.96
N TYR BA 51 -48.64 -48.14 -53.70
CA TYR BA 51 -49.87 -47.56 -54.21
C TYR BA 51 -50.58 -48.49 -55.17
N ALA BA 52 -49.82 -49.14 -56.06
CA ALA BA 52 -50.42 -50.10 -56.98
C ALA BA 52 -50.97 -51.31 -56.21
N GLU BA 53 -50.24 -51.75 -55.18
CA GLU BA 53 -50.74 -52.83 -54.33
C GLU BA 53 -52.07 -52.45 -53.69
N ALA BA 54 -52.16 -51.24 -53.16
CA ALA BA 54 -53.39 -50.78 -52.52
C ALA BA 54 -54.53 -50.67 -53.52
N VAL BA 55 -54.24 -50.19 -54.74
CA VAL BA 55 -55.28 -50.07 -55.75
C VAL BA 55 -55.79 -51.45 -56.15
N ARG BA 56 -54.89 -52.43 -56.30
CA ARG BA 56 -55.33 -53.78 -56.63
C ARG BA 56 -56.13 -54.41 -55.50
N HIS BA 57 -55.72 -54.14 -54.25
CA HIS BA 57 -56.49 -54.62 -53.11
C HIS BA 57 -57.89 -54.03 -53.08
N LEU BA 58 -58.00 -52.73 -53.35
CA LEU BA 58 -59.32 -52.09 -53.38
C LEU BA 58 -60.16 -52.61 -54.54
N GLY BA 59 -59.54 -52.92 -55.69
CA GLY BA 59 -60.27 -53.56 -56.76
C GLY BA 59 -60.79 -54.92 -56.38
N GLU BA 60 -59.98 -55.70 -55.66
CA GLU BA 60 -60.44 -56.99 -55.16
C GLU BA 60 -61.59 -56.82 -54.18
N ALA BA 61 -61.51 -55.82 -53.31
CA ALA BA 61 -62.62 -55.54 -52.40
C ALA BA 61 -63.90 -55.19 -53.16
N ALA BA 62 -63.78 -54.35 -54.19
CA ALA BA 62 -64.94 -53.98 -54.99
C ALA BA 62 -65.53 -55.19 -55.69
N LYS BA 63 -64.67 -56.10 -56.17
CA LYS BA 63 -65.17 -57.33 -56.76
C LYS BA 63 -65.88 -58.20 -55.73
N ALA BA 64 -65.37 -58.21 -54.50
CA ALA BA 64 -66.01 -58.99 -53.44
C ALA BA 64 -67.38 -58.42 -53.08
N VAL BA 65 -67.50 -57.09 -53.05
CA VAL BA 65 -68.78 -56.46 -52.71
C VAL BA 65 -69.86 -56.86 -53.70
N LEU BA 66 -69.53 -56.87 -54.99
CA LEU BA 66 -70.52 -57.11 -56.04
C LEU BA 66 -71.01 -58.55 -56.08
N GLU BA 67 -70.37 -59.46 -55.35
CA GLU BA 67 -70.79 -60.86 -55.35
C GLU BA 67 -71.69 -61.21 -54.16
N GLY BA 68 -71.68 -60.40 -53.11
CA GLY BA 68 -72.53 -60.65 -51.97
C GLY BA 68 -71.77 -60.70 -50.65
N ASN BA 69 -70.50 -61.09 -50.70
CA ASN BA 69 -69.70 -61.19 -49.49
C ASN BA 69 -69.40 -59.79 -48.96
N SER BA 70 -69.79 -59.53 -47.72
CA SER BA 70 -69.65 -58.21 -47.12
C SER BA 70 -68.60 -58.14 -46.02
N VAL BA 71 -68.10 -59.28 -45.55
CA VAL BA 71 -67.07 -59.26 -44.50
C VAL BA 71 -65.67 -59.30 -45.11
N GLU BA 72 -65.49 -60.04 -46.21
CA GLU BA 72 -64.21 -60.03 -46.91
C GLU BA 72 -63.86 -58.63 -47.38
N ALA BA 73 -64.86 -57.86 -47.82
CA ALA BA 73 -64.61 -56.48 -48.21
C ALA BA 73 -64.10 -55.65 -47.03
N ASP BA 74 -64.69 -55.84 -45.86
CA ASP BA 74 -64.22 -55.12 -44.67
C ASP BA 74 -62.79 -55.51 -44.32
N LEU BA 75 -62.47 -56.80 -44.40
CA LEU BA 75 -61.11 -57.24 -44.11
C LEU BA 75 -60.12 -56.66 -45.10
N ILE BA 76 -60.48 -56.62 -46.38
CA ILE BA 76 -59.59 -56.07 -47.39
C ILE BA 76 -59.40 -54.58 -47.18
N VAL BA 77 -60.47 -53.86 -46.81
CA VAL BA 77 -60.35 -52.43 -46.54
C VAL BA 77 -59.44 -52.19 -45.34
N THR BA 78 -59.53 -53.05 -44.33
CA THR BA 78 -58.62 -52.92 -43.19
C THR BA 78 -57.17 -53.17 -43.60
N ASP BA 79 -56.95 -54.14 -44.48
CA ASP BA 79 -55.60 -54.38 -45.00
C ASP BA 79 -55.08 -53.16 -45.75
N VAL BA 80 -55.93 -52.56 -46.58
CA VAL BA 80 -55.54 -51.35 -47.30
C VAL BA 80 -55.24 -50.22 -46.34
N LEU BA 81 -56.03 -50.11 -45.26
CA LEU BA 81 -55.78 -49.09 -44.25
C LEU BA 81 -54.42 -49.30 -43.59
N ARG BA 82 -54.06 -50.55 -43.30
CA ARG BA 82 -52.75 -50.83 -42.74
C ARG BA 82 -51.64 -50.45 -43.72
N LEU BA 83 -51.82 -50.78 -45.01
CA LEU BA 83 -50.82 -50.44 -46.00
C LEU BA 83 -50.63 -48.92 -46.09
N LEU BA 84 -51.73 -48.18 -46.11
CA LEU BA 84 -51.66 -46.73 -46.18
C LEU BA 84 -51.06 -46.11 -44.92
N GLU BA 85 -51.33 -46.71 -43.76
CA GLU BA 85 -50.71 -46.25 -42.52
C GLU BA 85 -49.20 -46.48 -42.56
N ARG BA 86 -48.78 -47.61 -43.15
CA ARG BA 86 -47.35 -47.84 -43.33
C ARG BA 86 -46.75 -46.84 -44.32
N ILE BA 87 -47.50 -46.46 -45.34
CA ILE BA 87 -47.00 -45.51 -46.34
C ILE BA 87 -46.72 -44.16 -45.69
N GLY BA 88 -47.69 -43.62 -44.95
CA GLY BA 88 -47.48 -42.38 -44.24
C GLY BA 88 -48.08 -41.15 -44.90
N GLU BA 89 -49.31 -41.25 -45.39
CA GLU BA 89 -50.03 -40.13 -46.00
C GLU BA 89 -51.26 -39.85 -45.14
N GLU BA 90 -51.15 -38.82 -44.29
CA GLU BA 90 -52.12 -38.63 -43.21
C GLU BA 90 -53.54 -38.43 -43.74
N GLY BA 91 -53.70 -37.54 -44.73
CA GLY BA 91 -55.03 -37.29 -45.26
C GLY BA 91 -55.61 -38.51 -45.94
N LEU BA 92 -54.78 -39.28 -46.65
CA LEU BA 92 -55.27 -40.47 -47.31
C LEU BA 92 -55.66 -41.52 -46.28
N VAL BA 93 -54.93 -41.60 -45.16
CA VAL BA 93 -55.30 -42.51 -44.08
C VAL BA 93 -56.63 -42.09 -43.46
N LYS BA 94 -56.83 -40.78 -43.29
CA LYS BA 94 -58.11 -40.29 -42.79
C LYS BA 94 -59.25 -40.71 -43.72
N LEU BA 95 -59.06 -40.52 -45.02
CA LEU BA 95 -60.08 -40.94 -45.98
C LEU BA 95 -60.30 -42.44 -45.91
N ALA BA 96 -59.23 -43.22 -45.70
CA ALA BA 96 -59.37 -44.66 -45.59
C ALA BA 96 -60.20 -45.05 -44.37
N ARG BA 97 -59.95 -44.40 -43.23
CA ARG BA 97 -60.74 -44.69 -42.03
C ARG BA 97 -62.22 -44.34 -42.24
N GLU BA 98 -62.49 -43.18 -42.84
CA GLU BA 98 -63.88 -42.82 -43.10
C GLU BA 98 -64.54 -43.80 -44.06
N VAL BA 99 -63.81 -44.24 -45.09
CA VAL BA 99 -64.34 -45.22 -46.02
C VAL BA 99 -64.62 -46.54 -45.28
N HIS BA 100 -63.72 -46.95 -44.40
CA HIS BA 100 -63.92 -48.16 -43.62
C HIS BA 100 -65.23 -48.10 -42.84
N GLU BA 101 -65.41 -47.03 -42.06
CA GLU BA 101 -66.60 -46.92 -41.23
C GLU BA 101 -67.87 -46.87 -42.07
N ARG BA 102 -67.91 -45.97 -43.05
CA ARG BA 102 -69.11 -45.79 -43.85
C ARG BA 102 -69.44 -47.05 -44.65
N SER BA 103 -68.42 -47.69 -45.24
CA SER BA 103 -68.64 -48.91 -46.00
C SER BA 103 -69.17 -50.02 -45.11
N PHE BA 104 -68.61 -50.17 -43.90
CA PHE BA 104 -69.13 -51.18 -42.99
C PHE BA 104 -70.60 -50.93 -42.68
N GLU BA 105 -70.95 -49.69 -42.32
CA GLU BA 105 -72.33 -49.40 -41.95
C GLU BA 105 -73.29 -49.61 -43.14
N LEU BA 106 -72.90 -49.13 -44.32
CA LEU BA 106 -73.77 -49.25 -45.48
C LEU BA 106 -73.92 -50.69 -45.94
N LEU BA 107 -72.83 -51.48 -45.88
CA LEU BA 107 -72.92 -52.88 -46.26
C LEU BA 107 -73.75 -53.67 -45.26
N ARG BA 108 -73.68 -53.33 -43.98
CA ARG BA 108 -74.59 -53.94 -43.01
C ARG BA 108 -76.03 -53.58 -43.33
N LYS BA 109 -76.30 -52.31 -43.64
CA LYS BA 109 -77.66 -51.90 -43.98
C LYS BA 109 -78.09 -52.46 -45.33
N GLY BA 110 -77.22 -52.37 -46.34
CA GLY BA 110 -77.54 -52.93 -47.64
C GLY BA 110 -77.31 -52.00 -48.82
N ASN BA 111 -76.65 -50.86 -48.57
CA ASN BA 111 -76.37 -49.89 -49.63
C ASN BA 111 -75.09 -50.30 -50.35
N ARG BA 112 -75.24 -51.23 -51.29
CA ARG BA 112 -74.09 -51.73 -52.04
C ARG BA 112 -73.46 -50.63 -52.90
N VAL BA 113 -74.29 -49.82 -53.56
CA VAL BA 113 -73.79 -48.86 -54.54
C VAL BA 113 -72.92 -47.80 -53.88
N GLU BA 114 -73.34 -47.29 -52.73
CA GLU BA 114 -72.56 -46.25 -52.06
C GLU BA 114 -71.24 -46.80 -51.53
N ALA BA 115 -71.24 -48.04 -51.03
CA ALA BA 115 -69.98 -48.66 -50.61
C ALA BA 115 -69.04 -48.83 -51.80
N LEU BA 116 -69.56 -49.26 -52.94
CA LEU BA 116 -68.74 -49.35 -54.14
C LEU BA 116 -68.18 -47.99 -54.52
N ALA BA 117 -69.01 -46.94 -54.44
CA ALA BA 117 -68.56 -45.59 -54.76
C ALA BA 117 -67.45 -45.15 -53.83
N LEU BA 118 -67.57 -45.43 -52.53
CA LEU BA 118 -66.53 -45.06 -51.59
C LEU BA 118 -65.23 -45.81 -51.86
N ILE BA 119 -65.33 -47.10 -52.19
CA ILE BA 119 -64.14 -47.89 -52.49
C ILE BA 119 -63.43 -47.32 -53.72
N LEU BA 120 -64.20 -47.01 -54.77
CA LEU BA 120 -63.61 -46.46 -55.98
C LEU BA 120 -63.01 -45.09 -55.73
N ALA BA 121 -63.66 -44.28 -54.89
CA ALA BA 121 -63.11 -42.97 -54.56
C ALA BA 121 -61.78 -43.11 -53.82
N LEU BA 122 -61.70 -44.07 -52.89
CA LEU BA 122 -60.43 -44.30 -52.20
C LEU BA 122 -59.34 -44.74 -53.17
N ALA BA 123 -59.68 -45.65 -54.09
CA ALA BA 123 -58.69 -46.10 -55.07
C ALA BA 123 -58.20 -44.94 -55.93
N LEU BA 124 -59.13 -44.10 -56.40
CA LEU BA 124 -58.74 -42.95 -57.20
C LEU BA 124 -57.88 -41.98 -56.39
N ALA BA 125 -58.20 -41.80 -55.11
CA ALA BA 125 -57.40 -40.91 -54.26
C ALA BA 125 -55.97 -41.42 -54.14
N VAL BA 126 -55.80 -42.73 -53.93
CA VAL BA 126 -54.46 -43.30 -53.85
C VAL BA 126 -53.71 -43.09 -55.16
N ALA BA 127 -54.38 -43.38 -56.28
CA ALA BA 127 -53.72 -43.26 -57.59
C ALA BA 127 -53.31 -41.82 -57.86
N LEU BA 128 -54.20 -40.86 -57.59
CA LEU BA 128 -53.89 -39.46 -57.85
C LEU BA 128 -52.80 -38.95 -56.92
N THR BA 129 -52.80 -39.40 -55.66
CA THR BA 129 -51.73 -39.02 -54.75
C THR BA 129 -50.37 -39.51 -55.27
N ALA BA 130 -50.31 -40.76 -55.70
CA ALA BA 130 -49.05 -41.29 -56.22
C ALA BA 130 -48.61 -40.54 -57.46
N VAL BA 131 -49.54 -40.31 -58.39
CA VAL BA 131 -49.19 -39.64 -59.64
C VAL BA 131 -48.72 -38.21 -59.37
N SER BA 132 -49.43 -37.48 -58.51
CA SER BA 132 -49.04 -36.10 -58.20
C SER BA 132 -47.69 -36.06 -57.50
N LYS BA 133 -47.43 -37.00 -56.59
CA LYS BA 133 -46.14 -37.05 -55.93
C LYS BA 133 -45.02 -37.28 -56.94
N ALA BA 134 -45.23 -38.22 -57.87
CA ALA BA 134 -44.21 -38.48 -58.90
C ALA BA 134 -43.99 -37.25 -59.76
N PHE BA 135 -45.07 -36.61 -60.20
CA PHE BA 135 -44.95 -35.44 -61.08
C PHE BA 135 -44.23 -34.29 -60.39
N PHE BA 136 -44.55 -34.04 -59.12
CA PHE BA 136 -43.87 -32.98 -58.40
C PHE BA 136 -42.40 -33.32 -58.15
N LEU BA 137 -42.10 -34.59 -57.84
CA LEU BA 137 -40.71 -34.97 -57.63
C LEU BA 137 -39.89 -34.80 -58.90
N LEU BA 138 -40.46 -35.15 -60.05
CA LEU BA 138 -39.75 -34.96 -61.32
C LEU BA 138 -39.48 -33.48 -61.57
N GLY BA 139 -40.48 -32.63 -61.34
CA GLY BA 139 -40.35 -31.21 -61.62
C GLY BA 139 -41.29 -30.76 -62.71
N GLN BA 140 -42.39 -31.50 -62.88
CA GLN BA 140 -43.30 -31.26 -63.97
C GLN BA 140 -44.06 -29.94 -63.76
N PRO BA 141 -44.50 -29.30 -64.84
CA PRO BA 141 -45.37 -28.12 -64.70
C PRO BA 141 -46.77 -28.52 -64.26
N ALA BA 142 -47.50 -27.52 -63.76
CA ALA BA 142 -48.83 -27.77 -63.21
C ALA BA 142 -49.84 -28.14 -64.29
N ARG BA 143 -49.57 -27.84 -65.55
CA ARG BA 143 -50.54 -28.09 -66.61
C ARG BA 143 -50.86 -29.57 -66.74
N LEU BA 144 -49.82 -30.41 -66.86
CA LEU BA 144 -50.04 -31.84 -67.04
C LEU BA 144 -50.73 -32.46 -65.83
N ILE BA 145 -50.34 -32.04 -64.63
CA ILE BA 145 -51.00 -32.52 -63.42
C ILE BA 145 -52.48 -32.17 -63.46
N ALA BA 146 -52.80 -30.93 -63.85
CA ALA BA 146 -54.18 -30.50 -63.91
C ALA BA 146 -54.99 -31.33 -64.90
N GLU BA 147 -54.46 -31.53 -66.11
CA GLU BA 147 -55.19 -32.31 -67.11
C GLU BA 147 -55.38 -33.75 -66.67
N TYR BA 148 -54.33 -34.37 -66.09
CA TYR BA 148 -54.46 -35.76 -65.67
C TYR BA 148 -55.48 -35.91 -64.54
N VAL BA 149 -55.44 -35.00 -63.55
CA VAL BA 149 -56.40 -35.07 -62.46
C VAL BA 149 -57.81 -34.88 -62.99
N GLY BA 150 -58.00 -33.91 -63.88
CA GLY BA 150 -59.33 -33.71 -64.47
C GLY BA 150 -59.82 -34.92 -65.23
N GLU BA 151 -58.94 -35.54 -66.03
CA GLU BA 151 -59.35 -36.71 -66.80
C GLU BA 151 -59.73 -37.88 -65.88
N LYS BA 152 -58.93 -38.12 -64.83
CA LYS BA 152 -59.25 -39.21 -63.91
C LYS BA 152 -60.55 -38.95 -63.17
N LEU BA 153 -60.77 -37.70 -62.74
CA LEU BA 153 -62.02 -37.37 -62.08
C LEU BA 153 -63.21 -37.54 -63.02
N LEU BA 154 -63.02 -37.19 -64.29
CA LEU BA 154 -64.09 -37.39 -65.28
C LEU BA 154 -64.40 -38.87 -65.45
N GLU BA 155 -63.37 -39.72 -65.52
CA GLU BA 155 -63.61 -41.16 -65.64
C GLU BA 155 -64.36 -41.70 -64.42
N LEU BA 156 -63.96 -41.28 -63.22
CA LEU BA 156 -64.65 -41.72 -62.02
C LEU BA 156 -66.09 -41.24 -62.01
N ARG BA 157 -66.33 -39.99 -62.43
CA ARG BA 157 -67.68 -39.47 -62.46
C ARG BA 157 -68.57 -40.25 -63.43
N ARG BA 158 -68.04 -40.57 -64.62
CA ARG BA 158 -68.80 -41.37 -65.57
C ARG BA 158 -69.11 -42.75 -65.00
N LEU BA 159 -68.13 -43.38 -64.36
CA LEU BA 159 -68.36 -44.71 -63.78
C LEU BA 159 -69.43 -44.66 -62.70
N LEU BA 160 -69.34 -43.67 -61.80
CA LEU BA 160 -70.32 -43.55 -60.72
C LEU BA 160 -71.71 -43.25 -61.25
N GLU BA 161 -71.81 -42.38 -62.26
CA GLU BA 161 -73.10 -42.11 -62.87
C GLU BA 161 -73.68 -43.36 -63.53
N LYS BA 162 -72.83 -44.17 -64.17
CA LYS BA 162 -73.30 -45.43 -64.73
C LYS BA 162 -73.78 -46.38 -63.63
N LEU BA 163 -73.10 -46.38 -62.48
CA LEU BA 163 -73.51 -47.25 -61.38
C LEU BA 163 -74.90 -46.88 -60.86
N GLY BA 164 -75.12 -45.61 -60.56
CA GLY BA 164 -76.41 -45.17 -60.09
C GLY BA 164 -76.36 -44.25 -58.89
N VAL BA 165 -75.15 -43.86 -58.47
CA VAL BA 165 -75.01 -42.97 -57.32
C VAL BA 165 -75.63 -41.62 -57.66
N PRO BA 166 -76.40 -41.00 -56.76
CA PRO BA 166 -76.94 -39.66 -57.04
C PRO BA 166 -75.84 -38.64 -57.21
N LEU BA 167 -76.12 -37.63 -58.04
CA LEU BA 167 -75.10 -36.67 -58.44
C LEU BA 167 -74.49 -35.92 -57.26
N PRO BA 168 -75.24 -35.37 -56.30
CA PRO BA 168 -74.60 -34.64 -55.19
C PRO BA 168 -73.59 -35.48 -54.43
N GLU BA 169 -73.88 -36.76 -54.20
CA GLU BA 169 -72.92 -37.62 -53.50
C GLU BA 169 -71.67 -37.85 -54.33
N VAL BA 170 -71.84 -38.02 -55.64
CA VAL BA 170 -70.69 -38.16 -56.53
C VAL BA 170 -69.80 -36.93 -56.43
N ILE BA 171 -70.41 -35.74 -56.49
CA ILE BA 171 -69.62 -34.52 -56.43
C ILE BA 171 -68.93 -34.39 -55.08
N ALA BA 172 -69.63 -34.73 -54.00
CA ALA BA 172 -69.01 -34.67 -52.67
C ALA BA 172 -67.81 -35.59 -52.58
N LEU BA 173 -67.92 -36.80 -53.14
CA LEU BA 173 -66.78 -37.70 -53.19
C LEU BA 173 -65.63 -37.11 -54.00
N LEU BA 174 -65.95 -36.45 -55.12
CA LEU BA 174 -64.90 -35.87 -55.95
C LEU BA 174 -64.14 -34.76 -55.21
N LEU BA 175 -64.86 -33.87 -54.52
CA LEU BA 175 -64.14 -32.89 -53.72
C LEU BA 175 -63.43 -33.51 -52.52
N ARG BA 176 -63.92 -34.64 -52.01
CA ARG BA 176 -63.14 -35.34 -50.98
C ARG BA 176 -61.80 -35.81 -51.53
N VAL BA 177 -61.81 -36.41 -52.72
CA VAL BA 177 -60.58 -36.85 -53.37
C VAL BA 177 -59.66 -35.65 -53.62
N LEU BA 178 -60.26 -34.54 -54.10
CA LEU BA 178 -59.46 -33.34 -54.38
C LEU BA 178 -58.87 -32.76 -53.09
N GLU BA 179 -59.62 -32.82 -52.00
CA GLU BA 179 -59.09 -32.38 -50.70
C GLU BA 179 -57.91 -33.24 -50.28
N VAL BA 180 -58.02 -34.55 -50.48
CA VAL BA 180 -56.90 -35.45 -50.15
C VAL BA 180 -55.67 -35.07 -50.98
N VAL BA 181 -55.87 -34.84 -52.29
CA VAL BA 181 -54.75 -34.50 -53.16
C VAL BA 181 -54.13 -33.17 -52.76
N GLU BA 182 -54.96 -32.18 -52.46
CA GLU BA 182 -54.44 -30.88 -52.04
C GLU BA 182 -53.67 -30.98 -50.74
N GLU BA 183 -54.18 -31.77 -49.79
CA GLU BA 183 -53.47 -31.95 -48.53
C GLU BA 183 -52.11 -32.59 -48.76
N SER BA 184 -52.07 -33.61 -49.62
CA SER BA 184 -50.80 -34.27 -49.94
C SER BA 184 -49.82 -33.29 -50.58
N LEU BA 185 -50.30 -32.49 -51.53
CA LEU BA 185 -49.43 -31.53 -52.20
C LEU BA 185 -48.91 -30.48 -51.24
N LYS BA 186 -49.78 -29.98 -50.36
CA LYS BA 186 -49.37 -28.98 -49.38
C LYS BA 186 -48.32 -29.55 -48.42
N ALA BA 187 -48.53 -30.79 -47.97
CA ALA BA 187 -47.58 -31.41 -47.05
C ALA BA 187 -46.25 -31.72 -47.70
N MET BA 188 -46.26 -32.05 -49.00
CA MET BA 188 -45.02 -32.39 -49.69
C MET BA 188 -44.07 -31.21 -49.78
N GLY BA 189 -44.58 -30.01 -50.07
CA GLY BA 189 -43.73 -28.84 -50.14
C GLY BA 189 -44.02 -27.90 -51.29
N MET BA 190 -45.03 -28.23 -52.10
CA MET BA 190 -45.36 -27.40 -53.25
C MET BA 190 -45.80 -26.01 -52.80
N GLU BA 191 -45.45 -25.01 -53.61
CA GLU BA 191 -45.87 -23.64 -53.33
C GLU BA 191 -47.38 -23.51 -53.49
N PRO BA 192 -48.03 -22.72 -52.63
CA PRO BA 192 -49.50 -22.66 -52.66
C PRO BA 192 -50.10 -22.25 -54.00
N ARG BA 193 -49.42 -21.41 -54.77
CA ARG BA 193 -50.02 -20.91 -56.01
C ARG BA 193 -50.27 -22.03 -57.00
N GLU BA 194 -49.32 -22.96 -57.16
CA GLU BA 194 -49.51 -24.07 -58.09
C GLU BA 194 -50.61 -25.00 -57.63
N ILE BA 195 -50.72 -25.25 -56.32
CA ILE BA 195 -51.79 -26.09 -55.79
C ILE BA 195 -53.14 -25.44 -56.08
N ASN BA 196 -53.24 -24.13 -55.85
CA ASN BA 196 -54.47 -23.42 -56.15
C ASN BA 196 -54.80 -23.50 -57.63
N ARG BA 197 -53.79 -23.38 -58.48
CA ARG BA 197 -54.00 -23.44 -59.92
C ARG BA 197 -54.55 -24.79 -60.36
N VAL BA 198 -53.95 -25.87 -59.85
CA VAL BA 198 -54.39 -27.20 -60.28
C VAL BA 198 -55.77 -27.52 -59.72
N LEU BA 199 -56.04 -27.13 -58.47
CA LEU BA 199 -57.37 -27.34 -57.91
C LEU BA 199 -58.43 -26.56 -58.69
N ALA BA 200 -58.12 -25.30 -59.04
CA ALA BA 200 -59.05 -24.50 -59.82
C ALA BA 200 -59.29 -25.12 -61.18
N ALA BA 201 -58.24 -25.64 -61.82
CA ALA BA 201 -58.41 -26.29 -63.12
C ALA BA 201 -59.30 -27.53 -63.00
N ALA BA 202 -59.12 -28.32 -61.93
CA ALA BA 202 -59.96 -29.50 -61.74
C ALA BA 202 -61.42 -29.11 -61.53
N TYR BA 203 -61.66 -28.10 -60.69
CA TYR BA 203 -63.04 -27.64 -60.50
C TYR BA 203 -63.62 -27.11 -61.80
N LEU BA 204 -62.81 -26.41 -62.60
CA LEU BA 204 -63.30 -25.85 -63.86
C LEU BA 204 -63.69 -26.93 -64.84
N THR BA 205 -62.86 -27.98 -64.97
CA THR BA 205 -63.22 -29.04 -65.92
C THR BA 205 -64.43 -29.83 -65.42
N LEU BA 206 -64.54 -30.05 -64.11
CA LEU BA 206 -65.73 -30.71 -63.57
C LEU BA 206 -66.99 -29.90 -63.86
N ALA BA 207 -66.93 -28.58 -63.63
CA ALA BA 207 -68.08 -27.73 -63.88
C ALA BA 207 -68.40 -27.67 -65.37
N ALA BA 208 -67.37 -27.64 -66.22
CA ALA BA 208 -67.60 -27.61 -67.66
C ALA BA 208 -68.31 -28.88 -68.13
N GLU BA 209 -67.88 -30.04 -67.63
CA GLU BA 209 -68.57 -31.29 -67.97
C GLU BA 209 -70.01 -31.26 -67.47
N LEU BA 210 -70.23 -30.78 -66.25
CA LEU BA 210 -71.58 -30.74 -65.70
C LEU BA 210 -72.48 -29.85 -66.54
N LEU BA 211 -71.98 -28.68 -66.96
CA LEU BA 211 -72.78 -27.79 -67.79
C LEU BA 211 -73.02 -28.38 -69.17
N GLU BA 212 -72.00 -29.00 -69.77
CA GLU BA 212 -72.16 -29.58 -71.10
C GLU BA 212 -73.16 -30.72 -71.11
N ARG BA 213 -73.26 -31.46 -69.99
CA ARG BA 213 -74.24 -32.54 -69.92
C ARG BA 213 -75.66 -32.02 -70.11
N LEU BA 214 -75.93 -30.79 -69.68
CA LEU BA 214 -77.26 -30.21 -69.76
C LEU BA 214 -77.53 -29.54 -71.10
N GLY BA 215 -76.54 -29.45 -71.98
CA GLY BA 215 -76.73 -28.86 -73.30
C GLY BA 215 -76.17 -27.46 -73.44
N LEU BA 216 -75.80 -26.80 -72.34
CA LEU BA 216 -75.22 -25.45 -72.40
C LEU BA 216 -73.77 -25.54 -72.87
N THR BA 217 -73.61 -25.84 -74.16
CA THR BA 217 -72.28 -26.05 -74.72
C THR BA 217 -71.46 -24.78 -74.81
N ALA BA 218 -72.07 -23.63 -75.09
CA ALA BA 218 -71.32 -22.39 -75.16
C ALA BA 218 -70.75 -21.99 -73.81
N LEU BA 219 -71.55 -22.14 -72.74
CA LEU BA 219 -71.05 -21.85 -71.40
C LEU BA 219 -69.90 -22.78 -71.03
N ALA BA 220 -70.03 -24.06 -71.37
CA ALA BA 220 -68.95 -25.01 -71.11
C ALA BA 220 -67.70 -24.62 -71.87
N ALA BA 221 -67.84 -24.21 -73.12
CA ALA BA 221 -66.68 -23.77 -73.91
C ALA BA 221 -66.03 -22.55 -73.28
N ARG BA 222 -66.83 -21.61 -72.78
CA ARG BA 222 -66.26 -20.45 -72.10
C ARG BA 222 -65.51 -20.86 -70.84
N ILE BA 223 -66.05 -21.83 -70.09
CA ILE BA 223 -65.36 -22.31 -68.90
C ILE BA 223 -64.03 -22.96 -69.26
N ARG BA 224 -64.02 -23.75 -70.34
CA ARG BA 224 -62.77 -24.37 -70.77
C ARG BA 224 -61.76 -23.32 -71.23
N ARG BA 225 -62.23 -22.28 -71.91
CA ARG BA 225 -61.34 -21.19 -72.29
C ARG BA 225 -60.74 -20.52 -71.06
N ALA BA 226 -61.57 -20.30 -70.02
CA ALA BA 226 -61.07 -19.71 -68.78
C ALA BA 226 -60.02 -20.61 -68.14
N ARG BA 227 -60.27 -21.93 -68.13
CA ARG BA 227 -59.28 -22.85 -67.56
C ARG BA 227 -57.97 -22.80 -68.34
N GLU BA 228 -58.05 -22.79 -69.67
CA GLU BA 228 -56.84 -22.75 -70.49
C GLU BA 228 -56.07 -21.46 -70.27
N LEU BA 229 -56.76 -20.33 -70.17
CA LEU BA 229 -56.07 -19.08 -69.87
C LEU BA 229 -55.47 -19.09 -68.47
N LEU BA 230 -56.12 -19.76 -67.52
CA LEU BA 230 -55.57 -19.87 -66.17
C LEU BA 230 -54.29 -20.69 -66.16
N LEU BA 231 -54.27 -21.80 -66.91
CA LEU BA 231 -53.12 -22.68 -66.92
C LEU BA 231 -51.91 -22.07 -67.62
N ALA BA 232 -52.09 -21.02 -68.41
CA ALA BA 232 -51.00 -20.39 -69.16
C ALA BA 232 -50.40 -19.20 -68.43
N GLY BA 233 -50.82 -18.93 -67.20
CA GLY BA 233 -50.32 -17.81 -66.45
C GLY BA 233 -51.16 -16.54 -66.57
N ARG BA 234 -52.11 -16.50 -67.50
CA ARG BA 234 -53.00 -15.37 -67.69
C ARG BA 234 -54.11 -15.46 -66.65
N VAL BA 235 -53.84 -14.94 -65.45
CA VAL BA 235 -54.71 -15.16 -64.31
C VAL BA 235 -55.91 -14.22 -64.35
N GLU BA 236 -55.67 -12.91 -64.54
CA GLU BA 236 -56.75 -11.94 -64.43
C GLU BA 236 -57.78 -12.09 -65.54
N GLU BA 237 -57.34 -12.39 -66.76
CA GLU BA 237 -58.27 -12.58 -67.85
C GLU BA 237 -59.16 -13.80 -67.61
N ALA BA 238 -58.57 -14.89 -67.11
CA ALA BA 238 -59.36 -16.06 -66.75
C ALA BA 238 -60.33 -15.73 -65.62
N LEU BA 239 -59.88 -14.93 -64.65
CA LEU BA 239 -60.76 -14.49 -63.56
C LEU BA 239 -61.98 -13.76 -64.10
N HIS BA 240 -61.77 -12.80 -64.99
CA HIS BA 240 -62.90 -12.04 -65.53
C HIS BA 240 -63.80 -12.91 -66.40
N LEU BA 241 -63.22 -13.81 -67.20
CA LEU BA 241 -64.04 -14.72 -67.98
C LEU BA 241 -64.91 -15.58 -67.08
N LEU BA 242 -64.33 -16.09 -66.00
CA LEU BA 242 -65.09 -16.90 -65.05
C LEU BA 242 -66.20 -16.08 -64.39
N GLN BA 243 -65.91 -14.82 -64.04
CA GLN BA 243 -66.93 -13.98 -63.42
C GLN BA 243 -68.09 -13.73 -64.38
N ASP BA 244 -67.79 -13.44 -65.65
CA ASP BA 244 -68.85 -13.24 -66.63
C ASP BA 244 -69.68 -14.50 -66.82
N ALA BA 245 -69.01 -15.66 -66.90
CA ALA BA 245 -69.73 -16.92 -66.99
C ALA BA 245 -70.61 -17.15 -65.77
N VAL BA 246 -70.12 -16.76 -64.59
CA VAL BA 246 -70.89 -16.92 -63.37
C VAL BA 246 -72.15 -16.05 -63.40
N GLU BA 247 -72.02 -14.80 -63.86
CA GLU BA 247 -73.19 -13.95 -63.96
C GLU BA 247 -74.20 -14.50 -64.96
N LEU BA 248 -73.72 -15.03 -66.09
CA LEU BA 248 -74.65 -15.60 -67.06
C LEU BA 248 -75.35 -16.83 -66.50
N LEU BA 249 -74.61 -17.67 -65.77
CA LEU BA 249 -75.20 -18.85 -65.14
C LEU BA 249 -76.23 -18.45 -64.09
N HIS BA 250 -75.94 -17.40 -63.32
CA HIS BA 250 -76.91 -16.91 -62.34
C HIS BA 250 -78.17 -16.40 -63.03
N GLU BA 251 -78.00 -15.69 -64.14
CA GLU BA 251 -79.15 -15.23 -64.90
C GLU BA 251 -80.01 -16.40 -65.35
N ARG BA 252 -79.38 -17.43 -65.91
CA ARG BA 252 -80.14 -18.61 -66.35
C ARG BA 252 -80.82 -19.31 -65.18
N ILE BA 253 -80.12 -19.43 -64.06
CA ILE BA 253 -80.67 -20.14 -62.90
C ILE BA 253 -81.89 -19.40 -62.35
N ARG BA 254 -81.78 -18.08 -62.21
CA ARG BA 254 -82.89 -17.30 -61.69
C ARG BA 254 -84.01 -17.12 -62.71
N GLU BA 255 -83.73 -17.32 -64.00
CA GLU BA 255 -84.82 -17.35 -64.97
C GLU BA 255 -85.56 -18.68 -64.92
N LEU BA 256 -84.85 -19.77 -64.68
CA LEU BA 256 -85.50 -21.09 -64.61
C LEU BA 256 -86.44 -21.19 -63.42
N GLY BA 257 -86.03 -20.69 -62.27
CA GLY BA 257 -86.85 -20.75 -61.08
C GLY BA 257 -86.43 -21.88 -60.15
N PHE BA 258 -87.42 -22.57 -59.57
CA PHE BA 258 -87.17 -23.68 -58.67
C PHE BA 258 -87.10 -25.03 -59.39
N GLU BA 259 -87.30 -25.05 -60.70
CA GLU BA 259 -87.20 -26.27 -61.49
C GLU BA 259 -85.82 -26.43 -62.12
N ALA BA 260 -84.82 -25.75 -61.58
CA ALA BA 260 -83.47 -25.83 -62.14
C ALA BA 260 -82.87 -27.21 -61.83
N PRO BA 261 -82.39 -27.93 -62.84
CA PRO BA 261 -81.75 -29.23 -62.57
C PRO BA 261 -80.53 -29.06 -61.68
N GLU BA 262 -80.22 -30.13 -60.94
CA GLU BA 262 -79.12 -30.10 -59.99
C GLU BA 262 -77.78 -29.79 -60.66
N GLU BA 263 -77.67 -30.03 -61.96
CA GLU BA 263 -76.43 -29.74 -62.68
C GLU BA 263 -76.08 -28.27 -62.57
N LEU BA 264 -77.07 -27.38 -62.73
CA LEU BA 264 -76.80 -25.95 -62.67
C LEU BA 264 -76.31 -25.53 -61.30
N LEU BA 265 -76.96 -26.03 -60.23
CA LEU BA 265 -76.55 -25.64 -58.88
C LEU BA 265 -75.17 -26.18 -58.54
N LEU BA 266 -74.89 -27.45 -58.89
CA LEU BA 266 -73.58 -28.01 -58.61
C LEU BA 266 -72.49 -27.29 -59.39
N ALA BA 267 -72.76 -26.97 -60.66
CA ALA BA 267 -71.81 -26.21 -61.44
C ALA BA 267 -71.59 -24.82 -60.86
N ASP BA 268 -72.65 -24.19 -60.36
CA ASP BA 268 -72.51 -22.88 -59.73
C ASP BA 268 -71.61 -22.96 -58.51
N LEU BA 269 -71.82 -23.96 -57.65
CA LEU BA 269 -70.98 -24.10 -56.47
C LEU BA 269 -69.52 -24.36 -56.85
N LEU BA 270 -69.29 -25.23 -57.84
CA LEU BA 270 -67.93 -25.51 -58.28
C LEU BA 270 -67.28 -24.26 -58.85
N LEU BA 271 -68.03 -23.48 -59.63
CA LEU BA 271 -67.49 -22.25 -60.19
C LEU BA 271 -67.16 -21.22 -59.12
N GLN BA 272 -67.98 -21.15 -58.07
CA GLN BA 272 -67.66 -20.24 -56.97
C GLN BA 272 -66.39 -20.67 -56.24
N ARG BA 273 -66.23 -21.98 -56.00
CA ARG BA 273 -64.99 -22.44 -55.37
C ARG BA 273 -63.79 -22.14 -56.26
N ALA BA 274 -63.92 -22.36 -57.56
CA ALA BA 274 -62.84 -22.05 -58.49
C ALA BA 274 -62.54 -20.56 -58.50
N LEU BA 275 -63.58 -19.72 -58.42
CA LEU BA 275 -63.39 -18.28 -58.38
C LEU BA 275 -62.60 -17.87 -57.15
N GLU BA 276 -62.97 -18.42 -55.98
CA GLU BA 276 -62.23 -18.11 -54.76
C GLU BA 276 -60.78 -18.57 -54.85
N LEU BA 277 -60.56 -19.77 -55.40
CA LEU BA 277 -59.20 -20.27 -55.53
C LEU BA 277 -58.37 -19.41 -56.46
N ILE BA 278 -58.95 -18.98 -57.59
CA ILE BA 278 -58.23 -18.13 -58.53
C ILE BA 278 -57.94 -16.77 -57.92
N SER BA 279 -58.90 -16.22 -57.16
CA SER BA 279 -58.68 -14.94 -56.50
C SER BA 279 -57.55 -15.05 -55.47
N SER BA 280 -57.50 -16.16 -54.74
CA SER BA 280 -56.44 -16.35 -53.75
C SER BA 280 -55.07 -16.58 -54.38
N ILE BA 281 -55.00 -16.82 -55.68
CA ILE BA 281 -53.72 -17.05 -56.35
C ILE BA 281 -52.86 -15.80 -56.29
N THR CA 24 -106.50 -29.43 -25.98
CA THR CA 24 -106.72 -28.88 -24.64
C THR CA 24 -105.71 -27.77 -24.35
N VAL CA 25 -104.57 -27.83 -25.05
CA VAL CA 25 -103.51 -26.81 -25.01
C VAL CA 25 -102.79 -26.85 -23.67
N GLU CA 26 -103.53 -26.80 -22.57
CA GLU CA 26 -102.90 -26.85 -21.25
C GLU CA 26 -102.18 -28.17 -21.03
N GLU CA 27 -102.89 -29.29 -21.27
CA GLU CA 27 -102.28 -30.60 -21.15
C GLU CA 27 -101.01 -30.69 -21.97
N GLU CA 28 -100.99 -30.02 -23.12
CA GLU CA 28 -99.74 -29.92 -23.89
C GLU CA 28 -98.66 -29.25 -23.07
N VAL CA 29 -99.01 -28.24 -22.26
CA VAL CA 29 -97.99 -27.53 -21.48
C VAL CA 29 -97.41 -28.44 -20.40
N ILE CA 30 -98.27 -29.10 -19.62
CA ILE CA 30 -97.72 -29.97 -18.56
C ILE CA 30 -96.96 -31.14 -19.17
N ARG CA 31 -97.49 -31.73 -20.25
CA ARG CA 31 -96.76 -32.80 -20.92
C ARG CA 31 -95.44 -32.31 -21.47
N PHE CA 32 -95.38 -31.06 -21.96
CA PHE CA 32 -94.12 -30.51 -22.43
C PHE CA 32 -93.10 -30.43 -21.32
N ALA CA 33 -93.53 -29.94 -20.14
CA ALA CA 33 -92.60 -29.85 -19.02
C ALA CA 33 -92.10 -31.22 -18.59
N GLU CA 34 -93.03 -32.19 -18.45
CA GLU CA 34 -92.64 -33.53 -18.01
C GLU CA 34 -91.75 -34.21 -19.04
N GLU CA 35 -92.08 -34.10 -20.33
CA GLU CA 35 -91.27 -34.71 -21.37
C GLU CA 35 -89.89 -34.06 -21.45
N LEU CA 36 -89.81 -32.74 -21.23
CA LEU CA 36 -88.52 -32.08 -21.21
C LEU CA 36 -87.64 -32.62 -20.09
N ALA CA 37 -88.22 -32.76 -18.89
CA ALA CA 37 -87.46 -33.30 -17.76
C ALA CA 37 -87.03 -34.74 -18.05
N GLU CA 38 -87.93 -35.54 -18.62
CA GLU CA 38 -87.59 -36.92 -18.96
C GLU CA 38 -86.50 -36.97 -20.02
N GLU CA 39 -86.49 -36.02 -20.95
CA GLU CA 39 -85.44 -35.98 -21.96
C GLU CA 39 -84.09 -35.63 -21.36
N ILE CA 40 -84.06 -34.69 -20.40
CA ILE CA 40 -82.81 -34.44 -19.70
C ILE CA 40 -82.34 -35.70 -18.98
N ARG CA 41 -83.26 -36.42 -18.34
CA ARG CA 41 -82.89 -37.67 -17.66
C ARG CA 41 -82.35 -38.69 -18.65
N ARG CA 42 -82.96 -38.79 -19.84
CA ARG CA 42 -82.51 -39.74 -20.83
C ARG CA 42 -81.11 -39.41 -21.35
N VAL CA 43 -80.89 -38.14 -21.72
CA VAL CA 43 -79.61 -37.77 -22.33
C VAL CA 43 -78.49 -37.81 -21.30
N THR CA 44 -78.75 -37.36 -20.07
CA THR CA 44 -77.70 -37.26 -19.06
C THR CA 44 -77.81 -38.28 -17.94
N GLY CA 45 -79.00 -38.43 -17.36
CA GLY CA 45 -79.15 -39.33 -16.23
C GLY CA 45 -79.29 -38.60 -14.91
N GLU CA 46 -78.36 -38.85 -13.99
CA GLU CA 46 -78.37 -38.20 -12.69
C GLU CA 46 -77.12 -37.36 -12.47
N ALA CA 47 -76.32 -37.14 -13.52
CA ALA CA 47 -75.19 -36.23 -13.41
C ALA CA 47 -75.62 -34.77 -13.39
N TYR CA 48 -76.73 -34.43 -14.06
CA TYR CA 48 -77.30 -33.09 -14.06
C TYR CA 48 -78.74 -33.23 -13.54
N ARG CA 49 -78.89 -33.18 -12.22
CA ARG CA 49 -80.20 -33.33 -11.60
C ARG CA 49 -80.80 -32.00 -11.16
N GLU CA 50 -79.98 -31.00 -10.86
CA GLU CA 50 -80.50 -29.67 -10.54
C GLU CA 50 -81.28 -29.08 -11.70
N TYR CA 51 -80.82 -29.34 -12.93
CA TYR CA 51 -81.54 -28.86 -14.10
C TYR CA 51 -82.91 -29.51 -14.20
N ALA CA 52 -82.99 -30.82 -13.94
CA ALA CA 52 -84.29 -31.49 -13.95
C ALA CA 52 -85.20 -30.96 -12.85
N GLU CA 53 -84.62 -30.69 -11.67
CA GLU CA 53 -85.40 -30.09 -10.58
C GLU CA 53 -85.96 -28.73 -10.99
N ALA CA 54 -85.12 -27.90 -11.62
CA ALA CA 54 -85.58 -26.58 -12.06
C ALA CA 54 -86.67 -26.70 -13.12
N VAL CA 55 -86.51 -27.64 -14.05
CA VAL CA 55 -87.52 -27.81 -15.10
C VAL CA 55 -88.84 -28.27 -14.50
N ARG CA 56 -88.81 -29.19 -13.53
CA ARG CA 56 -90.04 -29.62 -12.89
C ARG CA 56 -90.68 -28.49 -12.09
N HIS CA 57 -89.86 -27.67 -11.42
CA HIS CA 57 -90.39 -26.51 -10.71
C HIS CA 57 -91.07 -25.54 -11.67
N LEU CA 58 -90.44 -25.28 -12.82
CA LEU CA 58 -91.04 -24.38 -13.81
C LEU CA 58 -92.31 -24.98 -14.40
N GLY CA 59 -92.37 -26.30 -14.56
CA GLY CA 59 -93.61 -26.93 -14.98
C GLY CA 59 -94.71 -26.76 -13.94
N GLU CA 60 -94.36 -26.89 -12.67
CA GLU CA 60 -95.34 -26.64 -11.61
C GLU CA 60 -95.82 -25.19 -11.64
N ALA CA 61 -94.91 -24.25 -11.88
CA ALA CA 61 -95.30 -22.85 -11.99
C ALA CA 61 -96.23 -22.62 -13.16
N ALA CA 62 -95.93 -23.23 -14.31
CA ALA CA 62 -96.79 -23.10 -15.47
C ALA CA 62 -98.17 -23.70 -15.21
N LYS CA 63 -98.22 -24.80 -14.46
CA LYS CA 63 -99.50 -25.36 -14.05
C LYS CA 63 -100.25 -24.39 -13.15
N ALA CA 64 -99.54 -23.75 -12.22
CA ALA CA 64 -100.18 -22.85 -11.26
C ALA CA 64 -100.74 -21.61 -11.95
N VAL CA 65 -100.05 -21.12 -12.98
CA VAL CA 65 -100.53 -19.95 -13.72
C VAL CA 65 -101.89 -20.25 -14.33
N LEU CA 66 -102.08 -21.45 -14.86
CA LEU CA 66 -103.26 -21.78 -15.65
C LEU CA 66 -104.52 -21.97 -14.80
N GLU CA 67 -104.39 -22.05 -13.47
CA GLU CA 67 -105.56 -22.17 -12.61
C GLU CA 67 -106.03 -20.85 -12.03
N GLY CA 68 -105.19 -19.81 -12.05
CA GLY CA 68 -105.59 -18.53 -11.54
C GLY CA 68 -104.66 -17.98 -10.47
N ASN CA 69 -104.02 -18.88 -9.71
CA ASN CA 69 -103.10 -18.47 -8.67
C ASN CA 69 -101.87 -17.82 -9.29
N SER CA 70 -101.69 -16.52 -9.05
CA SER CA 70 -100.61 -15.76 -9.66
C SER CA 70 -99.48 -15.41 -8.70
N VAL CA 71 -99.61 -15.72 -7.41
CA VAL CA 71 -98.54 -15.45 -6.46
C VAL CA 71 -97.67 -16.69 -6.25
N GLU CA 72 -98.29 -17.87 -6.24
CA GLU CA 72 -97.52 -19.11 -6.17
C GLU CA 72 -96.57 -19.23 -7.35
N ALA CA 73 -96.99 -18.74 -8.52
CA ALA CA 73 -96.09 -18.73 -9.68
C ALA CA 73 -94.87 -17.88 -9.42
N ASP CA 74 -95.06 -16.69 -8.83
CA ASP CA 74 -93.93 -15.83 -8.50
C ASP CA 74 -93.00 -16.49 -7.49
N LEU CA 75 -93.58 -17.13 -6.47
CA LEU CA 75 -92.76 -17.80 -5.47
C LEU CA 75 -91.95 -18.93 -6.09
N ILE CA 76 -92.58 -19.71 -6.98
CA ILE CA 76 -91.87 -20.82 -7.61
C ILE CA 76 -90.79 -20.30 -8.54
N VAL CA 77 -91.05 -19.19 -9.24
CA VAL CA 77 -90.01 -18.61 -10.10
C VAL CA 77 -88.83 -18.12 -9.27
N THR CA 78 -89.10 -17.54 -8.10
CA THR CA 78 -88.00 -17.14 -7.23
C THR CA 78 -87.21 -18.36 -6.73
N ASP CA 79 -87.91 -19.45 -6.43
CA ASP CA 79 -87.22 -20.68 -6.04
C ASP CA 79 -86.32 -21.18 -7.16
N VAL CA 80 -86.82 -21.17 -8.40
CA VAL CA 80 -86.01 -21.56 -9.55
C VAL CA 80 -84.82 -20.62 -9.71
N LEU CA 81 -85.03 -19.33 -9.47
CA LEU CA 81 -83.94 -18.37 -9.57
C LEU CA 81 -82.85 -18.69 -8.55
N ARG CA 82 -83.25 -19.03 -7.32
CA ARG CA 82 -82.27 -19.41 -6.31
C ARG CA 82 -81.52 -20.68 -6.72
N LEU CA 83 -82.24 -21.66 -7.27
CA LEU CA 83 -81.59 -22.89 -7.72
C LEU CA 83 -80.55 -22.61 -8.80
N LEU CA 84 -80.93 -21.78 -9.78
CA LEU CA 84 -80.01 -21.44 -10.87
C LEU CA 84 -78.84 -20.59 -10.36
N GLU CA 85 -79.07 -19.76 -9.35
CA GLU CA 85 -77.97 -19.02 -8.74
C GLU CA 85 -77.00 -19.96 -8.05
N ARG CA 86 -77.51 -21.01 -7.41
CA ARG CA 86 -76.64 -22.02 -6.82
C ARG CA 86 -75.89 -22.80 -7.90
N ILE CA 87 -76.53 -23.05 -9.04
CA ILE CA 87 -75.89 -23.80 -10.12
C ILE CA 87 -74.67 -23.05 -10.65
N GLY CA 88 -74.84 -21.76 -10.97
CA GLY CA 88 -73.73 -20.95 -11.41
C GLY CA 88 -73.62 -20.74 -12.90
N GLU CA 89 -74.74 -20.47 -13.56
CA GLU CA 89 -74.76 -20.17 -15.00
C GLU CA 89 -75.26 -18.73 -15.16
N GLU CA 90 -74.33 -17.81 -15.43
CA GLU CA 90 -74.62 -16.38 -15.34
C GLU CA 90 -75.73 -15.97 -16.30
N GLY CA 91 -75.62 -16.36 -17.57
CA GLY CA 91 -76.64 -15.97 -18.54
C GLY CA 91 -78.00 -16.54 -18.21
N LEU CA 92 -78.04 -17.78 -17.72
CA LEU CA 92 -79.31 -18.39 -17.38
C LEU CA 92 -79.94 -17.69 -16.18
N VAL CA 93 -79.12 -17.29 -15.20
CA VAL CA 93 -79.62 -16.52 -14.07
C VAL CA 93 -80.16 -15.17 -14.53
N LYS CA 94 -79.46 -14.53 -15.47
CA LYS CA 94 -79.96 -13.27 -16.03
C LYS CA 94 -81.33 -13.46 -16.67
N LEU CA 95 -81.47 -14.49 -17.50
CA LEU CA 95 -82.76 -14.78 -18.11
C LEU CA 95 -83.81 -15.07 -17.06
N ALA CA 96 -83.43 -15.75 -15.98
CA ALA CA 96 -84.37 -16.04 -14.90
C ALA CA 96 -84.86 -14.75 -14.24
N ARG CA 97 -83.95 -13.80 -14.01
CA ARG CA 97 -84.36 -12.53 -13.42
C ARG CA 97 -85.32 -11.77 -14.33
N GLU CA 98 -85.01 -11.70 -15.63
CA GLU CA 98 -85.92 -11.03 -16.55
C GLU CA 98 -87.27 -11.72 -16.60
N VAL CA 99 -87.28 -13.06 -16.60
CA VAL CA 99 -88.53 -13.79 -16.59
C VAL CA 99 -89.32 -13.49 -15.33
N HIS CA 100 -88.64 -13.45 -14.17
CA HIS CA 100 -89.30 -13.11 -12.92
C HIS CA 100 -90.01 -11.76 -13.01
N GLU CA 101 -89.26 -10.73 -13.41
CA GLU CA 101 -89.83 -9.38 -13.45
C GLU CA 101 -90.99 -9.29 -14.44
N ARG CA 102 -90.75 -9.74 -15.68
CA ARG CA 102 -91.79 -9.62 -16.71
C ARG CA 102 -93.02 -10.45 -16.36
N SER CA 103 -92.81 -11.67 -15.85
CA SER CA 103 -93.94 -12.52 -15.49
C SER CA 103 -94.75 -11.89 -14.35
N PHE CA 104 -94.07 -11.33 -13.35
CA PHE CA 104 -94.79 -10.66 -12.28
C PHE CA 104 -95.65 -9.52 -12.82
N GLU CA 105 -95.05 -8.65 -13.64
CA GLU CA 105 -95.79 -7.51 -14.16
C GLU CA 105 -96.97 -7.94 -15.03
N LEU CA 106 -96.74 -8.91 -15.92
CA LEU CA 106 -97.81 -9.34 -16.82
C LEU CA 106 -98.92 -10.07 -16.07
N LEU CA 107 -98.56 -10.88 -15.07
CA LEU CA 107 -99.58 -11.57 -14.29
C LEU CA 107 -100.39 -10.59 -13.44
N ARG CA 108 -99.75 -9.53 -12.93
CA ARG CA 108 -100.51 -8.48 -12.27
C ARG CA 108 -101.46 -7.80 -13.24
N LYS CA 109 -100.97 -7.49 -14.46
CA LYS CA 109 -101.84 -6.86 -15.45
C LYS CA 109 -102.90 -7.83 -15.96
N GLY CA 110 -102.52 -9.07 -16.26
CA GLY CA 110 -103.47 -10.06 -16.71
C GLY CA 110 -103.08 -10.82 -17.96
N ASN CA 111 -101.82 -10.65 -18.40
CA ASN CA 111 -101.33 -11.34 -19.60
C ASN CA 111 -100.84 -12.73 -19.21
N ARG CA 112 -101.80 -13.66 -19.15
CA ARG CA 112 -101.48 -15.04 -18.80
C ARG CA 112 -100.58 -15.70 -19.85
N VAL CA 113 -100.91 -15.49 -21.12
CA VAL CA 113 -100.25 -16.23 -22.20
C VAL CA 113 -98.77 -15.87 -22.29
N GLU CA 114 -98.45 -14.59 -22.15
CA GLU CA 114 -97.04 -14.18 -22.26
C GLU CA 114 -96.23 -14.68 -21.06
N ALA CA 115 -96.82 -14.69 -19.87
CA ALA CA 115 -96.13 -15.27 -18.71
C ALA CA 115 -95.89 -16.76 -18.92
N LEU CA 116 -96.88 -17.48 -19.45
CA LEU CA 116 -96.68 -18.89 -19.77
C LEU CA 116 -95.55 -19.07 -20.78
N ALA CA 117 -95.52 -18.22 -21.80
CA ALA CA 117 -94.47 -18.31 -22.81
C ALA CA 117 -93.10 -18.08 -22.20
N LEU CA 118 -92.98 -17.09 -21.31
CA LEU CA 118 -91.70 -16.83 -20.66
C LEU CA 118 -91.26 -18.00 -19.79
N ILE CA 119 -92.21 -18.59 -19.06
CA ILE CA 119 -91.88 -19.74 -18.21
C ILE CA 119 -91.39 -20.91 -19.06
N LEU CA 120 -92.09 -21.18 -20.16
CA LEU CA 120 -91.67 -22.27 -21.05
C LEU CA 120 -90.33 -21.99 -21.68
N ALA CA 121 -90.07 -20.74 -22.07
CA ALA CA 121 -88.78 -20.39 -22.64
C ALA CA 121 -87.66 -20.59 -21.62
N LEU CA 122 -87.90 -20.22 -20.36
CA LEU CA 122 -86.90 -20.45 -19.33
C LEU CA 122 -86.64 -21.94 -19.13
N ALA CA 123 -87.70 -22.75 -19.11
CA ALA CA 123 -87.51 -24.19 -18.95
C ALA CA 123 -86.70 -24.78 -20.10
N LEU CA 124 -87.03 -24.37 -21.33
CA LEU CA 124 -86.28 -24.84 -22.49
C LEU CA 124 -84.82 -24.40 -22.42
N ALA CA 125 -84.58 -23.17 -21.96
CA ALA CA 125 -83.20 -22.69 -21.82
C ALA CA 125 -82.42 -23.55 -20.84
N VAL CA 126 -83.03 -23.87 -19.70
CA VAL CA 126 -82.35 -24.73 -18.71
C VAL CA 126 -82.03 -26.09 -19.32
N ALA CA 127 -83.03 -26.71 -19.97
CA ALA CA 127 -82.84 -28.04 -20.52
C ALA CA 127 -81.76 -28.04 -21.60
N LEU CA 128 -81.79 -27.05 -22.49
CA LEU CA 128 -80.81 -26.99 -23.57
C LEU CA 128 -79.42 -26.71 -23.04
N THR CA 129 -79.31 -25.87 -22.01
CA THR CA 129 -78.00 -25.62 -21.40
C THR CA 129 -77.43 -26.91 -20.82
N ALA CA 130 -78.25 -27.66 -20.09
CA ALA CA 130 -77.78 -28.92 -19.51
C ALA CA 130 -77.36 -29.90 -20.60
N VAL CA 131 -78.19 -30.05 -21.64
CA VAL CA 131 -77.90 -31.01 -22.69
C VAL CA 131 -76.63 -30.61 -23.45
N SER CA 132 -76.47 -29.32 -23.77
CA SER CA 132 -75.29 -28.88 -24.48
C SER CA 132 -74.02 -29.06 -23.64
N LYS CA 133 -74.10 -28.77 -22.35
CA LYS CA 133 -72.95 -28.98 -21.48
C LYS CA 133 -72.57 -30.44 -21.43
N ALA CA 134 -73.56 -31.33 -21.32
CA ALA CA 134 -73.27 -32.76 -21.30
C ALA CA 134 -72.64 -33.22 -22.62
N PHE CA 135 -73.18 -32.74 -23.74
CA PHE CA 135 -72.67 -33.13 -25.05
C PHE CA 135 -71.23 -32.66 -25.24
N PHE CA 136 -70.93 -31.42 -24.84
CA PHE CA 136 -69.55 -30.95 -24.96
C PHE CA 136 -68.61 -31.70 -24.03
N LEU CA 137 -69.07 -32.02 -22.81
CA LEU CA 137 -68.22 -32.75 -21.88
C LEU CA 137 -67.90 -34.14 -22.42
N LEU CA 138 -68.88 -34.83 -23.01
CA LEU CA 138 -68.62 -36.13 -23.61
C LEU CA 138 -67.61 -36.02 -24.75
N GLY CA 139 -67.80 -35.03 -25.63
CA GLY CA 139 -66.91 -34.84 -26.76
C GLY CA 139 -67.62 -35.02 -28.09
N GLN CA 140 -68.93 -34.86 -28.09
CA GLN CA 140 -69.72 -35.09 -29.29
C GLN CA 140 -69.43 -34.01 -30.34
N PRO CA 141 -69.60 -34.33 -31.61
CA PRO CA 141 -69.48 -33.30 -32.66
C PRO CA 141 -70.71 -32.41 -32.69
N ALA CA 142 -70.58 -31.30 -33.41
CA ALA CA 142 -71.59 -30.25 -33.40
C ALA CA 142 -72.89 -30.66 -34.09
N ARG CA 143 -72.87 -31.73 -34.90
CA ARG CA 143 -74.05 -32.07 -35.69
C ARG CA 143 -75.23 -32.44 -34.82
N LEU CA 144 -75.03 -33.37 -33.87
CA LEU CA 144 -76.15 -33.82 -33.04
C LEU CA 144 -76.61 -32.71 -32.10
N ILE CA 145 -75.67 -31.91 -31.59
CA ILE CA 145 -76.06 -30.77 -30.76
C ILE CA 145 -76.97 -29.83 -31.53
N ALA CA 146 -76.58 -29.50 -32.77
CA ALA CA 146 -77.39 -28.60 -33.58
C ALA CA 146 -78.76 -29.20 -33.88
N GLU CA 147 -78.80 -30.49 -34.22
CA GLU CA 147 -80.08 -31.13 -34.53
C GLU CA 147 -81.00 -31.15 -33.31
N TYR CA 148 -80.47 -31.48 -32.13
CA TYR CA 148 -81.28 -31.50 -30.93
C TYR CA 148 -81.79 -30.12 -30.56
N VAL CA 149 -80.92 -29.10 -30.67
CA VAL CA 149 -81.34 -27.73 -30.36
C VAL CA 149 -82.44 -27.30 -31.31
N GLY CA 150 -82.27 -27.58 -32.61
CA GLY CA 150 -83.30 -27.22 -33.57
C GLY CA 150 -84.62 -27.93 -33.30
N GLU CA 151 -84.57 -29.22 -32.98
CA GLU CA 151 -85.80 -29.96 -32.71
C GLU CA 151 -86.52 -29.40 -31.48
N LYS CA 152 -85.77 -29.11 -30.41
CA LYS CA 152 -86.40 -28.57 -29.21
C LYS CA 152 -86.99 -27.19 -29.47
N LEU CA 153 -86.29 -26.35 -30.22
CA LEU CA 153 -86.82 -25.04 -30.57
C LEU CA 153 -88.07 -25.17 -31.42
N LEU CA 154 -88.10 -26.14 -32.33
CA LEU CA 154 -89.31 -26.38 -33.12
C LEU CA 154 -90.48 -26.80 -32.25
N GLU CA 155 -90.24 -27.69 -31.27
CA GLU CA 155 -91.31 -28.10 -30.38
C GLU CA 155 -91.84 -26.92 -29.57
N LEU CA 156 -90.94 -26.09 -29.05
CA LEU CA 156 -91.38 -24.91 -28.30
C LEU CA 156 -92.16 -23.95 -29.18
N ARG CA 157 -91.71 -23.76 -30.43
CA ARG CA 157 -92.42 -22.88 -31.35
C ARG CA 157 -93.83 -23.38 -31.64
N ARG CA 158 -93.97 -24.69 -31.87
CA ARG CA 158 -95.29 -25.25 -32.10
C ARG CA 158 -96.18 -25.07 -30.88
N LEU CA 159 -95.64 -25.32 -29.68
CA LEU CA 159 -96.44 -25.15 -28.46
C LEU CA 159 -96.90 -23.71 -28.30
N LEU CA 160 -95.98 -22.75 -28.49
CA LEU CA 160 -96.33 -21.34 -28.33
C LEU CA 160 -97.35 -20.90 -29.37
N GLU CA 161 -97.19 -21.35 -30.61
CA GLU CA 161 -98.17 -21.02 -31.65
C GLU CA 161 -99.52 -21.62 -31.33
N LYS CA 162 -99.56 -22.80 -30.72
CA LYS CA 162 -100.84 -23.37 -30.28
C LYS CA 162 -101.43 -22.55 -29.15
N LEU CA 163 -100.60 -22.02 -28.26
CA LEU CA 163 -101.10 -21.19 -27.17
C LEU CA 163 -101.74 -19.91 -27.68
N GLY CA 164 -101.04 -19.16 -28.52
CA GLY CA 164 -101.59 -17.94 -29.07
C GLY CA 164 -100.64 -16.76 -29.05
N VAL CA 165 -99.39 -16.99 -28.64
CA VAL CA 165 -98.42 -15.90 -28.58
C VAL CA 165 -98.15 -15.38 -29.99
N PRO CA 166 -98.10 -14.07 -30.21
CA PRO CA 166 -97.79 -13.56 -31.55
C PRO CA 166 -96.40 -14.00 -32.00
N LEU CA 167 -96.28 -14.16 -33.32
CA LEU CA 167 -95.05 -14.75 -33.89
C LEU CA 167 -93.79 -13.96 -33.57
N PRO CA 168 -93.74 -12.63 -33.73
CA PRO CA 168 -92.49 -11.92 -33.40
C PRO CA 168 -92.02 -12.14 -31.97
N GLU CA 169 -92.94 -12.19 -31.01
CA GLU CA 169 -92.55 -12.45 -29.63
C GLU CA 169 -92.00 -13.86 -29.47
N VAL CA 170 -92.61 -14.83 -30.16
CA VAL CA 170 -92.10 -16.21 -30.13
C VAL CA 170 -90.66 -16.23 -30.65
N ILE CA 171 -90.42 -15.58 -31.77
CA ILE CA 171 -89.08 -15.57 -32.34
C ILE CA 171 -88.09 -14.89 -31.40
N ALA CA 172 -88.49 -13.76 -30.80
CA ALA CA 172 -87.60 -13.07 -29.87
C ALA CA 172 -87.26 -13.96 -28.69
N LEU CA 173 -88.23 -14.71 -28.18
CA LEU CA 173 -87.95 -15.67 -27.11
C LEU CA 173 -86.98 -16.76 -27.58
N LEU CA 174 -87.14 -17.22 -28.82
CA LEU CA 174 -86.26 -18.27 -29.33
C LEU CA 174 -84.81 -17.79 -29.43
N LEU CA 175 -84.59 -16.58 -29.95
CA LEU CA 175 -83.21 -16.07 -29.95
C LEU CA 175 -82.74 -15.69 -28.55
N ARG CA 176 -83.64 -15.39 -27.61
CA ARG CA 176 -83.19 -15.24 -26.23
C ARG CA 176 -82.63 -16.55 -25.68
N VAL CA 177 -83.35 -17.64 -25.91
CA VAL CA 177 -82.88 -18.97 -25.51
C VAL CA 177 -81.56 -19.29 -26.19
N LEU CA 178 -81.47 -18.99 -27.49
CA LEU CA 178 -80.24 -19.26 -28.24
C LEU CA 178 -79.08 -18.43 -27.73
N GLU CA 179 -79.34 -17.18 -27.32
CA GLU CA 179 -78.30 -16.34 -26.74
C GLU CA 179 -77.81 -16.95 -25.44
N VAL CA 180 -78.73 -17.44 -24.61
CA VAL CA 180 -78.34 -18.09 -23.36
C VAL CA 180 -77.46 -19.30 -23.64
N VAL CA 181 -77.87 -20.14 -24.60
CA VAL CA 181 -77.11 -21.33 -24.94
C VAL CA 181 -75.72 -20.96 -25.47
N GLU CA 182 -75.66 -19.95 -26.33
CA GLU CA 182 -74.38 -19.52 -26.89
C GLU CA 182 -73.45 -19.00 -25.79
N GLU CA 183 -73.99 -18.23 -24.85
CA GLU CA 183 -73.18 -17.72 -23.75
C GLU CA 183 -72.65 -18.87 -22.90
N SER CA 184 -73.50 -19.87 -22.63
CA SER CA 184 -73.06 -21.03 -21.87
C SER CA 184 -71.94 -21.77 -22.60
N LEU CA 185 -72.11 -21.96 -23.91
CA LEU CA 185 -71.09 -22.65 -24.69
C LEU CA 185 -69.77 -21.88 -24.70
N LYS CA 186 -69.85 -20.56 -24.88
CA LYS CA 186 -68.65 -19.73 -24.89
C LYS CA 186 -67.93 -19.78 -23.56
N ALA CA 187 -68.67 -19.70 -22.45
CA ALA CA 187 -68.05 -19.68 -21.14
C ALA CA 187 -67.51 -21.05 -20.73
N MET CA 188 -68.13 -22.13 -21.21
CA MET CA 188 -67.72 -23.45 -20.77
C MET CA 188 -66.37 -23.87 -21.39
N GLY CA 189 -66.11 -23.45 -22.63
CA GLY CA 189 -64.82 -23.74 -23.23
C GLY CA 189 -64.82 -24.09 -24.70
N MET CA 190 -65.99 -24.11 -25.33
CA MET CA 190 -66.08 -24.46 -26.75
C MET CA 190 -65.34 -23.44 -27.61
N GLU CA 191 -64.72 -23.92 -28.69
CA GLU CA 191 -64.08 -23.04 -29.64
C GLU CA 191 -65.13 -22.26 -30.42
N PRO CA 192 -64.85 -20.99 -30.76
CA PRO CA 192 -65.88 -20.14 -31.37
C PRO CA 192 -66.49 -20.71 -32.66
N ARG CA 193 -65.71 -21.41 -33.48
CA ARG CA 193 -66.21 -21.87 -34.77
C ARG CA 193 -67.37 -22.85 -34.61
N GLU CA 194 -67.26 -23.78 -33.66
CA GLU CA 194 -68.34 -24.73 -33.43
C GLU CA 194 -69.60 -24.05 -32.91
N ILE CA 195 -69.44 -23.07 -32.03
CA ILE CA 195 -70.60 -22.33 -31.53
C ILE CA 195 -71.28 -21.59 -32.66
N ASN CA 196 -70.49 -20.95 -33.53
CA ASN CA 196 -71.06 -20.28 -34.69
C ASN CA 196 -71.79 -21.27 -35.59
N ARG CA 197 -71.21 -22.45 -35.78
CA ARG CA 197 -71.83 -23.46 -36.64
C ARG CA 197 -73.18 -23.91 -36.08
N VAL CA 198 -73.23 -24.19 -34.76
CA VAL CA 198 -74.48 -24.69 -34.20
C VAL CA 198 -75.54 -23.60 -34.17
N LEU CA 199 -75.15 -22.36 -33.87
CA LEU CA 199 -76.11 -21.25 -33.89
C LEU CA 199 -76.65 -21.03 -35.30
N ALA CA 200 -75.76 -21.10 -36.30
CA ALA CA 200 -76.20 -20.94 -37.68
C ALA CA 200 -77.15 -22.06 -38.08
N ALA CA 201 -76.86 -23.29 -37.66
CA ALA CA 201 -77.75 -24.41 -37.98
C ALA CA 201 -79.13 -24.22 -37.34
N ALA CA 202 -79.15 -23.75 -36.09
CA ALA CA 202 -80.43 -23.51 -35.42
C ALA CA 202 -81.22 -22.42 -36.13
N TYR CA 203 -80.56 -21.33 -36.49
CA TYR CA 203 -81.23 -20.27 -37.24
C TYR CA 203 -81.74 -20.78 -38.58
N LEU CA 204 -80.95 -21.62 -39.25
CA LEU CA 204 -81.35 -22.15 -40.54
C LEU CA 204 -82.57 -23.04 -40.44
N THR CA 205 -82.62 -23.92 -39.45
CA THR CA 205 -83.80 -24.79 -39.33
C THR CA 205 -85.03 -23.98 -38.92
N LEU CA 206 -84.86 -22.97 -38.06
CA LEU CA 206 -85.98 -22.12 -37.71
C LEU CA 206 -86.52 -21.38 -38.93
N ALA CA 207 -85.62 -20.82 -39.75
CA ALA CA 207 -86.04 -20.11 -40.94
C ALA CA 207 -86.67 -21.04 -41.96
N ALA CA 208 -86.14 -22.27 -42.07
CA ALA CA 208 -86.71 -23.25 -42.99
C ALA CA 208 -88.13 -23.61 -42.59
N GLU CA 209 -88.38 -23.82 -41.29
CA GLU CA 209 -89.74 -24.08 -40.84
C GLU CA 209 -90.64 -22.88 -41.11
N LEU CA 210 -90.14 -21.67 -40.84
CA LEU CA 210 -90.96 -20.48 -41.06
C LEU CA 210 -91.35 -20.34 -42.52
N LEU CA 211 -90.40 -20.57 -43.44
CA LEU CA 211 -90.70 -20.49 -44.86
C LEU CA 211 -91.64 -21.60 -45.30
N GLU CA 212 -91.44 -22.82 -44.80
CA GLU CA 212 -92.29 -23.94 -45.20
C GLU CA 212 -93.72 -23.73 -44.73
N ARG CA 213 -93.92 -23.07 -43.59
CA ARG CA 213 -95.27 -22.81 -43.12
C ARG CA 213 -96.08 -22.00 -44.13
N LEU CA 214 -95.42 -21.12 -44.89
CA LEU CA 214 -96.08 -20.27 -45.86
C LEU CA 214 -96.29 -20.94 -47.22
N GLY CA 215 -95.76 -22.15 -47.40
CA GLY CA 215 -95.94 -22.88 -48.65
C GLY CA 215 -94.74 -22.88 -49.57
N LEU CA 216 -93.74 -22.04 -49.31
CA LEU CA 216 -92.52 -21.99 -50.12
C LEU CA 216 -91.63 -23.18 -49.76
N THR CA 217 -92.07 -24.37 -50.19
CA THR CA 217 -91.38 -25.60 -49.82
C THR CA 217 -90.01 -25.75 -50.50
N ALA CA 218 -89.88 -25.28 -51.74
CA ALA CA 218 -88.59 -25.40 -52.42
C ALA CA 218 -87.52 -24.52 -51.77
N LEU CA 219 -87.89 -23.31 -51.36
CA LEU CA 219 -86.95 -22.46 -50.66
C LEU CA 219 -86.53 -23.07 -49.33
N ALA CA 220 -87.49 -23.65 -48.60
CA ALA CA 220 -87.17 -24.34 -47.37
C ALA CA 220 -86.23 -25.52 -47.60
N ALA CA 221 -86.47 -26.27 -48.69
CA ALA CA 221 -85.58 -27.38 -49.03
C ALA CA 221 -84.17 -26.89 -49.33
N ARG CA 222 -84.05 -25.76 -50.03
CA ARG CA 222 -82.73 -25.20 -50.30
C ARG CA 222 -82.05 -24.77 -49.01
N ILE CA 223 -82.81 -24.19 -48.07
CA ILE CA 223 -82.24 -23.80 -46.79
C ILE CA 223 -81.75 -25.02 -46.02
N ARG CA 224 -82.54 -26.10 -46.04
CA ARG CA 224 -82.11 -27.34 -45.38
C ARG CA 224 -80.86 -27.90 -46.03
N ARG CA 225 -80.77 -27.85 -47.37
CA ARG CA 225 -79.56 -28.29 -48.04
C ARG CA 225 -78.36 -27.46 -47.61
N ALA CA 226 -78.54 -26.14 -47.50
CA ALA CA 226 -77.45 -25.28 -47.04
C ALA CA 226 -77.03 -25.65 -45.62
N ARG CA 227 -78.00 -25.90 -44.74
CA ARG CA 227 -77.67 -26.30 -43.38
C ARG CA 227 -76.90 -27.61 -43.34
N GLU CA 228 -77.34 -28.59 -44.14
CA GLU CA 228 -76.65 -29.88 -44.16
C GLU CA 228 -75.23 -29.75 -44.69
N LEU CA 229 -75.04 -28.94 -45.74
CA LEU CA 229 -73.68 -28.70 -46.22
C LEU CA 229 -72.84 -27.97 -45.19
N LEU CA 230 -73.45 -27.07 -44.41
CA LEU CA 230 -72.72 -26.38 -43.36
C LEU CA 230 -72.26 -27.34 -42.27
N LEU CA 231 -73.14 -28.26 -41.86
CA LEU CA 231 -72.80 -29.19 -40.80
C LEU CA 231 -71.77 -30.23 -41.22
N ALA CA 232 -71.55 -30.41 -42.52
CA ALA CA 232 -70.61 -31.40 -43.02
C ALA CA 232 -69.22 -30.84 -43.26
N GLY CA 233 -68.97 -29.58 -42.88
CA GLY CA 233 -67.69 -28.95 -43.08
C GLY CA 233 -67.56 -28.16 -44.37
N ARG CA 234 -68.55 -28.25 -45.26
CA ARG CA 234 -68.54 -27.51 -46.52
C ARG CA 234 -69.11 -26.12 -46.26
N VAL CA 235 -68.23 -25.17 -45.96
CA VAL CA 235 -68.65 -23.86 -45.49
C VAL CA 235 -69.01 -22.94 -46.66
N GLU CA 236 -68.12 -22.84 -47.65
CA GLU CA 236 -68.31 -21.87 -48.73
C GLU CA 236 -69.51 -22.23 -49.61
N GLU CA 237 -69.71 -23.52 -49.87
CA GLU CA 237 -70.85 -23.94 -50.67
C GLU CA 237 -72.16 -23.60 -49.98
N ALA CA 238 -72.24 -23.86 -48.67
CA ALA CA 238 -73.42 -23.48 -47.91
C ALA CA 238 -73.60 -21.98 -47.88
N LEU CA 239 -72.49 -21.24 -47.78
CA LEU CA 239 -72.56 -19.78 -47.81
C LEU CA 239 -73.20 -19.29 -49.11
N HIS CA 240 -72.73 -19.81 -50.25
CA HIS CA 240 -73.27 -19.36 -51.53
C HIS CA 240 -74.72 -19.80 -51.72
N LEU CA 241 -75.06 -21.02 -51.29
CA LEU CA 241 -76.44 -21.46 -51.38
C LEU CA 241 -77.35 -20.55 -50.56
N LEU CA 242 -76.91 -20.19 -49.35
CA LEU CA 242 -77.68 -19.28 -48.51
C LEU CA 242 -77.81 -17.90 -49.14
N GLN CA 243 -76.74 -17.40 -49.75
CA GLN CA 243 -76.81 -16.09 -50.39
C GLN CA 243 -77.80 -16.10 -51.56
N ASP CA 244 -77.76 -17.15 -52.38
CA ASP CA 244 -78.72 -17.24 -53.48
C ASP CA 244 -80.16 -17.33 -52.96
N ALA CA 245 -80.37 -18.12 -51.90
CA ALA CA 245 -81.70 -18.19 -51.30
C ALA CA 245 -82.14 -16.84 -50.77
N VAL CA 246 -81.21 -16.08 -50.18
CA VAL CA 246 -81.54 -14.76 -49.65
C VAL CA 246 -81.94 -13.81 -50.78
N GLU CA 247 -81.20 -13.83 -51.90
CA GLU CA 247 -81.58 -12.97 -53.02
C GLU CA 247 -82.95 -13.34 -53.57
N LEU CA 248 -83.23 -14.65 -53.68
CA LEU CA 248 -84.54 -15.04 -54.20
C LEU CA 248 -85.65 -14.65 -53.22
N LEU CA 249 -85.41 -14.79 -51.92
CA LEU CA 249 -86.38 -14.35 -50.91
C LEU CA 249 -86.61 -12.85 -50.99
N HIS CA 250 -85.53 -12.08 -51.19
CA HIS CA 250 -85.69 -10.63 -51.35
C HIS CA 250 -86.50 -10.31 -52.59
N GLU CA 251 -86.27 -11.04 -53.68
CA GLU CA 251 -87.08 -10.84 -54.89
C GLU CA 251 -88.56 -11.06 -54.60
N ARG CA 252 -88.88 -12.17 -53.92
CA ARG CA 252 -90.28 -12.44 -53.60
C ARG CA 252 -90.86 -11.38 -52.67
N ILE CA 253 -90.08 -10.95 -51.68
CA ILE CA 253 -90.58 -9.97 -50.70
C ILE CA 253 -90.88 -8.64 -51.38
N ARG CA 254 -89.95 -8.17 -52.21
CA ARG CA 254 -90.17 -6.92 -52.92
C ARG CA 254 -91.18 -7.05 -54.04
N GLU CA 255 -91.48 -8.27 -54.49
CA GLU CA 255 -92.60 -8.45 -55.40
C GLU CA 255 -93.94 -8.33 -54.68
N LEU CA 256 -94.03 -8.89 -53.47
CA LEU CA 256 -95.28 -8.80 -52.72
C LEU CA 256 -95.58 -7.37 -52.29
N GLY CA 257 -94.58 -6.67 -51.77
CA GLY CA 257 -94.75 -5.28 -51.37
C GLY CA 257 -94.98 -5.17 -49.86
N PHE CA 258 -96.01 -4.40 -49.48
CA PHE CA 258 -96.35 -4.18 -48.09
C PHE CA 258 -97.35 -5.18 -47.54
N GLU CA 259 -97.79 -6.14 -48.37
CA GLU CA 259 -98.69 -7.20 -47.91
C GLU CA 259 -97.94 -8.50 -47.63
N ALA CA 260 -96.62 -8.43 -47.44
CA ALA CA 260 -95.85 -9.61 -47.16
C ALA CA 260 -96.14 -10.12 -45.75
N PRO CA 261 -96.51 -11.37 -45.58
CA PRO CA 261 -96.74 -11.90 -44.23
C PRO CA 261 -95.48 -11.83 -43.38
N GLU CA 262 -95.68 -11.76 -42.06
CA GLU CA 262 -94.56 -11.64 -41.12
C GLU CA 262 -93.59 -12.81 -41.23
N GLU CA 263 -94.04 -13.95 -41.75
CA GLU CA 263 -93.16 -15.10 -41.89
C GLU CA 263 -91.96 -14.78 -42.78
N LEU CA 264 -92.20 -14.11 -43.90
CA LEU CA 264 -91.11 -13.78 -44.82
C LEU CA 264 -90.10 -12.84 -44.18
N LEU CA 265 -90.57 -11.81 -43.47
CA LEU CA 265 -89.65 -10.86 -42.86
C LEU CA 265 -88.85 -11.51 -41.74
N LEU CA 266 -89.50 -12.32 -40.89
CA LEU CA 266 -88.77 -12.98 -39.82
C LEU CA 266 -87.77 -13.98 -40.38
N ALA CA 267 -88.15 -14.72 -41.42
CA ALA CA 267 -87.22 -15.64 -42.07
C ALA CA 267 -86.04 -14.89 -42.68
N ASP CA 268 -86.31 -13.73 -43.28
CA ASP CA 268 -85.21 -12.94 -43.85
C ASP CA 268 -84.24 -12.48 -42.77
N LEU CA 269 -84.76 -12.02 -41.63
CA LEU CA 269 -83.88 -11.60 -40.55
C LEU CA 269 -83.06 -12.77 -40.02
N LEU CA 270 -83.70 -13.93 -39.83
CA LEU CA 270 -82.98 -15.10 -39.36
C LEU CA 270 -81.92 -15.54 -40.36
N LEU CA 271 -82.23 -15.47 -41.65
CA LEU CA 271 -81.26 -15.83 -42.68
C LEU CA 271 -80.10 -14.85 -42.70
N GLN CA 272 -80.34 -13.57 -42.46
CA GLN CA 272 -79.24 -12.62 -42.39
C GLN CA 272 -78.34 -12.92 -41.19
N ARG CA 273 -78.93 -13.23 -40.04
CA ARG CA 273 -78.10 -13.60 -38.89
C ARG CA 273 -77.29 -14.86 -39.17
N ALA CA 274 -77.91 -15.86 -39.81
CA ALA CA 274 -77.20 -17.08 -40.17
C ALA CA 274 -76.08 -16.79 -41.17
N LEU CA 275 -76.34 -15.89 -42.12
CA LEU CA 275 -75.31 -15.51 -43.09
C LEU CA 275 -74.12 -14.87 -42.40
N GLU CA 276 -74.39 -13.95 -41.47
CA GLU CA 276 -73.30 -13.32 -40.73
C GLU CA 276 -72.50 -14.35 -39.94
N LEU CA 277 -73.20 -15.26 -39.24
CA LEU CA 277 -72.52 -16.26 -38.43
C LEU CA 277 -71.68 -17.20 -39.31
N ILE CA 278 -72.22 -17.62 -40.46
CA ILE CA 278 -71.48 -18.50 -41.35
C ILE CA 278 -70.26 -17.79 -41.91
N SER CA 279 -70.40 -16.52 -42.29
CA SER CA 279 -69.27 -15.77 -42.81
C SER CA 279 -68.18 -15.61 -41.75
N SER CA 280 -68.58 -15.43 -40.49
CA SER CA 280 -67.60 -15.27 -39.42
C SER CA 280 -66.89 -16.57 -39.06
N ILE CA 281 -67.34 -17.71 -39.57
CA ILE CA 281 -66.71 -18.99 -39.28
C ILE CA 281 -65.30 -19.02 -39.85
N THR DA 24 -104.57 29.83 -32.79
CA THR DA 24 -104.07 31.14 -32.39
C THR DA 24 -102.56 31.25 -32.61
N VAL DA 25 -101.89 30.09 -32.57
CA VAL DA 25 -100.47 29.95 -32.88
C VAL DA 25 -99.58 30.55 -31.79
N GLU DA 26 -99.80 31.83 -31.45
CA GLU DA 26 -98.96 32.47 -30.44
C GLU DA 26 -99.12 31.80 -29.07
N GLU DA 27 -100.37 31.68 -28.62
CA GLU DA 27 -100.62 31.02 -27.33
C GLU DA 27 -100.02 29.63 -27.30
N GLU DA 28 -99.97 28.96 -28.46
CA GLU DA 28 -99.21 27.72 -28.52
C GLU DA 28 -97.75 27.93 -28.17
N VAL DA 29 -97.17 29.06 -28.58
CA VAL DA 29 -95.75 29.31 -28.29
C VAL DA 29 -95.53 29.55 -26.80
N ILE DA 30 -96.32 30.42 -26.18
CA ILE DA 30 -96.10 30.65 -24.75
C ILE DA 30 -96.44 29.40 -23.94
N ARG DA 31 -97.50 28.69 -24.30
CA ARG DA 31 -97.80 27.43 -23.62
C ARG DA 31 -96.69 26.42 -23.80
N PHE DA 32 -96.06 26.38 -24.98
CA PHE DA 32 -94.94 25.47 -25.19
C PHE DA 32 -93.79 25.81 -24.24
N ALA DA 33 -93.47 27.10 -24.11
CA ALA DA 33 -92.39 27.49 -23.20
C ALA DA 33 -92.72 27.11 -21.76
N GLU DA 34 -93.92 27.44 -21.30
CA GLU DA 34 -94.30 27.15 -19.92
C GLU DA 34 -94.36 25.64 -19.67
N GLU DA 35 -94.91 24.87 -20.61
CA GLU DA 35 -94.98 23.43 -20.44
C GLU DA 35 -93.59 22.82 -20.46
N LEU DA 36 -92.67 23.35 -21.27
CA LEU DA 36 -91.30 22.84 -21.26
C LEU DA 36 -90.65 23.07 -19.91
N ALA DA 37 -90.83 24.27 -19.34
CA ALA DA 37 -90.27 24.54 -18.02
C ALA DA 37 -90.88 23.63 -16.97
N GLU DA 38 -92.20 23.44 -17.02
CA GLU DA 38 -92.87 22.56 -16.06
C GLU DA 38 -92.41 21.12 -16.21
N GLU DA 39 -92.16 20.68 -17.44
CA GLU DA 39 -91.65 19.32 -17.67
C GLU DA 39 -90.25 19.17 -17.08
N ILE DA 40 -89.40 20.18 -17.24
CA ILE DA 40 -88.09 20.13 -16.57
C ILE DA 40 -88.27 20.00 -15.07
N ARG DA 41 -89.19 20.78 -14.50
CA ARG DA 41 -89.42 20.72 -13.06
C ARG DA 41 -89.91 19.33 -12.64
N ARG DA 42 -90.82 18.74 -13.41
CA ARG DA 42 -91.33 17.41 -13.08
C ARG DA 42 -90.25 16.35 -13.16
N VAL DA 43 -89.44 16.39 -14.22
CA VAL DA 43 -88.43 15.35 -14.42
C VAL DA 43 -87.32 15.46 -13.38
N THR DA 44 -86.87 16.68 -13.09
CA THR DA 44 -85.74 16.86 -12.19
C THR DA 44 -86.11 17.43 -10.83
N GLY DA 45 -86.90 18.50 -10.79
CA GLY DA 45 -87.23 19.13 -9.53
C GLY DA 45 -86.56 20.48 -9.36
N GLU DA 46 -85.70 20.60 -8.35
CA GLU DA 46 -84.96 21.84 -8.11
C GLU DA 46 -83.45 21.61 -8.15
N ALA DA 47 -83.01 20.46 -8.64
CA ALA DA 47 -81.58 20.23 -8.83
C ALA DA 47 -81.05 20.93 -10.06
N TYR DA 48 -81.88 21.11 -11.10
CA TYR DA 48 -81.53 21.84 -12.31
C TYR DA 48 -82.52 22.99 -12.44
N ARG DA 49 -82.21 24.11 -11.80
CA ARG DA 49 -83.08 25.27 -11.81
C ARG DA 49 -82.61 26.36 -12.77
N GLU DA 50 -81.30 26.44 -13.03
CA GLU DA 50 -80.81 27.39 -14.01
C GLU DA 50 -81.36 27.11 -15.39
N TYR DA 51 -81.53 25.81 -15.73
CA TYR DA 51 -82.10 25.45 -17.01
C TYR DA 51 -83.55 25.91 -17.12
N ALA DA 52 -84.33 25.75 -16.05
CA ALA DA 52 -85.70 26.25 -16.05
C ALA DA 52 -85.73 27.77 -16.16
N GLU DA 53 -84.81 28.45 -15.47
CA GLU DA 53 -84.72 29.90 -15.58
C GLU DA 53 -84.44 30.32 -17.03
N ALA DA 54 -83.49 29.64 -17.68
CA ALA DA 54 -83.17 29.95 -19.06
C ALA DA 54 -84.35 29.69 -19.99
N VAL DA 55 -85.07 28.59 -19.76
CA VAL DA 55 -86.23 28.28 -20.59
C VAL DA 55 -87.31 29.34 -20.43
N ARG DA 56 -87.56 29.79 -19.20
CA ARG DA 56 -88.55 30.82 -18.97
C ARG DA 56 -88.11 32.15 -19.59
N HIS DA 57 -86.82 32.46 -19.52
CA HIS DA 57 -86.32 33.67 -20.17
C HIS DA 57 -86.50 33.61 -21.68
N LEU DA 58 -86.21 32.46 -22.29
CA LEU DA 58 -86.41 32.32 -23.72
C LEU DA 58 -87.88 32.39 -24.10
N GLY DA 59 -88.76 31.85 -23.26
CA GLY DA 59 -90.19 32.03 -23.49
C GLY DA 59 -90.61 33.49 -23.44
N GLU DA 60 -90.04 34.24 -22.48
CA GLU DA 60 -90.32 35.67 -22.41
C GLU DA 60 -89.82 36.38 -23.66
N ALA DA 61 -88.64 36.00 -24.15
CA ALA DA 61 -88.13 36.59 -25.39
C ALA DA 61 -89.03 36.28 -26.57
N ALA DA 62 -89.49 35.03 -26.67
CA ALA DA 62 -90.40 34.65 -27.76
C ALA DA 62 -91.70 35.43 -27.67
N LYS DA 63 -92.21 35.64 -26.46
CA LYS DA 63 -93.39 36.49 -26.29
C LYS DA 63 -93.11 37.92 -26.74
N ALA DA 64 -91.94 38.45 -26.39
CA ALA DA 64 -91.60 39.82 -26.74
C ALA DA 64 -91.49 40.00 -28.25
N VAL DA 65 -90.96 39.00 -28.95
CA VAL DA 65 -90.83 39.08 -30.40
C VAL DA 65 -92.20 39.27 -31.06
N LEU DA 66 -93.22 38.60 -30.54
CA LEU DA 66 -94.50 38.48 -31.23
C LEU DA 66 -95.31 39.77 -31.26
N GLU DA 67 -94.96 40.79 -30.47
CA GLU DA 67 -95.67 42.06 -30.54
C GLU DA 67 -95.00 43.07 -31.46
N GLY DA 68 -93.68 43.02 -31.59
CA GLY DA 68 -92.98 43.93 -32.47
C GLY DA 68 -91.69 44.47 -31.87
N ASN DA 69 -91.62 44.50 -30.54
CA ASN DA 69 -90.42 44.98 -29.85
C ASN DA 69 -89.28 44.00 -30.10
N SER DA 70 -88.25 44.45 -30.82
CA SER DA 70 -87.18 43.59 -31.27
C SER DA 70 -85.87 43.77 -30.51
N VAL DA 71 -85.78 44.75 -29.62
CA VAL DA 71 -84.54 44.97 -28.87
C VAL DA 71 -84.57 44.24 -27.53
N GLU DA 72 -85.72 44.23 -26.87
CA GLU DA 72 -85.86 43.46 -25.63
C GLU DA 72 -85.59 41.99 -25.86
N ALA DA 73 -85.95 41.48 -27.04
CA ALA DA 73 -85.62 40.09 -27.38
C ALA DA 73 -84.12 39.88 -27.42
N ASP DA 74 -83.38 40.81 -28.03
CA ASP DA 74 -81.92 40.69 -28.06
C ASP DA 74 -81.34 40.76 -26.65
N LEU DA 75 -81.86 41.65 -25.81
CA LEU DA 75 -81.35 41.74 -24.44
C LEU DA 75 -81.61 40.46 -23.67
N ILE DA 76 -82.80 39.87 -23.84
CA ILE DA 76 -83.12 38.64 -23.13
C ILE DA 76 -82.27 37.49 -23.65
N VAL DA 77 -82.01 37.44 -24.96
CA VAL DA 77 -81.15 36.39 -25.50
C VAL DA 77 -79.74 36.52 -24.96
N THR DA 78 -79.24 37.76 -24.81
CA THR DA 78 -77.93 37.94 -24.20
C THR DA 78 -77.93 37.51 -22.73
N ASP DA 79 -79.02 37.77 -22.01
CA ASP DA 79 -79.12 37.30 -20.64
C ASP DA 79 -79.06 35.78 -20.57
N VAL DA 80 -79.79 35.11 -21.47
CA VAL DA 80 -79.76 33.65 -21.53
C VAL DA 80 -78.36 33.17 -21.87
N LEU DA 81 -77.66 33.88 -22.76
CA LEU DA 81 -76.29 33.52 -23.09
C LEU DA 81 -75.39 33.62 -21.87
N ARG DA 82 -75.56 34.67 -21.06
CA ARG DA 82 -74.77 34.78 -19.84
C ARG DA 82 -75.09 33.65 -18.87
N LEU DA 83 -76.37 33.30 -18.73
CA LEU DA 83 -76.74 32.21 -17.84
C LEU DA 83 -76.11 30.89 -18.30
N LEU DA 84 -76.17 30.61 -19.60
CA LEU DA 84 -75.58 29.38 -20.13
C LEU DA 84 -74.05 29.40 -20.02
N GLU DA 85 -73.44 30.57 -20.14
CA GLU DA 85 -72.00 30.67 -19.93
C GLU DA 85 -71.64 30.37 -18.50
N ARG DA 86 -72.47 30.81 -17.55
CA ARG DA 86 -72.24 30.47 -16.15
C ARG DA 86 -72.46 28.98 -15.90
N ILE DA 87 -73.41 28.36 -16.61
CA ILE DA 87 -73.69 26.95 -16.42
C ILE DA 87 -72.48 26.11 -16.82
N GLY DA 88 -71.94 26.35 -18.02
CA GLY DA 88 -70.74 25.66 -18.45
C GLY DA 88 -70.98 24.51 -19.41
N GLU DA 89 -71.85 24.70 -20.40
CA GLU DA 89 -72.13 23.71 -21.42
C GLU DA 89 -71.66 24.29 -22.76
N GLU DA 90 -70.50 23.84 -23.23
CA GLU DA 90 -69.82 24.50 -24.34
C GLU DA 90 -70.67 24.51 -25.61
N GLY DA 91 -71.21 23.35 -25.99
CA GLY DA 91 -72.03 23.30 -27.20
C GLY DA 91 -73.29 24.13 -27.09
N LEU DA 92 -73.90 24.13 -25.91
CA LEU DA 92 -75.10 24.92 -25.71
C LEU DA 92 -74.80 26.42 -25.81
N VAL DA 93 -73.65 26.84 -25.26
CA VAL DA 93 -73.24 28.24 -25.39
C VAL DA 93 -72.97 28.59 -26.85
N LYS DA 94 -72.35 27.68 -27.59
CA LYS DA 94 -72.12 27.91 -29.01
C LYS DA 94 -73.45 28.11 -29.75
N LEU DA 95 -74.41 27.22 -29.50
CA LEU DA 95 -75.72 27.37 -30.12
C LEU DA 95 -76.38 28.69 -29.70
N ALA DA 96 -76.18 29.09 -28.45
CA ALA DA 96 -76.73 30.36 -27.98
C ALA DA 96 -76.13 31.54 -28.74
N ARG DA 97 -74.81 31.51 -28.99
CA ARG DA 97 -74.19 32.58 -29.75
C ARG DA 97 -74.72 32.64 -31.18
N GLU DA 98 -74.83 31.48 -31.83
CA GLU DA 98 -75.38 31.46 -33.19
C GLU DA 98 -76.81 31.97 -33.21
N VAL DA 99 -77.61 31.57 -32.22
CA VAL DA 99 -78.98 32.05 -32.14
C VAL DA 99 -79.01 33.56 -31.96
N HIS DA 100 -78.14 34.08 -31.08
CA HIS DA 100 -78.06 35.52 -30.87
C HIS DA 100 -77.80 36.26 -32.18
N GLU DA 101 -76.75 35.85 -32.90
CA GLU DA 101 -76.38 36.55 -34.13
C GLU DA 101 -77.48 36.45 -35.18
N ARG DA 102 -77.95 35.24 -35.45
CA ARG DA 102 -78.95 35.06 -36.50
C ARG DA 102 -80.26 35.76 -36.15
N SER DA 103 -80.69 35.66 -34.89
CA SER DA 103 -81.92 36.32 -34.47
C SER DA 103 -81.81 37.83 -34.60
N PHE DA 104 -80.66 38.39 -34.20
CA PHE DA 104 -80.47 39.83 -34.36
C PHE DA 104 -80.58 40.24 -35.82
N GLU DA 105 -79.87 39.53 -36.71
CA GLU DA 105 -79.89 39.90 -38.12
C GLU DA 105 -81.29 39.76 -38.71
N LEU DA 106 -81.97 38.66 -38.41
CA LEU DA 106 -83.31 38.43 -38.98
C LEU DA 106 -84.32 39.43 -38.44
N LEU DA 107 -84.25 39.74 -37.15
CA LEU DA 107 -85.19 40.71 -36.58
C LEU DA 107 -84.93 42.11 -37.11
N ARG DA 108 -83.66 42.45 -37.38
CA ARG DA 108 -83.38 43.71 -38.06
C ARG DA 108 -83.97 43.72 -39.46
N LYS DA 109 -83.81 42.61 -40.20
CA LYS DA 109 -84.39 42.53 -41.53
C LYS DA 109 -85.91 42.45 -41.48
N GLY DA 110 -86.45 41.62 -40.59
CA GLY DA 110 -87.89 41.50 -40.44
C GLY DA 110 -88.43 40.09 -40.46
N ASN DA 111 -87.55 39.10 -40.38
CA ASN DA 111 -87.94 37.69 -40.39
C ASN DA 111 -88.31 37.27 -38.98
N ARG DA 112 -89.57 37.53 -38.61
CA ARG DA 112 -90.05 37.19 -37.28
C ARG DA 112 -90.07 35.68 -37.06
N VAL DA 113 -90.54 34.94 -38.06
CA VAL DA 113 -90.82 33.51 -37.88
C VAL DA 113 -89.53 32.73 -37.64
N GLU DA 114 -88.47 33.05 -38.40
CA GLU DA 114 -87.22 32.31 -38.22
C GLU DA 114 -86.56 32.62 -36.89
N ALA DA 115 -86.64 33.87 -36.43
CA ALA DA 115 -86.14 34.19 -35.10
C ALA DA 115 -86.91 33.45 -34.02
N LEU DA 116 -88.24 33.38 -34.16
CA LEU DA 116 -89.03 32.60 -33.23
C LEU DA 116 -88.61 31.13 -33.23
N ALA DA 117 -88.39 30.57 -34.42
CA ALA DA 117 -87.97 29.18 -34.52
C ALA DA 117 -86.62 28.97 -33.85
N LEU DA 118 -85.68 29.89 -34.04
CA LEU DA 118 -84.37 29.77 -33.40
C LEU DA 118 -84.49 29.84 -31.88
N ILE DA 119 -85.33 30.73 -31.37
CA ILE DA 119 -85.51 30.84 -29.92
C ILE DA 119 -86.11 29.55 -29.36
N LEU DA 120 -87.12 29.02 -30.04
CA LEU DA 120 -87.74 27.77 -29.58
C LEU DA 120 -86.75 26.61 -29.64
N ALA DA 121 -85.92 26.57 -30.68
CA ALA DA 121 -84.92 25.51 -30.78
C ALA DA 121 -83.91 25.61 -29.65
N LEU DA 122 -83.49 26.83 -29.30
CA LEU DA 122 -82.58 27.00 -28.17
C LEU DA 122 -83.22 26.53 -26.87
N ALA DA 123 -84.49 26.88 -26.65
CA ALA DA 123 -85.17 26.46 -25.44
C ALA DA 123 -85.27 24.93 -25.36
N LEU DA 124 -85.61 24.30 -26.48
CA LEU DA 124 -85.69 22.84 -26.51
C LEU DA 124 -84.32 22.22 -26.27
N ALA DA 125 -83.26 22.83 -26.81
CA ALA DA 125 -81.92 22.30 -26.57
C ALA DA 125 -81.55 22.36 -25.10
N VAL DA 126 -81.87 23.47 -24.43
CA VAL DA 126 -81.58 23.58 -23.00
C VAL DA 126 -82.36 22.51 -22.23
N ALA DA 127 -83.66 22.38 -22.53
CA ALA DA 127 -84.48 21.42 -21.82
C ALA DA 127 -83.98 19.99 -22.01
N LEU DA 128 -83.66 19.62 -23.25
CA LEU DA 128 -83.20 18.26 -23.53
C LEU DA 128 -81.84 18.01 -22.90
N THR DA 129 -80.96 19.01 -22.89
CA THR DA 129 -79.67 18.84 -22.23
C THR DA 129 -79.85 18.57 -20.74
N ALA DA 130 -80.72 19.35 -20.09
CA ALA DA 130 -80.97 19.14 -18.67
C ALA DA 130 -81.56 17.76 -18.40
N VAL DA 131 -82.55 17.36 -19.19
CA VAL DA 131 -83.21 16.09 -18.98
C VAL DA 131 -82.24 14.93 -19.20
N SER DA 132 -81.44 15.01 -20.27
CA SER DA 132 -80.48 13.94 -20.55
C SER DA 132 -79.42 13.85 -19.46
N LYS DA 133 -78.95 15.00 -18.95
CA LYS DA 133 -77.98 14.98 -17.88
C LYS DA 133 -78.56 14.33 -16.63
N ALA DA 134 -79.81 14.68 -16.29
CA ALA DA 134 -80.45 14.07 -15.12
C ALA DA 134 -80.62 12.56 -15.31
N PHE DA 135 -81.06 12.14 -16.49
CA PHE DA 135 -81.28 10.72 -16.75
C PHE DA 135 -79.97 9.94 -16.68
N PHE DA 136 -78.89 10.47 -17.25
CA PHE DA 136 -77.61 9.79 -17.18
C PHE DA 136 -77.09 9.74 -15.74
N LEU DA 137 -77.25 10.83 -14.99
CA LEU DA 137 -76.80 10.83 -13.60
C LEU DA 137 -77.54 9.80 -12.77
N LEU DA 138 -78.85 9.67 -12.97
CA LEU DA 138 -79.61 8.66 -12.26
C LEU DA 138 -79.13 7.25 -12.62
N GLY DA 139 -78.90 7.00 -13.90
CA GLY DA 139 -78.49 5.69 -14.36
C GLY DA 139 -79.53 5.02 -15.22
N GLN DA 140 -80.41 5.83 -15.81
CA GLN DA 140 -81.51 5.30 -16.59
C GLN DA 140 -81.01 4.67 -17.89
N PRO DA 141 -81.75 3.70 -18.43
CA PRO DA 141 -81.37 3.13 -19.72
C PRO DA 141 -81.71 4.07 -20.88
N ALA DA 142 -81.19 3.73 -22.06
CA ALA DA 142 -81.30 4.60 -23.22
C ALA DA 142 -82.70 4.67 -23.80
N ARG DA 143 -83.56 3.69 -23.49
CA ARG DA 143 -84.88 3.64 -24.11
C ARG DA 143 -85.72 4.88 -23.75
N LEU DA 144 -85.79 5.20 -22.46
CA LEU DA 144 -86.60 6.35 -22.04
C LEU DA 144 -86.00 7.66 -22.52
N ILE DA 145 -84.67 7.78 -22.50
CA ILE DA 145 -84.03 8.99 -23.01
C ILE DA 145 -84.38 9.20 -24.47
N ALA DA 146 -84.25 8.14 -25.28
CA ALA DA 146 -84.56 8.25 -26.69
C ALA DA 146 -86.03 8.57 -26.92
N GLU DA 147 -86.93 7.93 -26.16
CA GLU DA 147 -88.36 8.19 -26.33
C GLU DA 147 -88.70 9.63 -25.99
N TYR DA 148 -88.17 10.14 -24.88
CA TYR DA 148 -88.44 11.52 -24.49
C TYR DA 148 -87.89 12.51 -25.50
N VAL DA 149 -86.66 12.28 -25.98
CA VAL DA 149 -86.07 13.17 -26.98
C VAL DA 149 -86.91 13.18 -28.24
N GLY DA 150 -87.33 11.99 -28.70
CA GLY DA 150 -88.18 11.92 -29.87
C GLY DA 150 -89.50 12.64 -29.70
N GLU DA 151 -90.14 12.47 -28.54
CA GLU DA 151 -91.41 13.12 -28.30
C GLU DA 151 -91.26 14.64 -28.28
N LYS DA 152 -90.23 15.14 -27.61
CA LYS DA 152 -90.01 16.58 -27.57
C LYS DA 152 -89.70 17.15 -28.96
N LEU DA 153 -88.89 16.43 -29.74
CA LEU DA 153 -88.61 16.87 -31.10
C LEU DA 153 -89.86 16.87 -31.95
N LEU DA 154 -90.74 15.87 -31.77
CA LEU DA 154 -92.00 15.85 -32.49
C LEU DA 154 -92.87 17.05 -32.12
N GLU DA 155 -92.94 17.38 -30.83
CA GLU DA 155 -93.73 18.55 -30.43
C GLU DA 155 -93.18 19.83 -31.04
N LEU DA 156 -91.86 19.99 -31.01
CA LEU DA 156 -91.26 21.18 -31.61
C LEU DA 156 -91.51 21.24 -33.11
N ARG DA 157 -91.43 20.08 -33.79
CA ARG DA 157 -91.68 20.04 -35.22
C ARG DA 157 -93.12 20.44 -35.54
N ARG DA 158 -94.08 19.93 -34.77
CA ARG DA 158 -95.47 20.31 -34.99
C ARG DA 158 -95.67 21.81 -34.77
N LEU DA 159 -95.07 22.36 -33.71
CA LEU DA 159 -95.21 23.78 -33.44
C LEU DA 159 -94.61 24.61 -34.58
N LEU DA 160 -93.42 24.25 -35.04
CA LEU DA 160 -92.77 25.00 -36.11
C LEU DA 160 -93.55 24.91 -37.41
N GLU DA 161 -94.08 23.72 -37.73
CA GLU DA 161 -94.89 23.58 -38.93
C GLU DA 161 -96.17 24.40 -38.82
N LYS DA 162 -96.75 24.51 -37.61
CA LYS DA 162 -97.89 25.39 -37.42
C LYS DA 162 -97.52 26.84 -37.62
N LEU DA 163 -96.31 27.22 -37.21
CA LEU DA 163 -95.87 28.61 -37.36
C LEU DA 163 -95.74 28.98 -38.84
N GLY DA 164 -95.03 28.16 -39.62
CA GLY DA 164 -94.87 28.44 -41.03
C GLY DA 164 -93.45 28.27 -41.54
N VAL DA 165 -92.55 27.80 -40.68
CA VAL DA 165 -91.15 27.63 -41.08
C VAL DA 165 -91.07 26.54 -42.16
N PRO DA 166 -90.30 26.74 -43.22
CA PRO DA 166 -90.15 25.67 -44.22
C PRO DA 166 -89.48 24.44 -43.64
N LEU DA 167 -89.84 23.29 -44.20
CA LEU DA 167 -89.43 22.01 -43.63
C LEU DA 167 -87.92 21.82 -43.56
N PRO DA 168 -87.13 22.11 -44.61
CA PRO DA 168 -85.67 21.90 -44.49
C PRO DA 168 -85.04 22.67 -43.35
N GLU DA 169 -85.49 23.90 -43.10
CA GLU DA 169 -84.95 24.66 -41.98
C GLU DA 169 -85.35 24.03 -40.65
N VAL DA 170 -86.57 23.50 -40.56
CA VAL DA 170 -86.99 22.80 -39.36
C VAL DA 170 -86.09 21.60 -39.09
N ILE DA 171 -85.81 20.82 -40.13
CA ILE DA 171 -84.96 19.64 -39.96
C ILE DA 171 -83.54 20.05 -39.58
N ALA DA 172 -83.04 21.15 -40.16
CA ALA DA 172 -81.72 21.64 -39.80
C ALA DA 172 -81.67 22.05 -38.33
N LEU DA 173 -82.72 22.73 -37.85
CA LEU DA 173 -82.78 23.12 -36.44
C LEU DA 173 -82.82 21.91 -35.53
N LEU DA 174 -83.63 20.91 -35.88
CA LEU DA 174 -83.71 19.71 -35.05
C LEU DA 174 -82.39 18.96 -35.04
N LEU DA 175 -81.70 18.92 -36.17
CA LEU DA 175 -80.38 18.29 -36.21
C LEU DA 175 -79.37 19.06 -35.40
N ARG DA 176 -79.45 20.40 -35.37
CA ARG DA 176 -78.58 21.19 -34.51
C ARG DA 176 -78.84 20.88 -33.04
N VAL DA 177 -80.12 20.77 -32.66
CA VAL DA 177 -80.46 20.43 -31.28
C VAL DA 177 -79.91 19.05 -30.93
N LEU DA 178 -80.06 18.09 -31.83
CA LEU DA 178 -79.55 16.74 -31.59
C LEU DA 178 -78.03 16.73 -31.49
N GLU DA 179 -77.36 17.55 -32.30
CA GLU DA 179 -75.91 17.66 -32.20
C GLU DA 179 -75.49 18.22 -30.85
N VAL DA 180 -76.22 19.23 -30.36
CA VAL DA 180 -75.93 19.79 -29.05
C VAL DA 180 -76.09 18.72 -27.97
N VAL DA 181 -77.18 17.94 -28.06
CA VAL DA 181 -77.42 16.88 -27.07
C VAL DA 181 -76.32 15.83 -27.14
N GLU DA 182 -75.92 15.44 -28.35
CA GLU DA 182 -74.85 14.45 -28.50
C GLU DA 182 -73.54 14.97 -27.92
N GLU DA 183 -73.22 16.24 -28.16
CA GLU DA 183 -72.00 16.81 -27.62
C GLU DA 183 -72.03 16.80 -26.10
N SER DA 184 -73.16 17.18 -25.51
CA SER DA 184 -73.30 17.17 -24.06
C SER DA 184 -73.12 15.76 -23.50
N LEU DA 185 -73.75 14.78 -24.15
CA LEU DA 185 -73.64 13.40 -23.67
C LEU DA 185 -72.21 12.88 -23.78
N LYS DA 186 -71.54 13.19 -24.90
CA LYS DA 186 -70.16 12.75 -25.08
C LYS DA 186 -69.25 13.38 -24.04
N ALA DA 187 -69.42 14.67 -23.77
CA ALA DA 187 -68.56 15.34 -22.80
C ALA DA 187 -68.85 14.91 -21.37
N MET DA 188 -70.10 14.55 -21.07
CA MET DA 188 -70.45 14.19 -19.69
C MET DA 188 -69.82 12.88 -19.27
N GLY DA 189 -69.78 11.88 -20.16
CA GLY DA 189 -69.15 10.62 -19.82
C GLY DA 189 -69.85 9.37 -20.33
N MET DA 190 -70.97 9.54 -21.03
CA MET DA 190 -71.69 8.41 -21.57
C MET DA 190 -70.83 7.66 -22.59
N GLU DA 191 -70.93 6.33 -22.58
CA GLU DA 191 -70.21 5.51 -23.54
C GLU DA 191 -70.77 5.74 -24.95
N PRO DA 192 -69.89 5.73 -25.96
CA PRO DA 192 -70.35 6.09 -27.32
C PRO DA 192 -71.51 5.26 -27.85
N ARG DA 193 -71.59 3.98 -27.49
CA ARG DA 193 -72.62 3.12 -28.07
C ARG DA 193 -74.02 3.59 -27.70
N GLU DA 194 -74.23 3.99 -26.44
CA GLU DA 194 -75.54 4.48 -26.03
C GLU DA 194 -75.89 5.79 -26.72
N ILE DA 195 -74.91 6.69 -26.89
CA ILE DA 195 -75.16 7.94 -27.60
C ILE DA 195 -75.58 7.65 -29.04
N ASN DA 196 -74.86 6.72 -29.69
CA ASN DA 196 -75.24 6.34 -31.06
C ASN DA 196 -76.64 5.76 -31.09
N ARG DA 197 -76.98 4.93 -30.10
CA ARG DA 197 -78.30 4.32 -30.06
C ARG DA 197 -79.41 5.37 -29.93
N VAL DA 198 -79.23 6.33 -29.02
CA VAL DA 198 -80.29 7.32 -28.80
C VAL DA 198 -80.39 8.26 -29.99
N LEU DA 199 -79.26 8.66 -30.57
CA LEU DA 199 -79.30 9.51 -31.77
C LEU DA 199 -79.99 8.78 -32.92
N ALA DA 200 -79.67 7.51 -33.12
CA ALA DA 200 -80.29 6.74 -34.18
C ALA DA 200 -81.79 6.61 -33.94
N ALA DA 201 -82.21 6.40 -32.70
CA ALA DA 201 -83.63 6.32 -32.39
C ALA DA 201 -84.34 7.64 -32.68
N ALA DA 202 -83.71 8.76 -32.34
CA ALA DA 202 -84.31 10.06 -32.61
C ALA DA 202 -84.45 10.30 -34.11
N TYR DA 203 -83.40 10.00 -34.88
CA TYR DA 203 -83.50 10.13 -36.32
C TYR DA 203 -84.57 9.21 -36.89
N LEU DA 204 -84.69 8.00 -36.33
CA LEU DA 204 -85.68 7.05 -36.83
C LEU DA 204 -87.09 7.53 -36.57
N THR DA 205 -87.37 8.07 -35.39
CA THR DA 205 -88.73 8.54 -35.13
C THR DA 205 -89.04 9.79 -35.94
N LEU DA 206 -88.05 10.67 -36.14
CA LEU DA 206 -88.27 11.82 -37.01
C LEU DA 206 -88.59 11.39 -38.44
N ALA DA 207 -87.82 10.44 -38.96
CA ALA DA 207 -88.05 9.96 -40.32
C ALA DA 207 -89.39 9.23 -40.43
N ALA DA 208 -89.76 8.48 -39.40
CA ALA DA 208 -91.05 7.78 -39.42
C ALA DA 208 -92.20 8.78 -39.45
N GLU DA 209 -92.13 9.84 -38.65
CA GLU DA 209 -93.17 10.86 -38.71
C GLU DA 209 -93.21 11.53 -40.08
N LEU DA 210 -92.03 11.84 -40.64
CA LEU DA 210 -91.99 12.49 -41.95
C LEU DA 210 -92.62 11.61 -43.02
N LEU DA 211 -92.32 10.31 -42.99
CA LEU DA 211 -92.91 9.39 -43.96
C LEU DA 211 -94.42 9.24 -43.75
N GLU DA 212 -94.85 9.14 -42.48
CA GLU DA 212 -96.28 8.96 -42.20
C GLU DA 212 -97.08 10.18 -42.63
N ARG DA 213 -96.50 11.37 -42.54
CA ARG DA 213 -97.22 12.58 -42.97
C ARG DA 213 -97.61 12.50 -44.43
N LEU DA 214 -96.82 11.82 -45.26
CA LEU DA 214 -97.08 11.73 -46.69
C LEU DA 214 -98.04 10.60 -47.04
N GLY DA 215 -98.46 9.78 -46.07
CA GLY DA 215 -99.39 8.70 -46.32
C GLY DA 215 -98.78 7.32 -46.41
N LEU DA 216 -97.45 7.20 -46.42
CA LEU DA 216 -96.79 5.91 -46.47
C LEU DA 216 -96.75 5.30 -45.06
N THR DA 217 -97.93 4.84 -44.63
CA THR DA 217 -98.08 4.30 -43.28
C THR DA 217 -97.28 3.03 -43.05
N ALA DA 218 -97.24 2.12 -44.02
CA ALA DA 218 -96.52 0.86 -43.84
C ALA DA 218 -95.02 1.08 -43.71
N LEU DA 219 -94.46 1.98 -44.51
CA LEU DA 219 -93.04 2.28 -44.40
C LEU DA 219 -92.71 2.88 -43.04
N ALA DA 220 -93.57 3.80 -42.56
CA ALA DA 220 -93.37 4.37 -41.23
C ALA DA 220 -93.46 3.29 -40.15
N ALA DA 221 -94.39 2.36 -40.30
CA ALA DA 221 -94.51 1.27 -39.33
C ALA DA 221 -93.25 0.41 -39.34
N ARG DA 222 -92.69 0.13 -40.52
CA ARG DA 222 -91.45 -0.62 -40.59
C ARG DA 222 -90.30 0.13 -39.92
N ILE DA 223 -90.25 1.46 -40.11
CA ILE DA 223 -89.22 2.26 -39.46
C ILE DA 223 -89.36 2.19 -37.94
N ARG DA 224 -90.59 2.29 -37.44
CA ARG DA 224 -90.82 2.18 -36.00
C ARG DA 224 -90.43 0.80 -35.48
N ARG DA 225 -90.73 -0.25 -36.24
CA ARG DA 225 -90.31 -1.59 -35.85
C ARG DA 225 -88.79 -1.68 -35.77
N ALA DA 226 -88.10 -1.10 -36.75
CA ALA DA 226 -86.64 -1.10 -36.72
C ALA DA 226 -86.11 -0.35 -35.50
N ARG DA 227 -86.72 0.79 -35.18
CA ARG DA 227 -86.30 1.54 -34.00
C ARG DA 227 -86.50 0.73 -32.72
N GLU DA 228 -87.66 0.07 -32.60
CA GLU DA 228 -87.94 -0.73 -31.41
C GLU DA 228 -86.98 -1.89 -31.28
N LEU DA 229 -86.65 -2.54 -32.41
CA LEU DA 229 -85.66 -3.62 -32.35
C LEU DA 229 -84.27 -3.08 -32.00
N LEU DA 230 -83.95 -1.86 -32.45
CA LEU DA 230 -82.67 -1.25 -32.09
C LEU DA 230 -82.59 -0.97 -30.60
N LEU DA 231 -83.68 -0.45 -30.01
CA LEU DA 231 -83.68 -0.10 -28.60
C LEU DA 231 -83.67 -1.32 -27.69
N ALA DA 232 -83.96 -2.51 -28.21
CA ALA DA 232 -84.02 -3.73 -27.43
C ALA DA 232 -82.71 -4.52 -27.47
N GLY DA 233 -81.68 -3.97 -28.10
CA GLY DA 233 -80.40 -4.65 -28.22
C GLY DA 233 -80.22 -5.47 -29.48
N ARG DA 234 -81.28 -5.67 -30.26
CA ARG DA 234 -81.20 -6.42 -31.51
C ARG DA 234 -80.73 -5.46 -32.60
N VAL DA 235 -79.41 -5.40 -32.78
CA VAL DA 235 -78.81 -4.37 -33.64
C VAL DA 235 -78.88 -4.79 -35.10
N GLU DA 236 -78.41 -6.01 -35.42
CA GLU DA 236 -78.28 -6.42 -36.81
C GLU DA 236 -79.63 -6.55 -37.49
N GLU DA 237 -80.64 -7.07 -36.77
CA GLU DA 237 -81.97 -7.18 -37.35
C GLU DA 237 -82.55 -5.81 -37.69
N ALA DA 238 -82.38 -4.85 -36.79
CA ALA DA 238 -82.82 -3.49 -37.06
C ALA DA 238 -82.05 -2.90 -38.24
N LEU DA 239 -80.75 -3.19 -38.32
CA LEU DA 239 -79.94 -2.70 -39.44
C LEU DA 239 -80.48 -3.22 -40.77
N HIS DA 240 -80.77 -4.52 -40.85
CA HIS DA 240 -81.27 -5.07 -42.10
C HIS DA 240 -82.67 -4.55 -42.42
N LEU DA 241 -83.53 -4.41 -41.42
CA LEU DA 241 -84.85 -3.85 -41.66
C LEU DA 241 -84.75 -2.44 -42.20
N LEU DA 242 -83.84 -1.64 -41.62
CA LEU DA 242 -83.63 -0.27 -42.09
C LEU DA 242 -83.08 -0.26 -43.50
N GLN DA 243 -82.16 -1.17 -43.83
CA GLN DA 243 -81.62 -1.22 -45.19
C GLN DA 243 -82.71 -1.56 -46.20
N ASP DA 244 -83.56 -2.53 -45.87
CA ASP DA 244 -84.67 -2.86 -46.78
C ASP DA 244 -85.63 -1.68 -46.94
N ALA DA 245 -85.94 -0.99 -45.84
CA ALA DA 245 -86.80 0.18 -45.93
C ALA DA 245 -86.16 1.27 -46.80
N VAL DA 246 -84.86 1.47 -46.65
CA VAL DA 246 -84.15 2.47 -47.45
C VAL DA 246 -84.18 2.10 -48.93
N GLU DA 247 -83.97 0.82 -49.25
CA GLU DA 247 -84.03 0.41 -50.65
C GLU DA 247 -85.41 0.64 -51.23
N LEU DA 248 -86.47 0.31 -50.49
CA LEU DA 248 -87.81 0.51 -51.01
C LEU DA 248 -88.12 2.00 -51.15
N LEU DA 249 -87.65 2.81 -50.21
CA LEU DA 249 -87.80 4.26 -50.33
C LEU DA 249 -87.08 4.80 -51.56
N HIS DA 250 -85.90 4.27 -51.85
CA HIS DA 250 -85.19 4.66 -53.07
C HIS DA 250 -85.98 4.28 -54.31
N GLU DA 251 -86.57 3.08 -54.31
CA GLU DA 251 -87.43 2.68 -55.42
C GLU DA 251 -88.56 3.68 -55.63
N ARG DA 252 -89.24 4.04 -54.54
CA ARG DA 252 -90.34 5.00 -54.65
C ARG DA 252 -89.85 6.35 -55.13
N ILE DA 253 -88.71 6.82 -54.61
CA ILE DA 253 -88.19 8.14 -54.96
C ILE DA 253 -87.83 8.19 -56.44
N ARG DA 254 -87.13 7.17 -56.92
CA ARG DA 254 -86.73 7.16 -58.33
C ARG DA 254 -87.88 6.82 -59.27
N GLU DA 255 -88.98 6.24 -58.75
CA GLU DA 255 -90.18 6.10 -59.57
C GLU DA 255 -90.93 7.43 -59.68
N LEU DA 256 -90.94 8.22 -58.61
CA LEU DA 256 -91.62 9.51 -58.64
C LEU DA 256 -90.94 10.48 -59.61
N GLY DA 257 -89.62 10.50 -59.62
CA GLY DA 257 -88.88 11.40 -60.49
C GLY DA 257 -88.45 12.66 -59.75
N PHE DA 258 -88.58 13.81 -60.42
CA PHE DA 258 -88.22 15.08 -59.83
C PHE DA 258 -89.37 15.76 -59.10
N GLU DA 259 -90.56 15.15 -59.12
CA GLU DA 259 -91.72 15.69 -58.42
C GLU DA 259 -91.87 15.08 -57.03
N ALA DA 260 -90.80 14.52 -56.49
CA ALA DA 260 -90.86 13.92 -55.16
C ALA DA 260 -90.98 15.00 -54.10
N PRO DA 261 -91.98 14.93 -53.22
CA PRO DA 261 -92.08 15.93 -52.15
C PRO DA 261 -90.86 15.90 -51.24
N GLU DA 262 -90.58 17.04 -50.62
CA GLU DA 262 -89.39 17.18 -49.77
C GLU DA 262 -89.40 16.19 -48.60
N GLU DA 263 -90.58 15.68 -48.23
CA GLU DA 263 -90.64 14.72 -47.13
C GLU DA 263 -89.83 13.47 -47.45
N LEU DA 264 -89.94 12.96 -48.67
CA LEU DA 264 -89.20 11.75 -49.05
C LEU DA 264 -87.69 11.97 -48.99
N LEU DA 265 -87.22 13.11 -49.52
CA LEU DA 265 -85.78 13.36 -49.52
C LEU DA 265 -85.25 13.56 -48.12
N LEU DA 266 -85.97 14.32 -47.28
CA LEU DA 266 -85.52 14.53 -45.91
C LEU DA 266 -85.53 13.23 -45.11
N ALA DA 267 -86.56 12.41 -45.30
CA ALA DA 267 -86.61 11.11 -44.64
C ALA DA 267 -85.46 10.22 -45.11
N ASP DA 268 -85.14 10.27 -46.40
CA ASP DA 268 -84.01 9.48 -46.91
C ASP DA 268 -82.70 9.91 -46.28
N LEU DA 269 -82.47 11.22 -46.17
CA LEU DA 269 -81.26 11.71 -45.53
C LEU DA 269 -81.19 11.28 -44.07
N LEU DA 270 -82.31 11.41 -43.35
CA LEU DA 270 -82.34 11.00 -41.95
C LEU DA 270 -82.08 9.51 -41.81
N LEU DA 271 -82.64 8.71 -42.72
CA LEU DA 271 -82.42 7.26 -42.68
C LEU DA 271 -80.97 6.91 -42.97
N GLN DA 272 -80.33 7.64 -43.88
CA GLN DA 272 -78.91 7.40 -44.12
C GLN DA 272 -78.08 7.73 -42.89
N ARG DA 273 -78.36 8.85 -42.22
CA ARG DA 273 -77.64 9.16 -40.99
C ARG DA 273 -77.87 8.09 -39.93
N ALA DA 274 -79.11 7.62 -39.81
CA ALA DA 274 -79.42 6.55 -38.86
C ALA DA 274 -78.67 5.28 -39.22
N LEU DA 275 -78.56 4.96 -40.51
CA LEU DA 275 -77.81 3.78 -40.95
C LEU DA 275 -76.35 3.88 -40.55
N GLU DA 276 -75.74 5.04 -40.79
CA GLU DA 276 -74.34 5.22 -40.40
C GLU DA 276 -74.17 5.08 -38.89
N LEU DA 277 -75.07 5.70 -38.12
CA LEU DA 277 -74.95 5.62 -36.66
C LEU DA 277 -75.13 4.19 -36.17
N ILE DA 278 -76.10 3.46 -36.72
CA ILE DA 278 -76.33 2.08 -36.30
C ILE DA 278 -75.14 1.19 -36.68
N SER DA 279 -74.58 1.39 -37.88
CA SER DA 279 -73.43 0.62 -38.28
C SER DA 279 -72.23 0.91 -37.39
N SER DA 280 -72.09 2.16 -36.93
CA SER DA 280 -70.97 2.50 -36.06
C SER DA 280 -71.12 1.90 -34.65
N ILE DA 281 -72.29 1.40 -34.29
CA ILE DA 281 -72.48 0.79 -32.97
C ILE DA 281 -71.66 -0.48 -32.84
N THR EA 24 9.77 72.75 -86.53
CA THR EA 24 10.58 73.45 -85.55
C THR EA 24 11.25 72.45 -84.60
N VAL EA 25 10.67 71.25 -84.54
CA VAL EA 25 11.19 70.12 -83.77
C VAL EA 25 11.10 70.39 -82.28
N GLU EA 26 11.63 71.53 -81.83
CA GLU EA 26 11.58 71.86 -80.40
C GLU EA 26 10.14 72.01 -79.94
N GLU EA 27 9.36 72.83 -80.64
CA GLU EA 27 7.96 73.03 -80.30
C GLU EA 27 7.24 71.69 -80.22
N GLU EA 28 7.63 70.73 -81.07
CA GLU EA 28 7.11 69.38 -80.95
C GLU EA 28 7.44 68.79 -79.58
N VAL EA 29 8.63 69.09 -79.05
CA VAL EA 29 9.02 68.52 -77.75
C VAL EA 29 8.17 69.11 -76.63
N ILE EA 30 8.04 70.45 -76.58
CA ILE EA 30 7.24 71.01 -75.49
C ILE EA 30 5.77 70.61 -75.63
N ARG EA 31 5.25 70.61 -76.86
CA ARG EA 31 3.88 70.15 -77.07
C ARG EA 31 3.71 68.70 -76.68
N PHE EA 32 4.73 67.86 -76.92
CA PHE EA 32 4.67 66.46 -76.51
C PHE EA 32 4.54 66.35 -75.00
N ALA EA 33 5.36 67.12 -74.26
CA ALA EA 33 5.29 67.08 -72.81
C ALA EA 33 3.92 67.53 -72.30
N GLU EA 34 3.43 68.67 -72.82
CA GLU EA 34 2.15 69.20 -72.37
C GLU EA 34 1.01 68.26 -72.73
N GLU EA 35 1.01 67.72 -73.95
CA GLU EA 35 -0.05 66.80 -74.35
C GLU EA 35 0.00 65.51 -73.55
N LEU EA 36 1.20 65.03 -73.20
CA LEU EA 36 1.30 63.85 -72.36
C LEU EA 36 0.68 64.10 -70.99
N ALA EA 37 0.99 65.25 -70.38
CA ALA EA 37 0.40 65.58 -69.09
C ALA EA 37 -1.11 65.70 -69.19
N GLU EA 38 -1.59 66.35 -70.26
CA GLU EA 38 -3.03 66.49 -70.46
C GLU EA 38 -3.69 65.13 -70.66
N GLU EA 39 -3.00 64.20 -71.32
CA GLU EA 39 -3.55 62.87 -71.50
C GLU EA 39 -3.65 62.11 -70.18
N ILE EA 40 -2.64 62.24 -69.31
CA ILE EA 40 -2.77 61.66 -67.98
C ILE EA 40 -3.96 62.25 -67.25
N ARG EA 41 -4.14 63.58 -67.35
CA ARG EA 41 -5.29 64.21 -66.71
C ARG EA 41 -6.60 63.69 -67.28
N ARG EA 42 -6.67 63.49 -68.59
CA ARG EA 42 -7.89 63.00 -69.22
C ARG EA 42 -8.22 61.58 -68.77
N VAL EA 43 -7.22 60.68 -68.82
CA VAL EA 43 -7.49 59.27 -68.51
C VAL EA 43 -7.77 59.08 -67.03
N THR EA 44 -7.04 59.78 -66.16
CA THR EA 44 -7.17 59.56 -64.72
C THR EA 44 -7.85 60.71 -63.99
N GLY EA 45 -7.43 61.95 -64.23
CA GLY EA 45 -7.98 63.08 -63.51
C GLY EA 45 -7.03 63.62 -62.46
N GLU EA 46 -7.45 63.60 -61.19
CA GLU EA 46 -6.61 64.07 -60.10
C GLU EA 46 -6.30 62.96 -59.09
N ALA EA 47 -6.60 61.71 -59.45
CA ALA EA 47 -6.19 60.58 -58.62
C ALA EA 47 -4.70 60.30 -58.71
N TYR EA 48 -4.09 60.57 -59.87
CA TYR EA 48 -2.66 60.42 -60.09
C TYR EA 48 -2.14 61.78 -60.53
N ARG EA 49 -1.78 62.62 -59.56
CA ARG EA 49 -1.31 63.97 -59.84
C ARG EA 49 0.20 64.11 -59.73
N GLU EA 50 0.84 63.26 -58.92
CA GLU EA 50 2.30 63.28 -58.83
C GLU EA 50 2.93 62.92 -60.18
N TYR EA 51 2.30 62.00 -60.91
CA TYR EA 51 2.80 61.64 -62.24
C TYR EA 51 2.72 62.82 -63.19
N ALA EA 52 1.61 63.57 -63.14
CA ALA EA 52 1.51 64.77 -63.98
C ALA EA 52 2.54 65.81 -63.58
N GLU EA 53 2.77 65.97 -62.28
CA GLU EA 53 3.80 66.89 -61.81
C GLU EA 53 5.17 66.49 -62.34
N ALA EA 54 5.50 65.20 -62.28
CA ALA EA 54 6.78 64.72 -62.78
C ALA EA 54 6.91 64.94 -64.28
N VAL EA 55 5.82 64.69 -65.02
CA VAL EA 55 5.88 64.88 -66.47
C VAL EA 55 6.08 66.35 -66.81
N ARG EA 56 5.41 67.25 -66.10
CA ARG EA 56 5.61 68.68 -66.35
C ARG EA 56 7.02 69.11 -65.97
N HIS EA 57 7.57 68.55 -64.89
CA HIS EA 57 8.95 68.85 -64.52
C HIS EA 57 9.91 68.39 -65.61
N LEU EA 58 9.71 67.18 -66.15
CA LEU EA 58 10.57 66.68 -67.21
C LEU EA 58 10.41 67.49 -68.50
N GLY EA 59 9.20 67.99 -68.77
CA GLY EA 59 9.03 68.90 -69.89
C GLY EA 59 9.80 70.19 -69.70
N GLU EA 60 9.79 70.73 -68.48
CA GLU EA 60 10.57 71.92 -68.19
C GLU EA 60 12.06 71.64 -68.37
N ALA EA 61 12.52 70.47 -67.93
CA ALA EA 61 13.92 70.09 -68.11
C ALA EA 61 14.28 69.99 -69.59
N ALA EA 62 13.40 69.38 -70.39
CA ALA EA 62 13.65 69.27 -71.83
C ALA EA 62 13.67 70.65 -72.48
N LYS EA 63 12.83 71.56 -72.00
CA LYS EA 63 12.90 72.93 -72.49
C LYS EA 63 14.22 73.58 -72.12
N ALA EA 64 14.70 73.35 -70.89
CA ALA EA 64 15.93 73.95 -70.42
C ALA EA 64 17.15 73.46 -71.21
N VAL EA 65 17.14 72.17 -71.55
CA VAL EA 65 18.25 71.61 -72.32
C VAL EA 65 18.40 72.34 -73.65
N LEU EA 66 17.29 72.67 -74.30
CA LEU EA 66 17.30 73.20 -75.66
C LEU EA 66 17.77 74.65 -75.74
N GLU EA 67 17.89 75.35 -74.62
CA GLU EA 67 18.38 76.72 -74.63
C GLU EA 67 19.87 76.84 -74.32
N GLY EA 68 20.48 75.80 -73.75
CA GLY EA 68 21.89 75.84 -73.45
C GLY EA 68 22.21 75.56 -71.99
N ASN EA 69 21.29 75.92 -71.09
CA ASN EA 69 21.50 75.69 -69.67
C ASN EA 69 21.50 74.20 -69.38
N SER EA 70 22.64 73.68 -68.97
CA SER EA 70 22.81 72.24 -68.75
C SER EA 70 22.85 71.84 -67.29
N VAL EA 71 22.87 72.80 -66.35
CA VAL EA 71 22.86 72.46 -64.93
C VAL EA 71 21.45 72.49 -64.36
N GLU EA 72 20.62 73.44 -64.83
CA GLU EA 72 19.22 73.45 -64.43
C GLU EA 72 18.52 72.14 -64.82
N ALA EA 73 18.92 71.56 -65.97
CA ALA EA 73 18.37 70.27 -66.35
C ALA EA 73 18.72 69.20 -65.34
N ASP EA 74 19.97 69.18 -64.87
CA ASP EA 74 20.37 68.20 -63.86
C ASP EA 74 19.61 68.40 -62.57
N LEU EA 75 19.43 69.66 -62.15
CA LEU EA 75 18.69 69.93 -60.93
C LEU EA 75 17.24 69.47 -61.05
N ILE EA 76 16.62 69.73 -62.21
CA ILE EA 76 15.23 69.33 -62.40
C ILE EA 76 15.11 67.81 -62.44
N VAL EA 77 16.09 67.13 -63.06
CA VAL EA 77 16.07 65.67 -63.09
C VAL EA 77 16.21 65.10 -61.69
N THR EA 78 17.04 65.73 -60.85
CA THR EA 78 17.13 65.28 -59.46
C THR EA 78 15.82 65.51 -58.71
N ASP EA 79 15.16 66.63 -58.98
CA ASP EA 79 13.84 66.87 -58.38
C ASP EA 79 12.85 65.80 -58.79
N VAL EA 80 12.84 65.44 -60.08
CA VAL EA 80 11.96 64.37 -60.56
C VAL EA 80 12.31 63.05 -59.90
N LEU EA 81 13.62 62.80 -59.70
CA LEU EA 81 14.04 61.57 -59.05
C LEU EA 81 13.53 61.51 -57.61
N ARG EA 82 13.58 62.64 -56.90
CA ARG EA 82 13.03 62.68 -55.55
C ARG EA 82 11.53 62.45 -55.54
N LEU EA 83 10.82 63.05 -56.50
CA LEU EA 83 9.37 62.86 -56.60
C LEU EA 83 9.03 61.39 -56.83
N LEU EA 84 9.75 60.74 -57.75
CA LEU EA 84 9.50 59.33 -58.04
C LEU EA 84 9.91 58.44 -56.88
N GLU EA 85 10.94 58.83 -56.12
CA GLU EA 85 11.29 58.09 -54.91
C GLU EA 85 10.18 58.19 -53.87
N ARG EA 86 9.55 59.36 -53.76
CA ARG EA 86 8.40 59.49 -52.87
C ARG EA 86 7.22 58.67 -53.36
N ILE EA 87 7.04 58.59 -54.68
CA ILE EA 87 5.92 57.82 -55.23
C ILE EA 87 6.04 56.35 -54.85
N GLY EA 88 7.19 55.76 -55.11
CA GLY EA 88 7.44 54.38 -54.72
C GLY EA 88 7.31 53.36 -55.83
N GLU EA 89 7.87 53.65 -57.00
CA GLU EA 89 7.89 52.73 -58.12
C GLU EA 89 9.35 52.39 -58.42
N GLU EA 90 9.77 51.19 -58.00
CA GLU EA 90 11.20 50.86 -57.98
C GLU EA 90 11.83 50.92 -59.36
N GLY EA 91 11.20 50.29 -60.34
CA GLY EA 91 11.77 50.28 -61.69
C GLY EA 91 11.85 51.67 -62.28
N LEU EA 92 10.83 52.50 -62.03
CA LEU EA 92 10.82 53.85 -62.57
C LEU EA 92 11.92 54.69 -61.91
N VAL EA 93 12.14 54.50 -60.60
CA VAL EA 93 13.23 55.18 -59.92
C VAL EA 93 14.58 54.74 -60.48
N LYS EA 94 14.72 53.44 -60.77
CA LYS EA 94 15.96 52.95 -61.39
C LYS EA 94 16.20 53.64 -62.73
N LEU EA 95 15.17 53.69 -63.57
CA LEU EA 95 15.29 54.37 -64.85
C LEU EA 95 15.62 55.84 -64.67
N ALA EA 96 15.06 56.47 -63.63
CA ALA EA 96 15.35 57.86 -63.35
C ALA EA 96 16.82 58.06 -63.00
N ARG EA 97 17.38 57.15 -62.18
CA ARG EA 97 18.80 57.25 -61.83
C ARG EA 97 19.68 57.09 -63.06
N GLU EA 98 19.39 56.10 -63.91
CA GLU EA 98 20.18 55.94 -65.12
C GLU EA 98 20.07 57.16 -66.02
N VAL EA 99 18.86 57.72 -66.15
CA VAL EA 99 18.68 58.93 -66.96
C VAL EA 99 19.49 60.07 -66.38
N HIS EA 100 19.48 60.23 -65.05
CA HIS EA 100 20.26 61.27 -64.41
C HIS EA 100 21.74 61.16 -64.77
N GLU EA 101 22.32 59.98 -64.56
CA GLU EA 101 23.74 59.80 -64.80
C GLU EA 101 24.10 60.01 -66.27
N ARG EA 102 23.38 59.33 -67.17
CA ARG EA 102 23.70 59.42 -68.59
C ARG EA 102 23.48 60.83 -69.11
N SER EA 103 22.39 61.49 -68.71
CA SER EA 103 22.12 62.85 -69.16
C SER EA 103 23.20 63.81 -68.66
N PHE EA 104 23.63 63.66 -67.41
CA PHE EA 104 24.71 64.51 -66.92
C PHE EA 104 25.97 64.33 -67.75
N GLU EA 105 26.38 63.08 -67.98
CA GLU EA 105 27.61 62.84 -68.72
C GLU EA 105 27.52 63.35 -70.15
N LEU EA 106 26.39 63.08 -70.83
CA LEU EA 106 26.25 63.51 -72.22
C LEU EA 106 26.16 65.02 -72.34
N LEU EA 107 25.46 65.68 -71.41
CA LEU EA 107 25.37 67.13 -71.45
C LEU EA 107 26.72 67.78 -71.15
N ARG EA 108 27.52 67.18 -70.27
CA ARG EA 108 28.89 67.66 -70.10
C ARG EA 108 29.69 67.49 -71.38
N LYS EA 109 29.57 66.33 -72.03
CA LYS EA 109 30.29 66.11 -73.28
C LYS EA 109 29.73 66.98 -74.40
N GLY EA 110 28.41 67.05 -74.53
CA GLY EA 110 27.80 67.89 -75.54
C GLY EA 110 26.74 67.19 -76.39
N ASN EA 111 26.32 66.00 -75.98
CA ASN EA 111 25.30 65.24 -76.71
C ASN EA 111 23.93 65.69 -76.24
N ARG EA 112 23.46 66.78 -76.85
CA ARG EA 112 22.14 67.34 -76.50
C ARG EA 112 21.03 66.38 -76.87
N VAL EA 113 21.11 65.78 -78.06
CA VAL EA 113 19.99 65.02 -78.61
C VAL EA 113 19.72 63.77 -77.77
N GLU EA 114 20.79 63.08 -77.35
CA GLU EA 114 20.59 61.87 -76.56
C GLU EA 114 20.05 62.18 -75.18
N ALA EA 115 20.47 63.29 -74.57
CA ALA EA 115 19.90 63.70 -73.29
C ALA EA 115 18.42 64.03 -73.44
N LEU EA 116 18.05 64.72 -74.53
CA LEU EA 116 16.64 64.98 -74.79
C LEU EA 116 15.86 63.69 -74.96
N ALA EA 117 16.44 62.72 -75.68
CA ALA EA 117 15.77 61.44 -75.88
C ALA EA 117 15.56 60.72 -74.55
N LEU EA 118 16.57 60.74 -73.67
CA LEU EA 118 16.43 60.09 -72.37
C LEU EA 118 15.35 60.77 -71.53
N ILE EA 119 15.31 62.11 -71.56
CA ILE EA 119 14.30 62.83 -70.78
C ILE EA 119 12.90 62.48 -71.29
N LEU EA 120 12.73 62.46 -72.61
CA LEU EA 120 11.42 62.12 -73.18
C LEU EA 120 11.03 60.68 -72.87
N ALA EA 121 12.00 59.76 -72.90
CA ALA EA 121 11.72 58.38 -72.56
C ALA EA 121 11.29 58.25 -71.10
N LEU EA 122 11.95 58.99 -70.20
CA LEU EA 122 11.54 58.96 -68.80
C LEU EA 122 10.13 59.50 -68.63
N ALA EA 123 9.80 60.61 -69.31
CA ALA EA 123 8.46 61.16 -69.21
C ALA EA 123 7.41 60.18 -69.71
N LEU EA 124 7.68 59.53 -70.85
CA LEU EA 124 6.76 58.53 -71.38
C LEU EA 124 6.61 57.36 -70.42
N ALA EA 125 7.71 56.94 -69.79
CA ALA EA 125 7.64 55.85 -68.82
C ALA EA 125 6.73 56.21 -67.65
N VAL EA 126 6.88 57.43 -67.13
CA VAL EA 126 6.02 57.87 -66.02
C VAL EA 126 4.55 57.86 -66.44
N ALA EA 127 4.27 58.45 -67.61
CA ALA EA 127 2.89 58.55 -68.07
C ALA EA 127 2.28 57.17 -68.29
N LEU EA 128 3.02 56.27 -68.93
CA LEU EA 128 2.51 54.94 -69.21
C LEU EA 128 2.32 54.14 -67.93
N THR EA 129 3.23 54.30 -66.96
CA THR EA 129 3.06 53.62 -65.69
C THR EA 129 1.78 54.08 -65.00
N ALA EA 130 1.54 55.39 -64.97
CA ALA EA 130 0.33 55.91 -64.35
C ALA EA 130 -0.92 55.40 -65.06
N VAL EA 131 -0.92 55.46 -66.40
CA VAL EA 131 -2.09 55.04 -67.16
C VAL EA 131 -2.36 53.55 -66.97
N SER EA 132 -1.31 52.73 -67.01
CA SER EA 132 -1.49 51.29 -66.85
C SER EA 132 -1.99 50.95 -65.45
N LYS EA 133 -1.46 51.63 -64.42
CA LYS EA 133 -1.94 51.39 -63.07
C LYS EA 133 -3.41 51.76 -62.94
N ALA EA 134 -3.81 52.89 -63.52
CA ALA EA 134 -5.22 53.29 -63.47
C ALA EA 134 -6.10 52.28 -64.19
N PHE EA 135 -5.66 51.83 -65.37
CA PHE EA 135 -6.45 50.88 -66.15
C PHE EA 135 -6.62 49.55 -65.40
N PHE EA 136 -5.53 49.05 -64.78
CA PHE EA 136 -5.65 47.82 -64.02
C PHE EA 136 -6.53 48.00 -62.80
N LEU EA 137 -6.43 49.14 -62.12
CA LEU EA 137 -7.26 49.39 -60.94
C LEU EA 137 -8.74 49.42 -61.31
N LEU EA 138 -9.08 50.06 -62.43
CA LEU EA 138 -10.47 50.08 -62.88
C LEU EA 138 -10.96 48.66 -63.19
N GLY EA 139 -10.16 47.89 -63.92
CA GLY EA 139 -10.53 46.53 -64.27
C GLY EA 139 -10.66 46.34 -65.77
N GLN EA 140 -10.00 47.21 -66.53
CA GLN EA 140 -10.12 47.18 -67.98
C GLN EA 140 -9.45 45.93 -68.55
N PRO EA 141 -9.90 45.45 -69.70
CA PRO EA 141 -9.20 44.34 -70.37
C PRO EA 141 -7.92 44.82 -71.03
N ALA EA 142 -7.10 43.86 -71.44
CA ALA EA 142 -5.76 44.14 -71.93
C ALA EA 142 -5.76 44.84 -73.29
N ARG EA 143 -6.86 44.81 -74.03
CA ARG EA 143 -6.88 45.33 -75.39
C ARG EA 143 -6.59 46.82 -75.42
N LEU EA 144 -7.33 47.60 -74.64
CA LEU EA 144 -7.17 49.05 -74.66
C LEU EA 144 -5.82 49.46 -74.09
N ILE EA 145 -5.36 48.76 -73.05
CA ILE EA 145 -4.03 49.04 -72.51
C ILE EA 145 -2.97 48.85 -73.57
N ALA EA 146 -3.04 47.73 -74.31
CA ALA EA 146 -2.06 47.47 -75.35
C ALA EA 146 -2.13 48.51 -76.46
N GLU EA 147 -3.35 48.88 -76.87
CA GLU EA 147 -3.48 49.88 -77.93
C GLU EA 147 -2.92 51.22 -77.51
N TYR EA 148 -3.22 51.66 -76.28
CA TYR EA 148 -2.71 52.94 -75.80
C TYR EA 148 -1.19 52.93 -75.68
N VAL EA 149 -0.63 51.84 -75.15
CA VAL EA 149 0.83 51.74 -75.03
C VAL EA 149 1.47 51.80 -76.41
N GLY EA 150 0.92 51.05 -77.37
CA GLY EA 150 1.46 51.08 -78.71
C GLY EA 150 1.39 52.46 -79.34
N GLU EA 151 0.25 53.15 -79.17
CA GLU EA 151 0.11 54.47 -79.75
C GLU EA 151 1.11 55.46 -79.15
N LYS EA 152 1.27 55.42 -77.82
CA LYS EA 152 2.22 56.33 -77.18
C LYS EA 152 3.65 56.02 -77.61
N LEU EA 153 4.01 54.74 -77.71
CA LEU EA 153 5.34 54.38 -78.19
C LEU EA 153 5.56 54.85 -79.62
N LEU EA 154 4.52 54.74 -80.46
CA LEU EA 154 4.62 55.24 -81.83
C LEU EA 154 4.86 56.74 -81.86
N GLU EA 155 4.13 57.50 -81.02
CA GLU EA 155 4.33 58.94 -80.98
C GLU EA 155 5.75 59.28 -80.54
N LEU EA 156 6.25 58.60 -79.50
CA LEU EA 156 7.62 58.85 -79.05
C LEU EA 156 8.63 58.50 -80.14
N ARG EA 157 8.41 57.39 -80.85
CA ARG EA 157 9.32 57.00 -81.92
C ARG EA 157 9.35 58.04 -83.03
N ARG EA 158 8.18 58.56 -83.43
CA ARG EA 158 8.14 59.59 -84.44
C ARG EA 158 8.86 60.85 -83.98
N LEU EA 159 8.65 61.26 -82.72
CA LEU EA 159 9.33 62.44 -82.21
C LEU EA 159 10.84 62.26 -82.21
N LEU EA 160 11.31 61.11 -81.73
CA LEU EA 160 12.76 60.86 -81.68
C LEU EA 160 13.36 60.80 -83.07
N GLU EA 161 12.67 60.16 -84.02
CA GLU EA 161 13.15 60.13 -85.39
C GLU EA 161 13.19 61.53 -86.00
N LYS EA 162 12.24 62.38 -85.64
CA LYS EA 162 12.30 63.78 -86.09
C LYS EA 162 13.48 64.50 -85.47
N LEU EA 163 13.80 64.19 -84.22
CA LEU EA 163 14.93 64.85 -83.56
C LEU EA 163 16.26 64.48 -84.22
N GLY EA 164 16.50 63.19 -84.42
CA GLY EA 164 17.72 62.75 -85.06
C GLY EA 164 18.43 61.60 -84.37
N VAL EA 165 17.81 61.05 -83.34
CA VAL EA 165 18.43 59.94 -82.60
C VAL EA 165 18.55 58.74 -83.52
N PRO EA 166 19.69 58.03 -83.53
CA PRO EA 166 19.79 56.83 -84.37
C PRO EA 166 18.78 55.78 -83.96
N LEU EA 167 18.33 55.01 -84.97
CA LEU EA 167 17.22 54.09 -84.76
C LEU EA 167 17.50 53.03 -83.70
N PRO EA 168 18.66 52.35 -83.67
CA PRO EA 168 18.87 51.34 -82.61
C PRO EA 168 18.76 51.91 -81.21
N GLU EA 169 19.24 53.13 -80.99
CA GLU EA 169 19.11 53.74 -79.67
C GLU EA 169 17.64 54.03 -79.34
N VAL EA 170 16.88 54.49 -80.34
CA VAL EA 170 15.44 54.71 -80.13
C VAL EA 170 14.78 53.41 -79.71
N ILE EA 171 15.07 52.32 -80.41
CA ILE EA 171 14.46 51.04 -80.07
C ILE EA 171 14.87 50.60 -78.67
N ALA EA 172 16.14 50.75 -78.33
CA ALA EA 172 16.60 50.37 -76.99
C ALA EA 172 15.86 51.17 -75.92
N LEU EA 173 15.65 52.46 -76.15
CA LEU EA 173 14.88 53.27 -75.22
C LEU EA 173 13.44 52.76 -75.13
N LEU EA 174 12.85 52.37 -76.26
CA LEU EA 174 11.47 51.89 -76.24
C LEU EA 174 11.33 50.61 -75.42
N LEU EA 175 12.25 49.64 -75.59
CA LEU EA 175 12.17 48.46 -74.72
C LEU EA 175 12.58 48.77 -73.28
N ARG EA 176 13.37 49.82 -73.03
CA ARG EA 176 13.59 50.23 -71.65
C ARG EA 176 12.28 50.69 -71.01
N VAL EA 177 11.53 51.52 -71.72
CA VAL EA 177 10.22 51.96 -71.24
C VAL EA 177 9.29 50.77 -71.04
N LEU EA 178 9.30 49.84 -71.99
CA LEU EA 178 8.45 48.67 -71.90
C LEU EA 178 8.85 47.78 -70.71
N GLU EA 179 10.14 47.67 -70.43
CA GLU EA 179 10.60 46.93 -69.27
C GLU EA 179 10.10 47.58 -67.99
N VAL EA 180 10.16 48.91 -67.92
CA VAL EA 180 9.66 49.62 -66.74
C VAL EA 180 8.17 49.34 -66.56
N VAL EA 181 7.40 49.42 -67.66
CA VAL EA 181 5.96 49.19 -67.59
C VAL EA 181 5.66 47.75 -67.16
N GLU EA 182 6.40 46.79 -67.71
CA GLU EA 182 6.20 45.39 -67.36
C GLU EA 182 6.51 45.14 -65.89
N GLU EA 183 7.59 45.74 -65.39
CA GLU EA 183 7.93 45.59 -63.97
C GLU EA 183 6.84 46.18 -63.09
N SER EA 184 6.32 47.35 -63.47
CA SER EA 184 5.22 47.95 -62.70
C SER EA 184 4.00 47.05 -62.70
N LEU EA 185 3.64 46.49 -63.86
CA LEU EA 185 2.49 45.61 -63.96
C LEU EA 185 2.68 44.36 -63.12
N LYS EA 186 3.88 43.77 -63.17
CA LYS EA 186 4.16 42.56 -62.40
C LYS EA 186 4.07 42.84 -60.90
N ALA EA 187 4.64 43.95 -60.46
CA ALA EA 187 4.65 44.26 -59.03
C ALA EA 187 3.27 44.67 -58.52
N MET EA 188 2.46 45.29 -59.37
CA MET EA 188 1.16 45.80 -58.89
C MET EA 188 0.17 44.67 -58.64
N GLY EA 189 0.21 43.60 -59.43
CA GLY EA 189 -0.66 42.46 -59.17
C GLY EA 189 -1.24 41.76 -60.38
N MET EA 190 -0.91 42.24 -61.59
CA MET EA 190 -1.45 41.64 -62.79
C MET EA 190 -0.97 40.19 -62.95
N GLU EA 191 -1.84 39.35 -63.50
CA GLU EA 191 -1.46 37.98 -63.80
C GLU EA 191 -0.48 37.95 -64.99
N PRO EA 192 0.50 37.05 -64.96
CA PRO EA 192 1.55 37.06 -65.99
C PRO EA 192 1.05 37.00 -67.43
N ARG EA 193 -0.04 36.27 -67.69
CA ARG EA 193 -0.49 36.08 -69.06
C ARG EA 193 -0.91 37.39 -69.71
N GLU EA 194 -1.63 38.24 -68.97
CA GLU EA 194 -2.03 39.54 -69.52
C GLU EA 194 -0.83 40.45 -69.78
N ILE EA 195 0.16 40.43 -68.89
CA ILE EA 195 1.36 41.22 -69.10
C ILE EA 195 2.09 40.75 -70.35
N ASN EA 196 2.21 39.44 -70.51
CA ASN EA 196 2.83 38.90 -71.72
C ASN EA 196 2.06 39.31 -72.96
N ARG EA 197 0.72 39.28 -72.88
CA ARG EA 197 -0.10 39.65 -74.03
C ARG EA 197 0.11 41.11 -74.42
N VAL EA 198 0.11 42.01 -73.43
CA VAL EA 198 0.25 43.43 -73.76
C VAL EA 198 1.65 43.74 -74.26
N LEU EA 199 2.68 43.13 -73.67
CA LEU EA 199 4.03 43.34 -74.16
C LEU EA 199 4.19 42.81 -75.58
N ALA EA 200 3.61 41.64 -75.87
CA ALA EA 200 3.68 41.10 -77.21
C ALA EA 200 2.95 42.00 -78.20
N ALA EA 201 1.80 42.55 -77.81
CA ALA EA 201 1.08 43.47 -78.70
C ALA EA 201 1.90 44.73 -78.98
N ALA EA 202 2.55 45.27 -77.95
CA ALA EA 202 3.39 46.46 -78.15
C ALA EA 202 4.55 46.15 -79.08
N TYR EA 203 5.23 45.03 -78.88
CA TYR EA 203 6.30 44.63 -79.78
C TYR EA 203 5.79 44.44 -81.19
N LEU EA 204 4.61 43.85 -81.35
CA LEU EA 204 4.06 43.61 -82.68
C LEU EA 204 3.74 44.90 -83.40
N THR EA 205 3.14 45.87 -82.71
CA THR EA 205 2.83 47.13 -83.39
C THR EA 205 4.10 47.90 -83.72
N LEU EA 206 5.11 47.85 -82.83
CA LEU EA 206 6.38 48.50 -83.14
C LEU EA 206 7.03 47.87 -84.37
N ALA EA 207 7.05 46.54 -84.43
CA ALA EA 207 7.64 45.86 -85.58
C ALA EA 207 6.85 46.11 -86.85
N ALA EA 208 5.52 46.18 -86.74
CA ALA EA 208 4.69 46.47 -87.90
C ALA EA 208 4.99 47.86 -88.45
N GLU EA 209 5.11 48.85 -87.58
CA GLU EA 209 5.49 50.18 -88.05
C GLU EA 209 6.88 50.17 -88.68
N LEU EA 210 7.82 49.47 -88.07
CA LEU EA 210 9.18 49.43 -88.61
C LEU EA 210 9.19 48.81 -90.00
N LEU EA 211 8.45 47.71 -90.20
CA LEU EA 211 8.40 47.07 -91.50
C LEU EA 211 7.66 47.94 -92.51
N GLU EA 212 6.57 48.59 -92.11
CA GLU EA 212 5.83 49.44 -93.03
C GLU EA 212 6.64 50.63 -93.50
N ARG EA 213 7.52 51.15 -92.63
CA ARG EA 213 8.36 52.27 -93.04
C ARG EA 213 9.23 51.93 -94.24
N LEU EA 214 9.63 50.66 -94.37
CA LEU EA 214 10.48 50.23 -95.47
C LEU EA 214 9.71 49.87 -96.74
N GLY EA 215 8.37 49.90 -96.70
CA GLY EA 215 7.56 49.61 -97.86
C GLY EA 215 6.94 48.23 -97.88
N LEU EA 216 7.36 47.32 -97.01
CA LEU EA 216 6.78 45.97 -96.93
C LEU EA 216 5.43 46.04 -96.23
N THR EA 217 4.45 46.60 -96.94
CA THR EA 217 3.14 46.84 -96.35
C THR EA 217 2.36 45.55 -96.10
N ALA EA 218 2.50 44.55 -96.97
CA ALA EA 218 1.77 43.29 -96.76
C ALA EA 218 2.27 42.55 -95.53
N LEU EA 219 3.58 42.54 -95.31
CA LEU EA 219 4.13 41.92 -94.11
C LEU EA 219 3.64 42.64 -92.86
N ALA EA 220 3.62 43.97 -92.90
CA ALA EA 220 3.09 44.74 -91.77
C ALA EA 220 1.62 44.44 -91.53
N ALA EA 221 0.84 44.28 -92.61
CA ALA EA 221 -0.57 43.93 -92.46
C ALA EA 221 -0.73 42.56 -91.82
N ARG EA 222 0.12 41.60 -92.21
CA ARG EA 222 0.07 40.28 -91.59
C ARG EA 222 0.43 40.35 -90.10
N ILE EA 223 1.42 41.19 -89.76
CA ILE EA 223 1.78 41.36 -88.35
C ILE EA 223 0.63 41.96 -87.56
N ARG EA 224 -0.05 42.96 -88.14
CA ARG EA 224 -1.22 43.54 -87.48
C ARG EA 224 -2.33 42.51 -87.30
N ARG EA 225 -2.56 41.68 -88.32
CA ARG EA 225 -3.55 40.61 -88.19
C ARG EA 225 -3.18 39.66 -87.05
N ALA EA 226 -1.90 39.31 -86.95
CA ALA EA 226 -1.47 38.44 -85.85
C ALA EA 226 -1.69 39.10 -84.50
N ARG EA 227 -1.40 40.39 -84.40
CA ARG EA 227 -1.63 41.11 -83.15
C ARG EA 227 -3.11 41.12 -82.79
N GLU EA 228 -3.98 41.39 -83.77
CA GLU EA 228 -5.41 41.44 -83.51
C GLU EA 228 -5.93 40.07 -83.08
N LEU EA 229 -5.46 38.99 -83.73
CA LEU EA 229 -5.86 37.66 -83.29
C LEU EA 229 -5.33 37.34 -81.90
N LEU EA 230 -4.14 37.85 -81.55
CA LEU EA 230 -3.61 37.64 -80.21
C LEU EA 230 -4.46 38.34 -79.16
N LEU EA 231 -4.88 39.58 -79.44
CA LEU EA 231 -5.65 40.34 -78.46
C LEU EA 231 -7.07 39.81 -78.29
N ALA EA 232 -7.55 38.97 -79.21
CA ALA EA 232 -8.91 38.43 -79.16
C ALA EA 232 -8.98 37.08 -78.47
N GLY EA 233 -7.87 36.60 -77.91
CA GLY EA 233 -7.82 35.31 -77.25
C GLY EA 233 -7.39 34.16 -78.14
N ARG EA 234 -7.26 34.38 -79.44
CA ARG EA 234 -6.81 33.35 -80.38
C ARG EA 234 -5.28 33.33 -80.37
N VAL EA 235 -4.71 32.48 -79.52
CA VAL EA 235 -3.28 32.50 -79.28
C VAL EA 235 -2.52 31.71 -80.34
N GLU EA 236 -2.95 30.47 -80.59
CA GLU EA 236 -2.18 29.59 -81.48
C GLU EA 236 -2.21 30.08 -82.93
N GLU EA 237 -3.35 30.61 -83.37
CA GLU EA 237 -3.44 31.13 -84.73
C GLU EA 237 -2.50 32.31 -84.92
N ALA EA 238 -2.47 33.23 -83.94
CA ALA EA 238 -1.54 34.34 -84.00
C ALA EA 238 -0.09 33.85 -83.95
N LEU EA 239 0.17 32.82 -83.15
CA LEU EA 239 1.51 32.24 -83.07
C LEU EA 239 1.96 31.75 -84.44
N HIS EA 240 1.10 30.99 -85.12
CA HIS EA 240 1.49 30.45 -86.42
C HIS EA 240 1.61 31.55 -87.47
N LEU EA 241 0.72 32.54 -87.44
CA LEU EA 241 0.84 33.66 -88.37
C LEU EA 241 2.16 34.38 -88.17
N LEU EA 242 2.54 34.61 -86.91
CA LEU EA 242 3.81 35.26 -86.61
C LEU EA 242 4.99 34.42 -87.07
N GLN EA 243 4.92 33.10 -86.88
CA GLN EA 243 6.01 32.24 -87.31
C GLN EA 243 6.18 32.28 -88.83
N ASP EA 244 5.06 32.23 -89.56
CA ASP EA 244 5.15 32.32 -91.02
C ASP EA 244 5.72 33.68 -91.46
N ALA EA 245 5.28 34.76 -90.81
CA ALA EA 245 5.82 36.07 -91.12
C ALA EA 245 7.32 36.13 -90.83
N VAL EA 246 7.76 35.50 -89.74
CA VAL EA 246 9.17 35.48 -89.39
C VAL EA 246 9.98 34.73 -90.44
N GLU EA 247 9.47 33.58 -90.90
CA GLU EA 247 10.18 32.84 -91.94
C GLU EA 247 10.28 33.65 -93.23
N LEU EA 248 9.21 34.33 -93.61
CA LEU EA 248 9.26 35.13 -94.83
C LEU EA 248 10.23 36.31 -94.67
N LEU EA 249 10.23 36.93 -93.49
CA LEU EA 249 11.19 38.01 -93.22
C LEU EA 249 12.62 37.51 -93.28
N HIS EA 250 12.87 36.32 -92.74
CA HIS EA 250 14.20 35.72 -92.82
C HIS EA 250 14.59 35.46 -94.25
N GLU EA 251 13.65 34.98 -95.07
CA GLU EA 251 13.92 34.77 -96.49
C GLU EA 251 14.34 36.07 -97.16
N ARG EA 252 13.59 37.14 -96.91
CA ARG EA 252 13.94 38.44 -97.50
C ARG EA 252 15.30 38.93 -97.00
N ILE EA 253 15.57 38.78 -95.70
CA ILE EA 253 16.81 39.27 -95.12
C ILE EA 253 18.01 38.55 -95.72
N ARG EA 254 17.93 37.22 -95.79
CA ARG EA 254 19.02 36.45 -96.37
C ARG EA 254 19.09 36.58 -97.89
N GLU EA 255 18.03 37.05 -98.53
CA GLU EA 255 18.12 37.40 -99.94
C GLU EA 255 18.89 38.71 -100.13
N LEU EA 256 18.64 39.69 -99.27
CA LEU EA 256 19.34 40.97 -99.40
C LEU EA 256 20.83 40.82 -99.09
N GLY EA 257 21.18 40.15 -98.02
CA GLY EA 257 22.57 39.93 -97.66
C GLY EA 257 23.03 40.91 -96.59
N PHE EA 258 24.18 41.54 -96.83
CA PHE EA 258 24.76 42.49 -95.89
C PHE EA 258 24.33 43.93 -96.16
N GLU EA 259 23.47 44.15 -97.14
CA GLU EA 259 22.91 45.47 -97.45
C GLU EA 259 21.50 45.63 -96.89
N ALA EA 260 21.10 44.79 -95.96
CA ALA EA 260 19.77 44.88 -95.37
C ALA EA 260 19.70 46.10 -94.46
N PRO EA 261 18.73 46.99 -94.66
CA PRO EA 261 18.60 48.15 -93.76
C PRO EA 261 18.33 47.71 -92.33
N GLU EA 262 18.70 48.57 -91.38
CA GLU EA 262 18.56 48.27 -89.97
C GLU EA 262 17.10 48.00 -89.58
N GLU EA 263 16.15 48.49 -90.37
CA GLU EA 263 14.75 48.27 -90.07
C GLU EA 263 14.42 46.79 -90.04
N LEU EA 264 14.92 46.04 -91.03
CA LEU EA 264 14.62 44.60 -91.09
C LEU EA 264 15.20 43.86 -89.89
N LEU EA 265 16.44 44.17 -89.50
CA LEU EA 265 17.06 43.48 -88.38
C LEU EA 265 16.36 43.81 -87.07
N LEU EA 266 16.04 45.08 -86.85
CA LEU EA 266 15.35 45.46 -85.62
C LEU EA 266 13.95 44.85 -85.57
N ALA EA 267 13.25 44.83 -86.71
CA ALA EA 267 11.94 44.19 -86.76
C ALA EA 267 12.05 42.70 -86.48
N ASP EA 268 13.09 42.05 -87.00
CA ASP EA 268 13.28 40.63 -86.74
C ASP EA 268 13.52 40.37 -85.26
N LEU EA 269 14.34 41.20 -84.61
CA LEU EA 269 14.58 41.02 -83.18
C LEU EA 269 13.29 41.23 -82.39
N LEU EA 270 12.53 42.27 -82.72
CA LEU EA 270 11.27 42.52 -82.03
C LEU EA 270 10.29 41.37 -82.24
N LEU EA 271 10.24 40.83 -83.45
CA LEU EA 271 9.35 39.70 -83.74
C LEU EA 271 9.77 38.45 -82.98
N GLN EA 272 11.08 38.25 -82.81
CA GLN EA 272 11.52 37.11 -82.00
C GLN EA 272 11.13 37.27 -80.54
N ARG EA 273 11.28 38.48 -80.00
CA ARG EA 273 10.83 38.71 -78.62
C ARG EA 273 9.32 38.49 -78.48
N ALA EA 274 8.55 38.99 -79.46
CA ALA EA 274 7.11 38.78 -79.44
C ALA EA 274 6.75 37.30 -79.55
N LEU EA 275 7.50 36.56 -80.38
CA LEU EA 275 7.27 35.12 -80.51
C LEU EA 275 7.51 34.41 -79.20
N GLU EA 276 8.62 34.75 -78.52
CA GLU EA 276 8.91 34.14 -77.23
C GLU EA 276 7.81 34.46 -76.23
N LEU EA 277 7.39 35.72 -76.16
CA LEU EA 277 6.36 36.11 -75.21
C LEU EA 277 5.03 35.41 -75.50
N ILE EA 278 4.65 35.31 -76.77
CA ILE EA 278 3.40 34.65 -77.13
C ILE EA 278 3.47 33.16 -76.79
N SER EA 279 4.61 32.52 -77.07
CA SER EA 279 4.75 31.11 -76.74
C SER EA 279 4.67 30.88 -75.23
N SER EA 280 5.23 31.81 -74.45
CA SER EA 280 5.19 31.67 -73.00
C SER EA 280 3.80 31.90 -72.41
N ILE EA 281 2.85 32.40 -73.19
CA ILE EA 281 1.50 32.66 -72.69
C ILE EA 281 0.82 31.34 -72.33
N THR FA 24 61.42 42.95 -85.28
CA THR FA 24 62.49 42.24 -84.60
C THR FA 24 61.97 41.00 -83.87
N VAL FA 25 60.67 41.03 -83.56
CA VAL FA 25 59.93 39.89 -82.98
C VAL FA 25 60.33 39.64 -81.53
N GLU FA 26 61.63 39.46 -81.27
CA GLU FA 26 62.06 39.16 -79.91
C GLU FA 26 61.79 40.34 -78.97
N GLU FA 27 62.23 41.53 -79.36
CA GLU FA 27 61.98 42.72 -78.55
C GLU FA 27 60.50 42.89 -78.28
N GLU FA 28 59.65 42.47 -79.23
CA GLU FA 28 58.22 42.42 -78.96
C GLU FA 28 57.91 41.51 -77.79
N VAL FA 29 58.64 40.38 -77.67
CA VAL FA 29 58.36 39.44 -76.58
C VAL FA 29 58.76 40.05 -75.23
N ILE FA 30 59.98 40.61 -75.13
CA ILE FA 30 60.37 41.16 -73.83
C ILE FA 30 59.51 42.38 -73.49
N ARG FA 31 59.20 43.22 -74.48
CA ARG FA 31 58.31 44.34 -74.23
C ARG FA 31 56.93 43.88 -73.81
N PHE FA 32 56.44 42.78 -74.38
CA PHE FA 32 55.14 42.23 -73.96
C PHE FA 32 55.17 41.83 -72.50
N ALA FA 33 56.25 41.14 -72.08
CA ALA FA 33 56.34 40.73 -70.68
C ALA FA 33 56.38 41.95 -69.76
N GLU FA 34 57.24 42.92 -70.08
CA GLU FA 34 57.36 44.10 -69.22
C GLU FA 34 56.07 44.91 -69.19
N GLU FA 35 55.42 45.09 -70.34
CA GLU FA 35 54.16 45.82 -70.38
C GLU FA 35 53.06 45.08 -69.63
N LEU FA 36 53.05 43.76 -69.69
CA LEU FA 36 52.07 43.00 -68.92
C LEU FA 36 52.27 43.21 -67.43
N ALA FA 37 53.53 43.16 -66.97
CA ALA FA 37 53.79 43.42 -65.55
C ALA FA 37 53.39 44.83 -65.16
N GLU FA 38 53.71 45.81 -66.01
CA GLU FA 38 53.35 47.20 -65.71
C GLU FA 38 51.84 47.39 -65.69
N GLU FA 39 51.12 46.68 -66.57
CA GLU FA 39 49.66 46.76 -66.57
C GLU FA 39 49.08 46.17 -65.30
N ILE FA 40 49.65 45.06 -64.82
CA ILE FA 40 49.22 44.53 -63.51
C ILE FA 40 49.44 45.57 -62.43
N ARG FA 41 50.60 46.23 -62.44
CA ARG FA 41 50.89 47.24 -61.44
C ARG FA 41 49.90 48.40 -61.51
N ARG FA 42 49.57 48.84 -62.73
CA ARG FA 42 48.63 49.95 -62.89
C ARG FA 42 47.24 49.57 -62.41
N VAL FA 43 46.77 48.37 -62.77
CA VAL FA 43 45.41 47.98 -62.43
C VAL FA 43 45.26 47.73 -60.93
N THR FA 44 46.25 47.09 -60.32
CA THR FA 44 46.15 46.72 -58.92
C THR FA 44 47.06 47.52 -57.99
N GLY FA 45 48.33 47.67 -58.34
CA GLY FA 45 49.26 48.36 -57.46
C GLY FA 45 50.24 47.42 -56.80
N GLU FA 46 50.20 47.33 -55.47
CA GLU FA 46 51.07 46.44 -54.72
C GLU FA 46 50.28 45.44 -53.88
N ALA FA 47 48.97 45.34 -54.12
CA ALA FA 47 48.17 44.31 -53.45
C ALA FA 47 48.39 42.93 -54.07
N TYR FA 48 48.68 42.86 -55.36
CA TYR FA 48 48.98 41.62 -56.05
C TYR FA 48 50.38 41.77 -56.64
N ARG FA 49 51.39 41.44 -55.84
CA ARG FA 49 52.78 41.57 -56.26
C ARG FA 49 53.42 40.24 -56.63
N GLU FA 50 52.95 39.13 -56.08
CA GLU FA 50 53.44 37.82 -56.47
C GLU FA 50 53.14 37.54 -57.94
N TYR FA 51 51.98 38.01 -58.43
CA TYR FA 51 51.65 37.83 -59.83
C TYR FA 51 52.60 38.60 -60.73
N ALA FA 52 52.95 39.83 -60.34
CA ALA FA 52 53.93 40.60 -61.11
C ALA FA 52 55.29 39.93 -61.07
N GLU FA 53 55.67 39.39 -59.91
CA GLU FA 53 56.93 38.65 -59.81
C GLU FA 53 56.95 37.45 -60.76
N ALA FA 54 55.85 36.70 -60.79
CA ALA FA 54 55.76 35.54 -61.67
C ALA FA 54 55.81 35.96 -63.14
N VAL FA 55 55.13 37.06 -63.49
CA VAL FA 55 55.15 37.52 -64.87
C VAL FA 55 56.56 37.94 -65.28
N ARG FA 56 57.27 38.65 -64.40
CA ARG FA 56 58.64 39.05 -64.72
C ARG FA 56 59.56 37.84 -64.83
N HIS FA 57 59.36 36.83 -63.97
CA HIS FA 57 60.15 35.61 -64.08
C HIS FA 57 59.88 34.90 -65.40
N LEU FA 58 58.62 34.82 -65.82
CA LEU FA 58 58.30 34.19 -67.10
C LEU FA 58 58.87 34.98 -68.26
N GLY FA 59 58.87 36.31 -68.16
CA GLY FA 59 59.54 37.11 -69.18
C GLY FA 59 61.04 36.85 -69.25
N GLU FA 60 61.67 36.68 -68.09
CA GLU FA 60 63.09 36.33 -68.06
C GLU FA 60 63.31 34.96 -68.70
N ALA FA 61 62.43 34.00 -68.43
CA ALA FA 61 62.56 32.69 -69.05
C ALA FA 61 62.40 32.78 -70.57
N ALA FA 62 61.43 33.56 -71.03
CA ALA FA 62 61.23 33.74 -72.48
C ALA FA 62 62.44 34.40 -73.11
N LYS FA 63 63.05 35.36 -72.42
CA LYS FA 63 64.29 35.95 -72.91
C LYS FA 63 65.41 34.92 -72.97
N ALA FA 64 65.51 34.06 -71.96
CA ALA FA 64 66.59 33.07 -71.91
C ALA FA 64 66.43 32.02 -73.00
N VAL FA 65 65.19 31.70 -73.38
CA VAL FA 65 64.97 30.73 -74.44
C VAL FA 65 65.56 31.21 -75.76
N LEU FA 66 65.49 32.51 -76.00
CA LEU FA 66 65.72 33.06 -77.34
C LEU FA 66 67.19 33.06 -77.76
N GLU FA 67 68.13 32.79 -76.85
CA GLU FA 67 69.53 32.70 -77.25
C GLU FA 67 69.99 31.27 -77.47
N GLY FA 68 69.40 30.31 -76.78
CA GLY FA 68 69.78 28.92 -76.95
C GLY FA 68 69.88 28.17 -75.63
N ASN FA 69 70.13 28.90 -74.54
CA ASN FA 69 70.22 28.28 -73.23
C ASN FA 69 68.86 27.74 -72.82
N SER FA 70 68.74 26.42 -72.74
CA SER FA 70 67.45 25.77 -72.56
C SER FA 70 67.25 25.19 -71.15
N VAL FA 71 68.27 25.22 -70.30
CA VAL FA 71 68.12 24.68 -68.95
C VAL FA 71 67.72 25.77 -67.96
N GLU FA 72 68.26 26.97 -68.11
CA GLU FA 72 67.85 28.09 -67.27
C GLU FA 72 66.36 28.38 -67.43
N ALA FA 73 65.83 28.17 -68.65
CA ALA FA 73 64.39 28.33 -68.85
C ALA FA 73 63.61 27.32 -68.01
N ASP FA 74 64.06 26.07 -67.97
CA ASP FA 74 63.39 25.07 -67.14
C ASP FA 74 63.46 25.44 -65.67
N LEU FA 75 64.63 25.91 -65.21
CA LEU FA 75 64.78 26.30 -63.82
C LEU FA 75 63.85 27.46 -63.47
N ILE FA 76 63.74 28.44 -64.36
CA ILE FA 76 62.87 29.59 -64.10
C ILE FA 76 61.41 29.17 -64.11
N VAL FA 77 61.03 28.25 -65.01
CA VAL FA 77 59.66 27.77 -65.04
C VAL FA 77 59.32 27.03 -63.75
N THR FA 78 60.28 26.25 -63.24
CA THR FA 78 60.06 25.58 -61.95
C THR FA 78 59.93 26.59 -60.81
N ASP FA 79 60.72 27.67 -60.85
CA ASP FA 79 60.58 28.73 -59.85
C ASP FA 79 59.19 29.36 -59.91
N VAL FA 80 58.70 29.62 -61.12
CA VAL FA 80 57.35 30.18 -61.28
C VAL FA 80 56.32 29.19 -60.77
N LEU FA 81 56.55 27.89 -61.01
CA LEU FA 81 55.63 26.87 -60.50
C LEU FA 81 55.58 26.89 -58.98
N ARG FA 82 56.73 27.03 -58.33
CA ARG FA 82 56.74 27.13 -56.87
C ARG FA 82 56.02 28.38 -56.39
N LEU FA 83 56.23 29.51 -57.07
CA LEU FA 83 55.55 30.75 -56.69
C LEU FA 83 54.04 30.59 -56.79
N LEU FA 84 53.56 30.00 -57.89
CA LEU FA 84 52.13 29.80 -58.08
C LEU FA 84 51.57 28.77 -57.10
N GLU FA 85 52.38 27.78 -56.72
CA GLU FA 85 51.95 26.83 -55.70
C GLU FA 85 51.79 27.53 -54.35
N ARG FA 86 52.69 28.47 -54.05
CA ARG FA 86 52.55 29.26 -52.84
C ARG FA 86 51.32 30.17 -52.90
N ILE FA 87 51.01 30.71 -54.09
CA ILE FA 87 49.86 31.59 -54.23
C ILE FA 87 48.56 30.85 -53.91
N GLY FA 88 48.37 29.69 -54.53
CA GLY FA 88 47.21 28.87 -54.24
C GLY FA 88 46.08 28.96 -55.24
N GLU FA 89 46.42 28.95 -56.53
CA GLU FA 89 45.43 28.97 -57.61
C GLU FA 89 45.54 27.64 -58.35
N GLU FA 90 44.60 26.73 -58.08
CA GLU FA 90 44.73 25.34 -58.52
C GLU FA 90 44.84 25.22 -60.03
N GLY FA 91 43.93 25.86 -60.77
CA GLY FA 91 43.98 25.77 -62.22
C GLY FA 91 45.24 26.39 -62.81
N LEU FA 92 45.70 27.49 -62.21
CA LEU FA 92 46.90 28.13 -62.70
C LEU FA 92 48.12 27.24 -62.46
N VAL FA 93 48.16 26.56 -61.30
CA VAL FA 93 49.24 25.62 -61.03
C VAL FA 93 49.20 24.45 -62.01
N LYS FA 94 48.00 23.96 -62.32
CA LYS FA 94 47.86 22.90 -63.31
C LYS FA 94 48.43 23.33 -64.65
N LEU FA 95 48.04 24.51 -65.11
CA LEU FA 95 48.57 25.03 -66.37
C LEU FA 95 50.09 25.19 -66.30
N ALA FA 96 50.60 25.59 -65.14
CA ALA FA 96 52.05 25.72 -64.98
C ALA FA 96 52.75 24.37 -65.12
N ARG FA 97 52.17 23.32 -64.54
CA ARG FA 97 52.77 21.99 -64.68
C ARG FA 97 52.76 21.52 -66.14
N GLU FA 98 51.64 21.71 -66.83
CA GLU FA 98 51.59 21.33 -68.24
C GLU FA 98 52.60 22.12 -69.06
N VAL FA 99 52.72 23.42 -68.78
CA VAL FA 99 53.71 24.25 -69.49
C VAL FA 99 55.12 23.75 -69.21
N HIS FA 100 55.41 23.40 -67.95
CA HIS FA 100 56.72 22.87 -67.60
C HIS FA 100 57.05 21.63 -68.42
N GLU FA 101 56.14 20.65 -68.41
CA GLU FA 101 56.41 19.39 -69.11
C GLU FA 101 56.56 19.61 -70.61
N ARG FA 102 55.60 20.30 -71.23
CA ARG FA 102 55.63 20.48 -72.67
C ARG FA 102 56.82 21.31 -73.10
N SER FA 103 57.13 22.38 -72.36
CA SER FA 103 58.28 23.22 -72.69
C SER FA 103 59.58 22.44 -72.58
N PHE FA 104 59.72 21.62 -71.53
CA PHE FA 104 60.92 20.80 -71.41
C PHE FA 104 61.07 19.87 -72.62
N GLU FA 105 59.99 19.16 -72.96
CA GLU FA 105 60.08 18.21 -74.08
C GLU FA 105 60.39 18.92 -75.39
N LEU FA 106 59.70 20.04 -75.66
CA LEU FA 106 59.91 20.74 -76.92
C LEU FA 106 61.30 21.35 -76.99
N LEU FA 107 61.79 21.92 -75.89
CA LEU FA 107 63.13 22.50 -75.90
C LEU FA 107 64.20 21.43 -76.04
N ARG FA 108 63.98 20.24 -75.47
CA ARG FA 108 64.89 19.14 -75.74
C ARG FA 108 64.87 18.75 -77.21
N LYS FA 109 63.67 18.68 -77.81
CA LYS FA 109 63.58 18.36 -79.23
C LYS FA 109 64.10 19.50 -80.09
N GLY FA 110 63.72 20.73 -79.78
CA GLY FA 110 64.20 21.88 -80.51
C GLY FA 110 63.12 22.84 -80.98
N ASN FA 111 61.90 22.67 -80.48
CA ASN FA 111 60.78 23.53 -80.86
C ASN FA 111 60.79 24.77 -79.99
N ARG FA 112 61.57 25.76 -80.42
CA ARG FA 112 61.69 27.01 -79.66
C ARG FA 112 60.37 27.77 -79.64
N VAL FA 113 59.70 27.85 -80.78
CA VAL FA 113 58.56 28.73 -80.94
C VAL FA 113 57.40 28.28 -80.06
N GLU FA 114 57.14 26.97 -80.01
CA GLU FA 114 56.02 26.49 -79.20
C GLU FA 114 56.28 26.65 -77.72
N ALA FA 115 57.53 26.45 -77.28
CA ALA FA 115 57.86 26.72 -75.89
C ALA FA 115 57.68 28.19 -75.54
N LEU FA 116 58.11 29.09 -76.45
CA LEU FA 116 57.87 30.51 -76.24
C LEU FA 116 56.38 30.82 -76.14
N ALA FA 117 55.58 30.21 -77.01
CA ALA FA 117 54.14 30.43 -76.97
C ALA FA 117 53.55 29.95 -75.65
N LEU FA 118 53.99 28.80 -75.17
CA LEU FA 118 53.48 28.28 -73.89
C LEU FA 118 53.86 29.21 -72.74
N ILE FA 119 55.09 29.72 -72.74
CA ILE FA 119 55.52 30.63 -71.68
C ILE FA 119 54.68 31.91 -71.70
N LEU FA 120 54.48 32.46 -72.89
CA LEU FA 120 53.66 33.68 -73.01
C LEU FA 120 52.22 33.43 -72.58
N ALA FA 121 51.67 32.26 -72.93
CA ALA FA 121 50.32 31.93 -72.51
C ALA FA 121 50.22 31.82 -71.00
N LEU FA 122 51.22 31.22 -70.36
CA LEU FA 122 51.23 31.15 -68.90
C LEU FA 122 51.29 32.54 -68.28
N ALA FA 123 52.13 33.42 -68.83
CA ALA FA 123 52.23 34.77 -68.30
C ALA FA 123 50.90 35.52 -68.44
N LEU FA 124 50.26 35.39 -69.59
CA LEU FA 124 48.96 36.03 -69.80
C LEU FA 124 47.92 35.45 -68.85
N ALA FA 125 47.96 34.15 -68.60
CA ALA FA 125 47.01 33.54 -67.68
C ALA FA 125 47.18 34.10 -66.27
N VAL FA 126 48.43 34.25 -65.82
CA VAL FA 126 48.68 34.82 -64.49
C VAL FA 126 48.15 36.26 -64.43
N ALA FA 127 48.47 37.05 -65.45
CA ALA FA 127 48.05 38.45 -65.46
C ALA FA 127 46.53 38.58 -65.45
N LEU FA 128 45.85 37.79 -66.29
CA LEU FA 128 44.39 37.87 -66.37
C LEU FA 128 43.75 37.37 -65.08
N THR FA 129 44.32 36.34 -64.46
CA THR FA 129 43.79 35.87 -63.19
C THR FA 129 43.88 36.96 -62.12
N ALA FA 130 45.04 37.63 -62.04
CA ALA FA 130 45.20 38.70 -61.07
C ALA FA 130 44.22 39.84 -61.33
N VAL FA 131 44.11 40.26 -62.59
CA VAL FA 131 43.24 41.38 -62.93
C VAL FA 131 41.79 41.04 -62.64
N SER FA 132 41.35 39.84 -63.02
CA SER FA 132 39.97 39.44 -62.78
C SER FA 132 39.68 39.35 -61.28
N LYS FA 133 40.62 38.83 -60.50
CA LYS FA 133 40.42 38.76 -59.06
C LYS FA 133 40.28 40.16 -58.46
N ALA FA 134 41.13 41.09 -58.90
CA ALA FA 134 41.04 42.46 -58.40
C ALA FA 134 39.71 43.09 -58.78
N PHE FA 135 39.28 42.91 -60.04
CA PHE FA 135 38.03 43.51 -60.50
C PHE FA 135 36.83 42.95 -59.75
N PHE FA 136 36.80 41.63 -59.51
CA PHE FA 136 35.71 41.06 -58.76
C PHE FA 136 35.72 41.52 -57.31
N LEU FA 137 36.91 41.62 -56.70
CA LEU FA 137 36.98 42.07 -55.32
C LEU FA 137 36.48 43.51 -55.19
N LEU FA 138 36.84 44.38 -56.14
CA LEU FA 138 36.34 45.75 -56.11
C LEU FA 138 34.82 45.78 -56.23
N GLY FA 139 34.26 45.00 -57.17
CA GLY FA 139 32.84 44.98 -57.40
C GLY FA 139 32.47 45.51 -58.78
N GLN FA 140 33.44 45.47 -59.70
CA GLN FA 140 33.25 46.03 -61.02
C GLN FA 140 32.25 45.18 -61.82
N PRO FA 141 31.56 45.79 -62.78
CA PRO FA 141 30.67 45.01 -63.65
C PRO FA 141 31.44 44.21 -64.68
N ALA FA 142 30.72 43.31 -65.35
CA ALA FA 142 31.35 42.35 -66.25
C ALA FA 142 31.85 43.00 -67.55
N ARG FA 143 31.37 44.19 -67.89
CA ARG FA 143 31.71 44.79 -69.18
C ARG FA 143 33.21 45.07 -69.28
N LEU FA 144 33.77 45.73 -68.25
CA LEU FA 144 35.18 46.07 -68.28
C LEU FA 144 36.06 44.82 -68.20
N ILE FA 145 35.66 43.84 -67.38
CA ILE FA 145 36.41 42.59 -67.30
C ILE FA 145 36.47 41.92 -68.67
N ALA FA 146 35.33 41.81 -69.33
CA ALA FA 146 35.28 41.18 -70.65
C ALA FA 146 36.11 41.95 -71.67
N GLU FA 147 36.01 43.29 -71.64
CA GLU FA 147 36.75 44.09 -72.60
C GLU FA 147 38.25 43.94 -72.40
N TYR FA 148 38.71 43.97 -71.14
CA TYR FA 148 40.14 43.83 -70.87
C TYR FA 148 40.64 42.44 -71.25
N VAL FA 149 39.87 41.40 -70.93
CA VAL FA 149 40.27 40.04 -71.29
C VAL FA 149 40.38 39.91 -72.81
N GLY FA 150 39.39 40.44 -73.53
CA GLY FA 150 39.43 40.39 -74.98
C GLY FA 150 40.62 41.13 -75.55
N GLU FA 151 40.91 42.32 -75.01
CA GLU FA 151 42.05 43.10 -75.51
C GLU FA 151 43.36 42.36 -75.28
N LYS FA 152 43.54 41.79 -74.08
CA LYS FA 152 44.78 41.07 -73.79
C LYS FA 152 44.92 39.83 -74.67
N LEU FA 153 43.80 39.11 -74.88
CA LEU FA 153 43.84 37.94 -75.75
C LEU FA 153 44.19 38.35 -77.18
N LEU FA 154 43.66 39.48 -77.64
CA LEU FA 154 44.00 39.98 -78.97
C LEU FA 154 45.48 40.30 -79.08
N GLU FA 155 46.04 40.96 -78.06
CA GLU FA 155 47.46 41.27 -78.09
C GLU FA 155 48.31 39.99 -78.14
N LEU FA 156 47.95 39.00 -77.32
CA LEU FA 156 48.69 37.74 -77.34
C LEU FA 156 48.57 37.05 -78.68
N ARG FA 157 47.38 37.08 -79.28
CA ARG FA 157 47.18 36.45 -80.58
C ARG FA 157 48.02 37.12 -81.65
N ARG FA 158 48.08 38.45 -81.65
CA ARG FA 158 48.92 39.15 -82.61
C ARG FA 158 50.39 38.81 -82.41
N LEU FA 159 50.84 38.76 -81.15
CA LEU FA 159 52.23 38.41 -80.89
C LEU FA 159 52.55 37.01 -81.38
N LEU FA 160 51.68 36.05 -81.07
CA LEU FA 160 51.93 34.66 -81.47
C LEU FA 160 51.91 34.51 -82.98
N GLU FA 161 50.98 35.19 -83.66
CA GLU FA 161 50.95 35.14 -85.12
C GLU FA 161 52.21 35.77 -85.71
N LYS FA 162 52.74 36.82 -85.07
CA LYS FA 162 54.01 37.38 -85.51
C LYS FA 162 55.15 36.40 -85.31
N LEU FA 163 55.09 35.61 -84.24
CA LEU FA 163 56.15 34.64 -83.98
C LEU FA 163 56.17 33.55 -85.04
N GLY FA 164 55.02 32.94 -85.33
CA GLY FA 164 54.95 31.90 -86.34
C GLY FA 164 54.16 30.68 -85.92
N VAL FA 165 53.55 30.73 -84.75
CA VAL FA 165 52.77 29.59 -84.26
C VAL FA 165 51.56 29.37 -85.17
N PRO FA 166 51.25 28.13 -85.55
CA PRO FA 166 50.05 27.90 -86.37
C PRO FA 166 48.78 28.28 -85.62
N LEU FA 167 47.77 28.69 -86.40
CA LEU FA 167 46.55 29.25 -85.82
C LEU FA 167 45.82 28.29 -84.87
N PRO FA 168 45.59 27.02 -85.22
CA PRO FA 168 44.86 26.14 -84.28
C PRO FA 168 45.53 26.03 -82.92
N GLU FA 169 46.85 25.97 -82.87
CA GLU FA 169 47.54 25.91 -81.59
C GLU FA 169 47.35 27.22 -80.81
N VAL FA 170 47.36 28.35 -81.51
CA VAL FA 170 47.11 29.63 -80.86
C VAL FA 170 45.73 29.65 -80.22
N ILE FA 171 44.73 29.18 -80.97
CA ILE FA 171 43.37 29.16 -80.44
C ILE FA 171 43.26 28.20 -79.26
N ALA FA 172 43.96 27.06 -79.33
CA ALA FA 172 43.95 26.14 -78.20
C ALA FA 172 44.57 26.77 -76.96
N LEU FA 173 45.68 27.50 -77.14
CA LEU FA 173 46.30 28.17 -76.01
C LEU FA 173 45.39 29.24 -75.41
N LEU FA 174 44.73 30.03 -76.26
CA LEU FA 174 43.82 31.05 -75.76
C LEU FA 174 42.65 30.43 -75.04
N LEU FA 175 42.13 29.31 -75.54
CA LEU FA 175 41.05 28.62 -74.86
C LEU FA 175 41.51 28.04 -73.52
N ARG FA 176 42.75 27.56 -73.44
CA ARG FA 176 43.29 27.11 -72.15
C ARG FA 176 43.37 28.26 -71.16
N VAL FA 177 43.84 29.43 -71.62
CA VAL FA 177 43.90 30.60 -70.75
C VAL FA 177 42.50 30.98 -70.27
N LEU FA 178 41.53 30.97 -71.17
CA LEU FA 178 40.16 31.31 -70.80
C LEU FA 178 39.58 30.30 -69.83
N GLU FA 179 39.92 29.02 -70.00
CA GLU FA 179 39.48 28.00 -69.05
C GLU FA 179 40.08 28.24 -67.68
N VAL FA 180 41.35 28.63 -67.62
CA VAL FA 180 41.98 28.94 -66.34
C VAL FA 180 41.27 30.11 -65.68
N VAL FA 181 40.97 31.15 -66.46
CA VAL FA 181 40.27 32.33 -65.91
C VAL FA 181 38.89 31.95 -65.41
N GLU FA 182 38.17 31.13 -66.18
CA GLU FA 182 36.83 30.70 -65.77
C GLU FA 182 36.89 29.89 -64.48
N GLU FA 183 37.88 29.00 -64.36
CA GLU FA 183 38.03 28.20 -63.14
C GLU FA 183 38.30 29.09 -61.94
N SER FA 184 39.19 30.07 -62.12
CA SER FA 184 39.49 31.01 -61.04
C SER FA 184 38.24 31.78 -60.62
N LEU FA 185 37.48 32.27 -61.59
CA LEU FA 185 36.28 33.04 -61.27
C LEU FA 185 35.23 32.17 -60.57
N LYS FA 186 35.06 30.94 -61.03
CA LYS FA 186 34.10 30.02 -60.41
C LYS FA 186 34.49 29.72 -58.98
N ALA FA 187 35.78 29.47 -58.74
CA ALA FA 187 36.24 29.13 -57.39
C ALA FA 187 36.20 30.33 -56.46
N MET FA 188 36.42 31.54 -56.99
CA MET FA 188 36.48 32.71 -56.12
C MET FA 188 35.12 33.06 -55.54
N GLY FA 189 34.05 32.94 -56.31
CA GLY FA 189 32.73 33.21 -55.79
C GLY FA 189 31.77 33.92 -56.72
N MET FA 190 32.24 34.25 -57.93
CA MET FA 190 31.38 34.92 -58.90
C MET FA 190 30.19 34.05 -59.28
N GLU FA 191 29.04 34.68 -59.46
CA GLU FA 191 27.85 33.96 -59.88
C GLU FA 191 28.01 33.46 -61.31
N PRO FA 192 27.49 32.26 -61.62
CA PRO FA 192 27.74 31.66 -62.93
C PRO FA 192 27.34 32.51 -64.13
N ARG FA 193 26.28 33.31 -64.00
CA ARG FA 193 25.79 34.07 -65.16
C ARG FA 193 26.83 35.07 -65.64
N GLU FA 194 27.49 35.77 -64.73
CA GLU FA 194 28.51 36.73 -65.13
C GLU FA 194 29.72 36.05 -65.76
N ILE FA 195 30.11 34.88 -65.23
CA ILE FA 195 31.21 34.13 -65.84
C ILE FA 195 30.85 33.73 -67.26
N ASN FA 196 29.63 33.23 -67.45
CA ASN FA 196 29.18 32.88 -68.79
C ASN FA 196 29.19 34.09 -69.71
N ARG FA 197 28.75 35.24 -69.19
CA ARG FA 197 28.71 36.46 -70.00
C ARG FA 197 30.11 36.87 -70.44
N VAL FA 198 31.08 36.87 -69.52
CA VAL FA 198 32.41 37.33 -69.88
C VAL FA 198 33.10 36.34 -70.82
N LEU FA 199 32.91 35.03 -70.57
CA LEU FA 199 33.49 34.04 -71.48
C LEU FA 199 32.89 34.16 -72.87
N ALA FA 200 31.58 34.34 -72.95
CA ALA FA 200 30.93 34.51 -74.25
C ALA FA 200 31.44 35.76 -74.96
N ALA FA 201 31.63 36.84 -74.22
CA ALA FA 201 32.16 38.07 -74.83
C ALA FA 201 33.57 37.85 -75.36
N ALA FA 202 34.41 37.14 -74.61
CA ALA FA 202 35.77 36.87 -75.06
C ALA FA 202 35.77 36.01 -76.32
N TYR FA 203 34.96 34.95 -76.34
CA TYR FA 203 34.85 34.14 -77.54
C TYR FA 203 34.33 34.96 -78.72
N LEU FA 204 33.37 35.86 -78.46
CA LEU FA 204 32.81 36.66 -79.53
C LEU FA 204 33.84 37.62 -80.12
N THR FA 205 34.64 38.28 -79.28
CA THR FA 205 35.65 39.19 -79.83
C THR FA 205 36.74 38.43 -80.56
N LEU FA 206 37.12 37.25 -80.05
CA LEU FA 206 38.10 36.42 -80.76
C LEU FA 206 37.58 36.01 -82.13
N ALA FA 207 36.33 35.55 -82.19
CA ALA FA 207 35.73 35.15 -83.45
C ALA FA 207 35.58 36.33 -84.40
N ALA FA 208 35.22 37.50 -83.87
CA ALA FA 208 35.08 38.69 -84.71
C ALA FA 208 36.42 39.08 -85.33
N GLU FA 209 37.50 39.04 -84.54
CA GLU FA 209 38.82 39.31 -85.10
C GLU FA 209 39.19 38.28 -86.16
N LEU FA 210 38.91 37.01 -85.89
CA LEU FA 210 39.26 35.97 -86.85
C LEU FA 210 38.51 36.16 -88.16
N LEU FA 211 37.23 36.51 -88.09
CA LEU FA 211 36.45 36.75 -89.30
C LEU FA 211 36.92 38.00 -90.03
N GLU FA 212 37.23 39.07 -89.29
CA GLU FA 212 37.67 40.31 -89.92
C GLU FA 212 39.00 40.14 -90.63
N ARG FA 213 39.88 39.27 -90.10
CA ARG FA 213 41.16 39.04 -90.76
C ARG FA 213 40.99 38.52 -92.17
N LEU FA 214 39.92 37.76 -92.43
CA LEU FA 214 39.67 37.18 -93.74
C LEU FA 214 38.95 38.13 -94.70
N GLY FA 215 38.54 39.31 -94.23
CA GLY FA 215 37.89 40.28 -95.09
C GLY FA 215 36.38 40.37 -94.92
N LEU FA 216 35.77 39.47 -94.16
CA LEU FA 216 34.33 39.51 -93.92
C LEU FA 216 34.03 40.54 -92.83
N THR FA 217 34.14 41.81 -93.22
CA THR FA 217 33.96 42.90 -92.27
C THR FA 217 32.55 43.01 -91.72
N ALA FA 218 31.53 42.81 -92.58
CA ALA FA 218 30.15 42.94 -92.11
C ALA FA 218 29.79 41.85 -91.11
N LEU FA 219 30.23 40.62 -91.35
CA LEU FA 219 29.98 39.55 -90.38
C LEU FA 219 30.65 39.84 -89.05
N ALA FA 220 31.88 40.33 -89.08
CA ALA FA 220 32.55 40.72 -87.84
C ALA FA 220 31.81 41.85 -87.13
N ALA FA 221 31.30 42.82 -87.88
CA ALA FA 221 30.53 43.89 -87.28
C ALA FA 221 29.26 43.35 -86.62
N ARG FA 222 28.60 42.39 -87.27
CA ARG FA 222 27.41 41.78 -86.66
C ARG FA 222 27.78 41.04 -85.38
N ILE FA 223 28.92 40.36 -85.38
CA ILE FA 223 29.36 39.65 -84.16
C ILE FA 223 29.63 40.65 -83.05
N ARG FA 224 30.28 41.78 -83.36
CA ARG FA 224 30.53 42.80 -82.35
C ARG FA 224 29.23 43.39 -81.84
N ARG FA 225 28.26 43.62 -82.72
CA ARG FA 225 26.95 44.09 -82.28
C ARG FA 225 26.30 43.10 -81.33
N ALA FA 226 26.39 41.81 -81.65
CA ALA FA 226 25.82 40.79 -80.76
C ALA FA 226 26.52 40.81 -79.41
N ARG FA 227 27.85 40.95 -79.39
CA ARG FA 227 28.57 41.02 -78.13
C ARG FA 227 28.16 42.22 -77.31
N GLU FA 228 28.02 43.38 -77.97
CA GLU FA 228 27.62 44.60 -77.25
C GLU FA 228 26.21 44.47 -76.69
N LEU FA 229 25.30 43.87 -77.45
CA LEU FA 229 23.95 43.63 -76.92
C LEU FA 229 23.97 42.63 -75.77
N LEU FA 230 24.86 41.64 -75.83
CA LEU FA 230 24.99 40.69 -74.73
C LEU FA 230 25.49 41.38 -73.45
N LEU FA 231 26.47 42.26 -73.58
CA LEU FA 231 27.04 42.92 -72.42
C LEU FA 231 26.09 43.94 -71.80
N ALA FA 232 25.05 44.35 -72.50
CA ALA FA 232 24.10 45.34 -72.00
C ALA FA 232 22.88 44.72 -71.35
N GLY FA 233 22.86 43.39 -71.19
CA GLY FA 233 21.73 42.70 -70.60
C GLY FA 233 20.69 42.19 -71.58
N ARG FA 234 20.78 42.58 -72.86
CA ARG FA 234 19.85 42.12 -73.88
C ARG FA 234 20.33 40.78 -74.39
N VAL FA 235 19.86 39.71 -73.74
CA VAL FA 235 20.41 38.38 -73.99
C VAL FA 235 19.78 37.75 -75.23
N GLU FA 236 18.45 37.75 -75.32
CA GLU FA 236 17.77 37.03 -76.40
C GLU FA 236 18.05 37.66 -77.76
N GLU FA 237 18.10 38.99 -77.83
CA GLU FA 237 18.40 39.65 -79.09
C GLU FA 237 19.80 39.30 -79.57
N ALA FA 238 20.78 39.30 -78.66
CA ALA FA 238 22.13 38.88 -79.01
C ALA FA 238 22.16 37.42 -79.44
N LEU FA 239 21.38 36.58 -78.77
CA LEU FA 239 21.31 35.18 -79.14
C LEU FA 239 20.81 35.00 -80.56
N HIS FA 240 19.73 35.71 -80.92
CA HIS FA 240 19.20 35.58 -82.27
C HIS FA 240 20.14 36.16 -83.32
N LEU FA 241 20.79 37.29 -83.00
CA LEU FA 241 21.77 37.86 -83.93
C LEU FA 241 22.91 36.88 -84.16
N LEU FA 242 23.38 36.24 -83.08
CA LEU FA 242 24.45 35.26 -83.21
C LEU FA 242 23.99 34.05 -84.01
N GLN FA 243 22.76 33.59 -83.81
CA GLN FA 243 22.26 32.47 -84.58
C GLN FA 243 22.20 32.79 -86.07
N ASP FA 244 21.72 33.99 -86.42
CA ASP FA 244 21.68 34.39 -87.82
C ASP FA 244 23.08 34.48 -88.41
N ALA FA 245 24.03 35.04 -87.64
CA ALA FA 245 25.40 35.11 -88.11
C ALA FA 245 25.98 33.72 -88.34
N VAL FA 246 25.67 32.78 -87.44
CA VAL FA 246 26.17 31.42 -87.57
C VAL FA 246 25.58 30.74 -88.80
N GLU FA 247 24.27 30.94 -89.04
CA GLU FA 247 23.66 30.35 -90.23
C GLU FA 247 24.30 30.89 -91.51
N LEU FA 248 24.53 32.21 -91.57
CA LEU FA 248 25.14 32.77 -92.76
C LEU FA 248 26.59 32.30 -92.91
N LEU FA 249 27.31 32.16 -91.79
CA LEU FA 249 28.66 31.61 -91.84
C LEU FA 249 28.66 30.18 -92.35
N HIS FA 250 27.67 29.39 -91.95
CA HIS FA 250 27.54 28.02 -92.47
C HIS FA 250 27.28 28.03 -93.97
N GLU FA 251 26.43 28.97 -94.43
CA GLU FA 251 26.20 29.10 -95.87
C GLU FA 251 27.50 29.38 -96.60
N ARG FA 252 28.30 30.32 -96.09
CA ARG FA 252 29.56 30.65 -96.74
C ARG FA 252 30.52 29.46 -96.71
N ILE FA 253 30.59 28.75 -95.57
CA ILE FA 253 31.52 27.63 -95.44
C ILE FA 253 31.17 26.52 -96.41
N ARG FA 254 29.88 26.16 -96.48
CA ARG FA 254 29.47 25.09 -97.37
C ARG FA 254 29.44 25.52 -98.84
N GLU FA 255 29.42 26.82 -99.12
CA GLU FA 255 29.61 27.27 -100.50
C GLU FA 255 31.08 27.20 -100.91
N LEU FA 256 31.98 27.49 -99.98
CA LEU FA 256 33.41 27.42 -100.30
C LEU FA 256 33.85 26.00 -100.59
N GLY FA 257 33.36 25.03 -99.83
CA GLY FA 257 33.72 23.64 -100.02
C GLY FA 257 34.81 23.21 -99.05
N PHE FA 258 35.80 22.46 -99.56
CA PHE FA 258 36.91 21.98 -98.77
C PHE FA 258 38.11 22.92 -98.80
N GLU FA 259 38.03 24.04 -99.52
CA GLU FA 259 39.09 25.02 -99.58
C GLU FA 259 38.86 26.18 -98.62
N ALA FA 260 38.02 25.97 -97.61
CA ALA FA 260 37.74 27.03 -96.65
C ALA FA 260 38.95 27.26 -95.76
N PRO FA 261 39.44 28.50 -95.64
CA PRO FA 261 40.58 28.77 -94.76
C PRO FA 261 40.23 28.43 -93.31
N GLU FA 262 41.27 28.12 -92.54
CA GLU FA 262 41.09 27.72 -91.15
C GLU FA 262 40.41 28.79 -90.31
N GLU FA 263 40.47 30.05 -90.75
CA GLU FA 263 39.81 31.12 -90.00
C GLU FA 263 38.31 30.88 -89.89
N LEU FA 264 37.68 30.47 -90.98
CA LEU FA 264 36.23 30.23 -90.97
C LEU FA 264 35.86 29.11 -90.00
N LEU FA 265 36.61 28.00 -90.04
CA LEU FA 265 36.29 26.88 -89.16
C LEU FA 265 36.52 27.22 -87.70
N LEU FA 266 37.63 27.90 -87.40
CA LEU FA 266 37.89 28.27 -86.01
C LEU FA 266 36.87 29.27 -85.50
N ALA FA 267 36.49 30.24 -86.34
CA ALA FA 267 35.44 31.18 -85.96
C ALA FA 267 34.11 30.47 -85.73
N ASP FA 268 33.80 29.49 -86.58
CA ASP FA 268 32.56 28.73 -86.39
C ASP FA 268 32.56 27.98 -85.07
N LEU FA 269 33.68 27.33 -84.73
CA LEU FA 269 33.76 26.64 -83.45
C LEU FA 269 33.61 27.60 -82.27
N LEU FA 270 34.29 28.75 -82.35
CA LEU FA 270 34.18 29.74 -81.29
C LEU FA 270 32.75 30.26 -81.16
N LEU FA 271 32.09 30.48 -82.30
CA LEU FA 271 30.70 30.94 -82.26
C LEU FA 271 29.77 29.89 -81.68
N GLN FA 272 30.03 28.61 -81.95
CA GLN FA 272 29.21 27.56 -81.33
C GLN FA 272 29.41 27.55 -79.81
N ARG FA 273 30.66 27.67 -79.35
CA ARG FA 273 30.88 27.73 -77.91
C ARG FA 273 30.19 28.95 -77.30
N ALA FA 274 30.27 30.09 -77.97
CA ALA FA 274 29.58 31.29 -77.50
C ALA FA 274 28.07 31.08 -77.46
N LEU FA 275 27.52 30.40 -78.46
CA LEU FA 275 26.08 30.11 -78.48
C LEU FA 275 25.68 29.26 -77.28
N GLU FA 276 26.45 28.20 -77.00
CA GLU FA 276 26.14 27.37 -75.85
C GLU FA 276 26.23 28.17 -74.56
N LEU FA 277 27.27 28.99 -74.41
CA LEU FA 277 27.41 29.77 -73.18
C LEU FA 277 26.27 30.78 -73.02
N ILE FA 278 25.88 31.44 -74.11
CA ILE FA 278 24.80 32.42 -74.04
C ILE FA 278 23.48 31.74 -73.72
N SER FA 279 23.23 30.57 -74.32
CA SER FA 279 22.01 29.83 -74.03
C SER FA 279 21.97 29.38 -72.58
N SER FA 280 23.13 29.03 -72.02
CA SER FA 280 23.17 28.60 -70.62
C SER FA 280 22.93 29.74 -69.64
N ILE FA 281 22.99 30.99 -70.09
CA ILE FA 281 22.76 32.13 -69.21
C ILE FA 281 21.31 32.15 -68.73
N THR GA 24 50.76 -13.86 -100.59
CA THR GA 24 50.41 -15.25 -100.33
C THR GA 24 49.09 -15.33 -99.56
N VAL GA 25 48.79 -14.27 -98.81
CA VAL GA 25 47.56 -14.08 -98.06
C VAL GA 25 47.53 -14.96 -96.81
N GLU GA 26 47.79 -16.26 -96.96
CA GLU GA 26 47.81 -17.15 -95.80
C GLU GA 26 48.95 -16.77 -94.86
N GLU GA 27 50.16 -16.62 -95.40
CA GLU GA 27 51.32 -16.22 -94.60
C GLU GA 27 51.01 -14.95 -93.83
N GLU GA 28 50.22 -14.04 -94.42
CA GLU GA 28 49.75 -12.89 -93.67
C GLU GA 28 48.94 -13.30 -92.46
N VAL GA 29 48.15 -14.37 -92.58
CA VAL GA 29 47.31 -14.81 -91.46
C VAL GA 29 48.17 -15.34 -90.32
N ILE GA 30 49.10 -16.26 -90.64
CA ILE GA 30 49.92 -16.79 -89.54
C ILE GA 30 50.81 -15.70 -88.94
N ARG GA 31 51.37 -14.82 -89.79
CA ARG GA 31 52.15 -13.72 -89.27
C ARG GA 31 51.31 -12.79 -88.41
N PHE GA 32 50.05 -12.57 -88.78
CA PHE GA 32 49.17 -11.75 -87.96
C PHE GA 32 48.98 -12.37 -86.58
N ALA GA 33 48.73 -13.68 -86.54
CA ALA GA 33 48.53 -14.33 -85.25
C ALA GA 33 49.80 -14.24 -84.39
N GLU GA 34 50.96 -14.57 -84.97
CA GLU GA 34 52.19 -14.55 -84.21
C GLU GA 34 52.56 -13.14 -83.75
N GLU GA 35 52.41 -12.15 -84.63
CA GLU GA 35 52.72 -10.78 -84.27
C GLU GA 35 51.75 -10.26 -83.21
N LEU GA 36 50.48 -10.67 -83.27
CA LEU GA 36 49.54 -10.27 -82.23
C LEU GA 36 49.95 -10.83 -80.88
N ALA GA 37 50.32 -12.11 -80.84
CA ALA GA 37 50.77 -12.70 -79.58
C ALA GA 37 52.02 -12.01 -79.07
N GLU GA 38 52.97 -11.72 -79.96
CA GLU GA 38 54.18 -11.02 -79.56
C GLU GA 38 53.87 -9.62 -79.06
N GLU GA 39 52.85 -8.97 -79.63
CA GLU GA 39 52.46 -7.65 -79.16
C GLU GA 39 51.88 -7.70 -77.76
N ILE GA 40 51.05 -8.71 -77.46
CA ILE GA 40 50.58 -8.86 -76.08
C ILE GA 40 51.76 -9.07 -75.15
N ARG GA 41 52.72 -9.91 -75.56
CA ARG GA 41 53.89 -10.15 -74.72
C ARG GA 41 54.68 -8.86 -74.49
N ARG GA 42 54.85 -8.05 -75.53
CA ARG GA 42 55.61 -6.81 -75.41
C ARG GA 42 54.89 -5.81 -74.51
N VAL GA 43 53.58 -5.66 -74.68
CA VAL GA 43 52.84 -4.65 -73.93
C VAL GA 43 52.74 -5.05 -72.46
N THR GA 44 52.46 -6.32 -72.19
CA THR GA 44 52.23 -6.77 -70.82
C THR GA 44 53.37 -7.60 -70.24
N GLY GA 45 53.87 -8.59 -70.96
CA GLY GA 45 54.89 -9.46 -70.42
C GLY GA 45 54.38 -10.85 -70.13
N GLU GA 46 54.44 -11.25 -68.86
CA GLU GA 46 53.94 -12.57 -68.44
C GLU GA 46 52.84 -12.46 -67.39
N ALA GA 47 52.32 -11.25 -67.17
CA ALA GA 47 51.16 -11.09 -66.29
C ALA GA 47 49.87 -11.56 -66.94
N TYR GA 48 49.78 -11.46 -68.27
CA TYR GA 48 48.63 -11.95 -69.04
C TYR GA 48 49.17 -12.94 -70.06
N ARG GA 49 49.28 -14.21 -69.64
CA ARG GA 49 49.80 -15.27 -70.49
C ARG GA 49 48.73 -16.18 -71.05
N GLU GA 50 47.60 -16.32 -70.37
CA GLU GA 50 46.49 -17.11 -70.90
C GLU GA 50 45.96 -16.49 -72.19
N TYR GA 51 45.96 -15.16 -72.27
CA TYR GA 51 45.51 -14.50 -73.49
C TYR GA 51 46.44 -14.81 -74.66
N ALA GA 52 47.76 -14.81 -74.41
CA ALA GA 52 48.70 -15.17 -75.47
C ALA GA 52 48.55 -16.63 -75.86
N GLU GA 53 48.29 -17.50 -74.88
CA GLU GA 53 48.02 -18.90 -75.18
C GLU GA 53 46.81 -19.05 -76.08
N ALA GA 54 45.73 -18.33 -75.77
CA ALA GA 54 44.52 -18.38 -76.58
C ALA GA 54 44.77 -17.85 -77.98
N VAL GA 55 45.53 -16.76 -78.10
CA VAL GA 55 45.82 -16.20 -79.42
C VAL GA 55 46.64 -17.18 -80.25
N ARG GA 56 47.63 -17.84 -79.64
CA ARG GA 56 48.42 -18.82 -80.39
C ARG GA 56 47.58 -20.03 -80.78
N HIS GA 57 46.67 -20.45 -79.90
CA HIS GA 57 45.75 -21.53 -80.25
C HIS GA 57 44.87 -21.15 -81.43
N LEU GA 58 44.34 -19.93 -81.43
CA LEU GA 58 43.52 -19.47 -82.54
C LEU GA 58 44.34 -19.35 -83.83
N GLY GA 59 45.61 -18.96 -83.73
CA GLY GA 59 46.46 -18.98 -84.90
C GLY GA 59 46.67 -20.38 -85.45
N GLU GA 60 46.84 -21.36 -84.56
CA GLU GA 60 46.94 -22.74 -84.99
C GLU GA 60 45.66 -23.20 -85.66
N ALA GA 61 44.50 -22.80 -85.11
CA ALA GA 61 43.22 -23.13 -85.73
C ALA GA 61 43.11 -22.51 -87.13
N ALA GA 62 43.53 -21.26 -87.27
CA ALA GA 62 43.50 -20.61 -88.58
C ALA GA 62 44.42 -21.31 -89.56
N LYS GA 63 45.58 -21.76 -89.10
CA LYS GA 63 46.47 -22.54 -89.97
C LYS GA 63 45.81 -23.86 -90.36
N ALA GA 64 45.08 -24.49 -89.44
CA ALA GA 64 44.42 -25.75 -89.74
C ALA GA 64 43.31 -25.58 -90.76
N VAL GA 65 42.54 -24.49 -90.65
CA VAL GA 65 41.46 -24.23 -91.58
C VAL GA 65 41.98 -24.12 -93.01
N LEU GA 66 43.09 -23.39 -93.19
CA LEU GA 66 43.63 -23.13 -94.52
C LEU GA 66 44.22 -24.36 -95.18
N GLU GA 67 44.41 -25.46 -94.44
CA GLU GA 67 45.00 -26.67 -95.00
C GLU GA 67 43.96 -27.70 -95.41
N GLY GA 68 42.74 -27.63 -94.88
CA GLY GA 68 41.69 -28.56 -95.27
C GLY GA 68 41.03 -29.25 -94.10
N ASN GA 69 41.77 -29.45 -93.01
CA ASN GA 69 41.23 -30.13 -91.85
C ASN GA 69 40.23 -29.22 -91.15
N SER GA 70 38.95 -29.63 -91.12
CA SER GA 70 37.87 -28.81 -90.59
C SER GA 70 37.40 -29.23 -89.21
N VAL GA 71 37.83 -30.39 -88.70
CA VAL GA 71 37.42 -30.82 -87.37
C VAL GA 71 38.47 -30.44 -86.33
N GLU GA 72 39.74 -30.41 -86.72
CA GLU GA 72 40.78 -29.91 -85.81
C GLU GA 72 40.53 -28.45 -85.45
N ALA GA 73 40.01 -27.68 -86.41
CA ALA GA 73 39.64 -26.30 -86.11
C ALA GA 73 38.57 -26.24 -85.04
N ASP GA 74 37.55 -27.10 -85.14
CA ASP GA 74 36.49 -27.13 -84.13
C ASP GA 74 37.05 -27.51 -82.77
N LEU GA 75 37.94 -28.51 -82.73
CA LEU GA 75 38.53 -28.92 -81.46
C LEU GA 75 39.36 -27.80 -80.84
N ILE GA 76 40.13 -27.08 -81.66
CA ILE GA 76 40.96 -26.00 -81.15
C ILE GA 76 40.09 -24.84 -80.67
N VAL GA 77 39.00 -24.55 -81.38
CA VAL GA 77 38.10 -23.48 -80.95
C VAL GA 77 37.44 -23.85 -79.63
N THR GA 78 37.09 -25.12 -79.45
CA THR GA 78 36.54 -25.54 -78.16
C THR GA 78 37.57 -25.44 -77.05
N ASP GA 79 38.84 -25.76 -77.35
CA ASP GA 79 39.89 -25.56 -76.36
C ASP GA 79 40.01 -24.10 -75.97
N VAL GA 80 39.97 -23.20 -76.95
CA VAL GA 80 40.02 -21.77 -76.67
C VAL GA 80 38.82 -21.34 -75.84
N LEU GA 81 37.65 -21.91 -76.13
CA LEU GA 81 36.46 -21.61 -75.35
C LEU GA 81 36.63 -22.02 -73.90
N ARG GA 82 37.21 -23.20 -73.67
CA ARG GA 82 37.48 -23.62 -72.29
C ARG GA 82 38.47 -22.68 -71.61
N LEU GA 83 39.52 -22.27 -72.34
CA LEU GA 83 40.50 -21.35 -71.76
C LEU GA 83 39.85 -20.02 -71.36
N LEU GA 84 39.01 -19.46 -72.24
CA LEU GA 84 38.35 -18.20 -71.93
C LEU GA 84 37.30 -18.36 -70.83
N GLU GA 85 36.67 -19.53 -70.74
CA GLU GA 85 35.75 -19.78 -69.64
C GLU GA 85 36.51 -19.83 -68.31
N ARG GA 86 37.71 -20.41 -68.32
CA ARG GA 86 38.53 -20.39 -67.11
C ARG GA 86 38.99 -18.98 -66.78
N ILE GA 87 39.28 -18.15 -67.79
CA ILE GA 87 39.74 -16.78 -67.54
C ILE GA 87 38.65 -15.99 -66.82
N GLY GA 88 37.43 -16.01 -67.36
CA GLY GA 88 36.32 -15.34 -66.70
C GLY GA 88 35.94 -14.00 -67.30
N GLU GA 89 35.90 -13.91 -68.63
CA GLU GA 89 35.48 -12.70 -69.33
C GLU GA 89 34.20 -13.04 -70.08
N GLU GA 90 33.06 -12.57 -69.56
CA GLU GA 90 31.75 -13.03 -70.03
C GLU GA 90 31.54 -12.70 -71.52
N GLY GA 91 31.85 -11.47 -71.91
CA GLY GA 91 31.68 -11.10 -73.30
C GLY GA 91 32.58 -11.89 -74.23
N LEU GA 92 33.82 -12.14 -73.81
CA LEU GA 92 34.73 -12.95 -74.62
C LEU GA 92 34.22 -14.37 -74.75
N VAL GA 93 33.66 -14.94 -73.67
CA VAL GA 93 33.10 -16.28 -73.75
C VAL GA 93 31.90 -16.32 -74.70
N LYS GA 94 31.04 -15.30 -74.63
CA LYS GA 94 29.90 -15.24 -75.53
C LYS GA 94 30.34 -15.19 -76.98
N LEU GA 95 31.33 -14.33 -77.27
CA LEU GA 95 31.85 -14.26 -78.63
C LEU GA 95 32.49 -15.57 -79.06
N ALA GA 96 33.15 -16.25 -78.12
CA ALA GA 96 33.75 -17.54 -78.43
C ALA GA 96 32.70 -18.58 -78.79
N ARG GA 97 31.60 -18.62 -78.04
CA ARG GA 97 30.52 -19.56 -78.36
C ARG GA 97 29.91 -19.26 -79.72
N GLU GA 98 29.65 -17.99 -80.00
CA GLU GA 98 29.08 -17.62 -81.30
C GLU GA 98 30.02 -17.98 -82.44
N VAL GA 99 31.32 -17.71 -82.26
CA VAL GA 99 32.31 -18.07 -83.27
C VAL GA 99 32.35 -19.58 -83.46
N HIS GA 100 32.29 -20.34 -82.36
CA HIS GA 100 32.27 -21.79 -82.45
C HIS GA 100 31.12 -22.27 -83.32
N GLU GA 101 29.90 -21.83 -83.01
CA GLU GA 101 28.73 -22.29 -83.75
C GLU GA 101 28.80 -21.88 -85.22
N ARG GA 102 29.04 -20.59 -85.48
CA ARG GA 102 29.04 -20.10 -86.85
C ARG GA 102 30.16 -20.74 -87.67
N SER GA 103 31.36 -20.85 -87.08
CA SER GA 103 32.48 -21.46 -87.79
C SER GA 103 32.21 -22.92 -88.10
N PHE GA 104 31.63 -23.66 -87.16
CA PHE GA 104 31.28 -25.04 -87.42
C PHE GA 104 30.32 -25.14 -88.61
N GLU GA 105 29.25 -24.35 -88.57
CA GLU GA 105 28.25 -24.43 -89.64
C GLU GA 105 28.85 -24.04 -90.99
N LEU GA 106 29.63 -22.95 -91.02
CA LEU GA 106 30.20 -22.49 -92.29
C LEU GA 106 31.23 -23.47 -92.83
N LEU GA 107 32.07 -24.04 -91.95
CA LEU GA 107 33.05 -25.01 -92.40
C LEU GA 107 32.40 -26.29 -92.90
N ARG GA 108 31.28 -26.70 -92.28
CA ARG GA 108 30.52 -27.81 -92.83
C ARG GA 108 29.97 -27.47 -94.20
N LYS GA 109 29.43 -26.26 -94.36
CA LYS GA 109 28.91 -25.85 -95.67
C LYS GA 109 30.05 -25.64 -96.66
N GLY GA 110 31.12 -24.97 -96.24
CA GLY GA 110 32.26 -24.77 -97.11
C GLY GA 110 32.77 -23.34 -97.18
N ASN GA 111 32.26 -22.47 -96.30
CA ASN GA 111 32.66 -21.07 -96.28
C ASN GA 111 33.95 -20.93 -95.46
N ARG GA 112 35.08 -21.19 -96.11
CA ARG GA 112 36.37 -21.10 -95.44
C ARG GA 112 36.67 -19.66 -95.00
N VAL GA 113 36.41 -18.69 -95.87
CA VAL GA 113 36.85 -17.33 -95.64
C VAL GA 113 36.14 -16.72 -94.44
N GLU GA 114 34.84 -16.95 -94.31
CA GLU GA 114 34.11 -16.37 -93.18
C GLU GA 114 34.52 -17.00 -91.86
N ALA GA 115 34.80 -18.31 -91.85
CA ALA GA 115 35.30 -18.95 -90.64
C ALA GA 115 36.66 -18.38 -90.26
N LEU GA 116 37.53 -18.17 -91.24
CA LEU GA 116 38.82 -17.53 -90.97
C LEU GA 116 38.61 -16.13 -90.39
N ALA GA 117 37.67 -15.38 -90.95
CA ALA GA 117 37.41 -14.03 -90.46
C ALA GA 117 36.92 -14.06 -89.01
N LEU GA 118 36.04 -15.01 -88.68
CA LEU GA 118 35.56 -15.12 -87.30
C LEU GA 118 36.69 -15.49 -86.35
N ILE GA 119 37.56 -16.40 -86.77
CA ILE GA 119 38.68 -16.80 -85.92
C ILE GA 119 39.60 -15.61 -85.66
N LEU GA 120 39.91 -14.84 -86.72
CA LEU GA 120 40.76 -13.67 -86.56
C LEU GA 120 40.11 -12.62 -85.69
N ALA GA 121 38.79 -12.44 -85.83
CA ALA GA 121 38.08 -11.48 -84.99
C ALA GA 121 38.14 -11.89 -83.54
N LEU GA 122 37.98 -13.19 -83.25
CA LEU GA 122 38.08 -13.65 -81.87
C LEU GA 122 39.49 -13.41 -81.31
N ALA GA 123 40.51 -13.70 -82.12
CA ALA GA 123 41.89 -13.48 -81.66
C ALA GA 123 42.14 -12.02 -81.35
N LEU GA 124 41.69 -11.13 -82.24
CA LEU GA 124 41.85 -9.70 -82.00
C LEU GA 124 41.09 -9.25 -80.77
N ALA GA 125 39.89 -9.80 -80.55
CA ALA GA 125 39.11 -9.44 -79.37
C ALA GA 125 39.85 -9.83 -78.10
N VAL GA 126 40.42 -11.03 -78.06
CA VAL GA 126 41.18 -11.46 -76.88
C VAL GA 126 42.38 -10.54 -76.66
N ALA GA 127 43.13 -10.26 -77.73
CA ALA GA 127 44.32 -9.43 -77.59
C ALA GA 127 43.97 -8.03 -77.10
N LEU GA 128 42.92 -7.42 -77.68
CA LEU GA 128 42.53 -6.08 -77.28
C LEU GA 128 41.99 -6.06 -75.87
N THR GA 129 41.27 -7.11 -75.46
CA THR GA 129 40.79 -7.18 -74.08
C THR GA 129 41.96 -7.21 -73.10
N ALA GA 130 42.97 -8.05 -73.39
CA ALA GA 130 44.14 -8.11 -72.52
C ALA GA 130 44.87 -6.77 -72.46
N VAL GA 131 45.09 -6.15 -73.62
CA VAL GA 131 45.82 -4.90 -73.67
C VAL GA 131 45.07 -3.79 -72.92
N SER GA 132 43.75 -3.71 -73.14
CA SER GA 132 42.96 -2.69 -72.47
C SER GA 132 42.93 -2.90 -70.96
N LYS GA 133 42.82 -4.16 -70.53
CA LYS GA 133 42.85 -4.44 -69.09
C LYS GA 133 44.18 -4.01 -68.49
N ALA GA 134 45.29 -4.33 -69.16
CA ALA GA 134 46.59 -3.91 -68.65
C ALA GA 134 46.72 -2.39 -68.60
N PHE GA 135 46.27 -1.71 -69.66
CA PHE GA 135 46.37 -0.26 -69.71
C PHE GA 135 45.54 0.40 -68.62
N PHE GA 136 44.33 -0.10 -68.37
CA PHE GA 136 43.52 0.48 -67.30
C PHE GA 136 44.11 0.18 -65.94
N LEU GA 137 44.64 -1.02 -65.73
CA LEU GA 137 45.24 -1.36 -64.44
C LEU GA 137 46.44 -0.48 -64.14
N LEU GA 138 47.28 -0.22 -65.16
CA LEU GA 138 48.43 0.67 -64.96
C LEU GA 138 47.96 2.07 -64.59
N GLY GA 139 46.95 2.58 -65.29
CA GLY GA 139 46.46 3.93 -65.05
C GLY GA 139 46.65 4.84 -66.24
N GLN GA 140 46.85 4.24 -67.41
CA GLN GA 140 47.14 5.02 -68.61
C GLN GA 140 45.91 5.83 -69.03
N PRO GA 141 46.11 6.95 -69.70
CA PRO GA 141 44.97 7.74 -70.19
C PRO GA 141 44.35 7.09 -71.42
N ALA GA 142 43.17 7.61 -71.79
CA ALA GA 142 42.38 7.00 -72.85
C ALA GA 142 42.98 7.19 -74.24
N ARG GA 143 43.89 8.15 -74.41
CA ARG GA 143 44.41 8.45 -75.74
C ARG GA 143 45.16 7.27 -76.34
N LEU GA 144 46.11 6.70 -75.59
CA LEU GA 144 46.90 5.60 -76.11
C LEU GA 144 46.05 4.36 -76.34
N ILE GA 145 45.09 4.10 -75.44
CA ILE GA 145 44.17 2.99 -75.63
C ILE GA 145 43.41 3.15 -76.94
N ALA GA 146 42.90 4.36 -77.20
CA ALA GA 146 42.15 4.61 -78.42
C ALA GA 146 43.01 4.43 -79.65
N GLU GA 147 44.25 4.96 -79.63
CA GLU GA 147 45.12 4.81 -80.80
C GLU GA 147 45.48 3.35 -81.04
N TYR GA 148 45.78 2.59 -79.99
CA TYR GA 148 46.14 1.19 -80.17
C TYR GA 148 44.95 0.39 -80.70
N VAL GA 149 43.76 0.62 -80.15
CA VAL GA 149 42.58 -0.09 -80.62
C VAL GA 149 42.32 0.23 -82.09
N GLY GA 150 42.42 1.51 -82.46
CA GLY GA 150 42.22 1.89 -83.84
C GLY GA 150 43.24 1.25 -84.77
N GLU GA 151 44.51 1.23 -84.36
CA GLU GA 151 45.54 0.63 -85.21
C GLU GA 151 45.30 -0.86 -85.40
N LYS GA 152 44.96 -1.57 -84.31
CA LYS GA 152 44.71 -3.01 -84.43
C LYS GA 152 43.50 -3.30 -85.29
N LEU GA 153 42.42 -2.50 -85.14
CA LEU GA 153 41.25 -2.68 -85.98
C LEU GA 153 41.58 -2.41 -87.44
N LEU GA 154 42.43 -1.41 -87.70
CA LEU GA 154 42.86 -1.14 -89.07
C LEU GA 154 43.62 -2.31 -89.66
N GLU GA 155 44.54 -2.90 -88.87
CA GLU GA 155 45.28 -4.06 -89.36
C GLU GA 155 44.35 -5.22 -89.67
N LEU GA 156 43.39 -5.49 -88.78
CA LEU GA 156 42.44 -6.57 -89.02
C LEU GA 156 41.61 -6.29 -90.27
N ARG GA 157 41.18 -5.04 -90.45
CA ARG GA 157 40.37 -4.69 -91.62
C ARG GA 157 41.16 -4.89 -92.91
N ARG GA 158 42.43 -4.47 -92.92
CA ARG GA 158 43.26 -4.68 -94.11
C ARG GA 158 43.44 -6.17 -94.39
N LEU GA 159 43.67 -6.97 -93.34
CA LEU GA 159 43.84 -8.40 -93.53
C LEU GA 159 42.58 -9.03 -94.10
N LEU GA 160 41.41 -8.69 -93.53
CA LEU GA 160 40.16 -9.26 -94.01
C LEU GA 160 39.86 -8.82 -95.44
N GLU GA 161 40.12 -7.56 -95.78
CA GLU GA 161 39.94 -7.11 -97.15
C GLU GA 161 40.86 -7.84 -98.11
N LYS GA 162 42.09 -8.13 -97.69
CA LYS GA 162 42.98 -8.93 -98.51
C LYS GA 162 42.46 -10.34 -98.68
N LEU GA 163 41.85 -10.90 -97.64
CA LEU GA 163 41.32 -12.25 -97.73
C LEU GA 163 40.16 -12.34 -98.72
N GLY GA 164 39.19 -11.44 -98.61
CA GLY GA 164 38.07 -11.44 -99.53
C GLY GA 164 36.71 -11.30 -98.87
N VAL GA 165 36.70 -11.10 -97.56
CA VAL GA 165 35.42 -10.96 -96.83
C VAL GA 165 34.72 -9.69 -97.31
N PRO GA 166 33.41 -9.73 -97.58
CA PRO GA 166 32.71 -8.51 -97.99
C PRO GA 166 32.74 -7.45 -96.89
N LEU GA 167 32.71 -6.19 -97.31
CA LEU GA 167 32.91 -5.08 -96.39
C LEU GA 167 31.87 -5.03 -95.26
N PRO GA 168 30.56 -5.16 -95.52
CA PRO GA 168 29.61 -5.08 -94.40
C PRO GA 168 29.86 -6.12 -93.32
N GLU GA 169 30.25 -7.34 -93.69
CA GLU GA 169 30.55 -8.36 -92.69
C GLU GA 169 31.79 -7.99 -91.90
N VAL GA 170 32.80 -7.44 -92.57
CA VAL GA 170 34.01 -6.97 -91.88
C VAL GA 170 33.64 -5.92 -90.84
N ILE GA 171 32.81 -4.96 -91.23
CA ILE GA 171 32.41 -3.90 -90.31
C ILE GA 171 31.61 -4.48 -89.14
N ALA GA 172 30.71 -5.42 -89.42
CA ALA GA 172 29.94 -6.04 -88.35
C ALA GA 172 30.86 -6.75 -87.36
N LEU GA 173 31.89 -7.44 -87.87
CA LEU GA 173 32.85 -8.08 -86.99
C LEU GA 173 33.62 -7.06 -86.16
N LEU GA 174 33.97 -5.92 -86.77
CA LEU GA 174 34.72 -4.90 -86.03
C LEU GA 174 33.89 -4.32 -84.89
N LEU GA 175 32.62 -4.00 -85.14
CA LEU GA 175 31.79 -3.57 -84.01
C LEU GA 175 31.49 -4.69 -83.02
N ARG GA 176 31.51 -5.94 -83.45
CA ARG GA 176 31.41 -7.03 -82.47
C ARG GA 176 32.60 -7.03 -81.53
N VAL GA 177 33.80 -6.89 -82.08
CA VAL GA 177 35.01 -6.81 -81.27
C VAL GA 177 34.95 -5.59 -80.35
N LEU GA 178 34.52 -4.45 -80.90
CA LEU GA 178 34.42 -3.24 -80.10
C LEU GA 178 33.40 -3.39 -78.97
N GLU GA 179 32.29 -4.09 -79.24
CA GLU GA 179 31.30 -4.35 -78.19
C GLU GA 179 31.90 -5.21 -77.09
N VAL GA 180 32.68 -6.23 -77.47
CA VAL GA 180 33.33 -7.08 -76.48
C VAL GA 180 34.27 -6.24 -75.61
N VAL GA 181 35.08 -5.39 -76.24
CA VAL GA 181 36.03 -4.56 -75.50
C VAL GA 181 35.30 -3.59 -74.59
N GLU GA 182 34.21 -2.98 -75.08
CA GLU GA 182 33.45 -2.04 -74.27
C GLU GA 182 32.81 -2.72 -73.07
N GLU GA 183 32.27 -3.93 -73.27
CA GLU GA 183 31.69 -4.68 -72.17
C GLU GA 183 32.75 -5.01 -71.12
N SER GA 184 33.93 -5.43 -71.57
CA SER GA 184 35.02 -5.72 -70.64
C SER GA 184 35.40 -4.47 -69.86
N LEU GA 185 35.51 -3.34 -70.55
CA LEU GA 185 35.89 -2.09 -69.88
C LEU GA 185 34.85 -1.67 -68.85
N LYS GA 186 33.56 -1.77 -69.20
CA LYS GA 186 32.50 -1.42 -68.26
C LYS GA 186 32.53 -2.33 -67.03
N ALA GA 187 32.70 -3.64 -67.26
CA ALA GA 187 32.70 -4.57 -66.14
C ALA GA 187 33.93 -4.43 -65.27
N MET GA 188 35.05 -4.00 -65.85
CA MET GA 188 36.30 -3.91 -65.08
C MET GA 188 36.27 -2.77 -64.07
N GLY GA 189 35.67 -1.63 -64.43
CA GLY GA 189 35.55 -0.54 -63.49
C GLY GA 189 35.74 0.85 -64.06
N MET GA 190 36.01 0.95 -65.35
CA MET GA 190 36.22 2.25 -65.98
C MET GA 190 34.97 3.11 -65.91
N GLU GA 191 35.17 4.42 -65.74
CA GLU GA 191 34.05 5.35 -65.75
C GLU GA 191 33.48 5.45 -67.17
N PRO GA 192 32.15 5.60 -67.30
CA PRO GA 192 31.53 5.56 -68.63
C PRO GA 192 32.08 6.57 -69.62
N ARG GA 193 32.49 7.75 -69.16
CA ARG GA 193 32.91 8.80 -70.09
C ARG GA 193 34.14 8.38 -70.89
N GLU GA 194 35.12 7.77 -70.23
CA GLU GA 194 36.33 7.33 -70.93
C GLU GA 194 36.02 6.20 -71.92
N ILE GA 195 35.14 5.28 -71.55
CA ILE GA 195 34.74 4.21 -72.47
C ILE GA 195 34.07 4.80 -73.70
N ASN GA 196 33.18 5.77 -73.49
CA ASN GA 196 32.53 6.43 -74.61
C ASN GA 196 33.55 7.14 -75.48
N ARG GA 197 34.54 7.78 -74.86
CA ARG GA 197 35.57 8.49 -75.61
C ARG GA 197 36.38 7.55 -76.49
N VAL GA 198 36.81 6.41 -75.93
CA VAL GA 198 37.64 5.50 -76.70
C VAL GA 198 36.83 4.82 -77.81
N LEU GA 199 35.58 4.46 -77.52
CA LEU GA 199 34.73 3.87 -78.56
C LEU GA 199 34.48 4.88 -79.69
N ALA GA 200 34.22 6.13 -79.34
CA ALA GA 200 34.01 7.16 -80.35
C ALA GA 200 35.27 7.37 -81.19
N ALA GA 201 36.44 7.35 -80.55
CA ALA GA 201 37.69 7.49 -81.29
C ALA GA 201 37.90 6.34 -82.26
N ALA GA 202 37.59 5.11 -81.82
CA ALA GA 202 37.74 3.95 -82.69
C ALA GA 202 36.78 4.03 -83.88
N TYR GA 203 35.53 4.40 -83.62
CA TYR GA 203 34.58 4.58 -84.71
C TYR GA 203 35.04 5.67 -85.66
N LEU GA 204 35.58 6.76 -85.13
CA LEU GA 204 36.03 7.86 -85.96
C LEU GA 204 37.19 7.47 -86.86
N THR GA 205 38.17 6.74 -86.32
CA THR GA 205 39.30 6.34 -87.18
C THR GA 205 38.86 5.31 -88.21
N LEU GA 206 37.95 4.40 -87.85
CA LEU GA 206 37.42 3.46 -88.83
C LEU GA 206 36.70 4.19 -89.96
N ALA GA 207 35.85 5.16 -89.61
CA ALA GA 207 35.11 5.90 -90.63
C ALA GA 207 36.06 6.75 -91.48
N ALA GA 208 37.09 7.33 -90.85
CA ALA GA 208 38.06 8.12 -91.60
C ALA GA 208 38.81 7.26 -92.62
N GLU GA 209 39.23 6.06 -92.22
CA GLU GA 209 39.87 5.16 -93.17
C GLU GA 209 38.91 4.79 -94.29
N LEU GA 210 37.64 4.49 -93.95
CA LEU GA 210 36.67 4.11 -94.97
C LEU GA 210 36.47 5.24 -95.98
N LEU GA 211 36.36 6.47 -95.50
CA LEU GA 211 36.19 7.61 -96.39
C LEU GA 211 37.44 7.84 -97.24
N GLU GA 212 38.63 7.73 -96.63
CA GLU GA 212 39.87 7.96 -97.37
C GLU GA 212 40.06 6.93 -98.47
N ARG GA 213 39.61 5.69 -98.24
CA ARG GA 213 39.73 4.67 -99.28
C ARG GA 213 39.00 5.07 -100.56
N LEU GA 214 37.92 5.83 -100.44
CA LEU GA 214 37.13 6.26 -101.59
C LEU GA 214 37.66 7.52 -102.26
N GLY GA 215 38.69 8.15 -101.69
CA GLY GA 215 39.28 9.34 -102.28
C GLY GA 215 38.90 10.64 -101.61
N LEU GA 216 37.89 10.64 -100.73
CA LEU GA 216 37.49 11.85 -100.01
C LEU GA 216 38.49 12.12 -98.88
N THR GA 217 39.68 12.56 -99.29
CA THR GA 217 40.76 12.77 -98.34
C THR GA 217 40.50 13.95 -97.39
N ALA GA 218 39.87 15.02 -97.87
CA ALA GA 218 39.61 16.17 -97.01
C ALA GA 218 38.57 15.83 -95.94
N LEU GA 219 37.53 15.07 -96.29
CA LEU GA 219 36.56 14.64 -95.30
C LEU GA 219 37.21 13.75 -94.25
N ALA GA 220 38.08 12.84 -94.69
CA ALA GA 220 38.80 11.99 -93.74
C ALA GA 220 39.69 12.83 -92.83
N ALA GA 221 40.35 13.85 -93.38
CA ALA GA 221 41.17 14.73 -92.56
C ALA GA 221 40.33 15.46 -91.52
N ARG GA 222 39.14 15.92 -91.91
CA ARG GA 222 38.25 16.57 -90.95
C ARG GA 222 37.82 15.59 -89.86
N ILE GA 223 37.54 14.34 -90.22
CA ILE GA 223 37.16 13.34 -89.23
C ILE GA 223 38.32 13.10 -88.25
N ARG GA 224 39.55 13.01 -88.77
CA ARG GA 224 40.70 12.83 -87.90
C ARG GA 224 40.91 14.03 -86.98
N ARG GA 225 40.69 15.25 -87.51
CA ARG GA 225 40.76 16.44 -86.66
C ARG GA 225 39.72 16.38 -85.55
N ALA GA 226 38.50 15.95 -85.88
CA ALA GA 226 37.47 15.82 -84.86
C ALA GA 226 37.87 14.80 -83.80
N ARG GA 227 38.45 13.67 -84.23
CA ARG GA 227 38.89 12.67 -83.26
C ARG GA 227 39.98 13.22 -82.35
N GLU GA 228 40.94 13.95 -82.93
CA GLU GA 228 42.03 14.51 -82.13
C GLU GA 228 41.52 15.54 -81.13
N LEU GA 229 40.55 16.37 -81.55
CA LEU GA 229 39.94 17.31 -80.61
C LEU GA 229 39.15 16.59 -79.52
N LEU GA 230 38.51 15.47 -79.87
CA LEU GA 230 37.79 14.69 -78.87
C LEU GA 230 38.74 14.11 -77.83
N LEU GA 231 39.88 13.58 -78.27
CA LEU GA 231 40.82 12.94 -77.35
C LEU GA 231 41.54 13.94 -76.46
N ALA GA 232 41.50 15.23 -76.78
CA ALA GA 232 42.18 16.26 -76.00
C ALA GA 232 41.26 16.94 -74.99
N GLY GA 233 40.04 16.44 -74.82
CA GLY GA 233 39.09 17.01 -73.89
C GLY GA 233 38.15 18.04 -74.49
N ARG GA 234 38.41 18.51 -75.71
CA ARG GA 234 37.56 19.48 -76.38
C ARG GA 234 36.39 18.72 -77.00
N VAL GA 235 35.30 18.60 -76.23
CA VAL GA 235 34.20 17.73 -76.63
C VAL GA 235 33.27 18.44 -77.61
N GLU GA 236 32.83 19.66 -77.27
CA GLU GA 236 31.82 20.34 -78.08
C GLU GA 236 32.35 20.72 -79.46
N GLU GA 237 33.62 21.14 -79.54
CA GLU GA 237 34.19 21.48 -80.84
C GLU GA 237 34.26 20.26 -81.74
N ALA GA 238 34.67 19.12 -81.19
CA ALA GA 238 34.67 17.87 -81.96
C ALA GA 238 33.26 17.48 -82.36
N LEU GA 239 32.28 17.69 -81.47
CA LEU GA 239 30.89 17.40 -81.78
C LEU GA 239 30.43 18.20 -82.98
N HIS GA 240 30.70 19.51 -82.99
CA HIS GA 240 30.25 20.34 -84.10
C HIS GA 240 31.00 20.02 -85.39
N LEU GA 241 32.30 19.75 -85.30
CA LEU GA 241 33.04 19.35 -86.50
C LEU GA 241 32.47 18.07 -87.09
N LEU GA 242 32.14 17.10 -86.22
CA LEU GA 242 31.54 15.85 -86.68
C LEU GA 242 30.17 16.09 -87.30
N GLN GA 243 29.36 16.98 -86.71
CA GLN GA 243 28.05 17.27 -87.29
C GLN GA 243 28.18 17.90 -88.67
N ASP GA 244 29.11 18.84 -88.83
CA ASP GA 244 29.31 19.45 -90.14
C ASP GA 244 29.79 18.42 -91.16
N ALA GA 245 30.71 17.53 -90.74
CA ALA GA 245 31.16 16.47 -91.64
C ALA GA 245 30.01 15.56 -92.03
N VAL GA 246 29.13 15.25 -91.08
CA VAL GA 246 27.98 14.38 -91.36
C VAL GA 246 27.04 15.06 -92.36
N GLU GA 247 26.79 16.35 -92.20
CA GLU GA 247 25.93 17.05 -93.14
C GLU GA 247 26.54 17.06 -94.54
N LEU GA 248 27.85 17.29 -94.65
CA LEU GA 248 28.48 17.29 -95.97
C LEU GA 248 28.45 15.89 -96.59
N LEU GA 249 28.67 14.86 -95.77
CA LEU GA 249 28.58 13.49 -96.26
C LEU GA 249 27.17 13.17 -96.74
N HIS GA 250 26.15 13.63 -96.00
CA HIS GA 250 24.77 13.43 -96.43
C HIS GA 250 24.51 14.14 -97.76
N GLU GA 251 25.04 15.35 -97.92
CA GLU GA 251 24.92 16.06 -99.18
C GLU GA 251 25.51 15.24 -100.32
N ARG GA 252 26.72 14.72 -100.13
CA ARG GA 252 27.34 13.91 -101.18
C ARG GA 252 26.54 12.65 -101.47
N ILE GA 253 26.06 11.97 -100.42
CA ILE GA 253 25.34 10.72 -100.59
C ILE GA 253 24.05 10.94 -101.36
N ARG GA 254 23.30 11.98 -100.99
CA ARG GA 254 22.05 12.27 -101.68
C ARG GA 254 22.27 12.90 -103.06
N GLU GA 255 23.46 13.43 -103.32
CA GLU GA 255 23.78 13.86 -104.68
C GLU GA 255 24.10 12.68 -105.58
N LEU GA 256 24.77 11.66 -105.05
CA LEU GA 256 25.10 10.48 -105.86
C LEU GA 256 23.86 9.67 -106.19
N GLY GA 257 22.94 9.51 -105.25
CA GLY GA 257 21.72 8.77 -105.48
C GLY GA 257 21.84 7.34 -104.96
N PHE GA 258 21.38 6.39 -105.76
CA PHE GA 258 21.41 4.97 -105.40
C PHE GA 258 22.67 4.26 -105.86
N GLU GA 259 23.58 4.97 -106.53
CA GLU GA 259 24.86 4.40 -106.95
C GLU GA 259 25.98 4.71 -105.95
N ALA GA 260 25.63 5.06 -104.73
CA ALA GA 260 26.63 5.37 -103.73
C ALA GA 260 27.36 4.11 -103.29
N PRO GA 261 28.68 4.06 -103.34
CA PRO GA 261 29.41 2.88 -102.87
C PRO GA 261 29.14 2.62 -101.40
N GLU GA 262 29.24 1.35 -101.00
CA GLU GA 262 28.96 0.95 -99.63
C GLU GA 262 29.85 1.66 -98.62
N GLU GA 263 31.01 2.16 -99.05
CA GLU GA 263 31.90 2.86 -98.14
C GLU GA 263 31.22 4.08 -97.52
N LEU GA 264 30.49 4.85 -98.34
CA LEU GA 264 29.83 6.04 -97.83
C LEU GA 264 28.75 5.69 -96.82
N LEU GA 265 27.94 4.68 -97.10
CA LEU GA 265 26.88 4.29 -96.19
C LEU GA 265 27.44 3.76 -94.87
N LEU GA 266 28.47 2.91 -94.94
CA LEU GA 266 29.07 2.38 -93.71
C LEU GA 266 29.73 3.49 -92.90
N ALA GA 267 30.41 4.42 -93.58
CA ALA GA 267 31.01 5.56 -92.89
C ALA GA 267 29.93 6.42 -92.24
N ASP GA 268 28.80 6.61 -92.91
CA ASP GA 268 27.72 7.39 -92.33
C ASP GA 268 27.18 6.73 -91.07
N LEU GA 269 26.97 5.41 -91.11
CA LEU GA 269 26.50 4.70 -89.93
C LEU GA 269 27.51 4.81 -88.79
N LEU GA 270 28.80 4.63 -89.09
CA LEU GA 270 29.81 4.74 -88.05
C LEU GA 270 29.86 6.14 -87.46
N LEU GA 271 29.72 7.17 -88.32
CA LEU GA 271 29.71 8.54 -87.84
C LEU GA 271 28.51 8.82 -86.97
N GLN GA 272 27.35 8.25 -87.30
CA GLN GA 272 26.18 8.42 -86.44
C GLN GA 272 26.38 7.76 -85.08
N ARG GA 273 26.97 6.56 -85.05
CA ARG GA 273 27.27 5.94 -83.75
C ARG GA 273 28.26 6.78 -82.95
N ALA GA 274 29.29 7.30 -83.62
CA ALA GA 274 30.26 8.16 -82.94
C ALA GA 274 29.60 9.43 -82.42
N LEU GA 275 28.68 10.01 -83.20
CA LEU GA 275 27.97 11.20 -82.78
C LEU GA 275 27.14 10.92 -81.52
N GLU GA 276 26.42 9.79 -81.52
CA GLU GA 276 25.64 9.43 -80.34
C GLU GA 276 26.53 9.23 -79.13
N LEU GA 277 27.66 8.53 -79.30
CA LEU GA 277 28.56 8.30 -78.17
C LEU GA 277 29.15 9.60 -77.65
N ILE GA 278 29.54 10.51 -78.55
CA ILE GA 278 30.09 11.80 -78.12
C ILE GA 278 29.04 12.63 -77.40
N SER GA 279 27.80 12.62 -77.91
CA SER GA 279 26.72 13.35 -77.25
C SER GA 279 26.45 12.80 -75.86
N SER GA 280 26.52 11.48 -75.70
CA SER GA 280 26.26 10.88 -74.39
C SER GA 280 27.39 11.14 -73.39
N ILE GA 281 28.52 11.66 -73.83
CA ILE GA 281 29.64 11.95 -72.93
C ILE GA 281 29.24 13.02 -71.92
N THR HA 24 -7.81 -19.11 -111.49
CA THR HA 24 -9.20 -19.40 -111.18
C THR HA 24 -9.66 -18.56 -109.99
N VAL HA 25 -8.69 -18.11 -109.19
CA VAL HA 25 -8.88 -17.18 -108.07
C VAL HA 25 -9.59 -17.88 -106.91
N GLU HA 26 -10.74 -18.50 -107.17
CA GLU HA 26 -11.46 -19.19 -106.11
C GLU HA 26 -10.64 -20.37 -105.58
N GLU HA 27 -10.12 -21.20 -106.50
CA GLU HA 27 -9.25 -22.30 -106.12
C GLU HA 27 -8.08 -21.79 -105.28
N GLU HA 28 -7.58 -20.59 -105.59
CA GLU HA 28 -6.53 -20.01 -104.77
C GLU HA 28 -7.01 -19.79 -103.34
N VAL HA 29 -8.26 -19.37 -103.15
CA VAL HA 29 -8.78 -19.13 -101.81
C VAL HA 29 -8.91 -20.44 -101.04
N ILE HA 30 -9.49 -21.46 -101.69
CA ILE HA 30 -9.65 -22.75 -101.00
C ILE HA 30 -8.29 -23.35 -100.66
N ARG HA 31 -7.34 -23.31 -101.61
CA ARG HA 31 -6.00 -23.80 -101.35
C ARG HA 31 -5.32 -22.99 -100.26
N PHE HA 32 -5.57 -21.68 -100.21
CA PHE HA 32 -5.00 -20.86 -99.15
C PHE HA 32 -5.49 -21.32 -97.77
N ALA HA 33 -6.79 -21.57 -97.66
CA ALA HA 33 -7.33 -22.03 -96.38
C ALA HA 33 -6.75 -23.38 -95.99
N GLU HA 34 -6.73 -24.33 -96.93
CA GLU HA 34 -6.22 -25.67 -96.62
C GLU HA 34 -4.74 -25.63 -96.28
N GLU HA 35 -3.95 -24.87 -97.05
CA GLU HA 35 -2.52 -24.77 -96.78
C GLU HA 35 -2.25 -24.07 -95.46
N LEU HA 36 -3.07 -23.08 -95.09
CA LEU HA 36 -2.91 -22.43 -93.80
C LEU HA 36 -3.14 -23.42 -92.67
N ALA HA 37 -4.20 -24.23 -92.78
CA ALA HA 37 -4.46 -25.24 -91.75
C ALA HA 37 -3.32 -26.25 -91.69
N GLU HA 38 -2.83 -26.69 -92.85
CA GLU HA 38 -1.72 -27.63 -92.89
C GLU HA 38 -0.46 -27.04 -92.30
N GLU HA 39 -0.25 -25.73 -92.49
CA GLU HA 39 0.91 -25.07 -91.91
C GLU HA 39 0.80 -24.99 -90.39
N ILE HA 40 -0.40 -24.72 -89.87
CA ILE HA 40 -0.59 -24.80 -88.42
C ILE HA 40 -0.24 -26.19 -87.92
N ARG HA 41 -0.72 -27.23 -88.62
CA ARG HA 41 -0.44 -28.60 -88.20
C ARG HA 41 1.05 -28.90 -88.24
N ARG HA 42 1.74 -28.45 -89.29
CA ARG HA 42 3.17 -28.72 -89.42
C ARG HA 42 3.97 -28.00 -88.34
N VAL HA 43 3.64 -26.73 -88.07
CA VAL HA 43 4.42 -25.95 -87.11
C VAL HA 43 4.19 -26.45 -85.69
N THR HA 44 2.93 -26.75 -85.34
CA THR HA 44 2.60 -27.12 -83.97
C THR HA 44 2.21 -28.57 -83.79
N GLY HA 45 1.34 -29.10 -84.66
CA GLY HA 45 0.89 -30.48 -84.51
C GLY HA 45 -0.54 -30.57 -84.03
N GLU HA 46 -0.74 -31.26 -82.90
CA GLU HA 46 -2.08 -31.42 -82.33
C GLU HA 46 -2.20 -30.71 -80.98
N ALA HA 47 -1.20 -29.92 -80.61
CA ALA HA 47 -1.29 -29.11 -79.39
C ALA HA 47 -2.22 -27.92 -79.58
N TYR HA 48 -2.33 -27.39 -80.79
CA TYR HA 48 -3.27 -26.31 -81.13
C TYR HA 48 -4.16 -26.83 -82.25
N ARG HA 49 -5.25 -27.50 -81.87
CA ARG HA 49 -6.17 -28.07 -82.84
C ARG HA 49 -7.44 -27.24 -83.01
N GLU HA 50 -7.83 -26.48 -81.99
CA GLU HA 50 -8.98 -25.59 -82.12
C GLU HA 50 -8.72 -24.52 -83.17
N TYR HA 51 -7.49 -24.03 -83.25
CA TYR HA 51 -7.14 -23.05 -84.27
C TYR HA 51 -7.26 -23.64 -85.67
N ALA HA 52 -6.80 -24.88 -85.86
CA ALA HA 52 -6.94 -25.53 -87.16
C ALA HA 52 -8.42 -25.76 -87.49
N GLU HA 53 -9.22 -26.14 -86.49
CA GLU HA 53 -10.65 -26.30 -86.72
C GLU HA 53 -11.29 -24.98 -87.15
N ALA HA 54 -10.93 -23.89 -86.48
CA ALA HA 54 -11.48 -22.59 -86.83
C ALA HA 54 -11.04 -22.17 -88.23
N VAL HA 55 -9.79 -22.43 -88.60
CA VAL HA 55 -9.31 -22.08 -89.93
C VAL HA 55 -10.05 -22.87 -91.00
N ARG HA 56 -10.27 -24.16 -90.75
CA ARG HA 56 -11.02 -24.96 -91.73
C ARG HA 56 -12.47 -24.50 -91.82
N HIS HA 57 -13.07 -24.12 -90.69
CA HIS HA 57 -14.42 -23.57 -90.72
C HIS HA 57 -14.48 -22.29 -91.54
N LEU HA 58 -13.51 -21.40 -91.36
CA LEU HA 58 -13.48 -20.16 -92.12
C LEU HA 58 -13.24 -20.43 -93.61
N GLY HA 59 -12.43 -21.43 -93.94
CA GLY HA 59 -12.29 -21.82 -95.33
C GLY HA 59 -13.58 -22.34 -95.93
N GLU HA 60 -14.33 -23.11 -95.14
CA GLU HA 60 -15.64 -23.58 -95.60
C GLU HA 60 -16.59 -22.40 -95.82
N ALA HA 61 -16.55 -21.42 -94.91
CA ALA HA 61 -17.39 -20.22 -95.09
C ALA HA 61 -17.00 -19.47 -96.36
N ALA HA 62 -15.70 -19.31 -96.60
CA ALA HA 62 -15.24 -18.62 -97.80
C ALA HA 62 -15.66 -19.36 -99.06
N LYS HA 63 -15.62 -20.70 -99.03
CA LYS HA 63 -16.14 -21.47 -100.14
C LYS HA 63 -17.63 -21.25 -100.33
N ALA HA 64 -18.38 -21.20 -99.22
CA ALA HA 64 -19.83 -21.02 -99.30
C ALA HA 64 -20.18 -19.66 -99.90
N VAL HA 65 -19.42 -18.62 -99.55
CA VAL HA 65 -19.69 -17.29 -100.06
C VAL HA 65 -19.62 -17.26 -101.59
N LEU HA 66 -18.68 -18.00 -102.16
CA LEU HA 66 -18.34 -17.87 -103.57
C LEU HA 66 -19.41 -18.46 -104.50
N GLU HA 67 -20.36 -19.24 -104.00
CA GLU HA 67 -21.42 -19.77 -104.84
C GLU HA 67 -22.70 -18.94 -104.79
N GLY HA 68 -22.94 -18.22 -103.70
CA GLY HA 68 -24.14 -17.40 -103.60
C GLY HA 68 -24.82 -17.49 -102.26
N ASN HA 69 -24.63 -18.61 -101.57
CA ASN HA 69 -25.25 -18.80 -100.25
C ASN HA 69 -24.60 -17.85 -99.26
N SER HA 70 -25.40 -16.92 -98.71
CA SER HA 70 -24.91 -15.90 -97.81
C SER HA 70 -25.36 -16.06 -96.38
N VAL HA 71 -26.26 -17.00 -96.10
CA VAL HA 71 -26.70 -17.25 -94.72
C VAL HA 71 -25.86 -18.34 -94.07
N GLU HA 72 -25.50 -19.38 -94.83
CA GLU HA 72 -24.59 -20.39 -94.31
C GLU HA 72 -23.25 -19.77 -93.92
N ALA HA 73 -22.80 -18.76 -94.65
CA ALA HA 73 -21.57 -18.07 -94.28
C ALA HA 73 -21.72 -17.40 -92.92
N ASP HA 74 -22.86 -16.74 -92.68
CA ASP HA 74 -23.11 -16.11 -91.39
C ASP HA 74 -23.14 -17.15 -90.28
N LEU HA 75 -23.79 -18.29 -90.52
CA LEU HA 75 -23.85 -19.32 -89.50
C LEU HA 75 -22.46 -19.87 -89.19
N ILE HA 76 -21.64 -20.08 -90.22
CA ILE HA 76 -20.29 -20.60 -90.00
C ILE HA 76 -19.43 -19.57 -89.26
N VAL HA 77 -19.59 -18.29 -89.59
CA VAL HA 77 -18.84 -17.25 -88.89
C VAL HA 77 -19.24 -17.19 -87.42
N THR HA 78 -20.53 -17.37 -87.13
CA THR HA 78 -20.96 -17.42 -85.73
C THR HA 78 -20.38 -18.64 -85.03
N ASP HA 79 -20.30 -19.78 -85.73
CA ASP HA 79 -19.67 -20.96 -85.14
C ASP HA 79 -18.20 -20.69 -84.82
N VAL HA 80 -17.48 -20.04 -85.74
CA VAL HA 80 -16.09 -19.69 -85.49
C VAL HA 80 -15.98 -18.73 -84.33
N LEU HA 81 -16.93 -17.79 -84.21
CA LEU HA 81 -16.94 -16.87 -83.08
C LEU HA 81 -17.10 -17.62 -81.77
N ARG HA 82 -17.99 -18.62 -81.73
CA ARG HA 82 -18.14 -19.42 -80.52
C ARG HA 82 -16.86 -20.18 -80.21
N LEU HA 83 -16.22 -20.74 -81.23
CA LEU HA 83 -14.98 -21.47 -81.02
C LEU HA 83 -13.90 -20.57 -80.44
N LEU HA 84 -13.76 -19.36 -80.98
CA LEU HA 84 -12.75 -18.43 -80.48
C LEU HA 84 -13.11 -17.91 -79.09
N GLU HA 85 -14.39 -17.77 -78.79
CA GLU HA 85 -14.80 -17.38 -77.44
C GLU HA 85 -14.46 -18.47 -76.44
N ARG HA 86 -14.61 -19.73 -76.84
CA ARG HA 86 -14.17 -20.83 -75.97
C ARG HA 86 -12.65 -20.85 -75.85
N ILE HA 87 -11.93 -20.48 -76.91
CA ILE HA 87 -10.47 -20.49 -76.86
C ILE HA 87 -9.97 -19.48 -75.83
N GLY HA 88 -10.46 -18.24 -75.90
CA GLY HA 88 -10.11 -17.24 -74.91
C GLY HA 88 -9.05 -16.24 -75.35
N GLU HA 89 -9.15 -15.75 -76.59
CA GLU HA 89 -8.25 -14.74 -77.12
C GLU HA 89 -9.06 -13.48 -77.40
N GLU HA 90 -8.92 -12.47 -76.53
CA GLU HA 90 -9.82 -11.32 -76.55
C GLU HA 90 -9.75 -10.57 -77.87
N GLY HA 91 -8.54 -10.29 -78.36
CA GLY HA 91 -8.41 -9.59 -79.62
C GLY HA 91 -8.97 -10.38 -80.78
N LEU HA 92 -8.75 -11.70 -80.78
CA LEU HA 92 -9.29 -12.55 -81.83
C LEU HA 92 -10.81 -12.55 -81.80
N VAL HA 93 -11.41 -12.57 -80.60
CA VAL HA 93 -12.87 -12.52 -80.50
C VAL HA 93 -13.40 -11.18 -80.99
N LYS HA 94 -12.71 -10.09 -80.65
CA LYS HA 94 -13.13 -8.77 -81.14
C LYS HA 94 -13.10 -8.71 -82.66
N LEU HA 95 -12.01 -9.20 -83.25
CA LEU HA 95 -11.92 -9.23 -84.70
C LEU HA 95 -13.00 -10.12 -85.30
N ALA HA 96 -13.32 -11.23 -84.63
CA ALA HA 96 -14.37 -12.11 -85.12
C ALA HA 96 -15.73 -11.41 -85.11
N ARG HA 97 -16.03 -10.67 -84.04
CA ARG HA 97 -17.30 -9.94 -84.00
C ARG HA 97 -17.37 -8.89 -85.09
N GLU HA 98 -16.28 -8.14 -85.29
CA GLU HA 98 -16.27 -7.12 -86.34
C GLU HA 98 -16.44 -7.75 -87.71
N VAL HA 99 -15.75 -8.87 -87.95
CA VAL HA 99 -15.90 -9.58 -89.22
C VAL HA 99 -17.33 -10.06 -89.41
N HIS HA 100 -17.93 -10.60 -88.35
CA HIS HA 100 -19.32 -11.04 -88.41
C HIS HA 100 -20.24 -9.91 -88.87
N GLU HA 101 -20.16 -8.77 -88.19
CA GLU HA 101 -21.05 -7.65 -88.50
C GLU HA 101 -20.81 -7.14 -89.92
N ARG HA 102 -19.56 -6.84 -90.25
CA ARG HA 102 -19.26 -6.27 -91.57
C ARG HA 102 -19.59 -7.24 -92.69
N SER HA 103 -19.26 -8.52 -92.51
CA SER HA 103 -19.55 -9.52 -93.54
C SER HA 103 -21.05 -9.68 -93.73
N PHE HA 104 -21.83 -9.69 -92.65
CA PHE HA 104 -23.28 -9.76 -92.78
C PHE HA 104 -23.81 -8.58 -93.58
N GLU HA 105 -23.38 -7.36 -93.22
CA GLU HA 105 -23.88 -6.18 -93.91
C GLU HA 105 -23.49 -6.18 -95.38
N LEU HA 106 -22.22 -6.49 -95.68
CA LEU HA 106 -21.75 -6.49 -97.06
C LEU HA 106 -22.42 -7.57 -97.89
N LEU HA 107 -22.60 -8.76 -97.32
CA LEU HA 107 -23.24 -9.84 -98.06
C LEU HA 107 -24.72 -9.54 -98.31
N ARG HA 108 -25.38 -8.88 -97.36
CA ARG HA 108 -26.74 -8.41 -97.62
C ARG HA 108 -26.74 -7.38 -98.76
N LYS HA 109 -25.79 -6.45 -98.74
CA LYS HA 109 -25.72 -5.45 -99.81
C LYS HA 109 -25.26 -6.08 -101.12
N GLY HA 110 -24.23 -6.93 -101.07
CA GLY HA 110 -23.77 -7.61 -102.26
C GLY HA 110 -22.27 -7.52 -102.51
N ASN HA 111 -21.52 -7.04 -101.52
CA ASN HA 111 -20.06 -6.91 -101.66
C ASN HA 111 -19.41 -8.23 -101.29
N ARG HA 112 -19.36 -9.13 -102.28
CA ARG HA 112 -18.78 -10.45 -102.07
C ARG HA 112 -17.28 -10.36 -101.77
N VAL HA 113 -16.57 -9.50 -102.50
CA VAL HA 113 -15.11 -9.48 -102.42
C VAL HA 113 -14.64 -9.04 -101.04
N GLU HA 114 -15.27 -8.01 -100.48
CA GLU HA 114 -14.84 -7.53 -99.17
C GLU HA 114 -15.18 -8.53 -98.06
N ALA HA 115 -16.29 -9.25 -98.19
CA ALA HA 115 -16.60 -10.31 -97.24
C ALA HA 115 -15.55 -11.42 -97.31
N LEU HA 116 -15.16 -11.82 -98.52
CA LEU HA 116 -14.10 -12.80 -98.67
C LEU HA 116 -12.80 -12.30 -98.05
N ALA HA 117 -12.47 -11.03 -98.27
CA ALA HA 117 -11.26 -10.47 -97.70
C ALA HA 117 -11.30 -10.50 -96.17
N LEU HA 118 -12.44 -10.16 -95.59
CA LEU HA 118 -12.57 -10.18 -94.13
C LEU HA 118 -12.43 -11.59 -93.59
N ILE HA 119 -13.04 -12.58 -94.26
CA ILE HA 119 -12.94 -13.97 -93.80
C ILE HA 119 -11.48 -14.44 -93.86
N LEU HA 120 -10.80 -14.13 -94.96
CA LEU HA 120 -9.40 -14.53 -95.10
C LEU HA 120 -8.52 -13.84 -94.06
N ALA HA 121 -8.80 -12.56 -93.79
CA ALA HA 121 -8.03 -11.85 -92.76
C ALA HA 121 -8.23 -12.47 -91.40
N LEU HA 122 -9.47 -12.85 -91.07
CA LEU HA 122 -9.71 -13.52 -89.80
C LEU HA 122 -8.97 -14.86 -89.72
N ALA HA 123 -9.01 -15.64 -90.80
CA ALA HA 123 -8.30 -16.92 -90.81
C ALA HA 123 -6.80 -16.72 -90.60
N LEU HA 124 -6.21 -15.75 -91.31
CA LEU HA 124 -4.79 -15.47 -91.14
C LEU HA 124 -4.49 -15.00 -89.73
N ALA HA 125 -5.36 -14.20 -89.14
CA ALA HA 125 -5.14 -13.73 -87.77
C ALA HA 125 -5.12 -14.90 -86.80
N VAL HA 126 -6.06 -15.84 -86.95
CA VAL HA 126 -6.07 -17.02 -86.08
C VAL HA 126 -4.79 -17.83 -86.25
N ALA HA 127 -4.39 -18.06 -87.51
CA ALA HA 127 -3.21 -18.85 -87.78
C ALA HA 127 -1.96 -18.21 -87.20
N LEU HA 128 -1.79 -16.90 -87.39
CA LEU HA 128 -0.63 -16.21 -86.88
C LEU HA 128 -0.62 -16.15 -85.37
N THR HA 129 -1.80 -16.02 -84.75
CA THR HA 129 -1.87 -16.06 -83.29
C THR HA 129 -1.40 -17.40 -82.76
N ALA HA 130 -1.88 -18.49 -83.36
CA ALA HA 130 -1.46 -19.82 -82.93
C ALA HA 130 0.04 -20.02 -83.12
N VAL HA 131 0.56 -19.62 -84.28
CA VAL HA 131 1.98 -19.82 -84.57
C VAL HA 131 2.85 -19.00 -83.61
N SER HA 132 2.48 -17.74 -83.38
CA SER HA 132 3.25 -16.89 -82.49
C SER HA 132 3.21 -17.42 -81.06
N LYS HA 133 2.05 -17.91 -80.62
CA LYS HA 133 1.96 -18.49 -79.28
C LYS HA 133 2.87 -19.71 -79.15
N ALA HA 134 2.87 -20.57 -80.16
CA ALA HA 134 3.74 -21.75 -80.12
C ALA HA 134 5.21 -21.35 -80.10
N PHE HA 135 5.59 -20.39 -80.95
CA PHE HA 135 6.98 -19.96 -81.02
C PHE HA 135 7.44 -19.34 -79.70
N PHE HA 136 6.59 -18.51 -79.09
CA PHE HA 136 6.97 -17.90 -77.83
C PHE HA 136 7.05 -18.94 -76.71
N LEU HA 137 6.13 -19.91 -76.70
CA LEU HA 137 6.18 -20.95 -75.67
C LEU HA 137 7.44 -21.80 -75.80
N LEU HA 138 7.83 -22.13 -77.04
CA LEU HA 138 9.05 -22.90 -77.24
C LEU HA 138 10.28 -22.14 -76.73
N GLY HA 139 10.34 -20.83 -76.99
CA GLY HA 139 11.46 -20.03 -76.60
C GLY HA 139 12.25 -19.51 -77.80
N GLN HA 140 11.61 -19.56 -78.97
CA GLN HA 140 12.27 -19.17 -80.20
C GLN HA 140 12.55 -17.67 -80.20
N PRO HA 141 13.67 -17.24 -80.78
CA PRO HA 141 13.94 -15.81 -80.90
C PRO HA 141 13.01 -15.14 -81.91
N ALA HA 142 13.02 -13.80 -81.87
CA ALA HA 142 12.04 -13.02 -82.62
C ALA HA 142 12.30 -13.02 -84.12
N ARG HA 143 13.49 -13.42 -84.56
CA ARG HA 143 13.83 -13.32 -85.98
C ARG HA 143 12.91 -14.18 -86.83
N LEU HA 144 12.80 -15.47 -86.50
CA LEU HA 144 12.00 -16.39 -87.32
C LEU HA 144 10.51 -16.06 -87.21
N ILE HA 145 10.07 -15.60 -86.04
CA ILE HA 145 8.69 -15.13 -85.91
C ILE HA 145 8.43 -14.00 -86.88
N ALA HA 146 9.35 -13.04 -86.95
CA ALA HA 146 9.19 -11.91 -87.86
C ALA HA 146 9.16 -12.36 -89.31
N GLU HA 147 10.08 -13.26 -89.70
CA GLU HA 147 10.07 -13.72 -91.09
C GLU HA 147 8.79 -14.47 -91.44
N TYR HA 148 8.31 -15.33 -90.53
CA TYR HA 148 7.09 -16.07 -90.82
C TYR HA 148 5.89 -15.14 -90.91
N VAL HA 149 5.78 -14.17 -90.01
CA VAL HA 149 4.67 -13.22 -90.06
C VAL HA 149 4.71 -12.43 -91.36
N GLY HA 150 5.91 -11.96 -91.74
CA GLY HA 150 6.03 -11.24 -92.99
C GLY HA 150 5.66 -12.07 -94.20
N GLU HA 151 6.09 -13.33 -94.23
CA GLU HA 151 5.79 -14.20 -95.36
C GLU HA 151 4.28 -14.45 -95.46
N LYS HA 152 3.63 -14.72 -94.33
CA LYS HA 152 2.19 -14.96 -94.35
C LYS HA 152 1.43 -13.71 -94.77
N LEU HA 153 1.85 -12.55 -94.28
CA LEU HA 153 1.21 -11.30 -94.70
C LEU HA 153 1.40 -11.05 -96.18
N LEU HA 154 2.57 -11.37 -96.72
CA LEU HA 154 2.81 -11.24 -98.15
C LEU HA 154 1.89 -12.16 -98.95
N GLU HA 155 1.73 -13.42 -98.50
CA GLU HA 155 0.82 -14.33 -99.19
C GLU HA 155 -0.61 -13.81 -99.18
N LEU HA 156 -1.06 -13.32 -98.02
CA LEU HA 156 -2.42 -12.77 -97.96
C LEU HA 156 -2.57 -11.56 -98.86
N ARG HA 157 -1.56 -10.69 -98.90
CA ARG HA 157 -1.61 -9.51 -99.74
C ARG HA 157 -1.71 -9.89 -101.21
N ARG HA 158 -0.90 -10.87 -101.65
CA ARG HA 158 -0.99 -11.31 -103.03
C ARG HA 158 -2.35 -11.90 -103.35
N LEU HA 159 -2.89 -12.71 -102.43
CA LEU HA 159 -4.21 -13.29 -102.65
C LEU HA 159 -5.28 -12.21 -102.78
N LEU HA 160 -5.27 -11.24 -101.87
CA LEU HA 160 -6.27 -10.17 -101.90
C LEU HA 160 -6.13 -9.32 -103.16
N GLU HA 161 -4.90 -9.02 -103.57
CA GLU HA 161 -4.70 -8.26 -104.80
C GLU HA 161 -5.19 -9.03 -106.01
N LYS HA 162 -5.02 -10.36 -106.02
CA LYS HA 162 -5.57 -11.17 -107.09
C LYS HA 162 -7.09 -11.16 -107.07
N LEU HA 163 -7.68 -11.12 -105.87
CA LEU HA 163 -9.13 -11.09 -105.76
C LEU HA 163 -9.71 -9.80 -106.33
N GLY HA 164 -9.18 -8.65 -105.92
CA GLY HA 164 -9.66 -7.39 -106.43
C GLY HA 164 -9.89 -6.32 -105.38
N VAL HA 165 -9.54 -6.62 -104.14
CA VAL HA 165 -9.74 -5.66 -103.04
C VAL HA 165 -8.86 -4.44 -103.28
N PRO HA 166 -9.35 -3.22 -103.11
CA PRO HA 166 -8.49 -2.04 -103.25
C PRO HA 166 -7.37 -2.03 -102.23
N LEU HA 167 -6.23 -1.47 -102.65
CA LEU HA 167 -5.01 -1.55 -101.83
C LEU HA 167 -5.15 -0.94 -100.45
N PRO HA 168 -5.75 0.25 -100.26
CA PRO HA 168 -5.87 0.78 -98.89
C PRO HA 168 -6.63 -0.14 -97.95
N GLU HA 169 -7.68 -0.81 -98.44
CA GLU HA 169 -8.42 -1.74 -97.59
C GLU HA 169 -7.57 -2.96 -97.26
N VAL HA 170 -6.76 -3.43 -98.22
CA VAL HA 170 -5.85 -4.54 -97.96
C VAL HA 170 -4.87 -4.17 -96.85
N ILE HA 171 -4.30 -2.97 -96.94
CA ILE HA 171 -3.34 -2.53 -95.92
C ILE HA 171 -4.02 -2.38 -94.57
N ALA HA 172 -5.25 -1.87 -94.55
CA ALA HA 172 -5.98 -1.75 -93.29
C ALA HA 172 -6.24 -3.12 -92.67
N LEU HA 173 -6.61 -4.11 -93.50
CA LEU HA 173 -6.82 -5.46 -92.99
C LEU HA 173 -5.52 -6.06 -92.43
N LEU HA 174 -4.41 -5.85 -93.14
CA LEU HA 174 -3.13 -6.36 -92.65
C LEU HA 174 -2.74 -5.70 -91.34
N LEU HA 175 -2.97 -4.40 -91.21
CA LEU HA 175 -2.69 -3.73 -89.94
C LEU HA 175 -3.61 -4.22 -88.83
N ARG HA 176 -4.86 -4.55 -89.15
CA ARG HA 176 -5.75 -5.13 -88.15
C ARG HA 176 -5.23 -6.48 -87.68
N VAL HA 177 -4.78 -7.32 -88.61
CA VAL HA 177 -4.20 -8.61 -88.25
C VAL HA 177 -2.97 -8.43 -87.37
N LEU HA 178 -2.11 -7.48 -87.74
CA LEU HA 178 -0.91 -7.21 -86.95
C LEU HA 178 -1.27 -6.68 -85.56
N GLU HA 179 -2.32 -5.87 -85.46
CA GLU HA 179 -2.78 -5.39 -84.17
C GLU HA 179 -3.25 -6.56 -83.30
N VAL HA 180 -3.99 -7.50 -83.89
CA VAL HA 180 -4.45 -8.68 -83.16
C VAL HA 180 -3.25 -9.48 -82.65
N VAL HA 181 -2.26 -9.69 -83.53
CA VAL HA 181 -1.07 -10.47 -83.14
C VAL HA 181 -0.31 -9.76 -82.02
N GLU HA 182 -0.16 -8.44 -82.13
CA GLU HA 182 0.54 -7.68 -81.09
C GLU HA 182 -0.19 -7.76 -79.76
N GLU HA 183 -1.53 -7.66 -79.79
CA GLU HA 183 -2.30 -7.76 -78.56
C GLU HA 183 -2.13 -9.13 -77.93
N SER HA 184 -2.18 -10.19 -78.75
CA SER HA 184 -1.98 -11.54 -78.22
C SER HA 184 -0.61 -11.70 -77.59
N LEU HA 185 0.44 -11.21 -78.28
CA LEU HA 185 1.79 -11.33 -77.75
C LEU HA 185 1.96 -10.54 -76.46
N LYS HA 186 1.40 -9.34 -76.40
CA LYS HA 186 1.50 -8.52 -75.20
C LYS HA 186 0.77 -9.18 -74.03
N ALA HA 187 -0.42 -9.74 -74.29
CA ALA HA 187 -1.17 -10.39 -73.23
C ALA HA 187 -0.51 -11.67 -72.74
N MET HA 188 0.18 -12.40 -73.63
CA MET HA 188 0.79 -13.66 -73.22
C MET HA 188 1.92 -13.43 -72.21
N GLY HA 189 2.74 -12.40 -72.40
CA GLY HA 189 3.81 -12.14 -71.47
C GLY HA 189 5.12 -11.73 -72.10
N MET HA 190 5.14 -11.61 -73.43
CA MET HA 190 6.35 -11.20 -74.13
C MET HA 190 6.80 -9.81 -73.69
N GLU HA 191 8.11 -9.61 -73.62
CA GLU HA 191 8.65 -8.31 -73.29
C GLU HA 191 8.39 -7.32 -74.43
N PRO HA 192 8.06 -6.07 -74.11
CA PRO HA 192 7.66 -5.12 -75.16
C PRO HA 192 8.67 -4.93 -76.29
N ARG HA 193 9.98 -5.03 -75.98
CA ARG HA 193 10.98 -4.76 -77.00
C ARG HA 193 10.90 -5.76 -78.16
N GLU HA 194 10.72 -7.05 -77.85
CA GLU HA 194 10.61 -8.04 -78.91
C GLU HA 194 9.33 -7.85 -79.74
N ILE HA 195 8.23 -7.48 -79.09
CA ILE HA 195 6.99 -7.22 -79.82
C ILE HA 195 7.20 -6.05 -80.77
N ASN HA 196 7.84 -4.97 -80.29
CA ASN HA 196 8.11 -3.85 -81.16
C ASN HA 196 9.03 -4.25 -82.31
N ARG HA 197 10.01 -5.11 -82.04
CA ARG HA 197 10.94 -5.55 -83.08
C ARG HA 197 10.21 -6.33 -84.17
N VAL HA 198 9.35 -7.26 -83.78
CA VAL HA 198 8.66 -8.09 -84.78
C VAL HA 198 7.65 -7.26 -85.56
N LEU HA 199 6.93 -6.35 -84.89
CA LEU HA 199 5.99 -5.49 -85.60
C LEU HA 199 6.73 -4.58 -86.58
N ALA HA 200 7.87 -4.03 -86.17
CA ALA HA 200 8.66 -3.19 -87.06
C ALA HA 200 9.16 -3.98 -88.26
N ALA HA 201 9.59 -5.22 -88.04
CA ALA HA 201 10.05 -6.06 -89.14
C ALA HA 201 8.91 -6.34 -90.12
N ALA HA 202 7.72 -6.62 -89.61
CA ALA HA 202 6.57 -6.88 -90.49
C ALA HA 202 6.21 -5.64 -91.30
N TYR HA 203 6.20 -4.48 -90.64
CA TYR HA 203 5.94 -3.24 -91.36
C TYR HA 203 7.00 -2.99 -92.42
N LEU HA 204 8.26 -3.28 -92.09
CA LEU HA 204 9.35 -3.05 -93.04
C LEU HA 204 9.25 -3.95 -94.26
N THR HA 205 8.92 -5.23 -94.07
CA THR HA 205 8.80 -6.11 -95.23
C THR HA 205 7.58 -5.75 -96.07
N LEU HA 206 6.48 -5.33 -95.42
CA LEU HA 206 5.32 -4.88 -96.18
C LEU HA 206 5.66 -3.65 -97.01
N ALA HA 207 6.34 -2.67 -96.40
CA ALA HA 207 6.72 -1.46 -97.12
C ALA HA 207 7.70 -1.76 -98.24
N ALA HA 208 8.64 -2.69 -98.00
CA ALA HA 208 9.61 -3.06 -99.03
C ALA HA 208 8.91 -3.69 -100.22
N GLU HA 209 7.95 -4.57 -99.98
CA GLU HA 209 7.19 -5.15 -101.09
C GLU HA 209 6.42 -4.07 -101.83
N LEU HA 210 5.79 -3.15 -101.10
CA LEU HA 210 5.02 -2.09 -101.74
C LEU HA 210 5.90 -1.22 -102.62
N LEU HA 211 7.09 -0.87 -102.13
CA LEU HA 211 8.01 -0.06 -102.94
C LEU HA 211 8.53 -0.84 -104.14
N GLU HA 212 8.88 -2.12 -103.95
CA GLU HA 212 9.41 -2.91 -105.04
C GLU HA 212 8.38 -3.09 -106.15
N ARG HA 213 7.10 -3.20 -105.80
CA ARG HA 213 6.07 -3.34 -106.82
C ARG HA 213 6.06 -2.16 -107.78
N LEU HA 214 6.42 -0.97 -107.30
CA LEU HA 214 6.43 0.23 -108.12
C LEU HA 214 7.70 0.40 -108.93
N GLY HA 215 8.71 -0.45 -108.73
CA GLY HA 215 9.94 -0.39 -109.49
C GLY HA 215 11.13 0.19 -108.75
N LEU HA 216 10.92 0.74 -107.55
CA LEU HA 216 12.02 1.30 -106.75
C LEU HA 216 12.75 0.16 -106.03
N THR HA 217 13.50 -0.61 -106.82
CA THR HA 217 14.19 -1.78 -106.29
C THR HA 217 15.28 -1.41 -105.28
N ALA HA 218 16.04 -0.36 -105.53
CA ALA HA 218 17.11 0.03 -104.61
C ALA HA 218 16.57 0.49 -103.27
N LEU HA 219 15.48 1.26 -103.28
CA LEU HA 219 14.86 1.68 -102.03
C LEU HA 219 14.35 0.47 -101.24
N ALA HA 220 13.73 -0.49 -101.94
CA ALA HA 220 13.27 -1.70 -101.27
C ALA HA 220 14.44 -2.48 -100.68
N ALA HA 221 15.56 -2.55 -101.42
CA ALA HA 221 16.74 -3.23 -100.91
C ALA HA 221 17.26 -2.54 -99.66
N ARG HA 222 17.26 -1.20 -99.65
CA ARG HA 222 17.68 -0.48 -98.45
C ARG HA 222 16.76 -0.77 -97.28
N ILE HA 223 15.45 -0.84 -97.54
CA ILE HA 223 14.50 -1.16 -96.48
C ILE HA 223 14.76 -2.56 -95.91
N ARG HA 224 15.02 -3.53 -96.81
CA ARG HA 224 15.32 -4.88 -96.35
C ARG HA 224 16.62 -4.92 -95.54
N ARG HA 225 17.63 -4.15 -95.98
CA ARG HA 225 18.86 -4.07 -95.20
C ARG HA 225 18.59 -3.51 -93.81
N ALA HA 226 17.75 -2.46 -93.73
CA ALA HA 226 17.39 -1.90 -92.43
C ALA HA 226 16.69 -2.93 -91.56
N ARG HA 227 15.77 -3.70 -92.15
CA ARG HA 227 15.08 -4.74 -91.39
C ARG HA 227 16.05 -5.79 -90.87
N GLU HA 228 16.99 -6.23 -91.73
CA GLU HA 228 17.95 -7.25 -91.32
C GLU HA 228 18.87 -6.74 -90.22
N LEU HA 229 19.31 -5.48 -90.30
CA LEU HA 229 20.12 -4.92 -89.23
C LEU HA 229 19.30 -4.75 -87.95
N LEU HA 230 18.00 -4.50 -88.08
CA LEU HA 230 17.15 -4.41 -86.89
C LEU HA 230 17.00 -5.76 -86.21
N LEU HA 231 16.82 -6.83 -86.99
CA LEU HA 231 16.64 -8.15 -86.41
C LEU HA 231 17.91 -8.70 -85.78
N ALA HA 232 19.07 -8.14 -86.08
CA ALA HA 232 20.35 -8.62 -85.56
C ALA HA 232 20.78 -7.89 -84.29
N GLY HA 233 19.95 -6.99 -83.77
CA GLY HA 233 20.29 -6.23 -82.59
C GLY HA 233 20.88 -4.86 -82.85
N ARG HA 234 21.27 -4.58 -84.09
CA ARG HA 234 21.84 -3.28 -84.46
C ARG HA 234 20.67 -2.31 -84.67
N VAL HA 235 20.27 -1.65 -83.59
CA VAL HA 235 19.05 -0.85 -83.63
C VAL HA 235 19.32 0.53 -84.26
N GLU HA 236 20.35 1.22 -83.78
CA GLU HA 236 20.57 2.61 -84.22
C GLU HA 236 20.95 2.69 -85.69
N GLU HA 237 21.76 1.74 -86.17
CA GLU HA 237 22.14 1.74 -87.58
C GLU HA 237 20.92 1.54 -88.48
N ALA HA 238 20.04 0.60 -88.10
CA ALA HA 238 18.80 0.41 -88.85
C ALA HA 238 17.92 1.65 -88.77
N LEU HA 239 17.88 2.30 -87.60
CA LEU HA 239 17.11 3.52 -87.45
C LEU HA 239 17.58 4.60 -88.42
N HIS HA 240 18.89 4.82 -88.49
CA HIS HA 240 19.40 5.84 -89.40
C HIS HA 240 19.20 5.47 -90.86
N LEU HA 241 19.40 4.20 -91.21
CA LEU HA 241 19.13 3.77 -92.58
C LEU HA 241 17.68 4.02 -92.95
N LEU HA 242 16.75 3.71 -92.03
CA LEU HA 242 15.34 3.93 -92.28
C LEU HA 242 15.02 5.41 -92.41
N GLN HA 243 15.65 6.25 -91.58
CA GLN HA 243 15.43 7.69 -91.68
C GLN HA 243 15.90 8.22 -93.03
N ASP HA 244 17.08 7.78 -93.50
CA ASP HA 244 17.56 8.21 -94.81
C ASP HA 244 16.63 7.74 -95.92
N ALA HA 245 16.15 6.50 -95.83
CA ALA HA 245 15.20 6.00 -96.82
C ALA HA 245 13.92 6.82 -96.80
N VAL HA 246 13.45 7.20 -95.60
CA VAL HA 246 12.23 7.99 -95.49
C VAL HA 246 12.43 9.36 -96.12
N GLU HA 247 13.57 10.00 -95.87
CA GLU HA 247 13.83 11.30 -96.49
C GLU HA 247 13.86 11.20 -98.01
N LEU HA 248 14.51 10.17 -98.54
CA LEU HA 248 14.59 10.04 -100.00
C LEU HA 248 13.21 9.73 -100.59
N LEU HA 249 12.40 8.93 -99.88
CA LEU HA 249 11.04 8.68 -100.30
C LEU HA 249 10.21 9.96 -100.31
N HIS HA 250 10.41 10.82 -99.30
CA HIS HA 250 9.73 12.11 -99.28
C HIS HA 250 10.15 12.97 -100.46
N GLU HA 251 11.45 12.96 -100.79
CA GLU HA 251 11.92 13.69 -101.96
C GLU HA 251 11.20 13.22 -103.22
N ARG HA 252 11.14 11.90 -103.40
CA ARG HA 252 10.47 11.35 -104.58
C ARG HA 252 8.99 11.71 -104.60
N ILE HA 253 8.32 11.60 -103.44
CA ILE HA 253 6.88 11.85 -103.38
C ILE HA 253 6.58 13.31 -103.71
N ARG HA 254 7.33 14.23 -103.12
CA ARG HA 254 7.11 15.66 -103.39
C ARG HA 254 7.61 16.09 -104.75
N GLU HA 255 8.49 15.31 -105.39
CA GLU HA 255 8.84 15.58 -106.77
C GLU HA 255 7.73 15.13 -107.72
N LEU HA 256 7.07 14.00 -107.40
CA LEU HA 256 5.98 13.52 -108.23
C LEU HA 256 4.80 14.48 -108.22
N GLY HA 257 4.47 15.01 -107.05
CA GLY HA 257 3.34 15.93 -106.92
C GLY HA 257 2.11 15.23 -106.38
N PHE HA 258 0.95 15.54 -106.97
CA PHE HA 258 -0.31 14.91 -106.57
C PHE HA 258 -0.67 13.71 -107.42
N GLU HA 259 0.19 13.32 -108.36
CA GLU HA 259 -0.01 12.12 -109.16
C GLU HA 259 0.77 10.94 -108.59
N ALA HA 260 1.12 10.98 -107.32
CA ALA HA 260 1.88 9.90 -106.70
C ALA HA 260 0.99 8.68 -106.53
N PRO HA 261 1.41 7.51 -107.02
CA PRO HA 261 0.61 6.29 -106.82
C PRO HA 261 0.43 5.99 -105.34
N GLU HA 262 -0.67 5.32 -105.02
CA GLU HA 262 -1.01 5.00 -103.63
C GLU HA 262 0.07 4.16 -102.96
N GLU HA 263 0.87 3.44 -103.74
CA GLU HA 263 1.95 2.63 -103.16
C GLU HA 263 2.92 3.50 -102.37
N LEU HA 264 3.30 4.65 -102.92
CA LEU HA 264 4.23 5.52 -102.22
C LEU HA 264 3.67 6.02 -100.90
N LEU HA 265 2.41 6.45 -100.90
CA LEU HA 265 1.82 6.97 -99.67
C LEU HA 265 1.67 5.88 -98.61
N LEU HA 266 1.20 4.70 -99.01
CA LEU HA 266 1.04 3.61 -98.05
C LEU HA 266 2.39 3.17 -97.51
N ALA HA 267 3.41 3.09 -98.37
CA ALA HA 267 4.75 2.75 -97.91
C ALA HA 267 5.28 3.80 -96.96
N ASP HA 268 5.01 5.08 -97.24
CA ASP HA 268 5.46 6.14 -96.34
C ASP HA 268 4.81 6.01 -94.97
N LEU HA 269 3.51 5.75 -94.93
CA LEU HA 269 2.83 5.58 -93.65
C LEU HA 269 3.39 4.38 -92.89
N LEU HA 270 3.59 3.27 -93.58
CA LEU HA 270 4.15 2.09 -92.93
C LEU HA 270 5.55 2.36 -92.41
N LEU HA 271 6.36 3.08 -93.17
CA LEU HA 271 7.71 3.42 -92.73
C LEU HA 271 7.68 4.34 -91.52
N GLN HA 272 6.73 5.26 -91.45
CA GLN HA 272 6.61 6.11 -90.27
C GLN HA 272 6.23 5.29 -89.04
N ARG HA 273 5.30 4.34 -89.20
CA ARG HA 273 4.98 3.46 -88.07
C ARG HA 273 6.20 2.64 -87.65
N ALA HA 274 6.97 2.16 -88.62
CA ALA HA 274 8.19 1.42 -88.32
C ALA HA 274 9.21 2.30 -87.59
N LEU HA 275 9.35 3.56 -88.01
CA LEU HA 275 10.24 4.48 -87.33
C LEU HA 275 9.82 4.67 -85.88
N GLU HA 276 8.53 4.87 -85.66
CA GLU HA 276 8.03 5.05 -84.29
C GLU HA 276 8.35 3.83 -83.45
N LEU HA 277 8.04 2.64 -83.97
CA LEU HA 277 8.26 1.41 -83.21
C LEU HA 277 9.73 1.18 -82.92
N ILE HA 278 10.61 1.42 -83.90
CA ILE HA 278 12.04 1.23 -83.71
C ILE HA 278 12.58 2.22 -82.70
N SER HA 279 12.12 3.48 -82.76
CA SER HA 279 12.57 4.47 -81.78
C SER HA 279 12.12 4.10 -80.38
N SER HA 280 10.92 3.56 -80.24
CA SER HA 280 10.42 3.18 -78.91
C SER HA 280 11.13 1.96 -78.34
N ILE HA 281 11.93 1.25 -79.14
CA ILE HA 281 12.64 0.07 -78.66
C ILE HA 281 13.67 0.47 -77.60
N THR IA 24 -33.36 33.89 -102.75
CA THR IA 24 -33.78 35.21 -102.28
C THR IA 24 -32.88 35.71 -101.16
N VAL IA 25 -32.21 34.75 -100.49
CA VAL IA 25 -31.30 34.92 -99.35
C VAL IA 25 -32.06 34.96 -98.03
N GLU IA 26 -33.08 35.82 -97.89
CA GLU IA 26 -33.84 35.86 -96.64
C GLU IA 26 -34.58 34.55 -96.41
N GLU IA 27 -35.35 34.10 -97.40
CA GLU IA 27 -36.07 32.84 -97.28
C GLU IA 27 -35.13 31.72 -96.90
N GLU IA 28 -33.89 31.76 -97.39
CA GLU IA 28 -32.88 30.82 -96.93
C GLU IA 28 -32.69 30.92 -95.42
N VAL IA 29 -32.73 32.13 -94.86
CA VAL IA 29 -32.51 32.30 -93.43
C VAL IA 29 -33.67 31.69 -92.63
N ILE IA 30 -34.91 32.04 -92.98
CA ILE IA 30 -36.03 31.48 -92.21
C ILE IA 30 -36.12 29.97 -92.40
N ARG IA 31 -35.89 29.48 -93.62
CA ARG IA 31 -35.86 28.04 -93.84
C ARG IA 31 -34.75 27.38 -93.04
N PHE IA 32 -33.60 28.04 -92.91
CA PHE IA 32 -32.52 27.49 -92.10
C PHE IA 32 -32.96 27.34 -90.65
N ALA IA 33 -33.60 28.37 -90.10
CA ALA IA 33 -34.05 28.29 -88.72
C ALA IA 33 -35.07 27.18 -88.53
N GLU IA 34 -36.08 27.12 -89.40
CA GLU IA 34 -37.12 26.10 -89.27
C GLU IA 34 -36.56 24.69 -89.46
N GLU IA 35 -35.67 24.51 -90.45
CA GLU IA 35 -35.08 23.21 -90.69
C GLU IA 35 -34.18 22.80 -89.54
N LEU IA 36 -33.49 23.75 -88.91
CA LEU IA 36 -32.67 23.43 -87.75
C LEU IA 36 -33.54 22.95 -86.60
N ALA IA 37 -34.66 23.63 -86.36
CA ALA IA 37 -35.58 23.18 -85.31
C ALA IA 37 -36.14 21.79 -85.62
N GLU IA 38 -36.51 21.56 -86.88
CA GLU IA 38 -37.06 20.27 -87.27
C GLU IA 38 -36.00 19.17 -87.16
N GLU IA 39 -34.73 19.50 -87.43
CA GLU IA 39 -33.66 18.52 -87.27
C GLU IA 39 -33.44 18.18 -85.80
N ILE IA 40 -33.52 19.17 -84.92
CA ILE IA 40 -33.46 18.88 -83.49
C ILE IA 40 -34.59 17.93 -83.10
N ARG IA 41 -35.80 18.22 -83.59
CA ARG IA 41 -36.94 17.36 -83.27
C ARG IA 41 -36.74 15.94 -83.80
N ARG IA 42 -36.22 15.81 -85.02
CA ARG IA 42 -35.98 14.49 -85.60
C ARG IA 42 -34.94 13.71 -84.82
N VAL IA 43 -33.84 14.37 -84.46
CA VAL IA 43 -32.75 13.67 -83.78
C VAL IA 43 -33.14 13.27 -82.36
N THR IA 44 -33.81 14.16 -81.64
CA THR IA 44 -34.13 13.90 -80.24
C THR IA 44 -35.61 13.67 -79.98
N GLY IA 45 -36.48 14.53 -80.49
CA GLY IA 45 -37.90 14.39 -80.22
C GLY IA 45 -38.43 15.48 -79.31
N GLU IA 46 -38.96 15.08 -78.15
CA GLU IA 46 -39.48 16.03 -77.18
C GLU IA 46 -38.72 15.97 -75.86
N ALA IA 47 -37.60 15.25 -75.83
CA ALA IA 47 -36.74 15.24 -74.65
C ALA IA 47 -35.94 16.53 -74.50
N TYR IA 48 -35.61 17.19 -75.62
CA TYR IA 48 -34.93 18.48 -75.62
C TYR IA 48 -35.82 19.44 -76.40
N ARG IA 49 -36.75 20.08 -75.69
CA ARG IA 49 -37.71 20.99 -76.31
C ARG IA 49 -37.38 22.46 -76.07
N GLU IA 50 -36.70 22.77 -74.96
CA GLU IA 50 -36.29 24.15 -74.73
C GLU IA 50 -35.32 24.61 -75.80
N TYR IA 51 -34.46 23.72 -76.28
CA TYR IA 51 -33.54 24.07 -77.35
C TYR IA 51 -34.28 24.40 -78.63
N ALA IA 52 -35.32 23.63 -78.96
CA ALA IA 52 -36.14 23.93 -80.13
C ALA IA 52 -36.87 25.25 -79.96
N GLU IA 53 -37.36 25.52 -78.75
CA GLU IA 53 -38.00 26.80 -78.47
C GLU IA 53 -37.03 27.95 -78.70
N ALA IA 54 -35.80 27.81 -78.21
CA ALA IA 54 -34.79 28.85 -78.39
C ALA IA 54 -34.45 29.04 -79.86
N VAL IA 55 -34.34 27.94 -80.61
CA VAL IA 55 -34.01 28.05 -82.02
C VAL IA 55 -35.13 28.76 -82.79
N ARG IA 56 -36.39 28.44 -82.46
CA ARG IA 56 -37.50 29.13 -83.12
C ARG IA 56 -37.55 30.60 -82.73
N HIS IA 57 -37.24 30.91 -81.47
CA HIS IA 57 -37.18 32.30 -81.05
C HIS IA 57 -36.10 33.07 -81.80
N LEU IA 58 -34.92 32.46 -81.97
CA LEU IA 58 -33.85 33.11 -82.72
C LEU IA 58 -34.20 33.26 -84.19
N GLY IA 59 -34.93 32.29 -84.76
CA GLY IA 59 -35.42 32.45 -86.11
C GLY IA 59 -36.39 33.61 -86.24
N GLU IA 60 -37.28 33.77 -85.25
CA GLU IA 60 -38.17 34.92 -85.24
C GLU IA 60 -37.40 36.23 -85.13
N ALA IA 61 -36.36 36.25 -84.31
CA ALA IA 61 -35.52 37.44 -84.20
C ALA IA 61 -34.84 37.75 -85.53
N ALA IA 62 -34.32 36.73 -86.21
CA ALA IA 62 -33.68 36.95 -87.50
C ALA IA 62 -34.67 37.46 -88.53
N LYS IA 63 -35.91 36.96 -88.49
CA LYS IA 63 -36.95 37.48 -89.37
C LYS IA 63 -37.25 38.94 -89.04
N ALA IA 64 -37.26 39.29 -87.76
CA ALA IA 64 -37.51 40.68 -87.36
C ALA IA 64 -36.40 41.61 -87.84
N VAL IA 65 -35.16 41.15 -87.76
CA VAL IA 65 -34.02 41.98 -88.19
C VAL IA 65 -34.15 42.35 -89.66
N LEU IA 66 -34.51 41.38 -90.49
CA LEU IA 66 -34.54 41.58 -91.94
C LEU IA 66 -35.65 42.50 -92.40
N GLU IA 67 -36.59 42.86 -91.53
CA GLU IA 67 -37.69 43.75 -91.90
C GLU IA 67 -37.44 45.20 -91.51
N GLY IA 68 -36.55 45.45 -90.56
CA GLY IA 68 -36.25 46.82 -90.18
C GLY IA 68 -36.34 47.05 -88.69
N ASN IA 69 -37.19 46.30 -88.01
CA ASN IA 69 -37.38 46.45 -86.57
C ASN IA 69 -36.13 45.96 -85.84
N SER IA 70 -35.52 46.85 -85.06
CA SER IA 70 -34.27 46.53 -84.37
C SER IA 70 -34.42 46.39 -82.86
N VAL IA 71 -35.56 46.78 -82.29
CA VAL IA 71 -35.76 46.63 -80.85
C VAL IA 71 -36.45 45.32 -80.51
N GLU IA 72 -37.38 44.87 -81.36
CA GLU IA 72 -37.98 43.56 -81.16
C GLU IA 72 -36.94 42.46 -81.20
N ALA IA 73 -35.94 42.60 -82.07
CA ALA IA 73 -34.85 41.63 -82.10
C ALA IA 73 -34.09 41.59 -80.78
N ASP IA 74 -33.82 42.76 -80.21
CA ASP IA 74 -33.13 42.81 -78.92
C ASP IA 74 -33.98 42.16 -77.82
N LEU IA 75 -35.28 42.43 -77.82
CA LEU IA 75 -36.15 41.81 -76.82
C LEU IA 75 -36.19 40.30 -76.97
N ILE IA 76 -36.24 39.81 -78.21
CA ILE IA 76 -36.27 38.37 -78.44
C ILE IA 76 -34.95 37.73 -78.02
N VAL IA 77 -33.83 38.40 -78.29
CA VAL IA 77 -32.53 37.88 -77.87
C VAL IA 77 -32.44 37.82 -76.35
N THR IA 78 -33.01 38.83 -75.67
CA THR IA 78 -33.03 38.77 -74.21
C THR IA 78 -33.89 37.62 -73.71
N ASP IA 79 -35.02 37.36 -74.37
CA ASP IA 79 -35.85 36.21 -74.01
C ASP IA 79 -35.08 34.91 -74.19
N VAL IA 80 -34.35 34.79 -75.30
CA VAL IA 80 -33.54 33.59 -75.53
C VAL IA 80 -32.46 33.46 -74.48
N LEU IA 81 -31.87 34.59 -74.07
CA LEU IA 81 -30.86 34.57 -73.01
C LEU IA 81 -31.46 34.07 -71.70
N ARG IA 82 -32.67 34.51 -71.38
CA ARG IA 82 -33.33 34.01 -70.18
C ARG IA 82 -33.59 32.50 -70.27
N LEU IA 83 -34.05 32.04 -71.44
CA LEU IA 83 -34.30 30.62 -71.62
C LEU IA 83 -33.02 29.81 -71.43
N LEU IA 84 -31.92 30.27 -72.03
CA LEU IA 84 -30.66 29.57 -71.91
C LEU IA 84 -30.10 29.61 -70.49
N GLU IA 85 -30.33 30.72 -69.77
CA GLU IA 85 -29.94 30.78 -68.37
C GLU IA 85 -30.74 29.80 -67.53
N ARG IA 86 -32.02 29.63 -67.86
CA ARG IA 86 -32.80 28.60 -67.18
C ARG IA 86 -32.33 27.20 -67.53
N ILE IA 87 -31.86 26.99 -68.75
CA ILE IA 87 -31.38 25.68 -69.16
C ILE IA 87 -30.15 25.28 -68.35
N GLY IA 88 -29.16 26.17 -68.28
CA GLY IA 88 -27.98 25.92 -67.48
C GLY IA 88 -26.75 25.45 -68.24
N GLU IA 89 -26.46 26.09 -69.38
CA GLU IA 89 -25.29 25.78 -70.18
C GLU IA 89 -24.40 27.03 -70.19
N GLU IA 90 -23.36 27.00 -69.35
CA GLU IA 90 -22.62 28.23 -69.04
C GLU IA 90 -21.98 28.85 -70.29
N GLY IA 91 -21.30 28.02 -71.09
CA GLY IA 91 -20.65 28.55 -72.28
C GLY IA 91 -21.65 29.10 -73.29
N LEU IA 92 -22.79 28.42 -73.42
CA LEU IA 92 -23.80 28.88 -74.36
C LEU IA 92 -24.43 30.18 -73.87
N VAL IA 93 -24.58 30.34 -72.55
CA VAL IA 93 -25.06 31.59 -71.98
C VAL IA 93 -24.06 32.71 -72.24
N LYS IA 94 -22.76 32.41 -72.10
CA LYS IA 94 -21.73 33.40 -72.41
C LYS IA 94 -21.83 33.86 -73.86
N LEU IA 95 -21.97 32.89 -74.78
CA LEU IA 95 -22.13 33.24 -76.19
C LEU IA 95 -23.40 34.07 -76.40
N ALA IA 96 -24.47 33.75 -75.67
CA ALA IA 96 -25.71 34.51 -75.80
C ALA IA 96 -25.52 35.95 -75.35
N ARG IA 97 -24.82 36.16 -74.23
CA ARG IA 97 -24.56 37.53 -73.77
C ARG IA 97 -23.72 38.31 -74.78
N GLU IA 98 -22.67 37.67 -75.31
CA GLU IA 98 -21.85 38.36 -76.31
C GLU IA 98 -22.66 38.69 -77.55
N VAL IA 99 -23.52 37.76 -77.99
CA VAL IA 99 -24.38 38.01 -79.14
C VAL IA 99 -25.32 39.18 -78.84
N HIS IA 100 -25.88 39.22 -77.64
CA HIS IA 100 -26.76 40.31 -77.24
C HIS IA 100 -26.07 41.66 -77.39
N GLU IA 101 -24.88 41.79 -76.77
CA GLU IA 101 -24.18 43.06 -76.80
C GLU IA 101 -23.78 43.46 -78.22
N ARG IA 102 -23.13 42.54 -78.94
CA ARG IA 102 -22.66 42.86 -80.28
C ARG IA 102 -23.82 43.16 -81.23
N SER IA 103 -24.89 42.37 -81.16
CA SER IA 103 -26.05 42.60 -82.02
C SER IA 103 -26.69 43.94 -81.72
N PHE IA 104 -26.82 44.30 -80.44
CA PHE IA 104 -27.36 45.62 -80.10
C PHE IA 104 -26.52 46.73 -80.71
N GLU IA 105 -25.20 46.66 -80.51
CA GLU IA 105 -24.34 47.73 -81.00
C GLU IA 105 -24.38 47.81 -82.52
N LEU IA 106 -24.30 46.67 -83.21
CA LEU IA 106 -24.28 46.67 -84.67
C LEU IA 106 -25.62 47.12 -85.25
N LEU IA 107 -26.73 46.70 -84.64
CA LEU IA 107 -28.03 47.13 -85.12
C LEU IA 107 -28.25 48.62 -84.89
N ARG IA 108 -27.74 49.16 -83.79
CA ARG IA 108 -27.77 50.60 -83.61
C ARG IA 108 -26.94 51.31 -84.68
N LYS IA 109 -25.75 50.78 -84.97
CA LYS IA 109 -24.90 51.37 -86.01
C LYS IA 109 -25.49 51.14 -87.40
N GLY IA 110 -25.92 49.92 -87.69
CA GLY IA 110 -26.54 49.63 -88.96
C GLY IA 110 -26.00 48.41 -89.68
N ASN IA 111 -25.19 47.61 -89.00
CA ASN IA 111 -24.61 46.41 -89.59
C ASN IA 111 -25.60 45.25 -89.44
N ARG IA 112 -26.55 45.21 -90.37
CA ARG IA 112 -27.58 44.18 -90.34
C ARG IA 112 -26.99 42.79 -90.55
N VAL IA 113 -26.05 42.66 -91.49
CA VAL IA 113 -25.55 41.35 -91.91
C VAL IA 113 -24.81 40.67 -90.76
N GLU IA 114 -23.97 41.41 -90.03
CA GLU IA 114 -23.22 40.80 -88.94
C GLU IA 114 -24.13 40.41 -87.78
N ALA IA 115 -25.17 41.21 -87.51
CA ALA IA 115 -26.13 40.81 -86.48
C ALA IA 115 -26.86 39.54 -86.88
N LEU IA 116 -27.25 39.43 -88.16
CA LEU IA 116 -27.87 38.20 -88.64
C LEU IA 116 -26.92 37.02 -88.48
N ALA IA 117 -25.64 37.23 -88.82
CA ALA IA 117 -24.66 36.16 -88.68
C ALA IA 117 -24.51 35.72 -87.23
N LEU IA 118 -24.49 36.67 -86.29
CA LEU IA 118 -24.38 36.31 -84.88
C LEU IA 118 -25.61 35.55 -84.41
N ILE IA 119 -26.80 35.97 -84.85
CA ILE IA 119 -28.03 35.27 -84.45
C ILE IA 119 -28.01 33.84 -84.97
N LEU IA 120 -27.62 33.66 -86.24
CA LEU IA 120 -27.57 32.32 -86.81
C LEU IA 120 -26.51 31.47 -86.12
N ALA IA 121 -25.37 32.07 -85.76
CA ALA IA 121 -24.34 31.33 -85.04
C ALA IA 121 -24.85 30.87 -83.68
N LEU IA 122 -25.58 31.74 -82.97
CA LEU IA 122 -26.15 31.34 -81.69
C LEU IA 122 -27.14 30.19 -81.86
N ALA IA 123 -28.00 30.28 -82.88
CA ALA IA 123 -28.97 29.21 -83.13
C ALA IA 123 -28.27 27.88 -83.42
N LEU IA 124 -27.24 27.92 -84.26
CA LEU IA 124 -26.48 26.72 -84.56
C LEU IA 124 -25.79 26.17 -83.32
N ALA IA 125 -25.27 27.05 -82.47
CA ALA IA 125 -24.64 26.60 -81.24
C ALA IA 125 -25.62 25.87 -80.35
N VAL IA 126 -26.83 26.41 -80.20
CA VAL IA 126 -27.86 25.74 -79.39
C VAL IA 126 -28.19 24.38 -79.98
N ALA IA 127 -28.40 24.33 -81.31
CA ALA IA 127 -28.76 23.07 -81.95
C ALA IA 127 -27.66 22.02 -81.78
N LEU IA 128 -26.41 22.41 -82.01
CA LEU IA 128 -25.32 21.47 -81.90
C LEU IA 128 -25.10 21.01 -80.46
N THR IA 129 -25.30 21.92 -79.50
CA THR IA 129 -25.20 21.52 -78.10
C THR IA 129 -26.24 20.47 -77.75
N ALA IA 130 -27.49 20.70 -78.18
CA ALA IA 130 -28.54 19.73 -77.89
C ALA IA 130 -28.26 18.39 -78.56
N VAL IA 131 -27.85 18.43 -79.83
CA VAL IA 131 -27.60 17.18 -80.57
C VAL IA 131 -26.44 16.41 -79.94
N SER IA 132 -25.36 17.10 -79.60
CA SER IA 132 -24.21 16.44 -78.99
C SER IA 132 -24.57 15.86 -77.63
N LYS IA 133 -25.36 16.59 -76.84
CA LYS IA 133 -25.78 16.07 -75.55
C LYS IA 133 -26.60 14.80 -75.71
N ALA IA 134 -27.53 14.80 -76.67
CA ALA IA 134 -28.34 13.61 -76.92
C ALA IA 134 -27.48 12.43 -77.37
N PHE IA 135 -26.55 12.68 -78.30
CA PHE IA 135 -25.71 11.62 -78.81
C PHE IA 135 -24.83 11.03 -77.73
N PHE IA 136 -24.24 11.88 -76.88
CA PHE IA 136 -23.40 11.36 -75.80
C PHE IA 136 -24.23 10.61 -74.77
N LEU IA 137 -25.44 11.09 -74.46
CA LEU IA 137 -26.29 10.39 -73.50
C LEU IA 137 -26.67 9.01 -74.02
N LEU IA 138 -26.98 8.91 -75.32
CA LEU IA 138 -27.31 7.60 -75.89
C LEU IA 138 -26.11 6.65 -75.80
N GLY IA 139 -24.92 7.14 -76.12
CA GLY IA 139 -23.73 6.31 -76.14
C GLY IA 139 -23.17 6.16 -77.53
N GLN IA 140 -23.44 7.15 -78.37
CA GLN IA 140 -23.07 7.08 -79.78
C GLN IA 140 -21.55 7.17 -79.95
N PRO IA 141 -21.00 6.60 -81.02
CA PRO IA 141 -19.58 6.80 -81.32
C PRO IA 141 -19.31 8.21 -81.82
N ALA IA 142 -18.04 8.60 -81.73
CA ALA IA 142 -17.65 9.96 -82.10
C ALA IA 142 -17.77 10.23 -83.59
N ARG IA 143 -17.84 9.19 -84.42
CA ARG IA 143 -17.88 9.37 -85.86
C ARG IA 143 -19.13 10.13 -86.29
N LEU IA 144 -20.30 9.69 -85.84
CA LEU IA 144 -21.55 10.32 -86.25
C LEU IA 144 -21.63 11.75 -85.75
N ILE IA 145 -21.19 12.00 -84.51
CA ILE IA 145 -21.15 13.37 -83.99
C ILE IA 145 -20.27 14.24 -84.87
N ALA IA 146 -19.10 13.72 -85.26
CA ALA IA 146 -18.18 14.49 -86.08
C ALA IA 146 -18.80 14.84 -87.43
N GLU IA 147 -19.40 13.84 -88.10
CA GLU IA 147 -20.01 14.12 -89.41
C GLU IA 147 -21.16 15.10 -89.30
N TYR IA 148 -22.01 14.95 -88.27
CA TYR IA 148 -23.15 15.86 -88.15
C TYR IA 148 -22.68 17.29 -87.86
N VAL IA 149 -21.71 17.45 -86.96
CA VAL IA 149 -21.19 18.78 -86.66
C VAL IA 149 -20.57 19.40 -87.90
N GLY IA 150 -19.79 18.61 -88.65
CA GLY IA 150 -19.20 19.13 -89.87
C GLY IA 150 -20.24 19.56 -90.89
N GLU IA 151 -21.29 18.74 -91.06
CA GLU IA 151 -22.32 19.08 -92.03
C GLU IA 151 -23.06 20.36 -91.63
N LYS IA 152 -23.41 20.49 -90.34
CA LYS IA 152 -24.11 21.69 -89.90
C LYS IA 152 -23.23 22.93 -90.04
N LEU IA 153 -21.94 22.81 -89.72
CA LEU IA 153 -21.04 23.94 -89.90
C LEU IA 153 -20.91 24.31 -91.37
N LEU IA 154 -20.88 23.30 -92.25
CA LEU IA 154 -20.84 23.57 -93.68
C LEU IA 154 -22.09 24.32 -94.14
N GLU IA 155 -23.27 23.90 -93.67
CA GLU IA 155 -24.50 24.60 -94.04
C GLU IA 155 -24.48 26.05 -93.56
N LEU IA 156 -24.04 26.28 -92.32
CA LEU IA 156 -23.95 27.63 -91.81
C LEU IA 156 -22.96 28.46 -92.61
N ARG IA 157 -21.82 27.87 -92.97
CA ARG IA 157 -20.83 28.59 -93.76
C ARG IA 157 -21.37 28.99 -95.12
N ARG IA 158 -22.08 28.06 -95.79
CA ARG IA 158 -22.68 28.39 -97.07
C ARG IA 158 -23.71 29.51 -96.94
N LEU IA 159 -24.55 29.45 -95.90
CA LEU IA 159 -25.54 30.49 -95.69
C LEU IA 159 -24.89 31.85 -95.45
N LEU IA 160 -23.87 31.89 -94.60
CA LEU IA 160 -23.21 33.15 -94.29
C LEU IA 160 -22.48 33.70 -95.52
N GLU IA 161 -21.85 32.84 -96.30
CA GLU IA 161 -21.20 33.30 -97.53
C GLU IA 161 -22.23 33.84 -98.52
N LYS IA 162 -23.41 33.22 -98.59
CA LYS IA 162 -24.47 33.76 -99.43
C LYS IA 162 -24.95 35.12 -98.93
N LEU IA 163 -25.00 35.30 -97.60
CA LEU IA 163 -25.43 36.58 -97.04
C LEU IA 163 -24.47 37.70 -97.42
N GLY IA 164 -23.17 37.50 -97.20
CA GLY IA 164 -22.20 38.50 -97.54
C GLY IA 164 -21.16 38.77 -96.46
N VAL IA 165 -21.21 37.99 -95.38
CA VAL IA 165 -20.24 38.18 -94.29
C VAL IA 165 -18.84 37.86 -94.80
N PRO IA 166 -17.82 38.67 -94.48
CA PRO IA 166 -16.46 38.33 -94.90
C PRO IA 166 -15.99 37.02 -94.29
N LEU IA 167 -15.12 36.34 -95.03
CA LEU IA 167 -14.71 34.99 -94.66
C LEU IA 167 -14.06 34.91 -93.28
N PRO IA 168 -13.10 35.77 -92.91
CA PRO IA 168 -12.50 35.63 -91.56
C PRO IA 168 -13.50 35.71 -90.43
N GLU IA 169 -14.51 36.57 -90.54
CA GLU IA 169 -15.51 36.67 -89.50
C GLU IA 169 -16.37 35.40 -89.44
N VAL IA 170 -16.68 34.83 -90.61
CA VAL IA 170 -17.42 33.56 -90.65
C VAL IA 170 -16.63 32.48 -89.93
N ILE IA 171 -15.34 32.39 -90.23
CA ILE IA 171 -14.51 31.36 -89.61
C ILE IA 171 -14.43 31.58 -88.09
N ALA IA 172 -14.27 32.84 -87.67
CA ALA IA 172 -14.21 33.13 -86.24
C ALA IA 172 -15.50 32.71 -85.54
N LEU IA 173 -16.65 32.98 -86.18
CA LEU IA 173 -17.92 32.52 -85.63
C LEU IA 173 -17.97 31.00 -85.54
N LEU IA 174 -17.44 30.31 -86.56
CA LEU IA 174 -17.48 28.85 -86.55
C LEU IA 174 -16.64 28.27 -85.42
N LEU IA 175 -15.43 28.81 -85.20
CA LEU IA 175 -14.67 28.34 -84.04
C LEU IA 175 -15.31 28.79 -82.72
N ARG IA 176 -16.05 29.89 -82.70
CA ARG IA 176 -16.80 30.22 -81.49
C ARG IA 176 -17.84 29.15 -81.17
N VAL IA 177 -18.59 28.73 -82.20
CA VAL IA 177 -19.58 27.67 -82.02
C VAL IA 177 -18.90 26.38 -81.57
N LEU IA 178 -17.76 26.06 -82.19
CA LEU IA 178 -17.03 24.84 -81.83
C LEU IA 178 -16.51 24.91 -80.40
N GLU IA 179 -16.08 26.10 -79.96
CA GLU IA 179 -15.64 26.27 -78.58
C GLU IA 179 -16.79 26.04 -77.61
N VAL IA 180 -17.98 26.57 -77.95
CA VAL IA 180 -19.16 26.33 -77.13
C VAL IA 180 -19.45 24.84 -77.01
N VAL IA 181 -19.42 24.14 -78.15
CA VAL IA 181 -19.70 22.70 -78.15
C VAL IA 181 -18.65 21.95 -77.34
N GLU IA 182 -17.38 22.33 -77.48
CA GLU IA 182 -16.30 21.68 -76.73
C GLU IA 182 -16.48 21.90 -75.23
N GLU IA 183 -16.84 23.11 -74.83
CA GLU IA 183 -17.05 23.40 -73.42
C GLU IA 183 -18.20 22.55 -72.88
N SER IA 184 -19.30 22.47 -73.64
CA SER IA 184 -20.42 21.64 -73.22
C SER IA 184 -20.01 20.18 -73.07
N LEU IA 185 -19.25 19.66 -74.03
CA LEU IA 185 -18.83 18.26 -73.98
C LEU IA 185 -17.91 18.00 -72.79
N LYS IA 186 -16.98 18.92 -72.52
CA LYS IA 186 -16.10 18.76 -71.36
C LYS IA 186 -16.90 18.79 -70.07
N ALA IA 187 -17.85 19.72 -69.96
CA ALA IA 187 -18.63 19.84 -68.73
C ALA IA 187 -19.54 18.63 -68.51
N MET IA 188 -20.06 18.03 -69.59
CA MET IA 188 -20.94 16.89 -69.45
C MET IA 188 -20.23 15.68 -68.85
N GLY IA 189 -18.99 15.41 -69.28
CA GLY IA 189 -18.25 14.29 -68.72
C GLY IA 189 -17.49 13.45 -69.72
N MET IA 190 -17.54 13.84 -71.00
CA MET IA 190 -16.86 13.07 -72.04
C MET IA 190 -15.35 13.05 -71.82
N GLU IA 191 -14.73 11.92 -72.16
CA GLU IA 191 -13.29 11.81 -72.06
C GLU IA 191 -12.62 12.72 -73.08
N PRO IA 192 -11.49 13.35 -72.71
CA PRO IA 192 -10.87 14.36 -73.60
C PRO IA 192 -10.53 13.85 -74.99
N ARG IA 193 -10.16 12.58 -75.12
CA ARG IA 193 -9.69 12.08 -76.42
C ARG IA 193 -10.79 12.16 -77.47
N GLU IA 194 -12.02 11.78 -77.12
CA GLU IA 194 -13.12 11.84 -78.08
C GLU IA 194 -13.46 13.28 -78.46
N ILE IA 195 -13.41 14.20 -77.49
CA ILE IA 195 -13.65 15.60 -77.79
C ILE IA 195 -12.59 16.12 -78.75
N ASN IA 196 -11.33 15.78 -78.51
CA ASN IA 196 -10.26 16.19 -79.41
C ASN IA 196 -10.48 15.60 -80.80
N ARG IA 197 -10.92 14.34 -80.87
CA ARG IA 197 -11.14 13.69 -82.15
C ARG IA 197 -12.24 14.39 -82.95
N VAL IA 198 -13.35 14.72 -82.30
CA VAL IA 198 -14.45 15.36 -83.02
C VAL IA 198 -14.09 16.79 -83.41
N LEU IA 199 -13.38 17.51 -82.54
CA LEU IA 199 -12.91 18.84 -82.90
C LEU IA 199 -11.98 18.78 -84.11
N ALA IA 200 -11.05 17.83 -84.11
CA ALA IA 200 -10.12 17.69 -85.22
C ALA IA 200 -10.86 17.34 -86.51
N ALA IA 201 -11.87 16.47 -86.43
CA ALA IA 201 -12.64 16.14 -87.62
C ALA IA 201 -13.38 17.37 -88.15
N ALA IA 202 -13.96 18.17 -87.26
CA ALA IA 202 -14.67 19.38 -87.70
C ALA IA 202 -13.71 20.37 -88.36
N TYR IA 203 -12.55 20.60 -87.75
CA TYR IA 203 -11.57 21.48 -88.35
C TYR IA 203 -11.10 20.94 -89.70
N LEU IA 204 -10.92 19.63 -89.80
CA LEU IA 204 -10.45 19.03 -91.05
C LEU IA 204 -11.46 19.18 -92.16
N THR IA 205 -12.76 18.97 -91.88
CA THR IA 205 -13.75 19.14 -92.94
C THR IA 205 -13.90 20.60 -93.32
N LEU IA 206 -13.81 21.52 -92.35
CA LEU IA 206 -13.86 22.95 -92.68
C LEU IA 206 -12.69 23.33 -93.58
N ALA IA 207 -11.47 22.88 -93.23
CA ALA IA 207 -10.30 23.20 -94.05
C ALA IA 207 -10.39 22.55 -95.42
N ALA IA 208 -10.93 21.33 -95.50
CA ALA IA 208 -11.07 20.66 -96.78
C ALA IA 208 -12.03 21.41 -97.69
N GLU IA 209 -13.15 21.88 -97.14
CA GLU IA 209 -14.07 22.70 -97.93
C GLU IA 209 -13.40 23.99 -98.39
N LEU IA 210 -12.67 24.64 -97.49
CA LEU IA 210 -12.01 25.89 -97.84
C LEU IA 210 -11.01 25.68 -98.97
N LEU IA 211 -10.22 24.61 -98.90
CA LEU IA 211 -9.25 24.32 -99.95
C LEU IA 211 -9.94 23.95 -101.27
N GLU IA 212 -11.00 23.14 -101.19
CA GLU IA 212 -11.69 22.73 -102.41
C GLU IA 212 -12.35 23.91 -103.11
N ARG IA 213 -12.78 24.92 -102.34
CA ARG IA 213 -13.36 26.11 -102.96
C ARG IA 213 -12.38 26.80 -103.89
N LEU IA 214 -11.09 26.72 -103.59
CA LEU IA 214 -10.06 27.37 -104.39
C LEU IA 214 -9.58 26.51 -105.57
N GLY IA 215 -10.05 25.27 -105.69
CA GLY IA 215 -9.68 24.41 -106.77
C GLY IA 215 -8.65 23.34 -106.44
N LEU IA 216 -8.00 23.44 -105.28
CA LEU IA 216 -7.02 22.44 -104.86
C LEU IA 216 -7.75 21.18 -104.38
N THR IA 217 -8.30 20.46 -105.36
CA THR IA 217 -9.11 19.29 -105.04
C THR IA 217 -8.30 18.12 -104.50
N ALA IA 218 -7.07 17.92 -104.98
CA ALA IA 218 -6.25 16.83 -104.48
C ALA IA 218 -5.86 17.03 -103.02
N LEU IA 219 -5.50 18.27 -102.66
CA LEU IA 219 -5.18 18.56 -101.27
C LEU IA 219 -6.41 18.35 -100.37
N ALA IA 220 -7.58 18.78 -100.83
CA ALA IA 220 -8.81 18.55 -100.07
C ALA IA 220 -9.08 17.07 -99.90
N ALA IA 221 -8.87 16.29 -100.96
CA ALA IA 221 -9.06 14.84 -100.86
C ALA IA 221 -8.10 14.23 -99.86
N ARG IA 222 -6.85 14.68 -99.84
CA ARG IA 222 -5.89 14.19 -98.85
C ARG IA 222 -6.33 14.55 -97.44
N ILE IA 223 -6.87 15.76 -97.25
CA ILE IA 223 -7.35 16.16 -95.93
C ILE IA 223 -8.52 15.28 -95.50
N ARG IA 224 -9.43 14.98 -96.43
CA ARG IA 224 -10.56 14.11 -96.10
C ARG IA 224 -10.08 12.70 -95.77
N ARG IA 225 -9.07 12.21 -96.49
CA ARG IA 225 -8.50 10.91 -96.16
C ARG IA 225 -7.90 10.91 -94.76
N ALA IA 226 -7.20 11.99 -94.41
CA ALA IA 226 -6.64 12.11 -93.07
C ALA IA 226 -7.74 12.10 -92.01
N ARG IA 227 -8.84 12.83 -92.27
CA ARG IA 227 -9.95 12.84 -91.32
C ARG IA 227 -10.55 11.45 -91.16
N GLU IA 228 -10.75 10.74 -92.28
CA GLU IA 228 -11.33 9.40 -92.21
C GLU IA 228 -10.42 8.44 -91.46
N LEU IA 229 -9.10 8.52 -91.68
CA LEU IA 229 -8.19 7.67 -90.93
C LEU IA 229 -8.18 8.04 -89.44
N LEU IA 230 -8.35 9.33 -89.14
CA LEU IA 230 -8.42 9.75 -87.74
C LEU IA 230 -9.66 9.19 -87.05
N LEU IA 231 -10.80 9.22 -87.75
CA LEU IA 231 -12.05 8.76 -87.15
C LEU IA 231 -12.09 7.25 -86.94
N ALA IA 232 -11.22 6.48 -87.61
CA ALA IA 232 -11.21 5.04 -87.51
C ALA IA 232 -10.24 4.52 -86.46
N GLY IA 233 -9.62 5.42 -85.69
CA GLY IA 233 -8.65 5.02 -84.68
C GLY IA 233 -7.21 5.02 -85.14
N ARG IA 234 -6.97 5.17 -86.44
CA ARG IA 234 -5.61 5.24 -86.99
C ARG IA 234 -5.10 6.65 -86.80
N VAL IA 235 -4.50 6.91 -85.64
CA VAL IA 235 -4.14 8.28 -85.27
C VAL IA 235 -2.84 8.71 -85.93
N GLU IA 236 -1.80 7.89 -85.85
CA GLU IA 236 -0.48 8.30 -86.32
C GLU IA 236 -0.45 8.45 -87.83
N GLU IA 237 -1.14 7.56 -88.56
CA GLU IA 237 -1.18 7.67 -90.01
C GLU IA 237 -1.87 8.98 -90.44
N ALA IA 238 -2.98 9.31 -89.79
CA ALA IA 238 -3.66 10.57 -90.07
C ALA IA 238 -2.76 11.75 -89.71
N LEU IA 239 -2.02 11.64 -88.61
CA LEU IA 239 -1.09 12.70 -88.20
C LEU IA 239 -0.06 12.95 -89.29
N HIS IA 240 0.57 11.89 -89.79
CA HIS IA 240 1.59 12.06 -90.82
C HIS IA 240 1.00 12.57 -92.13
N LEU IA 241 -0.18 12.08 -92.50
CA LEU IA 241 -0.84 12.59 -93.71
C LEU IA 241 -1.12 14.08 -93.59
N LEU IA 242 -1.60 14.51 -92.42
CA LEU IA 242 -1.86 15.92 -92.18
C LEU IA 242 -0.57 16.73 -92.23
N GLN IA 243 0.52 16.20 -91.67
CA GLN IA 243 1.78 16.93 -91.70
C GLN IA 243 2.28 17.10 -93.12
N ASP IA 244 2.20 16.04 -93.93
CA ASP IA 244 2.62 16.15 -95.33
C ASP IA 244 1.76 17.15 -96.09
N ALA IA 245 0.44 17.12 -95.86
CA ALA IA 245 -0.44 18.10 -96.48
C ALA IA 245 -0.09 19.51 -96.04
N VAL IA 246 0.28 19.68 -94.78
CA VAL IA 246 0.65 20.99 -94.27
C VAL IA 246 1.92 21.50 -94.95
N GLU IA 247 2.91 20.63 -95.13
CA GLU IA 247 4.13 21.05 -95.83
C GLU IA 247 3.83 21.42 -97.28
N LEU IA 248 2.98 20.64 -97.95
CA LEU IA 248 2.64 20.99 -99.33
C LEU IA 248 1.89 22.32 -99.40
N LEU IA 249 0.98 22.56 -98.46
CA LEU IA 249 0.25 23.83 -98.41
C LEU IA 249 1.20 24.98 -98.15
N HIS IA 250 2.17 24.79 -97.26
CA HIS IA 250 3.17 25.84 -97.00
C HIS IA 250 3.99 26.12 -98.25
N GLU IA 251 4.37 25.07 -98.98
CA GLU IA 251 5.09 25.27 -100.24
C GLU IA 251 4.28 26.10 -101.21
N ARG IA 252 3.01 25.77 -101.38
CA ARG IA 252 2.16 26.53 -102.29
C ARG IA 252 2.00 27.98 -101.82
N ILE IA 253 1.81 28.18 -100.52
CA ILE IA 253 1.59 29.52 -99.99
C ILE IA 253 2.82 30.39 -100.20
N ARG IA 254 4.01 29.85 -99.89
CA ARG IA 254 5.24 30.60 -100.06
C ARG IA 254 5.65 30.73 -101.52
N GLU IA 255 5.13 29.89 -102.41
CA GLU IA 255 5.34 30.11 -103.83
C GLU IA 255 4.44 31.22 -104.37
N LEU IA 256 3.22 31.32 -103.86
CA LEU IA 256 2.30 32.36 -104.31
C LEU IA 256 2.79 33.75 -103.92
N GLY IA 257 3.27 33.90 -102.70
CA GLY IA 257 3.76 35.18 -102.22
C GLY IA 257 2.73 35.89 -101.35
N PHE IA 258 2.61 37.20 -101.53
CA PHE IA 258 1.65 38.01 -100.76
C PHE IA 258 0.29 38.11 -101.43
N GLU IA 259 0.11 37.51 -102.60
CA GLU IA 259 -1.18 37.50 -103.28
C GLU IA 259 -1.97 36.22 -102.99
N ALA IA 260 -1.64 35.53 -101.91
CA ALA IA 260 -2.34 34.30 -101.56
C ALA IA 260 -3.75 34.62 -101.09
N PRO IA 261 -4.78 34.00 -101.67
CA PRO IA 261 -6.15 34.23 -101.21
C PRO IA 261 -6.31 33.82 -99.75
N GLU IA 262 -7.26 34.47 -99.07
CA GLU IA 262 -7.50 34.22 -97.66
C GLU IA 262 -7.86 32.77 -97.37
N GLU IA 263 -8.35 32.04 -98.38
CA GLU IA 263 -8.69 30.63 -98.18
C GLU IA 263 -7.47 29.83 -97.76
N LEU IA 264 -6.31 30.07 -98.39
CA LEU IA 264 -5.11 29.32 -98.05
C LEU IA 264 -4.68 29.59 -96.62
N LEU IA 265 -4.69 30.86 -96.20
CA LEU IA 265 -4.26 31.19 -94.84
C LEU IA 265 -5.21 30.62 -93.80
N LEU IA 266 -6.53 30.75 -94.03
CA LEU IA 266 -7.49 30.22 -93.08
C LEU IA 266 -7.40 28.70 -93.00
N ALA IA 267 -7.24 28.03 -94.14
CA ALA IA 267 -7.06 26.59 -94.13
C ALA IA 267 -5.79 26.20 -93.40
N ASP IA 268 -4.71 26.97 -93.57
CA ASP IA 268 -3.47 26.68 -92.87
C ASP IA 268 -3.66 26.78 -91.36
N LEU IA 269 -4.34 27.84 -90.90
CA LEU IA 269 -4.57 27.97 -89.46
C LEU IA 269 -5.44 26.84 -88.93
N LEU IA 270 -6.49 26.47 -89.67
CA LEU IA 270 -7.34 25.37 -89.24
C LEU IA 270 -6.57 24.06 -89.20
N LEU IA 271 -5.71 23.81 -90.19
CA LEU IA 271 -4.91 22.61 -90.21
C LEU IA 271 -3.92 22.57 -89.06
N GLN IA 272 -3.34 23.72 -88.70
CA GLN IA 272 -2.44 23.74 -87.54
C GLN IA 272 -3.19 23.44 -86.25
N ARG IA 273 -4.39 24.00 -86.07
CA ARG IA 273 -5.17 23.68 -84.89
C ARG IA 273 -5.53 22.19 -84.85
N ALA IA 274 -5.91 21.63 -86.01
CA ALA IA 274 -6.22 20.20 -86.08
C ALA IA 274 -4.98 19.37 -85.78
N LEU IA 275 -3.81 19.80 -86.24
CA LEU IA 275 -2.57 19.09 -85.97
C LEU IA 275 -2.28 19.07 -84.48
N GLU IA 276 -2.42 20.22 -83.81
CA GLU IA 276 -2.20 20.27 -82.37
C GLU IA 276 -3.19 19.38 -81.63
N LEU IA 277 -4.46 19.41 -82.05
CA LEU IA 277 -5.47 18.59 -81.38
C LEU IA 277 -5.18 17.10 -81.57
N ILE IA 278 -4.78 16.69 -82.78
CA ILE IA 278 -4.46 15.29 -83.03
C ILE IA 278 -3.23 14.87 -82.24
N SER IA 279 -2.23 15.75 -82.15
CA SER IA 279 -1.03 15.44 -81.37
C SER IA 279 -1.38 15.27 -79.89
N SER IA 280 -2.28 16.11 -79.36
CA SER IA 280 -2.66 16.00 -77.97
C SER IA 280 -3.53 14.77 -77.68
N ILE IA 281 -4.01 14.09 -78.71
CA ILE IA 281 -4.84 12.89 -78.52
C ILE IA 281 -4.02 11.80 -77.84
N THR JA 24 84.72 6.75 -75.35
CA THR JA 24 84.48 8.17 -75.14
C THR JA 24 83.98 8.44 -73.73
N VAL JA 25 83.33 7.43 -73.13
CA VAL JA 25 82.89 7.42 -71.74
C VAL JA 25 81.72 8.38 -71.51
N GLU JA 26 81.86 9.64 -71.90
CA GLU JA 26 80.77 10.60 -71.67
C GLU JA 26 79.53 10.23 -72.47
N GLU JA 27 79.70 10.03 -73.79
CA GLU JA 27 78.57 9.64 -74.62
C GLU JA 27 77.89 8.39 -74.08
N GLU JA 28 78.67 7.50 -73.46
CA GLU JA 28 78.05 6.38 -72.75
C GLU JA 28 77.11 6.88 -71.66
N VAL JA 29 77.47 7.96 -70.96
CA VAL JA 29 76.62 8.48 -69.89
C VAL JA 29 75.32 9.05 -70.44
N ILE JA 30 75.41 9.91 -71.46
CA ILE JA 30 74.18 10.48 -72.01
C ILE JA 30 73.31 9.39 -72.64
N ARG JA 31 73.94 8.46 -73.37
CA ARG JA 31 73.18 7.35 -73.94
C ARG JA 31 72.55 6.49 -72.87
N PHE JA 32 73.23 6.30 -71.73
CA PHE JA 32 72.64 5.55 -70.63
C PHE JA 32 71.39 6.24 -70.11
N ALA JA 33 71.46 7.56 -69.92
CA ALA JA 33 70.28 8.28 -69.44
C ALA JA 33 69.12 8.18 -70.43
N GLU JA 34 69.40 8.42 -71.71
CA GLU JA 34 68.34 8.38 -72.72
C GLU JA 34 67.76 6.97 -72.85
N GLU JA 35 68.62 5.95 -72.86
CA GLU JA 35 68.14 4.58 -72.96
C GLU JA 35 67.33 4.18 -71.74
N LEU JA 36 67.72 4.66 -70.55
CA LEU JA 36 66.94 4.37 -69.35
C LEU JA 36 65.55 4.97 -69.46
N ALA JA 37 65.46 6.23 -69.92
CA ALA JA 37 64.16 6.85 -70.09
C ALA JA 37 63.32 6.11 -71.12
N GLU JA 38 63.95 5.71 -72.24
CA GLU JA 38 63.23 4.98 -73.27
C GLU JA 38 62.77 3.62 -72.77
N GLU JA 39 63.57 2.96 -71.93
CA GLU JA 39 63.17 1.69 -71.36
C GLU JA 39 61.98 1.85 -70.42
N ILE JA 40 61.96 2.93 -69.63
CA ILE JA 40 60.77 3.21 -68.82
C ILE JA 40 59.56 3.38 -69.71
N ARG JA 41 59.71 4.13 -70.81
CA ARG JA 41 58.59 4.33 -71.72
C ARG JA 41 58.11 3.02 -72.32
N ARG JA 42 59.04 2.16 -72.72
CA ARG JA 42 58.66 0.87 -73.31
C ARG JA 42 57.94 -0.02 -72.29
N VAL JA 43 58.47 -0.09 -71.07
CA VAL JA 43 57.89 -1.00 -70.08
C VAL JA 43 56.52 -0.51 -69.62
N THR JA 44 56.37 0.80 -69.41
CA THR JA 44 55.13 1.33 -68.87
C THR JA 44 54.30 2.12 -69.87
N GLY JA 45 54.92 3.05 -70.61
CA GLY JA 45 54.16 3.88 -71.52
C GLY JA 45 54.06 5.31 -71.05
N GLU JA 46 52.83 5.78 -70.80
CA GLU JA 46 52.60 7.12 -70.30
C GLU JA 46 51.86 7.12 -68.97
N ALA JA 47 51.76 5.96 -68.32
CA ALA JA 47 51.19 5.89 -66.98
C ALA JA 47 52.16 6.39 -65.92
N TYR JA 48 53.47 6.22 -66.14
CA TYR JA 48 54.51 6.71 -65.25
C TYR JA 48 55.39 7.65 -66.07
N ARG JA 49 54.99 8.93 -66.14
CA ARG JA 49 55.73 9.92 -66.92
C ARG JA 49 56.58 10.84 -66.06
N GLU JA 50 56.20 11.04 -64.79
CA GLU JA 50 57.04 11.83 -63.90
C GLU JA 50 58.40 11.17 -63.70
N TYR JA 51 58.43 9.84 -63.65
CA TYR JA 51 59.69 9.12 -63.51
C TYR JA 51 60.58 9.34 -64.73
N ALA JA 52 60.01 9.30 -65.92
CA ALA JA 52 60.79 9.58 -67.13
C ALA JA 52 61.28 11.02 -67.14
N GLU JA 53 60.44 11.95 -66.68
CA GLU JA 53 60.87 13.36 -66.58
C GLU JA 53 62.05 13.49 -65.63
N ALA JA 54 61.98 12.82 -64.47
CA ALA JA 54 63.08 12.88 -63.51
C ALA JA 54 64.35 12.25 -64.08
N VAL JA 55 64.22 11.14 -64.80
CA VAL JA 55 65.39 10.50 -65.38
C VAL JA 55 66.03 11.41 -66.44
N ARG JA 56 65.22 12.05 -67.27
CA ARG JA 56 65.77 12.96 -68.26
C ARG JA 56 66.42 14.18 -67.61
N HIS JA 57 65.83 14.68 -66.53
CA HIS JA 57 66.45 15.78 -65.79
C HIS JA 57 67.79 15.38 -65.20
N LEU JA 58 67.87 14.18 -64.63
CA LEU JA 58 69.14 13.70 -64.07
C LEU JA 58 70.17 13.48 -65.18
N GLY JA 59 69.74 13.02 -66.35
CA GLY JA 59 70.66 12.94 -67.48
C GLY JA 59 71.18 14.30 -67.90
N GLU JA 60 70.31 15.30 -67.91
CA GLU JA 60 70.74 16.66 -68.21
C GLU JA 60 71.75 17.16 -67.17
N ALA JA 61 71.50 16.85 -65.90
CA ALA JA 61 72.46 17.23 -64.85
C ALA JA 61 73.80 16.55 -65.04
N ALA JA 62 73.78 15.26 -65.37
CA ALA JA 62 75.02 14.53 -65.60
C ALA JA 62 75.78 15.11 -66.80
N LYS JA 63 75.05 15.51 -67.84
CA LYS JA 63 75.68 16.18 -68.96
C LYS JA 63 76.29 17.51 -68.53
N ALA JA 64 75.58 18.26 -67.69
CA ALA JA 64 76.08 19.56 -67.25
C ALA JA 64 77.34 19.42 -66.42
N VAL JA 65 77.43 18.38 -65.60
CA VAL JA 65 78.61 18.16 -64.77
C VAL JA 65 79.86 18.00 -65.64
N LEU JA 66 79.72 17.32 -66.77
CA LEU JA 66 80.86 16.86 -67.54
C LEU JA 66 81.60 17.98 -68.27
N GLU JA 67 81.03 19.18 -68.38
CA GLU JA 67 81.74 20.30 -68.98
C GLU JA 67 82.47 21.16 -67.96
N GLY JA 68 81.98 21.24 -66.73
CA GLY JA 68 82.64 22.02 -65.70
C GLY JA 68 81.69 22.88 -64.90
N ASN JA 69 80.60 23.30 -65.51
CA ASN JA 69 79.61 24.12 -64.82
C ASN JA 69 78.92 23.31 -63.74
N SER JA 70 79.17 23.66 -62.48
CA SER JA 70 78.76 22.85 -61.35
C SER JA 70 77.55 23.37 -60.59
N VAL JA 71 77.01 24.53 -60.95
CA VAL JA 71 75.86 25.08 -60.24
C VAL JA 71 74.55 24.67 -60.88
N GLU JA 72 74.51 24.63 -62.21
CA GLU JA 72 73.31 24.14 -62.90
C GLU JA 72 73.02 22.70 -62.51
N ALA JA 73 74.07 21.90 -62.23
CA ALA JA 73 73.86 20.55 -61.75
C ALA JA 73 73.12 20.54 -60.42
N ASP JA 74 73.52 21.42 -59.50
CA ASP JA 74 72.83 21.51 -58.21
C ASP JA 74 71.38 21.95 -58.40
N LEU JA 75 71.15 22.93 -59.29
CA LEU JA 75 69.78 23.39 -59.53
C LEU JA 75 68.92 22.26 -60.11
N ILE JA 76 69.47 21.49 -61.04
CA ILE JA 76 68.71 20.40 -61.64
C ILE JA 76 68.44 19.30 -60.62
N VAL JA 77 69.42 19.02 -59.75
CA VAL JA 77 69.21 18.01 -58.71
C VAL JA 77 68.11 18.46 -57.74
N THR JA 78 68.07 19.75 -57.42
CA THR JA 78 66.98 20.25 -56.58
C THR JA 78 65.63 20.14 -57.29
N ASP JA 79 65.61 20.39 -58.61
CA ASP JA 79 64.37 20.21 -59.37
C ASP JA 79 63.91 18.77 -59.32
N VAL JA 80 64.84 17.82 -59.50
CA VAL JA 80 64.49 16.41 -59.41
C VAL JA 80 63.99 16.06 -58.02
N LEU JA 81 64.60 16.66 -56.99
CA LEU JA 81 64.15 16.44 -55.62
C LEU JA 81 62.71 16.92 -55.44
N ARG JA 82 62.39 18.08 -56.01
CA ARG JA 82 61.02 18.58 -55.93
C ARG JA 82 60.04 17.65 -56.65
N LEU JA 83 60.44 17.16 -57.82
CA LEU JA 83 59.59 16.24 -58.56
C LEU JA 83 59.32 14.96 -57.76
N LEU JA 84 60.38 14.41 -57.16
CA LEU JA 84 60.23 13.18 -56.37
C LEU JA 84 59.43 13.44 -55.09
N GLU JA 85 59.54 14.65 -54.52
CA GLU JA 85 58.71 14.99 -53.38
C GLU JA 85 57.25 15.07 -53.77
N ARG JA 86 56.96 15.58 -54.97
CA ARG JA 86 55.59 15.58 -55.47
C ARG JA 86 55.10 14.16 -55.74
N ILE JA 87 55.98 13.28 -56.21
CA ILE JA 87 55.58 11.90 -56.51
C ILE JA 87 55.13 11.19 -55.24
N GLY JA 88 55.94 11.25 -54.19
CA GLY JA 88 55.59 10.67 -52.91
C GLY JA 88 56.21 9.31 -52.62
N GLU JA 89 57.49 9.16 -52.90
CA GLU JA 89 58.24 7.93 -52.61
C GLU JA 89 59.30 8.27 -51.57
N GLU JA 90 59.03 7.91 -50.32
CA GLU JA 90 59.81 8.41 -49.19
C GLU JA 90 61.28 8.02 -49.30
N GLY JA 91 61.56 6.74 -49.55
CA GLY JA 91 62.96 6.31 -49.67
C GLY JA 91 63.67 6.96 -50.84
N LEU JA 92 62.96 7.13 -51.95
CA LEU JA 92 63.57 7.76 -53.12
C LEU JA 92 63.89 9.23 -52.83
N VAL JA 93 63.00 9.92 -52.11
CA VAL JA 93 63.27 11.30 -51.72
C VAL JA 93 64.46 11.37 -50.78
N LYS JA 94 64.56 10.42 -49.84
CA LYS JA 94 65.72 10.36 -48.96
C LYS JA 94 67.02 10.22 -49.75
N LEU JA 95 67.03 9.27 -50.69
CA LEU JA 95 68.21 9.09 -51.53
C LEU JA 95 68.51 10.36 -52.34
N ALA JA 96 67.46 11.05 -52.78
CA ALA JA 96 67.66 12.30 -53.52
C ALA JA 96 68.32 13.36 -52.65
N ARG JA 97 67.90 13.46 -51.39
CA ARG JA 97 68.52 14.44 -50.48
C ARG JA 97 69.99 14.10 -50.24
N GLU JA 98 70.30 12.82 -50.00
CA GLU JA 98 71.69 12.44 -49.80
C GLU JA 98 72.51 12.73 -51.05
N VAL JA 99 71.96 12.43 -52.23
CA VAL JA 99 72.67 12.72 -53.47
C VAL JA 99 72.90 14.21 -53.62
N HIS JA 100 71.89 15.02 -53.29
CA HIS JA 100 72.05 16.47 -53.36
C HIS JA 100 73.22 16.95 -52.50
N GLU JA 101 73.22 16.54 -51.22
CA GLU JA 101 74.25 17.02 -50.31
C GLU JA 101 75.64 16.54 -50.75
N ARG JA 102 75.79 15.23 -51.00
CA ARG JA 102 77.10 14.69 -51.35
C ARG JA 102 77.60 15.25 -52.68
N SER JA 103 76.71 15.37 -53.67
CA SER JA 103 77.11 15.91 -54.96
C SER JA 103 77.54 17.37 -54.84
N PHE JA 104 76.82 18.17 -54.04
CA PHE JA 104 77.23 19.55 -53.83
C PHE JA 104 78.62 19.61 -53.21
N GLU JA 105 78.85 18.84 -52.15
CA GLU JA 105 80.14 18.89 -51.47
C GLU JA 105 81.27 18.44 -52.40
N LEU JA 106 81.06 17.33 -53.11
CA LEU JA 106 82.11 16.80 -53.98
C LEU JA 106 82.39 17.73 -55.15
N LEU JA 107 81.35 18.31 -55.74
CA LEU JA 107 81.55 19.23 -56.86
C LEU JA 107 82.23 20.51 -56.40
N ARG JA 108 81.95 20.97 -55.18
CA ARG JA 108 82.72 22.09 -54.64
C ARG JA 108 84.17 21.70 -54.45
N LYS JA 109 84.43 20.51 -53.93
CA LYS JA 109 85.81 20.05 -53.76
C LYS JA 109 86.47 19.77 -55.11
N GLY JA 110 85.76 19.07 -56.00
CA GLY JA 110 86.29 18.80 -57.33
C GLY JA 110 86.20 17.34 -57.75
N ASN JA 111 85.45 16.53 -56.99
CA ASN JA 111 85.30 15.11 -57.31
C ASN JA 111 84.16 14.94 -58.32
N ARG JA 112 84.52 15.11 -59.60
CA ARG JA 112 83.54 14.98 -60.67
C ARG JA 112 82.97 13.57 -60.76
N VAL JA 113 83.85 12.57 -60.66
CA VAL JA 113 83.46 11.19 -60.95
C VAL JA 113 82.45 10.68 -59.94
N GLU JA 114 82.67 10.97 -58.65
CA GLU JA 114 81.75 10.47 -57.63
C GLU JA 114 80.40 11.16 -57.71
N ALA JA 115 80.37 12.45 -58.05
CA ALA JA 115 79.08 13.12 -58.27
C ALA JA 115 78.35 12.52 -59.46
N LEU JA 116 79.07 12.23 -60.54
CA LEU JA 116 78.46 11.57 -61.68
C LEU JA 116 77.89 10.20 -61.28
N ALA JA 117 78.64 9.44 -60.49
CA ALA JA 117 78.17 8.13 -60.04
C ALA JA 117 76.92 8.26 -59.20
N LEU JA 118 76.88 9.26 -58.30
CA LEU JA 118 75.69 9.46 -57.48
C LEU JA 118 74.47 9.83 -58.34
N ILE JA 119 74.67 10.69 -59.33
CA ILE JA 119 73.56 11.08 -60.21
C ILE JA 119 73.04 9.87 -60.97
N LEU JA 120 73.96 9.06 -61.52
CA LEU JA 120 73.54 7.86 -62.25
C LEU JA 120 72.82 6.87 -61.34
N ALA JA 121 73.31 6.72 -60.11
CA ALA JA 121 72.65 5.84 -59.16
C ALA JA 121 71.23 6.31 -58.85
N LEU JA 122 71.05 7.63 -58.68
CA LEU JA 122 69.72 8.17 -58.44
C LEU JA 122 68.80 7.89 -59.64
N ALA JA 123 69.31 8.10 -60.85
CA ALA JA 123 68.50 7.85 -62.04
C ALA JA 123 68.09 6.39 -62.12
N LEU JA 124 69.03 5.48 -61.87
CA LEU JA 124 68.71 4.05 -61.89
C LEU JA 124 67.70 3.71 -60.81
N ALA JA 125 67.82 4.32 -59.63
CA ALA JA 125 66.86 4.06 -58.57
C ALA JA 125 65.45 4.48 -58.98
N VAL JA 126 65.32 5.66 -59.60
CA VAL JA 126 64.00 6.11 -60.06
C VAL JA 126 63.45 5.14 -61.09
N ALA JA 127 64.28 4.74 -62.06
CA ALA JA 127 63.82 3.85 -63.12
C ALA JA 127 63.38 2.51 -62.56
N LEU JA 128 64.18 1.93 -61.66
CA LEU JA 128 63.85 0.63 -61.09
C LEU JA 128 62.61 0.71 -60.22
N THR JA 129 62.44 1.81 -59.48
CA THR JA 129 61.23 1.97 -58.68
C THR JA 129 59.99 2.00 -59.57
N ALA JA 130 60.06 2.77 -60.66
CA ALA JA 130 58.92 2.84 -61.57
C ALA JA 130 58.62 1.48 -62.18
N VAL JA 131 59.65 0.78 -62.65
CA VAL JA 131 59.46 -0.51 -63.31
C VAL JA 131 58.89 -1.53 -62.33
N SER JA 132 59.43 -1.57 -61.11
CA SER JA 132 58.94 -2.53 -60.11
C SER JA 132 57.50 -2.22 -59.72
N LYS JA 133 57.16 -0.93 -59.59
CA LYS JA 133 55.77 -0.58 -59.27
C LYS JA 133 54.83 -1.04 -60.39
N ALA JA 134 55.22 -0.81 -61.64
CA ALA JA 134 54.38 -1.24 -62.76
C ALA JA 134 54.23 -2.75 -62.78
N PHE JA 135 55.33 -3.48 -62.57
CA PHE JA 135 55.28 -4.94 -62.61
C PHE JA 135 54.40 -5.50 -61.49
N PHE JA 136 54.53 -4.94 -60.28
CA PHE JA 136 53.67 -5.40 -59.20
C PHE JA 136 52.21 -5.06 -59.44
N LEU JA 137 51.93 -3.87 -59.99
CA LEU JA 137 50.55 -3.51 -60.26
C LEU JA 137 49.93 -4.43 -61.30
N LEU JA 138 50.68 -4.78 -62.34
CA LEU JA 138 50.17 -5.72 -63.33
C LEU JA 138 49.89 -7.09 -62.71
N GLY JA 139 50.80 -7.58 -61.87
CA GLY JA 139 50.65 -8.88 -61.26
C GLY JA 139 51.70 -9.86 -61.72
N GLN JA 140 52.82 -9.34 -62.22
CA GLN JA 140 53.86 -10.18 -62.79
C GLN JA 140 54.56 -10.99 -61.69
N PRO JA 141 55.12 -12.14 -62.04
CA PRO JA 141 55.88 -12.92 -61.06
C PRO JA 141 57.26 -12.31 -60.81
N ALA JA 142 57.92 -12.81 -59.76
CA ALA JA 142 59.17 -12.23 -59.30
C ALA JA 142 60.34 -12.49 -60.24
N ARG JA 143 60.23 -13.48 -61.13
CA ARG JA 143 61.36 -13.86 -61.98
C ARG JA 143 61.78 -12.71 -62.89
N LEU JA 144 60.81 -12.13 -63.60
CA LEU JA 144 61.13 -11.05 -64.53
C LEU JA 144 61.59 -9.80 -63.80
N ILE JA 145 60.97 -9.49 -62.66
CA ILE JA 145 61.42 -8.34 -61.87
C ILE JA 145 62.87 -8.51 -61.47
N ALA JA 146 63.22 -9.68 -60.94
CA ALA JA 146 64.59 -9.93 -60.51
C ALA JA 146 65.56 -9.87 -61.68
N GLU JA 147 65.17 -10.46 -62.83
CA GLU JA 147 66.06 -10.46 -63.98
C GLU JA 147 66.30 -9.03 -64.49
N TYR JA 148 65.24 -8.22 -64.57
CA TYR JA 148 65.40 -6.85 -65.04
C TYR JA 148 66.24 -6.02 -64.07
N VAL JA 149 66.00 -6.18 -62.77
CA VAL JA 149 66.80 -5.44 -61.78
C VAL JA 149 68.27 -5.83 -61.89
N GLY JA 150 68.54 -7.13 -62.01
CA GLY JA 150 69.92 -7.58 -62.15
C GLY JA 150 70.57 -7.03 -63.41
N GLU JA 151 69.86 -7.05 -64.53
CA GLU JA 151 70.42 -6.55 -65.78
C GLU JA 151 70.73 -5.05 -65.68
N LYS JA 152 69.81 -4.27 -65.11
CA LYS JA 152 70.04 -2.84 -64.99
C LYS JA 152 71.21 -2.55 -64.05
N LEU JA 153 71.29 -3.30 -62.94
CA LEU JA 153 72.41 -3.12 -62.03
C LEU JA 153 73.74 -3.48 -62.70
N LEU JA 154 73.73 -4.52 -63.53
CA LEU JA 154 74.93 -4.88 -64.27
C LEU JA 154 75.35 -3.78 -65.24
N GLU JA 155 74.38 -3.19 -65.94
CA GLU JA 155 74.70 -2.10 -66.86
C GLU JA 155 75.29 -0.91 -66.10
N LEU JA 156 74.69 -0.55 -64.96
CA LEU JA 156 75.22 0.56 -64.17
C LEU JA 156 76.62 0.25 -63.66
N ARG JA 157 76.85 -0.99 -63.23
CA ARG JA 157 78.17 -1.38 -62.73
C ARG JA 157 79.22 -1.27 -63.83
N ARG JA 158 78.89 -1.73 -65.04
CA ARG JA 158 79.83 -1.61 -66.15
C ARG JA 158 80.12 -0.15 -66.46
N LEU JA 159 79.08 0.69 -66.47
CA LEU JA 159 79.29 2.11 -66.76
C LEU JA 159 80.19 2.75 -65.70
N LEU JA 160 79.92 2.48 -64.42
CA LEU JA 160 80.70 3.07 -63.34
C LEU JA 160 82.15 2.59 -63.38
N GLU JA 161 82.35 1.30 -63.65
CA GLU JA 161 83.72 0.79 -63.77
C GLU JA 161 84.45 1.42 -64.95
N LYS JA 162 83.72 1.70 -66.05
CA LYS JA 162 84.33 2.41 -67.16
C LYS JA 162 84.70 3.84 -66.76
N LEU JA 163 83.87 4.47 -65.93
CA LEU JA 163 84.15 5.84 -65.49
C LEU JA 163 85.43 5.90 -64.66
N GLY JA 164 85.54 5.04 -63.65
CA GLY JA 164 86.73 5.03 -62.82
C GLY JA 164 86.45 4.97 -61.33
N VAL JA 165 85.17 4.83 -60.96
CA VAL JA 165 84.81 4.77 -59.53
C VAL JA 165 85.40 3.51 -58.91
N PRO JA 166 85.98 3.58 -57.72
CA PRO JA 166 86.49 2.36 -57.07
C PRO JA 166 85.36 1.39 -56.76
N LEU JA 167 85.71 0.10 -56.77
CA LEU JA 167 84.70 -0.95 -56.67
C LEU JA 167 83.88 -0.90 -55.38
N PRO JA 168 84.47 -0.73 -54.19
CA PRO JA 168 83.62 -0.70 -52.98
C PRO JA 168 82.56 0.38 -53.01
N GLU JA 169 82.87 1.56 -53.54
CA GLU JA 169 81.87 2.62 -53.65
C GLU JA 169 80.78 2.23 -54.63
N VAL JA 170 81.14 1.56 -55.72
CA VAL JA 170 80.15 1.08 -56.67
C VAL JA 170 79.19 0.11 -56.00
N ILE JA 171 79.73 -0.83 -55.22
CA ILE JA 171 78.88 -1.81 -54.54
C ILE JA 171 78.00 -1.13 -53.51
N ALA JA 172 78.54 -0.12 -52.81
CA ALA JA 172 77.73 0.62 -51.85
C ALA JA 172 76.57 1.34 -52.54
N LEU JA 173 76.84 1.95 -53.70
CA LEU JA 173 75.78 2.62 -54.45
C LEU JA 173 74.72 1.64 -54.92
N LEU JA 174 75.14 0.48 -55.43
CA LEU JA 174 74.17 -0.52 -55.88
C LEU JA 174 73.34 -1.05 -54.73
N LEU JA 175 73.96 -1.23 -53.56
CA LEU JA 175 73.21 -1.66 -52.39
C LEU JA 175 72.24 -0.58 -51.92
N ARG JA 176 72.61 0.69 -52.03
CA ARG JA 176 71.67 1.77 -51.72
C ARG JA 176 70.48 1.75 -52.66
N VAL JA 177 70.73 1.54 -53.96
CA VAL JA 177 69.64 1.45 -54.93
C VAL JA 177 68.72 0.28 -54.60
N LEU JA 178 69.32 -0.86 -54.26
CA LEU JA 178 68.53 -2.04 -53.91
C LEU JA 178 67.72 -1.82 -52.64
N GLU JA 179 68.30 -1.10 -51.67
CA GLU JA 179 67.56 -0.76 -50.46
C GLU JA 179 66.36 0.13 -50.78
N VAL JA 180 66.56 1.10 -51.68
CA VAL JA 180 65.45 1.97 -52.09
C VAL JA 180 64.35 1.14 -52.73
N VAL JA 181 64.74 0.22 -53.62
CA VAL JA 181 63.75 -0.63 -54.30
C VAL JA 181 63.01 -1.51 -53.29
N GLU JA 182 63.74 -2.08 -52.33
CA GLU JA 182 63.11 -2.91 -51.31
C GLU JA 182 62.14 -2.11 -50.46
N GLU JA 183 62.52 -0.88 -50.09
CA GLU JA 183 61.63 -0.03 -49.31
C GLU JA 183 60.36 0.27 -50.09
N SER JA 184 60.51 0.61 -51.36
CA SER JA 184 59.34 0.88 -52.20
C SER JA 184 58.42 -0.33 -52.29
N LEU JA 185 59.01 -1.51 -52.51
CA LEU JA 185 58.19 -2.73 -52.61
C LEU JA 185 57.48 -3.04 -51.30
N LYS JA 186 58.19 -2.89 -50.18
CA LYS JA 186 57.58 -3.15 -48.88
C LYS JA 186 56.43 -2.19 -48.61
N ALA JA 187 56.61 -0.92 -48.92
CA ALA JA 187 55.58 0.07 -48.67
C ALA JA 187 54.39 -0.09 -49.60
N MET JA 188 54.62 -0.55 -50.84
CA MET JA 188 53.54 -0.64 -51.81
C MET JA 188 52.54 -1.73 -51.45
N GLY JA 189 53.02 -2.88 -50.96
CA GLY JA 189 52.11 -3.93 -50.55
C GLY JA 189 52.55 -5.35 -50.87
N MET JA 190 53.71 -5.49 -51.51
CA MET JA 190 54.22 -6.81 -51.84
C MET JA 190 54.48 -7.63 -50.58
N GLU JA 191 54.19 -8.93 -50.66
CA GLU JA 191 54.43 -9.81 -49.53
C GLU JA 191 55.94 -9.98 -49.32
N PRO JA 192 56.40 -10.08 -48.07
CA PRO JA 192 57.85 -10.08 -47.80
C PRO JA 192 58.63 -11.16 -48.53
N ARG JA 193 58.04 -12.34 -48.75
CA ARG JA 193 58.79 -13.44 -49.35
C ARG JA 193 59.26 -13.10 -50.76
N GLU JA 194 58.39 -12.49 -51.56
CA GLU JA 194 58.79 -12.13 -52.92
C GLU JA 194 59.87 -11.05 -52.91
N ILE JA 195 59.79 -10.09 -51.99
CA ILE JA 195 60.82 -9.07 -51.88
C ILE JA 195 62.15 -9.72 -51.53
N ASN JA 196 62.15 -10.64 -50.56
CA ASN JA 196 63.37 -11.35 -50.21
C ASN JA 196 63.91 -12.13 -51.40
N ARG JA 197 63.03 -12.76 -52.17
CA ARG JA 197 63.45 -13.54 -53.33
C ARG JA 197 64.13 -12.66 -54.37
N VAL JA 198 63.53 -11.51 -54.69
CA VAL JA 198 64.10 -10.66 -55.73
C VAL JA 198 65.40 -10.01 -55.26
N LEU JA 199 65.46 -9.59 -53.99
CA LEU JA 199 66.70 -9.03 -53.46
C LEU JA 199 67.82 -10.07 -53.47
N ALA JA 200 67.49 -11.30 -53.06
CA ALA JA 200 68.49 -12.37 -53.07
C ALA JA 200 68.96 -12.66 -54.49
N ALA JA 201 68.05 -12.65 -55.46
CA ALA JA 201 68.45 -12.87 -56.85
C ALA JA 201 69.36 -11.76 -57.35
N ALA JA 202 69.07 -10.51 -56.99
CA ALA JA 202 69.92 -9.40 -57.41
C ALA JA 202 71.31 -9.51 -56.80
N TYR JA 203 71.38 -9.81 -55.50
CA TYR JA 203 72.68 -10.01 -54.87
C TYR JA 203 73.43 -11.17 -55.51
N LEU JA 204 72.71 -12.24 -55.86
CA LEU JA 204 73.35 -13.41 -56.46
C LEU JA 204 73.93 -13.09 -57.82
N THR JA 205 73.19 -12.36 -58.66
CA THR JA 205 73.74 -12.05 -59.98
C THR JA 205 74.90 -11.07 -59.87
N LEU JA 206 74.82 -10.11 -58.93
CA LEU JA 206 75.95 -9.21 -58.72
C LEU JA 206 77.20 -9.98 -58.28
N ALA JA 207 77.03 -10.90 -57.33
CA ALA JA 207 78.16 -11.69 -56.86
C ALA JA 207 78.70 -12.60 -57.95
N ALA JA 208 77.81 -13.17 -58.76
CA ALA JA 208 78.26 -14.03 -59.86
C ALA JA 208 79.08 -13.24 -60.87
N GLU JA 209 78.64 -12.03 -61.22
CA GLU JA 209 79.45 -11.21 -62.11
C GLU JA 209 80.80 -10.86 -61.49
N LEU JA 210 80.79 -10.51 -60.20
CA LEU JA 210 82.04 -10.15 -59.53
C LEU JA 210 83.02 -11.33 -59.53
N LEU JA 211 82.52 -12.53 -59.26
CA LEU JA 211 83.38 -13.71 -59.27
C LEU JA 211 83.87 -14.03 -60.69
N GLU JA 212 82.99 -13.93 -61.68
CA GLU JA 212 83.37 -14.23 -63.05
C GLU JA 212 84.43 -13.27 -63.57
N ARG JA 213 84.38 -12.01 -63.13
CA ARG JA 213 85.40 -11.05 -63.57
C ARG JA 213 86.80 -11.48 -63.19
N LEU JA 214 86.95 -12.20 -62.08
CA LEU JA 214 88.25 -12.64 -61.60
C LEU JA 214 88.72 -13.95 -62.24
N GLY JA 215 87.88 -14.60 -63.05
CA GLY JA 215 88.25 -15.82 -63.73
C GLY JA 215 87.68 -17.09 -63.12
N LEU JA 216 87.03 -17.01 -61.96
CA LEU JA 216 86.42 -18.18 -61.33
C LEU JA 216 85.07 -18.46 -61.98
N THR JA 217 85.14 -18.98 -63.22
CA THR JA 217 83.93 -19.22 -64.00
C THR JA 217 83.03 -20.28 -63.40
N ALA JA 218 83.59 -21.38 -62.88
CA ALA JA 218 82.76 -22.45 -62.33
C ALA JA 218 82.01 -21.99 -61.09
N LEU JA 219 82.66 -21.21 -60.22
CA LEU JA 219 81.98 -20.69 -59.04
C LEU JA 219 80.83 -19.77 -59.43
N ALA JA 220 81.06 -18.91 -60.43
CA ALA JA 220 79.99 -18.04 -60.91
C ALA JA 220 78.84 -18.87 -61.50
N ALA JA 221 79.16 -19.94 -62.23
CA ALA JA 221 78.13 -20.80 -62.76
C ALA JA 221 77.31 -21.45 -61.66
N ARG JA 222 77.99 -21.89 -60.59
CA ARG JA 222 77.27 -22.45 -59.45
C ARG JA 222 76.36 -21.42 -58.80
N ILE JA 223 76.83 -20.17 -58.70
CA ILE JA 223 76.00 -19.11 -58.13
C ILE JA 223 74.77 -18.87 -59.00
N ARG JA 224 74.95 -18.85 -60.32
CA ARG JA 224 73.82 -18.67 -61.22
C ARG JA 224 72.84 -19.83 -61.12
N ARG JA 225 73.36 -21.06 -60.99
CA ARG JA 225 72.48 -22.22 -60.78
C ARG JA 225 71.67 -22.06 -59.50
N ALA JA 226 72.32 -21.61 -58.43
CA ALA JA 226 71.61 -21.40 -57.16
C ALA JA 226 70.53 -20.34 -57.33
N ARG JA 227 70.83 -19.25 -58.05
CA ARG JA 227 69.84 -18.21 -58.27
C ARG JA 227 68.65 -18.75 -59.07
N GLU JA 228 68.92 -19.53 -60.11
CA GLU JA 228 67.84 -20.08 -60.94
C GLU JA 228 66.99 -21.05 -60.13
N LEU JA 229 67.60 -21.87 -59.28
CA LEU JA 229 66.82 -22.75 -58.42
C LEU JA 229 66.01 -21.96 -57.39
N LEU JA 230 66.55 -20.83 -56.92
CA LEU JA 230 65.80 -19.98 -56.00
C LEU JA 230 64.57 -19.37 -56.68
N LEU JA 231 64.72 -18.91 -57.92
CA LEU JA 231 63.62 -18.27 -58.62
C LEU JA 231 62.53 -19.25 -59.03
N ALA JA 232 62.81 -20.55 -59.01
CA ALA JA 232 61.86 -21.57 -59.41
C ALA JA 232 61.07 -22.16 -58.24
N GLY JA 233 61.27 -21.61 -57.04
CA GLY JA 233 60.59 -22.11 -55.86
C GLY JA 233 61.35 -23.14 -55.07
N ARG JA 234 62.47 -23.66 -55.60
CA ARG JA 234 63.29 -24.64 -54.90
C ARG JA 234 64.23 -23.89 -53.98
N VAL JA 235 63.79 -23.66 -52.74
CA VAL JA 235 64.49 -22.77 -51.83
C VAL JA 235 65.65 -23.50 -51.13
N GLU JA 236 65.37 -24.67 -50.56
CA GLU JA 236 66.38 -25.36 -49.75
C GLU JA 236 67.56 -25.83 -50.59
N GLU JA 237 67.30 -26.31 -51.80
CA GLU JA 237 68.39 -26.73 -52.68
C GLU JA 237 69.30 -25.57 -53.03
N ALA JA 238 68.71 -24.42 -53.36
CA ALA JA 238 69.51 -23.23 -53.64
C ALA JA 238 70.27 -22.79 -52.40
N LEU JA 239 69.65 -22.91 -51.22
CA LEU JA 239 70.33 -22.56 -49.98
C LEU JA 239 71.57 -23.42 -49.78
N HIS JA 240 71.44 -24.74 -49.97
CA HIS JA 240 72.61 -25.61 -49.78
C HIS JA 240 73.67 -25.38 -50.84
N LEU JA 241 73.25 -25.16 -52.09
CA LEU JA 241 74.23 -24.85 -53.13
C LEU JA 241 75.00 -23.58 -52.79
N LEU JA 242 74.28 -22.56 -52.31
CA LEU JA 242 74.93 -21.31 -51.93
C LEU JA 242 75.88 -21.52 -50.75
N GLN JA 243 75.47 -22.34 -49.77
CA GLN JA 243 76.35 -22.60 -48.63
C GLN JA 243 77.63 -23.30 -49.08
N ASP JA 244 77.52 -24.28 -49.96
CA ASP JA 244 78.72 -24.95 -50.47
C ASP JA 244 79.60 -23.99 -51.25
N ALA JA 245 79.00 -23.13 -52.07
CA ALA JA 245 79.79 -22.14 -52.80
C ALA JA 245 80.49 -21.20 -51.84
N VAL JA 246 79.82 -20.80 -50.77
CA VAL JA 246 80.41 -19.90 -49.78
C VAL JA 246 81.58 -20.57 -49.07
N GLU JA 247 81.42 -21.84 -48.69
CA GLU JA 247 82.50 -22.56 -48.05
C GLU JA 247 83.73 -22.65 -48.95
N LEU JA 248 83.51 -22.97 -50.24
CA LEU JA 248 84.64 -23.08 -51.16
C LEU JA 248 85.28 -21.71 -51.40
N LEU JA 249 84.47 -20.65 -51.44
CA LEU JA 249 85.00 -19.30 -51.57
C LEU JA 249 85.84 -18.93 -50.36
N HIS JA 250 85.41 -19.34 -49.16
CA HIS JA 250 86.20 -19.11 -47.96
C HIS JA 250 87.52 -19.87 -48.03
N GLU JA 251 87.49 -21.10 -48.53
CA GLU JA 251 88.73 -21.85 -48.71
C GLU JA 251 89.69 -21.09 -49.62
N ARG JA 252 89.19 -20.59 -50.75
CA ARG JA 252 90.05 -19.85 -51.68
C ARG JA 252 90.57 -18.57 -51.03
N ILE JA 253 89.71 -17.85 -50.31
CA ILE JA 253 90.10 -16.58 -49.71
C ILE JA 253 91.20 -16.80 -48.67
N ARG JA 254 91.02 -17.78 -47.79
CA ARG JA 254 92.01 -18.05 -46.76
C ARG JA 254 93.26 -18.74 -47.30
N GLU JA 255 93.19 -19.34 -48.49
CA GLU JA 255 94.41 -19.83 -49.13
C GLU JA 255 95.20 -18.68 -49.75
N LEU JA 256 94.50 -17.69 -50.31
CA LEU JA 256 95.19 -16.55 -50.90
C LEU JA 256 95.93 -15.73 -49.86
N GLY JA 257 95.32 -15.51 -48.71
CA GLY JA 257 95.94 -14.73 -47.65
C GLY JA 257 95.43 -13.29 -47.65
N PHE JA 258 96.35 -12.34 -47.48
CA PHE JA 258 96.01 -10.93 -47.47
C PHE JA 258 96.12 -10.30 -48.85
N GLU JA 259 96.53 -11.04 -49.87
CA GLU JA 259 96.62 -10.55 -51.23
C GLU JA 259 95.37 -10.86 -52.04
N ALA JA 260 94.26 -11.15 -51.36
CA ALA JA 260 93.02 -11.46 -52.07
C ALA JA 260 92.46 -10.19 -52.71
N PRO JA 261 92.17 -10.21 -54.01
CA PRO JA 261 91.57 -9.02 -54.64
C PRO JA 261 90.22 -8.69 -54.03
N GLU JA 262 89.86 -7.41 -54.11
CA GLU JA 262 88.61 -6.93 -53.51
C GLU JA 262 87.38 -7.63 -54.07
N GLU JA 263 87.49 -8.21 -55.27
CA GLU JA 263 86.35 -8.92 -55.84
C GLU JA 263 85.90 -10.08 -54.96
N LEU JA 264 86.86 -10.84 -54.43
CA LEU JA 264 86.53 -11.99 -53.58
C LEU JA 264 85.82 -11.54 -52.31
N LEU JA 265 86.33 -10.49 -51.66
CA LEU JA 265 85.72 -10.04 -50.41
C LEU JA 265 84.33 -9.47 -50.64
N LEU JA 266 84.16 -8.66 -51.70
CA LEU JA 266 82.85 -8.10 -51.99
C LEU JA 266 81.85 -9.18 -52.36
N ALA JA 267 82.28 -10.17 -53.16
CA ALA JA 267 81.42 -11.29 -53.49
C ALA JA 267 81.04 -12.08 -52.24
N ASP JA 268 81.99 -12.27 -51.33
CA ASP JA 268 81.68 -12.98 -50.08
C ASP JA 268 80.64 -12.23 -49.26
N LEU JA 269 80.78 -10.92 -49.15
CA LEU JA 269 79.79 -10.13 -48.41
C LEU JA 269 78.42 -10.22 -49.06
N LEU JA 270 78.37 -10.10 -50.39
CA LEU JA 270 77.10 -10.20 -51.10
C LEU JA 270 76.48 -11.58 -50.92
N LEU JA 271 77.30 -12.63 -50.95
CA LEU JA 271 76.78 -13.98 -50.75
C LEU JA 271 76.26 -14.18 -49.33
N GLN JA 272 76.91 -13.58 -48.34
CA GLN JA 272 76.39 -13.65 -46.98
C GLN JA 272 75.04 -12.95 -46.87
N ARG JA 273 74.90 -11.76 -47.47
CA ARG JA 273 73.60 -11.10 -47.45
C ARG JA 273 72.54 -11.93 -48.15
N ALA JA 274 72.90 -12.54 -49.29
CA ALA JA 274 71.97 -13.43 -50.00
C ALA JA 274 71.59 -14.62 -49.13
N LEU JA 275 72.55 -15.19 -48.40
CA LEU JA 275 72.26 -16.31 -47.52
C LEU JA 275 71.26 -15.92 -46.44
N GLU JA 276 71.47 -14.76 -45.81
CA GLU JA 276 70.53 -14.31 -44.79
C GLU JA 276 69.14 -14.10 -45.38
N LEU JA 277 69.07 -13.46 -46.56
CA LEU JA 277 67.78 -13.21 -47.18
C LEU JA 277 67.06 -14.51 -47.55
N ILE JA 278 67.80 -15.48 -48.09
CA ILE JA 278 67.20 -16.75 -48.47
C ILE JA 278 66.74 -17.52 -47.25
N SER JA 279 67.54 -17.49 -46.17
CA SER JA 279 67.13 -18.15 -44.94
C SER JA 279 65.87 -17.51 -44.36
N SER JA 280 65.74 -16.19 -44.48
CA SER JA 280 64.57 -15.51 -43.96
C SER JA 280 63.30 -15.80 -44.75
N ILE JA 281 63.42 -16.39 -45.95
CA ILE JA 281 62.25 -16.72 -46.75
C ILE JA 281 61.42 -17.80 -46.07
N THR KA 24 110.50 13.91 -21.94
CA THR KA 24 110.53 14.23 -20.52
C THR KA 24 109.48 13.41 -19.76
N VAL KA 25 108.44 13.01 -20.49
CA VAL KA 25 107.36 12.13 -20.02
C VAL KA 25 106.42 12.89 -19.10
N GLU KA 26 106.96 13.55 -18.06
CA GLU KA 26 106.10 14.31 -17.16
C GLU KA 26 105.43 15.47 -17.88
N GLU KA 27 106.22 16.26 -18.61
CA GLU KA 27 105.67 17.37 -19.39
C GLU KA 27 104.55 16.90 -20.29
N GLU KA 28 104.67 15.68 -20.82
CA GLU KA 28 103.56 15.09 -21.55
C GLU KA 28 102.32 14.96 -20.67
N VAL KA 29 102.49 14.65 -19.38
CA VAL KA 29 101.34 14.48 -18.50
C VAL KA 29 100.65 15.82 -18.26
N ILE KA 30 101.41 16.86 -17.91
CA ILE KA 30 100.74 18.14 -17.66
C ILE KA 30 100.15 18.71 -18.95
N ARG KA 31 100.86 18.55 -20.07
CA ARG KA 31 100.31 18.99 -21.35
C ARG KA 31 99.04 18.21 -21.69
N PHE KA 32 99.00 16.92 -21.38
CA PHE KA 32 97.79 16.13 -21.63
C PHE KA 32 96.62 16.68 -20.83
N ALA KA 33 96.85 16.98 -19.54
CA ALA KA 33 95.76 17.52 -18.72
C ALA KA 33 95.27 18.86 -19.26
N GLU KA 34 96.20 19.77 -19.54
CA GLU KA 34 95.81 21.09 -20.02
C GLU KA 34 95.13 21.02 -21.38
N GLU KA 35 95.65 20.21 -22.29
CA GLU KA 35 95.04 20.08 -23.61
C GLU KA 35 93.67 19.42 -23.52
N LEU KA 36 93.49 18.47 -22.60
CA LEU KA 36 92.17 17.87 -22.41
C LEU KA 36 91.17 18.91 -21.93
N ALA KA 37 91.57 19.74 -20.96
CA ALA KA 37 90.67 20.80 -20.50
C ALA KA 37 90.34 21.78 -21.62
N GLU KA 38 91.36 22.16 -22.41
CA GLU KA 38 91.14 23.07 -23.52
C GLU KA 38 90.23 22.44 -24.58
N GLU KA 39 90.34 21.13 -24.79
CA GLU KA 39 89.47 20.46 -25.74
C GLU KA 39 88.02 20.45 -25.25
N ILE KA 40 87.80 20.23 -23.96
CA ILE KA 40 86.45 20.35 -23.42
C ILE KA 40 85.92 21.76 -23.66
N ARG KA 41 86.74 22.77 -23.38
CA ARG KA 41 86.31 24.15 -23.60
C ARG KA 41 85.98 24.41 -25.06
N ARG KA 42 86.80 23.90 -25.97
CA ARG KA 42 86.57 24.12 -27.40
C ARG KA 42 85.29 23.43 -27.86
N VAL KA 43 85.07 22.19 -27.44
CA VAL KA 43 83.92 21.43 -27.91
C VAL KA 43 82.62 22.00 -27.33
N THR KA 44 82.62 22.35 -26.05
CA THR KA 44 81.40 22.79 -25.37
C THR KA 44 81.36 24.28 -25.09
N GLY KA 45 82.43 24.84 -24.51
CA GLY KA 45 82.42 26.24 -24.14
C GLY KA 45 82.36 26.44 -22.64
N GLU KA 46 81.29 27.08 -22.16
CA GLU KA 46 81.10 27.30 -20.73
C GLU KA 46 79.81 26.67 -20.22
N ALA KA 47 79.15 25.84 -21.03
CA ALA KA 47 78.00 25.09 -20.56
C ALA KA 47 78.38 23.95 -19.64
N TYR KA 48 79.57 23.37 -19.84
CA TYR KA 48 80.10 22.30 -18.99
C TYR KA 48 81.44 22.79 -18.46
N ARG KA 49 81.41 23.52 -17.33
CA ARG KA 49 82.61 24.07 -16.73
C ARG KA 49 83.08 23.31 -15.51
N GLU KA 50 82.17 22.63 -14.80
CA GLU KA 50 82.57 21.79 -13.67
C GLU KA 50 83.48 20.66 -14.14
N TYR KA 51 83.21 20.12 -15.33
CA TYR KA 51 84.07 19.06 -15.87
C TYR KA 51 85.48 19.57 -16.14
N ALA KA 52 85.60 20.78 -16.69
CA ALA KA 52 86.92 21.36 -16.91
C ALA KA 52 87.62 21.65 -15.59
N GLU KA 53 86.85 22.11 -14.59
CA GLU KA 53 87.42 22.30 -13.26
C GLU KA 53 87.98 21.00 -12.70
N ALA KA 54 87.22 19.92 -12.82
CA ALA KA 54 87.66 18.62 -12.34
C ALA KA 54 88.90 18.15 -13.09
N VAL KA 55 88.94 18.35 -14.41
CA VAL KA 55 90.10 17.92 -15.18
C VAL KA 55 91.34 18.71 -14.77
N ARG KA 56 91.19 20.02 -14.56
CA ARG KA 56 92.35 20.80 -14.12
C ARG KA 56 92.80 20.41 -12.72
N HIS KA 57 91.85 20.10 -11.84
CA HIS KA 57 92.21 19.60 -10.51
C HIS KA 57 92.98 18.29 -10.60
N LEU KA 58 92.52 17.37 -11.46
CA LEU KA 58 93.23 16.11 -11.62
C LEU KA 58 94.61 16.32 -12.24
N GLY KA 59 94.74 17.29 -13.14
CA GLY KA 59 96.07 17.63 -13.65
C GLY KA 59 96.99 18.15 -12.55
N GLU KA 60 96.45 18.97 -11.66
CA GLU KA 60 97.24 19.44 -10.52
C GLU KA 60 97.64 18.28 -9.62
N ALA KA 61 96.72 17.33 -9.40
CA ALA KA 61 97.05 16.14 -8.62
C ALA KA 61 98.15 15.33 -9.27
N ALA KA 62 98.08 15.16 -10.60
CA ALA KA 62 99.13 14.43 -11.32
C ALA KA 62 100.47 15.14 -11.21
N LYS KA 63 100.46 16.47 -11.27
CA LYS KA 63 101.70 17.23 -11.07
C LYS KA 63 102.23 17.04 -9.65
N ALA KA 64 101.34 16.97 -8.66
CA ALA KA 64 101.76 16.78 -7.29
C ALA KA 64 102.38 15.40 -7.07
N VAL KA 65 101.79 14.37 -7.70
CA VAL KA 65 102.31 13.01 -7.55
C VAL KA 65 103.74 12.92 -8.06
N LEU KA 66 104.02 13.53 -9.21
CA LEU KA 66 105.32 13.43 -9.84
C LEU KA 66 106.41 14.18 -9.09
N GLU KA 67 106.05 15.00 -8.11
CA GLU KA 67 107.03 15.74 -7.33
C GLU KA 67 107.41 15.07 -6.02
N GLY KA 68 106.58 14.15 -5.52
CA GLY KA 68 106.91 13.41 -4.32
C GLY KA 68 105.87 13.53 -3.22
N ASN KA 69 105.21 14.68 -3.14
CA ASN KA 69 104.19 14.89 -2.11
C ASN KA 69 102.99 14.03 -2.44
N SER KA 70 102.67 13.08 -1.57
CA SER KA 70 101.63 12.09 -1.82
C SER KA 70 100.33 12.35 -1.09
N VAL KA 71 100.28 13.31 -0.17
CA VAL KA 71 99.05 13.58 0.57
C VAL KA 71 98.22 14.66 -0.11
N GLU KA 72 98.87 15.64 -0.74
CA GLU KA 72 98.14 16.62 -1.52
C GLU KA 72 97.40 15.96 -2.68
N ALA KA 73 97.97 14.90 -3.24
CA ALA KA 73 97.26 14.13 -4.26
C ALA KA 73 95.96 13.56 -3.70
N ASP KA 74 96.01 12.98 -2.50
CA ASP KA 74 94.79 12.44 -1.89
C ASP KA 74 93.77 13.54 -1.64
N LEU KA 75 94.22 14.70 -1.15
CA LEU KA 75 93.30 15.80 -0.89
C LEU KA 75 92.65 16.29 -2.19
N ILE KA 76 93.43 16.40 -3.26
CA ILE KA 76 92.88 16.88 -4.53
C ILE KA 76 91.92 15.84 -5.12
N VAL KA 77 92.24 14.55 -4.98
CA VAL KA 77 91.33 13.52 -5.48
C VAL KA 77 90.02 13.55 -4.70
N THR KA 78 90.08 13.80 -3.40
CA THR KA 78 88.84 13.94 -2.63
C THR KA 78 88.05 15.17 -3.06
N ASP KA 79 88.75 16.27 -3.37
CA ASP KA 79 88.07 17.46 -3.90
C ASP KA 79 87.35 17.13 -5.21
N VAL KA 80 88.03 16.41 -6.10
CA VAL KA 80 87.41 16.02 -7.37
C VAL KA 80 86.22 15.10 -7.12
N LEU KA 81 86.34 14.22 -6.13
CA LEU KA 81 85.22 13.35 -5.78
C LEU KA 81 84.02 14.16 -5.32
N ARG KA 82 84.25 15.19 -4.51
CA ARG KA 82 83.14 16.06 -4.09
C ARG KA 82 82.54 16.79 -5.29
N LEU KA 83 83.37 17.27 -6.20
CA LEU KA 83 82.86 17.97 -7.38
C LEU KA 83 81.99 17.05 -8.22
N LEU KA 84 82.45 15.81 -8.45
CA LEU KA 84 81.67 14.87 -9.24
C LEU KA 84 80.40 14.42 -8.51
N GLU KA 85 80.45 14.35 -7.18
CA GLU KA 85 79.25 14.05 -6.41
C GLU KA 85 78.22 15.17 -6.54
N ARG KA 86 78.69 16.42 -6.56
CA ARG KA 86 77.78 17.54 -6.81
C ARG KA 86 77.23 17.51 -8.22
N ILE KA 87 78.05 17.09 -9.20
CA ILE KA 87 77.58 17.04 -10.59
C ILE KA 87 76.44 16.06 -10.74
N GLY KA 88 76.61 14.84 -10.22
CA GLY KA 88 75.54 13.85 -10.25
C GLY KA 88 75.65 12.81 -11.35
N GLU KA 89 76.86 12.28 -11.57
CA GLU KA 89 77.09 11.22 -12.53
C GLU KA 89 77.54 9.99 -11.75
N GLU KA 90 76.64 9.01 -11.61
CA GLU KA 90 76.86 7.90 -10.69
C GLU KA 90 78.09 7.09 -11.05
N GLY KA 91 78.23 6.74 -12.34
CA GLY KA 91 79.39 5.96 -12.75
C GLY KA 91 80.68 6.72 -12.55
N LEU KA 92 80.69 8.03 -12.83
CA LEU KA 92 81.88 8.83 -12.61
C LEU KA 92 82.23 8.89 -11.13
N VAL KA 93 81.23 9.01 -10.26
CA VAL KA 93 81.49 9.01 -8.82
C VAL KA 93 82.07 7.67 -8.36
N LYS KA 94 81.52 6.56 -8.89
CA LYS KA 94 82.04 5.25 -8.53
C LYS KA 94 83.50 5.11 -8.95
N LEU KA 95 83.81 5.52 -10.19
CA LEU KA 95 85.20 5.47 -10.65
C LEU KA 95 86.09 6.37 -9.81
N ALA KA 96 85.56 7.53 -9.38
CA ALA KA 96 86.34 8.43 -8.54
C ALA KA 96 86.66 7.79 -7.19
N ARG KA 97 85.68 7.12 -6.57
CA ARG KA 97 85.93 6.45 -5.31
C ARG KA 97 86.97 5.34 -5.46
N GLU KA 98 86.84 4.54 -6.52
CA GLU KA 98 87.79 3.45 -6.74
C GLU KA 98 89.20 4.00 -6.97
N VAL KA 99 89.31 5.08 -7.76
CA VAL KA 99 90.60 5.71 -8.00
C VAL KA 99 91.17 6.25 -6.70
N HIS KA 100 90.32 6.87 -5.87
CA HIS KA 100 90.77 7.38 -4.58
C HIS KA 100 91.40 6.27 -3.74
N GLU KA 101 90.68 5.16 -3.56
CA GLU KA 101 91.18 4.08 -2.72
C GLU KA 101 92.46 3.47 -3.29
N ARG KA 102 92.44 3.10 -4.57
CA ARG KA 102 93.58 2.44 -5.17
C ARG KA 102 94.80 3.36 -5.19
N SER KA 103 94.60 4.64 -5.55
CA SER KA 103 95.71 5.58 -5.60
C SER KA 103 96.30 5.80 -4.21
N PHE KA 104 95.45 5.91 -3.19
CA PHE KA 104 95.97 6.04 -1.83
C PHE KA 104 96.83 4.85 -1.45
N GLU KA 105 96.32 3.64 -1.69
CA GLU KA 105 97.07 2.44 -1.30
C GLU KA 105 98.39 2.34 -2.06
N LEU KA 106 98.35 2.58 -3.38
CA LEU KA 106 99.55 2.46 -4.19
C LEU KA 106 100.58 3.54 -3.84
N LEU KA 107 100.13 4.77 -3.60
CA LEU KA 107 101.05 5.82 -3.22
C LEU KA 107 101.66 5.58 -1.86
N ARG KA 108 100.90 4.99 -0.93
CA ARG KA 108 101.50 4.57 0.34
C ARG KA 108 102.54 3.49 0.11
N LYS KA 109 102.24 2.51 -0.74
CA LYS KA 109 103.21 1.47 -1.03
C LYS KA 109 104.39 2.01 -1.84
N GLY KA 110 104.11 2.82 -2.87
CA GLY KA 110 105.17 3.43 -3.65
C GLY KA 110 105.01 3.28 -5.15
N ASN KA 111 103.83 2.83 -5.60
CA ASN KA 111 103.57 2.65 -7.03
C ASN KA 111 103.10 3.98 -7.61
N ARG KA 112 104.07 4.81 -7.96
CA ARG KA 112 103.77 6.12 -8.54
C ARG KA 112 103.06 5.99 -9.88
N VAL KA 113 103.57 5.10 -10.73
CA VAL KA 113 103.13 5.04 -12.13
C VAL KA 113 101.66 4.61 -12.20
N GLU KA 114 101.25 3.63 -11.40
CA GLU KA 114 99.87 3.18 -11.46
C GLU KA 114 98.90 4.23 -10.92
N ALA KA 115 99.30 4.96 -9.87
CA ALA KA 115 98.47 6.06 -9.40
C ALA KA 115 98.33 7.14 -10.47
N LEU KA 116 99.42 7.46 -11.15
CA LEU KA 116 99.34 8.41 -12.26
C LEU KA 116 98.39 7.91 -13.34
N ALA KA 117 98.47 6.62 -13.66
CA ALA KA 117 97.60 6.06 -14.68
C ALA KA 117 96.13 6.15 -14.27
N LEU KA 118 95.84 5.87 -13.01
CA LEU KA 118 94.46 5.97 -12.53
C LEU KA 118 93.96 7.41 -12.59
N ILE KA 119 94.81 8.37 -12.20
CA ILE KA 119 94.42 9.78 -12.26
C ILE KA 119 94.12 10.20 -13.69
N LEU KA 120 94.99 9.81 -14.63
CA LEU KA 120 94.77 10.14 -16.03
C LEU KA 120 93.52 9.48 -16.58
N ALA KA 121 93.26 8.23 -16.18
CA ALA KA 121 92.05 7.55 -16.61
C ALA KA 121 90.81 8.26 -16.10
N LEU KA 122 90.83 8.72 -14.84
CA LEU KA 122 89.69 9.46 -14.31
C LEU KA 122 89.49 10.77 -15.08
N ALA KA 123 90.58 11.48 -15.38
CA ALA KA 123 90.46 12.74 -16.12
C ALA KA 123 89.86 12.50 -17.50
N LEU KA 124 90.34 11.46 -18.20
CA LEU KA 124 89.81 11.14 -19.51
C LEU KA 124 88.34 10.73 -19.42
N ALA KA 125 87.97 9.99 -18.38
CA ALA KA 125 86.57 9.61 -18.22
C ALA KA 125 85.67 10.83 -18.05
N VAL KA 126 86.10 11.79 -17.23
CA VAL KA 126 85.31 13.01 -17.05
C VAL KA 126 85.19 13.76 -18.36
N ALA KA 127 86.30 13.92 -19.07
CA ALA KA 127 86.28 14.66 -20.34
C ALA KA 127 85.38 14.01 -21.36
N LEU KA 128 85.47 12.68 -21.50
CA LEU KA 128 84.66 11.96 -22.48
C LEU KA 128 83.20 11.99 -22.09
N THR KA 129 82.89 11.91 -20.79
CA THR KA 129 81.50 12.02 -20.35
C THR KA 129 80.92 13.37 -20.73
N ALA KA 130 81.66 14.44 -20.47
CA ALA KA 130 81.18 15.78 -20.82
C ALA KA 130 80.98 15.91 -22.32
N VAL KA 131 81.96 15.46 -23.11
CA VAL KA 131 81.88 15.61 -24.56
C VAL KA 131 80.71 14.80 -25.12
N SER KA 132 80.54 13.56 -24.65
CA SER KA 132 79.45 12.73 -25.13
C SER KA 132 78.09 13.30 -24.74
N LYS KA 133 77.97 13.84 -23.52
CA LYS KA 133 76.72 14.47 -23.12
C LYS KA 133 76.39 15.66 -24.02
N ALA KA 134 77.39 16.50 -24.31
CA ALA KA 134 77.17 17.64 -25.19
C ALA KA 134 76.76 17.19 -26.59
N PHE KA 135 77.45 16.17 -27.11
CA PHE KA 135 77.15 15.69 -28.46
C PHE KA 135 75.75 15.11 -28.56
N PHE KA 136 75.33 14.33 -27.55
CA PHE KA 136 73.98 13.79 -27.57
C PHE KA 136 72.94 14.89 -27.41
N LEU KA 137 73.21 15.88 -26.55
CA LEU KA 137 72.24 16.96 -26.37
C LEU KA 137 72.07 17.76 -27.64
N LEU KA 138 73.17 18.03 -28.36
CA LEU KA 138 73.05 18.74 -29.64
C LEU KA 138 72.23 17.94 -30.64
N GLY KA 139 72.48 16.63 -30.73
CA GLY KA 139 71.79 15.78 -31.67
C GLY KA 139 72.71 15.19 -32.71
N GLN KA 140 74.00 15.18 -32.41
CA GLN KA 140 75.00 14.71 -33.36
C GLN KA 140 74.86 13.21 -33.59
N PRO KA 141 75.25 12.72 -34.76
CA PRO KA 141 75.22 11.27 -35.01
C PRO KA 141 76.35 10.56 -34.30
N ALA KA 142 76.26 9.24 -34.29
CA ALA KA 142 77.19 8.41 -33.52
C ALA KA 142 78.59 8.37 -34.11
N ARG KA 143 78.74 8.73 -35.40
CA ARG KA 143 80.04 8.60 -36.05
C ARG KA 143 81.10 9.48 -35.40
N LEU KA 144 80.80 10.77 -35.23
CA LEU KA 144 81.77 11.69 -34.66
C LEU KA 144 82.07 11.35 -33.20
N ILE KA 145 81.05 10.94 -32.45
CA ILE KA 145 81.27 10.51 -31.07
C ILE KA 145 82.25 9.34 -31.04
N ALA KA 146 82.04 8.35 -31.91
CA ALA KA 146 82.92 7.20 -31.95
C ALA KA 146 84.34 7.58 -32.32
N GLU KA 147 84.51 8.44 -33.32
CA GLU KA 147 85.86 8.84 -33.72
C GLU KA 147 86.56 9.62 -32.60
N TYR KA 148 85.84 10.53 -31.95
CA TYR KA 148 86.46 11.31 -30.87
C TYR KA 148 86.84 10.42 -29.70
N VAL KA 149 85.97 9.49 -29.31
CA VAL KA 149 86.27 8.59 -28.21
C VAL KA 149 87.49 7.73 -28.55
N GLY KA 150 87.53 7.21 -29.79
CA GLY KA 150 88.67 6.41 -30.20
C GLY KA 150 89.97 7.21 -30.18
N GLU KA 151 89.93 8.44 -30.68
CA GLU KA 151 91.13 9.26 -30.70
C GLU KA 151 91.63 9.56 -29.29
N LYS KA 152 90.71 9.91 -28.39
CA LYS KA 152 91.12 10.21 -27.01
C LYS KA 152 91.68 8.97 -26.32
N LEU KA 153 91.04 7.81 -26.53
CA LEU KA 153 91.57 6.58 -25.95
C LEU KA 153 92.94 6.25 -26.51
N LEU KA 154 93.15 6.51 -27.80
CA LEU KA 154 94.46 6.29 -28.40
C LEU KA 154 95.52 7.20 -27.76
N GLU KA 155 95.17 8.47 -27.56
CA GLU KA 155 96.13 9.39 -26.91
C GLU KA 155 96.46 8.92 -25.50
N LEU KA 156 95.45 8.51 -24.73
CA LEU KA 156 95.69 8.02 -23.38
C LEU KA 156 96.57 6.77 -23.41
N ARG KA 157 96.31 5.86 -24.35
CA ARG KA 157 97.09 4.63 -24.44
C ARG KA 157 98.55 4.94 -24.77
N ARG KA 158 98.79 5.86 -25.70
CA ARG KA 158 100.17 6.24 -26.01
C ARG KA 158 100.85 6.87 -24.81
N LEU KA 159 100.14 7.74 -24.08
CA LEU KA 159 100.73 8.36 -22.90
C LEU KA 159 101.09 7.32 -21.84
N LEU KA 160 100.16 6.39 -21.58
CA LEU KA 160 100.42 5.36 -20.56
C LEU KA 160 101.57 4.45 -20.98
N GLU KA 161 101.63 4.08 -22.27
CA GLU KA 161 102.73 3.26 -22.75
C GLU KA 161 104.06 4.00 -22.61
N LYS KA 162 104.07 5.31 -22.85
CA LYS KA 162 105.28 6.09 -22.64
C LYS KA 162 105.65 6.13 -21.17
N LEU KA 163 104.66 6.18 -20.28
CA LEU KA 163 104.94 6.20 -18.85
C LEU KA 163 105.59 4.90 -18.39
N GLY KA 164 105.00 3.76 -18.73
CA GLY KA 164 105.57 2.48 -18.35
C GLY KA 164 104.55 1.49 -17.80
N VAL KA 165 103.28 1.85 -17.83
CA VAL KA 165 102.24 0.95 -17.31
C VAL KA 165 102.17 -0.30 -18.18
N PRO KA 166 102.08 -1.50 -17.61
CA PRO KA 166 101.96 -2.69 -18.44
C PRO KA 166 100.68 -2.69 -19.25
N LEU KA 167 100.75 -3.34 -20.41
CA LEU KA 167 99.65 -3.29 -21.37
C LEU KA 167 98.32 -3.80 -20.82
N PRO KA 168 98.24 -4.96 -20.14
CA PRO KA 168 96.93 -5.42 -19.65
C PRO KA 168 96.26 -4.42 -18.73
N GLU KA 169 97.02 -3.76 -17.85
CA GLU KA 169 96.42 -2.76 -16.97
C GLU KA 169 95.93 -1.55 -17.75
N VAL KA 170 96.68 -1.15 -18.78
CA VAL KA 170 96.24 -0.06 -19.65
C VAL KA 170 94.91 -0.40 -20.29
N ILE KA 171 94.80 -1.62 -20.83
CA ILE KA 171 93.56 -2.02 -21.49
C ILE KA 171 92.42 -2.09 -20.48
N ALA KA 172 92.68 -2.59 -19.28
CA ALA KA 172 91.64 -2.65 -18.25
C ALA KA 172 91.15 -1.24 -17.90
N LEU KA 173 92.07 -0.29 -17.78
CA LEU KA 173 91.68 1.09 -17.52
C LEU KA 173 90.86 1.66 -18.67
N LEU KA 174 91.22 1.34 -19.92
CA LEU KA 174 90.48 1.84 -21.06
C LEU KA 174 89.05 1.30 -21.08
N LEU KA 175 88.88 0.00 -20.80
CA LEU KA 175 87.52 -0.51 -20.70
C LEU KA 175 86.78 0.01 -19.49
N ARG KA 176 87.48 0.37 -18.41
CA ARG KA 176 86.81 1.04 -17.30
C ARG KA 176 86.25 2.39 -17.73
N VAL KA 177 87.06 3.17 -18.45
CA VAL KA 177 86.59 4.45 -18.97
C VAL KA 177 85.42 4.25 -19.91
N LEU KA 178 85.53 3.26 -20.79
CA LEU KA 178 84.44 2.98 -21.74
C LEU KA 178 83.17 2.55 -21.02
N GLU KA 179 83.30 1.78 -19.95
CA GLU KA 179 82.14 1.39 -19.15
C GLU KA 179 81.49 2.61 -18.52
N VAL KA 180 82.30 3.54 -18.00
CA VAL KA 180 81.75 4.76 -17.43
C VAL KA 180 80.98 5.55 -18.49
N VAL KA 181 81.58 5.70 -19.67
CA VAL KA 181 80.92 6.46 -20.75
C VAL KA 181 79.63 5.77 -21.17
N GLU KA 182 79.66 4.44 -21.29
CA GLU KA 182 78.46 3.70 -21.70
C GLU KA 182 77.35 3.84 -20.66
N GLU KA 183 77.70 3.76 -19.37
CA GLU KA 183 76.70 3.93 -18.33
C GLU KA 183 76.10 5.33 -18.38
N SER KA 184 76.94 6.34 -18.57
CA SER KA 184 76.43 7.71 -18.69
C SER KA 184 75.49 7.84 -19.88
N LEU KA 185 75.86 7.26 -21.02
CA LEU KA 185 75.02 7.34 -22.21
C LEU KA 185 73.68 6.64 -22.00
N LYS KA 186 73.70 5.45 -21.38
CA LYS KA 186 72.46 4.74 -21.11
C LYS KA 186 71.55 5.54 -20.17
N ALA KA 187 72.14 6.10 -19.11
CA ALA KA 187 71.34 6.85 -18.13
C ALA KA 187 70.81 8.16 -18.71
N MET KA 188 71.54 8.75 -19.66
CA MET KA 188 71.12 10.05 -20.20
C MET KA 188 69.88 9.92 -21.08
N GLY KA 189 69.77 8.85 -21.87
CA GLY KA 189 68.59 8.66 -22.69
C GLY KA 189 68.82 8.10 -24.08
N MET KA 190 70.07 7.85 -24.43
CA MET KA 190 70.38 7.32 -25.77
C MET KA 190 69.76 5.94 -25.97
N GLU KA 191 69.34 5.68 -27.20
CA GLU KA 191 68.82 4.36 -27.53
C GLU KA 191 69.95 3.34 -27.54
N PRO KA 192 69.69 2.11 -27.09
CA PRO KA 192 70.77 1.12 -26.94
C PRO KA 192 71.59 0.86 -28.20
N ARG KA 193 70.97 0.93 -29.38
CA ARG KA 193 71.68 0.56 -30.61
C ARG KA 193 72.85 1.51 -30.87
N GLU KA 194 72.65 2.81 -30.69
CA GLU KA 194 73.73 3.77 -30.91
C GLU KA 194 74.85 3.59 -29.90
N ILE KA 195 74.51 3.31 -28.63
CA ILE KA 195 75.53 3.06 -27.62
C ILE KA 195 76.35 1.84 -28.00
N ASN KA 196 75.67 0.77 -28.43
CA ASN KA 196 76.38 -0.43 -28.86
C ASN KA 196 77.28 -0.12 -30.05
N ARG KA 197 76.79 0.70 -30.99
CA ARG KA 197 77.59 1.04 -32.17
C ARG KA 197 78.86 1.79 -31.78
N VAL KA 198 78.74 2.79 -30.89
CA VAL KA 198 79.91 3.59 -30.54
C VAL KA 198 80.89 2.77 -29.72
N LEU KA 199 80.39 1.93 -28.80
CA LEU KA 199 81.28 1.07 -28.03
C LEU KA 199 82.01 0.09 -28.93
N ALA KA 200 81.30 -0.51 -29.90
CA ALA KA 200 81.94 -1.42 -30.83
C ALA KA 200 82.99 -0.71 -31.67
N ALA KA 201 82.71 0.53 -32.10
CA ALA KA 201 83.69 1.28 -32.87
C ALA KA 201 84.93 1.57 -32.04
N ALA KA 202 84.75 1.93 -30.77
CA ALA KA 202 85.90 2.20 -29.90
C ALA KA 202 86.73 0.94 -29.69
N TYR KA 203 86.07 -0.20 -29.45
CA TYR KA 203 86.79 -1.45 -29.31
C TYR KA 203 87.53 -1.81 -30.59
N LEU KA 204 86.89 -1.56 -31.74
CA LEU KA 204 87.51 -1.89 -33.02
C LEU KA 204 88.75 -1.04 -33.28
N THR KA 205 88.69 0.26 -33.00
CA THR KA 205 89.88 1.07 -33.23
C THR KA 205 90.99 0.72 -32.25
N LEU KA 206 90.64 0.41 -31.00
CA LEU KA 206 91.66 -0.02 -30.04
C LEU KA 206 92.33 -1.31 -30.51
N ALA KA 207 91.54 -2.29 -30.95
CA ALA KA 207 92.10 -3.55 -31.41
C ALA KA 207 92.92 -3.37 -32.68
N ALA KA 208 92.47 -2.49 -33.58
CA ALA KA 208 93.23 -2.22 -34.80
C ALA KA 208 94.58 -1.60 -34.49
N GLU KA 209 94.63 -0.65 -33.56
CA GLU KA 209 95.91 -0.09 -33.15
C GLU KA 209 96.80 -1.16 -32.52
N LEU KA 210 96.22 -2.00 -31.67
CA LEU KA 210 97.01 -3.05 -31.02
C LEU KA 210 97.60 -4.00 -32.05
N LEU KA 211 96.81 -4.40 -33.04
CA LEU KA 211 97.31 -5.29 -34.09
C LEU KA 211 98.37 -4.60 -34.94
N GLU KA 212 98.15 -3.33 -35.30
CA GLU KA 212 99.10 -2.61 -36.14
C GLU KA 212 100.44 -2.43 -35.44
N ARG KA 213 100.42 -2.27 -34.11
CA ARG KA 213 101.68 -2.14 -33.37
C ARG KA 213 102.57 -3.36 -33.56
N LEU KA 214 101.99 -4.54 -33.74
CA LEU KA 214 102.74 -5.77 -33.91
C LEU KA 214 103.18 -6.03 -35.34
N GLY KA 215 102.77 -5.19 -36.29
CA GLY KA 215 103.17 -5.34 -37.68
C GLY KA 215 102.12 -5.93 -38.59
N LEU KA 216 101.03 -6.48 -38.04
CA LEU KA 216 99.95 -7.05 -38.85
C LEU KA 216 99.09 -5.89 -39.40
N THR KA 217 99.67 -5.17 -40.36
CA THR KA 217 99.02 -4.00 -40.91
C THR KA 217 97.78 -4.33 -41.74
N ALA KA 218 97.78 -5.45 -42.46
CA ALA KA 218 96.63 -5.81 -43.27
C ALA KA 218 95.44 -6.21 -42.40
N LEU KA 219 95.69 -6.94 -41.31
CA LEU KA 219 94.62 -7.27 -40.38
C LEU KA 219 94.04 -6.02 -39.75
N ALA KA 220 94.90 -5.07 -39.37
CA ALA KA 220 94.42 -3.80 -38.83
C ALA KA 220 93.60 -3.04 -39.85
N ALA KA 221 94.02 -3.05 -41.12
CA ALA KA 221 93.25 -2.39 -42.17
C ALA KA 221 91.88 -3.04 -42.32
N ARG KA 222 91.81 -4.37 -42.25
CA ARG KA 222 90.53 -5.04 -42.32
C ARG KA 222 89.64 -4.67 -41.13
N ILE KA 223 90.23 -4.55 -39.94
CA ILE KA 223 89.45 -4.15 -38.77
C ILE KA 223 88.90 -2.74 -38.95
N ARG KA 224 89.73 -1.82 -39.48
CA ARG KA 224 89.26 -0.46 -39.72
C ARG KA 224 88.16 -0.44 -40.78
N ARG KA 225 88.29 -1.27 -41.82
CA ARG KA 225 87.22 -1.36 -42.81
C ARG KA 225 85.92 -1.85 -42.18
N ALA KA 226 86.01 -2.84 -41.29
CA ALA KA 226 84.83 -3.33 -40.59
C ALA KA 226 84.21 -2.23 -39.73
N ARG KA 227 85.04 -1.45 -39.05
CA ARG KA 227 84.52 -0.35 -38.24
C ARG KA 227 83.82 0.69 -39.10
N GLU KA 228 84.43 1.04 -40.24
CA GLU KA 228 83.82 2.03 -41.12
C GLU KA 228 82.50 1.54 -41.70
N LEU KA 229 82.42 0.25 -42.06
CA LEU KA 229 81.15 -0.30 -42.52
C LEU KA 229 80.12 -0.33 -41.41
N LEU KA 230 80.55 -0.56 -40.16
CA LEU KA 230 79.63 -0.55 -39.04
C LEU KA 230 79.06 0.85 -38.81
N LEU KA 231 79.90 1.88 -38.90
CA LEU KA 231 79.46 3.25 -38.64
C LEU KA 231 78.56 3.79 -39.74
N ALA KA 232 78.53 3.16 -40.91
CA ALA KA 232 77.72 3.61 -42.03
C ALA KA 232 76.36 2.93 -42.10
N GLY KA 233 76.01 2.12 -41.11
CA GLY KA 233 74.74 1.41 -41.09
C GLY KA 233 74.79 0.01 -41.66
N ARG KA 234 75.88 -0.36 -42.32
CA ARG KA 234 76.04 -1.71 -42.89
C ARG KA 234 76.51 -2.63 -41.76
N VAL KA 235 75.54 -3.25 -41.09
CA VAL KA 235 75.84 -4.01 -39.88
C VAL KA 235 76.33 -5.42 -40.22
N GLU KA 236 75.57 -6.14 -41.06
CA GLU KA 236 75.88 -7.53 -41.32
C GLU KA 236 77.21 -7.70 -42.06
N GLU KA 237 77.50 -6.81 -43.00
CA GLU KA 237 78.77 -6.89 -43.72
C GLU KA 237 79.94 -6.68 -42.78
N ALA KA 238 79.83 -5.70 -41.88
CA ALA KA 238 80.87 -5.48 -40.88
C ALA KA 238 80.99 -6.69 -39.95
N LEU KA 239 79.86 -7.28 -39.58
CA LEU KA 239 79.88 -8.47 -38.73
C LEU KA 239 80.66 -9.60 -39.40
N HIS KA 240 80.39 -9.87 -40.68
CA HIS KA 240 81.07 -10.96 -41.35
C HIS KA 240 82.55 -10.65 -41.55
N LEU KA 241 82.89 -9.41 -41.90
CA LEU KA 241 84.29 -9.04 -42.02
C LEU KA 241 85.02 -9.24 -40.70
N LEU KA 242 84.38 -8.84 -39.60
CA LEU KA 242 84.99 -9.00 -38.29
C LEU KA 242 85.16 -10.48 -37.93
N GLN KA 243 84.16 -11.31 -38.27
CA GLN KA 243 84.27 -12.74 -38.00
C GLN KA 243 85.42 -13.36 -38.78
N ASP KA 244 85.57 -12.99 -40.05
CA ASP KA 244 86.68 -13.51 -40.84
C ASP KA 244 88.01 -13.07 -40.26
N ALA KA 245 88.10 -11.81 -39.84
CA ALA KA 245 89.33 -11.32 -39.20
C ALA KA 245 89.61 -12.09 -37.92
N VAL KA 246 88.58 -12.39 -37.14
CA VAL KA 246 88.74 -13.14 -35.90
C VAL KA 246 89.27 -14.54 -36.19
N GLU KA 247 88.71 -15.21 -37.21
CA GLU KA 247 89.19 -16.54 -37.55
C GLU KA 247 90.65 -16.51 -37.99
N LEU KA 248 91.03 -15.51 -38.79
CA LEU KA 248 92.42 -15.43 -39.23
C LEU KA 248 93.35 -15.14 -38.05
N LEU KA 249 92.91 -14.28 -37.13
CA LEU KA 249 93.69 -14.00 -35.93
C LEU KA 249 93.84 -15.25 -35.07
N HIS KA 250 92.77 -16.04 -34.95
CA HIS KA 250 92.87 -17.30 -34.21
C HIS KA 250 93.84 -18.26 -34.87
N GLU KA 251 93.82 -18.32 -36.22
CA GLU KA 251 94.79 -19.14 -36.94
C GLU KA 251 96.22 -18.71 -36.60
N ARG KA 252 96.49 -17.41 -36.66
CA ARG KA 252 97.83 -16.92 -36.34
C ARG KA 252 98.21 -17.23 -34.89
N ILE KA 253 97.28 -17.02 -33.96
CA ILE KA 253 97.58 -17.22 -32.54
C ILE KA 253 97.89 -18.68 -32.27
N ARG KA 254 97.08 -19.60 -32.80
CA ARG KA 254 97.33 -21.02 -32.59
C ARG KA 254 98.50 -21.54 -33.41
N GLU KA 255 98.93 -20.81 -34.45
CA GLU KA 255 100.17 -21.17 -35.12
C GLU KA 255 101.39 -20.76 -34.31
N LEU KA 256 101.32 -19.60 -33.65
CA LEU KA 256 102.46 -19.15 -32.85
C LEU KA 256 102.68 -20.04 -31.63
N GLY KA 257 101.60 -20.43 -30.97
CA GLY KA 257 101.70 -21.29 -29.79
C GLY KA 257 101.59 -20.47 -28.51
N PHE KA 258 102.46 -20.77 -27.55
CA PHE KA 258 102.48 -20.08 -26.27
C PHE KA 258 103.42 -18.88 -26.24
N GLU KA 259 104.10 -18.60 -27.35
CA GLU KA 259 104.96 -17.43 -27.46
C GLU KA 259 104.26 -16.25 -28.11
N ALA KA 260 102.93 -16.26 -28.13
CA ALA KA 260 102.18 -15.17 -28.74
C ALA KA 260 102.29 -13.92 -27.87
N PRO KA 261 102.70 -12.78 -28.43
CA PRO KA 261 102.74 -11.54 -27.64
C PRO KA 261 101.36 -11.17 -27.12
N GLU KA 262 101.36 -10.45 -25.99
CA GLU KA 262 100.10 -10.07 -25.34
C GLU KA 262 99.21 -9.22 -26.25
N GLU KA 263 99.80 -8.58 -27.26
CA GLU KA 263 99.00 -7.77 -28.18
C GLU KA 263 97.94 -8.60 -28.88
N LEU KA 264 98.32 -9.80 -29.35
CA LEU KA 264 97.36 -10.65 -30.05
C LEU KA 264 96.22 -11.09 -29.14
N LEU KA 265 96.53 -11.49 -27.91
CA LEU KA 265 95.49 -11.94 -26.98
C LEU KA 265 94.55 -10.79 -26.61
N LEU KA 266 95.11 -9.62 -26.32
CA LEU KA 266 94.26 -8.48 -25.97
C LEU KA 266 93.40 -8.05 -27.16
N ALA KA 267 93.97 -8.06 -28.36
CA ALA KA 267 93.19 -7.74 -29.55
C ALA KA 267 92.09 -8.76 -29.77
N ASP KA 268 92.37 -10.05 -29.52
CA ASP KA 268 91.34 -11.07 -29.66
C ASP KA 268 90.19 -10.85 -28.68
N LEU KA 269 90.52 -10.53 -27.43
CA LEU KA 269 89.46 -10.26 -26.45
C LEU KA 269 88.63 -9.04 -26.87
N LEU KA 270 89.29 -7.97 -27.31
CA LEU KA 270 88.57 -6.79 -27.75
C LEU KA 270 87.69 -7.09 -28.95
N LEU KA 271 88.19 -7.90 -29.89
CA LEU KA 271 87.40 -8.27 -31.05
C LEU KA 271 86.20 -9.11 -30.66
N GLN KA 272 86.34 -9.99 -29.66
CA GLN KA 272 85.19 -10.76 -29.21
C GLN KA 272 84.14 -9.87 -28.57
N ARG KA 273 84.57 -8.90 -27.76
CA ARG KA 273 83.60 -7.96 -27.20
C ARG KA 273 82.91 -7.15 -28.29
N ALA KA 274 83.67 -6.73 -29.31
CA ALA KA 274 83.07 -6.03 -30.44
C ALA KA 274 82.08 -6.92 -31.19
N LEU KA 275 82.42 -8.20 -31.35
CA LEU KA 275 81.50 -9.15 -31.99
C LEU KA 275 80.19 -9.24 -31.21
N GLU KA 276 80.29 -9.38 -29.89
CA GLU KA 276 79.08 -9.47 -29.08
C GLU KA 276 78.24 -8.19 -29.19
N LEU KA 277 78.90 -7.03 -29.11
CA LEU KA 277 78.17 -5.77 -29.18
C LEU KA 277 77.50 -5.59 -30.54
N ILE KA 278 78.20 -5.93 -31.62
CA ILE KA 278 77.63 -5.79 -32.96
C ILE KA 278 76.47 -6.76 -33.15
N SER KA 279 76.60 -7.99 -32.65
CA SER KA 279 75.52 -8.95 -32.75
C SER KA 279 74.29 -8.49 -31.98
N SER KA 280 74.50 -7.87 -30.81
CA SER KA 280 73.38 -7.39 -30.02
C SER KA 280 72.67 -6.18 -30.63
N ILE KA 281 73.25 -5.57 -31.66
CA ILE KA 281 72.64 -4.41 -32.30
C ILE KA 281 71.33 -4.82 -32.96
N THR LA 24 106.56 -38.04 7.36
CA THR LA 24 105.98 -39.01 8.28
C THR LA 24 104.53 -39.31 7.89
N VAL LA 25 103.94 -38.39 7.13
CA VAL LA 25 102.61 -38.52 6.54
C VAL LA 25 101.52 -38.47 7.60
N GLU LA 26 101.63 -39.30 8.64
CA GLU LA 26 100.64 -39.28 9.70
C GLU LA 26 100.65 -37.95 10.44
N GLU LA 27 101.85 -37.50 10.85
CA GLU LA 27 101.98 -36.20 11.48
C GLU LA 27 101.40 -35.10 10.61
N GLU LA 28 101.50 -35.24 9.28
CA GLU LA 28 100.86 -34.29 8.39
C GLU LA 28 99.36 -34.29 8.58
N VAL LA 29 98.75 -35.47 8.77
CA VAL LA 29 97.30 -35.53 8.95
C VAL LA 29 96.88 -34.88 10.27
N ILE LA 30 97.59 -35.21 11.36
CA ILE LA 30 97.24 -34.62 12.65
C ILE LA 30 97.43 -33.10 12.61
N ARG LA 31 98.55 -32.64 12.05
CA ARG LA 31 98.77 -31.20 11.93
C ARG LA 31 97.74 -30.55 11.02
N PHE LA 32 97.29 -31.25 9.98
CA PHE LA 32 96.24 -30.71 9.12
C PHE LA 32 94.96 -30.48 9.91
N ALA LA 33 94.56 -31.46 10.72
CA ALA LA 33 93.35 -31.31 11.52
C ALA LA 33 93.48 -30.16 12.51
N GLU LA 34 94.61 -30.11 13.24
CA GLU LA 34 94.79 -29.05 14.23
C GLU LA 34 94.85 -27.67 13.59
N GLU LA 35 95.58 -27.56 12.47
CA GLU LA 35 95.68 -26.28 11.78
C GLU LA 35 94.35 -25.85 11.19
N LEU LA 36 93.54 -26.81 10.72
CA LEU LA 36 92.22 -26.47 10.22
C LEU LA 36 91.34 -25.90 11.33
N ALA LA 37 91.37 -26.54 12.51
CA ALA LA 37 90.61 -26.01 13.64
C ALA LA 37 91.11 -24.63 14.05
N GLU LA 38 92.43 -24.45 14.08
CA GLU LA 38 92.99 -23.15 14.44
C GLU LA 38 92.62 -22.09 13.40
N GLU LA 39 92.53 -22.47 12.13
CA GLU LA 39 92.13 -21.53 11.09
C GLU LA 39 90.66 -21.13 11.25
N ILE LA 40 89.80 -22.08 11.60
CA ILE LA 40 88.41 -21.72 11.92
C ILE LA 40 88.39 -20.71 13.06
N ARG LA 41 89.18 -20.97 14.12
CA ARG LA 41 89.20 -20.07 15.26
C ARG LA 41 89.71 -18.69 14.87
N ARG LA 42 90.76 -18.64 14.05
CA ARG LA 42 91.33 -17.35 13.63
C ARG LA 42 90.35 -16.56 12.76
N VAL LA 43 89.69 -17.23 11.81
CA VAL LA 43 88.80 -16.53 10.90
C VAL LA 43 87.55 -16.06 11.62
N THR LA 44 86.97 -16.89 12.48
CA THR LA 44 85.70 -16.56 13.12
C THR LA 44 85.82 -16.27 14.61
N GLY LA 45 86.51 -17.13 15.37
CA GLY LA 45 86.60 -16.94 16.80
C GLY LA 45 85.79 -17.95 17.59
N GLU LA 46 84.86 -17.45 18.41
CA GLU LA 46 83.99 -18.32 19.21
C GLU LA 46 82.54 -18.24 18.77
N ALA LA 47 82.27 -17.56 17.65
CA ALA LA 47 80.92 -17.53 17.10
C ALA LA 47 80.54 -18.85 16.44
N TYR LA 48 81.52 -19.58 15.89
CA TYR LA 48 81.31 -20.90 15.30
C TYR LA 48 82.25 -21.85 16.03
N ARG LA 49 81.79 -22.40 17.16
CA ARG LA 49 82.59 -23.31 17.97
C ARG LA 49 82.20 -24.77 17.77
N GLU LA 50 80.96 -25.05 17.39
CA GLU LA 50 80.56 -26.42 17.09
C GLU LA 50 81.33 -26.97 15.90
N TYR LA 51 81.60 -26.13 14.91
CA TYR LA 51 82.39 -26.56 13.77
C TYR LA 51 83.81 -26.92 14.18
N ALA LA 52 84.42 -26.12 15.05
CA ALA LA 52 85.75 -26.45 15.56
C ALA LA 52 85.74 -27.74 16.36
N GLU LA 53 84.70 -27.93 17.18
CA GLU LA 53 84.56 -29.18 17.93
C GLU LA 53 84.47 -30.37 16.99
N ALA LA 54 83.66 -30.25 15.93
CA ALA LA 54 83.52 -31.34 14.97
C ALA LA 54 84.83 -31.62 14.25
N VAL LA 55 85.56 -30.56 13.89
CA VAL LA 55 86.84 -30.75 13.20
C VAL LA 55 87.84 -31.45 14.11
N ARG LA 56 87.89 -31.06 15.38
CA ARG LA 56 88.79 -31.74 16.32
C ARG LA 56 88.38 -33.19 16.54
N HIS LA 57 87.08 -33.46 16.59
CA HIS LA 57 86.60 -34.83 16.70
C HIS LA 57 87.03 -35.66 15.48
N LEU LA 58 86.89 -35.10 14.29
CA LEU LA 58 87.30 -35.81 13.07
C LEU LA 58 88.80 -36.02 13.05
N GLY LA 59 89.58 -35.06 13.54
CA GLY LA 59 91.02 -35.26 13.65
C GLY LA 59 91.36 -36.38 14.61
N GLU LA 60 90.64 -36.46 15.73
CA GLU LA 60 90.84 -37.57 16.66
C GLU LA 60 90.49 -38.91 16.01
N ALA LA 61 89.41 -38.93 15.23
CA ALA LA 61 89.05 -40.16 14.51
C ALA LA 61 90.13 -40.56 13.52
N ALA LA 62 90.66 -39.58 12.77
CA ALA LA 62 91.71 -39.87 11.81
C ALA LA 62 92.97 -40.38 12.51
N LYS LA 63 93.28 -39.83 13.68
CA LYS LA 63 94.39 -40.36 14.47
C LYS LA 63 94.12 -41.79 14.89
N ALA LA 64 92.89 -42.08 15.33
CA ALA LA 64 92.55 -43.42 15.81
C ALA LA 64 92.65 -44.44 14.68
N VAL LA 65 92.24 -44.06 13.46
CA VAL LA 65 92.30 -44.97 12.33
C VAL LA 65 93.73 -45.45 12.10
N LEU LA 66 94.70 -44.54 12.26
CA LEU LA 66 96.08 -44.80 11.86
C LEU LA 66 96.80 -45.78 12.77
N GLU LA 67 96.23 -46.12 13.94
CA GLU LA 67 96.86 -47.10 14.81
C GLU LA 67 96.31 -48.52 14.62
N GLY LA 68 95.05 -48.65 14.21
CA GLY LA 68 94.47 -49.96 14.01
C GLY LA 68 93.06 -50.06 14.56
N ASN LA 69 92.73 -49.21 15.54
CA ASN LA 69 91.40 -49.22 16.14
C ASN LA 69 90.39 -48.70 15.12
N SER LA 70 89.47 -49.55 14.70
CA SER LA 70 88.49 -49.21 13.67
C SER LA 70 87.09 -49.03 14.20
N VAL LA 71 86.83 -49.34 15.46
CA VAL LA 71 85.49 -49.14 16.03
C VAL LA 71 85.38 -47.79 16.71
N GLU LA 72 86.45 -47.34 17.38
CA GLU LA 72 86.47 -46.00 17.93
C GLU LA 72 86.28 -44.96 16.85
N ALA LA 73 86.83 -45.20 15.66
CA ALA LA 73 86.62 -44.28 14.54
C ALA LA 73 85.14 -44.20 14.17
N ASP LA 74 84.46 -45.34 14.13
CA ASP LA 74 83.03 -45.35 13.84
C ASP LA 74 82.24 -44.60 14.90
N LEU LA 75 82.60 -44.80 16.17
CA LEU LA 75 81.90 -44.10 17.25
C LEU LA 75 82.11 -42.60 17.16
N ILE LA 76 83.34 -42.17 16.85
CA ILE LA 76 83.61 -40.74 16.74
C ILE LA 76 82.90 -40.15 15.53
N VAL LA 77 82.82 -40.90 14.43
CA VAL LA 77 82.10 -40.40 13.25
C VAL LA 77 80.62 -40.26 13.55
N THR LA 78 80.05 -41.19 14.33
CA THR LA 78 78.65 -41.05 14.74
C THR LA 78 78.46 -39.84 15.64
N ASP LA 79 79.44 -39.58 16.53
CA ASP LA 79 79.37 -38.39 17.37
C ASP LA 79 79.38 -37.12 16.50
N VAL LA 80 80.25 -37.08 15.51
CA VAL LA 80 80.31 -35.93 14.60
C VAL LA 80 78.99 -35.79 13.83
N LEU LA 81 78.41 -36.93 13.44
CA LEU LA 81 77.11 -36.90 12.77
C LEU LA 81 76.04 -36.30 13.65
N ARG LA 82 76.02 -36.66 14.94
CA ARG LA 82 75.07 -36.07 15.86
C ARG LA 82 75.31 -34.57 16.01
N LEU LA 83 76.58 -34.16 16.09
CA LEU LA 83 76.90 -32.74 16.22
C LEU LA 83 76.40 -31.96 15.00
N LEU LA 84 76.64 -32.49 13.80
CA LEU LA 84 76.21 -31.80 12.59
C LEU LA 84 74.69 -31.82 12.45
N GLU LA 85 74.03 -32.88 12.92
CA GLU LA 85 72.58 -32.91 12.92
C GLU LA 85 72.02 -31.85 13.85
N ARG LA 86 72.65 -31.64 15.00
CA ARG LA 86 72.25 -30.54 15.87
C ARG LA 86 72.54 -29.18 15.24
N ILE LA 87 73.62 -29.08 14.47
CA ILE LA 87 73.97 -27.80 13.83
C ILE LA 87 72.89 -27.41 12.83
N GLY LA 88 72.51 -28.32 11.95
CA GLY LA 88 71.43 -28.06 11.01
C GLY LA 88 71.88 -27.69 9.61
N GLU LA 89 72.86 -28.40 9.07
CA GLU LA 89 73.34 -28.18 7.70
C GLU LA 89 73.06 -29.46 6.91
N GLU LA 90 72.03 -29.43 6.06
CA GLU LA 90 71.53 -30.65 5.43
C GLU LA 90 72.58 -31.33 4.58
N GLY LA 91 73.29 -30.56 3.74
CA GLY LA 91 74.32 -31.16 2.91
C GLY LA 91 75.45 -31.74 3.72
N LEU LA 92 75.84 -31.04 4.80
CA LEU LA 92 76.88 -31.56 5.66
C LEU LA 92 76.46 -32.85 6.35
N VAL LA 93 75.20 -32.93 6.77
CA VAL LA 93 74.70 -34.16 7.39
C VAL LA 93 74.68 -35.31 6.37
N LYS LA 94 74.27 -35.01 5.13
CA LYS LA 94 74.27 -36.04 4.09
C LYS LA 94 75.68 -36.56 3.84
N LEU LA 95 76.65 -35.65 3.73
CA LEU LA 95 78.03 -36.06 3.54
C LEU LA 95 78.53 -36.86 4.75
N ALA LA 96 78.09 -36.48 5.94
CA ALA LA 96 78.50 -37.21 7.14
C ALA LA 96 77.96 -38.63 7.13
N ARG LA 97 76.70 -38.81 6.72
CA ARG LA 97 76.13 -40.16 6.64
C ARG LA 97 76.87 -41.01 5.61
N GLU LA 98 77.15 -40.42 4.43
CA GLU LA 98 77.87 -41.17 3.40
C GLU LA 98 79.26 -41.55 3.87
N VAL LA 99 79.95 -40.62 4.54
CA VAL LA 99 81.28 -40.91 5.08
C VAL LA 99 81.19 -42.02 6.12
N HIS LA 100 80.19 -41.96 6.99
CA HIS LA 100 80.00 -43.00 7.99
C HIS LA 100 79.90 -44.38 7.34
N GLU LA 101 78.98 -44.52 6.37
CA GLU LA 101 78.76 -45.82 5.74
C GLU LA 101 80.02 -46.30 5.02
N ARG LA 102 80.58 -45.45 4.15
CA ARG LA 102 81.73 -45.87 3.35
C ARG LA 102 82.94 -46.17 4.23
N SER LA 103 83.18 -45.33 5.25
CA SER LA 103 84.31 -45.56 6.15
C SER LA 103 84.14 -46.85 6.92
N PHE LA 104 82.93 -47.14 7.40
CA PHE LA 104 82.70 -48.40 8.10
C PHE LA 104 83.00 -49.58 7.19
N GLU LA 105 82.47 -49.55 5.96
CA GLU LA 105 82.67 -50.67 5.04
C GLU LA 105 84.16 -50.84 4.71
N LEU LA 106 84.84 -49.74 4.39
CA LEU LA 106 86.24 -49.82 4.00
C LEU LA 106 87.12 -50.26 5.17
N LEU LA 107 86.85 -49.77 6.38
CA LEU LA 107 87.63 -50.16 7.54
C LEU LA 107 87.39 -51.62 7.89
N ARG LA 108 86.17 -52.13 7.71
CA ARG LA 108 85.94 -53.55 7.86
C ARG LA 108 86.74 -54.34 6.82
N LYS LA 109 86.74 -53.88 5.56
CA LYS LA 109 87.49 -54.56 4.53
C LYS LA 109 89.00 -54.38 4.72
N GLY LA 110 89.44 -53.16 5.03
CA GLY LA 110 90.85 -52.92 5.29
C GLY LA 110 91.44 -51.76 4.52
N ASN LA 111 90.60 -50.96 3.87
CA ASN LA 111 91.08 -49.81 3.10
C ASN LA 111 91.24 -48.61 4.03
N ARG LA 112 92.40 -48.58 4.68
CA ARG LA 112 92.69 -47.49 5.63
C ARG LA 112 92.78 -46.14 4.92
N VAL LA 113 93.43 -46.11 3.76
CA VAL LA 113 93.74 -44.85 3.09
C VAL LA 113 92.47 -44.13 2.66
N GLU LA 114 91.52 -44.87 2.09
CA GLU LA 114 90.29 -44.23 1.63
C GLU LA 114 89.43 -43.75 2.80
N ALA LA 115 89.43 -44.49 3.91
CA ALA LA 115 88.74 -44.01 5.10
C ALA LA 115 89.35 -42.71 5.62
N LEU LA 116 90.70 -42.65 5.66
CA LEU LA 116 91.36 -41.42 6.04
C LEU LA 116 91.00 -40.27 5.11
N ALA LA 117 90.97 -40.55 3.80
CA ALA LA 117 90.61 -39.53 2.83
C ALA LA 117 89.19 -39.02 3.05
N LEU LA 118 88.25 -39.94 3.33
CA LEU LA 118 86.88 -39.52 3.57
C LEU LA 118 86.76 -38.68 4.83
N ILE LA 119 87.48 -39.07 5.90
CA ILE LA 119 87.43 -38.29 7.14
C ILE LA 119 87.99 -36.88 6.91
N LEU LA 120 89.12 -36.79 6.20
CA LEU LA 120 89.71 -35.49 5.93
C LEU LA 120 88.81 -34.64 5.04
N ALA LA 121 88.15 -35.27 4.05
CA ALA LA 121 87.22 -34.53 3.21
C ALA LA 121 86.05 -33.99 4.01
N LEU LA 122 85.52 -34.79 4.94
CA LEU LA 122 84.44 -34.30 5.79
C LEU LA 122 84.89 -33.14 6.66
N ALA LA 123 86.09 -33.24 7.23
CA ALA LA 123 86.61 -32.15 8.06
C ALA LA 123 86.77 -30.87 7.25
N LEU LA 124 87.33 -30.98 6.04
CA LEU LA 124 87.48 -29.81 5.19
C LEU LA 124 86.13 -29.23 4.79
N ALA LA 125 85.14 -30.09 4.54
CA ALA LA 125 83.82 -29.60 4.19
C ALA LA 125 83.21 -28.80 5.33
N VAL LA 126 83.34 -29.30 6.56
CA VAL LA 126 82.82 -28.56 7.71
C VAL LA 126 83.54 -27.22 7.85
N ALA LA 127 84.86 -27.24 7.72
CA ALA LA 127 85.63 -26.00 7.88
C ALA LA 127 85.25 -24.98 6.82
N LEU LA 128 85.14 -25.40 5.56
CA LEU LA 128 84.80 -24.47 4.49
C LEU LA 128 83.37 -23.98 4.62
N THR LA 129 82.46 -24.82 5.09
CA THR LA 129 81.09 -24.37 5.33
C THR LA 129 81.07 -23.27 6.38
N ALA LA 130 81.78 -23.47 7.49
CA ALA LA 130 81.82 -22.45 8.54
C ALA LA 130 82.43 -21.15 8.02
N VAL LA 131 83.56 -21.26 7.32
CA VAL LA 131 84.25 -20.07 6.82
C VAL LA 131 83.38 -19.31 5.82
N SER LA 132 82.75 -20.03 4.89
CA SER LA 132 81.90 -19.37 3.90
C SER LA 132 80.69 -18.71 4.56
N LYS LA 133 80.11 -19.37 5.56
CA LYS LA 133 78.98 -18.76 6.27
C LYS LA 133 79.41 -17.48 6.96
N ALA LA 134 80.58 -17.49 7.62
CA ALA LA 134 81.06 -16.29 8.29
C ALA LA 134 81.33 -15.17 7.28
N PHE LA 135 81.98 -15.50 6.16
CA PHE LA 135 82.31 -14.49 5.16
C PHE LA 135 81.05 -13.89 4.55
N PHE LA 136 80.04 -14.72 4.26
CA PHE LA 136 78.80 -14.19 3.70
C PHE LA 136 78.05 -13.34 4.72
N LEU LA 137 78.04 -13.75 5.99
CA LEU LA 137 77.36 -12.95 7.01
C LEU LA 137 78.03 -11.60 7.19
N LEU LA 138 79.37 -11.56 7.16
CA LEU LA 138 80.07 -10.29 7.28
C LEU LA 138 79.73 -9.36 6.12
N GLY LA 139 79.68 -9.91 4.91
CA GLY LA 139 79.41 -9.10 3.73
C GLY LA 139 80.60 -9.04 2.79
N GLN LA 140 81.53 -9.98 2.98
CA GLN LA 140 82.75 -9.99 2.19
C GLN LA 140 82.45 -10.30 0.73
N PRO LA 141 83.20 -9.71 -0.20
CA PRO LA 141 83.01 -10.07 -1.61
C PRO LA 141 83.53 -11.47 -1.91
N ALA LA 142 83.16 -11.96 -3.10
CA ALA LA 142 83.40 -13.35 -3.46
C ALA LA 142 84.87 -13.66 -3.74
N ARG LA 143 85.69 -12.63 -3.97
CA ARG LA 143 87.09 -12.88 -4.35
C ARG LA 143 87.85 -13.62 -3.27
N LEU LA 144 87.80 -13.11 -2.03
CA LEU LA 144 88.56 -13.74 -0.95
C LEU LA 144 87.99 -15.10 -0.58
N ILE LA 145 86.67 -15.25 -0.66
CA ILE LA 145 86.06 -16.57 -0.45
C ILE LA 145 86.61 -17.57 -1.45
N ALA LA 146 86.66 -17.18 -2.73
CA ALA LA 146 87.17 -18.07 -3.76
C ALA LA 146 88.64 -18.41 -3.52
N GLU LA 147 89.45 -17.42 -3.18
CA GLU LA 147 90.88 -17.69 -2.92
C GLU LA 147 91.06 -18.63 -1.74
N TYR LA 148 90.32 -18.41 -0.65
CA TYR LA 148 90.46 -19.28 0.51
C TYR LA 148 90.01 -20.70 0.20
N VAL LA 149 88.89 -20.84 -0.51
CA VAL LA 149 88.41 -22.18 -0.87
C VAL LA 149 89.43 -22.89 -1.74
N GLY LA 150 89.97 -22.18 -2.73
CA GLY LA 150 90.99 -22.78 -3.58
C GLY LA 150 92.23 -23.19 -2.81
N GLU LA 151 92.69 -22.34 -1.89
CA GLU LA 151 93.88 -22.68 -1.11
C GLU LA 151 93.64 -23.91 -0.25
N LYS LA 152 92.48 -23.98 0.42
CA LYS LA 152 92.19 -25.13 1.27
C LYS LA 152 92.06 -26.40 0.45
N LEU LA 153 91.42 -26.32 -0.73
CA LEU LA 153 91.32 -27.49 -1.60
C LEU LA 153 92.69 -27.93 -2.07
N LEU LA 154 93.58 -26.99 -2.37
CA LEU LA 154 94.95 -27.33 -2.76
C LEU LA 154 95.68 -28.04 -1.63
N GLU LA 155 95.53 -27.55 -0.39
CA GLU LA 155 96.17 -28.21 0.73
C GLU LA 155 95.66 -29.64 0.92
N LEU LA 156 94.33 -29.82 0.81
CA LEU LA 156 93.78 -31.16 0.94
C LEU LA 156 94.26 -32.06 -0.19
N ARG LA 157 94.35 -31.53 -1.41
CA ARG LA 157 94.82 -32.34 -2.53
C ARG LA 157 96.26 -32.78 -2.32
N ARG LA 158 97.12 -31.87 -1.86
CA ARG LA 158 98.51 -32.25 -1.59
C ARG LA 158 98.58 -33.31 -0.50
N LEU LA 159 97.79 -33.15 0.57
CA LEU LA 159 97.79 -34.13 1.64
C LEU LA 159 97.36 -35.51 1.14
N LEU LA 160 96.27 -35.55 0.37
CA LEU LA 160 95.77 -36.82 -0.13
C LEU LA 160 96.76 -37.47 -1.10
N GLU LA 161 97.38 -36.67 -1.97
CA GLU LA 161 98.39 -37.21 -2.88
C GLU LA 161 99.58 -37.76 -2.11
N LYS LA 162 99.97 -37.11 -1.01
CA LYS LA 162 101.03 -37.64 -0.18
C LYS LA 162 100.61 -38.94 0.50
N LEU LA 163 99.32 -39.05 0.87
CA LEU LA 163 98.83 -40.26 1.49
C LEU LA 163 98.88 -41.45 0.54
N GLY LA 164 98.35 -41.29 -0.67
CA GLY LA 164 98.38 -42.37 -1.64
C GLY LA 164 97.07 -42.60 -2.36
N VAL LA 165 96.07 -41.75 -2.11
CA VAL LA 165 94.77 -41.92 -2.74
C VAL LA 165 94.91 -41.70 -4.25
N PRO LA 166 94.31 -42.53 -5.10
CA PRO LA 166 94.37 -42.30 -6.54
C PRO LA 166 93.71 -40.98 -6.92
N LEU LA 167 94.26 -40.37 -7.97
CA LEU LA 167 93.84 -39.01 -8.34
C LEU LA 167 92.36 -38.88 -8.67
N PRO LA 168 91.73 -39.78 -9.44
CA PRO LA 168 90.28 -39.62 -9.69
C PRO LA 168 89.45 -39.58 -8.43
N GLU LA 169 89.80 -40.40 -7.42
CA GLU LA 169 89.05 -40.38 -6.18
C GLU LA 169 89.27 -39.07 -5.43
N VAL LA 170 90.50 -38.54 -5.48
CA VAL LA 170 90.77 -37.24 -4.87
C VAL LA 170 89.90 -36.16 -5.50
N ILE LA 171 89.83 -36.16 -6.83
CA ILE LA 171 89.03 -35.15 -7.52
C ILE LA 171 87.55 -35.32 -7.20
N ALA LA 172 87.08 -36.57 -7.11
CA ALA LA 172 85.69 -36.80 -6.74
C ALA LA 172 85.39 -36.29 -5.34
N LEU LA 173 86.32 -36.51 -4.39
CA LEU LA 173 86.13 -36.00 -3.03
C LEU LA 173 86.10 -34.47 -3.01
N LEU LA 174 87.00 -33.84 -3.78
CA LEU LA 174 87.01 -32.37 -3.83
C LEU LA 174 85.73 -31.84 -4.43
N LEU LA 175 85.22 -32.49 -5.47
CA LEU LA 175 83.94 -32.07 -6.04
C LEU LA 175 82.79 -32.28 -5.07
N ARG LA 176 82.84 -33.34 -4.26
CA ARG LA 176 81.82 -33.53 -3.24
C ARG LA 176 81.86 -32.41 -2.20
N VAL LA 177 83.06 -32.02 -1.77
CA VAL LA 177 83.21 -30.91 -0.83
C VAL LA 177 82.66 -29.62 -1.44
N LEU LA 178 83.00 -29.38 -2.71
CA LEU LA 178 82.50 -28.17 -3.38
C LEU LA 178 80.99 -28.21 -3.53
N GLU LA 179 80.41 -29.38 -3.78
CA GLU LA 179 78.96 -29.50 -3.84
C GLU LA 179 78.33 -29.16 -2.49
N VAL LA 180 78.93 -29.65 -1.40
CA VAL LA 180 78.42 -29.33 -0.07
C VAL LA 180 78.47 -27.83 0.17
N VAL LA 181 79.60 -27.20 -0.19
CA VAL LA 181 79.75 -25.75 0.03
C VAL LA 181 78.73 -24.98 -0.81
N GLU LA 182 78.53 -25.39 -2.06
CA GLU LA 182 77.56 -24.72 -2.92
C GLU LA 182 76.15 -24.86 -2.37
N GLU LA 183 75.80 -26.05 -1.87
CA GLU LA 183 74.48 -26.25 -1.30
C GLU LA 183 74.28 -25.36 -0.08
N SER LA 184 75.30 -25.28 0.79
CA SER LA 184 75.20 -24.42 1.96
C SER LA 184 75.01 -22.95 1.56
N LEU LA 185 75.81 -22.49 0.59
CA LEU LA 185 75.71 -21.10 0.16
C LEU LA 185 74.35 -20.81 -0.46
N LYS LA 186 73.85 -21.73 -1.28
CA LYS LA 186 72.54 -21.54 -1.91
C LYS LA 186 71.43 -21.50 -0.87
N ALA LA 187 71.50 -22.39 0.13
CA ALA LA 187 70.48 -22.43 1.16
C ALA LA 187 70.53 -21.21 2.07
N MET LA 188 71.72 -20.65 2.31
CA MET LA 188 71.82 -19.50 3.20
C MET LA 188 71.12 -18.27 2.63
N GLY LA 189 71.24 -18.03 1.32
CA GLY LA 189 70.60 -16.88 0.73
C GLY LA 189 71.42 -16.13 -0.29
N MET LA 190 72.63 -16.63 -0.57
CA MET LA 190 73.50 -15.99 -1.55
C MET LA 190 72.85 -15.99 -2.93
N GLU LA 191 73.09 -14.91 -3.68
CA GLU LA 191 72.59 -14.82 -5.04
C GLU LA 191 73.34 -15.82 -5.93
N PRO LA 192 72.64 -16.47 -6.87
CA PRO LA 192 73.27 -17.54 -7.65
C PRO LA 192 74.54 -17.13 -8.40
N ARG LA 193 74.62 -15.87 -8.85
CA ARG LA 193 75.77 -15.47 -9.66
C ARG LA 193 77.08 -15.56 -8.87
N GLU LA 194 77.07 -15.11 -7.62
CA GLU LA 194 78.28 -15.20 -6.80
C GLU LA 194 78.66 -16.65 -6.50
N ILE LA 195 77.66 -17.51 -6.26
CA ILE LA 195 77.96 -18.93 -6.04
C ILE LA 195 78.60 -19.53 -7.28
N ASN LA 196 78.05 -19.22 -8.46
CA ASN LA 196 78.65 -19.71 -9.69
C ASN LA 196 80.06 -19.18 -9.87
N ARG LA 197 80.29 -17.91 -9.51
CA ARG LA 197 81.61 -17.31 -9.65
C ARG LA 197 82.63 -18.02 -8.76
N VAL LA 198 82.28 -18.27 -7.50
CA VAL LA 198 83.24 -18.88 -6.58
C VAL LA 198 83.49 -20.34 -6.97
N LEU LA 199 82.43 -21.06 -7.37
CA LEU LA 199 82.64 -22.44 -7.81
C LEU LA 199 83.51 -22.50 -9.06
N ALA LA 200 83.29 -21.59 -10.01
CA ALA LA 200 84.12 -21.55 -11.20
C ALA LA 200 85.56 -21.23 -10.86
N ALA LA 201 85.78 -20.31 -9.92
CA ALA LA 201 87.14 -19.99 -9.52
C ALA LA 201 87.83 -21.19 -8.87
N ALA LA 202 87.10 -21.92 -8.03
CA ALA LA 202 87.69 -23.12 -7.40
C ALA LA 202 88.03 -24.17 -8.44
N TYR LA 203 87.12 -24.40 -9.39
CA TYR LA 203 87.41 -25.35 -10.46
C TYR LA 203 88.62 -24.90 -11.28
N LEU LA 204 88.72 -23.59 -11.54
CA LEU LA 204 89.83 -23.08 -12.34
C LEU LA 204 91.16 -23.24 -11.64
N THR LA 205 91.22 -22.97 -10.33
CA THR LA 205 92.50 -23.14 -9.63
C THR LA 205 92.86 -24.61 -9.52
N LEU LA 206 91.87 -25.49 -9.32
CA LEU LA 206 92.14 -26.92 -9.29
C LEU LA 206 92.70 -27.39 -10.64
N ALA LA 207 92.06 -26.97 -11.73
CA ALA LA 207 92.53 -27.35 -13.06
C ALA LA 207 93.90 -26.78 -13.36
N ALA LA 208 94.16 -25.54 -12.93
CA ALA LA 208 95.47 -24.93 -13.15
C ALA LA 208 96.56 -25.70 -12.42
N GLU LA 209 96.30 -26.09 -11.17
CA GLU LA 209 97.28 -26.92 -10.46
C GLU LA 209 97.49 -28.24 -11.16
N LEU LA 210 96.41 -28.88 -11.62
CA LEU LA 210 96.54 -30.17 -12.29
C LEU LA 210 97.37 -30.06 -13.55
N LEU LA 211 97.14 -29.00 -14.34
CA LEU LA 211 97.93 -28.80 -15.57
C LEU LA 211 99.37 -28.46 -15.24
N GLU LA 212 99.61 -27.61 -14.24
CA GLU LA 212 100.97 -27.24 -13.90
C GLU LA 212 101.78 -28.43 -13.41
N ARG LA 213 101.15 -29.37 -12.70
CA ARG LA 213 101.87 -30.55 -12.24
C ARG LA 213 102.45 -31.34 -13.40
N LEU LA 214 101.80 -31.32 -14.56
CA LEU LA 214 102.26 -32.06 -15.74
C LEU LA 214 103.31 -31.31 -16.54
N GLY LA 215 103.60 -30.05 -16.20
CA GLY LA 215 104.62 -29.28 -16.89
C GLY LA 215 104.09 -28.23 -17.85
N LEU LA 216 102.78 -28.20 -18.10
CA LEU LA 216 102.19 -27.20 -18.99
C LEU LA 216 102.00 -25.89 -18.21
N THR LA 217 103.12 -25.23 -17.96
CA THR LA 217 103.11 -24.00 -17.17
C THR LA 217 102.37 -22.86 -17.85
N ALA LA 218 102.53 -22.69 -19.16
CA ALA LA 218 101.86 -21.60 -19.87
C ALA LA 218 100.35 -21.78 -19.88
N LEU LA 219 99.88 -23.01 -20.08
CA LEU LA 219 98.44 -23.27 -20.03
C LEU LA 219 97.88 -22.97 -18.65
N ALA LA 220 98.61 -23.38 -17.60
CA ALA LA 220 98.18 -23.08 -16.24
C ALA LA 220 98.14 -21.58 -16.00
N ALA LA 221 99.13 -20.85 -16.51
CA ALA LA 221 99.14 -19.40 -16.37
C ALA LA 221 97.94 -18.78 -17.08
N ARG LA 222 97.59 -19.28 -18.26
CA ARG LA 222 96.40 -18.79 -18.95
C ARG LA 222 95.14 -19.07 -18.15
N ILE LA 223 95.06 -20.24 -17.53
CA ILE LA 223 93.90 -20.57 -16.70
C ILE LA 223 93.80 -19.62 -15.50
N ARG LA 224 94.95 -19.34 -14.87
CA ARG LA 224 94.94 -18.40 -13.75
C ARG LA 224 94.55 -17.00 -14.19
N ARG LA 225 95.02 -16.57 -15.37
CA ARG LA 225 94.59 -15.28 -15.90
C ARG LA 225 93.08 -15.24 -16.12
N ALA LA 226 92.53 -16.34 -16.66
CA ALA LA 226 91.08 -16.40 -16.85
C ALA LA 226 90.35 -16.32 -15.52
N ARG LA 227 90.85 -17.01 -14.50
CA ARG LA 227 90.22 -16.94 -13.19
C ARG LA 227 90.27 -15.53 -12.62
N GLU LA 228 91.42 -14.86 -12.73
CA GLU LA 228 91.55 -13.50 -12.22
C GLU LA 228 90.64 -12.54 -12.94
N LEU LA 229 90.52 -12.66 -14.27
CA LEU LA 229 89.59 -11.81 -15.00
C LEU LA 229 88.13 -12.14 -14.64
N LEU LA 230 87.84 -13.40 -14.30
CA LEU LA 230 86.50 -13.74 -13.86
C LEU LA 230 86.17 -13.12 -12.52
N LEU LA 231 87.12 -13.13 -11.58
CA LEU LA 231 86.88 -12.59 -10.25
C LEU LA 231 86.76 -11.06 -10.25
N ALA LA 232 87.21 -10.39 -11.29
CA ALA LA 232 87.17 -8.93 -11.37
C ALA LA 232 85.92 -8.41 -12.07
N GLY LA 233 85.00 -9.28 -12.44
CA GLY LA 233 83.80 -8.87 -13.13
C GLY LA 233 83.85 -8.97 -14.64
N ARG LA 234 85.03 -9.18 -15.21
CA ARG LA 234 85.19 -9.32 -16.66
C ARG LA 234 84.84 -10.75 -17.04
N VAL LA 235 83.55 -10.98 -17.28
CA VAL LA 235 83.07 -12.35 -17.48
C VAL LA 235 83.37 -12.85 -18.88
N GLU LA 236 83.03 -12.07 -19.91
CA GLU LA 236 83.13 -12.56 -21.28
C GLU LA 236 84.58 -12.77 -21.70
N GLU LA 237 85.48 -11.88 -21.28
CA GLU LA 237 86.90 -12.05 -21.62
C GLU LA 237 87.46 -13.32 -21.00
N ALA LA 238 87.12 -13.59 -19.73
CA ALA LA 238 87.53 -14.83 -19.10
C ALA LA 238 86.92 -16.03 -19.81
N LEU LA 239 85.66 -15.91 -20.23
CA LEU LA 239 85.01 -16.99 -20.95
C LEU LA 239 85.75 -17.33 -22.22
N HIS LA 240 86.12 -16.31 -23.01
CA HIS LA 240 86.82 -16.58 -24.27
C HIS LA 240 88.23 -17.12 -24.01
N LEU LA 241 88.93 -16.59 -23.00
CA LEU LA 241 90.24 -17.13 -22.67
C LEU LA 241 90.14 -18.60 -22.29
N LEU LA 242 89.12 -18.94 -21.50
CA LEU LA 242 88.92 -20.33 -21.09
C LEU LA 242 88.58 -21.21 -22.28
N GLN LA 243 87.77 -20.71 -23.21
CA GLN LA 243 87.45 -21.49 -24.41
C GLN LA 243 88.69 -21.75 -25.25
N ASP LA 244 89.53 -20.74 -25.43
CA ASP LA 244 90.77 -20.94 -26.19
C ASP LA 244 91.68 -21.94 -25.49
N ALA LA 245 91.79 -21.85 -24.16
CA ALA LA 245 92.58 -22.82 -23.42
C ALA LA 245 92.03 -24.23 -23.58
N VAL LA 246 90.69 -24.35 -23.56
CA VAL LA 246 90.06 -25.66 -23.72
C VAL LA 246 90.35 -26.24 -25.09
N GLU LA 247 90.26 -25.41 -26.15
CA GLU LA 247 90.57 -25.91 -27.48
C GLU LA 247 92.02 -26.36 -27.59
N LEU LA 248 92.95 -25.60 -27.02
CA LEU LA 248 94.36 -25.99 -27.11
C LEU LA 248 94.62 -27.25 -26.29
N LEU LA 249 93.95 -27.39 -25.14
CA LEU LA 249 94.05 -28.62 -24.36
C LEU LA 249 93.51 -29.81 -25.14
N HIS LA 250 92.41 -29.62 -25.87
CA HIS LA 250 91.88 -30.68 -26.71
C HIS LA 250 92.88 -31.06 -27.80
N GLU LA 251 93.52 -30.06 -28.41
CA GLU LA 251 94.56 -30.35 -29.40
C GLU LA 251 95.66 -31.21 -28.81
N ARG LA 252 96.16 -30.83 -27.63
CA ARG LA 252 97.21 -31.61 -26.98
C ARG LA 252 96.74 -33.02 -26.65
N ILE LA 253 95.52 -33.15 -26.12
CA ILE LA 253 95.01 -34.46 -25.70
C ILE LA 253 94.87 -35.38 -26.91
N ARG LA 254 94.29 -34.88 -28.00
CA ARG LA 254 94.11 -35.71 -29.19
C ARG LA 254 95.41 -35.91 -29.95
N GLU LA 255 96.43 -35.09 -29.73
CA GLU LA 255 97.74 -35.37 -30.28
C GLU LA 255 98.45 -36.48 -29.50
N LEU LA 256 98.26 -36.50 -28.18
CA LEU LA 256 98.87 -37.55 -27.36
C LEU LA 256 98.30 -38.91 -27.69
N GLY LA 257 96.99 -39.00 -27.87
CA GLY LA 257 96.34 -40.26 -28.18
C GLY LA 257 95.70 -40.87 -26.93
N PHE LA 258 95.85 -42.18 -26.77
CA PHE LA 258 95.31 -42.88 -25.62
C PHE LA 258 96.32 -43.04 -24.49
N GLU LA 259 97.51 -42.48 -24.64
CA GLU LA 259 98.51 -42.46 -23.57
C GLU LA 259 98.49 -41.15 -22.79
N ALA LA 260 97.39 -40.42 -22.86
CA ALA LA 260 97.30 -39.14 -22.15
C ALA LA 260 97.21 -39.38 -20.65
N PRO LA 261 98.06 -38.75 -19.85
CA PRO LA 261 97.97 -38.90 -18.40
C PRO LA 261 96.62 -38.42 -17.87
N GLU LA 262 96.20 -39.01 -16.75
CA GLU LA 262 94.91 -38.69 -16.16
C GLU LA 262 94.78 -37.21 -15.80
N GLU LA 263 95.90 -36.52 -15.61
CA GLU LA 263 95.85 -35.09 -15.30
C GLU LA 263 95.15 -34.32 -16.40
N LEU LA 264 95.47 -34.62 -17.67
CA LEU LA 264 94.84 -33.91 -18.78
C LEU LA 264 93.34 -34.12 -18.81
N LEU LA 265 92.89 -35.36 -18.64
CA LEU LA 265 91.46 -35.65 -18.69
C LEU LA 265 90.72 -34.99 -17.54
N LEU LA 266 91.27 -35.09 -16.32
CA LEU LA 266 90.61 -34.47 -15.17
C LEU LA 266 90.58 -32.96 -15.31
N ALA LA 267 91.66 -32.36 -15.79
CA ALA LA 267 91.67 -30.92 -16.03
C ALA LA 267 90.66 -30.53 -17.08
N ASP LA 268 90.52 -31.34 -18.14
CA ASP LA 268 89.54 -31.05 -19.17
C ASP LA 268 88.12 -31.09 -18.61
N LEU LA 269 87.82 -32.10 -17.79
CA LEU LA 269 86.48 -32.17 -17.20
C LEU LA 269 86.22 -30.97 -16.29
N LEU LA 270 87.20 -30.61 -15.47
CA LEU LA 270 87.05 -29.45 -14.59
C LEU LA 270 86.86 -28.18 -15.39
N LEU LA 271 87.60 -28.02 -16.48
CA LEU LA 271 87.46 -26.84 -17.33
C LEU LA 271 86.09 -26.80 -17.99
N GLN LA 272 85.54 -27.95 -18.38
CA GLN LA 272 84.20 -27.94 -18.94
C GLN LA 272 83.16 -27.54 -17.91
N ARG LA 273 83.31 -28.03 -16.67
CA ARG LA 273 82.40 -27.57 -15.61
C ARG LA 273 82.53 -26.08 -15.37
N ALA LA 274 83.77 -25.57 -15.40
CA ALA LA 274 83.98 -24.13 -15.24
C ALA LA 274 83.36 -23.35 -16.38
N LEU LA 275 83.47 -23.86 -17.61
CA LEU LA 275 82.83 -23.20 -18.76
C LEU LA 275 81.33 -23.13 -18.57
N GLU LA 276 80.72 -24.24 -18.15
CA GLU LA 276 79.28 -24.26 -17.93
C GLU LA 276 78.89 -23.23 -16.87
N LEU LA 277 79.60 -23.22 -15.74
CA LEU LA 277 79.26 -22.30 -14.66
C LEU LA 277 79.44 -20.85 -15.08
N ILE LA 278 80.52 -20.54 -15.79
CA ILE LA 278 80.76 -19.17 -16.24
C ILE LA 278 79.70 -18.74 -17.24
N SER LA 279 79.32 -19.63 -18.16
CA SER LA 279 78.28 -19.29 -19.13
C SER LA 279 76.95 -19.04 -18.43
N SER LA 280 76.63 -19.83 -17.40
CA SER LA 280 75.38 -19.65 -16.69
C SER LA 280 75.34 -18.38 -15.85
N ILE LA 281 76.47 -17.70 -15.67
CA ILE LA 281 76.51 -16.46 -14.89
C ILE LA 281 75.70 -15.38 -15.59
N THR MA 24 78.27 -77.31 -28.02
CA THR MA 24 77.09 -77.97 -28.54
C THR MA 24 76.07 -76.94 -29.01
N VAL MA 25 76.17 -75.73 -28.45
CA VAL MA 25 75.37 -74.57 -28.83
C VAL MA 25 73.92 -74.74 -28.38
N GLU MA 26 73.30 -75.88 -28.69
CA GLU MA 26 71.93 -76.12 -28.26
C GLU MA 26 71.83 -76.18 -26.74
N GLU MA 27 72.68 -77.01 -26.13
CA GLU MA 27 72.71 -77.12 -24.68
C GLU MA 27 72.88 -75.74 -24.04
N GLU MA 28 73.63 -74.86 -24.69
CA GLU MA 28 73.69 -73.48 -24.22
C GLU MA 28 72.31 -72.83 -24.23
N VAL MA 29 71.47 -73.15 -25.22
CA VAL MA 29 70.15 -72.54 -25.29
C VAL MA 29 69.26 -73.03 -24.16
N ILE MA 30 69.19 -74.36 -23.95
CA ILE MA 30 68.32 -74.84 -22.87
C ILE MA 30 68.86 -74.39 -21.51
N ARG MA 31 70.18 -74.43 -21.33
CA ARG MA 31 70.76 -73.94 -20.08
C ARG MA 31 70.48 -72.46 -19.88
N PHE MA 32 70.49 -71.67 -20.96
CA PHE MA 32 70.14 -70.26 -20.85
C PHE MA 32 68.73 -70.08 -20.36
N ALA MA 33 67.79 -70.83 -20.93
CA ALA MA 33 66.39 -70.71 -20.49
C ALA MA 33 66.24 -71.10 -19.02
N GLU MA 34 66.82 -72.24 -18.63
CA GLU MA 34 66.66 -72.70 -17.25
C GLU MA 34 67.35 -71.75 -16.28
N GLU MA 35 68.55 -71.27 -16.62
CA GLU MA 35 69.25 -70.34 -15.74
C GLU MA 35 68.53 -69.01 -15.64
N LEU MA 36 67.89 -68.57 -16.73
CA LEU MA 36 67.10 -67.34 -16.67
C LEU MA 36 65.92 -67.51 -15.71
N ALA MA 37 65.23 -68.65 -15.79
CA ALA MA 37 64.13 -68.89 -14.86
C ALA MA 37 64.63 -68.96 -13.43
N GLU MA 38 65.76 -69.63 -13.21
CA GLU MA 38 66.30 -69.73 -11.85
C GLU MA 38 66.75 -68.37 -11.33
N GLU MA 39 67.26 -67.50 -12.22
CA GLU MA 39 67.65 -66.16 -11.81
C GLU MA 39 66.42 -65.33 -11.43
N ILE MA 40 65.33 -65.47 -12.18
CA ILE MA 40 64.08 -64.80 -11.77
C ILE MA 40 63.67 -65.29 -10.39
N ARG MA 41 63.73 -66.61 -10.15
CA ARG MA 41 63.35 -67.14 -8.85
C ARG MA 41 64.26 -66.62 -7.74
N ARG MA 42 65.56 -66.53 -8.01
CA ARG MA 42 66.50 -66.03 -7.00
C ARG MA 42 66.24 -64.56 -6.68
N VAL MA 43 66.03 -63.74 -7.71
CA VAL MA 43 65.87 -62.31 -7.49
C VAL MA 43 64.55 -62.01 -6.80
N THR MA 44 63.47 -62.67 -7.20
CA THR MA 44 62.15 -62.36 -6.67
C THR MA 44 61.57 -63.45 -5.78
N GLY MA 45 61.60 -64.71 -6.21
CA GLY MA 45 61.01 -65.78 -5.43
C GLY MA 45 59.75 -66.32 -6.07
N GLU MA 46 58.64 -66.24 -5.33
CA GLU MA 46 57.35 -66.70 -5.84
C GLU MA 46 56.34 -65.56 -5.97
N ALA MA 47 56.79 -64.32 -5.82
CA ALA MA 47 55.91 -63.18 -6.05
C ALA MA 47 55.67 -62.93 -7.54
N TYR MA 48 56.63 -63.28 -8.40
CA TYR MA 48 56.48 -63.20 -9.84
C TYR MA 48 56.72 -64.59 -10.40
N ARG MA 49 55.65 -65.38 -10.47
CA ARG MA 49 55.75 -66.77 -10.93
C ARG MA 49 55.23 -66.96 -12.34
N GLU MA 50 54.31 -66.12 -12.80
CA GLU MA 50 53.84 -66.20 -14.18
C GLU MA 50 54.99 -65.92 -15.15
N TYR MA 51 55.88 -65.01 -14.79
CA TYR MA 51 57.04 -64.72 -15.63
C TYR MA 51 57.95 -65.94 -15.75
N ALA MA 52 58.18 -66.64 -14.64
CA ALA MA 52 58.98 -67.86 -14.68
C ALA MA 52 58.29 -68.94 -15.51
N GLU MA 53 56.97 -69.05 -15.39
CA GLU MA 53 56.21 -69.98 -16.22
C GLU MA 53 56.39 -69.66 -17.70
N ALA MA 54 56.29 -68.39 -18.06
CA ALA MA 54 56.45 -67.98 -19.46
C ALA MA 54 57.86 -68.26 -19.95
N VAL MA 55 58.88 -68.02 -19.11
CA VAL MA 55 60.25 -68.27 -19.51
C VAL MA 55 60.48 -69.76 -19.74
N ARG MA 56 59.93 -70.61 -18.86
CA ARG MA 56 60.07 -72.05 -19.05
C ARG MA 56 59.33 -72.52 -20.30
N HIS MA 57 58.16 -71.94 -20.56
CA HIS MA 57 57.42 -72.27 -21.78
C HIS MA 57 58.22 -71.89 -23.02
N LEU MA 58 58.83 -70.71 -23.02
CA LEU MA 58 59.65 -70.29 -24.17
C LEU MA 58 60.89 -71.17 -24.31
N GLY MA 59 61.48 -71.62 -23.20
CA GLY MA 59 62.56 -72.57 -23.29
C GLY MA 59 62.14 -73.89 -23.90
N GLU MA 60 60.95 -74.36 -23.53
CA GLU MA 60 60.41 -75.57 -24.15
C GLU MA 60 60.18 -75.36 -25.64
N ALA MA 61 59.67 -74.19 -26.03
CA ALA MA 61 59.49 -73.89 -27.44
C ALA MA 61 60.82 -73.90 -28.19
N ALA MA 62 61.86 -73.29 -27.59
CA ALA MA 62 63.17 -73.27 -28.22
C ALA MA 62 63.73 -74.68 -28.36
N LYS MA 63 63.50 -75.53 -27.35
CA LYS MA 63 63.91 -76.92 -27.47
C LYS MA 63 63.16 -77.63 -28.59
N ALA MA 64 61.87 -77.32 -28.75
CA ALA MA 64 61.08 -77.93 -29.81
C ALA MA 64 61.57 -77.50 -31.19
N VAL MA 65 61.95 -76.23 -31.34
CA VAL MA 65 62.42 -75.72 -32.61
C VAL MA 65 63.67 -76.49 -33.07
N LEU MA 66 64.60 -76.72 -32.14
CA LEU MA 66 65.89 -77.31 -32.47
C LEU MA 66 65.80 -78.79 -32.85
N GLU MA 67 64.64 -79.43 -32.65
CA GLU MA 67 64.47 -80.84 -32.99
C GLU MA 67 63.80 -81.05 -34.35
N GLY MA 68 63.12 -80.03 -34.88
CA GLY MA 68 62.48 -80.16 -36.18
C GLY MA 68 61.01 -79.83 -36.17
N ASN MA 69 60.35 -80.02 -35.03
CA ASN MA 69 58.93 -79.74 -34.92
C ASN MA 69 58.70 -78.24 -34.95
N SER MA 70 57.90 -77.78 -35.91
CA SER MA 70 57.67 -76.35 -36.11
C SER MA 70 56.26 -75.90 -35.73
N VAL MA 71 55.33 -76.82 -35.51
CA VAL MA 71 53.97 -76.43 -35.12
C VAL MA 71 53.81 -76.41 -33.62
N GLU MA 72 54.47 -77.33 -32.91
CA GLU MA 72 54.47 -77.29 -31.45
C GLU MA 72 55.05 -75.98 -30.93
N ALA MA 73 56.09 -75.47 -31.61
CA ALA MA 73 56.66 -74.18 -31.22
C ALA MA 73 55.63 -73.07 -31.37
N ASP MA 74 54.87 -73.08 -32.47
CA ASP MA 74 53.84 -72.06 -32.66
C ASP MA 74 52.77 -72.16 -31.58
N LEU MA 75 52.35 -73.38 -31.24
CA LEU MA 75 51.35 -73.54 -30.19
C LEU MA 75 51.86 -73.05 -28.85
N ILE MA 76 53.13 -73.34 -28.53
CA ILE MA 76 53.70 -72.90 -27.27
C ILE MA 76 53.82 -71.38 -27.24
N VAL MA 77 54.20 -70.76 -28.36
CA VAL MA 77 54.28 -69.31 -28.42
C VAL MA 77 52.90 -68.68 -28.23
N THR MA 78 51.87 -69.31 -28.79
CA THR MA 78 50.51 -68.81 -28.57
C THR MA 78 50.11 -68.93 -27.10
N ASP MA 79 50.50 -70.03 -26.45
CA ASP MA 79 50.24 -70.18 -25.02
C ASP MA 79 50.94 -69.09 -24.22
N VAL MA 80 52.19 -68.80 -24.56
CA VAL MA 80 52.93 -67.73 -23.89
C VAL MA 80 52.26 -66.39 -24.12
N LEU MA 81 51.75 -66.17 -25.35
CA LEU MA 81 51.04 -64.93 -25.65
C LEU MA 81 49.80 -64.80 -24.79
N ARG MA 82 49.05 -65.89 -24.60
CA ARG MA 82 47.89 -65.85 -23.72
C ARG MA 82 48.30 -65.54 -22.29
N LEU MA 83 49.37 -66.15 -21.81
CA LEU MA 83 49.83 -65.89 -20.45
C LEU MA 83 50.21 -64.42 -20.27
N LEU MA 84 50.93 -63.86 -21.24
CA LEU MA 84 51.33 -62.46 -21.16
C LEU MA 84 50.15 -61.52 -21.28
N GLU MA 85 49.14 -61.89 -22.08
CA GLU MA 85 47.93 -61.09 -22.15
C GLU MA 85 47.18 -61.11 -20.81
N ARG MA 86 47.19 -62.25 -20.14
CA ARG MA 86 46.61 -62.30 -18.80
C ARG MA 86 47.42 -61.47 -17.81
N ILE MA 87 48.73 -61.43 -17.97
CA ILE MA 87 49.58 -60.65 -17.06
C ILE MA 87 49.25 -59.17 -17.16
N GLY MA 88 49.22 -58.63 -18.37
CA GLY MA 88 48.84 -57.25 -18.58
C GLY MA 88 50.00 -56.28 -18.80
N GLU MA 89 50.97 -56.67 -19.62
CA GLU MA 89 52.10 -55.82 -19.97
C GLU MA 89 52.03 -55.54 -21.47
N GLU MA 90 51.53 -54.35 -21.81
CA GLU MA 90 51.13 -54.08 -23.19
C GLU MA 90 52.29 -54.19 -24.17
N GLY MA 91 53.43 -53.58 -23.84
CA GLY MA 91 54.58 -53.64 -24.73
C GLY MA 91 55.11 -55.04 -24.89
N LEU MA 92 55.11 -55.82 -23.80
CA LEU MA 92 55.59 -57.18 -23.87
C LEU MA 92 54.64 -58.04 -24.69
N VAL MA 93 53.34 -57.77 -24.60
CA VAL MA 93 52.37 -58.47 -25.45
C VAL MA 93 52.58 -58.12 -26.92
N LYS MA 94 52.87 -56.84 -27.20
CA LYS MA 94 53.18 -56.45 -28.58
C LYS MA 94 54.39 -57.21 -29.10
N LEU MA 95 55.45 -57.28 -28.30
CA LEU MA 95 56.63 -58.04 -28.70
C LEU MA 95 56.28 -59.51 -28.90
N ALA MA 96 55.40 -60.06 -28.06
CA ALA MA 96 55.01 -61.45 -28.20
C ALA MA 96 54.27 -61.69 -29.51
N ARG MA 97 53.36 -60.78 -29.88
CA ARG MA 97 52.65 -60.92 -31.15
C ARG MA 97 53.61 -60.84 -32.34
N GLU MA 98 54.55 -59.89 -32.30
CA GLU MA 98 55.52 -59.78 -33.38
C GLU MA 98 56.38 -61.04 -33.47
N VAL MA 99 56.79 -61.58 -32.32
CA VAL MA 99 57.57 -62.81 -32.30
C VAL MA 99 56.75 -63.96 -32.88
N HIS MA 100 55.47 -64.03 -32.53
CA HIS MA 100 54.60 -65.07 -33.05
C HIS MA 100 54.57 -65.04 -34.58
N GLU MA 101 54.28 -63.85 -35.15
CA GLU MA 101 54.17 -63.74 -36.60
C GLU MA 101 55.50 -64.05 -37.29
N ARG MA 102 56.57 -63.40 -36.85
CA ARG MA 102 57.86 -63.58 -37.50
C ARG MA 102 58.36 -65.01 -37.36
N SER MA 103 58.21 -65.61 -36.18
CA SER MA 103 58.65 -66.98 -35.97
C SER MA 103 57.86 -67.94 -36.85
N PHE MA 104 56.55 -67.74 -36.96
CA PHE MA 104 55.75 -68.60 -37.85
C PHE MA 104 56.26 -68.50 -39.27
N GLU MA 105 56.43 -67.28 -39.78
CA GLU MA 105 56.86 -67.12 -41.17
C GLU MA 105 58.25 -67.72 -41.41
N LEU MA 106 59.18 -67.45 -40.50
CA LEU MA 106 60.54 -67.94 -40.68
C LEU MA 106 60.62 -69.45 -40.55
N LEU MA 107 59.87 -70.04 -39.62
CA LEU MA 107 59.86 -71.49 -39.49
C LEU MA 107 59.21 -72.16 -40.68
N ARG MA 108 58.18 -71.54 -41.26
CA ARG MA 108 57.64 -72.06 -42.51
C ARG MA 108 58.69 -71.98 -43.63
N LYS MA 109 59.40 -70.86 -43.72
CA LYS MA 109 60.43 -70.73 -44.75
C LYS MA 109 61.63 -71.62 -44.44
N GLY MA 110 62.10 -71.63 -43.20
CA GLY MA 110 63.20 -72.49 -42.82
C GLY MA 110 64.32 -71.81 -42.05
N ASN MA 111 64.09 -70.57 -41.62
CA ASN MA 111 65.11 -69.82 -40.88
C ASN MA 111 65.00 -70.18 -39.40
N ARG MA 112 65.63 -71.30 -39.05
CA ARG MA 112 65.59 -71.78 -37.67
C ARG MA 112 66.29 -70.81 -36.72
N VAL MA 113 67.45 -70.29 -37.14
CA VAL MA 113 68.29 -69.51 -36.23
C VAL MA 113 67.60 -68.21 -35.83
N GLU MA 114 66.96 -67.53 -36.77
CA GLU MA 114 66.29 -66.27 -36.44
C GLU MA 114 65.08 -66.50 -35.55
N ALA MA 115 64.34 -67.60 -35.76
CA ALA MA 115 63.23 -67.92 -34.87
C ALA MA 115 63.74 -68.20 -33.46
N LEU MA 116 64.84 -68.93 -33.34
CA LEU MA 116 65.44 -69.16 -32.03
C LEU MA 116 65.85 -67.85 -31.38
N ALA MA 117 66.44 -66.93 -32.17
CA ALA MA 117 66.84 -65.64 -31.65
C ALA MA 117 65.65 -64.85 -31.14
N LEU MA 118 64.54 -64.87 -31.89
CA LEU MA 118 63.35 -64.15 -31.46
C LEU MA 118 62.77 -64.75 -30.18
N ILE MA 119 62.77 -66.09 -30.08
CA ILE MA 119 62.25 -66.73 -28.87
C ILE MA 119 63.10 -66.35 -27.67
N LEU MA 120 64.42 -66.38 -27.82
CA LEU MA 120 65.31 -66.02 -26.72
C LEU MA 120 65.16 -64.55 -26.35
N ALA MA 121 64.98 -63.69 -27.35
CA ALA MA 121 64.77 -62.27 -27.06
C ALA MA 121 63.49 -62.07 -26.27
N LEU MA 122 62.41 -62.78 -26.63
CA LEU MA 122 61.17 -62.66 -25.87
C LEU MA 122 61.36 -63.14 -24.43
N ALA MA 123 62.07 -64.27 -24.25
CA ALA MA 123 62.31 -64.77 -22.91
C ALA MA 123 63.10 -63.77 -22.07
N LEU MA 124 64.15 -63.18 -22.67
CA LEU MA 124 64.93 -62.19 -21.96
C LEU MA 124 64.10 -60.96 -21.63
N ALA MA 125 63.21 -60.56 -22.55
CA ALA MA 125 62.35 -59.40 -22.28
C ALA MA 125 61.44 -59.67 -21.09
N VAL MA 126 60.85 -60.86 -21.02
CA VAL MA 126 60.00 -61.20 -19.87
C VAL MA 126 60.81 -61.17 -18.58
N ALA MA 127 61.99 -61.79 -18.60
CA ALA MA 127 62.82 -61.84 -17.40
C ALA MA 127 63.23 -60.45 -16.94
N LEU MA 128 63.66 -59.60 -17.86
CA LEU MA 128 64.09 -58.26 -17.49
C LEU MA 128 62.93 -57.42 -17.01
N THR MA 129 61.75 -57.59 -17.61
CA THR MA 129 60.57 -56.86 -17.15
C THR MA 129 60.24 -57.24 -15.71
N ALA MA 130 60.25 -58.54 -15.41
CA ALA MA 130 59.96 -58.99 -14.05
C ALA MA 130 60.99 -58.46 -13.06
N VAL MA 131 62.27 -58.57 -13.43
CA VAL MA 131 63.33 -58.13 -12.52
C VAL MA 131 63.25 -56.63 -12.27
N SER MA 132 63.04 -55.85 -13.33
CA SER MA 132 62.96 -54.39 -13.17
C SER MA 132 61.74 -54.00 -12.35
N LYS MA 133 60.61 -54.68 -12.55
CA LYS MA 133 59.43 -54.41 -11.74
C LYS MA 133 59.69 -54.68 -10.27
N ALA MA 134 60.33 -55.82 -9.97
CA ALA MA 134 60.65 -56.14 -8.58
C ALA MA 134 61.60 -55.10 -7.98
N PHE MA 135 62.64 -54.73 -8.72
CA PHE MA 135 63.62 -53.78 -8.20
C PHE MA 135 62.99 -52.42 -7.94
N PHE MA 136 62.14 -51.95 -8.85
CA PHE MA 136 61.48 -50.67 -8.64
C PHE MA 136 60.49 -50.73 -7.49
N LEU MA 137 59.76 -51.84 -7.35
CA LEU MA 137 58.84 -51.97 -6.23
C LEU MA 137 59.56 -51.96 -4.90
N LEU MA 138 60.71 -52.63 -4.81
CA LEU MA 138 61.49 -52.62 -3.58
C LEU MA 138 61.96 -51.20 -3.24
N GLY MA 139 62.46 -50.47 -4.24
CA GLY MA 139 62.99 -49.14 -4.01
C GLY MA 139 64.47 -49.09 -4.31
N GLN MA 140 64.93 -49.98 -5.18
CA GLN MA 140 66.35 -50.13 -5.44
C GLN MA 140 66.89 -48.92 -6.21
N PRO MA 141 68.18 -48.62 -6.08
CA PRO MA 141 68.77 -47.57 -6.92
C PRO MA 141 68.95 -48.05 -8.35
N ALA MA 142 69.12 -47.08 -9.25
CA ALA MA 142 69.22 -47.38 -10.68
C ALA MA 142 70.51 -48.11 -11.03
N ARG MA 143 71.53 -48.05 -10.18
CA ARG MA 143 72.82 -48.66 -10.50
C ARG MA 143 72.69 -50.17 -10.67
N LEU MA 144 72.06 -50.84 -9.70
CA LEU MA 144 71.95 -52.30 -9.75
C LEU MA 144 71.11 -52.74 -10.95
N ILE MA 145 70.02 -52.02 -11.21
CA ILE MA 145 69.20 -52.34 -12.38
C ILE MA 145 70.03 -52.21 -13.65
N ALA MA 146 70.83 -51.14 -13.76
CA ALA MA 146 71.64 -50.94 -14.94
C ALA MA 146 72.65 -52.07 -15.12
N GLU MA 147 73.36 -52.44 -14.06
CA GLU MA 147 74.35 -53.52 -14.20
C GLU MA 147 73.69 -54.85 -14.54
N TYR MA 148 72.55 -55.16 -13.91
CA TYR MA 148 71.91 -56.43 -14.20
C TYR MA 148 71.39 -56.49 -15.63
N VAL MA 149 70.78 -55.40 -16.11
CA VAL MA 149 70.30 -55.36 -17.49
C VAL MA 149 71.46 -55.50 -18.46
N GLY MA 150 72.56 -54.78 -18.19
CA GLY MA 150 73.71 -54.90 -19.06
C GLY MA 150 74.29 -56.30 -19.10
N GLU MA 151 74.38 -56.95 -17.93
CA GLU MA 151 74.92 -58.30 -17.88
C GLU MA 151 74.02 -59.28 -18.64
N LYS MA 152 72.71 -59.18 -18.46
CA LYS MA 152 71.81 -60.08 -19.16
C LYS MA 152 71.85 -59.86 -20.67
N LEU MA 153 71.92 -58.60 -21.09
CA LEU MA 153 72.04 -58.32 -22.52
C LEU MA 153 73.34 -58.85 -23.07
N LEU MA 154 74.43 -58.75 -22.30
CA LEU MA 154 75.71 -59.32 -22.73
C LEU MA 154 75.62 -60.83 -22.89
N GLU MA 155 74.97 -61.51 -21.94
CA GLU MA 155 74.82 -62.97 -22.07
C GLU MA 155 74.01 -63.32 -23.30
N LEU MA 156 72.92 -62.61 -23.55
CA LEU MA 156 72.11 -62.88 -24.74
C LEU MA 156 72.91 -62.63 -26.01
N ARG MA 157 73.69 -61.55 -26.04
CA ARG MA 157 74.50 -61.23 -27.21
C ARG MA 157 75.53 -62.33 -27.48
N ARG MA 158 76.19 -62.81 -26.42
CA ARG MA 158 77.16 -63.90 -26.60
C ARG MA 158 76.46 -65.15 -27.12
N LEU MA 159 75.30 -65.49 -26.57
CA LEU MA 159 74.58 -66.68 -27.03
C LEU MA 159 74.19 -66.55 -28.50
N LEU MA 160 73.65 -65.39 -28.88
CA LEU MA 160 73.22 -65.20 -30.27
C LEU MA 160 74.41 -65.21 -31.23
N GLU MA 161 75.53 -64.61 -30.83
CA GLU MA 161 76.72 -64.67 -31.66
C GLU MA 161 77.23 -66.10 -31.81
N LYS MA 162 77.16 -66.89 -30.75
CA LYS MA 162 77.53 -68.30 -30.85
C LYS MA 162 76.59 -69.05 -31.79
N LEU MA 163 75.30 -68.70 -31.77
CA LEU MA 163 74.34 -69.37 -32.65
C LEU MA 163 74.65 -69.10 -34.12
N GLY MA 164 74.84 -67.84 -34.48
CA GLY MA 164 75.15 -67.50 -35.85
C GLY MA 164 74.36 -66.34 -36.41
N VAL MA 165 73.53 -65.71 -35.58
CA VAL MA 165 72.72 -64.58 -36.05
C VAL MA 165 73.65 -63.43 -36.44
N PRO MA 166 73.41 -62.76 -37.57
CA PRO MA 166 74.25 -61.60 -37.93
C PRO MA 166 74.14 -60.49 -36.91
N LEU MA 167 75.23 -59.74 -36.76
CA LEU MA 167 75.33 -58.74 -35.70
C LEU MA 167 74.24 -57.68 -35.76
N PRO MA 168 73.93 -57.05 -36.90
CA PRO MA 168 72.87 -56.02 -36.90
C PRO MA 168 71.54 -56.52 -36.39
N GLU MA 169 71.15 -57.75 -36.73
CA GLU MA 169 69.89 -58.29 -36.23
C GLU MA 169 69.94 -58.51 -34.72
N VAL MA 170 71.09 -58.98 -34.22
CA VAL MA 170 71.25 -59.14 -32.77
C VAL MA 170 71.07 -57.80 -32.08
N ILE MA 171 71.71 -56.75 -32.60
CA ILE MA 171 71.60 -55.45 -31.97
C ILE MA 171 70.17 -54.94 -32.03
N ALA MA 172 69.50 -55.13 -33.17
CA ALA MA 172 68.10 -54.70 -33.29
C ALA MA 172 67.22 -55.40 -32.26
N LEU MA 173 67.44 -56.70 -32.06
CA LEU MA 173 66.71 -57.43 -31.03
C LEU MA 173 67.00 -56.87 -29.64
N LEU MA 174 68.27 -56.51 -29.39
CA LEU MA 174 68.62 -55.98 -28.08
C LEU MA 174 67.93 -54.64 -27.80
N LEU MA 175 67.91 -53.73 -28.78
CA LEU MA 175 67.14 -52.50 -28.58
C LEU MA 175 65.64 -52.75 -28.54
N ARG MA 176 65.15 -53.81 -29.18
CA ARG MA 176 63.73 -54.15 -29.01
C ARG MA 176 63.44 -54.53 -27.56
N VAL MA 177 64.30 -55.36 -26.97
CA VAL MA 177 64.15 -55.74 -25.57
C VAL MA 177 64.24 -54.51 -24.68
N LEU MA 178 65.21 -53.63 -24.97
CA LEU MA 178 65.38 -52.42 -24.18
C LEU MA 178 64.18 -51.49 -24.29
N GLU MA 179 63.58 -51.42 -25.48
CA GLU MA 179 62.37 -50.63 -25.67
C GLU MA 179 61.22 -51.20 -24.84
N VAL MA 180 61.09 -52.53 -24.81
CA VAL MA 180 60.07 -53.17 -23.99
C VAL MA 180 60.28 -52.80 -22.52
N VAL MA 181 61.53 -52.90 -22.04
CA VAL MA 181 61.82 -52.60 -20.65
C VAL MA 181 61.54 -51.14 -20.33
N GLU MA 182 61.93 -50.23 -21.23
CA GLU MA 182 61.68 -48.80 -21.01
C GLU MA 182 60.18 -48.52 -20.97
N GLU MA 183 59.41 -49.15 -21.86
CA GLU MA 183 57.97 -48.94 -21.86
C GLU MA 183 57.36 -49.42 -20.56
N SER MA 184 57.79 -50.60 -20.08
CA SER MA 184 57.31 -51.11 -18.81
C SER MA 184 57.63 -50.16 -17.66
N LEU MA 185 58.87 -49.66 -17.62
CA LEU MA 185 59.27 -48.75 -16.55
C LEU MA 185 58.48 -47.45 -16.60
N LYS MA 186 58.27 -46.91 -17.80
CA LYS MA 186 57.50 -45.68 -17.95
C LYS MA 186 56.06 -45.87 -17.49
N ALA MA 187 55.46 -47.00 -17.88
CA ALA MA 187 54.07 -47.26 -17.51
C ALA MA 187 53.92 -47.51 -16.01
N MET MA 188 54.93 -48.12 -15.38
CA MET MA 188 54.83 -48.42 -13.95
C MET MA 188 54.76 -47.15 -13.10
N GLY MA 189 55.55 -46.13 -13.42
CA GLY MA 189 55.51 -44.90 -12.66
C GLY MA 189 56.86 -44.28 -12.37
N MET MA 190 57.94 -44.90 -12.85
CA MET MA 190 59.27 -44.39 -12.59
C MET MA 190 59.47 -43.02 -13.21
N GLU MA 191 60.26 -42.18 -12.55
CA GLU MA 191 60.56 -40.86 -13.06
C GLU MA 191 61.45 -40.98 -14.31
N PRO MA 192 61.23 -40.12 -15.31
CA PRO MA 192 61.97 -40.27 -16.58
C PRO MA 192 63.47 -40.27 -16.45
N ARG MA 193 64.03 -39.52 -15.49
CA ARG MA 193 65.48 -39.38 -15.41
C ARG MA 193 66.15 -40.72 -15.12
N GLU MA 194 65.59 -41.51 -14.19
CA GLU MA 194 66.18 -42.81 -13.88
C GLU MA 194 66.08 -43.78 -15.05
N ILE MA 195 64.96 -43.75 -15.78
CA ILE MA 195 64.81 -44.60 -16.96
C ILE MA 195 65.85 -44.22 -18.00
N ASN MA 196 66.04 -42.93 -18.23
CA ASN MA 196 67.06 -42.48 -19.17
C ASN MA 196 68.44 -42.92 -18.72
N ARG MA 197 68.71 -42.84 -17.42
CA ARG MA 197 70.02 -43.23 -16.89
C ARG MA 197 70.28 -44.72 -17.13
N VAL MA 198 69.30 -45.57 -16.84
CA VAL MA 198 69.53 -47.01 -16.97
C VAL MA 198 69.63 -47.40 -18.45
N LEU MA 199 68.80 -46.79 -19.31
CA LEU MA 199 68.91 -47.07 -20.74
C LEU MA 199 70.26 -46.63 -21.27
N ALA MA 200 70.74 -45.45 -20.86
CA ALA MA 200 72.04 -44.97 -21.31
C ALA MA 200 73.15 -45.90 -20.83
N ALA MA 201 73.05 -46.38 -19.59
CA ALA MA 201 74.06 -47.32 -19.09
C ALA MA 201 74.06 -48.61 -19.90
N ALA MA 202 72.88 -49.11 -20.25
CA ALA MA 202 72.80 -50.34 -21.05
C ALA MA 202 73.41 -50.14 -22.44
N TYR MA 203 73.08 -49.01 -23.08
CA TYR MA 203 73.69 -48.72 -24.37
C TYR MA 203 75.20 -48.57 -24.25
N LEU MA 204 75.66 -47.95 -23.17
CA LEU MA 204 77.10 -47.75 -22.98
C LEU MA 204 77.84 -49.07 -22.80
N THR MA 205 77.28 -49.99 -22.01
CA THR MA 205 77.97 -51.27 -21.84
C THR MA 205 77.93 -52.10 -23.11
N LEU MA 206 76.82 -52.04 -23.85
CA LEU MA 206 76.76 -52.73 -25.14
C LEU MA 206 77.81 -52.19 -26.11
N ALA MA 207 77.92 -50.87 -26.20
CA ALA MA 207 78.90 -50.26 -27.09
C ALA MA 207 80.32 -50.56 -26.64
N ALA MA 208 80.55 -50.57 -25.32
CA ALA MA 208 81.89 -50.89 -24.81
C ALA MA 208 82.29 -52.31 -25.17
N GLU MA 209 81.37 -53.27 -25.02
CA GLU MA 209 81.66 -54.64 -25.43
C GLU MA 209 81.93 -54.72 -26.93
N LEU MA 210 81.12 -54.02 -27.73
CA LEU MA 210 81.31 -54.06 -29.17
C LEU MA 210 82.68 -53.51 -29.56
N LEU MA 211 83.09 -52.40 -28.95
CA LEU MA 211 84.39 -51.82 -29.25
C LEU MA 211 85.52 -52.74 -28.77
N GLU MA 212 85.39 -53.31 -27.56
CA GLU MA 212 86.44 -54.18 -27.03
C GLU MA 212 86.62 -55.43 -27.88
N ARG MA 213 85.54 -55.91 -28.50
CA ARG MA 213 85.66 -57.08 -29.37
C ARG MA 213 86.62 -56.82 -30.53
N LEU MA 214 86.70 -55.58 -31.00
CA LEU MA 214 87.55 -55.23 -32.13
C LEU MA 214 88.99 -54.91 -31.72
N GLY MA 215 89.29 -54.87 -30.41
CA GLY MA 215 90.62 -54.59 -29.94
C GLY MA 215 90.85 -53.20 -29.41
N LEU MA 216 89.91 -52.27 -29.64
CA LEU MA 216 90.04 -50.90 -29.14
C LEU MA 216 89.72 -50.89 -27.65
N THR MA 217 90.66 -51.43 -26.87
CA THR MA 217 90.45 -51.56 -25.43
C THR MA 217 90.46 -50.23 -24.69
N ALA MA 218 91.28 -49.27 -25.11
CA ALA MA 218 91.30 -47.98 -24.45
C ALA MA 218 90.00 -47.22 -24.63
N LEU MA 219 89.44 -47.25 -25.85
CA LEU MA 219 88.16 -46.61 -26.08
C LEU MA 219 87.06 -47.27 -25.25
N ALA MA 220 87.07 -48.60 -25.17
CA ALA MA 220 86.10 -49.30 -24.34
C ALA MA 220 86.25 -48.91 -22.88
N ALA MA 221 87.49 -48.79 -22.39
CA ALA MA 221 87.71 -48.38 -21.01
C ALA MA 221 87.18 -46.97 -20.77
N ARG MA 222 87.38 -46.07 -21.74
CA ARG MA 222 86.84 -44.72 -21.61
C ARG MA 222 85.31 -44.74 -21.56
N ILE MA 223 84.68 -45.59 -22.38
CA ILE MA 223 83.22 -45.71 -22.37
C ILE MA 223 82.75 -46.22 -21.01
N ARG MA 224 83.44 -47.21 -20.45
CA ARG MA 224 83.06 -47.73 -19.13
C ARG MA 224 83.24 -46.66 -18.06
N ARG MA 225 84.30 -45.87 -18.15
CA ARG MA 225 84.48 -44.77 -17.21
C ARG MA 225 83.33 -43.77 -17.32
N ALA MA 226 82.91 -43.46 -18.55
CA ALA MA 226 81.78 -42.56 -18.74
C ALA MA 226 80.51 -43.13 -18.13
N ARG MA 227 80.28 -44.44 -18.32
CA ARG MA 227 79.10 -45.07 -17.73
C ARG MA 227 79.14 -45.00 -16.20
N GLU MA 228 80.31 -45.28 -15.62
CA GLU MA 228 80.44 -45.24 -14.16
C GLU MA 228 80.22 -43.84 -13.62
N LEU MA 229 80.75 -42.82 -14.30
CA LEU MA 229 80.50 -41.45 -13.87
C LEU MA 229 79.03 -41.07 -14.04
N LEU MA 230 78.36 -41.61 -15.06
CA LEU MA 230 76.94 -41.35 -15.25
C LEU MA 230 76.12 -41.96 -14.12
N LEU MA 231 76.46 -43.19 -13.71
CA LEU MA 231 75.70 -43.87 -12.67
C LEU MA 231 75.87 -43.25 -11.30
N ALA MA 232 76.92 -42.46 -11.08
CA ALA MA 232 77.20 -41.85 -9.79
C ALA MA 232 76.61 -40.46 -9.64
N GLY MA 233 75.83 -40.00 -10.61
CA GLY MA 233 75.24 -38.68 -10.58
C GLY MA 233 76.06 -37.60 -11.27
N ARG MA 234 77.29 -37.90 -11.66
CA ARG MA 234 78.14 -36.94 -12.38
C ARG MA 234 77.75 -36.99 -13.85
N VAL MA 235 76.75 -36.17 -14.21
CA VAL MA 235 76.15 -36.26 -15.53
C VAL MA 235 77.00 -35.54 -16.57
N GLU MA 236 77.40 -34.30 -16.29
CA GLU MA 236 78.09 -33.48 -17.29
C GLU MA 236 79.48 -34.04 -17.62
N GLU MA 237 80.19 -34.55 -16.61
CA GLU MA 237 81.50 -35.13 -16.87
C GLU MA 237 81.39 -36.36 -17.76
N ALA MA 238 80.41 -37.22 -17.49
CA ALA MA 238 80.17 -38.37 -18.35
C ALA MA 238 79.76 -37.94 -19.75
N LEU MA 239 78.97 -36.88 -19.85
CA LEU MA 239 78.57 -36.34 -21.15
C LEU MA 239 79.79 -35.93 -21.96
N HIS MA 240 80.69 -35.17 -21.35
CA HIS MA 240 81.87 -34.71 -22.08
C HIS MA 240 82.81 -35.86 -22.42
N LEU MA 241 82.97 -36.82 -21.50
CA LEU MA 241 83.79 -37.99 -21.81
C LEU MA 241 83.22 -38.76 -22.99
N LEU MA 242 81.90 -38.93 -23.02
CA LEU MA 242 81.25 -39.61 -24.14
C LEU MA 242 81.43 -38.84 -25.44
N GLN MA 243 81.31 -37.50 -25.38
CA GLN MA 243 81.50 -36.71 -26.60
C GLN MA 243 82.92 -36.84 -27.14
N ASP MA 244 83.92 -36.79 -26.25
CA ASP MA 244 85.31 -36.95 -26.70
C ASP MA 244 85.53 -38.33 -27.30
N ALA MA 245 84.98 -39.37 -26.65
CA ALA MA 245 85.08 -40.72 -27.21
C ALA MA 245 84.40 -40.80 -28.57
N VAL MA 246 83.28 -40.10 -28.74
CA VAL MA 246 82.57 -40.11 -30.02
C VAL MA 246 83.42 -39.46 -31.10
N GLU MA 247 84.07 -38.33 -30.79
CA GLU MA 247 84.93 -37.69 -31.78
C GLU MA 247 86.10 -38.59 -32.15
N LEU MA 248 86.70 -39.27 -31.16
CA LEU MA 248 87.80 -40.17 -31.48
C LEU MA 248 87.34 -41.34 -32.34
N LEU MA 249 86.16 -41.88 -32.04
CA LEU MA 249 85.60 -42.97 -32.83
C LEU MA 249 85.32 -42.51 -34.26
N HIS MA 250 84.79 -41.29 -34.41
CA HIS MA 250 84.54 -40.74 -35.74
C HIS MA 250 85.85 -40.58 -36.51
N GLU MA 251 86.90 -40.11 -35.83
CA GLU MA 251 88.20 -39.99 -36.47
C GLU MA 251 88.69 -41.35 -36.97
N ARG MA 252 88.59 -42.37 -36.12
CA ARG MA 252 89.02 -43.71 -36.54
C ARG MA 252 88.17 -44.23 -37.70
N ILE MA 253 86.87 -44.02 -37.64
CA ILE MA 253 85.97 -44.53 -38.68
C ILE MA 253 86.27 -43.88 -40.02
N ARG MA 254 86.43 -42.55 -40.02
CA ARG MA 254 86.72 -41.84 -41.26
C ARG MA 254 88.15 -42.04 -41.74
N GLU MA 255 89.07 -42.48 -40.86
CA GLU MA 255 90.38 -42.88 -41.32
C GLU MA 255 90.35 -44.26 -41.97
N LEU MA 256 89.50 -45.16 -41.45
CA LEU MA 256 89.43 -46.50 -42.01
C LEU MA 256 88.82 -46.48 -43.41
N GLY MA 257 87.76 -45.72 -43.62
CA GLY MA 257 87.12 -45.62 -44.92
C GLY MA 257 85.87 -46.49 -45.00
N PHE MA 258 85.69 -47.15 -46.14
CA PHE MA 258 84.55 -48.03 -46.37
C PHE MA 258 84.80 -49.46 -45.92
N GLU MA 259 86.00 -49.77 -45.44
CA GLU MA 259 86.31 -51.10 -44.92
C GLU MA 259 86.16 -51.17 -43.40
N ALA MA 260 85.38 -50.27 -42.82
CA ALA MA 260 85.18 -50.27 -41.38
C ALA MA 260 84.29 -51.45 -40.97
N PRO MA 261 84.73 -52.29 -40.04
CA PRO MA 261 83.88 -53.39 -39.59
C PRO MA 261 82.58 -52.87 -38.98
N GLU MA 262 81.54 -53.70 -39.05
CA GLU MA 262 80.22 -53.31 -38.56
C GLU MA 262 80.23 -52.96 -37.08
N GLU MA 263 81.23 -53.45 -36.33
CA GLU MA 263 81.31 -53.14 -34.90
C GLU MA 263 81.44 -51.64 -34.69
N LEU MA 264 82.28 -50.97 -35.48
CA LEU MA 264 82.47 -49.54 -35.31
C LEU MA 264 81.17 -48.77 -35.57
N LEU MA 265 80.46 -49.12 -36.64
CA LEU MA 265 79.23 -48.40 -36.97
C LEU MA 265 78.14 -48.64 -35.92
N LEU MA 266 77.98 -49.90 -35.48
CA LEU MA 266 76.98 -50.20 -34.47
C LEU MA 266 77.31 -49.51 -33.16
N ALA MA 267 78.58 -49.51 -32.76
CA ALA MA 267 79.00 -48.80 -31.56
C ALA MA 267 78.75 -47.31 -31.69
N ASP MA 268 79.00 -46.74 -32.87
CA ASP MA 268 78.74 -45.32 -33.09
C ASP MA 268 77.26 -45.01 -32.91
N LEU MA 269 76.38 -45.83 -33.49
CA LEU MA 269 74.95 -45.59 -33.34
C LEU MA 269 74.52 -45.71 -31.89
N LEU MA 270 75.02 -46.72 -31.18
CA LEU MA 270 74.67 -46.89 -29.78
C LEU MA 270 75.17 -45.72 -28.95
N LEU MA 271 76.38 -45.23 -29.23
CA LEU MA 271 76.92 -44.08 -28.51
C LEU MA 271 76.12 -42.82 -28.78
N GLN MA 272 75.64 -42.65 -30.01
CA GLN MA 272 74.79 -41.48 -30.29
C GLN MA 272 73.47 -41.56 -29.54
N ARG MA 273 72.86 -42.74 -29.50
CA ARG MA 273 71.63 -42.88 -28.71
C ARG MA 273 71.88 -42.61 -27.23
N ALA MA 274 72.99 -43.13 -26.70
CA ALA MA 274 73.34 -42.86 -25.31
C ALA MA 274 73.58 -41.38 -25.07
N LEU MA 275 74.23 -40.71 -26.04
CA LEU MA 275 74.48 -39.28 -25.92
C LEU MA 275 73.17 -38.50 -25.86
N GLU MA 276 72.22 -38.84 -26.73
CA GLU MA 276 70.92 -38.17 -26.70
C GLU MA 276 70.19 -38.43 -25.39
N LEU MA 277 70.23 -39.67 -24.90
CA LEU MA 277 69.58 -39.99 -23.64
C LEU MA 277 70.19 -39.23 -22.48
N ILE MA 278 71.53 -39.15 -22.43
CA ILE MA 278 72.21 -38.42 -21.36
C ILE MA 278 71.90 -36.94 -21.45
N SER MA 279 71.86 -36.38 -22.66
CA SER MA 279 71.52 -34.98 -22.82
C SER MA 279 70.10 -34.69 -22.34
N SER MA 280 69.17 -35.60 -22.63
CA SER MA 280 67.79 -35.41 -22.19
C SER MA 280 67.60 -35.58 -20.70
N ILE MA 281 68.61 -36.08 -19.98
CA ILE MA 281 68.51 -36.27 -18.54
C ILE MA 281 68.37 -34.92 -17.84
N THR NA 24 64.63 -49.33 -79.15
CA THR NA 24 63.75 -48.56 -80.02
C THR NA 24 63.30 -47.28 -79.32
N VAL NA 25 63.39 -47.29 -77.98
CA VAL NA 25 63.10 -46.15 -77.12
C VAL NA 25 61.62 -45.80 -77.15
N GLU NA 26 61.05 -45.63 -78.35
CA GLU NA 26 59.63 -45.31 -78.44
C GLU NA 26 58.77 -46.44 -77.88
N GLU NA 27 59.01 -47.67 -78.37
CA GLU NA 27 58.29 -48.83 -77.87
C GLU NA 27 58.36 -48.91 -76.35
N GLU NA 28 59.50 -48.51 -75.77
CA GLU NA 28 59.58 -48.40 -74.33
C GLU NA 28 58.55 -47.41 -73.79
N VAL NA 29 58.30 -46.32 -74.52
CA VAL NA 29 57.34 -45.32 -74.03
C VAL NA 29 55.92 -45.87 -74.05
N ILE NA 30 55.49 -46.47 -75.17
CA ILE NA 30 54.13 -47.00 -75.19
C ILE NA 30 53.98 -48.16 -74.20
N ARG NA 31 54.99 -49.04 -74.11
CA ARG NA 31 54.94 -50.11 -73.13
C ARG NA 31 54.90 -49.56 -71.72
N PHE NA 32 55.60 -48.45 -71.45
CA PHE NA 32 55.55 -47.83 -70.14
C PHE NA 32 54.14 -47.37 -69.81
N ALA NA 33 53.48 -46.71 -70.76
CA ALA NA 33 52.12 -46.24 -70.52
C ALA NA 33 51.17 -47.41 -70.26
N GLU NA 34 51.24 -48.44 -71.11
CA GLU NA 34 50.34 -49.58 -70.97
C GLU NA 34 50.61 -50.34 -69.66
N GLU NA 35 51.89 -50.56 -69.33
CA GLU NA 35 52.22 -51.25 -68.09
C GLU NA 35 51.81 -50.44 -66.88
N LEU NA 36 51.92 -49.11 -66.94
CA LEU NA 36 51.47 -48.28 -65.84
C LEU NA 36 49.97 -48.44 -65.62
N ALA NA 37 49.19 -48.39 -66.71
CA ALA NA 37 47.75 -48.58 -66.59
C ALA NA 37 47.41 -49.96 -66.04
N GLU NA 38 48.12 -50.99 -66.53
CA GLU NA 38 47.89 -52.34 -66.03
C GLU NA 38 48.25 -52.46 -64.56
N GLU NA 39 49.28 -51.74 -64.12
CA GLU NA 39 49.65 -51.78 -62.70
C GLU NA 39 48.59 -51.11 -61.83
N ILE NA 40 48.01 -50.00 -62.29
CA ILE NA 40 46.88 -49.43 -61.56
C ILE NA 40 45.74 -50.43 -61.48
N ARG NA 41 45.47 -51.13 -62.59
CA ARG NA 41 44.39 -52.12 -62.57
C ARG NA 41 44.69 -53.25 -61.60
N ARG NA 42 45.95 -53.70 -61.54
CA ARG NA 42 46.31 -54.77 -60.62
C ARG NA 42 46.19 -54.34 -59.16
N VAL NA 43 46.72 -53.16 -58.83
CA VAL NA 43 46.74 -52.73 -57.43
C VAL NA 43 45.33 -52.39 -56.95
N THR NA 44 44.53 -51.72 -57.78
CA THR NA 44 43.21 -51.26 -57.36
C THR NA 44 42.06 -52.02 -58.00
N GLY NA 45 42.08 -52.22 -59.31
CA GLY NA 45 40.98 -52.88 -59.99
C GLY NA 45 40.12 -51.91 -60.78
N GLU NA 46 38.83 -51.82 -60.42
CA GLU NA 46 37.92 -50.91 -61.08
C GLU NA 46 37.35 -49.86 -60.12
N ALA NA 47 37.91 -49.76 -58.91
CA ALA NA 47 37.52 -48.70 -58.01
C ALA NA 47 38.08 -47.34 -58.43
N TYR NA 48 39.26 -47.33 -59.06
CA TYR NA 48 39.88 -46.12 -59.59
C TYR NA 48 40.09 -46.35 -61.08
N ARG NA 49 39.07 -46.03 -61.88
CA ARG NA 49 39.10 -46.23 -63.32
C ARG NA 49 39.37 -44.94 -64.09
N GLU NA 50 38.99 -43.79 -63.53
CA GLU NA 50 39.30 -42.52 -64.18
C GLU NA 50 40.80 -42.31 -64.30
N TYR NA 51 41.55 -42.76 -63.29
CA TYR NA 51 43.01 -42.65 -63.35
C TYR NA 51 43.57 -43.50 -64.47
N ALA NA 52 43.05 -44.72 -64.64
CA ALA NA 52 43.50 -45.56 -65.75
C ALA NA 52 43.13 -44.93 -67.10
N GLU NA 53 41.95 -44.33 -67.18
CA GLU NA 53 41.55 -43.64 -68.41
C GLU NA 53 42.51 -42.50 -68.72
N ALA NA 54 42.86 -41.71 -67.71
CA ALA NA 54 43.78 -40.60 -67.91
C ALA NA 54 45.15 -41.09 -68.32
N VAL NA 55 45.63 -42.18 -67.72
CA VAL NA 55 46.94 -42.71 -68.07
C VAL NA 55 46.94 -43.22 -69.51
N ARG NA 56 45.88 -43.89 -69.93
CA ARG NA 56 45.81 -44.36 -71.32
C ARG NA 56 45.72 -43.18 -72.29
N HIS NA 57 44.98 -42.13 -71.92
CA HIS NA 57 44.93 -40.94 -72.76
C HIS NA 57 46.31 -40.29 -72.90
N LEU NA 58 47.06 -40.20 -71.79
CA LEU NA 58 48.40 -39.62 -71.84
C LEU NA 58 49.35 -40.52 -72.64
N GLY NA 59 49.17 -41.84 -72.58
CA GLY NA 59 49.94 -42.71 -73.44
C GLY NA 59 49.64 -42.48 -74.91
N GLU NA 60 48.36 -42.29 -75.24
CA GLU NA 60 48.00 -41.96 -76.62
C GLU NA 60 48.62 -40.64 -77.05
N ALA NA 61 48.63 -39.65 -76.16
CA ALA NA 61 49.27 -38.37 -76.47
C ALA NA 61 50.75 -38.53 -76.71
N ALA NA 62 51.43 -39.33 -75.87
CA ALA NA 62 52.85 -39.57 -76.04
C ALA NA 62 53.12 -40.30 -77.36
N LYS NA 63 52.23 -41.21 -77.75
CA LYS NA 63 52.35 -41.84 -79.06
C LYS NA 63 52.19 -40.82 -80.18
N ALA NA 64 51.23 -39.91 -80.03
CA ALA NA 64 50.96 -38.91 -81.07
C ALA NA 64 52.12 -37.96 -81.25
N VAL NA 65 52.78 -37.59 -80.15
CA VAL NA 65 53.93 -36.69 -80.23
C VAL NA 65 55.03 -37.30 -81.11
N LEU NA 66 55.26 -38.60 -80.97
CA LEU NA 66 56.39 -39.27 -81.61
C LEU NA 66 56.22 -39.44 -83.11
N GLU NA 67 55.02 -39.23 -83.66
CA GLU NA 67 54.82 -39.34 -85.09
C GLU NA 67 54.88 -38.00 -85.82
N GLY NA 68 54.77 -36.89 -85.10
CA GLY NA 68 54.85 -35.58 -85.72
C GLY NA 68 53.65 -34.69 -85.45
N ASN NA 69 52.49 -35.30 -85.26
CA ASN NA 69 51.28 -34.55 -84.98
C ASN NA 69 51.39 -33.89 -83.61
N SER NA 70 51.44 -32.55 -83.61
CA SER NA 70 51.63 -31.79 -82.38
C SER NA 70 50.39 -31.09 -81.88
N VAL NA 71 49.28 -31.12 -82.62
CA VAL NA 71 48.04 -30.50 -82.16
C VAL NA 71 47.13 -31.53 -81.49
N GLU NA 72 47.12 -32.76 -82.01
CA GLU NA 72 46.38 -33.83 -81.35
C GLU NA 72 46.89 -34.07 -79.94
N ALA NA 73 48.20 -33.90 -79.73
CA ALA NA 73 48.75 -34.02 -78.39
C ALA NA 73 48.17 -32.95 -77.46
N ASP NA 74 48.07 -31.71 -77.95
CA ASP NA 74 47.48 -30.65 -77.14
C ASP NA 74 46.03 -30.94 -76.82
N LEU NA 75 45.27 -31.41 -77.82
CA LEU NA 75 43.86 -31.73 -77.58
C LEU NA 75 43.71 -32.85 -76.56
N ILE NA 76 44.56 -33.87 -76.64
CA ILE NA 76 44.48 -34.98 -75.69
C ILE NA 76 44.88 -34.52 -74.29
N VAL NA 77 45.88 -33.63 -74.20
CA VAL NA 77 46.27 -33.11 -72.89
C VAL NA 77 45.14 -32.29 -72.28
N THR NA 78 44.43 -31.52 -73.10
CA THR NA 78 43.27 -30.80 -72.59
C THR NA 78 42.17 -31.75 -72.12
N ASP NA 79 41.95 -32.84 -72.86
CA ASP NA 79 40.99 -33.85 -72.42
C ASP NA 79 41.38 -34.43 -71.07
N VAL NA 80 42.67 -34.75 -70.90
CA VAL NA 80 43.15 -35.28 -69.62
C VAL NA 80 42.97 -34.23 -68.53
N LEU NA 81 43.20 -32.96 -68.85
CA LEU NA 81 43.01 -31.89 -67.88
C LEU NA 81 41.56 -31.83 -67.43
N ARG NA 82 40.62 -31.96 -68.37
CA ARG NA 82 39.21 -31.96 -68.00
C ARG NA 82 38.87 -33.17 -67.13
N LEU NA 83 39.43 -34.34 -67.46
CA LEU NA 83 39.18 -35.53 -66.65
C LEU NA 83 39.69 -35.34 -65.22
N LEU NA 84 40.90 -34.78 -65.08
CA LEU NA 84 41.45 -34.56 -63.75
C LEU NA 84 40.71 -33.47 -63.00
N GLU NA 85 40.16 -32.48 -63.72
CA GLU NA 85 39.32 -31.47 -63.08
C GLU NA 85 38.04 -32.10 -62.56
N ARG NA 86 37.47 -33.05 -63.30
CA ARG NA 86 36.31 -33.77 -62.80
C ARG NA 86 36.66 -34.65 -61.61
N ILE NA 87 37.87 -35.23 -61.60
CA ILE NA 87 38.27 -36.09 -60.49
C ILE NA 87 38.34 -35.30 -59.19
N GLY NA 88 39.03 -34.16 -59.21
CA GLY NA 88 39.07 -33.30 -58.04
C GLY NA 88 40.34 -33.40 -57.20
N GLU NA 89 41.50 -33.44 -57.86
CA GLU NA 89 42.79 -33.47 -57.18
C GLU NA 89 43.53 -32.19 -57.57
N GLU NA 90 43.57 -31.22 -56.64
CA GLU NA 90 43.99 -29.86 -56.97
C GLU NA 90 45.44 -29.83 -57.47
N GLY NA 91 46.35 -30.46 -56.74
CA GLY NA 91 47.74 -30.44 -57.15
C GLY NA 91 47.97 -31.11 -58.49
N LEU NA 92 47.26 -32.22 -58.73
CA LEU NA 92 47.40 -32.92 -60.00
C LEU NA 92 46.87 -32.08 -61.15
N VAL NA 93 45.76 -31.36 -60.93
CA VAL NA 93 45.24 -30.44 -61.95
C VAL NA 93 46.23 -29.32 -62.21
N LYS NA 94 46.86 -28.80 -61.15
CA LYS NA 94 47.89 -27.77 -61.34
C LYS NA 94 49.03 -28.29 -62.21
N LEU NA 95 49.53 -29.48 -61.90
CA LEU NA 95 50.59 -30.07 -62.71
C LEU NA 95 50.12 -30.29 -64.14
N ALA NA 96 48.85 -30.66 -64.32
CA ALA NA 96 48.31 -30.84 -65.67
C ALA NA 96 48.31 -29.52 -66.45
N ARG NA 97 47.94 -28.42 -65.79
CA ARG NA 97 47.96 -27.13 -66.46
C ARG NA 97 49.37 -26.73 -66.87
N GLU NA 98 50.34 -26.90 -65.96
CA GLU NA 98 51.72 -26.58 -66.30
C GLU NA 98 52.22 -27.45 -67.45
N VAL NA 99 51.87 -28.74 -67.42
CA VAL NA 99 52.27 -29.63 -68.51
C VAL NA 99 51.66 -29.18 -69.82
N HIS NA 100 50.38 -28.80 -69.79
CA HIS NA 100 49.72 -28.29 -71.00
C HIS NA 100 50.47 -27.11 -71.59
N GLU NA 101 50.73 -26.10 -70.77
CA GLU NA 101 51.37 -24.89 -71.27
C GLU NA 101 52.78 -25.18 -71.79
N ARG NA 102 53.60 -25.84 -70.97
CA ARG NA 102 54.99 -26.09 -71.36
C ARG NA 102 55.06 -27.00 -72.58
N SER NA 103 54.22 -28.04 -72.63
CA SER NA 103 54.23 -28.94 -73.77
C SER NA 103 53.82 -28.21 -75.05
N PHE NA 104 52.79 -27.35 -74.96
CA PHE NA 104 52.41 -26.58 -76.14
C PHE NA 104 53.56 -25.72 -76.63
N GLU NA 105 54.19 -24.97 -75.73
CA GLU NA 105 55.27 -24.08 -76.14
C GLU NA 105 56.45 -24.86 -76.73
N LEU NA 106 56.85 -25.95 -76.07
CA LEU NA 106 58.00 -26.71 -76.55
C LEU NA 106 57.70 -27.41 -77.87
N LEU NA 107 56.48 -27.94 -78.03
CA LEU NA 107 56.13 -28.58 -79.29
C LEU NA 107 56.05 -27.57 -80.43
N ARG NA 108 55.59 -26.35 -80.15
CA ARG NA 108 55.66 -25.31 -81.16
C ARG NA 108 57.11 -24.98 -81.52
N LYS NA 109 57.98 -24.88 -80.50
CA LYS NA 109 59.39 -24.61 -80.78
C LYS NA 109 60.06 -25.81 -81.43
N GLY NA 110 59.82 -27.01 -80.92
CA GLY NA 110 60.39 -28.21 -81.51
C GLY NA 110 61.07 -29.14 -80.52
N ASN NA 111 60.88 -28.90 -79.23
CA ASN NA 111 61.50 -29.74 -78.20
C ASN NA 111 60.58 -30.94 -77.94
N ARG NA 112 60.74 -31.96 -78.77
CA ARG NA 112 59.93 -33.18 -78.64
C ARG NA 112 60.23 -33.90 -77.33
N VAL NA 113 61.51 -34.02 -76.98
CA VAL NA 113 61.92 -34.87 -75.87
C VAL NA 113 61.39 -34.33 -74.55
N GLU NA 114 61.45 -33.02 -74.36
CA GLU NA 114 60.97 -32.45 -73.10
C GLU NA 114 59.46 -32.56 -72.97
N ALA NA 115 58.72 -32.40 -74.07
CA ALA NA 115 57.28 -32.61 -74.03
C ALA NA 115 56.95 -34.06 -73.69
N LEU NA 116 57.69 -35.01 -74.27
CA LEU NA 116 57.49 -36.41 -73.91
C LEU NA 116 57.77 -36.63 -72.43
N ALA NA 117 58.84 -36.03 -71.92
CA ALA NA 117 59.17 -36.18 -70.50
C ALA NA 117 58.06 -35.63 -69.62
N LEU NA 118 57.51 -34.47 -69.97
CA LEU NA 118 56.43 -33.89 -69.18
C LEU NA 118 55.18 -34.77 -69.22
N ILE NA 119 54.85 -35.33 -70.39
CA ILE NA 119 53.69 -36.21 -70.49
C ILE NA 119 53.87 -37.45 -69.62
N LEU NA 120 55.07 -38.05 -69.68
CA LEU NA 120 55.34 -39.23 -68.86
C LEU NA 120 55.31 -38.90 -67.38
N ALA NA 121 55.83 -37.74 -66.99
CA ALA NA 121 55.79 -37.34 -65.60
C ALA NA 121 54.35 -37.16 -65.13
N LEU NA 122 53.50 -36.56 -65.96
CA LEU NA 122 52.09 -36.41 -65.60
C LEU NA 122 51.43 -37.77 -65.44
N ALA NA 123 51.70 -38.71 -66.35
CA ALA NA 123 51.11 -40.04 -66.24
C ALA NA 123 51.55 -40.73 -64.96
N LEU NA 124 52.84 -40.64 -64.64
CA LEU NA 124 53.34 -41.24 -63.41
C LEU NA 124 52.72 -40.59 -62.18
N ALA NA 125 52.52 -39.27 -62.22
CA ALA NA 125 51.88 -38.59 -61.10
C ALA NA 125 50.46 -39.09 -60.89
N VAL NA 126 49.71 -39.24 -61.98
CA VAL NA 126 48.33 -39.76 -61.86
C VAL NA 126 48.34 -41.16 -61.25
N ALA NA 127 49.21 -42.04 -61.79
CA ALA NA 127 49.24 -43.41 -61.32
C ALA NA 127 49.64 -43.49 -59.85
N LEU NA 128 50.66 -42.73 -59.45
CA LEU NA 128 51.13 -42.76 -58.07
C LEU NA 128 50.09 -42.17 -57.13
N THR NA 129 49.38 -41.13 -57.56
CA THR NA 129 48.32 -40.57 -56.73
C THR NA 129 47.23 -41.60 -56.49
N ALA NA 130 46.81 -42.29 -57.55
CA ALA NA 130 45.77 -43.32 -57.41
C ALA NA 130 46.24 -44.44 -56.48
N VAL NA 131 47.46 -44.92 -56.68
CA VAL NA 131 47.98 -46.03 -55.89
C VAL NA 131 48.11 -45.63 -54.42
N SER NA 132 48.63 -44.44 -54.16
CA SER NA 132 48.79 -43.98 -52.78
C SER NA 132 47.44 -43.80 -52.09
N LYS NA 133 46.46 -43.25 -52.81
CA LYS NA 133 45.14 -43.11 -52.22
C LYS NA 133 44.53 -44.45 -51.89
N ALA NA 134 44.68 -45.43 -52.79
CA ALA NA 134 44.16 -46.77 -52.52
C ALA NA 134 44.85 -47.39 -51.31
N PHE NA 135 46.18 -47.25 -51.24
CA PHE NA 135 46.93 -47.84 -50.14
C PHE NA 135 46.54 -47.22 -48.81
N PHE NA 136 46.38 -45.89 -48.76
CA PHE NA 136 45.95 -45.26 -47.52
C PHE NA 136 44.53 -45.65 -47.15
N LEU NA 137 43.64 -45.76 -48.14
CA LEU NA 137 42.27 -46.16 -47.84
C LEU NA 137 42.21 -47.56 -47.27
N LEU NA 138 43.00 -48.49 -47.82
CA LEU NA 138 43.05 -49.85 -47.26
C LEU NA 138 43.56 -49.83 -45.82
N GLY NA 139 44.65 -49.11 -45.57
CA GLY NA 139 45.23 -49.04 -44.25
C GLY NA 139 46.64 -49.59 -44.20
N GLN NA 140 47.30 -49.63 -45.35
CA GLN NA 140 48.63 -50.22 -45.44
C GLN NA 140 49.65 -49.36 -44.70
N PRO NA 141 50.72 -49.97 -44.20
CA PRO NA 141 51.81 -49.17 -43.61
C PRO NA 141 52.64 -48.49 -44.69
N ALA NA 142 53.48 -47.56 -44.23
CA ALA NA 142 54.22 -46.69 -45.14
C ALA NA 142 55.30 -47.42 -45.93
N ARG NA 143 55.71 -48.62 -45.48
CA ARG NA 143 56.84 -49.30 -46.11
C ARG NA 143 56.57 -49.63 -47.57
N LEU NA 144 55.44 -50.30 -47.84
CA LEU NA 144 55.14 -50.71 -49.21
C LEU NA 144 54.85 -49.51 -50.09
N ILE NA 145 54.19 -48.49 -49.55
CA ILE NA 145 53.96 -47.27 -50.32
C ILE NA 145 55.28 -46.65 -50.75
N ALA NA 146 56.23 -46.54 -49.81
CA ALA NA 146 57.53 -45.97 -50.13
C ALA NA 146 58.28 -46.81 -51.16
N GLU NA 147 58.25 -48.14 -51.00
CA GLU NA 147 58.95 -49.01 -51.95
C GLU NA 147 58.35 -48.89 -53.35
N TYR NA 148 57.02 -48.88 -53.46
CA TYR NA 148 56.39 -48.77 -54.77
C TYR NA 148 56.68 -47.42 -55.41
N VAL NA 149 56.61 -46.33 -54.62
CA VAL NA 149 56.90 -45.01 -55.17
C VAL NA 149 58.34 -44.95 -55.67
N GLY NA 150 59.28 -45.47 -54.87
CA GLY NA 150 60.67 -45.49 -55.30
C GLY NA 150 60.89 -46.29 -56.56
N GLU NA 151 60.25 -47.47 -56.65
CA GLU NA 151 60.42 -48.30 -57.84
C GLU NA 151 59.87 -47.61 -59.08
N LYS NA 152 58.69 -46.99 -58.97
CA LYS NA 152 58.11 -46.30 -60.12
C LYS NA 152 58.96 -45.12 -60.54
N LEU NA 153 59.48 -44.36 -59.56
CA LEU NA 153 60.36 -43.24 -59.88
C LEU NA 153 61.63 -43.72 -60.56
N LEU NA 154 62.17 -44.86 -60.11
CA LEU NA 154 63.34 -45.44 -60.76
C LEU NA 154 63.05 -45.82 -62.20
N GLU NA 155 61.90 -46.44 -62.45
CA GLU NA 155 61.53 -46.80 -63.82
C GLU NA 155 61.41 -45.57 -64.70
N LEU NA 156 60.76 -44.52 -64.19
CA LEU NA 156 60.63 -43.29 -64.97
C LEU NA 156 62.00 -42.66 -65.23
N ARG NA 157 62.88 -42.67 -64.23
CA ARG NA 157 64.22 -42.12 -64.42
C ARG NA 157 65.00 -42.88 -65.48
N ARG NA 158 64.93 -44.21 -65.47
CA ARG NA 158 65.60 -44.99 -66.49
C ARG NA 158 65.04 -44.69 -67.87
N LEU NA 159 63.71 -44.59 -68.00
CA LEU NA 159 63.11 -44.28 -69.29
C LEU NA 159 63.55 -42.91 -69.80
N LEU NA 160 63.52 -41.90 -68.92
CA LEU NA 160 63.92 -40.56 -69.34
C LEU NA 160 65.40 -40.50 -69.71
N GLU NA 161 66.25 -41.18 -68.95
CA GLU NA 161 67.67 -41.23 -69.30
C GLU NA 161 67.89 -41.93 -70.62
N LYS NA 162 67.09 -42.95 -70.92
CA LYS NA 162 67.17 -43.59 -72.24
C LYS NA 162 66.72 -42.63 -73.34
N LEU NA 163 65.71 -41.81 -73.06
CA LEU NA 163 65.23 -40.86 -74.06
C LEU NA 163 66.29 -39.81 -74.40
N GLY NA 164 66.87 -39.18 -73.38
CA GLY NA 164 67.90 -38.19 -73.61
C GLY NA 164 67.74 -36.91 -72.82
N VAL NA 165 66.74 -36.87 -71.93
CA VAL NA 165 66.51 -35.66 -71.14
C VAL NA 165 67.70 -35.42 -70.23
N PRO NA 166 68.19 -34.18 -70.10
CA PRO NA 166 69.30 -33.92 -69.18
C PRO NA 166 68.93 -34.25 -67.74
N LEU NA 167 69.93 -34.68 -66.98
CA LEU NA 167 69.69 -35.21 -65.64
C LEU NA 167 69.03 -34.20 -64.70
N PRO NA 168 69.49 -32.94 -64.60
CA PRO NA 168 68.81 -32.01 -63.68
C PRO NA 168 67.33 -31.83 -63.97
N GLU NA 169 66.94 -31.81 -65.24
CA GLU NA 169 65.53 -31.69 -65.58
C GLU NA 169 64.77 -32.95 -65.16
N VAL NA 170 65.38 -34.13 -65.33
CA VAL NA 170 64.76 -35.37 -64.87
C VAL NA 170 64.51 -35.30 -63.37
N ILE NA 171 65.52 -34.87 -62.61
CA ILE NA 171 65.36 -34.79 -61.16
C ILE NA 171 64.28 -33.79 -60.78
N ALA NA 172 64.26 -32.63 -61.45
CA ALA NA 172 63.22 -31.64 -61.16
C ALA NA 172 61.83 -32.21 -61.41
N LEU NA 173 61.67 -32.96 -62.50
CA LEU NA 173 60.40 -33.61 -62.77
C LEU NA 173 60.05 -34.61 -61.67
N LEU NA 174 61.05 -35.35 -61.19
CA LEU NA 174 60.79 -36.35 -60.14
C LEU NA 174 60.31 -35.70 -58.85
N LEU NA 175 60.96 -34.61 -58.42
CA LEU NA 175 60.44 -33.93 -57.24
C LEU NA 175 59.13 -33.19 -57.52
N ARG NA 176 58.84 -32.83 -58.77
CA ARG NA 176 57.51 -32.32 -59.07
C ARG NA 176 56.45 -33.39 -58.83
N VAL NA 177 56.70 -34.60 -59.32
CA VAL NA 177 55.79 -35.72 -59.08
C VAL NA 177 55.66 -35.99 -57.59
N LEU NA 178 56.79 -35.96 -56.87
CA LEU NA 178 56.78 -36.22 -55.44
C LEU NA 178 56.01 -35.13 -54.69
N GLU NA 179 56.11 -33.88 -55.13
CA GLU NA 179 55.35 -32.80 -54.54
C GLU NA 179 53.86 -33.03 -54.75
N VAL NA 180 53.47 -33.46 -55.95
CA VAL NA 180 52.06 -33.76 -56.21
C VAL NA 180 51.57 -34.87 -55.28
N VAL NA 181 52.37 -35.94 -55.15
CA VAL NA 181 51.98 -37.06 -54.29
C VAL NA 181 51.87 -36.61 -52.84
N GLU NA 182 52.82 -35.80 -52.37
CA GLU NA 182 52.80 -35.32 -51.00
C GLU NA 182 51.58 -34.45 -50.74
N GLU NA 183 51.23 -33.59 -51.70
CA GLU NA 183 50.05 -32.75 -51.54
C GLU NA 183 48.79 -33.60 -51.47
N SER NA 184 48.70 -34.62 -52.33
CA SER NA 184 47.55 -35.52 -52.30
C SER NA 184 47.46 -36.23 -50.95
N LEU NA 185 48.59 -36.72 -50.44
CA LEU NA 185 48.60 -37.41 -49.16
C LEU NA 185 48.18 -36.48 -48.03
N LYS NA 186 48.70 -35.25 -48.03
CA LYS NA 186 48.36 -34.28 -46.99
C LYS NA 186 46.87 -33.93 -47.02
N ALA NA 187 46.33 -33.72 -48.22
CA ALA NA 187 44.93 -33.33 -48.33
C ALA NA 187 43.98 -34.49 -48.03
N MET NA 188 44.40 -35.73 -48.31
CA MET NA 188 43.48 -36.86 -48.14
C MET NA 188 43.28 -37.20 -46.67
N GLY NA 189 44.30 -37.04 -45.83
CA GLY NA 189 44.12 -37.26 -44.41
C GLY NA 189 45.27 -37.92 -43.67
N MET NA 190 46.35 -38.24 -44.39
CA MET NA 190 47.50 -38.88 -43.75
C MET NA 190 48.14 -37.98 -42.71
N GLU NA 191 48.62 -38.59 -41.64
CA GLU NA 191 49.35 -37.84 -40.61
C GLU NA 191 50.71 -37.41 -41.15
N PRO NA 192 51.18 -36.22 -40.77
CA PRO NA 192 52.41 -35.68 -41.38
C PRO NA 192 53.63 -36.58 -41.27
N ARG NA 193 53.77 -37.32 -40.16
CA ARG NA 193 54.99 -38.11 -39.96
C ARG NA 193 55.14 -39.19 -41.03
N GLU NA 194 54.06 -39.87 -41.38
CA GLU NA 194 54.13 -40.91 -42.41
C GLU NA 194 54.45 -40.31 -43.77
N ILE NA 195 53.88 -39.15 -44.09
CA ILE NA 195 54.19 -38.49 -45.36
C ILE NA 195 55.67 -38.12 -45.41
N ASN NA 196 56.19 -37.57 -44.31
CA ASN NA 196 57.61 -37.25 -44.25
C ASN NA 196 58.46 -38.51 -44.42
N ARG NA 197 58.04 -39.61 -43.79
CA ARG NA 197 58.80 -40.85 -43.89
C ARG NA 197 58.85 -41.37 -45.32
N VAL NA 198 57.70 -41.37 -46.02
CA VAL NA 198 57.68 -41.91 -47.37
C VAL NA 198 58.44 -41.00 -48.33
N LEU NA 199 58.31 -39.67 -48.17
CA LEU NA 199 59.07 -38.75 -49.01
C LEU NA 199 60.57 -38.92 -48.78
N ALA NA 200 60.98 -39.06 -47.52
CA ALA NA 200 62.39 -39.27 -47.22
C ALA NA 200 62.89 -40.58 -47.83
N ALA NA 201 62.09 -41.64 -47.76
CA ALA NA 201 62.49 -42.91 -48.36
C ALA NA 201 62.64 -42.78 -49.87
N ALA NA 202 61.73 -42.07 -50.52
CA ALA NA 202 61.83 -41.88 -51.97
C ALA NA 202 63.08 -41.09 -52.33
N TYR NA 203 63.35 -40.01 -51.60
CA TYR NA 203 64.57 -39.24 -51.84
C TYR NA 203 65.81 -40.11 -51.60
N LEU NA 204 65.78 -40.96 -50.57
CA LEU NA 204 66.93 -41.79 -50.27
C LEU NA 204 67.19 -42.82 -51.36
N THR NA 205 66.15 -43.46 -51.88
CA THR NA 205 66.38 -44.44 -52.94
C THR NA 205 66.83 -43.75 -54.23
N LEU NA 206 66.28 -42.56 -54.52
CA LEU NA 206 66.74 -41.83 -55.70
C LEU NA 206 68.21 -41.45 -55.57
N ALA NA 207 68.62 -40.95 -54.40
CA ALA NA 207 70.01 -40.58 -54.19
C ALA NA 207 70.92 -41.80 -54.22
N ALA NA 208 70.45 -42.92 -53.68
CA ALA NA 208 71.24 -44.14 -53.70
C ALA NA 208 71.48 -44.61 -55.14
N GLU NA 209 70.45 -44.58 -55.97
CA GLU NA 209 70.65 -44.92 -57.38
C GLU NA 209 71.61 -43.95 -58.05
N LEU NA 210 71.46 -42.66 -57.77
CA LEU NA 210 72.33 -41.67 -58.40
C LEU NA 210 73.79 -41.91 -58.02
N LEU NA 211 74.05 -42.19 -56.73
CA LEU NA 211 75.41 -42.45 -56.30
C LEU NA 211 75.94 -43.76 -56.87
N GLU NA 212 75.11 -44.80 -56.92
CA GLU NA 212 75.56 -46.08 -57.44
C GLU NA 212 75.91 -46.00 -58.92
N ARG NA 213 75.20 -45.14 -59.68
CA ARG NA 213 75.51 -44.99 -61.09
C ARG NA 213 76.95 -44.52 -61.31
N LEU NA 214 77.50 -43.76 -60.37
CA LEU NA 214 78.86 -43.23 -60.49
C LEU NA 214 79.92 -44.21 -59.98
N GLY NA 215 79.52 -45.34 -59.41
CA GLY NA 215 80.46 -46.33 -58.93
C GLY NA 215 80.68 -46.35 -57.43
N LEU NA 216 80.20 -45.34 -56.71
CA LEU NA 216 80.33 -45.29 -55.24
C LEU NA 216 79.30 -46.23 -54.62
N THR NA 217 79.56 -47.54 -54.76
CA THR NA 217 78.62 -48.55 -54.32
C THR NA 217 78.51 -48.64 -52.80
N ALA NA 218 79.61 -48.42 -52.07
CA ALA NA 218 79.55 -48.49 -50.61
C ALA NA 218 78.71 -47.36 -50.02
N LEU NA 219 78.85 -46.16 -50.58
CA LEU NA 219 78.02 -45.03 -50.12
C LEU NA 219 76.55 -45.31 -50.42
N ALA NA 220 76.24 -45.85 -51.59
CA ALA NA 220 74.86 -46.20 -51.91
C ALA NA 220 74.34 -47.26 -50.96
N ALA NA 221 75.16 -48.24 -50.61
CA ALA NA 221 74.75 -49.26 -49.65
C ALA NA 221 74.45 -48.65 -48.29
N ARG NA 222 75.28 -47.70 -47.86
CA ARG NA 222 75.02 -47.03 -46.59
C ARG NA 222 73.72 -46.23 -46.64
N ILE NA 223 73.44 -45.58 -47.78
CA ILE NA 223 72.19 -44.85 -47.92
C ILE NA 223 71.00 -45.79 -47.85
N ARG NA 224 71.11 -46.96 -48.51
CA ARG NA 224 70.04 -47.95 -48.43
C ARG NA 224 69.84 -48.46 -47.02
N ARG NA 225 70.94 -48.69 -46.28
CA ARG NA 225 70.83 -49.08 -44.89
C ARG NA 225 70.11 -48.01 -44.07
N ALA NA 226 70.44 -46.74 -44.31
CA ALA NA 226 69.76 -45.65 -43.60
C ALA NA 226 68.27 -45.63 -43.92
N ARG NA 227 67.93 -45.85 -45.20
CA ARG NA 227 66.52 -45.88 -45.59
C ARG NA 227 65.79 -47.03 -44.90
N GLU NA 228 66.41 -48.21 -44.87
CA GLU NA 228 65.77 -49.36 -44.24
C GLU NA 228 65.58 -49.14 -42.74
N LEU NA 229 66.58 -48.55 -42.07
CA LEU NA 229 66.41 -48.24 -40.67
C LEU NA 229 65.33 -47.18 -40.45
N LEU NA 230 65.20 -46.24 -41.39
CA LEU NA 230 64.15 -45.23 -41.28
C LEU NA 230 62.76 -45.86 -41.40
N LEU NA 231 62.59 -46.79 -42.35
CA LEU NA 231 61.30 -47.42 -42.56
C LEU NA 231 60.89 -48.37 -41.44
N ALA NA 232 61.84 -48.77 -40.60
CA ALA NA 232 61.57 -49.71 -39.51
C ALA NA 232 61.25 -49.02 -38.19
N GLY NA 233 61.14 -47.69 -38.20
CA GLY NA 233 60.88 -46.93 -36.99
C GLY NA 233 62.11 -46.43 -36.27
N ARG NA 234 63.30 -46.84 -36.68
CA ARG NA 234 64.55 -46.39 -36.07
C ARG NA 234 64.95 -45.08 -36.73
N VAL NA 235 64.53 -43.97 -36.13
CA VAL NA 235 64.68 -42.67 -36.77
C VAL NA 235 66.07 -42.08 -36.51
N GLU NA 236 66.50 -42.06 -35.25
CA GLU NA 236 67.75 -41.39 -34.90
C GLU NA 236 68.96 -42.09 -35.50
N GLU NA 237 68.95 -43.43 -35.51
CA GLU NA 237 70.06 -44.16 -36.10
C GLU NA 237 70.18 -43.88 -37.60
N ALA NA 238 69.04 -43.87 -38.29
CA ALA NA 238 69.04 -43.52 -39.71
C ALA NA 238 69.52 -42.08 -39.92
N LEU NA 239 69.10 -41.17 -39.05
CA LEU NA 239 69.53 -39.79 -39.14
C LEU NA 239 71.05 -39.67 -39.03
N HIS NA 240 71.64 -40.37 -38.05
CA HIS NA 240 73.09 -40.28 -37.88
C HIS NA 240 73.83 -40.95 -39.02
N LEU NA 241 73.32 -42.09 -39.50
CA LEU NA 241 73.94 -42.73 -40.67
C LEU NA 241 73.91 -41.80 -41.87
N LEU NA 242 72.78 -41.12 -42.08
CA LEU NA 242 72.67 -40.19 -43.20
C LEU NA 242 73.61 -39.01 -43.04
N GLN NA 243 73.75 -38.49 -41.81
CA GLN NA 243 74.66 -37.38 -41.58
C GLN NA 243 76.11 -37.78 -41.86
N ASP NA 244 76.51 -38.98 -41.42
CA ASP NA 244 77.87 -39.44 -41.69
C ASP NA 244 78.09 -39.62 -43.19
N ALA NA 245 77.09 -40.18 -43.89
CA ALA NA 245 77.20 -40.34 -45.33
C ALA NA 245 77.31 -38.98 -46.02
N VAL NA 246 76.57 -37.98 -45.54
CA VAL NA 246 76.62 -36.65 -46.11
C VAL NA 246 77.99 -36.03 -45.90
N GLU NA 247 78.58 -36.18 -44.71
CA GLU NA 247 79.92 -35.64 -44.48
C GLU NA 247 80.94 -36.30 -45.39
N LEU NA 248 80.85 -37.63 -45.56
CA LEU NA 248 81.81 -38.30 -46.44
C LEU NA 248 81.61 -37.87 -47.90
N LEU NA 249 80.35 -37.69 -48.32
CA LEU NA 249 80.08 -37.20 -49.67
C LEU NA 249 80.63 -35.80 -49.87
N HIS NA 250 80.49 -34.94 -48.85
CA HIS NA 250 81.07 -33.60 -48.93
C HIS NA 250 82.58 -33.66 -49.04
N GLU NA 251 83.21 -34.57 -48.28
CA GLU NA 251 84.65 -34.75 -48.40
C GLU NA 251 85.05 -35.12 -49.82
N ARG NA 252 84.35 -36.09 -50.41
CA ARG NA 252 84.66 -36.48 -51.79
C ARG NA 252 84.42 -35.34 -52.76
N ILE NA 253 83.33 -34.59 -52.59
CA ILE NA 253 82.98 -33.53 -53.52
C ILE NA 253 84.04 -32.43 -53.48
N ARG NA 254 84.43 -32.01 -52.26
CA ARG NA 254 85.45 -30.98 -52.14
C ARG NA 254 86.84 -31.49 -52.46
N GLU NA 255 87.05 -32.81 -52.48
CA GLU NA 255 88.30 -33.35 -53.00
C GLU NA 255 88.34 -33.27 -54.52
N LEU NA 256 87.22 -33.55 -55.19
CA LEU NA 256 87.20 -33.48 -56.65
C LEU NA 256 87.35 -32.06 -57.15
N GLY NA 257 86.64 -31.12 -56.54
CA GLY NA 257 86.72 -29.71 -56.94
C GLY NA 257 85.58 -29.33 -57.88
N PHE NA 258 85.92 -28.67 -58.97
CA PHE NA 258 84.95 -28.22 -59.95
C PHE NA 258 84.71 -29.21 -61.07
N GLU NA 259 85.39 -30.37 -61.03
CA GLU NA 259 85.18 -31.43 -61.99
C GLU NA 259 84.26 -32.51 -61.45
N ALA NA 260 83.49 -32.20 -60.41
CA ALA NA 260 82.56 -33.18 -59.84
C ALA NA 260 81.39 -33.40 -60.78
N PRO NA 261 81.09 -34.64 -61.17
CA PRO NA 261 79.93 -34.89 -62.02
C PRO NA 261 78.64 -34.45 -61.34
N GLU NA 262 77.63 -34.14 -62.17
CA GLU NA 262 76.36 -33.66 -61.66
C GLU NA 262 75.68 -34.66 -60.74
N GLU NA 263 76.04 -35.94 -60.85
CA GLU NA 263 75.44 -36.96 -60.00
C GLU NA 263 75.71 -36.67 -58.53
N LEU NA 264 76.94 -36.29 -58.20
CA LEU NA 264 77.30 -36.02 -56.81
C LEU NA 264 76.52 -34.82 -56.25
N LEU NA 265 76.41 -33.75 -57.04
CA LEU NA 265 75.70 -32.57 -56.57
C LEU NA 265 74.21 -32.85 -56.39
N LEU NA 266 73.59 -33.53 -57.36
CA LEU NA 266 72.18 -33.84 -57.24
C LEU NA 266 71.91 -34.78 -56.07
N ALA NA 267 72.79 -35.77 -55.89
CA ALA NA 267 72.65 -36.67 -54.74
C ALA NA 267 72.80 -35.90 -53.43
N ASP NA 268 73.73 -34.95 -53.38
CA ASP NA 268 73.90 -34.14 -52.16
C ASP NA 268 72.65 -33.33 -51.86
N LEU NA 269 72.06 -32.72 -52.88
CA LEU NA 269 70.83 -31.95 -52.67
C LEU NA 269 69.69 -32.86 -52.19
N LEU NA 270 69.54 -34.02 -52.81
CA LEU NA 270 68.50 -34.95 -52.39
C LEU NA 270 68.73 -35.43 -50.96
N LEU NA 271 69.98 -35.69 -50.61
CA LEU NA 271 70.30 -36.11 -49.24
C LEU NA 271 70.01 -35.01 -48.24
N GLN NA 272 70.28 -33.74 -48.60
CA GLN NA 272 69.93 -32.65 -47.69
C GLN NA 272 68.43 -32.55 -47.48
N ARG NA 273 67.65 -32.70 -48.56
CA ARG NA 273 66.19 -32.70 -48.39
C ARG NA 273 65.75 -33.88 -47.51
N ALA NA 274 66.37 -35.04 -47.70
CA ALA NA 274 66.05 -36.20 -46.88
C ALA NA 274 66.38 -35.95 -45.41
N LEU NA 275 67.54 -35.32 -45.15
CA LEU NA 275 67.91 -34.98 -43.78
C LEU NA 275 66.90 -34.05 -43.14
N GLU NA 276 66.48 -33.01 -43.88
CA GLU NA 276 65.49 -32.08 -43.33
C GLU NA 276 64.18 -32.79 -43.04
N LEU NA 277 63.73 -33.65 -43.96
CA LEU NA 277 62.48 -34.37 -43.75
C LEU NA 277 62.56 -35.32 -42.56
N ILE NA 278 63.68 -36.03 -42.43
CA ILE NA 278 63.84 -36.96 -41.32
C ILE NA 278 63.91 -36.22 -39.99
N SER NA 279 64.62 -35.09 -39.96
CA SER NA 279 64.69 -34.29 -38.74
C SER NA 279 63.32 -33.75 -38.35
N SER NA 280 62.50 -33.36 -39.35
CA SER NA 280 61.17 -32.85 -39.05
C SER NA 280 60.22 -33.93 -38.57
N ILE NA 281 60.58 -35.20 -38.69
CA ILE NA 281 59.72 -36.30 -38.23
C ILE NA 281 59.55 -36.23 -36.72
N THR OA 24 110.99 6.02 21.46
CA THR OA 24 111.26 7.43 21.17
C THR OA 24 109.97 8.20 20.92
N VAL OA 25 108.85 7.49 21.09
CA VAL OA 25 107.48 8.02 21.11
C VAL OA 25 106.82 8.15 19.74
N GLU OA 26 107.44 8.84 18.78
CA GLU OA 26 106.75 9.07 17.50
C GLU OA 26 106.50 7.76 16.77
N GLU OA 27 107.56 6.97 16.54
CA GLU OA 27 107.39 5.71 15.83
C GLU OA 27 106.40 4.81 16.56
N GLU OA 28 106.30 4.94 17.89
CA GLU OA 28 105.21 4.28 18.59
C GLU OA 28 103.86 4.72 18.04
N VAL OA 29 103.70 6.00 17.70
CA VAL OA 29 102.42 6.49 17.21
C VAL OA 29 102.13 5.94 15.82
N ILE OA 30 103.08 6.03 14.89
CA ILE OA 30 102.78 5.51 13.55
C ILE OA 30 102.61 3.99 13.58
N ARG OA 31 103.41 3.30 14.37
CA ARG OA 31 103.22 1.85 14.53
C ARG OA 31 101.86 1.54 15.13
N PHE OA 32 101.38 2.38 16.07
CA PHE OA 32 100.05 2.18 16.62
C PHE OA 32 99.00 2.28 15.53
N ALA OA 33 99.10 3.30 14.68
CA ALA OA 33 98.12 3.45 13.61
C ALA OA 33 98.15 2.27 12.65
N GLU OA 34 99.35 1.89 12.20
CA GLU OA 34 99.48 0.78 11.25
C GLU OA 34 99.01 -0.54 11.86
N GLU OA 35 99.38 -0.80 13.11
CA GLU OA 35 98.97 -2.03 13.77
C GLU OA 35 97.46 -2.05 14.00
N LEU OA 36 96.87 -0.89 14.29
CA LEU OA 36 95.41 -0.83 14.43
C LEU OA 36 94.73 -1.19 13.11
N ALA OA 37 95.23 -0.64 12.00
CA ALA OA 37 94.66 -0.98 10.70
C ALA OA 37 94.83 -2.46 10.39
N GLU OA 38 96.02 -3.01 10.69
CA GLU OA 38 96.26 -4.42 10.44
C GLU OA 38 95.38 -5.30 11.32
N GLU OA 39 95.12 -4.87 12.55
CA GLU OA 39 94.22 -5.63 13.43
C GLU OA 39 92.79 -5.61 12.90
N ILE OA 40 92.34 -4.47 12.38
CA ILE OA 40 91.03 -4.45 11.73
C ILE OA 40 91.01 -5.44 10.58
N ARG OA 41 92.05 -5.45 9.76
CA ARG OA 41 92.10 -6.38 8.63
C ARG OA 41 92.10 -7.83 9.10
N ARG OA 42 92.84 -8.14 10.17
CA ARG OA 42 92.86 -9.51 10.69
C ARG OA 42 91.50 -9.92 11.21
N VAL OA 43 90.85 -9.05 11.98
CA VAL OA 43 89.58 -9.42 12.61
C VAL OA 43 88.48 -9.56 11.58
N THR OA 44 88.42 -8.64 10.61
CA THR OA 44 87.32 -8.64 9.65
C THR OA 44 87.75 -9.02 8.23
N GLY OA 45 88.82 -8.44 7.72
CA GLY OA 45 89.23 -8.71 6.36
C GLY OA 45 88.99 -7.54 5.43
N GLU OA 46 88.17 -7.75 4.39
CA GLU OA 46 87.84 -6.70 3.44
C GLU OA 46 86.35 -6.37 3.46
N ALA OA 47 85.61 -6.89 4.44
CA ALA OA 47 84.21 -6.53 4.60
C ALA OA 47 84.04 -5.13 5.19
N TYR OA 48 84.99 -4.69 6.01
CA TYR OA 48 85.00 -3.34 6.58
C TYR OA 48 86.32 -2.70 6.17
N ARG OA 49 86.33 -2.08 4.99
CA ARG OA 49 87.54 -1.48 4.44
C ARG OA 49 87.56 0.05 4.59
N GLU OA 50 86.39 0.68 4.63
CA GLU OA 50 86.35 2.13 4.84
C GLU OA 50 86.92 2.49 6.21
N TYR OA 51 86.68 1.64 7.21
CA TYR OA 51 87.25 1.89 8.54
C TYR OA 51 88.77 1.83 8.51
N ALA OA 52 89.33 0.85 7.78
CA ALA OA 52 90.79 0.78 7.65
C ALA OA 52 91.33 1.99 6.90
N GLU OA 53 90.60 2.43 5.87
CA GLU OA 53 91.00 3.64 5.14
C GLU OA 53 91.03 4.84 6.07
N ALA OA 54 89.99 4.99 6.91
CA ALA OA 54 89.94 6.10 7.85
C ALA OA 54 91.06 6.02 8.88
N VAL OA 55 91.36 4.81 9.37
CA VAL OA 55 92.44 4.67 10.35
C VAL OA 55 93.78 5.02 9.73
N ARG OA 56 94.03 4.61 8.49
CA ARG OA 56 95.28 4.97 7.83
C ARG OA 56 95.35 6.47 7.56
N HIS OA 57 94.22 7.08 7.20
CA HIS OA 57 94.20 8.53 7.02
C HIS OA 57 94.53 9.26 8.32
N LEU OA 58 93.95 8.81 9.44
CA LEU OA 58 94.24 9.42 10.72
C LEU OA 58 95.69 9.20 11.14
N GLY OA 59 96.26 8.04 10.81
CA GLY OA 59 97.68 7.84 11.05
C GLY OA 59 98.54 8.79 10.25
N GLU OA 60 98.16 9.03 8.98
CA GLU OA 60 98.88 10.01 8.17
C GLU OA 60 98.76 11.40 8.77
N ALA OA 61 97.57 11.75 9.27
CA ALA OA 61 97.39 13.05 9.92
C ALA OA 61 98.27 13.17 11.16
N ALA OA 62 98.33 12.12 11.96
CA ALA OA 62 99.18 12.13 13.16
C ALA OA 62 100.64 12.27 12.79
N LYS OA 63 101.07 11.61 11.71
CA LYS OA 63 102.43 11.78 11.22
C LYS OA 63 102.69 13.22 10.77
N ALA OA 64 101.69 13.83 10.12
CA ALA OA 64 101.84 15.22 9.69
C ALA OA 64 101.96 16.17 10.86
N VAL OA 65 101.18 15.93 11.92
CA VAL OA 65 101.22 16.80 13.10
C VAL OA 65 102.61 16.83 13.71
N LEU OA 66 103.24 15.66 13.83
CA LEU OA 66 104.53 15.54 14.51
C LEU OA 66 105.68 16.19 13.74
N GLU OA 67 105.47 16.56 12.48
CA GLU OA 67 106.53 17.18 11.69
C GLU OA 67 106.45 18.71 11.69
N GLY OA 68 105.30 19.29 12.01
CA GLY OA 68 105.18 20.73 12.06
C GLY OA 68 104.04 21.27 11.22
N ASN OA 69 103.66 20.53 10.18
CA ASN OA 69 102.58 20.97 9.30
C ASN OA 69 101.25 20.84 10.02
N SER OA 70 100.53 21.95 10.15
CA SER OA 70 99.28 21.98 10.90
C SER OA 70 98.04 22.16 10.04
N VAL OA 71 98.19 22.47 8.75
CA VAL OA 71 97.04 22.62 7.87
C VAL OA 71 96.74 21.32 7.13
N GLU OA 72 97.78 20.58 6.75
CA GLU OA 72 97.57 19.27 6.15
C GLU OA 72 96.83 18.34 7.09
N ALA OA 73 97.12 18.43 8.40
CA ALA OA 73 96.38 17.64 9.38
C ALA OA 73 94.91 18.00 9.39
N ASP OA 74 94.59 19.30 9.32
CA ASP OA 74 93.20 19.72 9.27
C ASP OA 74 92.51 19.20 8.02
N LEU OA 75 93.18 19.27 6.87
CA LEU OA 75 92.59 18.77 5.64
C LEU OA 75 92.35 17.26 5.72
N ILE OA 76 93.30 16.52 6.28
CA ILE OA 76 93.13 15.07 6.40
C ILE OA 76 92.00 14.74 7.36
N VAL OA 77 91.86 15.50 8.45
CA VAL OA 77 90.77 15.26 9.39
C VAL OA 77 89.43 15.54 8.72
N THR OA 78 89.38 16.58 7.87
CA THR OA 78 88.14 16.84 7.13
C THR OA 78 87.83 15.70 6.16
N ASP OA 79 88.86 15.15 5.51
CA ASP OA 79 88.64 14.00 4.64
C ASP OA 79 88.10 12.80 5.42
N VAL OA 80 88.66 12.56 6.60
CA VAL OA 80 88.17 11.47 7.45
C VAL OA 80 86.73 11.73 7.86
N LEU OA 81 86.41 12.98 8.17
CA LEU OA 81 85.03 13.33 8.53
C LEU OA 81 84.09 13.04 7.38
N ARG OA 82 84.49 13.36 6.15
CA ARG OA 82 83.66 13.05 4.99
C ARG OA 82 83.47 11.54 4.83
N LEU OA 83 84.54 10.77 5.02
CA LEU OA 83 84.45 9.32 4.91
C LEU OA 83 83.48 8.76 5.95
N LEU OA 84 83.59 9.24 7.19
CA LEU OA 84 82.70 8.77 8.25
C LEU OA 84 81.27 9.20 8.03
N GLU OA 85 81.05 10.40 7.46
CA GLU OA 85 79.70 10.81 7.10
C GLU OA 85 79.12 9.92 6.01
N ARG OA 86 79.95 9.51 5.05
CA ARG OA 86 79.49 8.56 4.05
C ARG OA 86 79.19 7.19 4.68
N ILE OA 87 79.96 6.80 5.69
CA ILE OA 87 79.73 5.50 6.34
C ILE OA 87 78.37 5.47 7.01
N GLY OA 88 78.07 6.49 7.83
CA GLY OA 88 76.77 6.59 8.46
C GLY OA 88 76.72 6.15 9.91
N GLU OA 89 77.70 6.56 10.71
CA GLU OA 89 77.75 6.27 12.13
C GLU OA 89 77.65 7.59 12.89
N GLU OA 90 76.45 7.91 13.38
CA GLU OA 90 76.15 9.26 13.84
C GLU OA 90 77.05 9.68 15.00
N GLY OA 91 77.20 8.82 16.01
CA GLY OA 91 78.03 9.17 17.15
C GLY OA 91 79.50 9.33 16.76
N LEU OA 92 79.97 8.48 15.86
CA LEU OA 92 81.37 8.58 15.42
C LEU OA 92 81.57 9.86 14.61
N VAL OA 93 80.57 10.26 13.83
CA VAL OA 93 80.65 11.53 13.10
C VAL OA 93 80.67 12.70 14.09
N LYS OA 94 79.87 12.62 15.15
CA LYS OA 94 79.90 13.66 16.17
C LYS OA 94 81.30 13.77 16.80
N LEU OA 95 81.88 12.63 17.14
CA LEU OA 95 83.23 12.64 17.68
C LEU OA 95 84.22 13.21 16.68
N ALA OA 96 84.03 12.90 15.40
CA ALA OA 96 84.92 13.43 14.37
C ALA OA 96 84.82 14.95 14.27
N ARG OA 97 83.61 15.50 14.33
CA ARG OA 97 83.44 16.95 14.29
C ARG OA 97 84.10 17.60 15.50
N GLU OA 98 83.89 17.04 16.70
CA GLU OA 98 84.52 17.60 17.90
C GLU OA 98 86.04 17.54 17.79
N VAL OA 99 86.57 16.43 17.28
CA VAL OA 99 88.01 16.30 17.10
C VAL OA 99 88.50 17.35 16.10
N HIS OA 100 87.76 17.56 15.02
CA HIS OA 100 88.13 18.58 14.04
C HIS OA 100 88.26 19.95 14.68
N GLU OA 101 87.22 20.37 15.41
CA GLU OA 101 87.24 21.70 16.01
C GLU OA 101 88.35 21.83 17.04
N ARG OA 102 88.42 20.89 17.99
CA ARG OA 102 89.41 20.98 19.05
C ARG OA 102 90.83 20.90 18.50
N SER OA 103 91.07 20.00 17.55
CA SER OA 103 92.40 19.88 16.96
C SER OA 103 92.81 21.14 16.23
N PHE OA 104 91.87 21.74 15.48
CA PHE OA 104 92.19 23.00 14.81
C PHE OA 104 92.59 24.07 15.82
N GLU OA 105 91.78 24.24 16.88
CA GLU OA 105 92.07 25.29 17.84
C GLU OA 105 93.39 25.05 18.56
N LEU OA 106 93.63 23.79 18.99
CA LEU OA 106 94.85 23.50 19.73
C LEU OA 106 96.09 23.61 18.85
N LEU OA 107 95.99 23.17 17.58
CA LEU OA 107 97.12 23.29 16.68
C LEU OA 107 97.42 24.75 16.35
N ARG OA 108 96.38 25.59 16.24
CA ARG OA 108 96.62 27.02 16.10
C ARG OA 108 97.31 27.58 17.33
N LYS OA 109 96.85 27.18 18.52
CA LYS OA 109 97.49 27.66 19.75
C LYS OA 109 98.87 27.06 19.93
N GLY OA 110 99.01 25.74 19.72
CA GLY OA 110 100.30 25.10 19.82
C GLY OA 110 100.34 23.85 20.68
N ASN OA 111 99.16 23.34 21.06
CA ASN OA 111 99.08 22.13 21.89
C ASN OA 111 99.13 20.92 20.97
N ARG OA 112 100.35 20.53 20.60
CA ARG OA 112 100.55 19.39 19.71
C ARG OA 112 100.08 18.09 20.37
N VAL OA 113 100.40 17.90 21.65
CA VAL OA 113 100.18 16.62 22.30
C VAL OA 113 98.69 16.32 22.40
N GLU OA 114 97.88 17.31 22.76
CA GLU OA 114 96.45 17.06 22.88
C GLU OA 114 95.79 16.80 21.53
N ALA OA 115 96.26 17.47 20.47
CA ALA OA 115 95.76 17.17 19.13
C ALA OA 115 96.10 15.75 18.72
N LEU OA 116 97.34 15.32 19.01
CA LEU OA 116 97.71 13.94 18.74
C LEU OA 116 96.83 12.97 19.51
N ALA OA 117 96.56 13.28 20.79
CA ALA OA 117 95.71 12.43 21.60
C ALA OA 117 94.30 12.32 21.01
N LEU OA 118 93.75 13.45 20.55
CA LEU OA 118 92.41 13.41 19.96
C LEU OA 118 92.39 12.61 18.67
N ILE OA 119 93.44 12.75 17.85
CA ILE OA 119 93.51 11.99 16.60
C ILE OA 119 93.56 10.49 16.89
N LEU OA 120 94.40 10.11 17.86
CA LEU OA 120 94.51 8.70 18.22
C LEU OA 120 93.21 8.17 18.82
N ALA OA 121 92.53 8.99 19.62
CA ALA OA 121 91.25 8.58 20.18
C ALA OA 121 90.22 8.36 19.07
N LEU OA 122 90.19 9.24 18.06
CA LEU OA 122 89.28 9.04 16.95
C LEU OA 122 89.59 7.75 16.19
N ALA OA 123 90.89 7.49 15.95
CA ALA OA 123 91.27 6.27 15.25
C ALA OA 123 90.85 5.03 16.03
N LEU OA 124 91.08 5.04 17.34
CA LEU OA 124 90.67 3.92 18.17
C LEU OA 124 89.15 3.76 18.17
N ALA OA 125 88.42 4.86 18.18
CA ALA OA 125 86.95 4.78 18.15
C ALA OA 125 86.49 4.12 16.86
N VAL OA 126 87.07 4.51 15.72
CA VAL OA 126 86.70 3.89 14.45
C VAL OA 126 87.00 2.40 14.48
N ALA OA 127 88.20 2.03 14.95
CA ALA OA 127 88.60 0.63 14.97
C ALA OA 127 87.67 -0.20 15.87
N LEU OA 128 87.37 0.31 17.06
CA LEU OA 128 86.52 -0.42 17.98
C LEU OA 128 85.09 -0.52 17.46
N THR OA 129 84.59 0.54 16.80
CA THR OA 129 83.26 0.46 16.21
C THR OA 129 83.20 -0.62 15.15
N ALA OA 130 84.21 -0.68 14.27
CA ALA OA 130 84.22 -1.70 13.23
C ALA OA 130 84.30 -3.09 13.84
N VAL OA 131 85.18 -3.27 14.82
CA VAL OA 131 85.36 -4.60 15.43
C VAL OA 131 84.09 -5.04 16.13
N SER OA 132 83.46 -4.14 16.89
CA SER OA 132 82.23 -4.50 17.60
C SER OA 132 81.11 -4.81 16.63
N LYS OA 133 81.01 -4.04 15.54
CA LYS OA 133 79.99 -4.34 14.54
C LYS OA 133 80.19 -5.72 13.93
N ALA OA 134 81.44 -6.06 13.60
CA ALA OA 134 81.72 -7.38 13.04
C ALA OA 134 81.39 -8.48 14.04
N PHE OA 135 81.79 -8.30 15.30
CA PHE OA 135 81.55 -9.32 16.32
C PHE OA 135 80.06 -9.53 16.56
N PHE OA 136 79.28 -8.44 16.62
CA PHE OA 136 77.84 -8.59 16.78
C PHE OA 136 77.21 -9.25 15.56
N LEU OA 137 77.65 -8.89 14.35
CA LEU OA 137 77.08 -9.49 13.15
C LEU OA 137 77.35 -10.99 13.11
N LEU OA 138 78.56 -11.41 13.50
CA LEU OA 138 78.85 -12.83 13.55
C LEU OA 138 77.96 -13.55 14.55
N GLY OA 139 77.80 -12.98 15.74
CA GLY OA 139 77.03 -13.60 16.79
C GLY OA 139 77.89 -13.95 17.99
N GLN OA 140 78.99 -13.22 18.15
CA GLN OA 140 79.98 -13.54 19.16
C GLN OA 140 79.43 -13.27 20.56
N PRO OA 141 79.93 -13.96 21.58
CA PRO OA 141 79.56 -13.63 22.96
C PRO OA 141 80.21 -12.33 23.41
N ALA OA 142 79.64 -11.75 24.46
CA ALA OA 142 80.11 -10.47 24.97
C ALA OA 142 81.50 -10.55 25.59
N ARG OA 143 81.95 -11.74 25.97
CA ARG OA 143 83.24 -11.87 26.64
C ARG OA 143 84.39 -11.41 25.76
N LEU OA 144 84.44 -11.92 24.52
CA LEU OA 144 85.54 -11.57 23.62
C LEU OA 144 85.54 -10.09 23.28
N ILE OA 145 84.35 -9.53 23.05
CA ILE OA 145 84.23 -8.09 22.80
C ILE OA 145 84.78 -7.31 23.98
N ALA OA 146 84.42 -7.71 25.20
CA ALA OA 146 84.88 -7.02 26.39
C ALA OA 146 86.40 -7.07 26.50
N GLU OA 147 87.00 -8.25 26.34
CA GLU OA 147 88.45 -8.35 26.46
C GLU OA 147 89.16 -7.55 25.37
N TYR OA 148 88.66 -7.60 24.13
CA TYR OA 148 89.32 -6.86 23.06
C TYR OA 148 89.23 -5.35 23.29
N VAL OA 149 88.05 -4.86 23.70
CA VAL OA 149 87.90 -3.44 23.97
C VAL OA 149 88.81 -3.01 25.11
N GLY OA 150 88.87 -3.82 26.17
CA GLY OA 150 89.75 -3.48 27.28
C GLY OA 150 91.21 -3.45 26.87
N GLU OA 151 91.64 -4.43 26.06
CA GLU OA 151 93.04 -4.46 25.63
C GLU OA 151 93.38 -3.25 24.76
N LYS OA 152 92.48 -2.89 23.83
CA LYS OA 152 92.75 -1.74 22.97
C LYS OA 152 92.78 -0.45 23.78
N LEU OA 153 91.86 -0.30 24.75
CA LEU OA 153 91.88 0.88 25.59
C LEU OA 153 93.15 0.94 26.42
N LEU OA 154 93.62 -0.22 26.90
CA LEU OA 154 94.88 -0.25 27.64
C LEU OA 154 96.05 0.19 26.77
N GLU OA 155 96.10 -0.29 25.52
CA GLU OA 155 97.17 0.13 24.62
C GLU OA 155 97.13 1.64 24.37
N LEU OA 156 95.93 2.19 24.13
CA LEU OA 156 95.81 3.62 23.93
C LEU OA 156 96.24 4.39 25.17
N ARG OA 157 95.85 3.91 26.35
CA ARG OA 157 96.23 4.58 27.59
C ARG OA 157 97.73 4.59 27.78
N ARG OA 158 98.40 3.45 27.51
CA ARG OA 158 99.86 3.42 27.62
C ARG OA 158 100.50 4.38 26.63
N LEU OA 159 100.01 4.41 25.39
CA LEU OA 159 100.57 5.31 24.40
C LEU OA 159 100.42 6.77 24.82
N LEU OA 160 99.22 7.14 25.28
CA LEU OA 160 98.97 8.53 25.69
C LEU OA 160 99.81 8.91 26.90
N GLU OA 161 99.95 7.99 27.87
CA GLU OA 161 100.81 8.27 29.02
C GLU OA 161 102.26 8.43 28.60
N LYS OA 162 102.71 7.65 27.61
CA LYS OA 162 104.06 7.84 27.09
C LYS OA 162 104.20 9.20 26.40
N LEU OA 163 103.14 9.65 25.72
CA LEU OA 163 103.19 10.94 25.05
C LEU OA 163 103.36 12.08 26.05
N GLY OA 164 102.51 12.12 27.09
CA GLY OA 164 102.61 13.15 28.09
C GLY OA 164 101.28 13.79 28.44
N VAL OA 165 100.20 13.26 27.88
CA VAL OA 165 98.87 13.81 28.17
C VAL OA 165 98.56 13.60 29.65
N PRO OA 166 98.00 14.60 30.36
CA PRO OA 166 97.63 14.38 31.76
C PRO OA 166 96.56 13.31 31.89
N LEU OA 167 96.60 12.61 33.02
CA LEU OA 167 95.74 11.45 33.22
C LEU OA 167 94.25 11.76 33.12
N PRO OA 168 93.70 12.81 33.74
CA PRO OA 168 92.25 13.06 33.61
C PRO OA 168 91.80 13.22 32.18
N GLU OA 169 92.59 13.90 31.34
CA GLU OA 169 92.20 14.05 29.93
C GLU OA 169 92.23 12.72 29.20
N VAL OA 170 93.22 11.88 29.51
CA VAL OA 170 93.28 10.54 28.92
C VAL OA 170 92.03 9.76 29.28
N ILE OA 171 91.63 9.80 30.55
CA ILE OA 171 90.45 9.05 30.98
C ILE OA 171 89.20 9.61 30.30
N ALA OA 172 89.10 10.93 30.20
CA ALA OA 172 87.94 11.53 29.54
C ALA OA 172 87.85 11.09 28.09
N LEU OA 173 89.00 11.04 27.39
CA LEU OA 173 89.02 10.54 26.03
C LEU OA 173 88.58 9.07 25.97
N LEU OA 174 89.01 8.27 26.93
CA LEU OA 174 88.65 6.86 26.93
C LEU OA 174 87.14 6.67 27.12
N LEU OA 175 86.53 7.41 28.06
CA LEU OA 175 85.07 7.33 28.16
C LEU OA 175 84.37 7.94 26.95
N ARG OA 176 84.99 8.91 26.26
CA ARG OA 176 84.38 9.38 25.01
C ARG OA 176 84.34 8.26 23.97
N VAL OA 177 85.45 7.52 23.83
CA VAL OA 177 85.50 6.38 22.92
C VAL OA 177 84.47 5.33 23.33
N LEU OA 178 84.38 5.05 24.62
CA LEU OA 178 83.43 4.06 25.11
C LEU OA 178 81.99 4.52 24.87
N GLU OA 179 81.72 5.81 24.99
CA GLU OA 179 80.40 6.35 24.69
C GLU OA 179 80.07 6.15 23.22
N VAL OA 180 81.05 6.40 22.34
CA VAL OA 180 80.84 6.17 20.91
C VAL OA 180 80.50 4.71 20.65
N VAL OA 181 81.27 3.80 21.25
CA VAL OA 181 81.05 2.37 21.05
C VAL OA 181 79.67 1.95 21.56
N GLU OA 182 79.29 2.46 22.74
CA GLU OA 182 77.98 2.13 23.31
C GLU OA 182 76.85 2.65 22.44
N GLU OA 183 76.99 3.86 21.90
CA GLU OA 183 75.97 4.41 21.02
C GLU OA 183 75.85 3.56 19.75
N SER OA 184 76.98 3.16 19.18
CA SER OA 184 76.95 2.31 18.00
C SER OA 184 76.24 0.98 18.29
N LEU OA 185 76.57 0.37 19.43
CA LEU OA 185 75.95 -0.91 19.78
C LEU OA 185 74.46 -0.75 20.01
N LYS OA 186 74.05 0.32 20.69
CA LYS OA 186 72.63 0.56 20.94
C LYS OA 186 71.87 0.76 19.64
N ALA OA 187 72.44 1.55 18.72
CA ALA OA 187 71.78 1.80 17.45
C ALA OA 187 71.72 0.56 16.57
N MET OA 188 72.75 -0.30 16.63
CA MET OA 188 72.77 -1.48 15.78
C MET OA 188 71.66 -2.46 16.11
N GLY OA 189 71.40 -2.71 17.40
CA GLY OA 189 70.33 -3.62 17.77
C GLY OA 189 70.63 -4.55 18.93
N MET OA 190 71.84 -4.47 19.49
CA MET OA 190 72.20 -5.30 20.63
C MET OA 190 71.28 -5.02 21.82
N GLU OA 191 70.93 -6.07 22.54
CA GLU OA 191 70.10 -5.92 23.72
C GLU OA 191 70.87 -5.16 24.81
N PRO OA 192 70.17 -4.29 25.56
CA PRO OA 192 70.87 -3.41 26.52
C PRO OA 192 71.74 -4.14 27.54
N ARG OA 193 71.34 -5.34 27.97
CA ARG OA 193 72.09 -6.03 29.01
C ARG OA 193 73.52 -6.34 28.59
N GLU OA 194 73.70 -6.80 27.35
CA GLU OA 194 75.05 -7.09 26.86
C GLU OA 194 75.89 -5.83 26.75
N ILE OA 195 75.29 -4.73 26.31
CA ILE OA 195 76.00 -3.45 26.24
C ILE OA 195 76.46 -3.03 27.63
N ASN OA 196 75.56 -3.14 28.61
CA ASN OA 196 75.93 -2.80 29.98
C ASN OA 196 77.05 -3.70 30.47
N ARG OA 197 76.99 -5.00 30.15
CA ARG OA 197 78.03 -5.93 30.59
C ARG OA 197 79.38 -5.57 30.01
N VAL OA 198 79.44 -5.28 28.70
CA VAL OA 198 80.73 -5.00 28.08
C VAL OA 198 81.28 -3.66 28.56
N LEU OA 199 80.41 -2.65 28.71
CA LEU OA 199 80.87 -1.36 29.23
C LEU OA 199 81.39 -1.50 30.65
N ALA OA 200 80.68 -2.27 31.49
CA ALA OA 200 81.13 -2.48 32.85
C ALA OA 200 82.47 -3.21 32.89
N ALA OA 201 82.65 -4.20 32.00
CA ALA OA 201 83.94 -4.89 31.94
C ALA OA 201 85.06 -3.94 31.53
N ALA OA 202 84.80 -3.06 30.57
CA ALA OA 202 85.82 -2.10 30.14
C ALA OA 202 86.19 -1.15 31.28
N TYR OA 203 85.19 -0.63 31.98
CA TYR OA 203 85.46 0.24 33.11
C TYR OA 203 86.22 -0.51 34.19
N LEU OA 204 85.88 -1.77 34.42
CA LEU OA 204 86.55 -2.56 35.45
C LEU OA 204 88.02 -2.79 35.12
N THR OA 205 88.33 -3.13 33.87
CA THR OA 205 89.73 -3.35 33.53
C THR OA 205 90.52 -2.04 33.55
N LEU OA 206 89.90 -0.93 33.13
CA LEU OA 206 90.57 0.36 33.24
C LEU OA 206 90.88 0.70 34.69
N ALA OA 207 89.90 0.53 35.57
CA ALA OA 207 90.10 0.82 36.98
C ALA OA 207 91.13 -0.11 37.60
N ALA OA 208 91.13 -1.39 37.21
CA ALA OA 208 92.11 -2.33 37.72
C ALA OA 208 93.53 -1.93 37.32
N GLU OA 209 93.71 -1.53 36.06
CA GLU OA 209 95.03 -1.04 35.64
C GLU OA 209 95.43 0.21 36.42
N LEU OA 210 94.49 1.13 36.60
CA LEU OA 210 94.80 2.36 37.33
C LEU OA 210 95.23 2.07 38.76
N LEU OA 211 94.52 1.16 39.43
CA LEU OA 211 94.87 0.79 40.79
C LEU OA 211 96.21 0.06 40.85
N GLU OA 212 96.44 -0.87 39.91
CA GLU OA 212 97.69 -1.62 39.91
C GLU OA 212 98.90 -0.72 39.67
N ARG OA 213 98.71 0.35 38.89
CA ARG OA 213 99.82 1.28 38.66
C ARG OA 213 100.32 1.88 39.97
N LEU OA 214 99.44 2.06 40.95
CA LEU OA 214 99.80 2.67 42.22
C LEU OA 214 100.35 1.67 43.23
N GLY OA 215 100.34 0.37 42.92
CA GLY OA 215 100.86 -0.64 43.80
C GLY OA 215 99.82 -1.45 44.54
N LEU OA 216 98.55 -1.02 44.53
CA LEU OA 216 97.48 -1.75 45.20
C LEU OA 216 97.09 -2.96 44.36
N THR OA 217 97.99 -3.96 44.37
CA THR OA 217 97.81 -5.13 43.53
C THR OA 217 96.67 -6.03 44.00
N ALA OA 218 96.45 -6.15 45.31
CA ALA OA 218 95.35 -6.98 45.79
C ALA OA 218 93.99 -6.41 45.41
N LEU OA 219 93.83 -5.09 45.52
CA LEU OA 219 92.58 -4.46 45.09
C LEU OA 219 92.36 -4.65 43.60
N ALA OA 220 93.41 -4.50 42.80
CA ALA OA 220 93.29 -4.74 41.36
C ALA OA 220 92.89 -6.18 41.07
N ALA OA 221 93.49 -7.13 41.79
CA ALA OA 221 93.12 -8.53 41.61
C ALA OA 221 91.66 -8.77 41.96
N ARG OA 222 91.18 -8.15 43.03
CA ARG OA 222 89.76 -8.27 43.38
C ARG OA 222 88.87 -7.69 42.30
N ILE OA 223 89.28 -6.55 41.71
CA ILE OA 223 88.50 -5.95 40.63
C ILE OA 223 88.45 -6.88 39.42
N ARG OA 224 89.59 -7.49 39.08
CA ARG OA 224 89.62 -8.44 37.96
C ARG OA 224 88.76 -9.66 38.25
N ARG OA 225 88.76 -10.15 39.49
CA ARG OA 225 87.88 -11.25 39.85
C ARG OA 225 86.41 -10.86 39.68
N ALA OA 226 86.07 -9.63 40.10
CA ALA OA 226 84.70 -9.16 39.92
C ALA OA 226 84.33 -9.09 38.45
N ARG OA 227 85.25 -8.61 37.61
CA ARG OA 227 84.98 -8.55 36.17
C ARG OA 227 84.78 -9.95 35.59
N GLU OA 228 85.62 -10.90 35.99
CA GLU OA 228 85.50 -12.27 35.48
C GLU OA 228 84.18 -12.91 35.91
N LEU OA 229 83.77 -12.68 37.16
CA LEU OA 229 82.48 -13.20 37.60
C LEU OA 229 81.33 -12.52 36.87
N LEU OA 230 81.48 -11.23 36.55
CA LEU OA 230 80.44 -10.54 35.79
C LEU OA 230 80.30 -11.11 34.38
N LEU OA 231 81.43 -11.41 33.72
CA LEU OA 231 81.40 -11.91 32.35
C LEU OA 231 80.85 -13.31 32.25
N ALA OA 232 80.79 -14.07 33.35
CA ALA OA 232 80.33 -15.45 33.33
C ALA OA 232 78.85 -15.57 33.67
N GLY OA 233 78.14 -14.45 33.81
CA GLY OA 233 76.74 -14.47 34.17
C GLY OA 233 76.46 -14.37 35.66
N ARG OA 234 77.48 -14.48 36.50
CA ARG OA 234 77.33 -14.36 37.95
C ARG OA 234 77.31 -12.88 38.30
N VAL OA 235 76.11 -12.30 38.22
CA VAL OA 235 75.99 -10.84 38.31
C VAL OA 235 76.03 -10.38 39.76
N GLU OA 236 75.23 -10.99 40.64
CA GLU OA 236 75.10 -10.49 42.00
C GLU OA 236 76.39 -10.65 42.80
N GLU OA 237 77.10 -11.77 42.61
CA GLU OA 237 78.36 -11.96 43.32
C GLU OA 237 79.39 -10.93 42.88
N ALA OA 238 79.47 -10.65 41.58
CA ALA OA 238 80.35 -9.60 41.10
C ALA OA 238 79.94 -8.24 41.66
N LEU OA 239 78.63 -7.99 41.74
CA LEU OA 239 78.13 -6.75 42.33
C LEU OA 239 78.62 -6.59 43.76
N HIS OA 240 78.48 -7.63 44.57
CA HIS OA 240 78.90 -7.52 45.97
C HIS OA 240 80.41 -7.40 46.09
N LEU OA 241 81.17 -8.13 45.26
CA LEU OA 241 82.62 -7.99 45.28
C LEU OA 241 83.04 -6.56 44.94
N LEU OA 242 82.39 -5.97 43.93
CA LEU OA 242 82.67 -4.59 43.56
C LEU OA 242 82.32 -3.63 44.68
N GLN OA 243 81.19 -3.86 45.36
CA GLN OA 243 80.81 -2.99 46.46
C GLN OA 243 81.83 -3.05 47.60
N ASP OA 244 82.28 -4.26 47.95
CA ASP OA 244 83.28 -4.39 49.00
C ASP OA 244 84.59 -3.71 48.60
N ALA OA 245 85.00 -3.89 47.35
CA ALA OA 245 86.19 -3.21 46.87
C ALA OA 245 86.02 -1.69 46.93
N VAL OA 246 84.83 -1.21 46.63
CA VAL OA 246 84.56 0.22 46.67
C VAL OA 246 84.67 0.75 48.10
N GLU OA 247 84.11 0.02 49.07
CA GLU OA 247 84.24 0.44 50.46
C GLU OA 247 85.70 0.45 50.91
N LEU OA 248 86.48 -0.55 50.51
CA LEU OA 248 87.88 -0.57 50.89
C LEU OA 248 88.65 0.59 50.26
N LEU OA 249 88.35 0.88 48.99
CA LEU OA 249 88.97 2.02 48.31
C LEU OA 249 88.60 3.34 48.98
N HIS OA 250 87.34 3.48 49.39
CA HIS OA 250 86.92 4.68 50.10
C HIS OA 250 87.65 4.81 51.43
N GLU OA 251 87.82 3.70 52.14
CA GLU OA 251 88.58 3.72 53.39
C GLU OA 251 90.00 4.20 53.15
N ARG OA 252 90.67 3.65 52.13
CA ARG OA 252 92.03 4.08 51.82
C ARG OA 252 92.08 5.56 51.43
N ILE OA 253 91.12 6.00 50.61
CA ILE OA 253 91.12 7.38 50.14
C ILE OA 253 90.94 8.35 51.29
N ARG OA 254 89.98 8.06 52.18
CA ARG OA 254 89.74 8.93 53.32
C ARG OA 254 90.82 8.81 54.40
N GLU OA 255 91.59 7.73 54.40
CA GLU OA 255 92.75 7.66 55.28
C GLU OA 255 93.90 8.49 54.74
N LEU OA 256 94.08 8.52 53.42
CA LEU OA 256 95.16 9.29 52.83
C LEU OA 256 94.96 10.79 53.03
N GLY OA 257 93.75 11.27 52.85
CA GLY OA 257 93.45 12.68 53.01
C GLY OA 257 93.37 13.40 51.67
N PHE OA 258 93.92 14.62 51.62
CA PHE OA 258 93.94 15.42 50.41
C PHE OA 258 95.17 15.17 49.54
N GLU OA 259 96.09 14.32 49.99
CA GLU OA 259 97.26 13.96 49.19
C GLU OA 259 97.06 12.69 48.39
N ALA OA 260 95.82 12.30 48.15
CA ALA OA 260 95.54 11.09 47.40
C ALA OA 260 95.90 11.30 45.93
N PRO OA 261 96.72 10.43 45.34
CA PRO OA 261 97.02 10.56 43.91
C PRO OA 261 95.77 10.44 43.06
N GLU OA 262 95.81 11.08 41.89
CA GLU OA 262 94.65 11.11 41.00
C GLU OA 262 94.22 9.71 40.56
N GLU OA 263 95.12 8.72 40.65
CA GLU OA 263 94.76 7.36 40.29
C GLU OA 263 93.61 6.84 41.15
N LEU OA 264 93.66 7.10 42.46
CA LEU OA 264 92.61 6.62 43.35
C LEU OA 264 91.27 7.26 43.02
N LEU OA 265 91.24 8.56 42.79
CA LEU OA 265 89.98 9.24 42.49
C LEU OA 265 89.41 8.78 41.15
N LEU OA 266 90.26 8.68 40.12
CA LEU OA 266 89.78 8.23 38.82
C LEU OA 266 89.27 6.79 38.89
N ALA OA 267 89.99 5.92 39.62
CA ALA OA 267 89.52 4.55 39.80
C ALA OA 267 88.21 4.50 40.55
N ASP OA 268 88.04 5.37 41.55
CA ASP OA 268 86.78 5.41 42.28
C ASP OA 268 85.63 5.81 41.38
N LEU OA 269 85.83 6.83 40.55
CA LEU OA 269 84.78 7.24 39.62
C LEU OA 269 84.43 6.13 38.64
N LEU OA 270 85.47 5.47 38.08
CA LEU OA 270 85.23 4.38 37.15
C LEU OA 270 84.48 3.24 37.83
N LEU OA 271 84.85 2.92 39.08
CA LEU OA 271 84.17 1.84 39.80
C LEU OA 271 82.72 2.20 40.09
N GLN OA 272 82.45 3.47 40.39
CA GLN OA 272 81.06 3.87 40.60
C GLN OA 272 80.24 3.75 39.32
N ARG OA 273 80.81 4.16 38.18
CA ARG OA 273 80.09 3.98 36.92
C ARG OA 273 79.86 2.50 36.63
N ALA OA 274 80.87 1.67 36.87
CA ALA OA 274 80.69 0.22 36.67
C ALA OA 274 79.64 -0.34 37.61
N LEU OA 275 79.59 0.15 38.85
CA LEU OA 275 78.59 -0.30 39.80
C LEU OA 275 77.19 0.04 39.32
N GLU OA 276 77.00 1.27 38.84
CA GLU OA 276 75.70 1.66 38.32
C GLU OA 276 75.31 0.82 37.11
N LEU OA 277 76.27 0.58 36.20
CA LEU OA 277 75.97 -0.23 35.02
C LEU OA 277 75.60 -1.66 35.40
N ILE OA 278 76.32 -2.26 36.35
CA ILE OA 278 76.02 -3.61 36.79
C ILE OA 278 74.67 -3.67 37.48
N SER OA 279 74.34 -2.66 38.29
CA SER OA 279 73.04 -2.61 38.94
C SER OA 279 71.92 -2.50 37.92
N SER OA 280 72.12 -1.72 36.86
CA SER OA 280 71.10 -1.58 35.83
C SER OA 280 70.95 -2.82 34.97
N ILE OA 281 71.85 -3.79 35.08
CA ILE OA 281 71.77 -5.02 34.29
C ILE OA 281 70.53 -5.80 34.67
N THR PA 24 87.03 53.19 49.73
CA THR PA 24 85.99 54.20 49.94
C THR PA 24 84.63 53.53 50.06
N VAL PA 25 84.53 52.30 49.55
CA VAL PA 25 83.34 51.45 49.64
C VAL PA 25 82.20 52.02 48.83
N GLU PA 26 81.87 53.29 49.04
CA GLU PA 26 80.78 53.91 48.29
C GLU PA 26 81.10 53.95 46.80
N GLU PA 27 82.28 54.48 46.46
CA GLU PA 27 82.70 54.53 45.07
C GLU PA 27 82.63 53.16 44.43
N GLU PA 28 82.92 52.11 45.20
CA GLU PA 28 82.71 50.76 44.72
C GLU PA 28 81.25 50.53 44.34
N VAL PA 29 80.32 51.10 45.11
CA VAL PA 29 78.90 50.89 44.82
C VAL PA 29 78.49 51.57 43.52
N ILE PA 30 78.86 52.86 43.35
CA ILE PA 30 78.47 53.51 42.10
C ILE PA 30 79.18 52.89 40.91
N ARG PA 31 80.47 52.55 41.06
CA ARG PA 31 81.17 51.86 39.98
C ARG PA 31 80.55 50.51 39.68
N PHE PA 32 80.06 49.81 40.70
CA PHE PA 32 79.37 48.53 40.47
C PHE PA 32 78.13 48.74 39.62
N ALA PA 33 77.33 49.75 39.95
CA ALA PA 33 76.12 50.01 39.17
C ALA PA 33 76.46 50.36 37.73
N GLU PA 34 77.41 51.27 37.53
CA GLU PA 34 77.77 51.70 36.18
C GLU PA 34 78.38 50.55 35.38
N GLU PA 35 79.26 49.77 35.99
CA GLU PA 35 79.87 48.64 35.30
C GLU PA 35 78.84 47.57 34.96
N LEU PA 36 77.86 47.36 35.85
CA LEU PA 36 76.79 46.41 35.54
C LEU PA 36 75.99 46.86 34.33
N ALA PA 37 75.63 48.15 34.28
CA ALA PA 37 74.91 48.66 33.12
C ALA PA 37 75.74 48.54 31.85
N GLU PA 38 77.03 48.85 31.94
CA GLU PA 38 77.92 48.75 30.78
C GLU PA 38 78.05 47.30 30.33
N GLU PA 39 78.04 46.36 31.28
CA GLU PA 39 78.11 44.94 30.92
C GLU PA 39 76.85 44.49 30.20
N ILE PA 40 75.67 44.94 30.65
CA ILE PA 40 74.46 44.65 29.90
C ILE PA 40 74.56 45.21 28.48
N ARG PA 41 75.07 46.44 28.35
CA ARG PA 41 75.23 47.03 27.03
C ARG PA 41 76.18 46.22 26.17
N ARG PA 42 77.27 45.73 26.77
CA ARG PA 42 78.25 44.94 26.02
C ARG PA 42 77.66 43.62 25.54
N VAL PA 43 77.02 42.88 26.45
CA VAL PA 43 76.52 41.55 26.10
C VAL PA 43 75.35 41.64 25.13
N THR PA 44 74.45 42.60 25.34
CA THR PA 44 73.23 42.67 24.54
C THR PA 44 73.22 43.82 23.53
N GLY PA 45 73.58 45.03 23.96
CA GLY PA 45 73.53 46.18 23.07
C GLY PA 45 72.35 47.09 23.39
N GLU PA 46 71.46 47.27 22.41
CA GLU PA 46 70.27 48.09 22.60
C GLU PA 46 69.00 47.29 22.40
N ALA PA 47 69.09 45.97 22.34
CA ALA PA 47 67.90 45.12 22.31
C ALA PA 47 67.22 45.04 23.67
N TYR PA 48 67.99 45.15 24.75
CA TYR PA 48 67.46 45.16 26.12
C TYR PA 48 67.94 46.46 26.76
N ARG PA 49 67.16 47.53 26.57
CA ARG PA 49 67.51 48.84 27.10
C ARG PA 49 66.73 49.21 28.35
N GLU PA 50 65.53 48.66 28.52
CA GLU PA 50 64.78 48.89 29.75
C GLU PA 50 65.52 48.35 30.96
N TYR PA 51 66.20 47.21 30.80
CA TYR PA 51 66.98 46.66 31.90
C TYR PA 51 68.13 47.58 32.27
N ALA PA 52 68.82 48.16 31.27
CA ALA PA 52 69.87 49.12 31.57
C ALA PA 52 69.32 50.36 32.25
N GLU PA 53 68.15 50.83 31.80
CA GLU PA 53 67.51 51.97 32.46
C GLU PA 53 67.20 51.66 33.92
N ALA PA 54 66.66 50.47 34.19
CA ALA PA 54 66.35 50.09 35.56
C ALA PA 54 67.61 50.00 36.41
N VAL PA 55 68.69 49.44 35.84
CA VAL PA 55 69.93 49.31 36.60
C VAL PA 55 70.51 50.69 36.91
N ARG PA 56 70.46 51.62 35.95
CA ARG PA 56 70.95 52.97 36.23
C ARG PA 56 70.08 53.68 37.26
N HIS PA 57 68.76 53.46 37.21
CA HIS PA 57 67.87 54.03 38.22
C HIS PA 57 68.21 53.49 39.62
N LEU PA 58 68.45 52.17 39.72
CA LEU PA 58 68.80 51.58 41.01
C LEU PA 58 70.16 52.07 41.48
N GLY PA 59 71.10 52.30 40.56
CA GLY PA 59 72.35 52.91 40.95
C GLY PA 59 72.17 54.32 41.50
N GLU PA 60 71.29 55.10 40.87
CA GLU PA 60 70.98 56.43 41.40
C GLU PA 60 70.35 56.34 42.77
N ALA PA 61 69.46 55.36 42.98
CA ALA PA 61 68.86 55.17 44.30
C ALA PA 61 69.90 54.80 45.34
N ALA PA 62 70.84 53.91 44.98
CA ALA PA 62 71.90 53.54 45.90
C ALA PA 62 72.80 54.73 46.23
N LYS PA 63 73.03 55.59 45.24
CA LYS PA 63 73.76 56.82 45.51
C LYS PA 63 72.98 57.72 46.47
N ALA PA 64 71.67 57.82 46.28
CA ALA PA 64 70.85 58.70 47.11
C ALA PA 64 70.80 58.22 48.55
N VAL PA 65 70.77 56.90 48.76
CA VAL PA 65 70.75 56.35 50.10
C VAL PA 65 71.99 56.80 50.88
N LEU PA 66 73.14 56.82 50.22
CA LEU PA 66 74.42 57.04 50.89
C LEU PA 66 74.64 58.49 51.31
N GLU PA 67 73.82 59.43 50.84
CA GLU PA 67 73.95 60.82 51.26
C GLU PA 67 73.01 61.21 52.39
N GLY PA 68 71.97 60.42 52.66
CA GLY PA 68 71.07 60.72 53.73
C GLY PA 68 69.61 60.82 53.30
N ASN PA 69 69.38 61.22 52.05
CA ASN PA 69 68.03 61.34 51.53
C ASN PA 69 67.40 59.95 51.42
N SER PA 70 66.38 59.70 52.23
CA SER PA 70 65.74 58.38 52.29
C SER PA 70 64.39 58.32 51.61
N VAL PA 71 63.84 59.44 51.14
CA VAL PA 71 62.56 59.42 50.44
C VAL PA 71 62.75 59.37 48.94
N GLU PA 72 63.77 60.06 48.43
CA GLU PA 72 64.11 59.96 47.01
C GLU PA 72 64.43 58.51 46.63
N ALA PA 73 65.06 57.77 47.55
CA ALA PA 73 65.32 56.36 47.28
C ALA PA 73 64.02 55.58 47.12
N ASP PA 74 63.03 55.84 47.97
CA ASP PA 74 61.74 55.18 47.84
C ASP PA 74 61.06 55.54 46.53
N LEU PA 75 61.11 56.82 46.15
CA LEU PA 75 60.51 57.23 44.89
C LEU PA 75 61.18 56.56 43.70
N ILE PA 76 62.51 56.46 43.73
CA ILE PA 76 63.23 55.83 42.62
C ILE PA 76 62.93 54.34 42.58
N VAL PA 77 62.81 53.70 43.75
CA VAL PA 77 62.47 52.27 43.77
C VAL PA 77 61.07 52.05 43.20
N THR PA 78 60.14 52.95 43.50
CA THR PA 78 58.80 52.83 42.91
C THR PA 78 58.85 53.02 41.39
N ASP PA 79 59.69 53.95 40.93
CA ASP PA 79 59.86 54.13 39.48
C ASP PA 79 60.40 52.86 38.84
N VAL PA 80 61.41 52.24 39.47
CA VAL PA 80 61.95 50.97 38.97
C VAL PA 80 60.88 49.89 38.98
N LEU PA 81 60.05 49.87 40.01
CA LEU PA 81 58.98 48.90 40.09
C LEU PA 81 58.00 49.07 38.93
N ARG PA 82 57.66 50.32 38.61
CA ARG PA 82 56.78 50.57 37.47
C ARG PA 82 57.43 50.12 36.16
N LEU PA 83 58.73 50.40 36.00
CA LEU PA 83 59.44 49.97 34.80
C LEU PA 83 59.41 48.45 34.64
N LEU PA 84 59.69 47.74 35.74
CA LEU PA 84 59.69 46.28 35.70
C LEU PA 84 58.28 45.72 35.50
N GLU PA 85 57.26 46.42 36.01
CA GLU PA 85 55.88 46.01 35.73
C GLU PA 85 55.55 46.17 34.26
N ARG PA 86 56.06 47.23 33.63
CA ARG PA 86 55.89 47.39 32.19
C ARG PA 86 56.65 46.32 31.42
N ILE PA 87 57.83 45.92 31.91
CA ILE PA 87 58.63 44.91 31.22
C ILE PA 87 57.88 43.58 31.17
N GLY PA 88 57.38 43.11 32.32
CA GLY PA 88 56.59 41.91 32.36
C GLY PA 88 57.32 40.67 32.82
N GLU PA 89 58.12 40.78 33.89
CA GLU PA 89 58.83 39.64 34.48
C GLU PA 89 58.29 39.47 35.90
N GLU PA 90 57.43 38.47 36.08
CA GLU PA 90 56.65 38.36 37.32
C GLU PA 90 57.54 38.22 38.54
N GLY PA 91 58.50 37.30 38.50
CA GLY PA 91 59.36 37.09 39.66
C GLY PA 91 60.19 38.32 39.99
N LEU PA 92 60.67 39.02 38.96
CA LEU PA 92 61.47 40.21 39.19
C LEU PA 92 60.61 41.32 39.80
N VAL PA 93 59.36 41.45 39.35
CA VAL PA 93 58.44 42.41 39.95
C VAL PA 93 58.17 42.06 41.41
N LYS PA 94 58.00 40.76 41.70
CA LYS PA 94 57.82 40.34 43.09
C LYS PA 94 59.01 40.75 43.95
N LEU PA 95 60.22 40.47 43.47
CA LEU PA 95 61.42 40.87 44.20
C LEU PA 95 61.49 42.38 44.36
N ALA PA 96 61.04 43.12 43.35
CA ALA PA 96 61.02 44.58 43.43
C ALA PA 96 60.08 45.05 44.54
N ARG PA 97 58.90 44.43 44.64
CA ARG PA 97 57.96 44.80 45.69
C ARG PA 97 58.53 44.52 47.07
N GLU PA 98 59.13 43.34 47.26
CA GLU PA 98 59.74 43.04 48.55
C GLU PA 98 60.86 44.01 48.87
N VAL PA 99 61.69 44.34 47.87
CA VAL PA 99 62.75 45.31 48.08
C VAL PA 99 62.19 46.65 48.49
N HIS PA 100 61.12 47.09 47.81
CA HIS PA 100 60.47 48.35 48.16
C HIS PA 100 60.05 48.38 49.62
N GLU PA 101 59.30 47.36 50.04
CA GLU PA 101 58.78 47.35 51.40
C GLU PA 101 59.90 47.29 52.44
N ARG PA 102 60.83 46.33 52.27
CA ARG PA 102 61.89 46.16 53.24
C ARG PA 102 62.80 47.38 53.29
N SER PA 103 63.14 47.95 52.12
CA SER PA 103 64.00 49.13 52.08
C SER PA 103 63.32 50.31 52.76
N PHE PA 104 62.02 50.50 52.52
CA PHE PA 104 61.31 51.58 53.20
C PHE PA 104 61.38 51.42 54.71
N GLU PA 105 61.05 50.21 55.20
CA GLU PA 105 61.03 50.00 56.64
C GLU PA 105 62.42 50.17 57.26
N LEU PA 106 63.45 49.61 56.62
CA LEU PA 106 64.80 49.71 57.17
C LEU PA 106 65.33 51.13 57.12
N LEU PA 107 65.05 51.86 56.04
CA LEU PA 107 65.49 53.24 55.95
C LEU PA 107 64.78 54.12 56.97
N ARG PA 108 63.50 53.85 57.24
CA ARG PA 108 62.83 54.55 58.34
C ARG PA 108 63.49 54.23 59.67
N LYS PA 109 63.79 52.94 59.91
CA LYS PA 109 64.45 52.57 61.16
C LYS PA 109 65.88 53.09 61.21
N GLY PA 110 66.63 52.94 60.13
CA GLY PA 110 67.99 53.44 60.09
C GLY PA 110 69.02 52.44 59.59
N ASN PA 111 68.57 51.32 59.04
CA ASN PA 111 69.48 50.28 58.53
C ASN PA 111 69.85 50.62 57.09
N ARG PA 112 70.87 51.49 56.96
CA ARG PA 112 71.33 51.90 55.64
C ARG PA 112 71.94 50.73 54.86
N VAL PA 113 72.75 49.92 55.54
CA VAL PA 113 73.53 48.90 54.85
C VAL PA 113 72.64 47.83 54.24
N GLU PA 114 71.60 47.41 54.97
CA GLU PA 114 70.71 46.37 54.43
C GLU PA 114 69.88 46.89 53.27
N ALA PA 115 69.45 48.16 53.32
CA ALA PA 115 68.75 48.74 52.18
C ALA PA 115 69.67 48.81 50.96
N LEU PA 116 70.93 49.20 51.16
CA LEU PA 116 71.89 49.19 50.06
C LEU PA 116 72.06 47.79 49.49
N ALA PA 117 72.15 46.79 50.37
CA ALA PA 117 72.30 45.41 49.91
C ALA PA 117 71.10 44.97 49.09
N LEU PA 118 69.89 45.32 49.53
CA LEU PA 118 68.69 44.95 48.78
C LEU PA 118 68.66 45.63 47.42
N ILE PA 119 69.05 46.92 47.36
CA ILE PA 119 69.06 47.63 46.09
C ILE PA 119 70.06 46.99 45.13
N LEU PA 120 71.25 46.65 45.63
CA LEU PA 120 72.26 46.02 44.78
C LEU PA 120 71.81 44.64 44.32
N ALA PA 121 71.15 43.89 45.20
CA ALA PA 121 70.63 42.58 44.81
C ALA PA 121 69.58 42.71 43.72
N LEU PA 122 68.69 43.70 43.83
CA LEU PA 122 67.70 43.92 42.78
C LEU PA 122 68.36 44.28 41.47
N ALA PA 123 69.38 45.15 41.49
CA ALA PA 123 70.07 45.52 40.26
C ALA PA 123 70.73 44.30 39.62
N LEU PA 124 71.39 43.48 40.44
CA LEU PA 124 72.02 42.27 39.92
C LEU PA 124 70.98 41.32 39.34
N ALA PA 125 69.83 41.20 39.99
CA ALA PA 125 68.77 40.34 39.46
C ALA PA 125 68.30 40.81 38.10
N VAL PA 126 68.10 42.12 37.94
CA VAL PA 126 67.69 42.66 36.64
C VAL PA 126 68.73 42.35 35.57
N ALA PA 127 70.00 42.64 35.89
CA ALA PA 127 71.07 42.43 34.91
C ALA PA 127 71.19 40.97 34.52
N LEU PA 128 71.14 40.06 35.51
CA LEU PA 128 71.29 38.64 35.22
C LEU PA 128 70.08 38.12 34.45
N THR PA 129 68.88 38.61 34.76
CA THR PA 129 67.71 38.20 33.99
C THR PA 129 67.85 38.61 32.53
N ALA PA 130 68.28 39.85 32.28
CA ALA PA 130 68.46 40.31 30.91
C ALA PA 130 69.51 39.47 30.19
N VAL PA 131 70.65 39.24 30.85
CA VAL PA 131 71.75 38.51 30.21
C VAL PA 131 71.34 37.08 29.91
N SER PA 132 70.67 36.42 30.86
CA SER PA 132 70.24 35.04 30.66
C SER PA 132 69.21 34.94 29.54
N LYS PA 133 68.27 35.89 29.47
CA LYS PA 133 67.29 35.87 28.39
C LYS PA 133 67.96 36.05 27.05
N ALA PA 134 68.93 36.97 26.96
CA ALA PA 134 69.66 37.15 25.70
C ALA PA 134 70.42 35.89 25.31
N PHE PA 135 71.09 35.28 26.28
CA PHE PA 135 71.88 34.08 26.00
C PHE PA 135 70.99 32.93 25.52
N PHE PA 136 69.84 32.74 26.17
CA PHE PA 136 68.94 31.69 25.71
C PHE PA 136 68.36 32.00 24.34
N LEU PA 137 68.03 33.27 24.07
CA LEU PA 137 67.49 33.63 22.76
C LEU PA 137 68.51 33.37 21.67
N LEU PA 138 69.78 33.70 21.90
CA LEU PA 138 70.82 33.42 20.91
C LEU PA 138 70.94 31.92 20.66
N GLY PA 139 70.99 31.13 21.73
CA GLY PA 139 71.12 29.69 21.61
C GLY PA 139 72.39 29.17 22.25
N GLN PA 140 72.95 29.94 23.17
CA GLN PA 140 74.22 29.59 23.79
C GLN PA 140 74.06 28.36 24.68
N PRO PA 141 75.12 27.57 24.87
CA PRO PA 141 75.07 26.47 25.83
C PRO PA 141 75.15 26.98 27.26
N ALA PA 142 74.86 26.08 28.19
CA ALA PA 142 74.72 26.45 29.60
C ALA PA 142 76.03 26.84 30.26
N ARG PA 143 77.17 26.47 29.65
CA ARG PA 143 78.45 26.69 30.31
C ARG PA 143 78.74 28.17 30.55
N LEU PA 144 78.62 28.99 29.49
CA LEU PA 144 78.94 30.40 29.62
C LEU PA 144 77.92 31.11 30.50
N ILE PA 145 76.65 30.72 30.40
CA ILE PA 145 75.63 31.30 31.28
C ILE PA 145 75.98 31.04 32.74
N ALA PA 146 76.34 29.79 33.06
CA ALA PA 146 76.70 29.46 34.44
C ALA PA 146 77.93 30.22 34.89
N GLU PA 147 78.96 30.32 34.04
CA GLU PA 147 80.17 31.02 34.42
C GLU PA 147 79.89 32.51 34.67
N TYR PA 148 79.11 33.14 33.80
CA TYR PA 148 78.79 34.55 33.98
C TYR PA 148 77.97 34.79 35.24
N VAL PA 149 76.97 33.92 35.49
CA VAL PA 149 76.16 34.07 36.70
C VAL PA 149 77.03 33.93 37.93
N GLY PA 150 77.91 32.92 37.94
CA GLY PA 150 78.79 32.73 39.08
C GLY PA 150 79.71 33.92 39.30
N GLU PA 151 80.28 34.46 38.22
CA GLU PA 151 81.18 35.60 38.35
C GLU PA 151 80.45 36.82 38.90
N LYS PA 152 79.24 37.10 38.39
CA LYS PA 152 78.49 38.24 38.88
C LYS PA 152 78.09 38.06 40.34
N LEU PA 153 77.69 36.85 40.72
CA LEU PA 153 77.36 36.59 42.13
C LEU PA 153 78.59 36.77 43.01
N LEU PA 154 79.76 36.34 42.53
CA LEU PA 154 80.99 36.55 43.28
C LEU PA 154 81.30 38.02 43.47
N GLU PA 155 81.12 38.83 42.41
CA GLU PA 155 81.36 40.26 42.53
C GLU PA 155 80.41 40.89 43.54
N LEU PA 156 79.13 40.52 43.48
CA LEU PA 156 78.17 41.06 44.44
C LEU PA 156 78.51 40.63 45.87
N ARG PA 157 78.93 39.38 46.05
CA ARG PA 157 79.30 38.91 47.38
C ARG PA 157 80.50 39.68 47.93
N ARG PA 158 81.51 39.92 47.09
CA ARG PA 158 82.65 40.70 47.54
C ARG PA 158 82.24 42.11 47.92
N LEU PA 159 81.39 42.74 47.11
CA LEU PA 159 80.94 44.10 47.41
C LEU PA 159 80.18 44.14 48.73
N LEU PA 160 79.25 43.20 48.93
CA LEU PA 160 78.47 43.18 50.16
C LEU PA 160 79.34 42.91 51.38
N GLU PA 161 80.30 41.99 51.26
CA GLU PA 161 81.22 41.74 52.36
C GLU PA 161 82.07 42.95 52.67
N LYS PA 162 82.44 43.73 51.64
CA LYS PA 162 83.16 44.98 51.89
C LYS PA 162 82.26 45.98 52.60
N LEU PA 163 80.97 46.01 52.26
CA LEU PA 163 80.05 46.95 52.90
C LEU PA 163 79.90 46.63 54.39
N GLY PA 164 79.61 45.38 54.73
CA GLY PA 164 79.47 45.01 56.12
C GLY PA 164 78.25 44.14 56.41
N VAL PA 165 77.53 43.74 55.37
CA VAL PA 165 76.33 42.91 55.57
C VAL PA 165 76.74 41.57 56.16
N PRO PA 166 76.03 41.05 57.17
CA PRO PA 166 76.38 39.72 57.69
C PRO PA 166 76.24 38.64 56.63
N LEU PA 167 77.10 37.63 56.76
CA LEU PA 167 77.21 36.62 55.70
C LEU PA 167 75.91 35.86 55.45
N PRO PA 168 75.17 35.37 56.45
CA PRO PA 168 73.91 34.66 56.13
C PRO PA 168 72.93 35.49 55.33
N GLU PA 169 72.83 36.79 55.62
CA GLU PA 169 71.94 37.65 54.84
C GLU PA 169 72.43 37.79 53.40
N VAL PA 170 73.75 37.90 53.22
CA VAL PA 170 74.31 37.94 51.87
C VAL PA 170 73.94 36.69 51.10
N ILE PA 171 74.10 35.52 51.73
CA ILE PA 171 73.78 34.28 51.05
C ILE PA 171 72.30 34.21 50.72
N ALA PA 172 71.43 34.61 51.67
CA ALA PA 172 70.00 34.60 51.41
C ALA PA 172 69.65 35.49 50.22
N LEU PA 173 70.28 36.67 50.13
CA LEU PA 173 70.08 37.53 48.98
C LEU PA 173 70.54 36.86 47.69
N LEU PA 174 71.67 36.15 47.75
CA LEU PA 174 72.18 35.49 46.54
C LEU PA 174 71.23 34.41 46.04
N LEU PA 175 70.69 33.57 46.95
CA LEU PA 175 69.69 32.60 46.47
C LEU PA 175 68.36 33.26 46.12
N ARG PA 176 68.05 34.44 46.66
CA ARG PA 176 66.89 35.17 46.15
C ARG PA 176 67.08 35.56 44.69
N VAL PA 177 68.26 36.11 44.37
CA VAL PA 177 68.58 36.45 42.99
C VAL PA 177 68.54 35.21 42.11
N LEU PA 178 69.10 34.11 42.61
CA LEU PA 178 69.12 32.87 41.84
C LEU PA 178 67.71 32.32 41.62
N GLU PA 179 66.84 32.47 42.61
CA GLU PA 179 65.45 32.06 42.45
C GLU PA 179 64.77 32.89 41.37
N VAL PA 180 65.03 34.20 41.37
CA VAL PA 180 64.46 35.06 40.32
C VAL PA 180 64.93 34.61 38.95
N VAL PA 181 66.24 34.36 38.82
CA VAL PA 181 66.80 33.93 37.54
C VAL PA 181 66.22 32.60 37.10
N GLU PA 182 66.09 31.65 38.04
CA GLU PA 182 65.52 30.35 37.72
C GLU PA 182 64.07 30.46 37.27
N GLU PA 183 63.29 31.31 37.93
CA GLU PA 183 61.90 31.51 37.54
C GLU PA 183 61.82 32.11 36.14
N SER PA 184 62.69 33.09 35.85
CA SER PA 184 62.71 33.67 34.51
C SER PA 184 63.06 32.63 33.45
N LEU PA 185 64.07 31.79 33.74
CA LEU PA 185 64.47 30.76 32.80
C LEU PA 185 63.34 29.75 32.58
N LYS PA 186 62.67 29.34 33.66
CA LYS PA 186 61.57 28.38 33.55
C LYS PA 186 60.43 28.95 32.72
N ALA PA 187 60.07 30.21 32.97
CA ALA PA 187 58.95 30.81 32.27
C ALA PA 187 59.27 31.12 30.82
N MET PA 188 60.53 31.42 30.50
CA MET PA 188 60.87 31.83 29.14
C MET PA 188 60.84 30.65 28.18
N GLY PA 189 61.20 29.45 28.63
CA GLY PA 189 61.10 28.28 27.77
C GLY PA 189 62.22 27.26 27.88
N MET PA 190 63.21 27.51 28.74
CA MET PA 190 64.33 26.60 28.89
C MET PA 190 63.86 25.25 29.42
N GLU PA 191 64.51 24.18 28.95
CA GLU PA 191 64.24 22.84 29.45
C GLU PA 191 64.76 22.71 30.88
N PRO PA 192 64.05 21.97 31.74
CA PRO PA 192 64.42 21.93 33.16
C PRO PA 192 65.86 21.48 33.43
N ARG PA 193 66.40 20.57 32.63
CA ARG PA 193 67.73 20.02 32.92
C ARG PA 193 68.80 21.10 32.86
N GLU PA 194 68.74 21.97 31.85
CA GLU PA 194 69.72 23.05 31.74
C GLU PA 194 69.61 24.04 32.89
N ILE PA 195 68.39 24.36 33.31
CA ILE PA 195 68.20 25.26 34.44
C ILE PA 195 68.79 24.64 35.71
N ASN PA 196 68.53 23.35 35.92
CA ASN PA 196 69.12 22.65 37.06
C ASN PA 196 70.64 22.68 37.00
N ARG PA 197 71.19 22.48 35.80
CA ARG PA 197 72.64 22.46 35.65
C ARG PA 197 73.25 23.83 35.99
N VAL PA 198 72.65 24.92 35.49
CA VAL PA 198 73.23 26.23 35.73
C VAL PA 198 73.07 26.62 37.19
N LEU PA 199 71.92 26.30 37.80
CA LEU PA 199 71.75 26.60 39.23
C LEU PA 199 72.74 25.81 40.08
N ALA PA 200 72.95 24.54 39.74
CA ALA PA 200 73.92 23.73 40.47
C ALA PA 200 75.33 24.29 40.31
N ALA PA 201 75.68 24.74 39.11
CA ALA PA 201 77.00 25.33 38.90
C ALA PA 201 77.18 26.60 39.72
N ALA PA 202 76.14 27.44 39.77
CA ALA PA 202 76.22 28.66 40.57
C ALA PA 202 76.38 28.35 42.06
N TYR PA 203 75.59 27.39 42.56
CA TYR PA 203 75.74 26.98 43.95
C TYR PA 203 77.13 26.42 44.21
N LEU PA 204 77.67 25.65 43.26
CA LEU PA 204 78.98 25.05 43.44
C LEU PA 204 80.08 26.09 43.49
N THR PA 205 80.03 27.10 42.61
CA THR PA 205 81.08 28.12 42.66
C THR PA 205 80.95 28.98 43.91
N LEU PA 206 79.71 29.26 44.35
CA LEU PA 206 79.53 30.00 45.59
C LEU PA 206 80.10 29.23 46.78
N ALA PA 207 79.81 27.93 46.86
CA ALA PA 207 80.32 27.11 47.95
C ALA PA 207 81.82 26.97 47.88
N ALA PA 208 82.38 26.87 46.67
CA ALA PA 208 83.82 26.78 46.52
C ALA PA 208 84.50 28.05 47.02
N GLU PA 209 83.97 29.21 46.68
CA GLU PA 209 84.53 30.45 47.21
C GLU PA 209 84.40 30.50 48.73
N LEU PA 210 83.25 30.10 49.26
CA LEU PA 210 83.07 30.13 50.70
C LEU PA 210 84.07 29.24 51.42
N LEU PA 211 84.30 28.04 50.89
CA LEU PA 211 85.26 27.13 51.50
C LEU PA 211 86.69 27.65 51.35
N GLU PA 212 87.03 28.20 50.19
CA GLU PA 212 88.38 28.71 49.97
C GLU PA 212 88.69 29.89 50.89
N ARG PA 213 87.68 30.70 51.22
CA ARG PA 213 87.91 31.82 52.13
C ARG PA 213 88.43 31.35 53.48
N LEU PA 214 88.03 30.16 53.92
CA LEU PA 214 88.44 29.63 55.21
C LEU PA 214 89.78 28.91 55.16
N GLY PA 215 90.38 28.74 53.99
CA GLY PA 215 91.67 28.10 53.86
C GLY PA 215 91.63 26.68 53.36
N LEU PA 216 90.46 26.05 53.31
CA LEU PA 216 90.33 24.68 52.81
C LEU PA 216 90.39 24.69 51.28
N THR PA 217 91.60 24.94 50.77
CA THR PA 217 91.78 25.11 49.33
C THR PA 217 91.61 23.80 48.55
N ALA PA 218 92.01 22.67 49.13
CA ALA PA 218 91.86 21.39 48.42
C ALA PA 218 90.39 21.01 48.26
N LEU PA 219 89.59 21.24 49.30
CA LEU PA 219 88.16 20.98 49.18
C LEU PA 219 87.52 21.87 48.13
N ALA PA 220 87.91 23.15 48.10
CA ALA PA 220 87.40 24.05 47.08
C ALA PA 220 87.81 23.59 45.68
N ALA PA 221 89.05 23.11 45.54
CA ALA PA 221 89.50 22.59 44.24
C ALA PA 221 88.68 21.38 43.82
N ARG PA 222 88.36 20.50 44.77
CA ARG PA 222 87.52 19.35 44.45
C ARG PA 222 86.12 19.79 44.03
N ILE PA 223 85.58 20.81 44.70
CA ILE PA 223 84.26 21.33 44.32
C ILE PA 223 84.30 21.91 42.91
N ARG PA 224 85.36 22.64 42.59
CA ARG PA 224 85.51 23.19 41.23
C ARG PA 224 85.62 22.08 40.20
N ARG PA 225 86.37 21.01 40.53
CA ARG PA 225 86.45 19.86 39.63
C ARG PA 225 85.08 19.25 39.40
N ALA PA 226 84.29 19.11 40.47
CA ALA PA 226 82.94 18.57 40.33
C ALA PA 226 82.08 19.46 39.44
N ARG PA 227 82.19 20.79 39.63
CA ARG PA 227 81.43 21.70 38.79
C ARG PA 227 81.82 21.58 37.32
N GLU PA 228 83.14 21.50 37.05
CA GLU PA 228 83.60 21.40 35.68
C GLU PA 228 83.14 20.09 35.03
N LEU PA 229 83.18 18.99 35.79
CA LEU PA 229 82.66 17.73 35.25
C LEU PA 229 81.15 17.81 35.03
N LEU PA 230 80.43 18.53 35.88
CA LEU PA 230 79.00 18.70 35.69
C LEU PA 230 78.69 19.48 34.42
N LEU PA 231 79.44 20.55 34.16
CA LEU PA 231 79.19 21.38 32.99
C LEU PA 231 79.58 20.70 31.68
N ALA PA 232 80.36 19.62 31.74
CA ALA PA 232 80.82 18.92 30.55
C ALA PA 232 79.92 17.75 30.17
N GLY PA 233 78.80 17.57 30.87
CA GLY PA 233 77.90 16.47 30.62
C GLY PA 233 78.14 15.23 31.45
N ARG PA 234 79.23 15.19 32.22
CA ARG PA 234 79.54 14.05 33.09
C ARG PA 234 78.82 14.27 34.40
N VAL PA 235 77.62 13.70 34.51
CA VAL PA 235 76.74 13.99 35.64
C VAL PA 235 77.07 13.10 36.84
N GLU PA 236 77.15 11.79 36.62
CA GLU PA 236 77.32 10.85 37.72
C GLU PA 236 78.68 11.02 38.41
N GLU PA 237 79.74 11.26 37.63
CA GLU PA 237 81.06 11.46 38.22
C GLU PA 237 81.07 12.71 39.10
N ALA PA 238 80.46 13.79 38.61
CA ALA PA 238 80.36 15.01 39.42
C ALA PA 238 79.53 14.76 40.66
N LEU PA 239 78.45 13.99 40.54
CA LEU PA 239 77.62 13.67 41.70
C LEU PA 239 78.42 12.93 42.76
N HIS PA 240 79.19 11.93 42.36
CA HIS PA 240 79.97 11.17 43.33
C HIS PA 240 81.08 12.02 43.94
N LEU PA 241 81.74 12.84 43.13
CA LEU PA 241 82.75 13.74 43.68
C LEU PA 241 82.14 14.68 44.72
N LEU PA 242 80.96 15.21 44.41
CA LEU PA 242 80.29 16.11 45.35
C LEU PA 242 79.89 15.37 46.63
N GLN PA 243 79.42 14.13 46.51
CA GLN PA 243 79.06 13.37 47.69
C GLN PA 243 80.27 13.10 48.57
N ASP PA 244 81.40 12.74 47.96
CA ASP PA 244 82.62 12.52 48.75
C ASP PA 244 83.06 13.81 49.43
N ALA PA 245 83.00 14.93 48.71
CA ALA PA 245 83.35 16.22 49.32
C ALA PA 245 82.42 16.55 50.47
N VAL PA 246 81.13 16.24 50.34
CA VAL PA 246 80.17 16.50 51.40
C VAL PA 246 80.47 15.66 52.62
N GLU PA 247 80.81 14.37 52.43
CA GLU PA 247 81.15 13.53 53.57
C GLU PA 247 82.39 14.05 54.28
N LEU PA 248 83.41 14.48 53.52
CA LEU PA 248 84.61 15.00 54.16
C LEU PA 248 84.32 16.31 54.89
N LEU PA 249 83.48 17.17 54.30
CA LEU PA 249 83.08 18.40 54.97
C LEU PA 249 82.32 18.11 56.26
N HIS PA 250 81.44 17.11 56.23
CA HIS PA 250 80.72 16.71 57.44
C HIS PA 250 81.69 16.21 58.50
N GLU PA 251 82.70 15.43 58.09
CA GLU PA 251 83.72 14.97 59.03
C GLU PA 251 84.41 16.15 59.70
N ARG PA 252 84.82 17.13 58.90
CA ARG PA 252 85.49 18.31 59.46
C ARG PA 252 84.55 19.08 60.39
N ILE PA 253 83.30 19.25 59.98
CA ILE PA 253 82.34 20.04 60.76
C ILE PA 253 82.09 19.38 62.12
N ARG PA 254 81.86 18.07 62.12
CA ARG PA 254 81.63 17.36 63.37
C ARG PA 254 82.91 17.17 64.18
N GLU PA 255 84.08 17.33 63.56
CA GLU PA 255 85.32 17.37 64.33
C GLU PA 255 85.46 18.70 65.06
N LEU PA 256 85.11 19.80 64.39
CA LEU PA 256 85.21 21.12 65.03
C LEU PA 256 84.22 21.26 66.18
N GLY PA 257 82.97 20.87 65.97
CA GLY PA 257 81.96 20.93 67.00
C GLY PA 257 81.08 22.17 66.86
N PHE PA 258 80.89 22.89 67.97
CA PHE PA 258 80.07 24.10 67.99
C PHE PA 258 80.86 25.37 67.73
N GLU PA 259 82.16 25.27 67.46
CA GLU PA 259 82.98 26.42 67.11
C GLU PA 259 83.23 26.49 65.60
N ALA PA 260 82.42 25.81 64.81
CA ALA PA 260 82.59 25.84 63.36
C ALA PA 260 82.16 27.20 62.81
N PRO PA 261 83.02 27.88 62.05
CA PRO PA 261 82.63 29.15 61.46
C PRO PA 261 81.43 28.99 60.53
N GLU PA 262 80.67 30.08 60.37
CA GLU PA 262 79.47 30.06 59.55
C GLU PA 262 79.76 29.68 58.10
N GLU PA 263 81.00 29.86 57.65
CA GLU PA 263 81.36 29.50 56.28
C GLU PA 263 81.11 28.02 56.02
N LEU PA 264 81.51 27.15 56.95
CA LEU PA 264 81.33 25.72 56.75
C LEU PA 264 79.85 25.35 56.68
N LEU PA 265 79.03 25.90 57.56
CA LEU PA 265 77.61 25.57 57.57
C LEU PA 265 76.92 26.07 56.30
N LEU PA 266 77.21 27.30 55.88
CA LEU PA 266 76.60 27.82 54.66
C LEU PA 266 77.06 27.05 53.45
N ALA PA 267 78.34 26.68 53.39
CA ALA PA 267 78.83 25.86 52.29
C ALA PA 267 78.17 24.50 52.28
N ASP PA 268 77.95 23.91 53.46
CA ASP PA 268 77.27 22.62 53.52
C ASP PA 268 75.85 22.71 53.00
N LEU PA 269 75.12 23.77 53.39
CA LEU PA 269 73.76 23.94 52.89
C LEU PA 269 73.75 24.13 51.37
N LEU PA 270 74.66 24.95 50.86
CA LEU PA 270 74.73 25.16 49.41
C LEU PA 270 75.07 23.86 48.69
N LEU PA 271 75.98 23.07 49.26
CA LEU PA 271 76.35 21.79 48.65
C LEU PA 271 75.17 20.82 48.66
N GLN PA 272 74.38 20.83 49.73
CA GLN PA 272 73.19 19.96 49.75
C GLN PA 272 72.20 20.36 48.67
N ARG PA 273 71.97 21.67 48.51
CA ARG PA 273 71.10 22.12 47.42
C ARG PA 273 71.66 21.71 46.06
N ALA PA 274 72.98 21.83 45.89
CA ALA PA 274 73.61 21.41 44.64
C ALA PA 274 73.44 19.92 44.40
N LEU PA 275 73.59 19.10 45.46
CA LEU PA 275 73.38 17.67 45.33
C LEU PA 275 71.96 17.34 44.90
N GLU PA 276 70.98 18.00 45.53
CA GLU PA 276 69.59 17.75 45.15
C GLU PA 276 69.34 18.14 43.70
N LEU PA 277 69.86 19.29 43.28
CA LEU PA 277 69.66 19.74 41.91
C LEU PA 277 70.32 18.80 40.90
N ILE PA 278 71.54 18.34 41.21
CA ILE PA 278 72.25 17.45 40.31
C ILE PA 278 71.54 16.10 40.23
N SER PA 279 71.06 15.60 41.36
CA SER PA 279 70.32 14.33 41.36
C SER PA 279 69.03 14.45 40.56
N SER PA 280 68.36 15.60 40.65
CA SER PA 280 67.12 15.80 39.89
C SER PA 280 67.35 15.95 38.39
N ILE PA 281 68.60 16.11 37.96
CA ILE PA 281 68.90 16.24 36.53
C ILE PA 281 68.57 14.95 35.81
N THR QA 24 53.94 32.06 94.67
CA THR QA 24 52.64 31.72 95.25
C THR QA 24 51.96 30.62 94.45
N VAL QA 25 52.31 30.52 93.17
CA VAL QA 25 51.87 29.45 92.27
C VAL QA 25 50.40 29.57 91.90
N GLU QA 26 49.52 29.64 92.91
CA GLU QA 26 48.09 29.71 92.62
C GLU QA 26 47.74 31.01 91.88
N GLU QA 27 48.15 32.15 92.44
CA GLU QA 27 47.90 33.43 91.77
C GLU QA 27 48.42 33.42 90.35
N GLU QA 28 49.51 32.71 90.10
CA GLU QA 28 49.95 32.50 88.73
C GLU QA 28 48.87 31.81 87.91
N VAL QA 29 48.15 30.87 88.50
CA VAL QA 29 47.11 30.15 87.75
C VAL QA 29 45.94 31.07 87.41
N ILE QA 30 45.42 31.81 88.40
CA ILE QA 30 44.29 32.67 88.08
C ILE QA 30 44.72 33.80 87.14
N ARG QA 31 45.91 34.36 87.35
CA ARG QA 31 46.41 35.38 86.43
C ARG QA 31 46.59 34.81 85.02
N PHE QA 32 47.03 33.56 84.91
CA PHE QA 32 47.15 32.94 83.59
C PHE QA 32 45.80 32.86 82.90
N ALA QA 33 44.76 32.45 83.63
CA ALA QA 33 43.43 32.36 83.05
C ALA QA 33 42.94 33.74 82.60
N GLU QA 34 43.07 34.74 83.47
CA GLU QA 34 42.59 36.08 83.14
C GLU QA 34 43.37 36.68 81.97
N GLU QA 35 44.70 36.52 81.97
CA GLU QA 35 45.51 37.05 80.88
C GLU QA 35 45.21 36.33 79.57
N LEU QA 36 44.91 35.03 79.64
CA LEU QA 36 44.54 34.31 78.42
C LEU QA 36 43.25 34.88 77.84
N ALA QA 37 42.24 35.10 78.70
CA ALA QA 37 40.99 35.68 78.23
C ALA QA 37 41.22 37.08 77.65
N GLU QA 38 42.03 37.89 78.33
CA GLU QA 38 42.32 39.24 77.85
C GLU QA 38 43.06 39.21 76.52
N GLU QA 39 43.97 38.24 76.35
CA GLU QA 39 44.67 38.11 75.08
C GLU QA 39 43.73 37.73 73.95
N ILE QA 40 42.77 36.84 74.23
CA ILE QA 40 41.74 36.54 73.23
C ILE QA 40 40.99 37.82 72.86
N ARG QA 41 40.64 38.61 73.88
CA ARG QA 41 39.90 39.85 73.60
C ARG QA 41 40.72 40.81 72.75
N ARG QA 42 42.01 40.95 73.05
CA ARG QA 42 42.87 41.85 72.27
C ARG QA 42 43.02 41.36 70.83
N VAL QA 43 43.25 40.06 70.65
CA VAL QA 43 43.52 39.54 69.31
C VAL QA 43 42.26 39.59 68.44
N THR QA 44 41.10 39.26 69.02
CA THR QA 44 39.87 39.19 68.23
C THR QA 44 38.87 40.29 68.55
N GLY QA 45 38.59 40.54 69.83
CA GLY QA 45 37.59 41.53 70.19
C GLY QA 45 36.33 40.90 70.75
N GLU QA 46 35.21 41.10 70.05
CA GLU QA 46 33.93 40.53 70.46
C GLU QA 46 33.35 39.61 69.39
N ALA QA 47 34.12 39.29 68.36
CA ALA QA 47 33.68 38.32 67.36
C ALA QA 47 33.74 36.89 67.88
N TYR QA 48 34.67 36.59 68.78
CA TYR QA 48 34.80 35.28 69.41
C TYR QA 48 34.67 35.51 70.91
N ARG QA 49 33.44 35.51 71.41
CA ARG QA 49 33.17 35.75 72.82
C ARG QA 49 32.85 34.47 73.59
N GLU QA 50 32.31 33.45 72.91
CA GLU QA 50 32.08 32.17 73.58
C GLU QA 50 33.39 31.55 74.04
N TYR QA 51 34.45 31.73 73.26
CA TYR QA 51 35.75 31.21 73.66
C TYR QA 51 36.26 31.89 74.92
N ALA QA 52 36.09 33.21 75.02
CA ALA QA 52 36.47 33.93 76.23
C ALA QA 52 35.63 33.49 77.41
N GLU QA 53 34.33 33.26 77.19
CA GLU QA 53 33.45 32.77 78.24
C GLU QA 53 33.94 31.41 78.74
N ALA QA 54 34.29 30.51 77.82
CA ALA QA 54 34.78 29.19 78.20
C ALA QA 54 36.10 29.30 78.96
N VAL QA 55 36.99 30.18 78.53
CA VAL QA 55 38.27 30.34 79.22
C VAL QA 55 38.06 30.86 80.63
N ARG QA 56 37.16 31.83 80.80
CA ARG QA 56 36.89 32.35 82.14
C ARG QA 56 36.23 31.28 83.01
N HIS QA 57 35.34 30.47 82.44
CA HIS QA 57 34.74 29.37 83.20
C HIS QA 57 35.80 28.37 83.65
N LEU QA 58 36.73 28.03 82.76
CA LEU QA 58 37.80 27.10 83.13
C LEU QA 58 38.72 27.69 84.18
N GLY QA 59 38.98 29.00 84.11
CA GLY QA 59 39.73 29.65 85.17
C GLY QA 59 39.00 29.59 86.51
N GLU QA 60 37.68 29.78 86.48
CA GLU QA 60 36.89 29.63 87.70
C GLU QA 60 36.97 28.22 88.25
N ALA QA 61 36.92 27.22 87.36
CA ALA QA 61 37.06 25.83 87.80
C ALA QA 61 38.43 25.57 88.43
N ALA QA 62 39.48 26.10 87.79
CA ALA QA 62 40.82 25.93 88.33
C ALA QA 62 40.96 26.60 89.69
N LYS QA 63 40.33 27.76 89.87
CA LYS QA 63 40.30 28.41 91.18
C LYS QA 63 39.56 27.54 92.19
N ALA QA 64 38.44 26.95 91.78
CA ALA QA 64 37.64 26.14 92.69
C ALA QA 64 38.40 24.89 93.14
N VAL QA 65 39.18 24.30 92.24
CA VAL QA 65 39.95 23.11 92.59
C VAL QA 65 40.92 23.41 93.73
N LEU QA 66 41.52 24.59 93.72
CA LEU QA 66 42.66 24.89 94.58
C LEU QA 66 42.29 25.06 96.06
N GLU QA 67 41.01 25.17 96.40
CA GLU QA 67 40.62 25.23 97.81
C GLU QA 67 40.23 23.88 98.38
N GLY QA 68 39.69 22.98 97.56
CA GLY QA 68 39.32 21.67 98.03
C GLY QA 68 37.98 21.20 97.49
N ASN QA 69 37.09 22.14 97.16
CA ASN QA 69 35.79 21.79 96.60
C ASN QA 69 35.98 21.16 95.24
N SER QA 70 35.63 19.87 95.12
CA SER QA 70 35.90 19.11 93.92
C SER QA 70 34.68 18.81 93.07
N VAL QA 71 33.48 19.18 93.52
CA VAL QA 71 32.27 18.92 92.74
C VAL QA 71 31.91 20.12 91.88
N GLU QA 72 32.09 21.33 92.41
CA GLU QA 72 31.86 22.53 91.60
C GLU QA 72 32.77 22.56 90.39
N ALA QA 73 33.98 22.03 90.52
CA ALA QA 73 34.88 21.93 89.36
C ALA QA 73 34.27 21.03 88.30
N ASP QA 74 33.70 19.89 88.69
CA ASP QA 74 33.07 19.00 87.73
C ASP QA 74 31.88 19.68 87.06
N LEU QA 75 31.07 20.40 87.84
CA LEU QA 75 29.92 21.10 87.26
C LEU QA 75 30.36 22.16 86.27
N ILE QA 76 31.43 22.90 86.60
CA ILE QA 76 31.91 23.94 85.68
C ILE QA 76 32.51 23.31 84.43
N VAL QA 77 33.19 22.18 84.56
CA VAL QA 77 33.74 21.50 83.39
C VAL QA 77 32.61 21.01 82.48
N THR QA 78 31.52 20.53 83.07
CA THR QA 78 30.36 20.14 82.25
C THR QA 78 29.74 21.35 81.56
N ASP QA 79 29.69 22.49 82.25
CA ASP QA 79 29.20 23.71 81.61
C ASP QA 79 30.07 24.10 80.41
N VAL QA 80 31.39 24.02 80.59
CA VAL QA 80 32.30 24.33 79.49
C VAL QA 80 32.11 23.34 78.35
N LEU QA 81 31.87 22.07 78.69
CA LEU QA 81 31.62 21.05 77.67
C LEU QA 81 30.36 21.40 76.88
N ARG QA 82 29.31 21.83 77.55
CA ARG QA 82 28.09 22.23 76.85
C ARG QA 82 28.34 23.44 75.95
N LEU QA 83 29.11 24.41 76.44
CA LEU QA 83 29.41 25.58 75.63
C LEU QA 83 30.19 25.19 74.37
N LEU QA 84 31.19 24.33 74.52
CA LEU QA 84 31.98 23.89 73.38
C LEU QA 84 31.16 23.03 72.43
N GLU QA 85 30.21 22.26 72.96
CA GLU QA 85 29.29 21.51 72.09
C GLU QA 85 28.41 22.44 71.29
N ARG QA 86 27.98 23.55 71.89
CA ARG QA 86 27.23 24.54 71.14
C ARG QA 86 28.10 25.24 70.10
N ILE QA 87 29.38 25.45 70.41
CA ILE QA 87 30.27 26.12 69.46
C ILE QA 87 30.43 25.29 68.20
N GLY QA 88 30.74 24.00 68.35
CA GLY QA 88 30.83 23.11 67.21
C GLY QA 88 32.25 22.82 66.73
N GLU QA 89 33.17 22.58 67.66
CA GLU QA 89 34.55 22.22 67.33
C GLU QA 89 34.78 20.79 67.82
N GLU QA 90 34.78 19.84 66.89
CA GLU QA 90 34.72 18.42 67.25
C GLU QA 90 35.91 18.00 68.11
N GLY QA 91 37.12 18.33 67.66
CA GLY QA 91 38.30 17.94 68.43
C GLY QA 91 38.35 18.59 69.80
N LEU QA 92 37.92 19.85 69.88
CA LEU QA 92 37.92 20.53 71.15
C LEU QA 92 36.91 19.90 72.11
N VAL QA 93 35.74 19.50 71.60
CA VAL QA 93 34.76 18.80 72.42
C VAL QA 93 35.30 17.45 72.88
N LYS QA 94 36.01 16.75 71.99
CA LYS QA 94 36.63 15.48 72.39
C LYS QA 94 37.61 15.69 73.54
N LEU QA 95 38.49 16.69 73.41
CA LEU QA 95 39.43 17.00 74.48
C LEU QA 95 38.70 17.37 75.75
N ALA QA 96 37.58 18.09 75.62
CA ALA QA 96 36.79 18.45 76.80
C ALA QA 96 36.23 17.23 77.51
N ARG QA 97 35.75 16.25 76.74
CA ARG QA 97 35.24 15.03 77.35
C ARG QA 97 36.35 14.26 78.08
N GLU QA 98 37.51 14.14 77.43
CA GLU QA 98 38.63 13.45 78.10
C GLU QA 98 39.04 14.19 79.37
N VAL QA 99 39.08 15.52 79.31
CA VAL QA 99 39.42 16.31 80.49
C VAL QA 99 38.40 16.08 81.59
N HIS QA 100 37.11 16.07 81.23
CA HIS QA 100 36.06 15.82 82.21
C HIS QA 100 36.28 14.49 82.93
N GLU QA 101 36.44 13.41 82.15
CA GLU QA 101 36.59 12.09 82.76
C GLU QA 101 37.83 12.01 83.63
N ARG QA 102 38.98 12.40 83.07
CA ARG QA 102 40.23 12.27 83.81
C ARG QA 102 40.25 13.16 85.05
N SER QA 103 39.75 14.39 84.93
CA SER QA 103 39.70 15.29 86.08
C SER QA 103 38.79 14.75 87.16
N PHE QA 104 37.64 14.20 86.79
CA PHE QA 104 36.76 13.60 87.79
C PHE QA 104 37.46 12.48 88.53
N GLU QA 105 38.08 11.56 87.78
CA GLU QA 105 38.73 10.41 88.42
C GLU QA 105 39.87 10.86 89.33
N LEU QA 106 40.71 11.78 88.85
CA LEU QA 106 41.86 12.23 89.63
C LEU QA 106 41.42 13.00 90.87
N LEU QA 107 40.41 13.86 90.74
CA LEU QA 107 39.93 14.62 91.89
C LEU QA 107 39.26 13.71 92.92
N ARG QA 108 38.59 12.65 92.46
CA ARG QA 108 38.09 11.66 93.41
C ARG QA 108 39.25 10.97 94.13
N LYS QA 109 40.29 10.59 93.38
CA LYS QA 109 41.45 9.97 94.01
C LYS QA 109 42.23 10.96 94.86
N GLY QA 110 42.46 12.17 94.35
CA GLY QA 110 43.15 13.19 95.12
C GLY QA 110 44.30 13.86 94.39
N ASN QA 111 44.42 13.62 93.09
CA ASN QA 111 45.49 14.21 92.28
C ASN QA 111 45.07 15.59 91.83
N ARG QA 112 45.31 16.57 92.70
CA ARG QA 112 44.94 17.95 92.41
C ARG QA 112 45.74 18.51 91.23
N VAL QA 113 47.05 18.24 91.22
CA VAL QA 113 47.95 18.90 90.28
C VAL QA 113 47.64 18.48 88.84
N GLU QA 114 47.37 17.19 88.62
CA GLU QA 114 47.11 16.74 87.26
C GLU QA 114 45.77 17.25 86.75
N ALA QA 115 44.76 17.33 87.62
CA ALA QA 115 43.49 17.94 87.22
C ALA QA 115 43.66 19.41 86.87
N LEU QA 116 44.46 20.13 87.66
CA LEU QA 116 44.77 21.52 87.33
C LEU QA 116 45.46 21.62 85.98
N ALA QA 117 46.42 20.74 85.72
CA ALA QA 117 47.13 20.75 84.44
C ALA QA 117 46.17 20.48 83.29
N LEU QA 118 45.25 19.53 83.45
CA LEU QA 118 44.29 19.24 82.40
C LEU QA 118 43.38 20.44 82.14
N ILE QA 119 42.93 21.11 83.19
CA ILE QA 119 42.06 22.27 83.03
C ILE QA 119 42.80 23.38 82.28
N LEU QA 120 44.05 23.63 82.68
CA LEU QA 120 44.85 24.66 82.01
C LEU QA 120 45.10 24.31 80.55
N ALA QA 121 45.35 23.03 80.27
CA ALA QA 121 45.56 22.60 78.89
C ALA QA 121 44.30 22.80 78.06
N LEU QA 122 43.13 22.51 78.63
CA LEU QA 122 41.88 22.75 77.91
C LEU QA 122 41.69 24.23 77.63
N ALA QA 123 41.98 25.09 78.61
CA ALA QA 123 41.83 26.52 78.42
C ALA QA 123 42.77 27.02 77.31
N LEU QA 124 44.01 26.55 77.33
CA LEU QA 124 44.96 26.95 76.29
C LEU QA 124 44.51 26.44 74.92
N ALA QA 125 43.94 25.24 74.86
CA ALA QA 125 43.45 24.72 73.59
C ALA QA 125 42.33 25.58 73.04
N VAL QA 126 41.40 26.00 73.90
CA VAL QA 126 40.31 26.87 73.44
C VAL QA 126 40.88 28.19 72.93
N ALA QA 127 41.80 28.79 73.70
CA ALA QA 127 42.36 30.08 73.29
C ALA QA 127 43.10 29.99 71.97
N LEU QA 128 43.92 28.95 71.82
CA LEU QA 128 44.70 28.80 70.59
C LEU QA 128 43.79 28.50 69.40
N THR QA 129 42.73 27.72 69.61
CA THR QA 129 41.79 27.46 68.53
C THR QA 129 41.13 28.75 68.06
N ALA QA 130 40.69 29.58 69.01
CA ALA QA 130 40.07 30.85 68.66
C ALA QA 130 41.04 31.76 67.91
N VAL QA 131 42.27 31.87 68.42
CA VAL QA 131 43.25 32.76 67.82
C VAL QA 131 43.61 32.29 66.41
N SER QA 132 43.82 30.98 66.25
CA SER QA 132 44.16 30.45 64.93
C SER QA 132 43.02 30.63 63.94
N LYS QA 133 41.78 30.43 64.38
CA LYS QA 133 40.64 30.65 63.51
C LYS QA 133 40.57 32.10 63.06
N ALA QA 134 40.77 33.04 63.99
CA ALA QA 134 40.75 34.45 63.64
C ALA QA 134 41.87 34.79 62.66
N PHE QA 135 43.07 34.28 62.91
CA PHE QA 135 44.21 34.58 62.04
C PHE QA 135 44.00 34.03 60.64
N PHE QA 136 43.48 32.80 60.52
CA PHE QA 136 43.22 32.25 59.21
C PHE QA 136 42.10 33.02 58.50
N LEU QA 137 41.05 33.41 59.22
CA LEU QA 137 39.97 34.17 58.60
C LEU QA 137 40.47 35.50 58.06
N LEU QA 138 41.33 36.19 58.82
CA LEU QA 138 41.89 37.45 58.36
C LEU QA 138 42.73 37.24 57.10
N GLY QA 139 43.56 36.19 57.09
CA GLY QA 139 44.43 35.92 55.97
C GLY QA 139 45.89 36.08 56.32
N GLN QA 140 46.20 35.99 57.61
CA GLN QA 140 47.56 36.21 58.08
C GLN QA 140 48.49 35.09 57.64
N PRO QA 141 49.77 35.36 57.49
CA PRO QA 141 50.74 34.30 57.15
C PRO QA 141 51.03 33.42 58.36
N ALA QA 142 51.70 32.30 58.08
CA ALA QA 142 51.93 31.28 59.10
C ALA QA 142 52.95 31.69 60.15
N ARG QA 143 53.78 32.70 59.88
CA ARG QA 143 54.84 33.06 60.81
C ARG QA 143 54.29 33.52 62.15
N LEU QA 144 53.33 34.46 62.11
CA LEU QA 144 52.78 34.98 63.35
C LEU QA 144 51.97 33.92 64.10
N ILE QA 145 51.22 33.09 63.37
CA ILE QA 145 50.48 32.01 64.01
C ILE QA 145 51.43 31.08 64.75
N ALA QA 146 52.50 30.66 64.08
CA ALA QA 146 53.46 29.77 64.71
C ALA QA 146 54.13 30.42 65.91
N GLU QA 147 54.52 31.69 65.78
CA GLU QA 147 55.17 32.37 66.89
C GLU QA 147 54.25 32.49 68.10
N TYR QA 148 52.98 32.85 67.87
CA TYR QA 148 52.04 32.98 68.98
C TYR QA 148 51.76 31.63 69.64
N VAL QA 149 51.59 30.58 68.83
CA VAL QA 149 51.36 29.25 69.39
C VAL QA 149 52.56 28.81 70.23
N GLY QA 150 53.77 29.03 69.71
CA GLY QA 150 54.95 28.67 70.47
C GLY QA 150 55.06 29.45 71.77
N GLU QA 151 54.79 30.75 71.73
CA GLU QA 151 54.86 31.55 72.95
C GLU QA 151 53.85 31.08 74.00
N LYS QA 152 52.62 30.82 73.57
CA LYS QA 152 51.60 30.36 74.51
C LYS QA 152 51.96 28.99 75.10
N LEU QA 153 52.47 28.09 74.25
CA LEU QA 153 52.88 26.79 74.74
C LEU QA 153 54.04 26.92 75.74
N LEU QA 154 54.96 27.84 75.47
CA LEU QA 154 56.05 28.08 76.42
C LEU QA 154 55.53 28.59 77.75
N GLU QA 155 54.58 29.52 77.73
CA GLU QA 155 54.00 30.02 78.98
C GLU QA 155 53.32 28.90 79.75
N LEU QA 156 52.54 28.06 79.06
CA LEU QA 156 51.89 26.95 79.73
C LEU QA 156 52.90 25.97 80.31
N ARG QA 157 53.98 25.71 79.56
CA ARG QA 157 55.01 24.79 80.05
C ARG QA 157 55.68 25.33 81.30
N ARG QA 158 55.99 26.62 81.32
CA ARG QA 158 56.58 27.22 82.51
C ARG QA 158 55.63 27.14 83.70
N LEU QA 159 54.35 27.43 83.47
CA LEU QA 159 53.37 27.34 84.56
C LEU QA 159 53.28 25.93 85.11
N LEU QA 160 53.18 24.94 84.21
CA LEU QA 160 53.05 23.55 84.65
C LEU QA 160 54.29 23.08 85.39
N GLU QA 161 55.47 23.46 84.90
CA GLU QA 161 56.71 23.10 85.60
C GLU QA 161 56.78 23.76 86.97
N LYS QA 162 56.26 24.98 87.09
CA LYS QA 162 56.19 25.62 88.40
C LYS QA 162 55.21 24.87 89.32
N LEU QA 163 54.12 24.35 88.76
CA LEU QA 163 53.16 23.60 89.56
C LEU QA 163 53.77 22.32 90.13
N GLY QA 164 54.40 21.51 89.28
CA GLY QA 164 55.02 20.29 89.74
C GLY QA 164 54.72 19.08 88.88
N VAL QA 165 54.04 19.29 87.76
CA VAL QA 165 53.70 18.18 86.86
C VAL QA 165 54.98 17.60 86.27
N PRO QA 166 55.13 16.28 86.21
CA PRO QA 166 56.33 15.71 85.57
C PRO QA 166 56.40 16.04 84.10
N LEU QA 167 57.63 16.13 83.60
CA LEU QA 167 57.86 16.62 82.24
C LEU QA 167 57.17 15.79 81.15
N PRO QA 168 57.24 14.45 81.15
CA PRO QA 168 56.56 13.71 80.07
C PRO QA 168 55.08 13.99 79.98
N GLU QA 169 54.39 14.13 81.11
CA GLU QA 169 52.97 14.45 81.08
C GLU QA 169 52.74 15.85 80.51
N VAL QA 170 53.62 16.80 80.84
CA VAL QA 170 53.51 18.13 80.27
C VAL QA 170 53.63 18.08 78.75
N ILE QA 171 54.62 17.33 78.26
CA ILE QA 171 54.81 17.23 76.82
C ILE QA 171 53.62 16.53 76.16
N ALA QA 172 53.06 15.52 76.83
CA ALA QA 172 51.87 14.87 76.28
C ALA QA 172 50.70 15.84 76.19
N LEU QA 173 50.51 16.66 77.23
CA LEU QA 173 49.43 17.64 77.20
C LEU QA 173 49.64 18.66 76.09
N LEU QA 174 50.87 19.15 75.93
CA LEU QA 174 51.13 20.12 74.86
C LEU QA 174 50.92 19.51 73.49
N LEU QA 175 51.30 18.24 73.32
CA LEU QA 175 51.06 17.56 72.05
C LEU QA 175 49.57 17.36 71.81
N ARG QA 176 48.79 17.09 72.85
CA ARG QA 176 47.34 17.01 72.70
C ARG QA 176 46.75 18.34 72.26
N VAL QA 177 47.22 19.44 72.87
CA VAL QA 177 46.76 20.77 72.47
C VAL QA 177 47.11 21.04 71.02
N LEU QA 178 48.33 20.69 70.61
CA LEU QA 178 48.76 20.90 69.23
C LEU QA 178 47.95 20.05 68.26
N GLU QA 179 47.61 18.82 68.67
CA GLU QA 179 46.75 17.98 67.84
C GLU QA 179 45.37 18.59 67.67
N VAL QA 180 44.82 19.16 68.75
CA VAL QA 180 43.53 19.83 68.66
C VAL QA 180 43.60 21.00 67.68
N VAL QA 181 44.67 21.80 67.79
CA VAL QA 181 44.84 22.95 66.89
C VAL QA 181 44.97 22.49 65.45
N GLU QA 182 45.76 21.43 65.22
CA GLU QA 182 45.92 20.91 63.86
C GLU QA 182 44.60 20.41 63.29
N GLU QA 183 43.81 19.71 64.11
CA GLU QA 183 42.51 19.23 63.66
C GLU QA 183 41.60 20.39 63.28
N SER QA 184 41.58 21.42 64.13
CA SER QA 184 40.76 22.60 63.83
C SER QA 184 41.19 23.26 62.53
N LEU QA 185 42.51 23.42 62.34
CA LEU QA 185 43.00 24.05 61.11
C LEU QA 185 42.68 23.22 59.88
N LYS QA 186 42.84 21.90 59.98
CA LYS QA 186 42.53 21.01 58.86
C LYS QA 186 41.05 21.09 58.50
N ALA QA 187 40.19 21.07 59.50
CA ALA QA 187 38.75 21.10 59.24
C ALA QA 187 38.29 22.45 58.73
N MET QA 188 38.93 23.53 59.15
CA MET QA 188 38.49 24.87 58.75
C MET QA 188 38.72 25.14 57.28
N GLY QA 189 39.85 24.70 56.73
CA GLY QA 189 40.10 24.88 55.31
C GLY QA 189 41.53 25.23 54.93
N MET QA 190 42.41 25.36 55.92
CA MET QA 190 43.81 25.67 55.65
C MET QA 190 44.46 24.57 54.81
N GLU QA 191 45.32 24.98 53.88
CA GLU QA 191 46.05 24.02 53.07
C GLU QA 191 47.05 23.25 53.93
N PRO QA 192 47.24 21.96 53.65
CA PRO QA 192 48.07 21.13 54.54
C PRO QA 192 49.49 21.65 54.76
N ARG QA 193 50.09 22.29 53.76
CA ARG QA 193 51.50 22.70 53.89
C ARG QA 193 51.67 23.72 55.01
N GLU QA 194 50.77 24.69 55.12
CA GLU QA 194 50.87 25.68 56.19
C GLU QA 194 50.65 25.06 57.56
N ILE QA 195 49.73 24.09 57.67
CA ILE QA 195 49.53 23.40 58.93
C ILE QA 195 50.79 22.65 59.34
N ASN QA 196 51.40 21.96 58.37
CA ASN QA 196 52.65 21.26 58.66
C ASN QA 196 53.72 22.25 59.09
N ARG QA 197 53.80 23.40 58.43
CA ARG QA 197 54.81 24.40 58.77
C ARG QA 197 54.63 24.90 60.20
N VAL QA 198 53.40 25.24 60.58
CA VAL QA 198 53.19 25.80 61.91
C VAL QA 198 53.39 24.74 62.99
N LEU QA 199 52.94 23.50 62.74
CA LEU QA 199 53.18 22.43 63.70
C LEU QA 199 54.67 22.16 63.87
N ALA QA 200 55.40 22.14 62.77
CA ALA QA 200 56.85 21.92 62.84
C ALA QA 200 57.52 23.05 63.60
N ALA QA 201 57.09 24.29 63.38
CA ALA QA 201 57.67 25.42 64.12
C ALA QA 201 57.39 25.30 65.61
N ALA QA 202 56.18 24.89 65.99
CA ALA QA 202 55.85 24.73 67.40
C ALA QA 202 56.69 23.63 68.04
N TYR QA 203 56.81 22.49 67.36
CA TYR QA 203 57.67 21.43 67.88
C TYR QA 203 59.12 21.90 67.99
N LEU QA 204 59.59 22.68 67.01
CA LEU QA 204 60.97 23.15 67.04
C LEU QA 204 61.22 24.10 68.20
N THR QA 205 60.30 25.03 68.47
CA THR QA 205 60.52 25.93 69.60
C THR QA 205 60.43 25.20 70.92
N LEU QA 206 59.51 24.22 71.03
CA LEU QA 206 59.43 23.42 72.25
C LEU QA 206 60.74 22.65 72.48
N ALA QA 207 61.25 22.02 71.42
CA ALA QA 207 62.50 21.27 71.54
C ALA QA 207 63.67 22.19 71.85
N ALA QA 208 63.70 23.38 71.25
CA ALA QA 208 64.77 24.32 71.53
C ALA QA 208 64.76 24.77 72.99
N GLU QA 209 63.58 25.05 73.53
CA GLU QA 209 63.50 25.38 74.95
C GLU QA 209 63.95 24.22 75.82
N LEU QA 210 63.53 23.00 75.47
CA LEU QA 210 63.91 21.83 76.27
C LEU QA 210 65.41 21.63 76.26
N LEU QA 211 66.05 21.80 75.11
CA LEU QA 211 67.50 21.67 75.02
C LEU QA 211 68.21 22.79 75.77
N GLU QA 212 67.72 24.03 75.64
CA GLU QA 212 68.36 25.15 76.31
C GLU QA 212 68.29 25.02 77.82
N ARG QA 213 67.20 24.43 78.34
CA ARG QA 213 67.09 24.25 79.79
C ARG QA 213 68.23 23.41 80.35
N LEU QA 214 68.76 22.48 79.56
CA LEU QA 214 69.82 21.60 80.01
C LEU QA 214 71.21 22.21 79.83
N GLY QA 215 71.33 23.39 79.22
CA GLY QA 215 72.59 24.05 79.05
C GLY QA 215 73.20 23.96 77.66
N LEU QA 216 72.61 23.16 76.76
CA LEU QA 216 73.11 23.04 75.39
C LEU QA 216 72.60 24.23 74.57
N THR QA 217 73.20 25.39 74.84
CA THR QA 217 72.78 26.63 74.19
C THR QA 217 73.02 26.63 72.69
N ALA QA 218 74.16 26.09 72.23
CA ALA QA 218 74.46 26.11 70.81
C ALA QA 218 73.50 25.23 70.01
N LEU QA 219 73.16 24.05 70.54
CA LEU QA 219 72.19 23.20 69.87
C LEU QA 219 70.83 23.87 69.78
N ALA QA 220 70.40 24.53 70.86
CA ALA QA 220 69.14 25.25 70.84
C ALA QA 220 69.17 26.38 69.82
N ALA QA 221 70.31 27.09 69.73
CA ALA QA 221 70.44 28.15 68.73
C ALA QA 221 70.34 27.59 67.32
N ARG QA 222 70.95 26.43 67.08
CA ARG QA 222 70.84 25.80 65.77
C ARG QA 222 69.39 25.41 65.46
N ILE QA 223 68.67 24.91 66.47
CA ILE QA 223 67.27 24.56 66.27
C ILE QA 223 66.45 25.80 65.93
N ARG QA 224 66.70 26.90 66.64
CA ARG QA 224 66.00 28.15 66.32
C ARG QA 224 66.32 28.65 64.93
N ARG QA 225 67.59 28.53 64.51
CA ARG QA 225 67.97 28.89 63.15
C ARG QA 225 67.21 28.05 62.13
N ALA QA 226 67.11 26.74 62.39
CA ALA QA 226 66.36 25.87 61.49
C ALA QA 226 64.90 26.27 61.42
N ARG QA 227 64.30 26.61 62.57
CA ARG QA 227 62.91 27.04 62.58
C ARG QA 227 62.72 28.32 61.78
N GLU QA 228 63.63 29.29 61.96
CA GLU QA 228 63.53 30.55 61.23
C GLU QA 228 63.68 30.34 59.73
N LEU QA 229 64.61 29.47 59.32
CA LEU QA 229 64.74 29.17 57.90
C LEU QA 229 63.51 28.44 57.37
N LEU QA 230 62.88 27.60 58.20
CA LEU QA 230 61.64 26.94 57.78
C LEU QA 230 60.51 27.95 57.57
N LEU QA 231 60.38 28.92 58.47
CA LEU QA 231 59.30 29.89 58.38
C LEU QA 231 59.49 30.87 57.23
N ALA QA 232 60.68 30.96 56.66
CA ALA QA 232 60.96 31.89 55.57
C ALA QA 232 60.82 31.25 54.20
N GLY QA 233 60.37 30.00 54.13
CA GLY QA 233 60.22 29.29 52.87
C GLY QA 233 61.41 28.45 52.46
N ARG QA 234 62.54 28.57 53.15
CA ARG QA 234 63.73 27.78 52.86
C ARG QA 234 63.58 26.42 53.57
N VAL QA 235 62.98 25.47 52.85
CA VAL QA 235 62.59 24.21 53.47
C VAL QA 235 63.77 23.24 53.56
N GLU QA 236 64.48 23.04 52.44
CA GLU QA 236 65.52 22.02 52.40
C GLU QA 236 66.70 22.36 53.30
N GLU QA 237 67.07 23.65 53.36
CA GLU QA 237 68.16 24.07 54.23
C GLU QA 237 67.81 23.82 55.69
N ALA QA 238 66.59 24.16 56.09
CA ALA QA 238 66.14 23.87 57.44
C ALA QA 238 66.11 22.37 57.71
N LEU QA 239 65.70 21.59 56.71
CA LEU QA 239 65.67 20.14 56.86
C LEU QA 239 67.08 19.60 57.14
N HIS QA 240 68.06 20.04 56.37
CA HIS QA 240 69.43 19.55 56.57
C HIS QA 240 70.00 20.03 57.90
N LEU QA 241 69.73 21.29 58.28
CA LEU QA 241 70.20 21.77 59.56
C LEU QA 241 69.60 20.94 60.70
N LEU QA 242 68.31 20.63 60.60
CA LEU QA 242 67.65 19.81 61.61
C LEU QA 242 68.24 18.40 61.64
N GLN QA 243 68.54 17.83 60.47
CA GLN QA 243 69.13 16.49 60.44
C GLN QA 243 70.50 16.48 61.12
N ASP QA 244 71.33 17.49 60.83
CA ASP QA 244 72.63 17.57 61.49
C ASP QA 244 72.48 17.73 63.00
N ALA QA 245 71.54 18.58 63.43
CA ALA QA 245 71.30 18.75 64.86
C ALA QA 245 70.86 17.45 65.49
N VAL QA 246 70.00 16.69 64.81
CA VAL QA 246 69.51 15.42 65.33
C VAL QA 246 70.66 14.42 65.45
N GLU QA 247 71.54 14.37 64.44
CA GLU QA 247 72.68 13.47 64.51
C GLU QA 247 73.59 13.81 65.68
N LEU QA 248 73.85 15.10 65.89
CA LEU QA 248 74.73 15.48 67.00
C LEU QA 248 74.05 15.20 68.35
N LEU QA 249 72.73 15.40 68.42
CA LEU QA 249 72.00 15.05 69.63
C LEU QA 249 72.07 13.56 69.90
N HIS QA 250 71.99 12.74 68.86
CA HIS QA 250 72.14 11.30 69.01
C HIS QA 250 73.53 10.94 69.51
N GLU QA 251 74.56 11.61 69.00
CA GLU QA 251 75.91 11.40 69.50
C GLU QA 251 75.99 11.69 70.99
N ARG QA 252 75.44 12.83 71.40
CA ARG QA 252 75.47 13.19 72.82
C ARG QA 252 74.69 12.18 73.67
N ILE QA 253 73.51 11.75 73.18
CA ILE QA 253 72.66 10.84 73.95
C ILE QA 253 73.36 9.50 74.13
N ARG QA 254 73.93 8.97 73.06
CA ARG QA 254 74.60 7.68 73.15
C ARG QA 254 75.95 7.76 73.84
N GLU QA 255 76.54 8.96 73.95
CA GLU QA 255 77.72 9.12 74.78
C GLU QA 255 77.35 9.17 76.26
N LEU QA 256 76.22 9.78 76.59
CA LEU QA 256 75.79 9.85 77.98
C LEU QA 256 75.46 8.47 78.53
N GLY QA 257 74.78 7.63 77.75
CA GLY QA 257 74.40 6.31 78.19
C GLY QA 257 72.96 6.28 78.68
N PHE QA 258 72.74 5.57 79.79
CA PHE QA 258 71.41 5.46 80.39
C PHE QA 258 71.13 6.55 81.42
N GLU QA 259 72.10 7.42 81.70
CA GLU QA 259 71.91 8.52 82.63
C GLU QA 259 71.51 9.82 81.92
N ALA QA 260 70.99 9.71 80.70
CA ALA QA 260 70.58 10.90 79.95
C ALA QA 260 69.32 11.49 80.57
N PRO QA 261 69.32 12.77 80.92
CA PRO QA 261 68.10 13.39 81.46
C PRO QA 261 66.95 13.32 80.46
N GLU QA 262 65.73 13.33 80.99
CA GLU QA 262 64.54 13.22 80.15
C GLU QA 262 64.43 14.33 79.12
N GLU QA 263 65.10 15.47 79.36
CA GLU QA 263 65.06 16.57 78.41
C GLU QA 263 65.60 16.15 77.05
N LEU QA 264 66.72 15.42 77.05
CA LEU QA 264 67.33 14.99 75.79
C LEU QA 264 66.40 14.05 75.01
N LEU QA 265 65.80 13.08 75.71
CA LEU QA 265 64.92 12.14 75.02
C LEU QA 265 63.67 12.82 74.49
N LEU QA 266 63.07 13.70 75.29
CA LEU QA 266 61.86 14.38 74.82
C LEU QA 266 62.18 15.32 73.66
N ALA QA 267 63.31 16.02 73.72
CA ALA QA 267 63.73 16.86 72.61
C ALA QA 267 63.99 16.03 71.35
N ASP QA 268 64.59 14.85 71.52
CA ASP QA 268 64.83 13.98 70.36
C ASP QA 268 63.51 13.54 69.73
N LEU QA 269 62.54 13.16 70.54
CA LEU QA 269 61.24 12.77 70.00
C LEU QA 269 60.57 13.92 69.27
N LEU QA 270 60.60 15.12 69.87
CA LEU QA 270 60.01 16.28 69.24
C LEU QA 270 60.72 16.61 67.92
N LEU QA 271 62.04 16.48 67.89
CA LEU QA 271 62.79 16.73 66.67
C LEU QA 271 62.47 15.72 65.59
N GLN QA 272 62.25 14.45 65.97
CA GLN QA 272 61.84 13.45 64.98
C GLN QA 272 60.46 13.79 64.40
N ARG QA 273 59.51 14.19 65.26
CA ARG QA 273 58.21 14.59 64.74
C ARG QA 273 58.33 15.79 63.81
N ALA QA 274 59.16 16.76 64.19
CA ALA QA 274 59.40 17.93 63.33
C ALA QA 274 60.02 17.51 62.00
N LEU QA 275 60.95 16.56 62.03
CA LEU QA 275 61.57 16.07 60.80
C LEU QA 275 60.54 15.44 59.87
N GLU QA 276 59.66 14.59 60.43
CA GLU QA 276 58.62 13.99 59.61
C GLU QA 276 57.70 15.05 59.02
N LEU QA 277 57.30 16.03 59.84
CA LEU QA 277 56.39 17.07 59.35
C LEU QA 277 57.06 17.90 58.25
N ILE QA 278 58.33 18.26 58.44
CA ILE QA 278 59.03 19.06 57.44
C ILE QA 278 59.22 18.28 56.16
N SER QA 279 59.53 16.98 56.27
CA SER QA 279 59.68 16.15 55.07
C SER QA 279 58.36 16.04 54.33
N SER QA 280 57.24 15.96 55.06
CA SER QA 280 55.94 15.86 54.41
C SER QA 280 55.50 17.15 53.72
N ILE QA 281 56.20 18.27 53.96
CA ILE QA 281 55.85 19.53 53.32
C ILE QA 281 56.12 19.45 51.83
N THR RA 24 57.25 -27.57 94.06
CA THR RA 24 56.85 -28.92 93.66
C THR RA 24 56.79 -29.01 92.14
N VAL RA 25 56.58 -27.87 91.49
CA VAL RA 25 56.57 -27.71 90.03
C VAL RA 25 55.31 -28.30 89.42
N GLU RA 26 54.98 -29.55 89.75
CA GLU RA 26 53.76 -30.15 89.21
C GLU RA 26 52.52 -29.43 89.72
N GLU RA 27 52.46 -29.22 91.05
CA GLU RA 27 51.34 -28.50 91.64
C GLU RA 27 51.15 -27.15 90.96
N GLU RA 28 52.25 -26.51 90.56
CA GLU RA 28 52.15 -25.30 89.76
C GLU RA 28 51.40 -25.57 88.45
N VAL RA 29 51.61 -26.74 87.84
CA VAL RA 29 50.95 -27.03 86.58
C VAL RA 29 49.45 -27.20 86.77
N ILE RA 30 49.03 -28.01 87.75
CA ILE RA 30 47.58 -28.17 87.94
C ILE RA 30 46.94 -26.87 88.40
N ARG RA 31 47.61 -26.12 89.28
CA ARG RA 31 47.08 -24.83 89.69
C ARG RA 31 46.99 -23.87 88.52
N PHE RA 32 47.96 -23.91 87.60
CA PHE RA 32 47.89 -23.08 86.41
C PHE RA 32 46.66 -23.41 85.58
N ALA RA 33 46.41 -24.70 85.36
CA ALA RA 33 45.25 -25.08 84.57
C ALA RA 33 43.95 -24.63 85.24
N GLU RA 34 43.82 -24.90 86.54
CA GLU RA 34 42.58 -24.54 87.24
C GLU RA 34 42.39 -23.03 87.31
N GLU RA 35 43.45 -22.28 87.59
CA GLU RA 35 43.36 -20.83 87.65
C GLU RA 35 43.05 -20.25 86.27
N LEU RA 36 43.60 -20.83 85.22
CA LEU RA 36 43.28 -20.37 83.87
C LEU RA 36 41.79 -20.55 83.58
N ALA RA 37 41.26 -21.73 83.91
CA ALA RA 37 39.84 -21.97 83.69
C ALA RA 37 38.98 -21.01 84.51
N GLU RA 38 39.36 -20.79 85.76
CA GLU RA 38 38.64 -19.85 86.61
C GLU RA 38 38.72 -18.43 86.06
N GLU RA 39 39.85 -18.09 85.44
CA GLU RA 39 39.98 -16.76 84.85
C GLU RA 39 39.06 -16.59 83.64
N ILE RA 40 38.95 -17.61 82.80
CA ILE RA 40 37.96 -17.54 81.72
C ILE RA 40 36.56 -17.38 82.29
N ARG RA 41 36.24 -18.14 83.35
CA ARG RA 41 34.91 -18.02 83.96
C ARG RA 41 34.68 -16.61 84.50
N ARG RA 42 35.69 -16.03 85.15
CA ARG RA 42 35.54 -14.70 85.72
C ARG RA 42 35.38 -13.64 84.63
N VAL RA 43 36.19 -13.72 83.57
CA VAL RA 43 36.15 -12.68 82.54
C VAL RA 43 34.86 -12.77 81.73
N THR RA 44 34.44 -13.99 81.38
CA THR RA 44 33.28 -14.16 80.50
C THR RA 44 32.04 -14.67 81.22
N GLY RA 45 32.16 -15.70 82.05
CA GLY RA 45 31.01 -16.28 82.69
C GLY RA 45 30.64 -17.64 82.12
N GLU RA 46 29.44 -17.74 81.55
CA GLU RA 46 28.97 -18.99 80.95
C GLU RA 46 28.64 -18.82 79.47
N ALA RA 47 29.01 -17.68 78.87
CA ALA RA 47 28.86 -17.50 77.44
C ALA RA 47 29.90 -18.30 76.65
N TYR RA 48 31.08 -18.50 77.22
CA TYR RA 48 32.15 -19.30 76.60
C TYR RA 48 32.50 -20.40 77.59
N ARG RA 49 31.77 -21.52 77.51
CA ARG RA 49 31.97 -22.64 78.41
C ARG RA 49 32.71 -23.81 77.78
N GLU RA 50 32.63 -23.95 76.45
CA GLU RA 50 33.40 -24.99 75.76
C GLU RA 50 34.89 -24.75 75.93
N TYR RA 51 35.31 -23.47 75.94
CA TYR RA 51 36.72 -23.16 76.14
C TYR RA 51 37.18 -23.58 77.53
N ALA RA 52 36.36 -23.33 78.56
CA ALA RA 52 36.71 -23.77 79.90
C ALA RA 52 36.73 -25.30 79.99
N GLU RA 53 35.80 -25.96 79.31
CA GLU RA 53 35.83 -27.42 79.25
C GLU RA 53 37.12 -27.92 78.64
N ALA RA 54 37.55 -27.32 77.54
CA ALA RA 54 38.79 -27.72 76.88
C ALA RA 54 39.99 -27.46 77.79
N VAL RA 55 40.01 -26.33 78.48
CA VAL RA 55 41.13 -26.03 79.38
C VAL RA 55 41.19 -27.04 80.52
N ARG RA 56 40.04 -27.40 81.08
CA ARG RA 56 40.05 -28.39 82.16
C ARG RA 56 40.46 -29.76 81.65
N HIS RA 57 40.05 -30.12 80.43
CA HIS RA 57 40.50 -31.37 79.84
C HIS RA 57 42.00 -31.38 79.64
N LEU RA 58 42.57 -30.27 79.15
CA LEU RA 58 44.01 -30.19 78.98
C LEU RA 58 44.74 -30.23 80.32
N GLY RA 59 44.16 -29.64 81.37
CA GLY RA 59 44.74 -29.79 82.69
C GLY RA 59 44.74 -31.23 83.17
N GLU RA 60 43.65 -31.96 82.91
CA GLU RA 60 43.61 -33.38 83.23
C GLU RA 60 44.67 -34.15 82.45
N ALA RA 61 44.86 -33.81 81.17
CA ALA RA 61 45.90 -34.45 80.37
C ALA RA 61 47.28 -34.16 80.96
N ALA RA 62 47.54 -32.92 81.36
CA ALA RA 62 48.81 -32.57 81.96
C ALA RA 62 49.04 -33.33 83.27
N LYS RA 63 47.98 -33.51 84.06
CA LYS RA 63 48.09 -34.32 85.26
C LYS RA 63 48.39 -35.78 84.92
N ALA RA 64 47.80 -36.28 83.84
CA ALA RA 64 48.03 -37.67 83.45
C ALA RA 64 49.47 -37.87 82.97
N VAL RA 65 50.03 -36.90 82.24
CA VAL RA 65 51.40 -37.02 81.74
C VAL RA 65 52.37 -37.14 82.90
N LEU RA 66 52.19 -36.32 83.94
CA LEU RA 66 53.12 -36.27 85.06
C LEU RA 66 53.07 -37.51 85.94
N GLU RA 67 52.08 -38.38 85.75
CA GLU RA 67 51.95 -39.59 86.56
C GLU RA 67 52.52 -40.83 85.88
N GLY RA 68 52.69 -40.81 84.56
CA GLY RA 68 53.26 -41.94 83.85
C GLY RA 68 52.41 -42.46 82.72
N ASN RA 69 51.10 -42.32 82.83
CA ASN RA 69 50.20 -42.80 81.79
C ASN RA 69 50.32 -41.91 80.56
N SER RA 70 50.79 -42.49 79.45
CA SER RA 70 51.05 -41.73 78.23
C SER RA 70 50.00 -41.91 77.16
N VAL RA 71 49.10 -42.88 77.29
CA VAL RA 71 48.05 -43.06 76.29
C VAL RA 71 46.77 -42.33 76.68
N GLU RA 72 46.51 -42.19 77.98
CA GLU RA 72 45.39 -41.37 78.42
C GLU RA 72 45.58 -39.92 78.00
N ALA RA 73 46.83 -39.44 78.01
CA ALA RA 73 47.10 -38.10 77.51
C ALA RA 73 46.73 -37.96 76.04
N ASP RA 74 47.08 -38.97 75.23
CA ASP RA 74 46.70 -38.94 73.81
C ASP RA 74 45.19 -38.94 73.63
N LEU RA 75 44.49 -39.77 74.40
CA LEU RA 75 43.03 -39.81 74.30
C LEU RA 75 42.41 -38.48 74.69
N ILE RA 76 42.93 -37.85 75.76
CA ILE RA 76 42.37 -36.57 76.20
C ILE RA 76 42.67 -35.47 75.18
N VAL RA 77 43.87 -35.50 74.58
CA VAL RA 77 44.20 -34.50 73.56
C VAL RA 77 43.30 -34.67 72.35
N THR RA 78 42.99 -35.91 71.97
CA THR RA 78 42.07 -36.13 70.87
C THR RA 78 40.66 -35.64 71.22
N ASP RA 79 40.23 -35.82 72.47
CA ASP RA 79 38.95 -35.28 72.90
C ASP RA 79 38.94 -33.76 72.78
N VAL RA 80 40.02 -33.11 73.21
CA VAL RA 80 40.13 -31.66 73.09
C VAL RA 80 40.10 -31.24 71.62
N LEU RA 81 40.75 -32.02 70.76
CA LEU RA 81 40.74 -31.74 69.33
C LEU RA 81 39.33 -31.80 68.77
N ARG RA 82 38.55 -32.81 69.17
CA ARG RA 82 37.16 -32.88 68.76
C ARG RA 82 36.36 -31.68 69.26
N LEU RA 83 36.59 -31.28 70.52
CA LEU RA 83 35.87 -30.13 71.06
C LEU RA 83 36.18 -28.86 70.28
N LEU RA 84 37.46 -28.63 69.97
CA LEU RA 84 37.84 -27.44 69.22
C LEU RA 84 37.36 -27.50 67.78
N GLU RA 85 37.29 -28.71 67.20
CA GLU RA 85 36.73 -28.85 65.87
C GLU RA 85 35.24 -28.50 65.87
N ARG RA 86 34.52 -28.89 66.93
CA ARG RA 86 33.13 -28.50 67.04
C ARG RA 86 32.99 -26.99 67.25
N ILE RA 87 33.92 -26.37 67.98
CA ILE RA 87 33.85 -24.93 68.23
C ILE RA 87 33.96 -24.16 66.92
N GLY RA 88 34.97 -24.48 66.12
CA GLY RA 88 35.12 -23.86 64.82
C GLY RA 88 36.15 -22.73 64.75
N GLU RA 89 37.31 -22.93 65.37
CA GLU RA 89 38.41 -21.98 65.33
C GLU RA 89 39.56 -22.65 64.59
N GLU RA 90 39.78 -22.25 63.33
CA GLU RA 90 40.68 -22.98 62.45
C GLU RA 90 42.12 -23.02 62.99
N GLY RA 91 42.62 -21.87 63.42
CA GLY RA 91 43.98 -21.82 63.96
C GLY RA 91 44.13 -22.66 65.21
N LEU RA 92 43.12 -22.64 66.09
CA LEU RA 92 43.16 -23.46 67.29
C LEU RA 92 43.14 -24.94 66.94
N VAL RA 93 42.36 -25.33 65.94
CA VAL RA 93 42.35 -26.73 65.52
C VAL RA 93 43.70 -27.14 64.94
N LYS RA 94 44.31 -26.26 64.14
CA LYS RA 94 45.62 -26.57 63.59
C LYS RA 94 46.65 -26.76 64.69
N LEU RA 95 46.65 -25.85 65.67
CA LEU RA 95 47.57 -25.98 66.80
C LEU RA 95 47.29 -27.25 67.58
N ALA RA 96 46.01 -27.63 67.72
CA ALA RA 96 45.66 -28.85 68.42
C ALA RA 96 46.20 -30.08 67.71
N ARG RA 97 46.07 -30.12 66.38
CA ARG RA 97 46.60 -31.25 65.61
C ARG RA 97 48.12 -31.34 65.75
N GLU RA 98 48.80 -30.20 65.64
CA GLU RA 98 50.26 -30.21 65.77
C GLU RA 98 50.69 -30.67 67.16
N VAL RA 99 49.99 -30.19 68.20
CA VAL RA 99 50.29 -30.60 69.56
C VAL RA 99 50.04 -32.10 69.72
N HIS RA 100 48.95 -32.60 69.14
CA HIS RA 100 48.66 -34.03 69.21
C HIS RA 100 49.82 -34.85 68.64
N GLU RA 101 50.25 -34.53 67.42
CA GLU RA 101 51.30 -35.30 66.78
C GLU RA 101 52.61 -35.21 67.55
N ARG RA 102 53.05 -33.97 67.86
CA ARG RA 102 54.32 -33.80 68.53
C ARG RA 102 54.32 -34.43 69.92
N SER RA 103 53.23 -34.24 70.68
CA SER RA 103 53.15 -34.82 72.02
C SER RA 103 53.16 -36.34 71.96
N PHE RA 104 52.45 -36.94 71.00
CA PHE RA 104 52.49 -38.38 70.86
C PHE RA 104 53.90 -38.87 70.61
N GLU RA 105 54.60 -38.25 69.65
CA GLU RA 105 55.94 -38.69 69.31
C GLU RA 105 56.90 -38.52 70.48
N LEU RA 106 56.83 -37.37 71.16
CA LEU RA 106 57.75 -37.11 72.27
C LEU RA 106 57.46 -38.02 73.45
N LEU RA 107 56.18 -38.27 73.76
CA LEU RA 107 55.85 -39.16 74.86
C LEU RA 107 56.26 -40.59 74.55
N ARG RA 108 56.15 -41.02 73.29
CA ARG RA 108 56.69 -42.31 72.92
C ARG RA 108 58.19 -42.36 73.11
N LYS RA 109 58.89 -41.31 72.69
CA LYS RA 109 60.34 -41.26 72.89
C LYS RA 109 60.69 -41.11 74.37
N GLY RA 110 60.01 -40.21 75.07
CA GLY RA 110 60.26 -40.04 76.49
C GLY RA 110 60.45 -38.61 76.93
N ASN RA 111 60.17 -37.65 76.05
CA ASN RA 111 60.32 -36.23 76.36
C ASN RA 111 59.05 -35.73 77.06
N ARG RA 112 59.01 -35.96 78.37
CA ARG RA 112 57.86 -35.54 79.16
C ARG RA 112 57.70 -34.02 79.18
N VAL RA 113 58.81 -33.31 79.36
CA VAL RA 113 58.77 -31.87 79.60
C VAL RA 113 58.23 -31.14 78.38
N GLU RA 114 58.68 -31.52 77.19
CA GLU RA 114 58.22 -30.83 75.99
C GLU RA 114 56.75 -31.10 75.70
N ALA RA 115 56.28 -32.32 75.95
CA ALA RA 115 54.85 -32.60 75.82
C ALA RA 115 54.03 -31.77 76.81
N LEU RA 116 54.51 -31.66 78.04
CA LEU RA 116 53.84 -30.79 79.01
C LEU RA 116 53.80 -29.35 78.52
N ALA RA 117 54.92 -28.87 77.96
CA ALA RA 117 54.97 -27.51 77.46
C ALA RA 117 53.97 -27.29 76.33
N LEU RA 118 53.87 -28.26 75.41
CA LEU RA 118 52.91 -28.15 74.32
C LEU RA 118 51.47 -28.14 74.84
N ILE RA 119 51.17 -28.99 75.82
CA ILE RA 119 49.83 -29.02 76.40
C ILE RA 119 49.49 -27.69 77.04
N LEU RA 120 50.43 -27.14 77.81
CA LEU RA 120 50.19 -25.84 78.45
C LEU RA 120 50.04 -24.73 77.43
N ALA RA 121 50.84 -24.77 76.35
CA ALA RA 121 50.71 -23.77 75.30
C ALA RA 121 49.34 -23.85 74.63
N LEU RA 122 48.85 -25.06 74.38
CA LEU RA 122 47.51 -25.20 73.80
C LEU RA 122 46.44 -24.65 74.75
N ALA RA 123 46.56 -24.95 76.04
CA ALA RA 123 45.58 -24.45 77.01
C ALA RA 123 45.58 -22.93 77.03
N LEU RA 124 46.77 -22.33 77.07
CA LEU RA 124 46.86 -20.87 77.06
C LEU RA 124 46.29 -20.29 75.78
N ALA RA 125 46.54 -20.94 74.64
CA ALA RA 125 46.00 -20.46 73.37
C ALA RA 125 44.48 -20.45 73.40
N VAL RA 126 43.86 -21.52 73.90
CA VAL RA 126 42.41 -21.58 73.99
C VAL RA 126 41.88 -20.47 74.90
N ALA RA 127 42.50 -20.32 76.08
CA ALA RA 127 42.04 -19.31 77.03
C ALA RA 127 42.15 -17.91 76.45
N LEU RA 128 43.29 -17.60 75.81
CA LEU RA 128 43.49 -16.27 75.25
C LEU RA 128 42.56 -16.02 74.07
N THR RA 129 42.28 -17.04 73.27
CA THR RA 129 41.33 -16.89 72.18
C THR RA 129 39.94 -16.55 72.72
N ALA RA 130 39.50 -17.27 73.76
CA ALA RA 130 38.19 -16.98 74.34
C ALA RA 130 38.14 -15.57 74.92
N VAL RA 131 39.18 -15.18 75.67
CA VAL RA 131 39.19 -13.88 76.30
C VAL RA 131 39.21 -12.77 75.25
N SER RA 132 40.03 -12.92 74.22
CA SER RA 132 40.10 -11.89 73.18
C SER RA 132 38.79 -11.79 72.41
N LYS RA 133 38.15 -12.92 72.13
CA LYS RA 133 36.86 -12.88 71.45
C LYS RA 133 35.82 -12.14 72.30
N ALA RA 134 35.78 -12.43 73.60
CA ALA RA 134 34.84 -11.74 74.49
C ALA RA 134 35.13 -10.25 74.54
N PHE RA 135 36.41 -9.88 74.64
CA PHE RA 135 36.78 -8.47 74.73
C PHE RA 135 36.41 -7.72 73.46
N PHE RA 136 36.66 -8.32 72.29
CA PHE RA 136 36.29 -7.66 71.05
C PHE RA 136 34.79 -7.56 70.89
N LEU RA 137 34.05 -8.61 71.29
CA LEU RA 137 32.60 -8.57 71.18
C LEU RA 137 32.00 -7.49 72.07
N LEU RA 138 32.53 -7.34 73.28
CA LEU RA 138 32.05 -6.27 74.16
C LEU RA 138 32.33 -4.90 73.55
N GLY RA 139 33.52 -4.70 72.99
CA GLY RA 139 33.89 -3.43 72.41
C GLY RA 139 35.03 -2.77 73.16
N GLN RA 140 35.77 -3.56 73.92
CA GLN RA 140 36.85 -3.03 74.75
C GLN RA 140 37.99 -2.51 73.87
N PRO RA 141 38.75 -1.54 74.35
CA PRO RA 141 39.91 -1.06 73.60
C PRO RA 141 41.07 -2.03 73.67
N ALA RA 142 42.07 -1.78 72.83
CA ALA RA 142 43.19 -2.70 72.66
C ALA RA 142 44.12 -2.74 73.87
N ARG RA 143 44.08 -1.71 74.74
CA ARG RA 143 45.03 -1.63 75.83
C ARG RA 143 44.88 -2.79 76.80
N LEU RA 144 43.66 -3.04 77.27
CA LEU RA 144 43.43 -4.10 78.23
C LEU RA 144 43.71 -5.47 77.63
N ILE RA 145 43.34 -5.67 76.36
CA ILE RA 145 43.65 -6.92 75.68
C ILE RA 145 45.15 -7.15 75.66
N ALA RA 146 45.92 -6.10 75.31
CA ALA RA 146 47.37 -6.23 75.27
C ALA RA 146 47.96 -6.56 76.63
N GLU RA 147 47.50 -5.86 77.68
CA GLU RA 147 48.02 -6.13 79.01
C GLU RA 147 47.69 -7.54 79.49
N TYR RA 148 46.45 -7.99 79.24
CA TYR RA 148 46.08 -9.34 79.65
C TYR RA 148 46.88 -10.40 78.91
N VAL RA 149 47.05 -10.23 77.59
CA VAL RA 149 47.82 -11.19 76.82
C VAL RA 149 49.26 -11.23 77.31
N GLY RA 150 49.85 -10.06 77.55
CA GLY RA 150 51.21 -10.01 78.06
C GLY RA 150 51.35 -10.69 79.41
N GLU RA 151 50.40 -10.44 80.32
CA GLU RA 151 50.47 -11.04 81.64
C GLU RA 151 50.36 -12.56 81.55
N LYS RA 152 49.42 -13.06 80.74
CA LYS RA 152 49.27 -14.51 80.61
C LYS RA 152 50.50 -15.15 79.99
N LEU RA 153 51.07 -14.51 78.96
CA LEU RA 153 52.30 -15.03 78.36
C LEU RA 153 53.44 -15.03 79.36
N LEU RA 154 53.52 -14.00 80.20
CA LEU RA 154 54.53 -13.96 81.24
C LEU RA 154 54.37 -15.11 82.23
N GLU RA 155 53.13 -15.38 82.66
CA GLU RA 155 52.89 -16.50 83.57
C GLU RA 155 53.29 -17.82 82.93
N LEU RA 156 52.92 -18.03 81.66
CA LEU RA 156 53.30 -19.26 80.98
C LEU RA 156 54.82 -19.38 80.86
N ARG RA 157 55.50 -18.28 80.55
CA ARG RA 157 56.95 -18.30 80.42
C ARG RA 157 57.61 -18.65 81.74
N ARG RA 158 57.13 -18.07 82.85
CA ARG RA 158 57.69 -18.41 84.16
C ARG RA 158 57.45 -19.88 84.48
N LEU RA 159 56.26 -20.39 84.19
CA LEU RA 159 55.97 -21.80 84.46
C LEU RA 159 56.88 -22.71 83.65
N LEU RA 160 57.04 -22.42 82.35
CA LEU RA 160 57.89 -23.26 81.51
C LEU RA 160 59.35 -23.19 81.94
N GLU RA 161 59.83 -22.00 82.32
CA GLU RA 161 61.20 -21.88 82.82
C GLU RA 161 61.39 -22.66 84.11
N LYS RA 162 60.37 -22.67 84.98
CA LYS RA 162 60.45 -23.49 86.18
C LYS RA 162 60.48 -24.97 85.84
N LEU RA 163 59.73 -25.37 84.80
CA LEU RA 163 59.71 -26.78 84.41
C LEU RA 163 61.08 -27.24 83.90
N GLY RA 164 61.67 -26.49 82.98
CA GLY RA 164 62.97 -26.83 82.46
C GLY RA 164 63.10 -26.75 80.95
N VAL RA 165 62.05 -26.27 80.28
CA VAL RA 165 62.09 -26.17 78.82
C VAL RA 165 63.14 -25.14 78.42
N PRO RA 166 63.97 -25.42 77.42
CA PRO RA 166 64.96 -24.42 76.99
C PRO RA 166 64.29 -23.17 76.44
N LEU RA 167 64.99 -22.04 76.61
CA LEU RA 167 64.40 -20.74 76.28
C LEU RA 167 63.96 -20.61 74.83
N PRO RA 168 64.75 -20.99 73.81
CA PRO RA 168 64.28 -20.83 72.43
C PRO RA 168 62.98 -21.55 72.15
N GLU RA 169 62.80 -22.76 72.69
CA GLU RA 169 61.55 -23.48 72.48
C GLU RA 169 60.38 -22.78 73.18
N VAL RA 170 60.63 -22.23 74.37
CA VAL RA 170 59.60 -21.46 75.07
C VAL RA 170 59.16 -20.28 74.21
N ILE RA 171 60.12 -19.54 73.66
CA ILE RA 171 59.78 -18.39 72.85
C ILE RA 171 59.05 -18.81 71.59
N ALA RA 172 59.46 -19.92 70.96
CA ALA RA 172 58.76 -20.40 69.78
C ALA RA 172 57.31 -20.75 70.10
N LEU RA 173 57.09 -21.40 71.25
CA LEU RA 173 55.72 -21.71 71.67
C LEU RA 173 54.93 -20.44 71.91
N LEU RA 174 55.54 -19.42 72.51
CA LEU RA 174 54.84 -18.17 72.78
C LEU RA 174 54.42 -17.48 71.48
N LEU RA 175 55.32 -17.43 70.48
CA LEU RA 175 54.90 -16.88 69.19
C LEU RA 175 53.90 -17.77 68.47
N ARG RA 176 53.90 -19.08 68.71
CA ARG RA 176 52.85 -19.92 68.16
C ARG RA 176 51.49 -19.54 68.74
N VAL RA 177 51.43 -19.35 70.06
CA VAL RA 177 50.21 -18.92 70.72
C VAL RA 177 49.78 -17.56 70.18
N LEU RA 178 50.73 -16.63 70.04
CA LEU RA 178 50.42 -15.31 69.53
C LEU RA 178 49.91 -15.36 68.10
N GLU RA 179 50.47 -16.24 67.28
CA GLU RA 179 49.99 -16.41 65.91
C GLU RA 179 48.57 -16.93 65.90
N VAL RA 180 48.26 -17.88 66.78
CA VAL RA 180 46.89 -18.39 66.89
C VAL RA 180 45.93 -17.25 67.26
N VAL RA 181 46.31 -16.46 68.26
CA VAL RA 181 45.45 -15.35 68.69
C VAL RA 181 45.27 -14.33 67.58
N GLU RA 182 46.36 -14.00 66.87
CA GLU RA 182 46.29 -13.04 65.78
C GLU RA 182 45.40 -13.54 64.64
N GLU RA 183 45.51 -14.83 64.31
CA GLU RA 183 44.65 -15.39 63.27
C GLU RA 183 43.19 -15.33 63.68
N SER RA 184 42.90 -15.67 64.93
CA SER RA 184 41.53 -15.59 65.44
C SER RA 184 41.01 -14.15 65.36
N LEU RA 185 41.84 -13.19 65.76
CA LEU RA 185 41.42 -11.79 65.74
C LEU RA 185 41.16 -11.32 64.31
N LYS RA 186 42.03 -11.69 63.37
CA LYS RA 186 41.82 -11.30 61.97
C LYS RA 186 40.55 -11.91 61.41
N ALA RA 187 40.31 -13.20 61.69
CA ALA RA 187 39.14 -13.87 61.17
C ALA RA 187 37.85 -13.36 61.80
N MET RA 188 37.91 -12.90 63.05
CA MET RA 188 36.69 -12.47 63.74
C MET RA 188 36.16 -11.16 63.20
N GLY RA 189 37.05 -10.22 62.84
CA GLY RA 189 36.59 -8.98 62.24
C GLY RA 189 37.34 -7.73 62.66
N MET RA 190 38.32 -7.87 63.54
CA MET RA 190 39.08 -6.71 64.01
C MET RA 190 39.84 -6.04 62.87
N GLU RA 191 39.94 -4.73 62.94
CA GLU RA 191 40.71 -3.98 61.97
C GLU RA 191 42.21 -4.27 62.15
N PRO RA 192 42.97 -4.36 61.06
CA PRO RA 192 44.39 -4.76 61.18
C PRO RA 192 45.22 -3.92 62.12
N ARG RA 193 44.94 -2.61 62.23
CA ARG RA 193 45.80 -1.74 63.04
C ARG RA 193 45.78 -2.13 64.51
N GLU RA 194 44.59 -2.45 65.06
CA GLU RA 194 44.51 -2.85 66.45
C GLU RA 194 45.20 -4.19 66.70
N ILE RA 195 45.07 -5.13 65.76
CA ILE RA 195 45.75 -6.42 65.89
C ILE RA 195 47.26 -6.21 65.91
N ASN RA 196 47.76 -5.36 65.00
CA ASN RA 196 49.18 -5.06 64.98
C ASN RA 196 49.61 -4.41 66.29
N ARG RA 197 48.78 -3.51 66.82
CA ARG RA 197 49.11 -2.83 68.08
C ARG RA 197 49.23 -3.82 69.23
N VAL RA 198 48.27 -4.73 69.36
CA VAL RA 198 48.28 -5.66 70.48
C VAL RA 198 49.43 -6.67 70.33
N LEU RA 199 49.68 -7.14 69.11
CA LEU RA 199 50.81 -8.05 68.90
C LEU RA 199 52.13 -7.36 69.21
N ALA RA 200 52.29 -6.11 68.79
CA ALA RA 200 53.50 -5.36 69.09
C ALA RA 200 53.67 -5.16 70.59
N ALA RA 201 52.57 -4.87 71.30
CA ALA RA 201 52.64 -4.72 72.74
C ALA RA 201 53.06 -6.00 73.42
N ALA RA 202 52.51 -7.15 72.97
CA ALA RA 202 52.89 -8.43 73.55
C ALA RA 202 54.36 -8.74 73.30
N TYR RA 203 54.84 -8.50 72.08
CA TYR RA 203 56.25 -8.71 71.79
C TYR RA 203 57.11 -7.78 72.63
N LEU RA 204 56.68 -6.54 72.82
CA LEU RA 204 57.47 -5.58 73.60
C LEU RA 204 57.56 -6.00 75.06
N THR RA 205 56.46 -6.44 75.66
CA THR RA 205 56.55 -6.85 77.07
C THR RA 205 57.36 -8.13 77.22
N LEU RA 206 57.25 -9.06 76.26
CA LEU RA 206 58.09 -10.26 76.32
C LEU RA 206 59.57 -9.89 76.23
N ALA RA 207 59.93 -9.01 75.30
CA ALA RA 207 61.32 -8.62 75.15
C ALA RA 207 61.81 -7.84 76.37
N ALA RA 208 60.94 -7.00 76.94
CA ALA RA 208 61.33 -6.26 78.14
C ALA RA 208 61.61 -7.20 79.30
N GLU RA 209 60.76 -8.21 79.50
CA GLU RA 209 61.04 -9.20 80.54
C GLU RA 209 62.33 -9.94 80.27
N LEU RA 210 62.56 -10.33 79.02
CA LEU RA 210 63.79 -11.05 78.68
C LEU RA 210 65.02 -10.21 78.98
N LEU RA 211 64.99 -8.92 78.62
CA LEU RA 211 66.11 -8.04 78.90
C LEU RA 211 66.29 -7.82 80.39
N GLU RA 212 65.19 -7.62 81.13
CA GLU RA 212 65.29 -7.38 82.56
C GLU RA 212 65.86 -8.58 83.30
N ARG RA 213 65.57 -9.80 82.81
CA ARG RA 213 66.12 -10.99 83.46
C ARG RA 213 67.64 -10.98 83.45
N LEU RA 214 68.25 -10.37 82.43
CA LEU RA 214 69.70 -10.33 82.30
C LEU RA 214 70.34 -9.17 83.07
N GLY RA 215 69.54 -8.30 83.67
CA GLY RA 215 70.07 -7.19 84.44
C GLY RA 215 70.01 -5.84 83.76
N LEU RA 216 69.74 -5.80 82.45
CA LEU RA 216 69.64 -4.53 81.72
C LEU RA 216 68.28 -3.90 82.02
N THR RA 217 68.17 -3.38 83.25
CA THR RA 217 66.91 -2.82 83.73
C THR RA 217 66.54 -1.53 83.01
N ALA RA 218 67.51 -0.68 82.68
CA ALA RA 218 67.21 0.58 82.01
C ALA RA 218 66.70 0.34 80.58
N LEU RA 219 67.31 -0.62 79.87
CA LEU RA 219 66.82 -0.95 78.54
C LEU RA 219 65.40 -1.50 78.60
N ALA RA 220 65.13 -2.35 79.59
CA ALA RA 220 63.77 -2.86 79.76
C ALA RA 220 62.79 -1.73 80.07
N ALA RA 221 63.20 -0.77 80.90
CA ALA RA 221 62.35 0.37 81.18
C ALA RA 221 62.06 1.18 79.93
N ARG RA 222 63.08 1.37 79.08
CA ARG RA 222 62.86 2.07 77.82
C ARG RA 222 61.89 1.30 76.92
N ILE RA 223 62.00 -0.03 76.88
CA ILE RA 223 61.08 -0.83 76.08
C ILE RA 223 59.65 -0.69 76.61
N ARG RA 224 59.48 -0.71 77.94
CA ARG RA 224 58.15 -0.53 78.51
C ARG RA 224 57.60 0.86 78.21
N ARG RA 225 58.45 1.88 78.26
CA ARG RA 225 58.02 3.22 77.88
C ARG RA 225 57.56 3.26 76.43
N ALA RA 226 58.30 2.60 75.54
CA ALA RA 226 57.90 2.54 74.14
C ALA RA 226 56.55 1.84 73.99
N ARG RA 227 56.35 0.74 74.72
CA ARG RA 227 55.07 0.04 74.66
C ARG RA 227 53.93 0.93 75.14
N GLU RA 228 54.14 1.65 76.25
CA GLU RA 228 53.10 2.51 76.78
C GLU RA 228 52.77 3.65 75.83
N LEU RA 229 53.79 4.23 75.17
CA LEU RA 229 53.53 5.25 74.17
C LEU RA 229 52.81 4.67 72.96
N LEU RA 230 53.10 3.42 72.59
CA LEU RA 230 52.41 2.78 71.49
C LEU RA 230 50.93 2.57 71.81
N LEU RA 231 50.63 2.13 73.03
CA LEU RA 231 49.24 1.85 73.41
C LEU RA 231 48.41 3.11 73.57
N ALA RA 232 49.03 4.29 73.67
CA ALA RA 232 48.32 5.54 73.86
C ALA RA 232 48.06 6.27 72.54
N GLY RA 233 48.38 5.66 71.41
CA GLY RA 233 48.19 6.28 70.11
C GLY RA 233 49.40 7.00 69.57
N ARG RA 234 50.42 7.22 70.38
CA ARG RA 234 51.65 7.90 69.95
C ARG RA 234 52.53 6.87 69.26
N VAL RA 235 52.36 6.76 67.94
CA VAL RA 235 53.00 5.68 67.20
C VAL RA 235 54.44 6.02 66.86
N GLU RA 236 54.68 7.20 66.29
CA GLU RA 236 56.01 7.55 65.79
C GLU RA 236 57.02 7.68 66.92
N GLU RA 237 56.59 8.26 68.05
CA GLU RA 237 57.50 8.39 69.19
C GLU RA 237 57.92 7.03 69.72
N ALA RA 238 56.97 6.11 69.83
CA ALA RA 238 57.30 4.74 70.23
C ALA RA 238 58.21 4.08 69.22
N LEU RA 239 57.96 4.32 67.92
CA LEU RA 239 58.81 3.78 66.87
C LEU RA 239 60.25 4.23 67.04
N HIS RA 240 60.47 5.53 67.26
CA HIS RA 240 61.83 6.04 67.39
C HIS RA 240 62.48 5.55 68.69
N LEU RA 241 61.72 5.50 69.78
CA LEU RA 241 62.27 4.96 71.02
C LEU RA 241 62.71 3.51 70.83
N LEU RA 242 61.89 2.72 70.15
CA LEU RA 242 62.24 1.34 69.88
C LEU RA 242 63.47 1.23 69.00
N GLN RA 243 63.59 2.10 67.98
CA GLN RA 243 64.76 2.06 67.12
C GLN RA 243 66.02 2.39 67.90
N ASP RA 244 65.97 3.41 68.76
CA ASP RA 244 67.13 3.74 69.58
C ASP RA 244 67.49 2.60 70.52
N ALA RA 245 66.49 1.96 71.13
CA ALA RA 245 66.76 0.82 71.99
C ALA RA 245 67.39 -0.32 71.20
N VAL RA 246 66.93 -0.55 69.97
CA VAL RA 246 67.49 -1.60 69.13
C VAL RA 246 68.94 -1.31 68.79
N GLU RA 247 69.25 -0.05 68.46
CA GLU RA 247 70.65 0.30 68.17
C GLU RA 247 71.53 0.09 69.39
N LEU RA 248 71.06 0.48 70.57
CA LEU RA 248 71.88 0.30 71.77
C LEU RA 248 72.06 -1.19 72.08
N LEU RA 249 71.01 -1.99 71.89
CA LEU RA 249 71.10 -3.43 72.08
C LEU RA 249 72.09 -4.05 71.10
N HIS RA 250 72.07 -3.59 69.85
CA HIS RA 250 73.03 -4.07 68.86
C HIS RA 250 74.46 -3.71 69.28
N GLU RA 251 74.65 -2.49 69.78
CA GLU RA 251 75.96 -2.09 70.29
C GLU RA 251 76.43 -3.04 71.38
N ARG RA 252 75.57 -3.33 72.35
CA ARG RA 252 75.94 -4.25 73.42
C ARG RA 252 76.25 -5.64 72.90
N ILE RA 253 75.41 -6.14 71.98
CA ILE RA 253 75.58 -7.50 71.46
C ILE RA 253 76.89 -7.63 70.71
N ARG RA 254 77.21 -6.66 69.85
CA ARG RA 254 78.45 -6.70 69.11
C ARG RA 254 79.66 -6.35 69.97
N GLU RA 255 79.46 -5.72 71.12
CA GLU RA 255 80.57 -5.55 72.06
C GLU RA 255 80.87 -6.84 72.80
N LEU RA 256 79.84 -7.62 73.14
CA LEU RA 256 80.08 -8.87 73.86
C LEU RA 256 80.74 -9.92 72.97
N GLY RA 257 80.32 -10.00 71.71
CA GLY RA 257 80.91 -10.94 70.77
C GLY RA 257 80.04 -12.20 70.63
N PHE RA 258 80.69 -13.36 70.66
CA PHE RA 258 80.00 -14.64 70.53
C PHE RA 258 79.61 -15.24 71.87
N GLU RA 259 79.93 -14.58 72.98
CA GLU RA 259 79.53 -15.03 74.31
C GLU RA 259 78.26 -14.36 74.78
N ALA RA 260 77.48 -13.81 73.87
CA ALA RA 260 76.23 -13.14 74.24
C ALA RA 260 75.20 -14.17 74.67
N PRO RA 261 74.61 -14.03 75.86
CA PRO RA 261 73.56 -14.96 76.28
C PRO RA 261 72.38 -14.94 75.32
N GLU RA 262 71.68 -16.08 75.26
CA GLU RA 262 70.55 -16.21 74.34
C GLU RA 262 69.46 -15.18 74.60
N GLU RA 263 69.40 -14.63 75.81
CA GLU RA 263 68.39 -13.62 76.11
C GLU RA 263 68.51 -12.41 75.20
N LEU RA 264 69.74 -11.95 74.96
CA LEU RA 264 69.92 -10.78 74.10
C LEU RA 264 69.49 -11.05 72.67
N LEU RA 265 69.85 -12.22 72.13
CA LEU RA 265 69.47 -12.54 70.75
C LEU RA 265 67.96 -12.70 70.61
N LEU RA 266 67.32 -13.38 71.56
CA LEU RA 266 65.88 -13.55 71.49
C LEU RA 266 65.16 -12.21 71.64
N ALA RA 267 65.65 -11.36 72.55
CA ALA RA 267 65.08 -10.03 72.69
C ALA RA 267 65.26 -9.20 71.42
N ASP RA 268 66.42 -9.33 70.77
CA ASP RA 268 66.64 -8.61 69.52
C ASP RA 268 65.66 -9.06 68.45
N LEU RA 269 65.45 -10.37 68.32
CA LEU RA 269 64.49 -10.86 67.33
C LEU RA 269 63.08 -10.37 67.64
N LEU RA 270 62.68 -10.42 68.91
CA LEU RA 270 61.35 -9.95 69.28
C LEU RA 270 61.20 -8.46 69.01
N LEU RA 271 62.25 -7.68 69.29
CA LEU RA 271 62.20 -6.24 69.03
C LEU RA 271 62.12 -5.96 67.53
N GLN RA 272 62.79 -6.76 66.71
CA GLN RA 272 62.67 -6.57 65.26
C GLN RA 272 61.25 -6.87 64.78
N ARG RA 273 60.64 -7.94 65.30
CA ARG RA 273 59.26 -8.22 64.92
C ARG RA 273 58.32 -7.10 65.37
N ALA RA 274 58.53 -6.60 66.59
CA ALA RA 274 57.73 -5.49 67.08
C ALA RA 274 57.92 -4.24 66.22
N LEU RA 275 59.16 -3.99 65.80
CA LEU RA 275 59.44 -2.84 64.94
C LEU RA 275 58.71 -2.96 63.62
N GLU RA 276 58.75 -4.16 63.01
CA GLU RA 276 58.04 -4.37 61.76
C GLU RA 276 56.53 -4.17 61.94
N LEU RA 277 55.97 -4.71 63.02
CA LEU RA 277 54.54 -4.57 63.25
C LEU RA 277 54.14 -3.12 63.48
N ILE RA 278 54.95 -2.37 64.23
CA ILE RA 278 54.67 -0.97 64.49
C ILE RA 278 54.77 -0.16 63.19
N SER RA 279 55.78 -0.46 62.37
CA SER RA 279 55.92 0.24 61.10
C SER RA 279 54.74 -0.03 60.18
N SER RA 280 54.23 -1.27 60.19
CA SER RA 280 53.09 -1.60 59.34
C SER RA 280 51.79 -0.98 59.81
N ILE RA 281 51.75 -0.40 61.01
CA ILE RA 281 50.54 0.22 61.52
C ILE RA 281 50.16 1.41 60.66
N THR SA 24 92.75 -43.43 48.64
CA THR SA 24 93.07 -43.85 47.28
C THR SA 24 92.51 -42.84 46.28
N VAL SA 25 91.50 -42.10 46.72
CA VAL SA 25 90.89 -41.00 45.98
C VAL SA 25 90.06 -41.51 44.80
N GLU SA 26 90.67 -42.34 43.94
CA GLU SA 26 89.94 -42.89 42.81
C GLU SA 26 88.80 -43.79 43.28
N GLU SA 27 89.11 -44.72 44.20
CA GLU SA 27 88.09 -45.57 44.79
C GLU SA 27 86.96 -44.73 45.39
N GLU SA 28 87.29 -43.57 45.95
CA GLU SA 28 86.26 -42.67 46.44
C GLU SA 28 85.34 -42.22 45.32
N VAL SA 29 85.88 -41.96 44.13
CA VAL SA 29 85.06 -41.51 43.01
C VAL SA 29 84.14 -42.64 42.54
N ILE SA 30 84.68 -43.85 42.38
CA ILE SA 30 83.85 -44.97 41.93
C ILE SA 30 82.77 -45.28 42.96
N ARG SA 31 83.14 -45.30 44.24
CA ARG SA 31 82.14 -45.52 45.29
C ARG SA 31 81.12 -44.41 45.34
N PHE SA 32 81.53 -43.16 45.06
CA PHE SA 32 80.58 -42.07 45.02
C PHE SA 32 79.54 -42.29 43.93
N ALA SA 33 79.99 -42.69 42.74
CA ALA SA 33 79.05 -42.94 41.65
C ALA SA 33 78.09 -44.08 41.99
N GLU SA 34 78.64 -45.19 42.48
CA GLU SA 34 77.80 -46.35 42.80
C GLU SA 34 76.81 -46.02 43.92
N GLU SA 35 77.28 -45.35 44.98
CA GLU SA 35 76.41 -44.98 46.09
C GLU SA 35 75.35 -43.99 45.65
N LEU SA 36 75.68 -43.07 44.74
CA LEU SA 36 74.69 -42.14 44.24
C LEU SA 36 73.59 -42.88 43.49
N ALA SA 37 73.97 -43.84 42.64
CA ALA SA 37 72.96 -44.63 41.93
C ALA SA 37 72.11 -45.44 42.90
N GLU SA 38 72.74 -46.03 43.91
CA GLU SA 38 72.00 -46.80 44.91
C GLU SA 38 71.06 -45.90 45.71
N GLU SA 39 71.47 -44.67 45.97
CA GLU SA 39 70.61 -43.73 46.67
C GLU SA 39 69.40 -43.35 45.82
N ILE SA 40 69.59 -43.15 44.52
CA ILE SA 40 68.45 -42.93 43.65
C ILE SA 40 67.49 -44.11 43.72
N ARG SA 41 68.04 -45.33 43.66
CA ARG SA 41 67.19 -46.52 43.71
C ARG SA 41 66.45 -46.61 45.04
N ARG SA 42 67.13 -46.31 46.15
CA ARG SA 42 66.50 -46.39 47.46
C ARG SA 42 65.40 -45.35 47.61
N VAL SA 43 65.66 -44.12 47.18
CA VAL SA 43 64.68 -43.05 47.37
C VAL SA 43 63.47 -43.26 46.47
N THR SA 44 63.68 -43.66 45.21
CA THR SA 44 62.58 -43.77 44.26
C THR SA 44 62.24 -45.20 43.88
N GLY SA 45 63.24 -46.02 43.55
CA GLY SA 45 62.97 -47.38 43.11
C GLY SA 45 63.23 -47.58 41.64
N GLU SA 46 62.21 -48.03 40.91
CA GLU SA 46 62.31 -48.24 39.48
C GLU SA 46 61.42 -47.29 38.69
N ALA SA 47 60.82 -46.30 39.35
CA ALA SA 47 60.06 -45.28 38.66
C ALA SA 47 60.95 -44.29 37.91
N TYR SA 48 62.16 -44.06 38.41
CA TYR SA 48 63.15 -43.22 37.75
C TYR SA 48 64.39 -44.09 37.54
N ARG SA 49 64.42 -44.81 36.42
CA ARG SA 49 65.53 -45.71 36.10
C ARG SA 49 66.48 -45.14 35.06
N GLU SA 50 66.00 -44.23 34.21
CA GLU SA 50 66.90 -43.58 33.25
C GLU SA 50 67.93 -42.73 33.97
N TYR SA 51 67.54 -42.09 35.08
CA TYR SA 51 68.49 -41.31 35.85
C TYR SA 51 69.58 -42.20 36.45
N ALA SA 52 69.20 -43.37 36.97
CA ALA SA 52 70.19 -44.29 37.50
C ALA SA 52 71.11 -44.80 36.39
N GLU SA 53 70.55 -45.08 35.21
CA GLU SA 53 71.37 -45.49 34.07
C GLU SA 53 72.38 -44.40 33.71
N ALA SA 54 71.93 -43.14 33.67
CA ALA SA 54 72.82 -42.04 33.34
C ALA SA 54 73.91 -41.88 34.40
N VAL SA 55 73.55 -42.03 35.68
CA VAL SA 55 74.53 -41.89 36.74
C VAL SA 55 75.58 -43.00 36.65
N ARG SA 56 75.15 -44.23 36.36
CA ARG SA 56 76.10 -45.31 36.20
C ARG SA 56 76.99 -45.10 34.98
N HIS SA 57 76.43 -44.57 33.90
CA HIS SA 57 77.23 -44.24 32.72
C HIS SA 57 78.28 -43.19 33.05
N LEU SA 58 77.89 -42.16 33.79
CA LEU SA 58 78.85 -41.12 34.17
C LEU SA 58 79.92 -41.66 35.11
N GLY SA 59 79.55 -42.58 35.99
CA GLY SA 59 80.56 -43.23 36.83
C GLY SA 59 81.54 -44.05 36.00
N GLU SA 60 81.04 -44.74 34.98
CA GLU SA 60 81.92 -45.47 34.08
C GLU SA 60 82.85 -44.52 33.33
N ALA SA 61 82.33 -43.37 32.90
CA ALA SA 61 83.17 -42.38 32.23
C ALA SA 61 84.26 -41.87 33.18
N ALA SA 62 83.89 -41.57 34.43
CA ALA SA 62 84.86 -41.10 35.40
C ALA SA 62 85.92 -42.14 35.67
N LYS SA 63 85.53 -43.42 35.72
CA LYS SA 63 86.51 -44.49 35.84
C LYS SA 63 87.44 -44.53 34.62
N ALA SA 64 86.88 -44.35 33.43
CA ALA SA 64 87.67 -44.40 32.20
C ALA SA 64 88.69 -43.28 32.16
N VAL SA 65 88.30 -42.09 32.63
CA VAL SA 65 89.22 -40.94 32.62
C VAL SA 65 90.47 -41.24 33.43
N LEU SA 66 90.32 -41.93 34.56
CA LEU SA 66 91.39 -42.06 35.54
C LEU SA 66 92.52 -42.98 35.08
N GLU SA 67 92.35 -43.76 34.01
CA GLU SA 67 93.42 -44.60 33.51
C GLU SA 67 94.19 -43.98 32.36
N GLY SA 68 93.58 -43.07 31.61
CA GLY SA 68 94.27 -42.43 30.50
C GLY SA 68 93.43 -42.33 29.24
N ASN SA 69 92.47 -43.24 29.08
CA ASN SA 69 91.60 -43.23 27.91
C ASN SA 69 90.70 -42.00 27.95
N SER SA 70 90.87 -41.10 26.98
CA SER SA 70 90.14 -39.84 26.95
C SER SA 70 89.10 -39.77 25.85
N VAL SA 71 89.04 -40.75 24.95
CA VAL SA 71 88.03 -40.76 23.90
C VAL SA 71 86.80 -41.55 24.32
N GLU SA 72 87.01 -42.66 25.04
CA GLU SA 72 85.89 -43.40 25.60
C GLU SA 72 85.08 -42.53 26.55
N ALA SA 73 85.74 -41.65 27.29
CA ALA SA 73 85.02 -40.72 28.16
C ALA SA 73 84.12 -39.80 27.34
N ASP SA 74 84.63 -39.28 26.22
CA ASP SA 74 83.82 -38.43 25.35
C ASP SA 74 82.62 -39.20 24.80
N LEU SA 75 82.85 -40.45 24.37
CA LEU SA 75 81.75 -41.24 23.84
C LEU SA 75 80.69 -41.50 24.90
N ILE SA 76 81.12 -41.80 26.14
CA ILE SA 76 80.16 -42.06 27.20
C ILE SA 76 79.39 -40.79 27.57
N VAL SA 77 80.08 -39.65 27.56
CA VAL SA 77 79.40 -38.39 27.85
C VAL SA 77 78.37 -38.07 26.78
N THR SA 78 78.69 -38.36 25.51
CA THR SA 78 77.70 -38.18 24.46
C THR SA 78 76.51 -39.12 24.64
N ASP SA 79 76.77 -40.36 25.08
CA ASP SA 79 75.68 -41.29 25.36
C ASP SA 79 74.78 -40.75 26.47
N VAL SA 80 75.39 -40.21 27.54
CA VAL SA 80 74.61 -39.61 28.62
C VAL SA 80 73.82 -38.42 28.12
N LEU SA 81 74.41 -37.64 27.21
CA LEU SA 81 73.71 -36.50 26.62
C LEU SA 81 72.48 -36.97 25.86
N ARG SA 82 72.61 -38.05 25.09
CA ARG SA 82 71.46 -38.60 24.38
C ARG SA 82 70.40 -39.08 25.34
N LEU SA 83 70.81 -39.74 26.43
CA LEU SA 83 69.85 -40.22 27.42
C LEU SA 83 69.08 -39.07 28.05
N LEU SA 84 69.79 -38.00 28.41
CA LEU SA 84 69.13 -36.85 29.02
C LEU SA 84 68.26 -36.10 28.01
N GLU SA 85 68.66 -36.08 26.74
CA GLU SA 85 67.81 -35.48 25.71
C GLU SA 85 66.53 -36.27 25.54
N ARG SA 86 66.60 -37.60 25.63
CA ARG SA 86 65.39 -38.41 25.61
C ARG SA 86 64.56 -38.19 26.87
N ILE SA 87 65.21 -37.95 28.01
CA ILE SA 87 64.47 -37.73 29.26
C ILE SA 87 63.62 -36.46 29.16
N GLY SA 88 64.23 -35.36 28.73
CA GLY SA 88 63.48 -34.13 28.55
C GLY SA 88 63.62 -33.11 29.66
N GLU SA 89 64.83 -32.90 30.17
CA GLU SA 89 65.11 -31.90 31.20
C GLU SA 89 66.05 -30.87 30.59
N GLU SA 90 65.52 -29.70 30.27
CA GLU SA 90 66.26 -28.72 29.48
C GLU SA 90 67.53 -28.26 30.17
N GLY SA 91 67.44 -27.92 31.46
CA GLY SA 91 68.62 -27.50 32.18
C GLY SA 91 69.67 -28.59 32.29
N LEU SA 92 69.22 -29.83 32.50
CA LEU SA 92 70.15 -30.95 32.57
C LEU SA 92 70.84 -31.17 31.23
N VAL SA 93 70.11 -31.02 30.12
CA VAL SA 93 70.72 -31.17 28.81
C VAL SA 93 71.74 -30.05 28.55
N LYS SA 94 71.40 -28.82 28.97
CA LYS SA 94 72.35 -27.72 28.81
C LYS SA 94 73.63 -27.97 29.59
N LEU SA 95 73.49 -28.42 30.84
CA LEU SA 95 74.66 -28.74 31.64
C LEU SA 95 75.45 -29.89 31.01
N ALA SA 96 74.74 -30.86 30.42
CA ALA SA 96 75.42 -31.96 29.76
C ALA SA 96 76.24 -31.50 28.57
N ARG SA 97 75.68 -30.59 27.76
CA ARG SA 97 76.42 -30.05 26.62
C ARG SA 97 77.65 -29.28 27.09
N GLU SA 98 77.50 -28.44 28.12
CA GLU SA 98 78.63 -27.69 28.61
C GLU SA 98 79.72 -28.61 29.16
N VAL SA 99 79.31 -29.64 29.90
CA VAL SA 99 80.26 -30.61 30.41
C VAL SA 99 80.97 -31.33 29.27
N HIS SA 100 80.23 -31.70 28.23
CA HIS SA 100 80.83 -32.35 27.07
C HIS SA 100 81.93 -31.49 26.48
N GLU SA 101 81.61 -30.22 26.19
CA GLU SA 101 82.59 -29.35 25.54
C GLU SA 101 83.81 -29.12 26.44
N ARG SA 102 83.57 -28.72 27.69
CA ARG SA 102 84.68 -28.40 28.57
C ARG SA 102 85.53 -29.63 28.86
N SER SA 103 84.89 -30.78 29.09
CA SER SA 103 85.64 -32.01 29.36
C SER SA 103 86.47 -32.42 28.16
N PHE SA 104 85.92 -32.30 26.95
CA PHE SA 104 86.71 -32.62 25.76
C PHE SA 104 87.93 -31.72 25.66
N GLU SA 105 87.74 -30.41 25.84
CA GLU SA 105 88.86 -29.48 25.71
C GLU SA 105 89.92 -29.75 26.79
N LEU SA 106 89.48 -29.93 28.04
CA LEU SA 106 90.43 -30.14 29.13
C LEU SA 106 91.17 -31.47 28.98
N LEU SA 107 90.47 -32.52 28.56
CA LEU SA 107 91.12 -33.82 28.39
C LEU SA 107 92.10 -33.79 27.23
N ARG SA 108 91.78 -33.04 26.16
CA ARG SA 108 92.77 -32.84 25.10
C ARG SA 108 93.98 -32.10 25.64
N LYS SA 109 93.77 -31.05 26.44
CA LYS SA 109 94.89 -30.31 27.01
C LYS SA 109 95.62 -31.12 28.07
N GLY SA 110 94.87 -31.77 28.95
CA GLY SA 110 95.49 -32.62 29.96
C GLY SA 110 95.02 -32.38 31.37
N ASN SA 111 93.96 -31.60 31.54
CA ASN SA 111 93.42 -31.29 32.86
C ASN SA 111 92.45 -32.40 33.28
N ARG SA 112 93.03 -33.47 33.84
CA ARG SA 112 92.23 -34.61 34.27
C ARG SA 112 91.29 -34.24 35.41
N VAL SA 113 91.79 -33.47 36.38
CA VAL SA 113 91.05 -33.22 37.61
C VAL SA 113 89.77 -32.43 37.33
N GLU SA 114 89.86 -31.40 36.47
CA GLU SA 114 88.68 -30.59 36.19
C GLU SA 114 87.64 -31.37 35.39
N ALA SA 115 88.08 -32.24 34.48
CA ALA SA 115 87.15 -33.10 33.76
C ALA SA 115 86.44 -34.06 34.72
N LEU SA 116 87.19 -34.63 35.67
CA LEU SA 116 86.57 -35.48 36.68
C LEU SA 116 85.55 -34.69 37.50
N ALA SA 117 85.90 -33.47 37.88
CA ALA SA 117 84.99 -32.63 38.64
C ALA SA 117 83.71 -32.34 37.86
N LEU SA 118 83.85 -32.04 36.57
CA LEU SA 118 82.67 -31.77 35.74
C LEU SA 118 81.79 -33.00 35.63
N ILE SA 119 82.39 -34.18 35.44
CA ILE SA 119 81.61 -35.40 35.34
C ILE SA 119 80.85 -35.67 36.63
N LEU SA 120 81.53 -35.50 37.77
CA LEU SA 120 80.88 -35.72 39.06
C LEU SA 120 79.77 -34.71 39.30
N ALA SA 121 79.99 -33.45 38.90
CA ALA SA 121 78.95 -32.43 39.05
C ALA SA 121 77.73 -32.78 38.21
N LEU SA 122 77.94 -33.25 36.98
CA LEU SA 122 76.81 -33.66 36.16
C LEU SA 122 76.06 -34.83 36.79
N ALA SA 123 76.79 -35.81 37.31
CA ALA SA 123 76.13 -36.95 37.96
C ALA SA 123 75.29 -36.51 39.15
N LEU SA 124 75.86 -35.64 39.99
CA LEU SA 124 75.12 -35.13 41.14
C LEU SA 124 73.91 -34.32 40.70
N ALA SA 125 74.04 -33.55 39.63
CA ALA SA 125 72.89 -32.77 39.14
C ALA SA 125 71.76 -33.69 38.70
N VAL SA 126 72.10 -34.76 37.97
CA VAL SA 126 71.06 -35.71 37.56
C VAL SA 126 70.40 -36.36 38.77
N ALA SA 127 71.22 -36.78 39.75
CA ALA SA 127 70.68 -37.44 40.92
C ALA SA 127 69.76 -36.50 41.71
N LEU SA 128 70.19 -35.26 41.92
CA LEU SA 128 69.38 -34.32 42.68
C LEU SA 128 68.11 -33.94 41.92
N THR SA 129 68.19 -33.84 40.59
CA THR SA 129 66.98 -33.58 39.81
C THR SA 129 65.97 -34.70 39.99
N ALA SA 130 66.42 -35.96 39.89
CA ALA SA 130 65.52 -37.09 40.06
C ALA SA 130 64.91 -37.10 41.46
N VAL SA 131 65.74 -36.89 42.49
CA VAL SA 131 65.26 -36.95 43.87
C VAL SA 131 64.27 -35.83 44.14
N SER SA 132 64.57 -34.61 43.67
CA SER SA 132 63.66 -33.49 43.89
C SER SA 132 62.35 -33.70 43.15
N LYS SA 133 62.39 -34.25 41.94
CA LYS SA 133 61.15 -34.54 41.23
C LYS SA 133 60.32 -35.56 41.97
N ALA SA 134 60.94 -36.62 42.48
CA ALA SA 134 60.21 -37.62 43.24
C ALA SA 134 59.59 -37.02 44.51
N PHE SA 135 60.37 -36.22 45.23
CA PHE SA 135 59.88 -35.61 46.47
C PHE SA 135 58.72 -34.68 46.21
N PHE SA 136 58.82 -33.86 45.16
CA PHE SA 136 57.72 -32.95 44.84
C PHE SA 136 56.48 -33.71 44.39
N LEU SA 137 56.65 -34.78 43.61
CA LEU SA 137 55.50 -35.57 43.19
C LEU SA 137 54.81 -36.23 44.38
N LEU SA 138 55.59 -36.75 45.33
CA LEU SA 138 55.00 -37.36 46.51
C LEU SA 138 54.22 -36.32 47.33
N GLY SA 139 54.80 -35.13 47.49
CA GLY SA 139 54.14 -34.07 48.25
C GLY SA 139 54.86 -33.73 49.53
N GLN SA 140 56.16 -34.02 49.59
CA GLN SA 140 56.92 -33.77 50.79
C GLN SA 140 57.11 -32.27 51.01
N PRO SA 141 57.30 -31.85 52.26
CA PRO SA 141 57.62 -30.43 52.52
C PRO SA 141 59.06 -30.13 52.11
N ALA SA 142 59.35 -28.82 52.06
CA ALA SA 142 60.64 -28.36 51.58
C ALA SA 142 61.79 -28.72 52.51
N ARG SA 143 61.50 -29.08 53.77
CA ARG SA 143 62.56 -29.31 54.74
C ARG SA 143 63.43 -30.50 54.33
N LEU SA 144 62.81 -31.64 54.03
CA LEU SA 144 63.59 -32.83 53.69
C LEU SA 144 64.37 -32.63 52.40
N ILE SA 145 63.76 -31.98 51.41
CA ILE SA 145 64.46 -31.67 50.17
C ILE SA 145 65.69 -30.83 50.46
N ALA SA 146 65.54 -29.80 51.32
CA ALA SA 146 66.65 -28.93 51.66
C ALA SA 146 67.78 -29.71 52.33
N GLU SA 147 67.46 -30.54 53.32
CA GLU SA 147 68.52 -31.29 54.00
C GLU SA 147 69.20 -32.27 53.07
N TYR SA 148 68.44 -32.96 52.22
CA TYR SA 148 69.06 -33.91 51.31
C TYR SA 148 69.97 -33.22 50.29
N VAL SA 149 69.50 -32.09 49.73
CA VAL SA 149 70.33 -31.36 48.78
C VAL SA 149 71.60 -30.87 49.46
N GLY SA 150 71.47 -30.33 50.68
CA GLY SA 150 72.66 -29.86 51.39
C GLY SA 150 73.63 -30.99 51.67
N GLU SA 151 73.13 -32.15 52.09
CA GLU SA 151 74.02 -33.28 52.39
C GLU SA 151 74.74 -33.75 51.14
N LYS SA 152 74.02 -33.86 50.02
CA LYS SA 152 74.66 -34.31 48.79
C LYS SA 152 75.70 -33.30 48.30
N LEU SA 153 75.39 -32.01 48.41
CA LEU SA 153 76.35 -30.99 48.03
C LEU SA 153 77.59 -31.04 48.92
N LEU SA 154 77.39 -31.30 50.22
CA LEU SA 154 78.52 -31.44 51.12
C LEU SA 154 79.40 -32.64 50.73
N GLU SA 155 78.77 -33.77 50.40
CA GLU SA 155 79.55 -34.93 49.97
C GLU SA 155 80.34 -34.64 48.71
N LEU SA 156 79.71 -33.98 47.73
CA LEU SA 156 80.44 -33.63 46.51
C LEU SA 156 81.59 -32.67 46.80
N ARG SA 157 81.36 -31.70 47.68
CA ARG SA 157 82.41 -30.74 48.03
C ARG SA 157 83.59 -31.44 48.68
N ARG SA 158 83.32 -32.36 49.61
CA ARG SA 158 84.42 -33.10 50.23
C ARG SA 158 85.18 -33.94 49.21
N LEU SA 159 84.45 -34.60 48.31
CA LEU SA 159 85.11 -35.40 47.28
C LEU SA 159 86.00 -34.53 46.39
N LEU SA 160 85.48 -33.40 45.94
CA LEU SA 160 86.25 -32.52 45.06
C LEU SA 160 87.47 -31.94 45.78
N GLU SA 161 87.30 -31.56 47.05
CA GLU SA 161 88.44 -31.06 47.81
C GLU SA 161 89.50 -32.14 48.00
N LYS SA 162 89.08 -33.39 48.18
CA LYS SA 162 90.04 -34.49 48.25
C LYS SA 162 90.74 -34.69 46.91
N LEU SA 163 90.03 -34.48 45.81
CA LEU SA 163 90.63 -34.64 44.49
C LEU SA 163 91.71 -33.61 44.24
N GLY SA 164 91.40 -32.33 44.47
CA GLY SA 164 92.39 -31.28 44.29
C GLY SA 164 91.88 -30.06 43.55
N VAL SA 165 90.59 -30.03 43.24
CA VAL SA 165 90.01 -28.90 42.51
C VAL SA 165 90.11 -27.65 43.37
N PRO SA 166 90.51 -26.50 42.83
CA PRO SA 166 90.53 -25.27 43.63
C PRO SA 166 89.14 -24.88 44.10
N LEU SA 167 89.10 -24.27 45.28
CA LEU SA 167 87.82 -23.99 45.93
C LEU SA 167 86.87 -23.13 45.12
N PRO SA 168 87.30 -22.02 44.49
CA PRO SA 168 86.34 -21.24 43.68
C PRO SA 168 85.67 -22.04 42.59
N GLU SA 169 86.41 -22.93 41.92
CA GLU SA 169 85.80 -23.76 40.89
C GLU SA 169 84.80 -24.75 41.49
N VAL SA 170 85.11 -25.29 42.68
CA VAL SA 170 84.17 -26.17 43.36
C VAL SA 170 82.87 -25.43 43.65
N ILE SA 171 82.99 -24.20 44.17
CA ILE SA 171 81.79 -23.44 44.49
C ILE SA 171 81.01 -23.09 43.24
N ALA SA 172 81.72 -22.77 42.15
CA ALA SA 172 81.03 -22.50 40.88
C ALA SA 172 80.27 -23.72 40.38
N LEU SA 173 80.89 -24.91 40.49
CA LEU SA 173 80.20 -26.14 40.09
C LEU SA 173 78.98 -26.40 40.95
N LEU SA 174 79.09 -26.19 42.26
CA LEU SA 174 77.95 -26.40 43.15
C LEU SA 174 76.82 -25.43 42.83
N LEU SA 175 77.17 -24.17 42.53
CA LEU SA 175 76.14 -23.21 42.13
C LEU SA 175 75.51 -23.59 40.80
N ARG SA 176 76.28 -24.15 39.87
CA ARG SA 176 75.71 -24.63 38.62
C ARG SA 176 74.72 -25.76 38.86
N VAL SA 177 75.07 -26.71 39.74
CA VAL SA 177 74.17 -27.80 40.09
C VAL SA 177 72.89 -27.25 40.72
N LEU SA 178 73.05 -26.29 41.63
CA LEU SA 178 71.88 -25.68 42.28
C LEU SA 178 71.01 -24.94 41.26
N GLU SA 179 71.63 -24.29 40.29
CA GLU SA 179 70.88 -23.61 39.24
C GLU SA 179 70.08 -24.62 38.43
N VAL SA 180 70.68 -25.76 38.09
CA VAL SA 180 69.97 -26.80 37.36
C VAL SA 180 68.77 -27.30 38.17
N VAL SA 181 68.99 -27.55 39.46
CA VAL SA 181 67.90 -28.04 40.32
C VAL SA 181 66.78 -27.01 40.42
N GLU SA 182 67.14 -25.73 40.58
CA GLU SA 182 66.14 -24.68 40.65
C GLU SA 182 65.34 -24.58 39.36
N GLU SA 183 66.02 -24.68 38.22
CA GLU SA 183 65.33 -24.63 36.94
C GLU SA 183 64.36 -25.80 36.80
N SER SA 184 64.79 -27.00 37.19
CA SER SA 184 63.91 -28.17 37.13
C SER SA 184 62.69 -27.98 38.01
N LEU SA 185 62.91 -27.51 39.25
CA LEU SA 185 61.79 -27.31 40.17
C LEU SA 185 60.82 -26.25 39.66
N LYS SA 186 61.36 -25.16 39.12
CA LYS SA 186 60.50 -24.10 38.59
C LYS SA 186 59.69 -24.58 37.40
N ALA SA 187 60.32 -25.35 36.51
CA ALA SA 187 59.61 -25.85 35.34
C ALA SA 187 58.56 -26.90 35.70
N MET SA 188 58.80 -27.69 36.75
CA MET SA 188 57.85 -28.73 37.11
C MET SA 188 56.51 -28.14 37.59
N GLY SA 189 56.55 -27.07 38.37
CA GLY SA 189 55.32 -26.46 38.84
C GLY SA 189 55.35 -26.01 40.28
N MET SA 190 56.49 -26.17 40.96
CA MET SA 190 56.61 -25.76 42.35
C MET SA 190 56.40 -24.25 42.49
N GLU SA 191 55.76 -23.86 43.59
CA GLU SA 191 55.56 -22.45 43.87
C GLU SA 191 56.90 -21.78 44.19
N PRO SA 192 57.11 -20.55 43.72
CA PRO SA 192 58.43 -19.91 43.87
C PRO SA 192 58.94 -19.83 45.30
N ARG SA 193 58.05 -19.67 46.28
CA ARG SA 193 58.50 -19.48 47.66
C ARG SA 193 59.26 -20.70 48.18
N GLU SA 194 58.75 -21.91 47.89
CA GLU SA 194 59.44 -23.11 48.34
C GLU SA 194 60.79 -23.29 47.64
N ILE SA 195 60.86 -22.95 46.34
CA ILE SA 195 62.13 -23.03 45.63
C ILE SA 195 63.14 -22.07 46.25
N ASN SA 196 62.71 -20.84 46.55
CA ASN SA 196 63.59 -19.90 47.20
C ASN SA 196 64.04 -20.41 48.56
N ARG SA 197 63.12 -21.03 49.31
CA ARG SA 197 63.44 -21.55 50.63
C ARG SA 197 64.51 -22.64 50.55
N VAL SA 198 64.34 -23.59 49.62
CA VAL SA 198 65.30 -24.70 49.55
C VAL SA 198 66.65 -24.20 49.03
N LEU SA 199 66.65 -23.29 48.06
CA LEU SA 199 67.92 -22.74 47.58
C LEU SA 199 68.63 -21.96 48.68
N ALA SA 200 67.89 -21.18 49.46
CA ALA SA 200 68.49 -20.45 50.56
C ALA SA 200 69.05 -21.40 51.61
N ALA SA 201 68.34 -22.49 51.90
CA ALA SA 201 68.85 -23.47 52.86
C ALA SA 201 70.13 -24.11 52.36
N ALA SA 202 70.19 -24.45 51.07
CA ALA SA 202 71.41 -25.05 50.52
C ALA SA 202 72.58 -24.07 50.59
N TYR SA 203 72.33 -22.81 50.23
CA TYR SA 203 73.39 -21.80 50.33
C TYR SA 203 73.83 -21.64 51.77
N LEU SA 204 72.89 -21.67 52.71
CA LEU SA 204 73.23 -21.49 54.12
C LEU SA 204 74.08 -22.64 54.65
N THR SA 205 73.74 -23.88 54.30
CA THR SA 205 74.55 -24.99 54.79
C THR SA 205 75.92 -25.00 54.13
N LEU SA 206 76.01 -24.62 52.85
CA LEU SA 206 77.32 -24.51 52.21
C LEU SA 206 78.17 -23.45 52.88
N ALA SA 207 77.59 -22.28 53.15
CA ALA SA 207 78.33 -21.21 53.81
C ALA SA 207 78.73 -21.59 55.23
N ALA SA 208 77.84 -22.30 55.94
CA ALA SA 208 78.15 -22.74 57.30
C ALA SA 208 79.33 -23.71 57.30
N GLU SA 209 79.35 -24.65 56.36
CA GLU SA 209 80.50 -25.55 56.25
C GLU SA 209 81.77 -24.78 55.93
N LEU SA 210 81.68 -23.82 55.00
CA LEU SA 210 82.86 -23.05 54.62
C LEU SA 210 83.41 -22.28 55.81
N LEU SA 211 82.53 -21.65 56.60
CA LEU SA 211 82.98 -20.91 57.78
C LEU SA 211 83.54 -21.84 58.84
N GLU SA 212 82.88 -22.99 59.08
CA GLU SA 212 83.35 -23.91 60.09
C GLU SA 212 84.73 -24.48 59.75
N ARG SA 213 85.01 -24.69 58.47
CA ARG SA 213 86.33 -25.19 58.09
C ARG SA 213 87.45 -24.25 58.52
N LEU SA 214 87.17 -22.95 58.57
CA LEU SA 214 88.17 -21.96 58.96
C LEU SA 214 88.29 -21.80 60.47
N GLY SA 215 87.44 -22.43 61.26
CA GLY SA 215 87.50 -22.36 62.70
C GLY SA 215 86.47 -21.46 63.35
N LEU SA 216 85.69 -20.71 62.57
CA LEU SA 216 84.64 -19.84 63.12
C LEU SA 216 83.41 -20.67 63.41
N THR SA 217 83.52 -21.49 64.47
CA THR SA 217 82.44 -22.40 64.84
C THR SA 217 81.18 -21.68 65.27
N ALA SA 218 81.30 -20.60 66.05
CA ALA SA 218 80.12 -19.88 66.52
C ALA SA 218 79.37 -19.22 65.37
N LEU SA 219 80.09 -18.64 64.41
CA LEU SA 219 79.43 -18.05 63.25
C LEU SA 219 78.70 -19.12 62.44
N ALA SA 220 79.33 -20.28 62.27
CA ALA SA 220 78.67 -21.37 61.56
C ALA SA 220 77.43 -21.84 62.30
N ALA SA 221 77.50 -21.90 63.64
CA ALA SA 221 76.34 -22.28 64.43
C ALA SA 221 75.20 -21.27 64.26
N ARG SA 222 75.54 -19.98 64.22
CA ARG SA 222 74.52 -18.96 63.99
C ARG SA 222 73.89 -19.12 62.61
N ILE SA 223 74.71 -19.44 61.60
CA ILE SA 223 74.17 -19.66 60.26
C ILE SA 223 73.23 -20.86 60.24
N ARG SA 224 73.60 -21.94 60.92
CA ARG SA 224 72.73 -23.11 60.98
C ARG SA 224 71.44 -22.79 61.72
N ARG SA 225 71.51 -21.99 62.79
CA ARG SA 225 70.30 -21.56 63.48
C ARG SA 225 69.40 -20.76 62.55
N ALA SA 226 69.99 -19.87 61.76
CA ALA SA 226 69.21 -19.09 60.79
C ALA SA 226 68.55 -20.00 59.77
N ARG SA 227 69.28 -21.01 59.28
CA ARG SA 227 68.70 -21.95 58.32
C ARG SA 227 67.54 -22.71 58.94
N GLU SA 228 67.70 -23.18 60.18
CA GLU SA 228 66.65 -23.94 60.84
C GLU SA 228 65.40 -23.08 61.08
N LEU SA 229 65.60 -21.83 61.48
CA LEU SA 229 64.46 -20.93 61.63
C LEU SA 229 63.80 -20.62 60.30
N LEU SA 230 64.59 -20.58 59.22
CA LEU SA 230 64.02 -20.36 57.89
C LEU SA 230 63.16 -21.54 57.46
N LEU SA 231 63.62 -22.77 57.71
CA LEU SA 231 62.89 -23.95 57.29
C LEU SA 231 61.61 -24.17 58.10
N ALA SA 232 61.47 -23.52 59.24
CA ALA SA 232 60.30 -23.70 60.10
C ALA SA 232 59.22 -22.66 59.85
N GLY SA 233 59.40 -21.80 58.85
CA GLY SA 233 58.44 -20.76 58.54
C GLY SA 233 58.73 -19.41 59.16
N ARG SA 234 59.66 -19.34 60.11
CA ARG SA 234 60.04 -18.07 60.75
C ARG SA 234 61.03 -17.36 59.83
N VAL SA 235 60.48 -16.54 58.92
CA VAL SA 235 61.28 -15.95 57.86
C VAL SA 235 62.04 -14.72 58.38
N GLU SA 236 61.33 -13.79 59.03
CA GLU SA 236 61.95 -12.52 59.40
C GLU SA 236 63.02 -12.70 60.46
N GLU SA 237 62.81 -13.61 61.42
CA GLU SA 237 63.82 -13.85 62.44
C GLU SA 237 65.10 -14.41 61.83
N ALA SA 238 64.96 -15.37 60.90
CA ALA SA 238 66.12 -15.89 60.21
C ALA SA 238 66.78 -14.81 59.37
N LEU SA 239 65.99 -13.93 58.75
CA LEU SA 239 66.54 -12.83 57.98
C LEU SA 239 67.41 -11.93 58.84
N HIS SA 240 66.91 -11.55 60.02
CA HIS SA 240 67.69 -10.67 60.88
C HIS SA 240 68.93 -11.38 61.44
N LEU SA 241 68.80 -12.65 61.81
CA LEU SA 241 69.97 -13.40 62.25
C LEU SA 241 71.04 -13.45 61.17
N LEU SA 242 70.62 -13.67 59.92
CA LEU SA 242 71.55 -13.73 58.81
C LEU SA 242 72.19 -12.37 58.56
N GLN SA 243 71.41 -11.29 58.69
CA GLN SA 243 71.99 -9.96 58.52
C GLN SA 243 73.03 -9.65 59.59
N ASP SA 244 72.75 -10.01 60.84
CA ASP SA 244 73.73 -9.80 61.90
C ASP SA 244 75.00 -10.63 61.65
N ALA SA 245 74.83 -11.88 61.21
CA ALA SA 245 75.97 -12.71 60.88
C ALA SA 245 76.78 -12.10 59.75
N VAL SA 246 76.10 -11.55 58.75
CA VAL SA 246 76.77 -10.93 57.60
C VAL SA 246 77.57 -9.72 58.06
N GLU SA 247 76.99 -8.88 58.93
CA GLU SA 247 77.71 -7.72 59.42
C GLU SA 247 78.95 -8.14 60.20
N LEU SA 248 78.83 -9.16 61.06
CA LEU SA 248 79.99 -9.58 61.83
C LEU SA 248 81.06 -10.20 60.94
N LEU SA 249 80.63 -10.94 59.90
CA LEU SA 249 81.57 -11.48 58.92
C LEU SA 249 82.29 -10.35 58.19
N HIS SA 250 81.57 -9.28 57.85
CA HIS SA 250 82.20 -8.13 57.22
C HIS SA 250 83.23 -7.49 58.15
N GLU SA 251 82.88 -7.37 59.44
CA GLU SA 251 83.84 -6.86 60.41
C GLU SA 251 85.12 -7.69 60.43
N ARG SA 252 84.97 -9.02 60.49
CA ARG SA 252 86.14 -9.89 60.49
C ARG SA 252 86.95 -9.76 59.20
N ILE SA 253 86.26 -9.72 58.06
CA ILE SA 253 86.94 -9.66 56.76
C ILE SA 253 87.74 -8.37 56.64
N ARG SA 254 87.12 -7.24 56.99
CA ARG SA 254 87.82 -5.95 56.89
C ARG SA 254 88.84 -5.76 57.99
N GLU SA 255 88.76 -6.52 59.08
CA GLU SA 255 89.84 -6.51 60.07
C GLU SA 255 91.05 -7.31 59.58
N LEU SA 256 90.80 -8.42 58.88
CA LEU SA 256 91.90 -9.22 58.35
C LEU SA 256 92.68 -8.45 57.29
N GLY SA 257 91.99 -7.74 56.41
CA GLY SA 257 92.64 -6.99 55.36
C GLY SA 257 92.59 -7.73 54.03
N PHE SA 258 93.71 -7.73 53.31
CA PHE SA 258 93.82 -8.42 52.03
C PHE SA 258 94.39 -9.82 52.17
N GLU SA 259 94.69 -10.27 53.38
CA GLU SA 259 95.14 -11.63 53.64
C GLU SA 259 93.99 -12.54 54.05
N ALA SA 260 92.76 -12.17 53.73
CA ALA SA 260 91.61 -12.97 54.10
C ALA SA 260 91.57 -14.25 53.26
N PRO SA 261 91.49 -15.42 53.90
CA PRO SA 261 91.37 -16.66 53.13
C PRO SA 261 90.13 -16.67 52.25
N GLU SA 262 90.22 -17.41 51.15
CA GLU SA 262 89.12 -17.46 50.17
C GLU SA 262 87.83 -17.97 50.79
N GLU SA 263 87.92 -18.73 51.89
CA GLU SA 263 86.72 -19.23 52.55
C GLU SA 263 85.82 -18.09 52.99
N LEU SA 264 86.40 -17.04 53.57
CA LEU SA 264 85.59 -15.91 54.03
C LEU SA 264 84.87 -15.23 52.88
N LEU SA 265 85.57 -14.99 51.76
CA LEU SA 265 84.95 -14.31 50.63
C LEU SA 265 83.86 -15.16 50.01
N LEU SA 266 84.11 -16.45 49.82
CA LEU SA 266 83.09 -17.32 49.23
C LEU SA 266 81.89 -17.44 50.15
N ALA SA 267 82.11 -17.56 51.46
CA ALA SA 267 81.00 -17.60 52.40
C ALA SA 267 80.21 -16.30 52.37
N ASP SA 268 80.90 -15.16 52.25
CA ASP SA 268 80.21 -13.88 52.18
C ASP SA 268 79.33 -13.80 50.94
N LEU SA 269 79.85 -14.24 49.79
CA LEU SA 269 79.04 -14.22 48.57
C LEU SA 269 77.83 -15.14 48.70
N LEU SA 270 78.03 -16.34 49.26
CA LEU SA 270 76.91 -17.26 49.44
C LEU SA 270 75.88 -16.69 50.40
N LEU SA 271 76.33 -16.02 51.46
CA LEU SA 271 75.41 -15.41 52.41
C LEU SA 271 74.63 -14.27 51.76
N GLN SA 272 75.27 -13.51 50.88
CA GLN SA 272 74.54 -12.44 50.19
C GLN SA 272 73.47 -13.02 49.27
N ARG SA 273 73.80 -14.11 48.56
CA ARG SA 273 72.77 -14.77 47.74
C ARG SA 273 71.64 -15.29 48.61
N ALA SA 274 71.97 -15.86 49.78
CA ALA SA 274 70.94 -16.33 50.69
C ALA SA 274 70.08 -15.19 51.20
N LEU SA 275 70.69 -14.04 51.51
CA LEU SA 275 69.93 -12.87 51.93
C LEU SA 275 68.95 -12.43 50.84
N GLU SA 276 69.43 -12.38 49.60
CA GLU SA 276 68.57 -11.98 48.49
C GLU SA 276 67.39 -12.95 48.38
N LEU SA 277 67.66 -14.25 48.39
CA LEU SA 277 66.60 -15.24 48.23
C LEU SA 277 65.60 -15.18 49.38
N ILE SA 278 66.08 -15.03 50.61
CA ILE SA 278 65.19 -14.98 51.76
C ILE SA 278 64.34 -13.72 51.71
N SER SA 279 64.92 -12.58 51.32
CA SER SA 279 64.15 -11.36 51.22
C SER SA 279 63.08 -11.47 50.13
N SER SA 280 63.39 -12.14 49.03
CA SER SA 280 62.42 -12.30 47.95
C SER SA 280 61.29 -13.26 48.30
N ILE SA 281 61.40 -13.99 49.41
CA ILE SA 281 60.36 -14.93 49.82
C ILE SA 281 59.09 -14.17 50.19
N THR TA 24 53.10 72.03 69.83
CA THR TA 24 53.97 72.19 68.68
C THR TA 24 53.16 72.04 67.39
N VAL TA 25 52.05 71.31 67.48
CA VAL TA 25 51.08 71.11 66.41
C VAL TA 25 51.62 70.15 65.36
N GLU TA 26 52.83 70.39 64.84
CA GLU TA 26 53.40 69.50 63.85
C GLU TA 26 53.67 68.12 64.45
N GLU TA 27 54.33 68.09 65.62
CA GLU TA 27 54.60 66.84 66.30
C GLU TA 27 53.33 66.05 66.50
N GLU TA 28 52.20 66.75 66.74
CA GLU TA 28 50.92 66.07 66.77
C GLU TA 28 50.62 65.39 65.45
N VAL TA 29 51.01 66.01 64.32
CA VAL TA 29 50.73 65.41 63.02
C VAL TA 29 51.53 64.13 62.81
N ILE TA 30 52.85 64.18 63.07
CA ILE TA 30 53.64 62.96 62.86
C ILE TA 30 53.22 61.89 63.85
N ARG TA 31 52.96 62.26 65.11
CA ARG TA 31 52.49 61.28 66.08
C ARG TA 31 51.15 60.70 65.67
N PHE TA 32 50.26 61.50 65.08
CA PHE TA 32 49.00 60.99 64.59
C PHE TA 32 49.21 59.93 63.52
N ALA TA 33 50.10 60.23 62.56
CA ALA TA 33 50.36 59.25 61.50
C ALA TA 33 50.92 57.95 62.07
N GLU TA 34 51.94 58.07 62.93
CA GLU TA 34 52.57 56.87 63.48
C GLU TA 34 51.62 56.07 64.35
N GLU TA 35 50.85 56.75 65.20
CA GLU TA 35 49.89 56.07 66.06
C GLU TA 35 48.78 55.42 65.24
N LEU TA 36 48.35 56.06 64.16
CA LEU TA 36 47.35 55.45 63.28
C LEU TA 36 47.88 54.16 62.68
N ALA TA 37 49.12 54.19 62.17
CA ALA TA 37 49.70 52.98 61.60
C ALA TA 37 49.84 51.89 62.66
N GLU TA 38 50.28 52.26 63.86
CA GLU TA 38 50.41 51.29 64.94
C GLU TA 38 49.04 50.72 65.32
N GLU TA 39 47.99 51.54 65.23
CA GLU TA 39 46.65 51.05 65.53
C GLU TA 39 46.17 50.04 64.51
N ILE TA 40 46.44 50.29 63.22
CA ILE TA 40 46.13 49.26 62.23
C ILE TA 40 46.89 47.98 62.52
N ARG TA 41 48.17 48.11 62.87
CA ARG TA 41 48.96 46.91 63.19
C ARG TA 41 48.37 46.16 64.39
N ARG TA 42 47.96 46.90 65.43
CA ARG TA 42 47.41 46.26 66.62
C ARG TA 42 46.08 45.58 66.32
N VAL TA 43 45.20 46.25 65.58
CA VAL TA 43 43.88 45.69 65.33
C VAL TA 43 43.95 44.49 64.40
N THR TA 44 44.77 44.56 63.35
CA THR TA 44 44.82 43.51 62.36
C THR TA 44 46.08 42.66 62.40
N GLY TA 45 47.26 43.28 62.49
CA GLY TA 45 48.50 42.53 62.46
C GLY TA 45 49.26 42.71 61.17
N GLU TA 46 49.47 41.61 60.44
CA GLU TA 46 50.17 41.66 59.17
C GLU TA 46 49.29 41.15 58.01
N ALA TA 47 48.00 40.96 58.26
CA ALA TA 47 47.08 40.62 57.18
C ALA TA 47 46.77 41.81 56.29
N TYR TA 48 46.80 43.02 56.84
CA TYR TA 48 46.59 44.26 56.08
C TYR TA 48 47.82 45.12 56.31
N ARG TA 49 48.85 44.92 55.47
CA ARG TA 49 50.10 45.65 55.59
C ARG TA 49 50.25 46.74 54.54
N GLU TA 50 49.61 46.61 53.39
CA GLU TA 50 49.64 47.67 52.38
C GLU TA 50 48.99 48.94 52.92
N TYR TA 51 47.94 48.78 53.73
CA TYR TA 51 47.29 49.95 54.32
C TYR TA 51 48.23 50.67 55.28
N ALA TA 52 48.98 49.92 56.09
CA ALA TA 52 49.95 50.55 56.98
C ALA TA 52 51.07 51.21 56.19
N GLU TA 53 51.49 50.58 55.09
CA GLU TA 53 52.49 51.20 54.22
C GLU TA 53 51.98 52.53 53.67
N ALA TA 54 50.74 52.56 53.21
CA ALA TA 54 50.15 53.79 52.68
C ALA TA 54 50.05 54.85 53.77
N VAL TA 55 49.65 54.46 54.97
CA VAL TA 55 49.53 55.43 56.06
C VAL TA 55 50.90 56.02 56.41
N ARG TA 56 51.93 55.18 56.45
CA ARG TA 56 53.27 55.70 56.75
C ARG TA 56 53.78 56.59 55.63
N HIS TA 57 53.46 56.25 54.37
CA HIS TA 57 53.82 57.12 53.26
C HIS TA 57 53.14 58.47 53.38
N LEU TA 58 51.84 58.47 53.72
CA LEU TA 58 51.13 59.73 53.89
C LEU TA 58 51.67 60.53 55.07
N GLY TA 59 52.11 59.86 56.13
CA GLY TA 59 52.76 60.57 57.22
C GLY TA 59 54.07 61.21 56.77
N GLU TA 60 54.84 60.51 55.95
CA GLU TA 60 56.06 61.09 55.40
C GLU TA 60 55.74 62.30 54.52
N ALA TA 61 54.67 62.20 53.72
CA ALA TA 61 54.24 63.34 52.91
C ALA TA 61 53.85 64.53 53.77
N ALA TA 62 53.12 64.27 54.86
CA ALA TA 62 52.74 65.35 55.78
C ALA TA 62 53.97 65.99 56.42
N LYS TA 63 54.96 65.18 56.77
CA LYS TA 63 56.21 65.72 57.30
C LYS TA 63 56.92 66.57 56.25
N ALA TA 64 56.87 66.15 54.98
CA ALA TA 64 57.51 66.90 53.92
C ALA TA 64 56.83 68.24 53.68
N VAL TA 65 55.49 68.26 53.75
CA VAL TA 65 54.75 69.50 53.53
C VAL TA 65 55.14 70.55 54.57
N LEU TA 66 55.24 70.13 55.84
CA LEU TA 66 55.50 71.05 56.92
C LEU TA 66 56.90 71.63 56.91
N GLU TA 67 57.80 71.09 56.08
CA GLU TA 67 59.17 71.59 55.99
C GLU TA 67 59.37 72.58 54.86
N GLY TA 68 58.52 72.58 53.85
CA GLY TA 68 58.62 73.55 52.77
C GLY TA 68 58.69 72.92 51.38
N ASN TA 69 59.30 71.74 51.29
CA ASN TA 69 59.42 71.07 50.01
C ASN TA 69 58.04 70.57 49.59
N SER TA 70 57.55 71.09 48.46
CA SER TA 70 56.19 70.82 48.01
C SER TA 70 56.09 69.82 46.87
N VAL TA 71 57.20 69.43 46.27
CA VAL TA 71 57.14 68.48 45.16
C VAL TA 71 57.30 67.05 45.64
N GLU TA 72 58.09 66.83 46.70
CA GLU TA 72 58.17 65.49 47.29
C GLU TA 72 56.82 65.05 47.83
N ALA TA 73 56.02 66.01 48.33
CA ALA TA 73 54.66 65.69 48.73
C ALA TA 73 53.85 65.15 47.56
N ASP TA 74 53.94 65.80 46.40
CA ASP TA 74 53.23 65.31 45.22
C ASP TA 74 53.70 63.93 44.82
N LEU TA 75 55.02 63.69 44.84
CA LEU TA 75 55.55 62.40 44.47
C LEU TA 75 55.07 61.31 45.43
N ILE TA 76 55.05 61.60 46.73
CA ILE TA 76 54.62 60.61 47.71
C ILE TA 76 53.11 60.35 47.58
N VAL TA 77 52.33 61.40 47.30
CA VAL TA 77 50.89 61.19 47.12
C VAL TA 77 50.63 60.34 45.88
N THR TA 78 51.42 60.54 44.82
CA THR TA 78 51.27 59.67 43.64
C THR TA 78 51.66 58.24 43.96
N ASP TA 79 52.71 58.04 44.78
CA ASP TA 79 53.08 56.69 45.20
C ASP TA 79 51.94 56.04 45.97
N VAL TA 80 51.31 56.79 46.88
CA VAL TA 80 50.17 56.26 47.64
C VAL TA 80 49.01 55.94 46.69
N LEU TA 81 48.81 56.77 45.67
CA LEU TA 81 47.77 56.51 44.69
C LEU TA 81 48.03 55.21 43.95
N ARG TA 82 49.28 54.96 43.57
CA ARG TA 82 49.62 53.68 42.93
C ARG TA 82 49.38 52.51 43.88
N LEU TA 83 49.76 52.67 45.16
CA LEU TA 83 49.54 51.59 46.12
C LEU TA 83 48.05 51.27 46.27
N LEU TA 84 47.22 52.30 46.39
CA LEU TA 84 45.78 52.08 46.54
C LEU TA 84 45.16 51.55 45.26
N GLU TA 85 45.70 51.92 44.10
CA GLU TA 85 45.24 51.35 42.85
C GLU TA 85 45.56 49.86 42.78
N ARG TA 86 46.73 49.48 43.28
CA ARG TA 86 47.06 48.06 43.35
C ARG TA 86 46.17 47.33 44.34
N ILE TA 87 45.81 47.98 45.45
CA ILE TA 87 44.96 47.34 46.46
C ILE TA 87 43.59 47.01 45.87
N GLY TA 88 42.96 47.98 45.23
CA GLY TA 88 41.69 47.74 44.58
C GLY TA 88 40.46 48.20 45.34
N GLU TA 89 40.53 49.39 45.93
CA GLU TA 89 39.39 49.99 46.63
C GLU TA 89 38.99 51.24 45.86
N GLU TA 90 37.88 51.15 45.13
CA GLU TA 90 37.54 52.19 44.15
C GLU TA 90 37.32 53.54 44.82
N GLY TA 91 36.55 53.57 45.92
CA GLY TA 91 36.31 54.82 46.60
C GLY TA 91 37.58 55.44 47.16
N LEU TA 92 38.47 54.60 47.70
CA LEU TA 92 39.74 55.08 48.22
C LEU TA 92 40.61 55.65 47.10
N VAL TA 93 40.60 55.01 45.93
CA VAL TA 93 41.36 55.53 44.80
C VAL TA 93 40.79 56.87 44.34
N LYS TA 94 39.45 56.99 44.30
CA LYS TA 94 38.84 58.26 43.92
C LYS TA 94 39.23 59.37 44.89
N LEU TA 95 39.16 59.08 46.18
CA LEU TA 95 39.57 60.08 47.17
C LEU TA 95 41.04 60.42 47.03
N ALA TA 96 41.87 59.43 46.69
CA ALA TA 96 43.29 59.68 46.49
C ALA TA 96 43.53 60.61 45.31
N ARG TA 97 42.83 60.39 44.21
CA ARG TA 97 42.97 61.27 43.04
C ARG TA 97 42.54 62.69 43.38
N GLU TA 98 41.40 62.84 44.06
CA GLU TA 98 40.92 64.17 44.42
C GLU TA 98 41.90 64.87 45.35
N VAL TA 99 42.44 64.13 46.33
CA VAL TA 99 43.43 64.71 47.24
C VAL TA 99 44.68 65.12 46.47
N HIS TA 100 45.11 64.29 45.52
CA HIS TA 100 46.27 64.62 44.70
C HIS TA 100 46.07 65.95 44.00
N GLU TA 101 44.96 66.10 43.27
CA GLU TA 101 44.72 67.31 42.51
C GLU TA 101 44.60 68.53 43.43
N ARG TA 102 43.75 68.44 44.45
CA ARG TA 102 43.53 69.59 45.31
C ARG TA 102 44.80 69.97 46.06
N SER TA 103 45.53 68.98 46.58
CA SER TA 103 46.77 69.27 47.30
C SER TA 103 47.81 69.90 46.40
N PHE TA 104 47.93 69.42 45.16
CA PHE TA 104 48.86 70.04 44.22
C PHE TA 104 48.51 71.51 44.00
N GLU TA 105 47.23 71.78 43.71
CA GLU TA 105 46.83 73.16 43.43
C GLU TA 105 47.04 74.06 44.64
N LEU TA 106 46.64 73.58 45.82
CA LEU TA 106 46.76 74.41 47.03
C LEU TA 106 48.22 74.64 47.40
N LEU TA 107 49.07 73.61 47.28
CA LEU TA 107 50.48 73.78 47.59
C LEU TA 107 51.15 74.71 46.60
N ARG TA 108 50.75 74.68 45.32
CA ARG TA 108 51.25 75.67 44.38
C ARG TA 108 50.81 77.07 44.78
N LYS TA 109 49.54 77.23 45.17
CA LYS TA 109 49.07 78.54 45.62
C LYS TA 109 49.70 78.93 46.95
N GLY TA 110 49.75 78.01 47.91
CA GLY TA 110 50.37 78.29 49.18
C GLY TA 110 49.54 77.90 50.39
N ASN TA 111 48.45 77.18 50.18
CA ASN TA 111 47.57 76.76 51.27
C ASN TA 111 48.12 75.47 51.88
N ARG TA 112 49.08 75.64 52.80
CA ARG TA 112 49.69 74.50 53.46
C ARG TA 112 48.69 73.74 54.32
N VAL TA 113 47.86 74.47 55.07
CA VAL TA 113 47.01 73.85 56.07
C VAL TA 113 45.96 72.94 55.42
N GLU TA 114 45.37 73.40 54.33
CA GLU TA 114 44.34 72.59 53.67
C GLU TA 114 44.92 71.34 53.03
N ALA TA 115 46.12 71.44 52.46
CA ALA TA 115 46.79 70.25 51.92
C ALA TA 115 47.10 69.26 53.04
N LEU TA 116 47.57 69.76 54.18
CA LEU TA 116 47.79 68.88 55.34
C LEU TA 116 46.50 68.20 55.76
N ALA TA 117 45.39 68.96 55.78
CA ALA TA 117 44.10 68.40 56.17
C ALA TA 117 43.68 67.30 55.21
N LEU TA 118 43.86 67.52 53.91
CA LEU TA 118 43.50 66.51 52.93
C LEU TA 118 44.36 65.26 53.08
N ILE TA 119 45.65 65.43 53.33
CA ILE TA 119 46.53 64.27 53.53
C ILE TA 119 46.09 63.47 54.75
N LEU TA 120 45.80 64.16 55.85
CA LEU TA 120 45.37 63.48 57.06
C LEU TA 120 44.02 62.78 56.85
N ALA TA 121 43.11 63.42 56.11
CA ALA TA 121 41.83 62.79 55.81
C ALA TA 121 42.02 61.52 54.99
N LEU TA 122 42.92 61.56 54.00
CA LEU TA 122 43.19 60.35 53.23
C LEU TA 122 43.78 59.24 54.10
N ALA TA 123 44.71 59.59 54.99
CA ALA TA 123 45.30 58.58 55.87
C ALA TA 123 44.24 57.96 56.77
N LEU TA 124 43.37 58.79 57.34
CA LEU TA 124 42.31 58.27 58.19
C LEU TA 124 41.35 57.40 57.39
N ALA TA 125 41.05 57.79 56.15
CA ALA TA 125 40.17 56.98 55.32
C ALA TA 125 40.77 55.60 55.07
N VAL TA 126 42.05 55.54 54.76
CA VAL TA 126 42.71 54.24 54.53
C VAL TA 126 42.66 53.40 55.80
N ALA TA 127 43.00 54.00 56.94
CA ALA TA 127 43.03 53.26 58.19
C ALA TA 127 41.65 52.72 58.55
N LEU TA 128 40.62 53.57 58.43
CA LEU TA 128 39.27 53.14 58.78
C LEU TA 128 38.76 52.09 57.81
N THR TA 129 39.12 52.19 56.52
CA THR TA 129 38.72 51.17 55.57
C THR TA 129 39.32 49.82 55.94
N ALA TA 130 40.62 49.81 56.28
CA ALA TA 130 41.26 48.56 56.68
C ALA TA 130 40.63 47.98 57.93
N VAL TA 131 40.40 48.83 58.93
CA VAL TA 131 39.85 48.36 60.20
C VAL TA 131 38.43 47.81 60.00
N SER TA 132 37.60 48.52 59.24
CA SER TA 132 36.24 48.07 59.00
C SER TA 132 36.21 46.77 58.20
N LYS TA 133 37.09 46.64 57.21
CA LYS TA 133 37.16 45.39 56.46
C LYS TA 133 37.54 44.22 57.36
N ALA TA 134 38.53 44.43 58.23
CA ALA TA 134 38.94 43.37 59.15
C ALA TA 134 37.79 43.02 60.10
N PHE TA 135 37.11 44.03 60.64
CA PHE TA 135 36.03 43.78 61.59
C PHE TA 135 34.88 43.03 60.93
N PHE TA 136 34.52 43.39 59.70
CA PHE TA 136 33.45 42.66 59.02
C PHE TA 136 33.88 41.24 58.68
N LEU TA 137 35.14 41.05 58.26
CA LEU TA 137 35.60 39.71 57.93
C LEU TA 137 35.59 38.80 59.15
N LEU TA 138 36.01 39.32 60.31
CA LEU TA 138 35.94 38.54 61.53
C LEU TA 138 34.51 38.16 61.88
N GLY TA 139 33.60 39.12 61.78
CA GLY TA 139 32.20 38.88 62.12
C GLY TA 139 31.73 39.70 63.30
N GLN TA 140 32.46 40.78 63.59
CA GLN TA 140 32.16 41.59 64.74
C GLN TA 140 30.84 42.34 64.55
N PRO TA 141 30.14 42.66 65.63
CA PRO TA 141 28.90 43.44 65.51
C PRO TA 141 29.19 44.91 65.23
N ALA TA 142 28.13 45.63 64.89
CA ALA TA 142 28.26 47.02 64.43
C ALA TA 142 28.63 47.98 65.55
N ARG TA 143 28.43 47.60 66.81
CA ARG TA 143 28.62 48.54 67.91
C ARG TA 143 30.09 48.97 68.01
N LEU TA 144 31.01 48.01 68.00
CA LEU TA 144 32.43 48.34 68.12
C LEU TA 144 32.94 49.08 66.90
N ILE TA 145 32.46 48.71 65.70
CA ILE TA 145 32.84 49.43 64.49
C ILE TA 145 32.42 50.89 64.60
N ALA TA 146 31.18 51.12 65.04
CA ALA TA 146 30.69 52.49 65.19
C ALA TA 146 31.51 53.26 66.22
N GLU TA 147 31.81 52.64 67.36
CA GLU TA 147 32.58 53.33 68.38
C GLU TA 147 33.98 53.69 67.89
N TYR TA 148 34.64 52.75 67.21
CA TYR TA 148 35.99 53.02 66.71
C TYR TA 148 35.99 54.11 65.65
N VAL TA 149 35.01 54.06 64.73
CA VAL TA 149 34.93 55.09 63.69
C VAL TA 149 34.69 56.45 64.32
N GLY TA 150 33.78 56.52 65.29
CA GLY TA 150 33.52 57.78 65.97
C GLY TA 150 34.75 58.31 66.69
N GLU TA 151 35.47 57.43 67.39
CA GLU TA 151 36.66 57.87 68.12
C GLU TA 151 37.73 58.40 67.16
N LYS TA 152 37.96 57.68 66.06
CA LYS TA 152 38.97 58.14 65.10
C LYS TA 152 38.57 59.45 64.45
N LEU TA 153 37.29 59.61 64.11
CA LEU TA 153 36.83 60.88 63.54
C LEU TA 153 36.98 62.01 64.55
N LEU TA 154 36.72 61.73 65.83
CA LEU TA 154 36.92 62.74 66.87
C LEU TA 154 38.38 63.14 66.97
N GLU TA 155 39.30 62.17 66.93
CA GLU TA 155 40.72 62.51 66.97
C GLU TA 155 41.13 63.36 65.78
N LEU TA 156 40.67 62.99 64.59
CA LEU TA 156 40.99 63.79 63.40
C LEU TA 156 40.42 65.20 63.51
N ARG TA 157 39.19 65.32 64.02
CA ARG TA 157 38.58 66.64 64.16
C ARG TA 157 39.36 67.50 65.14
N ARG TA 158 39.78 66.93 66.27
CA ARG TA 158 40.59 67.70 67.21
C ARG TA 158 41.91 68.12 66.59
N LEU TA 159 42.56 67.22 65.86
CA LEU TA 159 43.82 67.58 65.21
C LEU TA 159 43.64 68.71 64.21
N LEU TA 160 42.60 68.62 63.37
CA LEU TA 160 42.37 69.65 62.37
C LEU TA 160 42.01 70.98 63.02
N GLU TA 161 41.21 70.96 64.09
CA GLU TA 161 40.89 72.19 64.80
C GLU TA 161 42.13 72.81 65.42
N LYS TA 162 43.04 71.98 65.92
CA LYS TA 162 44.31 72.50 66.44
C LYS TA 162 45.15 73.09 65.32
N LEU TA 163 45.10 72.50 64.13
CA LEU TA 163 45.87 73.03 63.00
C LEU TA 163 45.37 74.41 62.59
N GLY TA 164 44.06 74.55 62.37
CA GLY TA 164 43.51 75.83 61.99
C GLY TA 164 42.51 75.77 60.86
N VAL TA 165 42.18 74.57 60.42
CA VAL TA 165 41.21 74.41 59.31
C VAL TA 165 39.85 74.91 59.76
N PRO TA 166 39.13 75.68 58.95
CA PRO TA 166 37.79 76.12 59.34
C PRO TA 166 36.84 74.94 59.52
N LEU TA 167 35.87 75.11 60.41
CA LEU TA 167 34.98 74.01 60.79
C LEU TA 167 34.20 73.42 59.61
N PRO TA 168 33.57 74.21 58.73
CA PRO TA 168 32.81 73.58 57.63
C PRO TA 168 33.65 72.68 56.75
N GLU TA 169 34.90 73.07 56.47
CA GLU TA 169 35.77 72.21 55.67
C GLU TA 169 36.14 70.93 56.42
N VAL TA 170 36.36 71.04 57.73
CA VAL TA 170 36.62 69.86 58.54
C VAL TA 170 35.45 68.89 58.45
N ILE TA 171 34.24 69.40 58.60
CA ILE TA 171 33.06 68.54 58.56
C ILE TA 171 32.90 67.93 57.17
N ALA TA 172 33.15 68.71 56.11
CA ALA TA 172 33.06 68.16 54.76
C ALA TA 172 34.07 67.03 54.56
N LEU TA 173 35.29 67.19 55.07
CA LEU TA 173 36.28 66.13 54.98
C LEU TA 173 35.84 64.90 55.76
N LEU TA 174 35.23 65.09 56.94
CA LEU TA 174 34.78 63.96 57.73
C LEU TA 174 33.68 63.18 57.01
N LEU TA 175 32.72 63.88 56.40
CA LEU TA 175 31.72 63.16 55.61
C LEU TA 175 32.31 62.55 54.35
N ARG TA 176 33.37 63.12 53.79
CA ARG TA 176 34.05 62.45 52.68
C ARG TA 176 34.65 61.13 53.12
N VAL TA 177 35.32 61.12 54.28
CA VAL TA 177 35.87 59.89 54.83
C VAL TA 177 34.76 58.89 55.10
N LEU TA 178 33.65 59.35 55.68
CA LEU TA 178 32.53 58.48 55.99
C LEU TA 178 31.92 57.91 54.71
N GLU TA 179 31.83 58.70 53.65
CA GLU TA 179 31.33 58.21 52.38
C GLU TA 179 32.24 57.13 51.82
N VAL TA 180 33.56 57.33 51.93
CA VAL TA 180 34.50 56.30 51.47
C VAL TA 180 34.29 55.00 52.24
N VAL TA 181 34.18 55.11 53.57
CA VAL TA 181 33.97 53.92 54.40
C VAL TA 181 32.66 53.24 54.06
N GLU TA 182 31.59 54.02 53.88
CA GLU TA 182 30.29 53.46 53.54
C GLU TA 182 30.32 52.74 52.19
N GLU TA 183 30.99 53.35 51.20
CA GLU TA 183 31.11 52.70 49.90
C GLU TA 183 31.87 51.38 50.01
N SER TA 184 32.96 51.38 50.79
CA SER TA 184 33.71 50.15 51.00
C SER TA 184 32.84 49.09 51.66
N LEU TA 185 32.06 49.48 52.68
CA LEU TA 185 31.21 48.52 53.37
C LEU TA 185 30.14 47.95 52.45
N LYS TA 186 29.52 48.81 51.63
CA LYS TA 186 28.51 48.33 50.69
C LYS TA 186 29.11 47.38 49.67
N ALA TA 187 30.29 47.72 49.13
CA ALA TA 187 30.91 46.90 48.11
C ALA TA 187 31.41 45.57 48.65
N MET TA 188 31.84 45.54 49.91
CA MET TA 188 32.42 44.31 50.44
C MET TA 188 31.37 43.23 50.71
N GLY TA 189 30.17 43.63 51.13
CA GLY TA 189 29.11 42.65 51.30
C GLY TA 189 28.18 42.86 52.49
N MET TA 190 28.42 43.92 53.28
CA MET TA 190 27.58 44.18 54.44
C MET TA 190 26.13 44.45 54.03
N GLU TA 191 25.20 44.00 54.87
CA GLU TA 191 23.80 44.30 54.65
C GLU TA 191 23.53 45.78 54.90
N PRO TA 192 22.64 46.41 54.12
CA PRO TA 192 22.45 47.87 54.23
C PRO TA 192 22.09 48.36 55.62
N ARG TA 193 21.35 47.57 56.40
CA ARG TA 193 20.87 48.06 57.70
C ARG TA 193 22.04 48.34 58.65
N GLU TA 194 23.02 47.45 58.70
CA GLU TA 194 24.17 47.67 59.56
C GLU TA 194 25.00 48.87 59.12
N ILE TA 195 25.17 49.06 57.82
CA ILE TA 195 25.89 50.22 57.31
C ILE TA 195 25.17 51.50 57.71
N ASN TA 196 23.84 51.51 57.56
CA ASN TA 196 23.06 52.68 57.98
C ASN TA 196 23.21 52.91 59.46
N ARG TA 197 23.21 51.84 60.26
CA ARG TA 197 23.34 51.98 61.72
C ARG TA 197 24.68 52.60 62.09
N VAL TA 198 25.78 52.12 61.49
CA VAL TA 198 27.10 52.63 61.87
C VAL TA 198 27.27 54.06 61.38
N LEU TA 199 26.78 54.37 60.18
CA LEU TA 199 26.87 55.76 59.69
C LEU TA 199 26.06 56.70 60.58
N ALA TA 200 24.86 56.28 60.98
CA ALA TA 200 24.05 57.11 61.87
C ALA TA 200 24.73 57.30 63.21
N ALA TA 201 25.37 56.25 63.74
CA ALA TA 201 26.09 56.39 65.01
C ALA TA 201 27.25 57.37 64.88
N ALA TA 202 27.99 57.29 63.78
CA ALA TA 202 29.10 58.22 63.57
C ALA TA 202 28.61 59.67 63.47
N TYR TA 203 27.53 59.88 62.70
CA TYR TA 203 26.96 61.21 62.61
C TYR TA 203 26.48 61.70 63.97
N LEU TA 204 25.88 60.81 64.75
CA LEU TA 204 25.36 61.19 66.07
C LEU TA 204 26.48 61.58 67.02
N THR TA 205 27.58 60.83 67.04
CA THR TA 205 28.67 61.21 67.94
C THR TA 205 29.34 62.50 67.48
N LEU TA 206 29.47 62.69 66.16
CA LEU TA 206 30.03 63.95 65.67
C LEU TA 206 29.15 65.13 66.08
N ALA TA 207 27.84 65.00 65.90
CA ALA TA 207 26.93 66.08 66.26
C ALA TA 207 26.90 66.31 67.76
N ALA TA 208 26.99 65.25 68.55
CA ALA TA 208 27.02 65.39 70.01
C ALA TA 208 28.27 66.14 70.46
N GLU TA 209 29.43 65.82 69.88
CA GLU TA 209 30.64 66.58 70.19
C GLU TA 209 30.50 68.03 69.78
N LEU TA 210 29.94 68.28 68.60
CA LEU TA 210 29.79 69.66 68.13
C LEU TA 210 28.88 70.45 69.08
N LEU TA 211 27.78 69.85 69.51
CA LEU TA 211 26.88 70.53 70.45
C LEU TA 211 27.54 70.74 71.80
N GLU TA 212 28.26 69.74 72.31
CA GLU TA 212 28.90 69.86 73.60
C GLU TA 212 29.97 70.94 73.62
N ARG TA 213 30.65 71.14 72.48
CA ARG TA 213 31.66 72.19 72.41
C ARG TA 213 31.06 73.56 72.69
N LEU TA 214 29.80 73.77 72.33
CA LEU TA 214 29.13 75.05 72.51
C LEU TA 214 28.52 75.22 73.90
N GLY TA 215 28.56 74.19 74.73
CA GLY TA 215 28.03 74.28 76.08
C GLY TA 215 26.70 73.60 76.30
N LEU TA 216 26.00 73.22 75.23
CA LEU TA 216 24.71 72.53 75.35
C LEU TA 216 24.96 71.07 75.71
N THR TA 217 25.37 70.87 76.97
CA THR TA 217 25.74 69.54 77.44
C THR TA 217 24.54 68.60 77.54
N ALA TA 218 23.37 69.10 77.93
CA ALA TA 218 22.20 68.24 78.06
C ALA TA 218 21.72 67.76 76.70
N LEU TA 219 21.73 68.63 75.69
CA LEU TA 219 21.38 68.21 74.34
C LEU TA 219 22.35 67.16 73.82
N ALA TA 220 23.65 67.35 74.08
CA ALA TA 220 24.63 66.35 73.68
C ALA TA 220 24.39 65.02 74.40
N ALA TA 221 24.04 65.07 75.68
CA ALA TA 221 23.73 63.85 76.41
C ALA TA 221 22.53 63.14 75.82
N ARG TA 222 21.50 63.90 75.43
CA ARG TA 222 20.35 63.29 74.78
C ARG TA 222 20.72 62.65 73.44
N ILE TA 223 21.61 63.30 72.68
CA ILE TA 223 22.06 62.73 71.42
C ILE TA 223 22.81 61.43 71.65
N ARG TA 224 23.68 61.40 72.68
CA ARG TA 224 24.40 60.18 73.00
C ARG TA 224 23.46 59.07 73.46
N ARG TA 225 22.43 59.43 74.23
CA ARG TA 225 21.42 58.44 74.61
C ARG TA 225 20.72 57.87 73.40
N ALA TA 226 20.37 58.73 72.44
CA ALA TA 226 19.74 58.26 71.21
C ALA TA 226 20.66 57.33 70.44
N ARG TA 227 21.96 57.66 70.37
CA ARG TA 227 22.91 56.79 69.69
C ARG TA 227 23.01 55.43 70.38
N GLU TA 228 23.07 55.44 71.71
CA GLU TA 228 23.18 54.18 72.45
C GLU TA 228 21.93 53.32 72.27
N LEU TA 229 20.75 53.95 72.27
CA LEU TA 229 19.53 53.19 71.99
C LEU TA 229 19.51 52.66 70.57
N LEU TA 230 20.05 53.42 69.62
CA LEU TA 230 20.12 52.95 68.24
C LEU TA 230 21.02 51.73 68.10
N LEU TA 231 22.18 51.76 68.78
CA LEU TA 231 23.13 50.65 68.67
C LEU TA 231 22.64 49.38 69.36
N ALA TA 232 21.64 49.46 70.22
CA ALA TA 232 21.14 48.32 70.96
C ALA TA 232 19.94 47.67 70.29
N GLY TA 233 19.58 48.10 69.07
CA GLY TA 233 18.45 47.55 68.37
C GLY TA 233 17.15 48.29 68.57
N ARG TA 234 17.09 49.21 69.53
CA ARG TA 234 15.88 50.00 69.80
C ARG TA 234 15.87 51.16 68.81
N VAL TA 235 15.23 50.95 67.66
CA VAL TA 235 15.31 51.90 66.56
C VAL TA 235 14.30 53.03 66.75
N GLU TA 236 13.03 52.69 67.00
CA GLU TA 236 11.98 53.71 67.05
C GLU TA 236 12.17 54.66 68.22
N GLU TA 237 12.58 54.14 69.38
CA GLU TA 237 12.80 55.01 70.53
C GLU TA 237 13.92 56.00 70.26
N ALA TA 238 15.01 55.53 69.65
CA ALA TA 238 16.10 56.43 69.27
C ALA TA 238 15.62 57.45 68.24
N LEU TA 239 14.80 57.01 67.29
CA LEU TA 239 14.25 57.93 66.30
C LEU TA 239 13.46 59.04 66.95
N HIS TA 240 12.58 58.71 67.90
CA HIS TA 240 11.76 59.74 68.54
C HIS TA 240 12.60 60.65 69.42
N LEU TA 241 13.57 60.08 70.14
CA LEU TA 241 14.46 60.93 70.94
C LEU TA 241 15.22 61.90 70.05
N LEU TA 242 15.70 61.43 68.91
CA LEU TA 242 16.43 62.28 67.98
C LEU TA 242 15.52 63.37 67.41
N GLN TA 243 14.27 63.02 67.09
CA GLN TA 243 13.34 64.02 66.58
C GLN TA 243 13.06 65.10 67.61
N ASP TA 244 12.86 64.71 68.87
CA ASP TA 244 12.65 65.70 69.92
C ASP TA 244 13.87 66.59 70.08
N ALA TA 245 15.06 66.01 70.05
CA ALA TA 245 16.28 66.80 70.12
C ALA TA 245 16.37 67.77 68.95
N VAL TA 246 15.99 67.32 67.76
CA VAL TA 246 16.02 68.18 66.58
C VAL TA 246 15.06 69.35 66.73
N GLU TA 247 13.85 69.09 67.23
CA GLU TA 247 12.89 70.17 67.44
C GLU TA 247 13.42 71.18 68.46
N LEU TA 248 14.01 70.71 69.55
CA LEU TA 248 14.54 71.63 70.54
C LEU TA 248 15.71 72.43 69.98
N LEU TA 249 16.57 71.80 69.18
CA LEU TA 249 17.66 72.51 68.53
C LEU TA 249 17.14 73.57 67.57
N HIS TA 250 16.08 73.24 66.82
CA HIS TA 250 15.46 74.21 65.92
C HIS TA 250 14.91 75.39 66.71
N GLU TA 251 14.27 75.11 67.86
CA GLU TA 251 13.78 76.18 68.73
C GLU TA 251 14.92 77.10 69.14
N ARG TA 252 16.03 76.53 69.60
CA ARG TA 252 17.17 77.35 70.00
C ARG TA 252 17.73 78.16 68.84
N ILE TA 253 17.86 77.52 67.66
CA ILE TA 253 18.46 78.18 66.51
C ILE TA 253 17.59 79.35 66.07
N ARG TA 254 16.28 79.15 65.99
CA ARG TA 254 15.38 80.23 65.59
C ARG TA 254 15.18 81.27 66.69
N GLU TA 255 15.50 80.93 67.94
CA GLU TA 255 15.51 81.95 68.99
C GLU TA 255 16.74 82.84 68.90
N LEU TA 256 17.89 82.25 68.56
CA LEU TA 256 19.11 83.05 68.45
C LEU TA 256 19.06 84.01 67.27
N GLY TA 257 18.53 83.55 66.14
CA GLY TA 257 18.43 84.39 64.95
C GLY TA 257 19.56 84.11 63.97
N PHE TA 258 20.15 85.18 63.43
CA PHE TA 258 21.25 85.07 62.47
C PHE TA 258 22.62 85.09 63.13
N GLU TA 259 22.67 85.20 64.46
CA GLU TA 259 23.94 85.16 65.19
C GLU TA 259 24.24 83.76 65.73
N ALA TA 260 23.61 82.74 65.17
CA ALA TA 260 23.84 81.38 65.62
C ALA TA 260 25.22 80.91 65.20
N PRO TA 261 26.05 80.43 66.12
CA PRO TA 261 27.36 79.90 65.73
C PRO TA 261 27.23 78.73 64.76
N GLU TA 262 28.27 78.56 63.94
CA GLU TA 262 28.25 77.50 62.92
C GLU TA 262 28.10 76.11 63.51
N GLU TA 263 28.44 75.95 64.80
CA GLU TA 263 28.30 74.65 65.44
C GLU TA 263 26.85 74.16 65.41
N LEU TA 264 25.91 75.05 65.71
CA LEU TA 264 24.50 74.67 65.72
C LEU TA 264 24.02 74.25 64.34
N LEU TA 265 24.39 75.01 63.31
CA LEU TA 265 23.95 74.69 61.95
C LEU TA 265 24.55 73.36 61.48
N LEU TA 266 25.84 73.16 61.73
CA LEU TA 266 26.47 71.91 61.32
C LEU TA 266 25.89 70.72 62.07
N ALA TA 267 25.63 70.89 63.37
CA ALA TA 267 25.00 69.84 64.15
C ALA TA 267 23.61 69.54 63.64
N ASP TA 268 22.85 70.58 63.25
CA ASP TA 268 21.52 70.36 62.70
C ASP TA 268 21.57 69.56 61.40
N LEU TA 269 22.51 69.91 60.52
CA LEU TA 269 22.64 69.16 59.28
C LEU TA 269 23.01 67.70 59.55
N LEU TA 270 23.96 67.47 60.47
CA LEU TA 270 24.35 66.11 60.81
C LEU TA 270 23.18 65.34 61.41
N LEU TA 271 22.40 65.99 62.25
CA LEU TA 271 21.23 65.34 62.85
C LEU TA 271 20.19 65.00 61.81
N GLN TA 272 20.01 65.87 60.80
CA GLN TA 272 19.07 65.53 59.73
C GLN TA 272 19.55 64.34 58.91
N ARG TA 273 20.84 64.27 58.62
CA ARG TA 273 21.36 63.09 57.92
C ARG TA 273 21.18 61.83 58.77
N ALA TA 274 21.43 61.94 60.07
CA ALA TA 274 21.20 60.81 60.97
C ALA TA 274 19.73 60.41 60.98
N LEU TA 275 18.83 61.39 60.98
CA LEU TA 275 17.39 61.10 60.93
C LEU TA 275 17.04 60.32 59.67
N GLU TA 276 17.55 60.77 58.52
CA GLU TA 276 17.25 60.08 57.27
C GLU TA 276 17.80 58.66 57.30
N LEU TA 277 19.04 58.49 57.78
CA LEU TA 277 19.65 57.15 57.81
C LEU TA 277 18.89 56.23 58.76
N ILE TA 278 18.48 56.72 59.92
CA ILE TA 278 17.74 55.90 60.88
C ILE TA 278 16.37 55.53 60.32
N SER TA 279 15.71 56.49 59.67
CA SER TA 279 14.40 56.20 59.07
C SER TA 279 14.52 55.16 57.96
N SER TA 280 15.60 55.21 57.18
CA SER TA 280 15.78 54.24 56.11
C SER TA 280 16.12 52.84 56.62
N ILE TA 281 16.42 52.68 57.90
CA ILE TA 281 16.76 51.38 58.46
C ILE TA 281 15.54 50.45 58.38
N THR UA 24 23.76 106.50 30.78
CA THR UA 24 23.12 106.84 29.51
C THR UA 24 22.04 105.82 29.18
N VAL UA 25 22.16 104.63 29.79
CA VAL UA 25 21.17 103.55 29.70
C VAL UA 25 21.16 102.92 28.31
N GLU UA 26 21.01 103.72 27.27
CA GLU UA 26 21.02 103.18 25.91
C GLU UA 26 22.37 102.58 25.57
N GLU UA 27 23.44 103.33 25.83
CA GLU UA 27 24.79 102.81 25.64
C GLU UA 27 24.99 101.50 26.39
N GLU UA 28 24.36 101.37 27.56
CA GLU UA 28 24.42 100.11 28.28
C GLU UA 28 23.80 98.98 27.48
N VAL UA 29 22.69 99.26 26.77
CA VAL UA 29 22.03 98.22 25.98
C VAL UA 29 22.91 97.81 24.80
N ILE UA 30 23.46 98.79 24.07
CA ILE UA 30 24.31 98.46 22.93
C ILE UA 30 25.55 97.70 23.39
N ARG UA 31 26.18 98.17 24.46
CA ARG UA 31 27.34 97.46 24.99
C ARG UA 31 26.98 96.07 25.48
N PHE UA 32 25.78 95.90 26.05
CA PHE UA 32 25.34 94.57 26.47
C PHE UA 32 25.26 93.63 25.28
N ALA UA 33 24.66 94.10 24.18
CA ALA UA 33 24.55 93.25 23.00
C ALA UA 33 25.93 92.88 22.45
N GLU UA 34 26.80 93.89 22.30
CA GLU UA 34 28.12 93.63 21.75
C GLU UA 34 28.95 92.71 22.66
N GLU UA 35 28.90 92.95 23.96
CA GLU UA 35 29.64 92.12 24.91
C GLU UA 35 29.09 90.70 24.94
N LEU UA 36 27.78 90.55 24.80
CA LEU UA 36 27.20 89.21 24.74
C LEU UA 36 27.70 88.45 23.52
N ALA UA 37 27.73 89.11 22.36
CA ALA UA 37 28.27 88.46 21.17
C ALA UA 37 29.73 88.11 21.33
N GLU UA 38 30.51 89.04 21.91
CA GLU UA 38 31.93 88.78 22.13
C GLU UA 38 32.13 87.63 23.12
N GLU UA 39 31.25 87.50 24.11
CA GLU UA 39 31.34 86.39 25.05
C GLU UA 39 31.03 85.07 24.37
N ILE UA 40 30.04 85.04 23.48
CA ILE UA 40 29.81 83.83 22.69
C ILE UA 40 31.07 83.47 21.91
N ARG UA 41 31.69 84.47 21.26
CA ARG UA 41 32.89 84.20 20.48
C ARG UA 41 34.02 83.69 21.36
N ARG UA 42 34.21 84.28 22.53
CA ARG UA 42 35.28 83.87 23.43
C ARG UA 42 35.06 82.45 23.94
N VAL UA 43 33.83 82.13 24.34
CA VAL UA 43 33.55 80.81 24.93
C VAL UA 43 33.64 79.73 23.86
N THR UA 44 33.10 79.97 22.67
CA THR UA 44 33.04 78.94 21.64
C THR UA 44 33.94 79.19 20.45
N GLY UA 45 33.94 80.40 19.89
CA GLY UA 45 34.75 80.68 18.73
C GLY UA 45 33.92 80.83 17.47
N GLU UA 46 34.22 80.01 16.45
CA GLU UA 46 33.49 80.04 15.19
C GLU UA 46 32.67 78.77 14.98
N ALA UA 47 32.59 77.90 15.99
CA ALA UA 47 31.74 76.72 15.89
C ALA UA 47 30.27 77.06 16.01
N TYR UA 48 29.93 78.12 16.74
CA TYR UA 48 28.56 78.62 16.86
C TYR UA 48 28.58 80.07 16.42
N ARG UA 49 28.42 80.30 15.12
CA ARG UA 49 28.45 81.64 14.55
C ARG UA 49 27.06 82.17 14.22
N GLU UA 50 26.10 81.28 13.96
CA GLU UA 50 24.73 81.73 13.73
C GLU UA 50 24.15 82.38 14.98
N TYR UA 51 24.50 81.87 16.15
CA TYR UA 51 24.04 82.48 17.39
C TYR UA 51 24.61 83.88 17.56
N ALA UA 52 25.89 84.07 17.24
CA ALA UA 52 26.48 85.40 17.31
C ALA UA 52 25.82 86.35 16.30
N GLU UA 53 25.53 85.84 15.10
CA GLU UA 53 24.84 86.65 14.10
C GLU UA 53 23.46 87.07 14.61
N ALA UA 54 22.72 86.14 15.21
CA ALA UA 54 21.41 86.46 15.74
C ALA UA 54 21.50 87.48 16.88
N VAL UA 55 22.50 87.33 17.75
CA VAL UA 55 22.65 88.27 18.86
C VAL UA 55 22.98 89.67 18.33
N ARG UA 56 23.84 89.76 17.33
CA ARG UA 56 24.14 91.07 16.74
C ARG UA 56 22.93 91.66 16.05
N HIS UA 57 22.13 90.83 15.39
CA HIS UA 57 20.90 91.31 14.78
C HIS UA 57 19.94 91.85 15.83
N LEU UA 58 19.79 91.14 16.94
CA LEU UA 58 18.91 91.60 18.02
C LEU UA 58 19.44 92.89 18.65
N GLY UA 59 20.76 93.02 18.77
CA GLY UA 59 21.33 94.28 19.24
C GLY UA 59 21.04 95.43 18.30
N GLU UA 60 21.12 95.18 16.99
CA GLU UA 60 20.75 96.20 16.01
C GLU UA 60 19.28 96.58 16.13
N ALA UA 61 18.42 95.58 16.33
CA ALA UA 61 16.99 95.87 16.53
C ALA UA 61 16.77 96.71 17.77
N ALA UA 62 17.45 96.38 18.88
CA ALA UA 62 17.31 97.14 20.11
C ALA UA 62 17.80 98.57 19.92
N LYS UA 63 18.88 98.76 19.16
CA LYS UA 63 19.33 100.11 18.83
C LYS UA 63 18.28 100.85 18.02
N ALA UA 64 17.68 100.17 17.03
CA ALA UA 64 16.68 100.81 16.17
C ALA UA 64 15.46 101.23 16.97
N VAL UA 65 15.04 100.43 17.94
CA VAL UA 65 13.88 100.75 18.76
C VAL UA 65 14.08 102.09 19.46
N LEU UA 66 15.30 102.34 19.95
CA LEU UA 66 15.57 103.47 20.82
C LEU UA 66 15.55 104.81 20.10
N GLU UA 67 15.55 104.83 18.76
CA GLU UA 67 15.47 106.08 18.03
C GLU UA 67 14.04 106.46 17.64
N GLY UA 68 13.16 105.49 17.47
CA GLY UA 68 11.79 105.77 17.09
C GLY UA 68 11.27 104.87 15.99
N ASN UA 69 12.18 104.34 15.18
CA ASN UA 69 11.80 103.45 14.09
C ASN UA 69 11.29 102.14 14.67
N SER UA 70 10.02 101.83 14.44
CA SER UA 70 9.38 100.64 14.99
C SER UA 70 9.09 99.56 13.97
N VAL UA 71 9.26 99.83 12.68
CA VAL UA 71 9.04 98.81 11.66
C VAL UA 71 10.33 98.07 11.31
N GLU UA 72 11.46 98.79 11.30
CA GLU UA 72 12.75 98.13 11.12
C GLU UA 72 13.00 97.11 12.22
N ALA UA 73 12.56 97.42 13.44
CA ALA UA 73 12.69 96.46 14.54
C ALA UA 73 11.91 95.19 14.24
N ASP UA 74 10.67 95.33 13.73
CA ASP UA 74 9.87 94.16 13.38
C ASP UA 74 10.55 93.35 12.27
N LEU UA 75 11.10 94.04 11.27
CA LEU UA 75 11.77 93.33 10.18
C LEU UA 75 13.00 92.57 10.70
N ILE UA 76 13.77 93.19 11.58
CA ILE UA 76 14.95 92.53 12.12
C ILE UA 76 14.57 91.35 13.00
N VAL UA 77 13.48 91.48 13.77
CA VAL UA 77 13.02 90.38 14.61
C VAL UA 77 12.56 89.21 13.73
N THR UA 78 11.90 89.51 12.61
CA THR UA 78 11.53 88.43 11.69
C THR UA 78 12.76 87.78 11.08
N ASP UA 79 13.79 88.57 10.77
CA ASP UA 79 15.04 87.99 10.28
C ASP UA 79 15.65 87.05 11.31
N VAL UA 80 15.67 87.47 12.58
CA VAL UA 80 16.18 86.63 13.64
C VAL UA 80 15.34 85.36 13.78
N LEU UA 81 14.03 85.49 13.60
CA LEU UA 81 13.15 84.33 13.65
C LEU UA 81 13.50 83.33 12.55
N ARG UA 82 13.75 83.83 11.34
CA ARG UA 82 14.17 82.95 10.25
C ARG UA 82 15.51 82.29 10.57
N LEU UA 83 16.45 83.05 11.13
CA LEU UA 83 17.75 82.49 11.48
C LEU UA 83 17.60 81.36 12.50
N LEU UA 84 16.80 81.58 13.53
CA LEU UA 84 16.60 80.56 14.56
C LEU UA 84 15.81 79.37 14.03
N GLU UA 85 14.89 79.60 13.09
CA GLU UA 85 14.19 78.49 12.46
C GLU UA 85 15.13 77.63 11.65
N ARG UA 86 16.10 78.26 10.97
CA ARG UA 86 17.12 77.50 10.27
C ARG UA 86 18.03 76.77 11.27
N ILE UA 87 18.29 77.38 12.43
CA ILE UA 87 19.15 76.74 13.42
C ILE UA 87 18.53 75.44 13.93
N GLY UA 88 17.27 75.49 14.32
CA GLY UA 88 16.56 74.30 14.75
C GLY UA 88 16.45 74.09 16.24
N GLU UA 89 16.15 75.15 16.98
CA GLU UA 89 15.93 75.08 18.43
C GLU UA 89 14.48 75.45 18.70
N GLU UA 90 13.67 74.44 19.03
CA GLU UA 90 12.22 74.64 19.08
C GLU UA 90 11.81 75.66 20.13
N GLY UA 91 12.37 75.56 21.34
CA GLY UA 91 12.04 76.53 22.38
C GLY UA 91 12.48 77.93 22.02
N LEU UA 92 13.65 78.06 21.40
CA LEU UA 92 14.12 79.37 20.98
C LEU UA 92 13.22 79.96 19.91
N VAL UA 93 12.75 79.13 18.98
CA VAL UA 93 11.83 79.64 17.95
C VAL UA 93 10.50 80.06 18.57
N LYS UA 94 10.00 79.29 19.54
CA LYS UA 94 8.77 79.67 20.22
C LYS UA 94 8.91 81.01 20.93
N LEU UA 95 10.03 81.18 21.65
CA LEU UA 95 10.27 82.45 22.31
C LEU UA 95 10.41 83.58 21.29
N ALA UA 96 11.01 83.30 20.14
CA ALA UA 96 11.15 84.32 19.10
C ALA UA 96 9.79 84.74 18.57
N ARG UA 97 8.89 83.78 18.33
CA ARG UA 97 7.54 84.12 17.87
C ARG UA 97 6.80 84.96 18.90
N GLU UA 98 6.88 84.56 20.17
CA GLU UA 98 6.20 85.33 21.21
C GLU UA 98 6.76 86.74 21.31
N VAL UA 99 8.09 86.87 21.24
CA VAL UA 99 8.71 88.20 21.27
C VAL UA 99 8.27 89.02 20.07
N HIS UA 100 8.22 88.40 18.89
CA HIS UA 100 7.75 89.10 17.69
C HIS UA 100 6.36 89.68 17.92
N GLU UA 101 5.41 88.85 18.34
CA GLU UA 101 4.03 89.32 18.51
C GLU UA 101 3.94 90.40 19.57
N ARG UA 102 4.48 90.14 20.76
CA ARG UA 102 4.36 91.10 21.86
C ARG UA 102 5.07 92.40 21.54
N SER UA 103 6.27 92.33 20.93
CA SER UA 103 7.00 93.53 20.59
C SER UA 103 6.26 94.34 19.55
N PHE UA 104 5.67 93.68 18.54
CA PHE UA 104 4.89 94.41 17.55
C PHE UA 104 3.73 95.14 18.21
N GLU UA 105 2.97 94.44 19.05
CA GLU UA 105 1.80 95.06 19.69
C GLU UA 105 2.21 96.23 20.58
N LEU UA 106 3.26 96.04 21.40
CA LEU UA 106 3.68 97.08 22.33
C LEU UA 106 4.27 98.28 21.59
N LEU UA 107 5.03 98.04 20.52
CA LEU UA 107 5.60 99.14 19.76
C LEU UA 107 4.51 99.91 19.02
N ARG UA 108 3.48 99.22 18.54
CA ARG UA 108 2.33 99.94 17.99
C ARG UA 108 1.65 100.78 19.06
N LYS UA 109 1.46 100.21 20.26
CA LYS UA 109 0.85 100.96 21.35
C LYS UA 109 1.78 102.07 21.85
N GLY UA 110 3.06 101.75 22.06
CA GLY UA 110 4.02 102.74 22.49
C GLY UA 110 4.86 102.36 23.68
N ASN UA 111 4.82 101.08 24.07
CA ASN UA 111 5.59 100.59 25.22
C ASN UA 111 6.98 100.22 24.74
N ARG UA 112 7.84 101.24 24.67
CA ARG UA 112 9.22 101.04 24.21
C ARG UA 112 9.99 100.14 25.16
N VAL UA 113 9.86 100.39 26.47
CA VAL UA 113 10.70 99.72 27.46
C VAL UA 113 10.45 98.22 27.48
N GLU UA 114 9.18 97.80 27.43
CA GLU UA 114 8.89 96.38 27.47
C GLU UA 114 9.38 95.68 26.19
N ALA UA 115 9.26 96.33 25.03
CA ALA UA 115 9.77 95.74 23.80
C ALA UA 115 11.28 95.58 23.88
N LEU UA 116 11.99 96.59 24.40
CA LEU UA 116 13.42 96.47 24.62
C LEU UA 116 13.72 95.30 25.55
N ALA UA 117 12.92 95.14 26.61
CA ALA UA 117 13.12 94.04 27.54
C ALA UA 117 12.97 92.69 26.86
N LEU UA 118 11.94 92.53 26.03
CA LEU UA 118 11.76 91.26 25.33
C LEU UA 118 12.90 90.99 24.35
N ILE UA 119 13.38 92.03 23.65
CA ILE UA 119 14.48 91.85 22.71
C ILE UA 119 15.73 91.39 23.46
N LEU UA 120 16.04 92.04 24.59
CA LEU UA 120 17.20 91.67 25.38
C LEU UA 120 17.05 90.26 25.95
N ALA UA 121 15.85 89.91 26.39
CA ALA UA 121 15.62 88.56 26.90
C ALA UA 121 15.84 87.51 25.83
N LEU UA 122 15.38 87.78 24.60
CA LEU UA 122 15.62 86.85 23.50
C LEU UA 122 17.10 86.72 23.20
N ALA UA 123 17.83 87.84 23.19
CA ALA UA 123 19.27 87.79 22.94
C ALA UA 123 19.98 86.95 24.00
N LEU UA 124 19.64 87.18 25.27
CA LEU UA 124 20.24 86.41 26.34
C LEU UA 124 19.88 84.93 26.24
N ALA UA 125 18.65 84.63 25.84
CA ALA UA 125 18.25 83.23 25.69
C ALA UA 125 19.08 82.54 24.62
N VAL UA 126 19.28 83.22 23.48
CA VAL UA 126 20.11 82.64 22.41
C VAL UA 126 21.54 82.42 22.90
N ALA UA 127 22.09 83.43 23.59
CA ALA UA 127 23.47 83.31 24.06
C ALA UA 127 23.63 82.17 25.05
N LEU UA 128 22.70 82.06 26.01
CA LEU UA 128 22.79 81.01 27.02
C LEU UA 128 22.57 79.64 26.40
N THR UA 129 21.69 79.54 25.40
CA THR UA 129 21.50 78.27 24.70
C THR UA 129 22.79 77.83 24.02
N ALA UA 130 23.44 78.75 23.31
CA ALA UA 130 24.70 78.41 22.65
C ALA UA 130 25.76 78.00 23.65
N VAL UA 131 25.90 78.77 24.73
CA VAL UA 131 26.93 78.49 25.72
C VAL UA 131 26.69 77.15 26.40
N SER UA 132 25.44 76.87 26.77
CA SER UA 132 25.12 75.60 27.42
C SER UA 132 25.36 74.43 26.48
N LYS UA 133 25.00 74.58 25.20
CA LYS UA 133 25.25 73.52 24.25
C LYS UA 133 26.74 73.24 24.11
N ALA UA 134 27.55 74.31 24.04
CA ALA UA 134 28.99 74.13 23.93
C ALA UA 134 29.55 73.44 25.17
N PHE UA 135 29.11 73.87 26.35
CA PHE UA 135 29.61 73.30 27.60
C PHE UA 135 29.23 71.82 27.72
N PHE UA 136 27.99 71.48 27.36
CA PHE UA 136 27.58 70.08 27.42
C PHE UA 136 28.34 69.24 26.41
N LEU UA 137 28.57 69.76 25.20
CA LEU UA 137 29.32 69.00 24.20
C LEU UA 137 30.75 68.77 24.65
N LEU UA 138 31.39 69.77 25.24
CA LEU UA 138 32.75 69.59 25.74
C LEU UA 138 32.80 68.54 26.84
N GLY UA 139 31.83 68.56 27.75
CA GLY UA 139 31.80 67.60 28.84
C GLY UA 139 32.02 68.24 30.19
N GLN UA 140 31.77 69.54 30.28
CA GLN UA 140 32.02 70.27 31.52
C GLN UA 140 31.02 69.84 32.59
N PRO UA 141 31.39 69.96 33.86
CA PRO UA 141 30.42 69.70 34.93
C PRO UA 141 29.41 70.83 35.07
N ALA UA 142 28.36 70.55 35.82
CA ALA UA 142 27.24 71.48 35.94
C ALA UA 142 27.59 72.75 36.71
N ARG UA 143 28.70 72.74 37.45
CA ARG UA 143 29.03 73.89 38.30
C ARG UA 143 29.28 75.15 37.47
N LEU UA 144 30.16 75.05 36.47
CA LEU UA 144 30.49 76.23 35.67
C LEU UA 144 29.29 76.71 34.87
N ILE UA 145 28.49 75.78 34.35
CA ILE UA 145 27.26 76.17 33.66
C ILE UA 145 26.36 76.96 34.58
N ALA UA 146 26.20 76.47 35.82
CA ALA UA 146 25.34 77.16 36.78
C ALA UA 146 25.85 78.55 37.09
N GLU UA 147 27.15 78.70 37.35
CA GLU UA 147 27.68 80.04 37.66
C GLU UA 147 27.55 80.98 36.48
N TYR UA 148 27.83 80.50 35.26
CA TYR UA 148 27.73 81.37 34.09
C TYR UA 148 26.29 81.81 33.85
N VAL UA 149 25.34 80.87 33.96
CA VAL UA 149 23.93 81.21 33.77
C VAL UA 149 23.49 82.23 34.82
N GLY UA 150 23.88 82.00 36.07
CA GLY UA 150 23.53 82.95 37.12
C GLY UA 150 24.11 84.33 36.88
N GLU UA 151 25.38 84.39 36.47
CA GLU UA 151 26.01 85.68 36.22
C GLU UA 151 25.32 86.43 35.08
N LYS UA 152 25.01 85.71 33.99
CA LYS UA 152 24.35 86.35 32.85
C LYS UA 152 22.96 86.84 33.23
N LEU UA 153 22.22 86.03 34.00
CA LEU UA 153 20.90 86.45 34.46
C LEU UA 153 20.99 87.67 35.36
N LEU UA 154 22.01 87.71 36.21
CA LEU UA 154 22.22 88.89 37.05
C LEU UA 154 22.50 90.14 36.22
N GLU UA 155 23.34 90.00 35.19
CA GLU UA 155 23.62 91.15 34.33
C GLU UA 155 22.36 91.63 33.63
N LEU UA 156 21.55 90.70 33.11
CA LEU UA 156 20.30 91.09 32.46
C LEU UA 156 19.35 91.76 33.45
N ARG UA 157 19.28 91.23 34.67
CA ARG UA 157 18.39 91.82 35.68
C ARG UA 157 18.82 93.24 36.01
N ARG UA 158 20.13 93.47 36.19
CA ARG UA 158 20.60 94.82 36.46
C ARG UA 158 20.29 95.77 35.30
N LEU UA 159 20.50 95.29 34.06
CA LEU UA 159 20.21 96.13 32.90
C LEU UA 159 18.73 96.50 32.84
N LEU UA 160 17.85 95.50 33.04
CA LEU UA 160 16.41 95.76 32.98
C LEU UA 160 15.96 96.69 34.10
N GLU UA 161 16.51 96.50 35.31
CA GLU UA 161 16.17 97.40 36.41
C GLU UA 161 16.64 98.82 36.13
N LYS UA 162 17.79 98.97 35.48
CA LYS UA 162 18.24 100.31 35.09
C LYS UA 162 17.32 100.89 34.03
N LEU UA 163 16.79 100.06 33.14
CA LEU UA 163 15.89 100.55 32.09
C LEU UA 163 14.59 101.07 32.69
N GLY UA 164 13.95 100.29 33.55
CA GLY UA 164 12.71 100.73 34.18
C GLY UA 164 11.61 99.70 34.18
N VAL UA 165 11.91 98.48 33.72
CA VAL UA 165 10.88 97.43 33.68
C VAL UA 165 10.49 97.06 35.10
N PRO UA 166 9.20 96.91 35.40
CA PRO UA 166 8.79 96.49 36.74
C PRO UA 166 9.33 95.12 37.09
N LEU UA 167 9.61 94.92 38.38
CA LEU UA 167 10.30 93.72 38.84
C LEU UA 167 9.57 92.43 38.51
N PRO UA 168 8.24 92.30 38.71
CA PRO UA 168 7.58 91.03 38.34
C PRO UA 168 7.77 90.65 36.88
N GLU UA 169 7.72 91.63 35.97
CA GLU UA 169 7.93 91.33 34.57
C GLU UA 169 9.36 90.89 34.30
N VAL UA 170 10.32 91.50 35.00
CA VAL UA 170 11.72 91.08 34.87
C VAL UA 170 11.87 89.63 35.29
N ILE UA 171 11.27 89.28 36.43
CA ILE UA 171 11.37 87.90 36.91
C ILE UA 171 10.69 86.93 35.96
N ALA UA 172 9.55 87.34 35.39
CA ALA UA 172 8.87 86.48 34.42
C ALA UA 172 9.73 86.26 33.19
N LEU UA 173 10.40 87.32 32.71
CA LEU UA 173 11.29 87.18 31.56
C LEU UA 173 12.47 86.25 31.87
N LEU UA 174 13.04 86.40 33.06
CA LEU UA 174 14.16 85.53 33.45
C LEU UA 174 13.71 84.07 33.55
N LEU UA 175 12.52 83.84 34.09
CA LEU UA 175 12.01 82.47 34.13
C LEU UA 175 11.72 81.93 32.74
N ARG UA 176 11.27 82.78 31.82
CA ARG UA 176 11.09 82.34 30.44
C ARG UA 176 12.42 81.94 29.81
N VAL UA 177 13.46 82.73 30.03
CA VAL UA 177 14.80 82.39 29.52
C VAL UA 177 15.27 81.07 30.11
N LEU UA 178 15.07 80.90 31.42
CA LEU UA 178 15.48 79.66 32.08
C LEU UA 178 14.68 78.46 31.54
N GLU UA 179 13.40 78.66 31.24
CA GLU UA 179 12.58 77.60 30.65
C GLU UA 179 13.14 77.22 29.29
N VAL UA 180 13.51 78.21 28.47
CA VAL UA 180 14.09 77.93 27.16
C VAL UA 180 15.39 77.13 27.30
N VAL UA 181 16.25 77.54 28.24
CA VAL UA 181 17.51 76.85 28.45
C VAL UA 181 17.27 75.42 28.91
N GLU UA 182 16.33 75.23 29.83
CA GLU UA 182 16.02 73.89 30.33
C GLU UA 182 15.49 73.00 29.20
N GLU UA 183 14.63 73.55 28.35
CA GLU UA 183 14.10 72.78 27.24
C GLU UA 183 15.21 72.38 26.28
N SER UA 184 16.12 73.31 25.98
CA SER UA 184 17.25 72.99 25.10
C SER UA 184 18.11 71.88 25.71
N LEU UA 185 18.43 72.00 27.00
CA LEU UA 185 19.27 71.00 27.65
C LEU UA 185 18.59 69.63 27.67
N LYS UA 186 17.29 69.60 27.96
CA LYS UA 186 16.55 68.35 27.99
C LYS UA 186 16.52 67.70 26.61
N ALA UA 187 16.28 68.50 25.57
CA ALA UA 187 16.21 67.97 24.22
C ALA UA 187 17.58 67.49 23.72
N MET UA 188 18.67 68.13 24.15
CA MET UA 188 19.99 67.73 23.68
C MET UA 188 20.36 66.33 24.16
N GLY UA 189 20.05 65.99 25.40
CA GLY UA 189 20.37 64.66 25.90
C GLY UA 189 20.90 64.63 27.32
N MET UA 190 20.96 65.80 27.97
CA MET UA 190 21.46 65.86 29.35
C MET UA 190 20.56 65.06 30.28
N GLU UA 191 21.16 64.43 31.27
CA GLU UA 191 20.41 63.69 32.26
C GLU UA 191 19.61 64.65 33.15
N PRO UA 192 18.38 64.29 33.51
CA PRO UA 192 17.52 65.24 34.23
C PRO UA 192 18.10 65.80 35.52
N ARG UA 193 18.92 65.01 36.24
CA ARG UA 193 19.42 65.47 37.53
C ARG UA 193 20.30 66.71 37.39
N GLU UA 194 21.18 66.72 36.38
CA GLU UA 194 22.03 67.89 36.17
C GLU UA 194 21.23 69.11 35.75
N ILE UA 195 20.20 68.92 34.92
CA ILE UA 195 19.34 70.04 34.54
C ILE UA 195 18.65 70.61 35.76
N ASN UA 196 18.12 69.74 36.62
CA ASN UA 196 17.49 70.21 37.84
C ASN UA 196 18.49 70.95 38.72
N ARG UA 197 19.71 70.44 38.80
CA ARG UA 197 20.74 71.07 39.62
C ARG UA 197 21.05 72.48 39.13
N VAL UA 198 21.25 72.65 37.81
CA VAL UA 198 21.61 73.96 37.29
C VAL UA 198 20.44 74.93 37.40
N LEU UA 199 19.22 74.46 37.14
CA LEU UA 199 18.06 75.33 37.29
C LEU UA 199 17.89 75.77 38.74
N ALA UA 200 18.07 74.84 39.68
CA ALA UA 200 17.98 75.18 41.10
C ALA UA 200 19.05 76.19 41.49
N ALA UA 201 20.27 76.02 40.97
CA ALA UA 201 21.34 76.97 41.27
C ALA UA 201 21.01 78.36 40.74
N ALA UA 202 20.46 78.43 39.52
CA ALA UA 202 20.09 79.72 38.96
C ALA UA 202 18.99 80.39 39.77
N TYR UA 203 17.97 79.60 40.16
CA TYR UA 203 16.92 80.15 41.01
C TYR UA 203 17.48 80.63 42.34
N LEU UA 204 18.42 79.88 42.91
CA LEU UA 204 18.99 80.24 44.20
C LEU UA 204 19.79 81.52 44.11
N THR UA 205 20.60 81.70 43.06
CA THR UA 205 21.36 82.94 42.97
C THR UA 205 20.44 84.13 42.69
N LEU UA 206 19.39 83.93 41.88
CA LEU UA 206 18.42 85.01 41.66
C LEU UA 206 17.74 85.41 42.98
N ALA UA 207 17.30 84.42 43.75
CA ALA UA 207 16.65 84.71 45.03
C ALA UA 207 17.61 85.36 46.01
N ALA UA 208 18.87 84.91 46.01
CA ALA UA 208 19.85 85.51 46.91
C ALA UA 208 20.09 86.98 46.57
N GLU UA 209 20.20 87.30 45.28
CA GLU UA 209 20.34 88.70 44.88
C GLU UA 209 19.11 89.50 45.30
N LEU UA 210 17.91 88.93 45.08
CA LEU UA 210 16.69 89.65 45.44
C LEU UA 210 16.62 89.94 46.93
N LEU UA 211 16.99 88.95 47.76
CA LEU UA 211 16.99 89.16 49.20
C LEU UA 211 18.07 90.16 49.62
N GLU UA 212 19.25 90.06 49.04
CA GLU UA 212 20.34 90.96 49.41
C GLU UA 212 20.01 92.41 49.06
N ARG UA 213 19.28 92.63 47.96
CA ARG UA 213 18.91 93.99 47.60
C ARG UA 213 18.07 94.66 48.69
N LEU UA 214 17.29 93.88 49.43
CA LEU UA 214 16.43 94.41 50.48
C LEU UA 214 17.16 94.60 51.81
N GLY UA 215 18.41 94.15 51.92
CA GLY UA 215 19.18 94.32 53.13
C GLY UA 215 19.33 93.07 53.98
N LEU UA 216 18.63 91.99 53.65
CA LEU UA 216 18.75 90.73 54.40
C LEU UA 216 20.00 89.98 53.93
N THR UA 217 21.15 90.52 54.34
CA THR UA 217 22.43 89.95 53.92
C THR UA 217 22.67 88.55 54.46
N ALA UA 218 22.31 88.28 55.71
CA ALA UA 218 22.53 86.96 56.28
C ALA UA 218 21.68 85.89 55.61
N LEU UA 219 20.42 86.21 55.30
CA LEU UA 219 19.58 85.27 54.58
C LEU UA 219 20.14 84.98 53.20
N ALA UA 220 20.61 86.02 52.51
CA ALA UA 220 21.23 85.81 51.20
C ALA UA 220 22.47 84.94 51.31
N ALA UA 221 23.28 85.16 52.35
CA ALA UA 221 24.46 84.33 52.56
C ALA UA 221 24.08 82.87 52.80
N ARG UA 222 23.02 82.64 53.57
CA ARG UA 222 22.54 81.28 53.77
C ARG UA 222 22.08 80.65 52.46
N ILE UA 223 21.40 81.43 51.62
CA ILE UA 223 20.96 80.91 50.32
C ILE UA 223 22.16 80.54 49.45
N ARG UA 224 23.19 81.40 49.45
CA ARG UA 224 24.40 81.09 48.69
C ARG UA 224 25.10 79.85 49.22
N ARG UA 225 25.15 79.70 50.54
CA ARG UA 225 25.71 78.48 51.12
C ARG UA 225 24.94 77.25 50.68
N ALA UA 226 23.60 77.35 50.66
CA ALA UA 226 22.79 76.23 50.19
C ALA UA 226 23.09 75.92 48.73
N ARG UA 227 23.23 76.94 47.89
CA ARG UA 227 23.55 76.71 46.49
C ARG UA 227 24.91 76.04 46.34
N GLU UA 228 25.90 76.49 47.09
CA GLU UA 228 27.24 75.91 47.00
C GLU UA 228 27.25 74.47 47.45
N LEU UA 229 26.52 74.15 48.53
CA LEU UA 229 26.42 72.76 48.96
C LEU UA 229 25.65 71.91 47.95
N LEU UA 230 24.69 72.52 47.24
CA LEU UA 230 23.97 71.79 46.21
C LEU UA 230 24.88 71.46 45.03
N LEU UA 231 25.73 72.41 44.62
CA LEU UA 231 26.59 72.20 43.47
C LEU UA 231 27.72 71.21 43.76
N ALA UA 232 28.00 70.90 45.03
CA ALA UA 232 29.07 70.00 45.40
C ALA UA 232 28.60 68.57 45.60
N GLY UA 233 27.32 68.28 45.33
CA GLY UA 233 26.78 66.96 45.51
C GLY UA 233 26.07 66.72 46.82
N ARG UA 234 26.24 67.63 47.79
CA ARG UA 234 25.58 67.50 49.10
C ARG UA 234 24.14 68.01 48.96
N VAL UA 235 23.24 67.10 48.56
CA VAL UA 235 21.89 67.49 48.21
C VAL UA 235 21.04 67.71 49.44
N GLU UA 236 21.04 66.74 50.38
CA GLU UA 236 20.13 66.81 51.51
C GLU UA 236 20.46 67.95 52.45
N GLU UA 237 21.76 68.22 52.67
CA GLU UA 237 22.14 69.33 53.54
C GLU UA 237 21.68 70.67 52.96
N ALA UA 238 21.87 70.85 51.64
CA ALA UA 238 21.37 72.05 50.98
C ALA UA 238 19.85 72.12 51.06
N LEU UA 239 19.17 70.98 50.92
CA LEU UA 239 17.72 70.96 51.03
C LEU UA 239 17.27 71.45 52.40
N HIS UA 240 17.89 70.95 53.46
CA HIS UA 240 17.47 71.37 54.80
C HIS UA 240 17.81 72.83 55.06
N LEU UA 241 18.99 73.27 54.60
CA LEU UA 241 19.33 74.70 54.75
C LEU UA 241 18.32 75.57 54.05
N LEU UA 242 17.90 75.17 52.84
CA LEU UA 242 16.92 75.94 52.09
C LEU UA 242 15.57 75.94 52.78
N GLN UA 243 15.17 74.79 53.36
CA GLN UA 243 13.92 74.73 54.09
C GLN UA 243 13.93 75.66 55.30
N ASP UA 244 15.03 75.66 56.05
CA ASP UA 244 15.13 76.57 57.20
C ASP UA 244 15.08 78.03 56.74
N ALA UA 245 15.78 78.36 55.66
CA ALA UA 245 15.72 79.71 55.13
C ALA UA 245 14.31 80.08 54.70
N VAL UA 246 13.58 79.14 54.10
CA VAL UA 246 12.21 79.38 53.67
C VAL UA 246 11.32 79.64 54.86
N GLU UA 247 11.46 78.85 55.92
CA GLU UA 247 10.65 79.08 57.12
C GLU UA 247 10.93 80.44 57.73
N LEU UA 248 12.20 80.84 57.81
CA LEU UA 248 12.51 82.13 58.40
C LEU UA 248 12.01 83.27 57.51
N LEU UA 249 12.09 83.10 56.19
CA LEU UA 249 11.53 84.08 55.27
C LEU UA 249 10.02 84.20 55.45
N HIS UA 250 9.34 83.07 55.66
CA HIS UA 250 7.90 83.11 55.93
C HIS UA 250 7.62 83.84 57.22
N GLU UA 251 8.42 83.62 58.26
CA GLU UA 251 8.26 84.36 59.51
C GLU UA 251 8.37 85.85 59.27
N ARG UA 252 9.40 86.28 58.54
CA ARG UA 252 9.57 87.70 58.25
C ARG UA 252 8.40 88.25 57.43
N ILE UA 253 7.96 87.50 56.42
CA ILE UA 253 6.89 87.98 55.54
C ILE UA 253 5.60 88.16 56.32
N ARG UA 254 5.24 87.16 57.14
CA ARG UA 254 4.01 87.25 57.91
C ARG UA 254 4.13 88.20 59.10
N GLU UA 255 5.35 88.55 59.52
CA GLU UA 255 5.50 89.61 60.51
C GLU UA 255 5.32 90.98 59.88
N LEU UA 256 5.78 91.15 58.63
CA LEU UA 256 5.61 92.43 57.95
C LEU UA 256 4.14 92.72 57.67
N GLY UA 257 3.38 91.73 57.27
CA GLY UA 257 1.97 91.90 56.96
C GLY UA 257 1.73 92.04 55.47
N PHE UA 258 0.87 92.99 55.10
CA PHE UA 258 0.56 93.26 53.70
C PHE UA 258 1.41 94.37 53.11
N GLU UA 259 2.34 94.93 53.88
CA GLU UA 259 3.28 95.93 53.38
C GLU UA 259 4.62 95.31 52.99
N ALA UA 260 4.63 94.01 52.72
CA ALA UA 260 5.87 93.33 52.35
C ALA UA 260 6.30 93.76 50.95
N PRO UA 261 7.53 94.22 50.77
CA PRO UA 261 8.00 94.57 49.42
C PRO UA 261 7.96 93.37 48.49
N GLU UA 262 7.80 93.64 47.20
CA GLU UA 262 7.69 92.58 46.20
C GLU UA 262 8.92 91.69 46.16
N GLU UA 263 10.06 92.18 46.63
CA GLU UA 263 11.27 91.37 46.66
C GLU UA 263 11.07 90.11 47.50
N LEU UA 264 10.44 90.26 48.67
CA LEU UA 264 10.21 89.11 49.54
C LEU UA 264 9.34 88.07 48.87
N LEU UA 265 8.24 88.50 48.25
CA LEU UA 265 7.32 87.55 47.62
C LEU UA 265 7.98 86.85 46.43
N LEU UA 266 8.69 87.60 45.59
CA LEU UA 266 9.34 86.99 44.44
C LEU UA 266 10.44 86.03 44.89
N ALA UA 267 11.21 86.40 45.91
CA ALA UA 267 12.22 85.50 46.44
C ALA UA 267 11.59 84.25 47.02
N ASP UA 268 10.44 84.39 47.70
CA ASP UA 268 9.76 83.22 48.25
C ASP UA 268 9.31 82.28 47.14
N LEU UA 269 8.75 82.82 46.07
CA LEU UA 269 8.32 81.97 44.95
C LEU UA 269 9.52 81.26 44.32
N LEU UA 270 10.62 82.00 44.11
CA LEU UA 270 11.81 81.39 43.53
C LEU UA 270 12.36 80.30 44.44
N LEU UA 271 12.35 80.54 45.75
CA LEU UA 271 12.84 79.53 46.69
C LEU UA 271 11.95 78.30 46.69
N GLN UA 272 10.63 78.47 46.53
CA GLN UA 272 9.76 77.31 46.45
C GLN UA 272 10.03 76.50 45.19
N ARG UA 273 10.26 77.18 44.06
CA ARG UA 273 10.64 76.45 42.84
C ARG UA 273 11.95 75.72 43.04
N ALA UA 274 12.92 76.36 43.70
CA ALA UA 274 14.19 75.71 43.99
C ALA UA 274 14.01 74.50 44.89
N LEU UA 275 13.14 74.61 45.90
CA LEU UA 275 12.86 73.47 46.77
C LEU UA 275 12.29 72.31 45.98
N GLU UA 276 11.32 72.60 45.10
CA GLU UA 276 10.74 71.55 44.28
C GLU UA 276 11.80 70.87 43.42
N LEU UA 277 12.62 71.67 42.74
CA LEU UA 277 13.64 71.10 41.86
C LEU UA 277 14.67 70.29 42.63
N ILE UA 278 15.10 70.78 43.79
CA ILE UA 278 16.08 70.04 44.59
C ILE UA 278 15.49 68.74 45.11
N SER UA 279 14.23 68.77 45.55
CA SER UA 279 13.59 67.55 46.02
C SER UA 279 13.45 66.53 44.90
N SER UA 280 13.14 66.99 43.68
CA SER UA 280 12.99 66.08 42.56
C SER UA 280 14.32 65.48 42.09
N ILE UA 281 15.45 65.98 42.58
CA ILE UA 281 16.76 65.46 42.19
C ILE UA 281 16.92 64.04 42.70
N THR VA 24 -35.04 100.15 39.77
CA THR VA 24 -35.60 99.66 41.01
C THR VA 24 -35.83 98.16 41.00
N VAL VA 25 -34.80 97.40 40.59
CA VAL VA 25 -34.65 95.96 40.74
C VAL VA 25 -35.29 95.13 39.62
N GLU VA 26 -36.58 95.32 39.34
CA GLU VA 26 -37.21 94.47 38.32
C GLU VA 26 -36.61 94.75 36.93
N GLU VA 27 -36.61 96.01 36.51
CA GLU VA 27 -36.04 96.32 35.20
C GLU VA 27 -34.59 95.84 35.09
N GLU VA 28 -33.87 95.81 36.20
CA GLU VA 28 -32.57 95.14 36.19
C GLU VA 28 -32.70 93.69 35.77
N VAL VA 29 -33.75 93.00 36.21
CA VAL VA 29 -33.90 91.58 35.89
C VAL VA 29 -34.22 91.40 34.40
N ILE VA 30 -35.21 92.14 33.89
CA ILE VA 30 -35.54 91.94 32.46
C ILE VA 30 -34.39 92.40 31.57
N ARG VA 31 -33.72 93.51 31.93
CA ARG VA 31 -32.55 93.93 31.19
C ARG VA 31 -31.43 92.89 31.27
N PHE VA 32 -31.29 92.21 32.41
CA PHE VA 32 -30.30 91.14 32.51
C PHE VA 32 -30.60 90.05 31.50
N ALA VA 33 -31.87 89.64 31.42
CA ALA VA 33 -32.24 88.59 30.47
C ALA VA 33 -31.98 89.03 29.02
N GLU VA 34 -32.43 90.23 28.67
CA GLU VA 34 -32.26 90.71 27.30
C GLU VA 34 -30.79 90.90 26.95
N GLU VA 35 -30.00 91.47 27.87
CA GLU VA 35 -28.59 91.67 27.62
C GLU VA 35 -27.85 90.34 27.52
N LEU VA 36 -28.27 89.34 28.29
CA LEU VA 36 -27.66 88.03 28.19
C LEU VA 36 -27.92 87.43 26.80
N ALA VA 37 -29.15 87.53 26.32
CA ALA VA 37 -29.45 87.03 24.98
C ALA VA 37 -28.66 87.79 23.92
N GLU VA 38 -28.56 89.12 24.06
CA GLU VA 38 -27.81 89.91 23.10
C GLU VA 38 -26.32 89.57 23.14
N GLU VA 39 -25.80 89.26 24.32
CA GLU VA 39 -24.40 88.85 24.44
C GLU VA 39 -24.17 87.50 23.76
N ILE VA 40 -25.11 86.56 23.90
CA ILE VA 40 -25.00 85.31 23.16
C ILE VA 40 -24.97 85.59 21.66
N ARG VA 41 -25.85 86.48 21.19
CA ARG VA 41 -25.88 86.80 19.77
C ARG VA 41 -24.57 87.45 19.31
N ARG VA 42 -24.01 88.34 20.13
CA ARG VA 42 -22.74 88.98 19.78
C ARG VA 42 -21.61 87.96 19.72
N VAL VA 43 -21.52 87.07 20.71
CA VAL VA 43 -20.40 86.14 20.78
C VAL VA 43 -20.50 85.10 19.67
N THR VA 44 -21.69 84.58 19.41
CA THR VA 44 -21.85 83.50 18.44
C THR VA 44 -22.58 83.91 17.18
N GLY VA 45 -23.72 84.58 17.30
CA GLY VA 45 -24.51 84.95 16.13
C GLY VA 45 -25.79 84.15 16.01
N GLU VA 46 -25.93 83.40 14.92
CA GLU VA 46 -27.11 82.57 14.70
C GLU VA 46 -26.75 81.08 14.64
N ALA VA 47 -25.52 80.72 14.99
CA ALA VA 47 -25.15 79.32 15.09
C ALA VA 47 -25.73 78.65 16.33
N TYR VA 48 -25.92 79.41 17.41
CA TYR VA 48 -26.53 78.92 18.64
C TYR VA 48 -27.74 79.81 18.91
N ARG VA 49 -28.88 79.46 18.32
CA ARG VA 49 -30.10 80.25 18.44
C ARG VA 49 -31.10 79.65 19.42
N GLU VA 50 -31.08 78.33 19.61
CA GLU VA 50 -31.94 77.71 20.60
C GLU VA 50 -31.62 78.21 22.00
N TYR VA 51 -30.33 78.44 22.27
CA TYR VA 51 -29.94 78.97 23.57
C TYR VA 51 -30.50 80.38 23.79
N ALA VA 52 -30.45 81.21 22.76
CA ALA VA 52 -31.04 82.55 22.87
C ALA VA 52 -32.55 82.47 23.06
N GLU VA 53 -33.19 81.53 22.35
CA GLU VA 53 -34.63 81.32 22.54
C GLU VA 53 -34.94 80.94 23.99
N ALA VA 54 -34.15 80.02 24.54
CA ALA VA 54 -34.36 79.59 25.92
C ALA VA 54 -34.13 80.74 26.89
N VAL VA 55 -33.10 81.56 26.65
CA VAL VA 55 -32.83 82.68 27.54
C VAL VA 55 -33.97 83.70 27.50
N ARG VA 56 -34.50 83.98 26.31
CA ARG VA 56 -35.63 84.90 26.21
C ARG VA 56 -36.87 84.32 26.87
N HIS VA 57 -37.09 83.01 26.73
CA HIS VA 57 -38.22 82.37 27.41
C HIS VA 57 -38.09 82.48 28.93
N LEU VA 58 -36.88 82.25 29.45
CA LEU VA 58 -36.67 82.38 30.89
C LEU VA 58 -36.83 83.81 31.36
N GLY VA 59 -36.42 84.78 30.53
CA GLY VA 59 -36.69 86.18 30.86
C GLY VA 59 -38.17 86.48 30.92
N GLU VA 60 -38.93 85.93 29.98
CA GLU VA 60 -40.39 86.10 30.01
C GLU VA 60 -40.98 85.46 31.27
N ALA VA 61 -40.47 84.29 31.65
CA ALA VA 61 -40.94 83.65 32.89
C ALA VA 61 -40.63 84.52 34.11
N ALA VA 62 -39.42 85.08 34.16
CA ALA VA 62 -39.05 85.95 35.27
C ALA VA 62 -39.93 87.18 35.32
N LYS VA 63 -40.27 87.75 34.15
CA LYS VA 63 -41.21 88.86 34.11
C LYS VA 63 -42.59 88.45 34.61
N ALA VA 64 -43.02 87.24 34.27
CA ALA VA 64 -44.32 86.75 34.73
C ALA VA 64 -44.33 86.58 36.25
N VAL VA 65 -43.23 86.08 36.82
CA VAL VA 65 -43.17 85.86 38.27
C VAL VA 65 -43.36 87.16 39.02
N LEU VA 66 -42.70 88.23 38.56
CA LEU VA 66 -42.73 89.50 39.26
C LEU VA 66 -44.07 90.20 39.22
N GLU VA 67 -45.00 89.75 38.38
CA GLU VA 67 -46.32 90.36 38.29
C GLU VA 67 -47.37 89.67 39.13
N GLY VA 68 -47.15 88.42 39.54
CA GLY VA 68 -48.10 87.71 40.37
C GLY VA 68 -48.52 86.37 39.81
N ASN VA 69 -48.51 86.25 38.49
CA ASN VA 69 -48.92 85.01 37.84
C ASN VA 69 -47.87 83.92 38.12
N SER VA 70 -48.31 82.81 38.72
CA SER VA 70 -47.41 81.75 39.12
C SER VA 70 -47.56 80.47 38.29
N VAL VA 71 -48.61 80.36 37.48
CA VAL VA 71 -48.79 79.17 36.64
C VAL VA 71 -48.18 79.37 35.26
N GLU VA 72 -48.28 80.58 34.71
CA GLU VA 72 -47.63 80.88 33.45
C GLU VA 72 -46.12 80.69 33.55
N ALA VA 73 -45.53 81.02 34.70
CA ALA VA 73 -44.12 80.78 34.90
C ALA VA 73 -43.79 79.29 34.84
N ASP VA 74 -44.63 78.46 35.47
CA ASP VA 74 -44.41 77.02 35.41
C ASP VA 74 -44.53 76.50 33.98
N LEU VA 75 -45.51 76.98 33.23
CA LEU VA 75 -45.66 76.55 31.84
C LEU VA 75 -44.46 76.95 31.00
N ILE VA 76 -43.96 78.18 31.21
CA ILE VA 76 -42.79 78.63 30.45
C ILE VA 76 -41.56 77.82 30.82
N VAL VA 77 -41.40 77.50 32.11
CA VAL VA 77 -40.26 76.69 32.53
C VAL VA 77 -40.34 75.30 31.91
N THR VA 78 -41.54 74.73 31.81
CA THR VA 78 -41.67 73.43 31.15
C THR VA 78 -41.34 73.54 29.66
N ASP VA 79 -41.73 74.63 29.02
CA ASP VA 79 -41.36 74.84 27.63
C ASP VA 79 -39.85 74.91 27.47
N VAL VA 80 -39.18 75.63 28.37
CA VAL VA 80 -37.71 75.72 28.34
C VAL VA 80 -37.11 74.35 28.56
N LEU VA 81 -37.70 73.55 29.46
CA LEU VA 81 -37.21 72.20 29.69
C LEU VA 81 -37.31 71.35 28.43
N ARG VA 82 -38.43 71.47 27.71
CA ARG VA 82 -38.56 70.75 26.45
C ARG VA 82 -37.51 71.19 25.44
N LEU VA 83 -37.27 72.51 25.34
CA LEU VA 83 -36.28 73.01 24.41
C LEU VA 83 -34.88 72.47 24.74
N LEU VA 84 -34.53 72.48 26.04
CA LEU VA 84 -33.23 71.97 26.46
C LEU VA 84 -33.11 70.47 26.27
N GLU VA 85 -34.21 69.73 26.45
CA GLU VA 85 -34.19 68.29 26.17
C GLU VA 85 -33.98 68.03 24.69
N ARG VA 86 -34.57 68.88 23.83
CA ARG VA 86 -34.31 68.77 22.40
C ARG VA 86 -32.86 69.12 22.07
N ILE VA 87 -32.28 70.07 22.79
CA ILE VA 87 -30.89 70.46 22.53
C ILE VA 87 -29.95 69.31 22.81
N GLY VA 88 -30.07 68.68 23.99
CA GLY VA 88 -29.27 67.52 24.32
C GLY VA 88 -28.07 67.80 25.21
N GLU VA 89 -28.27 68.59 26.27
CA GLU VA 89 -27.23 68.89 27.25
C GLU VA 89 -27.69 68.32 28.59
N GLU VA 90 -27.16 67.15 28.95
CA GLU VA 90 -27.73 66.36 30.05
C GLU VA 90 -27.70 67.11 31.37
N GLY VA 91 -26.54 67.70 31.72
CA GLY VA 91 -26.44 68.42 32.98
C GLY VA 91 -27.34 69.63 33.02
N LEU VA 92 -27.47 70.33 31.90
CA LEU VA 92 -28.33 71.51 31.86
C LEU VA 92 -29.79 71.09 31.97
N VAL VA 93 -30.15 69.95 31.40
CA VAL VA 93 -31.51 69.43 31.56
C VAL VA 93 -31.77 69.05 33.02
N LYS VA 94 -30.78 68.46 33.68
CA LYS VA 94 -30.92 68.15 35.10
C LYS VA 94 -31.17 69.41 35.90
N LEU VA 95 -30.38 70.46 35.64
CA LEU VA 95 -30.58 71.73 36.32
C LEU VA 95 -31.96 72.29 36.02
N ALA VA 96 -32.44 72.13 34.78
CA ALA VA 96 -33.77 72.61 34.42
C ALA VA 96 -34.85 71.89 35.20
N ARG VA 97 -34.74 70.57 35.34
CA ARG VA 97 -35.72 69.81 36.11
C ARG VA 97 -35.72 70.24 37.58
N GLU VA 98 -34.53 70.41 38.17
CA GLU VA 98 -34.46 70.85 39.55
C GLU VA 98 -35.06 72.24 39.71
N VAL VA 99 -34.79 73.14 38.76
CA VAL VA 99 -35.37 74.48 38.79
C VAL VA 99 -36.89 74.39 38.70
N HIS VA 100 -37.40 73.53 37.82
CA HIS VA 100 -38.84 73.34 37.68
C HIS VA 100 -39.47 72.96 39.01
N GLU VA 101 -38.94 71.91 39.65
CA GLU VA 101 -39.53 71.43 40.89
C GLU VA 101 -39.44 72.49 41.99
N ARG VA 102 -38.24 73.03 42.22
CA ARG VA 102 -38.06 73.99 43.31
C ARG VA 102 -38.88 75.25 43.07
N SER VA 103 -38.89 75.76 41.83
CA SER VA 103 -39.66 76.96 41.53
C SER VA 103 -41.15 76.72 41.74
N PHE VA 104 -41.66 75.56 41.31
CA PHE VA 104 -43.07 75.27 41.55
C PHE VA 104 -43.39 75.27 43.05
N GLU VA 105 -42.57 74.57 43.84
CA GLU VA 105 -42.85 74.48 45.28
C GLU VA 105 -42.76 75.85 45.94
N LEU VA 106 -41.72 76.62 45.62
CA LEU VA 106 -41.54 77.93 46.25
C LEU VA 106 -42.61 78.92 45.83
N LEU VA 107 -43.02 78.89 44.55
CA LEU VA 107 -44.08 79.79 44.10
C LEU VA 107 -45.42 79.41 44.72
N ARG VA 108 -45.67 78.11 44.92
CA ARG VA 108 -46.87 77.73 45.68
C ARG VA 108 -46.79 78.24 47.10
N LYS VA 109 -45.64 78.09 47.75
CA LYS VA 109 -45.49 78.59 49.12
C LYS VA 109 -45.50 80.11 49.16
N GLY VA 110 -44.75 80.75 48.27
CA GLY VA 110 -44.74 82.21 48.21
C GLY VA 110 -43.36 82.84 48.19
N ASN VA 111 -42.32 82.02 48.01
CA ASN VA 111 -40.94 82.52 47.96
C ASN VA 111 -40.63 82.99 46.54
N ARG VA 112 -41.05 84.22 46.25
CA ARG VA 112 -40.84 84.78 44.92
C ARG VA 112 -39.36 84.96 44.61
N VAL VA 113 -38.60 85.45 45.58
CA VAL VA 113 -37.21 85.84 45.35
C VAL VA 113 -36.37 84.63 44.98
N GLU VA 114 -36.54 83.51 45.68
CA GLU VA 114 -35.74 82.33 45.39
C GLU VA 114 -36.09 81.73 44.03
N ALA VA 115 -37.37 81.77 43.66
CA ALA VA 115 -37.77 81.31 42.33
C ALA VA 115 -37.14 82.18 41.25
N LEU VA 116 -37.14 83.51 41.45
CA LEU VA 116 -36.46 84.39 40.51
C LEU VA 116 -34.99 84.07 40.42
N ALA VA 117 -34.34 83.81 41.57
CA ALA VA 117 -32.93 83.47 41.58
C ALA VA 117 -32.66 82.20 40.80
N LEU VA 118 -33.51 81.18 40.98
CA LEU VA 118 -33.33 79.92 40.24
C LEU VA 118 -33.52 80.12 38.74
N ILE VA 119 -34.50 80.93 38.35
CA ILE VA 119 -34.73 81.20 36.92
C ILE VA 119 -33.52 81.90 36.32
N LEU VA 120 -32.99 82.90 37.03
CA LEU VA 120 -31.82 83.62 36.52
C LEU VA 120 -30.60 82.72 36.48
N ALA VA 121 -30.43 81.84 37.46
CA ALA VA 121 -29.32 80.89 37.44
C ALA VA 121 -29.43 79.95 36.25
N LEU VA 122 -30.64 79.47 35.94
CA LEU VA 122 -30.81 78.63 34.76
C LEU VA 122 -30.47 79.38 33.48
N ALA VA 123 -30.91 80.63 33.37
CA ALA VA 123 -30.62 81.42 32.18
C ALA VA 123 -29.12 81.62 32.02
N LEU VA 124 -28.43 81.95 33.12
CA LEU VA 124 -26.99 82.12 33.07
C LEU VA 124 -26.29 80.82 32.70
N ALA VA 125 -26.78 79.70 33.21
CA ALA VA 125 -26.19 78.41 32.88
C ALA VA 125 -26.31 78.12 31.38
N VAL VA 126 -27.48 78.39 30.79
CA VAL VA 126 -27.64 78.19 29.35
C VAL VA 126 -26.69 79.10 28.58
N ALA VA 127 -26.62 80.37 28.97
CA ALA VA 127 -25.76 81.31 28.25
C ALA VA 127 -24.30 80.90 28.33
N LEU VA 128 -23.83 80.53 29.52
CA LEU VA 128 -22.43 80.16 29.69
C LEU VA 128 -22.12 78.85 28.96
N THR VA 129 -23.06 77.90 28.95
CA THR VA 129 -22.86 76.68 28.20
C THR VA 129 -22.69 76.97 26.70
N ALA VA 130 -23.56 77.82 26.15
CA ALA VA 130 -23.46 78.16 24.74
C ALA VA 130 -22.14 78.87 24.44
N VAL VA 131 -21.77 79.84 25.28
CA VAL VA 131 -20.55 80.61 25.04
C VAL VA 131 -19.33 79.71 25.13
N SER VA 132 -19.26 78.85 26.14
CA SER VA 132 -18.12 77.95 26.30
C SER VA 132 -18.04 76.97 25.14
N LYS VA 133 -19.19 76.45 24.68
CA LYS VA 133 -19.17 75.56 23.53
C LYS VA 133 -18.63 76.26 22.29
N ALA VA 134 -19.08 77.49 22.05
CA ALA VA 134 -18.57 78.24 20.89
C ALA VA 134 -17.08 78.49 21.01
N PHE VA 135 -16.62 78.91 22.20
CA PHE VA 135 -15.20 79.22 22.38
C PHE VA 135 -14.34 77.98 22.20
N PHE VA 136 -14.77 76.84 22.73
CA PHE VA 136 -13.99 75.62 22.54
C PHE VA 136 -14.01 75.16 21.09
N LEU VA 137 -15.15 75.28 20.41
CA LEU VA 137 -15.21 74.89 19.00
C LEU VA 137 -14.28 75.75 18.16
N LEU VA 138 -14.23 77.06 18.43
CA LEU VA 138 -13.31 77.93 17.69
C LEU VA 138 -11.86 77.52 17.92
N GLY VA 139 -11.50 77.25 19.16
CA GLY VA 139 -10.13 76.91 19.50
C GLY VA 139 -9.51 77.96 20.41
N GLN VA 140 -10.36 78.66 21.16
CA GLN VA 140 -9.90 79.78 21.97
C GLN VA 140 -9.06 79.28 23.14
N PRO VA 141 -8.15 80.12 23.65
CA PRO VA 141 -7.43 79.77 24.87
C PRO VA 141 -8.33 79.89 26.10
N ALA VA 142 -7.91 79.23 27.18
CA ALA VA 142 -8.70 79.18 28.39
C ALA VA 142 -8.82 80.52 29.09
N ARG VA 143 -7.92 81.47 28.78
CA ARG VA 143 -7.93 82.75 29.49
C ARG VA 143 -9.23 83.51 29.25
N LEU VA 144 -9.62 83.67 27.98
CA LEU VA 144 -10.82 84.44 27.67
C LEU VA 144 -12.07 83.77 28.25
N ILE VA 145 -12.14 82.45 28.16
CA ILE VA 145 -13.26 81.72 28.75
C ILE VA 145 -13.33 82.00 30.25
N ALA VA 146 -12.19 81.95 30.92
CA ALA VA 146 -12.15 82.20 32.36
C ALA VA 146 -12.64 83.59 32.70
N GLU VA 147 -12.14 84.61 32.00
CA GLU VA 147 -12.55 85.99 32.29
C GLU VA 147 -14.03 86.19 32.02
N TYR VA 148 -14.54 85.64 30.90
CA TYR VA 148 -15.95 85.83 30.58
C TYR VA 148 -16.84 85.15 31.61
N VAL VA 149 -16.50 83.91 32.00
CA VAL VA 149 -17.28 83.21 33.01
C VAL VA 149 -17.26 83.97 34.32
N GLY VA 150 -16.09 84.44 34.73
CA GLY VA 150 -16.01 85.22 35.96
C GLY VA 150 -16.83 86.48 35.92
N GLU VA 151 -16.79 87.21 34.79
CA GLU VA 151 -17.56 88.44 34.68
C GLU VA 151 -19.06 88.16 34.73
N LYS VA 152 -19.52 87.12 34.03
CA LYS VA 152 -20.95 86.80 34.05
C LYS VA 152 -21.39 86.37 35.44
N LEU VA 153 -20.57 85.57 36.13
CA LEU VA 153 -20.91 85.18 37.48
C LEU VA 153 -20.95 86.38 38.42
N LEU VA 154 -20.04 87.33 38.22
CA LEU VA 154 -20.06 88.55 39.02
C LEU VA 154 -21.34 89.35 38.78
N GLU VA 155 -21.76 89.48 37.52
CA GLU VA 155 -23.00 90.18 37.23
C GLU VA 155 -24.20 89.49 37.88
N LEU VA 156 -24.26 88.16 37.79
CA LEU VA 156 -25.36 87.44 38.43
C LEU VA 156 -25.33 87.62 39.94
N ARG VA 157 -24.14 87.58 40.54
CA ARG VA 157 -24.03 87.76 41.98
C ARG VA 157 -24.51 89.14 42.41
N ARG VA 158 -24.12 90.18 41.67
CA ARG VA 158 -24.58 91.52 41.99
C ARG VA 158 -26.11 91.62 41.87
N LEU VA 159 -26.67 91.05 40.80
CA LEU VA 159 -28.12 91.09 40.62
C LEU VA 159 -28.84 90.38 41.78
N LEU VA 160 -28.36 89.19 42.13
CA LEU VA 160 -29.01 88.43 43.21
C LEU VA 160 -28.88 89.14 44.55
N GLU VA 161 -27.71 89.74 44.83
CA GLU VA 161 -27.56 90.50 46.05
C GLU VA 161 -28.47 91.72 46.08
N LYS VA 162 -28.68 92.35 44.93
CA LYS VA 162 -29.65 93.45 44.86
C LYS VA 162 -31.07 92.95 45.10
N LEU VA 163 -31.38 91.75 44.63
CA LEU VA 163 -32.73 91.20 44.83
C LEU VA 163 -33.01 90.96 46.31
N GLY VA 164 -32.10 90.28 47.01
CA GLY VA 164 -32.28 90.02 48.42
C GLY VA 164 -32.00 88.59 48.83
N VAL VA 165 -31.54 87.77 47.89
CA VAL VA 165 -31.24 86.37 48.20
C VAL VA 165 -30.10 86.31 49.21
N PRO VA 166 -30.17 85.47 50.24
CA PRO VA 166 -29.04 85.36 51.18
C PRO VA 166 -27.79 84.84 50.47
N LEU VA 167 -26.64 85.26 51.00
CA LEU VA 167 -25.37 84.98 50.34
C LEU VA 167 -25.08 83.50 50.15
N PRO VA 168 -25.24 82.63 51.17
CA PRO VA 168 -24.94 81.21 50.94
C PRO VA 168 -25.73 80.59 49.80
N GLU VA 169 -27.00 80.95 49.65
CA GLU VA 169 -27.80 80.41 48.55
C GLU VA 169 -27.30 80.92 47.21
N VAL VA 170 -26.90 82.19 47.15
CA VAL VA 170 -26.33 82.74 45.92
C VAL VA 170 -25.08 81.96 45.54
N ILE VA 171 -24.20 81.72 46.50
CA ILE VA 171 -22.96 81.00 46.21
C ILE VA 171 -23.27 79.57 45.76
N ALA VA 172 -24.23 78.91 46.42
CA ALA VA 172 -24.59 77.56 46.03
C ALA VA 172 -25.11 77.52 44.60
N LEU VA 173 -25.93 78.52 44.22
CA LEU VA 173 -26.38 78.61 42.84
C LEU VA 173 -25.22 78.82 41.89
N LEU VA 174 -24.24 79.64 42.28
CA LEU VA 174 -23.10 79.89 41.41
C LEU VA 174 -22.27 78.63 41.17
N LEU VA 175 -22.01 77.85 42.23
CA LEU VA 175 -21.33 76.57 41.99
C LEU VA 175 -22.21 75.57 41.26
N ARG VA 176 -23.53 75.66 41.37
CA ARG VA 176 -24.38 74.82 40.53
C ARG VA 176 -24.19 75.14 39.05
N VAL VA 177 -24.18 76.44 38.73
CA VAL VA 177 -23.93 76.87 37.35
C VAL VA 177 -22.56 76.41 36.88
N LEU VA 178 -21.55 76.56 37.76
CA LEU VA 178 -20.19 76.14 37.40
C LEU VA 178 -20.11 74.63 37.20
N GLU VA 179 -20.84 73.87 38.00
CA GLU VA 179 -20.90 72.42 37.82
C GLU VA 179 -21.51 72.07 36.47
N VAL VA 180 -22.58 72.77 36.10
CA VAL VA 180 -23.19 72.54 34.78
C VAL VA 180 -22.18 72.82 33.68
N VAL VA 181 -21.46 73.95 33.79
CA VAL VA 181 -20.49 74.32 32.76
C VAL VA 181 -19.36 73.29 32.69
N GLU VA 182 -18.86 72.85 33.84
CA GLU VA 182 -17.79 71.86 33.86
C GLU VA 182 -18.24 70.54 33.26
N GLU VA 183 -19.48 70.12 33.57
CA GLU VA 183 -20.00 68.89 33.00
C GLU VA 183 -20.09 69.00 31.48
N SER VA 184 -20.58 70.14 30.98
CA SER VA 184 -20.67 70.35 29.54
C SER VA 184 -19.29 70.30 28.90
N LEU VA 185 -18.31 70.96 29.50
CA LEU VA 185 -16.96 70.97 28.94
C LEU VA 185 -16.34 69.58 28.94
N LYS VA 186 -16.54 68.83 30.03
CA LYS VA 186 -16.01 67.47 30.10
C LYS VA 186 -16.64 66.58 29.04
N ALA VA 187 -17.96 66.68 28.87
CA ALA VA 187 -18.65 65.86 27.88
C ALA VA 187 -18.27 66.24 26.46
N MET VA 188 -17.99 67.52 26.20
CA MET VA 188 -17.66 67.95 24.85
C MET VA 188 -16.35 67.33 24.36
N GLY VA 189 -15.33 67.26 25.21
CA GLY VA 189 -14.07 66.66 24.82
C GLY VA 189 -12.84 67.42 25.27
N MET VA 190 -13.02 68.51 26.01
CA MET VA 190 -11.89 69.30 26.47
C MET VA 190 -11.00 68.48 27.42
N GLU VA 191 -9.70 68.73 27.34
CA GLU VA 191 -8.77 68.06 28.23
C GLU VA 191 -8.98 68.54 29.67
N PRO VA 192 -8.85 67.64 30.65
CA PRO VA 192 -9.17 68.02 32.03
C PRO VA 192 -8.40 69.20 32.58
N ARG VA 193 -7.15 69.40 32.14
CA ARG VA 193 -6.32 70.45 32.72
C ARG VA 193 -6.91 71.84 32.46
N GLU VA 194 -7.39 72.09 31.23
CA GLU VA 194 -7.98 73.39 30.92
C GLU VA 194 -9.27 73.61 31.68
N ILE VA 195 -10.10 72.56 31.84
CA ILE VA 195 -11.33 72.69 32.61
C ILE VA 195 -11.00 73.04 34.06
N ASN VA 196 -10.01 72.36 34.63
CA ASN VA 196 -9.59 72.67 35.99
C ASN VA 196 -9.09 74.10 36.10
N ARG VA 197 -8.34 74.55 35.08
CA ARG VA 197 -7.80 75.92 35.10
C ARG VA 197 -8.92 76.95 35.08
N VAL VA 198 -9.91 76.77 34.21
CA VAL VA 198 -10.98 77.77 34.12
C VAL VA 198 -11.86 77.74 35.35
N LEU VA 199 -12.15 76.54 35.88
CA LEU VA 199 -12.93 76.47 37.12
C LEU VA 199 -12.20 77.14 38.28
N ALA VA 200 -10.88 76.89 38.39
CA ALA VA 200 -10.10 77.51 39.44
C ALA VA 200 -10.09 79.02 39.30
N ALA VA 201 -9.97 79.52 38.06
CA ALA VA 201 -10.01 80.96 37.85
C ALA VA 201 -11.35 81.56 38.26
N ALA VA 202 -12.45 80.86 37.94
CA ALA VA 202 -13.77 81.35 38.33
C ALA VA 202 -13.92 81.38 39.85
N TYR VA 203 -13.49 80.32 40.52
CA TYR VA 203 -13.53 80.32 41.99
C TYR VA 203 -12.66 81.43 42.56
N LEU VA 204 -11.49 81.66 41.96
CA LEU VA 204 -10.58 82.69 42.45
C LEU VA 204 -11.18 84.08 42.33
N THR VA 205 -11.81 84.38 41.18
CA THR VA 205 -12.39 85.72 41.04
C THR VA 205 -13.61 85.88 41.95
N LEU VA 206 -14.40 84.83 42.13
CA LEU VA 206 -15.52 84.90 43.07
C LEU VA 206 -15.03 85.18 44.49
N ALA VA 207 -14.00 84.45 44.92
CA ALA VA 207 -13.44 84.64 46.25
C ALA VA 207 -12.82 86.02 46.40
N ALA VA 208 -12.15 86.51 45.35
CA ALA VA 208 -11.56 87.84 45.40
C ALA VA 208 -12.62 88.92 45.56
N GLU VA 209 -13.72 88.81 44.82
CA GLU VA 209 -14.82 89.76 45.00
C GLU VA 209 -15.40 89.67 46.41
N LEU VA 210 -15.58 88.46 46.91
CA LEU VA 210 -16.14 88.29 48.25
C LEU VA 210 -15.25 88.94 49.30
N LEU VA 211 -13.94 88.73 49.19
CA LEU VA 211 -13.01 89.33 50.15
C LEU VA 211 -12.97 90.85 50.01
N GLU VA 212 -12.96 91.36 48.77
CA GLU VA 212 -12.91 92.80 48.56
C GLU VA 212 -14.16 93.50 49.10
N ARG VA 213 -15.30 92.81 49.06
CA ARG VA 213 -16.52 93.41 49.60
C ARG VA 213 -16.38 93.73 51.08
N LEU VA 214 -15.58 92.95 51.81
CA LEU VA 214 -15.39 93.15 53.24
C LEU VA 214 -14.29 94.15 53.58
N GLY VA 215 -13.57 94.66 52.59
CA GLY VA 215 -12.53 95.63 52.80
C GLY VA 215 -11.12 95.09 52.75
N LEU VA 216 -10.94 93.77 52.77
CA LEU VA 216 -9.61 93.17 52.69
C LEU VA 216 -9.10 93.24 51.25
N THR VA 217 -8.74 94.47 50.85
CA THR VA 217 -8.33 94.72 49.48
C THR VA 217 -6.98 94.09 49.13
N ALA VA 218 -6.03 94.06 50.07
CA ALA VA 218 -4.73 93.46 49.79
C ALA VA 218 -4.84 91.96 49.57
N LEU VA 219 -5.65 91.27 50.38
CA LEU VA 219 -5.87 89.84 50.18
C LEU VA 219 -6.53 89.58 48.83
N ALA VA 220 -7.51 90.40 48.46
CA ALA VA 220 -8.15 90.25 47.16
C ALA VA 220 -7.15 90.47 46.03
N ALA VA 221 -6.28 91.47 46.17
CA ALA VA 221 -5.26 91.70 45.16
C ALA VA 221 -4.31 90.51 45.03
N ARG VA 222 -3.93 89.91 46.17
CA ARG VA 222 -3.09 88.71 46.12
C ARG VA 222 -3.81 87.56 45.43
N ILE VA 223 -5.11 87.40 45.69
CA ILE VA 223 -5.87 86.34 45.01
C ILE VA 223 -5.91 86.59 43.51
N ARG VA 224 -6.12 87.84 43.10
CA ARG VA 224 -6.13 88.16 41.66
C ARG VA 224 -4.76 87.90 41.03
N ARG VA 225 -3.68 88.22 41.75
CA ARG VA 225 -2.35 87.92 41.26
C ARG VA 225 -2.16 86.41 41.08
N ALA VA 226 -2.65 85.63 42.05
CA ALA VA 226 -2.57 84.18 41.93
C ALA VA 226 -3.34 83.69 40.72
N ARG VA 227 -4.54 84.23 40.49
CA ARG VA 227 -5.32 83.83 39.33
C ARG VA 227 -4.59 84.17 38.03
N GLU VA 228 -4.01 85.37 37.95
CA GLU VA 228 -3.30 85.78 36.75
C GLU VA 228 -2.08 84.89 36.50
N LEU VA 229 -1.34 84.54 37.54
CA LEU VA 229 -0.22 83.63 37.37
C LEU VA 229 -0.69 82.23 36.98
N LEU VA 230 -1.85 81.80 37.46
CA LEU VA 230 -2.40 80.51 37.07
C LEU VA 230 -2.76 80.49 35.60
N LEU VA 231 -3.38 81.57 35.11
CA LEU VA 231 -3.82 81.62 33.72
C LEU VA 231 -2.67 81.71 32.73
N ALA VA 232 -1.47 82.09 33.18
CA ALA VA 232 -0.32 82.24 32.30
C ALA VA 232 0.55 81.00 32.23
N GLY VA 233 0.12 79.89 32.85
CA GLY VA 233 0.88 78.67 32.87
C GLY VA 233 1.78 78.50 34.06
N ARG VA 234 1.98 79.54 34.86
CA ARG VA 234 2.79 79.46 36.08
C ARG VA 234 1.95 78.86 37.18
N VAL VA 235 1.95 77.52 37.25
CA VAL VA 235 1.04 76.81 38.13
C VAL VA 235 1.54 76.81 39.57
N GLU VA 236 2.81 76.44 39.77
CA GLU VA 236 3.32 76.26 41.13
C GLU VA 236 3.41 77.59 41.89
N GLU VA 237 3.79 78.67 41.20
CA GLU VA 237 3.84 79.97 41.85
C GLU VA 237 2.46 80.41 42.30
N ALA VA 238 1.45 80.23 41.45
CA ALA VA 238 0.08 80.53 41.85
C ALA VA 238 -0.38 79.64 42.99
N LEU VA 239 0.03 78.38 42.97
CA LEU VA 239 -0.31 77.46 44.06
C LEU VA 239 0.23 77.97 45.39
N HIS VA 240 1.51 78.35 45.42
CA HIS VA 240 2.10 78.83 46.67
C HIS VA 240 1.50 80.16 47.11
N LEU VA 241 1.23 81.06 46.16
CA LEU VA 241 0.59 82.32 46.51
C LEU VA 241 -0.78 82.07 47.13
N LEU VA 242 -1.55 81.15 46.55
CA LEU VA 242 -2.86 80.79 47.10
C LEU VA 242 -2.74 80.18 48.48
N GLN VA 243 -1.74 79.32 48.69
CA GLN VA 243 -1.56 78.71 50.00
C GLN VA 243 -1.22 79.76 51.06
N ASP VA 244 -0.34 80.70 50.73
CA ASP VA 244 -0.01 81.77 51.68
C ASP VA 244 -1.22 82.62 51.98
N ALA VA 245 -2.01 82.96 50.95
CA ALA VA 245 -3.24 83.71 51.17
C ALA VA 245 -4.21 82.93 52.05
N VAL VA 246 -4.27 81.62 51.87
CA VAL VA 246 -5.15 80.79 52.68
C VAL VA 246 -4.73 80.80 54.14
N GLU VA 247 -3.42 80.70 54.40
CA GLU VA 247 -2.95 80.76 55.78
C GLU VA 247 -3.25 82.12 56.41
N LEU VA 248 -3.07 83.20 55.65
CA LEU VA 248 -3.37 84.52 56.20
C LEU VA 248 -4.86 84.66 56.49
N LEU VA 249 -5.71 84.16 55.58
CA LEU VA 249 -7.16 84.19 55.81
C LEU VA 249 -7.55 83.37 57.02
N HIS VA 250 -6.92 82.21 57.21
CA HIS VA 250 -7.19 81.39 58.39
C HIS VA 250 -6.78 82.12 59.66
N GLU VA 251 -5.63 82.81 59.63
CA GLU VA 251 -5.20 83.60 60.77
C GLU VA 251 -6.23 84.67 61.11
N ARG VA 252 -6.71 85.40 60.11
CA ARG VA 252 -7.71 86.43 60.35
C ARG VA 252 -9.01 85.82 60.89
N ILE VA 253 -9.44 84.69 60.31
CA ILE VA 253 -10.70 84.08 60.71
C ILE VA 253 -10.63 83.61 62.17
N ARG VA 254 -9.53 82.96 62.54
CA ARG VA 254 -9.38 82.49 63.91
C ARG VA 254 -9.07 83.60 64.89
N GLU VA 255 -8.60 84.76 64.41
CA GLU VA 255 -8.48 85.91 65.30
C GLU VA 255 -9.84 86.56 65.55
N LEU VA 256 -10.70 86.59 64.53
CA LEU VA 256 -12.02 87.20 64.70
C LEU VA 256 -12.88 86.41 65.68
N GLY VA 257 -12.86 85.09 65.58
CA GLY VA 257 -13.65 84.24 66.47
C GLY VA 257 -14.93 83.76 65.79
N PHE VA 258 -16.03 83.74 66.54
CA PHE VA 258 -17.32 83.31 66.03
C PHE VA 258 -18.13 84.44 65.42
N GLU VA 259 -17.62 85.67 65.45
CA GLU VA 259 -18.30 86.81 64.84
C GLU VA 259 -17.78 87.09 63.42
N ALA VA 260 -17.17 86.10 62.79
CA ALA VA 260 -16.65 86.28 61.44
C ALA VA 260 -17.81 86.37 60.44
N PRO VA 261 -17.85 87.43 59.63
CA PRO VA 261 -18.91 87.52 58.61
C PRO VA 261 -18.84 86.35 57.64
N GLU VA 262 -20.01 86.02 57.07
CA GLU VA 262 -20.11 84.88 56.16
C GLU VA 262 -19.21 85.02 54.94
N GLU VA 263 -18.80 86.25 54.61
CA GLU VA 263 -17.91 86.46 53.47
C GLU VA 263 -16.60 85.71 53.66
N LEU VA 264 -16.03 85.78 54.87
CA LEU VA 264 -14.76 85.11 55.12
C LEU VA 264 -14.88 83.60 54.98
N LEU VA 265 -15.93 83.01 55.53
CA LEU VA 265 -16.09 81.56 55.45
C LEU VA 265 -16.34 81.11 54.02
N LEU VA 266 -17.21 81.82 53.28
CA LEU VA 266 -17.47 81.45 51.90
C LEU VA 266 -16.22 81.60 51.04
N ALA VA 267 -15.45 82.67 51.25
CA ALA VA 267 -14.20 82.85 50.54
C ALA VA 267 -13.22 81.74 50.87
N ASP VA 268 -13.17 81.33 52.14
CA ASP VA 268 -12.28 80.23 52.53
C ASP VA 268 -12.66 78.95 51.82
N LEU VA 269 -13.95 78.62 51.78
CA LEU VA 269 -14.38 77.42 51.08
C LEU VA 269 -14.04 77.47 49.60
N LEU VA 270 -14.30 78.63 48.97
CA LEU VA 270 -13.99 78.78 47.55
C LEU VA 270 -12.49 78.64 47.30
N LEU VA 271 -11.67 79.23 48.19
CA LEU VA 271 -10.22 79.13 48.04
C LEU VA 271 -9.74 77.70 48.21
N GLN VA 272 -10.35 76.94 49.12
CA GLN VA 272 -9.97 75.53 49.27
C GLN VA 272 -10.33 74.73 48.03
N ARG VA 273 -11.51 74.97 47.46
CA ARG VA 273 -11.86 74.27 46.22
C ARG VA 273 -10.90 74.65 45.09
N ALA VA 274 -10.55 75.93 44.98
CA ALA VA 274 -9.58 76.36 43.97
C ALA VA 274 -8.22 75.73 44.22
N LEU VA 275 -7.81 75.60 45.48
CA LEU VA 275 -6.55 74.97 45.81
C LEU VA 275 -6.53 73.51 45.37
N GLU VA 276 -7.62 72.78 45.65
CA GLU VA 276 -7.69 71.39 45.21
C GLU VA 276 -7.67 71.28 43.70
N LEU VA 277 -8.40 72.16 43.01
CA LEU VA 277 -8.42 72.12 41.55
C LEU VA 277 -7.03 72.41 40.97
N ILE VA 278 -6.33 73.40 41.52
CA ILE VA 278 -4.99 73.73 41.04
C ILE VA 278 -4.02 72.59 41.31
N SER VA 279 -4.14 71.96 42.49
CA SER VA 279 -3.28 70.82 42.80
C SER VA 279 -3.52 69.66 41.84
N SER VA 280 -4.79 69.42 41.49
CA SER VA 280 -5.10 68.35 40.55
C SER VA 280 -4.68 68.64 39.12
N ILE VA 281 -4.28 69.87 38.82
CA ILE VA 281 -3.84 70.24 37.47
C ILE VA 281 -2.58 69.48 37.11
N THR WA 24 -41.80 61.33 85.85
CA THR WA 24 -41.99 59.99 86.40
C THR WA 24 -40.92 59.04 85.88
N VAL WA 25 -40.30 59.43 84.75
CA VAL WA 25 -39.19 58.71 84.12
C VAL WA 25 -39.63 57.35 83.59
N GLU WA 26 -40.28 56.54 84.43
CA GLU WA 26 -40.75 55.24 83.97
C GLU WA 26 -41.78 55.38 82.86
N GLU WA 27 -42.81 56.19 83.11
CA GLU WA 27 -43.84 56.42 82.10
C GLU WA 27 -43.22 56.87 80.79
N GLU WA 28 -42.12 57.64 80.87
CA GLU WA 28 -41.37 57.96 79.66
C GLU WA 28 -40.86 56.70 78.97
N VAL WA 29 -40.45 55.69 79.74
CA VAL WA 29 -39.93 54.47 79.14
C VAL WA 29 -41.03 53.70 78.42
N ILE WA 30 -42.18 53.47 79.08
CA ILE WA 30 -43.23 52.74 78.38
C ILE WA 30 -43.77 53.53 77.20
N ARG WA 31 -43.94 54.85 77.36
CA ARG WA 31 -44.36 55.67 76.23
C ARG WA 31 -43.35 55.63 75.10
N PHE WA 32 -42.05 55.58 75.43
CA PHE WA 32 -41.04 55.47 74.39
C PHE WA 32 -41.19 54.18 73.61
N ALA WA 33 -41.40 53.06 74.30
CA ALA WA 33 -41.58 51.79 73.61
C ALA WA 33 -42.81 51.81 72.72
N GLU WA 34 -43.95 52.27 73.26
CA GLU WA 34 -45.18 52.30 72.48
C GLU WA 34 -45.08 53.25 71.29
N GLU WA 35 -44.50 54.43 71.50
CA GLU WA 35 -44.35 55.38 70.41
C GLU WA 35 -43.39 54.86 69.34
N LEU WA 36 -42.34 54.14 69.75
CA LEU WA 36 -41.44 53.55 68.77
C LEU WA 36 -42.17 52.53 67.91
N ALA WA 37 -42.96 51.66 68.54
CA ALA WA 37 -43.73 50.69 67.77
C ALA WA 37 -44.72 51.37 66.83
N GLU WA 38 -45.39 52.42 67.32
CA GLU WA 38 -46.33 53.16 66.50
C GLU WA 38 -45.63 53.84 65.33
N GLU WA 39 -44.39 54.31 65.55
CA GLU WA 39 -43.64 54.94 64.47
C GLU WA 39 -43.26 53.92 63.40
N ILE WA 40 -42.87 52.71 63.81
CA ILE WA 40 -42.63 51.66 62.81
C ILE WA 40 -43.91 51.40 62.03
N ARG WA 41 -45.05 51.34 62.71
CA ARG WA 41 -46.32 51.11 62.02
C ARG WA 41 -46.63 52.23 61.03
N ARG WA 42 -46.36 53.49 61.42
CA ARG WA 42 -46.63 54.62 60.54
C ARG WA 42 -45.73 54.59 59.31
N VAL WA 43 -44.42 54.37 59.51
CA VAL WA 43 -43.48 54.44 58.39
C VAL WA 43 -43.67 53.27 57.45
N THR WA 44 -43.88 52.07 57.98
CA THR WA 44 -43.97 50.87 57.15
C THR WA 44 -45.37 50.30 57.03
N GLY WA 45 -46.08 50.13 58.15
CA GLY WA 45 -47.39 49.51 58.11
C GLY WA 45 -47.39 48.10 58.65
N GLU WA 46 -47.76 47.14 57.81
CA GLU WA 46 -47.78 45.74 58.20
C GLU WA 46 -46.83 44.89 57.35
N ALA WA 47 -45.97 45.54 56.56
CA ALA WA 47 -44.93 44.81 55.84
C ALA WA 47 -43.80 44.35 56.76
N TYR WA 48 -43.53 45.10 57.82
CA TYR WA 48 -42.52 44.74 58.83
C TYR WA 48 -43.25 44.69 60.17
N ARG WA 49 -43.82 43.53 60.49
CA ARG WA 49 -44.57 43.36 61.73
C ARG WA 49 -43.80 42.62 62.80
N GLU WA 50 -42.84 41.77 62.41
CA GLU WA 50 -42.00 41.11 63.39
C GLU WA 50 -41.17 42.11 64.19
N TYR WA 51 -40.73 43.19 63.53
CA TYR WA 51 -39.99 44.23 64.23
C TYR WA 51 -40.87 44.93 65.27
N ALA WA 52 -42.13 45.21 64.92
CA ALA WA 52 -43.03 45.79 65.89
C ALA WA 52 -43.31 44.84 67.05
N GLU WA 53 -43.45 43.55 66.75
CA GLU WA 53 -43.62 42.55 67.81
C GLU WA 53 -42.42 42.54 68.75
N ALA WA 54 -41.21 42.57 68.19
CA ALA WA 54 -40.00 42.58 69.01
C ALA WA 54 -39.92 43.83 69.86
N VAL WA 55 -40.28 44.99 69.28
CA VAL WA 55 -40.22 46.24 70.04
C VAL WA 55 -41.24 46.22 71.19
N ARG WA 56 -42.44 45.70 70.94
CA ARG WA 56 -43.42 45.61 72.02
C ARG WA 56 -42.98 44.62 73.10
N HIS WA 57 -42.34 43.51 72.70
CA HIS WA 57 -41.81 42.57 73.67
C HIS WA 57 -40.73 43.23 74.53
N LEU WA 58 -39.84 43.99 73.91
CA LEU WA 58 -38.80 44.68 74.66
C LEU WA 58 -39.37 45.75 75.57
N GLY WA 59 -40.44 46.42 75.13
CA GLY WA 59 -41.13 47.34 76.02
C GLY WA 59 -41.74 46.64 77.23
N GLU WA 60 -42.31 45.47 77.01
CA GLU WA 60 -42.83 44.68 78.14
C GLU WA 60 -41.71 44.27 79.08
N ALA WA 61 -40.54 43.90 78.52
CA ALA WA 61 -39.40 43.55 79.36
C ALA WA 61 -38.93 44.75 80.18
N ALA WA 62 -38.86 45.93 79.55
CA ALA WA 62 -38.47 47.14 80.26
C ALA WA 62 -39.46 47.48 81.36
N LYS WA 63 -40.75 47.25 81.11
CA LYS WA 63 -41.75 47.41 82.16
C LYS WA 63 -41.51 46.43 83.30
N ALA WA 64 -41.19 45.18 82.97
CA ALA WA 64 -41.00 44.15 83.99
C ALA WA 64 -39.79 44.44 84.86
N VAL WA 65 -38.73 44.98 84.26
CA VAL WA 65 -37.54 45.32 85.03
C VAL WA 65 -37.87 46.32 86.13
N LEU WA 66 -38.71 47.30 85.82
CA LEU WA 66 -38.97 48.42 86.71
C LEU WA 66 -39.83 48.06 87.91
N GLU WA 67 -40.45 46.89 87.93
CA GLU WA 67 -41.25 46.46 89.08
C GLU WA 67 -40.49 45.56 90.04
N GLY WA 68 -39.38 44.97 89.61
CA GLY WA 68 -38.60 44.13 90.49
C GLY WA 68 -38.37 42.73 89.93
N ASN WA 69 -39.30 42.24 89.12
CA ASN WA 69 -39.16 40.92 88.53
C ASN WA 69 -38.01 40.92 87.54
N SER WA 70 -36.95 40.17 87.85
CA SER WA 70 -35.75 40.15 87.04
C SER WA 70 -35.57 38.89 86.21
N VAL WA 71 -36.43 37.88 86.39
CA VAL WA 71 -36.34 36.67 85.59
C VAL WA 71 -37.27 36.72 84.38
N GLU WA 72 -38.46 37.30 84.55
CA GLU WA 72 -39.35 37.52 83.41
C GLU WA 72 -38.68 38.38 82.35
N ALA WA 73 -37.85 39.34 82.77
CA ALA WA 73 -37.10 40.14 81.80
C ALA WA 73 -36.16 39.26 80.98
N ASP WA 74 -35.46 38.34 81.64
CA ASP WA 74 -34.56 37.44 80.93
C ASP WA 74 -35.33 36.55 79.96
N LEU WA 75 -36.48 36.04 80.40
CA LEU WA 75 -37.29 35.19 79.52
C LEU WA 75 -37.77 35.97 78.30
N ILE WA 76 -38.21 37.21 78.51
CA ILE WA 76 -38.69 38.02 77.39
C ILE WA 76 -37.55 38.37 76.45
N VAL WA 77 -36.35 38.64 76.99
CA VAL WA 77 -35.20 38.93 76.13
C VAL WA 77 -34.84 37.70 75.30
N THR WA 78 -34.93 36.51 75.88
CA THR WA 78 -34.69 35.30 75.10
C THR WA 78 -35.74 35.12 74.01
N ASP WA 79 -37.00 35.45 74.32
CA ASP WA 79 -38.04 35.39 73.29
C ASP WA 79 -37.73 36.35 72.15
N VAL WA 80 -37.31 37.58 72.48
CA VAL WA 80 -36.93 38.54 71.45
C VAL WA 80 -35.74 38.02 70.65
N LEU WA 81 -34.79 37.38 71.32
CA LEU WA 81 -33.64 36.82 70.64
C LEU WA 81 -34.07 35.76 69.63
N ARG WA 82 -35.01 34.90 70.03
CA ARG WA 82 -35.52 33.89 69.09
C ARG WA 82 -36.23 34.54 67.91
N LEU WA 83 -37.02 35.59 68.18
CA LEU WA 83 -37.71 36.29 67.09
C LEU WA 83 -36.71 36.89 66.10
N LEU WA 84 -35.66 37.53 66.63
CA LEU WA 84 -34.66 38.13 65.76
C LEU WA 84 -33.84 37.07 65.01
N GLU WA 85 -33.64 35.91 65.64
CA GLU WA 85 -32.98 34.81 64.94
C GLU WA 85 -33.84 34.31 63.79
N ARG WA 86 -35.16 34.27 63.98
CA ARG WA 86 -36.05 33.91 62.89
C ARG WA 86 -36.05 34.98 61.79
N ILE WA 87 -35.93 36.26 62.18
CA ILE WA 87 -35.93 37.33 61.19
C ILE WA 87 -34.73 37.20 60.25
N GLY WA 88 -33.53 37.06 60.83
CA GLY WA 88 -32.34 36.84 60.02
C GLY WA 88 -31.48 38.06 59.82
N GLU WA 89 -31.24 38.83 60.87
CA GLU WA 89 -30.36 39.99 60.83
C GLU WA 89 -29.18 39.72 61.77
N GLU WA 90 -28.03 39.38 61.19
CA GLU WA 90 -26.92 38.83 61.97
C GLU WA 90 -26.44 39.81 63.03
N GLY WA 91 -26.18 41.05 62.64
CA GLY WA 91 -25.69 42.03 63.61
C GLY WA 91 -26.68 42.30 64.72
N LEU WA 92 -27.97 42.34 64.39
CA LEU WA 92 -28.98 42.60 65.40
C LEU WA 92 -29.08 41.42 66.36
N VAL WA 93 -28.95 40.19 65.85
CA VAL WA 93 -28.92 39.02 66.72
C VAL WA 93 -27.70 39.05 67.64
N LYS WA 94 -26.56 39.47 67.11
CA LYS WA 94 -25.35 39.61 67.94
C LYS WA 94 -25.60 40.60 69.07
N LEU WA 95 -26.15 41.76 68.75
CA LEU WA 95 -26.47 42.75 69.77
C LEU WA 95 -27.46 42.20 70.78
N ALA WA 96 -28.42 41.39 70.31
CA ALA WA 96 -29.39 40.78 71.21
C ALA WA 96 -28.71 39.83 72.19
N ARG WA 97 -27.75 39.03 71.70
CA ARG WA 97 -27.03 38.12 72.59
C ARG WA 97 -26.24 38.89 73.64
N GLU WA 98 -25.52 39.94 73.22
CA GLU WA 98 -24.78 40.74 74.19
C GLU WA 98 -25.70 41.38 75.21
N VAL WA 99 -26.86 41.89 74.75
CA VAL WA 99 -27.83 42.48 75.67
C VAL WA 99 -28.32 41.44 76.65
N HIS WA 100 -28.61 40.23 76.17
CA HIS WA 100 -29.06 39.15 77.05
C HIS WA 100 -28.04 38.90 78.16
N GLU WA 101 -26.79 38.68 77.78
CA GLU WA 101 -25.77 38.34 78.77
C GLU WA 101 -25.56 39.48 79.76
N ARG WA 102 -25.33 40.70 79.25
CA ARG WA 102 -25.04 41.82 80.13
C ARG WA 102 -26.23 42.14 81.02
N SER WA 103 -27.45 42.11 80.47
CA SER WA 103 -28.64 42.39 81.28
C SER WA 103 -28.82 41.35 82.37
N PHE WA 104 -28.59 40.07 82.05
CA PHE WA 104 -28.68 39.04 83.08
C PHE WA 104 -27.70 39.31 84.21
N GLU WA 105 -26.43 39.56 83.86
CA GLU WA 105 -25.42 39.77 84.88
C GLU WA 105 -25.71 41.00 85.72
N LEU WA 106 -26.09 42.11 85.08
CA LEU WA 106 -26.35 43.35 85.82
C LEU WA 106 -27.59 43.23 86.68
N LEU WA 107 -28.64 42.57 86.19
CA LEU WA 107 -29.84 42.39 86.99
C LEU WA 107 -29.59 41.48 88.18
N ARG WA 108 -28.74 40.46 88.01
CA ARG WA 108 -28.33 39.67 89.17
C ARG WA 108 -27.57 40.52 90.17
N LYS WA 109 -26.63 41.35 89.68
CA LYS WA 109 -25.88 42.21 90.59
C LYS WA 109 -26.78 43.30 91.18
N GLY WA 110 -27.60 43.95 90.35
CA GLY WA 110 -28.51 44.96 90.85
C GLY WA 110 -28.49 46.26 90.07
N ASN WA 111 -27.84 46.27 88.91
CA ASN WA 111 -27.75 47.47 88.08
C ASN WA 111 -28.99 47.53 87.18
N ARG WA 112 -30.07 48.09 87.76
CA ARG WA 112 -31.33 48.21 87.02
C ARG WA 112 -31.19 49.17 85.84
N VAL WA 113 -30.53 50.30 86.06
CA VAL WA 113 -30.52 51.37 85.07
C VAL WA 113 -29.78 50.94 83.81
N GLU WA 114 -28.65 50.25 83.96
CA GLU WA 114 -27.89 49.83 82.78
C GLU WA 114 -28.63 48.75 82.00
N ALA WA 115 -29.33 47.84 82.68
CA ALA WA 115 -30.15 46.86 81.98
C ALA WA 115 -31.27 47.54 81.20
N LEU WA 116 -31.91 48.55 81.82
CA LEU WA 116 -32.93 49.31 81.10
C LEU WA 116 -32.34 50.00 79.88
N ALA WA 117 -31.14 50.58 80.03
CA ALA WA 117 -30.50 51.25 78.90
C ALA WA 117 -30.21 50.26 77.77
N LEU WA 118 -29.73 49.06 78.11
CA LEU WA 118 -29.45 48.06 77.08
C LEU WA 118 -30.73 47.62 76.38
N ILE WA 119 -31.82 47.44 77.14
CA ILE WA 119 -33.09 47.03 76.52
C ILE WA 119 -33.58 48.11 75.56
N LEU WA 120 -33.51 49.37 75.99
CA LEU WA 120 -33.95 50.48 75.13
C LEU WA 120 -33.06 50.59 73.90
N ALA WA 121 -31.76 50.40 74.05
CA ALA WA 121 -30.87 50.43 72.89
C ALA WA 121 -31.20 49.32 71.91
N LEU WA 122 -31.49 48.12 72.41
CA LEU WA 122 -31.89 47.04 71.52
C LEU WA 122 -33.17 47.36 70.78
N ALA WA 123 -34.17 47.92 71.48
CA ALA WA 123 -35.42 48.28 70.83
C ALA WA 123 -35.20 49.32 69.74
N LEU WA 124 -34.38 50.34 70.04
CA LEU WA 124 -34.08 51.36 69.05
C LEU WA 124 -33.35 50.76 67.85
N ALA WA 125 -32.44 49.82 68.11
CA ALA WA 125 -31.73 49.17 67.01
C ALA WA 125 -32.69 48.43 66.09
N VAL WA 126 -33.63 47.69 66.68
CA VAL WA 126 -34.62 46.96 65.87
C VAL WA 126 -35.44 47.95 65.03
N ALA WA 127 -35.94 49.01 65.67
CA ALA WA 127 -36.78 49.96 64.97
C ALA WA 127 -36.03 50.64 63.84
N LEU WA 128 -34.79 51.08 64.10
CA LEU WA 128 -34.00 51.76 63.09
C LEU WA 128 -33.63 50.82 61.95
N THR WA 129 -33.34 49.56 62.26
CA THR WA 129 -33.05 48.59 61.20
C THR WA 129 -34.26 48.42 60.29
N ALA WA 130 -35.44 48.26 60.88
CA ALA WA 130 -36.65 48.11 60.08
C ALA WA 130 -36.90 49.34 59.21
N VAL WA 131 -36.79 50.53 59.81
CA VAL WA 131 -37.07 51.76 59.09
C VAL WA 131 -36.06 51.96 57.95
N SER WA 132 -34.78 51.71 58.22
CA SER WA 132 -33.76 51.88 57.18
C SER WA 132 -33.96 50.89 56.05
N LYS WA 133 -34.31 49.64 56.37
CA LYS WA 133 -34.56 48.66 55.32
C LYS WA 133 -35.74 49.07 54.47
N ALA WA 134 -36.81 49.56 55.09
CA ALA WA 134 -37.97 50.02 54.34
C ALA WA 134 -37.61 51.20 53.44
N PHE WA 135 -36.86 52.16 53.98
CA PHE WA 135 -36.48 53.34 53.21
C PHE WA 135 -35.61 52.96 52.01
N PHE WA 136 -34.64 52.07 52.21
CA PHE WA 136 -33.81 51.65 51.08
C PHE WA 136 -34.63 50.86 50.05
N LEU WA 137 -35.55 50.01 50.51
CA LEU WA 137 -36.37 49.25 49.57
C LEU WA 137 -37.24 50.18 48.72
N LEU WA 138 -37.82 51.21 49.33
CA LEU WA 138 -38.60 52.17 48.57
C LEU WA 138 -37.75 52.89 47.53
N GLY WA 139 -36.56 53.36 47.94
CA GLY WA 139 -35.67 54.06 47.05
C GLY WA 139 -35.41 55.49 47.48
N GLN WA 140 -35.62 55.76 48.78
CA GLN WA 140 -35.50 57.11 49.29
C GLN WA 140 -34.03 57.56 49.27
N PRO WA 141 -33.78 58.86 49.15
CA PRO WA 141 -32.41 59.36 49.29
C PRO WA 141 -31.95 59.36 50.74
N ALA WA 142 -30.65 59.55 50.91
CA ALA WA 142 -30.02 59.40 52.23
C ALA WA 142 -30.42 60.50 53.21
N ARG WA 143 -30.96 61.62 52.73
CA ARG WA 143 -31.22 62.76 53.61
C ARG WA 143 -32.23 62.42 54.69
N LEU WA 144 -33.40 61.88 54.30
CA LEU WA 144 -34.44 61.59 55.27
C LEU WA 144 -34.03 60.46 56.19
N ILE WA 145 -33.32 59.45 55.66
CA ILE WA 145 -32.81 58.38 56.51
C ILE WA 145 -31.91 58.93 57.59
N ALA WA 146 -30.97 59.81 57.20
CA ALA WA 146 -30.06 60.40 58.18
C ALA WA 146 -30.80 61.25 59.21
N GLU WA 147 -31.77 62.05 58.75
CA GLU WA 147 -32.52 62.89 59.68
C GLU WA 147 -33.31 62.05 60.68
N TYR WA 148 -33.97 60.99 60.20
CA TYR WA 148 -34.75 60.14 61.10
C TYR WA 148 -33.85 59.41 62.10
N VAL WA 149 -32.70 58.89 61.62
CA VAL WA 149 -31.78 58.21 62.53
C VAL WA 149 -31.28 59.17 63.59
N GLY WA 150 -30.90 60.38 63.18
CA GLY WA 150 -30.43 61.37 64.14
C GLY WA 150 -31.50 61.73 65.16
N GLU WA 151 -32.74 61.92 64.71
CA GLU WA 151 -33.82 62.28 65.63
C GLU WA 151 -34.08 61.16 66.63
N LYS WA 152 -34.11 59.90 66.16
CA LYS WA 152 -34.34 58.79 67.08
C LYS WA 152 -33.20 58.65 68.08
N LEU WA 153 -31.96 58.82 67.62
CA LEU WA 153 -30.81 58.76 68.53
C LEU WA 153 -30.89 59.87 69.56
N LEU WA 154 -31.32 61.07 69.14
CA LEU WA 154 -31.50 62.17 70.08
C LEU WA 154 -32.55 61.85 71.13
N GLU WA 155 -33.68 61.26 70.71
CA GLU WA 155 -34.71 60.90 71.67
C GLU WA 155 -34.19 59.87 72.67
N LEU WA 156 -33.47 58.85 72.18
CA LEU WA 156 -32.92 57.85 73.08
C LEU WA 156 -31.91 58.47 74.05
N ARG WA 157 -31.07 59.39 73.54
CA ARG WA 157 -30.09 60.04 74.41
C ARG WA 157 -30.77 60.86 75.50
N ARG WA 158 -31.83 61.60 75.16
CA ARG WA 158 -32.56 62.35 76.17
C ARG WA 158 -33.18 61.42 77.20
N LEU WA 159 -33.78 60.31 76.76
CA LEU WA 159 -34.38 59.37 77.70
C LEU WA 159 -33.34 58.79 78.65
N LEU WA 160 -32.19 58.36 78.09
CA LEU WA 160 -31.15 57.77 78.93
C LEU WA 160 -30.57 58.79 79.91
N GLU WA 161 -30.36 60.03 79.46
CA GLU WA 161 -29.89 61.07 80.36
C GLU WA 161 -30.90 61.36 81.46
N LYS WA 162 -32.19 61.28 81.14
CA LYS WA 162 -33.21 61.43 82.18
C LYS WA 162 -33.16 60.26 83.16
N LEU WA 163 -32.87 59.06 82.67
CA LEU WA 163 -32.80 57.90 83.56
C LEU WA 163 -31.64 58.02 84.54
N GLY WA 164 -30.45 58.32 84.05
CA GLY WA 164 -29.30 58.47 84.91
C GLY WA 164 -28.04 57.76 84.44
N VAL WA 165 -28.10 57.18 83.25
CA VAL WA 165 -26.93 56.45 82.73
C VAL WA 165 -25.79 57.43 82.50
N PRO WA 166 -24.55 57.10 82.88
CA PRO WA 166 -23.44 58.02 82.61
C PRO WA 166 -23.25 58.24 81.12
N LEU WA 167 -22.79 59.46 80.79
CA LEU WA 167 -22.74 59.88 79.39
C LEU WA 167 -21.85 58.99 78.52
N PRO WA 168 -20.63 58.61 78.91
CA PRO WA 168 -19.83 57.75 78.03
C PRO WA 168 -20.51 56.44 77.68
N GLU WA 169 -21.22 55.83 78.64
CA GLU WA 169 -21.95 54.60 78.34
C GLU WA 169 -23.09 54.85 77.36
N VAL WA 170 -23.78 55.98 77.51
CA VAL WA 170 -24.83 56.35 76.56
C VAL WA 170 -24.25 56.45 75.16
N ILE WA 171 -23.12 57.14 75.03
CA ILE WA 171 -22.52 57.31 73.71
C ILE WA 171 -22.08 55.96 73.14
N ALA WA 172 -21.48 55.11 73.98
CA ALA WA 172 -21.08 53.78 73.50
C ALA WA 172 -22.27 52.99 73.01
N LEU WA 173 -23.40 53.06 73.71
CA LEU WA 173 -24.61 52.41 73.24
C LEU WA 173 -25.08 52.99 71.92
N LEU WA 174 -24.98 54.31 71.76
CA LEU WA 174 -25.42 54.94 70.50
C LEU WA 174 -24.58 54.48 69.31
N LEU WA 175 -23.25 54.43 69.47
CA LEU WA 175 -22.46 53.88 68.35
C LEU WA 175 -22.63 52.37 68.21
N ARG WA 176 -23.02 51.65 69.26
CA ARG WA 176 -23.38 50.24 69.06
C ARG WA 176 -24.60 50.12 68.15
N VAL WA 177 -25.63 50.93 68.42
CA VAL WA 177 -26.81 50.95 67.56
C VAL WA 177 -26.44 51.35 66.14
N LEU WA 178 -25.59 52.36 66.02
CA LEU WA 178 -25.17 52.82 64.69
C LEU WA 178 -24.37 51.76 63.96
N GLU WA 179 -23.55 50.99 64.68
CA GLU WA 179 -22.81 49.88 64.07
C GLU WA 179 -23.78 48.83 63.55
N VAL WA 180 -24.81 48.51 64.34
CA VAL WA 180 -25.82 47.54 63.90
C VAL WA 180 -26.50 48.04 62.63
N VAL WA 181 -26.89 49.31 62.61
CA VAL WA 181 -27.57 49.88 61.44
C VAL WA 181 -26.66 49.86 60.22
N GLU WA 182 -25.39 50.22 60.41
CA GLU WA 182 -24.45 50.23 59.30
C GLU WA 182 -24.24 48.82 58.75
N GLU WA 183 -24.14 47.83 59.64
CA GLU WA 183 -23.98 46.45 59.18
C GLU WA 183 -25.19 46.00 58.40
N SER WA 184 -26.39 46.35 58.87
CA SER WA 184 -27.61 46.01 58.14
C SER WA 184 -27.63 46.65 56.76
N LEU WA 185 -27.25 47.94 56.69
CA LEU WA 185 -27.23 48.63 55.41
C LEU WA 185 -26.22 48.02 54.46
N LYS WA 186 -25.03 47.67 54.97
CA LYS WA 186 -24.00 47.07 54.13
C LYS WA 186 -24.45 45.72 53.60
N ALA WA 187 -25.05 44.89 54.46
CA ALA WA 187 -25.46 43.56 54.05
C ALA WA 187 -26.65 43.60 53.10
N MET WA 188 -27.55 44.57 53.26
CA MET WA 188 -28.77 44.58 52.46
C MET WA 188 -28.49 44.96 51.00
N GLY WA 189 -27.52 45.83 50.75
CA GLY WA 189 -27.15 46.14 49.37
C GLY WA 189 -26.80 47.59 49.08
N MET WA 190 -26.86 48.46 50.09
CA MET WA 190 -26.55 49.87 49.88
C MET WA 190 -25.11 50.06 49.45
N GLU WA 191 -24.89 51.04 48.58
CA GLU WA 191 -23.54 51.39 48.18
C GLU WA 191 -22.80 52.07 49.33
N PRO WA 192 -21.50 51.80 49.47
CA PRO WA 192 -20.76 52.30 50.65
C PRO WA 192 -20.84 53.81 50.87
N ARG WA 193 -20.87 54.60 49.80
CA ARG WA 193 -20.82 56.05 49.96
C ARG WA 193 -22.04 56.58 50.72
N GLU WA 194 -23.23 56.07 50.40
CA GLU WA 194 -24.43 56.50 51.11
C GLU WA 194 -24.40 56.09 52.57
N ILE WA 195 -23.92 54.89 52.87
CA ILE WA 195 -23.80 54.45 54.26
C ILE WA 195 -22.84 55.36 55.02
N ASN WA 196 -21.70 55.69 54.40
CA ASN WA 196 -20.77 56.61 55.03
C ASN WA 196 -21.42 57.97 55.26
N ARG WA 197 -22.19 58.44 54.29
CA ARG WA 197 -22.83 59.75 54.42
C ARG WA 197 -23.83 59.76 55.58
N VAL WA 198 -24.66 58.72 55.70
CA VAL WA 198 -25.67 58.73 56.75
C VAL WA 198 -25.02 58.55 58.12
N LEU WA 199 -23.98 57.71 58.21
CA LEU WA 199 -23.29 57.55 59.49
C LEU WA 199 -22.61 58.86 59.90
N ALA WA 200 -21.99 59.55 58.94
CA ALA WA 200 -21.36 60.82 59.24
C ALA WA 200 -22.39 61.85 59.68
N ALA WA 201 -23.56 61.87 59.04
CA ALA WA 201 -24.61 62.81 59.44
C ALA WA 201 -25.09 62.51 60.87
N ALA WA 202 -25.25 61.23 61.20
CA ALA WA 202 -25.68 60.87 62.55
C ALA WA 202 -24.64 61.29 63.59
N TYR WA 203 -23.36 61.02 63.29
CA TYR WA 203 -22.31 61.45 64.20
C TYR WA 203 -22.29 62.97 64.34
N LEU WA 204 -22.50 63.68 63.23
CA LEU WA 204 -22.48 65.14 63.28
C LEU WA 204 -23.61 65.70 64.11
N THR WA 205 -24.83 65.16 63.97
CA THR WA 205 -25.93 65.69 64.78
C THR WA 205 -25.75 65.33 66.25
N LEU WA 206 -25.21 64.13 66.55
CA LEU WA 206 -24.93 63.78 67.93
C LEU WA 206 -23.91 64.73 68.54
N ALA WA 207 -22.82 65.01 67.81
CA ALA WA 207 -21.79 65.91 68.30
C ALA WA 207 -22.32 67.33 68.45
N ALA WA 208 -23.18 67.76 67.51
CA ALA WA 208 -23.76 69.09 67.60
C ALA WA 208 -24.62 69.23 68.85
N GLU WA 209 -25.44 68.23 69.14
CA GLU WA 209 -26.22 68.26 70.38
C GLU WA 209 -25.31 68.28 71.60
N LEU WA 210 -24.26 67.45 71.59
CA LEU WA 210 -23.36 67.40 72.73
C LEU WA 210 -22.70 68.75 72.98
N LEU WA 211 -22.24 69.41 71.90
CA LEU WA 211 -21.61 70.71 72.05
C LEU WA 211 -22.62 71.77 72.48
N GLU WA 212 -23.83 71.74 71.93
CA GLU WA 212 -24.84 72.73 72.29
C GLU WA 212 -25.25 72.61 73.76
N ARG WA 213 -25.24 71.39 74.30
CA ARG WA 213 -25.59 71.22 75.71
C ARG WA 213 -24.65 72.01 76.61
N LEU WA 214 -23.39 72.18 76.21
CA LEU WA 214 -22.42 72.89 77.02
C LEU WA 214 -22.44 74.41 76.81
N GLY WA 215 -23.26 74.91 75.88
CA GLY WA 215 -23.37 76.33 75.64
C GLY WA 215 -22.65 76.83 74.42
N LEU WA 216 -21.77 76.04 73.81
CA LEU WA 216 -21.06 76.44 72.60
C LEU WA 216 -22.00 76.34 71.40
N THR WA 217 -22.94 77.28 71.35
CA THR WA 217 -23.98 77.25 70.32
C THR WA 217 -23.45 77.57 68.93
N ALA WA 218 -22.46 78.45 68.81
CA ALA WA 218 -21.92 78.77 67.49
C ALA WA 218 -21.18 77.59 66.88
N LEU WA 219 -20.42 76.86 67.69
CA LEU WA 219 -19.75 75.66 67.20
C LEU WA 219 -20.76 74.62 66.75
N ALA WA 220 -21.83 74.44 67.53
CA ALA WA 220 -22.88 73.52 67.13
C ALA WA 220 -23.54 73.94 65.83
N ALA WA 221 -23.76 75.25 65.65
CA ALA WA 221 -24.33 75.75 64.41
C ALA WA 221 -23.41 75.47 63.23
N ARG WA 222 -22.10 75.64 63.43
CA ARG WA 222 -21.15 75.32 62.36
C ARG WA 222 -21.17 73.84 62.02
N ILE WA 223 -21.29 72.98 63.05
CA ILE WA 223 -21.37 71.55 62.80
C ILE WA 223 -22.63 71.20 62.01
N ARG WA 224 -23.76 71.84 62.37
CA ARG WA 224 -24.99 71.61 61.62
C ARG WA 224 -24.86 72.08 60.18
N ARG WA 225 -24.21 73.22 59.96
CA ARG WA 225 -23.96 73.69 58.60
C ARG WA 225 -23.13 72.69 57.82
N ALA WA 226 -22.09 72.13 58.45
CA ALA WA 226 -21.27 71.12 57.80
C ALA WA 226 -22.10 69.89 57.44
N ARG WA 227 -22.96 69.45 58.36
CA ARG WA 227 -23.82 68.30 58.08
C ARG WA 227 -24.75 68.58 56.91
N GLU WA 228 -25.37 69.77 56.88
CA GLU WA 228 -26.28 70.11 55.81
C GLU WA 228 -25.56 70.17 54.46
N LEU WA 229 -24.36 70.74 54.44
CA LEU WA 229 -23.57 70.73 53.20
C LEU WA 229 -23.18 69.32 52.79
N LEU WA 230 -22.91 68.45 53.77
CA LEU WA 230 -22.59 67.06 53.44
C LEU WA 230 -23.78 66.34 52.81
N LEU WA 231 -24.98 66.55 53.36
CA LEU WA 231 -26.17 65.87 52.85
C LEU WA 231 -26.60 66.38 51.48
N ALA WA 232 -26.11 67.55 51.05
CA ALA WA 232 -26.49 68.13 49.78
C ALA WA 232 -25.54 67.78 48.65
N GLY WA 233 -24.56 66.90 48.90
CA GLY WA 233 -23.59 66.52 47.91
C GLY WA 233 -22.32 67.34 47.92
N ARG WA 234 -22.26 68.41 48.69
CA ARG WA 234 -21.06 69.25 48.80
C ARG WA 234 -20.14 68.63 49.84
N VAL WA 235 -19.22 67.77 49.38
CA VAL WA 235 -18.42 66.97 50.28
C VAL WA 235 -17.21 67.75 50.80
N GLU WA 236 -16.44 68.35 49.90
CA GLU WA 236 -15.19 68.99 50.28
C GLU WA 236 -15.43 70.22 51.16
N GLU WA 237 -16.47 71.00 50.87
CA GLU WA 237 -16.78 72.16 51.69
C GLU WA 237 -17.14 71.75 53.12
N ALA WA 238 -17.96 70.70 53.25
CA ALA WA 238 -18.29 70.18 54.58
C ALA WA 238 -17.04 69.63 55.26
N LEU WA 239 -16.16 68.99 54.51
CA LEU WA 239 -14.91 68.48 55.08
C LEU WA 239 -14.09 69.60 55.67
N HIS WA 240 -13.90 70.69 54.93
CA HIS WA 240 -13.10 71.80 55.44
C HIS WA 240 -13.77 72.50 56.61
N LEU WA 241 -15.10 72.67 56.54
CA LEU WA 241 -15.81 73.26 57.67
C LEU WA 241 -15.62 72.42 58.93
N LEU WA 242 -15.72 71.10 58.78
CA LEU WA 242 -15.52 70.20 59.92
C LEU WA 242 -14.10 70.27 60.45
N GLN WA 243 -13.11 70.36 59.55
CA GLN WA 243 -11.73 70.46 59.99
C GLN WA 243 -11.49 71.76 60.77
N ASP WA 244 -12.03 72.87 60.29
CA ASP WA 244 -11.89 74.13 61.03
C ASP WA 244 -12.58 74.05 62.39
N ALA WA 245 -13.77 73.45 62.44
CA ALA WA 245 -14.46 73.29 63.70
C ALA WA 245 -13.66 72.42 64.67
N VAL WA 246 -13.04 71.36 64.15
CA VAL WA 246 -12.23 70.47 64.98
C VAL WA 246 -11.02 71.22 65.52
N GLU WA 247 -10.37 72.03 64.68
CA GLU WA 247 -9.23 72.81 65.16
C GLU WA 247 -9.64 73.78 66.26
N LEU WA 248 -10.77 74.45 66.10
CA LEU WA 248 -11.21 75.39 67.13
C LEU WA 248 -11.59 74.66 68.41
N LEU WA 249 -12.23 73.48 68.27
CA LEU WA 249 -12.55 72.67 69.45
C LEU WA 249 -11.29 72.22 70.17
N HIS WA 250 -10.26 71.83 69.41
CA HIS WA 250 -8.99 71.47 70.02
C HIS WA 250 -8.37 72.66 70.76
N GLU WA 251 -8.46 73.84 70.17
CA GLU WA 251 -7.96 75.04 70.83
C GLU WA 251 -8.66 75.25 72.17
N ARG WA 252 -9.99 75.15 72.17
CA ARG WA 252 -10.74 75.31 73.42
C ARG WA 252 -10.38 74.23 74.43
N ILE WA 253 -10.26 72.99 73.98
CA ILE WA 253 -9.99 71.88 74.89
C ILE WA 253 -8.62 72.04 75.54
N ARG WA 254 -7.60 72.37 74.75
CA ARG WA 254 -6.27 72.57 75.30
C ARG WA 254 -6.15 73.88 76.07
N GLU WA 255 -7.07 74.82 75.88
CA GLU WA 255 -7.12 75.98 76.75
C GLU WA 255 -7.69 75.62 78.12
N LEU WA 256 -8.73 74.77 78.15
CA LEU WA 256 -9.31 74.39 79.44
C LEU WA 256 -8.36 73.54 80.26
N GLY WA 257 -7.71 72.56 79.64
CA GLY WA 257 -6.77 71.71 80.34
C GLY WA 257 -7.41 70.39 80.77
N PHE WA 258 -7.20 70.02 82.03
CA PHE WA 258 -7.73 68.77 82.56
C PHE WA 258 -9.10 68.95 83.22
N GLU WA 259 -9.66 70.16 83.21
CA GLU WA 259 -10.99 70.42 83.72
C GLU WA 259 -12.02 70.47 82.60
N ALA WA 260 -11.70 69.93 81.44
CA ALA WA 260 -12.63 69.91 80.32
C ALA WA 260 -13.76 68.93 80.60
N PRO WA 261 -15.02 69.36 80.53
CA PRO WA 261 -16.14 68.42 80.71
C PRO WA 261 -16.12 67.32 79.66
N GLU WA 262 -16.68 66.16 80.03
CA GLU WA 262 -16.69 65.02 79.14
C GLU WA 262 -17.40 65.29 77.81
N GLU WA 263 -18.26 66.30 77.78
CA GLU WA 263 -18.96 66.64 76.54
C GLU WA 263 -17.98 67.01 75.44
N LEU WA 264 -16.97 67.82 75.77
CA LEU WA 264 -15.99 68.23 74.76
C LEU WA 264 -15.20 67.05 74.22
N LEU WA 265 -14.76 66.15 75.10
CA LEU WA 265 -13.97 65.00 74.65
C LEU WA 265 -14.81 64.05 73.80
N LEU WA 266 -16.04 63.77 74.22
CA LEU WA 266 -16.89 62.88 73.44
C LEU WA 266 -17.24 63.51 72.09
N ALA WA 267 -17.51 64.82 72.08
CA ALA WA 267 -17.77 65.51 70.82
C ALA WA 267 -16.56 65.47 69.91
N ASP WA 268 -15.36 65.62 70.47
CA ASP WA 268 -14.15 65.55 69.67
C ASP WA 268 -13.97 64.17 69.06
N LEU WA 269 -14.22 63.11 69.83
CA LEU WA 269 -14.11 61.77 69.29
C LEU WA 269 -15.13 61.54 68.18
N LEU WA 270 -16.37 61.97 68.39
CA LEU WA 270 -17.40 61.81 67.37
C LEU WA 270 -17.05 62.60 66.12
N LEU WA 271 -16.50 63.80 66.28
CA LEU WA 271 -16.10 64.61 65.13
C LEU WA 271 -14.95 63.96 64.38
N GLN WA 272 -14.01 63.32 65.09
CA GLN WA 272 -12.95 62.61 64.39
C GLN WA 272 -13.49 61.43 63.59
N ARG WA 273 -14.43 60.68 64.17
CA ARG WA 273 -15.04 59.59 63.41
C ARG WA 273 -15.78 60.11 62.18
N ALA WA 274 -16.52 61.22 62.34
CA ALA WA 274 -17.21 61.82 61.21
C ALA WA 274 -16.23 62.32 60.15
N LEU WA 275 -15.10 62.88 60.59
CA LEU WA 275 -14.08 63.34 59.66
C LEU WA 275 -13.52 62.18 58.84
N GLU WA 276 -13.21 61.06 59.52
CA GLU WA 276 -12.71 59.89 58.82
C GLU WA 276 -13.73 59.38 57.81
N LEU WA 277 -15.00 59.28 58.24
CA LEU WA 277 -16.04 58.78 57.35
C LEU WA 277 -16.24 59.70 56.13
N ILE WA 278 -16.23 61.02 56.36
CA ILE WA 278 -16.40 61.96 55.26
C ILE WA 278 -15.22 61.88 54.30
N SER WA 279 -14.01 61.77 54.83
CA SER WA 279 -12.83 61.66 53.97
C SER WA 279 -12.89 60.38 53.14
N SER WA 280 -13.39 59.29 53.73
CA SER WA 280 -13.47 58.03 53.00
C SER WA 280 -14.55 58.02 51.93
N ILE WA 281 -15.42 59.04 51.89
CA ILE WA 281 -16.48 59.10 50.90
C ILE WA 281 -15.88 59.27 49.50
N THR XA 24 12.52 44.34 103.82
CA THR XA 24 13.60 43.37 103.85
C THR XA 24 14.18 43.13 102.45
N VAL XA 25 13.36 43.37 101.44
CA VAL XA 25 13.74 43.33 100.02
C VAL XA 25 14.01 41.92 99.54
N GLU XA 26 14.89 41.18 100.22
CA GLU XA 26 15.23 39.83 99.78
C GLU XA 26 14.00 38.91 99.86
N GLU XA 27 13.37 38.86 101.03
CA GLU XA 27 12.17 38.04 101.19
C GLU XA 27 11.12 38.39 100.15
N GLU XA 28 11.06 39.65 99.73
CA GLU XA 28 10.23 40.00 98.59
C GLU XA 28 10.65 39.23 97.34
N VAL XA 29 11.95 39.02 97.16
CA VAL XA 29 12.41 38.31 95.95
C VAL XA 29 12.00 36.83 96.00
N ILE XA 30 12.27 36.15 97.12
CA ILE XA 30 11.90 34.73 97.16
C ILE XA 30 10.38 34.57 97.13
N ARG XA 31 9.65 35.44 97.83
CA ARG XA 31 8.19 35.39 97.76
C ARG XA 31 7.70 35.66 96.35
N PHE XA 32 8.35 36.56 95.61
CA PHE XA 32 7.97 36.79 94.22
C PHE XA 32 8.13 35.54 93.39
N ALA XA 33 9.26 34.85 93.56
CA ALA XA 33 9.48 33.62 92.79
C ALA XA 33 8.43 32.56 93.13
N GLU XA 34 8.19 32.34 94.42
CA GLU XA 34 7.23 31.32 94.84
C GLU XA 34 5.82 31.68 94.40
N GLU XA 35 5.42 32.95 94.53
CA GLU XA 35 4.10 33.37 94.11
C GLU XA 35 3.95 33.27 92.60
N LEU XA 36 5.00 33.55 91.84
CA LEU XA 36 4.93 33.39 90.39
C LEU XA 36 4.69 31.93 90.02
N ALA XA 37 5.43 31.02 90.67
CA ALA XA 37 5.22 29.60 90.40
C ALA XA 37 3.80 29.16 90.78
N GLU XA 38 3.32 29.63 91.93
CA GLU XA 38 1.97 29.27 92.36
C GLU XA 38 0.92 29.84 91.43
N GLU XA 39 1.15 31.04 90.88
CA GLU XA 39 0.23 31.62 89.92
C GLU XA 39 0.20 30.81 88.62
N ILE XA 40 1.37 30.34 88.17
CA ILE XA 40 1.37 29.44 87.02
C ILE XA 40 0.55 28.20 87.31
N ARG XA 41 0.72 27.63 88.51
CA ARG XA 41 -0.03 26.44 88.87
C ARG XA 41 -1.53 26.71 88.89
N ARG XA 42 -1.94 27.85 89.44
CA ARG XA 42 -3.36 28.19 89.51
C ARG XA 42 -3.94 28.40 88.11
N VAL XA 43 -3.23 29.11 87.24
CA VAL XA 43 -3.77 29.43 85.93
C VAL XA 43 -3.84 28.19 85.05
N THR XA 44 -2.81 27.34 85.09
CA THR XA 44 -2.75 26.18 84.21
C THR XA 44 -2.96 24.86 84.91
N GLY XA 45 -2.27 24.61 86.02
CA GLY XA 45 -2.37 23.33 86.69
C GLY XA 45 -1.12 22.51 86.56
N GLU XA 46 -1.23 21.34 85.91
CA GLU XA 46 -0.08 20.46 85.69
C GLU XA 46 0.14 20.21 84.20
N ALA XA 47 -0.52 20.97 83.33
CA ALA XA 47 -0.25 20.86 81.90
C ALA XA 47 1.03 21.56 81.51
N TYR XA 48 1.42 22.62 82.22
CA TYR XA 48 2.68 23.33 81.99
C TYR XA 48 3.46 23.27 83.30
N ARG XA 49 4.22 22.19 83.48
CA ARG XA 49 4.99 21.98 84.69
C ARG XA 49 6.48 22.29 84.52
N GLU XA 50 7.01 22.16 83.30
CA GLU XA 50 8.39 22.54 83.06
C GLU XA 50 8.60 24.03 83.31
N TYR XA 51 7.60 24.85 82.98
CA TYR XA 51 7.71 26.28 83.24
C TYR XA 51 7.77 26.57 84.74
N ALA XA 52 6.95 25.87 85.53
CA ALA XA 52 7.02 26.04 86.98
C ALA XA 52 8.36 25.57 87.52
N GLU XA 53 8.88 24.47 86.98
CA GLU XA 53 10.20 23.98 87.38
C GLU XA 53 11.27 25.03 87.09
N ALA XA 54 11.23 25.63 85.90
CA ALA XA 54 12.19 26.66 85.54
C ALA XA 54 12.07 27.88 86.45
N VAL XA 55 10.84 28.28 86.77
CA VAL XA 55 10.64 29.44 87.64
C VAL XA 55 11.18 29.16 89.03
N ARG XA 56 10.95 27.96 89.57
CA ARG XA 56 11.48 27.62 90.88
C ARG XA 56 13.00 27.56 90.85
N HIS XA 57 13.58 27.03 89.77
CA HIS XA 57 15.03 27.02 89.65
C HIS XA 57 15.61 28.44 89.62
N LEU XA 58 14.96 29.34 88.87
CA LEU XA 58 15.42 30.72 88.83
C LEU XA 58 15.27 31.41 90.18
N GLY XA 59 14.21 31.09 90.92
CA GLY XA 59 14.09 31.59 92.28
C GLY XA 59 15.20 31.09 93.18
N GLU XA 60 15.57 29.81 93.03
CA GLU XA 60 16.69 29.28 93.78
C GLU XA 60 17.99 29.99 93.43
N ALA XA 61 18.20 30.27 92.15
CA ALA XA 61 19.38 31.02 91.72
C ALA XA 61 19.40 32.42 92.32
N ALA XA 62 18.25 33.09 92.30
CA ALA XA 62 18.16 34.44 92.88
C ALA XA 62 18.44 34.40 94.38
N LYS XA 63 17.97 33.37 95.07
CA LYS XA 63 18.30 33.19 96.48
C LYS XA 63 19.80 32.98 96.66
N ALA XA 64 20.40 32.17 95.79
CA ALA XA 64 21.83 31.87 95.92
C ALA XA 64 22.69 33.12 95.70
N VAL XA 65 22.27 33.99 94.78
CA VAL XA 65 23.01 35.22 94.52
C VAL XA 65 23.11 36.07 95.77
N LEU XA 66 22.04 36.12 96.56
CA LEU XA 66 21.89 37.11 97.62
C LEU XA 66 22.79 36.84 98.83
N GLU XA 67 23.41 35.67 98.94
CA GLU XA 67 24.34 35.42 100.03
C GLU XA 67 25.80 35.68 99.64
N GLY XA 68 26.15 35.49 98.39
CA GLY XA 68 27.51 35.74 97.94
C GLY XA 68 28.04 34.68 97.00
N ASN XA 69 27.51 33.46 97.11
CA ASN XA 69 27.94 32.38 96.24
C ASN XA 69 27.50 32.67 94.81
N SER XA 70 28.48 32.88 93.92
CA SER XA 70 28.21 33.34 92.56
C SER XA 70 28.38 32.26 91.51
N VAL XA 71 28.86 31.08 91.86
CA VAL XA 71 29.05 30.01 90.87
C VAL XA 71 27.81 29.11 90.80
N GLU XA 72 27.21 28.82 91.95
CA GLU XA 72 25.98 28.04 91.96
C GLU XA 72 24.88 28.74 91.17
N ALA XA 73 24.86 30.08 91.19
CA ALA XA 73 23.91 30.81 90.36
C ALA XA 73 24.14 30.55 88.89
N ASP XA 74 25.40 30.54 88.45
CA ASP XA 74 25.71 30.25 87.05
C ASP XA 74 25.29 28.82 86.70
N LEU XA 75 25.54 27.87 87.59
CA LEU XA 75 25.16 26.48 87.32
C LEU XA 75 23.64 26.35 87.21
N ILE XA 76 22.90 27.03 88.08
CA ILE XA 76 21.45 26.95 88.04
C ILE XA 76 20.91 27.64 86.78
N VAL XA 77 21.53 28.75 86.37
CA VAL XA 77 21.09 29.41 85.14
C VAL XA 77 21.34 28.52 83.93
N THR XA 78 22.46 27.79 83.93
CA THR XA 78 22.70 26.84 82.84
C THR XA 78 21.68 25.70 82.86
N ASP XA 79 21.29 25.24 84.06
CA ASP XA 79 20.25 24.21 84.15
C ASP XA 79 18.94 24.73 83.57
N VAL XA 80 18.57 25.97 83.91
CA VAL XA 80 17.36 26.57 83.37
C VAL XA 80 17.47 26.69 81.86
N LEU XA 81 18.65 27.03 81.36
CA LEU XA 81 18.86 27.13 79.91
C LEU XA 81 18.63 25.76 79.25
N ARG XA 82 19.13 24.70 79.86
CA ARG XA 82 18.90 23.36 79.31
C ARG XA 82 17.41 23.01 79.32
N LEU XA 83 16.72 23.35 80.40
CA LEU XA 83 15.29 23.07 80.48
C LEU XA 83 14.52 23.81 79.39
N LEU XA 84 14.85 25.10 79.18
CA LEU XA 84 14.18 25.88 78.16
C LEU XA 84 14.54 25.41 76.76
N GLU XA 85 15.77 24.91 76.57
CA GLU XA 85 16.14 24.31 75.29
C GLU XA 85 15.33 23.05 75.02
N ARG XA 86 15.08 22.26 76.06
CA ARG XA 86 14.23 21.10 75.90
C ARG XA 86 12.78 21.50 75.61
N ILE XA 87 12.32 22.60 76.20
CA ILE XA 87 10.94 23.04 75.99
C ILE XA 87 10.72 23.41 74.52
N GLY XA 88 11.60 24.24 73.97
CA GLY XA 88 11.52 24.59 72.56
C GLY XA 88 10.89 25.93 72.27
N GLU XA 89 11.26 26.97 73.04
CA GLU XA 89 10.79 28.33 72.81
C GLU XA 89 12.00 29.18 72.43
N GLU XA 90 12.12 29.49 71.14
CA GLU XA 90 13.37 30.05 70.61
C GLU XA 90 13.71 31.38 71.27
N GLY XA 91 12.75 32.31 71.32
CA GLY XA 91 13.02 33.60 71.92
C GLY XA 91 13.35 33.51 73.39
N LEU XA 92 12.67 32.61 74.10
CA LEU XA 92 12.94 32.43 75.52
C LEU XA 92 14.35 31.88 75.74
N VAL XA 93 14.78 30.94 74.88
CA VAL XA 93 16.14 30.42 74.97
C VAL XA 93 17.15 31.51 74.67
N LYS XA 94 16.86 32.36 73.68
CA LYS XA 94 17.75 33.48 73.39
C LYS XA 94 17.90 34.39 74.60
N LEU XA 95 16.78 34.76 75.22
CA LEU XA 95 16.84 35.58 76.42
C LEU XA 95 17.60 34.88 77.54
N ALA XA 96 17.45 33.56 77.64
CA ALA XA 96 18.18 32.80 78.65
C ALA XA 96 19.70 32.87 78.41
N ARG XA 97 20.12 32.77 77.15
CA ARG XA 97 21.54 32.88 76.85
C ARG XA 97 22.09 34.27 77.19
N GLU XA 98 21.34 35.31 76.82
CA GLU XA 98 21.79 36.66 77.16
C GLU XA 98 21.86 36.85 78.67
N VAL XA 99 20.87 36.33 79.39
CA VAL XA 99 20.88 36.43 80.85
C VAL XA 99 22.08 35.69 81.42
N HIS XA 100 22.37 34.50 80.89
CA HIS XA 100 23.54 33.74 81.34
C HIS XA 100 24.82 34.56 81.20
N GLU XA 101 25.06 35.08 79.99
CA GLU XA 101 26.30 35.82 79.74
C GLU XA 101 26.39 37.07 80.61
N ARG XA 102 25.35 37.89 80.60
CA ARG XA 102 25.40 39.15 81.35
C ARG XA 102 25.49 38.90 82.84
N SER XA 103 24.74 37.93 83.36
CA SER XA 103 24.80 37.62 84.79
C SER XA 103 26.18 37.12 85.19
N PHE XA 104 26.79 36.27 84.36
CA PHE XA 104 28.14 35.81 84.67
C PHE XA 104 29.10 36.99 84.74
N GLU XA 105 29.08 37.86 83.73
CA GLU XA 105 30.01 38.98 83.71
C GLU XA 105 29.79 39.92 84.89
N LEU XA 106 28.53 40.25 85.18
CA LEU XA 106 28.23 41.18 86.28
C LEU XA 106 28.59 40.57 87.63
N LEU XA 107 28.30 39.29 87.83
CA LEU XA 107 28.63 38.65 89.10
C LEU XA 107 30.14 38.52 89.28
N ARG XA 108 30.88 38.31 88.19
CA ARG XA 108 32.34 38.36 88.29
C ARG XA 108 32.80 39.75 88.67
N LYS XA 109 32.23 40.79 88.05
CA LYS XA 109 32.59 42.16 88.41
C LYS XA 109 32.10 42.53 89.80
N GLY XA 110 30.84 42.19 90.12
CA GLY XA 110 30.31 42.46 91.44
C GLY XA 110 28.95 43.15 91.44
N ASN XA 111 28.30 43.23 90.29
CA ASN XA 111 27.00 43.89 90.17
C ASN XA 111 25.91 42.88 90.53
N ARG XA 112 25.65 42.78 91.83
CA ARG XA 112 24.64 41.85 92.32
C ARG XA 112 23.24 42.23 91.84
N VAL XA 113 22.92 43.52 91.90
CA VAL XA 113 21.55 43.97 91.69
C VAL XA 113 21.12 43.74 90.25
N GLU XA 114 22.00 44.01 89.29
CA GLU XA 114 21.62 43.83 87.89
C GLU XA 114 21.47 42.36 87.53
N ALA XA 115 22.32 41.49 88.10
CA ALA XA 115 22.14 40.06 87.90
C ALA XA 115 20.82 39.58 88.48
N LEU XA 116 20.47 40.07 89.68
CA LEU XA 116 19.18 39.74 90.26
C LEU XA 116 18.04 40.19 89.36
N ALA XA 117 18.14 41.40 88.82
CA ALA XA 117 17.10 41.92 87.93
C ALA XA 117 16.98 41.06 86.68
N LEU XA 118 18.10 40.64 86.11
CA LEU XA 118 18.06 39.78 84.92
C LEU XA 118 17.41 38.44 85.23
N ILE XA 119 17.73 37.85 86.38
CA ILE XA 119 17.14 36.57 86.76
C ILE XA 119 15.63 36.71 86.93
N LEU XA 120 15.21 37.77 87.62
CA LEU XA 120 13.77 38.00 87.81
C LEU XA 120 13.06 38.25 86.48
N ALA XA 121 13.70 38.98 85.57
CA ALA XA 121 13.11 39.21 84.26
C ALA XA 121 12.96 37.91 83.49
N LEU XA 122 13.96 37.03 83.56
CA LEU XA 122 13.84 35.73 82.91
C LEU XA 122 12.70 34.91 83.49
N ALA XA 123 12.57 34.91 84.82
CA ALA XA 123 11.49 34.17 85.46
C ALA XA 123 10.12 34.70 85.02
N LEU XA 124 9.99 36.03 84.99
CA LEU XA 124 8.73 36.63 84.56
C LEU XA 124 8.45 36.30 83.09
N ALA XA 125 9.49 36.28 82.25
CA ALA XA 125 9.29 35.94 80.85
C ALA XA 125 8.78 34.51 80.70
N VAL XA 126 9.36 33.57 81.46
CA VAL XA 126 8.89 32.19 81.40
C VAL XA 126 7.43 32.10 81.84
N ALA XA 127 7.10 32.75 82.97
CA ALA XA 127 5.74 32.69 83.48
C ALA XA 127 4.74 33.28 82.50
N LEU XA 128 5.06 34.44 81.93
CA LEU XA 128 4.14 35.09 81.00
C LEU XA 128 4.00 34.28 79.72
N THR XA 129 5.09 33.67 79.25
CA THR XA 129 4.98 32.82 78.06
C THR XA 129 4.06 31.64 78.32
N ALA XA 130 4.20 30.99 79.47
CA ALA XA 130 3.33 29.86 79.80
C ALA XA 130 1.87 30.30 79.90
N VAL XA 131 1.62 31.41 80.59
CA VAL XA 131 0.26 31.88 80.79
C VAL XA 131 -0.38 32.27 79.46
N SER XA 132 0.37 32.99 78.61
CA SER XA 132 -0.17 33.40 77.32
C SER XA 132 -0.44 32.20 76.43
N LYS XA 133 0.44 31.19 76.45
CA LYS XA 133 0.19 29.99 75.67
C LYS XA 133 -1.06 29.28 76.14
N ALA XA 134 -1.25 29.16 77.45
CA ALA XA 134 -2.45 28.52 77.98
C ALA XA 134 -3.70 29.30 77.58
N PHE XA 135 -3.66 30.62 77.71
CA PHE XA 135 -4.82 31.45 77.39
C PHE XA 135 -5.18 31.35 75.91
N PHE XA 136 -4.18 31.38 75.03
CA PHE XA 136 -4.46 31.24 73.61
C PHE XA 136 -5.00 29.86 73.28
N LEU XA 137 -4.45 28.81 73.90
CA LEU XA 137 -4.93 27.46 73.64
C LEU XA 137 -6.39 27.30 74.07
N LEU XA 138 -6.76 27.87 75.22
CA LEU XA 138 -8.14 27.82 75.66
C LEU XA 138 -9.06 28.56 74.68
N GLY XA 139 -8.63 29.73 74.23
CA GLY XA 139 -9.44 30.53 73.32
C GLY XA 139 -9.92 31.82 73.97
N GLN XA 140 -9.20 32.26 74.99
CA GLN XA 140 -9.61 33.42 75.75
C GLN XA 140 -9.43 34.69 74.91
N PRO XA 141 -10.21 35.73 75.20
CA PRO XA 141 -10.04 37.01 74.49
C PRO XA 141 -8.82 37.76 75.00
N ALA XA 142 -8.45 38.80 74.26
CA ALA XA 142 -7.21 39.53 74.53
C ALA XA 142 -7.26 40.38 75.79
N ARG XA 143 -8.46 40.69 76.30
CA ARG XA 143 -8.58 41.59 77.44
C ARG XA 143 -7.90 41.03 78.68
N LEU XA 144 -8.21 39.76 79.00
CA LEU XA 144 -7.63 39.17 80.20
C LEU XA 144 -6.13 38.94 80.05
N ILE XA 145 -5.69 38.54 78.85
CA ILE XA 145 -4.25 38.37 78.62
C ILE XA 145 -3.52 39.68 78.85
N ALA XA 146 -4.04 40.77 78.27
CA ALA XA 146 -3.41 42.08 78.43
C ALA XA 146 -3.41 42.52 79.88
N GLU XA 147 -4.54 42.32 80.58
CA GLU XA 147 -4.62 42.73 81.98
C GLU XA 147 -3.62 41.96 82.84
N TYR XA 148 -3.53 40.65 82.65
CA TYR XA 148 -2.60 39.84 83.43
C TYR XA 148 -1.15 40.23 83.14
N VAL XA 149 -0.82 40.43 81.86
CA VAL XA 149 0.54 40.83 81.50
C VAL XA 149 0.89 42.16 82.14
N GLY XA 150 -0.04 43.12 82.07
CA GLY XA 150 0.20 44.41 82.69
C GLY XA 150 0.39 44.32 84.19
N GLU XA 151 -0.44 43.51 84.86
CA GLU XA 151 -0.32 43.37 86.30
C GLU XA 151 1.01 42.75 86.69
N LYS XA 152 1.42 41.69 85.98
CA LYS XA 152 2.69 41.06 86.28
C LYS XA 152 3.87 42.00 86.03
N LEU XA 153 3.82 42.76 84.93
CA LEU XA 153 4.87 43.73 84.66
C LEU XA 153 4.92 44.80 85.73
N LEU XA 154 3.75 45.24 86.22
CA LEU XA 154 3.72 46.20 87.30
C LEU XA 154 4.35 45.65 88.57
N GLU XA 155 4.05 44.40 88.91
CA GLU XA 155 4.66 43.79 90.09
C GLU XA 155 6.17 43.70 89.95
N LEU XA 156 6.65 43.28 88.78
CA LEU XA 156 8.09 43.21 88.57
C LEU XA 156 8.74 44.59 88.64
N ARG XA 157 8.07 45.61 88.09
CA ARG XA 157 8.61 46.96 88.14
C ARG XA 157 8.71 47.46 89.57
N ARG XA 158 7.68 47.21 90.38
CA ARG XA 158 7.73 47.61 91.79
C ARG XA 158 8.86 46.90 92.52
N LEU XA 159 9.03 45.60 92.27
CA LEU XA 159 10.09 44.85 92.93
C LEU XA 159 11.46 45.39 92.52
N LEU XA 160 11.67 45.64 91.24
CA LEU XA 160 12.96 46.14 90.76
C LEU XA 160 13.25 47.53 91.31
N GLU XA 161 12.23 48.40 91.35
CA GLU XA 161 12.43 49.72 91.92
C GLU XA 161 12.75 49.64 93.41
N LYS XA 162 12.15 48.67 94.12
CA LYS XA 162 12.52 48.47 95.52
C LYS XA 162 13.96 47.99 95.65
N LEU XA 163 14.42 47.17 94.70
CA LEU XA 163 15.79 46.67 94.75
C LEU XA 163 16.80 47.81 94.59
N GLY XA 164 16.62 48.63 93.56
CA GLY XA 164 17.53 49.74 93.33
C GLY XA 164 17.98 49.89 91.90
N VAL XA 165 17.44 49.08 90.99
CA VAL XA 165 17.84 49.15 89.58
C VAL XA 165 17.40 50.50 89.01
N PRO XA 166 18.24 51.18 88.23
CA PRO XA 166 17.82 52.44 87.61
C PRO XA 166 16.67 52.21 86.63
N LEU XA 167 15.84 53.25 86.50
CA LEU XA 167 14.60 53.12 85.74
C LEU XA 167 14.81 52.75 84.27
N PRO XA 168 15.73 53.37 83.52
CA PRO XA 168 15.89 52.97 82.11
C PRO XA 168 16.20 51.50 81.92
N GLU XA 169 17.03 50.92 82.79
CA GLU XA 169 17.33 49.50 82.68
C GLU XA 169 16.10 48.66 82.98
N VAL XA 170 15.28 49.10 83.95
CA VAL XA 170 14.03 48.40 84.25
C VAL XA 170 13.12 48.39 83.02
N ILE XA 171 12.99 49.54 82.37
CA ILE XA 171 12.13 49.62 81.19
C ILE XA 171 12.68 48.77 80.06
N ALA XA 172 14.01 48.74 79.90
CA ALA XA 172 14.62 47.89 78.88
C ALA XA 172 14.33 46.42 79.16
N LEU XA 173 14.43 46.00 80.42
CA LEU XA 173 14.13 44.62 80.78
C LEU XA 173 12.68 44.27 80.50
N LEU XA 174 11.75 45.17 80.87
CA LEU XA 174 10.34 44.92 80.63
C LEU XA 174 10.04 44.85 79.14
N LEU XA 175 10.69 45.70 78.34
CA LEU XA 175 10.51 45.65 76.90
C LEU XA 175 11.08 44.36 76.31
N ARG XA 176 12.20 43.86 76.86
CA ARG XA 176 12.72 42.57 76.43
C ARG XA 176 11.74 41.44 76.73
N VAL XA 177 11.14 41.47 77.93
CA VAL XA 177 10.14 40.46 78.29
C VAL XA 177 8.95 40.53 77.34
N LEU XA 178 8.49 41.74 77.04
CA LEU XA 178 7.37 41.91 76.13
C LEU XA 178 7.71 41.44 74.72
N GLU XA 179 8.95 41.68 74.29
CA GLU XA 179 9.38 41.18 72.99
C GLU XA 179 9.37 39.66 72.96
N VAL XA 180 9.83 39.02 74.04
CA VAL XA 180 9.80 37.56 74.13
C VAL XA 180 8.37 37.07 74.02
N VAL XA 181 7.46 37.71 74.75
CA VAL XA 181 6.04 37.30 74.73
C VAL XA 181 5.46 37.48 73.33
N GLU XA 182 5.76 38.60 72.68
CA GLU XA 182 5.27 38.84 71.33
C GLU XA 182 5.80 37.80 70.35
N GLU XA 183 7.09 37.45 70.47
CA GLU XA 183 7.66 36.44 69.59
C GLU XA 183 6.97 35.10 69.80
N SER XA 184 6.73 34.72 71.06
CA SER XA 184 6.05 33.47 71.35
C SER XA 184 4.64 33.46 70.75
N LEU XA 185 3.90 34.56 70.93
CA LEU XA 185 2.54 34.64 70.40
C LEU XA 185 2.54 34.58 68.88
N LYS XA 186 3.46 35.28 68.23
CA LYS XA 186 3.54 35.26 66.78
C LYS XA 186 3.84 33.86 66.26
N ALA XA 187 4.80 33.18 66.90
CA ALA XA 187 5.17 31.84 66.45
C ALA XA 187 4.08 30.81 66.74
N MET XA 188 3.32 30.99 67.82
CA MET XA 188 2.31 30.00 68.17
C MET XA 188 1.15 29.96 67.18
N GLY XA 189 0.71 31.12 66.70
CA GLY XA 189 -0.37 31.13 65.71
C GLY XA 189 -1.38 32.24 65.88
N MET XA 190 -1.22 33.08 66.90
CA MET XA 190 -2.14 34.19 67.10
C MET XA 190 -2.11 35.16 65.93
N GLU XA 191 -3.28 35.68 65.57
CA GLU XA 191 -3.38 36.65 64.50
C GLU XA 191 -2.70 37.96 64.92
N PRO XA 192 -2.03 38.65 63.99
CA PRO XA 192 -1.23 39.83 64.38
C PRO XA 192 -2.01 40.92 65.10
N ARG XA 193 -3.29 41.11 64.78
CA ARG XA 193 -4.04 42.21 65.37
C ARG XA 193 -4.17 42.06 66.88
N GLU XA 194 -4.45 40.84 67.36
CA GLU XA 194 -4.56 40.61 68.80
C GLU XA 194 -3.21 40.82 69.50
N ILE XA 195 -2.11 40.38 68.88
CA ILE XA 195 -0.80 40.60 69.46
C ILE XA 195 -0.52 42.10 69.57
N ASN XA 196 -0.83 42.85 68.52
CA ASN XA 196 -0.65 44.30 68.57
C ASN XA 196 -1.51 44.91 69.68
N ARG XA 197 -2.74 44.43 69.82
CA ARG XA 197 -3.64 44.96 70.84
C ARG XA 197 -3.08 44.73 72.25
N VAL XA 198 -2.62 43.51 72.53
CA VAL XA 198 -2.14 43.20 73.88
C VAL XA 198 -0.83 43.93 74.16
N LEU XA 199 0.07 44.01 73.18
CA LEU XA 199 1.31 44.76 73.37
C LEU XA 199 1.02 46.24 73.62
N ALA XA 200 0.10 46.81 72.85
CA ALA XA 200 -0.26 48.21 73.05
C ALA XA 200 -0.87 48.43 74.43
N ALA XA 201 -1.71 47.50 74.88
CA ALA XA 201 -2.29 47.63 76.22
C ALA XA 201 -1.22 47.56 77.29
N ALA XA 202 -0.24 46.67 77.15
CA ALA XA 202 0.83 46.57 78.12
C ALA XA 202 1.67 47.85 78.16
N TYR XA 203 2.02 48.38 76.99
CA TYR XA 203 2.75 49.64 76.95
C TYR XA 203 1.93 50.76 77.57
N LEU XA 204 0.61 50.77 77.32
CA LEU XA 204 -0.23 51.82 77.85
C LEU XA 204 -0.31 51.77 79.37
N THR XA 205 -0.45 50.58 79.95
CA THR XA 205 -0.52 50.52 81.41
C THR XA 205 0.82 50.85 82.04
N LEU XA 206 1.93 50.43 81.40
CA LEU XA 206 3.25 50.82 81.91
C LEU XA 206 3.43 52.33 81.88
N ALA XA 207 3.05 52.96 80.77
CA ALA XA 207 3.17 54.41 80.67
C ALA XA 207 2.25 55.12 81.64
N ALA XA 208 1.04 54.60 81.85
CA ALA XA 208 0.12 55.20 82.81
C ALA XA 208 0.68 55.15 84.22
N GLU XA 209 1.26 54.01 84.61
CA GLU XA 209 1.88 53.93 85.93
C GLU XA 209 3.05 54.91 86.04
N LEU XA 210 3.88 54.99 84.98
CA LEU XA 210 5.03 55.89 85.02
C LEU XA 210 4.58 57.35 85.18
N LEU XA 211 3.53 57.74 84.45
CA LEU XA 211 3.02 59.10 84.57
C LEU XA 211 2.39 59.35 85.94
N GLU XA 212 1.63 58.38 86.45
CA GLU XA 212 0.98 58.56 87.75
C GLU XA 212 2.00 58.68 88.87
N ARG XA 213 3.15 57.99 88.75
CA ARG XA 213 4.18 58.10 89.79
C ARG XA 213 4.65 59.53 89.97
N LEU XA 214 4.65 60.32 88.89
CA LEU XA 214 5.12 61.70 88.94
C LEU XA 214 4.06 62.69 89.40
N GLY XA 215 2.82 62.24 89.61
CA GLY XA 215 1.76 63.11 90.08
C GLY XA 215 0.77 63.56 89.02
N LEU XA 216 1.03 63.27 87.75
CA LEU XA 216 0.11 63.64 86.67
C LEU XA 216 -1.02 62.61 86.59
N THR XA 217 -1.91 62.70 87.58
CA THR XA 217 -3.00 61.73 87.70
C THR XA 217 -3.99 61.80 86.54
N ALA XA 218 -4.34 63.00 86.09
CA ALA XA 218 -5.31 63.14 85.00
C ALA XA 218 -4.79 62.56 83.70
N LEU XA 219 -3.50 62.80 83.39
CA LEU XA 219 -2.92 62.23 82.18
C LEU XA 219 -2.92 60.71 82.25
N ALA XA 220 -2.58 60.14 83.40
CA ALA XA 220 -2.62 58.69 83.56
C ALA XA 220 -4.04 58.17 83.40
N ALA XA 221 -5.03 58.89 83.93
CA ALA XA 221 -6.42 58.48 83.77
C ALA XA 221 -6.83 58.49 82.30
N ARG XA 222 -6.38 59.50 81.55
CA ARG XA 222 -6.67 59.54 80.12
C ARG XA 222 -6.02 58.37 79.40
N ILE XA 223 -4.80 58.02 79.79
CA ILE XA 223 -4.12 56.88 79.17
C ILE XA 223 -4.88 55.58 79.47
N ARG XA 224 -5.35 55.41 80.70
CA ARG XA 224 -6.14 54.23 81.05
C ARG XA 224 -7.44 54.20 80.27
N ARG XA 225 -8.09 55.36 80.10
CA ARG XA 225 -9.30 55.41 79.29
C ARG XA 225 -9.02 54.99 77.85
N ALA XA 226 -7.90 55.46 77.29
CA ALA XA 226 -7.53 55.06 75.94
C ALA XA 226 -7.29 53.56 75.85
N ARG XA 227 -6.62 53.00 76.85
CA ARG XA 227 -6.38 51.55 76.86
C ARG XA 227 -7.69 50.78 76.92
N GLU XA 228 -8.62 51.22 77.78
CA GLU XA 228 -9.90 50.53 77.91
C GLU XA 228 -10.70 50.62 76.62
N LEU XA 229 -10.68 51.78 75.95
CA LEU XA 229 -11.36 51.89 74.67
C LEU XA 229 -10.69 51.02 73.61
N LEU XA 230 -9.36 50.88 73.68
CA LEU XA 230 -8.66 50.00 72.74
C LEU XA 230 -9.06 48.54 72.94
N LEU XA 231 -9.16 48.10 74.20
CA LEU XA 231 -9.49 46.72 74.48
C LEU XA 231 -10.93 46.37 74.16
N ALA XA 232 -11.79 47.36 73.96
CA ALA XA 232 -13.20 47.13 73.67
C ALA XA 232 -13.52 47.14 72.18
N GLY XA 233 -12.49 47.24 71.33
CA GLY XA 233 -12.69 47.28 69.90
C GLY XA 233 -12.78 48.66 69.30
N ARG XA 234 -12.89 49.70 70.12
CA ARG XA 234 -12.95 51.09 69.64
C ARG XA 234 -11.53 51.57 69.41
N VAL XA 235 -11.05 51.36 68.18
CA VAL XA 235 -9.63 51.58 67.89
C VAL XA 235 -9.35 53.06 67.62
N GLU XA 236 -10.14 53.68 66.73
CA GLU XA 236 -9.85 55.05 66.31
C GLU XA 236 -10.01 56.05 67.44
N GLU XA 237 -11.03 55.86 68.28
CA GLU XA 237 -11.23 56.76 69.42
C GLU XA 237 -10.05 56.69 70.39
N ALA XA 238 -9.58 55.47 70.68
CA ALA XA 238 -8.39 55.31 71.52
C ALA XA 238 -7.17 55.93 70.86
N LEU XA 239 -7.05 55.79 69.54
CA LEU XA 239 -5.94 56.39 68.82
C LEU XA 239 -5.93 57.89 68.99
N HIS XA 240 -7.08 58.54 68.82
CA HIS XA 240 -7.13 59.99 68.95
C HIS XA 240 -6.91 60.43 70.39
N LEU XA 241 -7.47 59.70 71.35
CA LEU XA 241 -7.21 60.04 72.75
C LEU XA 241 -5.73 59.95 73.08
N LEU XA 242 -5.07 58.90 72.57
CA LEU XA 242 -3.64 58.75 72.78
C LEU XA 242 -2.86 59.87 72.12
N GLN XA 243 -3.26 60.27 70.91
CA GLN XA 243 -2.57 61.36 70.23
C GLN XA 243 -2.69 62.66 71.01
N ASP XA 244 -3.89 62.97 71.52
CA ASP XA 244 -4.07 64.18 72.32
C ASP XA 244 -3.23 64.12 73.60
N ALA XA 245 -3.21 62.96 74.25
CA ALA XA 245 -2.39 62.81 75.45
C ALA XA 245 -0.91 63.02 75.12
N VAL XA 246 -0.46 62.50 73.97
CA VAL XA 246 0.93 62.64 73.58
C VAL XA 246 1.27 64.10 73.30
N GLU XA 247 0.37 64.82 72.62
CA GLU XA 247 0.62 66.24 72.37
C GLU XA 247 0.72 67.03 73.68
N LEU XA 248 -0.18 66.76 74.63
CA LEU XA 248 -0.13 67.48 75.90
C LEU XA 248 1.12 67.10 76.69
N LEU XA 249 1.54 65.84 76.62
CA LEU XA 249 2.77 65.41 77.26
C LEU XA 249 3.97 66.12 76.64
N HIS XA 250 3.97 66.29 75.33
CA HIS XA 250 5.04 67.04 74.67
C HIS XA 250 5.05 68.49 75.12
N GLU XA 251 3.87 69.10 75.28
CA GLU XA 251 3.80 70.46 75.80
C GLU XA 251 4.44 70.55 77.18
N ARG XA 252 4.10 69.60 78.07
CA ARG XA 252 4.68 69.61 79.40
C ARG XA 252 6.19 69.40 79.36
N ILE XA 253 6.65 68.47 78.52
CA ILE XA 253 8.07 68.16 78.45
C ILE XA 253 8.86 69.36 77.96
N ARG XA 254 8.39 70.01 76.89
CA ARG XA 254 9.10 71.17 76.37
C ARG XA 254 8.93 72.41 77.21
N GLU XA 255 7.91 72.45 78.09
CA GLU XA 255 7.84 73.54 79.06
C GLU XA 255 8.82 73.32 80.20
N LEU XA 256 9.02 72.06 80.61
CA LEU XA 256 9.96 71.79 81.69
C LEU XA 256 11.39 72.11 81.28
N GLY XA 257 11.77 71.78 80.06
CA GLY XA 257 13.12 72.02 79.58
C GLY XA 257 13.98 70.78 79.69
N PHE XA 258 15.22 70.96 80.14
CA PHE XA 258 16.16 69.86 80.31
C PHE XA 258 16.11 69.25 81.71
N GLU XA 259 15.28 69.79 82.61
CA GLU XA 259 15.13 69.25 83.94
C GLU XA 259 13.95 68.29 84.04
N ALA XA 260 13.51 67.75 82.91
CA ALA XA 260 12.38 66.82 82.92
C ALA XA 260 12.81 65.49 83.52
N PRO XA 261 12.11 64.98 84.53
CA PRO XA 261 12.46 63.68 85.10
C PRO XA 261 12.36 62.57 84.06
N GLU XA 262 13.13 61.51 84.27
CA GLU XA 262 13.19 60.40 83.32
C GLU XA 262 11.82 59.75 83.11
N GLU XA 263 10.91 59.90 84.07
CA GLU XA 263 9.58 59.32 83.93
C GLU XA 263 8.87 59.87 82.70
N LEU XA 264 8.94 61.18 82.48
CA LEU XA 264 8.27 61.79 81.34
C LEU XA 264 8.83 61.26 80.01
N LEU XA 265 10.16 61.19 79.91
CA LEU XA 265 10.77 60.72 78.66
C LEU XA 265 10.45 59.26 78.40
N LEU XA 266 10.53 58.41 79.43
CA LEU XA 266 10.23 57.00 79.24
C LEU XA 266 8.76 56.79 78.90
N ALA XA 267 7.88 57.53 79.55
CA ALA XA 267 6.45 57.45 79.22
C ALA XA 267 6.20 57.92 77.79
N ASP XA 268 6.89 58.96 77.35
CA ASP XA 268 6.73 59.43 75.98
C ASP XA 268 7.17 58.38 74.98
N LEU XA 269 8.31 57.72 75.24
CA LEU XA 269 8.77 56.66 74.34
C LEU XA 269 7.77 55.50 74.31
N LEU XA 270 7.27 55.09 75.48
CA LEU XA 270 6.30 54.01 75.53
C LEU XA 270 5.02 54.39 74.78
N LEU XA 271 4.58 55.64 74.92
CA LEU XA 271 3.37 56.09 74.24
C LEU XA 271 3.59 56.13 72.72
N GLN XA 272 4.79 56.49 72.27
CA GLN XA 272 5.07 56.44 70.83
C GLN XA 272 5.02 55.01 70.32
N ARG XA 273 5.61 54.07 71.05
CA ARG XA 273 5.54 52.67 70.62
C ARG XA 273 4.09 52.18 70.60
N ALA XA 274 3.31 52.56 71.61
CA ALA XA 274 1.89 52.19 71.63
C ALA XA 274 1.14 52.81 70.46
N LEU XA 275 1.48 54.05 70.11
CA LEU XA 275 0.84 54.71 68.97
C LEU XA 275 1.13 53.96 67.67
N GLU XA 276 2.39 53.59 67.46
CA GLU XA 276 2.73 52.82 66.26
C GLU XA 276 2.00 51.49 66.23
N LEU XA 277 1.95 50.79 67.37
CA LEU XA 277 1.28 49.50 67.40
C LEU XA 277 -0.22 49.64 67.13
N ILE XA 278 -0.86 50.66 67.72
CA ILE XA 278 -2.29 50.87 67.51
C ILE XA 278 -2.56 51.25 66.05
N SER XA 279 -1.71 52.08 65.46
CA SER XA 279 -1.87 52.45 64.06
C SER XA 279 -1.73 51.23 63.16
N SER XA 280 -0.82 50.33 63.50
CA SER XA 280 -0.62 49.13 62.69
C SER XA 280 -1.78 48.14 62.78
N ILE XA 281 -2.69 48.31 63.74
CA ILE XA 281 -3.84 47.42 63.87
C ILE XA 281 -4.77 47.58 62.68
N THR YA 24 -9.80 112.91 3.29
CA THR YA 24 -8.35 112.87 3.34
C THR YA 24 -7.82 111.66 2.59
N VAL YA 25 -8.69 110.66 2.42
CA VAL YA 25 -8.43 109.45 1.63
C VAL YA 25 -7.42 108.55 2.32
N GLU YA 26 -6.25 109.07 2.68
CA GLU YA 26 -5.26 108.26 3.36
C GLU YA 26 -5.77 107.80 4.73
N GLU YA 27 -6.30 108.74 5.52
CA GLU YA 27 -6.90 108.40 6.80
C GLU YA 27 -7.97 107.32 6.63
N GLU YA 28 -8.70 107.35 5.51
CA GLU YA 28 -9.66 106.30 5.23
C GLU YA 28 -8.97 104.94 5.10
N VAL YA 29 -7.78 104.90 4.48
CA VAL YA 29 -7.07 103.63 4.32
C VAL YA 29 -6.60 103.11 5.67
N ILE YA 30 -5.99 103.98 6.49
CA ILE YA 30 -5.51 103.54 7.80
C ILE YA 30 -6.68 103.08 8.68
N ARG YA 31 -7.77 103.86 8.69
CA ARG YA 31 -8.95 103.46 9.45
C ARG YA 31 -9.54 102.17 8.91
N PHE YA 32 -9.49 101.95 7.60
CA PHE YA 32 -9.99 100.70 7.03
C PHE YA 32 -9.18 99.51 7.56
N ALA YA 33 -7.85 99.64 7.58
CA ALA YA 33 -7.02 98.55 8.09
C ALA YA 33 -7.30 98.28 9.57
N GLU YA 34 -7.34 99.34 10.37
CA GLU YA 34 -7.57 99.17 11.81
C GLU YA 34 -8.95 98.59 12.09
N GLU YA 35 -9.98 99.11 11.40
CA GLU YA 35 -11.33 98.61 11.60
C GLU YA 35 -11.46 97.16 11.12
N LEU YA 36 -10.76 96.80 10.05
CA LEU YA 36 -10.78 95.40 9.61
C LEU YA 36 -10.19 94.49 10.67
N ALA YA 37 -9.06 94.88 11.25
CA ALA YA 37 -8.46 94.08 12.31
C ALA YA 37 -9.39 93.99 13.52
N GLU YA 38 -10.00 95.11 13.89
CA GLU YA 38 -10.93 95.12 15.02
C GLU YA 38 -12.15 94.24 14.73
N GLU YA 39 -12.60 94.20 13.48
CA GLU YA 39 -13.73 93.35 13.11
C GLU YA 39 -13.35 91.88 13.21
N ILE YA 40 -12.13 91.51 12.79
CA ILE YA 40 -11.67 90.15 13.01
C ILE YA 40 -11.69 89.82 14.49
N ARG YA 41 -11.19 90.73 15.33
CA ARG YA 41 -11.17 90.48 16.77
C ARG YA 41 -12.58 90.33 17.33
N ARG YA 42 -13.50 91.19 16.89
CA ARG YA 42 -14.87 91.13 17.39
C ARG YA 42 -15.56 89.84 16.97
N VAL YA 43 -15.40 89.43 15.72
CA VAL YA 43 -16.10 88.25 15.22
C VAL YA 43 -15.52 86.98 15.84
N THR YA 44 -14.20 86.90 15.96
CA THR YA 44 -13.57 85.67 16.43
C THR YA 44 -12.93 85.79 17.80
N GLY YA 45 -12.15 86.84 18.04
CA GLY YA 45 -11.46 86.97 19.32
C GLY YA 45 -9.98 86.73 19.23
N GLU YA 46 -9.47 85.75 19.98
CA GLU YA 46 -8.06 85.41 19.97
C GLU YA 46 -7.81 84.02 19.41
N ALA YA 47 -8.85 83.38 18.86
CA ALA YA 47 -8.68 82.10 18.19
C ALA YA 47 -7.99 82.23 16.83
N TYR YA 48 -8.18 83.37 16.16
CA TYR YA 48 -7.51 83.68 14.90
C TYR YA 48 -6.77 84.99 15.11
N ARG YA 49 -5.54 84.91 15.61
CA ARG YA 49 -4.73 86.09 15.88
C ARG YA 49 -3.66 86.34 14.82
N GLU YA 50 -3.21 85.28 14.14
CA GLU YA 50 -2.25 85.47 13.05
C GLU YA 50 -2.86 86.28 11.92
N TYR YA 51 -4.16 86.09 11.66
CA TYR YA 51 -4.83 86.87 10.63
C TYR YA 51 -4.87 88.35 11.01
N ALA YA 52 -5.16 88.65 12.28
CA ALA YA 52 -5.15 90.04 12.72
C ALA YA 52 -3.75 90.63 12.64
N GLU YA 53 -2.73 89.85 12.99
CA GLU YA 53 -1.35 90.31 12.86
C GLU YA 53 -1.03 90.64 11.41
N ALA YA 54 -1.42 89.76 10.49
CA ALA YA 54 -1.17 89.99 9.07
C ALA YA 54 -1.90 91.23 8.57
N VAL YA 55 -3.15 91.42 9.01
CA VAL YA 55 -3.91 92.58 8.58
C VAL YA 55 -3.27 93.87 9.10
N ARG YA 56 -2.80 93.87 10.34
CA ARG YA 56 -2.13 95.04 10.86
C ARG YA 56 -0.81 95.30 10.13
N HIS YA 57 -0.09 94.24 9.79
CA HIS YA 57 1.14 94.39 9.01
C HIS YA 57 0.84 95.01 7.64
N LEU YA 58 -0.22 94.54 6.98
CA LEU YA 58 -0.59 95.09 5.68
C LEU YA 58 -1.04 96.54 5.80
N GLY YA 59 -1.73 96.88 6.88
CA GLY YA 59 -2.07 98.28 7.11
C GLY YA 59 -0.83 99.15 7.31
N GLU YA 60 0.17 98.63 8.03
CA GLU YA 60 1.42 99.35 8.18
C GLU YA 60 2.12 99.53 6.84
N ALA YA 61 2.09 98.49 5.99
CA ALA YA 61 2.68 98.61 4.66
C ALA YA 61 1.95 99.67 3.84
N ALA YA 62 0.62 99.68 3.89
CA ALA YA 62 -0.15 100.66 3.15
C ALA YA 62 0.14 102.08 3.64
N LYS YA 63 0.33 102.24 4.95
CA LYS YA 63 0.74 103.53 5.49
C LYS YA 63 2.13 103.91 4.97
N ALA YA 64 3.04 102.95 4.92
CA ALA YA 64 4.40 103.23 4.47
C ALA YA 64 4.43 103.66 3.01
N VAL YA 65 3.59 103.04 2.17
CA VAL YA 65 3.54 103.38 0.76
C VAL YA 65 3.20 104.85 0.56
N LEU YA 66 2.28 105.37 1.38
CA LEU YA 66 1.69 106.68 1.13
C LEU YA 66 2.64 107.84 1.39
N GLU YA 67 3.78 107.61 2.04
CA GLU YA 67 4.75 108.69 2.25
C GLU YA 67 5.87 108.72 1.23
N GLY YA 68 6.18 107.58 0.61
CA GLY YA 68 7.23 107.54 -0.39
C GLY YA 68 8.16 106.35 -0.26
N ASN YA 69 8.28 105.82 0.95
CA ASN YA 69 9.14 104.67 1.19
C ASN YA 69 8.56 103.44 0.50
N SER YA 70 9.28 102.92 -0.50
CA SER YA 70 8.79 101.80 -1.29
C SER YA 70 9.53 100.49 -1.02
N VAL YA 71 10.60 100.51 -0.24
CA VAL YA 71 11.31 99.28 0.10
C VAL YA 71 10.79 98.68 1.39
N GLU YA 72 10.45 99.53 2.37
CA GLU YA 72 9.83 99.04 3.59
C GLU YA 72 8.51 98.34 3.30
N ALA YA 73 7.77 98.82 2.30
CA ALA YA 73 6.54 98.15 1.89
C ALA YA 73 6.84 96.75 1.38
N ASP YA 74 7.88 96.60 0.56
CA ASP YA 74 8.26 95.29 0.06
C ASP YA 74 8.66 94.36 1.21
N LEU YA 75 9.42 94.88 2.17
CA LEU YA 75 9.83 94.06 3.30
C LEU YA 75 8.63 93.62 4.13
N ILE YA 76 7.67 94.52 4.35
CA ILE YA 76 6.49 94.17 5.13
C ILE YA 76 5.63 93.15 4.38
N VAL YA 77 5.53 93.30 3.05
CA VAL YA 77 4.76 92.34 2.27
C VAL YA 77 5.41 90.96 2.32
N THR YA 78 6.74 90.91 2.30
CA THR YA 78 7.42 89.63 2.46
C THR YA 78 7.18 89.03 3.83
N ASP YA 79 7.15 89.89 4.87
CA ASP YA 79 6.83 89.41 6.21
C ASP YA 79 5.43 88.81 6.26
N VAL YA 80 4.46 89.49 5.63
CA VAL YA 80 3.09 88.97 5.57
C VAL YA 80 3.05 87.65 4.80
N LEU YA 81 3.86 87.56 3.73
CA LEU YA 81 3.94 86.31 2.99
C LEU YA 81 4.46 85.17 3.85
N ARG YA 82 5.47 85.45 4.67
CA ARG YA 82 5.97 84.43 5.60
C ARG YA 82 4.90 84.03 6.60
N LEU YA 83 4.17 85.01 7.13
CA LEU YA 83 3.11 84.71 8.09
C LEU YA 83 2.03 83.82 7.48
N LEU YA 84 1.61 84.14 6.25
CA LEU YA 84 0.58 83.35 5.58
C LEU YA 84 1.10 81.98 5.18
N GLU YA 85 2.39 81.87 4.84
CA GLU YA 85 2.96 80.56 4.56
C GLU YA 85 2.98 79.70 5.81
N ARG YA 86 3.25 80.30 6.97
CA ARG YA 86 3.16 79.56 8.22
C ARG YA 86 1.71 79.19 8.54
N ILE YA 87 0.76 80.05 8.18
CA ILE YA 87 -0.65 79.77 8.45
C ILE YA 87 -1.10 78.53 7.69
N GLY YA 88 -0.84 78.49 6.38
CA GLY YA 88 -1.16 77.32 5.59
C GLY YA 88 -2.42 77.43 4.77
N GLU YA 89 -2.63 78.57 4.10
CA GLU YA 89 -3.76 78.78 3.22
C GLU YA 89 -3.23 78.99 1.81
N GLU YA 90 -3.37 77.97 0.96
CA GLU YA 90 -2.68 77.96 -0.32
C GLU YA 90 -3.11 79.11 -1.21
N GLY YA 91 -4.42 79.36 -1.32
CA GLY YA 91 -4.89 80.46 -2.14
C GLY YA 91 -4.43 81.81 -1.61
N LEU YA 92 -4.43 81.97 -0.28
CA LEU YA 92 -3.97 83.21 0.31
C LEU YA 92 -2.48 83.42 0.04
N VAL YA 93 -1.68 82.35 0.10
CA VAL YA 93 -0.26 82.48 -0.20
C VAL YA 93 -0.04 82.83 -1.67
N LYS YA 94 -0.82 82.22 -2.57
CA LYS YA 94 -0.71 82.56 -3.99
C LYS YA 94 -1.03 84.03 -4.24
N LEU YA 95 -2.12 84.51 -3.63
CA LEU YA 95 -2.47 85.92 -3.77
C LEU YA 95 -1.38 86.81 -3.17
N ALA YA 96 -0.78 86.38 -2.07
CA ALA YA 96 0.29 87.15 -1.45
C ALA YA 96 1.50 87.26 -2.38
N ARG YA 97 1.87 86.15 -3.03
CA ARG YA 97 2.99 86.19 -3.97
C ARG YA 97 2.70 87.12 -5.14
N GLU YA 98 1.48 87.01 -5.70
CA GLU YA 98 1.12 87.87 -6.83
C GLU YA 98 1.13 89.34 -6.41
N VAL YA 99 0.60 89.64 -5.23
CA VAL YA 99 0.62 91.01 -4.72
C VAL YA 99 2.05 91.50 -4.53
N HIS YA 100 2.91 90.64 -3.99
CA HIS YA 100 4.32 90.99 -3.82
C HIS YA 100 4.94 91.41 -5.14
N GLU YA 101 4.82 90.55 -6.16
CA GLU YA 101 5.44 90.83 -7.44
C GLU YA 101 4.88 92.10 -8.08
N ARG YA 102 3.55 92.18 -8.18
CA ARG YA 102 2.93 93.31 -8.86
C ARG YA 102 3.20 94.61 -8.11
N SER YA 103 3.12 94.59 -6.77
CA SER YA 103 3.37 95.79 -5.99
C SER YA 103 4.81 96.24 -6.12
N PHE YA 104 5.77 95.30 -6.13
CA PHE YA 104 7.16 95.68 -6.33
C PHE YA 104 7.34 96.36 -7.68
N GLU YA 105 6.80 95.76 -8.74
CA GLU YA 105 6.98 96.33 -10.07
C GLU YA 105 6.32 97.70 -10.18
N LEU YA 106 5.08 97.83 -9.69
CA LEU YA 106 4.37 99.10 -9.80
C LEU YA 106 5.03 100.19 -8.96
N LEU YA 107 5.50 99.85 -7.76
CA LEU YA 107 6.17 100.84 -6.92
C LEU YA 107 7.50 101.26 -7.52
N ARG YA 108 8.21 100.34 -8.18
CA ARG YA 108 9.41 100.74 -8.91
C ARG YA 108 9.05 101.69 -10.04
N LYS YA 109 7.98 101.39 -10.80
CA LYS YA 109 7.57 102.29 -11.88
C LYS YA 109 6.98 103.58 -11.33
N GLY YA 110 6.12 103.48 -10.31
CA GLY YA 110 5.56 104.68 -9.70
C GLY YA 110 4.06 104.66 -9.55
N ASN YA 111 3.43 103.51 -9.76
CA ASN YA 111 1.98 103.39 -9.65
C ASN YA 111 1.62 103.13 -8.19
N ARG YA 112 1.52 104.22 -7.43
CA ARG YA 112 1.21 104.12 -6.01
C ARG YA 112 -0.20 103.57 -5.79
N VAL YA 113 -1.17 104.04 -6.58
CA VAL YA 113 -2.57 103.73 -6.33
C VAL YA 113 -2.85 102.25 -6.51
N GLU YA 114 -2.29 101.64 -7.55
CA GLU YA 114 -2.55 100.22 -7.78
C GLU YA 114 -1.87 99.34 -6.74
N ALA YA 115 -0.68 99.74 -6.26
CA ALA YA 115 -0.05 99.01 -5.17
C ALA YA 115 -0.88 99.10 -3.89
N LEU YA 116 -1.42 100.29 -3.60
CA LEU YA 116 -2.31 100.43 -2.45
C LEU YA 116 -3.54 99.55 -2.61
N ALA YA 117 -4.11 99.51 -3.81
CA ALA YA 117 -5.28 98.68 -4.06
C ALA YA 117 -4.97 97.20 -3.85
N LEU YA 118 -3.80 96.76 -4.33
CA LEU YA 118 -3.41 95.36 -4.15
C LEU YA 118 -3.22 95.03 -2.67
N ILE YA 119 -2.59 95.93 -1.91
CA ILE YA 119 -2.39 95.69 -0.48
C ILE YA 119 -3.73 95.59 0.24
N LEU YA 120 -4.65 96.50 -0.08
CA LEU YA 120 -5.97 96.47 0.55
C LEU YA 120 -6.74 95.23 0.17
N ALA YA 121 -6.63 94.79 -1.09
CA ALA YA 121 -7.30 93.57 -1.52
C ALA YA 121 -6.76 92.36 -0.76
N LEU YA 122 -5.43 92.30 -0.58
CA LEU YA 122 -4.86 91.20 0.19
C LEU YA 122 -5.35 91.22 1.63
N ALA YA 123 -5.39 92.40 2.25
CA ALA YA 123 -5.88 92.49 3.62
C ALA YA 123 -7.32 92.02 3.74
N LEU YA 124 -8.17 92.46 2.80
CA LEU YA 124 -9.57 92.03 2.82
C LEU YA 124 -9.68 90.54 2.59
N ALA YA 125 -8.86 89.98 1.71
CA ALA YA 125 -8.89 88.54 1.47
C ALA YA 125 -8.55 87.76 2.74
N VAL YA 126 -7.51 88.20 3.46
CA VAL YA 126 -7.15 87.53 4.72
C VAL YA 126 -8.30 87.63 5.72
N ALA YA 127 -8.88 88.83 5.85
CA ALA YA 127 -9.96 89.02 6.81
C ALA YA 127 -11.16 88.16 6.48
N LEU YA 128 -11.56 88.12 5.21
CA LEU YA 128 -12.73 87.33 4.82
C LEU YA 128 -12.45 85.84 4.96
N THR YA 129 -11.21 85.41 4.68
CA THR YA 129 -10.87 84.01 4.89
C THR YA 129 -11.02 83.63 6.36
N ALA YA 130 -10.48 84.46 7.26
CA ALA YA 130 -10.60 84.17 8.69
C ALA YA 130 -12.06 84.14 9.13
N VAL YA 131 -12.84 85.13 8.69
CA VAL YA 131 -14.24 85.22 9.11
C VAL YA 131 -15.04 84.03 8.59
N SER YA 132 -14.83 83.66 7.32
CA SER YA 132 -15.56 82.53 6.75
C SER YA 132 -15.18 81.23 7.44
N LYS YA 133 -13.89 81.06 7.76
CA LYS YA 133 -13.48 79.86 8.48
C LYS YA 133 -14.13 79.79 9.84
N ALA YA 134 -14.17 80.91 10.57
CA ALA YA 134 -14.82 80.91 11.88
C ALA YA 134 -16.31 80.61 11.76
N PHE YA 135 -16.99 81.21 10.79
CA PHE YA 135 -18.42 80.99 10.62
C PHE YA 135 -18.73 79.55 10.26
N PHE YA 136 -17.92 78.95 9.38
CA PHE YA 136 -18.14 77.56 9.02
C PHE YA 136 -17.86 76.62 10.19
N LEU YA 137 -16.81 76.91 10.97
CA LEU YA 137 -16.52 76.07 12.13
C LEU YA 137 -17.64 76.15 13.17
N LEU YA 138 -18.18 77.34 13.41
CA LEU YA 138 -19.29 77.47 14.34
C LEU YA 138 -20.51 76.69 13.87
N GLY YA 139 -20.81 76.77 12.58
CA GLY YA 139 -21.96 76.07 12.03
C GLY YA 139 -23.04 77.00 11.55
N GLN YA 140 -22.66 78.24 11.25
CA GLN YA 140 -23.64 79.25 10.84
C GLN YA 140 -24.18 78.92 9.45
N PRO YA 141 -25.39 79.36 9.15
CA PRO YA 141 -25.91 79.19 7.78
C PRO YA 141 -25.26 80.17 6.81
N ALA YA 142 -25.47 79.91 5.53
CA ALA YA 142 -24.80 80.67 4.48
C ALA YA 142 -25.29 82.12 4.38
N ARG YA 143 -26.44 82.43 4.98
CA ARG YA 143 -27.01 83.76 4.82
C ARG YA 143 -26.11 84.84 5.42
N LEU YA 144 -25.71 84.66 6.68
CA LEU YA 144 -24.88 85.67 7.35
C LEU YA 144 -23.52 85.81 6.68
N ILE YA 145 -22.94 84.67 6.26
CA ILE YA 145 -21.68 84.72 5.53
C ILE YA 145 -21.83 85.55 4.27
N ALA YA 146 -22.93 85.33 3.53
CA ALA YA 146 -23.15 86.06 2.30
C ALA YA 146 -23.29 87.56 2.56
N GLU YA 147 -24.09 87.94 3.56
CA GLU YA 147 -24.26 89.37 3.84
C GLU YA 147 -22.95 90.01 4.29
N TYR YA 148 -22.19 89.33 5.15
CA TYR YA 148 -20.93 89.91 5.61
C TYR YA 148 -19.93 90.07 4.47
N VAL YA 149 -19.82 89.05 3.61
CA VAL YA 149 -18.91 89.14 2.49
C VAL YA 149 -19.32 90.28 1.56
N GLY YA 150 -20.62 90.38 1.27
CA GLY YA 150 -21.09 91.47 0.44
C GLY YA 150 -20.81 92.84 1.03
N GLU YA 151 -21.04 92.99 2.34
CA GLU YA 151 -20.80 94.28 2.98
C GLU YA 151 -19.32 94.65 2.93
N LYS YA 152 -18.43 93.69 3.22
CA LYS YA 152 -17.01 93.98 3.18
C LYS YA 152 -16.55 94.32 1.78
N LEU YA 153 -17.05 93.59 0.78
CA LEU YA 153 -16.69 93.91 -0.61
C LEU YA 153 -17.19 95.29 -0.99
N LEU YA 154 -18.39 95.67 -0.52
CA LEU YA 154 -18.89 97.01 -0.79
C LEU YA 154 -18.00 98.08 -0.16
N GLU YA 155 -17.57 97.86 1.08
CA GLU YA 155 -16.67 98.81 1.72
C GLU YA 155 -15.37 98.95 0.95
N LEU YA 156 -14.78 97.83 0.53
CA LEU YA 156 -13.55 97.88 -0.23
C LEU YA 156 -13.76 98.60 -1.56
N ARG YA 157 -14.89 98.35 -2.23
CA ARG YA 157 -15.17 99.00 -3.49
C ARG YA 157 -15.29 100.50 -3.32
N ARG YA 158 -16.00 100.95 -2.28
CA ARG YA 158 -16.10 102.38 -2.02
C ARG YA 158 -14.73 103.00 -1.74
N LEU YA 159 -13.91 102.31 -0.93
CA LEU YA 159 -12.57 102.84 -0.64
C LEU YA 159 -11.73 102.96 -1.90
N LEU YA 160 -11.75 101.92 -2.74
CA LEU YA 160 -10.94 101.94 -3.97
C LEU YA 160 -11.44 103.02 -4.93
N GLU YA 161 -12.76 103.16 -5.05
CA GLU YA 161 -13.30 104.22 -5.90
C GLU YA 161 -12.92 105.60 -5.39
N LYS YA 162 -12.88 105.78 -4.07
CA LYS YA 162 -12.42 107.05 -3.52
C LYS YA 162 -10.94 107.26 -3.80
N LEU YA 163 -10.15 106.18 -3.80
CA LEU YA 163 -8.72 106.30 -4.08
C LEU YA 163 -8.47 106.75 -5.51
N GLY YA 164 -9.09 106.09 -6.49
CA GLY YA 164 -8.92 106.46 -7.87
C GLY YA 164 -8.68 105.31 -8.82
N VAL YA 165 -8.75 104.08 -8.30
CA VAL YA 165 -8.50 102.91 -9.15
C VAL YA 165 -9.60 102.80 -10.20
N PRO YA 166 -9.28 102.53 -11.46
CA PRO YA 166 -10.33 102.35 -12.47
C PRO YA 166 -11.23 101.17 -12.14
N LEU YA 167 -12.49 101.31 -12.54
CA LEU YA 167 -13.51 100.34 -12.13
C LEU YA 167 -13.23 98.91 -12.58
N PRO YA 168 -12.80 98.64 -13.83
CA PRO YA 168 -12.51 97.24 -14.19
C PRO YA 168 -11.47 96.59 -13.31
N GLU YA 169 -10.42 97.34 -12.92
CA GLU YA 169 -9.42 96.78 -12.03
C GLU YA 169 -9.99 96.51 -10.64
N VAL YA 170 -10.87 97.38 -10.17
CA VAL YA 170 -11.53 97.15 -8.89
C VAL YA 170 -12.33 95.86 -8.93
N ILE YA 171 -13.09 95.67 -10.01
CA ILE YA 171 -13.91 94.46 -10.12
C ILE YA 171 -13.02 93.22 -10.24
N ALA YA 172 -11.90 93.33 -10.96
CA ALA YA 172 -10.98 92.20 -11.05
C ALA YA 172 -10.41 91.85 -9.68
N LEU YA 173 -10.04 92.86 -8.89
CA LEU YA 173 -9.53 92.60 -7.54
C LEU YA 173 -10.59 91.95 -6.67
N LEU YA 174 -11.84 92.43 -6.74
CA LEU YA 174 -12.90 91.83 -5.95
C LEU YA 174 -13.15 90.39 -6.35
N LEU YA 175 -13.11 90.10 -7.65
CA LEU YA 175 -13.25 88.71 -8.10
C LEU YA 175 -12.08 87.85 -7.64
N ARG YA 176 -10.87 88.41 -7.60
CA ARG YA 176 -9.73 87.68 -7.06
C ARG YA 176 -9.94 87.33 -5.59
N VAL YA 177 -10.41 88.30 -4.81
CA VAL YA 177 -10.70 88.06 -3.40
C VAL YA 177 -11.76 86.97 -3.25
N LEU YA 178 -12.82 87.05 -4.06
CA LEU YA 178 -13.88 86.05 -4.01
C LEU YA 178 -13.35 84.67 -4.41
N GLU YA 179 -12.44 84.61 -5.38
CA GLU YA 179 -11.84 83.34 -5.77
C GLU YA 179 -11.04 82.76 -4.61
N VAL YA 180 -10.28 83.61 -3.90
CA VAL YA 180 -9.52 83.14 -2.74
C VAL YA 180 -10.46 82.58 -1.68
N VAL YA 181 -11.56 83.31 -1.40
CA VAL YA 181 -12.51 82.86 -0.38
C VAL YA 181 -13.16 81.55 -0.79
N GLU YA 182 -13.53 81.42 -2.07
CA GLU YA 182 -14.14 80.19 -2.56
C GLU YA 182 -13.17 79.02 -2.44
N GLU YA 183 -11.90 79.24 -2.78
CA GLU YA 183 -10.91 78.18 -2.67
C GLU YA 183 -10.74 77.74 -1.23
N SER YA 184 -10.68 78.71 -0.30
CA SER YA 184 -10.55 78.38 1.11
C SER YA 184 -11.76 77.56 1.59
N LEU YA 185 -12.97 78.00 1.23
CA LEU YA 185 -14.17 77.29 1.66
C LEU YA 185 -14.22 75.88 1.08
N LYS YA 186 -13.85 75.72 -0.19
CA LYS YA 186 -13.85 74.41 -0.82
C LYS YA 186 -12.84 73.49 -0.17
N ALA YA 187 -11.65 74.01 0.13
CA ALA YA 187 -10.61 73.19 0.76
C ALA YA 187 -10.96 72.81 2.19
N MET YA 188 -11.67 73.69 2.91
CA MET YA 188 -11.99 73.39 4.30
C MET YA 188 -12.93 72.19 4.42
N GLY YA 189 -13.93 72.08 3.54
CA GLY YA 189 -14.84 70.95 3.61
C GLY YA 189 -16.29 71.30 3.36
N MET YA 190 -16.58 72.57 3.08
CA MET YA 190 -17.95 73.00 2.82
C MET YA 190 -18.52 72.29 1.60
N GLU YA 191 -19.80 71.98 1.65
CA GLU YA 191 -20.47 71.37 0.51
C GLU YA 191 -20.59 72.38 -0.63
N PRO YA 192 -20.40 71.93 -1.88
CA PRO YA 192 -20.36 72.88 -3.00
C PRO YA 192 -21.57 73.78 -3.14
N ARG YA 193 -22.77 73.29 -2.77
CA ARG YA 193 -23.97 74.08 -2.98
C ARG YA 193 -23.96 75.38 -2.17
N GLU YA 194 -23.52 75.30 -0.90
CA GLU YA 194 -23.46 76.51 -0.08
C GLU YA 194 -22.41 77.49 -0.60
N ILE YA 195 -21.28 76.97 -1.08
CA ILE YA 195 -20.25 77.84 -1.66
C ILE YA 195 -20.80 78.56 -2.88
N ASN YA 196 -21.50 77.83 -3.75
CA ASN YA 196 -22.12 78.45 -4.91
C ASN YA 196 -23.14 79.49 -4.49
N ARG YA 197 -23.92 79.19 -3.45
CA ARG YA 197 -24.93 80.14 -2.97
C ARG YA 197 -24.31 81.44 -2.48
N VAL YA 198 -23.24 81.34 -1.68
CA VAL YA 198 -22.64 82.55 -1.12
C VAL YA 198 -21.93 83.34 -2.22
N LEU YA 199 -21.25 82.65 -3.14
CA LEU YA 199 -20.61 83.37 -4.25
C LEU YA 199 -21.64 84.07 -5.12
N ALA YA 200 -22.76 83.40 -5.40
CA ALA YA 200 -23.82 84.02 -6.19
C ALA YA 200 -24.40 85.23 -5.47
N ALA YA 201 -24.58 85.14 -4.15
CA ALA YA 201 -25.10 86.27 -3.39
C ALA YA 201 -24.13 87.45 -3.45
N ALA YA 202 -22.82 87.18 -3.32
CA ALA YA 202 -21.83 88.25 -3.39
C ALA YA 202 -21.84 88.91 -4.77
N TYR YA 203 -21.89 88.09 -5.83
CA TYR YA 203 -21.96 88.65 -7.17
C TYR YA 203 -23.23 89.48 -7.36
N LEU YA 204 -24.35 89.00 -6.80
CA LEU YA 204 -25.61 89.72 -6.95
C LEU YA 204 -25.59 91.06 -6.24
N THR YA 205 -25.03 91.12 -5.02
CA THR YA 205 -24.99 92.42 -4.34
C THR YA 205 -24.02 93.37 -5.02
N LEU YA 206 -22.90 92.85 -5.54
CA LEU YA 206 -21.98 93.70 -6.29
C LEU YA 206 -22.66 94.27 -7.53
N ALA YA 207 -23.36 93.42 -8.28
CA ALA YA 207 -24.05 93.87 -9.48
C ALA YA 207 -25.17 94.85 -9.15
N ALA YA 208 -25.89 94.61 -8.05
CA ALA YA 208 -26.95 95.52 -7.64
C ALA YA 208 -26.40 96.89 -7.30
N GLU YA 209 -25.28 96.94 -6.58
CA GLU YA 209 -24.65 98.23 -6.30
C GLU YA 209 -24.21 98.91 -7.58
N LEU YA 210 -23.61 98.15 -8.51
CA LEU YA 210 -23.15 98.74 -9.75
C LEU YA 210 -24.30 99.33 -10.55
N LEU YA 211 -25.43 98.61 -10.63
CA LEU YA 211 -26.59 99.12 -11.35
C LEU YA 211 -27.20 100.33 -10.64
N GLU YA 212 -27.29 100.28 -9.31
CA GLU YA 212 -27.88 101.39 -8.57
C GLU YA 212 -27.06 102.66 -8.72
N ARG YA 213 -25.73 102.53 -8.80
CA ARG YA 213 -24.89 103.72 -8.98
C ARG YA 213 -25.26 104.48 -10.26
N LEU YA 214 -25.71 103.76 -11.29
CA LEU YA 214 -26.06 104.38 -12.57
C LEU YA 214 -27.47 104.95 -12.59
N GLY YA 215 -28.27 104.73 -11.56
CA GLY YA 215 -29.61 105.26 -11.48
C GLY YA 215 -30.72 104.25 -11.74
N LEU YA 216 -30.39 103.03 -12.16
CA LEU YA 216 -31.40 101.99 -12.41
C LEU YA 216 -31.79 101.35 -11.07
N THR YA 217 -32.54 102.12 -10.28
CA THR YA 217 -32.93 101.68 -8.95
C THR YA 217 -33.86 100.46 -8.99
N ALA YA 218 -34.81 100.42 -9.91
CA ALA YA 218 -35.75 99.30 -9.97
C ALA YA 218 -35.05 98.00 -10.35
N LEU YA 219 -34.11 98.07 -11.31
CA LEU YA 219 -33.35 96.89 -11.68
C LEU YA 219 -32.52 96.39 -10.50
N ALA YA 220 -31.89 97.30 -9.75
CA ALA YA 220 -31.13 96.91 -8.58
C ALA YA 220 -32.04 96.28 -7.52
N ALA YA 221 -33.24 96.83 -7.34
CA ALA YA 221 -34.19 96.25 -6.40
C ALA YA 221 -34.59 94.84 -6.82
N ARG YA 222 -34.79 94.62 -8.12
CA ARG YA 222 -35.10 93.28 -8.60
C ARG YA 222 -33.94 92.33 -8.35
N ILE YA 223 -32.70 92.80 -8.54
CA ILE YA 223 -31.54 91.96 -8.27
C ILE YA 223 -31.46 91.59 -6.78
N ARG YA 224 -31.73 92.56 -5.91
CA ARG YA 224 -31.72 92.28 -4.48
C ARG YA 224 -32.83 91.29 -4.10
N ARG YA 225 -34.01 91.44 -4.72
CA ARG YA 225 -35.07 90.47 -4.48
C ARG YA 225 -34.65 89.07 -4.90
N ALA YA 226 -33.98 88.96 -6.07
CA ALA YA 226 -33.49 87.68 -6.52
C ALA YA 226 -32.48 87.09 -5.53
N ARG YA 227 -31.57 87.93 -5.02
CA ARG YA 227 -30.61 87.46 -4.04
C ARG YA 227 -31.29 86.96 -2.77
N GLU YA 228 -32.28 87.72 -2.29
CA GLU YA 228 -32.98 87.33 -1.06
C GLU YA 228 -33.74 86.02 -1.26
N LEU YA 229 -34.39 85.84 -2.41
CA LEU YA 229 -35.06 84.58 -2.68
C LEU YA 229 -34.07 83.44 -2.83
N LEU YA 230 -32.86 83.73 -3.34
CA LEU YA 230 -31.83 82.70 -3.43
C LEU YA 230 -31.36 82.26 -2.05
N LEU YA 231 -31.16 83.21 -1.14
CA LEU YA 231 -30.66 82.88 0.19
C LEU YA 231 -31.69 82.15 1.04
N ALA YA 232 -32.96 82.17 0.66
CA ALA YA 232 -34.02 81.53 1.43
C ALA YA 232 -34.33 80.12 0.95
N GLY YA 233 -33.58 79.60 -0.02
CA GLY YA 233 -33.80 78.29 -0.55
C GLY YA 233 -34.65 78.24 -1.80
N ARG YA 234 -35.31 79.34 -2.17
CA ARG YA 234 -36.13 79.40 -3.38
C ARG YA 234 -35.20 79.65 -4.56
N VAL YA 235 -34.68 78.57 -5.12
CA VAL YA 235 -33.64 78.67 -6.14
C VAL YA 235 -34.23 79.02 -7.50
N GLU YA 236 -35.26 78.29 -7.94
CA GLU YA 236 -35.77 78.46 -9.29
C GLU YA 236 -36.43 79.83 -9.50
N GLU YA 237 -37.15 80.31 -8.48
CA GLU YA 237 -37.78 81.63 -8.60
C GLU YA 237 -36.72 82.72 -8.74
N ALA YA 238 -35.66 82.64 -7.93
CA ALA YA 238 -34.56 83.60 -8.06
C ALA YA 238 -33.89 83.47 -9.42
N LEU YA 239 -33.74 82.24 -9.91
CA LEU YA 239 -33.15 82.03 -11.23
C LEU YA 239 -33.96 82.73 -12.31
N HIS YA 240 -35.28 82.56 -12.30
CA HIS YA 240 -36.11 83.19 -13.32
C HIS YA 240 -36.12 84.72 -13.17
N LEU YA 241 -36.17 85.22 -11.94
CA LEU YA 241 -36.09 86.66 -11.75
C LEU YA 241 -34.79 87.21 -12.29
N LEU YA 242 -33.68 86.51 -12.06
CA LEU YA 242 -32.39 86.95 -12.55
C LEU YA 242 -32.34 86.90 -14.07
N GLN YA 243 -32.94 85.86 -14.67
CA GLN YA 243 -32.97 85.78 -16.13
C GLN YA 243 -33.75 86.93 -16.74
N ASP YA 244 -34.91 87.26 -16.15
CA ASP YA 244 -35.68 88.39 -16.64
C ASP YA 244 -34.91 89.70 -16.50
N ALA YA 245 -34.23 89.89 -15.36
CA ALA YA 245 -33.40 91.07 -15.17
C ALA YA 245 -32.29 91.14 -16.20
N VAL YA 246 -31.68 89.98 -16.51
CA VAL YA 246 -30.60 89.94 -17.49
C VAL YA 246 -31.12 90.32 -18.87
N GLU YA 247 -32.30 89.80 -19.25
CA GLU YA 247 -32.86 90.15 -20.55
C GLU YA 247 -33.15 91.65 -20.64
N LEU YA 248 -33.72 92.23 -19.57
CA LEU YA 248 -34.04 93.65 -19.62
C LEU YA 248 -32.76 94.49 -19.64
N LEU YA 249 -31.72 94.05 -18.92
CA LEU YA 249 -30.42 94.72 -18.98
C LEU YA 249 -29.84 94.66 -20.38
N HIS YA 250 -29.99 93.51 -21.05
CA HIS YA 250 -29.52 93.39 -22.43
C HIS YA 250 -30.28 94.35 -23.34
N GLU YA 251 -31.60 94.46 -23.14
CA GLU YA 251 -32.38 95.42 -23.91
C GLU YA 251 -31.85 96.84 -23.73
N ARG YA 252 -31.61 97.24 -22.48
CA ARG YA 252 -31.08 98.57 -22.22
C ARG YA 252 -29.70 98.76 -22.84
N ILE YA 253 -28.83 97.77 -22.71
CA ILE YA 253 -27.47 97.88 -23.22
C ILE YA 253 -27.47 98.03 -24.74
N ARG YA 254 -28.24 97.19 -25.43
CA ARG YA 254 -28.29 97.27 -26.89
C ARG YA 254 -29.10 98.46 -27.38
N GLU YA 255 -29.94 99.06 -26.55
CA GLU YA 255 -30.57 100.31 -26.92
C GLU YA 255 -29.60 101.48 -26.80
N LEU YA 256 -28.73 101.44 -25.78
CA LEU YA 256 -27.74 102.51 -25.62
C LEU YA 256 -26.74 102.52 -26.77
N GLY YA 257 -26.30 101.35 -27.20
CA GLY YA 257 -25.33 101.25 -28.29
C GLY YA 257 -23.92 101.04 -27.75
N PHE YA 258 -22.96 101.76 -28.34
CA PHE YA 258 -21.56 101.67 -27.93
C PHE YA 258 -21.18 102.74 -26.92
N GLU YA 259 -22.12 103.59 -26.50
CA GLU YA 259 -21.89 104.57 -25.46
C GLU YA 259 -22.35 104.08 -24.09
N ALA YA 260 -22.47 102.77 -23.92
CA ALA YA 260 -22.92 102.23 -22.65
C ALA YA 260 -21.82 102.39 -21.59
N PRO YA 261 -22.14 102.98 -20.44
CA PRO YA 261 -21.14 103.09 -19.38
C PRO YA 261 -20.64 101.72 -18.92
N GLU YA 262 -19.40 101.70 -18.44
CA GLU YA 262 -18.77 100.44 -18.02
C GLU YA 262 -19.56 99.75 -16.92
N GLU YA 263 -20.37 100.49 -16.16
CA GLU YA 263 -21.16 99.88 -15.10
C GLU YA 263 -22.10 98.82 -15.67
N LEU YA 264 -22.76 99.12 -16.79
CA LEU YA 264 -23.69 98.16 -17.38
C LEU YA 264 -22.98 96.88 -17.81
N LEU YA 265 -21.82 97.02 -18.46
CA LEU YA 265 -21.10 95.83 -18.93
C LEU YA 265 -20.59 94.99 -17.75
N LEU YA 266 -20.02 95.64 -16.74
CA LEU YA 266 -19.52 94.89 -15.59
C LEU YA 266 -20.66 94.22 -14.84
N ALA YA 267 -21.80 94.91 -14.68
CA ALA YA 267 -22.95 94.30 -14.05
C ALA YA 267 -23.46 93.13 -14.86
N ASP YA 268 -23.46 93.24 -16.19
CA ASP YA 268 -23.89 92.13 -17.03
C ASP YA 268 -22.99 90.92 -16.85
N LEU YA 269 -21.68 91.13 -16.83
CA LEU YA 269 -20.76 90.01 -16.63
C LEU YA 269 -20.97 89.36 -15.26
N LEU YA 270 -21.13 90.18 -14.22
CA LEU YA 270 -21.36 89.64 -12.89
C LEU YA 270 -22.66 88.87 -12.83
N LEU YA 271 -23.70 89.37 -13.49
CA LEU YA 271 -24.99 88.68 -13.52
C LEU YA 271 -24.88 87.35 -14.26
N GLN YA 272 -24.08 87.30 -15.33
CA GLN YA 272 -23.90 86.04 -16.03
C GLN YA 272 -23.18 85.02 -15.15
N ARG YA 273 -22.15 85.47 -14.41
CA ARG YA 273 -21.49 84.56 -13.47
C ARG YA 273 -22.47 84.08 -12.40
N ALA YA 274 -23.32 84.98 -11.90
CA ALA YA 274 -24.33 84.61 -10.92
C ALA YA 274 -25.32 83.60 -11.50
N LEU YA 275 -25.73 83.79 -12.76
CA LEU YA 275 -26.62 82.85 -13.42
C LEU YA 275 -25.98 81.47 -13.49
N GLU YA 276 -24.71 81.42 -13.91
CA GLU YA 276 -24.02 80.15 -14.00
C GLU YA 276 -23.98 79.47 -12.63
N LEU YA 277 -23.57 80.20 -11.59
CA LEU YA 277 -23.45 79.61 -10.26
C LEU YA 277 -24.80 79.13 -9.73
N ILE YA 278 -25.86 79.92 -9.93
CA ILE YA 278 -27.18 79.53 -9.45
C ILE YA 278 -27.68 78.30 -10.21
N SER YA 279 -27.45 78.24 -11.52
CA SER YA 279 -27.87 77.07 -12.27
C SER YA 279 -27.12 75.82 -11.83
N SER YA 280 -25.84 75.96 -11.51
CA SER YA 280 -25.06 74.81 -11.06
C SER YA 280 -25.44 74.33 -9.66
N ILE YA 281 -26.25 75.08 -8.93
CA ILE YA 281 -26.66 74.69 -7.59
C ILE YA 281 -27.54 73.44 -7.67
N THR ZA 24 7.96 100.31 -52.57
CA THR ZA 24 8.58 99.46 -53.58
C THR ZA 24 7.97 98.06 -53.55
N VAL ZA 25 7.40 97.71 -52.39
CA VAL ZA 25 6.66 96.46 -52.17
C VAL ZA 25 7.61 95.26 -52.16
N GLU ZA 26 8.47 95.15 -53.18
CA GLU ZA 26 9.41 94.04 -53.23
C GLU ZA 26 10.40 94.12 -52.07
N GLU ZA 27 11.02 95.30 -51.89
CA GLU ZA 27 11.94 95.51 -50.78
C GLU ZA 27 11.29 95.14 -49.46
N GLU ZA 28 9.99 95.40 -49.33
CA GLU ZA 28 9.26 94.92 -48.16
C GLU ZA 28 9.34 93.40 -48.05
N VAL ZA 29 9.30 92.69 -49.17
CA VAL ZA 29 9.33 91.23 -49.12
C VAL ZA 29 10.70 90.73 -48.66
N ILE ZA 30 11.78 91.24 -49.26
CA ILE ZA 30 13.10 90.75 -48.82
C ILE ZA 30 13.38 91.18 -47.38
N ARG ZA 31 13.00 92.41 -47.01
CA ARG ZA 31 13.18 92.84 -45.64
C ARG ZA 31 12.35 91.99 -44.68
N PHE ZA 32 11.15 91.57 -45.09
CA PHE ZA 32 10.34 90.69 -44.26
C PHE ZA 32 11.06 89.37 -44.01
N ALA ZA 33 11.62 88.79 -45.08
CA ALA ZA 33 12.33 87.51 -44.91
C ALA ZA 33 13.53 87.67 -43.98
N GLU ZA 34 14.36 88.70 -44.22
CA GLU ZA 34 15.55 88.89 -43.40
C GLU ZA 34 15.19 89.20 -41.95
N GLU ZA 35 14.19 90.05 -41.74
CA GLU ZA 35 13.78 90.39 -40.38
C GLU ZA 35 13.17 89.19 -39.67
N LEU ZA 36 12.46 88.33 -40.40
CA LEU ZA 36 11.93 87.11 -39.79
C LEU ZA 36 13.07 86.20 -39.33
N ALA ZA 37 14.09 86.03 -40.17
CA ALA ZA 37 15.25 85.23 -39.76
C ALA ZA 37 15.95 85.84 -38.56
N GLU ZA 38 16.13 87.16 -38.57
CA GLU ZA 38 16.78 87.83 -37.45
C GLU ZA 38 15.96 87.72 -36.18
N GLU ZA 39 14.63 87.74 -36.30
CA GLU ZA 39 13.77 87.57 -35.13
C GLU ZA 39 13.87 86.16 -34.58
N ILE ZA 40 13.96 85.15 -35.44
CA ILE ZA 40 14.22 83.80 -34.96
C ILE ZA 40 15.54 83.75 -34.19
N ARG ZA 41 16.57 84.38 -34.74
CA ARG ZA 41 17.86 84.39 -34.07
C ARG ZA 41 17.78 85.09 -32.71
N ARG ZA 42 17.08 86.21 -32.65
CA ARG ZA 42 16.93 86.93 -31.38
C ARG ZA 42 16.18 86.10 -30.34
N VAL ZA 43 15.07 85.47 -30.75
CA VAL ZA 43 14.25 84.74 -29.79
C VAL ZA 43 14.96 83.49 -29.29
N THR ZA 44 15.62 82.75 -30.20
CA THR ZA 44 16.23 81.47 -29.83
C THR ZA 44 17.75 81.51 -29.84
N GLY ZA 45 18.37 82.03 -30.89
CA GLY ZA 45 19.81 82.01 -30.99
C GLY ZA 45 20.31 81.03 -32.04
N GLU ZA 46 21.11 80.05 -31.60
CA GLU ZA 46 21.65 79.04 -32.50
C GLU ZA 46 21.16 77.64 -32.14
N ALA ZA 47 20.19 77.53 -31.22
CA ALA ZA 47 19.58 76.25 -30.92
C ALA ZA 47 18.63 75.79 -32.02
N TYR ZA 48 18.00 76.72 -32.73
CA TYR ZA 48 17.13 76.42 -33.86
C TYR ZA 48 17.70 77.17 -35.07
N ARG ZA 49 18.63 76.52 -35.77
CA ARG ZA 49 19.30 77.15 -36.91
C ARG ZA 49 18.80 76.63 -38.25
N GLU ZA 50 18.29 75.39 -38.29
CA GLU ZA 50 17.71 74.89 -39.53
C GLU ZA 50 16.49 75.71 -39.94
N TYR ZA 51 15.72 76.18 -38.97
CA TYR ZA 51 14.57 77.03 -39.28
C TYR ZA 51 15.02 78.34 -39.89
N ALA ZA 52 16.07 78.95 -39.37
CA ALA ZA 52 16.61 80.17 -39.97
C ALA ZA 52 17.14 79.91 -41.36
N GLU ZA 53 17.80 78.77 -41.56
CA GLU ZA 53 18.27 78.40 -42.89
C GLU ZA 53 17.10 78.29 -43.87
N ALA ZA 54 16.02 77.64 -43.44
CA ALA ZA 54 14.84 77.49 -44.30
C ALA ZA 54 14.21 78.84 -44.60
N VAL ZA 55 14.14 79.73 -43.60
CA VAL ZA 55 13.55 81.05 -43.83
C VAL ZA 55 14.38 81.85 -44.82
N ARG ZA 56 15.71 81.79 -44.70
CA ARG ZA 56 16.56 82.49 -45.65
C ARG ZA 56 16.45 81.89 -47.05
N HIS ZA 57 16.33 80.57 -47.14
CA HIS ZA 57 16.12 79.93 -48.43
C HIS ZA 57 14.81 80.38 -49.08
N LEU ZA 58 13.74 80.45 -48.29
CA LEU ZA 58 12.46 80.91 -48.81
C LEU ZA 58 12.51 82.37 -49.21
N GLY ZA 59 13.26 83.20 -48.47
CA GLY ZA 59 13.47 84.57 -48.89
C GLY ZA 59 14.20 84.67 -50.21
N GLU ZA 60 15.22 83.82 -50.40
CA GLU ZA 60 15.91 83.78 -51.69
C GLU ZA 60 14.97 83.34 -52.81
N ALA ZA 61 14.11 82.37 -52.54
CA ALA ZA 61 13.12 81.95 -53.53
C ALA ZA 61 12.18 83.08 -53.88
N ALA ZA 62 11.70 83.82 -52.87
CA ALA ZA 62 10.81 84.95 -53.13
C ALA ZA 62 11.51 86.03 -53.94
N LYS ZA 63 12.79 86.27 -53.68
CA LYS ZA 63 13.56 87.20 -54.49
C LYS ZA 63 13.68 86.71 -55.92
N ALA ZA 64 13.86 85.40 -56.10
CA ALA ZA 64 13.97 84.84 -57.44
C ALA ZA 64 12.66 84.98 -58.21
N VAL ZA 65 11.53 84.78 -57.53
CA VAL ZA 65 10.22 84.88 -58.20
C VAL ZA 65 10.02 86.28 -58.76
N LEU ZA 66 10.38 87.30 -57.99
CA LEU ZA 66 10.10 88.68 -58.36
C LEU ZA 66 10.95 89.18 -59.52
N GLU ZA 67 11.97 88.42 -59.93
CA GLU ZA 67 12.83 88.82 -61.05
C GLU ZA 67 12.42 88.19 -62.37
N GLY ZA 68 11.67 87.08 -62.33
CA GLY ZA 68 11.23 86.44 -63.56
C GLY ZA 68 11.57 84.96 -63.63
N ASN ZA 69 12.63 84.56 -62.93
CA ASN ZA 69 13.06 83.17 -62.94
C ASN ZA 69 12.05 82.33 -62.16
N SER ZA 70 11.47 81.32 -62.80
CA SER ZA 70 10.43 80.51 -62.19
C SER ZA 70 10.88 79.08 -61.89
N VAL ZA 71 12.02 78.64 -62.41
CA VAL ZA 71 12.51 77.28 -62.12
C VAL ZA 71 13.44 77.27 -60.93
N GLU ZA 72 14.26 78.32 -60.77
CA GLU ZA 72 15.09 78.43 -59.58
C GLU ZA 72 14.25 78.47 -58.31
N ALA ZA 73 13.09 79.14 -58.37
CA ALA ZA 73 12.19 79.15 -57.23
C ALA ZA 73 11.71 77.74 -56.89
N ASP ZA 74 11.36 76.96 -57.91
CA ASP ZA 74 10.92 75.59 -57.67
C ASP ZA 74 12.04 74.75 -57.05
N LEU ZA 75 13.27 74.92 -57.55
CA LEU ZA 75 14.39 74.17 -56.98
C LEU ZA 75 14.64 74.56 -55.54
N ILE ZA 76 14.55 75.86 -55.23
CA ILE ZA 76 14.76 76.31 -53.85
C ILE ZA 76 13.66 75.79 -52.94
N VAL ZA 77 12.41 75.77 -53.42
CA VAL ZA 77 11.31 75.23 -52.63
C VAL ZA 77 11.51 73.75 -52.36
N THR ZA 78 12.02 73.02 -53.36
CA THR ZA 78 12.33 71.61 -53.13
C THR ZA 78 13.44 71.43 -52.10
N ASP ZA 79 14.45 72.30 -52.14
CA ASP ZA 79 15.50 72.25 -51.12
C ASP ZA 79 14.93 72.50 -49.73
N VAL ZA 80 14.04 73.49 -49.62
CA VAL ZA 80 13.40 73.78 -48.33
C VAL ZA 80 12.57 72.59 -47.88
N LEU ZA 81 11.88 71.93 -48.82
CA LEU ZA 81 11.10 70.74 -48.48
C LEU ZA 81 12.00 69.65 -47.94
N ARG ZA 82 13.17 69.44 -48.55
CA ARG ZA 82 14.11 68.46 -48.04
C ARG ZA 82 14.58 68.82 -46.62
N LEU ZA 83 14.88 70.10 -46.40
CA LEU ZA 83 15.33 70.54 -45.08
C LEU ZA 83 14.24 70.28 -44.03
N LEU ZA 84 13.00 70.62 -44.36
CA LEU ZA 84 11.90 70.41 -43.43
C LEU ZA 84 11.62 68.93 -43.19
N GLU ZA 85 11.80 68.10 -44.22
CA GLU ZA 85 11.65 66.66 -44.05
C GLU ZA 85 12.74 66.11 -43.12
N ARG ZA 86 13.95 66.66 -43.23
CA ARG ZA 86 15.00 66.29 -42.29
C ARG ZA 86 14.69 66.76 -40.88
N ILE ZA 87 14.06 67.92 -40.75
CA ILE ZA 87 13.72 68.45 -39.42
C ILE ZA 87 12.74 67.52 -38.72
N GLY ZA 88 11.64 67.16 -39.39
CA GLY ZA 88 10.69 66.22 -38.83
C GLY ZA 88 9.44 66.86 -38.25
N GLU ZA 89 8.85 67.81 -38.95
CA GLU ZA 89 7.60 68.46 -38.55
C GLU ZA 89 6.54 68.14 -39.59
N GLU ZA 90 5.68 67.16 -39.28
CA GLU ZA 90 4.83 66.55 -40.30
C GLU ZA 90 3.89 67.56 -40.94
N GLY ZA 91 3.21 68.36 -40.12
CA GLY ZA 91 2.28 69.34 -40.66
C GLY ZA 91 2.99 70.40 -41.49
N LEU ZA 92 4.17 70.82 -41.07
CA LEU ZA 92 4.91 71.82 -41.81
C LEU ZA 92 5.40 71.23 -43.13
N VAL ZA 93 5.76 69.94 -43.15
CA VAL ZA 93 6.13 69.29 -44.39
C VAL ZA 93 4.93 69.19 -45.33
N LYS ZA 94 3.75 68.91 -44.79
CA LYS ZA 94 2.54 68.89 -45.60
C LYS ZA 94 2.29 70.25 -46.24
N LEU ZA 95 2.42 71.32 -45.44
CA LEU ZA 95 2.27 72.66 -45.98
C LEU ZA 95 3.32 72.94 -47.05
N ALA ZA 96 4.55 72.45 -46.85
CA ALA ZA 96 5.60 72.65 -47.83
C ALA ZA 96 5.28 71.96 -49.15
N ARG ZA 97 4.75 70.72 -49.08
CA ARG ZA 97 4.38 70.03 -50.31
C ARG ZA 97 3.26 70.75 -51.04
N GLU ZA 98 2.24 71.21 -50.30
CA GLU ZA 98 1.15 71.95 -50.93
C GLU ZA 98 1.66 73.24 -51.56
N VAL ZA 99 2.56 73.94 -50.87
CA VAL ZA 99 3.15 75.15 -51.43
C VAL ZA 99 3.93 74.83 -52.69
N HIS ZA 100 4.69 73.74 -52.68
CA HIS ZA 100 5.44 73.33 -53.86
C HIS ZA 100 4.52 73.15 -55.06
N GLU ZA 101 3.47 72.35 -54.89
CA GLU ZA 101 2.57 72.06 -56.01
C GLU ZA 101 1.87 73.32 -56.51
N ARG ZA 102 1.26 74.07 -55.59
CA ARG ZA 102 0.50 75.25 -55.99
C ARG ZA 102 1.40 76.31 -56.60
N SER ZA 103 2.59 76.53 -56.02
CA SER ZA 103 3.52 77.51 -56.56
C SER ZA 103 3.98 77.11 -57.95
N PHE ZA 104 4.28 75.83 -58.17
CA PHE ZA 104 4.66 75.38 -59.51
C PHE ZA 104 3.56 75.68 -60.51
N GLU ZA 105 2.32 75.29 -60.18
CA GLU ZA 105 1.22 75.48 -61.12
C GLU ZA 105 0.97 76.95 -61.40
N LEU ZA 106 0.95 77.77 -60.35
CA LEU ZA 106 0.67 79.20 -60.53
C LEU ZA 106 1.79 79.90 -61.28
N LEU ZA 107 3.05 79.55 -61.01
CA LEU ZA 107 4.15 80.16 -61.73
C LEU ZA 107 4.17 79.74 -63.19
N ARG ZA 108 3.79 78.50 -63.48
CA ARG ZA 108 3.62 78.11 -64.88
C ARG ZA 108 2.50 78.91 -65.54
N LYS ZA 109 1.37 79.08 -64.85
CA LYS ZA 109 0.29 79.88 -65.41
C LYS ZA 109 0.65 81.36 -65.46
N GLY ZA 110 1.21 81.89 -64.38
CA GLY ZA 110 1.62 83.29 -64.38
C GLY ZA 110 1.16 84.09 -63.18
N ASN ZA 111 0.61 83.41 -62.16
CA ASN ZA 111 0.13 84.09 -60.96
C ASN ZA 111 1.30 84.28 -60.00
N ARG ZA 112 2.06 85.34 -60.24
CA ARG ZA 112 3.22 85.64 -59.42
C ARG ZA 112 2.83 85.95 -57.98
N VAL ZA 113 1.77 86.75 -57.80
CA VAL ZA 113 1.41 87.27 -56.49
C VAL ZA 113 1.02 86.14 -55.54
N GLU ZA 114 0.23 85.18 -56.03
CA GLU ZA 114 -0.21 84.10 -55.15
C GLU ZA 114 0.95 83.17 -54.79
N ALA ZA 115 1.88 82.94 -55.72
CA ALA ZA 115 3.06 82.16 -55.39
C ALA ZA 115 3.90 82.87 -54.33
N LEU ZA 116 4.06 84.18 -54.45
CA LEU ZA 116 4.76 84.94 -53.43
C LEU ZA 116 4.06 84.82 -52.08
N ALA ZA 117 2.72 84.91 -52.09
CA ALA ZA 117 1.96 84.78 -50.86
C ALA ZA 117 2.16 83.42 -50.21
N LEU ZA 118 2.16 82.35 -51.02
CA LEU ZA 118 2.37 81.02 -50.48
C LEU ZA 118 3.77 80.87 -49.90
N ILE ZA 119 4.78 81.42 -50.58
CA ILE ZA 119 6.15 81.34 -50.08
C ILE ZA 119 6.26 82.06 -48.74
N LEU ZA 120 5.69 83.26 -48.66
CA LEU ZA 120 5.74 84.02 -47.41
C LEU ZA 120 4.97 83.31 -46.30
N ALA ZA 121 3.84 82.69 -46.63
CA ALA ZA 121 3.09 81.94 -45.64
C ALA ZA 121 3.91 80.76 -45.11
N LEU ZA 122 4.61 80.05 -46.00
CA LEU ZA 122 5.46 78.96 -45.55
C LEU ZA 122 6.58 79.46 -44.63
N ALA ZA 123 7.21 80.58 -45.01
CA ALA ZA 123 8.27 81.14 -44.17
C ALA ZA 123 7.75 81.51 -42.79
N LEU ZA 124 6.57 82.16 -42.74
CA LEU ZA 124 5.99 82.53 -41.47
C LEU ZA 124 5.63 81.29 -40.65
N ALA ZA 125 5.15 80.24 -41.31
CA ALA ZA 125 4.82 79.01 -40.60
C ALA ZA 125 6.06 78.40 -39.96
N VAL ZA 126 7.18 78.37 -40.69
CA VAL ZA 126 8.41 77.84 -40.12
C VAL ZA 126 8.85 78.69 -38.93
N ALA ZA 127 8.82 80.02 -39.09
CA ALA ZA 127 9.26 80.90 -38.01
C ALA ZA 127 8.39 80.73 -36.77
N LEU ZA 128 7.07 80.69 -36.94
CA LEU ZA 128 6.18 80.56 -35.80
C LEU ZA 128 6.31 79.19 -35.14
N THR ZA 129 6.52 78.14 -35.94
CA THR ZA 129 6.74 76.82 -35.36
C THR ZA 129 7.98 76.81 -34.49
N ALA ZA 130 9.09 77.39 -34.98
CA ALA ZA 130 10.32 77.43 -34.21
C ALA ZA 130 10.13 78.24 -32.92
N VAL ZA 131 9.50 79.41 -33.04
CA VAL ZA 131 9.32 80.28 -31.88
C VAL ZA 131 8.44 79.60 -30.84
N SER ZA 132 7.33 78.99 -31.27
CA SER ZA 132 6.44 78.33 -30.33
C SER ZA 132 7.11 77.14 -29.67
N LYS ZA 133 7.91 76.38 -30.43
CA LYS ZA 133 8.64 75.27 -29.83
C LYS ZA 133 9.61 75.76 -28.76
N ALA ZA 134 10.35 76.84 -29.05
CA ALA ZA 134 11.28 77.39 -28.07
C ALA ZA 134 10.54 77.87 -26.83
N PHE ZA 135 9.43 78.60 -27.02
CA PHE ZA 135 8.68 79.13 -25.89
C PHE ZA 135 8.12 78.03 -25.02
N PHE ZA 136 7.57 76.97 -25.64
CA PHE ZA 136 7.04 75.87 -24.84
C PHE ZA 136 8.16 75.11 -24.13
N LEU ZA 137 9.31 74.92 -24.78
CA LEU ZA 137 10.42 74.24 -24.13
C LEU ZA 137 10.92 75.02 -22.92
N LEU ZA 138 11.00 76.34 -23.04
CA LEU ZA 138 11.41 77.17 -21.90
C LEU ZA 138 10.41 77.03 -20.75
N GLY ZA 139 9.12 77.11 -21.05
CA GLY ZA 139 8.10 77.05 -20.03
C GLY ZA 139 7.31 78.34 -19.94
N GLN ZA 140 7.28 79.10 -21.03
CA GLN ZA 140 6.65 80.41 -21.04
C GLN ZA 140 5.13 80.28 -20.90
N PRO ZA 141 4.47 81.30 -20.37
CA PRO ZA 141 3.00 81.30 -20.35
C PRO ZA 141 2.44 81.55 -21.75
N ALA ZA 142 1.16 81.21 -21.90
CA ALA ZA 142 0.51 81.31 -23.21
C ALA ZA 142 0.34 82.75 -23.68
N ARG ZA 143 0.41 83.72 -22.76
CA ARG ZA 143 0.15 85.11 -23.14
C ARG ZA 143 1.17 85.61 -24.17
N LEU ZA 144 2.46 85.42 -23.89
CA LEU ZA 144 3.49 85.93 -24.79
C LEU ZA 144 3.43 85.23 -26.15
N ILE ZA 145 3.19 83.92 -26.14
CA ILE ZA 145 3.04 83.19 -27.40
C ILE ZA 145 1.88 83.77 -28.20
N ALA ZA 146 0.75 84.03 -27.53
CA ALA ZA 146 -0.40 84.58 -28.22
C ALA ZA 146 -0.10 85.94 -28.83
N GLU ZA 147 0.52 86.84 -28.06
CA GLU ZA 147 0.81 88.17 -28.61
C GLU ZA 147 1.80 88.10 -29.76
N TYR ZA 148 2.84 87.26 -29.64
CA TYR ZA 148 3.82 87.17 -30.72
C TYR ZA 148 3.20 86.60 -31.99
N VAL ZA 149 2.38 85.54 -31.86
CA VAL ZA 149 1.73 84.96 -33.02
C VAL ZA 149 0.80 85.98 -33.67
N GLY ZA 150 0.04 86.70 -32.86
CA GLY ZA 150 -0.85 87.71 -33.41
C GLY ZA 150 -0.09 88.81 -34.13
N GLU ZA 151 1.02 89.28 -33.55
CA GLU ZA 151 1.80 90.33 -34.19
C GLU ZA 151 2.39 89.86 -35.51
N LYS ZA 152 2.93 88.64 -35.55
CA LYS ZA 152 3.51 88.13 -36.79
C LYS ZA 152 2.44 87.94 -37.86
N LEU ZA 153 1.26 87.44 -37.47
CA LEU ZA 153 0.17 87.30 -38.43
C LEU ZA 153 -0.28 88.65 -38.94
N LEU ZA 154 -0.31 89.66 -38.07
CA LEU ZA 154 -0.66 91.01 -38.51
C LEU ZA 154 0.35 91.54 -39.52
N GLU ZA 155 1.65 91.34 -39.27
CA GLU ZA 155 2.66 91.78 -40.22
C GLU ZA 155 2.50 91.09 -41.57
N LEU ZA 156 2.27 89.77 -41.56
CA LEU ZA 156 2.06 89.05 -42.80
C LEU ZA 156 0.82 89.55 -43.53
N ARG ZA 157 -0.26 89.80 -42.79
CA ARG ZA 157 -1.48 90.29 -43.41
C ARG ZA 157 -1.27 91.66 -44.07
N ARG ZA 158 -0.56 92.56 -43.38
CA ARG ZA 158 -0.26 93.86 -43.97
C ARG ZA 158 0.58 93.72 -45.23
N LEU ZA 159 1.59 92.85 -45.19
CA LEU ZA 159 2.44 92.64 -46.36
C LEU ZA 159 1.64 92.10 -47.54
N LEU ZA 160 0.80 91.09 -47.29
CA LEU ZA 160 0.00 90.50 -48.36
C LEU ZA 160 -1.01 91.49 -48.92
N GLU ZA 161 -1.64 92.29 -48.06
CA GLU ZA 161 -2.55 93.32 -48.54
C GLU ZA 161 -1.82 94.35 -49.39
N LYS ZA 162 -0.60 94.72 -49.00
CA LYS ZA 162 0.19 95.63 -49.82
C LYS ZA 162 0.53 95.00 -51.17
N LEU ZA 163 0.80 93.69 -51.19
CA LEU ZA 163 1.12 93.02 -52.45
C LEU ZA 163 -0.06 93.05 -53.41
N GLY ZA 164 -1.24 92.66 -52.95
CA GLY ZA 164 -2.42 92.68 -53.79
C GLY ZA 164 -3.26 91.43 -53.73
N VAL ZA 165 -2.90 90.50 -52.85
CA VAL ZA 165 -3.66 89.25 -52.72
C VAL ZA 165 -5.06 89.58 -52.21
N PRO ZA 166 -6.11 88.98 -52.77
CA PRO ZA 166 -7.47 89.23 -52.25
C PRO ZA 166 -7.61 88.76 -50.81
N LEU ZA 167 -8.48 89.45 -50.08
CA LEU ZA 167 -8.59 89.22 -48.64
C LEU ZA 167 -8.96 87.79 -48.27
N PRO ZA 168 -9.96 87.15 -48.89
CA PRO ZA 168 -10.29 85.76 -48.49
C PRO ZA 168 -9.11 84.80 -48.60
N GLU ZA 169 -8.29 84.94 -49.64
CA GLU ZA 169 -7.13 84.06 -49.78
C GLU ZA 169 -6.10 84.34 -48.69
N VAL ZA 170 -5.91 85.62 -48.35
CA VAL ZA 170 -5.00 85.97 -47.25
C VAL ZA 170 -5.46 85.32 -45.96
N ILE ZA 171 -6.76 85.41 -45.67
CA ILE ZA 171 -7.29 84.83 -44.43
C ILE ZA 171 -7.12 83.31 -44.45
N ALA ZA 172 -7.40 82.68 -45.60
CA ALA ZA 172 -7.25 81.23 -45.69
C ALA ZA 172 -5.81 80.82 -45.43
N LEU ZA 173 -4.84 81.58 -45.98
CA LEU ZA 173 -3.44 81.31 -45.69
C LEU ZA 173 -3.13 81.47 -44.21
N LEU ZA 174 -3.72 82.49 -43.57
CA LEU ZA 174 -3.46 82.71 -42.16
C LEU ZA 174 -3.98 81.56 -41.30
N LEU ZA 175 -5.19 81.07 -41.57
CA LEU ZA 175 -5.64 79.89 -40.84
C LEU ZA 175 -4.86 78.63 -41.21
N ARG ZA 176 -4.31 78.56 -42.43
CA ARG ZA 176 -3.41 77.44 -42.73
C ARG ZA 176 -2.18 77.47 -41.84
N VAL ZA 177 -1.57 78.65 -41.70
CA VAL ZA 177 -0.42 78.80 -40.81
C VAL ZA 177 -0.79 78.46 -39.38
N LEU ZA 178 -1.97 78.93 -38.94
CA LEU ZA 178 -2.42 78.65 -37.58
C LEU ZA 178 -2.68 77.17 -37.37
N GLU ZA 179 -3.20 76.49 -38.39
CA GLU ZA 179 -3.39 75.04 -38.32
C GLU ZA 179 -2.06 74.33 -38.18
N VAL ZA 180 -1.06 74.77 -38.93
CA VAL ZA 180 0.28 74.18 -38.81
C VAL ZA 180 0.81 74.36 -37.39
N VAL ZA 181 0.66 75.58 -36.85
CA VAL ZA 181 1.16 75.86 -35.50
C VAL ZA 181 0.43 75.01 -34.46
N GLU ZA 182 -0.89 74.91 -34.59
CA GLU ZA 182 -1.67 74.11 -33.65
C GLU ZA 182 -1.29 72.64 -33.72
N GLU ZA 183 -1.07 72.12 -34.94
CA GLU ZA 183 -0.65 70.73 -35.09
C GLU ZA 183 0.70 70.50 -34.42
N SER ZA 184 1.64 71.42 -34.62
CA SER ZA 184 2.95 71.31 -33.99
C SER ZA 184 2.82 71.32 -32.47
N LEU ZA 185 2.02 72.23 -31.93
CA LEU ZA 185 1.86 72.32 -30.48
C LEU ZA 185 1.21 71.06 -29.92
N LYS ZA 186 0.19 70.54 -30.61
CA LYS ZA 186 -0.47 69.32 -30.16
C LYS ZA 186 0.49 68.14 -30.16
N ALA ZA 187 1.29 68.02 -31.22
CA ALA ZA 187 2.24 66.91 -31.33
C ALA ZA 187 3.36 67.02 -30.29
N MET ZA 188 3.77 68.24 -29.95
CA MET ZA 188 4.86 68.42 -29.01
C MET ZA 188 4.50 67.91 -27.62
N GLY ZA 189 3.28 68.17 -27.15
CA GLY ZA 189 2.86 67.69 -25.85
C GLY ZA 189 2.09 68.69 -25.01
N MET ZA 190 1.84 69.88 -25.56
CA MET ZA 190 1.12 70.90 -24.82
C MET ZA 190 -0.30 70.45 -24.50
N GLU ZA 191 -0.80 70.85 -23.33
CA GLU ZA 191 -2.16 70.53 -22.95
C GLU ZA 191 -3.16 71.27 -23.85
N PRO ZA 192 -4.27 70.63 -24.20
CA PRO ZA 192 -5.19 71.24 -25.18
C PRO ZA 192 -5.71 72.61 -24.80
N ARG ZA 193 -5.89 72.90 -23.50
CA ARG ZA 193 -6.49 74.16 -23.10
C ARG ZA 193 -5.63 75.36 -23.51
N GLU ZA 194 -4.31 75.26 -23.31
CA GLU ZA 194 -3.44 76.37 -23.70
C GLU ZA 194 -3.40 76.56 -25.22
N ILE ZA 195 -3.41 75.46 -25.98
CA ILE ZA 195 -3.46 75.58 -27.44
C ILE ZA 195 -4.74 76.26 -27.87
N ASN ZA 196 -5.87 75.87 -27.28
CA ASN ZA 196 -7.14 76.53 -27.60
C ASN ZA 196 -7.09 78.00 -27.23
N ARG ZA 197 -6.48 78.34 -26.10
CA ARG ZA 197 -6.39 79.73 -25.67
C ARG ZA 197 -5.58 80.57 -26.65
N VAL ZA 198 -4.43 80.05 -27.09
CA VAL ZA 198 -3.58 80.84 -27.98
C VAL ZA 198 -4.22 80.96 -29.36
N LEU ZA 199 -4.84 79.88 -29.85
CA LEU ZA 199 -5.53 79.96 -31.14
C LEU ZA 199 -6.68 80.95 -31.08
N ALA ZA 200 -7.46 80.93 -29.99
CA ALA ZA 200 -8.56 81.87 -29.83
C ALA ZA 200 -8.04 83.30 -29.78
N ALA ZA 201 -6.93 83.53 -29.08
CA ALA ZA 201 -6.36 84.88 -29.03
C ALA ZA 201 -5.93 85.34 -30.42
N ALA ZA 202 -5.31 84.45 -31.21
CA ALA ZA 202 -4.89 84.81 -32.56
C ALA ZA 202 -6.10 85.15 -33.44
N TYR ZA 203 -7.15 84.32 -33.37
CA TYR ZA 203 -8.35 84.64 -34.13
C TYR ZA 203 -8.97 85.95 -33.68
N LEU ZA 204 -8.95 86.21 -32.38
CA LEU ZA 204 -9.54 87.44 -31.85
C LEU ZA 204 -8.79 88.68 -32.33
N THR ZA 205 -7.45 88.63 -32.32
CA THR ZA 205 -6.71 89.81 -32.78
C THR ZA 205 -6.86 89.99 -34.29
N LEU ZA 206 -6.90 88.89 -35.05
CA LEU ZA 206 -7.15 89.01 -36.49
C LEU ZA 206 -8.51 89.64 -36.77
N ALA ZA 207 -9.54 89.18 -36.07
CA ALA ZA 207 -10.88 89.74 -36.26
C ALA ZA 207 -10.94 91.19 -35.82
N ALA ZA 208 -10.25 91.53 -34.73
CA ALA ZA 208 -10.24 92.91 -34.25
C ALA ZA 208 -9.60 93.83 -35.28
N GLU ZA 209 -8.48 93.41 -35.87
CA GLU ZA 209 -7.86 94.21 -36.93
C GLU ZA 209 -8.80 94.34 -38.13
N LEU ZA 210 -9.45 93.25 -38.51
CA LEU ZA 210 -10.35 93.30 -39.66
C LEU ZA 210 -11.50 94.27 -39.41
N LEU ZA 211 -12.07 94.24 -38.22
CA LEU ZA 211 -13.17 95.16 -37.89
C LEU ZA 211 -12.67 96.60 -37.82
N GLU ZA 212 -11.50 96.83 -37.21
CA GLU ZA 212 -10.99 98.18 -37.09
C GLU ZA 212 -10.67 98.79 -38.46
N ARG ZA 213 -10.27 97.96 -39.42
CA ARG ZA 213 -10.01 98.47 -40.76
C ARG ZA 213 -11.25 99.13 -41.37
N LEU ZA 214 -12.44 98.64 -41.02
CA LEU ZA 214 -13.68 99.16 -41.57
C LEU ZA 214 -14.22 100.36 -40.80
N GLY ZA 215 -13.59 100.74 -39.68
CA GLY ZA 215 -14.01 101.88 -38.92
C GLY ZA 215 -14.78 101.55 -37.65
N LEU ZA 216 -15.21 100.31 -37.47
CA LEU ZA 216 -15.93 99.90 -36.27
C LEU ZA 216 -14.94 99.74 -35.12
N THR ZA 217 -14.46 100.88 -34.63
CA THR ZA 217 -13.43 100.89 -33.60
C THR ZA 217 -13.94 100.41 -32.24
N ALA ZA 218 -15.19 100.72 -31.88
CA ALA ZA 218 -15.72 100.26 -30.61
C ALA ZA 218 -15.86 98.75 -30.56
N LEU ZA 219 -16.34 98.14 -31.65
CA LEU ZA 219 -16.44 96.69 -31.70
C LEU ZA 219 -15.06 96.05 -31.61
N ALA ZA 220 -14.07 96.63 -32.30
CA ALA ZA 220 -12.71 96.11 -32.21
C ALA ZA 220 -12.18 96.22 -30.79
N ALA ZA 221 -12.44 97.33 -30.11
CA ALA ZA 221 -12.01 97.50 -28.73
C ALA ZA 221 -12.66 96.45 -27.83
N ARG ZA 222 -13.96 96.17 -28.05
CA ARG ZA 222 -14.62 95.13 -27.27
C ARG ZA 222 -13.99 93.76 -27.53
N ILE ZA 223 -13.63 93.47 -28.78
CA ILE ZA 223 -12.98 92.20 -29.09
C ILE ZA 223 -11.63 92.11 -28.39
N ARG ZA 224 -10.86 93.21 -28.39
CA ARG ZA 224 -9.57 93.19 -27.69
C ARG ZA 224 -9.75 93.02 -26.19
N ARG ZA 225 -10.78 93.64 -25.61
CA ARG ZA 225 -11.07 93.43 -24.20
C ARG ZA 225 -11.40 91.96 -23.92
N ALA ZA 226 -12.19 91.34 -24.81
CA ALA ZA 226 -12.50 89.93 -24.65
C ALA ZA 226 -11.24 89.08 -24.72
N ARG ZA 227 -10.34 89.38 -25.65
CA ARG ZA 227 -9.10 88.64 -25.75
C ARG ZA 227 -8.25 88.80 -24.49
N GLU ZA 228 -8.16 90.02 -23.97
CA GLU ZA 228 -7.38 90.25 -22.76
C GLU ZA 228 -7.96 89.52 -21.56
N LEU ZA 229 -9.28 89.52 -21.43
CA LEU ZA 229 -9.91 88.76 -20.35
C LEU ZA 229 -9.71 87.26 -20.53
N LEU ZA 230 -9.68 86.78 -21.78
CA LEU ZA 230 -9.42 85.37 -22.03
C LEU ZA 230 -8.01 84.98 -21.62
N LEU ZA 231 -7.03 85.84 -21.93
CA LEU ZA 231 -5.64 85.53 -21.63
C LEU ZA 231 -5.33 85.56 -20.14
N ALA ZA 232 -6.17 86.20 -19.33
CA ALA ZA 232 -5.94 86.32 -17.90
C ALA ZA 232 -6.61 85.23 -17.09
N GLY ZA 233 -7.21 84.23 -17.75
CA GLY ZA 233 -7.90 83.16 -17.07
C GLY ZA 233 -9.38 83.39 -16.86
N ARG ZA 234 -9.88 84.59 -17.12
CA ARG ZA 234 -11.31 84.89 -17.00
C ARG ZA 234 -11.99 84.41 -18.28
N VAL ZA 235 -12.40 83.14 -18.27
CA VAL ZA 235 -12.89 82.52 -19.49
C VAL ZA 235 -14.34 82.89 -19.76
N GLU ZA 236 -15.21 82.76 -18.75
CA GLU ZA 236 -16.65 82.96 -18.97
C GLU ZA 236 -16.98 84.41 -19.30
N GLU ZA 237 -16.30 85.36 -18.65
CA GLU ZA 237 -16.54 86.76 -18.96
C GLU ZA 237 -16.15 87.09 -20.39
N ALA ZA 238 -15.01 86.58 -20.84
CA ALA ZA 238 -14.61 86.77 -22.24
C ALA ZA 238 -15.60 86.08 -23.18
N LEU ZA 239 -16.09 84.92 -22.79
CA LEU ZA 239 -17.09 84.22 -23.61
C LEU ZA 239 -18.34 85.07 -23.80
N HIS ZA 240 -18.86 85.63 -22.71
CA HIS ZA 240 -20.07 86.44 -22.82
C HIS ZA 240 -19.82 87.74 -23.59
N LEU ZA 241 -18.66 88.37 -23.37
CA LEU ZA 241 -18.33 89.56 -24.13
C LEU ZA 241 -18.27 89.26 -25.63
N LEU ZA 242 -17.65 88.13 -25.99
CA LEU ZA 242 -17.59 87.72 -27.39
C LEU ZA 242 -18.96 87.44 -27.95
N GLN ZA 243 -19.83 86.79 -27.17
CA GLN ZA 243 -21.18 86.51 -27.65
C GLN ZA 243 -21.96 87.80 -27.89
N ASP ZA 244 -21.86 88.77 -26.98
CA ASP ZA 244 -22.54 90.05 -27.19
C ASP ZA 244 -22.00 90.77 -28.41
N ALA ZA 245 -20.67 90.76 -28.59
CA ALA ZA 245 -20.09 91.36 -29.79
C ALA ZA 245 -20.58 90.65 -31.05
N VAL ZA 246 -20.73 89.33 -30.98
CA VAL ZA 246 -21.21 88.57 -32.13
C VAL ZA 246 -22.64 88.96 -32.49
N GLU ZA 247 -23.50 89.11 -31.47
CA GLU ZA 247 -24.87 89.53 -31.75
C GLU ZA 247 -24.91 90.93 -32.34
N LEU ZA 248 -24.07 91.84 -31.84
CA LEU ZA 248 -24.06 93.19 -32.40
C LEU ZA 248 -23.56 93.18 -33.84
N LEU ZA 249 -22.53 92.37 -34.12
CA LEU ZA 249 -22.02 92.24 -35.49
C LEU ZA 249 -23.08 91.65 -36.42
N HIS ZA 250 -23.83 90.66 -35.94
CA HIS ZA 250 -24.91 90.10 -36.73
C HIS ZA 250 -25.99 91.13 -37.02
N GLU ZA 251 -26.32 91.95 -36.02
CA GLU ZA 251 -27.28 93.02 -36.23
C GLU ZA 251 -26.81 93.97 -37.32
N ARG ZA 252 -25.55 94.40 -37.25
CA ARG ZA 252 -25.01 95.30 -38.26
C ARG ZA 252 -25.00 94.65 -39.64
N ILE ZA 253 -24.62 93.38 -39.71
CA ILE ZA 253 -24.52 92.68 -40.99
C ILE ZA 253 -25.89 92.56 -41.64
N ARG ZA 254 -26.89 92.15 -40.86
CA ARG ZA 254 -28.24 92.01 -41.39
C ARG ZA 254 -28.93 93.35 -41.63
N GLU ZA 255 -28.46 94.43 -41.00
CA GLU ZA 255 -28.95 95.75 -41.36
C GLU ZA 255 -28.36 96.24 -42.68
N LEU ZA 256 -27.08 95.91 -42.93
CA LEU ZA 256 -26.44 96.35 -44.16
C LEU ZA 256 -27.06 95.67 -45.38
N GLY ZA 257 -27.34 94.39 -45.29
CA GLY ZA 257 -27.94 93.65 -46.40
C GLY ZA 257 -26.90 92.85 -47.16
N PHE ZA 258 -27.00 92.83 -48.49
CA PHE ZA 258 -26.07 92.11 -49.34
C PHE ZA 258 -24.88 92.96 -49.77
N GLU ZA 259 -24.83 94.23 -49.38
CA GLU ZA 259 -23.70 95.10 -49.67
C GLU ZA 259 -22.69 95.14 -48.54
N ALA ZA 260 -22.68 94.12 -47.69
CA ALA ZA 260 -21.75 94.08 -46.58
C ALA ZA 260 -20.34 93.81 -47.09
N PRO ZA 261 -19.36 94.64 -46.74
CA PRO ZA 261 -17.98 94.37 -47.15
C PRO ZA 261 -17.49 93.04 -46.60
N GLU ZA 262 -16.54 92.43 -47.32
CA GLU ZA 262 -16.02 91.12 -46.94
C GLU ZA 262 -15.39 91.13 -45.56
N GLU ZA 263 -14.98 92.30 -45.06
CA GLU ZA 263 -14.39 92.39 -43.72
C GLU ZA 263 -15.38 91.90 -42.67
N LEU ZA 264 -16.65 92.31 -42.77
CA LEU ZA 264 -17.64 91.89 -41.78
C LEU ZA 264 -17.83 90.38 -41.78
N LEU ZA 265 -17.94 89.78 -42.97
CA LEU ZA 265 -18.17 88.33 -43.04
C LEU ZA 265 -16.96 87.55 -42.54
N LEU ZA 266 -15.75 87.97 -42.93
CA LEU ZA 266 -14.56 87.28 -42.47
C LEU ZA 266 -14.39 87.42 -40.97
N ALA ZA 267 -14.64 88.61 -40.43
CA ALA ZA 267 -14.60 88.80 -38.98
C ALA ZA 267 -15.64 87.95 -38.28
N ASP ZA 268 -16.83 87.83 -38.85
CA ASP ZA 268 -17.86 86.98 -38.26
C ASP ZA 268 -17.41 85.53 -38.20
N LEU ZA 269 -16.83 85.02 -39.30
CA LEU ZA 269 -16.37 83.64 -39.30
C LEU ZA 269 -15.25 83.43 -38.28
N LEU ZA 270 -14.31 84.37 -38.20
CA LEU ZA 270 -13.22 84.26 -37.24
C LEU ZA 270 -13.75 84.30 -35.81
N LEU ZA 271 -14.73 85.17 -35.54
CA LEU ZA 271 -15.33 85.25 -34.21
C LEU ZA 271 -16.07 83.97 -33.85
N GLN ZA 272 -16.74 83.35 -34.83
CA GLN ZA 272 -17.41 82.08 -34.54
C GLN ZA 272 -16.40 80.98 -34.22
N ARG ZA 273 -15.30 80.92 -34.97
CA ARG ZA 273 -14.27 79.94 -34.64
C ARG ZA 273 -13.68 80.20 -33.26
N ALA ZA 274 -13.42 81.46 -32.93
CA ALA ZA 274 -12.92 81.80 -31.60
C ALA ZA 274 -13.92 81.43 -30.51
N LEU ZA 275 -15.22 81.64 -30.79
CA LEU ZA 275 -16.26 81.29 -29.83
C LEU ZA 275 -16.26 79.78 -29.57
N GLU ZA 276 -16.17 78.98 -30.64
CA GLU ZA 276 -16.13 77.54 -30.47
C GLU ZA 276 -14.89 77.10 -29.69
N LEU ZA 277 -13.74 77.71 -30.01
CA LEU ZA 277 -12.51 77.35 -29.30
C LEU ZA 277 -12.60 77.71 -27.82
N ILE ZA 278 -13.15 78.88 -27.50
CA ILE ZA 278 -13.29 79.29 -26.11
C ILE ZA 278 -14.27 78.40 -25.38
N SER ZA 279 -15.37 78.01 -26.04
CA SER ZA 279 -16.33 77.11 -25.42
C SER ZA 279 -15.70 75.75 -25.13
N SER ZA 280 -14.87 75.25 -26.06
CA SER ZA 280 -14.21 73.97 -25.84
C SER ZA 280 -13.13 74.01 -24.77
N ILE ZA 281 -12.74 75.20 -24.31
CA ILE ZA 281 -11.72 75.33 -23.28
C ILE ZA 281 -12.21 74.69 -21.98
N THR AB 24 -36.84 71.58 -79.97
CA THR AB 24 -37.56 70.38 -80.39
C THR AB 24 -37.88 69.51 -79.17
N VAL AB 25 -37.12 69.73 -78.10
CA VAL AB 25 -37.30 69.07 -76.80
C VAL AB 25 -36.99 67.57 -76.90
N GLU AB 26 -37.60 66.88 -77.85
CA GLU AB 26 -37.33 65.45 -78.01
C GLU AB 26 -35.87 65.19 -78.36
N GLU AB 27 -35.38 65.88 -79.40
CA GLU AB 27 -33.98 65.75 -79.79
C GLU AB 27 -33.07 65.99 -78.61
N GLU AB 28 -33.44 66.90 -77.72
CA GLU AB 28 -32.71 67.07 -76.48
C GLU AB 28 -32.68 65.78 -75.67
N VAL AB 29 -33.79 65.02 -75.67
CA VAL AB 29 -33.84 63.79 -74.89
C VAL AB 29 -32.91 62.72 -75.48
N ILE AB 30 -32.99 62.50 -76.80
CA ILE AB 30 -32.09 61.48 -77.36
C ILE AB 30 -30.63 61.91 -77.25
N ARG AB 31 -30.35 63.20 -77.50
CA ARG AB 31 -28.99 63.69 -77.33
C ARG AB 31 -28.52 63.56 -75.89
N PHE AB 32 -29.43 63.76 -74.92
CA PHE AB 32 -29.06 63.58 -73.53
C PHE AB 32 -28.66 62.14 -73.25
N ALA AB 33 -29.43 61.18 -73.75
CA ALA AB 33 -29.09 59.77 -73.54
C ALA AB 33 -27.75 59.43 -74.17
N GLU AB 34 -27.55 59.84 -75.43
CA GLU AB 34 -26.31 59.51 -76.13
C GLU AB 34 -25.10 60.18 -75.47
N GLU AB 35 -25.24 61.46 -75.10
CA GLU AB 35 -24.15 62.17 -74.44
C GLU AB 35 -23.85 61.58 -73.08
N LEU AB 36 -24.87 61.13 -72.35
CA LEU AB 36 -24.63 60.47 -71.07
C LEU AB 36 -23.81 59.20 -71.25
N ALA AB 37 -24.19 58.37 -72.24
CA ALA AB 37 -23.43 57.15 -72.51
C ALA AB 37 -22.00 57.48 -72.92
N GLU AB 38 -21.83 58.50 -73.77
CA GLU AB 38 -20.49 58.90 -74.19
C GLU AB 38 -19.67 59.41 -73.01
N GLU AB 39 -20.32 60.09 -72.07
CA GLU AB 39 -19.60 60.57 -70.88
C GLU AB 39 -19.14 59.41 -70.00
N ILE AB 40 -19.98 58.38 -69.84
CA ILE AB 40 -19.52 57.20 -69.13
C ILE AB 40 -18.32 56.59 -69.84
N ARG AB 41 -18.38 56.52 -71.18
CA ARG AB 41 -17.25 55.97 -71.92
C ARG AB 41 -15.99 56.79 -71.73
N ARG AB 42 -16.12 58.12 -71.72
CA ARG AB 42 -14.96 58.99 -71.53
C ARG AB 42 -14.36 58.83 -70.14
N VAL AB 43 -15.20 58.85 -69.11
CA VAL AB 43 -14.69 58.82 -67.74
C VAL AB 43 -14.10 57.45 -67.41
N THR AB 44 -14.76 56.37 -67.83
CA THR AB 44 -14.32 55.02 -67.47
C THR AB 44 -13.71 54.24 -68.62
N GLY AB 45 -14.36 54.22 -69.79
CA GLY AB 45 -13.87 53.43 -70.90
C GLY AB 45 -14.69 52.18 -71.13
N GLU AB 46 -14.05 51.01 -71.02
CA GLU AB 46 -14.73 49.74 -71.20
C GLU AB 46 -14.68 48.88 -69.94
N ALA AB 47 -14.25 49.46 -68.81
CA ALA AB 47 -14.32 48.76 -67.54
C ALA AB 47 -15.75 48.66 -67.01
N TYR AB 48 -16.59 49.66 -67.29
CA TYR AB 48 -18.00 49.67 -66.92
C TYR AB 48 -18.79 49.81 -68.21
N ARG AB 49 -19.09 48.68 -68.85
CA ARG AB 49 -19.83 48.66 -70.10
C ARG AB 49 -21.29 48.30 -69.94
N GLU AB 50 -21.64 47.53 -68.90
CA GLU AB 50 -23.03 47.22 -68.64
C GLU AB 50 -23.83 48.48 -68.34
N TYR AB 51 -23.21 49.44 -67.65
CA TYR AB 51 -23.88 50.71 -67.38
C TYR AB 51 -24.16 51.47 -68.66
N ALA AB 52 -23.20 51.48 -69.59
CA ALA AB 52 -23.43 52.14 -70.88
C ALA AB 52 -24.53 51.42 -71.66
N GLU AB 53 -24.54 50.08 -71.61
CA GLU AB 53 -25.61 49.32 -72.26
C GLU AB 53 -26.97 49.69 -71.69
N ALA AB 54 -27.07 49.77 -70.36
CA ALA AB 54 -28.33 50.13 -69.72
C ALA AB 54 -28.76 51.54 -70.09
N VAL AB 55 -27.81 52.48 -70.14
CA VAL AB 55 -28.15 53.85 -70.49
C VAL AB 55 -28.64 53.93 -71.93
N ARG AB 56 -28.00 53.20 -72.85
CA ARG AB 56 -28.47 53.21 -74.24
C ARG AB 56 -29.84 52.55 -74.36
N HIS AB 57 -30.09 51.48 -73.59
CA HIS AB 57 -31.41 50.85 -73.59
C HIS AB 57 -32.47 51.83 -73.08
N LEU AB 58 -32.17 52.57 -72.02
CA LEU AB 58 -33.12 53.54 -71.50
C LEU AB 58 -33.33 54.69 -72.46
N GLY AB 59 -32.29 55.09 -73.20
CA GLY AB 59 -32.48 56.07 -74.25
C GLY AB 59 -33.39 55.56 -75.36
N GLU AB 60 -33.25 54.29 -75.73
CA GLU AB 60 -34.14 53.70 -76.71
C GLU AB 60 -35.57 53.67 -76.20
N ALA AB 61 -35.75 53.36 -74.91
CA ALA AB 61 -37.09 53.37 -74.31
C ALA AB 61 -37.69 54.77 -74.33
N ALA AB 62 -36.89 55.78 -74.00
CA ALA AB 62 -37.36 57.16 -74.03
C ALA AB 62 -37.73 57.58 -75.44
N LYS AB 63 -36.98 57.12 -76.44
CA LYS AB 63 -37.35 57.35 -77.82
C LYS AB 63 -38.68 56.68 -78.16
N ALA AB 64 -38.87 55.45 -77.69
CA ALA AB 64 -40.08 54.69 -78.00
C ALA AB 64 -41.32 55.33 -77.38
N VAL AB 65 -41.18 55.88 -76.18
CA VAL AB 65 -42.30 56.55 -75.53
C VAL AB 65 -42.81 57.71 -76.39
N LEU AB 66 -41.89 58.46 -76.98
CA LEU AB 66 -42.23 59.70 -77.66
C LEU AB 66 -42.94 59.49 -79.00
N GLU AB 67 -42.94 58.27 -79.53
CA GLU AB 67 -43.64 58.00 -80.79
C GLU AB 67 -45.04 57.44 -80.59
N GLY AB 68 -45.37 56.94 -79.40
CA GLY AB 68 -46.69 56.42 -79.14
C GLY AB 68 -46.70 54.99 -78.63
N ASN AB 69 -45.70 54.21 -79.03
CA ASN AB 69 -45.61 52.82 -78.59
C ASN AB 69 -45.31 52.78 -77.09
N SER AB 70 -46.26 52.25 -76.32
CA SER AB 70 -46.17 52.23 -74.87
C SER AB 70 -45.87 50.85 -74.29
N VAL AB 71 -45.87 49.80 -75.10
CA VAL AB 71 -45.55 48.47 -74.60
C VAL AB 71 -44.08 48.14 -74.81
N GLU AB 72 -43.51 48.58 -75.95
CA GLU AB 72 -42.07 48.43 -76.16
C GLU AB 72 -41.27 49.11 -75.06
N ALA AB 73 -41.77 50.25 -74.57
CA ALA AB 73 -41.10 50.92 -73.46
C ALA AB 73 -41.09 50.05 -72.22
N ASP AB 74 -42.21 49.39 -71.91
CA ASP AB 74 -42.26 48.49 -70.76
C ASP AB 74 -41.32 47.32 -70.93
N LEU AB 75 -41.27 46.75 -72.14
CA LEU AB 75 -40.37 45.63 -72.39
C LEU AB 75 -38.91 46.05 -72.22
N ILE AB 76 -38.56 47.24 -72.73
CA ILE AB 76 -37.18 47.71 -72.61
C ILE AB 76 -36.84 48.00 -71.16
N VAL AB 77 -37.79 48.56 -70.40
CA VAL AB 77 -37.54 48.82 -68.98
C VAL AB 77 -37.33 47.51 -68.23
N THR AB 78 -38.08 46.47 -68.58
CA THR AB 78 -37.85 45.16 -67.95
C THR AB 78 -36.48 44.60 -68.33
N ASP AB 79 -36.05 44.80 -69.57
CA ASP AB 79 -34.71 44.38 -69.98
C ASP AB 79 -33.65 45.11 -69.16
N VAL AB 80 -33.81 46.42 -68.97
CA VAL AB 80 -32.88 47.20 -68.16
C VAL AB 80 -32.90 46.69 -66.72
N LEU AB 81 -34.08 46.36 -66.21
CA LEU AB 81 -34.18 45.82 -64.86
C LEU AB 81 -33.40 44.52 -64.72
N ARG AB 82 -33.52 43.65 -65.72
CA ARG AB 82 -32.74 42.40 -65.68
C ARG AB 82 -31.24 42.68 -65.73
N LEU AB 83 -30.82 43.63 -66.57
CA LEU AB 83 -29.41 43.98 -66.64
C LEU AB 83 -28.90 44.49 -65.31
N LEU AB 84 -29.66 45.37 -64.66
CA LEU AB 84 -29.25 45.91 -63.37
C LEU AB 84 -29.28 44.84 -62.27
N GLU AB 85 -30.21 43.88 -62.38
CA GLU AB 85 -30.21 42.77 -61.44
C GLU AB 85 -28.96 41.91 -61.61
N ARG AB 86 -28.51 41.72 -62.85
CA ARG AB 86 -27.26 41.02 -63.08
C ARG AB 86 -26.07 41.81 -62.56
N ILE AB 87 -26.12 43.15 -62.67
CA ILE AB 87 -25.01 43.97 -62.20
C ILE AB 87 -24.82 43.83 -60.70
N GLY AB 88 -25.91 43.98 -59.94
CA GLY AB 88 -25.84 43.77 -58.50
C GLY AB 88 -25.77 45.02 -57.66
N GLU AB 89 -26.58 46.04 -58.00
CA GLU AB 89 -26.65 47.28 -57.23
C GLU AB 89 -28.07 47.38 -56.67
N GLU AB 90 -28.21 47.09 -55.38
CA GLU AB 90 -29.54 46.89 -54.79
C GLU AB 90 -30.41 48.13 -54.91
N GLY AB 91 -29.88 49.28 -54.53
CA GLY AB 91 -30.68 50.51 -54.59
C GLY AB 91 -31.08 50.86 -56.01
N LEU AB 92 -30.18 50.65 -56.96
CA LEU AB 92 -30.49 50.96 -58.35
C LEU AB 92 -31.56 50.02 -58.89
N VAL AB 93 -31.50 48.74 -58.50
CA VAL AB 93 -32.55 47.79 -58.88
C VAL AB 93 -33.89 48.20 -58.27
N LYS AB 94 -33.87 48.65 -57.01
CA LYS AB 94 -35.11 49.14 -56.39
C LYS AB 94 -35.70 50.30 -57.18
N LEU AB 95 -34.86 51.28 -57.52
CA LEU AB 95 -35.32 52.41 -58.32
C LEU AB 95 -35.84 51.94 -59.67
N ALA AB 96 -35.20 50.93 -60.26
CA ALA AB 96 -35.66 50.39 -61.54
C ALA AB 96 -37.05 49.77 -61.40
N ARG AB 97 -37.30 49.04 -60.32
CA ARG AB 97 -38.62 48.46 -60.12
C ARG AB 97 -39.69 49.54 -59.96
N GLU AB 98 -39.40 50.56 -59.15
CA GLU AB 98 -40.36 51.65 -59.00
C GLU AB 98 -40.62 52.36 -60.32
N VAL AB 99 -39.55 52.59 -61.10
CA VAL AB 99 -39.72 53.21 -62.41
C VAL AB 99 -40.58 52.35 -63.31
N HIS AB 100 -40.34 51.03 -63.30
CA HIS AB 100 -41.15 50.11 -64.10
C HIS AB 100 -42.63 50.25 -63.77
N GLU AB 101 -42.96 50.14 -62.47
CA GLU AB 101 -44.37 50.17 -62.07
C GLU AB 101 -45.01 51.51 -62.40
N ARG AB 102 -44.38 52.62 -61.98
CA ARG AB 102 -44.96 53.93 -62.18
C ARG AB 102 -45.07 54.26 -63.66
N SER AB 103 -44.04 53.93 -64.45
CA SER AB 103 -44.08 54.21 -65.89
C SER AB 103 -45.19 53.40 -66.56
N PHE AB 104 -45.35 52.13 -66.18
CA PHE AB 104 -46.45 51.35 -66.75
C PHE AB 104 -47.79 52.00 -66.45
N GLU AB 105 -48.03 52.34 -65.18
CA GLU AB 105 -49.32 52.91 -64.81
C GLU AB 105 -49.57 54.24 -65.51
N LEU AB 106 -48.57 55.12 -65.54
CA LEU AB 106 -48.75 56.43 -66.16
C LEU AB 106 -48.92 56.32 -67.66
N LEU AB 107 -48.18 55.43 -68.32
CA LEU AB 107 -48.33 55.25 -69.75
C LEU AB 107 -49.69 54.66 -70.10
N ARG AB 108 -50.21 53.76 -69.26
CA ARG AB 108 -51.58 53.30 -69.46
C ARG AB 108 -52.57 54.45 -69.30
N LYS AB 109 -52.38 55.28 -68.27
CA LYS AB 109 -53.28 56.42 -68.09
C LYS AB 109 -53.08 57.47 -69.18
N GLY AB 110 -51.83 57.80 -69.50
CA GLY AB 110 -51.55 58.75 -70.55
C GLY AB 110 -50.57 59.84 -70.18
N ASN AB 111 -49.91 59.70 -69.04
CA ASN AB 111 -48.93 60.69 -68.58
C ASN AB 111 -47.58 60.39 -69.21
N ARG AB 112 -47.41 60.89 -70.44
CA ARG AB 112 -46.16 60.67 -71.17
C ARG AB 112 -44.98 61.36 -70.50
N VAL AB 113 -45.19 62.60 -70.05
CA VAL AB 113 -44.09 63.43 -69.57
C VAL AB 113 -43.49 62.85 -68.31
N GLU AB 114 -44.33 62.37 -67.38
CA GLU AB 114 -43.80 61.82 -66.13
C GLU AB 114 -43.06 60.51 -66.36
N ALA AB 115 -43.54 59.67 -67.29
CA ALA AB 115 -42.81 58.46 -67.63
C ALA AB 115 -41.46 58.79 -68.24
N LEU AB 116 -41.41 59.80 -69.13
CA LEU AB 116 -40.13 60.24 -69.67
C LEU AB 116 -39.21 60.73 -68.57
N ALA AB 117 -39.74 61.49 -67.61
CA ALA AB 117 -38.93 61.99 -66.51
C ALA AB 117 -38.37 60.83 -65.68
N LEU AB 118 -39.19 59.82 -65.40
CA LEU AB 118 -38.71 58.67 -64.63
C LEU AB 118 -37.62 57.90 -65.40
N ILE AB 119 -37.79 57.74 -66.71
CA ILE AB 119 -36.78 57.03 -67.50
C ILE AB 119 -35.46 57.80 -67.48
N LEU AB 120 -35.54 59.12 -67.65
CA LEU AB 120 -34.32 59.94 -67.64
C LEU AB 120 -33.67 59.91 -66.26
N ALA AB 121 -34.46 59.94 -65.19
CA ALA AB 121 -33.90 59.86 -63.85
C ALA AB 121 -33.20 58.53 -63.63
N LEU AB 122 -33.79 57.43 -64.11
CA LEU AB 122 -33.13 56.13 -63.98
C LEU AB 122 -31.82 56.11 -64.75
N ALA AB 123 -31.80 56.66 -65.97
CA ALA AB 123 -30.56 56.68 -66.75
C ALA AB 123 -29.48 57.49 -66.04
N LEU AB 124 -29.86 58.66 -65.50
CA LEU AB 124 -28.90 59.47 -64.76
C LEU AB 124 -28.39 58.75 -63.53
N ALA AB 125 -29.28 58.02 -62.84
CA ALA AB 125 -28.86 57.26 -61.66
C ALA AB 125 -27.82 56.21 -62.04
N VAL AB 126 -28.07 55.48 -63.13
CA VAL AB 126 -27.10 54.47 -63.58
C VAL AB 126 -25.75 55.12 -63.89
N ALA AB 127 -25.78 56.21 -64.67
CA ALA AB 127 -24.54 56.86 -65.07
C ALA AB 127 -23.77 57.39 -63.87
N LEU AB 128 -24.47 58.03 -62.93
CA LEU AB 128 -23.81 58.60 -61.76
C LEU AB 128 -23.27 57.50 -60.86
N THR AB 129 -23.99 56.39 -60.73
CA THR AB 129 -23.49 55.27 -59.94
C THR AB 129 -22.19 54.74 -60.53
N ALA AB 130 -22.17 54.54 -61.85
CA ALA AB 130 -20.96 54.04 -62.51
C ALA AB 130 -19.80 55.02 -62.32
N VAL AB 131 -20.05 56.30 -62.54
CA VAL AB 131 -18.98 57.30 -62.45
C VAL AB 131 -18.45 57.40 -61.02
N SER AB 132 -19.35 57.40 -60.03
CA SER AB 132 -18.91 57.49 -58.64
C SER AB 132 -18.12 56.25 -58.23
N LYS AB 133 -18.55 55.06 -58.67
CA LYS AB 133 -17.80 53.86 -58.35
C LYS AB 133 -16.41 53.91 -58.96
N ALA AB 134 -16.31 54.36 -60.21
CA ALA AB 134 -15.00 54.47 -60.85
C ALA AB 134 -14.11 55.47 -60.12
N PHE AB 135 -14.68 56.62 -59.75
CA PHE AB 135 -13.90 57.65 -59.06
C PHE AB 135 -13.40 57.16 -57.70
N PHE AB 136 -14.25 56.47 -56.95
CA PHE AB 136 -13.81 55.93 -55.67
C PHE AB 136 -12.76 54.85 -55.85
N LEU AB 137 -12.92 53.99 -56.86
CA LEU AB 137 -11.94 52.94 -57.10
C LEU AB 137 -10.58 53.53 -57.45
N LEU AB 138 -10.55 54.58 -58.28
CA LEU AB 138 -9.29 55.23 -58.60
C LEU AB 138 -8.64 55.83 -57.35
N GLY AB 139 -9.43 56.53 -56.55
CA GLY AB 139 -8.92 57.15 -55.34
C GLY AB 139 -9.03 58.66 -55.35
N GLN AB 140 -9.95 59.16 -56.18
CA GLN AB 140 -10.10 60.60 -56.35
C GLN AB 140 -10.65 61.24 -55.08
N PRO AB 141 -10.34 62.51 -54.84
CA PRO AB 141 -10.98 63.22 -53.72
C PRO AB 141 -12.42 63.59 -54.04
N ALA AB 142 -13.14 64.00 -53.00
CA ALA AB 142 -14.57 64.23 -53.09
C ALA AB 142 -14.93 65.44 -53.94
N ARG AB 143 -13.99 66.34 -54.21
CA ARG AB 143 -14.31 67.59 -54.88
C ARG AB 143 -14.83 67.35 -56.29
N LEU AB 144 -14.08 66.58 -57.10
CA LEU AB 144 -14.48 66.36 -58.48
C LEU AB 144 -15.75 65.52 -58.56
N ILE AB 145 -15.90 64.54 -57.66
CA ILE AB 145 -17.13 63.76 -57.62
C ILE AB 145 -18.33 64.66 -57.37
N ALA AB 146 -18.21 65.56 -56.39
CA ALA AB 146 -19.31 66.46 -56.08
C ALA AB 146 -19.61 67.39 -57.25
N GLU AB 147 -18.56 67.93 -57.89
CA GLU AB 147 -18.79 68.83 -59.02
C GLU AB 147 -19.46 68.12 -60.18
N TYR AB 148 -19.02 66.90 -60.49
CA TYR AB 148 -19.63 66.16 -61.59
C TYR AB 148 -21.08 65.80 -61.30
N VAL AB 149 -21.36 65.37 -60.06
CA VAL AB 149 -22.73 65.03 -59.68
C VAL AB 149 -23.62 66.26 -59.79
N GLY AB 150 -23.14 67.40 -59.28
CA GLY AB 150 -23.92 68.62 -59.38
C GLY AB 150 -24.18 69.03 -60.82
N GLU AB 151 -23.16 68.94 -61.68
CA GLU AB 151 -23.34 69.33 -63.07
C GLU AB 151 -24.35 68.43 -63.77
N LYS AB 152 -24.26 67.11 -63.54
CA LYS AB 152 -25.21 66.19 -64.17
C LYS AB 152 -26.62 66.43 -63.66
N LEU AB 153 -26.78 66.67 -62.36
CA LEU AB 153 -28.11 66.98 -61.82
C LEU AB 153 -28.66 68.27 -62.42
N LEU AB 154 -27.78 69.27 -62.61
CA LEU AB 154 -28.21 70.51 -63.25
C LEU AB 154 -28.69 70.28 -64.67
N GLU AB 155 -27.95 69.45 -65.44
CA GLU AB 155 -28.36 69.16 -66.80
C GLU AB 155 -29.71 68.45 -66.82
N LEU AB 156 -29.90 67.47 -65.93
CA LEU AB 156 -31.18 66.77 -65.88
C LEU AB 156 -32.31 67.72 -65.48
N ARG AB 157 -32.05 68.62 -64.53
CA ARG AB 157 -33.07 69.58 -64.12
C ARG AB 157 -33.46 70.51 -65.27
N ARG AB 158 -32.48 71.00 -66.03
CA ARG AB 158 -32.80 71.83 -67.18
C ARG AB 158 -33.61 71.07 -68.21
N LEU AB 159 -33.24 69.81 -68.49
CA LEU AB 159 -33.99 69.02 -69.46
C LEU AB 159 -35.43 68.81 -69.00
N LEU AB 160 -35.62 68.45 -67.73
CA LEU AB 160 -36.97 68.21 -67.23
C LEU AB 160 -37.80 69.48 -67.22
N GLU AB 161 -37.20 70.61 -66.85
CA GLU AB 161 -37.92 71.88 -66.90
C GLU AB 161 -38.29 72.24 -68.32
N LYS AB 162 -37.44 71.92 -69.29
CA LYS AB 162 -37.79 72.14 -70.70
C LYS AB 162 -38.95 71.23 -71.11
N LEU AB 163 -38.98 70.00 -70.60
CA LEU AB 163 -40.06 69.08 -70.95
C LEU AB 163 -41.41 69.57 -70.43
N GLY AB 164 -41.47 69.93 -69.15
CA GLY AB 164 -42.71 70.43 -68.58
C GLY AB 164 -43.09 69.82 -67.24
N VAL AB 165 -42.21 68.99 -66.69
CA VAL AB 165 -42.50 68.35 -65.40
C VAL AB 165 -42.59 69.41 -64.32
N PRO AB 166 -43.58 69.35 -63.42
CA PRO AB 166 -43.65 70.34 -62.34
C PRO AB 166 -42.43 70.27 -61.45
N LEU AB 167 -42.06 71.44 -60.91
CA LEU AB 167 -40.79 71.55 -60.18
C LEU AB 167 -40.70 70.64 -58.97
N PRO AB 168 -41.71 70.53 -58.08
CA PRO AB 168 -41.56 69.62 -56.94
C PRO AB 168 -41.29 68.18 -57.33
N GLU AB 169 -41.91 67.70 -58.41
CA GLU AB 169 -41.63 66.34 -58.87
C GLU AB 169 -40.20 66.21 -59.38
N VAL AB 170 -39.72 67.23 -60.08
CA VAL AB 170 -38.32 67.23 -60.53
C VAL AB 170 -37.39 67.12 -59.34
N ILE AB 171 -37.63 67.92 -58.30
CA ILE AB 171 -36.77 67.89 -57.13
C ILE AB 171 -36.84 66.53 -56.45
N ALA AB 172 -38.05 65.96 -56.32
CA ALA AB 172 -38.18 64.64 -55.71
C ALA AB 172 -37.39 63.60 -56.47
N LEU AB 173 -37.44 63.66 -57.81
CA LEU AB 173 -36.64 62.75 -58.62
C LEU AB 173 -35.15 62.96 -58.39
N LEU AB 174 -34.73 64.22 -58.25
CA LEU AB 174 -33.30 64.49 -58.03
C LEU AB 174 -32.81 63.91 -56.70
N LEU AB 175 -33.58 64.09 -55.61
CA LEU AB 175 -33.16 63.43 -54.37
C LEU AB 175 -33.35 61.92 -54.41
N ARG AB 176 -34.23 61.39 -55.26
CA ARG AB 176 -34.25 59.94 -55.45
C ARG AB 176 -32.94 59.45 -56.06
N VAL AB 177 -32.48 60.14 -57.10
CA VAL AB 177 -31.19 59.80 -57.70
C VAL AB 177 -30.06 59.94 -56.69
N LEU AB 178 -30.10 61.01 -55.90
CA LEU AB 178 -29.06 61.24 -54.90
C LEU AB 178 -29.10 60.16 -53.81
N GLU AB 179 -30.29 59.70 -53.45
CA GLU AB 179 -30.41 58.61 -52.48
C GLU AB 179 -29.79 57.34 -53.04
N VAL AB 180 -30.04 57.05 -54.33
CA VAL AB 180 -29.44 55.88 -54.96
C VAL AB 180 -27.93 55.98 -54.93
N VAL AB 181 -27.40 57.15 -55.30
CA VAL AB 181 -25.94 57.35 -55.32
C VAL AB 181 -25.35 57.21 -53.93
N GLU AB 182 -26.02 57.78 -52.92
CA GLU AB 182 -25.53 57.68 -51.54
C GLU AB 182 -25.53 56.24 -51.06
N GLU AB 183 -26.57 55.48 -51.40
CA GLU AB 183 -26.62 54.08 -51.00
C GLU AB 183 -25.49 53.29 -51.66
N SER AB 184 -25.24 53.56 -52.95
CA SER AB 184 -24.14 52.90 -53.64
C SER AB 184 -22.80 53.23 -52.99
N LEU AB 185 -22.59 54.51 -52.65
CA LEU AB 185 -21.34 54.91 -52.02
C LEU AB 185 -21.18 54.26 -50.66
N LYS AB 186 -22.26 54.21 -49.87
CA LYS AB 186 -22.19 53.60 -48.55
C LYS AB 186 -21.88 52.12 -48.64
N ALA AB 187 -22.52 51.41 -49.57
CA ALA AB 187 -22.33 49.98 -49.69
C ALA AB 187 -20.96 49.63 -50.28
N MET AB 188 -20.42 50.49 -51.14
CA MET AB 188 -19.16 50.16 -51.81
C MET AB 188 -17.97 50.24 -50.86
N GLY AB 189 -17.99 51.17 -49.90
CA GLY AB 189 -16.92 51.23 -48.92
C GLY AB 189 -16.47 52.62 -48.50
N MET AB 190 -17.07 53.66 -49.06
CA MET AB 190 -16.69 55.02 -48.71
C MET AB 190 -16.94 55.32 -47.24
N GLU AB 191 -16.08 56.13 -46.64
CA GLU AB 191 -16.28 56.57 -45.28
C GLU AB 191 -17.43 57.57 -45.23
N PRO AB 192 -18.23 57.54 -44.15
CA PRO AB 192 -19.45 58.37 -44.11
C PRO AB 192 -19.21 59.86 -44.32
N ARG AB 193 -18.09 60.40 -43.84
CA ARG AB 193 -17.88 61.84 -43.90
C ARG AB 193 -17.80 62.33 -45.34
N GLU AB 194 -17.11 61.60 -46.21
CA GLU AB 194 -17.02 62.00 -47.61
C GLU AB 194 -18.37 61.92 -48.32
N ILE AB 195 -19.16 60.90 -48.01
CA ILE AB 195 -20.50 60.79 -48.59
C ILE AB 195 -21.36 61.97 -48.15
N ASN AB 196 -21.30 62.30 -46.86
CA ASN AB 196 -22.03 63.47 -46.38
C ASN AB 196 -21.58 64.73 -47.07
N ARG AB 197 -20.26 64.88 -47.28
CA ARG AB 197 -19.73 66.07 -47.93
C ARG AB 197 -20.24 66.20 -49.37
N VAL AB 198 -20.21 65.08 -50.13
CA VAL AB 198 -20.61 65.17 -51.52
C VAL AB 198 -22.12 65.39 -51.63
N LEU AB 199 -22.91 64.74 -50.77
CA LEU AB 199 -24.35 64.97 -50.79
C LEU AB 199 -24.68 66.42 -50.43
N ALA AB 200 -23.99 66.96 -49.43
CA ALA AB 200 -24.21 68.35 -49.05
C ALA AB 200 -23.83 69.29 -50.19
N ALA AB 201 -22.73 69.01 -50.89
CA ALA AB 201 -22.34 69.85 -52.02
C ALA AB 201 -23.38 69.79 -53.14
N ALA AB 202 -23.92 68.61 -53.42
CA ALA AB 202 -24.95 68.48 -54.45
C ALA AB 202 -26.20 69.25 -54.06
N TYR AB 203 -26.63 69.12 -52.81
CA TYR AB 203 -27.79 69.89 -52.34
C TYR AB 203 -27.52 71.38 -52.42
N LEU AB 204 -26.30 71.81 -52.08
CA LEU AB 204 -25.98 73.22 -52.11
C LEU AB 204 -26.00 73.79 -53.52
N THR AB 205 -25.45 73.06 -54.50
CA THR AB 205 -25.48 73.58 -55.86
C THR AB 205 -26.89 73.57 -56.43
N LEU AB 206 -27.70 72.56 -56.08
CA LEU AB 206 -29.09 72.55 -56.51
C LEU AB 206 -29.85 73.75 -55.94
N ALA AB 207 -29.67 74.01 -54.64
CA ALA AB 207 -30.34 75.14 -54.01
C ALA AB 207 -29.85 76.47 -54.56
N ALA AB 208 -28.55 76.56 -54.86
CA ALA AB 208 -28.00 77.78 -55.44
C ALA AB 208 -28.61 78.06 -56.81
N GLU AB 209 -28.73 77.04 -57.65
CA GLU AB 209 -29.40 77.22 -58.94
C GLU AB 209 -30.84 77.63 -58.75
N LEU AB 210 -31.55 76.98 -57.81
CA LEU AB 210 -32.95 77.31 -57.59
C LEU AB 210 -33.12 78.76 -57.16
N LEU AB 211 -32.26 79.23 -56.25
CA LEU AB 211 -32.35 80.61 -55.80
C LEU AB 211 -31.96 81.58 -56.91
N GLU AB 212 -30.93 81.26 -57.69
CA GLU AB 212 -30.51 82.14 -58.77
C GLU AB 212 -31.58 82.28 -59.85
N ARG AB 213 -32.35 81.23 -60.08
CA ARG AB 213 -33.42 81.31 -61.07
C ARG AB 213 -34.43 82.39 -60.73
N LEU AB 214 -34.64 82.66 -59.43
CA LEU AB 214 -35.60 83.66 -58.99
C LEU AB 214 -35.02 85.08 -58.95
N GLY AB 215 -33.73 85.25 -59.21
CA GLY AB 215 -33.10 86.55 -59.22
C GLY AB 215 -32.28 86.88 -58.00
N LEU AB 216 -32.38 86.10 -56.93
CA LEU AB 216 -31.60 86.34 -55.71
C LEU AB 216 -30.17 85.85 -55.93
N THR AB 217 -29.44 86.62 -56.75
CA THR AB 217 -28.10 86.21 -57.14
C THR AB 217 -27.09 86.30 -55.99
N ALA AB 218 -27.23 87.27 -55.10
CA ALA AB 218 -26.29 87.39 -53.98
C ALA AB 218 -26.42 86.21 -53.01
N LEU AB 219 -27.66 85.79 -52.74
CA LEU AB 219 -27.87 84.62 -51.88
C LEU AB 219 -27.28 83.37 -52.52
N ALA AB 220 -27.48 83.21 -53.83
CA ALA AB 220 -26.88 82.08 -54.53
C ALA AB 220 -25.36 82.12 -54.47
N ALA AB 221 -24.78 83.32 -54.60
CA ALA AB 221 -23.32 83.45 -54.50
C ALA AB 221 -22.84 83.07 -53.11
N ARG AB 222 -23.58 83.46 -52.07
CA ARG AB 222 -23.21 83.06 -50.71
C ARG AB 222 -23.30 81.55 -50.53
N ILE AB 223 -24.33 80.93 -51.12
CA ILE AB 223 -24.45 79.47 -51.04
C ILE AB 223 -23.28 78.79 -51.74
N ARG AB 224 -22.88 79.31 -52.92
CA ARG AB 224 -21.73 78.76 -53.61
C ARG AB 224 -20.45 78.92 -52.80
N ARG AB 225 -20.28 80.09 -52.15
CA ARG AB 225 -19.13 80.28 -51.28
C ARG AB 225 -19.13 79.26 -50.14
N ALA AB 226 -20.29 79.00 -49.54
CA ALA AB 226 -20.38 78.01 -48.48
C ALA AB 226 -20.02 76.62 -48.99
N ARG AB 227 -20.49 76.28 -50.19
CA ARG AB 227 -20.15 74.98 -50.77
C ARG AB 227 -18.65 74.86 -51.01
N GLU AB 228 -18.03 75.91 -51.56
CA GLU AB 228 -16.60 75.88 -51.83
C GLU AB 228 -15.80 75.76 -50.54
N LEU AB 229 -16.20 76.47 -49.49
CA LEU AB 229 -15.53 76.32 -48.20
C LEU AB 229 -15.73 74.92 -47.63
N LEU AB 230 -16.90 74.32 -47.85
CA LEU AB 230 -17.14 72.96 -47.39
C LEU AB 230 -16.23 71.96 -48.10
N LEU AB 231 -16.07 72.11 -49.42
CA LEU AB 231 -15.26 71.17 -50.17
C LEU AB 231 -13.77 71.31 -49.89
N ALA AB 232 -13.34 72.41 -49.29
CA ALA AB 232 -11.94 72.66 -48.99
C ALA AB 232 -11.53 72.21 -47.60
N GLY AB 233 -12.42 71.55 -46.86
CA GLY AB 233 -12.14 71.11 -45.52
C GLY AB 233 -12.54 72.08 -44.43
N ARG AB 234 -12.95 73.31 -44.78
CA ARG AB 234 -13.38 74.30 -43.81
C ARG AB 234 -14.87 74.05 -43.52
N VAL AB 235 -15.12 73.27 -42.47
CA VAL AB 235 -16.49 72.80 -42.20
C VAL AB 235 -17.28 73.84 -41.42
N GLU AB 236 -16.73 74.35 -40.32
CA GLU AB 236 -17.49 75.23 -39.43
C GLU AB 236 -17.80 76.56 -40.11
N GLU AB 237 -16.86 77.10 -40.88
CA GLU AB 237 -17.11 78.36 -41.57
C GLU AB 237 -18.23 78.20 -42.58
N ALA AB 238 -18.23 77.12 -43.34
CA ALA AB 238 -19.33 76.84 -44.27
C ALA AB 238 -20.64 76.64 -43.51
N LEU AB 239 -20.58 75.98 -42.37
CA LEU AB 239 -21.78 75.78 -41.54
C LEU AB 239 -22.39 77.13 -41.15
N HIS AB 240 -21.56 78.04 -40.65
CA HIS AB 240 -22.09 79.34 -40.22
C HIS AB 240 -22.57 80.17 -41.40
N LEU AB 241 -21.86 80.12 -42.53
CA LEU AB 241 -22.32 80.84 -43.71
C LEU AB 241 -23.68 80.32 -44.15
N LEU AB 242 -23.85 78.99 -44.14
CA LEU AB 242 -25.14 78.41 -44.51
C LEU AB 242 -26.23 78.79 -43.53
N GLN AB 243 -25.92 78.82 -42.23
CA GLN AB 243 -26.93 79.22 -41.25
C GLN AB 243 -27.37 80.66 -41.45
N ASP AB 244 -26.41 81.56 -41.71
CA ASP AB 244 -26.78 82.95 -41.97
C ASP AB 244 -27.62 83.08 -43.24
N ALA AB 245 -27.24 82.34 -44.30
CA ALA AB 245 -28.03 82.34 -45.52
C ALA AB 245 -29.44 81.83 -45.28
N VAL AB 246 -29.57 80.78 -44.47
CA VAL AB 246 -30.89 80.23 -44.16
C VAL AB 246 -31.72 81.23 -43.38
N GLU AB 247 -31.11 81.94 -42.42
CA GLU AB 247 -31.86 82.95 -41.68
C GLU AB 247 -32.35 84.07 -42.59
N LEU AB 248 -31.50 84.51 -43.52
CA LEU AB 248 -31.92 85.58 -44.43
C LEU AB 248 -33.00 85.09 -45.37
N LEU AB 249 -32.89 83.83 -45.84
CA LEU AB 249 -33.93 83.25 -46.68
C LEU AB 249 -35.25 83.15 -45.94
N HIS AB 250 -35.20 82.76 -44.65
CA HIS AB 250 -36.41 82.72 -43.84
C HIS AB 250 -37.02 84.11 -43.69
N GLU AB 251 -36.18 85.13 -43.50
CA GLU AB 251 -36.66 86.50 -43.42
C GLU AB 251 -37.40 86.88 -44.69
N ARG AB 252 -36.81 86.60 -45.85
CA ARG AB 252 -37.46 86.91 -47.12
C ARG AB 252 -38.76 86.14 -47.28
N ILE AB 253 -38.76 84.86 -46.93
CA ILE AB 253 -39.94 84.01 -47.11
C ILE AB 253 -41.09 84.51 -46.25
N ARG AB 254 -40.82 84.80 -44.98
CA ARG AB 254 -41.86 85.31 -44.10
C ARG AB 254 -42.23 86.76 -44.41
N GLU AB 255 -41.39 87.49 -45.14
CA GLU AB 255 -41.80 88.79 -45.64
C GLU AB 255 -42.78 88.66 -46.80
N LEU AB 256 -42.55 87.69 -47.70
CA LEU AB 256 -43.45 87.51 -48.83
C LEU AB 256 -44.82 87.01 -48.39
N GLY AB 257 -44.85 86.02 -47.50
CA GLY AB 257 -46.09 85.48 -47.00
C GLY AB 257 -46.49 84.21 -47.74
N PHE AB 258 -47.75 84.16 -48.18
CA PHE AB 258 -48.29 83.01 -48.89
C PHE AB 258 -48.15 83.11 -50.40
N GLU AB 259 -47.54 84.18 -50.90
CA GLU AB 259 -47.27 84.35 -52.32
C GLU AB 259 -45.82 84.02 -52.67
N ALA AB 260 -45.13 83.29 -51.80
CA ALA AB 260 -43.74 82.92 -52.07
C ALA AB 260 -43.70 81.85 -53.16
N PRO AB 261 -42.94 82.07 -54.23
CA PRO AB 261 -42.83 81.03 -55.27
C PRO AB 261 -42.24 79.75 -54.71
N GLU AB 262 -42.57 78.63 -55.36
CA GLU AB 262 -42.12 77.32 -54.92
C GLU AB 262 -40.59 77.21 -54.87
N GLU AB 263 -39.89 78.06 -55.63
CA GLU AB 263 -38.44 78.02 -55.63
C GLU AB 263 -37.87 78.28 -54.24
N LEU AB 264 -38.42 79.28 -53.54
CA LEU AB 264 -37.93 79.61 -52.20
C LEU AB 264 -38.15 78.46 -51.23
N LEU AB 265 -39.33 77.84 -51.26
CA LEU AB 265 -39.62 76.75 -50.32
C LEU AB 265 -38.75 75.53 -50.61
N LEU AB 266 -38.60 75.17 -51.88
CA LEU AB 266 -37.77 74.03 -52.23
C LEU AB 266 -36.30 74.29 -51.88
N ALA AB 267 -35.82 75.52 -52.13
CA ALA AB 267 -34.47 75.87 -51.75
C ALA AB 267 -34.28 75.81 -50.24
N ASP AB 268 -35.28 76.26 -49.48
CA ASP AB 268 -35.20 76.20 -48.03
C ASP AB 268 -35.12 74.75 -47.55
N LEU AB 269 -35.93 73.86 -48.12
CA LEU AB 269 -35.87 72.45 -47.73
C LEU AB 269 -34.50 71.85 -48.07
N LEU AB 270 -33.99 72.14 -49.26
CA LEU AB 270 -32.68 71.62 -49.65
C LEU AB 270 -31.59 72.16 -48.74
N LEU AB 271 -31.68 73.43 -48.37
CA LEU AB 271 -30.69 74.03 -47.47
C LEU AB 271 -30.76 73.42 -46.08
N GLN AB 272 -31.97 73.08 -45.62
CA GLN AB 272 -32.07 72.40 -44.32
C GLN AB 272 -31.44 71.01 -44.38
N ARG AB 273 -31.67 70.27 -45.46
CA ARG AB 273 -31.03 68.96 -45.59
C ARG AB 273 -29.50 69.10 -45.64
N ALA AB 274 -29.01 70.10 -46.38
CA ALA AB 274 -27.57 70.34 -46.44
C ALA AB 274 -27.02 70.74 -45.08
N LEU AB 275 -27.77 71.54 -44.32
CA LEU AB 275 -27.35 71.93 -42.98
C LEU AB 275 -27.23 70.71 -42.07
N GLU AB 276 -28.24 69.83 -42.12
CA GLU AB 276 -28.19 68.61 -41.31
C GLU AB 276 -26.98 67.76 -41.69
N LEU AB 277 -26.76 67.57 -43.00
CA LEU AB 277 -25.64 66.74 -43.46
C LEU AB 277 -24.30 67.34 -43.05
N ILE AB 278 -24.15 68.66 -43.17
CA ILE AB 278 -22.90 69.32 -42.81
C ILE AB 278 -22.67 69.21 -41.30
N SER AB 279 -23.72 69.39 -40.50
CA SER AB 279 -23.58 69.26 -39.05
C SER AB 279 -23.19 67.84 -38.66
N SER AB 280 -23.73 66.84 -39.37
CA SER AB 280 -23.40 65.46 -39.06
C SER AB 280 -21.98 65.06 -39.47
N ILE AB 281 -21.29 65.90 -40.23
CA ILE AB 281 -19.93 65.60 -40.66
C ILE AB 281 -19.00 65.55 -39.45
N THR BB 24 -82.00 66.78 -41.30
CA THR BB 24 -82.81 66.06 -40.33
C THR BB 24 -81.97 65.62 -39.14
N VAL BB 25 -80.66 65.51 -39.35
CA VAL BB 25 -79.67 65.25 -38.32
C VAL BB 25 -79.75 63.80 -37.81
N GLU BB 26 -80.93 63.37 -37.36
CA GLU BB 26 -81.05 62.01 -36.83
C GLU BB 26 -80.80 60.97 -37.91
N GLU BB 27 -81.50 61.09 -39.04
CA GLU BB 27 -81.28 60.16 -40.14
C GLU BB 27 -79.82 60.11 -40.54
N GLU BB 28 -79.10 61.24 -40.42
CA GLU BB 28 -77.66 61.20 -40.59
C GLU BB 28 -77.01 60.25 -39.60
N VAL BB 29 -77.51 60.19 -38.37
CA VAL BB 29 -76.91 59.32 -37.35
C VAL BB 29 -77.13 57.85 -37.70
N ILE BB 30 -78.38 57.46 -38.01
CA ILE BB 30 -78.61 56.05 -38.32
C ILE BB 30 -77.90 55.67 -39.63
N ARG BB 31 -77.92 56.56 -40.62
CA ARG BB 31 -77.19 56.28 -41.85
C ARG BB 31 -75.69 56.16 -41.60
N PHE BB 32 -75.15 56.96 -40.68
CA PHE BB 32 -73.74 56.85 -40.35
C PHE BB 32 -73.44 55.48 -39.76
N ALA BB 33 -74.29 55.01 -38.84
CA ALA BB 33 -74.06 53.69 -38.25
C ALA BB 33 -74.13 52.59 -39.31
N GLU BB 34 -75.16 52.62 -40.15
CA GLU BB 34 -75.32 51.58 -41.17
C GLU BB 34 -74.18 51.63 -42.19
N GLU BB 35 -73.79 52.83 -42.62
CA GLU BB 35 -72.69 52.96 -43.58
C GLU BB 35 -71.37 52.52 -42.97
N LEU BB 36 -71.16 52.77 -41.67
CA LEU BB 36 -69.95 52.29 -41.02
C LEU BB 36 -69.90 50.78 -41.00
N ALA BB 37 -71.03 50.14 -40.67
CA ALA BB 37 -71.07 48.68 -40.69
C ALA BB 37 -70.83 48.13 -42.09
N GLU BB 38 -71.45 48.76 -43.10
CA GLU BB 38 -71.27 48.32 -44.49
C GLU BB 38 -69.83 48.51 -44.94
N GLU BB 39 -69.18 49.59 -44.50
CA GLU BB 39 -67.78 49.81 -44.83
C GLU BB 39 -66.88 48.75 -44.20
N ILE BB 40 -67.17 48.36 -42.96
CA ILE BB 40 -66.44 47.25 -42.36
C ILE BB 40 -66.62 45.99 -43.20
N ARG BB 41 -67.85 45.72 -43.63
CA ARG BB 41 -68.11 44.54 -44.44
C ARG BB 41 -67.35 44.59 -45.76
N ARG BB 42 -67.33 45.75 -46.41
CA ARG BB 42 -66.62 45.89 -47.67
C ARG BB 42 -65.11 45.70 -47.50
N VAL BB 43 -64.53 46.31 -46.46
CA VAL BB 43 -63.09 46.26 -46.28
C VAL BB 43 -62.64 44.86 -45.89
N THR BB 44 -63.38 44.20 -45.01
CA THR BB 44 -62.96 42.90 -44.48
C THR BB 44 -63.80 41.73 -44.99
N GLY BB 45 -65.12 41.85 -44.95
CA GLY BB 45 -65.97 40.73 -45.34
C GLY BB 45 -66.65 40.09 -44.16
N GLU BB 46 -66.36 38.81 -43.91
CA GLU BB 46 -66.92 38.08 -42.78
C GLU BB 46 -65.85 37.54 -41.86
N ALA BB 47 -64.60 37.99 -42.02
CA ALA BB 47 -63.55 37.64 -41.08
C ALA BB 47 -63.66 38.40 -39.77
N TYR BB 48 -64.17 39.64 -39.81
CA TYR BB 48 -64.39 40.46 -38.62
C TYR BB 48 -65.87 40.78 -38.59
N ARG BB 49 -66.66 39.89 -37.99
CA ARG BB 49 -68.11 40.06 -37.92
C ARG BB 49 -68.58 40.54 -36.55
N GLU BB 50 -67.84 40.24 -35.49
CA GLU BB 50 -68.19 40.75 -34.16
C GLU BB 50 -68.12 42.27 -34.14
N TYR BB 51 -67.16 42.84 -34.86
CA TYR BB 51 -67.05 44.31 -34.93
C TYR BB 51 -68.28 44.90 -35.61
N ALA BB 52 -68.73 44.29 -36.70
CA ALA BB 52 -69.95 44.77 -37.37
C ALA BB 52 -71.16 44.62 -36.46
N GLU BB 53 -71.23 43.52 -35.71
CA GLU BB 53 -72.32 43.33 -34.75
C GLU BB 53 -72.31 44.43 -33.70
N ALA BB 54 -71.13 44.75 -33.17
CA ALA BB 54 -71.02 45.81 -32.17
C ALA BB 54 -71.41 47.16 -32.76
N VAL BB 55 -71.00 47.45 -33.99
CA VAL BB 55 -71.34 48.71 -34.61
C VAL BB 55 -72.84 48.82 -34.82
N ARG BB 56 -73.49 47.74 -35.27
CA ARG BB 56 -74.94 47.78 -35.44
C ARG BB 56 -75.66 47.92 -34.11
N HIS BB 57 -75.15 47.27 -33.06
CA HIS BB 57 -75.73 47.44 -31.73
C HIS BB 57 -75.61 48.88 -31.25
N LEU BB 58 -74.45 49.50 -31.46
CA LEU BB 58 -74.29 50.90 -31.07
C LEU BB 58 -75.17 51.83 -31.89
N GLY BB 59 -75.37 51.52 -33.17
CA GLY BB 59 -76.34 52.28 -33.95
C GLY BB 59 -77.74 52.15 -33.42
N GLU BB 60 -78.13 50.94 -33.01
CA GLU BB 60 -79.43 50.74 -32.39
C GLU BB 60 -79.56 51.54 -31.09
N ALA BB 61 -78.49 51.56 -30.29
CA ALA BB 61 -78.51 52.36 -29.06
C ALA BB 61 -78.67 53.85 -29.37
N ALA BB 62 -77.93 54.34 -30.37
CA ALA BB 62 -78.04 55.74 -30.75
C ALA BB 62 -79.44 56.07 -31.24
N LYS BB 63 -80.07 55.15 -31.99
CA LYS BB 63 -81.45 55.34 -32.39
C LYS BB 63 -82.37 55.39 -31.17
N ALA BB 64 -82.13 54.50 -30.19
CA ALA BB 64 -82.98 54.45 -29.01
C ALA BB 64 -82.88 55.73 -28.19
N VAL BB 65 -81.69 56.32 -28.11
CA VAL BB 65 -81.49 57.56 -27.37
C VAL BB 65 -82.38 58.67 -27.93
N LEU BB 66 -82.52 58.71 -29.25
CA LEU BB 66 -83.09 59.88 -29.92
C LEU BB 66 -84.59 60.00 -29.74
N GLU BB 67 -85.29 58.98 -29.23
CA GLU BB 67 -86.71 59.12 -28.95
C GLU BB 67 -87.00 59.52 -27.51
N GLY BB 68 -86.14 59.14 -26.57
CA GLY BB 68 -86.34 59.52 -25.18
C GLY BB 68 -86.10 58.39 -24.22
N ASN BB 69 -86.33 57.16 -24.67
CA ASN BB 69 -86.13 55.99 -23.82
C ASN BB 69 -84.64 55.80 -23.55
N SER BB 70 -84.25 55.99 -22.29
CA SER BB 70 -82.84 56.07 -21.93
C SER BB 70 -82.29 54.82 -21.23
N VAL BB 71 -83.12 53.82 -20.95
CA VAL BB 71 -82.65 52.62 -20.27
C VAL BB 71 -82.22 51.54 -21.26
N GLU BB 72 -82.97 51.39 -22.36
CA GLU BB 72 -82.57 50.46 -23.40
C GLU BB 72 -81.20 50.82 -23.97
N ALA BB 73 -80.87 52.11 -24.01
CA ALA BB 73 -79.55 52.53 -24.44
C ALA BB 73 -78.48 51.99 -23.50
N ASP BB 74 -78.71 52.07 -22.18
CA ASP BB 74 -77.75 51.52 -21.23
C ASP BB 74 -77.62 50.01 -21.39
N LEU BB 75 -78.74 49.32 -21.58
CA LEU BB 75 -78.69 47.87 -21.76
C LEU BB 75 -77.90 47.50 -23.01
N ILE BB 76 -78.12 48.23 -24.12
CA ILE BB 76 -77.40 47.94 -25.35
C ILE BB 76 -75.91 48.26 -25.20
N VAL BB 77 -75.58 49.33 -24.47
CA VAL BB 77 -74.17 49.65 -24.25
C VAL BB 77 -73.50 48.55 -23.43
N THR BB 78 -74.21 48.00 -22.43
CA THR BB 78 -73.65 46.88 -21.68
C THR BB 78 -73.48 45.64 -22.57
N ASP BB 79 -74.42 45.41 -23.48
CA ASP BB 79 -74.27 44.30 -24.42
C ASP BB 79 -73.04 44.48 -25.29
N VAL BB 80 -72.83 45.70 -25.80
CA VAL BB 80 -71.64 45.98 -26.60
C VAL BB 80 -70.37 45.80 -25.76
N LEU BB 81 -70.43 46.20 -24.49
CA LEU BB 81 -69.29 46.02 -23.60
C LEU BB 81 -68.96 44.53 -23.44
N ARG BB 82 -69.99 43.70 -23.27
CA ARG BB 82 -69.75 42.26 -23.17
C ARG BB 82 -69.16 41.70 -24.46
N LEU BB 83 -69.67 42.15 -25.61
CA LEU BB 83 -69.12 41.70 -26.89
C LEU BB 83 -67.65 42.07 -27.04
N LEU BB 84 -67.31 43.31 -26.69
CA LEU BB 84 -65.92 43.75 -26.77
C LEU BB 84 -65.03 43.05 -25.76
N GLU BB 85 -65.59 42.70 -24.59
CA GLU BB 85 -64.83 41.91 -23.62
C GLU BB 85 -64.55 40.52 -24.17
N ARG BB 86 -65.52 39.94 -24.89
CA ARG BB 86 -65.27 38.65 -25.53
C ARG BB 86 -64.25 38.77 -26.65
N ILE BB 87 -64.24 39.90 -27.37
CA ILE BB 87 -63.29 40.08 -28.47
C ILE BB 87 -61.87 40.09 -27.94
N GLY BB 88 -61.60 40.90 -26.92
CA GLY BB 88 -60.29 40.93 -26.30
C GLY BB 88 -59.40 42.09 -26.73
N GLU BB 89 -59.96 43.29 -26.80
CA GLU BB 89 -59.22 44.50 -27.14
C GLU BB 89 -59.25 45.41 -25.92
N GLU BB 90 -58.14 45.44 -25.17
CA GLU BB 90 -58.12 46.05 -23.84
C GLU BB 90 -58.49 47.53 -23.89
N GLY BB 91 -57.84 48.29 -24.78
CA GLY BB 91 -58.14 49.72 -24.86
C GLY BB 91 -59.57 49.99 -25.30
N LEU BB 92 -60.07 49.17 -26.22
CA LEU BB 92 -61.44 49.35 -26.69
C LEU BB 92 -62.43 49.06 -25.56
N VAL BB 93 -62.16 48.03 -24.75
CA VAL BB 93 -63.00 47.74 -23.60
C VAL BB 93 -62.95 48.88 -22.59
N LYS BB 94 -61.77 49.45 -22.37
CA LYS BB 94 -61.65 50.60 -21.48
C LYS BB 94 -62.51 51.76 -21.97
N LEU BB 95 -62.41 52.08 -23.25
CA LEU BB 95 -63.24 53.15 -23.82
C LEU BB 95 -64.72 52.82 -23.69
N ALA BB 96 -65.07 51.54 -23.84
CA ALA BB 96 -66.46 51.13 -23.69
C ALA BB 96 -66.96 51.37 -22.26
N ARG BB 97 -66.12 51.06 -21.27
CA ARG BB 97 -66.52 51.30 -19.87
C ARG BB 97 -66.70 52.80 -19.60
N GLU BB 98 -65.77 53.62 -20.08
CA GLU BB 98 -65.92 55.07 -19.90
C GLU BB 98 -67.18 55.58 -20.58
N VAL BB 99 -67.45 55.09 -21.79
CA VAL BB 99 -68.66 55.50 -22.50
C VAL BB 99 -69.89 55.08 -21.72
N HIS BB 100 -69.90 53.86 -21.18
CA HIS BB 100 -71.02 53.38 -20.38
C HIS BB 100 -71.30 54.33 -19.21
N GLU BB 101 -70.26 54.62 -18.42
CA GLU BB 101 -70.45 55.45 -17.23
C GLU BB 101 -70.91 56.85 -17.61
N ARG BB 102 -70.19 57.50 -18.53
CA ARG BB 102 -70.52 58.88 -18.87
C ARG BB 102 -71.89 58.98 -19.52
N SER BB 103 -72.22 58.04 -20.42
CA SER BB 103 -73.53 58.05 -21.06
C SER BB 103 -74.64 57.85 -20.05
N PHE BB 104 -74.45 56.94 -19.10
CA PHE BB 104 -75.47 56.76 -18.06
C PHE BB 104 -75.69 58.05 -17.28
N GLU BB 105 -74.59 58.67 -16.83
CA GLU BB 105 -74.74 59.89 -16.02
C GLU BB 105 -75.38 61.02 -16.82
N LEU BB 106 -74.95 61.21 -18.07
CA LEU BB 106 -75.49 62.30 -18.88
C LEU BB 106 -76.95 62.06 -19.24
N LEU BB 107 -77.31 60.81 -19.56
CA LEU BB 107 -78.71 60.52 -19.88
C LEU BB 107 -79.60 60.65 -18.66
N ARG BB 108 -79.08 60.32 -17.47
CA ARG BB 108 -79.85 60.60 -16.26
C ARG BB 108 -80.03 62.10 -16.08
N LYS BB 109 -78.97 62.89 -16.29
CA LYS BB 109 -79.10 64.33 -16.17
C LYS BB 109 -79.94 64.91 -17.29
N GLY BB 110 -79.71 64.48 -18.53
CA GLY BB 110 -80.49 64.95 -19.66
C GLY BB 110 -79.68 65.42 -20.84
N ASN BB 111 -78.38 65.16 -20.84
CA ASN BB 111 -77.49 65.57 -21.93
C ASN BB 111 -77.54 64.53 -23.03
N ARG BB 112 -78.54 64.67 -23.91
CA ARG BB 112 -78.71 63.72 -25.01
C ARG BB 112 -77.55 63.79 -25.99
N VAL BB 113 -77.12 65.00 -26.33
CA VAL BB 113 -76.18 65.19 -27.42
C VAL BB 113 -74.82 64.59 -27.08
N GLU BB 114 -74.35 64.79 -25.84
CA GLU BB 114 -73.04 64.25 -25.48
C GLU BB 114 -73.05 62.74 -25.41
N ALA BB 115 -74.15 62.14 -24.93
CA ALA BB 115 -74.26 60.69 -24.96
C ALA BB 115 -74.26 60.16 -26.38
N LEU BB 116 -74.98 60.83 -27.29
CA LEU BB 116 -74.94 60.45 -28.69
C LEU BB 116 -73.52 60.54 -29.25
N ALA BB 117 -72.81 61.61 -28.92
CA ALA BB 117 -71.43 61.77 -29.39
C ALA BB 117 -70.53 60.65 -28.86
N LEU BB 118 -70.70 60.28 -27.60
CA LEU BB 118 -69.90 59.20 -27.04
C LEU BB 118 -70.20 57.87 -27.73
N ILE BB 119 -71.47 57.60 -28.00
CA ILE BB 119 -71.84 56.35 -28.67
C ILE BB 119 -71.23 56.31 -30.08
N LEU BB 120 -71.34 57.42 -30.80
CA LEU BB 120 -70.76 57.48 -32.15
C LEU BB 120 -69.25 57.33 -32.12
N ALA BB 121 -68.59 57.94 -31.13
CA ALA BB 121 -67.15 57.79 -31.00
C ALA BB 121 -66.76 56.35 -30.72
N LEU BB 122 -67.52 55.66 -29.87
CA LEU BB 122 -67.25 54.24 -29.62
C LEU BB 122 -67.41 53.41 -30.88
N ALA BB 123 -68.47 53.68 -31.66
CA ALA BB 123 -68.69 52.94 -32.89
C ALA BB 123 -67.54 53.17 -33.88
N LEU BB 124 -67.11 54.43 -34.02
CA LEU BB 124 -65.99 54.72 -34.90
C LEU BB 124 -64.72 54.06 -34.42
N ALA BB 125 -64.50 54.01 -33.10
CA ALA BB 125 -63.31 53.34 -32.57
C ALA BB 125 -63.31 51.87 -32.91
N VAL BB 126 -64.46 51.20 -32.76
CA VAL BB 126 -64.55 49.78 -33.11
C VAL BB 126 -64.25 49.58 -34.60
N ALA BB 127 -64.88 50.41 -35.45
CA ALA BB 127 -64.69 50.26 -36.89
C ALA BB 127 -63.23 50.47 -37.29
N LEU BB 128 -62.60 51.53 -36.74
CA LEU BB 128 -61.22 51.82 -37.10
C LEU BB 128 -60.28 50.74 -36.58
N THR BB 129 -60.56 50.20 -35.38
CA THR BB 129 -59.73 49.12 -34.87
C THR BB 129 -59.80 47.90 -35.78
N ALA BB 130 -61.01 47.54 -36.21
CA ALA BB 130 -61.17 46.39 -37.10
C ALA BB 130 -60.45 46.63 -38.43
N VAL BB 131 -60.63 47.81 -39.02
CA VAL BB 131 -60.03 48.11 -40.31
C VAL BB 131 -58.51 48.11 -40.21
N SER BB 132 -57.97 48.73 -39.16
CA SER BB 132 -56.52 48.77 -39.00
C SER BB 132 -55.95 47.39 -38.78
N LYS BB 133 -56.63 46.55 -37.99
CA LYS BB 133 -56.18 45.19 -37.79
C LYS BB 133 -56.15 44.41 -39.10
N ALA BB 134 -57.21 44.55 -39.91
CA ALA BB 134 -57.24 43.87 -41.20
C ALA BB 134 -56.12 44.36 -42.12
N PHE BB 135 -55.91 45.68 -42.17
CA PHE BB 135 -54.88 46.23 -43.03
C PHE BB 135 -53.49 45.77 -42.61
N PHE BB 136 -53.21 45.76 -41.31
CA PHE BB 136 -51.90 45.29 -40.85
C PHE BB 136 -51.73 43.79 -41.12
N LEU BB 137 -52.78 43.00 -40.93
CA LEU BB 137 -52.67 41.57 -41.20
C LEU BB 137 -52.39 41.30 -42.67
N LEU BB 138 -53.05 42.03 -43.57
CA LEU BB 138 -52.78 41.88 -44.99
C LEU BB 138 -51.33 42.24 -45.31
N GLY BB 139 -50.84 43.35 -44.74
CA GLY BB 139 -49.49 43.81 -45.03
C GLY BB 139 -49.49 45.12 -45.79
N GLN BB 140 -50.59 45.87 -45.68
CA GLN BB 140 -50.72 47.11 -46.43
C GLN BB 140 -49.78 48.18 -45.89
N PRO BB 141 -49.38 49.13 -46.73
CA PRO BB 141 -48.54 50.23 -46.25
C PRO BB 141 -49.36 51.25 -45.45
N ALA BB 142 -48.64 52.15 -44.80
CA ALA BB 142 -49.25 53.09 -43.85
C ALA BB 142 -50.08 54.16 -44.55
N ARG BB 143 -49.86 54.40 -45.84
CA ARG BB 143 -50.53 55.50 -46.53
C ARG BB 143 -52.04 55.32 -46.54
N LEU BB 144 -52.50 54.13 -46.95
CA LEU BB 144 -53.94 53.89 -47.02
C LEU BB 144 -54.57 53.85 -45.63
N ILE BB 145 -53.88 53.28 -44.66
CA ILE BB 145 -54.40 53.26 -43.29
C ILE BB 145 -54.61 54.69 -42.79
N ALA BB 146 -53.59 55.54 -42.98
CA ALA BB 146 -53.69 56.92 -42.53
C ALA BB 146 -54.80 57.67 -43.26
N GLU BB 147 -54.91 57.46 -44.58
CA GLU BB 147 -55.94 58.15 -45.35
C GLU BB 147 -57.34 57.73 -44.90
N TYR BB 148 -57.55 56.43 -44.69
CA TYR BB 148 -58.86 55.96 -44.26
C TYR BB 148 -59.20 56.47 -42.85
N VAL BB 149 -58.22 56.44 -41.95
CA VAL BB 149 -58.47 56.94 -40.59
C VAL BB 149 -58.82 58.42 -40.63
N GLY BB 150 -58.08 59.20 -41.42
CA GLY BB 150 -58.39 60.61 -41.55
C GLY BB 150 -59.76 60.86 -42.12
N GLU BB 151 -60.14 60.11 -43.17
CA GLU BB 151 -61.45 60.30 -43.78
C GLU BB 151 -62.57 59.98 -42.78
N LYS BB 152 -62.42 58.88 -42.05
CA LYS BB 152 -63.46 58.50 -41.09
C LYS BB 152 -63.56 59.53 -39.96
N LEU BB 153 -62.41 60.01 -39.49
CA LEU BB 153 -62.42 61.04 -38.45
C LEU BB 153 -63.08 62.32 -38.96
N LEU BB 154 -62.82 62.68 -40.22
CA LEU BB 154 -63.47 63.84 -40.81
C LEU BB 154 -64.99 63.67 -40.87
N GLU BB 155 -65.45 62.49 -41.27
CA GLU BB 155 -66.89 62.24 -41.32
C GLU BB 155 -67.51 62.35 -39.93
N LEU BB 156 -66.85 61.76 -38.93
CA LEU BB 156 -67.38 61.85 -37.56
C LEU BB 156 -67.39 63.29 -37.07
N ARG BB 157 -66.35 64.06 -37.40
CA ARG BB 157 -66.29 65.46 -36.99
C ARG BB 157 -67.43 66.26 -37.62
N ARG BB 158 -67.68 66.05 -38.91
CA ARG BB 158 -68.79 66.74 -39.56
C ARG BB 158 -70.13 66.37 -38.92
N LEU BB 159 -70.32 65.07 -38.64
CA LEU BB 159 -71.58 64.65 -38.01
C LEU BB 159 -71.75 65.30 -36.64
N LEU BB 160 -70.69 65.28 -35.83
CA LEU BB 160 -70.78 65.85 -34.48
C LEU BB 160 -71.02 67.35 -34.52
N GLU BB 161 -70.35 68.05 -35.44
CA GLU BB 161 -70.58 69.49 -35.58
C GLU BB 161 -72.01 69.77 -36.04
N LYS BB 162 -72.57 68.90 -36.89
CA LYS BB 162 -73.97 69.05 -37.26
C LYS BB 162 -74.89 68.82 -36.06
N LEU BB 163 -74.52 67.89 -35.18
CA LEU BB 163 -75.34 67.62 -34.00
C LEU BB 163 -75.38 68.83 -33.07
N GLY BB 164 -74.21 69.39 -32.72
CA GLY BB 164 -74.17 70.54 -31.85
C GLY BB 164 -73.14 70.45 -30.75
N VAL BB 165 -72.33 69.39 -30.76
CA VAL BB 165 -71.32 69.21 -29.72
C VAL BB 165 -70.28 70.33 -29.84
N PRO BB 166 -69.85 70.94 -28.74
CA PRO BB 166 -68.79 71.96 -28.83
C PRO BB 166 -67.49 71.37 -29.33
N LEU BB 167 -66.72 72.22 -30.01
CA LEU BB 167 -65.52 71.76 -30.71
C LEU BB 167 -64.48 71.12 -29.80
N PRO BB 168 -64.12 71.69 -28.64
CA PRO BB 168 -63.10 71.02 -27.81
C PRO BB 168 -63.47 69.61 -27.41
N GLU BB 169 -64.75 69.36 -27.10
CA GLU BB 169 -65.16 68.01 -26.76
C GLU BB 169 -65.06 67.07 -27.96
N VAL BB 170 -65.37 67.59 -29.16
CA VAL BB 170 -65.21 66.80 -30.38
C VAL BB 170 -63.75 66.39 -30.56
N ILE BB 171 -62.84 67.35 -30.38
CA ILE BB 171 -61.42 67.05 -30.55
C ILE BB 171 -60.94 66.07 -29.49
N ALA BB 172 -61.45 66.20 -28.25
CA ALA BB 172 -61.10 65.24 -27.21
C ALA BB 172 -61.57 63.84 -27.56
N LEU BB 173 -62.79 63.72 -28.09
CA LEU BB 173 -63.30 62.41 -28.50
C LEU BB 173 -62.47 61.81 -29.62
N LEU BB 174 -62.12 62.63 -30.62
CA LEU BB 174 -61.31 62.12 -31.73
C LEU BB 174 -59.93 61.70 -31.25
N LEU BB 175 -59.35 62.45 -30.31
CA LEU BB 175 -58.06 62.06 -29.75
C LEU BB 175 -58.17 60.77 -28.95
N ARG BB 176 -59.28 60.57 -28.23
CA ARG BB 176 -59.50 59.30 -27.54
C ARG BB 176 -59.58 58.14 -28.52
N VAL BB 177 -60.30 58.33 -29.63
CA VAL BB 177 -60.39 57.29 -30.65
C VAL BB 177 -59.01 56.98 -31.22
N LEU BB 178 -58.23 58.03 -31.50
CA LEU BB 178 -56.89 57.83 -32.03
C LEU BB 178 -55.98 57.13 -31.03
N GLU BB 179 -56.14 57.44 -29.74
CA GLU BB 179 -55.37 56.75 -28.71
C GLU BB 179 -55.74 55.26 -28.67
N VAL BB 180 -57.03 54.95 -28.80
CA VAL BB 180 -57.47 53.55 -28.83
C VAL BB 180 -56.83 52.84 -30.02
N VAL BB 181 -56.85 53.49 -31.19
CA VAL BB 181 -56.26 52.89 -32.39
C VAL BB 181 -54.77 52.68 -32.22
N GLU BB 182 -54.07 53.66 -31.65
CA GLU BB 182 -52.64 53.54 -31.42
C GLU BB 182 -52.33 52.40 -30.46
N GLU BB 183 -53.13 52.27 -29.39
CA GLU BB 183 -52.92 51.19 -28.44
C GLU BB 183 -53.11 49.83 -29.11
N SER BB 184 -54.16 49.70 -29.92
CA SER BB 184 -54.40 48.46 -30.64
C SER BB 184 -53.24 48.12 -31.58
N LEU BB 185 -52.76 49.13 -32.32
CA LEU BB 185 -51.65 48.88 -33.24
C LEU BB 185 -50.38 48.50 -32.50
N LYS BB 186 -50.09 49.17 -31.39
CA LYS BB 186 -48.90 48.86 -30.61
C LYS BB 186 -48.97 47.44 -30.05
N ALA BB 187 -50.13 47.05 -29.53
CA ALA BB 187 -50.28 45.72 -28.96
C ALA BB 187 -50.27 44.62 -30.01
N MET BB 188 -50.77 44.91 -31.21
CA MET BB 188 -50.85 43.89 -32.25
C MET BB 188 -49.48 43.48 -32.76
N GLY BB 189 -48.56 44.42 -32.93
CA GLY BB 189 -47.22 44.07 -33.37
C GLY BB 189 -46.59 45.03 -34.36
N MET BB 190 -47.31 46.08 -34.75
CA MET BB 190 -46.76 47.06 -35.69
C MET BB 190 -45.54 47.76 -35.09
N GLU BB 191 -44.55 48.02 -35.95
CA GLU BB 191 -43.36 48.72 -35.51
C GLU BB 191 -43.69 50.17 -35.17
N PRO BB 192 -43.06 50.72 -34.14
CA PRO BB 192 -43.45 52.07 -33.66
C PRO BB 192 -43.41 53.16 -34.72
N ARG BB 193 -42.49 53.09 -35.67
CA ARG BB 193 -42.34 54.17 -36.65
C ARG BB 193 -43.60 54.33 -37.50
N GLU BB 194 -44.19 53.21 -37.96
CA GLU BB 194 -45.40 53.30 -38.75
C GLU BB 194 -46.58 53.83 -37.94
N ILE BB 195 -46.67 53.43 -36.67
CA ILE BB 195 -47.73 53.97 -35.81
C ILE BB 195 -47.58 55.47 -35.66
N ASN BB 196 -46.35 55.93 -35.42
CA ASN BB 196 -46.11 57.37 -35.32
C ASN BB 196 -46.48 58.07 -36.61
N ARG BB 197 -46.14 57.46 -37.76
CA ARG BB 197 -46.45 58.06 -39.05
C ARG BB 197 -47.95 58.21 -39.25
N VAL BB 198 -48.72 57.16 -38.96
CA VAL BB 198 -50.15 57.23 -39.21
C VAL BB 198 -50.82 58.19 -38.23
N LEU BB 199 -50.40 58.18 -36.96
CA LEU BB 199 -50.97 59.12 -36.00
C LEU BB 199 -50.66 60.55 -36.39
N ALA BB 200 -49.42 60.82 -36.83
CA ALA BB 200 -49.06 62.16 -37.27
C ALA BB 200 -49.88 62.58 -38.49
N ALA BB 201 -50.10 61.65 -39.42
CA ALA BB 201 -50.92 61.98 -40.58
C ALA BB 201 -52.36 62.30 -40.19
N ALA BB 202 -52.92 61.55 -39.24
CA ALA BB 202 -54.28 61.82 -38.79
C ALA BB 202 -54.38 63.18 -38.11
N TYR BB 203 -53.42 63.49 -37.23
CA TYR BB 203 -53.41 64.81 -36.61
C TYR BB 203 -53.25 65.90 -37.66
N LEU BB 204 -52.42 65.66 -38.66
CA LEU BB 204 -52.20 66.68 -39.69
C LEU BB 204 -53.45 66.94 -40.51
N THR BB 205 -54.18 65.90 -40.89
CA THR BB 205 -55.39 66.13 -41.67
C THR BB 205 -56.48 66.79 -40.82
N LEU BB 206 -56.57 66.41 -39.53
CA LEU BB 206 -57.52 67.08 -38.65
C LEU BB 206 -57.19 68.56 -38.52
N ALA BB 207 -55.91 68.89 -38.30
CA ALA BB 207 -55.50 70.28 -38.17
C ALA BB 207 -55.72 71.04 -39.47
N ALA BB 208 -55.46 70.40 -40.61
CA ALA BB 208 -55.67 71.05 -41.89
C ALA BB 208 -57.13 71.38 -42.11
N GLU BB 209 -58.04 70.45 -41.77
CA GLU BB 209 -59.46 70.75 -41.88
C GLU BB 209 -59.85 71.89 -40.94
N LEU BB 210 -59.34 71.86 -39.70
CA LEU BB 210 -59.67 72.90 -38.75
C LEU BB 210 -59.23 74.28 -39.24
N LEU BB 211 -58.02 74.35 -39.80
CA LEU BB 211 -57.52 75.62 -40.33
C LEU BB 211 -58.32 76.06 -41.55
N GLU BB 212 -58.64 75.13 -42.45
CA GLU BB 212 -59.38 75.48 -43.65
C GLU BB 212 -60.78 75.99 -43.33
N ARG BB 213 -61.39 75.46 -42.26
CA ARG BB 213 -62.73 75.93 -41.89
C ARG BB 213 -62.73 77.43 -41.58
N LEU BB 214 -61.63 77.96 -41.07
CA LEU BB 214 -61.54 79.37 -40.72
C LEU BB 214 -61.17 80.27 -41.89
N GLY BB 215 -60.87 79.71 -43.05
CA GLY BB 215 -60.55 80.48 -44.23
C GLY BB 215 -59.07 80.55 -44.57
N LEU BB 216 -58.19 80.04 -43.71
CA LEU BB 216 -56.75 80.03 -43.98
C LEU BB 216 -56.42 78.86 -44.91
N THR BB 217 -56.80 79.03 -46.18
CA THR BB 217 -56.64 77.97 -47.17
C THR BB 217 -55.18 77.65 -47.44
N ALA BB 218 -54.31 78.65 -47.57
CA ALA BB 218 -52.91 78.41 -47.87
C ALA BB 218 -52.20 77.64 -46.76
N LEU BB 219 -52.50 77.99 -45.50
CA LEU BB 219 -51.90 77.26 -44.39
C LEU BB 219 -52.35 75.81 -44.37
N ALA BB 220 -53.63 75.57 -44.64
CA ALA BB 220 -54.12 74.19 -44.73
C ALA BB 220 -53.44 73.44 -45.87
N ALA BB 221 -53.24 74.11 -47.01
CA ALA BB 221 -52.54 73.48 -48.12
C ALA BB 221 -51.11 73.13 -47.75
N ARG BB 222 -50.44 74.00 -47.01
CA ARG BB 222 -49.08 73.70 -46.56
C ARG BB 222 -49.08 72.50 -45.61
N ILE BB 223 -50.08 72.42 -44.73
CA ILE BB 223 -50.17 71.28 -43.82
C ILE BB 223 -50.39 69.99 -44.60
N ARG BB 224 -51.25 70.03 -45.62
CA ARG BB 224 -51.47 68.85 -46.45
C ARG BB 224 -50.21 68.45 -47.19
N ARG BB 225 -49.47 69.44 -47.70
CA ARG BB 225 -48.19 69.14 -48.35
C ARG BB 225 -47.23 68.47 -47.39
N ALA BB 226 -47.17 68.97 -46.15
CA ALA BB 226 -46.30 68.35 -45.15
C ALA BB 226 -46.72 66.92 -44.86
N ARG BB 227 -48.04 66.68 -44.77
CA ARG BB 227 -48.52 65.31 -44.54
C ARG BB 227 -48.16 64.39 -45.69
N GLU BB 228 -48.33 64.87 -46.92
CA GLU BB 228 -48.01 64.05 -48.09
C GLU BB 228 -46.51 63.75 -48.15
N LEU BB 229 -45.67 64.72 -47.83
CA LEU BB 229 -44.23 64.46 -47.79
C LEU BB 229 -43.87 63.49 -46.66
N LEU BB 230 -44.61 63.55 -45.54
CA LEU BB 230 -44.37 62.61 -44.45
C LEU BB 230 -44.73 61.18 -44.87
N LEU BB 231 -45.85 61.02 -45.56
CA LEU BB 231 -46.29 59.69 -45.96
C LEU BB 231 -45.43 59.07 -47.05
N ALA BB 232 -44.60 59.87 -47.72
CA ALA BB 232 -43.74 59.38 -48.81
C ALA BB 232 -42.34 59.03 -48.34
N GLY BB 233 -42.08 59.09 -47.03
CA GLY BB 233 -40.78 58.79 -46.49
C GLY BB 233 -39.87 59.98 -46.31
N ARG BB 234 -40.25 61.15 -46.84
CA ARG BB 234 -39.45 62.38 -46.69
C ARG BB 234 -39.80 63.00 -45.35
N VAL BB 235 -39.06 62.61 -44.31
CA VAL BB 235 -39.41 62.97 -42.94
C VAL BB 235 -38.93 64.38 -42.60
N GLU BB 236 -37.66 64.68 -42.86
CA GLU BB 236 -37.09 65.94 -42.41
C GLU BB 236 -37.71 67.13 -43.15
N GLU BB 237 -37.99 66.98 -44.43
CA GLU BB 237 -38.62 68.07 -45.19
C GLU BB 237 -40.01 68.36 -44.64
N ALA BB 238 -40.79 67.32 -44.35
CA ALA BB 238 -42.10 67.52 -43.74
C ALA BB 238 -41.97 68.15 -42.36
N LEU BB 239 -40.95 67.74 -41.60
CA LEU BB 239 -40.71 68.33 -40.28
C LEU BB 239 -40.47 69.83 -40.39
N HIS BB 240 -39.61 70.24 -41.33
CA HIS BB 240 -39.32 71.68 -41.46
C HIS BB 240 -40.53 72.44 -41.99
N LEU BB 241 -41.27 71.86 -42.93
CA LEU BB 241 -42.48 72.52 -43.42
C LEU BB 241 -43.47 72.71 -42.28
N LEU BB 242 -43.64 71.69 -41.44
CA LEU BB 242 -44.54 71.80 -40.29
C LEU BB 242 -44.04 72.85 -39.31
N GLN BB 243 -42.74 72.92 -39.07
CA GLN BB 243 -42.22 73.92 -38.15
C GLN BB 243 -42.48 75.33 -38.68
N ASP BB 244 -42.26 75.56 -39.97
CA ASP BB 244 -42.54 76.88 -40.54
C ASP BB 244 -44.03 77.21 -40.45
N ALA BB 245 -44.90 76.23 -40.73
CA ALA BB 245 -46.33 76.47 -40.60
C ALA BB 245 -46.69 76.81 -39.16
N VAL BB 246 -46.07 76.13 -38.19
CA VAL BB 246 -46.36 76.38 -36.78
C VAL BB 246 -45.92 77.79 -36.39
N GLU BB 247 -44.73 78.20 -36.84
CA GLU BB 247 -44.28 79.56 -36.54
C GLU BB 247 -45.22 80.61 -37.11
N LEU BB 248 -45.67 80.42 -38.36
CA LEU BB 248 -46.57 81.40 -38.96
C LEU BB 248 -47.93 81.39 -38.25
N LEU BB 249 -48.39 80.21 -37.84
CA LEU BB 249 -49.62 80.13 -37.06
C LEU BB 249 -49.49 80.84 -35.73
N HIS BB 250 -48.33 80.72 -35.09
CA HIS BB 250 -48.08 81.47 -33.85
C HIS BB 250 -48.10 82.97 -34.09
N GLU BB 251 -47.51 83.41 -35.21
CA GLU BB 251 -47.57 84.83 -35.56
C GLU BB 251 -49.02 85.30 -35.68
N ARG BB 252 -49.84 84.53 -36.40
CA ARG BB 252 -51.25 84.91 -36.56
C ARG BB 252 -51.98 84.92 -35.22
N ILE BB 253 -51.73 83.90 -34.38
CA ILE BB 253 -52.43 83.79 -33.11
C ILE BB 253 -52.08 84.97 -32.21
N ARG BB 254 -50.79 85.30 -32.10
CA ARG BB 254 -50.38 86.40 -31.25
C ARG BB 254 -50.69 87.76 -31.85
N GLU BB 255 -50.93 87.84 -33.16
CA GLU BB 255 -51.44 89.08 -33.74
C GLU BB 255 -52.92 89.26 -33.45
N LEU BB 256 -53.68 88.17 -33.45
CA LEU BB 256 -55.11 88.26 -33.16
C LEU BB 256 -55.37 88.70 -31.71
N GLY BB 257 -54.58 88.18 -30.78
CA GLY BB 257 -54.74 88.52 -29.38
C GLY BB 257 -55.57 87.48 -28.63
N PHE BB 258 -56.51 87.94 -27.80
CA PHE BB 258 -57.37 87.06 -27.04
C PHE BB 258 -58.68 86.75 -27.73
N GLU BB 259 -58.91 87.29 -28.93
CA GLU BB 259 -60.11 87.03 -29.69
C GLU BB 259 -59.89 85.95 -30.75
N ALA BB 260 -58.86 85.14 -30.58
CA ALA BB 260 -58.58 84.08 -31.54
C ALA BB 260 -59.63 82.97 -31.43
N PRO BB 261 -60.28 82.60 -32.53
CA PRO BB 261 -61.26 81.51 -32.47
C PRO BB 261 -60.62 80.21 -32.03
N GLU BB 262 -61.43 79.34 -31.44
CA GLU BB 262 -60.93 78.08 -30.91
C GLU BB 262 -60.29 77.20 -31.97
N GLU BB 263 -60.63 77.43 -33.24
CA GLU BB 263 -60.03 76.64 -34.31
C GLU BB 263 -58.52 76.80 -34.34
N LEU BB 264 -58.03 78.03 -34.19
CA LEU BB 264 -56.59 78.28 -34.22
C LEU BB 264 -55.88 77.57 -33.08
N LEU BB 265 -56.43 77.67 -31.86
CA LEU BB 265 -55.79 77.04 -30.71
C LEU BB 265 -55.79 75.52 -30.82
N LEU BB 266 -56.92 74.94 -31.25
CA LEU BB 266 -56.98 73.49 -31.38
C LEU BB 266 -56.05 72.99 -32.48
N ALA BB 267 -56.00 73.73 -33.60
CA ALA BB 267 -55.06 73.38 -34.67
C ALA BB 267 -53.62 73.48 -34.20
N ASP BB 268 -53.31 74.50 -33.39
CA ASP BB 268 -51.95 74.64 -32.86
C ASP BB 268 -51.59 73.46 -31.96
N LEU BB 269 -52.52 73.04 -31.09
CA LEU BB 269 -52.25 71.90 -30.23
C LEU BB 269 -52.04 70.63 -31.05
N LEU BB 270 -52.89 70.41 -32.06
CA LEU BB 270 -52.75 69.24 -32.91
C LEU BB 270 -51.43 69.26 -33.66
N LEU BB 271 -51.02 70.44 -34.14
CA LEU BB 271 -49.75 70.56 -34.84
C LEU BB 271 -48.57 70.29 -33.92
N GLN BB 272 -48.67 70.72 -32.66
CA GLN BB 272 -47.61 70.40 -31.72
C GLN BB 272 -47.51 68.90 -31.47
N ARG BB 273 -48.66 68.23 -31.29
CA ARG BB 273 -48.62 66.78 -31.12
C ARG BB 273 -48.03 66.10 -32.35
N ALA BB 274 -48.42 66.57 -33.55
CA ALA BB 274 -47.86 66.01 -34.77
C ALA BB 274 -46.36 66.25 -34.86
N LEU BB 275 -45.90 67.42 -34.42
CA LEU BB 275 -44.47 67.72 -34.43
C LEU BB 275 -43.71 66.77 -33.52
N GLU BB 276 -44.23 66.54 -32.32
CA GLU BB 276 -43.58 65.60 -31.41
C GLU BB 276 -43.54 64.20 -32.01
N LEU BB 277 -44.66 63.75 -32.60
CA LEU BB 277 -44.70 62.42 -33.17
C LEU BB 277 -43.73 62.28 -34.34
N ILE BB 278 -43.66 63.30 -35.21
CA ILE BB 278 -42.75 63.25 -36.34
C ILE BB 278 -41.30 63.27 -35.88
N SER BB 279 -40.99 64.07 -34.86
CA SER BB 279 -39.64 64.10 -34.32
C SER BB 279 -39.26 62.76 -33.73
N SER BB 280 -40.21 62.08 -33.08
CA SER BB 280 -39.92 60.77 -32.48
C SER BB 280 -39.71 59.68 -33.52
N ILE BB 281 -40.05 59.91 -34.78
CA ILE BB 281 -39.85 58.92 -35.83
C ILE BB 281 -38.35 58.68 -36.05
N THR CB 24 -65.44 92.18 10.22
CA THR CB 24 -64.83 92.20 11.56
C THR CB 24 -63.41 91.66 11.49
N VAL CB 25 -63.16 90.82 10.49
CA VAL CB 25 -61.84 90.25 10.18
C VAL CB 25 -61.46 89.17 11.18
N GLU CB 26 -61.53 89.48 12.48
CA GLU CB 26 -61.19 88.48 13.49
C GLU CB 26 -62.18 87.32 13.45
N GLU CB 27 -63.48 87.64 13.46
CA GLU CB 27 -64.52 86.61 13.38
C GLU CB 27 -64.28 85.71 12.19
N GLU CB 28 -63.77 86.27 11.09
CA GLU CB 28 -63.37 85.44 9.95
C GLU CB 28 -62.28 84.45 10.37
N VAL CB 29 -61.37 84.86 11.25
CA VAL CB 29 -60.28 83.97 11.66
C VAL CB 29 -60.82 82.80 12.49
N ILE CB 30 -61.64 83.10 13.51
CA ILE CB 30 -62.14 81.99 14.32
C ILE CB 30 -63.08 81.10 13.49
N ARG CB 31 -63.91 81.70 12.64
CA ARG CB 31 -64.76 80.90 11.77
C ARG CB 31 -63.93 80.05 10.82
N PHE CB 32 -62.81 80.57 10.32
CA PHE CB 32 -61.92 79.79 9.47
C PHE CB 32 -61.39 78.57 10.21
N ALA CB 33 -60.94 78.77 11.44
CA ALA CB 33 -60.41 77.65 12.21
C ALA CB 33 -61.49 76.59 12.46
N GLU CB 34 -62.67 77.03 12.91
CA GLU CB 34 -63.75 76.09 13.21
C GLU CB 34 -64.23 75.36 11.96
N GLU CB 35 -64.39 76.10 10.86
CA GLU CB 35 -64.84 75.48 9.61
C GLU CB 35 -63.80 74.52 9.06
N LEU CB 36 -62.51 74.84 9.23
CA LEU CB 36 -61.47 73.91 8.81
C LEU CB 36 -61.54 72.61 9.60
N ALA CB 37 -61.72 72.72 10.92
CA ALA CB 37 -61.85 71.50 11.73
C ALA CB 37 -63.09 70.71 11.32
N GLU CB 38 -64.21 71.40 11.09
CA GLU CB 38 -65.43 70.71 10.67
C GLU CB 38 -65.26 70.06 9.30
N GLU CB 39 -64.49 70.69 8.41
CA GLU CB 39 -64.22 70.09 7.10
C GLU CB 39 -63.39 68.83 7.23
N ILE CB 40 -62.38 68.84 8.12
CA ILE CB 40 -61.63 67.61 8.37
C ILE CB 40 -62.57 66.52 8.89
N ARG CB 41 -63.47 66.89 9.81
CA ARG CB 41 -64.41 65.91 10.35
C ARG CB 41 -65.32 65.35 9.26
N ARG CB 42 -65.81 66.22 8.37
CA ARG CB 42 -66.69 65.78 7.29
C ARG CB 42 -65.97 64.86 6.32
N VAL CB 43 -64.74 65.21 5.94
CA VAL CB 43 -64.02 64.44 4.93
C VAL CB 43 -63.60 63.09 5.50
N THR CB 44 -63.09 63.06 6.73
CA THR CB 44 -62.56 61.83 7.30
C THR CB 44 -63.43 61.23 8.40
N GLY CB 45 -63.87 62.03 9.36
CA GLY CB 45 -64.64 61.50 10.47
C GLY CB 45 -63.87 61.49 11.76
N GLU CB 46 -63.64 60.30 12.32
CA GLU CB 46 -62.89 60.15 13.56
C GLU CB 46 -61.66 59.29 13.38
N ALA CB 47 -61.29 58.97 12.13
CA ALA CB 47 -60.04 58.27 11.87
C ALA CB 47 -58.82 59.18 12.02
N TYR CB 48 -58.98 60.47 11.75
CA TYR CB 48 -57.93 61.47 11.92
C TYR CB 48 -58.47 62.53 12.87
N ARG CB 49 -58.30 62.30 14.17
CA ARG CB 49 -58.80 63.22 15.19
C ARG CB 49 -57.72 64.07 15.82
N GLU CB 50 -56.47 63.59 15.83
CA GLU CB 50 -55.36 64.41 16.33
C GLU CB 50 -55.18 65.66 15.47
N TYR CB 51 -55.41 65.53 14.16
CA TYR CB 51 -55.30 66.69 13.28
C TYR CB 51 -56.37 67.73 13.61
N ALA CB 52 -57.60 67.28 13.87
CA ALA CB 52 -58.65 68.22 14.27
C ALA CB 52 -58.34 68.85 15.62
N GLU CB 53 -57.78 68.07 16.53
CA GLU CB 53 -57.35 68.63 17.83
C GLU CB 53 -56.32 69.72 17.63
N ALA CB 54 -55.33 69.47 16.77
CA ALA CB 54 -54.30 70.47 16.50
C ALA CB 54 -54.88 71.72 15.85
N VAL CB 55 -55.82 71.53 14.92
CA VAL CB 55 -56.43 72.69 14.26
C VAL CB 55 -57.22 73.52 15.26
N ARG CB 56 -57.96 72.87 16.16
CA ARG CB 56 -58.70 73.62 17.17
C ARG CB 56 -57.77 74.33 18.14
N HIS CB 57 -56.66 73.68 18.49
CA HIS CB 57 -55.66 74.34 19.34
C HIS CB 57 -55.08 75.56 18.65
N LEU CB 58 -54.77 75.45 17.36
CA LEU CB 58 -54.25 76.61 16.63
C LEU CB 58 -55.29 77.72 16.50
N GLY CB 59 -56.57 77.36 16.37
CA GLY CB 59 -57.62 78.37 16.40
C GLY CB 59 -57.68 79.08 17.74
N GLU CB 60 -57.53 78.33 18.83
CA GLU CB 60 -57.49 78.96 20.15
C GLU CB 60 -56.28 79.88 20.28
N ALA CB 61 -55.13 79.46 19.74
CA ALA CB 61 -53.96 80.33 19.75
C ALA CB 61 -54.21 81.61 18.95
N ALA CB 62 -54.84 81.49 17.79
CA ALA CB 62 -55.16 82.67 16.99
C ALA CB 62 -56.11 83.60 17.73
N LYS CB 63 -57.09 83.03 18.44
CA LYS CB 63 -57.97 83.86 19.26
C LYS CB 63 -57.19 84.55 20.37
N ALA CB 64 -56.21 83.86 20.96
CA ALA CB 64 -55.41 84.44 22.03
C ALA CB 64 -54.55 85.60 21.52
N VAL CB 65 -53.97 85.43 20.32
CA VAL CB 65 -53.13 86.49 19.76
C VAL CB 65 -53.92 87.78 19.57
N LEU CB 66 -55.14 87.66 19.05
CA LEU CB 66 -55.95 88.83 18.72
C LEU CB 66 -56.46 89.56 19.96
N GLU CB 67 -56.33 88.98 21.14
CA GLU CB 67 -56.80 89.62 22.37
C GLU CB 67 -55.71 90.34 23.14
N GLY CB 68 -54.44 90.00 22.91
CA GLY CB 68 -53.35 90.69 23.57
C GLY CB 68 -52.37 89.77 24.27
N ASN CB 69 -52.87 88.62 24.74
CA ASN CB 69 -52.02 87.68 25.45
C ASN CB 69 -51.05 87.02 24.46
N SER CB 70 -49.76 87.27 24.63
CA SER CB 70 -48.75 86.79 23.69
C SER CB 70 -47.97 85.58 24.19
N VAL CB 71 -48.11 85.21 25.46
CA VAL CB 71 -47.41 84.03 25.97
C VAL CB 71 -48.29 82.79 25.94
N GLU CB 72 -49.60 82.97 26.09
CA GLU CB 72 -50.52 81.84 25.90
C GLU CB 72 -50.44 81.31 24.48
N ALA CB 73 -50.24 82.20 23.50
CA ALA CB 73 -50.05 81.76 22.13
C ALA CB 73 -48.81 80.87 22.01
N ASP CB 74 -47.71 81.26 22.65
CA ASP CB 74 -46.49 80.45 22.62
C ASP CB 74 -46.73 79.09 23.26
N LEU CB 75 -47.42 79.07 24.40
CA LEU CB 75 -47.70 77.80 25.07
C LEU CB 75 -48.57 76.89 24.20
N ILE CB 76 -49.58 77.45 23.55
CA ILE CB 76 -50.45 76.65 22.70
C ILE CB 76 -49.71 76.15 21.48
N VAL CB 77 -48.83 76.97 20.90
CA VAL CB 77 -48.05 76.53 19.75
C VAL CB 77 -47.11 75.40 20.15
N THR CB 78 -46.53 75.48 21.35
CA THR CB 78 -45.69 74.38 21.83
C THR CB 78 -46.51 73.11 22.04
N ASP CB 79 -47.75 73.25 22.55
CA ASP CB 79 -48.62 72.10 22.68
C ASP CB 79 -48.90 71.46 21.32
N VAL CB 80 -49.18 72.29 20.31
CA VAL CB 80 -49.40 71.79 18.97
C VAL CB 80 -48.15 71.10 18.44
N LEU CB 81 -46.98 71.66 18.74
CA LEU CB 81 -45.73 71.04 18.32
C LEU CB 81 -45.57 69.66 18.94
N ARG CB 82 -45.90 69.52 20.23
CA ARG CB 82 -45.85 68.20 20.86
C ARG CB 82 -46.84 67.24 20.21
N LEU CB 83 -48.04 67.72 19.90
CA LEU CB 83 -49.04 66.86 19.26
C LEU CB 83 -48.54 66.36 17.91
N LEU CB 84 -47.99 67.27 17.10
CA LEU CB 84 -47.49 66.87 15.78
C LEU CB 84 -46.26 65.99 15.88
N GLU CB 85 -45.43 66.19 16.92
CA GLU CB 85 -44.30 65.30 17.14
C GLU CB 85 -44.77 63.89 17.49
N ARG CB 86 -45.85 63.80 18.26
CA ARG CB 86 -46.44 62.49 18.55
C ARG CB 86 -47.04 61.87 17.29
N ILE CB 87 -47.63 62.69 16.42
CA ILE CB 87 -48.23 62.18 15.19
C ILE CB 87 -47.18 61.53 14.30
N GLY CB 88 -46.08 62.25 14.05
CA GLY CB 88 -44.98 61.69 13.29
C GLY CB 88 -44.91 62.14 11.84
N GLU CB 89 -45.12 63.42 11.58
CA GLU CB 89 -45.01 63.99 10.24
C GLU CB 89 -43.83 64.97 10.26
N GLU CB 90 -42.74 64.59 9.60
CA GLU CB 90 -41.49 65.35 9.71
C GLU CB 90 -41.65 66.75 9.16
N GLY CB 91 -42.27 66.89 7.99
CA GLY CB 91 -42.48 68.22 7.43
C GLY CB 91 -43.37 69.07 8.30
N LEU CB 92 -44.42 68.47 8.87
CA LEU CB 92 -45.33 69.21 9.73
C LEU CB 92 -44.64 69.70 10.98
N VAL CB 93 -43.81 68.86 11.61
CA VAL CB 93 -43.11 69.28 12.82
C VAL CB 93 -42.05 70.33 12.49
N LYS CB 94 -41.40 70.21 11.32
CA LYS CB 94 -40.44 71.23 10.91
C LYS CB 94 -41.13 72.59 10.75
N LEU CB 95 -42.27 72.60 10.06
CA LEU CB 95 -43.02 73.84 9.92
C LEU CB 95 -43.50 74.35 11.27
N ALA CB 96 -43.86 73.43 12.17
CA ALA CB 96 -44.29 73.85 13.51
C ALA CB 96 -43.17 74.53 14.27
N ARG CB 97 -41.96 73.97 14.22
CA ARG CB 97 -40.82 74.61 14.88
C ARG CB 97 -40.53 75.99 14.30
N GLU CB 98 -40.55 76.09 12.96
CA GLU CB 98 -40.29 77.38 12.33
C GLU CB 98 -41.34 78.41 12.72
N VAL CB 99 -42.62 77.99 12.72
CA VAL CB 99 -43.70 78.88 13.12
C VAL CB 99 -43.53 79.29 14.58
N HIS CB 100 -43.15 78.35 15.44
CA HIS CB 100 -42.92 78.67 16.85
C HIS CB 100 -41.89 79.77 17.00
N GLU CB 101 -40.72 79.60 16.38
CA GLU CB 101 -39.65 80.58 16.52
C GLU CB 101 -40.06 81.93 15.95
N ARG CB 102 -40.54 81.94 14.70
CA ARG CB 102 -40.87 83.21 14.05
C ARG CB 102 -42.00 83.92 14.77
N SER CB 103 -43.04 83.18 15.18
CA SER CB 103 -44.16 83.78 15.88
C SER CB 103 -43.73 84.36 17.23
N PHE CB 104 -42.87 83.64 17.96
CA PHE CB 104 -42.37 84.18 19.21
C PHE CB 104 -41.63 85.49 18.99
N GLU CB 105 -40.71 85.51 18.02
CA GLU CB 105 -39.93 86.72 17.78
C GLU CB 105 -40.81 87.88 17.34
N LEU CB 106 -41.75 87.62 16.42
CA LEU CB 106 -42.62 88.68 15.92
C LEU CB 106 -43.56 89.20 16.99
N LEU CB 107 -44.12 88.31 17.81
CA LEU CB 107 -45.00 88.73 18.89
C LEU CB 107 -44.25 89.52 19.94
N ARG CB 108 -42.99 89.16 20.22
CA ARG CB 108 -42.17 89.99 21.10
C ARG CB 108 -41.94 91.37 20.49
N LYS CB 109 -41.63 91.41 19.19
CA LYS CB 109 -41.46 92.71 18.53
C LYS CB 109 -42.78 93.46 18.41
N GLY CB 110 -43.84 92.78 18.01
CA GLY CB 110 -45.14 93.42 17.92
C GLY CB 110 -45.86 93.19 16.61
N ASN CB 111 -45.36 92.28 15.77
CA ASN CB 111 -45.97 91.98 14.48
C ASN CB 111 -47.08 90.94 14.68
N ARG CB 112 -48.26 91.44 15.05
CA ARG CB 112 -49.40 90.57 15.29
C ARG CB 112 -49.84 89.86 14.01
N VAL CB 113 -49.90 90.61 12.91
CA VAL CB 113 -50.51 90.10 11.68
C VAL CB 113 -49.69 88.95 11.11
N GLU CB 114 -48.36 89.06 11.12
CA GLU CB 114 -47.54 87.99 10.56
C GLU CB 114 -47.60 86.73 11.41
N ALA CB 115 -47.65 86.88 12.74
CA ALA CB 115 -47.83 85.72 13.61
C ALA CB 115 -49.17 85.04 13.35
N LEU CB 116 -50.23 85.84 13.18
CA LEU CB 116 -51.52 85.27 12.82
C LEU CB 116 -51.44 84.51 11.50
N ALA CB 117 -50.75 85.10 10.52
CA ALA CB 117 -50.61 84.44 9.22
C ALA CB 117 -49.88 83.12 9.34
N LEU CB 118 -48.81 83.08 10.14
CA LEU CB 118 -48.07 81.83 10.34
C LEU CB 118 -48.93 80.78 11.03
N ILE CB 119 -49.71 81.19 12.03
CA ILE CB 119 -50.59 80.25 12.72
C ILE CB 119 -51.62 79.66 11.75
N LEU CB 120 -52.23 80.52 10.94
CA LEU CB 120 -53.22 80.06 9.97
C LEU CB 120 -52.58 79.14 8.93
N ALA CB 121 -51.36 79.47 8.49
CA ALA CB 121 -50.66 78.62 7.54
C ALA CB 121 -50.39 77.24 8.13
N LEU CB 122 -49.98 77.19 9.40
CA LEU CB 122 -49.76 75.91 10.05
C LEU CB 122 -51.06 75.10 10.15
N ALA CB 123 -52.16 75.76 10.51
CA ALA CB 123 -53.43 75.07 10.60
C ALA CB 123 -53.86 74.50 9.26
N LEU CB 124 -53.71 75.31 8.20
CA LEU CB 124 -54.06 74.83 6.87
C LEU CB 124 -53.16 73.68 6.44
N ALA CB 125 -51.87 73.75 6.79
CA ALA CB 125 -50.96 72.66 6.43
C ALA CB 125 -51.38 71.36 7.10
N VAL CB 126 -51.73 71.42 8.38
CA VAL CB 126 -52.17 70.21 9.09
C VAL CB 126 -53.45 69.66 8.45
N ALA CB 127 -54.41 70.54 8.18
CA ALA CB 127 -55.68 70.10 7.60
C ALA CB 127 -55.47 69.46 6.23
N LEU CB 128 -54.66 70.09 5.38
CA LEU CB 128 -54.43 69.56 4.05
C LEU CB 128 -53.65 68.25 4.10
N THR CB 129 -52.71 68.14 5.05
CA THR CB 129 -51.99 66.88 5.20
C THR CB 129 -52.94 65.74 5.57
N ALA CB 130 -53.83 66.00 6.52
CA ALA CB 130 -54.80 64.98 6.92
C ALA CB 130 -55.71 64.59 5.76
N VAL CB 131 -56.23 65.60 5.05
CA VAL CB 131 -57.16 65.33 3.95
C VAL CB 131 -56.47 64.56 2.83
N SER CB 132 -55.25 64.96 2.47
CA SER CB 132 -54.52 64.27 1.42
C SER CB 132 -54.17 62.84 1.80
N LYS CB 133 -53.80 62.63 3.08
CA LYS CB 133 -53.52 61.26 3.53
C LYS CB 133 -54.77 60.40 3.44
N ALA CB 134 -55.92 60.93 3.86
CA ALA CB 134 -57.16 60.17 3.76
C ALA CB 134 -57.50 59.86 2.31
N PHE CB 135 -57.36 60.86 1.43
CA PHE CB 135 -57.71 60.67 0.02
C PHE CB 135 -56.81 59.63 -0.63
N PHE CB 136 -55.51 59.66 -0.34
CA PHE CB 136 -54.62 58.65 -0.92
C PHE CB 136 -54.89 57.28 -0.34
N LEU CB 137 -55.19 57.18 0.95
CA LEU CB 137 -55.48 55.89 1.56
C LEU CB 137 -56.73 55.26 0.95
N LEU CB 138 -57.76 56.08 0.73
CA LEU CB 138 -58.98 55.57 0.08
C LEU CB 138 -58.69 55.07 -1.32
N GLY CB 139 -57.90 55.83 -2.09
CA GLY CB 139 -57.59 55.47 -3.45
C GLY CB 139 -58.15 56.44 -4.46
N GLN CB 140 -58.46 57.65 -3.99
CA GLN CB 140 -59.09 58.66 -4.84
C GLN CB 140 -58.10 59.13 -5.91
N PRO CB 141 -58.60 59.57 -7.06
CA PRO CB 141 -57.71 60.12 -8.09
C PRO CB 141 -57.23 61.52 -7.72
N ALA CB 142 -56.24 61.99 -8.49
CA ALA CB 142 -55.57 63.24 -8.18
C ALA CB 142 -56.43 64.46 -8.43
N ARG CB 143 -57.50 64.34 -9.21
CA ARG CB 143 -58.30 65.51 -9.58
C ARG CB 143 -58.94 66.16 -8.36
N LEU CB 144 -59.63 65.36 -7.55
CA LEU CB 144 -60.32 65.92 -6.38
C LEU CB 144 -59.34 66.46 -5.37
N ILE CB 145 -58.20 65.78 -5.18
CA ILE CB 145 -57.17 66.29 -4.28
C ILE CB 145 -56.70 67.66 -4.76
N ALA CB 146 -56.45 67.80 -6.05
CA ALA CB 146 -55.98 69.07 -6.59
C ALA CB 146 -57.02 70.17 -6.40
N GLU CB 147 -58.29 69.88 -6.70
CA GLU CB 147 -59.33 70.90 -6.53
C GLU CB 147 -59.49 71.31 -5.08
N TYR CB 148 -59.47 70.33 -4.15
CA TYR CB 148 -59.62 70.67 -2.74
C TYR CB 148 -58.45 71.50 -2.24
N VAL CB 149 -57.22 71.13 -2.62
CA VAL CB 149 -56.05 71.88 -2.19
C VAL CB 149 -56.11 73.30 -2.74
N GLY CB 150 -56.49 73.44 -4.02
CA GLY CB 150 -56.61 74.77 -4.60
C GLY CB 150 -57.66 75.62 -3.90
N GLU CB 151 -58.81 75.02 -3.60
CA GLU CB 151 -59.87 75.77 -2.93
C GLU CB 151 -59.44 76.22 -1.54
N LYS CB 152 -58.80 75.33 -0.78
CA LYS CB 152 -58.35 75.70 0.56
C LYS CB 152 -57.28 76.79 0.51
N LEU CB 153 -56.34 76.68 -0.44
CA LEU CB 153 -55.33 77.72 -0.58
C LEU CB 153 -55.96 79.04 -0.97
N LEU CB 154 -56.98 79.01 -1.82
CA LEU CB 154 -57.70 80.23 -2.18
C LEU CB 154 -58.36 80.87 -0.97
N GLU CB 155 -59.02 80.05 -0.13
CA GLU CB 155 -59.64 80.59 1.07
C GLU CB 155 -58.61 81.21 1.99
N LEU CB 156 -57.47 80.54 2.20
CA LEU CB 156 -56.43 81.10 3.05
C LEU CB 156 -55.89 82.40 2.46
N ARG CB 157 -55.70 82.45 1.14
CA ARG CB 157 -55.19 83.67 0.51
C ARG CB 157 -56.16 84.83 0.69
N ARG CB 158 -57.46 84.57 0.50
CA ARG CB 158 -58.45 85.63 0.73
C ARG CB 158 -58.44 86.10 2.18
N LEU CB 159 -58.34 85.17 3.12
CA LEU CB 159 -58.31 85.55 4.53
C LEU CB 159 -57.09 86.41 4.84
N LEU CB 160 -55.91 85.99 4.36
CA LEU CB 160 -54.69 86.74 4.62
C LEU CB 160 -54.74 88.12 3.97
N GLU CB 161 -55.25 88.20 2.75
CA GLU CB 161 -55.40 89.50 2.10
C GLU CB 161 -56.35 90.41 2.86
N LYS CB 162 -57.42 89.85 3.42
CA LYS CB 162 -58.31 90.64 4.25
C LYS CB 162 -57.61 91.10 5.52
N LEU CB 163 -56.74 90.26 6.08
CA LEU CB 163 -56.02 90.64 7.29
C LEU CB 163 -55.07 91.81 7.03
N GLY CB 164 -54.24 91.71 6.00
CA GLY CB 164 -53.33 92.79 5.68
C GLY CB 164 -51.91 92.34 5.36
N VAL CB 165 -51.69 91.03 5.32
CA VAL CB 165 -50.35 90.51 5.04
C VAL CB 165 -49.95 90.89 3.61
N PRO CB 166 -48.73 91.36 3.38
CA PRO CB 166 -48.32 91.68 2.00
C PRO CB 166 -48.31 90.43 1.12
N LEU CB 167 -48.57 90.66 -0.17
CA LEU CB 167 -48.75 89.55 -1.10
C LEU CB 167 -47.55 88.61 -1.19
N PRO CB 168 -46.30 89.09 -1.33
CA PRO CB 168 -45.17 88.14 -1.43
C PRO CB 168 -45.08 87.20 -0.24
N GLU CB 169 -45.32 87.70 0.97
CA GLU CB 169 -45.27 86.83 2.14
C GLU CB 169 -46.41 85.80 2.12
N VAL CB 170 -47.59 86.22 1.66
CA VAL CB 170 -48.70 85.29 1.51
C VAL CB 170 -48.32 84.17 0.56
N ILE CB 171 -47.74 84.52 -0.59
CA ILE CB 171 -47.37 83.51 -1.56
C ILE CB 171 -46.28 82.59 -1.00
N ALA CB 172 -45.31 83.16 -0.28
CA ALA CB 172 -44.27 82.33 0.32
C ALA CB 172 -44.87 81.34 1.32
N LEU CB 173 -45.83 81.79 2.12
CA LEU CB 173 -46.50 80.88 3.05
C LEU CB 173 -47.26 79.79 2.30
N LEU CB 174 -47.91 80.14 1.19
CA LEU CB 174 -48.66 79.15 0.43
C LEU CB 174 -47.74 78.09 -0.16
N LEU CB 175 -46.58 78.49 -0.71
CA LEU CB 175 -45.64 77.48 -1.16
C LEU CB 175 -45.01 76.71 -0.02
N ARG CB 176 -44.89 77.30 1.17
CA ARG CB 176 -44.45 76.51 2.32
C ARG CB 176 -45.45 75.41 2.65
N VAL CB 177 -46.74 75.75 2.66
CA VAL CB 177 -47.77 74.75 2.90
C VAL CB 177 -47.74 73.68 1.82
N LEU CB 178 -47.59 74.10 0.56
CA LEU CB 178 -47.54 73.16 -0.55
C LEU CB 178 -46.32 72.25 -0.44
N GLU CB 179 -45.19 72.78 0.00
CA GLU CB 179 -44.00 71.97 0.20
C GLU CB 179 -44.24 70.93 1.29
N VAL CB 180 -44.89 71.33 2.38
CA VAL CB 180 -45.22 70.38 3.44
C VAL CB 180 -46.10 69.25 2.90
N VAL CB 181 -47.14 69.63 2.15
CA VAL CB 181 -48.06 68.62 1.60
C VAL CB 181 -47.32 67.69 0.64
N GLU CB 182 -46.46 68.26 -0.21
CA GLU CB 182 -45.72 67.45 -1.18
C GLU CB 182 -44.78 66.48 -0.47
N GLU CB 183 -44.09 66.94 0.58
CA GLU CB 183 -43.21 66.07 1.34
C GLU CB 183 -44.00 64.94 1.99
N SER CB 184 -45.15 65.26 2.57
CA SER CB 184 -46.00 64.22 3.16
C SER CB 184 -46.43 63.21 2.11
N LEU CB 185 -46.83 63.68 0.93
CA LEU CB 185 -47.27 62.77 -0.13
C LEU CB 185 -46.14 61.87 -0.60
N LYS CB 186 -44.93 62.44 -0.77
CA LYS CB 186 -43.79 61.63 -1.19
C LYS CB 186 -43.45 60.58 -0.14
N ALA CB 187 -43.45 60.97 1.13
CA ALA CB 187 -43.09 60.03 2.19
C ALA CB 187 -44.15 58.95 2.38
N MET CB 188 -45.41 59.27 2.09
CA MET CB 188 -46.49 58.30 2.32
C MET CB 188 -46.46 57.15 1.32
N GLY CB 189 -46.12 57.44 0.06
CA GLY CB 189 -46.01 56.36 -0.91
C GLY CB 189 -46.52 56.68 -2.30
N MET CB 190 -47.04 57.88 -2.51
CA MET CB 190 -47.58 58.26 -3.82
C MET CB 190 -46.49 58.25 -4.88
N GLU CB 191 -46.86 57.86 -6.10
CA GLU CB 191 -45.93 57.91 -7.22
C GLU CB 191 -45.65 59.35 -7.60
N PRO CB 192 -44.40 59.66 -8.00
CA PRO CB 192 -44.03 61.06 -8.24
C PRO CB 192 -44.91 61.79 -9.25
N ARG CB 193 -45.41 61.10 -10.28
CA ARG CB 193 -46.16 61.78 -11.33
C ARG CB 193 -47.44 62.42 -10.79
N GLU CB 194 -48.17 61.71 -9.93
CA GLU CB 194 -49.39 62.27 -9.36
C GLU CB 194 -49.10 63.46 -8.45
N ILE CB 195 -48.02 63.39 -7.66
CA ILE CB 195 -47.64 64.50 -6.81
C ILE CB 195 -47.31 65.72 -7.67
N ASN CB 196 -46.55 65.51 -8.74
CA ASN CB 196 -46.24 66.61 -9.65
C ASN CB 196 -47.50 67.19 -10.26
N ARG CB 197 -48.46 66.33 -10.63
CA ARG CB 197 -49.70 66.78 -11.23
C ARG CB 197 -50.49 67.66 -10.26
N VAL CB 198 -50.62 67.22 -9.01
CA VAL CB 198 -51.43 67.99 -8.06
C VAL CB 198 -50.74 69.28 -7.69
N LEU CB 199 -49.41 69.26 -7.53
CA LEU CB 199 -48.70 70.50 -7.25
C LEU CB 199 -48.82 71.49 -8.40
N ALA CB 200 -48.70 70.99 -9.64
CA ALA CB 200 -48.84 71.86 -10.79
C ALA CB 200 -50.24 72.45 -10.87
N ALA CB 201 -51.27 71.64 -10.56
CA ALA CB 201 -52.64 72.15 -10.57
C ALA CB 201 -52.83 73.23 -9.51
N ALA CB 202 -52.27 73.03 -8.31
CA ALA CB 202 -52.38 74.04 -7.27
C ALA CB 202 -51.69 75.34 -7.68
N TYR CB 203 -50.48 75.22 -8.24
CA TYR CB 203 -49.79 76.42 -8.72
C TYR CB 203 -50.58 77.11 -9.82
N LEU CB 204 -51.19 76.33 -10.70
CA LEU CB 204 -51.95 76.90 -11.81
C LEU CB 204 -53.18 77.65 -11.33
N THR CB 205 -53.92 77.08 -10.36
CA THR CB 205 -55.09 77.79 -9.86
C THR CB 205 -54.69 79.04 -9.07
N LEU CB 206 -53.59 78.97 -8.31
CA LEU CB 206 -53.11 80.16 -7.62
C LEU CB 206 -52.74 81.26 -8.60
N ALA CB 207 -52.00 80.90 -9.66
CA ALA CB 207 -51.60 81.90 -10.65
C ALA CB 207 -52.80 82.44 -11.41
N ALA CB 208 -53.77 81.59 -11.71
CA ALA CB 208 -54.98 82.04 -12.40
C ALA CB 208 -55.75 83.04 -11.55
N GLU CB 209 -55.90 82.77 -10.26
CA GLU CB 209 -56.54 83.75 -9.37
C GLU CB 209 -55.76 85.05 -9.32
N LEU CB 210 -54.43 84.96 -9.23
CA LEU CB 210 -53.61 86.17 -9.17
C LEU CB 210 -53.77 87.00 -10.43
N LEU CB 211 -53.77 86.35 -11.59
CA LEU CB 211 -53.96 87.08 -12.85
C LEU CB 211 -55.36 87.67 -12.95
N GLU CB 212 -56.38 86.91 -12.55
CA GLU CB 212 -57.75 87.40 -12.64
C GLU CB 212 -57.99 88.60 -11.73
N ARG CB 213 -57.30 88.65 -10.59
CA ARG CB 213 -57.45 89.79 -9.69
C ARG CB 213 -57.04 91.09 -10.38
N LEU CB 214 -56.09 91.03 -11.31
CA LEU CB 214 -55.60 92.21 -12.00
C LEU CB 214 -56.44 92.58 -13.22
N GLY CB 215 -57.44 91.77 -13.58
CA GLY CB 215 -58.30 92.07 -14.70
C GLY CB 215 -58.01 91.27 -15.96
N LEU CB 216 -56.88 90.58 -16.04
CA LEU CB 216 -56.55 89.75 -17.20
C LEU CB 216 -57.34 88.45 -17.14
N THR CB 217 -58.66 88.58 -17.40
CA THR CB 217 -59.57 87.45 -17.28
C THR CB 217 -59.33 86.40 -18.36
N ALA CB 218 -58.97 86.80 -19.58
CA ALA CB 218 -58.74 85.83 -20.64
C ALA CB 218 -57.49 84.99 -20.36
N LEU CB 219 -56.43 85.63 -19.87
CA LEU CB 219 -55.23 84.88 -19.50
C LEU CB 219 -55.53 83.89 -18.38
N ALA CB 220 -56.31 84.32 -17.38
CA ALA CB 220 -56.70 83.41 -16.31
C ALA CB 220 -57.53 82.24 -16.85
N ALA CB 221 -58.43 82.52 -17.79
CA ALA CB 221 -59.22 81.46 -18.40
C ALA CB 221 -58.33 80.47 -19.14
N ARG CB 222 -57.32 80.97 -19.84
CA ARG CB 222 -56.38 80.08 -20.52
C ARG CB 222 -55.60 79.22 -19.52
N ILE CB 223 -55.21 79.82 -18.39
CA ILE CB 223 -54.50 79.06 -17.36
C ILE CB 223 -55.40 77.96 -16.79
N ARG CB 224 -56.68 78.28 -16.55
CA ARG CB 224 -57.60 77.27 -16.05
C ARG CB 224 -57.83 76.16 -17.07
N ARG CB 225 -57.91 76.52 -18.36
CA ARG CB 225 -58.00 75.51 -19.40
C ARG CB 225 -56.79 74.60 -19.40
N ALA CB 226 -55.60 75.18 -19.25
CA ALA CB 226 -54.39 74.37 -19.18
C ALA CB 226 -54.42 73.43 -17.98
N ARG CB 227 -54.88 73.92 -16.83
CA ARG CB 227 -54.97 73.07 -15.64
C ARG CB 227 -55.95 71.93 -15.87
N GLU CB 228 -57.11 72.22 -16.47
CA GLU CB 228 -58.11 71.19 -16.72
C GLU CB 228 -57.59 70.13 -17.70
N LEU CB 229 -56.86 70.56 -18.74
CA LEU CB 229 -56.26 69.60 -19.65
C LEU CB 229 -55.17 68.78 -18.95
N LEU CB 230 -54.43 69.39 -18.03
CA LEU CB 230 -53.42 68.65 -17.27
C LEU CB 230 -54.06 67.57 -16.40
N LEU CB 231 -55.17 67.91 -15.72
CA LEU CB 231 -55.81 66.96 -14.83
C LEU CB 231 -56.50 65.82 -15.56
N ALA CB 232 -56.73 65.94 -16.86
CA ALA CB 232 -57.41 64.92 -17.64
C ALA CB 232 -56.44 63.97 -18.33
N GLY CB 233 -55.14 64.08 -18.06
CA GLY CB 233 -54.15 63.22 -18.69
C GLY CB 233 -53.52 63.80 -19.93
N ARG CB 234 -54.06 64.88 -20.48
CA ARG CB 234 -53.50 65.53 -21.67
C ARG CB 234 -52.37 66.43 -21.22
N VAL CB 235 -51.15 65.89 -21.20
CA VAL CB 235 -50.02 66.59 -20.61
C VAL CB 235 -49.40 67.57 -21.60
N GLU CB 236 -49.11 67.12 -22.82
CA GLU CB 236 -48.39 67.96 -23.77
C GLU CB 236 -49.22 69.15 -24.22
N GLU CB 237 -50.51 68.96 -24.42
CA GLU CB 237 -51.37 70.08 -24.81
C GLU CB 237 -51.42 71.14 -23.72
N ALA CB 238 -51.54 70.72 -22.47
CA ALA CB 238 -51.50 71.66 -21.35
C ALA CB 238 -50.15 72.35 -21.28
N LEU CB 239 -49.07 71.61 -21.52
CA LEU CB 239 -47.74 72.20 -21.52
C LEU CB 239 -47.63 73.31 -22.55
N HIS CB 240 -48.09 73.05 -23.78
CA HIS CB 240 -47.98 74.07 -24.82
C HIS CB 240 -48.89 75.26 -24.54
N LEU CB 241 -50.11 75.01 -24.04
CA LEU CB 241 -50.98 76.12 -23.68
C LEU CB 241 -50.34 76.99 -22.62
N LEU CB 242 -49.72 76.35 -21.62
CA LEU CB 242 -49.06 77.08 -20.55
C LEU CB 242 -47.88 77.88 -21.08
N GLN CB 243 -47.10 77.29 -22.00
CA GLN CB 243 -45.97 78.01 -22.57
C GLN CB 243 -46.43 79.24 -23.35
N ASP CB 244 -47.51 79.10 -24.14
CA ASP CB 244 -48.03 80.25 -24.86
C ASP CB 244 -48.52 81.33 -23.90
N ALA CB 245 -49.20 80.92 -22.83
CA ALA CB 245 -49.64 81.88 -21.82
C ALA CB 245 -48.45 82.59 -21.18
N VAL CB 246 -47.37 81.84 -20.93
CA VAL CB 246 -46.17 82.43 -20.34
C VAL CB 246 -45.55 83.45 -21.27
N GLU CB 247 -45.47 83.12 -22.57
CA GLU CB 247 -44.92 84.08 -23.53
C GLU CB 247 -45.76 85.35 -23.59
N LEU CB 248 -47.09 85.22 -23.60
CA LEU CB 248 -47.94 86.40 -23.65
C LEU CB 248 -47.80 87.22 -22.37
N LEU CB 249 -47.70 86.55 -21.22
CA LEU CB 249 -47.49 87.25 -19.96
C LEU CB 249 -46.15 87.99 -19.95
N HIS CB 250 -45.10 87.37 -20.50
CA HIS CB 250 -43.82 88.03 -20.62
C HIS CB 250 -43.91 89.26 -21.51
N GLU CB 251 -44.64 89.14 -22.62
CA GLU CB 251 -44.87 90.28 -23.50
C GLU CB 251 -45.52 91.44 -22.74
N ARG CB 252 -46.58 91.14 -21.98
CA ARG CB 252 -47.24 92.17 -21.21
C ARG CB 252 -46.32 92.78 -20.16
N ILE CB 253 -45.56 91.94 -19.46
CA ILE CB 253 -44.70 92.42 -18.38
C ILE CB 253 -43.61 93.34 -18.94
N ARG CB 254 -42.98 92.93 -20.04
CA ARG CB 254 -41.95 93.77 -20.64
C ARG CB 254 -42.50 94.97 -21.38
N GLU CB 255 -43.80 94.96 -21.71
CA GLU CB 255 -44.42 96.17 -22.25
C GLU CB 255 -44.70 97.18 -21.15
N LEU CB 256 -45.11 96.71 -19.97
CA LEU CB 256 -45.39 97.63 -18.87
C LEU CB 256 -44.12 98.29 -18.35
N GLY CB 257 -43.04 97.53 -18.24
CA GLY CB 257 -41.77 98.07 -17.76
C GLY CB 257 -41.56 97.75 -16.28
N PHE CB 258 -41.10 98.75 -15.53
CA PHE CB 258 -40.84 98.60 -14.11
C PHE CB 258 -42.04 98.97 -13.23
N GLU CB 259 -43.16 99.38 -13.84
CA GLU CB 259 -44.38 99.66 -13.10
C GLU CB 259 -45.33 98.47 -13.08
N ALA CB 260 -44.83 97.28 -13.34
CA ALA CB 260 -45.67 96.09 -13.33
C ALA CB 260 -46.08 95.75 -11.91
N PRO CB 261 -47.38 95.60 -11.63
CA PRO CB 261 -47.80 95.20 -10.29
C PRO CB 261 -47.23 93.84 -9.90
N GLU CB 262 -47.07 93.64 -8.59
CA GLU CB 262 -46.48 92.41 -8.07
C GLU CB 262 -47.26 91.17 -8.47
N GLU CB 263 -48.54 91.34 -8.82
CA GLU CB 263 -49.35 90.19 -9.22
C GLU CB 263 -48.77 89.52 -10.45
N LEU CB 264 -48.34 90.30 -11.44
CA LEU CB 264 -47.79 89.72 -12.67
C LEU CB 264 -46.51 88.96 -12.39
N LEU CB 265 -45.62 89.53 -11.58
CA LEU CB 265 -44.35 88.86 -11.29
C LEU CB 265 -44.57 87.56 -10.50
N LEU CB 266 -45.45 87.61 -9.50
CA LEU CB 266 -45.72 86.41 -8.72
C LEU CB 266 -46.39 85.33 -9.58
N ALA CB 267 -47.32 85.74 -10.45
CA ALA CB 267 -47.94 84.79 -11.36
C ALA CB 267 -46.93 84.20 -12.32
N ASP CB 268 -45.98 85.01 -12.79
CA ASP CB 268 -44.95 84.50 -13.69
C ASP CB 268 -44.08 83.46 -12.98
N LEU CB 269 -43.69 83.73 -11.73
CA LEU CB 269 -42.90 82.75 -10.99
C LEU CB 269 -43.68 81.46 -10.77
N LEU CB 270 -44.96 81.57 -10.40
CA LEU CB 270 -45.78 80.39 -10.20
C LEU CB 270 -45.93 79.60 -11.49
N LEU CB 271 -46.10 80.30 -12.62
CA LEU CB 271 -46.23 79.62 -13.90
C LEU CB 271 -44.94 78.93 -14.29
N GLN CB 272 -43.79 79.52 -13.98
CA GLN CB 272 -42.52 78.84 -14.25
C GLN CB 272 -42.37 77.57 -13.42
N ARG CB 273 -42.75 77.64 -12.14
CA ARG CB 273 -42.71 76.42 -11.32
C ARG CB 273 -43.66 75.36 -11.87
N ALA CB 274 -44.85 75.78 -12.30
CA ALA CB 274 -45.79 74.85 -12.91
C ALA CB 274 -45.21 74.25 -14.20
N LEU CB 275 -44.53 75.07 -15.00
CA LEU CB 275 -43.88 74.57 -16.21
C LEU CB 275 -42.86 73.49 -15.88
N GLU CB 276 -42.01 73.76 -14.88
CA GLU CB 276 -41.00 72.78 -14.50
C GLU CB 276 -41.65 71.49 -14.01
N LEU CB 277 -42.68 71.60 -13.17
CA LEU CB 277 -43.34 70.41 -12.64
C LEU CB 277 -44.02 69.60 -13.74
N ILE CB 278 -44.68 70.28 -14.68
CA ILE CB 278 -45.35 69.58 -15.77
C ILE CB 278 -44.32 68.92 -16.68
N SER CB 279 -43.21 69.59 -16.96
CA SER CB 279 -42.17 69.00 -17.78
C SER CB 279 -41.56 67.77 -17.12
N SER CB 280 -41.40 67.81 -15.80
CA SER CB 280 -40.83 66.67 -15.09
C SER CB 280 -41.78 65.48 -15.01
N ILE CB 281 -43.05 65.66 -15.38
CA ILE CB 281 -44.01 64.55 -15.34
C ILE CB 281 -43.61 63.48 -16.34
N THR DB 24 65.28 86.81 30.79
CA THR DB 24 66.47 86.22 31.38
C THR DB 24 66.58 84.73 31.03
N VAL DB 25 65.68 84.28 30.16
CA VAL DB 25 65.60 82.93 29.58
C VAL DB 25 64.85 81.95 30.47
N GLU DB 26 65.27 81.80 31.74
CA GLU DB 26 64.55 80.86 32.61
C GLU DB 26 63.13 81.34 32.86
N GLU DB 27 62.98 82.60 33.30
CA GLU DB 27 61.65 83.15 33.55
C GLU DB 27 60.77 83.01 32.32
N GLU DB 28 61.36 83.09 31.14
CA GLU DB 28 60.61 82.79 29.92
C GLU DB 28 60.08 81.36 29.95
N VAL DB 29 60.87 80.40 30.46
CA VAL DB 29 60.43 79.01 30.48
C VAL DB 29 59.26 78.82 31.43
N ILE DB 30 59.38 79.33 32.68
CA ILE DB 30 58.27 79.13 33.60
C ILE DB 30 57.03 79.89 33.15
N ARG DB 31 57.21 81.11 32.63
CA ARG DB 31 56.07 81.84 32.09
C ARG DB 31 55.45 81.11 30.91
N PHE DB 32 56.26 80.45 30.08
CA PHE DB 32 55.72 79.67 28.98
C PHE DB 32 54.84 78.55 29.50
N ALA DB 33 55.32 77.83 30.52
CA ALA DB 33 54.52 76.73 31.08
C ALA DB 33 53.20 77.24 31.66
N GLU DB 34 53.28 78.30 32.49
CA GLU DB 34 52.08 78.84 33.12
C GLU DB 34 51.10 79.40 32.09
N GLU DB 35 51.61 80.12 31.10
CA GLU DB 35 50.75 80.68 30.06
C GLU DB 35 50.12 79.58 29.21
N LEU DB 36 50.86 78.49 28.97
CA LEU DB 36 50.29 77.38 28.23
C LEU DB 36 49.13 76.76 29.00
N ALA DB 37 49.31 76.56 30.31
CA ALA DB 37 48.22 76.03 31.13
C ALA DB 37 47.03 76.98 31.14
N GLU DB 38 47.29 78.28 31.27
CA GLU DB 38 46.21 79.27 31.27
C GLU DB 38 45.50 79.31 29.93
N GLU DB 39 46.22 79.11 28.83
CA GLU DB 39 45.60 79.08 27.52
C GLU DB 39 44.72 77.85 27.35
N ILE DB 40 45.16 76.70 27.88
CA ILE DB 40 44.27 75.52 27.89
C ILE DB 40 43.00 75.84 28.66
N ARG DB 41 43.13 76.48 29.83
CA ARG DB 41 41.96 76.81 30.62
C ARG DB 41 41.04 77.77 29.89
N ARG DB 42 41.61 78.76 29.20
CA ARG DB 42 40.79 79.71 28.44
C ARG DB 42 40.05 79.03 27.29
N VAL DB 43 40.75 78.18 26.54
CA VAL DB 43 40.14 77.57 25.36
C VAL DB 43 39.07 76.55 25.76
N THR DB 44 39.34 75.74 26.79
CA THR DB 44 38.41 74.69 27.16
C THR DB 44 37.71 74.93 28.50
N GLY DB 45 38.45 75.28 29.55
CA GLY DB 45 37.84 75.44 30.85
C GLY DB 45 38.23 74.35 31.83
N GLU DB 46 37.24 73.60 32.33
CA GLU DB 46 37.49 72.51 33.25
C GLU DB 46 37.06 71.16 32.67
N ALA DB 47 36.72 71.13 31.37
CA ALA DB 47 36.43 69.86 30.72
C ALA DB 47 37.69 69.05 30.45
N TYR DB 48 38.83 69.71 30.23
CA TYR DB 48 40.12 69.05 30.04
C TYR DB 48 41.05 69.60 31.11
N ARG DB 49 41.02 68.98 32.29
CA ARG DB 49 41.82 69.42 33.43
C ARG DB 49 43.06 68.57 33.66
N GLU DB 50 43.02 67.29 33.27
CA GLU DB 50 44.21 66.45 33.37
C GLU DB 50 45.34 66.99 32.52
N TYR DB 51 45.00 67.54 31.34
CA TYR DB 51 46.03 68.12 30.49
C TYR DB 51 46.68 69.33 31.15
N ALA DB 52 45.88 70.18 31.80
CA ALA DB 52 46.45 71.31 32.53
C ALA DB 52 47.31 70.84 33.69
N GLU DB 53 46.87 69.79 34.38
CA GLU DB 53 47.68 69.21 35.45
C GLU DB 53 49.03 68.73 34.92
N ALA DB 54 49.01 68.04 33.78
CA ALA DB 54 50.25 67.54 33.19
C ALA DB 54 51.15 68.69 32.76
N VAL DB 55 50.57 69.75 32.18
CA VAL DB 55 51.38 70.89 31.76
C VAL DB 55 52.02 71.57 32.95
N ARG DB 56 51.28 71.73 34.05
CA ARG DB 56 51.86 72.33 35.25
C ARG DB 56 52.94 71.44 35.85
N HIS DB 57 52.73 70.12 35.82
CA HIS DB 57 53.76 69.20 36.29
C HIS DB 57 55.03 69.31 35.46
N LEU DB 58 54.89 69.39 34.14
CA LEU DB 58 56.05 69.53 33.28
C LEU DB 58 56.74 70.88 33.49
N GLY DB 59 55.97 71.93 33.76
CA GLY DB 59 56.59 73.20 34.12
C GLY DB 59 57.39 73.13 35.40
N GLU DB 60 56.84 72.40 36.40
CA GLU DB 60 57.58 72.19 37.64
C GLU DB 60 58.86 71.41 37.38
N ALA DB 61 58.79 70.40 36.51
CA ALA DB 61 59.99 69.63 36.16
C ALA DB 61 61.03 70.53 35.49
N ALA DB 62 60.59 71.38 34.57
CA ALA DB 62 61.51 72.29 33.89
C ALA DB 62 62.15 73.26 34.88
N LYS DB 63 61.37 73.73 35.85
CA LYS DB 63 61.93 74.58 36.89
C LYS DB 63 62.96 73.82 37.72
N ALA DB 64 62.69 72.54 38.01
CA ALA DB 64 63.64 71.72 38.77
C ALA DB 64 64.94 71.52 37.99
N VAL DB 65 64.85 71.31 36.68
CA VAL DB 65 66.04 71.08 35.87
C VAL DB 65 66.97 72.28 35.94
N LEU DB 66 66.41 73.48 35.84
CA LEU DB 66 67.22 74.70 35.77
C LEU DB 66 67.93 75.02 37.08
N GLU DB 67 67.58 74.36 38.17
CA GLU DB 67 68.21 74.62 39.47
C GLU DB 67 69.36 73.66 39.78
N GLY DB 68 69.41 72.50 39.13
CA GLY DB 68 70.48 71.56 39.37
C GLY DB 68 70.00 70.17 39.72
N ASN DB 69 68.82 70.07 40.34
CA ASN DB 69 68.27 68.79 40.74
C ASN DB 69 67.85 68.00 39.50
N SER DB 70 68.44 66.81 39.32
CA SER DB 70 68.19 66.00 38.13
C SER DB 70 67.36 64.75 38.40
N VAL DB 71 67.14 64.39 39.65
CA VAL DB 71 66.32 63.21 39.97
C VAL DB 71 64.86 63.58 40.18
N GLU DB 72 64.61 64.74 40.80
CA GLU DB 72 63.25 65.22 40.93
C GLU DB 72 62.58 65.42 39.57
N ALA DB 73 63.36 65.87 38.58
CA ALA DB 73 62.82 66.00 37.23
C ALA DB 73 62.41 64.65 36.67
N ASP DB 74 63.23 63.61 36.89
CA ASP DB 74 62.89 62.28 36.42
C ASP DB 74 61.63 61.78 37.10
N LEU DB 75 61.50 61.99 38.41
CA LEU DB 75 60.31 61.56 39.13
C LEU DB 75 59.06 62.28 38.61
N ILE DB 76 59.18 63.59 38.36
CA ILE DB 76 58.04 64.34 37.85
C ILE DB 76 57.65 63.87 36.46
N VAL DB 77 58.65 63.58 35.61
CA VAL DB 77 58.35 63.08 34.27
C VAL DB 77 57.66 61.72 34.35
N THR DB 78 58.06 60.88 35.30
CA THR DB 78 57.37 59.60 35.48
C THR DB 78 55.94 59.82 35.94
N ASP DB 79 55.71 60.79 36.82
CA ASP DB 79 54.34 61.12 37.24
C ASP DB 79 53.51 61.58 36.05
N VAL DB 80 54.08 62.43 35.20
CA VAL DB 80 53.38 62.89 34.00
C VAL DB 80 53.08 61.71 33.08
N LEU DB 81 54.04 60.78 32.96
CA LEU DB 81 53.82 59.59 32.14
C LEU DB 81 52.64 58.77 32.68
N ARG DB 82 52.56 58.62 34.00
CA ARG DB 82 51.42 57.91 34.58
C ARG DB 82 50.11 58.63 34.29
N LEU DB 83 50.10 59.96 34.41
CA LEU DB 83 48.89 60.72 34.14
C LEU DB 83 48.45 60.55 32.68
N LEU DB 84 49.40 60.62 31.75
CA LEU DB 84 49.08 60.46 30.34
C LEU DB 84 48.65 59.04 30.01
N GLU DB 85 49.22 58.04 30.69
CA GLU DB 85 48.76 56.66 30.51
C GLU DB 85 47.33 56.51 31.00
N ARG DB 86 46.99 57.18 32.11
CA ARG DB 86 45.60 57.16 32.57
C ARG DB 86 44.68 57.88 31.59
N ILE DB 87 45.17 58.94 30.95
CA ILE DB 87 44.35 59.68 29.99
C ILE DB 87 43.97 58.80 28.80
N GLY DB 88 44.97 58.15 28.20
CA GLY DB 88 44.71 57.24 27.11
C GLY DB 88 44.97 57.78 25.72
N GLU DB 89 46.09 58.47 25.54
CA GLU DB 89 46.49 59.01 24.23
C GLU DB 89 47.79 58.31 23.84
N GLU DB 90 47.69 57.31 22.96
CA GLU DB 90 48.79 56.38 22.73
C GLU DB 90 50.03 57.09 22.20
N GLY DB 91 49.87 57.94 21.19
CA GLY DB 91 51.02 58.64 20.63
C GLY DB 91 51.67 59.58 21.64
N LEU DB 92 50.84 60.26 22.44
CA LEU DB 92 51.39 61.16 23.44
C LEU DB 92 52.12 60.39 24.54
N VAL DB 93 51.63 59.19 24.87
CA VAL DB 93 52.33 58.34 25.83
C VAL DB 93 53.67 57.88 25.24
N LYS DB 94 53.69 57.55 23.95
CA LYS DB 94 54.95 57.18 23.31
C LYS DB 94 55.96 58.33 23.39
N LEU DB 95 55.49 59.54 23.08
CA LEU DB 95 56.37 60.70 23.18
C LEU DB 95 56.85 60.90 24.62
N ALA DB 96 55.96 60.65 25.59
CA ALA DB 96 56.34 60.78 26.99
C ALA DB 96 57.43 59.78 27.38
N ARG DB 97 57.31 58.53 26.93
CA ARG DB 97 58.34 57.53 27.21
C ARG DB 97 59.67 57.92 26.59
N GLU DB 98 59.64 58.38 25.33
CA GLU DB 98 60.89 58.79 24.68
C GLU DB 98 61.51 59.98 25.40
N VAL DB 99 60.69 60.94 25.83
CA VAL DB 99 61.18 62.08 26.58
C VAL DB 99 61.80 61.61 27.90
N HIS DB 100 61.15 60.66 28.57
CA HIS DB 100 61.67 60.12 29.82
C HIS DB 100 63.08 59.56 29.62
N GLU DB 101 63.23 58.67 28.64
CA GLU DB 101 64.53 58.03 28.42
C GLU DB 101 65.59 59.04 28.03
N ARG DB 102 65.30 59.87 27.02
CA ARG DB 102 66.30 60.82 26.54
C ARG DB 102 66.66 61.84 27.61
N SER DB 103 65.67 62.34 28.34
CA SER DB 103 65.94 63.32 29.39
C SER DB 103 66.79 62.71 30.49
N PHE DB 104 66.49 61.46 30.89
CA PHE DB 104 67.33 60.80 31.89
C PHE DB 104 68.78 60.70 31.42
N GLU DB 105 68.98 60.22 30.20
CA GLU DB 105 70.34 60.03 29.70
C GLU DB 105 71.08 61.36 29.59
N LEU DB 106 70.41 62.38 29.04
CA LEU DB 106 71.07 63.67 28.85
C LEU DB 106 71.36 64.36 30.18
N LEU DB 107 70.43 64.27 31.14
CA LEU DB 107 70.67 64.86 32.45
C LEU DB 107 71.79 64.15 33.19
N ARG DB 108 71.91 62.82 33.03
CA ARG DB 108 73.06 62.13 33.58
C ARG DB 108 74.34 62.60 32.92
N LYS DB 109 74.33 62.75 31.60
CA LYS DB 109 75.53 63.24 30.91
C LYS DB 109 75.79 64.71 31.20
N GLY DB 110 74.75 65.54 31.15
CA GLY DB 110 74.91 66.95 31.47
C GLY DB 110 74.33 67.91 30.46
N ASN DB 111 73.55 67.40 29.50
CA ASN DB 111 72.94 68.24 28.47
C ASN DB 111 71.62 68.80 29.03
N ARG DB 112 71.75 69.89 29.78
CA ARG DB 112 70.57 70.52 30.38
C ARG DB 112 69.63 71.07 29.32
N VAL DB 113 70.19 71.72 28.30
CA VAL DB 113 69.38 72.45 27.34
C VAL DB 113 68.48 71.51 26.55
N GLU DB 114 69.02 70.37 26.11
CA GLU DB 114 68.21 69.44 25.33
C GLU DB 114 67.12 68.79 26.18
N ALA DB 115 67.40 68.51 27.45
CA ALA DB 115 66.37 68.00 28.34
C ALA DB 115 65.25 69.02 28.52
N LEU DB 116 65.62 70.29 28.71
CA LEU DB 116 64.62 71.35 28.79
C LEU DB 116 63.79 71.41 27.52
N ALA DB 117 64.44 71.30 26.37
CA ALA DB 117 63.74 71.34 25.08
C ALA DB 117 62.75 70.19 24.97
N LEU DB 118 63.16 68.98 25.39
CA LEU DB 118 62.26 67.84 25.33
C LEU DB 118 61.07 68.02 26.27
N ILE DB 119 61.31 68.54 27.47
CA ILE DB 119 60.22 68.78 28.41
C ILE DB 119 59.22 69.77 27.83
N LEU DB 120 59.73 70.87 27.27
CA LEU DB 120 58.85 71.87 26.68
C LEU DB 120 58.09 71.32 25.48
N ALA DB 121 58.75 70.48 24.67
CA ALA DB 121 58.07 69.86 23.54
C ALA DB 121 56.94 68.95 24.01
N LEU DB 122 57.17 68.18 25.08
CA LEU DB 122 56.11 67.34 25.62
C LEU DB 122 54.95 68.18 26.13
N ALA DB 123 55.24 69.28 26.83
CA ALA DB 123 54.19 70.14 27.33
C ALA DB 123 53.36 70.73 26.19
N LEU DB 124 54.04 71.20 25.14
CA LEU DB 124 53.34 71.73 23.99
C LEU DB 124 52.50 70.66 23.30
N ALA DB 125 53.02 69.44 23.22
CA ALA DB 125 52.26 68.35 22.62
C ALA DB 125 50.97 68.09 23.39
N VAL DB 126 51.05 68.06 24.72
CA VAL DB 126 49.85 67.85 25.53
C VAL DB 126 48.85 68.98 25.31
N ALA DB 127 49.35 70.23 25.33
CA ALA DB 127 48.46 71.37 25.16
C ALA DB 127 47.77 71.35 23.79
N LEU DB 128 48.54 71.08 22.74
CA LEU DB 128 47.97 71.07 21.39
C LEU DB 128 47.00 69.91 21.21
N THR DB 129 47.29 68.76 21.82
CA THR DB 129 46.37 67.64 21.74
C THR DB 129 45.04 68.00 22.40
N ALA DB 130 45.09 68.60 23.59
CA ALA DB 130 43.86 68.99 24.27
C ALA DB 130 43.08 70.01 23.46
N VAL DB 131 43.78 71.03 22.94
CA VAL DB 131 43.10 72.10 22.19
C VAL DB 131 42.47 71.54 20.92
N SER DB 132 43.20 70.70 20.19
CA SER DB 132 42.66 70.12 18.96
C SER DB 132 41.47 69.21 19.25
N LYS DB 133 41.54 68.43 20.33
CA LYS DB 133 40.41 67.59 20.70
C LYS DB 133 39.17 68.44 21.00
N ALA DB 134 39.35 69.52 21.77
CA ALA DB 134 38.23 70.40 22.07
C ALA DB 134 37.65 71.03 20.81
N PHE DB 135 38.52 71.52 19.93
CA PHE DB 135 38.06 72.17 18.71
C PHE DB 135 37.31 71.21 17.80
N PHE DB 136 37.81 69.98 17.66
CA PHE DB 136 37.11 69.01 16.83
C PHE DB 136 35.79 68.58 17.47
N LEU DB 137 35.75 68.43 18.80
CA LEU DB 137 34.50 68.06 19.45
C LEU DB 137 33.45 69.15 19.27
N LEU DB 138 33.85 70.42 19.37
CA LEU DB 138 32.90 71.50 19.15
C LEU DB 138 32.35 71.48 17.72
N GLY DB 139 33.23 71.28 16.74
CA GLY DB 139 32.83 71.31 15.34
C GLY DB 139 33.48 72.46 14.61
N GLN DB 140 34.63 72.91 15.10
CA GLN DB 140 35.29 74.09 14.57
C GLN DB 140 35.84 73.82 13.17
N PRO DB 141 35.98 74.85 12.35
CA PRO DB 141 36.65 74.68 11.06
C PRO DB 141 38.15 74.52 11.23
N ALA DB 142 38.78 73.97 10.20
CA ALA DB 142 40.21 73.68 10.26
C ALA DB 142 41.07 74.93 10.29
N ARG DB 143 40.52 76.09 9.88
CA ARG DB 143 41.31 77.31 9.81
C ARG DB 143 41.82 77.72 11.19
N LEU DB 144 40.93 77.78 12.18
CA LEU DB 144 41.32 78.23 13.51
C LEU DB 144 42.32 77.25 14.14
N ILE DB 145 42.09 75.95 13.96
CA ILE DB 145 43.04 74.95 14.47
C ILE DB 145 44.41 75.18 13.84
N ALA DB 146 44.45 75.42 12.52
CA ALA DB 146 45.72 75.63 11.84
C ALA DB 146 46.44 76.86 12.39
N GLU DB 147 45.74 77.98 12.52
CA GLU DB 147 46.40 79.19 13.02
C GLU DB 147 46.88 79.02 14.46
N TYR DB 148 46.07 78.38 15.31
CA TYR DB 148 46.49 78.21 16.70
C TYR DB 148 47.71 77.29 16.80
N VAL DB 149 47.71 76.18 16.05
CA VAL DB 149 48.86 75.28 16.07
C VAL DB 149 50.10 75.99 15.56
N GLY DB 150 49.96 76.75 14.47
CA GLY DB 150 51.11 77.50 13.96
C GLY DB 150 51.65 78.50 14.95
N GLU DB 151 50.75 79.23 15.63
CA GLU DB 151 51.19 80.23 16.59
C GLU DB 151 51.90 79.57 17.77
N LYS DB 152 51.36 78.46 18.29
CA LYS DB 152 52.01 77.79 19.40
C LYS DB 152 53.37 77.23 19.01
N LEU DB 153 53.46 76.66 17.81
CA LEU DB 153 54.75 76.15 17.34
C LEU DB 153 55.75 77.29 17.17
N LEU DB 154 55.28 78.45 16.69
CA LEU DB 154 56.17 79.61 16.58
C LEU DB 154 56.68 80.05 17.94
N GLU DB 155 55.79 80.09 18.95
CA GLU DB 155 56.24 80.46 20.29
C GLU DB 155 57.27 79.47 20.83
N LEU DB 156 57.02 78.18 20.65
CA LEU DB 156 57.99 77.19 21.10
C LEU DB 156 59.32 77.33 20.37
N ARG DB 157 59.28 77.59 19.07
CA ARG DB 157 60.51 77.76 18.30
C ARG DB 157 61.30 78.96 18.78
N ARG DB 158 60.62 80.09 19.04
CA ARG DB 158 61.31 81.25 19.57
C ARG DB 158 61.94 80.96 20.93
N LEU DB 159 61.20 80.28 21.81
CA LEU DB 159 61.73 79.96 23.12
C LEU DB 159 62.97 79.06 23.01
N LEU DB 160 62.89 78.02 22.18
CA LEU DB 160 64.02 77.11 22.03
C LEU DB 160 65.23 77.79 21.41
N GLU DB 161 65.00 78.67 20.42
CA GLU DB 161 66.11 79.42 19.84
C GLU DB 161 66.73 80.36 20.87
N LYS DB 162 65.93 80.94 21.75
CA LYS DB 162 66.48 81.75 22.82
C LYS DB 162 67.29 80.90 23.80
N LEU DB 163 66.86 79.67 24.04
CA LEU DB 163 67.59 78.78 24.95
C LEU DB 163 68.97 78.46 24.40
N GLY DB 164 69.05 78.01 23.16
CA GLY DB 164 70.32 77.70 22.55
C GLY DB 164 70.35 76.38 21.80
N VAL DB 165 69.19 75.72 21.71
CA VAL DB 165 69.11 74.44 21.00
C VAL DB 165 69.44 74.65 19.54
N PRO DB 166 70.25 73.80 18.89
CA PRO DB 166 70.52 73.96 17.47
C PRO DB 166 69.25 73.80 16.64
N LEU DB 167 69.21 74.50 15.50
CA LEU DB 167 68.00 74.57 14.70
C LEU DB 167 67.50 73.21 14.23
N PRO DB 168 68.33 72.31 13.68
CA PRO DB 168 67.77 71.01 13.24
C PRO DB 168 67.07 70.23 14.33
N GLU DB 169 67.60 70.26 15.56
CA GLU DB 169 66.94 69.56 16.66
C GLU DB 169 65.61 70.21 17.01
N VAL DB 170 65.55 71.54 16.97
CA VAL DB 170 64.29 72.25 17.21
C VAL DB 170 63.26 71.82 16.18
N ILE DB 171 63.65 71.78 14.91
CA ILE DB 171 62.71 71.41 13.86
C ILE DB 171 62.26 69.96 14.04
N ALA DB 172 63.19 69.06 14.38
CA ALA DB 172 62.82 67.67 14.60
C ALA DB 172 61.82 67.54 15.73
N LEU DB 173 62.02 68.30 16.81
CA LEU DB 173 61.05 68.30 17.90
C LEU DB 173 59.69 68.82 17.44
N LEU DB 174 59.68 69.86 16.59
CA LEU DB 174 58.42 70.41 16.13
C LEU DB 174 57.65 69.40 15.27
N LEU DB 175 58.34 68.69 14.35
CA LEU DB 175 57.63 67.64 13.62
C LEU DB 175 57.26 66.46 14.51
N ARG DB 176 58.00 66.21 15.60
CA ARG DB 176 57.54 65.20 16.54
C ARG DB 176 56.22 65.60 17.19
N VAL DB 177 56.11 66.85 17.61
CA VAL DB 177 54.86 67.35 18.17
C VAL DB 177 53.74 67.27 17.15
N LEU DB 178 54.04 67.66 15.90
CA LEU DB 178 53.04 67.62 14.85
C LEU DB 178 52.60 66.19 14.54
N GLU DB 179 53.54 65.24 14.60
CA GLU DB 179 53.20 63.82 14.43
C GLU DB 179 52.26 63.36 15.54
N VAL DB 180 52.53 63.78 16.78
CA VAL DB 180 51.65 63.43 17.89
C VAL DB 180 50.25 63.98 17.65
N VAL DB 181 50.17 65.25 17.23
CA VAL DB 181 48.87 65.87 16.99
C VAL DB 181 48.12 65.18 15.86
N GLU DB 182 48.83 64.85 14.77
CA GLU DB 182 48.20 64.17 13.64
C GLU DB 182 47.70 62.79 14.04
N GLU DB 183 48.49 62.06 14.84
CA GLU DB 183 48.07 60.75 15.31
C GLU DB 183 46.81 60.86 16.16
N SER DB 184 46.77 61.85 17.06
CA SER DB 184 45.59 62.05 17.88
C SER DB 184 44.37 62.37 17.02
N LEU DB 185 44.54 63.26 16.04
CA LEU DB 185 43.41 63.64 15.18
C LEU DB 185 42.91 62.44 14.37
N LYS DB 186 43.84 61.64 13.84
CA LYS DB 186 43.46 60.47 13.07
C LYS DB 186 42.72 59.46 13.93
N ALA DB 187 43.20 59.24 15.15
CA ALA DB 187 42.55 58.29 16.04
C ALA DB 187 41.18 58.76 16.51
N MET DB 188 41.01 60.07 16.67
CA MET DB 188 39.74 60.60 17.15
C MET DB 188 38.61 60.35 16.16
N GLY DB 189 38.86 60.53 14.86
CA GLY DB 189 37.83 60.28 13.87
C GLY DB 189 37.74 61.32 12.76
N MET DB 190 38.63 62.30 12.79
CA MET DB 190 38.61 63.35 11.77
C MET DB 190 38.90 62.77 10.39
N GLU DB 191 38.27 63.36 9.38
CA GLU DB 191 38.50 62.93 8.01
C GLU DB 191 39.92 63.31 7.57
N PRO DB 192 40.57 62.46 6.79
CA PRO DB 192 42.00 62.70 6.45
C PRO DB 192 42.27 64.04 5.80
N ARG DB 193 41.33 64.56 5.00
CA ARG DB 193 41.60 65.78 4.24
C ARG DB 193 41.85 66.97 5.17
N GLU DB 194 41.04 67.11 6.23
CA GLU DB 194 41.22 68.22 7.15
C GLU DB 194 42.54 68.10 7.92
N ILE DB 195 42.91 66.87 8.31
CA ILE DB 195 44.18 66.66 8.98
C ILE DB 195 45.33 67.05 8.07
N ASN DB 196 45.27 66.64 6.81
CA ASN DB 196 46.30 67.02 5.86
C ASN DB 196 46.35 68.53 5.69
N ARG DB 197 45.19 69.18 5.64
CA ARG DB 197 45.15 70.63 5.48
C ARG DB 197 45.82 71.34 6.66
N VAL DB 198 45.50 70.93 7.88
CA VAL DB 198 46.06 71.62 9.04
C VAL DB 198 47.55 71.34 9.17
N LEU DB 199 47.98 70.10 8.90
CA LEU DB 199 49.40 69.80 8.92
C LEU DB 199 50.16 70.61 7.88
N ALA DB 200 49.60 70.71 6.67
CA ALA DB 200 50.23 71.49 5.61
C ALA DB 200 50.31 72.97 6.00
N ALA DB 201 49.26 73.49 6.62
CA ALA DB 201 49.29 74.89 7.07
C ALA DB 201 50.38 75.10 8.12
N ALA DB 202 50.52 74.15 9.06
CA ALA DB 202 51.56 74.28 10.08
C ALA DB 202 52.96 74.24 9.46
N TYR DB 203 53.19 73.32 8.54
CA TYR DB 203 54.47 73.27 7.85
C TYR DB 203 54.73 74.56 7.07
N LEU DB 204 53.68 75.09 6.44
CA LEU DB 204 53.83 76.31 5.65
C LEU DB 204 54.20 77.50 6.51
N THR DB 205 53.54 77.66 7.67
CA THR DB 205 53.89 78.80 8.51
C THR DB 205 55.28 78.63 9.13
N LEU DB 206 55.66 77.40 9.48
CA LEU DB 206 57.01 77.17 9.98
C LEU DB 206 58.06 77.52 8.92
N ALA DB 207 57.83 77.08 7.68
CA ALA DB 207 58.77 77.39 6.60
C ALA DB 207 58.80 78.88 6.29
N ALA DB 208 57.64 79.54 6.36
CA ALA DB 208 57.59 80.98 6.11
C ALA DB 208 58.39 81.74 7.15
N GLU DB 209 58.25 81.36 8.43
CA GLU DB 209 59.06 81.99 9.47
C GLU DB 209 60.54 81.73 9.24
N LEU DB 210 60.90 80.50 8.89
CA LEU DB 210 62.30 80.17 8.67
C LEU DB 210 62.89 81.00 7.53
N LEU DB 211 62.14 81.15 6.43
CA LEU DB 211 62.62 81.95 5.32
C LEU DB 211 62.70 83.42 5.67
N GLU DB 212 61.69 83.94 6.39
CA GLU DB 212 61.70 85.36 6.76
C GLU DB 212 62.85 85.70 7.69
N ARG DB 213 63.27 84.74 8.53
CA ARG DB 213 64.40 84.99 9.41
C ARG DB 213 65.66 85.32 8.62
N LEU DB 214 65.81 84.75 7.43
CA LEU DB 214 66.99 84.95 6.61
C LEU DB 214 66.90 86.20 5.73
N GLY DB 215 65.78 86.89 5.72
CA GLY DB 215 65.61 88.10 4.95
C GLY DB 215 64.82 87.94 3.66
N LEU DB 216 64.56 86.71 3.22
CA LEU DB 216 63.78 86.47 2.01
C LEU DB 216 62.30 86.71 2.31
N THR DB 217 61.95 87.99 2.46
CA THR DB 217 60.61 88.36 2.85
C THR DB 217 59.58 88.11 1.74
N ALA DB 218 59.94 88.31 0.48
CA ALA DB 218 59.00 88.07 -0.60
C ALA DB 218 58.63 86.60 -0.73
N LEU DB 219 59.63 85.71 -0.59
CA LEU DB 219 59.34 84.27 -0.62
C LEU DB 219 58.45 83.88 0.55
N ALA DB 220 58.71 84.42 1.74
CA ALA DB 220 57.86 84.14 2.89
C ALA DB 220 56.44 84.63 2.65
N ALA DB 221 56.29 85.82 2.06
CA ALA DB 221 54.96 86.33 1.75
C ALA DB 221 54.23 85.42 0.75
N ARG DB 222 54.95 84.92 -0.25
CA ARG DB 222 54.35 83.98 -1.19
C ARG DB 222 53.92 82.70 -0.50
N ILE DB 223 54.73 82.21 0.45
CA ILE DB 223 54.36 81.00 1.19
C ILE DB 223 53.10 81.25 2.02
N ARG DB 224 53.02 82.41 2.67
CA ARG DB 224 51.82 82.75 3.45
C ARG DB 224 50.59 82.87 2.55
N ARG DB 225 50.75 83.44 1.35
CA ARG DB 225 49.65 83.50 0.41
C ARG DB 225 49.19 82.10 0.02
N ALA DB 226 50.16 81.19 -0.22
CA ALA DB 226 49.80 79.82 -0.54
C ALA DB 226 49.04 79.17 0.61
N ARG DB 227 49.49 79.38 1.84
CA ARG DB 227 48.79 78.83 3.00
C ARG DB 227 47.37 79.37 3.10
N GLU DB 228 47.20 80.67 2.89
CA GLU DB 228 45.87 81.28 2.98
C GLU DB 228 44.94 80.74 1.90
N LEU DB 229 45.46 80.57 0.68
CA LEU DB 229 44.64 79.98 -0.38
C LEU DB 229 44.32 78.52 -0.09
N LEU DB 230 45.25 77.80 0.56
CA LEU DB 230 44.96 76.42 0.93
C LEU DB 230 43.85 76.33 1.97
N LEU DB 231 43.87 77.24 2.96
CA LEU DB 231 42.88 77.20 4.03
C LEU DB 231 41.49 77.60 3.56
N ALA DB 232 41.37 78.26 2.42
CA ALA DB 232 40.09 78.72 1.91
C ALA DB 232 39.43 77.74 0.95
N GLY DB 233 40.02 76.55 0.77
CA GLY DB 233 39.50 75.56 -0.14
C GLY DB 233 40.08 75.61 -1.54
N ARG DB 234 40.84 76.65 -1.87
CA ARG DB 234 41.50 76.76 -3.18
C ARG DB 234 42.77 75.93 -3.14
N VAL DB 235 42.63 74.64 -3.46
CA VAL DB 235 43.73 73.70 -3.28
C VAL DB 235 44.74 73.80 -4.41
N GLU DB 236 44.26 73.76 -5.66
CA GLU DB 236 45.18 73.70 -6.81
C GLU DB 236 45.99 74.98 -6.96
N GLU DB 237 45.37 76.14 -6.71
CA GLU DB 237 46.10 77.39 -6.80
C GLU DB 237 47.21 77.46 -5.76
N ALA DB 238 46.92 77.04 -4.53
CA ALA DB 238 47.95 76.97 -3.50
C ALA DB 238 49.05 75.97 -3.88
N LEU DB 239 48.64 74.85 -4.48
CA LEU DB 239 49.62 73.86 -4.93
C LEU DB 239 50.59 74.46 -5.94
N HIS DB 240 50.06 75.16 -6.94
CA HIS DB 240 50.94 75.75 -7.96
C HIS DB 240 51.80 76.87 -7.38
N LEU DB 241 51.23 77.69 -6.49
CA LEU DB 241 52.02 78.73 -5.85
C LEU DB 241 53.18 78.13 -5.06
N LEU DB 242 52.90 77.05 -4.32
CA LEU DB 242 53.94 76.36 -3.57
C LEU DB 242 55.00 75.77 -4.48
N GLN DB 243 54.58 75.20 -5.62
CA GLN DB 243 55.55 74.63 -6.54
C GLN DB 243 56.46 75.71 -7.12
N ASP DB 244 55.89 76.85 -7.50
CA ASP DB 244 56.72 77.94 -8.02
C ASP DB 244 57.68 78.45 -6.96
N ALA DB 245 57.20 78.60 -5.72
CA ALA DB 245 58.08 79.00 -4.63
C ALA DB 245 59.20 77.98 -4.42
N VAL DB 246 58.88 76.71 -4.55
CA VAL DB 246 59.88 75.65 -4.39
C VAL DB 246 60.95 75.75 -5.47
N GLU DB 247 60.54 75.98 -6.72
CA GLU DB 247 61.53 76.14 -7.78
C GLU DB 247 62.41 77.36 -7.55
N LEU DB 248 61.82 78.47 -7.10
CA LEU DB 248 62.63 79.65 -6.82
C LEU DB 248 63.61 79.40 -5.68
N LEU DB 249 63.15 78.71 -4.63
CA LEU DB 249 64.03 78.36 -3.52
C LEU DB 249 65.16 77.45 -3.97
N HIS DB 250 64.86 76.48 -4.83
CA HIS DB 250 65.89 75.60 -5.36
C HIS DB 250 66.91 76.39 -6.18
N GLU DB 251 66.44 77.34 -6.98
CA GLU DB 251 67.35 78.20 -7.74
C GLU DB 251 68.28 78.96 -6.81
N ARG DB 252 67.73 79.56 -5.76
CA ARG DB 252 68.57 80.29 -4.81
C ARG DB 252 69.56 79.37 -4.10
N ILE DB 253 69.11 78.18 -3.70
CA ILE DB 253 69.96 77.25 -2.96
C ILE DB 253 71.12 76.79 -3.84
N ARG DB 254 70.83 76.43 -5.10
CA ARG DB 254 71.88 75.98 -6.00
C ARG DB 254 72.76 77.13 -6.51
N GLU DB 255 72.29 78.37 -6.42
CA GLU DB 255 73.16 79.50 -6.71
C GLU DB 255 74.11 79.77 -5.56
N LEU DB 256 73.64 79.60 -4.31
CA LEU DB 256 74.50 79.85 -3.15
C LEU DB 256 75.64 78.84 -3.08
N GLY DB 257 75.35 77.57 -3.33
CA GLY DB 257 76.38 76.53 -3.28
C GLY DB 257 76.32 75.75 -1.98
N PHE DB 258 77.50 75.43 -1.43
CA PHE DB 258 77.61 74.70 -0.18
C PHE DB 258 77.61 75.60 1.04
N GLU DB 259 77.57 76.92 0.86
CA GLU DB 259 77.52 77.86 1.98
C GLU DB 259 76.09 78.28 2.30
N ALA DB 260 75.11 77.49 1.89
CA ALA DB 260 73.72 77.83 2.15
C ALA DB 260 73.41 77.65 3.63
N PRO DB 261 72.88 78.67 4.31
CA PRO DB 261 72.50 78.50 5.72
C PRO DB 261 71.46 77.41 5.90
N GLU DB 262 71.47 76.80 7.08
CA GLU DB 262 70.57 75.69 7.38
C GLU DB 262 69.10 76.09 7.25
N GLU DB 263 68.80 77.39 7.34
CA GLU DB 263 67.42 77.84 7.19
C GLU DB 263 66.85 77.45 5.83
N LEU DB 264 67.64 77.64 4.76
CA LEU DB 264 67.16 77.31 3.43
C LEU DB 264 66.88 75.83 3.28
N LEU DB 265 67.78 74.98 3.77
CA LEU DB 265 67.57 73.53 3.64
C LEU DB 265 66.38 73.05 4.46
N LEU DB 266 66.26 73.55 5.70
CA LEU DB 266 65.13 73.15 6.53
C LEU DB 266 63.80 73.63 5.93
N ALA DB 267 63.79 74.86 5.40
CA ALA DB 267 62.59 75.36 4.74
C ALA DB 267 62.26 74.54 3.51
N ASP DB 268 63.28 74.13 2.75
CA ASP DB 268 63.03 73.30 1.58
C ASP DB 268 62.42 71.97 1.97
N LEU DB 269 62.94 71.32 3.01
CA LEU DB 269 62.36 70.06 3.45
C LEU DB 269 60.92 70.23 3.92
N LEU DB 270 60.66 71.30 4.70
CA LEU DB 270 59.31 71.55 5.16
C LEU DB 270 58.36 71.80 3.99
N LEU DB 271 58.83 72.57 2.99
CA LEU DB 271 58.00 72.84 1.82
C LEU DB 271 57.71 71.58 1.02
N GLN DB 272 58.69 70.68 0.93
CA GLN DB 272 58.43 69.41 0.24
C GLN DB 272 57.41 68.57 0.98
N ARG DB 273 57.51 68.50 2.31
CA ARG DB 273 56.49 67.78 3.07
C ARG DB 273 55.11 68.40 2.89
N ALA DB 274 55.04 69.73 2.92
CA ALA DB 274 53.76 70.42 2.69
C ALA DB 274 53.24 70.15 1.29
N LEU DB 275 54.13 70.10 0.30
CA LEU DB 275 53.72 69.81 -1.06
C LEU DB 275 53.12 68.42 -1.17
N GLU DB 276 53.77 67.43 -0.55
CA GLU DB 276 53.24 66.08 -0.57
C GLU DB 276 51.89 66.01 0.14
N LEU DB 277 51.76 66.68 1.28
CA LEU DB 277 50.50 66.67 2.00
C LEU DB 277 49.38 67.32 1.19
N ILE DB 278 49.67 68.44 0.53
CA ILE DB 278 48.67 69.11 -0.29
C ILE DB 278 48.29 68.26 -1.48
N SER DB 279 49.26 67.59 -2.10
CA SER DB 279 48.97 66.71 -3.22
C SER DB 279 48.09 65.55 -2.79
N SER DB 280 48.34 65.00 -1.60
CA SER DB 280 47.52 63.89 -1.10
C SER DB 280 46.12 64.32 -0.70
N ILE DB 281 45.84 65.62 -0.62
CA ILE DB 281 44.52 66.12 -0.24
C ILE DB 281 43.49 65.71 -1.29
N THR EB 24 103.21 46.76 5.96
CA THR EB 24 103.60 45.41 5.57
C THR EB 24 102.49 44.78 4.72
N VAL EB 25 101.28 45.33 4.86
CA VAL EB 25 100.11 44.94 4.07
C VAL EB 25 99.66 43.53 4.42
N GLU EB 26 100.58 42.56 4.37
CA GLU EB 26 100.23 41.18 4.71
C GLU EB 26 99.77 41.07 6.15
N GLU EB 27 100.58 41.59 7.08
CA GLU EB 27 100.22 41.57 8.50
C GLU EB 27 98.85 42.19 8.71
N GLU EB 28 98.51 43.21 7.91
CA GLU EB 28 97.16 43.75 7.95
C GLU EB 28 96.14 42.67 7.59
N VAL EB 29 96.47 41.78 6.65
CA VAL EB 29 95.51 40.74 6.24
C VAL EB 29 95.29 39.74 7.36
N ILE EB 30 96.39 39.22 7.96
CA ILE EB 30 96.18 38.24 9.03
C ILE EB 30 95.52 38.89 10.23
N ARG EB 31 95.92 40.12 10.58
CA ARG EB 31 95.26 40.82 11.67
C ARG EB 31 93.79 41.07 11.36
N PHE EB 32 93.45 41.35 10.09
CA PHE EB 32 92.06 41.52 9.73
C PHE EB 32 91.26 40.25 9.97
N ALA EB 33 91.81 39.11 9.57
CA ALA EB 33 91.11 37.84 9.79
C ALA EB 33 90.91 37.57 11.27
N GLU EB 34 91.99 37.72 12.07
CA GLU EB 34 91.89 37.44 13.50
C GLU EB 34 90.95 38.40 14.20
N GLU EB 35 91.03 39.70 13.86
CA GLU EB 35 90.14 40.67 14.48
C GLU EB 35 88.70 40.44 14.08
N LEU EB 36 88.45 40.01 12.84
CA LEU EB 36 87.09 39.68 12.44
C LEU EB 36 86.54 38.53 13.26
N ALA EB 37 87.34 37.47 13.43
CA ALA EB 37 86.89 36.34 14.25
C ALA EB 37 86.64 36.77 15.69
N GLU EB 38 87.54 37.60 16.24
CA GLU EB 38 87.36 38.09 17.60
C GLU EB 38 86.11 38.96 17.72
N GLU EB 39 85.80 39.72 16.68
CA GLU EB 39 84.58 40.55 16.71
C GLU EB 39 83.33 39.68 16.70
N ILE EB 40 83.32 38.60 15.91
CA ILE EB 40 82.20 37.67 15.98
C ILE EB 40 82.08 37.10 17.39
N ARG EB 41 83.21 36.75 18.00
CA ARG EB 41 83.17 36.21 19.36
C ARG EB 41 82.62 37.23 20.35
N ARG EB 42 83.01 38.50 20.20
CA ARG EB 42 82.53 39.54 21.10
C ARG EB 42 81.03 39.78 20.94
N VAL EB 43 80.56 39.90 19.70
CA VAL EB 43 79.15 40.24 19.47
C VAL EB 43 78.25 39.06 19.84
N THR EB 44 78.64 37.84 19.50
CA THR EB 44 77.79 36.67 19.73
C THR EB 44 78.27 35.76 20.84
N GLY EB 45 79.55 35.40 20.86
CA GLY EB 45 80.05 34.47 21.85
C GLY EB 45 80.31 33.09 21.28
N GLU EB 46 79.62 32.08 21.80
CA GLU EB 46 79.76 30.72 21.32
C GLU EB 46 78.46 30.16 20.76
N ALA EB 47 77.45 31.02 20.56
CA ALA EB 47 76.24 30.60 19.89
C ALA EB 47 76.44 30.42 18.39
N TYR EB 48 77.33 31.21 17.78
CA TYR EB 48 77.68 31.09 16.37
C TYR EB 48 79.18 30.84 16.31
N ARG EB 49 79.57 29.56 16.39
CA ARG EB 49 80.97 29.18 16.38
C ARG EB 49 81.43 28.64 15.03
N GLU EB 50 80.52 28.07 14.23
CA GLU EB 50 80.89 27.63 12.89
C GLU EB 50 81.33 28.80 12.03
N TYR EB 51 80.70 29.96 12.21
CA TYR EB 51 81.12 31.15 11.46
C TYR EB 51 82.53 31.57 11.83
N ALA EB 52 82.86 31.52 13.13
CA ALA EB 52 84.22 31.85 13.55
C ALA EB 52 85.22 30.83 13.00
N GLU EB 53 84.84 29.54 12.99
CA GLU EB 53 85.69 28.51 12.39
C GLU EB 53 85.95 28.80 10.92
N ALA EB 54 84.90 29.15 10.18
CA ALA EB 54 85.04 29.44 8.76
C ALA EB 54 85.92 30.66 8.54
N VAL EB 55 85.75 31.70 9.37
CA VAL EB 55 86.56 32.91 9.22
C VAL EB 55 88.03 32.60 9.50
N ARG EB 56 88.32 31.79 10.53
CA ARG EB 56 89.71 31.43 10.80
C ARG EB 56 90.29 30.57 9.69
N HIS EB 57 89.49 29.67 9.11
CA HIS EB 57 89.94 28.88 7.98
C HIS EB 57 90.28 29.78 6.78
N LEU EB 58 89.41 30.75 6.50
CA LEU EB 58 89.68 31.67 5.39
C LEU EB 58 90.90 32.55 5.67
N GLY EB 59 91.13 32.92 6.93
CA GLY EB 59 92.35 33.62 7.27
C GLY EB 59 93.59 32.76 7.03
N GLU EB 60 93.50 31.48 7.37
CA GLU EB 60 94.61 30.56 7.08
C GLU EB 60 94.84 30.44 5.59
N ALA EB 61 93.76 30.39 4.80
CA ALA EB 61 93.89 30.34 3.35
C ALA EB 61 94.55 31.59 2.81
N ALA EB 62 94.15 32.76 3.32
CA ALA EB 62 94.76 34.02 2.89
C ALA EB 62 96.23 34.07 3.26
N LYS EB 63 96.58 33.51 4.41
CA LYS EB 63 98.00 33.40 4.77
C LYS EB 63 98.73 32.49 3.80
N ALA EB 64 98.10 31.37 3.42
CA ALA EB 64 98.75 30.40 2.54
C ALA EB 64 98.99 30.97 1.16
N VAL EB 65 98.04 31.78 0.67
CA VAL EB 65 98.20 32.39 -0.65
C VAL EB 65 99.46 33.26 -0.69
N LEU EB 66 99.72 34.01 0.38
CA LEU EB 66 100.78 35.00 0.39
C LEU EB 66 102.17 34.41 0.45
N GLU EB 67 102.32 33.11 0.73
CA GLU EB 67 103.64 32.48 0.74
C GLU EB 67 103.98 31.78 -0.56
N GLY EB 68 103.00 31.50 -1.42
CA GLY EB 68 103.27 30.87 -2.69
C GLY EB 68 102.48 29.59 -2.91
N ASN EB 69 102.14 28.90 -1.83
CA ASN EB 69 101.38 27.66 -1.94
C ASN EB 69 99.96 27.98 -2.42
N SER EB 70 99.64 27.51 -3.62
CA SER EB 70 98.35 27.82 -4.25
C SER EB 70 97.37 26.67 -4.25
N VAL EB 71 97.78 25.47 -3.83
CA VAL EB 71 96.87 24.33 -3.77
C VAL EB 71 96.27 24.17 -2.38
N GLU EB 72 97.07 24.44 -1.34
CA GLU EB 72 96.53 24.44 0.02
C GLU EB 72 95.40 25.46 0.17
N ALA EB 73 95.52 26.59 -0.54
CA ALA EB 73 94.44 27.57 -0.51
C ALA EB 73 93.16 26.99 -1.10
N ASP EB 74 93.26 26.26 -2.21
CA ASP EB 74 92.09 25.63 -2.81
C ASP EB 74 91.48 24.60 -1.87
N LEU EB 75 92.33 23.80 -1.23
CA LEU EB 75 91.83 22.79 -0.29
C LEU EB 75 91.11 23.45 0.88
N ILE EB 76 91.67 24.54 1.41
CA ILE EB 76 91.04 25.21 2.54
C ILE EB 76 89.74 25.86 2.12
N VAL EB 77 89.69 26.42 0.90
CA VAL EB 77 88.44 27.01 0.42
C VAL EB 77 87.37 25.94 0.25
N THR EB 78 87.75 24.75 -0.21
CA THR EB 78 86.78 23.65 -0.29
C THR EB 78 86.30 23.23 1.10
N ASP EB 79 87.21 23.22 2.08
CA ASP EB 79 86.80 22.92 3.46
C ASP EB 79 85.80 23.95 3.96
N VAL EB 80 86.06 25.24 3.71
CA VAL EB 80 85.12 26.29 4.09
C VAL EB 80 83.79 26.11 3.38
N LEU EB 81 83.84 25.72 2.10
CA LEU EB 81 82.60 25.48 1.36
C LEU EB 81 81.79 24.37 1.99
N ARG EB 82 82.45 23.30 2.41
CA ARG EB 82 81.74 22.21 3.09
C ARG EB 82 81.15 22.68 4.41
N LEU EB 83 81.90 23.48 5.17
CA LEU EB 83 81.38 24.01 6.43
C LEU EB 83 80.14 24.86 6.21
N LEU EB 84 80.19 25.74 5.21
CA LEU EB 84 79.04 26.60 4.91
C LEU EB 84 77.86 25.79 4.36
N GLU EB 85 78.14 24.71 3.63
CA GLU EB 85 77.06 23.83 3.19
C GLU EB 85 76.40 23.15 4.37
N ARG EB 86 77.19 22.77 5.38
CA ARG EB 86 76.60 22.22 6.60
C ARG EB 86 75.80 23.27 7.36
N ILE EB 87 76.26 24.52 7.35
CA ILE EB 87 75.56 25.58 8.06
C ILE EB 87 74.16 25.79 7.48
N GLY EB 88 74.07 25.94 6.16
CA GLY EB 88 72.78 26.06 5.51
C GLY EB 88 72.36 27.46 5.14
N GLU EB 89 73.28 28.25 4.58
CA GLU EB 89 73.00 29.60 4.11
C GLU EB 89 73.22 29.62 2.61
N GLU EB 90 72.12 29.59 1.84
CA GLU EB 90 72.20 29.33 0.41
C GLU EB 90 73.03 30.38 -0.33
N GLY EB 91 72.75 31.66 -0.08
CA GLY EB 91 73.50 32.71 -0.76
C GLY EB 91 74.97 32.69 -0.42
N LEU EB 92 75.29 32.42 0.85
CA LEU EB 92 76.69 32.37 1.26
C LEU EB 92 77.41 31.19 0.61
N VAL EB 93 76.73 30.05 0.49
CA VAL EB 93 77.30 28.90 -0.21
C VAL EB 93 77.52 29.23 -1.68
N LYS EB 94 76.58 29.94 -2.30
CA LYS EB 94 76.76 30.37 -3.69
C LYS EB 94 78.00 31.23 -3.84
N LEU EB 95 78.14 32.22 -2.96
CA LEU EB 95 79.33 33.07 -2.99
C LEU EB 95 80.60 32.27 -2.76
N ALA EB 96 80.53 31.25 -1.90
CA ALA EB 96 81.68 30.39 -1.66
C ALA EB 96 82.07 29.63 -2.92
N ARG EB 97 81.08 29.11 -3.66
CA ARG EB 97 81.38 28.40 -4.89
C ARG EB 97 82.03 29.32 -5.92
N GLU EB 98 81.48 30.53 -6.09
CA GLU EB 98 82.09 31.47 -7.03
C GLU EB 98 83.50 31.84 -6.61
N VAL EB 99 83.72 32.05 -5.30
CA VAL EB 99 85.05 32.35 -4.82
C VAL EB 99 86.00 31.20 -5.10
N HIS EB 100 85.55 29.95 -4.88
CA HIS EB 100 86.36 28.79 -5.17
C HIS EB 100 86.81 28.78 -6.62
N GLU EB 101 85.86 28.89 -7.55
CA GLU EB 101 86.19 28.81 -8.96
C GLU EB 101 87.12 29.94 -9.39
N ARG EB 102 86.74 31.19 -9.07
CA ARG EB 102 87.53 32.33 -9.50
C ARG EB 102 88.91 32.32 -8.87
N SER EB 103 89.00 31.98 -7.58
CA SER EB 103 90.30 31.94 -6.91
C SER EB 103 91.19 30.86 -7.53
N PHE EB 104 90.62 29.69 -7.83
CA PHE EB 104 91.42 28.65 -8.48
C PHE EB 104 91.97 29.14 -9.81
N GLU EB 105 91.10 29.72 -10.66
CA GLU EB 105 91.54 30.16 -11.97
C GLU EB 105 92.59 31.26 -11.87
N LEU EB 106 92.37 32.24 -11.00
CA LEU EB 106 93.31 33.36 -10.89
C LEU EB 106 94.63 32.91 -10.29
N LEU EB 107 94.60 32.01 -9.30
CA LEU EB 107 95.84 31.51 -8.72
C LEU EB 107 96.62 30.67 -9.72
N ARG EB 108 95.93 29.91 -10.57
CA ARG EB 108 96.63 29.22 -11.65
C ARG EB 108 97.26 30.22 -12.61
N LYS EB 109 96.52 31.27 -12.97
CA LYS EB 109 97.07 32.28 -13.87
C LYS EB 109 98.17 33.09 -13.18
N GLY EB 110 97.93 33.52 -11.94
CA GLY EB 110 98.94 34.25 -11.20
C GLY EB 110 98.44 35.54 -10.55
N ASN EB 111 97.13 35.73 -10.53
CA ASN EB 111 96.53 36.93 -9.93
C ASN EB 111 96.35 36.69 -8.44
N ARG EB 112 97.44 36.94 -7.69
CA ARG EB 112 97.40 36.75 -6.24
C ARG EB 112 96.46 37.73 -5.57
N VAL EB 113 96.50 39.00 -5.99
CA VAL EB 113 95.78 40.05 -5.28
C VAL EB 113 94.28 39.85 -5.38
N GLU EB 114 93.78 39.47 -6.56
CA GLU EB 114 92.33 39.28 -6.70
C GLU EB 114 91.84 38.07 -5.92
N ALA EB 115 92.64 37.00 -5.86
CA ALA EB 115 92.28 35.86 -5.03
C ALA EB 115 92.23 36.24 -3.56
N LEU EB 116 93.21 37.03 -3.10
CA LEU EB 116 93.18 37.53 -1.73
C LEU EB 116 91.94 38.37 -1.48
N ALA EB 117 91.58 39.23 -2.44
CA ALA EB 117 90.40 40.06 -2.28
C ALA EB 117 89.14 39.21 -2.18
N LEU EB 118 89.03 38.17 -3.01
CA LEU EB 118 87.86 37.29 -2.95
C LEU EB 118 87.79 36.55 -1.62
N ILE EB 119 88.94 36.08 -1.11
CA ILE EB 119 88.94 35.37 0.17
C ILE EB 119 88.50 36.31 1.29
N LEU EB 120 89.02 37.54 1.29
CA LEU EB 120 88.64 38.51 2.33
C LEU EB 120 87.16 38.87 2.21
N ALA EB 121 86.64 39.01 0.99
CA ALA EB 121 85.23 39.30 0.82
C ALA EB 121 84.37 38.17 1.35
N LEU EB 122 84.77 36.92 1.10
CA LEU EB 122 84.02 35.78 1.63
C LEU EB 122 84.04 35.78 3.15
N ALA EB 123 85.20 36.06 3.76
CA ALA EB 123 85.28 36.10 5.21
C ALA EB 123 84.38 37.18 5.79
N LEU EB 124 84.40 38.37 5.17
CA LEU EB 124 83.54 39.45 5.63
C LEU EB 124 82.07 39.09 5.47
N ALA EB 125 81.72 38.41 4.38
CA ALA EB 125 80.33 37.98 4.18
C ALA EB 125 79.89 37.04 5.28
N VAL EB 126 80.74 36.07 5.63
CA VAL EB 126 80.40 35.13 6.71
C VAL EB 126 80.19 35.88 8.02
N ALA EB 127 81.15 36.77 8.36
CA ALA EB 127 81.07 37.49 9.62
C ALA EB 127 79.83 38.37 9.69
N LEU EB 128 79.53 39.09 8.60
CA LEU EB 128 78.38 39.98 8.59
C LEU EB 128 77.07 39.19 8.64
N THR EB 129 77.02 38.04 7.97
CA THR EB 129 75.83 37.20 8.04
C THR EB 129 75.58 36.74 9.48
N ALA EB 130 76.63 36.28 10.14
CA ALA EB 130 76.49 35.83 11.53
C ALA EB 130 76.03 36.98 12.43
N VAL EB 131 76.67 38.15 12.29
CA VAL EB 131 76.34 39.27 13.15
C VAL EB 131 74.91 39.75 12.90
N SER EB 132 74.50 39.83 11.64
CA SER EB 132 73.15 40.28 11.33
C SER EB 132 72.10 39.29 11.84
N LYS EB 133 72.38 37.99 11.69
CA LYS EB 133 71.45 37.00 12.22
C LYS EB 133 71.32 37.11 13.73
N ALA EB 134 72.44 37.30 14.43
CA ALA EB 134 72.39 37.46 15.88
C ALA EB 134 71.61 38.71 16.27
N PHE EB 135 71.86 39.81 15.57
CA PHE EB 135 71.18 41.07 15.89
C PHE EB 135 69.68 40.96 15.67
N PHE EB 136 69.26 40.33 14.56
CA PHE EB 136 67.83 40.16 14.34
C PHE EB 136 67.21 39.22 15.36
N LEU EB 137 67.92 38.15 15.73
CA LEU EB 137 67.38 37.23 16.72
C LEU EB 137 67.19 37.91 18.07
N LEU EB 138 68.14 38.75 18.48
CA LEU EB 138 67.99 39.49 19.72
C LEU EB 138 66.78 40.43 19.66
N GLY EB 139 66.65 41.17 18.55
CA GLY EB 139 65.55 42.10 18.39
C GLY EB 139 66.02 43.54 18.27
N GLN EB 140 67.27 43.71 17.87
CA GLN EB 140 67.85 45.05 17.80
C GLN EB 140 67.21 45.86 16.67
N PRO EB 141 67.18 47.18 16.80
CA PRO EB 141 66.72 48.02 15.68
C PRO EB 141 67.76 48.10 14.58
N ALA EB 142 67.33 48.62 13.44
CA ALA EB 142 68.15 48.61 12.22
C ALA EB 142 69.35 49.54 12.31
N ARG EB 143 69.36 50.50 13.24
CA ARG EB 143 70.40 51.51 13.27
C ARG EB 143 71.77 50.90 13.52
N LEU EB 144 71.90 50.10 14.57
CA LEU EB 144 73.19 49.52 14.92
C LEU EB 144 73.64 48.51 13.88
N ILE EB 145 72.70 47.74 13.32
CA ILE EB 145 73.04 46.81 12.24
C ILE EB 145 73.64 47.56 11.07
N ALA EB 146 72.99 48.66 10.66
CA ALA EB 146 73.48 49.44 9.53
C ALA EB 146 74.85 50.04 9.83
N GLU EB 147 75.03 50.58 11.04
CA GLU EB 147 76.31 51.18 11.40
C GLU EB 147 77.43 50.14 11.39
N TYR EB 148 77.19 48.97 11.96
CA TYR EB 148 78.20 47.93 11.98
C TYR EB 148 78.55 47.43 10.58
N VAL EB 149 77.52 47.24 9.74
CA VAL EB 149 77.77 46.79 8.37
C VAL EB 149 78.59 47.83 7.62
N GLY EB 150 78.23 49.11 7.77
CA GLY EB 150 78.99 50.16 7.11
C GLY EB 150 80.44 50.21 7.59
N GLU EB 151 80.65 50.09 8.90
CA GLU EB 151 82.01 50.13 9.43
C GLU EB 151 82.85 48.97 8.91
N LYS EB 152 82.28 47.76 8.90
CA LYS EB 152 83.02 46.60 8.40
C LYS EB 152 83.32 46.74 6.92
N LEU EB 153 82.36 47.23 6.13
CA LEU EB 153 82.61 47.45 4.71
C LEU EB 153 83.70 48.49 4.50
N LEU EB 154 83.71 49.54 5.33
CA LEU EB 154 84.78 50.54 5.25
C LEU EB 154 86.14 49.94 5.55
N GLU EB 155 86.22 49.09 6.58
CA GLU EB 155 87.49 48.45 6.90
C GLU EB 155 87.96 47.57 5.75
N LEU EB 156 87.05 46.78 5.17
CA LEU EB 156 87.43 45.94 4.04
C LEU EB 156 87.88 46.78 2.84
N ARG EB 157 87.18 47.89 2.59
CA ARG EB 157 87.56 48.76 1.48
C ARG EB 157 88.96 49.35 1.68
N ARG EB 158 89.25 49.79 2.90
CA ARG EB 158 90.59 50.32 3.18
C ARG EB 158 91.65 49.24 2.99
N LEU EB 159 91.39 48.03 3.49
CA LEU EB 159 92.35 46.94 3.32
C LEU EB 159 92.60 46.63 1.85
N LEU EB 160 91.52 46.52 1.07
CA LEU EB 160 91.67 46.20 -0.35
C LEU EB 160 92.39 47.31 -1.11
N GLU EB 161 92.08 48.57 -0.79
CA GLU EB 161 92.79 49.68 -1.41
C GLU EB 161 94.26 49.68 -1.05
N LYS EB 162 94.59 49.28 0.18
CA LYS EB 162 96.00 49.14 0.56
C LYS EB 162 96.66 48.01 -0.22
N LEU EB 163 95.92 46.92 -0.47
CA LEU EB 163 96.50 45.80 -1.22
C LEU EB 163 96.82 46.21 -2.65
N GLY EB 164 95.86 46.81 -3.35
CA GLY EB 164 96.09 47.23 -4.71
C GLY EB 164 94.99 46.88 -5.69
N VAL EB 165 93.90 46.32 -5.19
CA VAL EB 165 92.79 45.93 -6.06
C VAL EB 165 92.19 47.17 -6.70
N PRO EB 166 91.89 47.18 -8.00
CA PRO EB 166 91.26 48.34 -8.62
C PRO EB 166 89.90 48.65 -7.99
N LEU EB 167 89.58 49.94 -7.96
CA LEU EB 167 88.39 50.39 -7.23
C LEU EB 167 87.09 49.77 -7.72
N PRO EB 168 86.80 49.72 -9.03
CA PRO EB 168 85.53 49.10 -9.45
C PRO EB 168 85.37 47.67 -8.99
N GLU EB 169 86.43 46.88 -8.99
CA GLU EB 169 86.36 45.51 -8.50
C GLU EB 169 86.07 45.48 -7.00
N VAL EB 170 86.69 46.39 -6.25
CA VAL EB 170 86.42 46.50 -4.82
C VAL EB 170 84.94 46.78 -4.59
N ILE EB 171 84.39 47.74 -5.33
CA ILE EB 171 82.98 48.08 -5.16
C ILE EB 171 82.09 46.90 -5.53
N ALA EB 172 82.41 46.21 -6.63
CA ALA EB 172 81.62 45.04 -7.01
C ALA EB 172 81.63 43.97 -5.93
N LEU EB 173 82.79 43.75 -5.31
CA LEU EB 173 82.86 42.81 -4.20
C LEU EB 173 82.01 43.29 -3.03
N LEU EB 174 82.02 44.59 -2.75
CA LEU EB 174 81.23 45.11 -1.63
C LEU EB 174 79.73 44.90 -1.84
N LEU EB 175 79.23 45.19 -3.05
CA LEU EB 175 77.81 44.89 -3.29
C LEU EB 175 77.54 43.39 -3.40
N ARG EB 176 78.54 42.57 -3.74
CA ARG EB 176 78.33 41.12 -3.64
C ARG EB 176 78.10 40.71 -2.19
N VAL EB 177 78.93 41.23 -1.27
CA VAL EB 177 78.75 40.95 0.14
C VAL EB 177 77.40 41.46 0.62
N LEU EB 178 77.03 42.66 0.17
CA LEU EB 178 75.75 43.24 0.58
C LEU EB 178 74.58 42.43 0.04
N GLU EB 179 74.70 41.89 -1.17
CA GLU EB 179 73.67 41.03 -1.72
C GLU EB 179 73.53 39.77 -0.89
N VAL EB 180 74.66 39.18 -0.47
CA VAL EB 180 74.61 38.00 0.39
C VAL EB 180 73.89 38.33 1.70
N VAL EB 181 74.25 39.46 2.31
CA VAL EB 181 73.64 39.85 3.58
C VAL EB 181 72.15 40.09 3.41
N GLU EB 182 71.76 40.77 2.32
CA GLU EB 182 70.34 41.03 2.06
C GLU EB 182 69.56 39.74 1.86
N GLU EB 183 70.14 38.78 1.13
CA GLU EB 183 69.47 37.51 0.92
C GLU EB 183 69.29 36.78 2.25
N SER EB 184 70.33 36.79 3.10
CA SER EB 184 70.22 36.16 4.41
C SER EB 184 69.12 36.81 5.24
N LEU EB 185 69.07 38.15 5.24
CA LEU EB 185 68.05 38.86 5.99
C LEU EB 185 66.66 38.55 5.48
N LYS EB 186 66.49 38.52 4.16
CA LYS EB 186 65.18 38.22 3.57
C LYS EB 186 64.74 36.80 3.92
N ALA EB 187 65.65 35.83 3.84
CA ALA EB 187 65.28 34.45 4.10
C ALA EB 187 65.04 34.19 5.58
N MET EB 188 65.73 34.91 6.47
CA MET EB 188 65.62 34.63 7.89
C MET EB 188 64.28 35.08 8.45
N GLY EB 189 63.72 36.18 7.95
CA GLY EB 189 62.40 36.61 8.38
C GLY EB 189 62.19 38.10 8.55
N MET EB 190 63.22 38.90 8.28
CA MET EB 190 63.10 40.35 8.42
C MET EB 190 62.06 40.91 7.45
N GLU EB 191 61.35 41.94 7.91
CA GLU EB 191 60.40 42.63 7.05
C GLU EB 191 61.15 43.45 5.99
N PRO EB 192 60.62 43.52 4.76
CA PRO EB 192 61.37 44.16 3.68
C PRO EB 192 61.82 45.60 3.95
N ARG EB 193 61.02 46.38 4.68
CA ARG EB 193 61.35 47.79 4.86
C ARG EB 193 62.66 47.97 5.63
N GLU EB 194 62.87 47.17 6.68
CA GLU EB 194 64.11 47.27 7.45
C GLU EB 194 65.32 46.85 6.62
N ILE EB 195 65.18 45.81 5.79
CA ILE EB 195 66.27 45.39 4.92
C ILE EB 195 66.61 46.49 3.93
N ASN EB 196 65.58 47.12 3.35
CA ASN EB 196 65.82 48.23 2.44
C ASN EB 196 66.51 49.38 3.16
N ARG EB 197 66.11 49.65 4.40
CA ARG EB 197 66.71 50.75 5.15
C ARG EB 197 68.19 50.49 5.43
N VAL EB 198 68.54 49.27 5.85
CA VAL EB 198 69.93 48.98 6.18
C VAL EB 198 70.78 48.95 4.92
N LEU EB 199 70.26 48.39 3.83
CA LEU EB 199 71.02 48.41 2.57
C LEU EB 199 71.25 49.83 2.09
N ALA EB 200 70.21 50.68 2.17
CA ALA EB 200 70.36 52.07 1.77
C ALA EB 200 71.38 52.79 2.64
N ALA EB 201 71.38 52.52 3.94
CA ALA EB 201 72.36 53.14 4.83
C ALA EB 201 73.79 52.70 4.47
N ALA EB 202 73.96 51.42 4.17
CA ALA EB 202 75.29 50.93 3.78
C ALA EB 202 75.75 51.58 2.48
N TYR EB 203 74.87 51.65 1.49
CA TYR EB 203 75.22 52.33 0.24
C TYR EB 203 75.55 53.79 0.49
N LEU EB 204 74.79 54.45 1.38
CA LEU EB 204 75.02 55.86 1.64
C LEU EB 204 76.37 56.10 2.30
N THR EB 205 76.74 55.27 3.28
CA THR EB 205 78.04 55.48 3.92
C THR EB 205 79.19 55.15 2.97
N LEU EB 206 79.01 54.12 2.12
CA LEU EB 206 80.03 53.83 1.12
C LEU EB 206 80.22 54.99 0.16
N ALA EB 207 79.10 55.55 -0.34
CA ALA EB 207 79.18 56.68 -1.25
C ALA EB 207 79.75 57.92 -0.58
N ALA EB 208 79.42 58.13 0.70
CA ALA EB 208 79.95 59.27 1.44
C ALA EB 208 81.47 59.16 1.58
N GLU EB 209 81.97 57.97 1.90
CA GLU EB 209 83.42 57.78 1.96
C GLU EB 209 84.05 58.00 0.60
N LEU EB 210 83.43 57.47 -0.46
CA LEU EB 210 83.99 57.63 -1.80
C LEU EB 210 84.08 59.10 -2.19
N LEU EB 211 83.03 59.88 -1.91
CA LEU EB 211 83.04 61.29 -2.23
C LEU EB 211 84.05 62.05 -1.36
N GLU EB 212 84.14 61.72 -0.08
CA GLU EB 212 85.07 62.41 0.81
C GLU EB 212 86.52 62.16 0.41
N ARG EB 213 86.81 60.97 -0.13
CA ARG EB 213 88.18 60.69 -0.58
C ARG EB 213 88.64 61.67 -1.64
N LEU EB 214 87.71 62.18 -2.46
CA LEU EB 214 88.06 63.09 -3.54
C LEU EB 214 88.11 64.55 -3.09
N GLY EB 215 87.76 64.84 -1.84
CA GLY EB 215 87.81 66.19 -1.32
C GLY EB 215 86.48 66.89 -1.21
N LEU EB 216 85.42 66.35 -1.82
CA LEU EB 216 84.09 66.96 -1.74
C LEU EB 216 83.47 66.64 -0.37
N THR EB 217 84.01 67.31 0.65
CA THR EB 217 83.61 67.03 2.02
C THR EB 217 82.18 67.50 2.33
N ALA EB 218 81.75 68.61 1.74
CA ALA EB 218 80.39 69.10 2.01
C ALA EB 218 79.33 68.16 1.43
N LEU EB 219 79.58 67.63 0.23
CA LEU EB 219 78.66 66.66 -0.35
C LEU EB 219 78.60 65.39 0.50
N ALA EB 220 79.75 64.93 0.98
CA ALA EB 220 79.77 63.77 1.86
C ALA EB 220 79.01 64.04 3.16
N ALA EB 221 79.15 65.26 3.71
CA ALA EB 221 78.41 65.62 4.92
C ALA EB 221 76.91 65.61 4.66
N ARG EB 222 76.48 66.11 3.49
CA ARG EB 222 75.06 66.07 3.15
C ARG EB 222 74.58 64.63 3.01
N ILE EB 223 75.38 63.75 2.43
CA ILE EB 223 75.00 62.35 2.31
C ILE EB 223 74.87 61.71 3.69
N ARG EB 224 75.80 62.02 4.59
CA ARG EB 224 75.70 61.51 5.96
C ARG EB 224 74.46 62.02 6.67
N ARG EB 225 74.12 63.31 6.46
CA ARG EB 225 72.89 63.85 7.02
C ARG EB 225 71.67 63.10 6.50
N ALA EB 226 71.65 62.82 5.19
CA ALA EB 226 70.55 62.07 4.61
C ALA EB 226 70.45 60.67 5.21
N ARG EB 227 71.60 60.01 5.40
CA ARG EB 227 71.59 58.68 6.01
C ARG EB 227 71.06 58.73 7.44
N GLU EB 228 71.49 59.73 8.22
CA GLU EB 228 71.04 59.84 9.60
C GLU EB 228 69.54 60.11 9.67
N LEU EB 229 69.03 60.98 8.78
CA LEU EB 229 67.59 61.20 8.73
C LEU EB 229 66.84 59.94 8.30
N LEU EB 230 67.43 59.14 7.41
CA LEU EB 230 66.81 57.90 7.00
C LEU EB 230 66.72 56.91 8.16
N LEU EB 231 67.79 56.79 8.95
CA LEU EB 231 67.80 55.84 10.05
C LEU EB 231 66.89 56.25 11.20
N ALA EB 232 66.46 57.52 11.25
CA ALA EB 232 65.62 58.01 12.32
C ALA EB 232 64.13 57.93 12.00
N GLY EB 233 63.77 57.33 10.87
CA GLY EB 233 62.39 57.23 10.45
C GLY EB 233 61.90 58.35 9.55
N ARG EB 234 62.71 59.38 9.34
CA ARG EB 234 62.35 60.49 8.46
C ARG EB 234 62.75 60.11 7.04
N VAL EB 235 61.79 59.54 6.31
CA VAL EB 235 62.09 58.94 5.01
C VAL EB 235 62.08 60.00 3.90
N GLU EB 236 61.01 60.80 3.83
CA GLU EB 236 60.84 61.73 2.72
C GLU EB 236 61.90 62.83 2.74
N GLU EB 237 62.24 63.32 3.93
CA GLU EB 237 63.27 64.36 4.03
C GLU EB 237 64.61 63.83 3.55
N ALA EB 238 64.97 62.60 3.96
CA ALA EB 238 66.20 62.00 3.48
C ALA EB 238 66.15 61.78 1.98
N LEU EB 239 65.00 61.37 1.46
CA LEU EB 239 64.86 61.18 0.02
C LEU EB 239 65.12 62.48 -0.74
N HIS EB 240 64.53 63.58 -0.29
CA HIS EB 240 64.74 64.85 -0.98
C HIS EB 240 66.18 65.35 -0.84
N LEU EB 241 66.78 65.17 0.34
CA LEU EB 241 68.18 65.53 0.50
C LEU EB 241 69.06 64.74 -0.46
N LEU EB 242 68.78 63.45 -0.59
CA LEU EB 242 69.56 62.61 -1.49
C LEU EB 242 69.35 63.04 -2.94
N GLN EB 243 68.12 63.39 -3.32
CA GLN EB 243 67.87 63.83 -4.68
C GLN EB 243 68.62 65.12 -4.99
N ASP EB 244 68.60 66.08 -4.06
CA ASP EB 244 69.34 67.32 -4.27
C ASP EB 244 70.84 67.06 -4.38
N ALA EB 245 71.37 66.18 -3.53
CA ALA EB 245 72.78 65.82 -3.61
C ALA EB 245 73.11 65.17 -4.94
N VAL EB 246 72.20 64.32 -5.44
CA VAL EB 246 72.42 63.66 -6.73
C VAL EB 246 72.43 64.68 -7.86
N GLU EB 247 71.51 65.65 -7.83
CA GLU EB 247 71.52 66.68 -8.87
C GLU EB 247 72.80 67.49 -8.85
N LEU EB 248 73.28 67.85 -7.65
CA LEU EB 248 74.52 68.61 -7.57
C LEU EB 248 75.71 67.77 -8.05
N LEU EB 249 75.73 66.48 -7.70
CA LEU EB 249 76.77 65.59 -8.18
C LEU EB 249 76.75 65.47 -9.69
N HIS EB 250 75.56 65.37 -10.28
CA HIS EB 250 75.43 65.33 -11.73
C HIS EB 250 75.95 66.62 -12.36
N GLU EB 251 75.64 67.76 -11.74
CA GLU EB 251 76.17 69.02 -12.22
C GLU EB 251 77.69 69.02 -12.24
N ARG EB 252 78.31 68.57 -11.15
CA ARG EB 252 79.77 68.52 -11.09
C ARG EB 252 80.33 67.54 -12.12
N ILE EB 253 79.68 66.38 -12.27
CA ILE EB 253 80.19 65.35 -13.18
C ILE EB 253 80.14 65.85 -14.62
N ARG EB 254 79.02 66.45 -15.03
CA ARG EB 254 78.90 66.98 -16.37
C ARG EB 254 79.71 68.27 -16.57
N GLU EB 255 80.11 68.93 -15.49
CA GLU EB 255 81.05 70.04 -15.63
C GLU EB 255 82.46 69.52 -15.90
N LEU EB 256 82.87 68.45 -15.21
CA LEU EB 256 84.20 67.89 -15.43
C LEU EB 256 84.35 67.30 -16.83
N GLY EB 257 83.36 66.54 -17.28
CA GLY EB 257 83.41 65.96 -18.61
C GLY EB 257 83.87 64.50 -18.57
N PHE EB 258 84.81 64.16 -19.46
CA PHE EB 258 85.34 62.81 -19.54
C PHE EB 258 86.58 62.59 -18.68
N GLU EB 259 87.03 63.62 -17.95
CA GLU EB 259 88.14 63.49 -17.02
C GLU EB 259 87.67 63.29 -15.59
N ALA EB 260 86.42 62.88 -15.40
CA ALA EB 260 85.89 62.66 -14.06
C ALA EB 260 86.51 61.41 -13.45
N PRO EB 261 87.10 61.50 -12.26
CA PRO EB 261 87.65 60.31 -11.61
C PRO EB 261 86.56 59.27 -11.35
N GLU EB 262 86.98 58.00 -11.28
CA GLU EB 262 86.06 56.90 -11.09
C GLU EB 262 85.27 57.02 -9.79
N GLU EB 263 85.80 57.77 -8.82
CA GLU EB 263 85.10 57.94 -7.55
C GLU EB 263 83.73 58.57 -7.75
N LEU EB 264 83.65 59.60 -8.60
CA LEU EB 264 82.37 60.27 -8.83
C LEU EB 264 81.36 59.34 -9.48
N LEU EB 265 81.79 58.58 -10.49
CA LEU EB 265 80.86 57.68 -11.17
C LEU EB 265 80.38 56.57 -10.25
N LEU EB 266 81.29 55.97 -9.48
CA LEU EB 266 80.89 54.90 -8.56
C LEU EB 266 79.97 55.44 -7.47
N ALA EB 267 80.27 56.63 -6.95
CA ALA EB 267 79.40 57.26 -5.96
C ALA EB 267 78.02 57.55 -6.55
N ASP EB 268 77.98 58.00 -7.80
CA ASP EB 268 76.69 58.26 -8.44
C ASP EB 268 75.87 56.98 -8.59
N LEU EB 269 76.51 55.88 -8.99
CA LEU EB 269 75.79 54.62 -9.10
C LEU EB 269 75.28 54.15 -7.74
N LEU EB 270 76.12 54.25 -6.71
CA LEU EB 270 75.69 53.85 -5.38
C LEU EB 270 74.54 54.72 -4.89
N LEU EB 271 74.60 56.03 -5.16
CA LEU EB 271 73.52 56.93 -4.77
C LEU EB 271 72.23 56.61 -5.51
N GLN EB 272 72.31 56.24 -6.79
CA GLN EB 272 71.10 55.85 -7.51
C GLN EB 272 70.48 54.60 -6.91
N ARG EB 273 71.31 53.61 -6.56
CA ARG EB 273 70.78 52.43 -5.88
C ARG EB 273 70.15 52.80 -4.55
N ALA EB 274 70.77 53.73 -3.82
CA ALA EB 274 70.22 54.18 -2.54
C ALA EB 274 68.87 54.87 -2.73
N LEU EB 275 68.75 55.72 -3.75
CA LEU EB 275 67.48 56.37 -4.04
C LEU EB 275 66.39 55.36 -4.37
N GLU EB 276 66.73 54.35 -5.20
CA GLU EB 276 65.74 53.34 -5.53
C GLU EB 276 65.30 52.57 -4.29
N LEU EB 277 66.25 52.20 -3.43
CA LEU EB 277 65.91 51.46 -2.22
C LEU EB 277 65.06 52.31 -1.28
N ILE EB 278 65.40 53.60 -1.12
CA ILE EB 278 64.65 54.47 -0.23
C ILE EB 278 63.25 54.71 -0.76
N SER EB 279 63.11 54.89 -2.07
CA SER EB 279 61.78 55.07 -2.66
C SER EB 279 60.93 53.82 -2.50
N SER EB 280 61.55 52.64 -2.61
CA SER EB 280 60.81 51.40 -2.44
C SER EB 280 60.39 51.15 -1.00
N ILE EB 281 60.91 51.92 -0.03
CA ILE EB 281 60.54 51.75 1.36
C ILE EB 281 59.07 52.11 1.56
N THR FB 24 90.74 43.94 -52.30
CA THR FB 24 90.12 43.27 -53.44
C THR FB 24 88.61 43.23 -53.30
N VAL FB 25 88.14 43.27 -52.06
CA VAL FB 25 86.72 43.36 -51.69
C VAL FB 25 85.97 42.07 -51.98
N GLU FB 26 86.04 41.58 -53.22
CA GLU FB 26 85.30 40.36 -53.57
C GLU FB 26 85.81 39.16 -52.78
N GLU FB 27 87.13 38.92 -52.83
CA GLU FB 27 87.71 37.82 -52.07
C GLU FB 27 87.34 37.90 -50.61
N GLU FB 28 87.18 39.12 -50.08
CA GLU FB 28 86.64 39.27 -48.74
C GLU FB 28 85.24 38.66 -48.64
N VAL FB 29 84.43 38.80 -49.69
CA VAL FB 29 83.07 38.26 -49.64
C VAL FB 29 83.08 36.73 -49.64
N ILE FB 30 83.83 36.11 -50.57
CA ILE FB 30 83.84 34.64 -50.58
C ILE FB 30 84.50 34.10 -49.32
N ARG FB 31 85.59 34.73 -48.86
CA ARG FB 31 86.20 34.29 -47.61
C ARG FB 31 85.25 34.47 -46.44
N PHE FB 32 84.42 35.52 -46.43
CA PHE FB 32 83.44 35.68 -45.37
C PHE FB 32 82.46 34.53 -45.36
N ALA FB 33 81.97 34.14 -46.54
CA ALA FB 33 81.03 33.02 -46.60
C ALA FB 33 81.68 31.73 -46.11
N GLU FB 34 82.89 31.44 -46.59
CA GLU FB 34 83.57 30.20 -46.21
C GLU FB 34 83.89 30.17 -44.72
N GLU FB 35 84.39 31.28 -44.17
CA GLU FB 35 84.70 31.32 -42.75
C GLU FB 35 83.45 31.26 -41.90
N LEU FB 36 82.33 31.81 -42.39
CA LEU FB 36 81.08 31.68 -41.66
C LEU FB 36 80.66 30.22 -41.58
N ALA FB 37 80.73 29.50 -42.70
CA ALA FB 37 80.40 28.08 -42.68
C ALA FB 37 81.33 27.30 -41.76
N GLU FB 38 82.63 27.61 -41.82
CA GLU FB 38 83.59 26.93 -40.96
C GLU FB 38 83.34 27.23 -39.48
N GLU FB 39 82.94 28.46 -39.16
CA GLU FB 39 82.61 28.81 -37.79
C GLU FB 39 81.40 28.03 -37.31
N ILE FB 40 80.37 27.89 -38.16
CA ILE FB 40 79.25 27.03 -37.80
C ILE FB 40 79.73 25.61 -37.52
N ARG FB 41 80.63 25.10 -38.37
CA ARG FB 41 81.12 23.74 -38.19
C ARG FB 41 81.87 23.59 -36.87
N ARG FB 42 82.72 24.55 -36.52
CA ARG FB 42 83.46 24.47 -35.27
C ARG FB 42 82.54 24.58 -34.06
N VAL FB 43 81.57 25.50 -34.11
CA VAL FB 43 80.71 25.72 -32.95
C VAL FB 43 79.79 24.54 -32.72
N THR FB 44 79.25 23.96 -33.79
CA THR FB 44 78.27 22.88 -33.66
C THR FB 44 78.79 21.52 -34.12
N GLY FB 45 79.41 21.44 -35.29
CA GLY FB 45 79.85 20.16 -35.81
C GLY FB 45 79.02 19.69 -36.98
N GLU FB 46 78.34 18.54 -36.81
CA GLU FB 46 77.47 18.00 -37.85
C GLU FB 46 76.04 17.83 -37.36
N ALA FB 47 75.70 18.42 -36.21
CA ALA FB 47 74.33 18.42 -35.75
C ALA FB 47 73.47 19.44 -36.50
N TYR FB 48 74.07 20.54 -36.95
CA TYR FB 48 73.38 21.56 -37.74
C TYR FB 48 74.14 21.67 -39.06
N ARG FB 49 73.78 20.83 -40.02
CA ARG FB 49 74.44 20.79 -41.32
C ARG FB 49 73.65 21.48 -42.42
N GLU FB 50 72.31 21.52 -42.29
CA GLU FB 50 71.50 22.25 -43.26
C GLU FB 50 71.83 23.73 -43.24
N TYR FB 51 72.14 24.28 -42.06
CA TYR FB 51 72.53 25.68 -41.98
C TYR FB 51 73.84 25.94 -42.71
N ALA FB 52 74.81 25.05 -42.56
CA ALA FB 52 76.06 25.19 -43.29
C ALA FB 52 75.83 25.06 -44.80
N GLU FB 53 74.95 24.15 -45.21
CA GLU FB 53 74.62 24.02 -46.61
C GLU FB 53 74.01 25.31 -47.15
N ALA FB 54 73.09 25.90 -46.40
CA ALA FB 54 72.47 27.16 -46.82
C ALA FB 54 73.49 28.28 -46.89
N VAL FB 55 74.41 28.34 -45.93
CA VAL FB 55 75.43 29.39 -45.95
C VAL FB 55 76.34 29.24 -47.15
N ARG FB 56 76.73 28.00 -47.47
CA ARG FB 56 77.58 27.78 -48.64
C ARG FB 56 76.83 28.11 -49.93
N HIS FB 57 75.53 27.77 -49.99
CA HIS FB 57 74.74 28.14 -51.16
C HIS FB 57 74.65 29.65 -51.32
N LEU FB 58 74.44 30.38 -50.23
CA LEU FB 58 74.38 31.84 -50.30
C LEU FB 58 75.73 32.42 -50.69
N GLY FB 59 76.84 31.82 -50.23
CA GLY FB 59 78.14 32.26 -50.69
C GLY FB 59 78.32 32.03 -52.18
N GLU FB 60 77.84 30.90 -52.69
CA GLU FB 60 77.89 30.66 -54.13
C GLU FB 60 77.06 31.68 -54.89
N ALA FB 61 75.89 32.03 -54.37
CA ALA FB 61 75.06 33.06 -54.99
C ALA FB 61 75.78 34.41 -55.01
N ALA FB 62 76.41 34.78 -53.89
CA ALA FB 62 77.15 36.03 -53.82
C ALA FB 62 78.31 36.04 -54.81
N LYS FB 63 78.98 34.90 -54.97
CA LYS FB 63 80.02 34.79 -55.99
C LYS FB 63 79.45 34.97 -57.38
N ALA FB 64 78.29 34.37 -57.65
CA ALA FB 64 77.67 34.46 -58.96
C ALA FB 64 77.26 35.89 -59.30
N VAL FB 65 76.78 36.63 -58.29
CA VAL FB 65 76.37 38.02 -58.52
C VAL FB 65 77.55 38.85 -59.02
N LEU FB 66 78.74 38.61 -58.46
CA LEU FB 66 79.87 39.50 -58.67
C LEU FB 66 80.47 39.40 -60.07
N GLU FB 67 80.10 38.40 -60.86
CA GLU FB 67 80.59 38.31 -62.23
C GLU FB 67 79.63 38.92 -63.25
N GLY FB 68 78.33 38.93 -62.96
CA GLY FB 68 77.37 39.53 -63.86
C GLY FB 68 76.13 38.68 -64.06
N ASN FB 69 76.28 37.37 -63.98
CA ASN FB 69 75.16 36.47 -64.15
C ASN FB 69 74.17 36.67 -63.01
N SER FB 70 72.96 37.14 -63.34
CA SER FB 70 71.98 37.55 -62.35
C SER FB 70 70.81 36.59 -62.19
N VAL FB 71 70.71 35.55 -63.03
CA VAL FB 71 69.60 34.60 -62.91
C VAL FB 71 69.98 33.42 -62.04
N GLU FB 72 71.23 32.95 -62.16
CA GLU FB 72 71.70 31.88 -61.29
C GLU FB 72 71.63 32.29 -59.82
N ALA FB 73 71.85 33.57 -59.54
CA ALA FB 73 71.69 34.05 -58.17
C ALA FB 73 70.25 33.89 -57.69
N ASP FB 74 69.28 34.22 -58.54
CA ASP FB 74 67.88 34.04 -58.17
C ASP FB 74 67.57 32.56 -57.95
N LEU FB 75 68.07 31.68 -58.82
CA LEU FB 75 67.83 30.25 -58.65
C LEU FB 75 68.43 29.73 -57.34
N ILE FB 76 69.64 30.19 -57.01
CA ILE FB 76 70.27 29.75 -55.76
C ILE FB 76 69.52 30.29 -54.55
N VAL FB 77 69.03 31.52 -54.64
CA VAL FB 77 68.26 32.09 -53.53
C VAL FB 77 66.97 31.30 -53.33
N THR FB 78 66.33 30.88 -54.42
CA THR FB 78 65.14 30.04 -54.29
C THR FB 78 65.48 28.68 -53.68
N ASP FB 79 66.63 28.12 -54.05
CA ASP FB 79 67.07 26.87 -53.43
C ASP FB 79 67.27 27.04 -51.92
N VAL FB 80 67.90 28.14 -51.52
CA VAL FB 80 68.10 28.41 -50.10
C VAL FB 80 66.75 28.60 -49.41
N LEU FB 81 65.81 29.25 -50.10
CA LEU FB 81 64.47 29.42 -49.53
C LEU FB 81 63.80 28.07 -49.30
N ARG FB 82 63.93 27.15 -50.25
CA ARG FB 82 63.36 25.82 -50.07
C ARG FB 82 64.03 25.08 -48.91
N LEU FB 83 65.35 25.21 -48.79
CA LEU FB 83 66.05 24.57 -47.68
C LEU FB 83 65.58 25.12 -46.33
N LEU FB 84 65.44 26.44 -46.23
CA LEU FB 84 64.98 27.04 -44.99
C LEU FB 84 63.52 26.71 -44.71
N GLU FB 85 62.71 26.55 -45.76
CA GLU FB 85 61.33 26.10 -45.56
C GLU FB 85 61.29 24.68 -45.02
N ARG FB 86 62.19 23.82 -45.49
CA ARG FB 86 62.29 22.48 -44.93
C ARG FB 86 62.79 22.51 -43.49
N ILE FB 87 63.69 23.44 -43.16
CA ILE FB 87 64.21 23.52 -41.80
C ILE FB 87 63.10 23.85 -40.82
N GLY FB 88 62.32 24.89 -41.11
CA GLY FB 88 61.19 25.23 -40.27
C GLY FB 88 61.42 26.38 -39.30
N GLU FB 89 62.07 27.45 -39.78
CA GLU FB 89 62.29 28.66 -38.98
C GLU FB 89 61.51 29.79 -39.63
N GLU FB 90 60.37 30.15 -39.03
CA GLU FB 90 59.41 31.03 -39.70
C GLU FB 90 60.00 32.39 -40.03
N GLY FB 91 60.64 33.03 -39.04
CA GLY FB 91 61.21 34.34 -39.29
C GLY FB 91 62.33 34.30 -40.32
N LEU FB 92 63.14 33.24 -40.29
CA LEU FB 92 64.21 33.12 -41.25
C LEU FB 92 63.66 32.94 -42.67
N VAL FB 93 62.59 32.16 -42.81
CA VAL FB 93 61.94 32.00 -44.11
C VAL FB 93 61.36 33.33 -44.58
N LYS FB 94 60.76 34.09 -43.66
CA LYS FB 94 60.24 35.41 -44.03
C LYS FB 94 61.36 36.30 -44.56
N LEU FB 95 62.48 36.36 -43.85
CA LEU FB 95 63.62 37.14 -44.31
C LEU FB 95 64.12 36.64 -45.66
N ALA FB 96 64.09 35.32 -45.86
CA ALA FB 96 64.51 34.75 -47.14
C ALA FB 96 63.61 35.22 -48.28
N ARG FB 97 62.29 35.26 -48.04
CA ARG FB 97 61.37 35.73 -49.06
C ARG FB 97 61.62 37.20 -49.39
N GLU FB 98 61.79 38.03 -48.36
CA GLU FB 98 62.08 39.45 -48.62
C GLU FB 98 63.38 39.62 -49.38
N VAL FB 99 64.40 38.85 -49.02
CA VAL FB 99 65.68 38.91 -49.71
C VAL FB 99 65.50 38.50 -51.17
N HIS FB 100 64.73 37.43 -51.42
CA HIS FB 100 64.46 36.99 -52.78
C HIS FB 100 63.85 38.11 -53.62
N GLU FB 101 62.76 38.70 -53.11
CA GLU FB 101 62.07 39.74 -53.88
C GLU FB 101 62.96 40.94 -54.12
N ARG FB 102 63.56 41.47 -53.05
CA ARG FB 102 64.37 42.69 -53.20
C ARG FB 102 65.59 42.44 -54.06
N SER FB 103 66.25 41.30 -53.89
CA SER FB 103 67.42 40.98 -54.71
C SER FB 103 67.04 40.85 -56.18
N PHE FB 104 65.92 40.20 -56.47
CA PHE FB 104 65.48 40.10 -57.86
C PHE FB 104 65.25 41.48 -58.45
N GLU FB 105 64.51 42.34 -57.75
CA GLU FB 105 64.22 43.66 -58.29
C GLU FB 105 65.49 44.48 -58.49
N LEU FB 106 66.38 44.48 -57.49
CA LEU FB 106 67.60 45.28 -57.59
C LEU FB 106 68.52 44.76 -58.68
N LEU FB 107 68.65 43.43 -58.81
CA LEU FB 107 69.51 42.87 -59.85
C LEU FB 107 68.95 43.13 -61.24
N ARG FB 108 67.61 43.14 -61.37
CA ARG FB 108 67.02 43.56 -62.63
C ARG FB 108 67.34 45.02 -62.92
N LYS FB 109 67.22 45.89 -61.90
CA LYS FB 109 67.55 47.29 -62.10
C LYS FB 109 69.05 47.49 -62.29
N GLY FB 110 69.87 46.84 -61.46
CA GLY FB 110 71.31 46.95 -61.61
C GLY FB 110 72.05 47.27 -60.33
N ASN FB 111 71.36 47.20 -59.20
CA ASN FB 111 71.96 47.50 -57.89
C ASN FB 111 72.64 46.25 -57.37
N ARG FB 112 73.89 46.05 -57.81
CA ARG FB 112 74.66 44.87 -57.39
C ARG FB 112 74.95 44.90 -55.90
N VAL FB 113 75.35 46.06 -55.38
CA VAL FB 113 75.87 46.15 -54.03
C VAL FB 113 74.79 45.84 -53.00
N GLU FB 114 73.57 46.36 -53.21
CA GLU FB 114 72.51 46.11 -52.24
C GLU FB 114 72.06 44.66 -52.25
N ALA FB 115 72.03 44.03 -53.43
CA ALA FB 115 71.73 42.60 -53.49
C ALA FB 115 72.80 41.78 -52.77
N LEU FB 116 74.07 42.14 -52.96
CA LEU FB 116 75.14 41.48 -52.23
C LEU FB 116 74.96 41.64 -50.72
N ALA FB 117 74.62 42.85 -50.28
CA ALA FB 117 74.41 43.10 -48.86
C ALA FB 117 73.25 42.27 -48.32
N LEU FB 118 72.17 42.15 -49.08
CA LEU FB 118 71.03 41.34 -48.64
C LEU FB 118 71.42 39.87 -48.53
N ILE FB 119 72.18 39.37 -49.50
CA ILE FB 119 72.60 37.96 -49.46
C ILE FB 119 73.49 37.72 -48.25
N LEU FB 120 74.43 38.61 -47.99
CA LEU FB 120 75.32 38.46 -46.83
C LEU FB 120 74.53 38.54 -45.52
N ALA FB 121 73.55 39.44 -45.46
CA ALA FB 121 72.72 39.54 -44.26
C ALA FB 121 71.92 38.25 -44.03
N LEU FB 122 71.39 37.66 -45.10
CA LEU FB 122 70.69 36.39 -44.96
C LEU FB 122 71.62 35.29 -44.46
N ALA FB 123 72.84 35.24 -45.01
CA ALA FB 123 73.80 34.22 -44.56
C ALA FB 123 74.14 34.40 -43.09
N LEU FB 124 74.38 35.64 -42.67
CA LEU FB 124 74.67 35.90 -41.26
C LEU FB 124 73.49 35.55 -40.38
N ALA FB 125 72.26 35.81 -40.84
CA ALA FB 125 71.09 35.45 -40.06
C ALA FB 125 70.99 33.95 -39.86
N VAL FB 126 71.24 33.18 -40.92
CA VAL FB 126 71.22 31.72 -40.79
C VAL FB 126 72.29 31.25 -39.80
N ALA FB 127 73.50 31.78 -39.94
CA ALA FB 127 74.60 31.36 -39.07
C ALA FB 127 74.30 31.69 -37.60
N LEU FB 128 73.82 32.90 -37.35
CA LEU FB 128 73.53 33.31 -35.98
C LEU FB 128 72.36 32.52 -35.39
N THR FB 129 71.35 32.22 -36.21
CA THR FB 129 70.25 31.40 -35.73
C THR FB 129 70.74 30.02 -35.31
N ALA FB 130 71.58 29.40 -36.16
CA ALA FB 130 72.11 28.07 -35.82
C ALA FB 130 72.94 28.12 -34.54
N VAL FB 131 73.84 29.11 -34.44
CA VAL FB 131 74.71 29.20 -33.28
C VAL FB 131 73.90 29.45 -32.01
N SER FB 132 72.92 30.35 -32.07
CA SER FB 132 72.11 30.64 -30.89
C SER FB 132 71.30 29.43 -30.47
N LYS FB 133 70.76 28.68 -31.44
CA LYS FB 133 70.01 27.48 -31.11
C LYS FB 133 70.91 26.45 -30.43
N ALA FB 134 72.13 26.27 -30.95
CA ALA FB 134 73.05 25.32 -30.33
C ALA FB 134 73.42 25.76 -28.91
N PHE FB 135 73.70 27.06 -28.73
CA PHE FB 135 74.08 27.55 -27.42
C PHE FB 135 72.95 27.40 -26.41
N PHE FB 136 71.72 27.71 -26.81
CA PHE FB 136 70.60 27.53 -25.90
C PHE FB 136 70.36 26.06 -25.57
N LEU FB 137 70.49 25.18 -26.57
CA LEU FB 137 70.30 23.75 -26.32
C LEU FB 137 71.33 23.21 -25.34
N LEU FB 138 72.59 23.65 -25.48
CA LEU FB 138 73.62 23.23 -24.54
C LEU FB 138 73.30 23.71 -23.13
N GLY FB 139 72.88 24.96 -23.00
CA GLY FB 139 72.59 25.53 -21.70
C GLY FB 139 73.56 26.65 -21.35
N GLN FB 140 74.19 27.22 -22.37
CA GLN FB 140 75.20 28.24 -22.15
C GLN FB 140 74.56 29.52 -21.61
N PRO FB 141 75.30 30.33 -20.85
CA PRO FB 141 74.77 31.62 -20.39
C PRO FB 141 74.74 32.63 -21.52
N ALA FB 142 74.03 33.74 -21.26
CA ALA FB 142 73.79 34.74 -22.29
C ALA FB 142 75.03 35.53 -22.66
N ARG FB 143 76.07 35.51 -21.82
CA ARG FB 143 77.24 36.35 -22.07
C ARG FB 143 77.93 35.96 -23.38
N LEU FB 144 78.26 34.68 -23.55
CA LEU FB 144 78.97 34.25 -24.74
C LEU FB 144 78.12 34.43 -25.99
N ILE FB 145 76.82 34.18 -25.89
CA ILE FB 145 75.92 34.43 -27.01
C ILE FB 145 75.99 35.89 -27.42
N ALA FB 146 75.94 36.80 -26.44
CA ALA FB 146 75.99 38.22 -26.74
C ALA FB 146 77.30 38.61 -27.40
N GLU FB 147 78.43 38.14 -26.87
CA GLU FB 147 79.71 38.49 -27.46
C GLU FB 147 79.85 37.94 -28.89
N TYR FB 148 79.41 36.69 -29.11
CA TYR FB 148 79.52 36.12 -30.44
C TYR FB 148 78.64 36.87 -31.45
N VAL FB 149 77.41 37.19 -31.05
CA VAL FB 149 76.52 37.93 -31.94
C VAL FB 149 77.10 39.29 -32.25
N GLY FB 150 77.62 39.98 -31.23
CA GLY FB 150 78.22 41.28 -31.48
C GLY FB 150 79.42 41.20 -32.40
N GLU FB 151 80.28 40.20 -32.21
CA GLU FB 151 81.46 40.07 -33.06
C GLU FB 151 81.06 39.79 -34.51
N LYS FB 152 80.09 38.89 -34.72
CA LYS FB 152 79.65 38.59 -36.08
C LYS FB 152 79.02 39.81 -36.74
N LEU FB 153 78.20 40.55 -36.00
CA LEU FB 153 77.60 41.76 -36.54
C LEU FB 153 78.67 42.79 -36.89
N LEU FB 154 79.70 42.90 -36.06
CA LEU FB 154 80.81 43.81 -36.36
C LEU FB 154 81.52 43.41 -37.63
N GLU FB 155 81.79 42.11 -37.81
CA GLU FB 155 82.44 41.66 -39.04
C GLU FB 155 81.58 41.97 -40.26
N LEU FB 156 80.28 41.71 -40.18
CA LEU FB 156 79.39 42.01 -41.29
C LEU FB 156 79.37 43.51 -41.58
N ARG FB 157 79.34 44.33 -40.53
CA ARG FB 157 79.32 45.78 -40.72
C ARG FB 157 80.60 46.26 -41.41
N ARG FB 158 81.76 45.74 -40.99
CA ARG FB 158 83.00 46.11 -41.65
C ARG FB 158 83.00 45.69 -43.12
N LEU FB 159 82.53 44.48 -43.40
CA LEU FB 159 82.47 44.02 -44.78
C LEU FB 159 81.57 44.91 -45.63
N LEU FB 160 80.39 45.23 -45.12
CA LEU FB 160 79.44 46.05 -45.87
C LEU FB 160 79.98 47.46 -46.08
N GLU FB 161 80.61 48.03 -45.06
CA GLU FB 161 81.21 49.36 -45.22
C GLU FB 161 82.34 49.33 -46.24
N LYS FB 162 83.10 48.23 -46.30
CA LYS FB 162 84.11 48.09 -47.33
C LYS FB 162 83.48 47.99 -48.71
N LEU FB 163 82.31 47.35 -48.81
CA LEU FB 163 81.64 47.22 -50.10
C LEU FB 163 81.18 48.58 -50.63
N GLY FB 164 80.49 49.35 -49.79
CA GLY FB 164 80.03 50.66 -50.21
C GLY FB 164 78.58 50.95 -49.86
N VAL FB 165 77.94 50.05 -49.12
CA VAL FB 165 76.54 50.24 -48.75
C VAL FB 165 76.43 51.44 -47.81
N PRO FB 166 75.45 52.33 -47.99
CA PRO FB 166 75.30 53.45 -47.05
C PRO FB 166 74.96 52.96 -45.65
N LEU FB 167 75.39 53.75 -44.67
CA LEU FB 167 75.30 53.33 -43.27
C LEU FB 167 73.87 53.05 -42.81
N PRO FB 168 72.87 53.90 -43.08
CA PRO FB 168 71.51 53.58 -42.59
C PRO FB 168 70.99 52.25 -43.08
N GLU FB 169 71.27 51.89 -44.33
CA GLU FB 169 70.83 50.60 -44.84
C GLU FB 169 71.55 49.45 -44.13
N VAL FB 170 72.85 49.64 -43.82
CA VAL FB 170 73.59 48.64 -43.06
C VAL FB 170 72.96 48.43 -41.70
N ILE FB 171 72.61 49.52 -41.02
CA ILE FB 171 72.01 49.40 -39.69
C ILE FB 171 70.64 48.75 -39.78
N ALA FB 172 69.87 49.06 -40.84
CA ALA FB 172 68.57 48.42 -41.02
C ALA FB 172 68.74 46.91 -41.23
N LEU FB 173 69.73 46.51 -42.03
CA LEU FB 173 69.98 45.09 -42.25
C LEU FB 173 70.38 44.39 -40.96
N LEU FB 174 71.27 45.01 -40.17
CA LEU FB 174 71.69 44.41 -38.91
C LEU FB 174 70.52 44.30 -37.94
N LEU FB 175 69.65 45.30 -37.91
CA LEU FB 175 68.46 45.23 -37.06
C LEU FB 175 67.51 44.14 -37.53
N ARG FB 176 67.38 43.94 -38.84
CA ARG FB 176 66.57 42.83 -39.35
C ARG FB 176 67.14 41.49 -38.91
N VAL FB 177 68.47 41.34 -39.00
CA VAL FB 177 69.10 40.10 -38.55
C VAL FB 177 68.85 39.87 -37.06
N LEU FB 178 68.99 40.94 -36.27
CA LEU FB 178 68.75 40.83 -34.83
C LEU FB 178 67.30 40.50 -34.52
N GLU FB 179 66.36 41.05 -35.30
CA GLU FB 179 64.96 40.71 -35.13
C GLU FB 179 64.72 39.23 -35.44
N VAL FB 180 65.35 38.72 -36.49
CA VAL FB 180 65.22 37.30 -36.82
C VAL FB 180 65.74 36.44 -35.66
N VAL FB 181 66.91 36.82 -35.12
CA VAL FB 181 67.49 36.07 -34.01
C VAL FB 181 66.57 36.11 -32.79
N GLU FB 182 66.03 37.29 -32.48
CA GLU FB 182 65.12 37.42 -31.35
C GLU FB 182 63.87 36.58 -31.53
N GLU FB 183 63.31 36.56 -32.75
CA GLU FB 183 62.14 35.75 -33.02
C GLU FB 183 62.45 34.27 -32.82
N SER FB 184 63.59 33.82 -33.33
CA SER FB 184 63.99 32.43 -33.16
C SER FB 184 64.15 32.07 -31.68
N LEU FB 185 64.80 32.95 -30.91
CA LEU FB 185 64.99 32.68 -29.49
C LEU FB 185 63.67 32.65 -28.75
N LYS FB 186 62.77 33.58 -29.06
CA LYS FB 186 61.46 33.61 -28.41
C LYS FB 186 60.67 32.35 -28.72
N ALA FB 187 60.68 31.92 -29.97
CA ALA FB 187 59.92 30.74 -30.36
C ALA FB 187 60.53 29.45 -29.80
N MET FB 188 61.84 29.41 -29.65
CA MET FB 188 62.50 28.18 -29.19
C MET FB 188 62.18 27.87 -27.73
N GLY FB 189 62.13 28.88 -26.87
CA GLY FB 189 61.78 28.64 -25.48
C GLY FB 189 62.56 29.45 -24.46
N MET FB 190 63.49 30.28 -24.92
CA MET FB 190 64.27 31.11 -24.01
C MET FB 190 63.37 32.07 -23.25
N GLU FB 191 63.69 32.29 -21.98
CA GLU FB 191 62.94 33.23 -21.16
C GLU FB 191 63.19 34.66 -21.66
N PRO FB 192 62.16 35.51 -21.62
CA PRO FB 192 62.30 36.85 -22.23
C PRO FB 192 63.45 37.69 -21.69
N ARG FB 193 63.80 37.54 -20.42
CA ARG FB 193 64.83 38.41 -19.83
C ARG FB 193 66.18 38.19 -20.51
N GLU FB 194 66.55 36.94 -20.78
CA GLU FB 194 67.82 36.67 -21.44
C GLU FB 194 67.83 37.19 -22.87
N ILE FB 195 66.70 37.07 -23.58
CA ILE FB 195 66.60 37.61 -24.94
C ILE FB 195 66.79 39.12 -24.91
N ASN FB 196 66.14 39.79 -23.97
CA ASN FB 196 66.31 41.23 -23.83
C ASN FB 196 67.76 41.58 -23.53
N ARG FB 197 68.40 40.79 -22.66
CA ARG FB 197 69.79 41.06 -22.29
C ARG FB 197 70.71 40.94 -23.51
N VAL FB 198 70.56 39.88 -24.29
CA VAL FB 198 71.46 39.68 -25.43
C VAL FB 198 71.20 40.72 -26.52
N LEU FB 199 69.93 41.05 -26.76
CA LEU FB 199 69.63 42.08 -27.75
C LEU FB 199 70.18 43.43 -27.32
N ALA FB 200 70.04 43.77 -26.04
CA ALA FB 200 70.58 45.02 -25.53
C ALA FB 200 72.10 45.05 -25.65
N ALA FB 201 72.76 43.92 -25.37
CA ALA FB 201 74.21 43.86 -25.52
C ALA FB 201 74.64 44.06 -26.96
N ALA FB 202 73.91 43.45 -27.90
CA ALA FB 202 74.24 43.61 -29.31
C ALA FB 202 74.07 45.06 -29.76
N TYR FB 203 72.95 45.68 -29.37
CA TYR FB 203 72.76 47.09 -29.69
C TYR FB 203 73.85 47.95 -29.06
N LEU FB 204 74.25 47.63 -27.83
CA LEU FB 204 75.26 48.41 -27.15
C LEU FB 204 76.61 48.32 -27.84
N THR FB 205 77.02 47.12 -28.27
CA THR FB 205 78.30 47.00 -28.95
C THR FB 205 78.26 47.66 -30.32
N LEU FB 206 77.13 47.56 -31.03
CA LEU FB 206 77.00 48.26 -32.30
C LEU FB 206 77.12 49.76 -32.11
N ALA FB 207 76.42 50.30 -31.12
CA ALA FB 207 76.48 51.74 -30.86
C ALA FB 207 77.86 52.17 -30.41
N ALA FB 208 78.54 51.35 -29.61
CA ALA FB 208 79.89 51.67 -29.17
C ALA FB 208 80.85 51.73 -30.35
N GLU FB 209 80.75 50.77 -31.28
CA GLU FB 209 81.59 50.84 -32.47
C GLU FB 209 81.27 52.08 -33.30
N LEU FB 210 79.98 52.39 -33.46
CA LEU FB 210 79.60 53.55 -34.25
C LEU FB 210 80.16 54.84 -33.64
N LEU FB 211 80.08 54.97 -32.32
CA LEU FB 211 80.62 56.15 -31.65
C LEU FB 211 82.14 56.20 -31.75
N GLU FB 212 82.81 55.06 -31.57
CA GLU FB 212 84.27 55.03 -31.63
C GLU FB 212 84.78 55.39 -33.01
N ARG FB 213 84.04 55.02 -34.07
CA ARG FB 213 84.47 55.37 -35.41
C ARG FB 213 84.60 56.87 -35.60
N LEU FB 214 83.78 57.66 -34.90
CA LEU FB 214 83.80 59.11 -35.03
C LEU FB 214 84.85 59.78 -34.14
N GLY FB 215 85.55 59.02 -33.30
CA GLY FB 215 86.59 59.58 -32.45
C GLY FB 215 86.19 59.78 -31.00
N LEU FB 216 84.92 59.59 -30.65
CA LEU FB 216 84.47 59.75 -29.27
C LEU FB 216 84.79 58.45 -28.50
N THR FB 217 86.08 58.30 -28.20
CA THR FB 217 86.55 57.08 -27.54
C THR FB 217 86.02 56.93 -26.13
N ALA FB 218 85.96 58.01 -25.35
CA ALA FB 218 85.50 57.92 -23.97
C ALA FB 218 84.03 57.52 -23.89
N LEU FB 219 83.19 58.08 -24.77
CA LEU FB 219 81.78 57.70 -24.79
C LEU FB 219 81.62 56.22 -25.15
N ALA FB 220 82.40 55.75 -26.13
CA ALA FB 220 82.35 54.33 -26.48
C ALA FB 220 82.80 53.46 -25.33
N ALA FB 221 83.84 53.89 -24.60
CA ALA FB 221 84.29 53.14 -23.43
C ALA FB 221 83.21 53.07 -22.37
N ARG FB 222 82.49 54.19 -22.15
CA ARG FB 222 81.39 54.17 -21.20
C ARG FB 222 80.28 53.22 -21.64
N ILE FB 223 79.99 53.19 -22.94
CA ILE FB 223 78.98 52.27 -23.46
C ILE FB 223 79.41 50.82 -23.23
N ARG FB 224 80.68 50.52 -23.48
CA ARG FB 224 81.17 49.17 -23.23
C ARG FB 224 81.10 48.81 -21.76
N ARG FB 225 81.44 49.76 -20.88
CA ARG FB 225 81.30 49.52 -19.44
C ARG FB 225 79.86 49.22 -19.07
N ALA FB 226 78.92 49.97 -19.64
CA ALA FB 226 77.50 49.71 -19.36
C ALA FB 226 77.10 48.33 -19.85
N ARG FB 227 77.58 47.93 -21.03
CA ARG FB 227 77.26 46.60 -21.55
C ARG FB 227 77.82 45.52 -20.63
N GLU FB 228 79.06 45.68 -20.18
CA GLU FB 228 79.67 44.68 -19.30
C GLU FB 228 78.95 44.59 -17.97
N LEU FB 229 78.53 45.73 -17.41
CA LEU FB 229 77.74 45.69 -16.19
C LEU FB 229 76.38 45.05 -16.41
N LEU FB 230 75.80 45.25 -17.60
CA LEU FB 230 74.52 44.60 -17.91
C LEU FB 230 74.68 43.08 -17.99
N LEU FB 231 75.76 42.60 -18.62
CA LEU FB 231 75.96 41.18 -18.78
C LEU FB 231 76.30 40.47 -17.48
N ALA FB 232 76.68 41.21 -16.43
CA ALA FB 232 77.07 40.64 -15.15
C ALA FB 232 75.92 40.60 -14.16
N GLY FB 233 74.71 40.98 -14.58
CA GLY FB 233 73.55 40.99 -13.69
C GLY FB 233 73.29 42.32 -13.02
N ARG FB 234 74.21 43.27 -13.12
CA ARG FB 234 74.02 44.60 -12.52
C ARG FB 234 73.22 45.44 -13.52
N VAL FB 235 71.89 45.39 -13.36
CA VAL FB 235 71.01 45.98 -14.36
C VAL FB 235 70.86 47.49 -14.15
N GLU FB 236 70.55 47.90 -12.91
CA GLU FB 236 70.22 49.30 -12.66
C GLU FB 236 71.44 50.21 -12.86
N GLU FB 237 72.63 49.74 -12.45
CA GLU FB 237 73.84 50.53 -12.66
C GLU FB 237 74.12 50.74 -14.14
N ALA FB 238 73.96 49.68 -14.94
CA ALA FB 238 74.12 49.81 -16.38
C ALA FB 238 73.06 50.74 -16.96
N LEU FB 239 71.84 50.66 -16.45
CA LEU FB 239 70.77 51.54 -16.91
C LEU FB 239 71.14 53.01 -16.67
N HIS FB 240 71.60 53.33 -15.47
CA HIS FB 240 71.95 54.73 -15.18
C HIS FB 240 73.16 55.18 -15.98
N LEU FB 241 74.17 54.31 -16.15
CA LEU FB 241 75.32 54.67 -16.96
C LEU FB 241 74.89 54.96 -18.40
N LEU FB 242 73.99 54.13 -18.94
CA LEU FB 242 73.49 54.34 -20.29
C LEU FB 242 72.69 55.64 -20.38
N GLN FB 243 71.88 55.95 -19.37
CA GLN FB 243 71.12 57.19 -19.38
C GLN FB 243 72.04 58.40 -19.37
N ASP FB 244 73.09 58.38 -18.55
CA ASP FB 244 74.05 59.48 -18.54
C ASP FB 244 74.75 59.61 -19.88
N ALA FB 245 75.15 58.48 -20.49
CA ALA FB 245 75.78 58.52 -21.80
C ALA FB 245 74.84 59.10 -22.84
N VAL FB 246 73.56 58.72 -22.78
CA VAL FB 246 72.57 59.23 -23.73
C VAL FB 246 72.39 60.73 -23.55
N GLU FB 247 72.34 61.21 -22.32
CA GLU FB 247 72.21 62.65 -22.09
C GLU FB 247 73.40 63.40 -22.65
N LEU FB 248 74.61 62.90 -22.43
CA LEU FB 248 75.79 63.60 -22.93
C LEU FB 248 75.83 63.54 -24.47
N LEU FB 249 75.41 62.42 -25.05
CA LEU FB 249 75.30 62.33 -26.50
C LEU FB 249 74.30 63.34 -27.05
N HIS FB 250 73.18 63.52 -26.35
CA HIS FB 250 72.20 64.53 -26.75
C HIS FB 250 72.80 65.92 -26.68
N GLU FB 251 73.57 66.21 -25.63
CA GLU FB 251 74.25 67.50 -25.53
C GLU FB 251 75.16 67.72 -26.73
N ARG FB 252 75.97 66.71 -27.08
CA ARG FB 252 76.86 66.84 -28.23
C ARG FB 252 76.08 67.02 -29.53
N ILE FB 253 75.00 66.27 -29.70
CA ILE FB 253 74.22 66.31 -30.94
C ILE FB 253 73.59 67.69 -31.10
N ARG FB 254 72.97 68.22 -30.04
CA ARG FB 254 72.35 69.52 -30.13
C ARG FB 254 73.34 70.67 -30.13
N GLU FB 255 74.59 70.44 -29.70
CA GLU FB 255 75.62 71.44 -29.88
C GLU FB 255 76.12 71.47 -31.32
N LEU FB 256 76.20 70.30 -31.96
CA LEU FB 256 76.66 70.25 -33.35
C LEU FB 256 75.67 70.93 -34.29
N GLY FB 257 74.38 70.73 -34.08
CA GLY FB 257 73.36 71.31 -34.93
C GLY FB 257 72.88 70.34 -35.99
N PHE FB 258 72.71 70.83 -37.22
CA PHE FB 258 72.26 70.01 -38.33
C PHE FB 258 73.40 69.38 -39.10
N GLU FB 259 74.65 69.67 -38.73
CA GLU FB 259 75.82 69.08 -39.37
C GLU FB 259 76.32 67.84 -38.64
N ALA FB 260 75.47 67.24 -37.82
CA ALA FB 260 75.87 66.04 -37.08
C ALA FB 260 76.00 64.86 -38.02
N PRO FB 261 77.14 64.17 -38.04
CA PRO FB 261 77.28 62.98 -38.89
C PRO FB 261 76.26 61.91 -38.52
N GLU FB 262 75.92 61.08 -39.51
CA GLU FB 262 74.91 60.04 -39.33
C GLU FB 262 75.28 59.07 -38.21
N GLU FB 263 76.57 58.96 -37.88
CA GLU FB 263 76.99 58.05 -36.81
C GLU FB 263 76.34 58.42 -35.49
N LEU FB 264 76.30 59.72 -35.17
CA LEU FB 264 75.71 60.16 -33.90
C LEU FB 264 74.22 59.82 -33.84
N LEU FB 265 73.49 60.09 -34.92
CA LEU FB 265 72.05 59.82 -34.91
C LEU FB 265 71.76 58.33 -34.82
N LEU FB 266 72.50 57.52 -35.60
CA LEU FB 266 72.27 56.08 -35.55
C LEU FB 266 72.63 55.51 -34.19
N ALA FB 267 73.73 55.98 -33.60
CA ALA FB 267 74.10 55.56 -32.25
C ALA FB 267 73.04 55.96 -31.24
N ASP FB 268 72.49 57.16 -31.39
CA ASP FB 268 71.43 57.60 -30.47
C ASP FB 268 70.20 56.71 -30.58
N LEU FB 269 69.80 56.37 -31.80
CA LEU FB 269 68.65 55.47 -31.97
C LEU FB 269 68.92 54.10 -31.36
N LEU FB 270 70.12 53.56 -31.60
CA LEU FB 270 70.47 52.26 -31.04
C LEU FB 270 70.48 52.32 -29.51
N LEU FB 271 70.99 53.41 -28.94
CA LEU FB 271 71.01 53.56 -27.49
C LEU FB 271 69.61 53.67 -26.92
N GLN FB 272 68.70 54.34 -27.64
CA GLN FB 272 67.31 54.39 -27.17
C GLN FB 272 66.68 53.00 -27.18
N ARG FB 273 66.90 52.23 -28.25
CA ARG FB 273 66.38 50.87 -28.26
C ARG FB 273 66.96 50.03 -27.13
N ALA FB 274 68.27 50.18 -26.88
CA ALA FB 274 68.91 49.48 -25.77
C ALA FB 274 68.30 49.91 -24.44
N LEU FB 275 68.02 51.20 -24.27
CA LEU FB 275 67.41 51.68 -23.04
C LEU FB 275 66.04 51.06 -22.82
N GLU FB 276 65.21 51.01 -23.87
CA GLU FB 276 63.91 50.38 -23.74
C GLU FB 276 64.04 48.91 -23.38
N LEU FB 277 64.95 48.20 -24.05
CA LEU FB 277 65.12 46.77 -23.77
C LEU FB 277 65.61 46.54 -22.34
N ILE FB 278 66.56 47.35 -21.87
CA ILE FB 278 67.08 47.19 -20.52
C ILE FB 278 66.01 47.52 -19.49
N SER FB 279 65.20 48.55 -19.75
CA SER FB 279 64.12 48.88 -18.83
C SER FB 279 63.09 47.76 -18.78
N SER FB 280 62.82 47.11 -19.91
CA SER FB 280 61.86 46.02 -19.93
C SER FB 280 62.35 44.76 -19.22
N ILE FB 281 63.64 44.69 -18.88
CA ILE FB 281 64.18 43.52 -18.18
C ILE FB 281 63.60 43.45 -16.78
N THR GB 24 46.01 81.82 -63.83
CA THR GB 24 44.62 82.21 -63.95
C THR GB 24 43.85 81.89 -62.67
N VAL GB 25 44.35 80.89 -61.93
CA VAL GB 25 43.85 80.47 -60.63
C VAL GB 25 42.55 79.69 -60.78
N GLU GB 26 41.56 80.26 -61.48
CA GLU GB 26 40.30 79.56 -61.67
C GLU GB 26 40.50 78.28 -62.49
N GLU GB 27 41.18 78.41 -63.63
CA GLU GB 27 41.48 77.25 -64.47
C GLU GB 27 42.15 76.15 -63.66
N GLU GB 28 42.98 76.54 -62.69
CA GLU GB 28 43.52 75.55 -61.75
C GLU GB 28 42.40 74.84 -60.99
N VAL GB 29 41.33 75.56 -60.64
CA VAL GB 29 40.25 74.94 -59.88
C VAL GB 29 39.50 73.92 -60.74
N ILE GB 30 39.11 74.30 -61.96
CA ILE GB 30 38.38 73.33 -62.77
C ILE GB 30 39.28 72.16 -63.16
N ARG GB 31 40.55 72.44 -63.47
CA ARG GB 31 41.48 71.35 -63.76
C ARG GB 31 41.67 70.45 -62.55
N PHE GB 32 41.70 71.01 -61.35
CA PHE GB 32 41.80 70.19 -60.15
C PHE GB 32 40.61 69.25 -60.02
N ALA GB 33 39.39 69.77 -60.23
CA ALA GB 33 38.21 68.93 -60.14
C ALA GB 33 38.24 67.81 -61.17
N GLU GB 34 38.53 68.16 -62.43
CA GLU GB 34 38.52 67.16 -63.49
C GLU GB 34 39.63 66.13 -63.29
N GLU GB 35 40.82 66.57 -62.90
CA GLU GB 35 41.93 65.63 -62.66
C GLU GB 35 41.64 64.74 -61.47
N LEU GB 36 40.98 65.27 -60.43
CA LEU GB 36 40.60 64.44 -59.30
C LEU GB 36 39.63 63.35 -59.72
N ALA GB 37 38.63 63.71 -60.53
CA ALA GB 37 37.69 62.69 -61.01
C ALA GB 37 38.41 61.65 -61.87
N GLU GB 38 39.31 62.10 -62.75
CA GLU GB 38 40.05 61.18 -63.60
C GLU GB 38 40.96 60.28 -62.76
N GLU GB 39 41.51 60.80 -61.66
CA GLU GB 39 42.33 59.98 -60.79
C GLU GB 39 41.50 58.91 -60.09
N ILE GB 40 40.30 59.26 -59.64
CA ILE GB 40 39.41 58.24 -59.09
C ILE GB 40 39.13 57.16 -60.14
N ARG GB 41 38.84 57.58 -61.37
CA ARG GB 41 38.57 56.61 -62.43
C ARG GB 41 39.78 55.72 -62.68
N ARG GB 42 40.98 56.30 -62.71
CA ARG GB 42 42.19 55.53 -62.96
C ARG GB 42 42.46 54.53 -61.84
N VAL GB 43 42.32 54.96 -60.59
CA VAL GB 43 42.64 54.10 -59.46
C VAL GB 43 41.62 52.97 -59.32
N THR GB 44 40.34 53.28 -59.48
CA THR GB 44 39.28 52.30 -59.25
C THR GB 44 38.62 51.80 -60.53
N GLY GB 45 38.24 52.70 -61.43
CA GLY GB 45 37.52 52.29 -62.63
C GLY GB 45 36.06 52.69 -62.60
N GLU GB 46 35.18 51.69 -62.64
CA GLU GB 46 33.74 51.93 -62.59
C GLU GB 46 33.08 51.24 -61.40
N ALA GB 47 33.87 50.72 -60.46
CA ALA GB 47 33.32 50.17 -59.24
C ALA GB 47 32.86 51.26 -58.27
N TYR GB 48 33.50 52.43 -58.31
CA TYR GB 48 33.12 53.59 -57.50
C TYR GB 48 32.86 54.73 -58.46
N ARG GB 49 31.62 54.82 -58.96
CA ARG GB 49 31.23 55.85 -59.91
C ARG GB 49 30.41 56.97 -59.30
N GLU GB 50 29.69 56.69 -58.21
CA GLU GB 50 28.96 57.74 -57.52
C GLU GB 50 29.91 58.79 -56.96
N TYR GB 51 31.09 58.35 -56.50
CA TYR GB 51 32.08 59.30 -56.00
C TYR GB 51 32.57 60.22 -57.11
N ALA GB 52 32.82 59.67 -58.31
CA ALA GB 52 33.22 60.51 -59.43
C ALA GB 52 32.10 61.46 -59.84
N GLU GB 53 30.85 60.97 -59.79
CA GLU GB 53 29.71 61.85 -60.06
C GLU GB 53 29.67 63.01 -59.09
N ALA GB 54 29.86 62.73 -57.80
CA ALA GB 54 29.86 63.77 -56.79
C ALA GB 54 31.00 64.76 -57.00
N VAL GB 55 32.19 64.25 -57.35
CA VAL GB 55 33.32 65.14 -57.58
C VAL GB 55 33.07 66.05 -58.78
N ARG GB 56 32.50 65.50 -59.85
CA ARG GB 56 32.19 66.34 -61.01
C ARG GB 56 31.11 67.36 -60.69
N HIS GB 57 30.12 66.98 -59.89
CA HIS GB 57 29.11 67.94 -59.46
C HIS GB 57 29.72 69.06 -58.64
N LEU GB 58 30.63 68.72 -57.72
CA LEU GB 58 31.30 69.75 -56.93
C LEU GB 58 32.18 70.64 -57.80
N GLY GB 59 32.80 70.08 -58.83
CA GLY GB 59 33.54 70.91 -59.78
C GLY GB 59 32.64 71.89 -60.52
N GLU GB 60 31.45 71.41 -60.91
CA GLU GB 60 30.48 72.30 -61.54
C GLU GB 60 30.04 73.40 -60.58
N ALA GB 61 29.84 73.05 -59.30
CA ALA GB 61 29.50 74.06 -58.30
C ALA GB 61 30.61 75.09 -58.14
N ALA GB 62 31.86 74.63 -58.12
CA ALA GB 62 32.99 75.56 -58.02
C ALA GB 62 33.06 76.47 -59.23
N LYS GB 63 32.78 75.94 -60.42
CA LYS GB 63 32.72 76.78 -61.61
C LYS GB 63 31.60 77.80 -61.52
N ALA GB 64 30.46 77.40 -60.95
CA ALA GB 64 29.34 78.32 -60.79
C ALA GB 64 29.65 79.44 -59.82
N VAL GB 65 30.34 79.12 -58.72
CA VAL GB 65 30.68 80.13 -57.72
C VAL GB 65 31.56 81.22 -58.33
N LEU GB 66 32.55 80.82 -59.13
CA LEU GB 66 33.52 81.75 -59.70
C LEU GB 66 32.91 82.66 -60.76
N GLU GB 67 31.69 82.39 -61.21
CA GLU GB 67 31.05 83.22 -62.22
C GLU GB 67 30.10 84.25 -61.63
N GLY GB 68 29.62 84.05 -60.40
CA GLY GB 68 28.78 85.03 -59.75
C GLY GB 68 27.45 84.48 -59.27
N ASN GB 69 26.91 83.50 -59.97
CA ASN GB 69 25.63 82.91 -59.58
C ASN GB 69 25.84 82.09 -58.33
N SER GB 70 25.19 82.49 -57.24
CA SER GB 70 25.41 81.89 -55.93
C SER GB 70 24.31 80.92 -55.50
N VAL GB 71 23.20 80.84 -56.22
CA VAL GB 71 22.13 79.93 -55.82
C VAL GB 71 22.26 78.58 -56.50
N GLU GB 72 22.78 78.55 -57.73
CA GLU GB 72 23.07 77.27 -58.37
C GLU GB 72 24.12 76.49 -57.60
N ALA GB 73 25.06 77.18 -56.97
CA ALA GB 73 26.00 76.52 -56.09
C ALA GB 73 25.30 75.81 -54.93
N ASP GB 74 24.33 76.49 -54.31
CA ASP GB 74 23.58 75.86 -53.23
C ASP GB 74 22.80 74.65 -53.72
N LEU GB 75 22.17 74.77 -54.89
CA LEU GB 75 21.40 73.65 -55.44
C LEU GB 75 22.31 72.46 -55.74
N ILE GB 76 23.49 72.72 -56.31
CA ILE GB 76 24.40 71.62 -56.63
C ILE GB 76 24.96 70.98 -55.36
N VAL GB 77 25.25 71.80 -54.34
CA VAL GB 77 25.73 71.24 -53.07
C VAL GB 77 24.66 70.37 -52.43
N THR GB 78 23.39 70.79 -52.52
CA THR GB 78 22.31 69.94 -52.00
C THR GB 78 22.20 68.65 -52.80
N ASP GB 79 22.39 68.71 -54.12
CA ASP GB 79 22.39 67.49 -54.94
C ASP GB 79 23.51 66.55 -54.50
N VAL GB 80 24.70 67.10 -54.26
CA VAL GB 80 25.82 66.28 -53.78
C VAL GB 80 25.49 65.69 -52.41
N LEU GB 81 24.82 66.47 -51.56
CA LEU GB 81 24.43 65.96 -50.25
C LEU GB 81 23.48 64.78 -50.39
N ARG GB 82 22.51 64.87 -51.30
CA ARG GB 82 21.62 63.74 -51.55
C ARG GB 82 22.38 62.53 -52.07
N LEU GB 83 23.34 62.75 -52.98
CA LEU GB 83 24.13 61.63 -53.50
C LEU GB 83 24.91 60.94 -52.39
N LEU GB 84 25.56 61.73 -51.52
CA LEU GB 84 26.34 61.14 -50.43
C LEU GB 84 25.44 60.49 -49.39
N GLU GB 85 24.23 61.01 -49.19
CA GLU GB 85 23.27 60.36 -48.30
C GLU GB 85 22.85 59.01 -48.86
N ARG GB 86 22.67 58.93 -50.18
CA ARG GB 86 22.37 57.64 -50.80
C ARG GB 86 23.56 56.69 -50.69
N ILE GB 87 24.78 57.21 -50.79
CA ILE GB 87 25.97 56.35 -50.71
C ILE GB 87 26.06 55.69 -49.34
N GLY GB 88 25.95 56.48 -48.28
CA GLY GB 88 25.93 55.94 -46.93
C GLY GB 88 27.24 56.05 -46.18
N GLU GB 89 27.90 57.20 -46.28
CA GLU GB 89 29.14 57.47 -45.54
C GLU GB 89 28.83 58.59 -44.55
N GLU GB 90 28.70 58.23 -43.27
CA GLU GB 90 28.17 59.16 -42.27
C GLU GB 90 29.05 60.41 -42.12
N GLY GB 91 30.37 60.21 -42.01
CA GLY GB 91 31.25 61.36 -41.87
C GLY GB 91 31.23 62.26 -43.09
N LEU GB 92 31.17 61.66 -44.29
CA LEU GB 92 31.10 62.45 -45.50
C LEU GB 92 29.79 63.24 -45.57
N VAL GB 93 28.69 62.64 -45.13
CA VAL GB 93 27.42 63.37 -45.10
C VAL GB 93 27.48 64.52 -44.10
N LYS GB 94 28.09 64.30 -42.94
CA LYS GB 94 28.23 65.37 -41.96
C LYS GB 94 29.04 66.52 -42.53
N LEU GB 95 30.16 66.20 -43.17
CA LEU GB 95 30.97 67.24 -43.79
C LEU GB 95 30.20 67.96 -44.90
N ALA GB 96 29.38 67.22 -45.64
CA ALA GB 96 28.57 67.83 -46.69
C ALA GB 96 27.56 68.82 -46.11
N ARG GB 97 26.90 68.44 -45.01
CA ARG GB 97 25.95 69.36 -44.38
C ARG GB 97 26.65 70.61 -43.87
N GLU GB 98 27.81 70.44 -43.21
CA GLU GB 98 28.53 71.61 -42.70
C GLU GB 98 28.98 72.51 -43.85
N VAL GB 99 29.47 71.92 -44.93
CA VAL GB 99 29.87 72.71 -46.10
C VAL GB 99 28.67 73.44 -46.68
N HIS GB 100 27.52 72.78 -46.75
CA HIS GB 100 26.31 73.41 -47.26
C HIS GB 100 25.98 74.66 -46.46
N GLU GB 101 25.91 74.52 -45.12
CA GLU GB 101 25.52 75.65 -44.29
C GLU GB 101 26.55 76.78 -44.39
N ARG GB 102 27.83 76.46 -44.18
CA ARG GB 102 28.85 77.50 -44.18
C ARG GB 102 28.96 78.17 -45.53
N SER GB 103 28.92 77.40 -46.63
CA SER GB 103 29.02 77.98 -47.96
C SER GB 103 27.83 78.87 -48.25
N PHE GB 104 26.62 78.46 -47.85
CA PHE GB 104 25.46 79.33 -48.05
C PHE GB 104 25.64 80.66 -47.32
N GLU GB 105 26.03 80.59 -46.04
CA GLU GB 105 26.17 81.83 -45.27
C GLU GB 105 27.26 82.73 -45.85
N LEU GB 106 28.40 82.14 -46.20
CA LEU GB 106 29.51 82.94 -46.72
C LEU GB 106 29.18 83.53 -48.09
N LEU GB 107 28.53 82.76 -48.96
CA LEU GB 107 28.14 83.28 -50.27
C LEU GB 107 27.10 84.37 -50.15
N ARG GB 108 26.19 84.27 -49.18
CA ARG GB 108 25.27 85.37 -48.92
C ARG GB 108 26.03 86.60 -48.46
N LYS GB 109 26.99 86.42 -47.55
CA LYS GB 109 27.79 87.55 -47.08
C LYS GB 109 28.71 88.07 -48.19
N GLY GB 110 29.38 87.18 -48.90
CA GLY GB 110 30.24 87.59 -50.00
C GLY GB 110 31.63 86.97 -49.98
N ASN GB 111 31.85 85.99 -49.11
CA ASN GB 111 33.15 85.34 -48.99
C ASN GB 111 33.24 84.22 -50.04
N ARG GB 112 33.61 84.61 -51.26
CA ARG GB 112 33.73 83.66 -52.35
C ARG GB 112 34.84 82.64 -52.09
N VAL GB 113 35.99 83.11 -51.61
CA VAL GB 113 37.18 82.28 -51.51
C VAL GB 113 36.97 81.16 -50.51
N GLU GB 114 36.37 81.46 -49.36
CA GLU GB 114 36.18 80.42 -48.35
C GLU GB 114 35.15 79.38 -48.80
N ALA GB 115 34.10 79.81 -49.50
CA ALA GB 115 33.16 78.84 -50.05
C ALA GB 115 33.84 77.94 -51.08
N LEU GB 116 34.68 78.51 -51.93
CA LEU GB 116 35.46 77.70 -52.87
C LEU GB 116 36.34 76.70 -52.13
N ALA GB 117 36.98 77.15 -51.06
CA ALA GB 117 37.86 76.27 -50.29
C ALA GB 117 37.06 75.12 -49.68
N LEU GB 118 35.87 75.41 -49.15
CA LEU GB 118 35.04 74.35 -48.57
C LEU GB 118 34.60 73.36 -49.64
N ILE GB 119 34.22 73.86 -50.82
CA ILE GB 119 33.81 72.96 -51.91
C ILE GB 119 34.96 72.05 -52.31
N LEU GB 120 36.16 72.62 -52.46
CA LEU GB 120 37.32 71.82 -52.83
C LEU GB 120 37.67 70.81 -51.75
N ALA GB 121 37.55 71.21 -50.48
CA ALA GB 121 37.80 70.27 -49.38
C ALA GB 121 36.82 69.11 -49.42
N LEU GB 122 35.54 69.40 -49.68
CA LEU GB 122 34.55 68.32 -49.78
C LEU GB 122 34.89 67.38 -50.94
N ALA GB 123 35.27 67.94 -52.09
CA ALA GB 123 35.61 67.10 -53.24
C ALA GB 123 36.80 66.20 -52.92
N LEU GB 124 37.83 66.77 -52.29
CA LEU GB 124 38.99 65.98 -51.93
C LEU GB 124 38.63 64.90 -50.90
N ALA GB 125 37.75 65.23 -49.96
CA ALA GB 125 37.32 64.23 -48.98
C ALA GB 125 36.62 63.06 -49.66
N VAL GB 126 35.73 63.35 -50.61
CA VAL GB 126 35.04 62.27 -51.32
C VAL GB 126 36.05 61.42 -52.09
N ALA GB 127 36.97 62.07 -52.81
CA ALA GB 127 37.95 61.32 -53.60
C ALA GB 127 38.83 60.45 -52.73
N LEU GB 128 39.32 60.99 -51.61
CA LEU GB 128 40.19 60.23 -50.73
C LEU GB 128 39.44 59.09 -50.06
N THR GB 129 38.17 59.32 -49.71
CA THR GB 129 37.37 58.23 -49.14
C THR GB 129 37.22 57.09 -50.13
N ALA GB 130 36.90 57.41 -51.38
CA ALA GB 130 36.77 56.36 -52.39
C ALA GB 130 38.08 55.61 -52.60
N VAL GB 131 39.18 56.36 -52.72
CA VAL GB 131 40.47 55.73 -52.98
C VAL GB 131 40.89 54.84 -51.81
N SER GB 132 40.71 55.33 -50.58
CA SER GB 132 41.09 54.54 -49.41
C SER GB 132 40.22 53.29 -49.28
N LYS GB 133 38.93 53.41 -49.56
CA LYS GB 133 38.06 52.24 -49.52
C LYS GB 133 38.51 51.19 -50.54
N ALA GB 134 38.84 51.63 -51.76
CA ALA GB 134 39.30 50.70 -52.78
C ALA GB 134 40.62 50.05 -52.36
N PHE GB 135 41.55 50.84 -51.82
CA PHE GB 135 42.84 50.30 -51.42
C PHE GB 135 42.71 49.29 -50.30
N PHE GB 136 41.85 49.57 -49.31
CA PHE GB 136 41.65 48.61 -48.23
C PHE GB 136 40.94 47.35 -48.72
N LEU GB 137 39.97 47.50 -49.62
CA LEU GB 137 39.27 46.33 -50.14
C LEU GB 137 40.21 45.42 -50.93
N LEU GB 138 41.10 46.02 -51.73
CA LEU GB 138 42.08 45.21 -52.46
C LEU GB 138 42.99 44.47 -51.50
N GLY GB 139 43.47 45.15 -50.47
CA GLY GB 139 44.39 44.55 -49.51
C GLY GB 139 45.75 45.20 -49.51
N GLN GB 140 45.81 46.42 -50.04
CA GLN GB 140 47.07 47.13 -50.17
C GLN GB 140 47.64 47.50 -48.80
N PRO GB 141 48.95 47.61 -48.68
CA PRO GB 141 49.54 48.05 -47.41
C PRO GB 141 49.36 49.54 -47.20
N ALA GB 142 49.67 49.97 -45.97
CA ALA GB 142 49.40 51.34 -45.56
C ALA GB 142 50.33 52.36 -46.21
N ARG GB 143 51.48 51.90 -46.75
CA ARG GB 143 52.46 52.84 -47.28
C ARG GB 143 51.91 53.64 -48.47
N LEU GB 144 51.35 52.95 -49.46
CA LEU GB 144 50.83 53.63 -50.64
C LEU GB 144 49.65 54.52 -50.30
N ILE GB 145 48.78 54.06 -49.39
CA ILE GB 145 47.66 54.89 -48.94
C ILE GB 145 48.19 56.18 -48.34
N ALA GB 146 49.20 56.08 -47.46
CA ALA GB 146 49.76 57.25 -46.82
C ALA GB 146 50.38 58.21 -47.85
N GLU GB 147 51.14 57.68 -48.80
CA GLU GB 147 51.76 58.55 -49.80
C GLU GB 147 50.71 59.23 -50.67
N TYR GB 148 49.68 58.50 -51.09
CA TYR GB 148 48.65 59.11 -51.93
C TYR GB 148 47.89 60.18 -51.17
N VAL GB 149 47.53 59.91 -49.90
CA VAL GB 149 46.81 60.90 -49.11
C VAL GB 149 47.66 62.15 -48.93
N GLY GB 150 48.96 61.96 -48.63
CA GLY GB 150 49.84 63.10 -48.47
C GLY GB 150 49.97 63.91 -49.75
N GLU GB 151 50.11 63.24 -50.89
CA GLU GB 151 50.24 63.95 -52.15
C GLU GB 151 48.98 64.75 -52.47
N LYS GB 152 47.81 64.14 -52.27
CA LYS GB 152 46.56 64.85 -52.56
C LYS GB 152 46.37 66.05 -51.63
N LEU GB 153 46.69 65.87 -50.34
CA LEU GB 153 46.61 66.99 -49.40
C LEU GB 153 47.58 68.10 -49.79
N LEU GB 154 48.77 67.73 -50.26
CA LEU GB 154 49.72 68.73 -50.72
C LEU GB 154 49.18 69.52 -51.91
N GLU GB 155 48.58 68.80 -52.87
CA GLU GB 155 47.99 69.50 -54.03
C GLU GB 155 46.89 70.45 -53.60
N LEU GB 156 46.01 70.00 -52.70
CA LEU GB 156 44.94 70.87 -52.21
C LEU GB 156 45.52 72.09 -51.49
N ARG GB 157 46.55 71.88 -50.68
CA ARG GB 157 47.15 72.99 -49.94
C ARG GB 157 47.76 74.01 -50.89
N ARG GB 158 48.46 73.54 -51.94
CA ARG GB 158 49.02 74.47 -52.92
C ARG GB 158 47.92 75.23 -53.63
N LEU GB 159 46.83 74.55 -54.01
CA LEU GB 159 45.73 75.23 -54.68
C LEU GB 159 45.11 76.29 -53.79
N LEU GB 160 44.85 75.95 -52.52
CA LEU GB 160 44.24 76.91 -51.61
C LEU GB 160 45.17 78.09 -51.35
N GLU GB 161 46.47 77.84 -51.20
CA GLU GB 161 47.41 78.94 -51.02
C GLU GB 161 47.46 79.84 -52.25
N LYS GB 162 47.35 79.26 -53.44
CA LYS GB 162 47.27 80.08 -54.65
C LYS GB 162 45.99 80.90 -54.67
N LEU GB 163 44.89 80.33 -54.17
CA LEU GB 163 43.62 81.06 -54.16
C LEU GB 163 43.70 82.27 -53.23
N GLY GB 164 44.15 82.08 -52.00
CA GLY GB 164 44.27 83.17 -51.07
C GLY GB 164 43.74 82.88 -49.67
N VAL GB 165 43.34 81.63 -49.44
CA VAL GB 165 42.81 81.27 -48.12
C VAL GB 165 43.92 81.39 -47.08
N PRO GB 166 43.66 81.96 -45.91
CA PRO GB 166 44.71 82.04 -44.88
C PRO GB 166 45.13 80.65 -44.41
N LEU GB 167 46.40 80.56 -44.00
CA LEU GB 167 46.98 79.26 -43.67
C LEU GB 167 46.25 78.51 -42.56
N PRO GB 168 45.90 79.12 -41.42
CA PRO GB 168 45.20 78.35 -40.37
C PRO GB 168 43.92 77.71 -40.85
N GLU GB 169 43.14 78.41 -41.67
CA GLU GB 169 41.90 77.82 -42.20
C GLU GB 169 42.20 76.67 -43.15
N VAL GB 170 43.25 76.80 -43.96
CA VAL GB 170 43.65 75.70 -44.84
C VAL GB 170 44.00 74.48 -44.01
N ILE GB 171 44.77 74.65 -42.95
CA ILE GB 171 45.16 73.52 -42.12
C ILE GB 171 43.94 72.92 -41.43
N ALA GB 172 43.01 73.75 -40.96
CA ALA GB 172 41.81 73.24 -40.33
C ALA GB 172 41.00 72.40 -41.32
N LEU GB 173 40.88 72.87 -42.57
CA LEU GB 173 40.19 72.10 -43.59
C LEU GB 173 40.90 70.78 -43.86
N LEU GB 174 42.23 70.78 -43.89
CA LEU GB 174 42.98 69.55 -44.14
C LEU GB 174 42.76 68.54 -43.03
N LEU GB 175 42.78 68.97 -41.76
CA LEU GB 175 42.46 68.04 -40.69
C LEU GB 175 41.00 67.62 -40.69
N ARG GB 176 40.10 68.46 -41.19
CA ARG GB 176 38.71 68.02 -41.35
C ARG GB 176 38.62 66.88 -42.36
N VAL GB 177 39.30 67.02 -43.50
CA VAL GB 177 39.35 65.96 -44.49
C VAL GB 177 39.96 64.70 -43.91
N LEU GB 178 41.06 64.86 -43.17
CA LEU GB 178 41.73 63.72 -42.56
C LEU GB 178 40.83 63.04 -41.53
N GLU GB 179 40.06 63.81 -40.78
CA GLU GB 179 39.12 63.24 -39.82
C GLU GB 179 38.05 62.43 -40.54
N VAL GB 180 37.54 62.96 -41.67
CA VAL GB 180 36.56 62.22 -42.45
C VAL GB 180 37.14 60.89 -42.93
N VAL GB 181 38.36 60.94 -43.47
CA VAL GB 181 39.00 59.72 -43.98
C VAL GB 181 39.22 58.72 -42.84
N GLU GB 182 39.68 59.20 -41.68
CA GLU GB 182 39.93 58.32 -40.55
C GLU GB 182 38.64 57.67 -40.05
N GLU GB 183 37.56 58.44 -40.00
CA GLU GB 183 36.27 57.90 -39.58
C GLU GB 183 35.81 56.82 -40.56
N SER GB 184 35.95 57.09 -41.85
CA SER GB 184 35.58 56.09 -42.87
C SER GB 184 36.41 54.82 -42.71
N LEU GB 185 37.71 54.98 -42.48
CA LEU GB 185 38.59 53.82 -42.32
C LEU GB 185 38.21 53.01 -41.08
N LYS GB 186 37.93 53.69 -39.96
CA LYS GB 186 37.54 52.99 -38.75
C LYS GB 186 36.22 52.23 -38.95
N ALA GB 187 35.24 52.89 -39.58
CA ALA GB 187 33.94 52.25 -39.77
C ALA GB 187 34.01 51.10 -40.77
N MET GB 188 34.93 51.17 -41.73
CA MET GB 188 34.99 50.13 -42.75
C MET GB 188 35.52 48.81 -42.21
N GLY GB 189 36.50 48.86 -41.31
CA GLY GB 189 36.99 47.64 -40.70
C GLY GB 189 38.49 47.55 -40.47
N MET GB 190 39.21 48.61 -40.84
CA MET GB 190 40.67 48.61 -40.67
C MET GB 190 41.04 48.53 -39.19
N GLU GB 191 42.14 47.85 -38.91
CA GLU GB 191 42.65 47.78 -37.56
C GLU GB 191 43.21 49.15 -37.15
N PRO GB 192 43.05 49.54 -35.88
CA PRO GB 192 43.44 50.90 -35.46
C PRO GB 192 44.88 51.25 -35.74
N ARG GB 193 45.81 50.29 -35.66
CA ARG GB 193 47.23 50.62 -35.80
C ARG GB 193 47.55 51.16 -37.18
N GLU GB 194 46.99 50.56 -38.25
CA GLU GB 194 47.24 51.05 -39.59
C GLU GB 194 46.64 52.43 -39.82
N ILE GB 195 45.44 52.68 -39.26
CA ILE GB 195 44.83 54.00 -39.37
C ILE GB 195 45.71 55.04 -38.70
N ASN GB 196 46.20 54.72 -37.50
CA ASN GB 196 47.09 55.63 -36.80
C ASN GB 196 48.36 55.87 -37.61
N ARG GB 197 48.90 54.82 -38.23
CA ARG GB 197 50.11 54.96 -39.03
C ARG GB 197 49.90 55.90 -40.21
N VAL GB 198 48.79 55.72 -40.94
CA VAL GB 198 48.57 56.55 -42.12
C VAL GB 198 48.27 57.99 -41.73
N LEU GB 199 47.50 58.19 -40.66
CA LEU GB 199 47.23 59.55 -40.20
C LEU GB 199 48.51 60.23 -39.75
N ALA GB 200 49.38 59.52 -39.03
CA ALA GB 200 50.65 60.08 -38.60
C ALA GB 200 51.53 60.42 -39.79
N ALA GB 201 51.54 59.56 -40.82
CA ALA GB 201 52.32 59.86 -42.01
C ALA GB 201 51.81 61.10 -42.72
N ALA GB 202 50.48 61.25 -42.81
CA ALA GB 202 49.91 62.43 -43.45
C ALA GB 202 50.26 63.70 -42.68
N TYR GB 203 50.14 63.65 -41.34
CA TYR GB 203 50.51 64.79 -40.53
C TYR GB 203 52.00 65.10 -40.69
N LEU GB 204 52.84 64.07 -40.76
CA LEU GB 204 54.28 64.29 -40.89
C LEU GB 204 54.63 64.94 -42.21
N THR GB 205 54.03 64.49 -43.31
CA THR GB 205 54.36 65.11 -44.60
C THR GB 205 53.82 66.54 -44.67
N LEU GB 206 52.64 66.79 -44.09
CA LEU GB 206 52.13 68.16 -44.05
C LEU GB 206 53.07 69.07 -43.26
N ALA GB 207 53.52 68.61 -42.09
CA ALA GB 207 54.41 69.41 -41.27
C ALA GB 207 55.76 69.61 -41.95
N ALA GB 208 56.25 68.57 -42.63
CA ALA GB 208 57.52 68.69 -43.34
C ALA GB 208 57.42 69.73 -44.46
N GLU GB 209 56.33 69.73 -45.22
CA GLU GB 209 56.15 70.75 -46.24
C GLU GB 209 56.06 72.14 -45.61
N LEU GB 210 55.34 72.27 -44.50
CA LEU GB 210 55.21 73.56 -43.84
C LEU GB 210 56.56 74.08 -43.38
N LEU GB 211 57.38 73.21 -42.79
CA LEU GB 211 58.71 73.61 -42.35
C LEU GB 211 59.61 73.96 -43.53
N GLU GB 212 59.56 73.16 -44.60
CA GLU GB 212 60.41 73.41 -45.76
C GLU GB 212 60.07 74.73 -46.43
N ARG GB 213 58.78 75.12 -46.42
CA ARG GB 213 58.40 76.41 -47.00
C ARG GB 213 59.12 77.57 -46.34
N LEU GB 214 59.43 77.45 -45.05
CA LEU GB 214 60.10 78.51 -44.30
C LEU GB 214 61.61 78.49 -44.43
N GLY GB 215 62.17 77.49 -45.11
CA GLY GB 215 63.61 77.41 -45.31
C GLY GB 215 64.33 76.41 -44.43
N LEU GB 216 63.67 75.88 -43.39
CA LEU GB 216 64.29 74.89 -42.51
C LEU GB 216 64.27 73.53 -43.22
N THR GB 217 65.14 73.41 -44.23
CA THR GB 217 65.19 72.22 -45.05
C THR GB 217 65.71 71.01 -44.30
N ALA GB 218 66.67 71.18 -43.40
CA ALA GB 218 67.21 70.04 -42.65
C ALA GB 218 66.18 69.47 -41.68
N LEU GB 219 65.42 70.34 -41.01
CA LEU GB 219 64.36 69.88 -40.14
C LEU GB 219 63.29 69.12 -40.92
N ALA GB 220 62.94 69.63 -42.10
CA ALA GB 220 61.98 68.93 -42.95
C ALA GB 220 62.53 67.57 -43.38
N ALA GB 221 63.82 67.50 -43.71
CA ALA GB 221 64.43 66.22 -44.07
C ALA GB 221 64.37 65.25 -42.91
N ARG GB 222 64.63 65.72 -41.69
CA ARG GB 222 64.52 64.84 -40.53
C ARG GB 222 63.09 64.36 -40.33
N ILE GB 223 62.10 65.22 -40.55
CA ILE GB 223 60.71 64.81 -40.43
C ILE GB 223 60.37 63.75 -41.47
N ARG GB 224 60.85 63.93 -42.71
CA ARG GB 224 60.61 62.93 -43.74
C ARG GB 224 61.29 61.60 -43.40
N ARG GB 225 62.51 61.66 -42.85
CA ARG GB 225 63.17 60.45 -42.40
C ARG GB 225 62.36 59.74 -41.32
N ALA GB 226 61.81 60.50 -40.37
CA ALA GB 226 60.98 59.91 -39.34
C ALA GB 226 59.74 59.25 -39.94
N ARG GB 227 59.12 59.92 -40.92
CA ARG GB 227 57.95 59.33 -41.57
C ARG GB 227 58.30 58.03 -42.28
N GLU GB 228 59.44 58.02 -43.00
CA GLU GB 228 59.85 56.82 -43.72
C GLU GB 228 60.16 55.67 -42.77
N LEU GB 229 60.80 55.97 -41.62
CA LEU GB 229 61.03 54.93 -40.63
C LEU GB 229 59.73 54.45 -40.01
N LEU GB 230 58.75 55.34 -39.85
CA LEU GB 230 57.45 54.94 -39.32
C LEU GB 230 56.74 53.99 -40.29
N LEU GB 231 56.78 54.29 -41.58
CA LEU GB 231 56.08 53.48 -42.57
C LEU GB 231 56.72 52.12 -42.79
N ALA GB 232 57.97 51.93 -42.35
CA ALA GB 232 58.68 50.67 -42.53
C ALA GB 232 58.56 49.74 -41.33
N GLY GB 233 57.75 50.10 -40.34
CA GLY GB 233 57.58 49.29 -39.15
C GLY GB 233 58.48 49.67 -37.99
N ARG GB 234 59.47 50.51 -38.21
CA ARG GB 234 60.38 50.96 -37.15
C ARG GB 234 59.70 52.09 -36.41
N VAL GB 235 58.97 51.73 -35.35
CA VAL GB 235 58.12 52.70 -34.67
C VAL GB 235 58.91 53.54 -33.66
N GLU GB 236 59.69 52.88 -32.80
CA GLU GB 236 60.37 53.59 -31.72
C GLU GB 236 61.43 54.54 -32.24
N GLU GB 237 62.17 54.13 -33.29
CA GLU GB 237 63.18 55.00 -33.85
C GLU GB 237 62.55 56.26 -34.45
N ALA GB 238 61.45 56.10 -35.16
CA ALA GB 238 60.72 57.26 -35.68
C ALA GB 238 60.19 58.12 -34.55
N LEU GB 239 59.70 57.49 -33.47
CA LEU GB 239 59.24 58.24 -32.31
C LEU GB 239 60.34 59.12 -31.74
N HIS GB 240 61.53 58.56 -31.54
CA HIS GB 240 62.62 59.34 -30.96
C HIS GB 240 63.10 60.43 -31.92
N LEU GB 241 63.18 60.12 -33.22
CA LEU GB 241 63.55 61.14 -34.19
C LEU GB 241 62.56 62.30 -34.16
N LEU GB 242 61.27 61.98 -34.09
CA LEU GB 242 60.25 63.01 -34.02
C LEU GB 242 60.37 63.83 -32.74
N GLN GB 243 60.66 63.17 -31.61
CA GLN GB 243 60.80 63.91 -30.36
C GLN GB 243 61.99 64.86 -30.42
N ASP GB 244 63.12 64.40 -30.97
CA ASP GB 244 64.27 65.29 -31.11
C ASP GB 244 63.96 66.46 -32.03
N ALA GB 245 63.27 66.21 -33.14
CA ALA GB 245 62.88 67.29 -34.03
C ALA GB 245 61.96 68.28 -33.33
N VAL GB 246 61.03 67.78 -32.51
CA VAL GB 246 60.12 68.64 -31.77
C VAL GB 246 60.89 69.51 -30.78
N GLU GB 247 61.86 68.93 -30.07
CA GLU GB 247 62.66 69.73 -29.14
C GLU GB 247 63.44 70.81 -29.87
N LEU GB 248 64.03 70.49 -31.02
CA LEU GB 248 64.78 71.50 -31.76
C LEU GB 248 63.85 72.59 -32.29
N LEU GB 249 62.66 72.21 -32.75
CA LEU GB 249 61.68 73.18 -33.21
C LEU GB 249 61.24 74.09 -32.07
N HIS GB 250 61.05 73.53 -30.88
CA HIS GB 250 60.70 74.33 -29.71
C HIS GB 250 61.82 75.31 -29.38
N GLU GB 251 63.08 74.85 -29.46
CA GLU GB 251 64.22 75.74 -29.25
C GLU GB 251 64.18 76.91 -30.21
N ARG GB 252 63.96 76.63 -31.50
CA ARG GB 252 63.89 77.71 -32.48
C ARG GB 252 62.73 78.66 -32.21
N ILE GB 253 61.56 78.10 -31.87
CA ILE GB 253 60.37 78.91 -31.67
C ILE GB 253 60.56 79.84 -30.47
N ARG GB 254 61.09 79.31 -29.36
CA ARG GB 254 61.32 80.13 -28.19
C ARG GB 254 62.52 81.05 -28.34
N GLU GB 255 63.41 80.78 -29.29
CA GLU GB 255 64.47 81.75 -29.60
C GLU GB 255 63.93 82.92 -30.40
N LEU GB 256 63.01 82.66 -31.33
CA LEU GB 256 62.45 83.75 -32.14
C LEU GB 256 61.58 84.68 -31.30
N GLY GB 257 60.78 84.12 -30.40
CA GLY GB 257 59.92 84.93 -29.55
C GLY GB 257 58.49 84.99 -30.08
N PHE GB 258 57.91 86.17 -30.08
CA PHE GB 258 56.54 86.37 -30.55
C PHE GB 258 56.47 86.74 -32.04
N GLU GB 259 57.60 86.83 -32.72
CA GLU GB 259 57.63 87.09 -34.15
C GLU GB 259 57.76 85.81 -34.97
N ALA GB 260 57.43 84.68 -34.38
CA ALA GB 260 57.52 83.41 -35.08
C ALA GB 260 56.43 83.32 -36.15
N PRO GB 261 56.76 83.05 -37.40
CA PRO GB 261 55.74 82.90 -38.43
C PRO GB 261 54.78 81.75 -38.10
N GLU GB 262 53.55 81.86 -38.60
CA GLU GB 262 52.52 80.86 -38.31
C GLU GB 262 52.91 79.48 -38.78
N GLU GB 263 53.85 79.37 -39.73
CA GLU GB 263 54.28 78.06 -40.22
C GLU GB 263 54.87 77.22 -39.08
N LEU GB 264 55.71 77.84 -38.24
CA LEU GB 264 56.32 77.10 -37.14
C LEU GB 264 55.29 76.60 -36.14
N LEU GB 265 54.33 77.45 -35.78
CA LEU GB 265 53.31 77.05 -34.82
C LEU GB 265 52.42 75.94 -35.37
N LEU GB 266 52.00 76.07 -36.62
CA LEU GB 266 51.17 75.04 -37.22
C LEU GB 266 51.93 73.72 -37.36
N ALA GB 267 53.21 73.80 -37.75
CA ALA GB 267 54.02 72.60 -37.82
C ALA GB 267 54.20 71.96 -36.45
N ASP GB 268 54.36 72.78 -35.41
CA ASP GB 268 54.49 72.24 -34.06
C ASP GB 268 53.22 71.51 -33.64
N LEU GB 269 52.06 72.10 -33.92
CA LEU GB 269 50.81 71.43 -33.58
C LEU GB 269 50.64 70.11 -34.34
N LEU GB 270 50.97 70.13 -35.64
CA LEU GB 270 50.87 68.91 -36.43
C LEU GB 270 51.83 67.84 -35.92
N LEU GB 271 53.05 68.25 -35.54
CA LEU GB 271 54.02 67.30 -35.00
C LEU GB 271 53.56 66.73 -33.67
N GLN GB 272 52.90 67.53 -32.84
CA GLN GB 272 52.37 67.00 -31.58
C GLN GB 272 51.27 65.98 -31.84
N ARG GB 273 50.37 66.26 -32.80
CA ARG GB 273 49.35 65.28 -33.12
C ARG GB 273 49.97 63.99 -33.67
N ALA GB 274 50.98 64.12 -34.53
CA ALA GB 274 51.67 62.95 -35.05
C ALA GB 274 52.35 62.17 -33.94
N LEU GB 275 52.96 62.88 -32.99
CA LEU GB 275 53.59 62.22 -31.85
C LEU GB 275 52.59 61.44 -31.03
N GLU GB 276 51.43 62.03 -30.77
CA GLU GB 276 50.39 61.33 -30.02
C GLU GB 276 49.92 60.09 -30.78
N LEU GB 277 49.70 60.22 -32.08
CA LEU GB 277 49.23 59.09 -32.87
C LEU GB 277 50.27 57.97 -32.91
N ILE GB 278 51.55 58.33 -33.05
CA ILE GB 278 52.61 57.32 -33.08
C ILE GB 278 52.72 56.63 -31.72
N SER GB 279 52.61 57.40 -30.64
CA SER GB 279 52.67 56.81 -29.31
C SER GB 279 51.51 55.85 -29.07
N SER GB 280 50.32 56.19 -29.58
CA SER GB 280 49.16 55.32 -29.40
C SER GB 280 49.23 54.05 -30.23
N ILE GB 281 50.18 53.95 -31.17
CA ILE GB 281 50.32 52.76 -32.00
C ILE GB 281 50.69 51.56 -31.14
N THR HB 24 30.88 108.38 -12.45
CA THR HB 24 30.12 108.57 -11.21
C THR HB 24 30.21 107.31 -10.35
N VAL HB 25 30.50 106.19 -11.01
CA VAL HB 25 30.73 104.89 -10.37
C VAL HB 25 29.45 104.30 -9.81
N GLU HB 26 28.73 105.06 -8.99
CA GLU HB 26 27.46 104.56 -8.45
C GLU HB 26 26.45 104.33 -9.54
N GLU HB 27 26.27 105.33 -10.42
CA GLU HB 27 25.39 105.18 -11.57
C GLU HB 27 25.76 103.96 -12.40
N GLU HB 28 27.06 103.64 -12.47
CA GLU HB 28 27.48 102.42 -13.14
C GLU HB 28 26.91 101.19 -12.46
N VAL HB 29 26.86 101.19 -11.12
CA VAL HB 29 26.33 100.03 -10.40
C VAL HB 29 24.83 99.88 -10.65
N ILE HB 30 24.08 100.99 -10.54
CA ILE HB 30 22.64 100.91 -10.76
C ILE HB 30 22.34 100.49 -12.20
N ARG HB 31 23.04 101.08 -13.16
CA ARG HB 31 22.85 100.68 -14.55
C ARG HB 31 23.25 99.24 -14.78
N PHE HB 32 24.28 98.75 -14.08
CA PHE HB 32 24.67 97.35 -14.21
C PHE HB 32 23.54 96.44 -13.75
N ALA HB 33 22.93 96.76 -12.60
CA ALA HB 33 21.82 95.93 -12.11
C ALA HB 33 20.65 95.95 -13.08
N GLU HB 34 20.26 97.14 -13.53
CA GLU HB 34 19.10 97.25 -14.43
C GLU HB 34 19.38 96.55 -15.76
N GLU HB 35 20.57 96.76 -16.33
CA GLU HB 35 20.92 96.12 -17.59
C GLU HB 35 21.01 94.60 -17.44
N LEU HB 36 21.48 94.12 -16.30
CA LEU HB 36 21.52 92.68 -16.07
C LEU HB 36 20.10 92.10 -16.06
N ALA HB 37 19.18 92.78 -15.37
CA ALA HB 37 17.79 92.31 -15.36
C ALA HB 37 17.19 92.35 -16.76
N GLU HB 38 17.46 93.42 -17.50
CA GLU HB 38 16.95 93.53 -18.87
C GLU HB 38 17.55 92.46 -19.77
N GLU HB 39 18.81 92.08 -19.54
CA GLU HB 39 19.42 91.01 -20.32
C GLU HB 39 18.79 89.67 -20.01
N ILE HB 40 18.47 89.40 -18.73
CA ILE HB 40 17.72 88.19 -18.41
C ILE HB 40 16.40 88.19 -19.16
N ARG HB 41 15.69 89.31 -19.15
CA ARG HB 41 14.40 89.37 -19.83
C ARG HB 41 14.55 89.17 -21.33
N ARG HB 42 15.57 89.76 -21.93
CA ARG HB 42 15.78 89.62 -23.37
C ARG HB 42 16.14 88.18 -23.75
N VAL HB 43 17.03 87.55 -22.98
CA VAL HB 43 17.47 86.20 -23.32
C VAL HB 43 16.36 85.18 -23.10
N THR HB 44 15.61 85.31 -22.01
CA THR HB 44 14.61 84.30 -21.66
C THR HB 44 13.18 84.79 -21.80
N GLY HB 45 12.86 85.98 -21.29
CA GLY HB 45 11.51 86.48 -21.34
C GLY HB 45 10.83 86.46 -19.99
N GLU HB 46 9.69 85.78 -19.89
CA GLU HB 46 8.95 85.67 -18.64
C GLU HB 46 8.93 84.23 -18.11
N ALA HB 47 9.71 83.33 -18.72
CA ALA HB 47 9.83 81.98 -18.20
C ALA HB 47 10.69 81.93 -16.94
N TYR HB 48 11.65 82.84 -16.80
CA TYR HB 48 12.48 82.96 -15.60
C TYR HB 48 12.29 84.39 -15.09
N ARG HB 49 11.27 84.59 -14.26
CA ARG HB 49 10.97 85.90 -13.71
C ARG HB 49 11.41 86.06 -12.26
N GLU HB 50 11.51 84.96 -11.51
CA GLU HB 50 12.03 85.04 -10.15
C GLU HB 50 13.48 85.50 -10.14
N TYR HB 51 14.26 85.07 -11.13
CA TYR HB 51 15.64 85.52 -11.23
C TYR HB 51 15.73 87.01 -11.48
N ALA HB 52 14.87 87.53 -12.36
CA ALA HB 52 14.84 88.97 -12.60
C ALA HB 52 14.41 89.73 -11.35
N GLU HB 53 13.43 89.20 -10.63
CA GLU HB 53 13.01 89.82 -9.37
C GLU HB 53 14.16 89.87 -8.38
N ALA HB 54 14.90 88.76 -8.26
CA ALA HB 54 16.03 88.72 -7.33
C ALA HB 54 17.12 89.70 -7.75
N VAL HB 55 17.39 89.80 -9.05
CA VAL HB 55 18.41 90.72 -9.53
C VAL HB 55 18.00 92.17 -9.25
N ARG HB 56 16.73 92.50 -9.46
CA ARG HB 56 16.27 93.85 -9.15
C ARG HB 56 16.33 94.12 -7.66
N HIS HB 57 16.01 93.13 -6.83
CA HIS HB 57 16.13 93.29 -5.39
C HIS HB 57 17.58 93.55 -4.98
N LEU HB 58 18.51 92.80 -5.56
CA LEU HB 58 19.93 93.01 -5.25
C LEU HB 58 20.42 94.37 -5.74
N GLY HB 59 19.91 94.83 -6.88
CA GLY HB 59 20.24 96.18 -7.31
C GLY HB 59 19.72 97.24 -6.36
N GLU HB 60 18.50 97.03 -5.83
CA GLU HB 60 17.97 97.95 -4.83
C GLU HB 60 18.82 97.93 -3.57
N ALA HB 61 19.27 96.75 -3.15
CA ALA HB 61 20.15 96.66 -1.99
C ALA HB 61 21.46 97.40 -2.23
N ALA HB 62 22.05 97.23 -3.42
CA ALA HB 62 23.29 97.91 -3.74
C ALA HB 62 23.09 99.42 -3.75
N LYS HB 63 21.95 99.89 -4.25
CA LYS HB 63 21.63 101.31 -4.17
C LYS HB 63 21.52 101.76 -2.72
N ALA HB 64 20.87 100.95 -1.87
CA ALA HB 64 20.68 101.32 -0.47
C ALA HB 64 22.01 101.43 0.26
N VAL HB 65 22.95 100.52 -0.06
CA VAL HB 65 24.26 100.55 0.60
C VAL HB 65 24.97 101.87 0.37
N LEU HB 66 24.83 102.43 -0.84
CA LEU HB 66 25.65 103.56 -1.26
C LEU HB 66 25.28 104.87 -0.59
N GLU HB 67 24.14 104.95 0.09
CA GLU HB 67 23.78 106.18 0.79
C GLU HB 67 24.13 106.14 2.27
N GLY HB 68 24.21 104.96 2.88
CA GLY HB 68 24.55 104.87 4.28
C GLY HB 68 23.70 103.88 5.05
N ASN HB 69 22.48 103.62 4.56
CA ASN HB 69 21.58 102.68 5.22
C ASN HB 69 22.13 101.27 5.07
N SER HB 70 22.48 100.65 6.20
CA SER HB 70 23.10 99.33 6.20
C SER HB 70 22.19 98.23 6.72
N VAL HB 71 21.03 98.57 7.28
CA VAL HB 71 20.09 97.54 7.75
C VAL HB 71 19.09 97.18 6.68
N GLU HB 72 18.63 98.15 5.89
CA GLU HB 72 17.78 97.85 4.75
C GLU HB 72 18.47 96.92 3.77
N ALA HB 73 19.78 97.07 3.61
CA ALA HB 73 20.54 96.16 2.76
C ALA HB 73 20.47 94.73 3.29
N ASP HB 74 20.62 94.57 4.61
CA ASP HB 74 20.52 93.24 5.20
C ASP HB 74 19.14 92.65 5.01
N LEU HB 75 18.10 93.46 5.19
CA LEU HB 75 16.73 92.97 5.00
C LEU HB 75 16.49 92.55 3.56
N ILE HB 76 16.99 93.33 2.59
CA ILE HB 76 16.80 92.99 1.19
C ILE HB 76 17.59 91.73 0.84
N VAL HB 77 18.79 91.57 1.41
CA VAL HB 77 19.57 90.35 1.15
C VAL HB 77 18.86 89.13 1.71
N THR HB 78 18.23 89.27 2.89
CA THR HB 78 17.45 88.16 3.42
C THR HB 78 16.25 87.85 2.53
N ASP HB 79 15.61 88.89 1.99
CA ASP HB 79 14.50 88.67 1.04
C ASP HB 79 14.99 87.89 -0.19
N VAL HB 80 16.15 88.28 -0.73
CA VAL HB 80 16.70 87.58 -1.88
C VAL HB 80 17.05 86.14 -1.51
N LEU HB 81 17.54 85.93 -0.29
CA LEU HB 81 17.84 84.58 0.17
C LEU HB 81 16.58 83.73 0.21
N ARG HB 82 15.48 84.29 0.71
CA ARG HB 82 14.22 83.55 0.72
C ARG HB 82 13.74 83.25 -0.70
N LEU HB 83 13.89 84.21 -1.61
CA LEU HB 83 13.48 84.00 -3.00
C LEU HB 83 14.29 82.87 -3.63
N LEU HB 84 15.60 82.85 -3.40
CA LEU HB 84 16.43 81.80 -3.97
C LEU HB 84 16.18 80.45 -3.29
N GLU HB 85 15.84 80.46 -2.01
CA GLU HB 85 15.46 79.22 -1.34
C GLU HB 85 14.17 78.65 -1.92
N ARG HB 86 13.23 79.52 -2.26
CA ARG HB 86 12.03 79.06 -2.94
C ARG HB 86 12.34 78.58 -4.36
N ILE HB 87 13.32 79.20 -5.02
CA ILE HB 87 13.69 78.79 -6.38
C ILE HB 87 14.23 77.36 -6.37
N GLY HB 88 15.18 77.08 -5.49
CA GLY HB 88 15.71 75.74 -5.37
C GLY HB 88 17.03 75.49 -6.06
N GLU HB 89 17.97 76.41 -5.93
CA GLU HB 89 19.32 76.27 -6.49
C GLU HB 89 20.30 76.25 -5.32
N GLU HB 90 20.81 75.05 -5.00
CA GLU HB 90 21.58 74.87 -3.76
C GLU HB 90 22.82 75.73 -3.72
N GLY HB 91 23.59 75.75 -4.81
CA GLY HB 91 24.78 76.58 -4.84
C GLY HB 91 24.48 78.05 -4.73
N LEU HB 92 23.40 78.50 -5.39
CA LEU HB 92 23.00 79.89 -5.30
C LEU HB 92 22.58 80.25 -3.88
N VAL HB 93 21.88 79.35 -3.19
CA VAL HB 93 21.49 79.61 -1.81
C VAL HB 93 22.72 79.67 -0.90
N LYS HB 94 23.69 78.78 -1.13
CA LYS HB 94 24.92 78.81 -0.34
C LYS HB 94 25.66 80.13 -0.53
N LEU HB 95 25.78 80.57 -1.78
CA LEU HB 95 26.42 81.85 -2.04
C LEU HB 95 25.64 82.99 -1.42
N ALA HB 96 24.31 82.90 -1.42
CA ALA HB 96 23.49 83.93 -0.81
C ALA HB 96 23.72 84.01 0.69
N ARG HB 97 23.81 82.86 1.36
CA ARG HB 97 24.08 82.85 2.80
C ARG HB 97 25.46 83.45 3.10
N GLU HB 98 26.47 83.06 2.32
CA GLU HB 98 27.80 83.60 2.55
C GLU HB 98 27.83 85.11 2.32
N VAL HB 99 27.16 85.58 1.27
CA VAL HB 99 27.08 87.01 1.01
C VAL HB 99 26.37 87.72 2.15
N HIS HB 100 25.28 87.13 2.66
CA HIS HB 100 24.56 87.72 3.79
C HIS HB 100 25.49 87.93 4.98
N GLU HB 101 26.19 86.86 5.38
CA GLU HB 101 27.05 86.95 6.56
C GLU HB 101 28.18 87.95 6.35
N ARG HB 102 28.92 87.81 5.24
CA ARG HB 102 30.07 88.68 5.02
C ARG HB 102 29.64 90.13 4.86
N SER HB 103 28.55 90.38 4.12
CA SER HB 103 28.07 91.74 3.93
C SER HB 103 27.63 92.36 5.24
N PHE HB 104 26.94 91.60 6.10
CA PHE HB 104 26.55 92.12 7.40
C PHE HB 104 27.78 92.51 8.21
N GLU HB 105 28.77 91.62 8.27
CA GLU HB 105 29.96 91.91 9.08
C GLU HB 105 30.71 93.12 8.52
N LEU HB 106 30.90 93.19 7.21
CA LEU HB 106 31.65 94.29 6.61
C LEU HB 106 30.91 95.61 6.76
N LEU HB 107 29.58 95.60 6.58
CA LEU HB 107 28.81 96.84 6.72
C LEU HB 107 28.79 97.30 8.17
N ARG HB 108 28.78 96.38 9.13
CA ARG HB 108 28.94 96.78 10.52
C ARG HB 108 30.31 97.40 10.75
N LYS HB 109 31.36 96.78 10.19
CA LYS HB 109 32.70 97.34 10.35
C LYS HB 109 32.88 98.63 9.54
N GLY HB 110 32.39 98.64 8.30
CA GLY HB 110 32.46 99.85 7.50
C GLY HB 110 33.04 99.66 6.10
N ASN HB 111 33.22 98.41 5.69
CA ASN HB 111 33.78 98.10 4.37
C ASN HB 111 32.65 98.12 3.34
N ARG HB 112 32.33 99.32 2.86
CA ARG HB 112 31.26 99.49 1.89
C ARG HB 112 31.60 98.80 0.57
N VAL HB 113 32.83 98.95 0.11
CA VAL HB 113 33.21 98.50 -1.23
C VAL HB 113 33.10 96.99 -1.35
N GLU HB 114 33.57 96.25 -0.34
CA GLU HB 114 33.52 94.79 -0.42
C GLU HB 114 32.09 94.27 -0.33
N ALA HB 115 31.24 94.92 0.45
CA ALA HB 115 29.83 94.56 0.48
C ALA HB 115 29.17 94.79 -0.87
N LEU HB 116 29.48 95.92 -1.50
CA LEU HB 116 28.97 96.18 -2.85
C LEU HB 116 29.46 95.11 -3.83
N ALA HB 117 30.73 94.73 -3.74
CA ALA HB 117 31.27 93.71 -4.61
C ALA HB 117 30.57 92.38 -4.41
N LEU HB 118 30.31 92.01 -3.14
CA LEU HB 118 29.61 90.75 -2.87
C LEU HB 118 28.19 90.78 -3.43
N ILE HB 119 27.49 91.90 -3.28
CA ILE HB 119 26.13 92.00 -3.79
C ILE HB 119 26.12 91.86 -5.31
N LEU HB 120 27.06 92.55 -5.98
CA LEU HB 120 27.14 92.47 -7.44
C LEU HB 120 27.51 91.06 -7.90
N ALA HB 121 28.41 90.40 -7.17
CA ALA HB 121 28.77 89.03 -7.51
C ALA HB 121 27.57 88.10 -7.38
N LEU HB 122 26.78 88.27 -6.32
CA LEU HB 122 25.58 87.45 -6.18
C LEU HB 122 24.59 87.70 -7.32
N ALA HB 123 24.39 88.97 -7.69
CA ALA HB 123 23.49 89.29 -8.80
C ALA HB 123 23.96 88.65 -10.09
N LEU HB 124 25.26 88.76 -10.38
CA LEU HB 124 25.80 88.14 -11.59
C LEU HB 124 25.66 86.63 -11.55
N ALA HB 125 25.86 86.02 -10.39
CA ALA HB 125 25.71 84.57 -10.27
C ALA HB 125 24.29 84.15 -10.58
N VAL HB 126 23.29 84.88 -10.05
CA VAL HB 126 21.89 84.55 -10.34
C VAL HB 126 21.62 84.69 -11.84
N ALA HB 127 22.09 85.80 -12.43
CA ALA HB 127 21.84 86.04 -13.85
C ALA HB 127 22.46 84.96 -14.72
N LEU HB 128 23.71 84.59 -14.43
CA LEU HB 128 24.40 83.57 -15.23
C LEU HB 128 23.76 82.21 -15.03
N THR HB 129 23.29 81.91 -13.81
CA THR HB 129 22.60 80.64 -13.59
C THR HB 129 21.33 80.57 -14.43
N ALA HB 130 20.54 81.64 -14.44
CA ALA HB 130 19.32 81.65 -15.24
C ALA HB 130 19.63 81.50 -16.72
N VAL HB 131 20.62 82.27 -17.21
CA VAL HB 131 20.95 82.23 -18.63
C VAL HB 131 21.46 80.85 -19.05
N SER HB 132 22.35 80.26 -18.23
CA SER HB 132 22.88 78.94 -18.56
C SER HB 132 21.78 77.89 -18.53
N LYS HB 133 20.86 77.98 -17.57
CA LYS HB 133 19.75 77.03 -17.54
C LYS HB 133 18.88 77.15 -18.79
N ALA HB 134 18.58 78.38 -19.20
CA ALA HB 134 17.79 78.57 -20.41
C ALA HB 134 18.51 78.02 -21.65
N PHE HB 135 19.81 78.32 -21.76
CA PHE HB 135 20.57 77.87 -22.93
C PHE HB 135 20.66 76.35 -22.98
N PHE HB 136 20.87 75.70 -21.83
CA PHE HB 136 20.92 74.24 -21.82
C PHE HB 136 19.56 73.62 -22.12
N LEU HB 137 18.48 74.22 -21.61
CA LEU HB 137 17.15 73.69 -21.89
C LEU HB 137 16.82 73.81 -23.37
N LEU HB 138 17.19 74.93 -24.00
CA LEU HB 138 16.92 75.09 -25.42
C LEU HB 138 17.67 74.04 -26.24
N GLY HB 139 18.93 73.78 -25.89
CA GLY HB 139 19.74 72.82 -26.62
C GLY HB 139 20.91 73.49 -27.30
N GLN HB 140 21.23 74.71 -26.86
CA GLN HB 140 22.28 75.49 -27.47
C GLN HB 140 23.65 74.84 -27.22
N PRO HB 141 24.57 74.93 -28.17
CA PRO HB 141 25.93 74.42 -27.94
C PRO HB 141 26.69 75.30 -26.97
N ALA HB 142 27.82 74.74 -26.50
CA ALA HB 142 28.57 75.36 -25.41
C ALA HB 142 29.30 76.63 -25.84
N ARG HB 143 29.47 76.87 -27.13
CA ARG HB 143 30.27 78.01 -27.58
C ARG HB 143 29.66 79.33 -27.12
N LEU HB 144 28.38 79.55 -27.42
CA LEU HB 144 27.76 80.83 -27.09
C LEU HB 144 27.59 80.98 -25.58
N ILE HB 145 27.35 79.88 -24.87
CA ILE HB 145 27.32 79.94 -23.42
C ILE HB 145 28.66 80.44 -22.88
N ALA HB 146 29.76 79.90 -23.44
CA ALA HB 146 31.08 80.32 -22.99
C ALA HB 146 31.33 81.79 -23.29
N GLU HB 147 30.98 82.25 -24.50
CA GLU HB 147 31.19 83.66 -24.82
C GLU HB 147 30.37 84.58 -23.93
N TYR HB 148 29.11 84.22 -23.67
CA TYR HB 148 28.27 85.07 -22.82
C TYR HB 148 28.79 85.11 -21.39
N VAL HB 149 29.20 83.96 -20.85
CA VAL HB 149 29.74 83.92 -19.49
C VAL HB 149 31.00 84.77 -19.42
N GLY HB 150 31.89 84.62 -20.41
CA GLY HB 150 33.10 85.42 -20.42
C GLY HB 150 32.82 86.92 -20.50
N GLU HB 151 31.87 87.31 -21.35
CA GLU HB 151 31.54 88.73 -21.48
C GLU HB 151 30.98 89.29 -20.19
N LYS HB 152 30.07 88.56 -19.54
CA LYS HB 152 29.50 89.03 -18.29
C LYS HB 152 30.55 89.12 -17.20
N LEU HB 153 31.45 88.14 -17.13
CA LEU HB 153 32.53 88.19 -16.15
C LEU HB 153 33.45 89.37 -16.41
N LEU HB 154 33.72 89.67 -17.69
CA LEU HB 154 34.53 90.84 -18.03
C LEU HB 154 33.84 92.13 -17.58
N GLU HB 155 32.53 92.24 -17.81
CA GLU HB 155 31.82 93.44 -17.37
C GLU HB 155 31.88 93.59 -15.86
N LEU HB 156 31.67 92.50 -15.12
CA LEU HB 156 31.75 92.57 -13.67
C LEU HB 156 33.15 92.95 -13.21
N ARG HB 157 34.18 92.39 -13.86
CA ARG HB 157 35.55 92.71 -13.50
C ARG HB 157 35.85 94.19 -13.71
N ARG HB 158 35.42 94.74 -14.85
CA ARG HB 158 35.63 96.17 -15.09
C ARG HB 158 34.90 97.02 -14.06
N LEU HB 159 33.66 96.64 -13.73
CA LEU HB 159 32.91 97.40 -12.73
C LEU HB 159 33.61 97.37 -11.37
N LEU HB 160 34.05 96.18 -10.94
CA LEU HB 160 34.71 96.07 -9.64
C LEU HB 160 36.04 96.82 -9.62
N GLU HB 161 36.80 96.76 -10.71
CA GLU HB 161 38.05 97.51 -10.78
C GLU HB 161 37.79 99.01 -10.74
N LYS HB 162 36.71 99.48 -11.36
CA LYS HB 162 36.34 100.88 -11.25
C LYS HB 162 35.94 101.24 -9.82
N LEU HB 163 35.29 100.31 -9.12
CA LEU HB 163 34.87 100.57 -7.75
C LEU HB 163 36.08 100.74 -6.83
N GLY HB 164 37.02 99.80 -6.88
CA GLY HB 164 38.21 99.90 -6.05
C GLY HB 164 38.60 98.61 -5.35
N VAL HB 165 37.88 97.53 -5.64
CA VAL HB 165 38.17 96.24 -4.98
C VAL HB 165 39.55 95.76 -5.41
N PRO HB 166 40.40 95.27 -4.51
CA PRO HB 166 41.70 94.74 -4.92
C PRO HB 166 41.55 93.54 -5.84
N LEU HB 167 42.52 93.40 -6.75
CA LEU HB 167 42.40 92.41 -7.81
C LEU HB 167 42.28 90.97 -7.31
N PRO HB 168 43.06 90.51 -6.32
CA PRO HB 168 42.87 89.11 -5.86
C PRO HB 168 41.47 88.83 -5.37
N GLU HB 169 40.84 89.78 -4.68
CA GLU HB 169 39.47 89.57 -4.22
C GLU HB 169 38.50 89.52 -5.39
N VAL HB 170 38.73 90.35 -6.42
CA VAL HB 170 37.91 90.31 -7.62
C VAL HB 170 37.99 88.93 -8.27
N ILE HB 171 39.21 88.41 -8.40
CA ILE HB 171 39.39 87.09 -9.02
C ILE HB 171 38.74 86.01 -8.18
N ALA HB 172 38.85 86.11 -6.85
CA ALA HB 172 38.20 85.13 -5.98
C ALA HB 172 36.69 85.17 -6.14
N LEU HB 173 36.11 86.37 -6.24
CA LEU HB 173 34.66 86.49 -6.46
C LEU HB 173 34.25 85.89 -7.80
N LEU HB 174 35.03 86.15 -8.84
CA LEU HB 174 34.71 85.59 -10.16
C LEU HB 174 34.80 84.08 -10.14
N LEU HB 175 35.80 83.53 -9.46
CA LEU HB 175 35.89 82.07 -9.34
C LEU HB 175 34.73 81.50 -8.52
N ARG HB 176 34.27 82.23 -7.51
CA ARG HB 176 33.09 81.79 -6.77
C ARG HB 176 31.85 81.75 -7.66
N VAL HB 177 31.67 82.78 -8.49
CA VAL HB 177 30.55 82.81 -9.43
C VAL HB 177 30.65 81.64 -10.40
N LEU HB 178 31.85 81.39 -10.92
CA LEU HB 178 32.05 80.28 -11.85
C LEU HB 178 31.79 78.94 -11.17
N GLU HB 179 32.17 78.81 -9.91
CA GLU HB 179 31.88 77.59 -9.15
C GLU HB 179 30.38 77.39 -9.02
N VAL HB 180 29.64 78.46 -8.73
CA VAL HB 180 28.18 78.37 -8.62
C VAL HB 180 27.58 77.92 -9.96
N VAL HB 181 28.06 78.52 -11.06
CA VAL HB 181 27.53 78.18 -12.38
C VAL HB 181 27.84 76.72 -12.72
N GLU HB 182 29.06 76.27 -12.41
CA GLU HB 182 29.45 74.89 -12.67
C GLU HB 182 28.59 73.92 -11.87
N GLU HB 183 28.33 74.25 -10.59
CA GLU HB 183 27.51 73.39 -9.77
C GLU HB 183 26.09 73.31 -10.32
N SER HB 184 25.53 74.45 -10.74
CA SER HB 184 24.19 74.44 -11.33
C SER HB 184 24.14 73.59 -12.59
N LEU HB 185 25.14 73.76 -13.48
CA LEU HB 185 25.16 72.99 -14.72
C LEU HB 185 25.31 71.50 -14.45
N LYS HB 186 26.17 71.13 -13.51
CA LYS HB 186 26.36 69.73 -13.17
C LYS HB 186 25.09 69.11 -12.58
N ALA HB 187 24.41 69.86 -11.71
CA ALA HB 187 23.19 69.36 -11.10
C ALA HB 187 22.04 69.25 -12.11
N MET HB 188 22.00 70.14 -13.10
CA MET HB 188 20.90 70.10 -14.06
C MET HB 188 20.94 68.84 -14.92
N GLY HB 189 22.12 68.39 -15.34
CA GLY HB 189 22.21 67.20 -16.14
C GLY HB 189 23.20 67.27 -17.29
N MET HB 190 23.90 68.40 -17.42
CA MET HB 190 24.87 68.57 -18.49
C MET HB 190 25.99 67.53 -18.37
N GLU HB 191 26.47 67.07 -19.52
CA GLU HB 191 27.59 66.12 -19.53
C GLU HB 191 28.87 66.84 -19.08
N PRO HB 192 29.71 66.17 -18.30
CA PRO HB 192 30.88 66.84 -17.73
C PRO HB 192 31.81 67.51 -18.73
N ARG HB 193 31.93 66.94 -19.94
CA ARG HB 193 32.88 67.49 -20.91
C ARG HB 193 32.52 68.92 -21.31
N GLU HB 194 31.23 69.18 -21.55
CA GLU HB 194 30.81 70.53 -21.92
C GLU HB 194 31.01 71.51 -20.76
N ILE HB 195 30.75 71.08 -19.53
CA ILE HB 195 30.97 71.94 -18.37
C ILE HB 195 32.45 72.29 -18.27
N ASN HB 196 33.33 71.29 -18.43
CA ASN HB 196 34.75 71.56 -18.41
C ASN HB 196 35.15 72.52 -19.52
N ARG HB 197 34.56 72.34 -20.71
CA ARG HB 197 34.88 73.20 -21.85
C ARG HB 197 34.51 74.66 -21.57
N VAL HB 198 33.30 74.89 -21.04
CA VAL HB 198 32.87 76.27 -20.81
C VAL HB 198 33.65 76.90 -19.67
N LEU HB 199 33.94 76.13 -18.61
CA LEU HB 199 34.75 76.67 -17.52
C LEU HB 199 36.16 77.02 -18.00
N ALA HB 200 36.75 76.15 -18.83
CA ALA HB 200 38.06 76.43 -19.37
C ALA HB 200 38.05 77.66 -20.25
N ALA HB 201 37.00 77.83 -21.06
CA ALA HB 201 36.90 79.02 -21.90
C ALA HB 201 36.78 80.29 -21.07
N ALA HB 202 35.99 80.24 -19.98
CA ALA HB 202 35.87 81.40 -19.11
C ALA HB 202 37.20 81.74 -18.45
N TYR HB 203 37.91 80.72 -17.95
CA TYR HB 203 39.22 80.96 -17.36
C TYR HB 203 40.18 81.53 -18.39
N LEU HB 204 40.11 81.03 -19.63
CA LEU HB 204 41.02 81.51 -20.67
C LEU HB 204 40.76 82.96 -21.03
N THR HB 205 39.49 83.36 -21.15
CA THR HB 205 39.22 84.76 -21.48
C THR HB 205 39.58 85.68 -20.32
N LEU HB 206 39.35 85.23 -19.08
CA LEU HB 206 39.78 86.02 -17.92
C LEU HB 206 41.29 86.21 -17.91
N ALA HB 207 42.04 85.13 -18.13
CA ALA HB 207 43.49 85.21 -18.15
C ALA HB 207 43.99 86.06 -19.30
N ALA HB 208 43.33 85.96 -20.47
CA ALA HB 208 43.72 86.77 -21.62
C ALA HB 208 43.53 88.25 -21.33
N GLU HB 209 42.41 88.61 -20.71
CA GLU HB 209 42.20 90.01 -20.33
C GLU HB 209 43.26 90.46 -19.33
N LEU HB 210 43.56 89.61 -18.34
CA LEU HB 210 44.54 89.98 -17.33
C LEU HB 210 45.91 90.22 -17.94
N LEU HB 211 46.32 89.34 -18.88
CA LEU HB 211 47.61 89.51 -19.54
C LEU HB 211 47.61 90.74 -20.45
N GLU HB 212 46.52 90.96 -21.18
CA GLU HB 212 46.45 92.12 -22.08
C GLU HB 212 46.52 93.43 -21.33
N ARG HB 213 45.94 93.48 -20.12
CA ARG HB 213 46.00 94.71 -19.33
C ARG HB 213 47.44 95.11 -19.03
N LEU HB 214 48.33 94.14 -18.91
CA LEU HB 214 49.73 94.41 -18.59
C LEU HB 214 50.58 94.75 -19.81
N GLY HB 215 50.02 94.64 -21.02
CA GLY HB 215 50.73 94.98 -22.23
C GLY HB 215 51.22 93.79 -23.04
N LEU HB 216 51.10 92.57 -22.52
CA LEU HB 216 51.52 91.37 -23.26
C LEU HB 216 50.41 90.98 -24.24
N THR HB 217 50.30 91.78 -25.30
CA THR HB 217 49.24 91.58 -26.29
C THR HB 217 49.40 90.27 -27.06
N ALA HB 218 50.62 89.90 -27.43
CA ALA HB 218 50.82 88.66 -28.19
C ALA HB 218 50.48 87.42 -27.36
N LEU HB 219 50.86 87.42 -26.08
CA LEU HB 219 50.50 86.31 -25.21
C LEU HB 219 48.99 86.20 -25.06
N ALA HB 220 48.31 87.34 -24.90
CA ALA HB 220 46.86 87.33 -24.82
C ALA HB 220 46.24 86.80 -26.11
N ALA HB 221 46.78 87.20 -27.25
CA ALA HB 221 46.29 86.70 -28.53
C ALA HB 221 46.47 85.19 -28.64
N ARG HB 222 47.61 84.68 -28.17
CA ARG HB 222 47.81 83.23 -28.18
C ARG HB 222 46.80 82.53 -27.27
N ILE HB 223 46.50 83.12 -26.11
CA ILE HB 223 45.51 82.54 -25.22
C ILE HB 223 44.14 82.52 -25.88
N ARG HB 224 43.77 83.60 -26.56
CA ARG HB 224 42.48 83.63 -27.25
C ARG HB 224 42.44 82.61 -28.39
N ARG HB 225 43.55 82.44 -29.11
CA ARG HB 225 43.60 81.40 -30.13
C ARG HB 225 43.41 80.02 -29.52
N ALA HB 226 44.04 79.77 -28.38
CA ALA HB 226 43.85 78.49 -27.69
C ALA HB 226 42.40 78.29 -27.29
N ARG HB 227 41.75 79.34 -26.78
CA ARG HB 227 40.34 79.23 -26.40
C ARG HB 227 39.47 78.93 -27.61
N GLU HB 228 39.73 79.62 -28.73
CA GLU HB 228 38.92 79.40 -29.93
C GLU HB 228 39.11 77.99 -30.48
N LEU HB 229 40.34 77.48 -30.47
CA LEU HB 229 40.56 76.10 -30.88
C LEU HB 229 39.92 75.11 -29.92
N LEU HB 230 39.86 75.45 -28.64
CA LEU HB 230 39.19 74.58 -27.67
C LEU HB 230 37.69 74.52 -27.93
N LEU HB 231 37.07 75.67 -28.23
CA LEU HB 231 35.63 75.71 -28.45
C LEU HB 231 35.21 75.03 -29.74
N ALA HB 232 36.13 74.79 -30.67
CA ALA HB 232 35.82 74.19 -31.96
C ALA HB 232 36.01 72.68 -31.97
N GLY HB 233 36.33 72.08 -30.82
CA GLY HB 233 36.55 70.65 -30.73
C GLY HB 233 37.99 70.22 -30.85
N ARG HB 234 38.89 71.10 -31.25
CA ARG HB 234 40.31 70.79 -31.37
C ARG HB 234 40.93 70.91 -29.98
N VAL HB 235 40.92 69.81 -29.23
CA VAL HB 235 41.30 69.84 -27.84
C VAL HB 235 42.82 69.81 -27.68
N GLU HB 236 43.49 68.86 -28.34
CA GLU HB 236 44.92 68.67 -28.12
C GLU HB 236 45.74 69.84 -28.62
N GLU HB 237 45.35 70.43 -29.75
CA GLU HB 237 46.08 71.59 -30.27
C GLU HB 237 45.98 72.77 -29.31
N ALA HB 238 44.79 73.01 -28.78
CA ALA HB 238 44.62 74.07 -27.79
C ALA HB 238 45.41 73.75 -26.53
N LEU HB 239 45.44 72.47 -26.13
CA LEU HB 239 46.21 72.08 -24.96
C LEU HB 239 47.69 72.40 -25.14
N HIS HB 240 48.26 72.06 -26.29
CA HIS HB 240 49.68 72.33 -26.52
C HIS HB 240 49.95 73.83 -26.63
N LEU HB 241 49.06 74.57 -27.30
CA LEU HB 241 49.23 76.03 -27.36
C LEU HB 241 49.23 76.63 -25.96
N LEU HB 242 48.31 76.16 -25.11
CA LEU HB 242 48.23 76.66 -23.74
C LEU HB 242 49.48 76.30 -22.95
N GLN HB 243 50.00 75.08 -23.14
CA GLN HB 243 51.22 74.68 -22.45
C GLN HB 243 52.40 75.55 -22.86
N ASP HB 244 52.54 75.83 -24.16
CA ASP HB 244 53.61 76.71 -24.62
C ASP HB 244 53.46 78.11 -24.04
N ALA HB 245 52.23 78.62 -24.02
CA ALA HB 245 51.99 79.93 -23.42
C ALA HB 245 52.34 79.94 -21.94
N VAL HB 246 52.02 78.86 -21.24
CA VAL HB 246 52.33 78.74 -19.81
C VAL HB 246 53.83 78.75 -19.59
N GLU HB 247 54.58 77.99 -20.41
CA GLU HB 247 56.03 77.99 -20.26
C GLU HB 247 56.62 79.36 -20.51
N LEU HB 248 56.14 80.06 -21.54
CA LEU HB 248 56.70 81.38 -21.82
C LEU HB 248 56.33 82.38 -20.71
N LEU HB 249 55.11 82.25 -20.16
CA LEU HB 249 54.72 83.08 -19.02
C LEU HB 249 55.61 82.80 -17.82
N HIS HB 250 55.95 81.53 -17.59
CA HIS HB 250 56.86 81.19 -16.51
C HIS HB 250 58.24 81.81 -16.73
N GLU HB 251 58.72 81.77 -17.98
CA GLU HB 251 59.99 82.42 -18.30
C GLU HB 251 59.95 83.90 -17.96
N ARG HB 252 58.88 84.59 -18.37
CA ARG HB 252 58.75 86.01 -18.07
C ARG HB 252 58.68 86.27 -16.57
N ILE HB 253 57.90 85.45 -15.85
CA ILE HB 253 57.71 85.66 -14.42
C ILE HB 253 59.03 85.47 -13.67
N ARG HB 254 59.76 84.40 -13.98
CA ARG HB 254 61.03 84.16 -13.31
C ARG HB 254 62.14 85.08 -13.79
N GLU HB 255 61.99 85.72 -14.95
CA GLU HB 255 62.92 86.76 -15.35
C GLU HB 255 62.66 88.06 -14.58
N LEU HB 256 61.38 88.37 -14.32
CA LEU HB 256 61.05 89.58 -13.58
C LEU HB 256 61.55 89.49 -12.13
N GLY HB 257 61.41 88.32 -11.51
CA GLY HB 257 61.84 88.15 -10.13
C GLY HB 257 60.67 88.25 -9.17
N PHE HB 258 60.89 88.94 -8.04
CA PHE HB 258 59.85 89.15 -7.03
C PHE HB 258 59.10 90.46 -7.23
N GLU HB 259 59.42 91.22 -8.27
CA GLU HB 259 58.69 92.44 -8.60
C GLU HB 259 57.62 92.19 -9.66
N ALA HB 260 57.20 90.94 -9.83
CA ALA HB 260 56.19 90.62 -10.83
C ALA HB 260 54.84 91.16 -10.41
N PRO HB 261 54.16 91.94 -11.26
CA PRO HB 261 52.82 92.42 -10.92
C PRO HB 261 51.85 91.26 -10.68
N GLU HB 262 50.85 91.52 -9.85
CA GLU HB 262 49.88 90.48 -9.48
C GLU HB 262 49.14 89.94 -10.70
N GLU HB 263 49.07 90.70 -11.79
CA GLU HB 263 48.40 90.22 -12.99
C GLU HB 263 49.05 88.94 -13.51
N LEU HB 264 50.39 88.90 -13.52
CA LEU HB 264 51.08 87.71 -14.02
C LEU HB 264 50.77 86.49 -13.17
N LEU HB 265 50.80 86.64 -11.84
CA LEU HB 265 50.55 85.50 -10.96
C LEU HB 265 49.11 85.01 -11.08
N LEU HB 266 48.15 85.94 -11.10
CA LEU HB 266 46.75 85.54 -11.22
C LEU HB 266 46.49 84.89 -12.57
N ALA HB 267 47.07 85.42 -13.64
CA ALA HB 267 46.93 84.80 -14.95
C ALA HB 267 47.54 83.42 -14.97
N ASP HB 268 48.70 83.25 -14.32
CA ASP HB 268 49.32 81.93 -14.25
C ASP HB 268 48.44 80.93 -13.53
N LEU HB 269 47.86 81.32 -12.41
CA LEU HB 269 46.96 80.42 -11.68
C LEU HB 269 45.74 80.06 -12.53
N LEU HB 270 45.15 81.05 -13.19
CA LEU HB 270 44.00 80.78 -14.04
C LEU HB 270 44.37 79.85 -15.18
N LEU HB 271 45.54 80.05 -15.78
CA LEU HB 271 45.99 79.19 -16.87
C LEU HB 271 46.23 77.77 -16.38
N GLN HB 272 46.74 77.61 -15.16
CA GLN HB 272 46.92 76.26 -14.63
C GLN HB 272 45.57 75.57 -14.41
N ARG HB 273 44.58 76.31 -13.89
CA ARG HB 273 43.25 75.73 -13.77
C ARG HB 273 42.68 75.35 -15.13
N ALA HB 274 42.90 76.20 -16.13
CA ALA HB 274 42.45 75.91 -17.49
C ALA HB 274 43.15 74.67 -18.05
N LEU HB 275 44.45 74.52 -17.79
CA LEU HB 275 45.17 73.34 -18.22
C LEU HB 275 44.59 72.09 -17.59
N GLU HB 276 44.32 72.14 -16.29
CA GLU HB 276 43.75 70.98 -15.61
C GLU HB 276 42.40 70.62 -16.23
N LEU HB 277 41.53 71.61 -16.42
CA LEU HB 277 40.20 71.34 -16.96
C LEU HB 277 40.26 70.80 -18.38
N ILE HB 278 41.14 71.36 -19.22
CA ILE HB 278 41.26 70.90 -20.60
C ILE HB 278 41.80 69.49 -20.63
N SER HB 279 42.79 69.18 -19.78
CA SER HB 279 43.33 67.82 -19.74
C SER HB 279 42.27 66.82 -19.29
N SER HB 280 41.43 67.21 -18.34
CA SER HB 280 40.38 66.31 -17.85
C SER HB 280 39.27 66.08 -18.87
N ILE HB 281 39.23 66.85 -19.95
CA ILE HB 281 38.20 66.70 -20.97
C ILE HB 281 38.35 65.35 -21.66
#